data_7ELH
#
_entry.id   7ELH
#
_cell.length_a   1.00
_cell.length_b   1.00
_cell.length_c   1.00
_cell.angle_alpha   90.00
_cell.angle_beta   90.00
_cell.angle_gamma   90.00
#
_symmetry.space_group_name_H-M   'P 1'
#
loop_
_entity.id
_entity.type
_entity.pdbx_description
1 polymer 'Minor core protein mu2'
2 polymer 'RNA-directed RNA polymerase'
3 polymer 'transcript RNA'
4 polymer 'Lambda 1'
5 polymer 'Lambda 1'
6 polymer 'RNA (60-MER)'
7 non-polymer 'PHOSPHATE ION'
#
loop_
_entity_poly.entity_id
_entity_poly.type
_entity_poly.pdbx_seq_one_letter_code
_entity_poly.pdbx_strand_id
1 'polypeptide(L)'
;MAYIAVPAVVDSRSSEAIGLLESFGVDAGADANDVSYQDHDYVLDQLQYMLDGYEAGDVIDALVHKNWLHHSVYCLLPPK
SQLLEYWKSNPSAIPDNVDRRLRKRLMLKKDLRKDDEYNQLARAFKISDVYAPLISSTTSPMTMIQNLNQGEIVYTTTDR
VIGARILLYAPRKYYASTLSFTMTKCIIPFGKEVGRVPHSRFNVGTFPSIATPKCFVMSGVDIESIPNEFIKLFYQRVKS
VHANILNDISPQIVSDMINRKRLRVHTPSDRRAAQLMHLPYHVKRGASHVDVYKVDVVDMLFEVVDVADGLRNVSRKLTM
HTVPVCILEMLGIEIADYCIRQEDGMLTDWFLLLTMLSDGLTDRRTHCQYLINPSSVPPDVILNISITGFINRHTIDVMP
DIYDFVKPIGAVLPKGSFKSTIMRVLDSISILGIQIMPRAHVVDSDEVGEQMEPTFEQAVMEIYKGIAGVDSLDDLIKWV
LNSDLIPHDDRLGQLFQAFLPLAKDLLAPMARKFYDNSMSEGRLLTFAHADSELLNANYFGHLLRLKIPYITEVNLMIRK
NREGGELFQLVLSYLYKMYATSAQPKWFGSLLRLLICPWLHMEKLIGEADPASTSAEIGWHIPREQLMQDGWCGCEDGFI
PYVSIRAPRLVIEELMEKNWGQYHAQVIVTDQLVVGEPRRVSAKAVIKGNHLPVKLVSRFACFTLTAKYEMRLSCGHSTG
RGAAYSARLAFRSDLA
;
A
2 'polypeptide(L)'
;MSSMILTQFGPFIESISGITDQSNDVFEDAAKAFSMFTRSDVYKALDEIPFSDDAMLPIPPTIYTKPSHDSYYYIDALNR
VRRKTYQGPDDVYVPNCSIVELLEPHETLTSYGRLSEAIENRAKDGDSQARIATTYGRIAESQARQIKAPLEKFVLALLV
AEAGGSLYDPVLQKYDEIPDLSHNCPLWCFREICRHISGPLPDRAPYLYLSAGVFWLMSPRMTSAIPPLLSDLVNLAILQ
QTAGLDPSLVKLGVQICLHAAASSSYAWFILKTKSIFPQNTLHSMYESLEGGYCPNLEWLEPRSDYKFMYMGVMPLSAKY
ARSAPSNDKKARELGEKYGLSSVVGELRKRTKTYVKHDFASVRYIRDAMACTSGIFLVRTPTETVLQEYTQSPEIKVPIP
QKDWTGPIGEIRILKDTTSSIARYLYRTWYLAAARMAAQPRTWDPLFQAIMRSQYVTARGGSGAALRESLYAINVSLPDF
KGLPVKAATKIFQAAQLANLPFSHTSVAILADTSMGLRNQVQRRPRSIMPLNVPQQQVSAPHTLTADYINYHMNLSTTSG
SAVIEKVIPLGVYASSPPNQSINIDISACDASITWDFFLSVIMAAIHEGVASSSIGKPFMGVPASIVNDESVVGVRAARP
ISGMQNMIQHLSKLYKRGFSYRVNDSFSPGNDFTHMTTTFPSGSTATSTEHTANNSTMMETFLTVWGPEHTDDPDVLRLM
KSLTIQRNYVCQGDDGLMIIDGTTAGKVNSETIQKMLELISKYGEEFGWKYDIAYDGTAEYLKLYFIFGCRIPNLSRHPI
VGKERANSSAEEPWPAILDQIMGVFFNGVHDGLQWQRWIRYSWALCCAFSRQRTMIGESVGYLQYPMWSFVYWGLPLVKA
FGSDPWIFSWYMPTGDLGMYSWISLIRPLMTRWMVANGYVTDRCSPVFGNADYRRCFNELKLYQGYYMAQLPRNPKKSGR
AAPREVREQFTQALSDYLMQNPELKSRVLRGRSEWEKYGAGIIHNPPSLFDVPHKWYQGAQEAAIATREELAEMDETLMR
ARRHSYSSFSKLLEAYLLVKWRMCEAREPSVDLRLPLCAGIDPLNSDPFLKMVSVGPMLQSTRKYFAQTLFMAKTVSGLD
VNAIDSALLRLRTLGADKKALTAQLLMVGLQESEADALAGKIMLQDVNTVQLARVVNLAVPDTWMSLDFDSMFKHHVKLL
PKDGRHLNTDIPPRMGWLRAILRFLGAGMVMTATGVAVDIYLEDIHGGGRSLGQRFMTWMRQEGRSA
;
B
3 'polyribonucleotide' AAGC C
4 'polypeptide(L)'
;YQCHVCSAVLFSPLDLDAHVASHGLHGNMTLTSSDIQRHITEFISSWQNHPIVQVSADVENKKTAQLLHADTPRLVTWDA
GLCTSFKIVPIVPAQVPQDVLAYTFFTSSYAIQSPFPEAAVSRIVVHTRWASNVDFDRDSSVIMAPPTENNIHLFKQLLN
TETLSVRGANPLMFRANVLHMLLEFVLDNLYLNRHTGFSQDHTPFTEGANLRSLPGPDAEKWYSIMYPTRMGTPNVSKIC
NFVASCVRNRVGRFDRAQMMNGAMSEWVDVFETSDALTVSIRGRWMARLARMNINPTEIEWALTECAQGYVTVTSPYAPS
VNRLMPYRISNAERQISQIIRIMNIGNNATVIQPVLQDISVLLQRISPLQIDPTIISNTMSTVSESTTQTLSPASSILGK
LRPSNSDFSSFRVALAGWLYNGVVTTVIDDSSYPKDGGSVTSLENLWDFFILALALPLTTDPCAPVKAFMTLANMMVGFE
TIPMDNQIYTQSRRASAFSTPHTWPRCFMNIQLISPIDAPILRQWAEIIHRYWPNPSQIRYGAPNVFGSANLFTPPEVLL
LPIDHQPANVTTPTLDFTNELTNWRARVCELMKNLVDNQRYQPGWTQSLVSSMRGTLDKLKLIKSMTPMYLQQLAPVELA
VIAPMLPFPPFQVPYVRLDRDRVPTMVGVTRQSRDTITQPALSLSTTNTTVGVPLALDARAITVALLSGKYPPDLVTNVW
YADAIYPMYADTEVFSNLQRDMITCEAVQTLVTLVAQISETQYPVDRYLDWIPSLRASAATAATFAEWVNTSMKTAFDLS
DMLLEPLLSGDPRMTQLAIQYQQYNGRTFNIIPEMPGSVIADCVQLTAEVFNHEYNLFGIARGDIIIGRVQSTHLWSPLA
PPPDLVFDRDTPGVHIFGRDCRISFGMNGAAPMIRDETGLMVPFEGNWIFPLALWQMNTRYFNQQFDAWIKTGELRIRIE
MGAYPYMLHYYDPRQYANAWNLTSAWLEEITPTSIPSVPFMVPISSDHDISSAPAVQYIISTEYNDRSLFCTNSSSPQTI
AGPDKHIPVERYNILTNPDAPPTQIQLPEVVDLYNVVTRYAYETPPITAVVMGVP
;
D,E,F,G,H,I,J,K,L,M
5 'polypeptide(L)'
;MKRIPRKTKGKSSGKGNDSTERADDGSSQLRDKQNNKAGPATTEPGTSNREQYKARPGIASVQRATESAEMPMKNNDEGT
PDKKGNTKGDLVNEHSEAKDEADEATKKQAKDTDKSKAQVTYSDTGINNANELSRSGNVDNEGGSNQKPMSTRIAEATSA
IVSKHPARVGLPPTASSGHG
;
e,g,i,k,m
6 'polyribonucleotide' AUAUAUAUAUAUAUAUAUAUAUAUAUAUAUAUAUAUAUAUAUAUAUAUAUAUAUAUAUAU N,O,P,Q,R,S,T,U
#
loop_
_chem_comp.id
_chem_comp.type
_chem_comp.name
_chem_comp.formula
A RNA linking ADENOSINE-5'-MONOPHOSPHATE 'C10 H14 N5 O7 P'
C RNA linking CYTIDINE-5'-MONOPHOSPHATE 'C9 H14 N3 O8 P'
G RNA linking GUANOSINE-5'-MONOPHOSPHATE 'C10 H14 N5 O8 P'
PO4 non-polymer 'PHOSPHATE ION' 'O4 P -3'
U RNA linking URIDINE-5'-MONOPHOSPHATE 'C9 H13 N2 O9 P'
#
# COMPACT_ATOMS: atom_id res chain seq x y z
N ALA A 2 14.67 64.24 -46.41
CA ALA A 2 13.29 64.10 -46.83
C ALA A 2 12.91 62.63 -46.94
N TYR A 3 11.77 62.27 -46.34
CA TYR A 3 11.29 60.89 -46.32
C TYR A 3 9.87 60.84 -46.86
N ILE A 4 9.63 59.93 -47.79
CA ILE A 4 8.31 59.73 -48.38
C ILE A 4 7.95 58.26 -48.27
N ALA A 5 6.78 57.98 -47.73
CA ALA A 5 6.30 56.60 -47.56
C ALA A 5 5.21 56.31 -48.58
N VAL A 6 5.34 55.18 -49.26
CA VAL A 6 4.40 54.79 -50.30
C VAL A 6 3.74 53.47 -49.89
N PRO A 7 2.51 53.21 -50.31
CA PRO A 7 1.81 51.99 -49.85
C PRO A 7 2.19 50.76 -50.68
N ALA A 8 3.47 50.44 -50.69
CA ALA A 8 3.95 49.27 -51.41
C ALA A 8 5.29 48.85 -50.82
N VAL A 9 5.61 47.57 -50.99
CA VAL A 9 6.88 47.06 -50.51
C VAL A 9 8.01 47.62 -51.36
N VAL A 10 9.06 48.10 -50.72
CA VAL A 10 10.16 48.78 -51.39
C VAL A 10 11.46 48.10 -50.99
N ASP A 11 12.34 47.90 -51.97
CA ASP A 11 13.63 47.26 -51.76
C ASP A 11 14.72 48.11 -52.39
N SER A 12 15.91 48.06 -51.78
CA SER A 12 16.99 48.93 -52.19
C SER A 12 17.42 48.67 -53.64
N ARG A 13 17.53 47.40 -54.02
CA ARG A 13 18.06 47.09 -55.35
C ARG A 13 16.97 46.85 -56.38
N SER A 14 15.90 46.15 -56.02
CA SER A 14 14.90 45.74 -57.00
C SER A 14 13.92 46.85 -57.33
N SER A 15 13.35 47.50 -56.32
CA SER A 15 12.32 48.49 -56.57
C SER A 15 12.82 49.67 -57.38
N GLU A 16 14.13 49.88 -57.43
CA GLU A 16 14.69 50.93 -58.26
C GLU A 16 14.65 50.58 -59.73
N ALA A 17 14.96 49.34 -60.09
CA ALA A 17 14.95 48.92 -61.48
C ALA A 17 13.56 49.06 -62.07
N ILE A 18 12.54 48.63 -61.34
CA ILE A 18 11.17 48.85 -61.77
C ILE A 18 10.78 50.29 -61.47
N GLY A 19 10.00 50.89 -62.36
CA GLY A 19 9.60 52.26 -62.16
C GLY A 19 8.55 52.42 -61.09
N LEU A 20 8.93 52.20 -59.83
CA LEU A 20 7.96 52.19 -58.75
C LEU A 20 7.25 53.52 -58.62
N LEU A 21 8.00 54.62 -58.68
CA LEU A 21 7.37 55.94 -58.53
C LEU A 21 6.41 56.23 -59.66
N GLU A 22 6.81 55.95 -60.90
CA GLU A 22 5.90 56.13 -62.02
C GLU A 22 5.02 54.91 -62.26
N SER A 23 5.15 53.86 -61.44
CA SER A 23 4.06 52.91 -61.34
C SER A 23 2.87 53.51 -60.63
N PHE A 24 3.08 54.58 -59.86
CA PHE A 24 2.02 55.34 -59.24
C PHE A 24 1.57 56.53 -60.07
N GLY A 25 2.52 57.19 -60.75
CA GLY A 25 2.18 58.34 -61.57
C GLY A 25 3.18 59.46 -61.48
N VAL A 26 4.13 59.36 -60.55
CA VAL A 26 5.14 60.38 -60.38
C VAL A 26 6.17 60.24 -61.48
N ASP A 27 6.40 61.31 -62.24
CA ASP A 27 7.27 61.23 -63.41
C ASP A 27 8.73 60.99 -63.02
N ALA A 28 9.31 61.91 -62.24
CA ALA A 28 10.72 61.84 -61.85
C ALA A 28 11.61 61.62 -63.06
N GLY A 29 11.60 62.61 -63.97
CA GLY A 29 12.28 62.51 -65.24
C GLY A 29 13.77 62.22 -65.14
N ALA A 30 14.54 63.18 -64.61
CA ALA A 30 15.97 63.00 -64.46
C ALA A 30 16.27 62.40 -63.08
N ASP A 31 16.91 61.23 -63.07
CA ASP A 31 17.28 60.62 -61.80
C ASP A 31 18.30 61.47 -61.04
N ALA A 32 19.47 61.67 -61.65
CA ALA A 32 20.55 62.46 -61.04
C ALA A 32 20.89 61.96 -59.64
N ASN A 33 20.64 60.68 -59.37
CA ASN A 33 20.92 60.05 -58.08
C ASN A 33 20.26 60.82 -56.94
N ASP A 34 19.04 61.29 -57.19
CA ASP A 34 18.30 62.06 -56.21
C ASP A 34 17.38 61.21 -55.34
N VAL A 35 16.73 60.21 -55.91
CA VAL A 35 15.82 59.35 -55.17
C VAL A 35 16.60 58.16 -54.65
N SER A 36 16.34 57.80 -53.40
CA SER A 36 16.94 56.62 -52.79
C SER A 36 15.86 55.76 -52.16
N TYR A 37 16.12 54.46 -52.11
CA TYR A 37 15.17 53.50 -51.57
C TYR A 37 15.79 52.79 -50.37
N GLN A 38 14.96 52.53 -49.36
CA GLN A 38 15.34 51.73 -48.22
C GLN A 38 14.67 50.38 -48.29
N ASP A 39 15.41 49.33 -47.95
CA ASP A 39 14.86 47.98 -47.92
C ASP A 39 13.99 47.86 -46.68
N HIS A 40 12.72 47.50 -46.90
CA HIS A 40 11.76 47.34 -45.82
C HIS A 40 11.18 45.93 -45.78
N ASP A 41 11.61 45.06 -46.68
CA ASP A 41 11.09 43.69 -46.70
C ASP A 41 11.41 42.97 -45.39
N TYR A 42 12.66 43.07 -44.94
CA TYR A 42 13.03 42.41 -43.69
C TYR A 42 12.25 42.99 -42.52
N VAL A 43 11.93 44.28 -42.58
CA VAL A 43 11.07 44.86 -41.56
C VAL A 43 9.70 44.20 -41.56
N LEU A 44 9.15 43.95 -42.75
CA LEU A 44 7.85 43.27 -42.83
C LEU A 44 7.94 41.85 -42.28
N ASP A 45 9.03 41.15 -42.57
CA ASP A 45 9.22 39.81 -42.02
C ASP A 45 9.30 39.86 -40.50
N GLN A 46 10.03 40.83 -39.97
CA GLN A 46 10.12 40.98 -38.52
C GLN A 46 8.76 41.29 -37.93
N LEU A 47 7.95 42.08 -38.63
CA LEU A 47 6.60 42.37 -38.14
C LEU A 47 5.77 41.11 -38.08
N GLN A 48 5.85 40.28 -39.12
CA GLN A 48 5.11 39.04 -39.11
C GLN A 48 5.56 38.15 -37.96
N TYR A 49 6.86 38.06 -37.73
CA TYR A 49 7.37 37.27 -36.61
C TYR A 49 6.91 37.83 -35.28
N MET A 50 6.92 39.16 -35.13
CA MET A 50 6.48 39.82 -33.92
C MET A 50 5.02 39.56 -33.63
N LEU A 51 4.21 39.43 -34.67
CA LEU A 51 2.78 39.19 -34.47
C LEU A 51 2.49 37.94 -33.66
N ASP A 52 3.50 37.11 -33.38
CA ASP A 52 3.31 35.88 -32.63
C ASP A 52 3.34 36.09 -31.13
N GLY A 53 3.62 37.30 -30.65
CA GLY A 53 3.66 37.52 -29.22
C GLY A 53 2.99 38.81 -28.77
N TYR A 54 2.56 39.63 -29.72
CA TYR A 54 1.98 40.91 -29.36
C TYR A 54 0.79 41.20 -30.27
N GLU A 55 -0.06 42.11 -29.81
CA GLU A 55 -1.16 42.59 -30.63
C GLU A 55 -0.63 43.37 -31.84
N ALA A 56 -1.43 43.38 -32.90
CA ALA A 56 -1.03 44.12 -34.08
C ALA A 56 -1.00 45.62 -33.80
N GLY A 57 -2.00 46.12 -33.06
CA GLY A 57 -2.13 47.56 -32.90
C GLY A 57 -0.95 48.19 -32.20
N ASP A 58 -0.52 47.60 -31.08
CA ASP A 58 0.57 48.20 -30.32
C ASP A 58 1.89 48.08 -31.07
N VAL A 59 2.10 46.97 -31.79
CA VAL A 59 3.30 46.83 -32.60
C VAL A 59 3.35 47.91 -33.66
N ILE A 60 2.24 48.14 -34.36
CA ILE A 60 2.20 49.18 -35.37
C ILE A 60 2.45 50.54 -34.74
N ASP A 61 1.81 50.80 -33.60
CA ASP A 61 1.95 52.10 -32.95
C ASP A 61 3.39 52.36 -32.55
N ALA A 62 4.06 51.35 -31.99
CA ALA A 62 5.47 51.50 -31.67
C ALA A 62 6.30 51.73 -32.91
N LEU A 63 6.03 50.96 -33.97
CA LEU A 63 6.85 51.05 -35.17
C LEU A 63 6.71 52.40 -35.85
N VAL A 64 5.58 53.08 -35.69
CA VAL A 64 5.40 54.37 -36.35
C VAL A 64 6.46 55.36 -35.91
N HIS A 65 6.84 55.34 -34.64
CA HIS A 65 7.77 56.32 -34.10
C HIS A 65 9.22 56.07 -34.50
N LYS A 66 9.47 55.16 -35.43
CA LYS A 66 10.83 54.90 -35.88
C LYS A 66 11.30 55.99 -36.82
N ASN A 67 12.51 56.48 -36.59
CA ASN A 67 13.17 57.40 -37.51
C ASN A 67 13.96 56.60 -38.53
N TRP A 68 13.57 56.71 -39.80
CA TRP A 68 14.18 55.93 -40.86
C TRP A 68 15.43 56.60 -41.43
N LEU A 69 15.69 57.85 -41.06
CA LEU A 69 16.89 58.55 -41.50
C LEU A 69 18.03 58.44 -40.49
N HIS A 70 17.81 57.71 -39.40
CA HIS A 70 18.82 57.53 -38.36
C HIS A 70 19.26 56.08 -38.36
N HIS A 71 20.56 55.86 -38.38
CA HIS A 71 21.14 54.53 -38.55
C HIS A 71 21.43 53.91 -37.20
N SER A 72 20.89 52.70 -37.00
CA SER A 72 21.10 51.95 -35.77
C SER A 72 20.86 50.48 -36.08
N VAL A 73 21.29 49.60 -35.17
CA VAL A 73 21.18 48.18 -35.44
C VAL A 73 21.25 47.39 -34.14
N TYR A 74 20.61 46.22 -34.12
CA TYR A 74 20.62 45.33 -32.97
C TYR A 74 21.94 44.57 -32.90
N CYS A 75 22.12 43.86 -31.80
CA CYS A 75 23.32 43.06 -31.58
C CYS A 75 22.92 41.86 -30.74
N LEU A 76 22.49 40.80 -31.43
CA LEU A 76 22.06 39.58 -30.75
C LEU A 76 23.20 38.97 -29.93
N LEU A 77 22.88 38.57 -28.71
CA LEU A 77 23.87 37.96 -27.83
C LEU A 77 23.43 36.55 -27.51
N PRO A 78 24.36 35.71 -27.05
CA PRO A 78 24.03 34.33 -26.70
C PRO A 78 23.45 34.26 -25.31
N PRO A 79 22.90 33.11 -24.91
CA PRO A 79 22.48 32.94 -23.53
C PRO A 79 23.68 33.08 -22.58
N LYS A 80 23.36 33.40 -21.33
CA LYS A 80 24.40 33.76 -20.36
C LYS A 80 25.46 32.68 -20.24
N SER A 81 25.03 31.44 -20.00
CA SER A 81 25.99 30.36 -19.78
C SER A 81 26.91 30.20 -20.97
N GLN A 82 26.37 30.27 -22.18
CA GLN A 82 27.20 30.26 -23.37
C GLN A 82 28.04 31.51 -23.52
N LEU A 83 27.55 32.66 -23.05
CA LEU A 83 28.35 33.88 -23.13
C LEU A 83 29.63 33.76 -22.32
N LEU A 84 29.53 33.24 -21.09
CA LEU A 84 30.74 33.08 -20.29
C LEU A 84 31.73 32.15 -20.94
N GLU A 85 31.28 30.99 -21.41
CA GLU A 85 32.21 30.05 -22.01
C GLU A 85 32.79 30.60 -23.30
N TYR A 86 32.04 31.45 -24.01
CA TYR A 86 32.61 32.15 -25.15
C TYR A 86 33.74 33.06 -24.70
N TRP A 87 33.51 33.83 -23.63
CA TRP A 87 34.59 34.69 -23.13
C TRP A 87 35.79 33.89 -22.69
N LYS A 88 35.59 32.66 -22.23
CA LYS A 88 36.73 31.82 -21.87
C LYS A 88 37.62 31.58 -23.07
N SER A 89 37.03 31.29 -24.22
CA SER A 89 37.79 31.13 -25.46
C SER A 89 38.07 32.51 -26.04
N ASN A 90 39.30 32.74 -26.48
CA ASN A 90 39.69 34.05 -26.96
C ASN A 90 39.34 35.10 -25.92
N PRO A 91 40.01 35.10 -24.77
CA PRO A 91 39.67 36.07 -23.73
C PRO A 91 40.16 37.47 -24.07
N SER A 92 39.81 37.95 -25.26
CA SER A 92 40.21 39.26 -25.71
C SER A 92 39.04 40.16 -26.06
N ALA A 93 37.80 39.68 -25.92
CA ALA A 93 36.62 40.47 -26.25
C ALA A 93 35.86 40.92 -25.01
N ILE A 94 36.33 40.59 -23.82
CA ILE A 94 35.61 40.93 -22.60
C ILE A 94 35.58 42.45 -22.46
N PRO A 95 34.41 43.05 -22.28
CA PRO A 95 34.35 44.50 -22.08
C PRO A 95 34.98 44.90 -20.76
N ASP A 96 35.44 46.14 -20.71
CA ASP A 96 36.09 46.68 -19.52
C ASP A 96 35.13 46.90 -18.35
N ASN A 97 33.82 46.82 -18.62
CA ASN A 97 32.84 47.02 -17.57
C ASN A 97 32.70 45.82 -16.64
N VAL A 98 33.33 44.72 -16.95
CA VAL A 98 33.14 43.47 -16.21
C VAL A 98 33.83 43.58 -14.86
N ASP A 99 33.38 42.79 -13.90
CA ASP A 99 34.05 42.71 -12.60
C ASP A 99 35.44 42.13 -12.78
N ARG A 100 36.42 42.76 -12.12
CA ARG A 100 37.81 42.35 -12.32
C ARG A 100 38.06 40.93 -11.82
N ARG A 101 37.29 40.49 -10.82
CA ARG A 101 37.45 39.15 -10.27
C ARG A 101 37.07 38.11 -11.31
N LEU A 102 35.98 38.38 -12.01
CA LEU A 102 35.50 37.46 -13.03
C LEU A 102 36.45 37.45 -14.23
N ARG A 103 36.94 38.63 -14.63
CA ARG A 103 37.88 38.68 -15.74
C ARG A 103 39.16 37.94 -15.43
N LYS A 104 39.68 38.11 -14.21
CA LYS A 104 40.89 37.41 -13.82
C LYS A 104 40.65 35.90 -13.80
N ARG A 105 39.48 35.48 -13.38
CA ARG A 105 39.17 34.06 -13.32
C ARG A 105 38.96 33.45 -14.70
N LEU A 106 38.47 34.24 -15.66
CA LEU A 106 38.26 33.72 -17.00
C LEU A 106 39.56 33.48 -17.74
N MET A 107 40.61 34.21 -17.43
CA MET A 107 41.90 34.01 -18.07
C MET A 107 42.75 32.98 -17.34
N LEU A 108 42.16 32.21 -16.43
CA LEU A 108 42.93 31.29 -15.60
C LEU A 108 43.57 30.18 -16.42
N LYS A 109 43.07 29.94 -17.64
CA LYS A 109 43.55 28.91 -18.57
C LYS A 109 43.33 27.50 -18.02
N LYS A 110 42.76 27.36 -16.83
CA LYS A 110 42.42 26.07 -16.27
C LYS A 110 40.99 25.70 -16.66
N ASP A 111 40.69 24.39 -16.61
CA ASP A 111 39.42 23.88 -17.09
C ASP A 111 38.22 24.47 -16.35
N LEU A 112 38.39 24.92 -15.11
CA LEU A 112 37.33 25.57 -14.34
C LEU A 112 36.11 24.67 -14.19
N ARG A 113 36.32 23.36 -14.26
CA ARG A 113 35.21 22.43 -14.13
C ARG A 113 34.63 22.46 -12.72
N LYS A 114 35.48 22.33 -11.71
CA LYS A 114 35.08 22.31 -10.30
C LYS A 114 35.82 23.39 -9.53
N ASP A 115 35.81 24.63 -10.05
CA ASP A 115 36.48 25.72 -9.35
C ASP A 115 35.82 25.99 -8.00
N ASP A 116 34.50 25.91 -7.93
CA ASP A 116 33.68 26.10 -6.74
C ASP A 116 33.74 27.54 -6.22
N GLU A 117 34.52 28.42 -6.84
CA GLU A 117 34.45 29.84 -6.58
C GLU A 117 34.00 30.61 -7.81
N TYR A 118 34.40 30.16 -8.99
CA TYR A 118 33.84 30.68 -10.24
C TYR A 118 32.34 30.45 -10.31
N ASN A 119 31.88 29.37 -9.68
CA ASN A 119 30.47 29.04 -9.69
C ASN A 119 29.61 30.15 -9.09
N GLN A 120 29.99 30.61 -7.90
CA GLN A 120 29.27 31.67 -7.22
C GLN A 120 29.28 32.97 -8.02
N LEU A 121 30.43 33.28 -8.60
CA LEU A 121 30.57 34.50 -9.39
C LEU A 121 29.65 34.46 -10.61
N ALA A 122 29.56 33.29 -11.25
CA ALA A 122 28.71 33.12 -12.42
C ALA A 122 27.25 33.22 -12.01
N ARG A 123 26.89 32.53 -10.93
CA ARG A 123 25.52 32.54 -10.43
C ARG A 123 25.04 33.96 -10.16
N ALA A 124 25.88 34.76 -9.51
CA ALA A 124 25.52 36.15 -9.21
C ALA A 124 25.98 37.09 -10.32
N PHE A 125 25.64 36.76 -11.54
CA PHE A 125 25.99 37.56 -12.70
C PHE A 125 24.81 37.63 -13.66
N LYS A 126 24.65 38.78 -14.29
CA LYS A 126 23.59 38.99 -15.26
C LYS A 126 24.08 39.93 -16.35
N ILE A 127 23.50 39.77 -17.54
CA ILE A 127 24.01 40.47 -18.71
C ILE A 127 23.84 41.98 -18.56
N SER A 128 22.74 42.40 -17.92
CA SER A 128 22.48 43.83 -17.78
C SER A 128 23.56 44.54 -17.00
N ASP A 129 24.37 43.82 -16.23
CA ASP A 129 25.49 44.43 -15.53
C ASP A 129 26.55 44.96 -16.46
N VAL A 130 26.56 44.53 -17.72
CA VAL A 130 27.60 44.89 -18.67
C VAL A 130 27.06 45.74 -19.82
N TYR A 131 25.87 45.42 -20.32
CA TYR A 131 25.30 46.09 -21.48
C TYR A 131 24.09 46.89 -21.03
N ALA A 132 24.11 48.20 -21.32
CA ALA A 132 23.10 49.08 -20.74
C ALA A 132 21.72 48.86 -21.36
N PRO A 133 21.51 49.08 -22.67
CA PRO A 133 20.17 48.85 -23.24
C PRO A 133 20.00 47.39 -23.60
N LEU A 134 19.02 46.73 -22.98
CA LEU A 134 18.77 45.33 -23.19
C LEU A 134 17.29 45.07 -23.44
N ILE A 135 17.01 44.08 -24.27
CA ILE A 135 15.65 43.59 -24.51
C ILE A 135 15.64 42.11 -24.19
N SER A 136 14.72 41.71 -23.32
CA SER A 136 14.69 40.35 -22.80
C SER A 136 13.30 39.73 -22.96
N SER A 137 12.69 39.90 -24.13
CA SER A 137 11.43 39.26 -24.50
C SER A 137 10.27 39.67 -23.60
N THR A 138 10.52 40.56 -22.64
CA THR A 138 9.48 41.11 -21.78
C THR A 138 9.48 42.63 -21.91
N THR A 139 9.75 43.12 -23.11
CA THR A 139 9.93 44.54 -23.35
C THR A 139 8.88 45.02 -24.36
N SER A 140 8.25 46.15 -24.05
CA SER A 140 7.28 46.72 -24.97
C SER A 140 7.98 47.17 -26.25
N PRO A 141 7.32 47.01 -27.40
CA PRO A 141 7.95 47.44 -28.66
C PRO A 141 8.29 48.92 -28.67
N MET A 142 7.51 49.75 -27.97
CA MET A 142 7.83 51.18 -27.91
C MET A 142 9.21 51.40 -27.32
N THR A 143 9.57 50.62 -26.31
CA THR A 143 10.89 50.75 -25.71
C THR A 143 11.98 50.45 -26.73
N MET A 144 11.80 49.40 -27.52
CA MET A 144 12.78 49.07 -28.55
C MET A 144 12.88 50.19 -29.58
N ILE A 145 11.75 50.73 -30.01
CA ILE A 145 11.79 51.78 -31.01
C ILE A 145 12.53 53.01 -30.46
N GLN A 146 12.24 53.38 -29.22
CA GLN A 146 12.95 54.50 -28.62
C GLN A 146 14.44 54.23 -28.51
N ASN A 147 14.81 53.01 -28.12
CA ASN A 147 16.23 52.69 -27.98
C ASN A 147 16.96 52.76 -29.31
N LEU A 148 16.33 52.30 -30.38
CA LEU A 148 16.95 52.45 -31.69
C LEU A 148 16.95 53.91 -32.17
N ASN A 149 16.03 54.72 -31.65
CA ASN A 149 15.96 56.11 -32.11
C ASN A 149 17.22 56.88 -31.77
N GLN A 150 17.80 56.65 -30.59
CA GLN A 150 19.06 57.27 -30.21
C GLN A 150 20.07 56.20 -29.86
N GLY A 151 21.26 56.31 -30.42
CA GLY A 151 22.28 55.29 -30.26
C GLY A 151 22.41 54.44 -31.50
N GLU A 152 23.58 53.85 -31.69
CA GLU A 152 23.85 53.04 -32.86
C GLU A 152 23.71 51.55 -32.62
N ILE A 153 24.03 51.08 -31.41
CA ILE A 153 24.00 49.65 -31.10
C ILE A 153 23.02 49.45 -29.94
N VAL A 154 22.10 48.51 -30.14
CA VAL A 154 21.16 48.12 -29.10
C VAL A 154 21.35 46.63 -28.84
N TYR A 155 21.61 46.27 -27.60
CA TYR A 155 21.88 44.89 -27.25
C TYR A 155 20.59 44.17 -26.90
N THR A 156 20.49 42.91 -27.31
CA THR A 156 19.30 42.12 -27.05
C THR A 156 19.71 40.67 -26.84
N THR A 157 18.89 39.97 -26.05
CA THR A 157 19.09 38.54 -25.82
C THR A 157 18.02 37.71 -26.51
N THR A 158 17.23 38.33 -27.39
CA THR A 158 16.21 37.61 -28.13
C THR A 158 16.21 38.10 -29.57
N ASP A 159 15.79 37.23 -30.47
CA ASP A 159 15.75 37.54 -31.89
C ASP A 159 14.41 38.13 -32.32
N ARG A 160 13.43 38.16 -31.43
CA ARG A 160 12.10 38.67 -31.78
C ARG A 160 12.06 40.18 -31.59
N VAL A 161 12.82 40.87 -32.44
CA VAL A 161 12.91 42.32 -32.41
C VAL A 161 12.61 42.86 -33.80
N ILE A 162 12.25 44.13 -33.86
CA ILE A 162 11.85 44.77 -35.10
C ILE A 162 12.53 46.13 -35.19
N GLY A 163 12.67 46.62 -36.42
CA GLY A 163 13.10 47.98 -36.66
C GLY A 163 14.37 48.13 -37.47
N ALA A 164 15.28 47.17 -37.39
CA ALA A 164 16.55 47.30 -38.08
C ALA A 164 17.14 45.91 -38.29
N ARG A 165 18.33 45.87 -38.88
CA ARG A 165 19.03 44.62 -39.11
C ARG A 165 19.47 44.02 -37.78
N ILE A 166 19.95 42.79 -37.84
CA ILE A 166 20.45 42.09 -36.67
C ILE A 166 21.84 41.55 -36.97
N LEU A 167 22.82 41.94 -36.17
CA LEU A 167 24.17 41.40 -36.23
C LEU A 167 24.38 40.34 -35.17
N LEU A 168 25.43 39.56 -35.36
CA LEU A 168 25.78 38.51 -34.43
C LEU A 168 26.92 38.93 -33.52
N TYR A 169 26.77 38.58 -32.25
CA TYR A 169 27.87 38.49 -31.30
C TYR A 169 28.54 37.14 -31.58
N ALA A 170 29.17 36.55 -30.58
CA ALA A 170 29.96 35.33 -30.65
C ALA A 170 29.45 34.29 -31.64
N PRO A 171 30.35 33.53 -32.29
CA PRO A 171 29.97 32.65 -33.40
C PRO A 171 28.77 31.75 -33.18
N ARG A 172 28.22 31.26 -34.30
CA ARG A 172 26.92 30.59 -34.31
C ARG A 172 26.87 29.39 -33.36
N LYS A 173 28.01 28.74 -33.17
CA LYS A 173 28.09 27.56 -32.30
C LYS A 173 27.47 27.79 -30.92
N TYR A 174 27.58 29.02 -30.43
CA TYR A 174 27.04 29.37 -29.12
C TYR A 174 25.54 29.56 -29.12
N TYR A 175 24.97 30.05 -30.22
CA TYR A 175 23.53 30.21 -30.33
C TYR A 175 22.92 28.86 -30.71
N ALA A 176 22.22 28.24 -29.77
CA ALA A 176 21.53 26.99 -30.02
C ALA A 176 20.01 27.12 -30.03
N SER A 177 19.47 28.08 -29.28
CA SER A 177 18.02 28.26 -29.25
C SER A 177 17.52 28.92 -30.52
N THR A 178 18.35 29.74 -31.16
CA THR A 178 17.95 30.42 -32.38
C THR A 178 18.20 29.54 -33.59
N LEU A 179 17.19 29.41 -34.46
CA LEU A 179 17.32 28.59 -35.65
C LEU A 179 16.94 29.34 -36.92
N SER A 180 16.16 30.41 -36.79
CA SER A 180 15.70 31.14 -37.96
C SER A 180 16.88 31.76 -38.72
N PHE A 181 16.83 31.67 -40.05
CA PHE A 181 17.89 32.19 -40.91
C PHE A 181 17.45 33.46 -41.62
N THR A 182 16.54 34.24 -41.03
CA THR A 182 15.86 35.29 -41.77
C THR A 182 16.81 36.37 -42.28
N MET A 183 17.36 37.18 -41.38
CA MET A 183 18.26 38.27 -41.75
C MET A 183 19.40 38.40 -40.78
N THR A 184 19.69 37.35 -40.02
CA THR A 184 20.72 37.40 -38.99
C THR A 184 22.07 37.45 -39.67
N LYS A 185 22.64 38.65 -39.77
CA LYS A 185 23.92 38.82 -40.43
C LYS A 185 25.02 38.10 -39.64
N CYS A 186 26.04 37.63 -40.37
CA CYS A 186 27.12 36.87 -39.76
C CYS A 186 28.00 37.82 -38.94
N ILE A 187 29.10 37.30 -38.39
CA ILE A 187 30.02 38.12 -37.62
C ILE A 187 30.60 39.24 -38.48
N ILE A 188 30.69 39.01 -39.78
CA ILE A 188 31.16 40.05 -40.71
C ILE A 188 30.22 41.25 -40.65
N PRO A 189 30.74 42.48 -40.67
CA PRO A 189 29.93 43.71 -40.64
C PRO A 189 28.87 43.76 -41.73
N VAL A 197 25.51 53.33 -44.90
CA VAL A 197 24.91 53.81 -46.15
C VAL A 197 24.38 55.23 -45.98
N PRO A 198 24.75 56.12 -46.90
CA PRO A 198 24.29 57.51 -46.78
C PRO A 198 22.85 57.69 -47.21
N HIS A 199 22.35 58.92 -47.15
CA HIS A 199 21.00 59.26 -47.54
C HIS A 199 21.03 60.24 -48.70
N SER A 200 20.17 60.02 -49.69
CA SER A 200 20.01 60.97 -50.77
C SER A 200 19.09 62.10 -50.30
N ARG A 201 18.93 63.11 -51.15
CA ARG A 201 18.09 64.24 -50.78
C ARG A 201 16.64 63.82 -50.58
N PHE A 202 16.18 62.83 -51.34
CA PHE A 202 14.87 62.21 -51.11
C PHE A 202 15.07 60.74 -50.78
N ASN A 203 14.16 60.20 -49.98
CA ASN A 203 14.19 58.81 -49.57
C ASN A 203 12.79 58.24 -49.61
N VAL A 204 12.63 57.04 -50.16
CA VAL A 204 11.34 56.40 -50.31
C VAL A 204 11.34 55.11 -49.52
N GLY A 205 10.36 54.93 -48.66
CA GLY A 205 10.25 53.73 -47.86
C GLY A 205 8.82 53.31 -47.78
N THR A 206 8.56 52.04 -47.51
CA THR A 206 7.20 51.59 -47.41
C THR A 206 6.44 52.18 -46.24
N PHE A 207 7.10 52.22 -45.08
CA PHE A 207 6.47 52.73 -43.87
C PHE A 207 6.47 54.24 -43.74
N PRO A 208 5.45 54.78 -43.06
CA PRO A 208 5.26 56.21 -42.80
C PRO A 208 5.58 56.46 -41.33
N SER A 209 6.46 57.42 -41.05
CA SER A 209 6.83 57.70 -39.67
C SER A 209 6.51 59.13 -39.22
N ILE A 210 6.24 59.27 -37.93
CA ILE A 210 5.94 60.54 -37.32
C ILE A 210 7.08 61.04 -36.45
N ALA A 211 8.28 60.54 -36.66
CA ALA A 211 9.38 60.98 -35.83
C ALA A 211 9.85 62.38 -36.15
N THR A 212 9.30 62.97 -37.20
CA THR A 212 9.64 64.30 -37.66
C THR A 212 8.36 65.00 -38.09
N PRO A 213 8.25 66.31 -37.84
CA PRO A 213 7.03 67.03 -38.24
C PRO A 213 6.76 67.01 -39.73
N LYS A 214 7.77 66.75 -40.56
CA LYS A 214 7.56 66.68 -42.01
C LYS A 214 8.19 65.46 -42.66
N CYS A 215 7.92 64.27 -42.14
CA CYS A 215 8.03 63.04 -42.91
C CYS A 215 6.76 62.87 -43.72
N PHE A 216 6.86 63.03 -45.04
CA PHE A 216 5.70 63.00 -45.90
C PHE A 216 5.17 61.58 -46.07
N VAL A 217 3.91 61.50 -46.48
CA VAL A 217 3.23 60.25 -46.76
C VAL A 217 2.59 60.39 -48.13
N MET A 218 2.68 59.33 -48.94
CA MET A 218 2.04 59.31 -50.25
C MET A 218 0.54 59.48 -50.08
N SER A 219 -0.16 59.59 -51.22
CA SER A 219 -1.61 59.77 -51.21
C SER A 219 -2.27 58.86 -50.18
N GLY A 220 -2.07 57.54 -50.31
CA GLY A 220 -2.36 56.59 -49.26
C GLY A 220 -3.74 56.63 -48.63
N VAL A 221 -4.65 57.42 -49.19
CA VAL A 221 -6.00 57.45 -48.66
C VAL A 221 -6.88 56.36 -49.26
N ASP A 222 -6.47 55.79 -50.39
CA ASP A 222 -7.17 54.67 -51.01
C ASP A 222 -6.80 53.36 -50.31
N ILE A 223 -7.25 53.27 -49.05
CA ILE A 223 -6.89 52.14 -48.20
C ILE A 223 -7.33 50.82 -48.82
N GLU A 224 -8.54 50.77 -49.37
CA GLU A 224 -9.04 49.55 -49.98
C GLU A 224 -8.22 49.12 -51.19
N SER A 225 -7.55 50.06 -51.85
CA SER A 225 -6.81 49.75 -53.07
C SER A 225 -5.45 49.12 -52.81
N ILE A 226 -4.97 49.14 -51.56
CA ILE A 226 -3.66 48.58 -51.24
C ILE A 226 -3.71 47.07 -51.41
N PRO A 227 -2.88 46.48 -52.25
CA PRO A 227 -2.95 45.04 -52.48
C PRO A 227 -2.52 44.22 -51.27
N ASN A 228 -1.35 44.50 -50.73
CA ASN A 228 -0.81 43.68 -49.65
C ASN A 228 -1.65 43.85 -48.39
N GLU A 229 -1.79 42.75 -47.64
CA GLU A 229 -2.61 42.79 -46.43
C GLU A 229 -1.93 43.57 -45.31
N PHE A 230 -0.65 43.31 -45.08
CA PHE A 230 0.03 43.91 -43.94
C PHE A 230 0.16 45.42 -44.12
N ILE A 231 0.50 45.86 -45.32
CA ILE A 231 0.61 47.30 -45.58
C ILE A 231 -0.76 47.96 -45.43
N LYS A 232 -1.80 47.30 -45.92
CA LYS A 232 -3.16 47.82 -45.76
C LYS A 232 -3.49 48.03 -44.29
N LEU A 233 -3.23 47.02 -43.47
CA LEU A 233 -3.52 47.15 -42.04
C LEU A 233 -2.70 48.27 -41.42
N PHE A 234 -1.42 48.35 -41.77
CA PHE A 234 -0.55 49.38 -41.20
C PHE A 234 -1.08 50.77 -41.51
N TYR A 235 -1.40 51.02 -42.78
CA TYR A 235 -1.89 52.34 -43.16
C TYR A 235 -3.22 52.65 -42.50
N GLN A 236 -4.12 51.65 -42.44
CA GLN A 236 -5.41 51.85 -41.81
C GLN A 236 -5.24 52.26 -40.36
N ARG A 237 -4.41 51.53 -39.61
CA ARG A 237 -4.19 51.85 -38.22
C ARG A 237 -3.57 53.24 -38.06
N VAL A 238 -2.58 53.55 -38.89
CA VAL A 238 -1.89 54.84 -38.76
C VAL A 238 -2.86 55.99 -38.96
N LYS A 239 -3.68 55.92 -40.00
CA LYS A 239 -4.62 57.02 -40.19
C LYS A 239 -5.77 56.97 -39.20
N SER A 240 -6.03 55.82 -38.60
CA SER A 240 -7.11 55.75 -37.62
C SER A 240 -6.66 56.25 -36.25
N VAL A 241 -5.36 56.39 -36.02
CA VAL A 241 -4.86 56.91 -34.77
C VAL A 241 -4.33 58.33 -34.91
N HIS A 242 -3.55 58.60 -35.94
CA HIS A 242 -2.86 59.87 -36.09
C HIS A 242 -3.28 60.60 -37.36
N ALA A 243 -4.59 60.66 -37.60
CA ALA A 243 -5.09 61.24 -38.84
C ALA A 243 -4.70 62.71 -38.99
N ASN A 244 -4.62 63.45 -37.89
CA ASN A 244 -4.49 64.89 -37.95
C ASN A 244 -3.05 65.39 -37.95
N ILE A 245 -2.06 64.50 -37.91
CA ILE A 245 -0.67 64.93 -37.84
C ILE A 245 0.12 64.31 -38.97
N LEU A 246 -0.55 64.01 -40.08
CA LEU A 246 0.09 63.42 -41.25
C LEU A 246 0.17 64.45 -42.36
N ASN A 247 1.23 64.35 -43.17
CA ASN A 247 1.43 65.26 -44.29
C ASN A 247 1.11 64.52 -45.58
N ASP A 248 -0.16 64.51 -45.95
CA ASP A 248 -0.58 63.84 -47.16
C ASP A 248 -0.15 64.65 -48.38
N ILE A 249 0.39 63.95 -49.38
CA ILE A 249 0.81 64.60 -50.62
C ILE A 249 0.38 63.73 -51.80
N SER A 250 0.12 64.38 -52.92
CA SER A 250 -0.36 63.75 -54.13
C SER A 250 0.78 63.50 -55.10
N PRO A 251 0.61 62.57 -56.05
CA PRO A 251 1.68 62.29 -57.00
C PRO A 251 2.15 63.52 -57.76
N GLN A 252 1.25 64.43 -58.09
CA GLN A 252 1.65 65.65 -58.78
C GLN A 252 2.57 66.49 -57.89
N ILE A 253 2.27 66.53 -56.58
CA ILE A 253 3.13 67.25 -55.65
C ILE A 253 4.52 66.63 -55.60
N VAL A 254 4.59 65.31 -55.58
CA VAL A 254 5.88 64.63 -55.57
C VAL A 254 6.65 64.97 -56.84
N SER A 255 5.96 64.93 -57.98
CA SER A 255 6.61 65.27 -59.24
C SER A 255 7.17 66.68 -59.21
N ASP A 256 6.40 67.62 -58.65
CA ASP A 256 6.88 68.99 -58.54
C ASP A 256 8.12 69.06 -57.66
N MET A 257 8.04 68.52 -56.45
CA MET A 257 9.15 68.66 -55.52
C MET A 257 10.39 67.90 -55.96
N ILE A 258 10.24 66.90 -56.82
CA ILE A 258 11.42 66.25 -57.41
C ILE A 258 11.99 67.09 -58.55
N ASN A 259 11.12 67.60 -59.41
CA ASN A 259 11.53 68.26 -60.65
C ASN A 259 11.30 69.77 -60.60
N ARG A 260 11.58 70.38 -59.45
CA ARG A 260 11.34 71.82 -59.33
C ARG A 260 12.37 72.62 -60.11
N LYS A 261 13.64 72.47 -59.76
CA LYS A 261 14.72 73.26 -60.35
C LYS A 261 15.23 72.70 -61.66
N ARG A 262 14.80 71.50 -62.05
CA ARG A 262 15.24 70.89 -63.29
C ARG A 262 14.24 71.01 -64.43
N LEU A 263 12.95 71.08 -64.13
CA LEU A 263 11.92 71.17 -65.14
C LEU A 263 11.53 72.63 -65.34
N ARG A 264 11.53 73.09 -66.58
CA ARG A 264 11.17 74.46 -66.90
C ARG A 264 10.88 74.61 -68.40
N LYS A 284 11.63 51.77 -71.16
CA LYS A 284 12.58 50.69 -70.93
C LYS A 284 13.21 50.79 -69.55
N ARG A 285 13.13 49.69 -68.80
CA ARG A 285 13.67 49.62 -67.44
C ARG A 285 15.08 49.02 -67.44
N GLY A 286 15.95 49.56 -68.28
CA GLY A 286 17.29 49.02 -68.41
C GLY A 286 17.30 47.64 -69.04
N ALA A 287 17.85 46.66 -68.33
CA ALA A 287 17.90 45.29 -68.85
C ALA A 287 17.95 44.33 -67.67
N SER A 288 16.89 43.56 -67.48
CA SER A 288 16.80 42.56 -66.42
C SER A 288 15.57 41.69 -66.69
N HIS A 289 15.39 40.68 -65.86
CA HIS A 289 14.20 39.85 -65.95
C HIS A 289 12.96 40.69 -65.64
N VAL A 290 11.92 40.51 -66.44
CA VAL A 290 10.71 41.33 -66.34
C VAL A 290 9.53 40.41 -66.08
N ASP A 291 8.81 40.67 -64.99
CA ASP A 291 7.57 39.96 -64.70
C ASP A 291 6.46 40.53 -65.57
N VAL A 292 5.52 39.67 -65.96
CA VAL A 292 4.42 40.07 -66.83
C VAL A 292 3.07 39.94 -66.15
N TYR A 293 3.02 39.56 -64.88
CA TYR A 293 1.78 39.49 -64.14
C TYR A 293 1.62 40.65 -63.17
N LYS A 294 2.42 41.69 -63.32
CA LYS A 294 2.25 42.94 -62.59
C LYS A 294 1.71 43.98 -63.56
N VAL A 295 0.48 44.43 -63.34
CA VAL A 295 -0.20 45.36 -64.24
C VAL A 295 -0.61 46.58 -63.45
N ASP A 296 -0.77 47.71 -64.13
CA ASP A 296 -1.23 48.93 -63.49
C ASP A 296 -2.71 49.15 -63.78
N VAL A 297 -3.45 49.52 -62.75
CA VAL A 297 -4.89 49.73 -62.86
C VAL A 297 -5.22 51.10 -62.30
N VAL A 298 -6.34 51.66 -62.77
CA VAL A 298 -6.78 52.98 -62.37
C VAL A 298 -8.28 52.96 -62.11
N ASP A 299 -8.72 53.88 -61.27
CA ASP A 299 -10.15 54.12 -61.06
C ASP A 299 -10.64 55.09 -62.12
N MET A 300 -11.77 54.77 -62.73
CA MET A 300 -12.34 55.58 -63.80
C MET A 300 -13.55 56.34 -63.29
N LEU A 301 -13.53 57.66 -63.46
CA LEU A 301 -14.64 58.52 -63.06
C LEU A 301 -15.36 59.03 -64.30
N PHE A 302 -16.68 58.93 -64.29
CA PHE A 302 -17.48 59.34 -65.43
C PHE A 302 -18.90 59.61 -64.95
N GLU A 303 -19.80 59.87 -65.88
CA GLU A 303 -21.17 60.21 -65.55
C GLU A 303 -22.06 59.82 -66.73
N VAL A 304 -23.37 59.95 -66.52
CA VAL A 304 -24.35 59.30 -67.39
C VAL A 304 -25.18 60.35 -68.11
N VAL A 305 -24.52 61.44 -68.53
CA VAL A 305 -25.16 62.57 -69.20
C VAL A 305 -26.21 62.14 -70.21
N ASP A 306 -27.39 62.72 -70.11
CA ASP A 306 -28.52 62.42 -70.98
C ASP A 306 -28.75 63.58 -71.93
N VAL A 307 -28.72 63.30 -73.22
CA VAL A 307 -28.79 64.34 -74.24
C VAL A 307 -30.01 64.01 -75.10
N ALA A 308 -31.06 63.49 -74.45
CA ALA A 308 -32.26 63.09 -75.18
C ALA A 308 -32.83 64.23 -76.03
N ASP A 309 -32.62 65.47 -75.59
CA ASP A 309 -32.92 66.64 -76.38
C ASP A 309 -31.62 67.41 -76.62
N GLY A 310 -31.74 68.61 -77.18
CA GLY A 310 -30.56 69.44 -77.39
C GLY A 310 -29.81 69.77 -76.14
N LEU A 311 -30.48 69.72 -74.99
CA LEU A 311 -29.84 70.01 -73.71
C LEU A 311 -29.19 68.73 -73.16
N ARG A 312 -28.76 68.78 -71.90
CA ARG A 312 -28.05 67.68 -71.28
C ARG A 312 -28.65 67.38 -69.92
N ASN A 313 -28.14 66.34 -69.27
CA ASN A 313 -28.45 66.03 -67.88
C ASN A 313 -27.20 65.49 -67.20
N VAL A 314 -27.20 65.46 -65.88
CA VAL A 314 -26.06 64.97 -65.11
C VAL A 314 -26.57 63.88 -64.19
N SER A 315 -27.54 63.10 -64.68
CA SER A 315 -28.33 62.15 -63.88
C SER A 315 -27.55 61.48 -62.75
N ARG A 316 -26.42 60.86 -63.06
CA ARG A 316 -25.65 60.13 -62.06
C ARG A 316 -24.16 60.33 -62.29
N LYS A 317 -23.39 60.15 -61.23
CA LYS A 317 -21.93 60.14 -61.31
C LYS A 317 -21.43 58.82 -60.73
N LEU A 318 -20.67 58.08 -61.52
CA LEU A 318 -20.28 56.72 -61.19
C LEU A 318 -18.77 56.57 -61.30
N THR A 319 -18.26 55.48 -60.73
CA THR A 319 -16.84 55.18 -60.79
C THR A 319 -16.62 53.73 -61.17
N MET A 320 -15.61 53.48 -61.99
CA MET A 320 -15.17 52.14 -62.35
C MET A 320 -13.85 51.89 -61.64
N HIS A 321 -13.69 50.71 -61.06
CA HIS A 321 -12.63 50.54 -60.07
C HIS A 321 -11.32 50.02 -60.64
N THR A 322 -11.31 48.80 -61.17
CA THR A 322 -10.06 48.16 -61.55
C THR A 322 -10.01 48.03 -63.06
N VAL A 323 -9.51 49.09 -63.70
CA VAL A 323 -9.37 49.14 -65.15
C VAL A 323 -7.87 49.18 -65.46
N PRO A 324 -7.31 48.13 -66.07
CA PRO A 324 -5.88 48.16 -66.39
C PRO A 324 -5.55 49.25 -67.40
N VAL A 325 -4.37 49.84 -67.23
CA VAL A 325 -3.94 50.91 -68.12
C VAL A 325 -3.66 50.37 -69.52
N CYS A 326 -3.20 49.12 -69.62
CA CYS A 326 -2.88 48.56 -70.92
C CYS A 326 -4.08 48.55 -71.84
N ILE A 327 -5.25 48.20 -71.30
CA ILE A 327 -6.46 48.21 -72.12
C ILE A 327 -6.81 49.63 -72.54
N LEU A 328 -6.71 50.58 -71.62
CA LEU A 328 -7.07 51.96 -71.94
C LEU A 328 -6.18 52.53 -73.03
N GLU A 329 -4.89 52.21 -73.00
CA GLU A 329 -4.01 52.67 -74.06
C GLU A 329 -4.21 51.88 -75.34
N MET A 330 -4.59 50.60 -75.23
CA MET A 330 -4.76 49.77 -76.41
C MET A 330 -5.88 50.31 -77.29
N LEU A 331 -7.10 50.29 -76.78
CA LEU A 331 -8.23 50.90 -77.47
C LEU A 331 -8.35 52.34 -76.99
N GLY A 332 -8.32 53.29 -77.92
CA GLY A 332 -8.18 54.69 -77.58
C GLY A 332 -9.25 55.22 -76.65
N ILE A 333 -8.82 55.72 -75.49
CA ILE A 333 -9.73 56.32 -74.52
C ILE A 333 -9.21 57.67 -74.10
N GLU A 334 -9.83 58.72 -74.64
CA GLU A 334 -9.58 60.08 -74.16
C GLU A 334 -10.62 60.44 -73.13
N ILE A 335 -10.70 61.72 -72.78
CA ILE A 335 -11.73 62.18 -71.87
C ILE A 335 -12.73 63.02 -72.66
N ALA A 336 -13.75 62.37 -73.24
CA ALA A 336 -14.77 63.11 -73.98
C ALA A 336 -16.01 62.29 -74.32
N ASP A 337 -17.15 62.72 -73.79
CA ASP A 337 -18.49 62.61 -74.39
C ASP A 337 -18.66 61.37 -75.28
N TYR A 338 -18.46 60.20 -74.70
CA TYR A 338 -18.54 58.95 -75.43
C TYR A 338 -19.96 58.41 -75.45
N CYS A 339 -20.36 57.86 -76.58
CA CYS A 339 -21.65 57.21 -76.73
C CYS A 339 -21.45 55.70 -76.79
N ILE A 340 -22.29 54.96 -76.08
CA ILE A 340 -22.06 53.53 -75.88
C ILE A 340 -23.17 52.67 -76.49
N ARG A 341 -23.95 53.22 -77.40
CA ARG A 341 -24.97 52.46 -78.10
C ARG A 341 -24.81 52.66 -79.60
N GLN A 342 -25.16 51.63 -80.36
CA GLN A 342 -25.20 51.69 -81.80
C GLN A 342 -26.65 51.69 -82.27
N GLU A 343 -26.82 51.70 -83.59
CA GLU A 343 -28.15 51.80 -84.18
C GLU A 343 -29.05 50.64 -83.78
N ASP A 344 -28.46 49.50 -83.41
CA ASP A 344 -29.25 48.33 -83.08
C ASP A 344 -30.12 48.58 -81.86
N GLY A 345 -29.57 49.27 -80.86
CA GLY A 345 -30.27 49.51 -79.62
C GLY A 345 -29.65 48.86 -78.41
N MET A 346 -28.68 47.97 -78.60
CA MET A 346 -27.95 47.35 -77.50
C MET A 346 -26.58 48.00 -77.36
N LEU A 347 -25.84 47.53 -76.36
CA LEU A 347 -24.56 48.14 -76.02
C LEU A 347 -23.49 47.78 -77.05
N THR A 348 -22.48 48.63 -77.14
CA THR A 348 -21.36 48.37 -78.04
C THR A 348 -20.38 47.40 -77.40
N ASP A 349 -19.53 46.79 -78.24
CA ASP A 349 -18.63 45.74 -77.79
C ASP A 349 -17.54 46.26 -76.87
N TRP A 350 -16.94 47.40 -77.22
CA TRP A 350 -15.83 47.91 -76.41
C TRP A 350 -16.29 48.27 -75.01
N PHE A 351 -17.50 48.80 -74.89
CA PHE A 351 -18.04 49.09 -73.57
C PHE A 351 -18.24 47.81 -72.77
N LEU A 352 -18.76 46.77 -73.41
CA LEU A 352 -18.85 45.47 -72.74
C LEU A 352 -17.49 45.02 -72.23
N LEU A 353 -16.46 45.10 -73.07
CA LEU A 353 -15.14 44.65 -72.65
C LEU A 353 -14.63 45.48 -71.50
N LEU A 354 -14.81 46.80 -71.57
CA LEU A 354 -14.32 47.69 -70.52
C LEU A 354 -15.00 47.40 -69.20
N THR A 355 -16.34 47.32 -69.20
CA THR A 355 -17.05 46.96 -67.98
C THR A 355 -16.73 45.54 -67.56
N MET A 356 -16.26 44.73 -68.51
CA MET A 356 -16.02 43.31 -68.27
C MET A 356 -14.71 43.09 -67.55
N LEU A 357 -13.75 44.01 -67.71
CA LEU A 357 -12.43 43.90 -67.12
C LEU A 357 -12.32 44.54 -65.74
N SER A 358 -13.39 45.13 -65.24
CA SER A 358 -13.33 45.89 -64.00
C SER A 358 -13.85 45.06 -62.85
N ASP A 359 -13.97 45.69 -61.67
CA ASP A 359 -14.51 45.06 -60.48
C ASP A 359 -15.82 45.68 -60.05
N GLY A 360 -16.65 46.11 -60.98
CA GLY A 360 -17.96 46.65 -60.68
C GLY A 360 -17.94 48.17 -60.68
N LEU A 361 -19.13 48.73 -60.47
CA LEU A 361 -19.33 50.17 -60.44
C LEU A 361 -19.79 50.60 -59.06
N THR A 362 -19.84 51.91 -58.87
CA THR A 362 -20.24 52.49 -57.59
C THR A 362 -20.71 53.92 -57.82
N ASP A 363 -21.88 54.24 -57.28
CA ASP A 363 -22.34 55.62 -57.31
C ASP A 363 -21.50 56.48 -56.39
N ARG A 364 -21.19 57.69 -56.85
CA ARG A 364 -20.31 58.58 -56.10
C ARG A 364 -21.06 59.50 -55.15
N ARG A 365 -22.39 59.48 -55.15
CA ARG A 365 -23.15 60.20 -54.13
C ARG A 365 -23.52 59.26 -52.99
N THR A 366 -24.32 58.23 -53.27
CA THR A 366 -24.53 57.14 -52.34
C THR A 366 -23.52 56.04 -52.68
N HIS A 367 -22.78 55.60 -51.68
CA HIS A 367 -21.62 54.76 -51.95
C HIS A 367 -21.99 53.29 -52.14
N CYS A 368 -23.25 53.00 -52.44
CA CYS A 368 -23.67 51.63 -52.65
C CYS A 368 -23.18 51.10 -53.99
N GLN A 369 -23.32 49.80 -54.18
CA GLN A 369 -23.00 49.18 -55.45
C GLN A 369 -23.97 49.65 -56.53
N TYR A 370 -23.51 49.57 -57.78
CA TYR A 370 -24.32 49.97 -58.91
C TYR A 370 -24.35 48.85 -59.95
N LEU A 371 -25.51 48.69 -60.58
CA LEU A 371 -25.71 47.70 -61.62
C LEU A 371 -26.26 48.38 -62.86
N ILE A 372 -25.95 47.83 -64.03
CA ILE A 372 -26.23 48.48 -65.31
C ILE A 372 -27.47 47.85 -65.93
N ASN A 373 -28.39 48.69 -66.39
CA ASN A 373 -29.52 48.23 -67.17
C ASN A 373 -29.10 48.14 -68.63
N PRO A 374 -29.04 46.94 -69.19
CA PRO A 374 -28.61 46.81 -70.58
C PRO A 374 -29.64 47.35 -71.56
N SER A 375 -30.90 46.99 -71.35
CA SER A 375 -31.95 47.33 -72.29
C SER A 375 -32.26 48.83 -72.28
N SER A 376 -32.94 49.28 -73.32
CA SER A 376 -33.36 50.67 -73.42
C SER A 376 -34.79 50.81 -72.92
N VAL A 377 -34.95 50.54 -71.63
CA VAL A 377 -36.25 50.61 -70.97
C VAL A 377 -36.21 51.78 -69.99
N PRO A 378 -37.21 52.65 -70.01
CA PRO A 378 -37.09 54.01 -69.44
C PRO A 378 -36.35 54.06 -68.10
N PRO A 379 -36.68 53.21 -67.11
CA PRO A 379 -36.00 53.36 -65.81
C PRO A 379 -34.51 53.15 -65.89
N ASP A 380 -33.74 54.22 -65.65
CA ASP A 380 -32.28 54.17 -65.57
C ASP A 380 -31.65 53.68 -66.87
N VAL A 381 -31.84 54.45 -67.93
CA VAL A 381 -31.24 54.17 -69.22
C VAL A 381 -29.87 54.84 -69.29
N ILE A 382 -28.92 54.20 -69.95
CA ILE A 382 -27.60 54.75 -70.19
C ILE A 382 -27.35 54.74 -71.69
N LEU A 383 -27.24 55.93 -72.28
CA LEU A 383 -26.99 56.07 -73.71
C LEU A 383 -25.66 56.75 -74.00
N ASN A 384 -25.38 57.88 -73.35
CA ASN A 384 -24.13 58.60 -73.54
C ASN A 384 -23.48 58.80 -72.18
N ILE A 385 -22.15 58.75 -72.16
CA ILE A 385 -21.36 58.98 -70.96
C ILE A 385 -20.27 59.98 -71.29
N SER A 386 -19.71 60.57 -70.25
CA SER A 386 -18.59 61.48 -70.40
C SER A 386 -17.55 61.16 -69.33
N ILE A 387 -16.35 60.82 -69.76
CA ILE A 387 -15.25 60.57 -68.85
C ILE A 387 -14.86 61.88 -68.18
N THR A 388 -14.36 61.79 -66.96
CA THR A 388 -13.85 62.97 -66.26
C THR A 388 -12.38 62.88 -65.90
N GLY A 389 -11.94 61.77 -65.31
CA GLY A 389 -10.55 61.67 -64.92
C GLY A 389 -10.25 60.32 -64.31
N PHE A 390 -8.98 60.15 -63.95
CA PHE A 390 -8.47 58.91 -63.38
C PHE A 390 -7.76 59.26 -62.10
N ILE A 391 -8.17 58.66 -60.99
CA ILE A 391 -7.70 59.07 -59.67
C ILE A 391 -6.60 58.16 -59.13
N ASN A 392 -6.88 56.88 -58.94
CA ASN A 392 -5.90 56.00 -58.31
C ASN A 392 -5.06 55.32 -59.38
N ARG A 393 -3.89 54.85 -58.97
CA ARG A 393 -3.03 54.09 -59.86
C ARG A 393 -2.06 53.28 -59.01
N HIS A 394 -2.11 51.97 -59.13
CA HIS A 394 -1.22 51.10 -58.38
C HIS A 394 -1.09 49.79 -59.14
N THR A 395 0.00 49.08 -58.86
CA THR A 395 0.29 47.83 -59.52
C THR A 395 -0.19 46.66 -58.66
N ILE A 396 -0.93 45.75 -59.27
CA ILE A 396 -1.46 44.59 -58.57
C ILE A 396 -1.02 43.32 -59.30
N ASP A 397 -0.87 42.26 -58.53
CA ASP A 397 -0.59 40.95 -59.11
C ASP A 397 -1.85 40.45 -59.80
N VAL A 398 -1.68 39.56 -60.77
CA VAL A 398 -2.79 39.11 -61.60
C VAL A 398 -3.03 37.63 -61.34
N MET A 399 -2.00 36.93 -60.88
CA MET A 399 -2.15 35.52 -60.55
C MET A 399 -3.23 35.35 -59.49
N PRO A 400 -4.32 34.63 -59.77
CA PRO A 400 -5.39 34.50 -58.79
C PRO A 400 -5.00 33.72 -57.55
N ASP A 401 -3.83 33.08 -57.57
CA ASP A 401 -3.19 32.42 -56.43
C ASP A 401 -3.92 31.13 -56.10
N ILE A 402 -5.11 30.92 -56.64
CA ILE A 402 -5.60 29.55 -56.78
C ILE A 402 -5.31 29.09 -58.20
N TYR A 403 -4.03 28.88 -58.49
CA TYR A 403 -3.63 28.32 -59.77
C TYR A 403 -2.42 27.42 -59.58
N ASP A 404 -2.44 26.60 -58.52
CA ASP A 404 -1.27 25.80 -58.19
C ASP A 404 -0.83 24.95 -59.37
N PHE A 405 -1.76 24.22 -59.97
CA PHE A 405 -1.43 23.28 -61.04
C PHE A 405 -2.19 23.68 -62.29
N VAL A 406 -1.61 23.35 -63.44
CA VAL A 406 -2.26 23.63 -64.71
C VAL A 406 -3.40 22.65 -64.91
N LYS A 407 -4.63 23.14 -64.76
CA LYS A 407 -5.80 22.28 -64.73
C LYS A 407 -6.87 22.93 -65.59
N PRO A 408 -7.86 22.15 -66.06
CA PRO A 408 -8.98 22.75 -66.78
C PRO A 408 -9.76 23.70 -65.87
N ILE A 409 -10.35 24.72 -66.48
CA ILE A 409 -10.96 25.82 -65.77
C ILE A 409 -12.48 25.74 -65.93
N GLY A 410 -13.20 25.89 -64.82
CA GLY A 410 -14.64 25.94 -64.86
C GLY A 410 -15.18 27.23 -64.28
N ALA A 411 -15.88 28.01 -65.10
CA ALA A 411 -16.41 29.30 -64.68
C ALA A 411 -17.92 29.20 -64.52
N VAL A 412 -18.44 29.81 -63.46
CA VAL A 412 -19.87 29.75 -63.14
C VAL A 412 -20.44 31.15 -63.26
N LEU A 413 -21.38 31.33 -64.19
CA LEU A 413 -22.06 32.58 -64.40
C LEU A 413 -23.56 32.36 -64.40
N PRO A 414 -24.33 33.32 -63.88
CA PRO A 414 -25.78 33.20 -63.92
C PRO A 414 -26.31 33.37 -65.33
N LYS A 415 -27.51 32.84 -65.54
CA LYS A 415 -28.17 32.97 -66.83
C LYS A 415 -28.40 34.44 -67.16
N GLY A 416 -28.22 34.79 -68.43
CA GLY A 416 -28.35 36.16 -68.86
C GLY A 416 -27.10 36.96 -68.61
N SER A 417 -25.94 36.40 -68.98
CA SER A 417 -24.65 37.02 -68.72
C SER A 417 -23.87 37.28 -70.00
N PHE A 418 -24.56 37.48 -71.12
CA PHE A 418 -23.92 37.79 -72.40
C PHE A 418 -22.91 36.72 -72.81
N LYS A 419 -23.25 35.45 -72.55
CA LYS A 419 -22.29 34.38 -72.83
C LYS A 419 -21.87 34.39 -74.29
N SER A 420 -22.85 34.49 -75.19
CA SER A 420 -22.53 34.46 -76.62
C SER A 420 -21.65 35.64 -77.01
N THR A 421 -21.98 36.83 -76.53
CA THR A 421 -21.20 38.02 -76.87
C THR A 421 -19.78 37.89 -76.35
N ILE A 422 -19.62 37.44 -75.11
CA ILE A 422 -18.28 37.28 -74.53
C ILE A 422 -17.48 36.26 -75.33
N MET A 423 -18.10 35.12 -75.67
CA MET A 423 -17.41 34.10 -76.45
C MET A 423 -16.98 34.64 -77.80
N ARG A 424 -17.88 35.36 -78.48
CA ARG A 424 -17.55 35.92 -79.79
C ARG A 424 -16.42 36.92 -79.69
N VAL A 425 -16.45 37.80 -78.69
CA VAL A 425 -15.41 38.82 -78.56
C VAL A 425 -14.08 38.16 -78.25
N LEU A 426 -14.07 37.18 -77.36
CA LEU A 426 -12.83 36.50 -77.01
C LEU A 426 -12.24 35.78 -78.20
N ASP A 427 -13.09 35.14 -79.01
CA ASP A 427 -12.57 34.38 -80.14
C ASP A 427 -11.79 35.24 -81.11
N SER A 428 -12.22 36.48 -81.32
CA SER A 428 -11.56 37.37 -82.28
C SER A 428 -10.39 38.13 -81.65
N ILE A 429 -9.46 37.40 -81.05
CA ILE A 429 -8.28 37.99 -80.46
C ILE A 429 -7.08 37.18 -80.93
N SER A 430 -6.31 37.75 -81.86
CA SER A 430 -5.17 37.06 -82.45
C SER A 430 -3.89 37.85 -82.22
N ILE A 431 -3.67 38.27 -80.97
CA ILE A 431 -2.63 39.22 -80.58
C ILE A 431 -1.27 38.96 -81.22
N LEU A 432 -0.74 37.75 -81.08
CA LEU A 432 0.65 37.49 -81.41
C LEU A 432 0.75 36.17 -82.17
N GLY A 433 -0.14 35.98 -83.13
CA GLY A 433 -0.12 34.79 -83.95
C GLY A 433 -0.60 33.53 -83.27
N ILE A 434 -1.18 33.63 -82.08
CA ILE A 434 -1.60 32.46 -81.34
C ILE A 434 -3.12 32.33 -81.23
N GLN A 435 -3.86 33.44 -81.35
CA GLN A 435 -5.32 33.43 -81.31
C GLN A 435 -5.82 32.82 -80.00
N ILE A 436 -5.53 33.54 -78.92
CA ILE A 436 -5.88 33.06 -77.59
C ILE A 436 -7.37 32.82 -77.48
N MET A 437 -7.73 31.82 -76.68
CA MET A 437 -9.10 31.46 -76.35
C MET A 437 -9.94 31.23 -77.60
N PRO A 438 -9.62 30.22 -78.41
CA PRO A 438 -10.46 29.96 -79.59
C PRO A 438 -11.82 29.41 -79.19
N ARG A 439 -12.78 29.57 -80.11
CA ARG A 439 -14.13 29.09 -79.86
C ARG A 439 -14.15 27.58 -79.63
N ALA A 440 -13.20 26.85 -80.21
CA ALA A 440 -13.20 25.41 -80.06
C ALA A 440 -12.75 24.98 -78.68
N HIS A 441 -12.09 25.85 -77.93
CA HIS A 441 -11.56 25.50 -76.62
C HIS A 441 -12.50 25.87 -75.49
N VAL A 442 -13.72 26.32 -75.79
CA VAL A 442 -14.70 26.67 -74.78
C VAL A 442 -15.94 25.82 -75.00
N VAL A 443 -16.55 25.37 -73.92
CA VAL A 443 -17.78 24.59 -73.97
C VAL A 443 -18.88 25.39 -73.29
N ASP A 444 -20.04 25.47 -73.96
CA ASP A 444 -21.16 26.23 -73.44
C ASP A 444 -21.80 25.51 -72.27
N SER A 445 -22.49 26.28 -71.43
CA SER A 445 -23.20 25.70 -70.30
C SER A 445 -24.29 24.75 -70.77
N ASP A 446 -25.02 25.14 -71.83
CA ASP A 446 -26.15 24.33 -72.28
C ASP A 446 -25.72 23.07 -73.01
N GLU A 447 -24.44 22.90 -73.30
CA GLU A 447 -24.00 21.74 -74.08
C GLU A 447 -24.40 20.43 -73.44
N VAL A 448 -24.43 20.36 -72.10
CA VAL A 448 -24.87 19.14 -71.45
C VAL A 448 -26.35 18.91 -71.70
N GLY A 449 -27.09 19.99 -72.00
CA GLY A 449 -28.53 19.88 -72.11
C GLY A 449 -29.01 18.97 -73.23
N GLU A 450 -28.40 19.07 -74.41
CA GLU A 450 -28.90 18.31 -75.55
C GLU A 450 -28.25 16.94 -75.68
N GLN A 451 -27.49 16.49 -74.68
CA GLN A 451 -26.99 15.13 -74.72
C GLN A 451 -28.12 14.12 -74.71
N MET A 452 -29.19 14.40 -73.96
CA MET A 452 -30.39 13.58 -73.97
C MET A 452 -31.28 14.03 -75.12
N GLU A 453 -31.91 13.07 -75.79
CA GLU A 453 -32.81 13.41 -76.88
C GLU A 453 -33.94 14.32 -76.42
N PRO A 454 -34.64 14.05 -75.31
CA PRO A 454 -35.38 15.13 -74.65
C PRO A 454 -34.44 15.89 -73.73
N THR A 455 -34.17 17.15 -74.07
CA THR A 455 -33.19 17.92 -73.32
C THR A 455 -33.73 18.21 -71.92
N PHE A 456 -32.87 18.76 -71.07
CA PHE A 456 -33.27 19.10 -69.72
C PHE A 456 -34.40 20.12 -69.73
N GLU A 457 -34.42 20.99 -70.74
CA GLU A 457 -35.37 22.10 -70.74
C GLU A 457 -36.82 21.63 -70.87
N GLN A 458 -37.09 20.66 -71.74
CA GLN A 458 -38.48 20.20 -71.86
C GLN A 458 -38.91 19.42 -70.62
N ALA A 459 -37.99 18.73 -69.95
CA ALA A 459 -38.34 18.12 -68.67
C ALA A 459 -38.73 19.18 -67.66
N VAL A 460 -37.96 20.27 -67.61
CA VAL A 460 -38.31 21.37 -66.73
C VAL A 460 -39.68 21.93 -67.10
N MET A 461 -39.95 22.03 -68.41
CA MET A 461 -41.26 22.49 -68.86
C MET A 461 -42.37 21.56 -68.36
N GLU A 462 -42.13 20.25 -68.42
CA GLU A 462 -43.14 19.28 -68.04
C GLU A 462 -43.31 19.13 -66.55
N ILE A 463 -42.40 19.69 -65.74
CA ILE A 463 -42.57 19.68 -64.28
C ILE A 463 -43.98 20.07 -63.85
N TYR A 464 -44.62 20.98 -64.60
CA TYR A 464 -45.88 21.58 -64.15
C TYR A 464 -46.93 20.54 -63.83
N LYS A 465 -46.89 19.38 -64.50
CA LYS A 465 -47.90 18.36 -64.27
C LYS A 465 -47.89 17.82 -62.84
N GLY A 466 -46.80 18.02 -62.12
CA GLY A 466 -46.70 17.55 -60.75
C GLY A 466 -47.23 18.50 -59.71
N ILE A 467 -47.87 19.60 -60.10
CA ILE A 467 -48.34 20.61 -59.17
C ILE A 467 -49.86 20.67 -59.25
N ALA A 468 -50.51 20.60 -58.09
CA ALA A 468 -51.96 20.72 -58.03
C ALA A 468 -52.39 22.13 -58.35
N GLY A 469 -53.50 22.25 -59.08
CA GLY A 469 -54.04 23.53 -59.46
C GLY A 469 -53.38 24.17 -60.67
N VAL A 470 -52.38 23.51 -61.27
CA VAL A 470 -51.72 24.01 -62.46
C VAL A 470 -51.97 23.02 -63.59
N ASP A 471 -52.49 23.51 -64.71
CA ASP A 471 -52.82 22.66 -65.84
C ASP A 471 -51.97 22.90 -67.07
N SER A 472 -51.15 23.95 -67.07
CA SER A 472 -50.30 24.24 -68.21
C SER A 472 -49.11 25.06 -67.72
N LEU A 473 -48.07 25.10 -68.55
CA LEU A 473 -46.89 25.88 -68.22
C LEU A 473 -47.23 27.36 -68.06
N ASP A 474 -48.14 27.86 -68.90
CA ASP A 474 -48.59 29.24 -68.77
C ASP A 474 -49.24 29.47 -67.42
N ASP A 475 -50.09 28.54 -67.00
CA ASP A 475 -50.71 28.64 -65.68
C ASP A 475 -49.65 28.66 -64.59
N LEU A 476 -48.60 27.84 -64.75
CA LEU A 476 -47.51 27.86 -63.79
C LEU A 476 -46.85 29.23 -63.73
N ILE A 477 -46.62 29.85 -64.90
CA ILE A 477 -45.96 31.15 -64.92
C ILE A 477 -46.81 32.18 -64.20
N LYS A 478 -48.10 32.28 -64.55
CA LYS A 478 -48.93 33.27 -63.88
C LYS A 478 -49.13 32.94 -62.40
N TRP A 479 -48.99 31.67 -62.03
CA TRP A 479 -49.13 31.32 -60.61
C TRP A 479 -47.91 31.74 -59.81
N VAL A 480 -46.71 31.54 -60.35
CA VAL A 480 -45.51 31.76 -59.57
C VAL A 480 -45.12 33.24 -59.49
N LEU A 481 -45.54 34.05 -60.46
CA LEU A 481 -45.17 35.46 -60.49
C LEU A 481 -46.33 36.33 -60.05
N ASN A 482 -46.00 37.51 -59.53
CA ASN A 482 -46.96 38.41 -58.88
C ASN A 482 -47.18 39.69 -59.69
N SER A 483 -47.23 39.58 -61.02
CA SER A 483 -47.54 40.69 -61.92
C SER A 483 -46.41 41.71 -61.98
N ASP A 484 -45.38 41.53 -61.15
CA ASP A 484 -44.21 42.38 -61.18
C ASP A 484 -42.96 41.54 -61.42
N LEU A 485 -43.11 40.36 -62.01
CA LEU A 485 -42.01 39.46 -62.32
C LEU A 485 -41.19 39.16 -61.05
N ILE A 486 -41.89 38.95 -59.94
CA ILE A 486 -41.24 38.57 -58.70
C ILE A 486 -41.81 37.23 -58.26
N PRO A 487 -40.97 36.24 -57.97
CA PRO A 487 -41.49 35.01 -57.37
C PRO A 487 -42.14 35.31 -56.03
N HIS A 488 -43.20 34.56 -55.72
CA HIS A 488 -43.90 34.77 -54.46
C HIS A 488 -43.09 34.31 -53.25
N ASP A 489 -41.89 33.76 -53.46
CA ASP A 489 -40.97 33.39 -52.40
C ASP A 489 -41.49 32.23 -51.58
N ASP A 490 -42.69 31.76 -51.90
CA ASP A 490 -43.23 30.52 -51.36
C ASP A 490 -43.60 29.52 -52.44
N ARG A 491 -44.34 29.95 -53.46
CA ARG A 491 -44.63 29.07 -54.58
C ARG A 491 -43.37 28.62 -55.29
N LEU A 492 -42.40 29.53 -55.43
CA LEU A 492 -41.09 29.14 -55.93
C LEU A 492 -40.49 28.07 -55.05
N GLY A 493 -40.92 28.00 -53.78
CA GLY A 493 -40.50 26.90 -52.93
C GLY A 493 -40.88 25.55 -53.49
N GLN A 494 -42.15 25.35 -53.83
CA GLN A 494 -42.55 24.06 -54.40
C GLN A 494 -42.03 23.88 -55.81
N LEU A 495 -41.82 24.96 -56.56
CA LEU A 495 -41.11 24.80 -57.83
C LEU A 495 -39.74 24.18 -57.62
N PHE A 496 -38.99 24.68 -56.64
CA PHE A 496 -37.71 24.06 -56.31
C PHE A 496 -37.90 22.63 -55.81
N GLN A 497 -38.91 22.41 -54.97
CA GLN A 497 -39.19 21.07 -54.45
C GLN A 497 -39.32 20.06 -55.58
N ALA A 498 -40.07 20.41 -56.63
CA ALA A 498 -40.24 19.51 -57.76
C ALA A 498 -39.03 19.47 -58.67
N PHE A 499 -38.35 20.60 -58.87
CA PHE A 499 -37.27 20.69 -59.84
C PHE A 499 -36.00 20.00 -59.39
N LEU A 500 -35.65 20.12 -58.11
CA LEU A 500 -34.38 19.58 -57.63
C LEU A 500 -34.20 18.09 -57.88
N PRO A 501 -35.20 17.22 -57.64
CA PRO A 501 -34.99 15.81 -57.97
C PRO A 501 -34.68 15.59 -59.44
N LEU A 502 -35.34 16.33 -60.33
CA LEU A 502 -35.04 16.21 -61.75
C LEU A 502 -33.57 16.48 -62.02
N ALA A 503 -33.06 17.62 -61.53
CA ALA A 503 -31.66 17.94 -61.75
C ALA A 503 -30.74 16.89 -61.17
N LYS A 504 -30.88 16.60 -59.88
CA LYS A 504 -29.95 15.72 -59.18
C LYS A 504 -30.07 14.26 -59.61
N ASP A 505 -31.13 13.87 -60.32
CA ASP A 505 -31.29 12.50 -60.74
C ASP A 505 -31.06 12.30 -62.23
N LEU A 506 -31.16 13.35 -63.03
CA LEU A 506 -30.97 13.23 -64.47
C LEU A 506 -29.76 14.00 -64.97
N LEU A 507 -29.64 15.27 -64.63
CA LEU A 507 -28.58 16.09 -65.20
C LEU A 507 -27.21 15.71 -64.64
N ALA A 508 -27.14 15.42 -63.34
CA ALA A 508 -25.85 15.18 -62.71
C ALA A 508 -25.07 14.02 -63.33
N PRO A 509 -25.65 12.83 -63.54
CA PRO A 509 -24.83 11.76 -64.10
C PRO A 509 -24.36 12.03 -65.53
N MET A 510 -25.26 12.51 -66.39
CA MET A 510 -24.85 12.83 -67.74
C MET A 510 -23.79 13.91 -67.75
N ALA A 511 -23.91 14.88 -66.85
CA ALA A 511 -22.86 15.88 -66.71
C ALA A 511 -21.54 15.25 -66.29
N ARG A 512 -21.61 14.25 -65.41
CA ARG A 512 -20.39 13.58 -64.98
C ARG A 512 -19.69 12.91 -66.15
N LYS A 513 -20.43 12.14 -66.95
CA LYS A 513 -19.81 11.56 -68.14
C LYS A 513 -19.30 12.63 -69.09
N PHE A 514 -20.08 13.70 -69.28
CA PHE A 514 -19.67 14.73 -70.23
C PHE A 514 -18.35 15.36 -69.83
N TYR A 515 -18.20 15.69 -68.55
CA TYR A 515 -16.95 16.29 -68.08
C TYR A 515 -15.80 15.29 -68.14
N ASP A 516 -16.08 14.02 -67.84
CA ASP A 516 -15.02 13.02 -67.90
C ASP A 516 -14.48 12.89 -69.32
N ASN A 517 -15.37 12.83 -70.31
CA ASN A 517 -14.90 12.80 -71.69
C ASN A 517 -14.21 14.11 -72.07
N SER A 518 -14.76 15.24 -71.63
CA SER A 518 -14.22 16.53 -72.03
C SER A 518 -12.78 16.70 -71.56
N MET A 519 -12.45 16.21 -70.38
CA MET A 519 -11.07 16.30 -69.92
C MET A 519 -10.11 15.57 -70.85
N SER A 520 -10.59 14.57 -71.59
CA SER A 520 -9.69 13.77 -72.42
C SER A 520 -9.12 14.59 -73.57
N GLU A 521 -9.91 15.47 -74.18
CA GLU A 521 -9.42 16.22 -75.34
C GLU A 521 -8.41 17.28 -74.94
N GLY A 522 -8.33 17.61 -73.66
CA GLY A 522 -7.35 18.56 -73.18
C GLY A 522 -8.01 19.64 -72.37
N ARG A 523 -7.23 20.67 -72.05
CA ARG A 523 -7.71 21.76 -71.22
C ARG A 523 -8.79 22.54 -71.95
N LEU A 524 -9.88 22.83 -71.24
CA LEU A 524 -11.01 23.54 -71.81
C LEU A 524 -11.54 24.56 -70.81
N LEU A 525 -12.25 25.55 -71.35
CA LEU A 525 -12.97 26.52 -70.54
C LEU A 525 -14.42 26.06 -70.46
N THR A 526 -14.91 25.86 -69.25
CA THR A 526 -16.26 25.34 -69.03
C THR A 526 -17.11 26.40 -68.34
N PHE A 527 -18.31 26.60 -68.88
CA PHE A 527 -19.28 27.51 -68.29
C PHE A 527 -20.42 26.70 -67.68
N ALA A 528 -20.95 27.20 -66.57
CA ALA A 528 -22.08 26.58 -65.91
C ALA A 528 -22.98 27.70 -65.39
N HIS A 529 -24.11 27.30 -64.81
CA HIS A 529 -25.05 28.27 -64.28
C HIS A 529 -25.08 28.31 -62.77
N ALA A 530 -24.84 27.19 -62.11
CA ALA A 530 -24.68 27.16 -60.66
C ALA A 530 -23.55 26.20 -60.33
N ASP A 531 -22.71 26.61 -59.38
CA ASP A 531 -21.54 25.81 -59.04
C ASP A 531 -21.92 24.41 -58.57
N SER A 532 -23.06 24.27 -57.91
CA SER A 532 -23.50 22.95 -57.47
C SER A 532 -23.61 21.96 -58.61
N GLU A 533 -23.86 22.44 -59.83
CA GLU A 533 -23.79 21.56 -60.99
C GLU A 533 -22.43 20.89 -61.08
N LEU A 534 -21.37 21.68 -61.05
CA LEU A 534 -20.02 21.14 -61.15
C LEU A 534 -19.66 20.32 -59.92
N LEU A 535 -20.08 20.75 -58.74
CA LEU A 535 -19.75 20.00 -57.53
C LEU A 535 -20.40 18.61 -57.56
N ASN A 536 -21.68 18.55 -57.91
CA ASN A 536 -22.37 17.27 -57.93
C ASN A 536 -21.94 16.39 -59.09
N ALA A 537 -21.31 16.98 -60.10
CA ALA A 537 -20.79 16.20 -61.22
C ALA A 537 -19.35 15.76 -61.01
N ASN A 538 -18.79 16.02 -59.83
CA ASN A 538 -17.42 15.65 -59.52
C ASN A 538 -16.44 16.25 -60.53
N TYR A 539 -16.69 17.50 -60.90
CA TYR A 539 -15.85 18.17 -61.87
C TYR A 539 -14.43 18.30 -61.36
N PHE A 540 -13.48 18.20 -62.28
CA PHE A 540 -12.05 18.27 -61.96
C PHE A 540 -11.47 19.52 -62.58
N GLY A 541 -10.69 20.26 -61.79
CA GLY A 541 -10.05 21.48 -62.25
C GLY A 541 -10.37 22.65 -61.35
N HIS A 542 -9.78 23.79 -61.70
CA HIS A 542 -10.00 25.01 -60.94
C HIS A 542 -11.44 25.47 -61.08
N LEU A 543 -12.03 25.86 -59.96
CA LEU A 543 -13.43 26.25 -59.90
C LEU A 543 -13.50 27.74 -59.59
N LEU A 544 -14.23 28.48 -60.40
CA LEU A 544 -14.35 29.92 -60.26
C LEU A 544 -15.82 30.32 -60.26
N ARG A 545 -16.21 31.13 -59.28
CA ARG A 545 -17.53 31.73 -59.24
C ARG A 545 -17.40 33.21 -59.54
N LEU A 546 -18.04 33.66 -60.61
CA LEU A 546 -17.89 35.03 -61.09
C LEU A 546 -19.25 35.68 -61.23
N LYS A 547 -19.30 36.97 -60.89
CA LYS A 547 -20.52 37.76 -61.01
C LYS A 547 -20.30 38.87 -62.02
N ILE A 548 -21.35 39.66 -62.25
CA ILE A 548 -21.34 40.62 -63.34
C ILE A 548 -21.87 41.95 -62.80
N PRO A 549 -21.42 43.10 -63.30
CA PRO A 549 -21.98 44.39 -62.88
C PRO A 549 -23.20 44.81 -63.70
N TYR A 550 -24.14 43.89 -63.88
CA TYR A 550 -25.35 44.16 -64.65
C TYR A 550 -26.53 43.52 -63.95
N ILE A 551 -27.74 43.88 -64.41
CA ILE A 551 -28.94 43.17 -64.02
C ILE A 551 -29.11 42.03 -65.02
N THR A 552 -28.83 40.81 -64.57
CA THR A 552 -28.91 39.66 -65.46
C THR A 552 -30.35 39.34 -65.81
N GLU A 553 -31.27 39.49 -64.86
CA GLU A 553 -32.65 39.06 -65.10
C GLU A 553 -33.29 39.82 -66.24
N VAL A 554 -33.03 41.13 -66.31
CA VAL A 554 -33.60 41.91 -67.41
C VAL A 554 -33.00 41.50 -68.74
N ASN A 555 -31.83 40.87 -68.74
CA ASN A 555 -31.23 40.45 -70.00
C ASN A 555 -32.04 39.38 -70.72
N LEU A 556 -32.98 38.73 -70.03
CA LEU A 556 -33.68 37.61 -70.64
C LEU A 556 -34.86 38.05 -71.49
N MET A 557 -35.83 38.73 -70.91
CA MET A 557 -37.10 38.93 -71.60
C MET A 557 -36.97 39.82 -72.84
N ILE A 558 -35.96 40.67 -72.92
CA ILE A 558 -35.73 41.39 -74.16
C ILE A 558 -35.17 40.45 -75.24
N ARG A 559 -34.41 39.43 -74.86
CA ARG A 559 -33.83 38.54 -75.86
C ARG A 559 -34.97 37.74 -76.50
N LYS A 560 -35.35 38.11 -77.72
CA LYS A 560 -36.49 37.50 -78.38
C LYS A 560 -36.13 36.11 -78.90
N ASN A 561 -37.07 35.50 -79.62
CA ASN A 561 -36.91 34.17 -80.19
C ASN A 561 -36.53 33.13 -79.14
N ARG A 562 -37.28 33.15 -78.03
CA ARG A 562 -37.14 32.13 -77.00
C ARG A 562 -38.05 30.95 -77.31
N GLU A 563 -37.69 29.79 -76.76
CA GLU A 563 -38.42 28.57 -77.08
C GLU A 563 -39.74 28.49 -76.30
N GLY A 564 -39.65 28.45 -74.97
CA GLY A 564 -40.82 28.33 -74.14
C GLY A 564 -41.37 29.64 -73.60
N GLY A 565 -40.92 30.76 -74.13
CA GLY A 565 -41.31 32.05 -73.60
C GLY A 565 -40.26 32.60 -72.65
N GLU A 566 -40.13 33.93 -72.66
CA GLU A 566 -39.10 34.56 -71.85
C GLU A 566 -39.34 34.35 -70.36
N LEU A 567 -40.60 34.42 -69.94
CA LEU A 567 -40.93 34.27 -68.53
C LEU A 567 -40.44 32.92 -68.00
N PHE A 568 -40.53 31.88 -68.84
CA PHE A 568 -39.98 30.59 -68.46
C PHE A 568 -38.48 30.71 -68.21
N GLN A 569 -37.78 31.48 -69.04
CA GLN A 569 -36.35 31.68 -68.82
C GLN A 569 -36.08 32.41 -67.52
N LEU A 570 -36.93 33.39 -67.18
CA LEU A 570 -36.78 34.06 -65.90
C LEU A 570 -36.92 33.08 -64.75
N VAL A 571 -37.97 32.26 -64.79
CA VAL A 571 -38.18 31.27 -63.73
C VAL A 571 -37.00 30.31 -63.65
N LEU A 572 -36.48 29.91 -64.81
CA LEU A 572 -35.34 29.02 -64.83
C LEU A 572 -34.13 29.67 -64.16
N SER A 573 -33.89 30.95 -64.45
CA SER A 573 -32.76 31.64 -63.84
C SER A 573 -32.92 31.71 -62.34
N TYR A 574 -34.14 32.00 -61.86
CA TYR A 574 -34.38 32.00 -60.42
C TYR A 574 -34.10 30.64 -59.82
N LEU A 575 -34.53 29.58 -60.50
CA LEU A 575 -34.29 28.23 -60.00
C LEU A 575 -32.80 27.94 -59.86
N TYR A 576 -32.03 28.31 -60.89
CA TYR A 576 -30.59 28.09 -60.79
C TYR A 576 -29.98 28.93 -59.66
N LYS A 577 -30.39 30.19 -59.54
CA LYS A 577 -29.82 31.01 -58.47
C LYS A 577 -30.11 30.42 -57.10
N MET A 578 -31.33 29.91 -56.90
CA MET A 578 -31.61 29.20 -55.66
C MET A 578 -30.82 27.91 -55.55
N TYR A 579 -30.45 27.31 -56.68
CA TYR A 579 -29.72 26.04 -56.64
C TYR A 579 -28.26 26.24 -56.23
N ALA A 580 -27.72 27.45 -56.42
CA ALA A 580 -26.31 27.68 -56.17
C ALA A 580 -25.99 27.59 -54.68
N THR A 581 -24.71 27.43 -54.39
CA THR A 581 -24.25 27.28 -53.01
C THR A 581 -24.10 28.65 -52.37
N SER A 582 -23.53 28.69 -51.17
CA SER A 582 -23.29 29.93 -50.44
C SER A 582 -21.79 30.24 -50.52
N ALA A 583 -21.42 31.09 -51.45
CA ALA A 583 -20.02 31.46 -51.64
C ALA A 583 -19.97 32.78 -52.39
N GLN A 584 -19.06 33.65 -51.97
CA GLN A 584 -18.99 34.99 -52.53
C GLN A 584 -18.38 34.93 -53.93
N PRO A 585 -19.12 35.29 -54.97
CA PRO A 585 -18.53 35.28 -56.32
C PRO A 585 -17.68 36.51 -56.57
N LYS A 586 -16.48 36.28 -57.08
CA LYS A 586 -15.58 37.37 -57.42
C LYS A 586 -16.07 38.07 -58.68
N TRP A 587 -15.50 39.21 -58.98
CA TRP A 587 -15.82 39.92 -60.21
C TRP A 587 -15.24 39.19 -61.41
N PHE A 588 -15.98 39.22 -62.51
CA PHE A 588 -15.57 38.48 -63.69
C PHE A 588 -14.25 38.98 -64.24
N GLY A 589 -13.92 40.25 -64.00
CA GLY A 589 -12.68 40.80 -64.50
C GLY A 589 -11.43 40.10 -64.02
N SER A 590 -11.50 39.44 -62.86
CA SER A 590 -10.33 38.74 -62.34
C SER A 590 -9.88 37.62 -63.26
N LEU A 591 -10.77 37.12 -64.11
CA LEU A 591 -10.42 36.09 -65.09
C LEU A 591 -9.90 36.68 -66.38
N LEU A 592 -10.60 37.65 -66.94
CA LEU A 592 -10.17 38.24 -68.21
C LEU A 592 -8.84 38.94 -68.05
N ARG A 593 -8.58 39.53 -66.89
CA ARG A 593 -7.31 40.18 -66.67
C ARG A 593 -6.15 39.20 -66.81
N LEU A 594 -6.27 38.04 -66.15
CA LEU A 594 -5.27 37.00 -66.30
C LEU A 594 -5.21 36.47 -67.71
N LEU A 595 -6.35 36.39 -68.38
CA LEU A 595 -6.38 35.84 -69.73
C LEU A 595 -5.66 36.73 -70.72
N ILE A 596 -5.76 38.05 -70.55
CA ILE A 596 -5.31 39.01 -71.57
C ILE A 596 -4.04 39.73 -71.15
N CYS A 597 -4.08 40.45 -70.03
CA CYS A 597 -3.05 41.47 -69.77
C CYS A 597 -1.62 40.96 -69.84
N PRO A 598 -1.25 39.79 -69.31
CA PRO A 598 0.15 39.35 -69.47
C PRO A 598 0.58 39.27 -70.92
N TRP A 599 -0.27 38.74 -71.78
CA TRP A 599 0.07 38.64 -73.19
C TRP A 599 0.24 40.01 -73.82
N LEU A 600 -0.69 40.92 -73.52
CA LEU A 600 -0.62 42.26 -74.09
C LEU A 600 0.63 42.99 -73.64
N HIS A 601 1.01 42.82 -72.38
CA HIS A 601 2.26 43.42 -71.91
C HIS A 601 3.46 42.80 -72.62
N MET A 602 3.49 41.48 -72.74
CA MET A 602 4.66 40.84 -73.33
C MET A 602 4.82 41.21 -74.81
N GLU A 603 3.70 41.49 -75.49
CA GLU A 603 3.79 41.94 -76.87
C GLU A 603 4.66 43.18 -77.01
N LYS A 604 4.67 44.05 -76.01
CA LYS A 604 5.51 45.24 -76.04
C LYS A 604 6.99 44.91 -76.06
N LEU A 605 7.38 43.73 -75.62
CA LEU A 605 8.78 43.31 -75.59
C LEU A 605 9.16 42.38 -76.73
N ILE A 606 8.28 41.45 -77.08
CA ILE A 606 8.59 40.43 -78.07
C ILE A 606 8.09 40.81 -79.46
N GLY A 607 7.42 41.95 -79.61
CA GLY A 607 6.80 42.27 -80.88
C GLY A 607 7.78 42.50 -82.00
N GLU A 608 9.08 42.59 -81.69
CA GLU A 608 10.08 42.90 -82.70
C GLU A 608 11.05 41.75 -82.96
N ALA A 609 11.28 40.88 -81.98
CA ALA A 609 12.30 39.86 -82.12
C ALA A 609 11.85 38.76 -83.09
N ASP A 610 12.82 37.93 -83.48
CA ASP A 610 12.54 36.84 -84.41
C ASP A 610 11.70 35.77 -83.71
N PRO A 611 10.51 35.46 -84.21
CA PRO A 611 9.66 34.47 -83.51
C PRO A 611 10.30 33.11 -83.38
N ALA A 612 11.21 32.72 -84.27
CA ALA A 612 11.83 31.41 -84.18
C ALA A 612 12.60 31.26 -82.87
N SER A 613 13.35 32.29 -82.48
CA SER A 613 14.09 32.22 -81.23
C SER A 613 13.18 32.40 -80.02
N THR A 614 12.24 33.34 -80.10
CA THR A 614 11.40 33.70 -78.96
C THR A 614 10.06 32.97 -79.01
N SER A 615 10.13 31.66 -79.12
CA SER A 615 8.94 30.82 -79.09
C SER A 615 9.31 29.46 -78.53
N ALA A 616 8.31 28.74 -78.04
CA ALA A 616 8.58 27.49 -77.35
C ALA A 616 7.33 26.62 -77.42
N GLU A 617 7.51 25.34 -77.06
CA GLU A 617 6.42 24.40 -77.16
C GLU A 617 6.66 23.26 -76.16
N ILE A 618 5.60 22.89 -75.45
CA ILE A 618 5.63 21.83 -74.45
C ILE A 618 4.61 20.77 -74.83
N GLY A 619 5.05 19.52 -74.89
CA GLY A 619 4.13 18.48 -75.29
C GLY A 619 4.54 17.06 -74.92
N TRP A 620 3.62 16.13 -75.14
CA TRP A 620 3.75 14.75 -74.70
C TRP A 620 4.58 13.98 -75.72
N HIS A 621 5.64 13.32 -75.26
CA HIS A 621 6.55 12.58 -76.13
C HIS A 621 6.22 11.10 -76.12
N ILE A 622 6.24 10.49 -77.30
CA ILE A 622 5.98 9.06 -77.45
C ILE A 622 6.91 8.50 -78.52
N PRO A 623 7.84 7.59 -78.15
CA PRO A 623 8.73 7.01 -79.14
C PRO A 623 8.02 5.92 -79.94
N ARG A 624 8.51 5.68 -81.15
CA ARG A 624 7.89 4.71 -82.06
C ARG A 624 7.91 3.30 -81.49
N GLU A 636 7.63 10.93 -88.12
CA GLU A 636 8.94 10.65 -87.54
C GLU A 636 8.83 10.25 -86.08
N ASP A 637 8.62 11.24 -85.21
CA ASP A 637 8.49 11.02 -83.78
C ASP A 637 7.15 11.54 -83.30
N GLY A 638 6.52 10.82 -82.38
CA GLY A 638 5.22 11.20 -81.87
C GLY A 638 5.34 12.33 -80.85
N PHE A 639 4.56 13.39 -81.05
CA PHE A 639 4.60 14.55 -80.17
C PHE A 639 3.27 15.27 -80.31
N ILE A 640 2.58 15.47 -79.19
CA ILE A 640 1.31 16.19 -79.19
C ILE A 640 1.47 17.41 -78.30
N PRO A 641 1.12 18.60 -78.77
CA PRO A 641 1.37 19.82 -77.98
C PRO A 641 0.50 19.86 -76.74
N TYR A 642 1.06 20.44 -75.68
CA TYR A 642 0.35 20.66 -74.42
C TYR A 642 0.22 22.12 -74.06
N VAL A 643 1.35 22.85 -74.03
CA VAL A 643 1.36 24.26 -73.65
C VAL A 643 2.22 25.02 -74.66
N SER A 644 1.75 26.21 -75.03
CA SER A 644 2.48 27.09 -75.93
C SER A 644 3.12 28.20 -75.12
N ILE A 645 4.42 28.39 -75.31
CA ILE A 645 5.20 29.32 -74.51
C ILE A 645 5.80 30.38 -75.43
N ARG A 646 5.66 31.64 -75.04
CA ARG A 646 6.31 32.74 -75.72
C ARG A 646 7.03 33.60 -74.69
N ALA A 647 8.31 33.88 -74.94
CA ALA A 647 9.14 34.57 -73.96
C ALA A 647 10.42 35.01 -74.67
N PRO A 648 11.18 35.93 -74.06
CA PRO A 648 12.47 36.29 -74.64
C PRO A 648 13.45 35.13 -74.63
N ARG A 649 14.55 35.31 -75.37
CA ARG A 649 15.50 34.22 -75.59
C ARG A 649 16.08 33.71 -74.28
N LEU A 650 16.49 34.62 -73.40
CA LEU A 650 17.11 34.20 -72.15
C LEU A 650 16.16 33.35 -71.33
N VAL A 651 14.90 33.76 -71.27
CA VAL A 651 13.92 33.02 -70.49
C VAL A 651 13.73 31.63 -71.05
N ILE A 652 13.61 31.50 -72.37
CA ILE A 652 13.42 30.19 -72.98
C ILE A 652 14.63 29.31 -72.71
N GLU A 653 15.84 29.88 -72.83
CA GLU A 653 17.04 29.11 -72.56
C GLU A 653 17.05 28.62 -71.12
N GLU A 654 16.63 29.46 -70.17
CA GLU A 654 16.52 29.02 -68.78
C GLU A 654 15.51 27.89 -68.64
N LEU A 655 14.38 28.00 -69.35
CA LEU A 655 13.37 26.94 -69.33
C LEU A 655 13.90 25.63 -69.90
N MET A 656 14.87 25.70 -70.81
CA MET A 656 15.26 24.49 -71.54
C MET A 656 15.76 23.40 -70.60
N GLU A 657 16.45 23.78 -69.52
CA GLU A 657 16.97 22.80 -68.57
C GLU A 657 16.05 22.69 -67.36
N LYS A 658 14.96 21.96 -67.56
CA LYS A 658 14.06 21.62 -66.47
C LYS A 658 13.62 20.17 -66.61
N ASN A 659 13.26 19.56 -65.48
CA ASN A 659 12.94 18.14 -65.44
C ASN A 659 11.52 17.93 -65.97
N TRP A 660 11.38 18.09 -67.28
CA TRP A 660 10.11 17.82 -67.93
C TRP A 660 9.78 16.34 -67.99
N GLY A 661 10.76 15.47 -67.80
CA GLY A 661 10.48 14.05 -67.84
C GLY A 661 9.86 13.50 -66.58
N GLN A 662 9.67 14.34 -65.56
CA GLN A 662 9.15 13.88 -64.28
C GLN A 662 7.67 13.54 -64.33
N TYR A 663 6.93 14.05 -65.31
CA TYR A 663 5.48 13.87 -65.36
C TYR A 663 5.12 12.95 -66.52
N HIS A 664 4.21 12.01 -66.25
CA HIS A 664 3.87 10.96 -67.20
C HIS A 664 2.36 10.94 -67.40
N ALA A 665 1.95 10.54 -68.60
CA ALA A 665 0.54 10.40 -68.93
C ALA A 665 0.37 9.25 -69.92
N GLN A 666 -0.88 8.86 -70.13
CA GLN A 666 -1.21 7.77 -71.04
C GLN A 666 -1.95 8.34 -72.24
N VAL A 667 -1.32 8.26 -73.41
CA VAL A 667 -1.88 8.79 -74.64
C VAL A 667 -2.51 7.65 -75.43
N ILE A 668 -3.69 7.89 -76.00
CA ILE A 668 -4.34 6.93 -76.87
C ILE A 668 -4.76 7.65 -78.14
N VAL A 669 -4.77 6.92 -79.25
CA VAL A 669 -5.14 7.49 -80.54
C VAL A 669 -6.25 6.67 -81.19
N VAL A 681 -6.45 14.31 -86.64
CA VAL A 681 -6.15 12.96 -86.16
C VAL A 681 -6.93 12.69 -84.89
N SER A 682 -7.06 13.71 -84.05
CA SER A 682 -7.88 13.68 -82.83
C SER A 682 -7.40 12.59 -81.87
N ALA A 683 -6.19 12.80 -81.37
CA ALA A 683 -5.67 11.99 -80.28
C ALA A 683 -6.19 12.54 -78.94
N LYS A 684 -6.05 11.75 -77.89
CA LYS A 684 -6.45 12.22 -76.56
C LYS A 684 -5.68 11.43 -75.51
N ALA A 685 -5.46 12.07 -74.37
CA ALA A 685 -4.59 11.52 -73.33
C ALA A 685 -5.21 11.72 -71.96
N VAL A 686 -4.57 11.12 -70.96
CA VAL A 686 -4.99 11.25 -69.57
C VAL A 686 -3.77 11.23 -68.66
N ILE A 687 -3.74 12.12 -67.68
CA ILE A 687 -2.58 12.29 -66.82
C ILE A 687 -2.72 11.36 -65.63
N LYS A 688 -1.61 10.71 -65.24
CA LYS A 688 -1.56 9.93 -64.02
C LYS A 688 -0.55 10.59 -63.08
N GLY A 689 -0.80 10.49 -61.78
CA GLY A 689 0.09 11.07 -60.80
C GLY A 689 -0.36 12.44 -60.33
N ASN A 690 0.37 13.48 -60.72
CA ASN A 690 0.05 14.85 -60.35
C ASN A 690 0.19 15.75 -61.57
N HIS A 691 -0.55 16.84 -61.56
CA HIS A 691 -0.53 17.78 -62.67
C HIS A 691 0.69 18.68 -62.59
N LEU A 692 0.88 19.50 -63.62
CA LEU A 692 2.07 20.32 -63.73
C LEU A 692 1.96 21.57 -62.85
N PRO A 693 2.88 21.80 -61.93
CA PRO A 693 2.83 23.03 -61.13
C PRO A 693 3.09 24.25 -62.00
N VAL A 694 2.42 25.35 -61.62
CA VAL A 694 2.45 26.54 -62.47
C VAL A 694 3.82 27.20 -62.47
N LYS A 695 4.51 27.24 -61.32
CA LYS A 695 5.78 27.96 -61.27
C LYS A 695 6.84 27.33 -62.15
N LEU A 696 6.66 26.06 -62.53
CA LEU A 696 7.60 25.45 -63.47
C LEU A 696 7.63 26.20 -64.79
N VAL A 697 6.53 26.84 -65.16
CA VAL A 697 6.55 27.60 -66.40
C VAL A 697 7.41 28.84 -66.19
N SER A 698 6.88 29.80 -65.44
CA SER A 698 7.64 30.93 -64.91
C SER A 698 6.69 31.90 -64.23
N ARG A 699 7.24 32.93 -63.57
CA ARG A 699 6.51 34.17 -63.43
C ARG A 699 6.64 35.04 -64.67
N PHE A 700 7.50 34.64 -65.60
CA PHE A 700 7.64 35.20 -66.92
C PHE A 700 6.96 34.27 -67.91
N ALA A 701 7.14 34.52 -69.20
CA ALA A 701 6.75 33.58 -70.24
C ALA A 701 5.24 33.29 -70.20
N CYS A 702 4.48 34.33 -70.51
CA CYS A 702 3.03 34.18 -70.61
C CYS A 702 2.66 33.08 -71.58
N PHE A 703 1.73 32.23 -71.18
CA PHE A 703 1.41 30.99 -71.88
C PHE A 703 -0.07 30.92 -72.19
N THR A 704 -0.47 29.77 -72.73
CA THR A 704 -1.85 29.55 -73.14
C THR A 704 -2.60 28.75 -72.09
N LEU A 705 -3.78 29.23 -71.74
CA LEU A 705 -4.57 28.62 -70.67
C LEU A 705 -5.29 27.36 -71.10
N THR A 706 -5.52 27.17 -72.40
CA THR A 706 -6.29 26.05 -72.90
C THR A 706 -5.58 25.44 -74.10
N ALA A 707 -5.84 24.15 -74.33
CA ALA A 707 -5.22 23.45 -75.44
C ALA A 707 -6.15 22.32 -75.90
N LYS A 708 -6.00 21.95 -77.16
CA LYS A 708 -6.78 20.89 -77.78
C LYS A 708 -5.83 19.86 -78.35
N TYR A 709 -6.14 18.58 -78.13
CA TYR A 709 -5.19 17.52 -78.46
C TYR A 709 -5.35 17.11 -79.91
N GLU A 710 -4.23 17.06 -80.64
CA GLU A 710 -4.23 16.68 -82.04
C GLU A 710 -2.82 16.27 -82.44
N MET A 711 -2.76 15.31 -83.36
CA MET A 711 -1.51 14.77 -83.85
C MET A 711 -1.18 15.36 -85.21
N ARG A 712 0.04 15.84 -85.38
CA ARG A 712 0.47 16.37 -86.66
C ARG A 712 1.07 15.25 -87.53
N LEU A 713 0.81 15.34 -88.83
CA LEU A 713 1.27 14.33 -89.78
C LEU A 713 2.78 14.17 -89.75
N GLY A 720 -0.34 3.60 -88.26
CA GLY A 720 -1.52 4.38 -87.97
C GLY A 720 -2.54 3.64 -87.13
N ARG A 721 -2.11 2.53 -86.53
CA ARG A 721 -2.98 1.75 -85.68
C ARG A 721 -3.22 2.47 -84.36
N GLY A 722 -4.39 2.22 -83.76
CA GLY A 722 -4.71 2.77 -82.46
C GLY A 722 -3.81 2.23 -81.38
N ALA A 723 -3.11 3.12 -80.67
CA ALA A 723 -2.11 2.72 -79.69
C ALA A 723 -2.36 3.40 -78.36
N ALA A 724 -1.86 2.79 -77.30
CA ALA A 724 -1.96 3.32 -75.94
C ALA A 724 -0.60 3.17 -75.24
N TYR A 725 0.46 3.60 -75.92
CA TYR A 725 1.82 3.25 -75.49
C TYR A 725 2.19 3.85 -74.13
N SER A 726 2.44 5.15 -74.09
CA SER A 726 2.91 5.85 -72.89
C SER A 726 3.20 7.31 -73.23
N ALA A 727 3.58 8.11 -72.24
CA ALA A 727 4.00 9.48 -72.54
C ALA A 727 4.76 10.08 -71.38
N ARG A 728 5.82 10.79 -71.72
CA ARG A 728 6.42 11.82 -70.87
C ARG A 728 6.60 13.07 -71.71
N LEU A 729 6.48 14.23 -71.09
CA LEU A 729 6.55 15.48 -71.84
C LEU A 729 7.98 16.00 -71.91
N ALA A 730 8.32 16.60 -73.04
CA ALA A 730 9.67 17.06 -73.32
C ALA A 730 9.66 18.48 -73.84
N PHE A 731 10.79 19.16 -73.65
CA PHE A 731 10.93 20.57 -74.04
C PHE A 731 11.31 20.64 -75.51
N ARG A 732 10.36 20.30 -76.36
CA ARG A 732 10.57 20.23 -77.81
C ARG A 732 10.49 21.61 -78.46
N SER A 733 10.71 22.65 -77.67
CA SER A 733 10.45 24.02 -78.06
C SER A 733 11.07 24.40 -79.40
N ASP A 734 12.41 24.42 -79.47
CA ASP A 734 13.11 24.86 -80.66
C ASP A 734 14.60 24.68 -80.44
N LEU A 735 15.36 24.85 -81.51
CA LEU A 735 16.82 24.84 -81.42
C LEU A 735 17.35 26.23 -81.10
N ALA A 736 16.83 27.24 -81.79
CA ALA A 736 17.25 28.62 -81.56
C ALA A 736 16.62 29.18 -80.29
N SER B 2 -14.79 -42.37 -38.04
CA SER B 2 -14.66 -42.00 -36.63
C SER B 2 -13.69 -42.91 -35.91
N SER B 3 -13.47 -44.10 -36.47
CA SER B 3 -12.57 -45.06 -35.84
C SER B 3 -11.16 -44.49 -35.75
N MET B 4 -10.67 -43.87 -36.82
CA MET B 4 -9.34 -43.27 -36.76
C MET B 4 -9.34 -42.06 -35.82
N ILE B 5 -10.46 -41.34 -35.74
CA ILE B 5 -10.51 -40.19 -34.85
C ILE B 5 -10.29 -40.63 -33.41
N LEU B 6 -11.05 -41.63 -32.95
CA LEU B 6 -10.88 -42.12 -31.59
C LEU B 6 -9.52 -42.78 -31.43
N THR B 7 -9.04 -43.48 -32.46
CA THR B 7 -7.73 -44.12 -32.40
C THR B 7 -6.64 -43.09 -32.13
N GLN B 8 -6.70 -41.95 -32.83
CA GLN B 8 -5.67 -40.93 -32.66
C GLN B 8 -5.85 -40.11 -31.41
N PHE B 9 -7.09 -39.88 -30.95
CA PHE B 9 -7.30 -38.92 -29.86
C PHE B 9 -8.08 -39.52 -28.70
N GLY B 10 -7.88 -40.81 -28.42
CA GLY B 10 -8.44 -41.40 -27.23
C GLY B 10 -8.11 -40.63 -25.97
N PRO B 11 -6.82 -40.60 -25.61
CA PRO B 11 -6.43 -39.90 -24.37
C PRO B 11 -6.83 -38.44 -24.35
N PHE B 12 -6.66 -37.74 -25.47
CA PHE B 12 -6.94 -36.30 -25.48
C PHE B 12 -8.43 -36.03 -25.30
N ILE B 13 -9.27 -36.76 -26.03
CA ILE B 13 -10.72 -36.57 -25.90
C ILE B 13 -11.16 -36.93 -24.49
N GLU B 14 -10.66 -38.05 -23.96
CA GLU B 14 -11.04 -38.44 -22.62
C GLU B 14 -10.59 -37.42 -21.59
N SER B 15 -9.48 -36.73 -21.84
CA SER B 15 -9.02 -35.72 -20.91
C SER B 15 -9.86 -34.45 -20.99
N ILE B 16 -10.21 -34.03 -22.20
CA ILE B 16 -10.89 -32.75 -22.36
C ILE B 16 -12.40 -32.92 -22.29
N SER B 17 -12.85 -34.14 -22.04
CA SER B 17 -14.28 -34.39 -21.85
C SER B 17 -14.63 -34.67 -20.40
N GLY B 18 -13.71 -34.44 -19.47
CA GLY B 18 -13.99 -34.63 -18.07
C GLY B 18 -14.00 -36.07 -17.61
N ILE B 19 -13.18 -36.93 -18.23
CA ILE B 19 -13.05 -38.32 -17.83
C ILE B 19 -11.71 -38.60 -17.16
N THR B 20 -10.63 -38.04 -17.70
CA THR B 20 -9.30 -38.27 -17.17
C THR B 20 -8.59 -36.94 -16.96
N ASP B 21 -7.59 -36.96 -16.08
CA ASP B 21 -6.84 -35.75 -15.79
C ASP B 21 -6.08 -35.28 -17.02
N GLN B 22 -6.02 -33.96 -17.20
CA GLN B 22 -5.23 -33.39 -18.28
C GLN B 22 -3.75 -33.49 -17.95
N SER B 23 -2.92 -33.58 -18.99
CA SER B 23 -1.48 -33.60 -18.82
C SER B 23 -0.83 -33.00 -20.05
N ASN B 24 0.39 -32.50 -19.86
CA ASN B 24 1.10 -31.88 -20.97
C ASN B 24 1.43 -32.89 -22.07
N ASP B 25 1.88 -34.09 -21.70
CA ASP B 25 2.34 -35.05 -22.70
C ASP B 25 1.22 -35.46 -23.64
N VAL B 26 0.03 -35.72 -23.09
CA VAL B 26 -1.12 -36.05 -23.94
C VAL B 26 -1.45 -34.89 -24.86
N PHE B 27 -1.38 -33.68 -24.33
CA PHE B 27 -1.65 -32.49 -25.13
C PHE B 27 -0.69 -32.39 -26.31
N GLU B 28 0.59 -32.61 -26.05
CA GLU B 28 1.58 -32.53 -27.13
C GLU B 28 1.43 -33.68 -28.12
N ASP B 29 1.06 -34.87 -27.65
CA ASP B 29 0.82 -35.97 -28.56
C ASP B 29 -0.35 -35.65 -29.49
N ALA B 30 -1.42 -35.09 -28.94
CA ALA B 30 -2.54 -34.69 -29.78
C ALA B 30 -2.14 -33.59 -30.75
N ALA B 31 -1.30 -32.65 -30.30
CA ALA B 31 -0.82 -31.60 -31.20
C ALA B 31 -0.02 -32.19 -32.36
N LYS B 32 0.84 -33.16 -32.07
CA LYS B 32 1.60 -33.82 -33.12
C LYS B 32 0.66 -34.53 -34.09
N ALA B 33 -0.34 -35.23 -33.57
CA ALA B 33 -1.30 -35.90 -34.43
C ALA B 33 -2.00 -34.89 -35.34
N PHE B 34 -2.41 -33.76 -34.77
CA PHE B 34 -3.02 -32.69 -35.57
C PHE B 34 -2.09 -32.25 -36.68
N SER B 35 -0.80 -32.07 -36.35
CA SER B 35 0.15 -31.64 -37.36
C SER B 35 0.38 -32.71 -38.43
N MET B 36 0.07 -33.97 -38.14
CA MET B 36 0.38 -35.05 -39.07
C MET B 36 -0.75 -35.41 -40.02
N PHE B 37 -1.91 -34.75 -39.96
CA PHE B 37 -2.95 -35.08 -40.91
C PHE B 37 -2.74 -34.39 -42.26
N THR B 38 -3.56 -34.79 -43.21
CA THR B 38 -3.63 -34.19 -44.53
C THR B 38 -5.09 -33.87 -44.85
N ARG B 39 -5.28 -33.03 -45.86
CA ARG B 39 -6.61 -32.53 -46.16
C ARG B 39 -7.55 -33.66 -46.54
N SER B 40 -7.13 -34.48 -47.51
CA SER B 40 -7.98 -35.57 -47.97
C SER B 40 -8.26 -36.55 -46.85
N ASP B 41 -7.32 -36.69 -45.91
CA ASP B 41 -7.58 -37.53 -44.76
C ASP B 41 -8.74 -36.98 -43.94
N VAL B 42 -8.78 -35.67 -43.76
CA VAL B 42 -9.89 -35.05 -43.04
C VAL B 42 -11.20 -35.30 -43.76
N TYR B 43 -11.20 -35.17 -45.09
CA TYR B 43 -12.45 -35.44 -45.81
C TYR B 43 -12.86 -36.91 -45.71
N LYS B 44 -11.90 -37.85 -45.79
CA LYS B 44 -12.26 -39.25 -45.62
C LYS B 44 -12.84 -39.50 -44.23
N ALA B 45 -12.31 -38.80 -43.22
CA ALA B 45 -12.94 -38.86 -41.91
C ALA B 45 -14.36 -38.33 -41.96
N LEU B 46 -14.59 -37.25 -42.70
CA LEU B 46 -15.93 -36.72 -42.85
C LEU B 46 -16.87 -37.74 -43.48
N ASP B 47 -16.36 -38.58 -44.37
CA ASP B 47 -17.22 -39.53 -45.07
C ASP B 47 -17.85 -40.53 -44.12
N GLU B 48 -17.31 -40.70 -42.92
CA GLU B 48 -17.74 -41.77 -42.04
C GLU B 48 -18.85 -41.38 -41.08
N ILE B 49 -19.27 -40.13 -41.04
CA ILE B 49 -20.39 -39.74 -40.18
C ILE B 49 -21.69 -40.21 -40.79
N PRO B 50 -22.47 -41.02 -40.09
CA PRO B 50 -23.76 -41.51 -40.59
C PRO B 50 -24.90 -40.51 -40.37
N PHE B 51 -24.98 -39.55 -41.30
CA PHE B 51 -25.98 -38.49 -41.20
C PHE B 51 -27.38 -39.07 -41.27
N SER B 52 -28.29 -38.45 -40.54
CA SER B 52 -29.68 -38.88 -40.45
C SER B 52 -30.51 -38.19 -41.52
N ASP B 53 -31.75 -38.64 -41.66
CA ASP B 53 -32.62 -38.13 -42.72
C ASP B 53 -32.94 -36.65 -42.52
N ASP B 54 -33.17 -36.24 -41.27
CA ASP B 54 -33.59 -34.86 -41.00
C ASP B 54 -32.55 -33.84 -41.44
N ALA B 55 -31.29 -34.25 -41.59
CA ALA B 55 -30.24 -33.36 -42.08
C ALA B 55 -30.17 -33.30 -43.60
N MET B 56 -31.13 -33.91 -44.28
CA MET B 56 -31.15 -33.96 -45.74
C MET B 56 -31.98 -32.78 -46.25
N LEU B 57 -31.52 -32.16 -47.32
CA LEU B 57 -32.32 -31.16 -48.02
C LEU B 57 -31.82 -31.07 -49.45
N PRO B 58 -32.67 -30.68 -50.40
CA PRO B 58 -32.22 -30.57 -51.78
C PRO B 58 -31.15 -29.51 -51.95
N ILE B 59 -30.23 -29.75 -52.87
CA ILE B 59 -29.25 -28.76 -53.31
C ILE B 59 -29.51 -28.47 -54.78
N PRO B 60 -29.82 -27.23 -55.15
CA PRO B 60 -30.06 -26.93 -56.56
C PRO B 60 -28.83 -27.25 -57.39
N PRO B 61 -29.01 -27.76 -58.60
CA PRO B 61 -27.86 -28.01 -59.47
C PRO B 61 -27.22 -26.75 -60.01
N THR B 62 -27.89 -25.60 -59.85
CA THR B 62 -27.45 -24.37 -60.49
C THR B 62 -26.09 -23.90 -59.97
N ILE B 63 -25.74 -24.25 -58.72
CA ILE B 63 -24.52 -23.74 -58.14
C ILE B 63 -23.30 -24.16 -58.94
N TYR B 64 -23.24 -25.42 -59.34
CA TYR B 64 -22.04 -25.93 -60.02
C TYR B 64 -21.89 -25.33 -61.41
N THR B 65 -22.98 -25.15 -62.13
CA THR B 65 -22.94 -24.65 -63.51
C THR B 65 -23.12 -23.14 -63.48
N LYS B 66 -22.07 -22.40 -63.80
CA LYS B 66 -22.13 -20.95 -63.83
C LYS B 66 -21.50 -20.42 -65.10
N PRO B 67 -22.01 -19.31 -65.62
CA PRO B 67 -21.48 -18.78 -66.88
C PRO B 67 -20.10 -18.18 -66.74
N SER B 68 -19.58 -17.63 -67.82
CA SER B 68 -18.28 -16.97 -67.80
C SER B 68 -18.40 -15.56 -67.22
N HIS B 69 -17.25 -14.97 -66.93
CA HIS B 69 -17.20 -13.65 -66.32
C HIS B 69 -17.22 -12.51 -67.32
N ASP B 70 -17.23 -12.82 -68.62
CA ASP B 70 -17.02 -11.78 -69.62
C ASP B 70 -18.13 -10.73 -69.60
N SER B 71 -19.37 -11.16 -69.48
CA SER B 71 -20.50 -10.24 -69.62
C SER B 71 -20.70 -9.34 -68.41
N TYR B 72 -19.97 -9.54 -67.33
CA TYR B 72 -20.17 -8.78 -66.11
C TYR B 72 -19.23 -7.60 -65.97
N TYR B 73 -18.34 -7.36 -66.94
CA TYR B 73 -17.38 -6.28 -66.86
C TYR B 73 -17.33 -5.56 -68.20
N TYR B 74 -16.84 -4.32 -68.16
CA TYR B 74 -16.66 -3.52 -69.35
C TYR B 74 -15.62 -2.45 -69.05
N ILE B 75 -15.29 -1.67 -70.08
CA ILE B 75 -14.28 -0.62 -69.97
C ILE B 75 -14.96 0.72 -70.19
N ASP B 76 -14.73 1.65 -69.27
CA ASP B 76 -15.36 2.96 -69.34
C ASP B 76 -14.59 3.84 -70.33
N ALA B 77 -15.05 5.07 -70.52
CA ALA B 77 -14.36 6.01 -71.39
C ALA B 77 -13.03 6.47 -70.83
N LEU B 78 -12.76 6.23 -69.55
CA LEU B 78 -11.50 6.58 -68.93
C LEU B 78 -10.54 5.39 -68.88
N ASN B 79 -10.78 4.36 -69.68
CA ASN B 79 -9.92 3.18 -69.75
C ASN B 79 -9.79 2.53 -68.38
N ARG B 80 -10.88 2.47 -67.63
CA ARG B 80 -10.90 1.82 -66.33
C ARG B 80 -11.88 0.65 -66.35
N VAL B 81 -11.45 -0.46 -65.78
CA VAL B 81 -12.32 -1.64 -65.68
C VAL B 81 -13.46 -1.33 -64.73
N ARG B 82 -14.69 -1.65 -65.16
CA ARG B 82 -15.87 -1.39 -64.35
C ARG B 82 -16.77 -2.62 -64.38
N ARG B 83 -17.64 -2.70 -63.39
CA ARG B 83 -18.56 -3.82 -63.24
C ARG B 83 -19.87 -3.47 -63.94
N LYS B 84 -20.30 -4.35 -64.86
CA LYS B 84 -21.59 -4.21 -65.48
C LYS B 84 -22.67 -4.61 -64.49
N THR B 85 -23.70 -3.78 -64.36
CA THR B 85 -24.75 -3.98 -63.38
C THR B 85 -25.99 -4.49 -64.08
N TYR B 86 -26.57 -5.57 -63.53
CA TYR B 86 -27.79 -6.15 -64.08
C TYR B 86 -28.96 -6.12 -63.11
N GLN B 87 -28.69 -6.02 -61.80
CA GLN B 87 -29.75 -6.02 -60.80
C GLN B 87 -30.06 -4.66 -60.23
N GLY B 88 -29.28 -3.64 -60.55
CA GLY B 88 -29.51 -2.31 -60.03
C GLY B 88 -28.22 -1.58 -59.78
N PRO B 89 -28.31 -0.41 -59.12
CA PRO B 89 -27.10 0.38 -58.86
C PRO B 89 -26.11 -0.31 -57.96
N ASP B 90 -26.52 -1.31 -57.19
CA ASP B 90 -25.65 -1.91 -56.18
C ASP B 90 -25.03 -3.22 -56.64
N ASP B 91 -25.35 -3.69 -57.83
CA ASP B 91 -24.80 -4.94 -58.34
C ASP B 91 -23.37 -4.74 -58.82
N VAL B 92 -22.49 -4.35 -57.89
CA VAL B 92 -21.11 -4.06 -58.20
C VAL B 92 -20.17 -5.01 -57.46
N TYR B 93 -20.69 -6.11 -56.94
CA TYR B 93 -19.90 -7.09 -56.22
C TYR B 93 -19.45 -8.19 -57.16
N VAL B 94 -18.77 -9.18 -56.61
CA VAL B 94 -18.19 -10.24 -57.45
C VAL B 94 -19.31 -11.14 -57.95
N PRO B 95 -19.44 -11.33 -59.26
CA PRO B 95 -20.45 -12.24 -59.78
C PRO B 95 -20.06 -13.69 -59.53
N ASN B 96 -21.03 -14.57 -59.77
CA ASN B 96 -20.83 -16.01 -59.59
C ASN B 96 -20.54 -16.61 -60.95
N CYS B 97 -19.26 -16.78 -61.28
CA CYS B 97 -18.84 -17.26 -62.59
C CYS B 97 -17.83 -18.39 -62.43
N SER B 98 -17.79 -19.25 -63.44
CA SER B 98 -16.81 -20.32 -63.47
C SER B 98 -15.41 -19.74 -63.64
N ILE B 99 -14.42 -20.47 -63.15
CA ILE B 99 -13.06 -19.96 -63.10
C ILE B 99 -12.04 -20.90 -63.73
N VAL B 100 -12.33 -22.20 -63.85
CA VAL B 100 -11.29 -23.19 -64.11
C VAL B 100 -10.54 -22.88 -65.40
N GLU B 101 -11.19 -22.22 -66.35
CA GLU B 101 -10.54 -21.92 -67.62
C GLU B 101 -9.55 -20.77 -67.53
N LEU B 102 -9.18 -20.32 -66.33
CA LEU B 102 -8.16 -19.29 -66.17
C LEU B 102 -7.00 -19.77 -65.31
N LEU B 103 -6.86 -21.07 -65.10
CA LEU B 103 -5.94 -21.62 -64.13
C LEU B 103 -4.77 -22.30 -64.82
N GLU B 104 -3.56 -21.96 -64.41
CA GLU B 104 -2.37 -22.68 -64.84
C GLU B 104 -2.02 -23.74 -63.79
N PRO B 105 -1.86 -25.00 -64.17
CA PRO B 105 -1.60 -26.05 -63.18
C PRO B 105 -0.33 -25.78 -62.39
N HIS B 106 -0.40 -26.04 -61.08
CA HIS B 106 0.73 -25.80 -60.20
C HIS B 106 1.68 -26.98 -60.26
N GLU B 107 2.97 -26.69 -60.25
CA GLU B 107 3.98 -27.75 -60.22
C GLU B 107 3.86 -28.55 -58.94
N THR B 108 4.00 -29.87 -59.07
CA THR B 108 3.97 -30.82 -57.95
C THR B 108 2.60 -30.93 -57.30
N LEU B 109 1.67 -30.08 -57.71
CA LEU B 109 0.28 -30.10 -57.25
C LEU B 109 -0.66 -29.96 -58.43
N THR B 110 -0.45 -30.82 -59.44
CA THR B 110 -1.12 -30.70 -60.72
C THR B 110 -2.63 -30.51 -60.60
N SER B 111 -3.24 -31.02 -59.53
CA SER B 111 -4.68 -30.86 -59.37
C SER B 111 -5.07 -29.41 -59.07
N TYR B 112 -4.13 -28.59 -58.63
CA TYR B 112 -4.42 -27.22 -58.25
C TYR B 112 -3.60 -26.26 -59.10
N GLY B 113 -4.04 -25.02 -59.14
CA GLY B 113 -3.35 -24.00 -59.91
C GLY B 113 -3.70 -22.61 -59.45
N ARG B 114 -3.02 -21.64 -60.04
CA ARG B 114 -3.21 -20.23 -59.74
C ARG B 114 -3.71 -19.51 -60.98
N LEU B 115 -3.90 -18.20 -60.86
CA LEU B 115 -4.22 -17.40 -62.03
C LEU B 115 -3.06 -17.46 -63.03
N SER B 116 -3.42 -17.59 -64.31
CA SER B 116 -2.40 -17.70 -65.35
C SER B 116 -1.49 -16.50 -65.36
N GLU B 117 -0.18 -16.76 -65.42
CA GLU B 117 0.79 -15.68 -65.45
C GLU B 117 0.84 -15.03 -66.82
N ALA B 118 0.60 -15.80 -67.87
CA ALA B 118 0.58 -15.26 -69.22
C ALA B 118 -0.54 -14.24 -69.40
N ILE B 119 -1.72 -14.54 -68.84
CA ILE B 119 -2.81 -13.57 -68.84
C ILE B 119 -2.38 -12.31 -68.08
N GLU B 120 -1.62 -12.49 -67.00
CA GLU B 120 -1.06 -11.33 -66.31
C GLU B 120 -0.15 -10.53 -67.22
N ASN B 121 0.61 -11.21 -68.08
CA ASN B 121 1.49 -10.49 -69.00
C ASN B 121 0.69 -9.64 -69.98
N ARG B 122 -0.28 -10.24 -70.68
CA ARG B 122 -1.13 -9.40 -71.53
C ARG B 122 -1.86 -8.33 -70.75
N ALA B 123 -2.19 -8.57 -69.49
CA ALA B 123 -2.85 -7.53 -68.69
C ALA B 123 -1.93 -6.34 -68.50
N LYS B 124 -0.69 -6.60 -68.05
CA LYS B 124 0.24 -5.49 -67.87
C LYS B 124 0.66 -4.86 -69.18
N ASP B 125 0.48 -5.54 -70.31
CA ASP B 125 0.74 -4.91 -71.60
C ASP B 125 -0.33 -3.87 -71.91
N GLY B 126 -1.59 -4.19 -71.62
CA GLY B 126 -2.67 -3.26 -71.90
C GLY B 126 -3.87 -3.88 -72.58
N ASP B 127 -3.87 -5.21 -72.69
CA ASP B 127 -4.98 -5.91 -73.31
C ASP B 127 -6.25 -5.74 -72.49
N SER B 128 -7.39 -5.71 -73.18
CA SER B 128 -8.66 -5.51 -72.50
C SER B 128 -9.15 -6.80 -71.85
N GLN B 129 -9.23 -7.88 -72.63
CA GLN B 129 -9.73 -9.14 -72.09
C GLN B 129 -8.82 -9.65 -70.99
N ALA B 130 -7.51 -9.50 -71.16
CA ALA B 130 -6.58 -9.89 -70.12
C ALA B 130 -6.81 -9.10 -68.84
N ARG B 131 -7.05 -7.79 -68.97
CA ARG B 131 -7.32 -6.98 -67.80
C ARG B 131 -8.59 -7.43 -67.10
N ILE B 132 -9.65 -7.69 -67.86
CA ILE B 132 -10.90 -8.18 -67.26
C ILE B 132 -10.65 -9.48 -66.51
N ALA B 133 -9.96 -10.41 -67.16
CA ALA B 133 -9.72 -11.72 -66.55
C ALA B 133 -8.90 -11.60 -65.29
N THR B 134 -7.84 -10.79 -65.31
CA THR B 134 -6.99 -10.69 -64.14
C THR B 134 -7.71 -9.99 -63.00
N THR B 135 -8.54 -8.98 -63.31
CA THR B 135 -9.33 -8.35 -62.26
C THR B 135 -10.23 -9.37 -61.59
N TYR B 136 -10.92 -10.17 -62.40
CA TYR B 136 -11.80 -11.19 -61.85
C TYR B 136 -11.02 -12.16 -60.98
N GLY B 137 -9.85 -12.59 -61.44
CA GLY B 137 -9.07 -13.56 -60.69
C GLY B 137 -8.57 -13.01 -59.36
N ARG B 138 -8.00 -11.81 -59.38
CA ARG B 138 -7.50 -11.24 -58.14
C ARG B 138 -8.62 -10.96 -57.15
N ILE B 139 -9.77 -10.46 -57.64
CA ILE B 139 -10.85 -10.19 -56.71
C ILE B 139 -11.42 -11.47 -56.13
N ALA B 140 -11.49 -12.55 -56.93
CA ALA B 140 -11.94 -13.82 -56.39
C ALA B 140 -10.97 -14.35 -55.34
N GLU B 141 -9.67 -14.22 -55.60
CA GLU B 141 -8.68 -14.63 -54.60
C GLU B 141 -8.85 -13.83 -53.30
N SER B 142 -9.03 -12.52 -53.41
CA SER B 142 -9.23 -11.71 -52.22
C SER B 142 -10.47 -12.14 -51.46
N GLN B 143 -11.56 -12.40 -52.20
CA GLN B 143 -12.79 -12.84 -51.54
C GLN B 143 -12.58 -14.17 -50.84
N ALA B 144 -11.78 -15.06 -51.41
CA ALA B 144 -11.54 -16.34 -50.77
C ALA B 144 -10.50 -16.26 -49.64
N ARG B 145 -9.78 -15.15 -49.52
CA ARG B 145 -8.73 -15.03 -48.51
C ARG B 145 -9.22 -14.43 -47.20
N GLN B 146 -10.52 -14.25 -47.02
CA GLN B 146 -11.04 -13.51 -45.86
C GLN B 146 -11.20 -14.37 -44.62
N ILE B 147 -10.45 -15.44 -44.48
CA ILE B 147 -10.56 -16.34 -43.34
C ILE B 147 -9.32 -16.21 -42.46
N LYS B 148 -9.38 -16.81 -41.28
CA LYS B 148 -8.24 -16.78 -40.37
C LYS B 148 -7.25 -17.89 -40.67
N ALA B 149 -7.75 -19.07 -41.00
CA ALA B 149 -6.92 -20.25 -41.20
C ALA B 149 -7.70 -21.24 -42.03
N PRO B 150 -7.04 -22.23 -42.62
CA PRO B 150 -7.76 -23.19 -43.46
C PRO B 150 -8.91 -23.86 -42.71
N LEU B 151 -10.05 -23.98 -43.40
CA LEU B 151 -11.27 -24.45 -42.76
C LEU B 151 -11.11 -25.85 -42.21
N GLU B 152 -10.24 -26.66 -42.82
CA GLU B 152 -10.08 -28.04 -42.39
C GLU B 152 -9.61 -28.12 -40.94
N LYS B 153 -8.82 -27.15 -40.49
CA LYS B 153 -8.42 -27.13 -39.09
C LYS B 153 -9.64 -27.03 -38.18
N PHE B 154 -10.52 -26.08 -38.46
CA PHE B 154 -11.71 -25.90 -37.63
C PHE B 154 -12.63 -27.11 -37.71
N VAL B 155 -12.78 -27.69 -38.91
CA VAL B 155 -13.66 -28.85 -39.07
C VAL B 155 -13.11 -30.03 -38.28
N LEU B 156 -11.81 -30.28 -38.38
CA LEU B 156 -11.21 -31.39 -37.66
C LEU B 156 -11.30 -31.17 -36.15
N ALA B 157 -11.10 -29.93 -35.71
CA ALA B 157 -11.21 -29.64 -34.29
C ALA B 157 -12.64 -29.88 -33.79
N LEU B 158 -13.64 -29.48 -34.59
CA LEU B 158 -15.02 -29.77 -34.24
C LEU B 158 -15.25 -31.27 -34.15
N LEU B 159 -14.71 -32.04 -35.10
CA LEU B 159 -14.88 -33.48 -35.07
C LEU B 159 -14.28 -34.07 -33.80
N VAL B 160 -13.07 -33.63 -33.46
CA VAL B 160 -12.39 -34.14 -32.27
C VAL B 160 -13.18 -33.80 -31.02
N ALA B 161 -13.66 -32.56 -30.92
CA ALA B 161 -14.40 -32.14 -29.73
C ALA B 161 -15.69 -32.93 -29.59
N GLU B 162 -16.46 -33.04 -30.67
CA GLU B 162 -17.75 -33.72 -30.59
C GLU B 162 -17.62 -35.24 -30.54
N ALA B 163 -16.44 -35.78 -30.80
CA ALA B 163 -16.32 -37.22 -30.62
C ALA B 163 -16.45 -37.66 -29.19
N GLY B 164 -16.37 -36.75 -28.21
CA GLY B 164 -16.48 -37.11 -26.82
C GLY B 164 -17.88 -37.29 -26.31
N GLY B 165 -18.90 -37.02 -27.11
CA GLY B 165 -20.27 -37.21 -26.69
C GLY B 165 -20.74 -36.13 -25.75
N SER B 166 -21.91 -36.38 -25.16
CA SER B 166 -22.56 -35.42 -24.29
C SER B 166 -21.76 -35.20 -23.00
N LEU B 167 -21.93 -34.03 -22.42
CA LEU B 167 -21.21 -33.63 -21.21
C LEU B 167 -22.10 -33.77 -20.00
N TYR B 168 -21.47 -34.05 -18.85
CA TYR B 168 -22.19 -34.12 -17.59
C TYR B 168 -22.14 -32.77 -16.90
N ASP B 169 -23.31 -32.30 -16.48
CA ASP B 169 -23.43 -31.01 -15.81
C ASP B 169 -23.15 -31.18 -14.33
N PRO B 170 -22.13 -30.53 -13.76
CA PRO B 170 -21.87 -30.71 -12.34
C PRO B 170 -22.90 -30.03 -11.46
N VAL B 171 -23.55 -28.98 -11.97
CA VAL B 171 -24.56 -28.27 -11.20
C VAL B 171 -25.93 -28.92 -11.36
N LEU B 172 -26.31 -29.20 -12.61
CA LEU B 172 -27.60 -29.82 -12.88
C LEU B 172 -27.61 -31.30 -12.54
N GLN B 173 -26.44 -31.92 -12.41
CA GLN B 173 -26.32 -33.34 -12.11
C GLN B 173 -27.07 -34.19 -13.14
N LYS B 174 -26.84 -33.89 -14.41
CA LYS B 174 -27.47 -34.61 -15.50
C LYS B 174 -26.64 -34.42 -16.76
N TYR B 175 -27.15 -34.94 -17.87
CA TYR B 175 -26.48 -34.86 -19.15
C TYR B 175 -27.23 -33.92 -20.08
N ASP B 176 -26.49 -33.11 -20.82
CA ASP B 176 -27.10 -32.25 -21.81
C ASP B 176 -27.64 -33.08 -22.97
N GLU B 177 -28.53 -32.47 -23.74
CA GLU B 177 -29.23 -33.16 -24.82
C GLU B 177 -29.01 -32.47 -26.15
N ILE B 178 -27.79 -31.98 -26.38
CA ILE B 178 -27.47 -31.41 -27.68
C ILE B 178 -27.33 -32.54 -28.70
N PRO B 179 -28.06 -32.51 -29.82
CA PRO B 179 -27.96 -33.59 -30.80
C PRO B 179 -26.54 -33.69 -31.35
N ASP B 180 -26.14 -34.93 -31.66
CA ASP B 180 -24.81 -35.19 -32.14
C ASP B 180 -24.67 -34.75 -33.60
N LEU B 181 -23.49 -35.02 -34.17
CA LEU B 181 -23.20 -34.60 -35.53
C LEU B 181 -24.12 -35.25 -36.56
N SER B 182 -24.74 -36.37 -36.23
CA SER B 182 -25.64 -37.03 -37.17
C SER B 182 -26.83 -36.17 -37.55
N HIS B 183 -27.13 -35.14 -36.77
CA HIS B 183 -28.21 -34.22 -37.07
C HIS B 183 -27.71 -32.84 -37.47
N ASN B 184 -26.42 -32.70 -37.77
CA ASN B 184 -25.85 -31.42 -38.16
C ASN B 184 -25.97 -31.26 -39.67
N CYS B 185 -27.02 -30.59 -40.12
CA CYS B 185 -27.21 -30.36 -41.55
C CYS B 185 -26.04 -29.64 -42.23
N PRO B 186 -25.47 -28.58 -41.67
CA PRO B 186 -24.38 -27.90 -42.39
C PRO B 186 -23.20 -28.80 -42.72
N LEU B 187 -22.81 -29.70 -41.82
CA LEU B 187 -21.71 -30.60 -42.16
C LEU B 187 -22.09 -31.53 -43.31
N TRP B 188 -23.32 -32.03 -43.32
CA TRP B 188 -23.73 -32.89 -44.42
C TRP B 188 -23.68 -32.13 -45.74
N CYS B 189 -24.18 -30.90 -45.75
CA CYS B 189 -24.13 -30.10 -46.97
C CYS B 189 -22.69 -29.85 -47.40
N PHE B 190 -21.82 -29.53 -46.43
CA PHE B 190 -20.41 -29.30 -46.72
C PHE B 190 -19.79 -30.52 -47.36
N ARG B 191 -19.99 -31.69 -46.76
CA ARG B 191 -19.42 -32.91 -47.29
C ARG B 191 -19.94 -33.21 -48.69
N GLU B 192 -21.25 -33.07 -48.88
CA GLU B 192 -21.83 -33.39 -50.18
C GLU B 192 -21.32 -32.46 -51.27
N ILE B 193 -21.24 -31.16 -50.97
CA ILE B 193 -20.78 -30.23 -52.00
C ILE B 193 -19.31 -30.46 -52.31
N CYS B 194 -18.49 -30.73 -51.29
CA CYS B 194 -17.08 -30.99 -51.55
C CYS B 194 -16.91 -32.27 -52.37
N ARG B 195 -17.66 -33.32 -52.05
CA ARG B 195 -17.55 -34.56 -52.80
C ARG B 195 -18.00 -34.36 -54.24
N HIS B 196 -19.10 -33.64 -54.45
CA HIS B 196 -19.59 -33.42 -55.80
C HIS B 196 -18.60 -32.60 -56.62
N ILE B 197 -17.96 -31.61 -56.00
CA ILE B 197 -16.94 -30.84 -56.72
C ILE B 197 -15.75 -31.72 -57.06
N SER B 198 -15.23 -32.43 -56.07
CA SER B 198 -14.04 -33.26 -56.31
C SER B 198 -14.33 -34.38 -57.29
N GLY B 199 -15.47 -35.04 -57.14
CA GLY B 199 -15.84 -36.12 -58.02
C GLY B 199 -14.83 -37.25 -58.01
N PRO B 200 -14.46 -37.73 -59.20
CA PRO B 200 -13.53 -38.86 -59.28
C PRO B 200 -12.11 -38.50 -58.90
N LEU B 201 -11.73 -37.23 -58.97
CA LEU B 201 -10.35 -36.86 -58.75
C LEU B 201 -9.96 -37.15 -57.30
N PRO B 202 -8.78 -37.72 -57.05
CA PRO B 202 -8.46 -38.24 -55.72
C PRO B 202 -8.26 -37.20 -54.64
N ASP B 203 -8.24 -35.91 -54.97
CA ASP B 203 -8.04 -34.86 -53.99
C ASP B 203 -9.38 -34.19 -53.70
N ARG B 204 -9.61 -33.87 -52.42
CA ARG B 204 -10.94 -33.49 -51.97
C ARG B 204 -11.09 -32.00 -51.69
N ALA B 205 -10.01 -31.30 -51.39
CA ALA B 205 -10.12 -29.89 -51.02
C ALA B 205 -10.50 -29.05 -52.24
N PRO B 206 -11.62 -28.34 -52.21
CA PRO B 206 -11.96 -27.49 -53.36
C PRO B 206 -10.95 -26.40 -53.64
N TYR B 207 -10.21 -25.97 -52.63
CA TYR B 207 -9.16 -24.97 -52.82
C TYR B 207 -8.19 -25.07 -51.66
N LEU B 208 -7.06 -24.39 -51.79
CA LEU B 208 -5.99 -24.42 -50.81
C LEU B 208 -5.65 -23.00 -50.41
N TYR B 209 -5.79 -22.69 -49.12
CA TYR B 209 -5.51 -21.36 -48.61
C TYR B 209 -4.09 -21.33 -48.03
N LEU B 210 -3.24 -20.48 -48.59
CA LEU B 210 -1.87 -20.32 -48.12
C LEU B 210 -1.62 -18.84 -47.85
N SER B 211 -0.48 -18.55 -47.23
CA SER B 211 -0.10 -17.16 -46.99
C SER B 211 0.08 -16.41 -48.29
N ALA B 212 0.69 -17.05 -49.28
CA ALA B 212 0.90 -16.42 -50.58
C ALA B 212 -0.39 -16.26 -51.37
N GLY B 213 -1.49 -16.85 -50.91
CA GLY B 213 -2.74 -16.77 -51.65
C GLY B 213 -3.49 -18.08 -51.69
N VAL B 214 -4.21 -18.34 -52.78
CA VAL B 214 -5.08 -19.49 -52.89
C VAL B 214 -4.81 -20.21 -54.20
N PHE B 215 -4.98 -21.53 -54.18
CA PHE B 215 -4.87 -22.37 -55.36
C PHE B 215 -6.19 -23.10 -55.57
N TRP B 216 -6.71 -23.05 -56.79
CA TRP B 216 -8.02 -23.60 -57.10
C TRP B 216 -7.91 -25.02 -57.64
N LEU B 217 -8.88 -25.85 -57.27
CA LEU B 217 -8.98 -27.19 -57.83
C LEU B 217 -9.51 -27.12 -59.25
N MET B 218 -8.86 -27.84 -60.17
CA MET B 218 -9.27 -27.88 -61.56
C MET B 218 -10.47 -28.81 -61.71
N SER B 219 -11.65 -28.24 -61.53
CA SER B 219 -12.88 -28.93 -61.80
C SER B 219 -13.78 -28.05 -62.65
N PRO B 220 -14.58 -28.65 -63.54
CA PRO B 220 -15.53 -27.87 -64.32
C PRO B 220 -16.75 -27.43 -63.53
N ARG B 221 -16.85 -27.81 -62.27
CA ARG B 221 -17.96 -27.42 -61.41
C ARG B 221 -17.56 -26.39 -60.36
N MET B 222 -16.29 -26.01 -60.32
CA MET B 222 -15.83 -24.99 -59.39
C MET B 222 -16.41 -23.63 -59.77
N THR B 223 -16.82 -22.88 -58.76
CA THR B 223 -17.40 -21.55 -58.93
C THR B 223 -16.80 -20.62 -57.90
N SER B 224 -16.70 -19.34 -58.26
CA SER B 224 -16.11 -18.35 -57.35
C SER B 224 -16.91 -18.21 -56.06
N ALA B 225 -18.16 -18.64 -56.04
CA ALA B 225 -19.02 -18.47 -54.88
C ALA B 225 -18.83 -19.56 -53.82
N ILE B 226 -18.03 -20.58 -54.11
CA ILE B 226 -17.88 -21.71 -53.19
C ILE B 226 -17.21 -21.32 -51.87
N PRO B 227 -16.10 -20.58 -51.86
CA PRO B 227 -15.41 -20.31 -50.59
C PRO B 227 -16.31 -19.63 -49.55
N PRO B 228 -17.04 -18.56 -49.90
CA PRO B 228 -17.90 -17.96 -48.88
C PRO B 228 -18.98 -18.89 -48.40
N LEU B 229 -19.51 -19.71 -49.31
CA LEU B 229 -20.53 -20.67 -48.90
C LEU B 229 -19.97 -21.65 -47.89
N LEU B 230 -18.76 -22.14 -48.13
CA LEU B 230 -18.14 -23.06 -47.18
C LEU B 230 -17.88 -22.38 -45.85
N SER B 231 -17.46 -21.12 -45.87
CA SER B 231 -17.24 -20.40 -44.62
C SER B 231 -18.53 -20.29 -43.83
N ASP B 232 -19.64 -19.93 -44.49
CA ASP B 232 -20.90 -19.82 -43.78
C ASP B 232 -21.33 -21.18 -43.22
N LEU B 233 -21.20 -22.24 -44.03
CA LEU B 233 -21.62 -23.55 -43.55
C LEU B 233 -20.80 -24.00 -42.35
N VAL B 234 -19.49 -23.77 -42.36
CA VAL B 234 -18.69 -24.20 -41.23
C VAL B 234 -19.01 -23.36 -40.00
N ASN B 235 -19.26 -22.06 -40.18
CA ASN B 235 -19.67 -21.24 -39.05
C ASN B 235 -20.96 -21.76 -38.43
N LEU B 236 -21.95 -22.05 -39.27
CA LEU B 236 -23.22 -22.54 -38.74
C LEU B 236 -23.06 -23.89 -38.08
N ALA B 237 -22.24 -24.76 -38.65
CA ALA B 237 -22.02 -26.07 -38.07
C ALA B 237 -21.39 -25.95 -36.68
N ILE B 238 -20.40 -25.06 -36.55
CA ILE B 238 -19.79 -24.85 -35.25
C ILE B 238 -20.81 -24.29 -34.26
N LEU B 239 -21.59 -23.31 -34.70
CA LEU B 239 -22.52 -22.64 -33.79
C LEU B 239 -23.59 -23.60 -33.31
N GLN B 240 -24.11 -24.46 -34.20
CA GLN B 240 -25.16 -25.38 -33.78
C GLN B 240 -24.66 -26.31 -32.69
N GLN B 241 -23.45 -26.83 -32.84
CA GLN B 241 -22.94 -27.78 -31.86
C GLN B 241 -22.50 -27.09 -30.58
N THR B 242 -22.09 -25.82 -30.66
CA THR B 242 -21.59 -25.14 -29.47
C THR B 242 -22.67 -24.45 -28.66
N ALA B 243 -23.64 -23.80 -29.29
CA ALA B 243 -24.67 -23.07 -28.59
C ALA B 243 -26.00 -23.80 -28.54
N GLY B 244 -26.07 -25.04 -29.01
CA GLY B 244 -27.31 -25.79 -28.96
C GLY B 244 -28.44 -25.17 -29.75
N LEU B 245 -28.16 -24.69 -30.95
CA LEU B 245 -29.19 -24.08 -31.77
C LEU B 245 -30.22 -25.11 -32.20
N ASP B 246 -31.43 -24.64 -32.44
CA ASP B 246 -32.49 -25.50 -32.95
C ASP B 246 -32.14 -25.87 -34.39
N PRO B 247 -32.08 -27.15 -34.73
CA PRO B 247 -31.73 -27.53 -36.10
C PRO B 247 -32.68 -26.98 -37.15
N SER B 248 -33.95 -26.75 -36.78
CA SER B 248 -34.92 -26.25 -37.75
C SER B 248 -34.51 -24.88 -38.28
N LEU B 249 -34.06 -23.99 -37.41
CA LEU B 249 -33.59 -22.67 -37.82
C LEU B 249 -32.30 -22.74 -38.61
N VAL B 250 -31.40 -23.65 -38.21
CA VAL B 250 -30.15 -23.83 -38.94
C VAL B 250 -30.43 -24.26 -40.36
N LYS B 251 -31.46 -25.10 -40.56
CA LYS B 251 -31.82 -25.50 -41.91
C LYS B 251 -32.27 -24.30 -42.74
N LEU B 252 -33.03 -23.38 -42.14
CA LEU B 252 -33.43 -22.18 -42.86
C LEU B 252 -32.21 -21.33 -43.23
N GLY B 253 -31.27 -21.21 -42.30
CA GLY B 253 -30.05 -20.48 -42.61
C GLY B 253 -29.29 -21.09 -43.76
N VAL B 254 -29.19 -22.42 -43.77
CA VAL B 254 -28.53 -23.12 -44.86
C VAL B 254 -29.27 -22.88 -46.17
N GLN B 255 -30.60 -22.86 -46.12
CA GLN B 255 -31.39 -22.59 -47.32
C GLN B 255 -31.07 -21.20 -47.86
N ILE B 256 -30.96 -20.22 -46.98
CA ILE B 256 -30.62 -18.87 -47.42
C ILE B 256 -29.24 -18.85 -48.05
N CYS B 257 -28.28 -19.54 -47.44
CA CYS B 257 -26.93 -19.57 -48.02
C CYS B 257 -26.95 -20.20 -49.40
N LEU B 258 -27.67 -21.32 -49.56
CA LEU B 258 -27.73 -21.98 -50.85
C LEU B 258 -28.38 -21.09 -51.90
N HIS B 259 -29.46 -20.41 -51.53
CA HIS B 259 -30.09 -19.48 -52.47
C HIS B 259 -29.13 -18.38 -52.87
N ALA B 260 -28.36 -17.88 -51.92
CA ALA B 260 -27.36 -16.87 -52.24
C ALA B 260 -26.34 -17.40 -53.23
N ALA B 261 -25.89 -18.63 -53.03
CA ALA B 261 -24.92 -19.22 -53.96
C ALA B 261 -25.51 -19.36 -55.35
N ALA B 262 -26.77 -19.76 -55.45
CA ALA B 262 -27.41 -20.01 -56.73
C ALA B 262 -27.83 -18.73 -57.45
N SER B 263 -27.48 -17.57 -56.90
CA SER B 263 -27.84 -16.30 -57.52
C SER B 263 -26.67 -15.78 -58.34
N SER B 264 -26.89 -14.63 -58.99
CA SER B 264 -25.85 -14.03 -59.82
C SER B 264 -24.67 -13.51 -59.02
N SER B 265 -24.89 -13.03 -57.79
CA SER B 265 -23.81 -12.49 -56.98
C SER B 265 -24.09 -12.84 -55.53
N TYR B 266 -23.19 -13.62 -54.93
CA TYR B 266 -23.40 -14.07 -53.56
C TYR B 266 -23.41 -12.89 -52.60
N ALA B 267 -22.39 -12.03 -52.67
CA ALA B 267 -22.30 -10.91 -51.74
C ALA B 267 -23.47 -9.96 -51.89
N TRP B 268 -23.84 -9.63 -53.12
CA TRP B 268 -24.97 -8.75 -53.35
C TRP B 268 -26.25 -9.35 -52.78
N PHE B 269 -26.45 -10.65 -53.01
CA PHE B 269 -27.64 -11.31 -52.47
C PHE B 269 -27.68 -11.22 -50.95
N ILE B 270 -26.57 -11.57 -50.29
CA ILE B 270 -26.53 -11.49 -48.83
C ILE B 270 -26.84 -10.08 -48.37
N LEU B 271 -26.25 -9.09 -49.03
CA LEU B 271 -26.48 -7.71 -48.63
C LEU B 271 -27.95 -7.34 -48.74
N LYS B 272 -28.61 -7.77 -49.80
CA LYS B 272 -29.99 -7.34 -50.02
C LYS B 272 -30.96 -8.09 -49.12
N THR B 273 -30.55 -9.19 -48.50
CA THR B 273 -31.46 -10.03 -47.75
C THR B 273 -31.02 -10.21 -46.31
N LYS B 274 -30.21 -9.28 -45.81
CA LYS B 274 -29.61 -9.44 -44.49
C LYS B 274 -30.61 -9.34 -43.35
N SER B 275 -31.84 -8.91 -43.60
CA SER B 275 -32.74 -8.52 -42.52
C SER B 275 -33.97 -9.42 -42.39
N ILE B 276 -33.95 -10.62 -42.98
CA ILE B 276 -35.11 -11.50 -42.84
C ILE B 276 -35.29 -11.93 -41.39
N PHE B 277 -34.23 -12.44 -40.77
CA PHE B 277 -34.35 -12.92 -39.39
C PHE B 277 -34.76 -11.81 -38.43
N PRO B 278 -34.14 -10.63 -38.44
CA PRO B 278 -34.63 -9.57 -37.54
C PRO B 278 -36.07 -9.19 -37.82
N GLN B 279 -36.39 -8.83 -39.06
CA GLN B 279 -37.72 -8.35 -39.39
C GLN B 279 -38.80 -9.38 -39.11
N ASN B 280 -38.46 -10.66 -39.06
CA ASN B 280 -39.46 -11.69 -38.84
C ASN B 280 -39.49 -12.24 -37.43
N THR B 281 -38.46 -12.02 -36.63
CA THR B 281 -38.50 -12.47 -35.23
C THR B 281 -38.46 -11.30 -34.26
N LEU B 282 -37.46 -10.44 -34.33
CA LEU B 282 -37.29 -9.42 -33.30
C LEU B 282 -38.30 -8.29 -33.47
N HIS B 283 -38.54 -7.87 -34.70
CA HIS B 283 -39.40 -6.72 -34.95
C HIS B 283 -40.87 -7.07 -34.98
N SER B 284 -41.23 -8.35 -34.82
CA SER B 284 -42.62 -8.75 -34.83
C SER B 284 -42.92 -9.67 -33.66
N MET B 285 -42.42 -9.33 -32.48
CA MET B 285 -42.45 -10.23 -31.35
C MET B 285 -43.55 -9.82 -30.36
N TYR B 286 -44.15 -10.82 -29.71
CA TYR B 286 -45.16 -10.61 -28.68
C TYR B 286 -46.36 -9.85 -29.21
N GLU B 287 -46.89 -10.31 -30.35
CA GLU B 287 -48.12 -9.71 -30.85
C GLU B 287 -49.27 -9.90 -29.89
N SER B 288 -49.38 -11.07 -29.28
CA SER B 288 -50.33 -11.33 -28.21
C SER B 288 -49.55 -11.76 -26.98
N LEU B 289 -49.64 -10.97 -25.92
CA LEU B 289 -48.82 -11.15 -24.73
C LEU B 289 -49.66 -11.78 -23.63
N GLU B 290 -49.06 -12.72 -22.91
CA GLU B 290 -49.76 -13.42 -21.83
C GLU B 290 -49.22 -13.09 -20.45
N GLY B 291 -47.90 -13.03 -20.29
CA GLY B 291 -47.33 -12.75 -18.99
C GLY B 291 -45.82 -12.69 -19.07
N GLY B 292 -45.20 -12.68 -17.90
CA GLY B 292 -43.76 -12.59 -17.77
C GLY B 292 -43.36 -11.47 -16.83
N TYR B 293 -42.07 -11.19 -16.80
CA TYR B 293 -41.52 -10.18 -15.93
C TYR B 293 -40.82 -9.10 -16.75
N CYS B 294 -40.86 -7.87 -16.25
CA CYS B 294 -40.12 -6.77 -16.85
C CYS B 294 -39.42 -6.01 -15.73
N PRO B 295 -38.12 -5.80 -15.86
CA PRO B 295 -37.37 -5.13 -14.79
C PRO B 295 -37.83 -3.70 -14.58
N ASN B 296 -37.79 -3.27 -13.32
CA ASN B 296 -38.16 -1.91 -12.94
C ASN B 296 -36.87 -1.13 -12.71
N LEU B 297 -36.56 -0.26 -13.66
CA LEU B 297 -35.39 0.60 -13.55
C LEU B 297 -35.81 2.05 -13.43
N GLU B 298 -34.94 2.86 -12.82
CA GLU B 298 -35.20 4.27 -12.62
C GLU B 298 -34.03 5.09 -13.13
N TRP B 299 -34.34 6.18 -13.82
CA TRP B 299 -33.32 7.11 -14.30
C TRP B 299 -33.24 8.28 -13.33
N LEU B 300 -32.11 8.40 -12.64
CA LEU B 300 -31.96 9.38 -11.59
C LEU B 300 -31.50 10.72 -12.17
N GLU B 301 -31.20 11.68 -11.31
CA GLU B 301 -30.68 12.96 -11.74
C GLU B 301 -29.27 13.19 -11.19
N PRO B 302 -28.39 13.84 -11.95
CA PRO B 302 -28.70 14.35 -13.30
C PRO B 302 -28.68 13.24 -14.33
N ARG B 303 -29.62 13.27 -15.28
CA ARG B 303 -29.61 12.28 -16.35
C ARG B 303 -28.34 12.36 -17.17
N SER B 304 -27.66 13.51 -17.15
CA SER B 304 -26.35 13.61 -17.78
C SER B 304 -25.37 12.60 -17.19
N ASP B 305 -25.57 12.22 -15.93
CA ASP B 305 -24.67 11.29 -15.28
C ASP B 305 -24.93 9.84 -15.67
N TYR B 306 -26.04 9.56 -16.38
CA TYR B 306 -26.40 8.19 -16.76
C TYR B 306 -26.48 7.29 -15.53
N LYS B 307 -27.08 7.80 -14.46
CA LYS B 307 -27.19 7.06 -13.21
C LYS B 307 -28.54 6.34 -13.18
N PHE B 308 -28.50 5.02 -13.23
CA PHE B 308 -29.69 4.18 -13.14
C PHE B 308 -29.58 3.27 -11.94
N MET B 309 -30.72 3.00 -11.31
CA MET B 309 -30.77 2.14 -10.15
C MET B 309 -31.87 1.11 -10.37
N TYR B 310 -31.59 -0.13 -9.97
CA TYR B 310 -32.50 -1.23 -10.20
C TYR B 310 -33.48 -1.35 -9.04
N MET B 311 -34.76 -1.51 -9.37
CA MET B 311 -35.80 -1.70 -8.38
C MET B 311 -36.28 -3.13 -8.26
N GLY B 312 -36.78 -3.73 -9.32
CA GLY B 312 -37.28 -5.08 -9.23
C GLY B 312 -38.04 -5.44 -10.48
N VAL B 313 -38.94 -6.41 -10.32
CA VAL B 313 -39.68 -6.96 -11.44
C VAL B 313 -41.12 -6.49 -11.37
N MET B 314 -41.72 -6.28 -12.54
CA MET B 314 -43.13 -5.96 -12.64
C MET B 314 -43.79 -7.02 -13.52
N PRO B 315 -44.84 -7.67 -13.04
CA PRO B 315 -45.56 -8.62 -13.90
C PRO B 315 -46.11 -7.93 -15.14
N LEU B 316 -46.03 -8.64 -16.26
CA LEU B 316 -46.54 -8.13 -17.51
C LEU B 316 -48.01 -8.49 -17.67
N SER B 317 -48.64 -7.92 -18.71
CA SER B 317 -50.05 -8.14 -18.95
C SER B 317 -50.35 -7.83 -20.41
N ALA B 318 -51.57 -8.18 -20.82
CA ALA B 318 -52.00 -7.89 -22.18
C ALA B 318 -52.03 -6.39 -22.47
N LYS B 319 -52.03 -5.57 -21.42
CA LYS B 319 -52.00 -4.13 -21.61
C LYS B 319 -50.75 -3.69 -22.36
N TYR B 320 -49.67 -4.47 -22.27
CA TYR B 320 -48.38 -4.10 -22.87
C TYR B 320 -48.00 -5.01 -24.03
N ALA B 321 -48.99 -5.44 -24.81
CA ALA B 321 -48.70 -6.20 -26.01
C ALA B 321 -48.03 -5.30 -27.05
N ARG B 322 -47.54 -5.91 -28.11
CA ARG B 322 -46.93 -5.14 -29.19
C ARG B 322 -47.95 -4.17 -29.78
N SER B 323 -47.54 -2.92 -29.94
CA SER B 323 -48.42 -1.88 -30.45
C SER B 323 -47.85 -1.11 -31.63
N ALA B 324 -46.62 -1.41 -32.03
CA ALA B 324 -46.04 -0.77 -33.20
C ALA B 324 -46.78 -1.21 -34.45
N PRO B 325 -46.70 -0.43 -35.54
CA PRO B 325 -47.37 -0.84 -36.77
C PRO B 325 -46.87 -2.18 -37.27
N SER B 326 -47.79 -2.97 -37.80
CA SER B 326 -47.45 -4.30 -38.28
C SER B 326 -46.61 -4.20 -39.56
N ASN B 327 -45.64 -5.10 -39.69
CA ASN B 327 -44.74 -5.12 -40.84
C ASN B 327 -44.95 -6.35 -41.71
N ASP B 328 -46.13 -6.97 -41.64
CA ASP B 328 -46.36 -8.21 -42.37
C ASP B 328 -46.23 -8.00 -43.87
N LYS B 329 -46.80 -6.92 -44.39
CA LYS B 329 -46.76 -6.67 -45.82
C LYS B 329 -45.33 -6.50 -46.31
N LYS B 330 -44.53 -5.75 -45.57
CA LYS B 330 -43.14 -5.54 -45.97
C LYS B 330 -42.35 -6.84 -45.97
N ALA B 331 -42.52 -7.65 -44.92
CA ALA B 331 -41.80 -8.92 -44.83
C ALA B 331 -42.20 -9.84 -45.97
N ARG B 332 -43.50 -9.93 -46.25
CA ARG B 332 -43.96 -10.79 -47.34
C ARG B 332 -43.42 -10.30 -48.68
N GLU B 333 -43.42 -8.98 -48.90
CA GLU B 333 -42.91 -8.46 -50.15
C GLU B 333 -41.43 -8.76 -50.31
N LEU B 334 -40.66 -8.59 -49.25
CA LEU B 334 -39.24 -8.89 -49.31
C LEU B 334 -39.00 -10.37 -49.59
N GLY B 335 -39.74 -11.25 -48.91
CA GLY B 335 -39.56 -12.66 -49.14
C GLY B 335 -39.95 -13.07 -50.55
N GLU B 336 -40.98 -12.42 -51.10
CA GLU B 336 -41.41 -12.75 -52.45
C GLU B 336 -40.40 -12.27 -53.49
N LYS B 337 -39.82 -11.09 -53.27
CA LYS B 337 -38.98 -10.49 -54.30
C LYS B 337 -37.71 -11.30 -54.54
N TYR B 338 -37.35 -12.18 -53.62
CA TYR B 338 -36.14 -12.99 -53.78
C TYR B 338 -36.45 -14.49 -53.70
N GLY B 339 -37.71 -14.87 -53.75
CA GLY B 339 -38.07 -16.27 -53.75
C GLY B 339 -37.77 -17.01 -52.46
N LEU B 340 -37.95 -16.34 -51.33
CA LEU B 340 -37.86 -17.00 -50.02
C LEU B 340 -39.15 -16.86 -49.23
N SER B 341 -40.29 -16.81 -49.91
CA SER B 341 -41.56 -16.62 -49.23
C SER B 341 -41.83 -17.74 -48.23
N SER B 342 -41.40 -18.96 -48.53
CA SER B 342 -41.58 -20.05 -47.59
C SER B 342 -40.90 -19.75 -46.27
N VAL B 343 -39.60 -19.46 -46.32
CA VAL B 343 -38.82 -19.25 -45.10
C VAL B 343 -39.46 -18.18 -44.24
N VAL B 344 -39.93 -17.11 -44.87
CA VAL B 344 -40.70 -16.11 -44.15
C VAL B 344 -41.95 -16.73 -43.53
N GLY B 345 -42.59 -17.63 -44.27
CA GLY B 345 -43.81 -18.24 -43.74
C GLY B 345 -43.57 -19.01 -42.46
N GLU B 346 -42.57 -19.90 -42.45
CA GLU B 346 -42.30 -20.63 -41.22
C GLU B 346 -41.75 -19.70 -40.13
N LEU B 347 -40.99 -18.68 -40.49
CA LEU B 347 -40.50 -17.76 -39.47
C LEU B 347 -41.65 -17.08 -38.75
N ARG B 348 -42.60 -16.53 -39.51
CA ARG B 348 -43.76 -15.89 -38.90
C ARG B 348 -44.58 -16.88 -38.10
N LYS B 349 -44.81 -18.07 -38.65
CA LYS B 349 -45.63 -19.05 -37.96
C LYS B 349 -45.01 -19.45 -36.63
N ARG B 350 -43.69 -19.64 -36.61
CA ARG B 350 -43.01 -19.96 -35.36
C ARG B 350 -43.06 -18.78 -34.39
N THR B 351 -42.91 -17.56 -34.90
CA THR B 351 -42.92 -16.39 -34.03
C THR B 351 -44.26 -16.24 -33.32
N LYS B 352 -45.36 -16.50 -34.02
CA LYS B 352 -46.68 -16.34 -33.39
C LYS B 352 -46.90 -17.29 -32.23
N THR B 353 -46.09 -18.33 -32.09
CA THR B 353 -46.30 -19.36 -31.09
C THR B 353 -45.92 -18.92 -29.68
N TYR B 354 -45.17 -17.85 -29.52
CA TYR B 354 -44.66 -17.44 -28.22
C TYR B 354 -45.56 -16.34 -27.65
N VAL B 355 -46.13 -16.62 -26.48
CA VAL B 355 -47.04 -15.69 -25.82
C VAL B 355 -46.54 -15.21 -24.48
N LYS B 356 -45.52 -15.84 -23.91
CA LYS B 356 -44.96 -15.45 -22.63
C LYS B 356 -43.53 -14.98 -22.81
N HIS B 357 -43.13 -14.02 -21.98
CA HIS B 357 -41.79 -13.46 -22.02
C HIS B 357 -40.96 -14.20 -20.97
N ASP B 358 -40.12 -15.13 -21.43
CA ASP B 358 -39.30 -15.92 -20.53
C ASP B 358 -37.93 -16.18 -21.13
N PHE B 359 -37.19 -17.13 -20.56
CA PHE B 359 -35.91 -17.51 -21.14
C PHE B 359 -36.10 -18.16 -22.51
N ALA B 360 -37.20 -18.89 -22.69
CA ALA B 360 -37.41 -19.60 -23.95
C ALA B 360 -37.52 -18.64 -25.12
N SER B 361 -38.32 -17.58 -24.97
CA SER B 361 -38.54 -16.67 -26.08
C SER B 361 -37.26 -15.94 -26.46
N VAL B 362 -36.52 -15.45 -25.48
CA VAL B 362 -35.28 -14.75 -25.80
C VAL B 362 -34.26 -15.70 -26.39
N ARG B 363 -34.22 -16.95 -25.92
CA ARG B 363 -33.33 -17.93 -26.52
C ARG B 363 -33.69 -18.16 -27.98
N TYR B 364 -34.99 -18.27 -28.28
CA TYR B 364 -35.42 -18.44 -29.66
C TYR B 364 -35.02 -17.25 -30.51
N ILE B 365 -35.19 -16.04 -29.98
CA ILE B 365 -34.81 -14.84 -30.75
C ILE B 365 -33.32 -14.83 -31.02
N ARG B 366 -32.51 -15.13 -30.01
CA ARG B 366 -31.07 -15.15 -30.19
C ARG B 366 -30.66 -16.19 -31.23
N ASP B 367 -31.26 -17.38 -31.16
CA ASP B 367 -30.95 -18.41 -32.13
C ASP B 367 -31.32 -17.97 -33.53
N ALA B 368 -32.47 -17.33 -33.69
CA ALA B 368 -32.88 -16.85 -35.01
C ALA B 368 -31.91 -15.81 -35.54
N MET B 369 -31.47 -14.90 -34.68
CA MET B 369 -30.54 -13.87 -35.12
C MET B 369 -29.16 -14.44 -35.43
N ALA B 370 -28.79 -15.55 -34.78
CA ALA B 370 -27.47 -16.12 -35.01
C ALA B 370 -27.32 -16.75 -36.38
N CYS B 371 -28.42 -16.98 -37.09
CA CYS B 371 -28.39 -17.70 -38.36
C CYS B 371 -28.07 -16.81 -39.55
N THR B 372 -27.89 -15.51 -39.36
CA THR B 372 -27.52 -14.64 -40.45
C THR B 372 -26.08 -14.91 -40.87
N SER B 373 -25.81 -14.77 -42.16
CA SER B 373 -24.46 -14.99 -42.67
C SER B 373 -23.48 -13.99 -42.07
N GLY B 374 -22.22 -14.39 -42.01
CA GLY B 374 -21.20 -13.56 -41.38
C GLY B 374 -19.95 -13.36 -42.21
N ILE B 375 -20.09 -13.23 -43.52
CA ILE B 375 -18.94 -13.02 -44.38
C ILE B 375 -18.57 -11.55 -44.39
N PHE B 376 -17.31 -11.28 -44.72
CA PHE B 376 -16.86 -9.93 -44.99
C PHE B 376 -17.09 -9.62 -46.46
N LEU B 377 -18.04 -8.73 -46.73
CA LEU B 377 -18.34 -8.38 -48.11
C LEU B 377 -17.13 -7.72 -48.76
N VAL B 378 -16.79 -8.18 -49.97
CA VAL B 378 -15.58 -7.74 -50.66
C VAL B 378 -15.97 -7.27 -52.05
N ARG B 379 -15.46 -6.10 -52.44
CA ARG B 379 -15.63 -5.58 -53.78
C ARG B 379 -14.41 -4.74 -54.12
N THR B 380 -14.16 -4.57 -55.41
CA THR B 380 -12.98 -3.87 -55.85
C THR B 380 -13.03 -2.40 -55.41
N PRO B 381 -11.88 -1.81 -55.08
CA PRO B 381 -11.88 -0.42 -54.60
C PRO B 381 -12.48 0.56 -55.59
N THR B 382 -12.32 0.33 -56.88
CA THR B 382 -12.81 1.28 -57.88
C THR B 382 -14.33 1.44 -57.77
N GLU B 383 -15.04 0.33 -57.65
CA GLU B 383 -16.49 0.42 -57.52
C GLU B 383 -16.89 1.06 -56.20
N THR B 384 -16.15 0.79 -55.13
CA THR B 384 -16.44 1.43 -53.85
C THR B 384 -16.32 2.95 -53.99
N VAL B 385 -15.25 3.42 -54.62
CA VAL B 385 -15.07 4.85 -54.79
C VAL B 385 -16.15 5.44 -55.69
N LEU B 386 -16.44 4.77 -56.80
CA LEU B 386 -17.40 5.29 -57.76
C LEU B 386 -18.84 5.09 -57.33
N GLN B 387 -19.07 4.41 -56.21
CA GLN B 387 -20.41 4.25 -55.67
C GLN B 387 -20.64 5.05 -54.40
N GLU B 388 -19.59 5.34 -53.63
CA GLU B 388 -19.78 5.96 -52.34
C GLU B 388 -19.53 7.47 -52.36
N TYR B 389 -18.63 7.94 -53.22
CA TYR B 389 -18.32 9.36 -53.29
C TYR B 389 -19.10 10.08 -54.38
N THR B 390 -20.01 9.40 -55.06
CA THR B 390 -20.72 9.99 -56.18
C THR B 390 -22.13 10.46 -55.82
N GLN B 391 -22.53 10.39 -54.56
CA GLN B 391 -23.80 10.95 -54.14
C GLN B 391 -23.56 12.17 -53.27
N SER B 392 -24.50 13.10 -53.33
CA SER B 392 -24.38 14.41 -52.71
C SER B 392 -25.66 14.72 -51.95
N PRO B 393 -25.61 15.62 -50.98
CA PRO B 393 -26.83 15.98 -50.24
C PRO B 393 -27.83 16.66 -51.15
N GLU B 394 -29.10 16.51 -50.77
CA GLU B 394 -30.22 17.10 -51.50
C GLU B 394 -30.87 18.14 -50.59
N ILE B 395 -30.37 19.38 -50.66
CA ILE B 395 -30.85 20.45 -49.79
C ILE B 395 -32.17 20.92 -50.40
N LYS B 396 -33.26 20.32 -49.94
CA LYS B 396 -34.55 20.57 -50.57
C LYS B 396 -35.04 21.98 -50.32
N VAL B 397 -34.71 22.55 -49.16
CA VAL B 397 -35.02 23.95 -48.86
C VAL B 397 -33.73 24.66 -48.46
N PRO B 398 -33.11 25.42 -49.35
CA PRO B 398 -31.80 25.99 -49.05
C PRO B 398 -31.89 27.34 -48.34
N ILE B 399 -30.75 27.77 -47.82
CA ILE B 399 -30.67 29.09 -47.20
C ILE B 399 -30.70 30.17 -48.29
N PRO B 400 -31.56 31.18 -48.17
CA PRO B 400 -31.62 32.20 -49.20
C PRO B 400 -30.29 32.93 -49.35
N GLN B 401 -29.94 33.26 -50.59
CA GLN B 401 -28.67 33.92 -50.85
C GLN B 401 -28.63 35.35 -50.33
N LYS B 402 -29.79 35.94 -50.06
CA LYS B 402 -29.87 37.32 -49.58
C LYS B 402 -29.64 37.43 -48.09
N ASP B 403 -29.07 36.42 -47.45
CA ASP B 403 -28.94 36.38 -46.01
C ASP B 403 -27.48 36.24 -45.56
N TRP B 404 -26.56 36.79 -46.33
CA TRP B 404 -25.14 36.68 -46.00
C TRP B 404 -24.49 38.05 -46.07
N THR B 405 -23.39 38.20 -45.34
CA THR B 405 -22.63 39.43 -45.31
C THR B 405 -21.52 39.38 -46.36
N GLY B 406 -20.60 40.33 -46.29
CA GLY B 406 -19.42 40.30 -47.13
C GLY B 406 -18.41 39.29 -46.60
N PRO B 407 -17.51 38.85 -47.47
CA PRO B 407 -16.57 37.80 -47.07
C PRO B 407 -15.47 38.35 -46.17
N ILE B 408 -15.05 37.52 -45.23
CA ILE B 408 -13.89 37.79 -44.38
C ILE B 408 -12.85 36.73 -44.75
N GLY B 409 -11.99 37.06 -45.70
CA GLY B 409 -11.14 36.04 -46.27
C GLY B 409 -12.01 35.04 -47.00
N GLU B 410 -12.20 33.86 -46.42
CA GLU B 410 -13.04 32.83 -47.02
C GLU B 410 -14.42 32.73 -46.40
N ILE B 411 -14.58 33.08 -45.13
CA ILE B 411 -15.85 32.89 -44.44
C ILE B 411 -16.83 33.98 -44.83
N ARG B 412 -18.09 33.79 -44.46
CA ARG B 412 -19.15 34.75 -44.75
C ARG B 412 -20.14 34.70 -43.60
N ILE B 413 -20.36 35.84 -42.95
CA ILE B 413 -21.16 35.87 -41.74
C ILE B 413 -22.64 35.74 -42.08
N LEU B 414 -23.37 35.02 -41.24
CA LEU B 414 -24.79 34.76 -41.48
C LEU B 414 -25.61 35.76 -40.70
N LYS B 415 -26.58 36.39 -41.37
CA LYS B 415 -27.41 37.39 -40.73
C LYS B 415 -28.37 36.75 -39.72
N ASP B 416 -28.95 37.58 -38.87
CA ASP B 416 -29.85 37.13 -37.83
C ASP B 416 -31.32 37.28 -38.20
N THR B 417 -31.61 37.83 -39.36
CA THR B 417 -32.99 37.99 -39.82
C THR B 417 -33.46 36.80 -40.63
N THR B 418 -32.65 35.75 -40.72
CA THR B 418 -32.92 34.66 -41.63
C THR B 418 -34.10 33.81 -41.16
N SER B 419 -34.97 33.47 -42.10
CA SER B 419 -36.09 32.59 -41.81
C SER B 419 -35.71 31.12 -41.75
N SER B 420 -34.48 30.78 -42.11
CA SER B 420 -34.06 29.39 -42.13
C SER B 420 -33.80 28.90 -40.71
N ILE B 421 -33.74 27.58 -40.57
CA ILE B 421 -33.45 26.98 -39.27
C ILE B 421 -31.96 26.99 -38.96
N ALA B 422 -31.13 27.45 -39.90
CA ALA B 422 -29.69 27.44 -39.68
C ALA B 422 -29.29 28.36 -38.54
N ARG B 423 -30.15 29.32 -38.19
CA ARG B 423 -29.81 30.30 -37.17
C ARG B 423 -29.52 29.63 -35.82
N TYR B 424 -30.30 28.61 -35.47
CA TYR B 424 -30.09 27.94 -34.19
C TYR B 424 -28.78 27.16 -34.20
N LEU B 425 -28.46 26.52 -35.32
CA LEU B 425 -27.18 25.84 -35.45
C LEU B 425 -26.03 26.83 -35.28
N TYR B 426 -26.15 27.98 -35.93
CA TYR B 426 -25.11 29.01 -35.82
C TYR B 426 -24.98 29.48 -34.37
N ARG B 427 -26.10 29.72 -33.70
CA ARG B 427 -26.04 30.18 -32.31
C ARG B 427 -25.40 29.14 -31.42
N THR B 428 -25.76 27.88 -31.60
CA THR B 428 -25.18 26.83 -30.77
C THR B 428 -23.68 26.76 -30.95
N TRP B 429 -23.20 26.78 -32.19
CA TRP B 429 -21.77 26.73 -32.40
C TRP B 429 -21.09 28.00 -31.90
N TYR B 430 -21.77 29.14 -32.00
CA TYR B 430 -21.24 30.40 -31.48
C TYR B 430 -20.96 30.30 -29.98
N LEU B 431 -21.98 29.91 -29.22
CA LEU B 431 -21.80 29.81 -27.78
C LEU B 431 -20.78 28.74 -27.42
N ALA B 432 -20.77 27.64 -28.17
CA ALA B 432 -19.80 26.59 -27.92
C ALA B 432 -18.38 27.11 -28.08
N ALA B 433 -18.13 27.84 -29.16
CA ALA B 433 -16.78 28.37 -29.40
C ALA B 433 -16.42 29.39 -28.32
N ALA B 434 -17.37 30.25 -27.96
CA ALA B 434 -17.08 31.25 -26.94
C ALA B 434 -16.72 30.60 -25.61
N ARG B 435 -17.47 29.59 -25.19
CA ARG B 435 -17.16 28.90 -23.94
C ARG B 435 -15.85 28.13 -24.04
N MET B 436 -15.56 27.56 -25.21
CA MET B 436 -14.31 26.82 -25.37
C MET B 436 -13.11 27.74 -25.23
N ALA B 437 -13.11 28.87 -25.95
CA ALA B 437 -11.94 29.72 -25.99
C ALA B 437 -11.64 30.38 -24.66
N ALA B 438 -12.62 30.46 -23.76
CA ALA B 438 -12.42 31.11 -22.48
C ALA B 438 -11.75 30.21 -21.45
N GLN B 439 -11.64 28.92 -21.71
CA GLN B 439 -11.01 28.03 -20.75
C GLN B 439 -9.51 28.32 -20.66
N PRO B 440 -8.99 28.57 -19.46
CA PRO B 440 -7.54 28.81 -19.35
C PRO B 440 -6.69 27.64 -19.78
N ARG B 441 -7.18 26.41 -19.65
CA ARG B 441 -6.40 25.24 -20.04
C ARG B 441 -6.10 25.22 -21.53
N THR B 442 -6.88 25.94 -22.33
CA THR B 442 -6.61 25.99 -23.77
C THR B 442 -5.25 26.61 -24.04
N TRP B 443 -4.86 27.60 -23.26
CA TRP B 443 -3.62 28.32 -23.48
C TRP B 443 -2.44 27.68 -22.79
N ASP B 444 -2.66 26.66 -21.99
CA ASP B 444 -1.55 25.98 -21.34
C ASP B 444 -0.71 25.25 -22.38
N PRO B 445 0.61 25.43 -22.38
CA PRO B 445 1.44 24.79 -23.41
C PRO B 445 1.31 23.28 -23.46
N LEU B 446 1.13 22.63 -22.31
CA LEU B 446 1.02 21.19 -22.29
C LEU B 446 -0.22 20.71 -23.03
N PHE B 447 -1.34 21.43 -22.88
CA PHE B 447 -2.55 21.04 -23.59
C PHE B 447 -2.34 21.10 -25.10
N GLN B 448 -1.73 22.18 -25.57
CA GLN B 448 -1.45 22.29 -27.00
C GLN B 448 -0.48 21.22 -27.45
N ALA B 449 0.51 20.88 -26.63
CA ALA B 449 1.43 19.81 -27.00
C ALA B 449 0.69 18.48 -27.11
N ILE B 450 -0.22 18.20 -26.19
CA ILE B 450 -1.00 16.97 -26.26
C ILE B 450 -1.80 16.94 -27.55
N MET B 451 -2.46 18.05 -27.88
CA MET B 451 -3.24 18.07 -29.10
C MET B 451 -2.37 17.86 -30.33
N ARG B 452 -1.18 18.48 -30.35
CA ARG B 452 -0.27 18.28 -31.47
C ARG B 452 0.16 16.83 -31.58
N SER B 453 0.46 16.20 -30.45
CA SER B 453 0.92 14.82 -30.46
C SER B 453 -0.20 13.83 -30.74
N GLN B 454 -1.46 14.23 -30.59
CA GLN B 454 -2.56 13.30 -30.72
C GLN B 454 -2.57 12.60 -32.08
N TYR B 455 -2.34 13.37 -33.15
CA TYR B 455 -2.41 12.84 -34.50
C TYR B 455 -1.05 12.39 -35.03
N VAL B 456 -0.04 12.33 -34.18
CA VAL B 456 1.28 11.80 -34.56
C VAL B 456 1.28 10.34 -34.16
N THR B 457 0.97 9.47 -35.12
CA THR B 457 0.88 8.04 -34.88
C THR B 457 1.68 7.30 -35.93
N ALA B 458 1.87 6.00 -35.70
CA ALA B 458 2.63 5.13 -36.59
C ALA B 458 1.81 4.64 -37.78
N ARG B 459 0.68 5.26 -38.06
CA ARG B 459 -0.17 4.89 -39.18
C ARG B 459 0.01 5.85 -40.34
N GLY B 460 -0.47 5.44 -41.51
CA GLY B 460 -0.20 6.18 -42.73
C GLY B 460 -0.83 7.55 -42.75
N GLY B 461 -0.25 8.42 -43.57
CA GLY B 461 -0.75 9.78 -43.69
C GLY B 461 -0.65 10.34 -45.10
N SER B 462 -0.48 9.47 -46.09
CA SER B 462 -0.33 9.88 -47.49
C SER B 462 0.85 10.86 -47.65
N GLY B 463 1.99 10.44 -47.11
CA GLY B 463 3.16 11.30 -47.10
C GLY B 463 3.67 11.64 -48.49
N ALA B 464 3.48 10.74 -49.45
CA ALA B 464 3.99 10.98 -50.79
C ALA B 464 3.38 12.24 -51.40
N ALA B 465 2.04 12.34 -51.35
CA ALA B 465 1.37 13.50 -51.91
C ALA B 465 1.84 14.77 -51.23
N LEU B 466 2.03 14.72 -49.91
CA LEU B 466 2.70 15.80 -49.20
C LEU B 466 4.03 16.15 -49.84
N ARG B 467 4.80 15.13 -50.22
CA ARG B 467 6.13 15.38 -50.77
C ARG B 467 6.07 16.13 -52.08
N GLU B 468 5.24 15.68 -53.03
CA GLU B 468 5.24 16.45 -54.28
C GLU B 468 4.51 17.78 -54.11
N SER B 469 3.58 17.88 -53.17
CA SER B 469 2.95 19.17 -52.90
C SER B 469 3.99 20.18 -52.42
N LEU B 470 4.90 19.75 -51.56
CA LEU B 470 5.96 20.64 -51.11
C LEU B 470 6.96 20.92 -52.22
N TYR B 471 7.28 19.90 -53.03
CA TYR B 471 8.18 20.12 -54.15
C TYR B 471 7.61 21.10 -55.16
N ALA B 472 6.28 21.21 -55.20
CA ALA B 472 5.63 22.13 -56.12
C ALA B 472 6.01 23.59 -55.88
N ILE B 473 6.53 23.91 -54.70
CA ILE B 473 6.98 25.26 -54.40
C ILE B 473 8.47 25.30 -54.07
N ASN B 474 9.22 24.28 -54.52
CA ASN B 474 10.68 24.24 -54.38
C ASN B 474 11.11 24.29 -52.91
N VAL B 475 10.66 23.28 -52.16
CA VAL B 475 11.10 23.08 -50.79
C VAL B 475 11.52 21.63 -50.65
N SER B 476 12.75 21.40 -50.18
CA SER B 476 13.30 20.07 -50.07
C SER B 476 13.33 19.65 -48.61
N LEU B 477 12.79 18.47 -48.34
CA LEU B 477 12.75 17.93 -46.99
C LEU B 477 13.92 17.00 -46.76
N PRO B 478 14.38 16.87 -45.51
CA PRO B 478 15.41 15.87 -45.22
C PRO B 478 14.91 14.47 -45.57
N ASP B 479 15.82 13.67 -46.11
CA ASP B 479 15.47 12.34 -46.60
C ASP B 479 15.60 11.24 -45.55
N PHE B 480 16.50 11.41 -44.59
CA PHE B 480 16.82 10.38 -43.60
C PHE B 480 17.15 9.06 -44.30
N LYS B 481 18.14 9.13 -45.17
CA LYS B 481 18.56 7.96 -45.93
C LYS B 481 19.14 6.91 -45.00
N GLY B 482 18.81 5.64 -45.28
CA GLY B 482 19.34 4.54 -44.50
C GLY B 482 18.61 4.23 -43.22
N LEU B 483 17.50 4.91 -42.93
CA LEU B 483 16.75 4.64 -41.72
C LEU B 483 15.93 3.37 -41.89
N PRO B 484 16.08 2.38 -41.02
CA PRO B 484 15.27 1.16 -41.14
C PRO B 484 13.85 1.35 -40.66
N VAL B 485 13.18 2.42 -41.11
CA VAL B 485 11.81 2.71 -40.74
C VAL B 485 11.03 3.04 -42.00
N LYS B 486 9.71 2.97 -41.89
CA LYS B 486 8.85 3.30 -43.03
C LYS B 486 8.78 4.81 -43.21
N ALA B 487 8.98 5.27 -44.43
CA ALA B 487 8.74 6.67 -44.74
C ALA B 487 7.25 6.98 -44.83
N ALA B 488 6.40 5.96 -44.97
CA ALA B 488 4.96 6.16 -45.13
C ALA B 488 4.26 6.09 -43.78
N THR B 489 4.74 6.90 -42.84
CA THR B 489 4.12 7.04 -41.54
C THR B 489 4.03 8.51 -41.19
N LYS B 490 3.04 8.87 -40.38
CA LYS B 490 2.90 10.25 -39.96
C LYS B 490 4.02 10.69 -39.02
N ILE B 491 4.65 9.74 -38.32
CA ILE B 491 5.86 10.08 -37.56
C ILE B 491 6.96 10.55 -38.49
N PHE B 492 7.13 9.86 -39.62
CA PHE B 492 8.09 10.29 -40.62
C PHE B 492 7.74 11.67 -41.15
N GLN B 493 6.46 11.93 -41.39
CA GLN B 493 6.04 13.25 -41.86
C GLN B 493 6.38 14.32 -40.84
N ALA B 494 6.11 14.07 -39.57
CA ALA B 494 6.43 15.03 -38.52
C ALA B 494 7.92 15.27 -38.44
N ALA B 495 8.72 14.21 -38.55
CA ALA B 495 10.16 14.37 -38.54
C ALA B 495 10.63 15.24 -39.70
N GLN B 496 10.05 15.02 -40.88
CA GLN B 496 10.43 15.85 -42.02
C GLN B 496 9.89 17.27 -41.90
N LEU B 497 8.83 17.46 -41.13
CA LEU B 497 8.23 18.77 -40.94
C LEU B 497 8.65 19.42 -39.63
N ALA B 498 9.81 19.04 -39.09
CA ALA B 498 10.15 19.45 -37.73
C ALA B 498 10.38 20.95 -37.63
N ASN B 499 11.19 21.51 -38.52
CA ASN B 499 11.62 22.90 -38.36
C ASN B 499 11.23 23.76 -39.55
N LEU B 500 9.99 23.65 -39.98
CA LEU B 500 9.58 24.49 -41.09
C LEU B 500 8.57 25.54 -40.63
N PRO B 501 8.65 26.75 -41.17
CA PRO B 501 7.64 27.76 -40.85
C PRO B 501 6.28 27.36 -41.39
N PHE B 502 5.23 27.84 -40.72
CA PHE B 502 3.88 27.53 -41.16
C PHE B 502 3.60 28.09 -42.55
N SER B 503 4.16 29.27 -42.86
CA SER B 503 3.97 29.84 -44.18
C SER B 503 4.47 28.93 -45.29
N HIS B 504 5.56 28.19 -45.03
CA HIS B 504 6.09 27.25 -46.01
C HIS B 504 5.19 26.04 -46.18
N THR B 505 4.61 25.56 -45.08
CA THR B 505 3.76 24.38 -45.12
C THR B 505 2.29 24.72 -45.36
N SER B 506 1.96 25.98 -45.62
CA SER B 506 0.57 26.36 -45.81
C SER B 506 -0.07 25.63 -46.98
N VAL B 507 0.66 25.50 -48.09
CA VAL B 507 0.10 24.87 -49.28
C VAL B 507 -0.15 23.38 -49.07
N ALA B 508 0.49 22.77 -48.07
CA ALA B 508 0.40 21.33 -47.88
C ALA B 508 -1.00 20.85 -47.54
N ILE B 509 -1.87 21.72 -47.03
CA ILE B 509 -3.21 21.29 -46.68
C ILE B 509 -4.01 20.95 -47.94
N LEU B 510 -3.79 21.68 -49.03
CA LEU B 510 -4.49 21.44 -50.28
C LEU B 510 -3.93 20.26 -51.07
N ALA B 511 -3.10 19.43 -50.45
CA ALA B 511 -2.53 18.30 -51.14
C ALA B 511 -3.60 17.23 -51.38
N ASP B 512 -3.18 16.13 -51.98
CA ASP B 512 -4.10 15.05 -52.29
C ASP B 512 -4.35 14.18 -51.05
N THR B 513 -5.08 13.09 -51.26
CA THR B 513 -5.34 12.12 -50.21
C THR B 513 -5.23 10.72 -50.79
N SER B 514 -4.56 9.84 -50.06
CA SER B 514 -4.35 8.47 -50.52
C SER B 514 -5.61 7.64 -50.25
N MET B 515 -5.49 6.32 -50.37
CA MET B 515 -6.61 5.41 -50.28
C MET B 515 -6.50 4.54 -49.05
N GLY B 516 -7.63 3.99 -48.64
CA GLY B 516 -7.69 3.08 -47.51
C GLY B 516 -9.07 2.49 -47.35
N LEU B 517 -9.16 1.18 -47.16
CA LEU B 517 -10.43 0.49 -47.13
C LEU B 517 -10.51 -0.43 -45.93
N ARG B 518 -11.74 -0.70 -45.50
CA ARG B 518 -12.02 -1.67 -44.46
C ARG B 518 -13.27 -2.43 -44.85
N ASN B 519 -13.24 -3.74 -44.67
CA ASN B 519 -14.41 -4.58 -44.92
C ASN B 519 -15.13 -4.87 -43.62
N GLN B 520 -16.45 -5.00 -43.71
CA GLN B 520 -17.28 -5.24 -42.54
C GLN B 520 -18.17 -6.44 -42.80
N VAL B 521 -18.84 -6.90 -41.76
CA VAL B 521 -19.78 -8.01 -41.85
C VAL B 521 -21.17 -7.44 -42.09
N GLN B 522 -21.85 -7.99 -43.09
CA GLN B 522 -23.21 -7.56 -43.44
C GLN B 522 -23.28 -6.08 -43.75
N ARG B 523 -22.22 -5.53 -44.32
CA ARG B 523 -22.15 -4.10 -44.59
C ARG B 523 -21.17 -3.87 -45.72
N ARG B 524 -21.45 -2.88 -46.56
CA ARG B 524 -20.58 -2.59 -47.68
C ARG B 524 -19.22 -2.11 -47.17
N PRO B 525 -18.15 -2.38 -47.92
CA PRO B 525 -16.82 -1.97 -47.48
C PRO B 525 -16.76 -0.45 -47.30
N ARG B 526 -16.01 -0.03 -46.29
CA ARG B 526 -15.92 1.37 -45.94
C ARG B 526 -14.60 1.96 -46.39
N SER B 527 -14.66 3.17 -46.93
CA SER B 527 -13.49 3.89 -47.42
C SER B 527 -13.07 4.94 -46.40
N ILE B 528 -11.79 5.31 -46.46
CA ILE B 528 -11.19 6.20 -45.48
C ILE B 528 -10.30 7.20 -46.20
N MET B 529 -10.30 8.44 -45.69
CA MET B 529 -9.40 9.46 -46.20
C MET B 529 -8.36 9.78 -45.13
N PRO B 530 -7.12 9.28 -45.25
CA PRO B 530 -6.13 9.52 -44.21
C PRO B 530 -5.44 10.87 -44.34
N LEU B 531 -6.02 11.90 -43.74
CA LEU B 531 -5.47 13.26 -43.81
C LEU B 531 -4.02 13.32 -43.33
N ASN B 532 -3.24 14.25 -43.88
CA ASN B 532 -1.84 14.37 -43.53
C ASN B 532 -1.67 15.27 -42.30
N VAL B 533 -0.41 15.48 -41.91
CA VAL B 533 -0.14 16.18 -40.65
C VAL B 533 -0.64 17.62 -40.65
N PRO B 534 -0.33 18.46 -41.64
CA PRO B 534 -0.83 19.84 -41.56
C PRO B 534 -2.33 19.94 -41.55
N GLN B 535 -3.01 19.05 -42.26
CA GLN B 535 -4.48 19.03 -42.23
C GLN B 535 -4.99 18.72 -40.83
N GLN B 536 -4.39 17.71 -40.18
CA GLN B 536 -4.77 17.41 -38.81
C GLN B 536 -4.50 18.59 -37.89
N GLN B 537 -3.38 19.28 -38.10
CA GLN B 537 -3.04 20.43 -37.27
C GLN B 537 -4.07 21.54 -37.43
N VAL B 538 -4.47 21.84 -38.66
CA VAL B 538 -5.41 22.94 -38.89
C VAL B 538 -6.85 22.54 -38.60
N SER B 539 -7.14 21.26 -38.42
CA SER B 539 -8.49 20.83 -38.09
C SER B 539 -8.79 20.90 -36.59
N ALA B 540 -7.89 21.44 -35.78
CA ALA B 540 -8.06 21.39 -34.34
C ALA B 540 -9.30 22.12 -33.83
N PRO B 541 -9.53 23.40 -34.15
CA PRO B 541 -10.65 24.11 -33.48
C PRO B 541 -11.99 23.45 -33.69
N HIS B 542 -12.20 22.87 -34.86
CA HIS B 542 -13.40 22.09 -35.12
C HIS B 542 -13.55 20.99 -34.08
N THR B 543 -12.48 20.22 -33.87
CA THR B 543 -12.52 19.12 -32.92
C THR B 543 -12.77 19.63 -31.51
N LEU B 544 -12.10 20.71 -31.12
CA LEU B 544 -12.27 21.22 -29.76
C LEU B 544 -13.71 21.67 -29.52
N THR B 545 -14.29 22.39 -30.48
CA THR B 545 -15.66 22.87 -30.30
C THR B 545 -16.64 21.70 -30.23
N ALA B 546 -16.45 20.70 -31.10
CA ALA B 546 -17.33 19.54 -31.06
C ALA B 546 -17.18 18.80 -29.73
N ASP B 547 -15.95 18.70 -29.22
CA ASP B 547 -15.73 18.05 -27.93
C ASP B 547 -16.46 18.80 -26.83
N TYR B 548 -16.40 20.14 -26.86
CA TYR B 548 -17.09 20.92 -25.84
C TYR B 548 -18.58 20.68 -25.90
N ILE B 549 -19.16 20.70 -27.09
CA ILE B 549 -20.60 20.48 -27.23
C ILE B 549 -20.96 19.12 -26.68
N ASN B 550 -20.25 18.07 -27.10
CA ASN B 550 -20.58 16.72 -26.67
C ASN B 550 -20.40 16.55 -25.18
N TYR B 551 -19.41 17.25 -24.61
CA TYR B 551 -19.12 17.09 -23.19
C TYR B 551 -20.16 17.81 -22.33
N HIS B 552 -20.70 18.93 -22.80
CA HIS B 552 -21.49 19.79 -21.93
C HIS B 552 -22.94 19.95 -22.38
N MET B 553 -23.19 20.37 -23.62
CA MET B 553 -24.52 20.77 -24.07
C MET B 553 -25.44 19.62 -24.47
N ASN B 554 -25.01 18.37 -24.40
CA ASN B 554 -25.90 17.30 -24.83
C ASN B 554 -25.58 16.01 -24.09
N LEU B 555 -26.34 14.98 -24.43
CA LEU B 555 -26.14 13.62 -23.93
C LEU B 555 -25.44 12.84 -25.02
N SER B 556 -24.19 12.45 -24.79
CA SER B 556 -23.41 11.75 -25.79
C SER B 556 -22.36 10.88 -25.11
N THR B 557 -22.23 9.65 -25.58
CA THR B 557 -21.26 8.72 -25.03
C THR B 557 -19.96 8.76 -25.82
N THR B 558 -18.92 8.12 -25.25
CA THR B 558 -17.63 8.00 -25.90
C THR B 558 -17.12 6.56 -25.89
N SER B 559 -18.01 5.59 -25.66
CA SER B 559 -17.61 4.20 -25.51
C SER B 559 -17.22 3.60 -26.85
N GLY B 560 -16.38 2.57 -26.79
CA GLY B 560 -15.95 1.85 -27.96
C GLY B 560 -16.91 0.72 -28.33
N SER B 561 -16.47 -0.10 -29.31
CA SER B 561 -17.30 -1.18 -29.80
C SER B 561 -17.15 -2.46 -28.99
N ALA B 562 -16.28 -2.49 -27.99
CA ALA B 562 -16.31 -3.58 -27.03
C ALA B 562 -17.63 -3.54 -26.27
N VAL B 563 -18.27 -4.70 -26.13
CA VAL B 563 -19.60 -4.76 -25.54
C VAL B 563 -19.58 -4.29 -24.08
N ILE B 564 -18.43 -4.44 -23.42
CA ILE B 564 -18.37 -4.18 -21.98
C ILE B 564 -18.51 -2.70 -21.68
N GLU B 565 -17.91 -1.84 -22.51
CA GLU B 565 -17.79 -0.44 -22.15
C GLU B 565 -19.00 0.41 -22.51
N LYS B 566 -20.01 -0.18 -23.15
CA LYS B 566 -21.17 0.61 -23.58
C LYS B 566 -22.11 0.82 -22.40
N VAL B 567 -23.21 1.53 -22.65
CA VAL B 567 -24.24 1.76 -21.64
C VAL B 567 -25.34 0.73 -21.86
N ILE B 568 -25.16 -0.43 -21.24
CA ILE B 568 -26.26 -1.40 -21.14
C ILE B 568 -27.45 -0.82 -20.39
N PRO B 569 -27.28 -0.10 -19.27
CA PRO B 569 -28.48 0.42 -18.56
C PRO B 569 -29.37 1.26 -19.44
N LEU B 570 -28.81 2.08 -20.32
CA LEU B 570 -29.65 2.89 -21.20
C LEU B 570 -30.57 2.02 -22.03
N GLY B 571 -30.01 1.01 -22.69
CA GLY B 571 -30.83 0.16 -23.55
C GLY B 571 -31.85 -0.63 -22.76
N VAL B 572 -31.45 -1.21 -21.64
CA VAL B 572 -32.38 -2.03 -20.87
C VAL B 572 -33.51 -1.17 -20.32
N TYR B 573 -33.21 0.07 -19.94
CA TYR B 573 -34.27 0.96 -19.48
C TYR B 573 -35.19 1.36 -20.61
N ALA B 574 -34.62 1.66 -21.79
CA ALA B 574 -35.44 2.13 -22.90
C ALA B 574 -36.36 1.04 -23.43
N SER B 575 -35.91 -0.21 -23.48
CA SER B 575 -36.75 -1.27 -24.02
C SER B 575 -37.86 -1.68 -23.09
N SER B 576 -37.69 -1.50 -21.79
CA SER B 576 -38.66 -1.99 -20.82
C SER B 576 -39.96 -1.19 -20.91
N PRO B 577 -41.12 -1.86 -20.98
CA PRO B 577 -42.37 -1.12 -20.95
C PRO B 577 -42.57 -0.48 -19.59
N PRO B 578 -43.33 0.62 -19.51
CA PRO B 578 -44.10 1.20 -20.61
C PRO B 578 -43.30 2.19 -21.44
N ASN B 579 -42.00 2.27 -21.20
CA ASN B 579 -41.15 3.10 -22.05
C ASN B 579 -41.11 2.54 -23.46
N GLN B 580 -40.96 3.44 -24.42
CA GLN B 580 -40.85 3.06 -25.82
C GLN B 580 -39.65 3.77 -26.44
N SER B 581 -39.03 3.11 -27.40
CA SER B 581 -37.79 3.60 -27.99
C SER B 581 -37.97 3.81 -29.48
N ILE B 582 -37.28 4.82 -30.00
CA ILE B 582 -37.25 5.13 -31.41
C ILE B 582 -35.80 5.07 -31.87
N ASN B 583 -35.54 4.27 -32.90
CA ASN B 583 -34.19 4.09 -33.42
C ASN B 583 -34.01 4.99 -34.62
N ILE B 584 -33.06 5.92 -34.55
CA ILE B 584 -32.83 6.91 -35.59
C ILE B 584 -31.40 6.78 -36.08
N ASP B 585 -31.24 6.63 -37.39
CA ASP B 585 -29.93 6.57 -38.02
C ASP B 585 -29.91 7.48 -39.24
N ILE B 586 -28.73 7.99 -39.56
CA ILE B 586 -28.54 8.87 -40.70
C ILE B 586 -27.82 8.08 -41.79
N SER B 587 -28.49 7.88 -42.92
CA SER B 587 -27.93 7.14 -44.03
C SER B 587 -26.88 7.99 -44.74
N ALA B 588 -25.71 7.42 -44.98
CA ALA B 588 -24.62 8.11 -45.66
C ALA B 588 -24.32 9.45 -44.99
N CYS B 589 -24.04 9.37 -43.68
CA CYS B 589 -23.93 10.59 -42.89
C CYS B 589 -22.78 11.46 -43.37
N ASP B 590 -21.64 10.85 -43.68
CA ASP B 590 -20.48 11.63 -44.12
C ASP B 590 -20.77 12.35 -45.43
N ALA B 591 -21.49 11.70 -46.33
CA ALA B 591 -21.79 12.32 -47.62
C ALA B 591 -22.84 13.42 -47.53
N SER B 592 -23.47 13.59 -46.37
CA SER B 592 -24.58 14.52 -46.22
C SER B 592 -24.17 15.84 -45.57
N ILE B 593 -22.88 16.05 -45.32
CA ILE B 593 -22.44 17.27 -44.66
C ILE B 593 -21.46 18.01 -45.55
N THR B 594 -21.95 19.03 -46.25
CA THR B 594 -21.15 19.76 -47.22
C THR B 594 -21.22 21.25 -46.94
N TRP B 595 -20.56 22.02 -47.80
CA TRP B 595 -20.48 23.46 -47.61
C TRP B 595 -21.83 24.13 -47.80
N ASP B 596 -22.75 23.49 -48.52
CA ASP B 596 -23.99 24.14 -48.90
C ASP B 596 -24.79 24.60 -47.70
N PHE B 597 -24.94 23.73 -46.71
CA PHE B 597 -25.77 24.04 -45.55
C PHE B 597 -24.98 24.08 -44.25
N PHE B 598 -24.20 23.03 -43.98
CA PHE B 598 -23.57 22.92 -42.67
C PHE B 598 -22.27 23.73 -42.61
N LEU B 599 -21.29 23.36 -43.44
CA LEU B 599 -19.94 23.87 -43.23
C LEU B 599 -19.90 25.39 -43.28
N SER B 600 -20.64 25.98 -44.23
CA SER B 600 -20.65 27.43 -44.35
C SER B 600 -21.17 28.11 -43.09
N VAL B 601 -21.94 27.40 -42.28
CA VAL B 601 -22.45 27.97 -41.04
C VAL B 601 -21.53 27.67 -39.87
N ILE B 602 -21.12 26.42 -39.71
CA ILE B 602 -20.25 26.06 -38.59
C ILE B 602 -18.92 26.80 -38.65
N MET B 603 -18.32 26.89 -39.83
CA MET B 603 -17.04 27.59 -39.94
C MET B 603 -17.18 29.06 -39.55
N ALA B 604 -18.23 29.72 -40.04
CA ALA B 604 -18.43 31.12 -39.69
C ALA B 604 -18.66 31.28 -38.19
N ALA B 605 -19.48 30.40 -37.61
CA ALA B 605 -19.77 30.51 -36.18
C ALA B 605 -18.51 30.32 -35.35
N ILE B 606 -17.70 29.31 -35.67
CA ILE B 606 -16.48 29.08 -34.92
C ILE B 606 -15.53 30.25 -35.07
N HIS B 607 -15.38 30.76 -36.30
CA HIS B 607 -14.45 31.87 -36.50
C HIS B 607 -14.88 33.09 -35.72
N GLU B 608 -16.18 33.35 -35.63
CA GLU B 608 -16.64 34.55 -34.94
C GLU B 608 -16.61 34.36 -33.42
N GLY B 609 -16.91 33.17 -32.93
CA GLY B 609 -17.02 32.97 -31.49
C GLY B 609 -15.71 32.70 -30.79
N VAL B 610 -14.60 33.10 -31.41
CA VAL B 610 -13.29 32.87 -30.83
C VAL B 610 -12.44 34.14 -30.77
N ALA B 611 -12.78 35.18 -31.54
CA ALA B 611 -11.91 36.36 -31.65
C ALA B 611 -11.68 37.02 -30.30
N SER B 612 -12.72 37.12 -29.48
CA SER B 612 -12.60 37.86 -28.22
C SER B 612 -11.61 37.20 -27.28
N SER B 613 -11.87 35.96 -26.89
CA SER B 613 -11.06 35.28 -25.89
C SER B 613 -9.68 34.87 -26.40
N SER B 614 -9.31 35.25 -27.63
CA SER B 614 -8.09 34.72 -28.21
C SER B 614 -7.30 35.72 -29.05
N ILE B 615 -7.59 37.02 -28.93
CA ILE B 615 -7.03 37.98 -29.87
C ILE B 615 -5.51 38.02 -29.76
N GLY B 616 -4.85 37.99 -30.91
CA GLY B 616 -3.41 38.16 -30.99
C GLY B 616 -2.58 37.11 -30.29
N LYS B 617 -2.90 35.84 -30.49
CA LYS B 617 -2.12 34.79 -29.86
C LYS B 617 -1.88 33.66 -30.86
N PRO B 618 -0.69 33.07 -30.89
CA PRO B 618 -0.46 31.92 -31.75
C PRO B 618 -1.03 30.66 -31.11
N PHE B 619 -1.02 29.57 -31.86
CA PHE B 619 -1.65 28.35 -31.40
C PHE B 619 -1.14 27.18 -32.23
N MET B 620 -0.72 26.11 -31.56
CA MET B 620 -0.38 24.84 -32.20
C MET B 620 0.75 25.02 -33.21
N GLY B 621 1.48 26.12 -33.05
CA GLY B 621 2.50 26.51 -34.01
C GLY B 621 1.98 27.47 -35.05
N VAL B 622 0.67 27.54 -35.21
CA VAL B 622 0.07 28.43 -36.20
C VAL B 622 0.03 29.86 -35.65
N PRO B 623 0.57 30.83 -36.38
CA PRO B 623 0.62 32.20 -35.89
C PRO B 623 -0.61 33.01 -36.32
N ALA B 624 -0.65 34.25 -35.84
CA ALA B 624 -1.67 35.20 -36.22
C ALA B 624 -1.39 35.74 -37.63
N SER B 625 -2.40 36.38 -38.20
CA SER B 625 -2.29 36.90 -39.56
C SER B 625 -3.30 38.02 -39.75
N ILE B 626 -3.35 38.58 -40.95
CA ILE B 626 -4.22 39.70 -41.30
C ILE B 626 -5.07 39.29 -42.50
N VAL B 627 -6.35 39.63 -42.46
CA VAL B 627 -7.27 39.26 -43.51
C VAL B 627 -8.07 40.48 -43.94
N ASN B 628 -8.65 40.40 -45.14
CA ASN B 628 -9.50 41.47 -45.64
C ASN B 628 -10.87 41.39 -44.96
N ASP B 629 -11.50 42.55 -44.80
CA ASP B 629 -12.79 42.67 -44.13
C ASP B 629 -13.78 43.30 -45.10
N GLU B 630 -14.96 42.69 -45.23
CA GLU B 630 -15.97 43.23 -46.14
C GLU B 630 -17.38 43.05 -45.58
N SER B 631 -17.49 42.68 -44.30
CA SER B 631 -18.81 42.40 -43.73
C SER B 631 -19.75 43.57 -43.88
N VAL B 632 -19.32 44.76 -43.46
CA VAL B 632 -20.16 45.94 -43.57
C VAL B 632 -20.16 46.40 -45.02
N VAL B 633 -21.27 47.01 -45.45
CA VAL B 633 -21.36 47.47 -46.82
C VAL B 633 -20.46 48.68 -47.03
N GLY B 634 -19.93 48.80 -48.23
CA GLY B 634 -19.06 49.92 -48.58
C GLY B 634 -17.65 49.86 -48.02
N VAL B 635 -17.52 49.72 -46.70
CA VAL B 635 -16.21 49.72 -46.07
C VAL B 635 -15.54 48.37 -46.27
N ARG B 636 -14.34 48.38 -46.84
CA ARG B 636 -13.53 47.18 -47.02
C ARG B 636 -12.18 47.43 -46.36
N ALA B 637 -11.93 46.73 -45.25
CA ALA B 637 -10.73 46.98 -44.47
C ALA B 637 -9.95 45.70 -44.20
N ALA B 638 -8.90 45.79 -43.41
CA ALA B 638 -8.10 44.64 -43.00
C ALA B 638 -8.37 44.33 -41.54
N ARG B 639 -8.12 43.08 -41.16
CA ARG B 639 -8.43 42.68 -39.80
C ARG B 639 -7.47 41.62 -39.28
N PRO B 640 -6.82 41.85 -38.15
CA PRO B 640 -6.02 40.81 -37.53
C PRO B 640 -6.88 39.66 -37.04
N ILE B 641 -6.32 38.47 -37.08
CA ILE B 641 -7.00 37.27 -36.60
C ILE B 641 -6.03 36.46 -35.75
N SER B 642 -6.58 35.61 -34.89
CA SER B 642 -5.77 34.76 -34.04
C SER B 642 -5.30 33.53 -34.81
N GLY B 643 -4.53 32.68 -34.13
CA GLY B 643 -4.08 31.44 -34.74
C GLY B 643 -5.23 30.52 -35.11
N MET B 644 -6.20 30.39 -34.19
CA MET B 644 -7.37 29.58 -34.50
C MET B 644 -8.10 30.11 -35.72
N GLN B 645 -8.22 31.44 -35.84
CA GLN B 645 -8.90 32.00 -36.99
C GLN B 645 -8.10 31.78 -38.28
N ASN B 646 -6.77 31.78 -38.20
CA ASN B 646 -5.97 31.41 -39.36
C ASN B 646 -6.26 29.98 -39.79
N MET B 647 -6.29 29.06 -38.82
CA MET B 647 -6.62 27.67 -39.14
C MET B 647 -8.01 27.59 -39.75
N ILE B 648 -8.96 28.36 -39.22
CA ILE B 648 -10.31 28.35 -39.75
C ILE B 648 -10.33 28.85 -41.19
N GLN B 649 -9.58 29.91 -41.50
CA GLN B 649 -9.54 30.41 -42.86
C GLN B 649 -9.01 29.34 -43.82
N HIS B 650 -7.89 28.72 -43.45
CA HIS B 650 -7.32 27.70 -44.32
C HIS B 650 -8.26 26.50 -44.48
N LEU B 651 -8.87 26.07 -43.37
CA LEU B 651 -9.76 24.93 -43.43
C LEU B 651 -11.02 25.25 -44.23
N SER B 652 -11.47 26.51 -44.17
CA SER B 652 -12.59 26.93 -45.00
C SER B 652 -12.22 26.89 -46.48
N LYS B 653 -11.02 27.33 -46.82
CA LYS B 653 -10.54 27.17 -48.19
C LYS B 653 -10.64 25.71 -48.62
N LEU B 654 -10.10 24.81 -47.80
CA LEU B 654 -10.09 23.40 -48.14
C LEU B 654 -11.51 22.86 -48.30
N TYR B 655 -12.41 23.23 -47.38
CA TYR B 655 -13.77 22.74 -47.45
C TYR B 655 -14.49 23.25 -48.69
N LYS B 656 -14.28 24.51 -49.04
CA LYS B 656 -14.93 25.05 -50.23
C LYS B 656 -14.44 24.35 -51.48
N ARG B 657 -13.14 24.06 -51.56
CA ARG B 657 -12.62 23.44 -52.78
C ARG B 657 -13.16 22.03 -52.97
N GLY B 658 -13.16 21.22 -51.91
CA GLY B 658 -13.52 19.82 -51.99
C GLY B 658 -12.40 18.93 -51.47
N PHE B 659 -12.27 17.76 -52.10
CA PHE B 659 -11.24 16.82 -51.69
C PHE B 659 -10.66 16.12 -52.92
N SER B 660 -9.39 15.76 -52.85
CA SER B 660 -8.68 15.15 -53.96
C SER B 660 -8.24 13.75 -53.54
N TYR B 661 -9.04 12.76 -53.89
CA TYR B 661 -8.75 11.38 -53.52
C TYR B 661 -7.87 10.73 -54.59
N ARG B 662 -6.84 10.03 -54.15
CA ARG B 662 -5.94 9.29 -55.04
C ARG B 662 -6.24 7.80 -54.89
N VAL B 663 -6.39 7.11 -56.02
CA VAL B 663 -6.77 5.71 -56.03
C VAL B 663 -5.72 4.93 -56.81
N ASN B 664 -5.37 3.75 -56.30
CA ASN B 664 -4.46 2.82 -56.95
C ASN B 664 -5.04 1.43 -56.76
N ASP B 665 -5.88 0.99 -57.68
CA ASP B 665 -6.57 -0.29 -57.53
C ASP B 665 -5.60 -1.42 -57.82
N SER B 666 -5.18 -2.13 -56.78
CA SER B 666 -4.23 -3.22 -56.92
C SER B 666 -4.82 -4.43 -57.63
N PHE B 667 -6.14 -4.59 -57.59
CA PHE B 667 -6.81 -5.71 -58.24
C PHE B 667 -7.15 -5.41 -59.69
N SER B 668 -6.82 -4.22 -60.19
CA SER B 668 -7.16 -3.86 -61.55
C SER B 668 -6.00 -3.14 -62.21
N PRO B 669 -5.33 -3.78 -63.17
CA PRO B 669 -4.22 -3.11 -63.88
C PRO B 669 -4.77 -1.99 -64.75
N GLY B 670 -4.19 -0.81 -64.61
CA GLY B 670 -4.63 0.34 -65.36
C GLY B 670 -5.80 1.09 -64.77
N ASN B 671 -6.16 0.81 -63.53
CA ASN B 671 -7.24 1.52 -62.84
C ASN B 671 -6.61 2.35 -61.72
N ASP B 672 -6.23 3.59 -62.08
CA ASP B 672 -5.73 4.55 -61.11
C ASP B 672 -5.96 5.96 -61.66
N PHE B 673 -6.38 6.86 -60.77
CA PHE B 673 -6.81 8.19 -61.18
C PHE B 673 -6.94 9.05 -59.94
N THR B 674 -7.50 10.25 -60.11
CA THR B 674 -7.79 11.17 -59.04
C THR B 674 -9.26 11.56 -59.13
N HIS B 675 -9.96 11.48 -58.01
CA HIS B 675 -11.40 11.72 -57.96
C HIS B 675 -11.67 12.95 -57.10
N MET B 676 -12.38 13.92 -57.67
CA MET B 676 -12.79 15.11 -56.95
C MET B 676 -14.10 14.82 -56.25
N THR B 677 -14.15 15.06 -54.94
CA THR B 677 -15.34 14.76 -54.16
C THR B 677 -15.53 15.81 -53.08
N THR B 678 -16.77 15.91 -52.60
CA THR B 678 -17.13 16.81 -51.52
C THR B 678 -17.50 16.07 -50.24
N THR B 679 -17.37 14.74 -50.23
CA THR B 679 -17.73 13.97 -49.06
C THR B 679 -16.80 14.31 -47.90
N PHE B 680 -17.37 14.42 -46.71
CA PHE B 680 -16.58 14.71 -45.53
C PHE B 680 -15.63 13.55 -45.24
N PRO B 681 -14.38 13.83 -44.85
CA PRO B 681 -13.43 12.75 -44.61
C PRO B 681 -13.84 11.89 -43.43
N SER B 682 -13.50 10.61 -43.50
CA SER B 682 -13.74 9.69 -42.39
C SER B 682 -12.51 9.49 -41.51
N GLY B 683 -11.32 9.73 -42.05
CA GLY B 683 -10.10 9.49 -41.32
C GLY B 683 -9.63 10.59 -40.41
N SER B 684 -10.30 11.74 -40.41
CA SER B 684 -9.88 12.85 -39.57
C SER B 684 -10.32 12.62 -38.13
N THR B 685 -9.73 13.39 -37.22
CA THR B 685 -10.03 13.27 -35.80
C THR B 685 -11.36 13.92 -35.42
N ALA B 686 -11.91 14.77 -36.29
CA ALA B 686 -13.12 15.51 -35.97
C ALA B 686 -14.39 14.84 -36.46
N THR B 687 -14.30 13.65 -37.03
CA THR B 687 -15.48 13.03 -37.65
C THR B 687 -16.57 12.75 -36.61
N SER B 688 -16.30 11.85 -35.67
CA SER B 688 -17.34 11.35 -34.79
C SER B 688 -17.92 12.46 -33.92
N THR B 689 -17.04 13.31 -33.37
CA THR B 689 -17.51 14.36 -32.48
C THR B 689 -18.38 15.37 -33.21
N GLU B 690 -17.95 15.79 -34.40
CA GLU B 690 -18.76 16.69 -35.20
C GLU B 690 -20.10 16.08 -35.58
N HIS B 691 -20.09 14.81 -35.98
CA HIS B 691 -21.34 14.17 -36.35
C HIS B 691 -22.29 14.11 -35.17
N THR B 692 -21.77 13.78 -33.98
CA THR B 692 -22.61 13.74 -32.79
C THR B 692 -23.16 15.12 -32.46
N ALA B 693 -22.32 16.15 -32.55
CA ALA B 693 -22.76 17.49 -32.22
C ALA B 693 -23.88 17.95 -33.14
N ASN B 694 -23.70 17.74 -34.44
CA ASN B 694 -24.75 18.14 -35.38
C ASN B 694 -26.01 17.31 -35.19
N ASN B 695 -25.87 16.02 -34.90
CA ASN B 695 -27.02 15.18 -34.61
C ASN B 695 -27.85 15.78 -33.48
N SER B 696 -27.19 16.06 -32.36
CA SER B 696 -27.90 16.60 -31.20
C SER B 696 -28.52 17.95 -31.51
N THR B 697 -27.77 18.82 -32.19
CA THR B 697 -28.28 20.16 -32.47
C THR B 697 -29.51 20.11 -33.36
N MET B 698 -29.47 19.30 -34.42
CA MET B 698 -30.63 19.21 -35.32
C MET B 698 -31.82 18.59 -34.61
N MET B 699 -31.59 17.57 -33.78
CA MET B 699 -32.71 16.99 -33.05
C MET B 699 -33.36 18.01 -32.12
N GLU B 700 -32.54 18.78 -31.41
CA GLU B 700 -33.08 19.80 -30.52
C GLU B 700 -33.84 20.86 -31.30
N THR B 701 -33.30 21.27 -32.45
CA THR B 701 -33.97 22.26 -33.26
C THR B 701 -35.33 21.76 -33.72
N PHE B 702 -35.40 20.50 -34.13
CA PHE B 702 -36.70 19.94 -34.51
C PHE B 702 -37.66 19.96 -33.33
N LEU B 703 -37.20 19.47 -32.17
CA LEU B 703 -38.09 19.36 -31.02
C LEU B 703 -38.55 20.72 -30.54
N THR B 704 -37.78 21.78 -30.81
CA THR B 704 -38.10 23.08 -30.25
C THR B 704 -38.82 24.00 -31.20
N VAL B 705 -38.41 24.09 -32.47
CA VAL B 705 -38.92 25.14 -33.35
C VAL B 705 -39.67 24.57 -34.53
N TRP B 706 -38.98 23.81 -35.37
CA TRP B 706 -39.57 23.36 -36.64
C TRP B 706 -40.77 22.46 -36.40
N GLY B 707 -40.59 21.45 -35.56
CA GLY B 707 -41.62 20.46 -35.35
C GLY B 707 -42.91 21.02 -34.77
N PRO B 708 -42.81 21.83 -33.71
CA PRO B 708 -44.03 22.46 -33.17
C PRO B 708 -44.75 23.32 -34.19
N GLU B 709 -44.03 23.84 -35.17
CA GLU B 709 -44.58 24.75 -36.16
C GLU B 709 -45.09 24.03 -37.40
N HIS B 710 -44.97 22.71 -37.46
CA HIS B 710 -45.31 21.96 -38.67
C HIS B 710 -46.36 20.88 -38.44
N THR B 711 -46.88 20.75 -37.22
CA THR B 711 -47.91 19.76 -36.97
C THR B 711 -49.02 20.39 -36.13
N ASP B 712 -50.24 19.90 -36.35
CA ASP B 712 -51.41 20.55 -35.76
C ASP B 712 -52.20 19.63 -34.85
N ASP B 713 -51.91 18.33 -34.87
CA ASP B 713 -52.64 17.41 -34.01
C ASP B 713 -52.26 17.67 -32.56
N PRO B 714 -53.22 17.97 -31.69
CA PRO B 714 -52.86 18.35 -30.31
C PRO B 714 -52.08 17.28 -29.57
N ASP B 715 -52.36 16.01 -29.83
CA ASP B 715 -51.60 14.95 -29.18
C ASP B 715 -50.13 15.03 -29.55
N VAL B 716 -49.84 15.26 -30.83
CA VAL B 716 -48.45 15.39 -31.27
C VAL B 716 -47.80 16.60 -30.60
N LEU B 717 -48.52 17.72 -30.50
CA LEU B 717 -47.97 18.90 -29.85
C LEU B 717 -47.63 18.61 -28.40
N ARG B 718 -48.55 17.98 -27.67
CA ARG B 718 -48.28 17.67 -26.26
C ARG B 718 -47.09 16.73 -26.13
N LEU B 719 -47.04 15.70 -26.96
CA LEU B 719 -45.91 14.79 -26.92
C LEU B 719 -44.60 15.53 -27.16
N MET B 720 -44.53 16.31 -28.24
CA MET B 720 -43.27 16.97 -28.57
C MET B 720 -42.86 17.95 -27.48
N LYS B 721 -43.82 18.69 -26.94
CA LYS B 721 -43.50 19.60 -25.85
C LYS B 721 -43.07 18.85 -24.59
N SER B 722 -43.40 17.57 -24.48
CA SER B 722 -42.94 16.79 -23.34
C SER B 722 -41.57 16.16 -23.55
N LEU B 723 -40.93 16.37 -24.69
CA LEU B 723 -39.64 15.76 -25.01
C LEU B 723 -38.55 16.82 -25.14
N THR B 724 -37.39 16.55 -24.54
CA THR B 724 -36.21 17.38 -24.70
C THR B 724 -34.98 16.49 -24.85
N ILE B 725 -33.95 17.01 -25.52
CA ILE B 725 -32.77 16.22 -25.77
C ILE B 725 -32.00 15.91 -24.49
N GLN B 726 -31.96 16.84 -23.54
CA GLN B 726 -31.27 16.61 -22.28
C GLN B 726 -31.95 15.56 -21.42
N ARG B 727 -33.16 15.14 -21.79
CA ARG B 727 -33.89 14.14 -21.05
C ARG B 727 -34.20 12.88 -21.83
N ASN B 728 -34.18 12.92 -23.17
CA ASN B 728 -34.79 11.85 -23.92
C ASN B 728 -33.98 11.36 -25.11
N TYR B 729 -33.02 12.14 -25.57
CA TYR B 729 -32.27 11.81 -26.77
C TYR B 729 -30.81 11.54 -26.43
N VAL B 730 -30.28 10.43 -26.96
CA VAL B 730 -28.88 10.08 -26.81
C VAL B 730 -28.32 9.82 -28.20
N CYS B 731 -27.19 10.43 -28.52
CA CYS B 731 -26.64 10.38 -29.86
C CYS B 731 -25.15 10.04 -29.81
N GLN B 732 -24.69 9.43 -30.90
CA GLN B 732 -23.26 9.20 -31.10
C GLN B 732 -23.01 9.03 -32.59
N GLY B 733 -22.33 9.98 -33.20
CA GLY B 733 -22.14 9.93 -34.63
C GLY B 733 -23.48 10.00 -35.34
N ASP B 734 -23.70 9.06 -36.25
CA ASP B 734 -24.94 8.98 -37.00
C ASP B 734 -25.98 8.09 -36.34
N ASP B 735 -25.64 7.46 -35.23
CA ASP B 735 -26.57 6.59 -34.51
C ASP B 735 -27.16 7.35 -33.34
N GLY B 736 -28.48 7.28 -33.20
CA GLY B 736 -29.16 7.98 -32.12
C GLY B 736 -30.31 7.15 -31.60
N LEU B 737 -30.74 7.47 -30.39
CA LEU B 737 -31.84 6.77 -29.75
C LEU B 737 -32.75 7.78 -29.06
N MET B 738 -34.05 7.60 -29.23
CA MET B 738 -35.05 8.44 -28.59
C MET B 738 -35.84 7.59 -27.60
N ILE B 739 -36.01 8.10 -26.37
CA ILE B 739 -36.72 7.40 -25.32
C ILE B 739 -38.03 8.12 -25.09
N ILE B 740 -39.13 7.38 -25.15
CA ILE B 740 -40.45 7.90 -24.83
C ILE B 740 -40.87 7.32 -23.49
N ASP B 741 -40.86 8.16 -22.46
CA ASP B 741 -41.22 7.70 -21.13
C ASP B 741 -42.69 7.34 -21.06
N GLY B 742 -42.96 6.16 -20.53
CA GLY B 742 -44.34 5.73 -20.36
C GLY B 742 -45.10 6.64 -19.41
N THR B 743 -46.32 6.97 -19.82
CA THR B 743 -47.17 7.86 -19.05
C THR B 743 -47.78 7.13 -17.86
N THR B 744 -48.47 7.89 -17.02
CA THR B 744 -49.12 7.30 -15.86
C THR B 744 -50.35 6.47 -16.24
N ALA B 745 -50.84 6.61 -17.46
CA ALA B 745 -51.98 5.86 -17.95
C ALA B 745 -51.56 4.65 -18.77
N GLY B 746 -50.28 4.28 -18.75
CA GLY B 746 -49.80 3.19 -19.56
C GLY B 746 -48.64 3.61 -20.42
N LYS B 747 -48.79 3.50 -21.74
CA LYS B 747 -47.76 3.91 -22.67
C LYS B 747 -48.38 4.77 -23.76
N VAL B 748 -47.55 5.64 -24.34
CA VAL B 748 -48.03 6.62 -25.29
C VAL B 748 -48.66 5.93 -26.49
N ASN B 749 -49.73 6.51 -27.01
CA ASN B 749 -50.44 5.93 -28.15
C ASN B 749 -49.50 5.81 -29.35
N SER B 750 -49.58 4.65 -30.02
CA SER B 750 -48.66 4.39 -31.12
C SER B 750 -48.94 5.28 -32.33
N GLU B 751 -50.19 5.68 -32.53
CA GLU B 751 -50.52 6.51 -33.68
C GLU B 751 -49.83 7.87 -33.59
N THR B 752 -49.80 8.44 -32.39
CA THR B 752 -49.12 9.72 -32.20
C THR B 752 -47.64 9.58 -32.52
N ILE B 753 -47.02 8.48 -32.07
CA ILE B 753 -45.63 8.24 -32.38
C ILE B 753 -45.43 8.10 -33.89
N GLN B 754 -46.38 7.44 -34.56
CA GLN B 754 -46.25 7.27 -36.00
C GLN B 754 -46.28 8.61 -36.73
N LYS B 755 -47.24 9.47 -36.38
CA LYS B 755 -47.28 10.77 -37.03
C LYS B 755 -46.04 11.59 -36.71
N MET B 756 -45.55 11.51 -35.48
CA MET B 756 -44.31 12.22 -35.17
C MET B 756 -43.17 11.71 -36.03
N LEU B 757 -43.05 10.40 -36.18
CA LEU B 757 -41.99 9.83 -37.02
C LEU B 757 -42.09 10.35 -38.44
N GLU B 758 -43.31 10.43 -38.97
CA GLU B 758 -43.48 11.04 -40.29
C GLU B 758 -42.98 12.47 -40.30
N LEU B 759 -43.21 13.21 -39.22
CA LEU B 759 -42.73 14.58 -39.14
C LEU B 759 -41.21 14.64 -39.18
N ILE B 760 -40.52 13.78 -38.42
CA ILE B 760 -39.05 13.77 -38.49
C ILE B 760 -38.59 13.39 -39.89
N SER B 761 -39.24 12.40 -40.50
CA SER B 761 -38.82 11.98 -41.84
C SER B 761 -38.93 13.13 -42.83
N LYS B 762 -40.02 13.90 -42.75
CA LYS B 762 -40.15 15.07 -43.62
C LYS B 762 -39.11 16.12 -43.27
N TYR B 763 -38.88 16.35 -41.98
CA TYR B 763 -37.98 17.40 -41.54
C TYR B 763 -36.54 17.13 -41.94
N GLY B 764 -36.17 15.86 -42.10
CA GLY B 764 -34.80 15.56 -42.46
C GLY B 764 -34.44 15.95 -43.88
N GLU B 765 -35.44 16.02 -44.75
CA GLU B 765 -35.16 16.14 -46.18
C GLU B 765 -34.71 17.53 -46.59
N GLU B 766 -35.30 18.59 -46.03
CA GLU B 766 -35.04 19.92 -46.56
C GLU B 766 -33.63 20.43 -46.26
N PHE B 767 -32.87 19.74 -45.43
CA PHE B 767 -31.42 19.99 -45.38
C PHE B 767 -30.64 18.74 -45.75
N GLY B 768 -31.23 17.89 -46.56
CA GLY B 768 -30.50 16.78 -47.16
C GLY B 768 -30.03 15.72 -46.21
N TRP B 769 -30.82 15.37 -45.20
CA TRP B 769 -30.52 14.26 -44.30
C TRP B 769 -31.58 13.19 -44.46
N LYS B 770 -31.15 11.98 -44.77
CA LYS B 770 -32.06 10.85 -44.92
C LYS B 770 -32.15 10.13 -43.59
N TYR B 771 -33.29 10.28 -42.92
CA TYR B 771 -33.49 9.72 -41.59
C TYR B 771 -34.01 8.30 -41.73
N ASP B 772 -33.18 7.33 -41.38
CA ASP B 772 -33.59 5.93 -41.34
C ASP B 772 -34.15 5.65 -39.95
N ILE B 773 -35.47 5.52 -39.87
CA ILE B 773 -36.18 5.47 -38.59
C ILE B 773 -36.85 4.12 -38.45
N ALA B 774 -36.67 3.50 -37.28
CA ALA B 774 -37.30 2.23 -36.97
C ALA B 774 -38.08 2.37 -35.67
N TYR B 775 -39.33 1.88 -35.68
CA TYR B 775 -40.20 1.90 -34.50
C TYR B 775 -40.93 0.57 -34.48
N ASP B 776 -40.41 -0.39 -33.72
CA ASP B 776 -40.97 -1.73 -33.72
C ASP B 776 -41.03 -2.33 -32.32
N GLY B 777 -41.09 -1.51 -31.28
CA GLY B 777 -41.12 -2.03 -29.93
C GLY B 777 -39.80 -2.62 -29.47
N THR B 778 -38.69 -2.27 -30.11
CA THR B 778 -37.39 -2.78 -29.76
C THR B 778 -36.41 -1.62 -29.68
N ALA B 779 -35.37 -1.79 -28.87
CA ALA B 779 -34.34 -0.78 -28.70
C ALA B 779 -33.05 -1.27 -29.31
N GLU B 780 -32.44 -0.45 -30.16
CA GLU B 780 -31.14 -0.74 -30.74
C GLU B 780 -30.24 0.46 -30.59
N TYR B 781 -29.01 0.23 -30.13
CA TYR B 781 -28.04 1.30 -30.01
C TYR B 781 -26.64 0.71 -30.17
N LEU B 782 -25.87 1.28 -31.08
CA LEU B 782 -24.49 0.85 -31.32
C LEU B 782 -24.43 -0.64 -31.63
N LYS B 783 -25.42 -1.11 -32.40
CA LYS B 783 -25.55 -2.53 -32.74
C LYS B 783 -25.68 -3.41 -31.50
N LEU B 784 -26.33 -2.90 -30.46
CA LEU B 784 -26.79 -3.71 -29.33
C LEU B 784 -28.30 -3.73 -29.34
N TYR B 785 -28.88 -4.90 -29.14
CA TYR B 785 -30.30 -5.12 -29.33
C TYR B 785 -30.96 -5.47 -28.00
N PHE B 786 -32.02 -4.75 -27.65
CA PHE B 786 -32.74 -4.96 -26.42
C PHE B 786 -34.21 -5.17 -26.72
N ILE B 787 -34.81 -6.12 -26.00
CA ILE B 787 -36.25 -6.34 -26.06
C ILE B 787 -36.77 -6.57 -24.65
N PHE B 788 -37.74 -5.76 -24.24
CA PHE B 788 -38.39 -5.90 -22.94
C PHE B 788 -37.37 -5.95 -21.81
N GLY B 789 -36.29 -5.20 -21.93
CA GLY B 789 -35.27 -5.18 -20.91
C GLY B 789 -34.29 -6.33 -20.94
N CYS B 790 -34.29 -7.14 -22.00
CA CYS B 790 -33.31 -8.20 -22.15
C CYS B 790 -32.48 -7.94 -23.40
N ARG B 791 -31.15 -7.97 -23.24
CA ARG B 791 -30.26 -7.73 -24.36
C ARG B 791 -30.01 -9.02 -25.11
N ILE B 792 -30.04 -8.93 -26.44
CA ILE B 792 -29.92 -10.09 -27.31
C ILE B 792 -28.56 -10.01 -28.00
N PRO B 793 -27.58 -10.85 -27.62
CA PRO B 793 -26.31 -10.85 -28.33
C PRO B 793 -26.49 -11.27 -29.77
N ASN B 794 -25.72 -10.65 -30.66
CA ASN B 794 -25.76 -10.96 -32.08
C ASN B 794 -24.55 -11.81 -32.42
N LEU B 795 -24.75 -13.11 -32.52
CA LEU B 795 -23.64 -14.03 -32.80
C LEU B 795 -23.06 -13.81 -34.19
N SER B 796 -23.89 -13.54 -35.18
CA SER B 796 -23.44 -13.45 -36.57
C SER B 796 -22.39 -12.39 -36.79
N ARG B 797 -22.32 -11.36 -35.95
CA ARG B 797 -21.34 -10.32 -36.16
C ARG B 797 -19.99 -10.63 -35.54
N HIS B 798 -19.83 -11.81 -34.93
CA HIS B 798 -18.53 -12.33 -34.52
C HIS B 798 -18.26 -13.62 -35.28
N PRO B 799 -17.85 -13.51 -36.54
CA PRO B 799 -17.53 -14.73 -37.30
C PRO B 799 -16.36 -15.45 -36.67
N ILE B 800 -16.51 -16.76 -36.50
CA ILE B 800 -15.46 -17.54 -35.88
C ILE B 800 -14.26 -17.66 -36.79
N VAL B 801 -14.50 -17.95 -38.07
CA VAL B 801 -13.42 -18.20 -39.01
C VAL B 801 -13.09 -16.98 -39.86
N GLY B 802 -13.99 -16.02 -39.99
CA GLY B 802 -13.74 -14.90 -40.86
C GLY B 802 -12.71 -13.93 -40.28
N LYS B 803 -11.95 -13.32 -41.17
CA LYS B 803 -11.00 -12.29 -40.77
C LYS B 803 -10.92 -11.25 -41.88
N GLU B 804 -10.93 -9.98 -41.49
CA GLU B 804 -10.91 -8.90 -42.46
C GLU B 804 -9.51 -8.75 -43.04
N ARG B 805 -9.40 -8.90 -44.36
CA ARG B 805 -8.17 -8.62 -45.10
C ARG B 805 -8.55 -7.75 -46.28
N ALA B 806 -8.05 -6.52 -46.31
CA ALA B 806 -8.38 -5.59 -47.38
C ALA B 806 -7.26 -5.41 -48.40
N ASN B 807 -6.01 -5.59 -47.98
CA ASN B 807 -4.87 -5.41 -48.87
C ASN B 807 -4.45 -6.74 -49.49
N SER B 808 -3.45 -6.65 -50.37
CA SER B 808 -2.90 -7.83 -51.03
C SER B 808 -1.70 -8.41 -50.29
N SER B 809 -1.34 -7.84 -49.14
CA SER B 809 -0.17 -8.31 -48.42
C SER B 809 -0.39 -9.72 -47.90
N ALA B 810 0.71 -10.44 -47.73
CA ALA B 810 0.64 -11.78 -47.15
C ALA B 810 0.25 -11.69 -45.67
N GLU B 811 -0.19 -12.81 -45.13
CA GLU B 811 -0.68 -12.86 -43.75
C GLU B 811 0.52 -12.97 -42.80
N GLU B 812 0.24 -13.13 -41.51
CA GLU B 812 1.19 -12.96 -40.43
C GLU B 812 1.98 -14.23 -40.16
N PRO B 813 3.12 -14.12 -39.47
CA PRO B 813 3.84 -15.33 -39.03
C PRO B 813 2.99 -16.17 -38.10
N TRP B 814 3.52 -17.35 -37.77
CA TRP B 814 2.72 -18.36 -37.06
C TRP B 814 2.21 -17.90 -35.70
N PRO B 815 3.06 -17.42 -34.78
CA PRO B 815 2.57 -17.22 -33.41
C PRO B 815 1.44 -16.22 -33.30
N ALA B 816 1.25 -15.37 -34.31
CA ALA B 816 0.23 -14.32 -34.22
C ALA B 816 -1.18 -14.91 -34.14
N ILE B 817 -1.39 -16.07 -34.75
CA ILE B 817 -2.75 -16.61 -34.86
C ILE B 817 -3.29 -16.96 -33.48
N LEU B 818 -2.41 -17.20 -32.51
CA LEU B 818 -2.87 -17.55 -31.17
C LEU B 818 -3.65 -16.41 -30.54
N ASP B 819 -3.22 -15.17 -30.80
CA ASP B 819 -3.97 -14.03 -30.30
C ASP B 819 -5.38 -14.01 -30.86
N GLN B 820 -5.51 -14.31 -32.15
CA GLN B 820 -6.84 -14.35 -32.77
C GLN B 820 -7.68 -15.47 -32.16
N ILE B 821 -7.06 -16.62 -31.90
CA ILE B 821 -7.81 -17.73 -31.32
C ILE B 821 -8.32 -17.36 -29.94
N MET B 822 -7.47 -16.73 -29.12
CA MET B 822 -7.90 -16.33 -27.78
C MET B 822 -8.98 -15.26 -27.87
N GLY B 823 -8.87 -14.37 -28.85
CA GLY B 823 -9.92 -13.38 -29.06
C GLY B 823 -11.24 -14.03 -29.43
N VAL B 824 -11.19 -15.09 -30.24
CA VAL B 824 -12.41 -15.83 -30.56
C VAL B 824 -13.00 -16.45 -29.32
N PHE B 825 -12.14 -17.03 -28.47
CA PHE B 825 -12.63 -17.62 -27.22
C PHE B 825 -13.33 -16.57 -26.37
N PHE B 826 -12.73 -15.38 -26.25
CA PHE B 826 -13.32 -14.35 -25.42
C PHE B 826 -14.58 -13.77 -26.05
N ASN B 827 -14.64 -13.71 -27.37
CA ASN B 827 -15.88 -13.29 -28.03
C ASN B 827 -17.00 -14.26 -27.73
N GLY B 828 -16.70 -15.56 -27.80
CA GLY B 828 -17.68 -16.55 -27.39
C GLY B 828 -18.07 -16.41 -25.93
N VAL B 829 -17.10 -16.04 -25.09
CA VAL B 829 -17.39 -15.80 -23.68
C VAL B 829 -18.41 -14.70 -23.52
N HIS B 830 -18.18 -13.57 -24.17
CA HIS B 830 -19.11 -12.44 -24.05
C HIS B 830 -20.46 -12.76 -24.68
N ASP B 831 -20.46 -13.52 -25.76
CA ASP B 831 -21.71 -13.80 -26.45
C ASP B 831 -22.58 -14.82 -25.72
N GLY B 832 -22.05 -15.47 -24.69
CA GLY B 832 -22.86 -16.34 -23.87
C GLY B 832 -23.18 -17.70 -24.45
N LEU B 833 -22.16 -18.39 -24.96
CA LEU B 833 -22.37 -19.73 -25.46
C LEU B 833 -22.38 -20.74 -24.30
N GLN B 834 -22.82 -21.96 -24.60
CA GLN B 834 -22.80 -23.01 -23.61
C GLN B 834 -21.37 -23.26 -23.15
N TRP B 835 -21.13 -23.07 -21.86
CA TRP B 835 -19.76 -22.92 -21.38
C TRP B 835 -18.96 -24.21 -21.51
N GLN B 836 -19.55 -25.36 -21.21
CA GLN B 836 -18.78 -26.60 -21.25
C GLN B 836 -18.37 -26.94 -22.67
N ARG B 837 -19.31 -26.90 -23.61
CA ARG B 837 -18.98 -27.18 -25.00
C ARG B 837 -17.98 -26.17 -25.53
N TRP B 838 -18.16 -24.90 -25.18
CA TRP B 838 -17.26 -23.86 -25.65
C TRP B 838 -15.84 -24.08 -25.14
N ILE B 839 -15.71 -24.45 -23.86
CA ILE B 839 -14.39 -24.71 -23.31
C ILE B 839 -13.74 -25.90 -23.99
N ARG B 840 -14.50 -26.96 -24.22
CA ARG B 840 -13.96 -28.13 -24.88
C ARG B 840 -13.47 -27.79 -26.28
N TYR B 841 -14.28 -27.04 -27.02
CA TYR B 841 -13.92 -26.67 -28.38
C TYR B 841 -12.72 -25.73 -28.40
N SER B 842 -12.65 -24.81 -27.44
CA SER B 842 -11.50 -23.91 -27.37
C SER B 842 -10.23 -24.70 -27.08
N TRP B 843 -10.32 -25.71 -26.21
CA TRP B 843 -9.16 -26.57 -25.98
C TRP B 843 -8.75 -27.28 -27.26
N ALA B 844 -9.74 -27.76 -28.03
CA ALA B 844 -9.41 -28.43 -29.28
C ALA B 844 -8.64 -27.51 -30.21
N LEU B 845 -9.13 -26.28 -30.40
CA LEU B 845 -8.42 -25.33 -31.26
C LEU B 845 -7.03 -25.01 -30.73
N CYS B 846 -6.91 -24.79 -29.42
CA CYS B 846 -5.59 -24.48 -28.88
C CYS B 846 -4.62 -25.63 -29.12
N CYS B 847 -5.11 -26.86 -29.06
CA CYS B 847 -4.27 -27.99 -29.42
C CYS B 847 -3.90 -27.95 -30.90
N ALA B 848 -4.86 -27.64 -31.76
CA ALA B 848 -4.63 -27.76 -33.19
C ALA B 848 -3.63 -26.74 -33.70
N PHE B 849 -3.39 -25.67 -32.94
CA PHE B 849 -2.51 -24.59 -33.38
C PHE B 849 -1.28 -24.43 -32.52
N SER B 850 -0.94 -25.45 -31.72
CA SER B 850 0.14 -25.32 -30.75
C SER B 850 1.48 -25.83 -31.27
N ARG B 851 1.56 -26.29 -32.51
CA ARG B 851 2.80 -26.82 -33.07
C ARG B 851 3.11 -26.14 -34.39
N GLN B 852 4.40 -26.01 -34.68
CA GLN B 852 4.83 -25.37 -35.91
C GLN B 852 6.19 -25.90 -36.32
N ARG B 853 6.30 -26.30 -37.59
CA ARG B 853 7.58 -26.68 -38.16
C ARG B 853 8.43 -25.44 -38.40
N THR B 854 9.74 -25.56 -38.23
CA THR B 854 10.66 -24.50 -38.59
C THR B 854 11.92 -25.11 -39.19
N MET B 855 12.59 -24.33 -40.03
CA MET B 855 13.86 -24.70 -40.63
C MET B 855 14.92 -23.72 -40.15
N ILE B 856 16.01 -24.24 -39.59
CA ILE B 856 17.04 -23.39 -39.03
C ILE B 856 18.35 -23.72 -39.77
N GLY B 857 18.23 -24.09 -41.03
CA GLY B 857 19.40 -24.48 -41.80
C GLY B 857 19.84 -25.89 -41.50
N GLU B 858 19.02 -26.87 -41.85
CA GLU B 858 19.14 -28.30 -41.58
C GLU B 858 18.81 -28.61 -40.12
N SER B 859 18.60 -27.60 -39.26
CA SER B 859 18.14 -27.82 -37.90
C SER B 859 16.62 -27.76 -37.90
N VAL B 860 16.01 -28.81 -38.45
CA VAL B 860 14.56 -28.88 -38.59
C VAL B 860 13.96 -29.20 -37.21
N GLY B 861 13.45 -28.17 -36.54
CA GLY B 861 12.86 -28.30 -35.23
C GLY B 861 11.38 -27.97 -35.25
N TYR B 862 10.72 -28.31 -34.16
CA TYR B 862 9.30 -28.06 -33.98
C TYR B 862 9.10 -27.15 -32.78
N LEU B 863 8.38 -26.05 -32.99
CA LEU B 863 7.99 -25.17 -31.91
C LEU B 863 6.72 -25.70 -31.27
N GLN B 864 6.74 -25.84 -29.95
CA GLN B 864 5.61 -26.43 -29.24
C GLN B 864 5.30 -25.64 -27.98
N TYR B 865 4.07 -25.23 -27.84
CA TYR B 865 3.58 -24.56 -26.64
C TYR B 865 2.95 -25.57 -25.69
N PRO B 866 3.43 -25.67 -24.47
CA PRO B 866 2.76 -26.54 -23.49
C PRO B 866 1.38 -26.01 -23.17
N MET B 867 0.52 -26.93 -22.71
CA MET B 867 -0.86 -26.56 -22.42
C MET B 867 -0.96 -25.45 -21.38
N TRP B 868 0.05 -25.30 -20.52
CA TRP B 868 -0.02 -24.32 -19.45
C TRP B 868 0.02 -22.89 -19.95
N SER B 869 0.63 -22.64 -21.10
CA SER B 869 0.67 -21.28 -21.62
C SER B 869 -0.72 -20.75 -21.92
N PHE B 870 -1.60 -21.61 -22.45
CA PHE B 870 -2.98 -21.19 -22.68
C PHE B 870 -3.68 -20.88 -21.37
N VAL B 871 -3.43 -21.68 -20.34
CA VAL B 871 -4.03 -21.41 -19.04
C VAL B 871 -3.57 -20.07 -18.51
N TYR B 872 -2.27 -19.77 -18.65
CA TYR B 872 -1.78 -18.46 -18.29
C TYR B 872 -2.48 -17.37 -19.09
N TRP B 873 -2.87 -17.68 -20.31
CA TRP B 873 -3.55 -16.71 -21.15
C TRP B 873 -5.03 -16.56 -20.83
N GLY B 874 -5.52 -17.27 -19.81
CA GLY B 874 -6.89 -17.09 -19.34
C GLY B 874 -7.84 -18.19 -19.73
N LEU B 875 -7.39 -19.29 -20.31
CA LEU B 875 -8.31 -20.36 -20.68
C LEU B 875 -8.41 -21.35 -19.53
N PRO B 876 -9.59 -21.60 -18.99
CA PRO B 876 -9.70 -22.39 -17.76
C PRO B 876 -9.40 -23.87 -18.01
N LEU B 877 -9.02 -24.55 -16.93
CA LEU B 877 -8.79 -25.98 -16.96
C LEU B 877 -10.11 -26.74 -16.89
N VAL B 878 -10.03 -28.05 -17.12
CA VAL B 878 -11.18 -28.93 -17.04
C VAL B 878 -11.08 -29.87 -15.86
N LYS B 879 -9.97 -30.58 -15.74
CA LYS B 879 -9.75 -31.53 -14.66
C LYS B 879 -8.28 -31.89 -14.63
N ALA B 880 -7.68 -31.79 -13.44
CA ALA B 880 -6.26 -32.09 -13.32
C ALA B 880 -5.95 -32.46 -11.88
N PHE B 881 -4.83 -33.15 -11.70
CA PHE B 881 -4.34 -33.52 -10.38
C PHE B 881 -5.37 -34.34 -9.60
N GLY B 882 -6.16 -35.13 -10.32
CA GLY B 882 -7.15 -35.97 -9.67
C GLY B 882 -8.36 -35.23 -9.13
N SER B 883 -8.50 -33.95 -9.45
CA SER B 883 -9.61 -33.17 -8.94
C SER B 883 -10.90 -33.53 -9.65
N ASP B 884 -12.00 -32.97 -9.18
CA ASP B 884 -13.28 -33.17 -9.82
C ASP B 884 -13.34 -32.38 -11.12
N PRO B 885 -14.06 -32.88 -12.12
CA PRO B 885 -14.15 -32.17 -13.40
C PRO B 885 -15.09 -30.97 -13.32
N TRP B 886 -14.84 -30.02 -14.22
CA TRP B 886 -15.72 -28.87 -14.43
C TRP B 886 -15.94 -28.08 -13.14
N ILE B 887 -14.86 -27.81 -12.42
CA ILE B 887 -14.93 -27.05 -11.17
C ILE B 887 -14.40 -25.65 -11.34
N PHE B 888 -13.96 -25.28 -12.53
CA PHE B 888 -13.44 -23.94 -12.79
C PHE B 888 -14.32 -23.20 -13.77
N SER B 889 -14.34 -21.89 -13.64
CA SER B 889 -15.12 -21.03 -14.51
C SER B 889 -14.20 -20.09 -15.27
N TRP B 890 -14.61 -19.74 -16.48
CA TRP B 890 -13.80 -18.86 -17.32
C TRP B 890 -13.82 -17.41 -16.85
N TYR B 891 -14.56 -17.10 -15.79
CA TYR B 891 -14.33 -15.84 -15.11
C TYR B 891 -12.99 -15.83 -14.38
N MET B 892 -12.22 -16.89 -14.56
CA MET B 892 -10.84 -16.92 -14.13
C MET B 892 -10.08 -15.71 -14.68
N PRO B 893 -9.31 -15.02 -13.86
CA PRO B 893 -8.49 -13.93 -14.37
C PRO B 893 -7.33 -14.45 -15.19
N THR B 894 -6.62 -13.58 -15.88
CA THR B 894 -5.49 -13.94 -16.71
C THR B 894 -4.19 -13.57 -16.03
N GLY B 895 -3.10 -14.14 -16.50
CA GLY B 895 -1.81 -13.84 -15.93
C GLY B 895 -1.62 -14.44 -14.56
N ASP B 896 -0.87 -13.76 -13.70
CA ASP B 896 -0.53 -14.31 -12.39
C ASP B 896 -1.76 -14.52 -11.53
N LEU B 897 -2.76 -13.64 -11.67
CA LEU B 897 -3.93 -13.70 -10.79
C LEU B 897 -4.67 -15.02 -10.94
N GLY B 898 -4.96 -15.43 -12.17
CA GLY B 898 -5.66 -16.69 -12.38
C GLY B 898 -4.84 -17.87 -11.91
N MET B 899 -3.53 -17.84 -12.17
CA MET B 899 -2.66 -18.91 -11.70
C MET B 899 -2.78 -19.05 -10.18
N TYR B 900 -2.59 -17.94 -9.46
CA TYR B 900 -2.69 -17.97 -8.01
C TYR B 900 -4.05 -18.48 -7.58
N SER B 901 -5.11 -18.06 -8.27
CA SER B 901 -6.45 -18.48 -7.88
C SER B 901 -6.59 -19.99 -7.94
N TRP B 902 -6.24 -20.58 -9.08
CA TRP B 902 -6.51 -22.02 -9.21
C TRP B 902 -5.57 -22.85 -8.34
N ILE B 903 -4.32 -22.39 -8.16
CA ILE B 903 -3.48 -23.06 -7.18
C ILE B 903 -4.10 -22.99 -5.79
N SER B 904 -4.64 -21.83 -5.41
CA SER B 904 -5.23 -21.72 -4.09
C SER B 904 -6.42 -22.63 -3.94
N LEU B 905 -7.23 -22.78 -4.99
CA LEU B 905 -8.38 -23.68 -4.91
C LEU B 905 -7.96 -25.13 -4.75
N ILE B 906 -6.95 -25.58 -5.49
CA ILE B 906 -6.69 -27.02 -5.46
C ILE B 906 -5.31 -27.36 -4.88
N ARG B 907 -4.79 -26.53 -3.99
CA ARG B 907 -3.49 -26.82 -3.36
C ARG B 907 -3.44 -28.15 -2.62
N PRO B 908 -4.38 -28.49 -1.74
CA PRO B 908 -4.24 -29.77 -1.02
C PRO B 908 -4.29 -30.98 -1.93
N LEU B 909 -5.24 -31.04 -2.85
CA LEU B 909 -5.28 -32.15 -3.81
C LEU B 909 -3.99 -32.22 -4.60
N MET B 910 -3.48 -31.06 -5.01
CA MET B 910 -2.24 -31.03 -5.76
C MET B 910 -1.12 -31.63 -4.94
N THR B 911 -1.04 -31.30 -3.66
CA THR B 911 0.02 -31.84 -2.82
C THR B 911 -0.11 -33.35 -2.66
N ARG B 912 -1.31 -33.85 -2.38
CA ARG B 912 -1.47 -35.29 -2.24
C ARG B 912 -1.14 -36.02 -3.52
N TRP B 913 -1.59 -35.50 -4.65
CA TRP B 913 -1.25 -36.09 -5.93
C TRP B 913 0.25 -36.10 -6.16
N MET B 914 0.91 -35.00 -5.81
CA MET B 914 2.35 -34.88 -6.04
C MET B 914 3.12 -35.88 -5.18
N VAL B 915 2.71 -36.04 -3.92
CA VAL B 915 3.37 -36.98 -3.05
C VAL B 915 3.15 -38.41 -3.53
N ALA B 916 1.90 -38.73 -3.91
CA ALA B 916 1.59 -40.10 -4.29
C ALA B 916 2.36 -40.57 -5.50
N ASN B 917 2.91 -39.66 -6.29
CA ASN B 917 3.64 -40.01 -7.49
C ASN B 917 5.15 -40.04 -7.28
N GLY B 918 5.61 -40.04 -6.04
CA GLY B 918 7.03 -40.10 -5.76
C GLY B 918 7.75 -38.78 -5.79
N TYR B 919 7.06 -37.67 -6.01
CA TYR B 919 7.68 -36.35 -6.00
C TYR B 919 7.79 -35.87 -4.56
N VAL B 920 8.64 -36.56 -3.80
CA VAL B 920 8.75 -36.37 -2.37
C VAL B 920 10.12 -35.81 -2.04
N THR B 921 10.14 -34.82 -1.16
CA THR B 921 11.37 -34.21 -0.68
C THR B 921 11.28 -34.06 0.83
N ASP B 922 12.34 -33.50 1.43
CA ASP B 922 12.41 -33.34 2.86
C ASP B 922 12.29 -31.90 3.33
N ARG B 923 12.61 -30.92 2.49
CA ARG B 923 12.51 -29.53 2.90
C ARG B 923 11.04 -29.11 2.88
N CYS B 924 10.47 -28.96 4.08
CA CYS B 924 9.08 -28.57 4.20
C CYS B 924 8.86 -27.20 3.57
N SER B 925 7.82 -27.07 2.76
CA SER B 925 7.55 -25.82 2.09
C SER B 925 6.30 -25.17 2.66
N PRO B 926 6.29 -23.84 2.78
CA PRO B 926 5.08 -23.16 3.27
C PRO B 926 3.87 -23.39 2.38
N VAL B 927 4.09 -23.62 1.09
CA VAL B 927 2.99 -23.76 0.15
C VAL B 927 2.65 -25.21 -0.11
N PHE B 928 3.67 -26.06 -0.29
CA PHE B 928 3.46 -27.43 -0.74
C PHE B 928 3.93 -28.48 0.24
N GLY B 929 4.21 -28.10 1.49
CA GLY B 929 4.68 -29.07 2.45
C GLY B 929 5.98 -29.71 2.04
N ASN B 930 5.99 -31.04 1.93
CA ASN B 930 7.18 -31.78 1.56
C ASN B 930 7.11 -32.33 0.15
N ALA B 931 6.44 -31.62 -0.77
CA ALA B 931 6.35 -32.02 -2.15
C ALA B 931 7.52 -31.47 -2.94
N ASP B 932 8.08 -32.28 -3.84
CA ASP B 932 9.22 -31.86 -4.65
C ASP B 932 8.72 -31.15 -5.91
N TYR B 933 8.13 -29.98 -5.69
CA TYR B 933 7.54 -29.24 -6.79
C TYR B 933 8.58 -28.71 -7.76
N ARG B 934 9.78 -28.39 -7.26
CA ARG B 934 10.80 -27.79 -8.11
C ARG B 934 11.16 -28.66 -9.31
N ARG B 935 11.02 -29.98 -9.20
CA ARG B 935 11.28 -30.84 -10.34
C ARG B 935 10.02 -31.25 -11.08
N CYS B 936 8.90 -31.45 -10.37
CA CYS B 936 7.67 -31.85 -11.05
C CYS B 936 7.20 -30.73 -11.99
N PHE B 937 7.28 -29.49 -11.54
CA PHE B 937 6.92 -28.39 -12.41
C PHE B 937 7.84 -28.30 -13.62
N ASN B 938 9.13 -28.54 -13.45
CA ASN B 938 10.06 -28.53 -14.57
C ASN B 938 9.75 -29.62 -15.57
N GLU B 939 9.49 -30.85 -15.10
CA GLU B 939 9.23 -31.94 -16.03
C GLU B 939 7.82 -31.86 -16.62
N LEU B 940 6.86 -31.32 -15.86
CA LEU B 940 5.54 -31.08 -16.40
C LEU B 940 5.49 -29.87 -17.31
N LYS B 941 6.63 -29.20 -17.49
CA LYS B 941 6.77 -28.05 -18.37
C LYS B 941 5.93 -26.87 -17.90
N LEU B 942 5.38 -26.96 -16.69
CA LEU B 942 4.52 -25.91 -16.18
C LEU B 942 5.30 -24.61 -16.02
N TYR B 943 6.51 -24.68 -15.46
CA TYR B 943 7.37 -23.51 -15.43
C TYR B 943 7.67 -23.03 -16.83
N GLN B 944 7.99 -23.95 -17.74
CA GLN B 944 8.34 -23.57 -19.10
C GLN B 944 7.15 -22.90 -19.79
N GLY B 945 5.97 -23.50 -19.69
CA GLY B 945 4.80 -22.88 -20.29
C GLY B 945 4.49 -21.53 -19.69
N TYR B 946 4.58 -21.42 -18.37
CA TYR B 946 4.32 -20.16 -17.69
C TYR B 946 5.27 -19.07 -18.18
N TYR B 947 6.54 -19.41 -18.33
CA TYR B 947 7.50 -18.38 -18.73
C TYR B 947 7.40 -18.05 -20.21
N MET B 948 7.13 -19.03 -21.09
CA MET B 948 7.09 -18.69 -22.50
C MET B 948 5.76 -18.09 -22.89
N ALA B 949 4.74 -18.19 -22.03
CA ALA B 949 3.49 -17.51 -22.33
C ALA B 949 3.64 -16.00 -22.30
N GLN B 950 4.71 -15.48 -21.70
CA GLN B 950 4.93 -14.05 -21.60
C GLN B 950 5.89 -13.53 -22.67
N LEU B 951 6.29 -14.36 -23.60
CA LEU B 951 7.18 -13.78 -24.58
C LEU B 951 6.40 -13.06 -25.67
N PRO B 952 6.95 -11.97 -26.20
CA PRO B 952 6.29 -11.26 -27.30
C PRO B 952 6.24 -12.13 -28.55
N ARG B 953 5.03 -12.48 -28.97
CA ARG B 953 4.82 -13.33 -30.12
C ARG B 953 4.70 -12.55 -31.42
N ASN B 954 5.31 -11.38 -31.48
CA ASN B 954 5.48 -10.62 -32.71
C ASN B 954 6.95 -10.27 -32.89
N PRO B 955 7.39 -10.05 -34.13
CA PRO B 955 8.82 -9.81 -34.35
C PRO B 955 9.23 -8.43 -33.85
N LYS B 956 10.38 -8.38 -33.20
CA LYS B 956 10.89 -7.13 -32.62
C LYS B 956 11.86 -6.53 -33.61
N LYS B 957 11.38 -5.63 -34.44
CA LYS B 957 12.24 -4.96 -35.43
C LYS B 957 13.23 -4.04 -34.80
N SER B 958 13.34 -3.96 -33.48
CA SER B 958 14.33 -3.12 -32.86
C SER B 958 15.74 -3.68 -33.09
N GLY B 959 16.73 -2.82 -32.92
CA GLY B 959 18.11 -3.25 -33.01
C GLY B 959 18.68 -3.34 -34.41
N ARG B 960 17.94 -2.93 -35.42
CA ARG B 960 18.48 -2.94 -36.77
C ARG B 960 19.62 -1.93 -36.90
N ALA B 961 20.57 -2.27 -37.77
CA ALA B 961 21.72 -1.40 -37.97
C ALA B 961 21.30 -0.07 -38.57
N ALA B 962 21.79 1.01 -37.99
CA ALA B 962 21.47 2.34 -38.47
C ALA B 962 22.63 3.26 -38.11
N PRO B 963 23.01 4.13 -39.06
CA PRO B 963 24.11 5.08 -38.81
C PRO B 963 23.84 5.96 -37.61
N ARG B 964 24.88 6.26 -36.85
CA ARG B 964 24.71 7.09 -35.66
C ARG B 964 24.19 8.48 -36.04
N GLU B 965 24.78 9.08 -37.08
CA GLU B 965 24.40 10.43 -37.47
C GLU B 965 22.94 10.52 -37.87
N VAL B 966 22.47 9.60 -38.71
CA VAL B 966 21.09 9.68 -39.18
C VAL B 966 20.11 9.43 -38.05
N ARG B 967 20.43 8.47 -37.17
CA ARG B 967 19.55 8.18 -36.05
C ARG B 967 19.45 9.36 -35.10
N GLU B 968 20.59 9.99 -34.78
CA GLU B 968 20.54 11.14 -33.88
C GLU B 968 19.83 12.31 -34.55
N GLN B 969 19.99 12.48 -35.87
CA GLN B 969 19.23 13.51 -36.57
C GLN B 969 17.74 13.27 -36.45
N PHE B 970 17.31 12.01 -36.64
CA PHE B 970 15.90 11.69 -36.52
C PHE B 970 15.38 12.02 -35.13
N THR B 971 16.12 11.60 -34.11
CA THR B 971 15.67 11.85 -32.74
C THR B 971 15.60 13.33 -32.42
N GLN B 972 16.63 14.09 -32.81
CA GLN B 972 16.61 15.52 -32.50
C GLN B 972 15.51 16.23 -33.28
N ALA B 973 15.24 15.79 -34.51
CA ALA B 973 14.14 16.38 -35.26
C ALA B 973 12.82 16.14 -34.56
N LEU B 974 12.60 14.91 -34.07
CA LEU B 974 11.36 14.62 -33.37
C LEU B 974 11.24 15.46 -32.10
N SER B 975 12.32 15.55 -31.33
CA SER B 975 12.28 16.33 -30.10
C SER B 975 12.03 17.81 -30.40
N ASP B 976 12.68 18.34 -31.44
CA ASP B 976 12.48 19.73 -31.80
C ASP B 976 11.04 19.98 -32.21
N TYR B 977 10.43 19.05 -32.94
CA TYR B 977 9.03 19.20 -33.29
C TYR B 977 8.17 19.20 -32.04
N LEU B 978 8.44 18.30 -31.09
CA LEU B 978 7.59 18.22 -29.91
C LEU B 978 7.73 19.46 -29.04
N MET B 979 8.96 19.88 -28.76
CA MET B 979 9.22 20.96 -27.82
C MET B 979 9.26 22.28 -28.58
N GLN B 980 8.09 22.90 -28.73
CA GLN B 980 8.00 24.18 -29.43
C GLN B 980 8.12 25.35 -28.46
N ASN B 981 7.22 25.44 -27.50
CA ASN B 981 7.23 26.58 -26.59
C ASN B 981 8.37 26.42 -25.59
N PRO B 982 9.23 27.43 -25.43
CA PRO B 982 10.35 27.28 -24.48
C PRO B 982 9.92 27.04 -23.05
N GLU B 983 8.71 27.46 -22.67
CA GLU B 983 8.26 27.24 -21.30
C GLU B 983 8.22 25.76 -20.96
N LEU B 984 7.70 24.95 -21.88
CA LEU B 984 7.64 23.51 -21.63
C LEU B 984 9.03 22.91 -21.49
N LYS B 985 9.96 23.36 -22.34
CA LYS B 985 11.33 22.86 -22.24
C LYS B 985 11.96 23.22 -20.91
N SER B 986 11.75 24.45 -20.44
CA SER B 986 12.28 24.85 -19.15
C SER B 986 11.65 24.02 -18.03
N ARG B 987 10.36 23.74 -18.13
CA ARG B 987 9.70 22.91 -17.14
C ARG B 987 10.34 21.53 -17.08
N VAL B 988 10.58 20.93 -18.25
CA VAL B 988 11.14 19.59 -18.26
C VAL B 988 12.58 19.60 -17.73
N LEU B 989 13.34 20.64 -18.05
CA LEU B 989 14.70 20.73 -17.53
C LEU B 989 14.69 20.85 -16.00
N ARG B 990 13.78 21.67 -15.46
CA ARG B 990 13.65 21.78 -14.02
C ARG B 990 13.29 20.43 -13.41
N GLY B 991 12.39 19.69 -14.06
CA GLY B 991 12.03 18.39 -13.56
C GLY B 991 13.20 17.42 -13.55
N ARG B 992 13.99 17.43 -14.63
CA ARG B 992 15.15 16.54 -14.67
C ARG B 992 16.14 16.88 -13.56
N SER B 993 16.41 18.17 -13.37
CA SER B 993 17.35 18.56 -12.33
C SER B 993 16.86 18.16 -10.94
N GLU B 994 15.58 18.43 -10.66
CA GLU B 994 15.02 18.04 -9.37
C GLU B 994 15.06 16.53 -9.18
N TRP B 995 14.74 15.78 -10.23
CA TRP B 995 14.73 14.33 -10.12
C TRP B 995 16.13 13.81 -9.83
N GLU B 996 17.14 14.35 -10.51
CA GLU B 996 18.50 13.94 -10.21
C GLU B 996 18.86 14.30 -8.78
N LYS B 997 18.37 15.43 -8.29
CA LYS B 997 18.66 15.82 -6.92
C LYS B 997 18.05 14.85 -5.92
N TYR B 998 16.80 14.44 -6.15
CA TYR B 998 16.05 13.68 -5.15
C TYR B 998 15.69 12.28 -5.58
N GLY B 999 14.97 12.12 -6.68
CA GLY B 999 14.37 10.85 -7.01
C GLY B 999 15.27 9.84 -7.68
N ALA B 1000 16.49 10.25 -7.99
CA ALA B 1000 17.42 9.35 -8.67
C ALA B 1000 17.79 8.18 -7.77
N GLY B 1001 17.69 6.97 -8.30
CA GLY B 1001 18.10 5.78 -7.59
C GLY B 1001 16.97 4.98 -6.99
N ILE B 1002 15.78 5.55 -6.86
CA ILE B 1002 14.65 4.82 -6.29
C ILE B 1002 13.97 3.95 -7.34
N ILE B 1003 13.69 4.52 -8.51
CA ILE B 1003 13.15 3.77 -9.63
C ILE B 1003 13.97 4.09 -10.87
N HIS B 1004 14.07 3.12 -11.77
CA HIS B 1004 15.01 3.20 -12.88
C HIS B 1004 14.38 3.72 -14.17
N ASN B 1005 13.06 3.82 -14.25
CA ASN B 1005 12.38 4.21 -15.48
C ASN B 1005 11.39 5.33 -15.18
N PRO B 1006 11.88 6.56 -15.04
CA PRO B 1006 11.00 7.70 -14.85
C PRO B 1006 10.43 8.15 -16.17
N PRO B 1007 9.12 8.10 -16.35
CA PRO B 1007 8.52 8.64 -17.56
C PRO B 1007 8.82 10.12 -17.71
N SER B 1008 9.07 10.55 -18.94
CA SER B 1008 9.43 11.93 -19.19
C SER B 1008 9.09 12.29 -20.62
N LEU B 1009 8.92 13.59 -20.87
CA LEU B 1009 8.69 14.04 -22.23
C LEU B 1009 9.91 13.84 -23.12
N PHE B 1010 11.09 13.70 -22.53
CA PHE B 1010 12.28 13.47 -23.33
C PHE B 1010 12.32 12.08 -23.93
N ASP B 1011 11.53 11.15 -23.41
CA ASP B 1011 11.51 9.79 -23.96
C ASP B 1011 10.53 9.62 -25.10
N VAL B 1012 9.69 10.62 -25.36
CA VAL B 1012 8.71 10.49 -26.45
C VAL B 1012 9.37 10.30 -27.81
N PRO B 1013 10.40 11.06 -28.19
CA PRO B 1013 11.04 10.79 -29.49
C PRO B 1013 11.56 9.37 -29.63
N HIS B 1014 12.15 8.80 -28.58
CA HIS B 1014 12.65 7.43 -28.66
C HIS B 1014 11.52 6.45 -28.86
N LYS B 1015 10.41 6.63 -28.13
CA LYS B 1015 9.27 5.75 -28.31
C LYS B 1015 8.66 5.89 -29.69
N TRP B 1016 8.61 7.11 -30.22
CA TRP B 1016 8.11 7.30 -31.57
C TRP B 1016 8.99 6.61 -32.59
N TYR B 1017 10.31 6.71 -32.43
CA TYR B 1017 11.22 6.04 -33.34
C TYR B 1017 11.05 4.53 -33.27
N GLN B 1018 10.94 3.98 -32.06
CA GLN B 1018 10.75 2.55 -31.92
C GLN B 1018 9.43 2.11 -32.53
N GLY B 1019 8.37 2.90 -32.35
CA GLY B 1019 7.09 2.55 -32.93
C GLY B 1019 7.11 2.57 -34.44
N ALA B 1020 7.76 3.57 -35.02
CA ALA B 1020 7.89 3.62 -36.48
C ALA B 1020 8.70 2.44 -36.99
N GLN B 1021 9.80 2.10 -36.30
CA GLN B 1021 10.64 0.98 -36.73
C GLN B 1021 9.87 -0.33 -36.64
N GLU B 1022 9.11 -0.53 -35.57
CA GLU B 1022 8.33 -1.75 -35.41
C GLU B 1022 7.19 -1.84 -36.40
N ALA B 1023 6.85 -0.75 -37.07
CA ALA B 1023 5.76 -0.79 -38.05
C ALA B 1023 6.21 -1.40 -39.37
N ALA B 1024 7.51 -1.50 -39.61
CA ALA B 1024 8.00 -2.00 -40.88
C ALA B 1024 7.80 -3.52 -40.99
N ILE B 1025 7.95 -4.02 -42.21
CA ILE B 1025 7.80 -5.45 -42.46
C ILE B 1025 9.02 -6.19 -41.91
N ALA B 1026 8.77 -7.26 -41.15
CA ALA B 1026 9.84 -8.05 -40.60
C ALA B 1026 10.51 -8.88 -41.69
N THR B 1027 11.70 -9.37 -41.38
CA THR B 1027 12.43 -10.24 -42.30
C THR B 1027 12.71 -11.59 -41.67
N ARG B 1028 13.45 -12.44 -42.37
CA ARG B 1028 13.59 -13.84 -41.96
C ARG B 1028 14.41 -14.00 -40.68
N GLU B 1029 15.47 -13.22 -40.52
CA GLU B 1029 16.33 -13.42 -39.35
C GLU B 1029 15.64 -13.01 -38.06
N GLU B 1030 14.71 -12.05 -38.13
CA GLU B 1030 13.90 -11.75 -36.95
C GLU B 1030 13.01 -12.93 -36.57
N LEU B 1031 12.46 -13.62 -37.57
CA LEU B 1031 11.69 -14.82 -37.28
C LEU B 1031 12.59 -15.90 -36.69
N ALA B 1032 13.81 -16.02 -37.19
CA ALA B 1032 14.77 -16.94 -36.59
C ALA B 1032 15.08 -16.54 -35.15
N GLU B 1033 15.13 -15.24 -34.88
CA GLU B 1033 15.32 -14.74 -33.52
C GLU B 1033 14.17 -15.20 -32.63
N MET B 1034 12.93 -15.04 -33.11
CA MET B 1034 11.78 -15.62 -32.44
C MET B 1034 12.02 -17.08 -32.10
N ASP B 1035 12.35 -17.87 -33.12
CA ASP B 1035 12.41 -19.32 -32.95
C ASP B 1035 13.47 -19.70 -31.94
N GLU B 1036 14.64 -19.10 -32.03
CA GLU B 1036 15.72 -19.47 -31.12
C GLU B 1036 15.41 -18.99 -29.70
N THR B 1037 14.73 -17.84 -29.58
CA THR B 1037 14.35 -17.37 -28.25
C THR B 1037 13.37 -18.33 -27.60
N LEU B 1038 12.37 -18.79 -28.36
CA LEU B 1038 11.41 -19.72 -27.80
C LEU B 1038 12.05 -21.05 -27.45
N MET B 1039 12.95 -21.54 -28.30
CA MET B 1039 13.66 -22.77 -27.97
C MET B 1039 14.50 -22.61 -26.73
N ARG B 1040 15.18 -21.47 -26.60
CA ARG B 1040 15.98 -21.21 -25.41
C ARG B 1040 15.11 -21.20 -24.16
N ALA B 1041 13.94 -20.55 -24.25
CA ALA B 1041 13.02 -20.53 -23.12
C ALA B 1041 12.53 -21.93 -22.77
N ARG B 1042 12.21 -22.74 -23.78
CA ARG B 1042 11.65 -24.06 -23.52
C ARG B 1042 12.68 -25.01 -22.92
N ARG B 1043 13.90 -24.99 -23.46
CA ARG B 1043 14.91 -25.96 -23.03
C ARG B 1043 15.43 -25.66 -21.65
N HIS B 1044 15.31 -24.43 -21.18
CA HIS B 1044 15.84 -24.04 -19.88
C HIS B 1044 15.06 -24.69 -18.75
N SER B 1045 15.63 -24.64 -17.56
CA SER B 1045 14.99 -25.16 -16.35
C SER B 1045 14.88 -24.04 -15.33
N TYR B 1046 13.76 -24.00 -14.63
CA TYR B 1046 13.45 -22.92 -13.71
C TYR B 1046 13.28 -23.46 -12.29
N SER B 1047 13.15 -22.54 -11.34
CA SER B 1047 13.02 -22.89 -9.93
C SER B 1047 11.90 -22.17 -9.22
N SER B 1048 11.30 -21.14 -9.83
CA SER B 1048 10.24 -20.39 -9.17
C SER B 1048 9.51 -19.56 -10.21
N PHE B 1049 8.33 -19.09 -9.85
CA PHE B 1049 7.60 -18.14 -10.68
C PHE B 1049 8.17 -16.75 -10.44
N SER B 1050 7.48 -15.73 -10.97
CA SER B 1050 7.86 -14.36 -10.69
C SER B 1050 7.67 -14.05 -9.22
N LYS B 1051 8.36 -13.01 -8.76
CA LYS B 1051 8.31 -12.65 -7.35
C LYS B 1051 6.88 -12.40 -6.89
N LEU B 1052 6.09 -11.76 -7.75
CA LEU B 1052 4.72 -11.40 -7.37
C LEU B 1052 3.88 -12.63 -7.07
N LEU B 1053 3.99 -13.66 -7.90
CA LEU B 1053 3.19 -14.86 -7.68
C LEU B 1053 3.65 -15.60 -6.43
N GLU B 1054 4.95 -15.66 -6.19
CA GLU B 1054 5.46 -16.27 -4.97
C GLU B 1054 4.94 -15.52 -3.75
N ALA B 1055 4.86 -14.20 -3.83
CA ALA B 1055 4.25 -13.44 -2.74
C ALA B 1055 2.78 -13.78 -2.58
N TYR B 1056 2.05 -13.91 -3.70
CA TYR B 1056 0.63 -14.19 -3.63
C TYR B 1056 0.35 -15.52 -2.94
N LEU B 1057 1.14 -16.54 -3.25
CA LEU B 1057 0.87 -17.86 -2.68
C LEU B 1057 1.02 -17.91 -1.17
N LEU B 1058 1.61 -16.89 -0.55
CA LEU B 1058 1.71 -16.89 0.90
C LEU B 1058 0.37 -16.61 1.58
N VAL B 1059 -0.65 -16.24 0.82
CA VAL B 1059 -1.94 -15.86 1.38
C VAL B 1059 -2.94 -17.00 1.17
N LYS B 1060 -3.68 -17.34 2.22
CA LYS B 1060 -4.73 -18.34 2.14
C LYS B 1060 -6.01 -17.77 2.74
N TRP B 1061 -7.14 -18.20 2.22
CA TRP B 1061 -8.45 -17.66 2.59
C TRP B 1061 -9.34 -18.74 3.19
N ARG B 1062 -10.59 -18.36 3.40
CA ARG B 1062 -11.59 -19.26 3.97
C ARG B 1062 -12.96 -18.93 3.37
N MET B 1063 -13.52 -19.88 2.63
CA MET B 1063 -14.85 -19.73 2.05
C MET B 1063 -15.90 -19.87 3.14
N CYS B 1064 -17.07 -19.29 2.90
CA CYS B 1064 -18.15 -19.29 3.88
C CYS B 1064 -19.51 -19.41 3.21
N GLU B 1065 -20.58 -19.06 3.93
CA GLU B 1065 -21.91 -19.17 3.37
C GLU B 1065 -22.07 -18.25 2.16
N ALA B 1066 -22.97 -18.65 1.27
CA ALA B 1066 -23.13 -17.98 -0.01
C ALA B 1066 -23.70 -16.58 0.18
N ARG B 1067 -23.59 -15.78 -0.88
CA ARG B 1067 -24.07 -14.41 -0.84
C ARG B 1067 -25.60 -14.39 -0.92
N GLU B 1068 -26.12 -13.21 -1.02
CA GLU B 1068 -27.54 -13.04 -1.24
C GLU B 1068 -27.82 -12.76 -2.71
N PRO B 1069 -28.93 -13.24 -3.24
CA PRO B 1069 -29.23 -13.01 -4.66
C PRO B 1069 -29.33 -11.52 -4.95
N SER B 1070 -28.75 -11.12 -6.08
CA SER B 1070 -28.75 -9.72 -6.45
C SER B 1070 -30.00 -9.32 -7.23
N VAL B 1071 -30.49 -10.20 -8.10
CA VAL B 1071 -31.69 -9.94 -8.88
C VAL B 1071 -32.59 -11.17 -8.78
N ASP B 1072 -33.82 -11.02 -9.23
CA ASP B 1072 -34.76 -12.14 -9.22
C ASP B 1072 -34.27 -13.25 -10.14
N LEU B 1073 -34.47 -14.49 -9.72
CA LEU B 1073 -33.92 -15.62 -10.45
C LEU B 1073 -34.68 -15.90 -11.74
N ARG B 1074 -35.92 -15.42 -11.86
CA ARG B 1074 -36.71 -15.69 -13.04
C ARG B 1074 -36.88 -14.47 -13.95
N LEU B 1075 -35.88 -13.61 -14.02
CA LEU B 1075 -35.92 -12.43 -14.86
C LEU B 1075 -34.86 -12.53 -15.94
N PRO B 1076 -35.22 -12.63 -17.21
CA PRO B 1076 -34.21 -12.73 -18.27
C PRO B 1076 -33.49 -11.41 -18.47
N LEU B 1077 -32.16 -11.45 -18.41
CA LEU B 1077 -31.33 -10.27 -18.57
C LEU B 1077 -30.47 -10.34 -19.83
N CYS B 1078 -29.65 -11.37 -19.96
CA CYS B 1078 -28.89 -11.63 -21.18
C CYS B 1078 -29.39 -12.93 -21.79
N ALA B 1079 -29.76 -12.89 -23.06
CA ALA B 1079 -30.27 -14.08 -23.74
C ALA B 1079 -29.20 -15.17 -23.75
N GLY B 1080 -29.63 -16.41 -23.54
CA GLY B 1080 -28.76 -17.54 -23.46
C GLY B 1080 -28.24 -17.80 -22.06
N ILE B 1081 -28.10 -16.77 -21.24
CA ILE B 1081 -27.69 -16.92 -19.85
C ILE B 1081 -28.93 -17.35 -19.09
N ASP B 1082 -29.13 -18.66 -19.01
CA ASP B 1082 -30.35 -19.25 -18.48
C ASP B 1082 -29.99 -20.51 -17.71
N PRO B 1083 -30.95 -21.20 -17.09
CA PRO B 1083 -30.60 -22.40 -16.33
C PRO B 1083 -29.87 -23.48 -17.13
N LEU B 1084 -30.12 -23.62 -18.43
CA LEU B 1084 -29.32 -24.56 -19.20
C LEU B 1084 -27.89 -24.08 -19.40
N ASN B 1085 -27.57 -22.89 -18.92
CA ASN B 1085 -26.25 -22.31 -19.03
C ASN B 1085 -25.80 -21.96 -17.63
N SER B 1086 -25.84 -22.95 -16.74
CA SER B 1086 -25.80 -22.76 -15.29
C SER B 1086 -24.79 -21.72 -14.84
N ASP B 1087 -23.50 -21.98 -15.02
CA ASP B 1087 -22.48 -21.18 -14.34
C ASP B 1087 -22.59 -19.70 -14.64
N PRO B 1088 -22.71 -19.23 -15.89
CA PRO B 1088 -22.93 -17.79 -16.09
C PRO B 1088 -24.17 -17.28 -15.40
N PHE B 1089 -25.24 -18.08 -15.42
CA PHE B 1089 -26.48 -17.67 -14.78
C PHE B 1089 -26.29 -17.48 -13.29
N LEU B 1090 -25.59 -18.41 -12.65
CA LEU B 1090 -25.39 -18.34 -11.21
C LEU B 1090 -24.49 -17.17 -10.85
N LYS B 1091 -23.42 -16.97 -11.62
CA LYS B 1091 -22.55 -15.84 -11.36
C LYS B 1091 -23.29 -14.52 -11.52
N MET B 1092 -24.11 -14.41 -12.55
CA MET B 1092 -24.84 -13.17 -12.79
C MET B 1092 -25.84 -12.90 -11.68
N VAL B 1093 -26.59 -13.92 -11.25
CA VAL B 1093 -27.58 -13.69 -10.19
C VAL B 1093 -26.95 -13.54 -8.83
N SER B 1094 -25.74 -14.05 -8.60
CA SER B 1094 -25.10 -13.86 -7.32
C SER B 1094 -24.41 -12.50 -7.22
N VAL B 1095 -23.71 -12.09 -8.27
CA VAL B 1095 -23.01 -10.82 -8.23
C VAL B 1095 -23.88 -9.67 -8.68
N GLY B 1096 -24.65 -9.85 -9.76
CA GLY B 1096 -25.47 -8.79 -10.27
C GLY B 1096 -24.79 -8.04 -11.40
N PRO B 1097 -25.57 -7.57 -12.36
CA PRO B 1097 -24.99 -6.87 -13.51
C PRO B 1097 -24.41 -5.52 -13.12
N MET B 1098 -23.39 -5.10 -13.87
CA MET B 1098 -22.81 -3.77 -13.72
C MET B 1098 -23.81 -2.75 -14.23
N LEU B 1099 -24.45 -2.02 -13.32
CA LEU B 1099 -25.51 -1.08 -13.66
C LEU B 1099 -24.99 0.36 -13.81
N GLN B 1100 -23.72 0.54 -14.14
CA GLN B 1100 -23.14 1.86 -14.31
C GLN B 1100 -22.05 1.79 -15.36
N SER B 1101 -22.04 2.77 -16.26
CA SER B 1101 -21.13 2.73 -17.40
C SER B 1101 -19.68 2.78 -16.93
N THR B 1102 -18.82 2.02 -17.62
CA THR B 1102 -17.44 1.86 -17.19
C THR B 1102 -16.56 3.06 -17.49
N ARG B 1103 -16.83 3.77 -18.59
CA ARG B 1103 -15.95 4.88 -18.96
C ARG B 1103 -15.93 5.95 -17.87
N LYS B 1104 -17.12 6.31 -17.36
CA LYS B 1104 -17.19 7.29 -16.29
C LYS B 1104 -16.64 6.74 -14.99
N TYR B 1105 -16.83 5.44 -14.73
CA TYR B 1105 -16.30 4.85 -13.51
C TYR B 1105 -14.78 4.89 -13.47
N PHE B 1106 -14.13 4.55 -14.59
CA PHE B 1106 -12.68 4.58 -14.64
C PHE B 1106 -12.12 5.97 -14.94
N ALA B 1107 -12.97 6.93 -15.31
CA ALA B 1107 -12.51 8.30 -15.46
C ALA B 1107 -11.98 8.87 -14.14
N GLN B 1108 -12.52 8.42 -13.02
CA GLN B 1108 -12.12 8.90 -11.71
C GLN B 1108 -11.03 8.06 -11.07
N THR B 1109 -10.57 6.99 -11.74
CA THR B 1109 -9.53 6.13 -11.23
C THR B 1109 -8.14 6.53 -11.73
N LEU B 1110 -7.97 7.82 -12.04
CA LEU B 1110 -6.71 8.33 -12.54
C LEU B 1110 -6.51 9.74 -12.01
N PHE B 1111 -5.26 10.21 -12.09
CA PHE B 1111 -4.93 11.57 -11.68
C PHE B 1111 -4.90 12.55 -12.84
N MET B 1112 -4.21 12.20 -13.92
CA MET B 1112 -4.19 12.99 -15.15
C MET B 1112 -5.14 12.36 -16.16
N ALA B 1113 -6.09 13.15 -16.65
CA ALA B 1113 -7.08 12.62 -17.59
C ALA B 1113 -6.42 12.23 -18.91
N LYS B 1114 -5.64 13.15 -19.49
CA LYS B 1114 -5.02 12.93 -20.78
C LYS B 1114 -3.54 13.28 -20.70
N THR B 1115 -2.74 12.58 -21.50
CA THR B 1115 -1.31 12.82 -21.58
C THR B 1115 -0.89 12.84 -23.04
N VAL B 1116 0.40 13.11 -23.25
CA VAL B 1116 0.95 13.15 -24.60
C VAL B 1116 0.90 11.75 -25.21
N SER B 1117 0.51 11.69 -26.49
CA SER B 1117 0.48 10.42 -27.21
C SER B 1117 1.86 9.80 -27.26
N GLY B 1118 2.01 8.61 -26.71
CA GLY B 1118 3.32 7.99 -26.60
C GLY B 1118 3.57 7.53 -25.18
N LEU B 1119 3.06 8.30 -24.23
CA LEU B 1119 3.13 7.93 -22.82
C LEU B 1119 1.79 7.37 -22.36
N ASP B 1120 1.85 6.56 -21.31
CA ASP B 1120 0.66 5.92 -20.74
C ASP B 1120 0.35 6.58 -19.41
N VAL B 1121 -0.92 6.97 -19.24
CA VAL B 1121 -1.35 7.52 -17.95
C VAL B 1121 -1.15 6.51 -16.84
N ASN B 1122 -1.43 5.24 -17.12
CA ASN B 1122 -1.24 4.20 -16.12
C ASN B 1122 0.21 4.10 -15.70
N ALA B 1123 1.14 4.26 -16.63
CA ALA B 1123 2.55 4.23 -16.27
C ALA B 1123 2.90 5.35 -15.30
N ILE B 1124 2.39 6.56 -15.58
CA ILE B 1124 2.67 7.69 -14.70
C ILE B 1124 2.07 7.46 -13.33
N ASP B 1125 0.84 6.97 -13.27
CA ASP B 1125 0.21 6.71 -11.98
C ASP B 1125 0.98 5.66 -11.20
N SER B 1126 1.42 4.60 -11.89
CA SER B 1126 2.19 3.55 -11.22
C SER B 1126 3.51 4.10 -10.69
N ALA B 1127 4.18 4.94 -11.48
CA ALA B 1127 5.43 5.53 -11.02
C ALA B 1127 5.21 6.41 -9.80
N LEU B 1128 4.16 7.23 -9.82
CA LEU B 1128 3.90 8.11 -8.68
C LEU B 1128 3.59 7.30 -7.43
N LEU B 1129 2.76 6.27 -7.55
CA LEU B 1129 2.42 5.48 -6.38
C LEU B 1129 3.60 4.66 -5.89
N ARG B 1130 4.46 4.20 -6.80
CA ARG B 1130 5.69 3.55 -6.38
C ARG B 1130 6.57 4.49 -5.60
N LEU B 1131 6.71 5.73 -6.08
CA LEU B 1131 7.54 6.70 -5.37
C LEU B 1131 6.98 6.98 -3.98
N ARG B 1132 5.65 7.14 -3.88
CA ARG B 1132 5.04 7.38 -2.58
C ARG B 1132 5.24 6.18 -1.66
N THR B 1133 5.06 4.97 -2.17
CA THR B 1133 5.14 3.78 -1.33
C THR B 1133 6.55 3.56 -0.82
N LEU B 1134 7.55 3.78 -1.66
CA LEU B 1134 8.93 3.53 -1.26
C LEU B 1134 9.52 4.63 -0.40
N GLY B 1135 8.68 5.55 0.09
CA GLY B 1135 9.15 6.52 1.06
C GLY B 1135 9.83 7.74 0.48
N ALA B 1136 9.79 7.93 -0.83
CA ALA B 1136 10.35 9.14 -1.41
C ALA B 1136 9.55 10.35 -0.96
N ASP B 1137 10.24 11.49 -0.83
CA ASP B 1137 9.58 12.69 -0.35
C ASP B 1137 8.86 13.40 -1.49
N LYS B 1138 8.13 14.46 -1.15
CA LYS B 1138 7.27 15.11 -2.11
C LYS B 1138 8.03 15.80 -3.24
N LYS B 1139 9.30 16.15 -3.01
CA LYS B 1139 10.06 16.78 -4.09
C LYS B 1139 10.29 15.80 -5.25
N ALA B 1140 10.44 14.51 -4.96
CA ALA B 1140 10.57 13.53 -6.03
C ALA B 1140 9.30 13.49 -6.87
N LEU B 1141 8.14 13.51 -6.23
CA LEU B 1141 6.89 13.51 -6.98
C LEU B 1141 6.73 14.80 -7.77
N THR B 1142 7.16 15.92 -7.20
CA THR B 1142 7.17 17.17 -7.95
C THR B 1142 8.03 17.05 -9.19
N ALA B 1143 9.23 16.48 -9.06
CA ALA B 1143 10.10 16.31 -10.20
C ALA B 1143 9.42 15.44 -11.26
N GLN B 1144 8.81 14.34 -10.83
CA GLN B 1144 8.15 13.45 -11.78
C GLN B 1144 7.03 14.17 -12.52
N LEU B 1145 6.24 14.97 -11.79
CA LEU B 1145 5.17 15.73 -12.44
C LEU B 1145 5.74 16.79 -13.36
N LEU B 1146 6.94 17.26 -13.07
CA LEU B 1146 7.55 18.28 -13.93
C LEU B 1146 8.08 17.66 -15.21
N MET B 1147 8.53 16.40 -15.16
CA MET B 1147 8.99 15.74 -16.38
C MET B 1147 7.87 15.64 -17.40
N VAL B 1148 6.65 15.33 -16.95
CA VAL B 1148 5.53 15.17 -17.88
C VAL B 1148 4.95 16.53 -18.22
N GLY B 1149 5.56 17.59 -17.69
CA GLY B 1149 5.28 18.94 -18.14
C GLY B 1149 4.28 19.74 -17.33
N LEU B 1150 3.78 19.21 -16.23
CA LEU B 1150 2.88 20.00 -15.40
C LEU B 1150 3.62 21.21 -14.83
N GLN B 1151 2.91 22.33 -14.73
CA GLN B 1151 3.51 23.54 -14.24
C GLN B 1151 3.75 23.42 -12.74
N GLU B 1152 4.71 24.21 -12.23
CA GLU B 1152 5.29 23.93 -10.92
C GLU B 1152 4.26 23.97 -9.80
N SER B 1153 3.37 24.96 -9.81
CA SER B 1153 2.50 25.18 -8.65
C SER B 1153 1.54 24.01 -8.45
N GLU B 1154 0.80 23.66 -9.49
CA GLU B 1154 -0.12 22.53 -9.34
C GLU B 1154 0.67 21.23 -9.24
N ALA B 1155 1.91 21.22 -9.73
CA ALA B 1155 2.76 20.06 -9.49
C ALA B 1155 2.96 19.83 -8.00
N ASP B 1156 3.34 20.89 -7.27
CA ASP B 1156 3.49 20.75 -5.82
C ASP B 1156 2.17 20.41 -5.15
N ALA B 1157 1.10 21.09 -5.56
CA ALA B 1157 -0.20 20.84 -4.93
C ALA B 1157 -0.60 19.37 -5.08
N LEU B 1158 -0.53 18.86 -6.30
CA LEU B 1158 -0.91 17.48 -6.56
C LEU B 1158 0.03 16.51 -5.88
N ALA B 1159 1.33 16.83 -5.82
CA ALA B 1159 2.27 15.94 -5.16
C ALA B 1159 1.93 15.80 -3.69
N GLY B 1160 1.72 16.92 -3.00
CA GLY B 1160 1.33 16.84 -1.60
C GLY B 1160 0.03 16.10 -1.40
N LYS B 1161 -0.98 16.42 -2.21
CA LYS B 1161 -2.26 15.76 -2.07
C LYS B 1161 -2.14 14.26 -2.26
N ILE B 1162 -1.42 13.81 -3.29
CA ILE B 1162 -1.24 12.38 -3.51
C ILE B 1162 -0.52 11.75 -2.33
N MET B 1163 0.52 12.41 -1.81
CA MET B 1163 1.25 11.82 -0.70
C MET B 1163 0.34 11.58 0.50
N LEU B 1164 -0.55 12.54 0.79
CA LEU B 1164 -1.35 12.38 2.00
C LEU B 1164 -2.69 11.70 1.72
N GLN B 1165 -3.07 11.57 0.46
CA GLN B 1165 -4.39 11.08 0.11
C GLN B 1165 -4.51 9.57 0.28
N ASP B 1166 -5.76 9.11 0.37
CA ASP B 1166 -6.10 7.69 0.29
C ASP B 1166 -6.82 7.44 -1.03
N VAL B 1167 -6.43 6.38 -1.73
CA VAL B 1167 -6.90 6.12 -3.08
C VAL B 1167 -7.78 4.88 -3.12
N ASN B 1168 -8.48 4.70 -4.24
CA ASN B 1168 -9.39 3.58 -4.40
C ASN B 1168 -8.62 2.28 -4.53
N THR B 1169 -9.35 1.17 -4.33
CA THR B 1169 -8.73 -0.15 -4.43
C THR B 1169 -8.26 -0.40 -5.86
N VAL B 1170 -9.10 -0.12 -6.85
CA VAL B 1170 -8.75 -0.40 -8.24
C VAL B 1170 -7.54 0.43 -8.66
N GLN B 1171 -7.55 1.72 -8.32
CA GLN B 1171 -6.44 2.58 -8.71
C GLN B 1171 -5.17 2.17 -7.98
N LEU B 1172 -5.28 1.76 -6.73
CA LEU B 1172 -4.09 1.43 -5.94
C LEU B 1172 -3.50 0.10 -6.37
N ALA B 1173 -4.32 -0.83 -6.85
CA ALA B 1173 -3.81 -2.15 -7.22
C ALA B 1173 -2.94 -2.12 -8.46
N ARG B 1174 -2.91 -1.02 -9.21
CA ARG B 1174 -2.14 -0.99 -10.44
C ARG B 1174 -0.64 -0.92 -10.20
N VAL B 1175 -0.21 -0.72 -8.95
CA VAL B 1175 1.22 -0.68 -8.68
C VAL B 1175 1.87 -2.01 -8.98
N VAL B 1176 1.12 -3.09 -8.89
CA VAL B 1176 1.62 -4.43 -9.19
C VAL B 1176 1.00 -4.98 -10.47
N ASN B 1177 0.60 -4.10 -11.38
CA ASN B 1177 0.03 -4.49 -12.66
C ASN B 1177 -1.19 -5.38 -12.47
N LEU B 1178 -2.00 -5.08 -11.47
CA LEU B 1178 -3.24 -5.80 -11.23
C LEU B 1178 -4.37 -5.01 -11.90
N ALA B 1179 -4.95 -5.61 -12.93
CA ALA B 1179 -6.07 -4.99 -13.64
C ALA B 1179 -7.31 -5.86 -13.52
N VAL B 1180 -8.46 -5.22 -13.57
CA VAL B 1180 -9.72 -5.97 -13.50
C VAL B 1180 -9.84 -6.85 -14.73
N PRO B 1181 -10.16 -8.14 -14.57
CA PRO B 1181 -10.30 -9.00 -15.75
C PRO B 1181 -11.36 -8.47 -16.70
N ASP B 1182 -11.08 -8.59 -18.00
CA ASP B 1182 -11.97 -8.02 -18.99
C ASP B 1182 -13.36 -8.65 -18.94
N THR B 1183 -13.43 -9.92 -18.54
CA THR B 1183 -14.72 -10.61 -18.48
C THR B 1183 -15.57 -10.16 -17.31
N TRP B 1184 -14.99 -9.55 -16.28
CA TRP B 1184 -15.75 -9.08 -15.13
C TRP B 1184 -16.47 -7.77 -15.40
N MET B 1185 -16.16 -7.10 -16.52
CA MET B 1185 -16.65 -5.74 -16.73
C MET B 1185 -18.17 -5.67 -16.72
N SER B 1186 -18.85 -6.73 -17.16
CA SER B 1186 -20.30 -6.73 -17.18
C SER B 1186 -20.91 -7.16 -15.85
N LEU B 1187 -20.15 -7.14 -14.76
CA LEU B 1187 -20.65 -7.53 -13.47
C LEU B 1187 -20.36 -6.44 -12.44
N ASP B 1188 -21.11 -6.48 -11.34
CA ASP B 1188 -20.97 -5.50 -10.26
C ASP B 1188 -19.85 -5.96 -9.33
N PHE B 1189 -18.61 -5.76 -9.79
CA PHE B 1189 -17.46 -6.16 -8.98
C PHE B 1189 -17.17 -5.18 -7.86
N ASP B 1190 -17.63 -3.94 -7.97
CA ASP B 1190 -17.28 -2.93 -6.98
C ASP B 1190 -17.86 -3.27 -5.61
N SER B 1191 -19.16 -3.56 -5.56
CA SER B 1191 -19.79 -3.90 -4.29
C SER B 1191 -19.19 -5.16 -3.71
N MET B 1192 -18.78 -6.10 -4.56
CA MET B 1192 -18.18 -7.32 -4.05
C MET B 1192 -16.78 -7.06 -3.51
N PHE B 1193 -16.05 -6.11 -4.09
CA PHE B 1193 -14.82 -5.65 -3.46
C PHE B 1193 -15.09 -5.06 -2.09
N LYS B 1194 -16.13 -4.24 -2.00
CA LYS B 1194 -16.33 -3.45 -0.78
C LYS B 1194 -16.85 -4.32 0.36
N HIS B 1195 -17.91 -5.08 0.14
CA HIS B 1195 -18.64 -5.69 1.23
C HIS B 1195 -18.74 -7.21 1.15
N HIS B 1196 -17.85 -7.87 0.43
CA HIS B 1196 -17.86 -9.33 0.39
C HIS B 1196 -16.47 -9.94 0.40
N VAL B 1197 -15.42 -9.14 0.52
CA VAL B 1197 -14.08 -9.63 0.71
C VAL B 1197 -13.61 -9.12 2.06
N LYS B 1198 -13.80 -9.91 3.10
CA LYS B 1198 -13.53 -9.49 4.47
C LYS B 1198 -12.07 -9.78 4.80
N LEU B 1199 -11.33 -8.74 5.14
CA LEU B 1199 -9.91 -8.90 5.47
C LEU B 1199 -9.69 -9.24 6.92
N LEU B 1200 -10.76 -9.43 7.69
CA LEU B 1200 -10.65 -9.86 9.07
C LEU B 1200 -11.15 -11.29 9.18
N PRO B 1201 -10.39 -12.18 9.82
CA PRO B 1201 -10.86 -13.57 9.95
C PRO B 1201 -12.18 -13.65 10.68
N LYS B 1202 -13.02 -14.61 10.26
CA LYS B 1202 -14.36 -14.72 10.81
C LYS B 1202 -14.32 -14.98 12.31
N ASP B 1203 -13.42 -15.84 12.77
CA ASP B 1203 -13.35 -16.18 14.18
C ASP B 1203 -12.77 -15.06 15.03
N GLY B 1204 -12.27 -14.00 14.43
CA GLY B 1204 -11.65 -12.90 15.15
C GLY B 1204 -10.23 -12.68 14.68
N ARG B 1205 -9.59 -11.68 15.28
CA ARG B 1205 -8.26 -11.28 14.85
C ARG B 1205 -7.26 -12.41 15.06
N HIS B 1206 -6.42 -12.62 14.07
CA HIS B 1206 -5.32 -13.58 14.14
C HIS B 1206 -4.00 -12.83 14.22
N LEU B 1207 -2.94 -13.55 14.55
CA LEU B 1207 -1.63 -12.93 14.75
C LEU B 1207 -1.00 -12.48 13.44
N ASN B 1208 -1.15 -13.27 12.38
CA ASN B 1208 -0.44 -12.98 11.15
C ASN B 1208 -1.20 -12.03 10.23
N THR B 1209 -2.53 -11.95 10.39
CA THR B 1209 -3.36 -11.15 9.52
C THR B 1209 -3.34 -9.67 9.87
N ASP B 1210 -2.34 -9.22 10.61
CA ASP B 1210 -2.25 -7.82 11.01
C ASP B 1210 -1.49 -7.04 9.94
N ILE B 1211 -2.10 -5.96 9.47
CA ILE B 1211 -1.48 -5.07 8.48
C ILE B 1211 -0.71 -3.98 9.20
N PRO B 1212 0.56 -3.76 8.87
CA PRO B 1212 1.28 -2.64 9.45
C PRO B 1212 0.59 -1.33 9.09
N PRO B 1213 0.60 -0.36 10.01
CA PRO B 1213 -0.23 0.84 9.80
C PRO B 1213 0.09 1.61 8.53
N ARG B 1214 1.36 1.71 8.17
CA ARG B 1214 1.75 2.50 7.00
C ARG B 1214 1.82 1.67 5.73
N MET B 1215 1.44 0.40 5.79
CA MET B 1215 1.37 -0.47 4.62
C MET B 1215 -0.06 -0.76 4.20
N GLY B 1216 -0.94 0.24 4.31
CA GLY B 1216 -2.36 0.06 4.04
C GLY B 1216 -2.69 -0.36 2.63
N TRP B 1217 -1.80 -0.12 1.67
CA TRP B 1217 -2.04 -0.55 0.30
C TRP B 1217 -2.21 -2.06 0.17
N LEU B 1218 -1.65 -2.84 1.10
CA LEU B 1218 -1.93 -4.27 1.11
C LEU B 1218 -3.42 -4.53 1.19
N ARG B 1219 -4.16 -3.66 1.89
CA ARG B 1219 -5.61 -3.79 1.91
C ARG B 1219 -6.17 -3.76 0.50
N ALA B 1220 -5.57 -2.94 -0.37
CA ALA B 1220 -6.02 -2.89 -1.76
C ALA B 1220 -5.65 -4.18 -2.49
N ILE B 1221 -4.40 -4.63 -2.34
CA ILE B 1221 -3.98 -5.81 -3.10
C ILE B 1221 -4.78 -7.05 -2.72
N LEU B 1222 -4.87 -7.35 -1.42
CA LEU B 1222 -5.48 -8.62 -1.01
C LEU B 1222 -6.93 -8.74 -1.47
N ARG B 1223 -7.60 -7.62 -1.71
CA ARG B 1223 -8.96 -7.68 -2.22
C ARG B 1223 -8.99 -8.35 -3.59
N PHE B 1224 -7.99 -8.08 -4.43
CA PHE B 1224 -7.94 -8.72 -5.73
C PHE B 1224 -7.74 -10.22 -5.60
N LEU B 1225 -6.89 -10.65 -4.67
CA LEU B 1225 -6.68 -12.09 -4.48
C LEU B 1225 -7.97 -12.76 -4.05
N GLY B 1226 -8.67 -12.16 -3.09
CA GLY B 1226 -9.96 -12.71 -2.70
C GLY B 1226 -10.93 -12.79 -3.86
N ALA B 1227 -10.95 -11.72 -4.68
CA ALA B 1227 -11.84 -11.70 -5.84
C ALA B 1227 -11.51 -12.80 -6.82
N GLY B 1228 -10.23 -12.99 -7.11
CA GLY B 1228 -9.84 -14.05 -8.02
C GLY B 1228 -10.24 -15.42 -7.51
N MET B 1229 -10.01 -15.67 -6.21
CA MET B 1229 -10.38 -16.96 -5.65
C MET B 1229 -11.88 -17.19 -5.74
N VAL B 1230 -12.68 -16.18 -5.42
CA VAL B 1230 -14.13 -16.39 -5.40
C VAL B 1230 -14.66 -16.53 -6.81
N MET B 1231 -14.16 -15.75 -7.76
CA MET B 1231 -14.70 -15.78 -9.12
C MET B 1231 -14.23 -17.00 -9.90
N THR B 1232 -13.04 -17.50 -9.64
CA THR B 1232 -12.55 -18.65 -10.40
C THR B 1232 -13.42 -19.88 -10.17
N ALA B 1233 -13.86 -20.08 -8.93
CA ALA B 1233 -14.63 -21.27 -8.60
C ALA B 1233 -15.97 -21.28 -9.31
N THR B 1234 -16.38 -22.46 -9.77
CA THR B 1234 -17.68 -22.61 -10.40
C THR B 1234 -18.79 -22.53 -9.35
N GLY B 1235 -19.89 -21.87 -9.72
CA GLY B 1235 -21.07 -21.82 -8.88
C GLY B 1235 -21.43 -20.39 -8.51
N VAL B 1236 -22.00 -20.23 -7.33
CA VAL B 1236 -22.46 -18.94 -6.85
C VAL B 1236 -21.30 -18.18 -6.23
N ALA B 1237 -21.45 -16.86 -6.16
CA ALA B 1237 -20.48 -16.07 -5.42
C ALA B 1237 -20.60 -16.38 -3.93
N VAL B 1238 -19.46 -16.36 -3.25
CA VAL B 1238 -19.37 -16.81 -1.87
C VAL B 1238 -18.65 -15.76 -1.04
N ASP B 1239 -19.21 -15.43 0.11
CA ASP B 1239 -18.52 -14.55 1.05
C ASP B 1239 -17.22 -15.20 1.49
N ILE B 1240 -16.13 -14.43 1.44
CA ILE B 1240 -14.79 -14.96 1.68
C ILE B 1240 -14.15 -14.14 2.79
N TYR B 1241 -13.40 -14.83 3.66
CA TYR B 1241 -12.72 -14.20 4.77
C TYR B 1241 -11.24 -14.54 4.69
N LEU B 1242 -10.40 -13.55 5.02
CA LEU B 1242 -8.98 -13.80 5.10
C LEU B 1242 -8.69 -14.83 6.19
N GLU B 1243 -7.72 -15.70 5.93
CA GLU B 1243 -7.40 -16.76 6.87
C GLU B 1243 -6.03 -16.60 7.51
N ASP B 1244 -4.97 -16.49 6.72
CA ASP B 1244 -3.64 -16.38 7.28
C ASP B 1244 -2.65 -15.98 6.20
N ILE B 1245 -1.63 -15.22 6.62
CA ILE B 1245 -0.47 -14.93 5.80
C ILE B 1245 0.73 -15.58 6.45
N HIS B 1246 1.47 -16.38 5.69
CA HIS B 1246 2.49 -17.24 6.28
C HIS B 1246 3.58 -16.41 6.96
N GLY B 1247 4.15 -15.45 6.24
CA GLY B 1247 5.22 -14.68 6.81
C GLY B 1247 4.80 -13.46 7.60
N GLY B 1248 3.52 -13.25 7.76
CA GLY B 1248 3.06 -12.04 8.41
C GLY B 1248 3.00 -10.88 7.43
N GLY B 1249 2.27 -9.83 7.82
CA GLY B 1249 2.07 -8.71 6.92
C GLY B 1249 3.35 -8.00 6.55
N ARG B 1250 4.23 -7.81 7.53
CA ARG B 1250 5.45 -7.03 7.29
C ARG B 1250 6.32 -7.70 6.24
N SER B 1251 6.49 -9.01 6.32
CA SER B 1251 7.34 -9.71 5.35
C SER B 1251 6.78 -9.60 3.94
N LEU B 1252 5.45 -9.74 3.80
CA LEU B 1252 4.82 -9.57 2.51
C LEU B 1252 5.05 -8.17 1.97
N GLY B 1253 4.93 -7.18 2.84
CA GLY B 1253 5.20 -5.81 2.41
C GLY B 1253 6.63 -5.62 1.95
N GLN B 1254 7.58 -6.21 2.67
CA GLN B 1254 8.98 -6.08 2.25
C GLN B 1254 9.21 -6.74 0.90
N ARG B 1255 8.61 -7.91 0.67
CA ARG B 1255 8.77 -8.57 -0.62
C ARG B 1255 8.17 -7.71 -1.73
N PHE B 1256 7.00 -7.16 -1.50
CA PHE B 1256 6.37 -6.32 -2.52
C PHE B 1256 7.23 -5.09 -2.80
N MET B 1257 7.75 -4.45 -1.77
CA MET B 1257 8.59 -3.28 -1.99
C MET B 1257 9.87 -3.64 -2.73
N THR B 1258 10.43 -4.81 -2.43
CA THR B 1258 11.61 -5.26 -3.16
C THR B 1258 11.31 -5.41 -4.64
N TRP B 1259 10.18 -6.04 -4.98
CA TRP B 1259 9.81 -6.15 -6.37
C TRP B 1259 9.59 -4.78 -6.99
N MET B 1260 8.93 -3.88 -6.26
CA MET B 1260 8.65 -2.54 -6.76
C MET B 1260 9.93 -1.82 -7.11
N ARG B 1261 10.95 -1.95 -6.28
CA ARG B 1261 12.21 -1.28 -6.54
C ARG B 1261 13.01 -1.94 -7.65
N GLN B 1262 13.03 -3.28 -7.70
CA GLN B 1262 13.89 -3.97 -8.65
C GLN B 1262 13.38 -3.95 -10.08
N GLU B 1263 12.10 -3.68 -10.30
CA GLU B 1263 11.55 -3.72 -11.65
C GLU B 1263 12.05 -2.52 -12.43
N GLY B 1264 12.09 -2.64 -13.76
CA GLY B 1264 12.54 -1.56 -14.61
C GLY B 1264 14.04 -1.57 -14.85
N ARG B 1265 14.64 -2.76 -14.78
CA ARG B 1265 16.07 -2.89 -14.96
C ARG B 1265 16.39 -3.67 -16.23
N GLU D 42 -42.81 42.41 -71.65
CA GLU D 42 -43.75 43.00 -72.60
C GLU D 42 -43.84 44.50 -72.25
N PHE D 43 -42.66 45.12 -72.16
CA PHE D 43 -42.47 46.53 -71.84
C PHE D 43 -43.40 47.05 -70.76
N ILE D 44 -43.68 46.21 -69.75
CA ILE D 44 -44.46 46.66 -68.60
C ILE D 44 -43.60 47.27 -67.51
N SER D 45 -42.29 47.39 -67.75
CA SER D 45 -41.36 48.10 -66.85
C SER D 45 -41.38 47.52 -65.43
N SER D 46 -41.71 46.24 -65.33
CA SER D 46 -41.58 45.55 -64.06
C SER D 46 -40.12 45.18 -63.83
N TRP D 47 -39.83 44.68 -62.63
CA TRP D 47 -38.47 44.35 -62.23
C TRP D 47 -37.56 45.58 -62.32
N GLN D 48 -38.10 46.73 -61.93
CA GLN D 48 -37.31 47.92 -61.64
C GLN D 48 -37.59 48.42 -60.23
N ASN D 49 -37.79 47.51 -59.29
CA ASN D 49 -38.14 47.84 -57.92
C ASN D 49 -37.10 47.39 -56.92
N HIS D 50 -36.45 46.24 -57.17
CA HIS D 50 -35.21 45.92 -56.48
C HIS D 50 -34.15 47.01 -56.65
N PRO D 51 -34.22 47.90 -57.65
CA PRO D 51 -33.43 49.12 -57.61
C PRO D 51 -33.75 49.98 -56.39
N ILE D 52 -33.36 51.26 -56.49
CA ILE D 52 -32.77 52.10 -55.45
C ILE D 52 -33.24 51.82 -54.02
N VAL D 53 -34.42 51.22 -53.85
CA VAL D 53 -34.87 50.83 -52.51
C VAL D 53 -33.72 50.19 -51.74
N GLN D 54 -33.44 50.74 -50.57
CA GLN D 54 -32.17 50.51 -49.86
C GLN D 54 -32.37 49.58 -48.67
N VAL D 55 -31.27 49.39 -47.94
CA VAL D 55 -31.20 48.52 -46.78
C VAL D 55 -30.62 49.30 -45.61
N SER D 56 -31.22 49.15 -44.43
CA SER D 56 -30.73 49.82 -43.23
C SER D 56 -30.34 48.86 -42.11
N ALA D 57 -30.97 47.68 -42.05
CA ALA D 57 -30.68 46.74 -40.97
C ALA D 57 -29.24 46.28 -41.04
N ASP D 58 -28.55 46.32 -39.90
CA ASP D 58 -27.14 46.01 -39.83
C ASP D 58 -26.87 45.14 -38.60
N VAL D 59 -26.07 44.10 -38.77
CA VAL D 59 -25.67 43.25 -37.67
C VAL D 59 -24.45 43.87 -36.99
N GLU D 60 -24.58 44.18 -35.70
CA GLU D 60 -23.62 45.04 -35.03
C GLU D 60 -22.98 44.36 -33.82
N ASN D 61 -22.52 43.12 -34.02
CA ASN D 61 -21.82 42.38 -32.97
C ASN D 61 -20.46 42.97 -32.62
N LYS D 62 -19.95 43.90 -33.42
CA LYS D 62 -18.60 44.44 -33.27
C LYS D 62 -18.59 45.73 -32.46
N LYS D 63 -19.54 45.89 -31.55
CA LYS D 63 -19.47 46.98 -30.59
C LYS D 63 -18.19 46.95 -29.79
N THR D 64 -17.60 45.77 -29.58
CA THR D 64 -16.35 45.68 -28.85
C THR D 64 -15.24 46.40 -29.58
N ALA D 65 -15.16 46.24 -30.91
CA ALA D 65 -14.12 46.92 -31.66
C ALA D 65 -14.29 48.43 -31.58
N GLN D 66 -15.53 48.90 -31.65
CA GLN D 66 -15.81 50.32 -31.50
C GLN D 66 -15.36 50.81 -30.13
N LEU D 67 -15.71 50.05 -29.08
CA LEU D 67 -15.45 50.49 -27.73
C LEU D 67 -13.95 50.50 -27.43
N LEU D 68 -13.22 49.50 -27.92
CA LEU D 68 -11.79 49.43 -27.64
C LEU D 68 -11.01 50.44 -28.46
N HIS D 69 -11.49 50.79 -29.64
CA HIS D 69 -10.79 51.75 -30.48
C HIS D 69 -11.79 52.41 -31.41
N ALA D 70 -11.73 53.74 -31.49
CA ALA D 70 -12.60 54.51 -32.36
C ALA D 70 -11.75 55.31 -33.33
N ASP D 71 -12.25 55.44 -34.56
CA ASP D 71 -11.53 56.20 -35.58
C ASP D 71 -11.51 57.68 -35.22
N THR D 72 -10.38 58.32 -35.44
CA THR D 72 -10.27 59.74 -35.15
C THR D 72 -10.86 60.56 -36.28
N PRO D 73 -11.56 61.64 -35.99
CA PRO D 73 -12.01 62.54 -37.05
C PRO D 73 -10.84 63.26 -37.68
N ARG D 74 -11.04 63.67 -38.93
CA ARG D 74 -10.03 64.44 -39.65
C ARG D 74 -10.34 65.91 -39.45
N LEU D 75 -9.73 66.52 -38.42
CA LEU D 75 -10.06 67.90 -38.07
C LEU D 75 -9.33 68.89 -38.95
N VAL D 76 -8.00 68.88 -38.90
CA VAL D 76 -7.21 69.90 -39.56
C VAL D 76 -6.96 69.51 -41.01
N THR D 77 -7.33 70.39 -41.94
CA THR D 77 -7.02 70.25 -43.34
C THR D 77 -6.64 71.61 -43.89
N TRP D 78 -5.78 71.61 -44.90
CA TRP D 78 -5.22 72.85 -45.43
C TRP D 78 -5.66 73.06 -46.88
N ASP D 79 -6.12 74.26 -47.17
CA ASP D 79 -6.50 74.66 -48.51
C ASP D 79 -5.53 75.74 -48.98
N ALA D 80 -4.94 75.54 -50.16
CA ALA D 80 -4.00 76.49 -50.72
C ALA D 80 -4.57 77.30 -51.86
N GLY D 81 -5.80 77.02 -52.28
CA GLY D 81 -6.41 77.70 -53.39
C GLY D 81 -7.18 78.94 -52.97
N LEU D 82 -8.11 79.34 -53.82
CA LEU D 82 -8.94 80.50 -53.55
C LEU D 82 -10.09 80.12 -52.64
N CYS D 83 -10.32 80.91 -51.59
CA CYS D 83 -11.43 80.65 -50.67
C CYS D 83 -12.71 81.20 -51.30
N THR D 84 -13.19 80.48 -52.30
CA THR D 84 -14.39 80.88 -53.01
C THR D 84 -15.20 79.64 -53.39
N SER D 85 -16.49 79.86 -53.63
CA SER D 85 -17.36 78.80 -54.10
C SER D 85 -18.31 79.26 -55.19
N PHE D 86 -18.11 80.45 -55.74
CA PHE D 86 -18.98 81.01 -56.75
C PHE D 86 -18.17 81.27 -58.01
N LYS D 87 -18.69 80.81 -59.14
CA LYS D 87 -17.98 80.86 -60.41
C LYS D 87 -18.82 81.60 -61.42
N ILE D 88 -18.21 82.53 -62.13
CA ILE D 88 -18.87 83.23 -63.24
C ILE D 88 -18.60 82.45 -64.52
N VAL D 89 -19.65 82.14 -65.25
CA VAL D 89 -19.50 81.35 -66.47
C VAL D 89 -20.12 82.09 -67.65
N PRO D 90 -19.52 82.02 -68.83
CA PRO D 90 -20.18 82.57 -70.01
C PRO D 90 -21.40 81.75 -70.37
N ILE D 91 -22.36 82.39 -71.01
CA ILE D 91 -23.56 81.74 -71.48
C ILE D 91 -23.71 81.86 -73.00
N VAL D 92 -23.49 83.05 -73.53
CA VAL D 92 -23.58 83.26 -74.97
C VAL D 92 -22.32 83.96 -75.44
N PRO D 93 -21.63 83.43 -76.45
CA PRO D 93 -20.39 84.06 -76.91
C PRO D 93 -20.64 85.46 -77.45
N ALA D 94 -19.64 86.32 -77.29
CA ALA D 94 -19.79 87.73 -77.66
C ALA D 94 -19.95 87.88 -79.16
N GLN D 95 -20.66 88.94 -79.56
CA GLN D 95 -20.91 89.25 -80.96
C GLN D 95 -19.65 89.92 -81.54
N VAL D 96 -18.64 89.08 -81.78
CA VAL D 96 -17.37 89.52 -82.34
C VAL D 96 -16.90 88.49 -83.35
N PRO D 97 -16.49 88.90 -84.56
CA PRO D 97 -16.50 90.27 -85.07
C PRO D 97 -17.89 90.70 -85.50
N GLN D 98 -18.09 91.99 -85.68
CA GLN D 98 -19.39 92.53 -86.05
C GLN D 98 -19.19 93.59 -87.12
N ASP D 99 -20.29 94.00 -87.74
CA ASP D 99 -20.23 94.98 -88.82
C ASP D 99 -20.23 96.41 -88.33
N VAL D 100 -20.34 96.65 -87.03
CA VAL D 100 -20.44 98.00 -86.51
C VAL D 100 -19.08 98.48 -86.03
N LEU D 101 -18.51 97.77 -85.05
CA LEU D 101 -17.21 98.13 -84.51
C LEU D 101 -16.14 97.25 -85.16
N ALA D 102 -15.04 97.88 -85.56
CA ALA D 102 -13.93 97.12 -86.11
C ALA D 102 -13.33 96.22 -85.04
N TYR D 103 -12.80 95.08 -85.47
CA TYR D 103 -12.25 94.11 -84.54
C TYR D 103 -11.06 94.66 -83.76
N THR D 104 -10.44 95.75 -84.21
CA THR D 104 -9.32 96.31 -83.48
C THR D 104 -9.72 96.96 -82.17
N PHE D 105 -11.00 97.23 -81.97
CA PHE D 105 -11.42 97.87 -80.74
C PHE D 105 -11.42 96.92 -79.56
N PHE D 106 -11.88 95.69 -79.77
CA PHE D 106 -12.12 94.78 -78.65
C PHE D 106 -10.81 94.32 -78.03
N THR D 107 -10.86 94.09 -76.71
CA THR D 107 -9.66 93.68 -75.99
C THR D 107 -9.26 92.26 -76.33
N SER D 108 -10.24 91.38 -76.51
CA SER D 108 -9.94 89.98 -76.80
C SER D 108 -9.08 89.84 -78.04
N SER D 109 -9.22 90.74 -79.00
CA SER D 109 -8.45 90.67 -80.22
C SER D 109 -6.95 90.84 -79.99
N TYR D 110 -6.55 91.35 -78.83
CA TYR D 110 -5.14 91.47 -78.48
C TYR D 110 -4.70 90.38 -77.51
N ALA D 111 -5.51 89.35 -77.31
CA ALA D 111 -5.17 88.22 -76.46
C ALA D 111 -4.83 88.66 -75.05
N ILE D 112 -5.63 89.56 -74.51
CA ILE D 112 -5.44 90.05 -73.14
C ILE D 112 -6.34 89.25 -72.21
N GLN D 113 -5.75 88.68 -71.16
CA GLN D 113 -6.53 87.96 -70.16
C GLN D 113 -7.46 88.94 -69.45
N SER D 114 -8.66 88.45 -69.10
CA SER D 114 -9.62 89.28 -68.43
C SER D 114 -10.05 88.65 -67.11
N PRO D 115 -10.29 89.46 -66.08
CA PRO D 115 -10.78 88.90 -64.82
C PRO D 115 -12.16 88.30 -64.93
N PHE D 116 -12.92 88.68 -65.94
CA PHE D 116 -14.30 88.25 -66.10
C PHE D 116 -14.49 87.67 -67.49
N PRO D 117 -15.45 86.78 -67.67
CA PRO D 117 -15.73 86.26 -69.02
C PRO D 117 -16.14 87.39 -69.95
N GLU D 118 -15.69 87.30 -71.19
CA GLU D 118 -16.05 88.27 -72.22
C GLU D 118 -17.12 87.60 -73.09
N ALA D 119 -18.37 87.79 -72.70
CA ALA D 119 -19.46 87.11 -73.37
C ALA D 119 -20.68 88.03 -73.40
N ALA D 120 -21.63 87.70 -74.28
CA ALA D 120 -22.86 88.46 -74.34
C ALA D 120 -23.65 88.33 -73.05
N VAL D 121 -23.67 87.14 -72.46
CA VAL D 121 -24.38 86.89 -71.21
C VAL D 121 -23.50 86.08 -70.29
N SER D 122 -23.47 86.43 -69.01
CA SER D 122 -22.73 85.67 -68.01
C SER D 122 -23.55 85.59 -66.74
N ARG D 123 -23.39 84.49 -66.01
CA ARG D 123 -24.17 84.26 -64.81
C ARG D 123 -23.28 83.67 -63.72
N ILE D 124 -23.82 83.65 -62.51
CA ILE D 124 -23.10 83.17 -61.33
C ILE D 124 -23.62 81.79 -60.96
N VAL D 125 -22.71 80.85 -60.74
CA VAL D 125 -23.04 79.47 -60.43
C VAL D 125 -22.21 79.05 -59.22
N VAL D 126 -22.84 78.35 -58.28
CA VAL D 126 -22.11 77.85 -57.11
C VAL D 126 -21.38 76.58 -57.50
N HIS D 127 -20.12 76.48 -57.11
CA HIS D 127 -19.27 75.34 -57.43
C HIS D 127 -18.24 75.26 -56.31
N THR D 128 -18.54 74.44 -55.29
CA THR D 128 -17.71 74.44 -54.10
C THR D 128 -16.30 73.97 -54.43
N ARG D 129 -15.31 74.71 -53.92
CA ARG D 129 -13.91 74.35 -54.08
C ARG D 129 -13.53 74.19 -55.54
N TRP D 130 -14.11 75.03 -56.40
CA TRP D 130 -13.78 74.97 -57.81
C TRP D 130 -12.38 75.47 -58.10
N ALA D 131 -11.77 76.20 -57.16
CA ALA D 131 -10.41 76.67 -57.33
C ALA D 131 -9.49 76.21 -56.21
N SER D 132 -9.98 75.39 -55.28
CA SER D 132 -9.18 74.99 -54.14
C SER D 132 -8.07 74.02 -54.58
N ASN D 133 -7.08 73.88 -53.72
CA ASN D 133 -6.00 72.92 -53.89
C ASN D 133 -5.73 72.34 -52.51
N VAL D 134 -6.42 71.27 -52.18
CA VAL D 134 -6.42 70.72 -50.84
C VAL D 134 -5.53 69.48 -50.80
N ASP D 135 -5.23 69.04 -49.58
CA ASP D 135 -4.49 67.80 -49.39
C ASP D 135 -5.40 66.61 -49.10
N PHE D 136 -6.43 66.82 -48.28
CA PHE D 136 -7.41 65.79 -47.98
C PHE D 136 -8.76 66.23 -48.52
N ASP D 137 -9.41 65.36 -49.27
CA ASP D 137 -10.70 65.67 -49.86
C ASP D 137 -11.82 65.25 -48.90
N ARG D 138 -12.78 66.16 -48.71
CA ARG D 138 -13.92 65.84 -47.87
C ARG D 138 -15.07 65.21 -48.65
N ASP D 139 -14.97 65.17 -49.99
CA ASP D 139 -15.85 64.37 -50.84
C ASP D 139 -17.31 64.70 -50.58
N SER D 140 -17.61 65.99 -50.49
CA SER D 140 -18.98 66.45 -50.31
C SER D 140 -19.24 67.67 -51.18
N SER D 141 -18.79 67.63 -52.43
CA SER D 141 -18.89 68.79 -53.30
C SER D 141 -20.34 69.03 -53.70
N VAL D 142 -20.67 70.31 -53.85
CA VAL D 142 -21.95 70.75 -54.38
C VAL D 142 -21.65 71.51 -55.66
N ILE D 143 -22.12 71.00 -56.79
CA ILE D 143 -21.80 71.55 -58.09
C ILE D 143 -23.07 71.65 -58.91
N MET D 144 -23.35 72.81 -59.47
CA MET D 144 -24.42 72.92 -60.45
C MET D 144 -23.82 73.20 -61.82
N ALA D 145 -24.69 73.24 -62.79
CA ALA D 145 -24.39 73.60 -64.15
C ALA D 145 -25.00 74.94 -64.48
N PRO D 146 -24.60 75.58 -65.58
CA PRO D 146 -25.24 76.83 -65.97
C PRO D 146 -26.72 76.62 -66.18
N PRO D 147 -27.54 77.63 -65.89
CA PRO D 147 -29.00 77.43 -65.94
C PRO D 147 -29.50 76.99 -67.30
N THR D 148 -28.81 77.32 -68.38
CA THR D 148 -29.17 76.77 -69.68
C THR D 148 -29.09 75.25 -69.68
N GLU D 149 -28.27 74.69 -68.80
CA GLU D 149 -28.17 73.26 -68.59
C GLU D 149 -29.07 72.84 -67.44
N ASN D 150 -29.69 71.68 -67.57
CA ASN D 150 -30.61 71.21 -66.56
C ASN D 150 -29.89 70.91 -65.25
N ASN D 151 -30.58 71.15 -64.13
CA ASN D 151 -30.04 70.90 -62.81
C ASN D 151 -31.02 70.16 -61.91
N ILE D 152 -31.97 69.45 -62.50
CA ILE D 152 -33.05 68.85 -61.72
C ILE D 152 -32.52 67.78 -60.79
N HIS D 153 -31.45 67.08 -61.17
CA HIS D 153 -31.01 65.92 -60.43
C HIS D 153 -30.59 66.26 -59.02
N LEU D 154 -30.30 67.53 -58.72
CA LEU D 154 -29.89 67.90 -57.38
C LEU D 154 -31.04 67.88 -56.39
N PHE D 155 -32.27 68.16 -56.85
CA PHE D 155 -33.40 68.29 -55.95
C PHE D 155 -34.21 67.00 -55.84
N LYS D 156 -33.77 65.93 -56.50
CA LYS D 156 -34.46 64.66 -56.40
C LYS D 156 -33.56 63.60 -55.76
N GLN D 157 -32.57 64.03 -55.00
CA GLN D 157 -31.53 63.13 -54.52
C GLN D 157 -31.88 62.45 -53.20
N LEU D 158 -32.89 62.94 -52.48
CA LEU D 158 -33.10 62.50 -51.10
C LEU D 158 -34.22 61.47 -50.96
N LEU D 159 -35.42 61.80 -51.40
CA LEU D 159 -36.57 60.94 -51.14
C LEU D 159 -37.36 60.59 -52.39
N ASN D 160 -36.85 60.92 -53.58
CA ASN D 160 -37.58 60.61 -54.80
C ASN D 160 -37.28 59.19 -55.24
N THR D 161 -37.40 58.23 -54.32
CA THR D 161 -37.23 56.83 -54.70
C THR D 161 -38.45 56.29 -55.43
N GLU D 162 -39.56 57.00 -55.38
CA GLU D 162 -40.76 56.60 -56.11
C GLU D 162 -40.88 57.28 -57.46
N THR D 163 -40.17 58.39 -57.67
CA THR D 163 -40.21 59.10 -58.93
C THR D 163 -39.75 58.20 -60.07
N LEU D 164 -40.53 58.18 -61.15
CA LEU D 164 -40.20 57.32 -62.28
C LEU D 164 -39.34 58.05 -63.30
N SER D 165 -39.80 59.19 -63.78
CA SER D 165 -39.09 59.91 -64.82
C SER D 165 -37.74 60.40 -64.34
N VAL D 166 -36.81 60.54 -65.28
CA VAL D 166 -35.50 61.08 -64.95
C VAL D 166 -35.49 62.60 -65.02
N ARG D 167 -36.46 63.21 -65.69
CA ARG D 167 -36.52 64.65 -65.82
C ARG D 167 -37.37 65.32 -64.75
N GLY D 168 -38.01 64.55 -63.87
CA GLY D 168 -38.92 65.08 -62.89
C GLY D 168 -38.42 64.93 -61.47
N ALA D 169 -39.12 65.61 -60.56
CA ALA D 169 -38.82 65.54 -59.14
C ALA D 169 -40.09 65.87 -58.37
N ASN D 170 -40.15 65.39 -57.13
CA ASN D 170 -41.33 65.60 -56.29
C ASN D 170 -41.18 66.90 -55.54
N PRO D 171 -42.10 67.85 -55.71
CA PRO D 171 -41.96 69.14 -55.02
C PRO D 171 -42.01 69.03 -53.51
N LEU D 172 -42.67 68.01 -52.96
CA LEU D 172 -42.89 67.98 -51.52
C LEU D 172 -41.62 67.69 -50.73
N MET D 173 -40.56 67.18 -51.37
CA MET D 173 -39.29 67.01 -50.70
C MET D 173 -38.27 68.06 -51.08
N PHE D 174 -38.74 69.19 -51.62
CA PHE D 174 -37.82 70.27 -51.97
C PHE D 174 -37.09 70.79 -50.73
N ARG D 175 -37.81 70.95 -49.62
CA ARG D 175 -37.18 71.48 -48.43
C ARG D 175 -36.12 70.53 -47.90
N ALA D 176 -36.41 69.23 -47.88
CA ALA D 176 -35.42 68.27 -47.40
C ALA D 176 -34.20 68.26 -48.30
N ASN D 177 -34.41 68.28 -49.61
CA ASN D 177 -33.28 68.28 -50.53
C ASN D 177 -32.45 69.54 -50.35
N VAL D 178 -33.10 70.68 -50.15
CA VAL D 178 -32.37 71.93 -49.96
C VAL D 178 -31.56 71.88 -48.67
N LEU D 179 -32.14 71.36 -47.59
CA LEU D 179 -31.39 71.26 -46.36
C LEU D 179 -30.18 70.36 -46.51
N HIS D 180 -30.34 69.23 -47.20
CA HIS D 180 -29.19 68.36 -47.43
C HIS D 180 -28.13 69.06 -48.25
N MET D 181 -28.54 69.81 -49.27
CA MET D 181 -27.60 70.54 -50.09
C MET D 181 -26.83 71.56 -49.26
N LEU D 182 -27.52 72.29 -48.39
CA LEU D 182 -26.84 73.28 -47.56
C LEU D 182 -25.88 72.62 -46.60
N LEU D 183 -26.28 71.49 -46.01
CA LEU D 183 -25.38 70.79 -45.10
C LEU D 183 -24.11 70.36 -45.81
N GLU D 184 -24.25 69.79 -47.01
CA GLU D 184 -23.06 69.42 -47.76
C GLU D 184 -22.24 70.64 -48.17
N PHE D 185 -22.90 71.75 -48.49
CA PHE D 185 -22.17 72.98 -48.81
C PHE D 185 -21.29 73.39 -47.64
N VAL D 186 -21.84 73.38 -46.43
CA VAL D 186 -21.04 73.75 -45.26
C VAL D 186 -19.91 72.76 -45.06
N LEU D 187 -20.22 71.46 -45.13
CA LEU D 187 -19.21 70.45 -44.83
C LEU D 187 -18.04 70.52 -45.79
N ASP D 188 -18.32 70.78 -47.07
CA ASP D 188 -17.24 70.79 -48.05
C ASP D 188 -16.28 71.95 -47.86
N ASN D 189 -16.64 72.95 -47.06
CA ASN D 189 -15.82 74.14 -46.93
C ASN D 189 -15.05 74.20 -45.62
N LEU D 190 -15.07 73.14 -44.82
CA LEU D 190 -14.34 73.15 -43.57
C LEU D 190 -12.85 72.96 -43.82
N TYR D 191 -12.14 74.05 -44.11
CA TYR D 191 -10.72 73.98 -44.38
C TYR D 191 -10.03 75.17 -43.73
N LEU D 192 -8.72 75.02 -43.54
CA LEU D 192 -7.88 76.08 -43.01
C LEU D 192 -7.06 76.66 -44.15
N ASN D 193 -7.08 77.98 -44.29
CA ASN D 193 -6.34 78.62 -45.37
C ASN D 193 -4.84 78.47 -45.12
N ARG D 194 -4.10 78.27 -46.21
CA ARG D 194 -2.67 78.02 -46.14
C ARG D 194 -1.91 79.19 -46.74
N HIS D 195 -0.79 79.53 -46.11
CA HIS D 195 0.12 80.57 -46.56
C HIS D 195 1.14 79.97 -47.51
N THR D 196 1.13 80.43 -48.77
CA THR D 196 2.00 79.86 -49.79
C THR D 196 3.28 80.67 -50.00
N GLY D 197 3.17 81.92 -50.39
CA GLY D 197 4.32 82.72 -50.72
C GLY D 197 4.00 83.77 -51.75
N PHE D 198 4.83 84.80 -51.80
CA PHE D 198 4.54 85.98 -52.60
C PHE D 198 5.74 86.31 -53.47
N SER D 199 5.60 87.42 -54.21
CA SER D 199 6.63 87.93 -55.10
C SER D 199 6.27 89.35 -55.49
N GLN D 200 7.25 90.24 -55.43
CA GLN D 200 6.99 91.64 -55.74
C GLN D 200 6.77 91.82 -57.24
N ASP D 201 5.82 92.68 -57.58
CA ASP D 201 5.52 92.94 -58.99
C ASP D 201 6.67 93.67 -59.65
N HIS D 202 6.97 93.30 -60.89
CA HIS D 202 8.01 93.95 -61.67
C HIS D 202 7.46 94.82 -62.79
N THR D 203 6.16 95.06 -62.81
CA THR D 203 5.51 95.83 -63.86
C THR D 203 4.82 97.03 -63.26
N PRO D 204 4.62 98.10 -64.03
CA PRO D 204 3.94 99.29 -63.53
C PRO D 204 2.44 99.13 -63.37
N PHE D 205 1.89 97.93 -63.57
CA PHE D 205 0.45 97.76 -63.45
C PHE D 205 -0.01 97.97 -62.01
N THR D 206 0.81 97.58 -61.04
CA THR D 206 0.57 97.88 -59.65
C THR D 206 1.76 98.63 -59.09
N GLU D 207 1.55 99.31 -57.96
CA GLU D 207 2.61 100.07 -57.33
C GLU D 207 3.44 99.14 -56.44
N GLY D 208 4.13 98.22 -57.10
CA GLY D 208 5.02 97.30 -56.40
C GLY D 208 4.34 96.45 -55.34
N ALA D 209 3.13 95.97 -55.62
CA ALA D 209 2.44 95.12 -54.66
C ALA D 209 3.08 93.74 -54.61
N ASN D 210 2.70 92.98 -53.60
CA ASN D 210 3.17 91.60 -53.43
C ASN D 210 2.05 90.66 -53.84
N LEU D 211 2.32 89.82 -54.84
CA LEU D 211 1.31 88.94 -55.41
C LEU D 211 1.54 87.52 -54.94
N ARG D 212 0.48 86.87 -54.47
CA ARG D 212 0.58 85.51 -53.96
C ARG D 212 0.62 84.50 -55.10
N SER D 213 1.44 83.47 -54.94
CA SER D 213 1.66 82.46 -55.96
C SER D 213 0.91 81.19 -55.60
N LEU D 214 0.04 80.75 -56.47
CA LEU D 214 -0.68 79.50 -56.26
C LEU D 214 0.22 78.31 -56.59
N PRO D 215 0.03 77.19 -55.92
CA PRO D 215 0.74 75.97 -56.27
C PRO D 215 0.06 75.30 -57.47
N GLY D 216 0.55 74.11 -57.80
CA GLY D 216 -0.04 73.33 -58.86
C GLY D 216 0.43 73.77 -60.22
N PRO D 217 0.01 73.05 -61.26
CA PRO D 217 0.43 73.39 -62.62
C PRO D 217 -0.47 74.44 -63.23
N ASP D 218 0.07 75.10 -64.26
CA ASP D 218 -0.67 76.10 -65.03
C ASP D 218 -1.21 77.19 -64.12
N ALA D 219 -0.30 77.82 -63.36
CA ALA D 219 -0.69 78.87 -62.45
C ALA D 219 -0.87 80.21 -63.15
N GLU D 220 -0.63 80.26 -64.46
CA GLU D 220 -0.75 81.51 -65.21
C GLU D 220 -2.14 82.12 -65.14
N LYS D 221 -3.18 81.32 -65.30
CA LYS D 221 -4.52 81.87 -65.40
C LYS D 221 -5.00 82.46 -64.09
N TRP D 222 -4.43 82.04 -62.97
CA TRP D 222 -4.94 82.50 -61.68
C TRP D 222 -4.64 83.97 -61.43
N TYR D 223 -3.52 84.47 -61.95
CA TYR D 223 -3.16 85.85 -61.66
C TYR D 223 -4.16 86.84 -62.25
N SER D 224 -4.79 86.50 -63.36
CA SER D 224 -5.80 87.37 -63.92
C SER D 224 -7.13 87.31 -63.17
N ILE D 225 -7.36 86.25 -62.41
CA ILE D 225 -8.62 86.09 -61.72
C ILE D 225 -8.55 86.61 -60.29
N MET D 226 -7.41 86.41 -59.61
CA MET D 226 -7.29 86.86 -58.24
C MET D 226 -7.39 88.37 -58.13
N TYR D 227 -6.77 89.09 -59.06
CA TYR D 227 -6.63 90.54 -58.95
C TYR D 227 -7.27 91.22 -60.15
N PRO D 228 -8.57 91.47 -60.11
CA PRO D 228 -9.21 92.18 -61.22
C PRO D 228 -8.66 93.57 -61.44
N THR D 229 -8.20 94.24 -60.39
CA THR D 229 -7.73 95.60 -60.52
C THR D 229 -6.40 95.69 -61.26
N ARG D 230 -5.73 94.57 -61.53
CA ARG D 230 -4.45 94.60 -62.22
C ARG D 230 -4.58 94.77 -63.72
N MET D 231 -5.77 94.64 -64.28
CA MET D 231 -5.95 94.74 -65.72
C MET D 231 -5.66 96.16 -66.19
N GLY D 232 -5.21 96.27 -67.44
CA GLY D 232 -5.15 97.56 -68.09
C GLY D 232 -6.52 98.03 -68.52
N THR D 233 -6.63 99.34 -68.75
CA THR D 233 -7.91 99.96 -69.11
C THR D 233 -7.74 100.78 -70.38
N PRO D 234 -7.66 100.12 -71.52
CA PRO D 234 -7.51 100.86 -72.78
C PRO D 234 -8.85 101.30 -73.37
N ASN D 235 -9.91 100.55 -73.10
CA ASN D 235 -11.17 100.74 -73.80
C ASN D 235 -12.15 101.54 -72.96
N VAL D 236 -13.38 101.64 -73.45
CA VAL D 236 -14.51 102.24 -72.75
C VAL D 236 -15.51 101.16 -72.35
N SER D 237 -15.16 99.89 -72.55
CA SER D 237 -16.07 98.78 -72.35
C SER D 237 -16.48 98.67 -70.88
N LYS D 238 -17.42 97.75 -70.64
CA LYS D 238 -17.97 97.59 -69.29
C LYS D 238 -16.88 97.23 -68.30
N ILE D 239 -16.07 96.22 -68.62
CA ILE D 239 -15.06 95.75 -67.69
C ILE D 239 -14.02 96.85 -67.44
N CYS D 240 -13.57 97.49 -68.50
CA CYS D 240 -12.58 98.55 -68.36
C CYS D 240 -13.11 99.70 -67.53
N ASN D 241 -14.37 100.10 -67.77
CA ASN D 241 -14.96 101.16 -66.97
C ASN D 241 -15.03 100.77 -65.50
N PHE D 242 -15.50 99.56 -65.22
CA PHE D 242 -15.60 99.12 -63.84
C PHE D 242 -14.25 99.14 -63.16
N VAL D 243 -13.22 98.62 -63.84
CA VAL D 243 -11.88 98.62 -63.25
C VAL D 243 -11.40 100.03 -63.01
N ALA D 244 -11.61 100.92 -63.98
CA ALA D 244 -11.15 102.30 -63.82
C ALA D 244 -11.88 103.02 -62.70
N SER D 245 -13.06 102.56 -62.32
CA SER D 245 -13.79 103.15 -61.21
C SER D 245 -13.49 102.50 -59.88
N CYS D 246 -12.29 101.96 -59.68
CA CYS D 246 -11.95 101.27 -58.44
C CYS D 246 -10.71 101.87 -57.79
N VAL D 247 -10.50 101.49 -56.53
CA VAL D 247 -9.33 101.91 -55.78
C VAL D 247 -8.12 101.10 -56.23
N ARG D 248 -6.93 101.71 -56.28
CA ARG D 248 -5.73 101.01 -56.73
C ARG D 248 -4.73 100.46 -55.69
N ASN D 249 -4.89 100.74 -54.40
CA ASN D 249 -3.90 100.22 -53.46
C ASN D 249 -4.37 99.00 -52.69
N ARG D 250 -5.58 98.51 -52.92
CA ARG D 250 -6.10 97.35 -52.20
C ARG D 250 -5.95 96.11 -53.07
N VAL D 251 -4.74 95.58 -53.10
CA VAL D 251 -4.44 94.41 -53.93
C VAL D 251 -3.23 93.71 -53.33
N GLY D 252 -3.20 92.39 -53.45
CA GLY D 252 -2.04 91.65 -52.98
C GLY D 252 -1.97 91.61 -51.48
N ARG D 253 -0.75 91.43 -50.98
CA ARG D 253 -0.54 91.30 -49.54
C ARG D 253 -0.81 92.62 -48.84
N PHE D 254 -1.40 92.53 -47.65
CA PHE D 254 -1.86 93.69 -46.89
C PHE D 254 -1.11 93.86 -45.58
N ASP D 255 -1.00 92.79 -44.79
CA ASP D 255 -0.29 92.85 -43.53
C ASP D 255 0.21 91.45 -43.19
N ARG D 256 1.25 91.39 -42.36
CA ARG D 256 1.84 90.11 -42.00
C ARG D 256 2.51 90.24 -40.64
N ALA D 257 2.79 89.09 -40.05
CA ALA D 257 3.40 88.99 -38.72
C ALA D 257 4.67 88.15 -38.82
N GLN D 258 5.77 88.81 -39.14
CA GLN D 258 7.08 88.14 -39.25
C GLN D 258 7.71 88.15 -37.86
N MET D 259 7.68 87.01 -37.19
CA MET D 259 8.17 86.92 -35.83
C MET D 259 9.65 86.54 -35.79
N MET D 260 9.99 85.38 -36.31
CA MET D 260 11.35 84.88 -36.31
C MET D 260 12.03 85.25 -37.61
N ASN D 261 13.21 85.86 -37.51
CA ASN D 261 13.98 86.22 -38.70
C ASN D 261 14.52 84.96 -39.36
N GLY D 262 14.01 84.66 -40.55
CA GLY D 262 14.44 83.47 -41.26
C GLY D 262 13.48 82.30 -41.20
N ALA D 263 12.23 82.53 -40.81
CA ALA D 263 11.22 81.48 -40.79
C ALA D 263 9.97 82.01 -41.48
N MET D 264 9.00 81.12 -41.66
CA MET D 264 7.77 81.51 -42.34
C MET D 264 7.04 82.59 -41.55
N SER D 265 6.47 83.55 -42.27
CA SER D 265 5.61 84.53 -41.64
C SER D 265 4.44 83.81 -40.98
N GLU D 266 4.05 84.29 -39.81
CA GLU D 266 3.12 83.53 -38.99
C GLU D 266 1.74 83.49 -39.64
N TRP D 267 1.26 84.62 -40.11
CA TRP D 267 0.05 84.70 -40.89
C TRP D 267 0.07 85.99 -41.69
N VAL D 268 -0.75 86.05 -42.73
CA VAL D 268 -0.83 87.23 -43.57
C VAL D 268 -2.30 87.55 -43.85
N ASP D 269 -2.53 88.79 -44.26
CA ASP D 269 -3.84 89.24 -44.73
C ASP D 269 -3.68 89.75 -46.15
N VAL D 270 -4.58 89.35 -47.03
CA VAL D 270 -4.45 89.62 -48.45
C VAL D 270 -5.78 90.05 -49.03
N PHE D 271 -5.73 90.93 -50.02
CA PHE D 271 -6.88 91.24 -50.86
C PHE D 271 -6.85 90.31 -52.07
N GLU D 272 -7.88 89.49 -52.22
CA GLU D 272 -7.94 88.59 -53.35
C GLU D 272 -9.38 88.14 -53.54
N THR D 273 -9.65 87.58 -54.71
CA THR D 273 -10.98 87.10 -55.01
C THR D 273 -11.39 86.01 -54.04
N SER D 274 -12.63 86.06 -53.60
CA SER D 274 -13.18 85.13 -52.62
C SER D 274 -14.67 85.38 -52.55
N ASP D 275 -15.33 84.71 -51.61
CA ASP D 275 -16.71 85.03 -51.27
C ASP D 275 -16.82 85.20 -49.77
N ALA D 276 -17.70 86.11 -49.34
CA ALA D 276 -17.81 86.39 -47.92
C ALA D 276 -18.31 85.18 -47.15
N LEU D 277 -19.17 84.37 -47.75
CA LEU D 277 -19.80 83.26 -47.02
C LEU D 277 -18.76 82.23 -46.59
N THR D 278 -17.95 81.76 -47.53
CA THR D 278 -16.96 80.76 -47.17
C THR D 278 -15.89 81.34 -46.26
N VAL D 279 -15.56 82.62 -46.45
CA VAL D 279 -14.59 83.25 -45.57
C VAL D 279 -15.11 83.24 -44.13
N SER D 280 -16.38 83.60 -43.95
CA SER D 280 -16.97 83.57 -42.62
C SER D 280 -16.99 82.16 -42.04
N ILE D 281 -17.35 81.18 -42.86
CA ILE D 281 -17.42 79.81 -42.38
C ILE D 281 -16.04 79.36 -41.89
N ARG D 282 -15.02 79.60 -42.71
CA ARG D 282 -13.68 79.19 -42.33
C ARG D 282 -13.18 79.98 -41.12
N GLY D 283 -13.58 81.25 -41.00
CA GLY D 283 -13.18 82.02 -39.85
C GLY D 283 -13.73 81.46 -38.55
N ARG D 284 -15.02 81.14 -38.54
CA ARG D 284 -15.57 80.54 -37.32
C ARG D 284 -15.02 79.13 -37.07
N TRP D 285 -14.75 78.37 -38.13
CA TRP D 285 -14.14 77.05 -37.93
C TRP D 285 -12.78 77.19 -37.27
N MET D 286 -11.95 78.11 -37.77
CA MET D 286 -10.65 78.34 -37.16
C MET D 286 -10.79 78.87 -35.75
N ALA D 287 -11.82 79.67 -35.48
CA ALA D 287 -12.03 80.16 -34.12
C ALA D 287 -12.31 79.01 -33.17
N ARG D 288 -13.15 78.07 -33.58
CA ARG D 288 -13.40 76.90 -32.75
C ARG D 288 -12.11 76.11 -32.52
N LEU D 289 -11.35 75.87 -33.59
CA LEU D 289 -10.10 75.13 -33.43
C LEU D 289 -9.17 75.85 -32.46
N ALA D 290 -9.06 77.17 -32.57
CA ALA D 290 -8.20 77.92 -31.67
C ALA D 290 -8.67 77.83 -30.24
N ARG D 291 -9.99 77.85 -30.02
CA ARG D 291 -10.49 77.63 -28.67
C ARG D 291 -10.08 76.27 -28.14
N MET D 292 -9.93 75.29 -29.02
CA MET D 292 -9.55 73.96 -28.57
C MET D 292 -8.04 73.78 -28.38
N ASN D 293 -7.25 74.86 -28.45
CA ASN D 293 -5.81 74.72 -28.51
C ASN D 293 -5.19 74.52 -27.12
N ILE D 294 -3.99 73.93 -27.10
CA ILE D 294 -3.15 73.84 -25.92
C ILE D 294 -1.69 74.03 -26.33
N ASN D 295 -0.83 74.17 -25.33
CA ASN D 295 0.59 74.42 -25.54
C ASN D 295 1.42 73.41 -24.76
N PRO D 296 2.68 73.20 -25.16
CA PRO D 296 3.45 72.08 -24.59
C PRO D 296 3.61 72.10 -23.09
N THR D 297 3.68 73.28 -22.48
CA THR D 297 3.94 73.34 -21.04
C THR D 297 2.83 72.67 -20.25
N GLU D 298 1.58 73.02 -20.56
CA GLU D 298 0.49 72.38 -19.84
C GLU D 298 0.40 70.90 -20.22
N ILE D 299 0.90 70.53 -21.39
CA ILE D 299 0.94 69.11 -21.72
C ILE D 299 1.88 68.37 -20.78
N GLU D 300 3.08 68.91 -20.55
CA GLU D 300 3.99 68.19 -19.65
C GLU D 300 3.45 68.20 -18.24
N TRP D 301 2.76 69.29 -17.86
CA TRP D 301 2.15 69.32 -16.54
C TRP D 301 1.12 68.22 -16.40
N ALA D 302 0.26 68.06 -17.41
CA ALA D 302 -0.76 67.02 -17.36
C ALA D 302 -0.14 65.64 -17.30
N LEU D 303 0.87 65.39 -18.13
CA LEU D 303 1.49 64.07 -18.16
C LEU D 303 2.18 63.77 -16.84
N THR D 304 2.87 64.75 -16.26
CA THR D 304 3.50 64.55 -14.97
C THR D 304 2.47 64.25 -13.90
N GLU D 305 1.36 65.00 -13.91
CA GLU D 305 0.31 64.78 -12.92
C GLU D 305 -0.30 63.39 -13.05
N CYS D 306 -0.58 62.96 -14.27
CA CYS D 306 -1.32 61.71 -14.45
C CYS D 306 -0.46 60.50 -14.12
N ALA D 307 0.86 60.65 -14.16
CA ALA D 307 1.75 59.55 -13.82
C ALA D 307 2.09 59.49 -12.34
N GLN D 308 1.48 60.34 -11.52
CA GLN D 308 1.72 60.36 -10.08
C GLN D 308 3.18 60.59 -9.75
N GLY D 309 3.89 61.33 -10.61
CA GLY D 309 5.26 61.69 -10.35
C GLY D 309 6.27 60.61 -10.67
N TYR D 310 5.85 59.46 -11.16
CA TYR D 310 6.79 58.40 -11.48
C TYR D 310 7.50 58.60 -12.81
N VAL D 311 7.01 59.52 -13.64
CA VAL D 311 7.59 59.79 -14.94
C VAL D 311 7.82 61.29 -15.07
N THR D 312 8.99 61.67 -15.55
CA THR D 312 9.33 63.06 -15.77
C THR D 312 9.45 63.32 -17.26
N VAL D 313 8.84 64.40 -17.73
CA VAL D 313 8.93 64.81 -19.12
C VAL D 313 9.31 66.28 -19.16
N THR D 314 9.86 66.70 -20.30
CA THR D 314 10.39 68.05 -20.44
C THR D 314 9.79 68.72 -21.66
N SER D 315 9.77 70.05 -21.63
CA SER D 315 9.30 70.86 -22.73
C SER D 315 10.29 71.97 -23.00
N PRO D 316 10.40 72.42 -24.25
CA PRO D 316 11.34 73.49 -24.57
C PRO D 316 10.90 74.82 -23.96
N TYR D 317 11.89 75.69 -23.74
CA TYR D 317 11.67 77.00 -23.13
C TYR D 317 12.35 78.05 -24.01
N ALA D 318 11.65 78.52 -25.03
CA ALA D 318 12.20 79.47 -26.00
C ALA D 318 11.09 79.94 -26.93
N PRO D 319 11.32 81.00 -27.72
CA PRO D 319 10.31 81.42 -28.70
C PRO D 319 9.98 80.30 -29.69
N SER D 320 8.69 79.95 -29.72
CA SER D 320 8.20 78.86 -30.56
C SER D 320 7.71 79.43 -31.89
N VAL D 321 6.96 78.63 -32.65
CA VAL D 321 6.42 79.05 -33.94
C VAL D 321 4.92 78.81 -34.03
N ASN D 322 4.23 78.88 -32.89
CA ASN D 322 2.77 78.76 -32.83
C ASN D 322 2.29 77.47 -33.50
N ARG D 323 2.64 76.36 -32.87
CA ARG D 323 2.04 75.09 -33.24
C ARG D 323 0.56 75.09 -32.87
N LEU D 324 -0.20 74.22 -33.52
CA LEU D 324 -1.64 74.11 -33.30
C LEU D 324 -1.95 72.69 -32.87
N MET D 325 -2.40 72.51 -31.63
CA MET D 325 -2.64 71.20 -31.04
C MET D 325 -4.02 71.19 -30.42
N PRO D 326 -5.05 71.03 -31.23
CA PRO D 326 -6.43 71.16 -30.74
C PRO D 326 -6.92 69.95 -29.95
N TYR D 327 -6.71 69.94 -28.64
CA TYR D 327 -7.10 68.77 -27.85
C TYR D 327 -7.93 69.07 -26.60
N ARG D 328 -8.23 70.32 -26.30
CA ARG D 328 -8.93 70.66 -25.06
C ARG D 328 -10.41 70.92 -25.34
N ILE D 329 -11.27 70.19 -24.64
CA ILE D 329 -12.71 70.32 -24.80
C ILE D 329 -13.37 70.44 -23.43
N SER D 330 -14.58 70.94 -23.43
CA SER D 330 -15.32 71.15 -22.19
C SER D 330 -15.79 69.82 -21.62
N ASN D 331 -16.05 69.82 -20.31
CA ASN D 331 -16.49 68.60 -19.65
C ASN D 331 -17.84 68.13 -20.18
N ALA D 332 -18.69 69.05 -20.61
CA ALA D 332 -20.03 68.67 -21.06
C ALA D 332 -19.96 67.72 -22.25
N GLU D 333 -19.08 68.00 -23.20
CA GLU D 333 -18.93 67.11 -24.34
C GLU D 333 -18.46 65.73 -23.90
N ARG D 334 -17.54 65.68 -22.95
CA ARG D 334 -17.09 64.39 -22.44
C ARG D 334 -18.24 63.63 -21.81
N GLN D 335 -19.09 64.32 -21.05
CA GLN D 335 -20.23 63.63 -20.44
C GLN D 335 -21.21 63.13 -21.48
N ILE D 336 -21.48 63.93 -22.52
CA ILE D 336 -22.38 63.47 -23.59
C ILE D 336 -21.82 62.22 -24.24
N SER D 337 -20.54 62.25 -24.60
CA SER D 337 -19.94 61.09 -25.25
C SER D 337 -19.95 59.88 -24.33
N GLN D 338 -19.70 60.10 -23.04
CA GLN D 338 -19.73 59.01 -22.07
C GLN D 338 -21.12 58.39 -22.01
N ILE D 339 -22.15 59.22 -22.02
CA ILE D 339 -23.52 58.70 -21.95
C ILE D 339 -23.84 57.89 -23.19
N ILE D 340 -23.47 58.41 -24.36
CA ILE D 340 -23.69 57.65 -25.59
C ILE D 340 -22.98 56.30 -25.51
N ARG D 341 -21.75 56.31 -25.02
CA ARG D 341 -20.97 55.09 -24.91
C ARG D 341 -21.62 54.09 -23.96
N ILE D 342 -22.16 54.58 -22.85
CA ILE D 342 -22.90 53.70 -21.93
C ILE D 342 -24.07 53.06 -22.66
N MET D 343 -24.80 53.86 -23.43
CA MET D 343 -26.04 53.35 -24.03
C MET D 343 -25.74 52.25 -25.04
N ASN D 344 -24.53 52.23 -25.62
CA ASN D 344 -24.16 51.13 -26.50
C ASN D 344 -24.06 49.81 -25.74
N ILE D 345 -23.33 49.81 -24.62
CA ILE D 345 -23.00 48.56 -23.95
C ILE D 345 -24.16 48.16 -23.06
N GLY D 346 -25.28 48.86 -23.19
CA GLY D 346 -26.42 48.64 -22.34
C GLY D 346 -26.87 47.20 -22.28
N ASN D 347 -26.75 46.60 -21.09
CA ASN D 347 -27.34 45.31 -20.78
C ASN D 347 -26.71 44.16 -21.57
N ASN D 348 -25.48 44.32 -22.03
CA ASN D 348 -24.78 43.31 -22.81
C ASN D 348 -23.43 43.02 -22.18
N ALA D 349 -23.12 41.74 -22.00
CA ALA D 349 -21.88 41.35 -21.34
C ALA D 349 -20.73 41.14 -22.32
N THR D 350 -21.03 40.62 -23.50
CA THR D 350 -20.01 40.39 -24.52
C THR D 350 -19.32 41.68 -24.94
N VAL D 351 -19.99 42.82 -24.79
CA VAL D 351 -19.41 44.09 -25.21
C VAL D 351 -18.43 44.63 -24.18
N ILE D 352 -18.60 44.28 -22.91
CA ILE D 352 -17.77 44.86 -21.87
C ILE D 352 -16.66 43.92 -21.42
N GLN D 353 -16.87 42.61 -21.54
CA GLN D 353 -15.90 41.65 -21.03
C GLN D 353 -14.50 41.78 -21.65
N PRO D 354 -14.34 41.94 -22.96
CA PRO D 354 -12.99 42.12 -23.51
C PRO D 354 -12.28 43.35 -22.97
N VAL D 355 -13.02 44.40 -22.62
CA VAL D 355 -12.39 45.56 -22.00
C VAL D 355 -11.74 45.16 -20.69
N LEU D 356 -12.44 44.34 -19.90
CA LEU D 356 -11.87 43.88 -18.64
C LEU D 356 -10.63 43.03 -18.87
N GLN D 357 -10.65 42.16 -19.88
CA GLN D 357 -9.42 41.42 -20.17
C GLN D 357 -8.28 42.32 -20.60
N ASP D 358 -8.56 43.36 -21.38
CA ASP D 358 -7.50 44.28 -21.76
C ASP D 358 -6.89 44.95 -20.53
N ILE D 359 -7.75 45.42 -19.62
CA ILE D 359 -7.25 46.07 -18.42
C ILE D 359 -6.45 45.09 -17.58
N SER D 360 -6.90 43.83 -17.52
CA SER D 360 -6.16 42.83 -16.76
C SER D 360 -4.77 42.61 -17.34
N VAL D 361 -4.68 42.53 -18.67
CA VAL D 361 -3.37 42.36 -19.29
C VAL D 361 -2.47 43.54 -18.97
N LEU D 362 -3.00 44.75 -19.08
CA LEU D 362 -2.17 45.91 -18.78
C LEU D 362 -1.71 45.92 -17.33
N LEU D 363 -2.61 45.61 -16.40
CA LEU D 363 -2.23 45.54 -14.99
C LEU D 363 -1.15 44.52 -14.76
N GLN D 364 -1.31 43.32 -15.31
CA GLN D 364 -0.29 42.30 -15.14
C GLN D 364 1.03 42.75 -15.72
N ARG D 365 0.99 43.51 -16.82
CA ARG D 365 2.21 44.04 -17.39
C ARG D 365 2.90 45.04 -16.48
N ILE D 366 2.15 45.86 -15.76
CA ILE D 366 2.72 46.93 -14.97
C ILE D 366 2.99 46.52 -13.51
N SER D 367 2.23 45.56 -12.96
CA SER D 367 2.31 45.30 -11.54
C SER D 367 3.61 44.58 -11.18
N PRO D 368 4.14 44.79 -9.98
CA PRO D 368 5.30 44.01 -9.53
C PRO D 368 4.93 42.72 -8.84
N LEU D 369 3.65 42.42 -8.68
CA LEU D 369 3.23 41.23 -7.97
C LEU D 369 3.15 40.04 -8.91
N GLN D 370 3.72 38.91 -8.49
CA GLN D 370 3.64 37.68 -9.24
C GLN D 370 3.45 36.51 -8.28
N ILE D 371 2.94 35.40 -8.81
CA ILE D 371 2.55 34.28 -7.97
C ILE D 371 3.77 33.61 -7.37
N ASP D 372 3.68 33.27 -6.09
CA ASP D 372 4.68 32.38 -5.51
C ASP D 372 4.32 30.94 -5.88
N PRO D 373 5.22 30.23 -6.56
CA PRO D 373 4.84 28.89 -7.05
C PRO D 373 4.54 27.89 -5.95
N THR D 374 5.21 27.99 -4.80
CA THR D 374 5.28 26.85 -3.91
C THR D 374 4.88 27.18 -2.48
N ILE D 375 4.37 28.40 -2.24
CA ILE D 375 4.20 28.83 -0.86
C ILE D 375 3.14 28.00 -0.14
N ILE D 376 2.01 27.72 -0.81
CA ILE D 376 0.94 26.98 -0.15
C ILE D 376 1.38 25.57 0.16
N SER D 377 1.96 24.88 -0.83
CA SER D 377 2.40 23.51 -0.60
C SER D 377 3.49 23.46 0.46
N ASN D 378 4.43 24.39 0.42
CA ASN D 378 5.50 24.39 1.41
C ASN D 378 4.96 24.57 2.82
N THR D 379 4.04 25.52 2.99
CA THR D 379 3.54 25.76 4.34
C THR D 379 2.59 24.66 4.79
N MET D 380 1.94 23.96 3.87
CA MET D 380 1.04 22.89 4.27
C MET D 380 1.75 21.56 4.44
N SER D 381 2.96 21.41 3.92
CA SER D 381 3.69 20.15 4.07
C SER D 381 4.28 19.98 5.45
N THR D 382 4.12 20.96 6.35
CA THR D 382 4.75 20.92 7.65
C THR D 382 3.78 20.57 8.77
N VAL D 383 2.48 20.55 8.49
CA VAL D 383 1.51 20.19 9.52
C VAL D 383 1.75 18.75 9.95
N SER D 384 1.50 18.47 11.23
CA SER D 384 1.73 17.15 11.79
C SER D 384 0.43 16.36 11.83
N GLU D 385 0.50 15.10 11.45
CA GLU D 385 -0.70 14.26 11.44
C GLU D 385 -0.29 12.80 11.49
N SER D 386 -1.23 11.96 11.89
CA SER D 386 -1.01 10.52 11.99
C SER D 386 -1.41 9.84 10.69
N THR D 387 -0.61 8.86 10.29
CA THR D 387 -0.87 8.13 9.05
C THR D 387 -2.05 7.17 9.17
N THR D 388 -2.56 6.94 10.36
CA THR D 388 -3.66 6.01 10.55
C THR D 388 -5.02 6.64 10.32
N GLN D 389 -5.09 7.95 10.13
CA GLN D 389 -6.37 8.61 9.97
C GLN D 389 -6.94 8.39 8.58
N THR D 390 -8.27 8.20 8.53
CA THR D 390 -8.93 8.05 7.25
C THR D 390 -8.92 9.34 6.46
N LEU D 391 -8.90 10.49 7.14
CA LEU D 391 -8.97 11.79 6.51
C LEU D 391 -7.71 12.58 6.79
N SER D 392 -7.38 13.48 5.86
CA SER D 392 -6.27 14.40 6.03
C SER D 392 -6.71 15.79 5.59
N PRO D 393 -6.72 16.78 6.48
CA PRO D 393 -7.11 18.13 6.05
C PRO D 393 -6.23 18.69 4.96
N ALA D 394 -4.92 18.41 5.01
CA ALA D 394 -4.02 18.95 4.02
C ALA D 394 -4.34 18.43 2.62
N SER D 395 -4.63 17.13 2.52
CA SER D 395 -5.05 16.58 1.24
C SER D 395 -6.24 17.32 0.68
N SER D 396 -7.29 17.48 1.49
CA SER D 396 -8.51 18.11 1.00
C SER D 396 -8.25 19.54 0.57
N ILE D 397 -7.52 20.31 1.39
CA ILE D 397 -7.31 21.71 1.05
C ILE D 397 -6.48 21.84 -0.22
N LEU D 398 -5.42 21.03 -0.35
CA LEU D 398 -4.59 21.11 -1.55
C LEU D 398 -5.37 20.67 -2.77
N GLY D 399 -6.26 19.69 -2.61
CA GLY D 399 -7.09 19.28 -3.72
C GLY D 399 -8.07 20.35 -4.17
N LYS D 400 -8.63 21.10 -3.24
CA LYS D 400 -9.56 22.15 -3.64
C LYS D 400 -8.82 23.36 -4.21
N LEU D 401 -7.62 23.65 -3.73
CA LEU D 401 -6.94 24.86 -4.17
C LEU D 401 -6.47 24.75 -5.62
N ARG D 402 -5.62 23.77 -5.91
CA ARG D 402 -4.98 23.56 -7.21
C ARG D 402 -4.55 24.87 -7.87
N PRO D 403 -3.48 25.50 -7.39
CA PRO D 403 -3.07 26.82 -7.88
C PRO D 403 -2.48 26.79 -9.29
N SER D 404 -3.33 26.90 -10.31
CA SER D 404 -2.93 26.69 -11.69
C SER D 404 -2.12 27.84 -12.28
N ASN D 405 -1.67 28.76 -11.44
CA ASN D 405 -0.87 29.94 -11.82
C ASN D 405 -1.53 30.89 -12.81
N SER D 406 -2.62 30.46 -13.45
CA SER D 406 -3.32 31.33 -14.38
C SER D 406 -4.45 32.06 -13.68
N ASP D 407 -4.50 31.99 -12.36
CA ASP D 407 -5.57 32.57 -11.57
C ASP D 407 -5.45 34.07 -11.47
N PHE D 408 -4.24 34.60 -11.65
CA PHE D 408 -4.04 36.04 -11.56
C PHE D 408 -4.75 36.78 -12.68
N SER D 409 -5.07 36.10 -13.78
CA SER D 409 -5.92 36.74 -14.78
C SER D 409 -7.29 37.06 -14.21
N SER D 410 -7.91 36.09 -13.54
CA SER D 410 -9.21 36.33 -12.94
C SER D 410 -9.12 37.30 -11.77
N PHE D 411 -7.99 37.26 -11.05
CA PHE D 411 -7.79 38.26 -10.00
C PHE D 411 -7.72 39.66 -10.59
N ARG D 412 -7.02 39.80 -11.72
CA ARG D 412 -6.89 41.11 -12.35
C ARG D 412 -8.21 41.61 -12.89
N VAL D 413 -9.01 40.74 -13.49
CA VAL D 413 -10.31 41.20 -13.98
C VAL D 413 -11.20 41.60 -12.82
N ALA D 414 -11.08 40.90 -11.69
CA ALA D 414 -11.81 41.29 -10.50
C ALA D 414 -11.40 42.68 -10.06
N LEU D 415 -10.09 42.96 -10.09
CA LEU D 415 -9.62 44.30 -9.76
C LEU D 415 -10.19 45.33 -10.74
N ALA D 416 -10.15 45.02 -12.03
CA ALA D 416 -10.64 45.96 -13.03
C ALA D 416 -12.12 46.23 -12.86
N GLY D 417 -12.87 45.27 -12.33
CA GLY D 417 -14.29 45.48 -12.13
C GLY D 417 -14.60 46.63 -11.19
N TRP D 418 -13.65 46.99 -10.34
CA TRP D 418 -13.88 48.08 -9.39
C TRP D 418 -14.15 49.40 -10.08
N LEU D 419 -13.68 49.58 -11.30
CA LEU D 419 -13.84 50.85 -12.00
C LEU D 419 -15.16 50.98 -12.73
N TYR D 420 -15.95 49.91 -12.83
CA TYR D 420 -17.15 49.94 -13.64
C TYR D 420 -18.33 49.30 -12.92
N ASN D 421 -18.48 49.58 -11.63
CA ASN D 421 -19.64 49.03 -10.94
C ASN D 421 -20.94 49.66 -11.41
N GLY D 422 -20.87 50.73 -12.20
CA GLY D 422 -22.09 51.33 -12.74
C GLY D 422 -22.79 50.42 -13.72
N VAL D 423 -22.04 49.67 -14.53
CA VAL D 423 -22.64 48.81 -15.52
C VAL D 423 -22.31 47.34 -15.31
N VAL D 424 -21.21 46.99 -14.66
CA VAL D 424 -20.80 45.60 -14.49
C VAL D 424 -20.74 45.29 -13.01
N THR D 425 -21.38 44.21 -12.61
CA THR D 425 -21.41 43.78 -11.21
C THR D 425 -20.79 42.39 -11.14
N THR D 426 -19.52 42.34 -10.76
CA THR D 426 -18.83 41.06 -10.65
C THR D 426 -19.43 40.24 -9.51
N VAL D 427 -19.73 38.98 -9.79
CA VAL D 427 -20.32 38.09 -8.80
C VAL D 427 -19.60 36.76 -8.84
N ILE D 428 -19.78 35.98 -7.77
CA ILE D 428 -19.20 34.65 -7.69
C ILE D 428 -20.09 33.68 -8.44
N ASP D 429 -19.49 32.84 -9.27
CA ASP D 429 -20.25 31.91 -10.09
C ASP D 429 -20.96 30.89 -9.21
N ASP D 430 -22.04 30.32 -9.77
CA ASP D 430 -22.82 29.32 -9.04
C ASP D 430 -21.96 28.11 -8.68
N SER D 431 -21.13 27.66 -9.62
CA SER D 431 -20.41 26.40 -9.42
C SER D 431 -19.50 26.43 -8.20
N SER D 432 -19.12 27.61 -7.72
CA SER D 432 -18.24 27.69 -6.56
C SER D 432 -18.93 27.22 -5.29
N TYR D 433 -20.23 27.44 -5.16
CA TYR D 433 -20.93 27.04 -3.96
C TYR D 433 -21.04 25.52 -3.88
N PRO D 434 -21.19 24.98 -2.67
CA PRO D 434 -21.41 23.54 -2.55
C PRO D 434 -22.68 23.12 -3.28
N LYS D 435 -22.65 21.92 -3.85
CA LYS D 435 -23.71 21.50 -4.77
C LYS D 435 -25.06 21.47 -4.07
N ASP D 436 -25.20 20.60 -3.07
CA ASP D 436 -26.48 20.44 -2.38
C ASP D 436 -26.68 21.41 -1.23
N GLY D 437 -25.73 22.30 -0.99
CA GLY D 437 -25.75 23.17 0.17
C GLY D 437 -24.71 22.83 1.21
N GLY D 438 -24.14 21.64 1.15
CA GLY D 438 -23.06 21.27 2.03
C GLY D 438 -23.52 20.91 3.43
N SER D 439 -22.54 20.58 4.26
CA SER D 439 -22.79 20.24 5.65
C SER D 439 -21.54 20.49 6.46
N VAL D 440 -21.71 21.02 7.68
CA VAL D 440 -20.57 21.37 8.50
C VAL D 440 -19.75 20.15 8.89
N THR D 441 -20.34 18.96 8.84
CA THR D 441 -19.60 17.77 9.27
C THR D 441 -18.62 17.33 8.19
N SER D 442 -18.82 17.76 6.96
CA SER D 442 -17.94 17.40 5.86
C SER D 442 -16.73 18.33 5.83
N LEU D 443 -15.54 17.75 5.75
CA LEU D 443 -14.33 18.55 5.61
C LEU D 443 -14.35 19.33 4.31
N GLU D 444 -14.80 18.69 3.23
CA GLU D 444 -14.82 19.33 1.93
C GLU D 444 -15.69 20.58 1.95
N ASN D 445 -16.85 20.49 2.59
CA ASN D 445 -17.73 21.64 2.68
C ASN D 445 -17.10 22.74 3.51
N LEU D 446 -16.35 22.38 4.55
CA LEU D 446 -15.63 23.37 5.33
C LEU D 446 -14.65 24.13 4.47
N TRP D 447 -13.89 23.42 3.64
CA TRP D 447 -12.94 24.11 2.77
C TRP D 447 -13.65 24.97 1.74
N ASP D 448 -14.78 24.50 1.21
CA ASP D 448 -15.54 25.32 0.28
C ASP D 448 -15.99 26.61 0.94
N PHE D 449 -16.49 26.52 2.16
CA PHE D 449 -16.90 27.71 2.88
C PHE D 449 -15.72 28.65 3.09
N PHE D 450 -14.55 28.09 3.40
CA PHE D 450 -13.36 28.91 3.57
C PHE D 450 -13.03 29.66 2.29
N ILE D 451 -13.07 28.97 1.16
CA ILE D 451 -12.76 29.60 -0.12
C ILE D 451 -13.72 30.74 -0.39
N LEU D 452 -15.02 30.48 -0.22
CA LEU D 452 -16.02 31.51 -0.49
C LEU D 452 -15.86 32.68 0.45
N ALA D 453 -15.59 32.41 1.73
CA ALA D 453 -15.45 33.48 2.70
C ALA D 453 -14.29 34.40 2.34
N LEU D 454 -13.18 33.83 1.91
CA LEU D 454 -12.09 34.72 1.49
C LEU D 454 -12.36 35.40 0.16
N ALA D 455 -13.09 34.76 -0.74
CA ALA D 455 -13.23 35.34 -2.07
C ALA D 455 -14.26 36.46 -2.13
N LEU D 456 -15.35 36.36 -1.37
CA LEU D 456 -16.47 37.26 -1.54
C LEU D 456 -16.15 38.74 -1.37
N PRO D 457 -15.41 39.18 -0.34
CA PRO D 457 -15.28 40.63 -0.11
C PRO D 457 -14.61 41.40 -1.23
N LEU D 458 -14.06 40.73 -2.25
CA LEU D 458 -13.40 41.43 -3.34
C LEU D 458 -14.31 41.72 -4.52
N THR D 459 -15.56 41.26 -4.48
CA THR D 459 -16.46 41.50 -5.60
C THR D 459 -17.21 42.81 -5.40
N THR D 460 -17.72 43.35 -6.51
CA THR D 460 -18.45 44.60 -6.49
C THR D 460 -19.93 44.41 -6.21
N ASP D 461 -20.37 43.19 -5.99
CA ASP D 461 -21.77 42.93 -5.73
C ASP D 461 -22.17 43.55 -4.40
N PRO D 462 -23.14 44.47 -4.37
CA PRO D 462 -23.57 45.03 -3.08
C PRO D 462 -24.13 43.98 -2.15
N CYS D 463 -24.77 42.94 -2.67
CA CYS D 463 -25.41 41.93 -1.85
C CYS D 463 -24.44 40.85 -1.39
N ALA D 464 -23.13 41.10 -1.46
CA ALA D 464 -22.16 40.07 -1.09
C ALA D 464 -22.25 39.63 0.36
N PRO D 465 -22.29 40.52 1.36
CA PRO D 465 -22.25 40.03 2.74
C PRO D 465 -23.40 39.10 3.09
N VAL D 466 -24.58 39.36 2.53
CA VAL D 466 -25.71 38.47 2.79
C VAL D 466 -25.40 37.07 2.29
N LYS D 467 -24.82 36.96 1.10
CA LYS D 467 -24.43 35.66 0.59
C LYS D 467 -23.34 35.03 1.43
N ALA D 468 -22.40 35.81 1.94
CA ALA D 468 -21.37 35.24 2.81
C ALA D 468 -22.00 34.64 4.06
N PHE D 469 -22.97 35.34 4.65
CA PHE D 469 -23.64 34.81 5.84
C PHE D 469 -24.45 33.57 5.51
N MET D 470 -25.24 33.64 4.44
CA MET D 470 -26.11 32.53 4.09
C MET D 470 -25.33 31.29 3.67
N THR D 471 -24.09 31.46 3.21
CA THR D 471 -23.28 30.29 2.87
C THR D 471 -23.07 29.41 4.08
N LEU D 472 -22.70 30.00 5.22
CA LEU D 472 -22.58 29.22 6.44
C LEU D 472 -23.95 28.79 6.95
N ALA D 473 -24.96 29.65 6.83
CA ALA D 473 -26.29 29.29 7.29
C ALA D 473 -26.78 28.01 6.63
N ASN D 474 -26.51 27.87 5.32
CA ASN D 474 -26.95 26.68 4.61
C ASN D 474 -26.28 25.44 5.15
N MET D 475 -24.96 25.49 5.34
CA MET D 475 -24.25 24.32 5.88
C MET D 475 -24.71 23.99 7.28
N MET D 476 -25.23 24.97 8.00
CA MET D 476 -25.49 24.79 9.42
C MET D 476 -26.92 24.36 9.72
N VAL D 477 -27.73 24.10 8.69
CA VAL D 477 -29.13 23.73 8.87
C VAL D 477 -29.22 22.42 9.63
N GLY D 478 -30.27 22.26 10.43
CA GLY D 478 -30.45 21.05 11.21
C GLY D 478 -29.58 21.03 12.45
N PHE D 479 -28.32 21.39 12.27
CA PHE D 479 -27.41 21.51 13.39
C PHE D 479 -27.79 22.68 14.28
N GLU D 480 -28.35 23.74 13.70
CA GLU D 480 -28.45 25.01 14.38
C GLU D 480 -29.32 25.96 13.56
N THR D 481 -30.36 26.55 14.15
CA THR D 481 -31.43 27.19 13.39
C THR D 481 -31.59 28.66 13.74
N ILE D 482 -32.13 29.40 12.78
CA ILE D 482 -32.38 30.84 12.93
C ILE D 482 -33.70 31.19 12.29
N PRO D 483 -34.31 32.31 12.70
CA PRO D 483 -35.59 32.73 12.12
C PRO D 483 -35.36 33.44 10.77
N MET D 484 -36.12 33.04 9.76
CA MET D 484 -36.04 33.66 8.45
C MET D 484 -37.32 34.45 8.17
N ASP D 485 -37.28 35.22 7.08
CA ASP D 485 -38.36 36.16 6.80
C ASP D 485 -39.67 35.43 6.47
N ASN D 486 -39.63 34.49 5.54
CA ASN D 486 -40.88 33.90 5.05
C ASN D 486 -40.62 32.45 4.70
N GLN D 487 -41.61 31.82 4.08
CA GLN D 487 -41.55 30.41 3.73
C GLN D 487 -40.80 30.15 2.43
N ILE D 488 -40.51 31.18 1.65
CA ILE D 488 -39.85 30.98 0.37
C ILE D 488 -38.34 31.01 0.56
N TYR D 489 -37.82 32.15 1.03
CA TYR D 489 -36.39 32.29 1.25
C TYR D 489 -36.01 31.75 2.63
N THR D 490 -36.23 30.45 2.80
CA THR D 490 -35.95 29.79 4.06
C THR D 490 -34.45 29.60 4.24
N GLN D 491 -34.07 28.99 5.36
CA GLN D 491 -32.67 28.80 5.68
C GLN D 491 -31.98 27.83 4.75
N SER D 492 -32.71 27.08 3.94
CA SER D 492 -32.12 26.06 3.08
C SER D 492 -32.04 26.48 1.63
N ARG D 493 -32.31 27.74 1.31
CA ARG D 493 -32.14 28.21 -0.05
C ARG D 493 -30.67 28.23 -0.43
N ARG D 494 -30.40 28.09 -1.72
CA ARG D 494 -29.05 28.29 -2.22
C ARG D 494 -28.60 29.69 -1.84
N ALA D 495 -27.39 29.79 -1.29
CA ALA D 495 -26.89 31.09 -0.87
C ALA D 495 -26.85 32.08 -2.03
N SER D 496 -26.59 31.59 -3.24
CA SER D 496 -26.50 32.48 -4.39
C SER D 496 -27.84 33.07 -4.77
N ALA D 497 -28.95 32.56 -4.22
CA ALA D 497 -30.25 33.08 -4.59
C ALA D 497 -30.48 34.49 -4.04
N PHE D 498 -29.90 34.80 -2.88
CA PHE D 498 -30.04 36.10 -2.26
C PHE D 498 -29.23 37.10 -3.10
N SER D 499 -29.93 37.89 -3.91
CA SER D 499 -29.26 38.78 -4.84
C SER D 499 -29.73 40.22 -4.77
N THR D 500 -30.85 40.51 -4.13
CA THR D 500 -31.38 41.86 -4.12
C THR D 500 -31.58 42.33 -2.69
N PRO D 501 -31.57 43.64 -2.46
CA PRO D 501 -31.72 44.15 -1.10
C PRO D 501 -33.02 43.71 -0.45
N HIS D 502 -34.06 43.48 -1.24
CA HIS D 502 -35.34 43.07 -0.68
C HIS D 502 -35.26 41.71 0.00
N THR D 503 -34.28 40.90 -0.34
CA THR D 503 -34.17 39.56 0.21
C THR D 503 -33.29 39.48 1.44
N TRP D 504 -32.77 40.60 1.92
CA TRP D 504 -31.91 40.56 3.09
C TRP D 504 -32.70 40.07 4.29
N PRO D 505 -32.30 38.98 4.93
CA PRO D 505 -33.07 38.48 6.07
C PRO D 505 -33.06 39.46 7.23
N ARG D 506 -34.17 39.47 7.96
CA ARG D 506 -34.28 40.33 9.13
C ARG D 506 -33.26 39.96 10.18
N CYS D 507 -33.03 38.66 10.38
CA CYS D 507 -32.09 38.21 11.40
C CYS D 507 -30.67 38.67 11.10
N PHE D 508 -30.35 38.89 9.83
CA PHE D 508 -29.01 39.35 9.50
C PHE D 508 -28.83 40.83 9.81
N MET D 509 -29.84 41.65 9.55
CA MET D 509 -29.71 43.08 9.84
C MET D 509 -29.87 43.37 11.33
N ASN D 510 -30.60 42.52 12.05
CA ASN D 510 -30.78 42.67 13.50
C ASN D 510 -30.18 41.45 14.17
N ILE D 511 -29.01 41.62 14.77
CA ILE D 511 -28.29 40.49 15.35
C ILE D 511 -29.05 39.87 16.50
N GLN D 512 -29.76 40.70 17.27
CA GLN D 512 -30.39 40.22 18.49
C GLN D 512 -31.38 39.10 18.24
N LEU D 513 -31.90 38.97 17.02
CA LEU D 513 -32.82 37.89 16.74
C LEU D 513 -32.15 36.52 16.79
N ILE D 514 -30.83 36.47 16.66
CA ILE D 514 -30.10 35.21 16.67
C ILE D 514 -29.79 34.85 18.11
N SER D 515 -30.24 33.68 18.54
CA SER D 515 -30.09 33.28 19.93
C SER D 515 -28.64 32.99 20.25
N PRO D 516 -28.04 33.69 21.21
CA PRO D 516 -26.67 33.35 21.61
C PRO D 516 -26.52 31.96 22.17
N ILE D 517 -27.61 31.37 22.68
CA ILE D 517 -27.56 30.02 23.22
C ILE D 517 -27.85 28.99 22.14
N ASP D 518 -28.88 29.23 21.34
CA ASP D 518 -29.29 28.28 20.31
C ASP D 518 -28.47 28.38 19.04
N ALA D 519 -27.70 29.45 18.87
CA ALA D 519 -26.92 29.59 17.66
C ALA D 519 -25.64 30.39 17.92
N PRO D 520 -24.73 29.90 18.77
CA PRO D 520 -23.53 30.70 19.07
C PRO D 520 -22.64 30.93 17.87
N ILE D 521 -22.31 29.88 17.13
CA ILE D 521 -21.37 30.01 16.02
C ILE D 521 -21.91 31.00 14.98
N LEU D 522 -23.19 30.88 14.66
CA LEU D 522 -23.73 31.67 13.57
C LEU D 522 -23.87 33.13 13.98
N ARG D 523 -24.25 33.39 15.23
CA ARG D 523 -24.26 34.76 15.74
C ARG D 523 -22.87 35.34 15.73
N GLN D 524 -21.87 34.55 16.11
CA GLN D 524 -20.49 35.02 16.06
C GLN D 524 -20.10 35.41 14.64
N TRP D 525 -20.49 34.59 13.67
CA TRP D 525 -20.19 34.88 12.28
C TRP D 525 -20.85 36.18 11.83
N ALA D 526 -22.11 36.39 12.22
CA ALA D 526 -22.80 37.63 11.85
C ALA D 526 -22.10 38.84 12.45
N GLU D 527 -21.71 38.75 13.72
CA GLU D 527 -20.99 39.87 14.34
C GLU D 527 -19.68 40.13 13.61
N ILE D 528 -18.97 39.07 13.23
CA ILE D 528 -17.72 39.24 12.50
C ILE D 528 -17.98 39.97 11.18
N ILE D 529 -19.05 39.59 10.49
CA ILE D 529 -19.35 40.23 9.21
C ILE D 529 -19.61 41.72 9.40
N HIS D 530 -20.46 42.08 10.37
CA HIS D 530 -20.72 43.50 10.59
C HIS D 530 -19.46 44.26 11.00
N ARG D 531 -18.63 43.67 11.85
CA ARG D 531 -17.56 44.46 12.42
C ARG D 531 -16.29 44.50 11.57
N TYR D 532 -16.07 43.51 10.72
CA TYR D 532 -14.77 43.41 10.05
C TYR D 532 -14.88 43.41 8.52
N TRP D 533 -16.05 43.68 7.96
CA TRP D 533 -16.14 43.82 6.52
C TRP D 533 -15.36 45.06 6.07
N PRO D 534 -14.71 45.01 4.92
CA PRO D 534 -13.86 46.14 4.51
C PRO D 534 -14.64 47.43 4.31
N ASN D 535 -13.96 48.55 4.58
CA ASN D 535 -14.52 49.89 4.46
C ASN D 535 -14.07 50.52 3.15
N PRO D 536 -15.00 51.00 2.34
CA PRO D 536 -14.61 51.67 1.09
C PRO D 536 -13.91 52.99 1.36
N SER D 537 -13.14 53.44 0.38
CA SER D 537 -12.43 54.70 0.46
C SER D 537 -12.35 55.31 -0.93
N GLN D 538 -11.49 56.32 -1.10
CA GLN D 538 -11.39 57.02 -2.36
C GLN D 538 -9.95 57.48 -2.58
N ILE D 539 -9.67 57.92 -3.79
CA ILE D 539 -8.34 58.36 -4.16
C ILE D 539 -8.47 59.30 -5.36
N ARG D 540 -7.61 60.31 -5.41
CA ARG D 540 -7.66 61.29 -6.49
C ARG D 540 -6.75 60.88 -7.63
N TYR D 541 -7.15 61.25 -8.84
CA TYR D 541 -6.44 60.84 -10.05
C TYR D 541 -6.74 61.82 -11.17
N GLY D 542 -5.95 61.75 -12.23
CA GLY D 542 -6.23 62.46 -13.45
C GLY D 542 -5.60 63.84 -13.51
N ALA D 543 -5.77 64.47 -14.67
CA ALA D 543 -5.26 65.81 -14.96
C ALA D 543 -6.38 66.63 -15.55
N PRO D 544 -7.21 67.25 -14.71
CA PRO D 544 -8.44 67.87 -15.22
C PRO D 544 -8.23 69.00 -16.18
N ASN D 545 -7.18 69.81 -16.01
CA ASN D 545 -7.07 71.02 -16.82
C ASN D 545 -6.75 70.72 -18.28
N VAL D 546 -6.43 69.47 -18.62
CA VAL D 546 -6.23 69.04 -20.00
C VAL D 546 -7.19 67.93 -20.38
N PHE D 547 -7.20 66.85 -19.60
CA PHE D 547 -8.05 65.71 -19.92
C PHE D 547 -9.51 65.92 -19.55
N GLY D 548 -9.83 66.99 -18.83
CA GLY D 548 -11.20 67.11 -18.39
C GLY D 548 -11.53 65.99 -17.41
N SER D 549 -12.82 65.68 -17.34
CA SER D 549 -13.28 64.62 -16.46
C SER D 549 -14.64 64.13 -16.93
N ALA D 550 -14.77 62.82 -17.11
CA ALA D 550 -16.00 62.22 -17.57
C ALA D 550 -16.81 61.60 -16.42
N ASN D 551 -16.45 61.89 -15.18
CA ASN D 551 -17.22 61.39 -14.05
C ASN D 551 -18.63 61.95 -14.11
N LEU D 552 -19.60 61.12 -13.75
CA LEU D 552 -21.01 61.50 -13.81
C LEU D 552 -21.62 61.65 -12.43
N PHE D 553 -21.56 60.61 -11.60
CA PHE D 553 -22.20 60.63 -10.29
C PHE D 553 -21.22 60.88 -9.16
N THR D 554 -19.95 61.08 -9.47
CA THR D 554 -18.91 61.31 -8.48
C THR D 554 -18.14 62.58 -8.84
N PRO D 555 -17.53 63.23 -7.86
CA PRO D 555 -16.79 64.45 -8.16
C PRO D 555 -15.63 64.16 -9.09
N PRO D 556 -15.23 65.14 -9.89
CA PRO D 556 -14.07 64.94 -10.76
C PRO D 556 -12.82 64.66 -9.94
N GLU D 557 -11.87 63.98 -10.57
CA GLU D 557 -10.62 63.54 -9.96
C GLU D 557 -10.80 62.39 -8.98
N VAL D 558 -12.03 62.08 -8.62
CA VAL D 558 -12.29 61.13 -7.54
C VAL D 558 -12.48 59.75 -8.12
N LEU D 559 -11.86 58.76 -7.49
CA LEU D 559 -12.00 57.37 -7.87
C LEU D 559 -12.30 56.57 -6.62
N LEU D 560 -13.44 55.88 -6.61
CA LEU D 560 -13.87 55.14 -5.44
C LEU D 560 -13.27 53.75 -5.42
N LEU D 561 -13.10 53.20 -4.22
CA LEU D 561 -12.60 51.85 -4.04
C LEU D 561 -13.43 51.15 -2.99
N PRO D 562 -13.62 49.84 -3.12
CA PRO D 562 -14.28 49.06 -2.07
C PRO D 562 -13.38 48.65 -0.92
N ILE D 563 -12.12 49.08 -0.91
CA ILE D 563 -11.17 48.78 0.16
C ILE D 563 -10.54 50.09 0.60
N ASP D 564 -10.29 50.22 1.89
CA ASP D 564 -9.63 51.43 2.37
C ASP D 564 -8.18 51.47 1.89
N HIS D 565 -7.82 52.58 1.27
CA HIS D 565 -6.48 52.81 0.79
C HIS D 565 -5.67 53.48 1.88
N GLN D 566 -4.40 53.08 2.01
CA GLN D 566 -3.52 53.62 3.04
C GLN D 566 -2.13 53.71 2.41
N PRO D 567 -1.70 54.91 2.03
CA PRO D 567 -0.47 55.03 1.25
C PRO D 567 0.74 54.51 2.00
N ALA D 568 1.61 53.81 1.28
CA ALA D 568 2.82 53.28 1.87
C ALA D 568 3.82 54.40 2.09
N ASN D 569 4.55 54.32 3.20
CA ASN D 569 5.51 55.35 3.58
C ASN D 569 6.96 54.91 3.40
N VAL D 570 7.21 53.74 2.83
CA VAL D 570 8.56 53.28 2.55
C VAL D 570 8.61 52.72 1.14
N THR D 571 9.82 52.66 0.59
CA THR D 571 10.04 52.14 -0.74
C THR D 571 10.69 50.77 -0.75
N THR D 572 10.91 50.17 0.42
CA THR D 572 11.50 48.84 0.54
C THR D 572 10.56 48.02 1.40
N PRO D 573 9.50 47.48 0.81
CA PRO D 573 8.46 46.84 1.62
C PRO D 573 8.97 45.60 2.33
N THR D 574 8.37 45.34 3.49
CA THR D 574 8.62 44.15 4.27
C THR D 574 7.29 43.60 4.76
N LEU D 575 7.27 42.31 5.09
CA LEU D 575 6.04 41.66 5.46
C LEU D 575 5.42 42.33 6.69
N ASP D 576 4.10 42.48 6.65
CA ASP D 576 3.36 43.11 7.74
C ASP D 576 1.96 42.52 7.77
N PHE D 577 1.40 42.40 8.98
CA PHE D 577 0.11 41.76 9.18
C PHE D 577 -0.98 42.74 9.60
N THR D 578 -0.75 44.04 9.45
CA THR D 578 -1.72 45.04 9.86
C THR D 578 -2.51 45.51 8.63
N ASN D 579 -3.43 44.65 8.20
CA ASN D 579 -4.20 44.88 6.98
C ASN D 579 -5.64 44.49 7.22
N GLU D 580 -6.52 45.04 6.39
CA GLU D 580 -7.91 44.64 6.43
C GLU D 580 -8.07 43.17 6.08
N LEU D 581 -7.48 42.77 4.96
CA LEU D 581 -7.68 41.41 4.48
C LEU D 581 -6.98 40.40 5.37
N THR D 582 -5.84 40.76 5.94
CA THR D 582 -5.20 39.89 6.90
C THR D 582 -6.08 39.68 8.12
N ASN D 583 -6.70 40.75 8.62
CA ASN D 583 -7.63 40.61 9.73
C ASN D 583 -8.82 39.76 9.34
N TRP D 584 -9.31 39.93 8.12
CA TRP D 584 -10.45 39.12 7.66
C TRP D 584 -10.09 37.64 7.66
N ARG D 585 -8.92 37.31 7.12
CA ARG D 585 -8.50 35.92 7.10
C ARG D 585 -8.32 35.37 8.51
N ALA D 586 -7.73 36.18 9.40
CA ALA D 586 -7.54 35.74 10.78
C ALA D 586 -8.87 35.47 11.45
N ARG D 587 -9.84 36.37 11.27
CA ARG D 587 -11.14 36.19 11.89
C ARG D 587 -11.83 34.94 11.36
N VAL D 588 -11.73 34.70 10.05
CA VAL D 588 -12.35 33.50 9.49
C VAL D 588 -11.71 32.25 10.08
N CYS D 589 -10.38 32.24 10.17
CA CYS D 589 -9.70 31.09 10.75
C CYS D 589 -10.12 30.86 12.19
N GLU D 590 -10.25 31.95 12.96
CA GLU D 590 -10.66 31.80 14.34
C GLU D 590 -12.08 31.27 14.45
N LEU D 591 -12.97 31.72 13.56
CA LEU D 591 -14.32 31.20 13.58
C LEU D 591 -14.34 29.71 13.29
N MET D 592 -13.58 29.27 12.29
CA MET D 592 -13.51 27.83 12.03
C MET D 592 -12.95 27.08 13.22
N LYS D 593 -11.93 27.64 13.87
CA LYS D 593 -11.34 26.99 15.03
C LYS D 593 -12.35 26.84 16.15
N ASN D 594 -13.15 27.88 16.40
CA ASN D 594 -14.20 27.78 17.40
C ASN D 594 -15.22 26.73 17.01
N LEU D 595 -15.56 26.66 15.72
CA LEU D 595 -16.54 25.70 15.26
C LEU D 595 -16.07 24.27 15.50
N VAL D 596 -14.80 24.00 15.21
CA VAL D 596 -14.28 22.65 15.39
C VAL D 596 -14.30 22.26 16.86
N ASP D 597 -13.94 23.18 17.75
CA ASP D 597 -13.79 22.86 19.15
C ASP D 597 -15.11 22.84 19.91
N ASN D 598 -16.23 23.14 19.26
CA ASN D 598 -17.51 23.15 19.94
C ASN D 598 -17.82 21.77 20.51
N GLN D 599 -18.24 21.74 21.77
CA GLN D 599 -18.47 20.48 22.46
C GLN D 599 -19.63 19.70 21.88
N ARG D 600 -20.55 20.36 21.19
CA ARG D 600 -21.66 19.65 20.55
C ARG D 600 -21.25 19.02 19.23
N TYR D 601 -20.13 19.45 18.66
CA TYR D 601 -19.67 18.95 17.37
C TYR D 601 -18.36 18.18 17.46
N GLN D 602 -17.50 18.50 18.41
CA GLN D 602 -16.19 17.85 18.49
C GLN D 602 -16.26 16.34 18.70
N PRO D 603 -17.10 15.79 19.60
CA PRO D 603 -17.06 14.34 19.84
C PRO D 603 -17.31 13.48 18.61
N GLY D 604 -17.67 14.07 17.47
CA GLY D 604 -17.77 13.30 16.26
C GLY D 604 -16.45 13.01 15.58
N TRP D 605 -15.35 13.54 16.10
CA TRP D 605 -14.04 13.42 15.46
C TRP D 605 -13.03 12.80 16.41
N THR D 606 -12.03 12.16 15.83
CA THR D 606 -10.90 11.67 16.61
C THR D 606 -10.02 12.84 17.03
N GLN D 607 -9.35 12.69 18.17
CA GLN D 607 -8.51 13.76 18.69
C GLN D 607 -7.39 14.11 17.73
N SER D 608 -6.78 13.10 17.11
CA SER D 608 -5.71 13.38 16.16
C SER D 608 -6.21 14.22 15.00
N LEU D 609 -7.40 13.91 14.48
CA LEU D 609 -7.95 14.71 13.40
C LEU D 609 -8.22 16.14 13.85
N VAL D 610 -8.70 16.32 15.08
CA VAL D 610 -8.94 17.66 15.59
C VAL D 610 -7.64 18.45 15.65
N SER D 611 -6.58 17.81 16.16
CA SER D 611 -5.29 18.49 16.24
C SER D 611 -4.79 18.86 14.86
N SER D 612 -4.91 17.94 13.90
CA SER D 612 -4.46 18.25 12.54
C SER D 612 -5.26 19.40 11.94
N MET D 613 -6.58 19.40 12.17
CA MET D 613 -7.41 20.45 11.61
C MET D 613 -7.05 21.81 12.18
N ARG D 614 -6.89 21.90 13.50
CA ARG D 614 -6.59 23.20 14.08
C ARG D 614 -5.17 23.64 13.73
N GLY D 615 -4.25 22.70 13.59
CA GLY D 615 -2.93 23.05 13.10
C GLY D 615 -2.96 23.60 11.70
N THR D 616 -3.77 22.99 10.82
CA THR D 616 -3.89 23.49 9.46
C THR D 616 -4.49 24.88 9.45
N LEU D 617 -5.52 25.12 10.26
CA LEU D 617 -6.09 26.46 10.32
C LEU D 617 -5.07 27.47 10.81
N ASP D 618 -4.28 27.09 11.82
CA ASP D 618 -3.24 27.98 12.32
C ASP D 618 -2.22 28.29 11.24
N LYS D 619 -1.82 27.28 10.47
CA LYS D 619 -0.89 27.50 9.37
C LYS D 619 -1.47 28.46 8.35
N LEU D 620 -2.74 28.30 8.02
CA LEU D 620 -3.37 29.21 7.07
C LEU D 620 -3.45 30.62 7.62
N LYS D 621 -3.60 30.77 8.93
CA LYS D 621 -3.73 32.09 9.52
C LYS D 621 -2.47 32.93 9.30
N LEU D 622 -1.30 32.29 9.43
CA LEU D 622 -0.04 33.02 9.42
C LEU D 622 0.75 32.82 8.12
N ILE D 623 0.09 32.52 7.02
CA ILE D 623 0.80 32.36 5.77
C ILE D 623 1.38 33.71 5.34
N LYS D 624 2.52 33.67 4.67
CA LYS D 624 3.24 34.89 4.31
C LYS D 624 2.90 35.32 2.88
N SER D 625 1.64 35.64 2.67
CA SER D 625 1.16 36.08 1.36
C SER D 625 1.19 37.60 1.31
N MET D 626 1.82 38.13 0.27
CA MET D 626 2.03 39.57 0.18
C MET D 626 0.87 40.29 -0.48
N THR D 627 -0.13 39.56 -0.96
CA THR D 627 -1.22 40.20 -1.70
C THR D 627 -2.04 41.20 -0.89
N PRO D 628 -2.44 40.92 0.36
CA PRO D 628 -3.19 41.95 1.08
C PRO D 628 -2.43 43.25 1.23
N MET D 629 -1.12 43.17 1.46
CA MET D 629 -0.30 44.37 1.47
C MET D 629 -0.33 45.07 0.14
N TYR D 630 -0.22 44.31 -0.95
CA TYR D 630 -0.26 44.91 -2.28
C TYR D 630 -1.57 45.65 -2.49
N LEU D 631 -2.69 45.00 -2.16
CA LEU D 631 -3.99 45.62 -2.34
C LEU D 631 -4.15 46.87 -1.50
N GLN D 632 -3.65 46.85 -0.26
CA GLN D 632 -3.81 48.01 0.59
C GLN D 632 -2.94 49.18 0.18
N GLN D 633 -1.72 48.91 -0.31
CA GLN D 633 -0.78 49.99 -0.53
C GLN D 633 -0.57 50.34 -2.00
N LEU D 634 -0.27 49.36 -2.85
CA LEU D 634 0.19 49.64 -4.20
C LEU D 634 -0.93 49.70 -5.22
N ALA D 635 -1.86 48.75 -5.17
CA ALA D 635 -2.87 48.61 -6.20
C ALA D 635 -3.65 49.89 -6.48
N PRO D 636 -4.12 50.65 -5.49
CA PRO D 636 -4.80 51.91 -5.81
C PRO D 636 -3.94 52.86 -6.62
N VAL D 637 -2.64 52.92 -6.34
CA VAL D 637 -1.77 53.79 -7.12
C VAL D 637 -1.74 53.35 -8.58
N GLU D 638 -1.64 52.04 -8.81
CA GLU D 638 -1.62 51.54 -10.17
C GLU D 638 -2.93 51.85 -10.88
N LEU D 639 -4.06 51.67 -10.21
CA LEU D 639 -5.33 51.99 -10.83
C LEU D 639 -5.43 53.47 -11.16
N ALA D 640 -4.97 54.33 -10.24
CA ALA D 640 -5.00 55.75 -10.50
C ALA D 640 -4.12 56.13 -11.68
N VAL D 641 -2.98 55.46 -11.83
CA VAL D 641 -2.12 55.73 -12.97
C VAL D 641 -2.80 55.31 -14.26
N ILE D 642 -3.37 54.11 -14.27
CA ILE D 642 -3.90 53.54 -15.51
C ILE D 642 -5.16 54.27 -15.96
N ALA D 643 -6.03 54.61 -15.02
CA ALA D 643 -7.40 55.02 -15.35
C ALA D 643 -7.51 56.11 -16.40
N PRO D 644 -6.76 57.22 -16.34
CA PRO D 644 -6.97 58.27 -17.34
C PRO D 644 -6.68 57.85 -18.76
N MET D 645 -5.90 56.80 -18.98
CA MET D 645 -5.55 56.36 -20.31
C MET D 645 -6.48 55.30 -20.87
N LEU D 646 -7.56 54.96 -20.16
CA LEU D 646 -8.48 53.97 -20.67
C LEU D 646 -9.23 54.50 -21.89
N PRO D 647 -9.59 53.63 -22.83
CA PRO D 647 -10.48 54.05 -23.91
C PRO D 647 -11.88 54.27 -23.43
N PHE D 648 -12.30 53.57 -22.38
CA PHE D 648 -13.63 53.70 -21.80
C PHE D 648 -13.48 54.21 -20.37
N PRO D 649 -13.66 55.51 -20.13
CA PRO D 649 -13.35 56.08 -18.83
C PRO D 649 -14.22 55.48 -17.73
N PRO D 650 -13.73 55.48 -16.49
CA PRO D 650 -14.46 54.80 -15.42
C PRO D 650 -15.84 55.38 -15.21
N PHE D 651 -16.76 54.51 -14.81
CA PHE D 651 -18.16 54.87 -14.58
C PHE D 651 -18.60 54.19 -13.30
N GLN D 652 -18.64 54.94 -12.20
CA GLN D 652 -18.84 54.36 -10.88
C GLN D 652 -20.08 54.92 -10.20
N VAL D 653 -20.57 54.14 -9.23
CA VAL D 653 -21.64 54.57 -8.33
C VAL D 653 -21.14 54.27 -6.92
N PRO D 654 -21.62 54.97 -5.89
CA PRO D 654 -21.00 54.86 -4.56
C PRO D 654 -21.09 53.45 -3.99
N TYR D 655 -20.05 53.06 -3.27
CA TYR D 655 -20.02 51.79 -2.56
C TYR D 655 -20.59 51.98 -1.16
N VAL D 656 -21.53 51.13 -0.79
CA VAL D 656 -22.13 51.16 0.54
C VAL D 656 -21.80 49.85 1.23
N ARG D 657 -21.28 49.94 2.46
CA ARG D 657 -20.83 48.74 3.15
C ARG D 657 -22.02 47.86 3.52
N LEU D 658 -22.90 48.36 4.38
CA LEU D 658 -24.06 47.60 4.82
C LEU D 658 -25.32 48.44 4.90
N ASP D 659 -25.30 49.69 4.44
CA ASP D 659 -26.50 50.52 4.45
C ASP D 659 -27.46 50.03 3.38
N ARG D 660 -28.38 49.14 3.78
CA ARG D 660 -29.32 48.57 2.82
C ARG D 660 -30.16 49.64 2.14
N ASP D 661 -30.29 50.81 2.75
CA ASP D 661 -31.13 51.85 2.18
C ASP D 661 -30.49 52.51 0.96
N ARG D 662 -29.16 52.59 0.91
CA ARG D 662 -28.48 53.30 -0.15
C ARG D 662 -27.92 52.39 -1.23
N VAL D 663 -28.29 51.11 -1.23
CA VAL D 663 -27.79 50.22 -2.28
C VAL D 663 -28.40 50.61 -3.61
N PRO D 664 -27.60 50.87 -4.64
CA PRO D 664 -28.19 51.19 -5.95
C PRO D 664 -29.01 50.04 -6.49
N THR D 665 -30.12 50.36 -7.12
CA THR D 665 -31.01 49.34 -7.66
C THR D 665 -31.31 49.50 -9.13
N MET D 666 -30.99 50.64 -9.74
CA MET D 666 -31.35 50.87 -11.13
C MET D 666 -30.50 52.01 -11.66
N VAL D 667 -29.97 51.83 -12.86
CA VAL D 667 -29.27 52.89 -13.59
C VAL D 667 -29.87 52.93 -14.98
N GLY D 668 -30.34 54.11 -15.38
CA GLY D 668 -31.05 54.23 -16.65
C GLY D 668 -30.61 55.45 -17.42
N VAL D 669 -30.80 55.38 -18.73
CA VAL D 669 -30.51 56.49 -19.62
C VAL D 669 -31.75 56.72 -20.47
N THR D 670 -31.89 57.93 -20.98
CA THR D 670 -32.99 58.27 -21.86
C THR D 670 -32.44 58.90 -23.13
N ARG D 671 -33.17 58.69 -24.22
CA ARG D 671 -32.84 59.32 -25.50
C ARG D 671 -34.07 59.93 -26.15
N GLN D 672 -35.23 59.85 -25.51
CA GLN D 672 -36.46 60.39 -26.06
C GLN D 672 -37.21 61.12 -24.97
N SER D 673 -38.32 61.75 -25.37
CA SER D 673 -39.23 62.37 -24.44
C SER D 673 -40.64 61.93 -24.78
N ARG D 674 -41.52 61.95 -23.78
CA ARG D 674 -42.88 61.49 -23.98
C ARG D 674 -43.66 62.49 -24.82
N ASP D 675 -44.96 62.24 -24.96
CA ASP D 675 -45.82 62.96 -25.88
C ASP D 675 -45.80 64.47 -25.70
N THR D 676 -46.19 64.97 -24.54
CA THR D 676 -46.28 66.42 -24.36
C THR D 676 -45.18 66.95 -23.45
N ILE D 677 -44.56 66.07 -22.66
CA ILE D 677 -43.51 66.52 -21.76
C ILE D 677 -42.35 67.09 -22.55
N THR D 678 -41.85 68.24 -22.10
CA THR D 678 -40.79 68.92 -22.80
C THR D 678 -39.55 69.00 -21.92
N GLN D 679 -39.76 69.21 -20.65
CA GLN D 679 -38.65 69.39 -19.73
C GLN D 679 -38.02 68.05 -19.40
N PRO D 680 -36.72 67.86 -19.66
CA PRO D 680 -36.10 66.55 -19.41
C PRO D 680 -36.20 66.10 -17.98
N ALA D 681 -36.17 67.02 -17.01
CA ALA D 681 -36.23 66.62 -15.61
C ALA D 681 -37.55 65.97 -15.25
N LEU D 682 -38.57 66.13 -16.09
CA LEU D 682 -39.88 65.55 -15.80
C LEU D 682 -40.11 64.22 -16.51
N SER D 683 -39.59 64.04 -17.71
CA SER D 683 -39.78 62.81 -18.44
C SER D 683 -38.70 61.78 -18.17
N LEU D 684 -37.64 62.15 -17.44
CA LEU D 684 -36.54 61.22 -17.24
C LEU D 684 -36.96 60.00 -16.45
N SER D 685 -37.84 60.18 -15.47
CA SER D 685 -38.23 59.07 -14.61
C SER D 685 -38.93 57.96 -15.38
N THR D 686 -39.78 58.31 -16.34
CA THR D 686 -40.63 57.34 -17.01
C THR D 686 -40.21 57.07 -18.44
N THR D 687 -38.99 57.43 -18.82
CA THR D 687 -38.53 57.20 -20.19
C THR D 687 -37.08 56.74 -20.20
N ASN D 688 -36.67 56.00 -19.18
CA ASN D 688 -35.31 55.51 -19.09
C ASN D 688 -35.27 54.01 -19.30
N THR D 689 -34.15 53.52 -19.82
CA THR D 689 -33.93 52.10 -20.02
C THR D 689 -32.82 51.64 -19.08
N THR D 690 -33.12 50.63 -18.27
CA THR D 690 -32.17 50.15 -17.29
C THR D 690 -30.93 49.60 -17.99
N VAL D 691 -29.77 49.82 -17.39
CA VAL D 691 -28.49 49.42 -17.95
C VAL D 691 -27.69 48.69 -16.88
N GLY D 692 -27.10 47.57 -17.26
CA GLY D 692 -26.27 46.80 -16.35
C GLY D 692 -26.31 45.34 -16.72
N VAL D 693 -25.28 44.62 -16.26
CA VAL D 693 -25.17 43.17 -16.53
C VAL D 693 -24.18 42.56 -15.55
N PRO D 694 -24.49 41.42 -14.96
CA PRO D 694 -23.55 40.77 -14.04
C PRO D 694 -22.50 39.97 -14.78
N LEU D 695 -21.38 39.75 -14.11
CA LEU D 695 -20.28 38.97 -14.64
C LEU D 695 -19.84 37.95 -13.59
N ALA D 696 -19.56 36.74 -14.03
CA ALA D 696 -19.27 35.63 -13.14
C ALA D 696 -17.78 35.41 -13.01
N LEU D 697 -17.31 35.19 -11.78
CA LEU D 697 -15.92 34.93 -11.49
C LEU D 697 -15.80 33.60 -10.76
N ASP D 698 -14.55 33.18 -10.53
CA ASP D 698 -14.28 31.91 -9.88
C ASP D 698 -13.67 32.17 -8.50
N ALA D 699 -14.33 31.66 -7.46
CA ALA D 699 -13.85 31.89 -6.10
C ALA D 699 -12.50 31.22 -5.88
N ARG D 700 -12.31 30.02 -6.41
CA ARG D 700 -11.07 29.30 -6.21
C ARG D 700 -9.89 30.12 -6.69
N ALA D 701 -10.00 30.70 -7.88
CA ALA D 701 -8.89 31.44 -8.45
C ALA D 701 -8.55 32.66 -7.61
N ILE D 702 -9.57 33.39 -7.17
CA ILE D 702 -9.33 34.59 -6.39
C ILE D 702 -8.71 34.25 -5.05
N THR D 703 -9.16 33.16 -4.43
CA THR D 703 -8.55 32.73 -3.17
C THR D 703 -7.09 32.35 -3.37
N VAL D 704 -6.80 31.62 -4.45
CA VAL D 704 -5.41 31.27 -4.76
C VAL D 704 -4.58 32.53 -4.89
N ALA D 705 -5.11 33.53 -5.58
CA ALA D 705 -4.39 34.79 -5.71
C ALA D 705 -4.15 35.44 -4.35
N LEU D 706 -5.17 35.44 -3.50
CA LEU D 706 -5.02 36.07 -2.19
C LEU D 706 -4.02 35.33 -1.32
N LEU D 707 -3.76 34.06 -1.58
CA LEU D 707 -2.93 33.27 -0.69
C LEU D 707 -1.48 33.14 -1.13
N SER D 708 -1.15 33.46 -2.38
CA SER D 708 0.14 33.06 -2.94
C SER D 708 0.79 34.20 -3.71
N GLY D 709 0.90 35.37 -3.10
CA GLY D 709 1.53 36.51 -3.73
C GLY D 709 2.91 36.79 -3.16
N LYS D 710 3.86 37.04 -4.05
CA LYS D 710 5.23 37.34 -3.65
C LYS D 710 5.75 38.52 -4.45
N TYR D 711 6.71 39.20 -3.90
CA TYR D 711 7.40 40.30 -4.55
C TYR D 711 8.71 39.82 -5.15
N PRO D 712 9.28 40.58 -6.09
CA PRO D 712 10.63 40.29 -6.53
C PRO D 712 11.58 40.35 -5.37
N PRO D 713 12.67 39.58 -5.41
CA PRO D 713 13.51 39.42 -4.22
C PRO D 713 14.02 40.72 -3.63
N ASP D 714 14.37 41.69 -4.47
CA ASP D 714 14.83 42.99 -4.00
C ASP D 714 14.02 44.06 -4.73
N LEU D 715 13.03 44.61 -4.04
CA LEU D 715 12.09 45.55 -4.64
C LEU D 715 12.33 46.95 -4.10
N VAL D 716 12.39 47.92 -5.00
CA VAL D 716 12.39 49.34 -4.66
C VAL D 716 11.34 49.99 -5.53
N THR D 717 10.22 50.39 -4.92
CA THR D 717 9.04 50.74 -5.68
C THR D 717 9.29 51.91 -6.62
N ASN D 718 9.97 52.95 -6.13
CA ASN D 718 10.15 54.14 -6.94
C ASN D 718 11.00 53.88 -8.18
N VAL D 719 11.80 52.82 -8.17
CA VAL D 719 12.57 52.45 -9.36
C VAL D 719 11.77 51.51 -10.26
N TRP D 720 11.11 50.53 -9.65
CA TRP D 720 10.33 49.58 -10.43
C TRP D 720 9.27 50.30 -11.24
N TYR D 721 8.51 51.19 -10.60
CA TYR D 721 7.47 51.90 -11.33
C TYR D 721 8.05 52.87 -12.34
N ALA D 722 9.14 53.54 -11.99
CA ALA D 722 9.77 54.45 -12.95
C ALA D 722 10.18 53.73 -14.22
N ASP D 723 10.58 52.47 -14.07
CA ASP D 723 10.99 51.62 -15.18
C ASP D 723 9.82 51.06 -15.96
N ALA D 724 8.75 50.72 -15.25
CA ALA D 724 7.60 50.08 -15.86
C ALA D 724 6.69 51.09 -16.55
N ILE D 725 6.44 52.23 -15.90
CA ILE D 725 5.43 53.14 -16.39
C ILE D 725 5.95 53.95 -17.58
N TYR D 726 7.27 54.12 -17.67
CA TYR D 726 7.85 55.05 -18.65
C TYR D 726 7.35 54.85 -20.07
N PRO D 727 7.32 53.64 -20.64
CA PRO D 727 6.85 53.53 -22.03
C PRO D 727 5.40 53.93 -22.21
N MET D 728 4.56 53.66 -21.21
CA MET D 728 3.12 53.70 -21.45
C MET D 728 2.59 55.12 -21.54
N TYR D 729 3.35 56.11 -21.05
CA TYR D 729 3.04 57.51 -21.31
C TYR D 729 3.81 58.07 -22.50
N ALA D 730 3.95 57.26 -23.54
CA ALA D 730 4.27 57.76 -24.88
C ALA D 730 3.11 57.52 -25.83
N ASP D 731 1.93 57.23 -25.30
CA ASP D 731 0.75 56.90 -26.10
C ASP D 731 -0.14 58.12 -26.21
N THR D 732 -0.52 58.47 -27.43
CA THR D 732 -1.35 59.64 -27.70
C THR D 732 -2.78 59.27 -28.04
N GLU D 733 -3.27 58.13 -27.57
CA GLU D 733 -4.63 57.73 -27.92
C GLU D 733 -5.67 58.59 -27.21
N VAL D 734 -5.34 59.12 -26.03
CA VAL D 734 -6.31 59.87 -25.23
C VAL D 734 -6.76 61.12 -25.97
N PHE D 735 -5.81 61.83 -26.57
CA PHE D 735 -6.14 63.06 -27.28
C PHE D 735 -7.04 62.75 -28.48
N SER D 736 -6.75 61.67 -29.18
CA SER D 736 -7.62 61.24 -30.28
C SER D 736 -9.03 60.98 -29.77
N ASN D 737 -9.15 60.31 -28.63
CA ASN D 737 -10.47 60.08 -28.05
C ASN D 737 -11.16 61.40 -27.74
N LEU D 738 -10.40 62.39 -27.28
CA LEU D 738 -10.99 63.69 -26.99
C LEU D 738 -11.59 64.32 -28.25
N GLN D 739 -10.84 64.25 -29.36
CA GLN D 739 -11.36 64.80 -30.60
C GLN D 739 -12.62 64.06 -31.06
N ARG D 740 -12.60 62.73 -30.94
CA ARG D 740 -13.78 61.95 -31.29
C ARG D 740 -14.98 62.38 -30.45
N ASP D 741 -14.75 62.61 -29.16
CA ASP D 741 -15.82 63.04 -28.27
C ASP D 741 -16.38 64.38 -28.71
N MET D 742 -15.51 65.31 -29.11
CA MET D 742 -15.99 66.59 -29.61
C MET D 742 -16.91 66.40 -30.81
N ILE D 743 -16.48 65.61 -31.78
CA ILE D 743 -17.28 65.43 -32.98
C ILE D 743 -18.62 64.78 -32.65
N THR D 744 -18.66 63.90 -31.65
CA THR D 744 -19.92 63.25 -31.32
C THR D 744 -20.98 64.28 -30.94
N CYS D 745 -20.67 65.17 -29.99
CA CYS D 745 -21.63 66.19 -29.59
C CYS D 745 -21.94 67.13 -30.73
N GLU D 746 -20.93 67.49 -31.52
CA GLU D 746 -21.18 68.33 -32.68
C GLU D 746 -22.24 67.72 -33.59
N ALA D 747 -22.10 66.43 -33.89
CA ALA D 747 -23.04 65.77 -34.77
C ALA D 747 -24.43 65.70 -34.14
N VAL D 748 -24.50 65.43 -32.84
CA VAL D 748 -25.81 65.35 -32.19
C VAL D 748 -26.55 66.67 -32.33
N GLN D 749 -25.86 67.78 -32.05
CA GLN D 749 -26.51 69.07 -32.16
C GLN D 749 -26.91 69.38 -33.60
N THR D 750 -26.05 69.01 -34.56
CA THR D 750 -26.42 69.21 -35.96
C THR D 750 -27.68 68.45 -36.31
N LEU D 751 -27.78 67.20 -35.84
CA LEU D 751 -28.96 66.40 -36.12
C LEU D 751 -30.21 67.05 -35.57
N VAL D 752 -30.16 67.48 -34.30
CA VAL D 752 -31.39 68.04 -33.74
C VAL D 752 -31.78 69.32 -34.45
N THR D 753 -30.79 70.17 -34.78
CA THR D 753 -31.12 71.42 -35.46
C THR D 753 -31.72 71.17 -36.83
N LEU D 754 -31.14 70.22 -37.59
CA LEU D 754 -31.68 69.94 -38.91
C LEU D 754 -33.08 69.35 -38.83
N VAL D 755 -33.31 68.42 -37.90
CA VAL D 755 -34.63 67.81 -37.81
C VAL D 755 -35.66 68.83 -37.38
N ALA D 756 -35.27 69.82 -36.58
CA ALA D 756 -36.22 70.82 -36.11
C ALA D 756 -36.78 71.67 -37.24
N GLN D 757 -36.37 71.41 -38.48
CA GLN D 757 -36.85 72.16 -39.62
C GLN D 757 -38.03 71.52 -40.32
N ILE D 758 -37.96 70.22 -40.62
CA ILE D 758 -39.03 69.57 -41.35
C ILE D 758 -40.15 69.10 -40.44
N SER D 759 -39.95 69.10 -39.13
CA SER D 759 -40.96 68.66 -38.18
C SER D 759 -41.01 69.64 -37.03
N GLU D 760 -41.72 69.26 -35.98
CA GLU D 760 -41.88 70.09 -34.79
C GLU D 760 -41.17 69.42 -33.62
N THR D 761 -40.30 70.15 -32.95
CA THR D 761 -39.56 69.65 -31.81
C THR D 761 -39.73 70.61 -30.64
N GLN D 762 -39.06 70.30 -29.53
CA GLN D 762 -39.13 71.10 -28.33
C GLN D 762 -38.02 72.14 -28.22
N TYR D 763 -37.12 72.15 -29.14
CA TYR D 763 -36.06 73.14 -28.94
C TYR D 763 -36.35 74.40 -29.73
N PRO D 764 -35.97 75.56 -29.20
CA PRO D 764 -36.08 76.79 -29.98
C PRO D 764 -35.14 76.74 -31.17
N VAL D 765 -35.58 77.36 -32.27
CA VAL D 765 -34.79 77.31 -33.50
C VAL D 765 -35.34 78.36 -34.46
N ASP D 766 -34.45 78.88 -35.31
CA ASP D 766 -34.88 79.77 -36.37
C ASP D 766 -35.64 78.99 -37.43
N ARG D 767 -36.20 79.73 -38.40
CA ARG D 767 -36.91 79.10 -39.51
C ARG D 767 -36.92 80.07 -40.67
N TYR D 768 -36.11 79.80 -41.69
CA TYR D 768 -36.07 80.64 -42.88
C TYR D 768 -36.56 79.94 -44.13
N LEU D 769 -36.81 78.63 -44.09
CA LEU D 769 -37.13 77.86 -45.29
C LEU D 769 -38.56 77.35 -45.26
N ASP D 770 -39.47 78.09 -44.63
CA ASP D 770 -40.86 77.65 -44.59
C ASP D 770 -41.54 77.87 -45.93
N TRP D 771 -41.12 78.88 -46.68
CA TRP D 771 -41.75 79.14 -47.97
C TRP D 771 -41.52 78.02 -48.97
N ILE D 772 -40.46 77.25 -48.80
CA ILE D 772 -40.26 76.06 -49.62
C ILE D 772 -41.25 74.99 -49.18
N PRO D 773 -42.03 74.42 -50.09
CA PRO D 773 -43.03 73.44 -49.68
C PRO D 773 -42.40 72.18 -49.12
N SER D 774 -43.11 71.54 -48.22
CA SER D 774 -42.64 70.29 -47.61
C SER D 774 -43.85 69.47 -47.18
N LEU D 775 -43.67 68.16 -47.17
CA LEU D 775 -44.77 67.27 -46.82
C LEU D 775 -44.99 67.25 -45.31
N ARG D 776 -46.06 66.59 -44.90
CA ARG D 776 -46.34 66.35 -43.49
C ARG D 776 -45.45 65.20 -43.04
N ALA D 777 -44.35 65.53 -42.37
CA ALA D 777 -43.36 64.53 -42.01
C ALA D 777 -43.90 63.56 -40.98
N SER D 778 -43.54 62.30 -41.13
CA SER D 778 -43.86 61.25 -40.17
C SER D 778 -42.57 60.79 -39.49
N ALA D 779 -42.71 59.79 -38.62
CA ALA D 779 -41.53 59.24 -37.96
C ALA D 779 -40.57 58.62 -38.96
N ALA D 780 -41.09 57.92 -39.96
CA ALA D 780 -40.24 57.27 -40.95
C ALA D 780 -39.45 58.30 -41.75
N THR D 781 -40.09 59.41 -42.13
CA THR D 781 -39.40 60.45 -42.87
C THR D 781 -38.26 61.02 -42.04
N ALA D 782 -38.51 61.25 -40.75
CA ALA D 782 -37.45 61.77 -39.89
C ALA D 782 -36.31 60.77 -39.76
N ALA D 783 -36.63 59.48 -39.65
CA ALA D 783 -35.58 58.48 -39.56
C ALA D 783 -34.73 58.46 -40.81
N THR D 784 -35.36 58.52 -41.98
CA THR D 784 -34.60 58.54 -43.22
C THR D 784 -33.72 59.77 -43.32
N PHE D 785 -34.26 60.93 -42.96
CA PHE D 785 -33.48 62.16 -43.01
C PHE D 785 -32.29 62.07 -42.07
N ALA D 786 -32.49 61.52 -40.88
CA ALA D 786 -31.41 61.38 -39.93
C ALA D 786 -30.35 60.42 -40.46
N GLU D 787 -30.77 59.35 -41.13
CA GLU D 787 -29.80 58.44 -41.73
C GLU D 787 -28.95 59.15 -42.76
N TRP D 788 -29.58 59.98 -43.60
CA TRP D 788 -28.82 60.73 -44.59
C TRP D 788 -27.83 61.69 -43.93
N VAL D 789 -28.27 62.37 -42.87
CA VAL D 789 -27.38 63.30 -42.19
C VAL D 789 -26.19 62.57 -41.59
N ASN D 790 -26.46 61.42 -40.96
CA ASN D 790 -25.38 60.64 -40.37
C ASN D 790 -24.38 60.18 -41.42
N THR D 791 -24.88 59.71 -42.55
CA THR D 791 -23.98 59.29 -43.62
C THR D 791 -23.13 60.45 -44.11
N SER D 792 -23.74 61.62 -44.29
CA SER D 792 -22.98 62.77 -44.77
C SER D 792 -21.89 63.15 -43.80
N MET D 793 -22.21 63.20 -42.50
CA MET D 793 -21.21 63.59 -41.52
C MET D 793 -20.10 62.56 -41.43
N LYS D 794 -20.44 61.27 -41.47
CA LYS D 794 -19.40 60.25 -41.44
C LYS D 794 -18.48 60.36 -42.64
N THR D 795 -19.05 60.58 -43.83
CA THR D 795 -18.23 60.69 -45.02
C THR D 795 -17.31 61.90 -44.95
N ALA D 796 -17.84 63.03 -44.48
CA ALA D 796 -17.06 64.26 -44.51
C ALA D 796 -15.82 64.17 -43.65
N PHE D 797 -15.91 63.57 -42.47
CA PHE D 797 -14.81 63.53 -41.53
C PHE D 797 -14.01 62.25 -41.62
N ASP D 798 -14.29 61.40 -42.60
CA ASP D 798 -13.54 60.16 -42.83
C ASP D 798 -13.59 59.27 -41.60
N LEU D 799 -14.81 58.91 -41.22
CA LEU D 799 -15.04 57.96 -40.14
C LEU D 799 -15.53 56.66 -40.73
N SER D 800 -14.81 55.57 -40.48
CA SER D 800 -15.21 54.25 -40.94
C SER D 800 -16.02 53.48 -39.92
N ASP D 801 -15.93 53.84 -38.64
CA ASP D 801 -16.77 53.23 -37.63
C ASP D 801 -18.15 53.88 -37.67
N MET D 802 -18.93 53.66 -36.63
CA MET D 802 -20.33 54.08 -36.62
C MET D 802 -20.58 55.22 -35.64
N LEU D 803 -21.41 56.17 -36.08
CA LEU D 803 -21.71 57.39 -35.35
C LEU D 803 -23.22 57.61 -35.32
N LEU D 804 -23.72 58.12 -34.21
CA LEU D 804 -25.12 58.51 -34.02
C LEU D 804 -26.08 57.34 -34.06
N GLU D 805 -25.60 56.12 -34.32
CA GLU D 805 -26.51 54.99 -34.47
C GLU D 805 -27.45 54.79 -33.29
N PRO D 806 -27.03 54.86 -32.03
CA PRO D 806 -27.99 54.64 -30.94
C PRO D 806 -29.14 55.62 -30.96
N LEU D 807 -28.93 56.83 -31.47
CA LEU D 807 -30.03 57.79 -31.56
C LEU D 807 -30.99 57.44 -32.68
N LEU D 808 -30.50 56.79 -33.75
CA LEU D 808 -31.38 56.44 -34.86
C LEU D 808 -32.49 55.50 -34.41
N SER D 809 -32.18 54.53 -33.55
CA SER D 809 -33.24 53.79 -32.90
C SER D 809 -34.03 54.73 -32.00
N GLY D 810 -35.35 54.57 -32.03
CA GLY D 810 -36.22 55.55 -31.41
C GLY D 810 -36.48 56.71 -32.35
N ASP D 811 -37.49 57.50 -31.99
CA ASP D 811 -37.91 58.62 -32.81
C ASP D 811 -36.93 59.77 -32.63
N PRO D 812 -36.32 60.27 -33.71
CA PRO D 812 -35.33 61.35 -33.56
C PRO D 812 -35.95 62.73 -33.37
N ARG D 813 -37.27 62.85 -33.35
CA ARG D 813 -37.88 64.17 -33.25
C ARG D 813 -37.98 64.68 -31.82
N MET D 814 -37.64 63.87 -30.83
CA MET D 814 -37.73 64.30 -29.44
C MET D 814 -36.52 63.83 -28.66
N THR D 815 -35.33 63.97 -29.25
CA THR D 815 -34.12 63.47 -28.61
C THR D 815 -33.76 64.32 -27.39
N GLN D 816 -33.20 63.65 -26.38
CA GLN D 816 -32.70 64.31 -25.18
C GLN D 816 -31.79 63.33 -24.48
N LEU D 817 -30.77 63.87 -23.84
CA LEU D 817 -29.76 63.05 -23.17
C LEU D 817 -29.82 63.28 -21.67
N ALA D 818 -29.94 62.19 -20.92
CA ALA D 818 -29.97 62.27 -19.46
C ALA D 818 -29.62 60.90 -18.90
N ILE D 819 -29.35 60.87 -17.60
CA ILE D 819 -28.97 59.65 -16.91
C ILE D 819 -29.35 59.80 -15.45
N GLN D 820 -29.66 58.68 -14.81
CA GLN D 820 -30.06 58.71 -13.41
C GLN D 820 -29.81 57.35 -12.78
N TYR D 821 -29.77 57.35 -11.45
CA TYR D 821 -29.79 56.09 -10.72
C TYR D 821 -30.58 56.30 -9.43
N GLN D 822 -31.00 55.18 -8.84
CA GLN D 822 -31.96 55.22 -7.76
C GLN D 822 -31.54 54.29 -6.64
N GLN D 823 -31.58 54.79 -5.41
CA GLN D 823 -31.24 53.97 -4.25
C GLN D 823 -32.40 53.05 -3.91
N TYR D 824 -32.17 52.18 -2.92
CA TYR D 824 -33.22 51.29 -2.46
C TYR D 824 -34.34 52.07 -1.77
N ASN D 825 -33.99 53.07 -0.99
CA ASN D 825 -34.98 53.83 -0.23
C ASN D 825 -35.79 54.76 -1.10
N GLY D 826 -35.44 54.90 -2.38
CA GLY D 826 -36.23 55.68 -3.32
C GLY D 826 -35.65 57.01 -3.71
N ARG D 827 -34.67 57.53 -2.98
CA ARG D 827 -34.03 58.76 -3.39
C ARG D 827 -33.32 58.54 -4.72
N THR D 828 -33.59 59.42 -5.69
CA THR D 828 -33.02 59.29 -7.02
C THR D 828 -32.13 60.47 -7.33
N PHE D 829 -31.11 60.22 -8.14
CA PHE D 829 -30.14 61.23 -8.53
C PHE D 829 -30.05 61.23 -10.05
N ASN D 830 -30.13 62.41 -10.66
CA ASN D 830 -30.10 62.52 -12.10
C ASN D 830 -29.08 63.56 -12.53
N ILE D 831 -28.58 63.41 -13.75
CA ILE D 831 -27.59 64.31 -14.31
C ILE D 831 -28.01 64.71 -15.72
N ILE D 832 -28.22 66.00 -15.93
CA ILE D 832 -28.65 66.51 -17.23
C ILE D 832 -27.53 67.36 -17.80
N PRO D 833 -26.72 66.85 -18.72
CA PRO D 833 -25.60 67.64 -19.23
C PRO D 833 -26.10 68.78 -20.10
N GLU D 834 -25.78 70.00 -19.70
CA GLU D 834 -26.28 71.17 -20.42
C GLU D 834 -25.55 71.28 -21.74
N MET D 835 -26.29 71.21 -22.84
CA MET D 835 -25.70 71.06 -24.16
C MET D 835 -24.82 72.26 -24.51
N PRO D 836 -23.57 72.05 -24.86
CA PRO D 836 -22.70 73.16 -25.28
C PRO D 836 -23.06 73.59 -26.70
N GLY D 837 -22.28 74.51 -27.22
CA GLY D 837 -22.52 75.02 -28.55
C GLY D 837 -22.14 74.01 -29.63
N SER D 838 -22.29 74.45 -30.87
CA SER D 838 -21.93 73.63 -32.02
C SER D 838 -21.70 74.53 -33.21
N VAL D 839 -20.47 74.57 -33.72
CA VAL D 839 -20.15 75.51 -34.78
C VAL D 839 -20.85 75.14 -36.08
N ILE D 840 -20.97 73.84 -36.36
CA ILE D 840 -21.53 73.43 -37.65
C ILE D 840 -23.00 73.81 -37.73
N ALA D 841 -23.75 73.62 -36.65
CA ALA D 841 -25.16 74.00 -36.69
C ALA D 841 -25.31 75.50 -36.92
N ASP D 842 -24.50 76.31 -36.25
CA ASP D 842 -24.56 77.75 -36.44
C ASP D 842 -24.24 78.11 -37.88
N CYS D 843 -23.19 77.52 -38.45
CA CYS D 843 -22.82 77.85 -39.81
C CYS D 843 -23.88 77.40 -40.80
N VAL D 844 -24.49 76.25 -40.56
CA VAL D 844 -25.56 75.78 -41.44
C VAL D 844 -26.72 76.76 -41.40
N GLN D 845 -27.09 77.22 -40.21
CA GLN D 845 -28.18 78.18 -40.12
C GLN D 845 -27.81 79.49 -40.80
N LEU D 846 -26.55 79.90 -40.70
CA LEU D 846 -26.11 81.12 -41.39
C LEU D 846 -26.27 80.97 -42.89
N THR D 847 -25.85 79.81 -43.43
CA THR D 847 -25.99 79.59 -44.86
C THR D 847 -27.45 79.54 -45.28
N ALA D 848 -28.30 78.96 -44.42
CA ALA D 848 -29.72 78.95 -44.71
C ALA D 848 -30.27 80.37 -44.76
N GLU D 849 -29.84 81.21 -43.82
CA GLU D 849 -30.29 82.60 -43.80
C GLU D 849 -29.84 83.32 -45.06
N VAL D 850 -28.61 83.07 -45.49
CA VAL D 850 -28.12 83.67 -46.72
C VAL D 850 -28.93 83.19 -47.91
N PHE D 851 -29.25 81.89 -47.94
CA PHE D 851 -30.04 81.33 -49.02
C PHE D 851 -31.38 82.01 -49.16
N ASN D 852 -31.90 82.60 -48.09
CA ASN D 852 -33.16 83.32 -48.17
C ASN D 852 -33.09 84.54 -49.06
N HIS D 853 -31.90 84.98 -49.44
CA HIS D 853 -31.73 86.11 -50.33
C HIS D 853 -31.10 85.73 -51.66
N GLU D 854 -30.22 84.73 -51.69
CA GLU D 854 -29.50 84.36 -52.89
C GLU D 854 -30.01 83.07 -53.51
N TYR D 855 -31.31 82.79 -53.36
CA TYR D 855 -31.84 81.53 -53.84
C TYR D 855 -31.71 81.40 -55.35
N ASN D 856 -31.67 82.53 -56.07
CA ASN D 856 -31.49 82.46 -57.51
C ASN D 856 -30.14 81.84 -57.86
N LEU D 857 -29.10 82.16 -57.09
CA LEU D 857 -27.78 81.66 -57.41
C LEU D 857 -27.71 80.15 -57.31
N PHE D 858 -28.56 79.55 -56.47
CA PHE D 858 -28.61 78.10 -56.33
C PHE D 858 -29.55 77.46 -57.32
N GLY D 859 -29.90 78.17 -58.40
CA GLY D 859 -30.83 77.62 -59.37
C GLY D 859 -32.21 77.36 -58.82
N ILE D 860 -32.70 78.24 -57.95
CA ILE D 860 -34.03 78.11 -57.36
C ILE D 860 -34.77 79.41 -57.57
N ALA D 861 -36.00 79.33 -58.06
CA ALA D 861 -36.83 80.50 -58.25
C ALA D 861 -37.90 80.54 -57.18
N ARG D 862 -38.18 81.74 -56.69
CA ARG D 862 -39.18 81.95 -55.63
C ARG D 862 -40.48 82.46 -56.24
N GLY D 863 -41.58 82.13 -55.58
CA GLY D 863 -42.87 82.66 -55.98
C GLY D 863 -43.72 81.68 -56.75
N ASP D 864 -44.40 82.18 -57.77
CA ASP D 864 -45.32 81.38 -58.57
C ASP D 864 -45.07 81.68 -60.04
N ILE D 865 -45.88 81.06 -60.90
CA ILE D 865 -45.80 81.27 -62.34
C ILE D 865 -47.18 81.57 -62.88
N ILE D 866 -47.21 82.21 -64.04
CA ILE D 866 -48.45 82.57 -64.70
C ILE D 866 -48.39 82.03 -66.12
N ILE D 867 -49.39 81.26 -66.51
CA ILE D 867 -49.44 80.64 -67.82
C ILE D 867 -50.49 81.35 -68.65
N GLY D 868 -50.06 81.99 -69.73
CA GLY D 868 -50.97 82.70 -70.60
C GLY D 868 -50.26 83.25 -71.82
N ARG D 869 -50.94 83.30 -72.95
CA ARG D 869 -50.29 83.71 -74.19
C ARG D 869 -49.97 85.19 -74.15
N VAL D 870 -48.75 85.54 -74.52
CA VAL D 870 -48.33 86.93 -74.66
C VAL D 870 -47.52 87.03 -75.95
N GLN D 871 -48.05 87.73 -76.93
CA GLN D 871 -47.43 87.86 -78.24
C GLN D 871 -47.11 89.33 -78.50
N SER D 872 -45.83 89.64 -78.63
CA SER D 872 -45.38 91.01 -78.88
C SER D 872 -43.93 90.96 -79.32
N THR D 873 -43.38 92.12 -79.62
CA THR D 873 -41.98 92.25 -80.03
C THR D 873 -41.12 92.89 -78.96
N HIS D 874 -41.65 93.09 -77.76
CA HIS D 874 -40.86 93.68 -76.69
C HIS D 874 -39.83 92.69 -76.17
N LEU D 875 -38.83 93.20 -75.46
CA LEU D 875 -37.68 92.40 -75.07
C LEU D 875 -37.51 92.33 -73.56
N TRP D 876 -38.57 92.47 -72.79
CA TRP D 876 -38.44 92.31 -71.35
C TRP D 876 -38.20 90.85 -71.02
N SER D 877 -37.36 90.62 -70.02
CA SER D 877 -37.05 89.25 -69.63
C SER D 877 -38.23 88.63 -68.90
N PRO D 878 -38.57 87.37 -69.18
CA PRO D 878 -39.68 86.73 -68.46
C PRO D 878 -39.39 86.55 -66.99
N LEU D 879 -38.13 86.61 -66.57
CA LEU D 879 -37.82 86.51 -65.15
C LEU D 879 -38.08 87.81 -64.41
N ALA D 880 -38.24 88.92 -65.12
CA ALA D 880 -38.57 90.21 -64.53
C ALA D 880 -39.74 90.80 -65.30
N PRO D 881 -40.92 90.21 -65.19
CA PRO D 881 -42.02 90.62 -66.05
C PRO D 881 -42.49 92.01 -65.71
N PRO D 882 -43.10 92.72 -66.67
CA PRO D 882 -43.71 94.00 -66.34
C PRO D 882 -44.86 93.83 -65.37
N PRO D 883 -45.07 94.79 -64.48
CA PRO D 883 -46.04 94.57 -63.39
C PRO D 883 -47.46 94.35 -63.83
N ASP D 884 -47.89 94.94 -64.95
CA ASP D 884 -49.29 94.87 -65.30
C ASP D 884 -49.74 93.47 -65.71
N LEU D 885 -48.82 92.60 -66.11
CA LEU D 885 -49.22 91.28 -66.58
C LEU D 885 -49.56 90.32 -65.46
N VAL D 886 -49.12 90.58 -64.24
CA VAL D 886 -49.32 89.64 -63.15
C VAL D 886 -50.57 90.03 -62.39
N PHE D 887 -51.13 89.04 -61.69
CA PHE D 887 -52.26 89.27 -60.79
C PHE D 887 -52.12 88.35 -59.60
N ASP D 888 -52.96 88.56 -58.59
CA ASP D 888 -52.89 87.77 -57.38
C ASP D 888 -54.30 87.65 -56.80
N ARG D 889 -54.38 87.15 -55.57
CA ARG D 889 -55.67 86.78 -55.00
C ARG D 889 -56.57 88.00 -54.81
N ASP D 890 -56.00 89.17 -54.60
CA ASP D 890 -56.78 90.38 -54.35
C ASP D 890 -56.97 91.23 -55.60
N THR D 891 -56.57 90.74 -56.76
CA THR D 891 -56.84 91.46 -57.99
C THR D 891 -58.34 91.38 -58.29
N PRO D 892 -59.00 92.49 -58.63
CA PRO D 892 -60.42 92.43 -58.96
C PRO D 892 -60.69 91.53 -60.14
N GLY D 893 -61.83 90.85 -60.10
CA GLY D 893 -62.26 90.00 -61.20
C GLY D 893 -61.40 88.77 -61.44
N VAL D 894 -61.04 88.06 -60.39
CA VAL D 894 -60.32 86.80 -60.52
C VAL D 894 -61.17 85.70 -59.90
N HIS D 895 -60.80 84.46 -60.16
CA HIS D 895 -61.52 83.30 -59.64
C HIS D 895 -60.54 82.37 -58.95
N ILE D 896 -60.79 82.08 -57.69
CA ILE D 896 -59.94 81.20 -56.90
C ILE D 896 -60.59 79.84 -56.84
N PHE D 897 -59.78 78.78 -56.97
CA PHE D 897 -60.29 77.43 -57.04
C PHE D 897 -59.71 76.57 -55.93
N GLY D 898 -60.56 75.73 -55.35
CA GLY D 898 -60.17 74.89 -54.24
C GLY D 898 -60.50 73.43 -54.46
N ARG D 899 -60.67 72.68 -53.36
CA ARG D 899 -60.68 71.22 -53.44
C ARG D 899 -61.85 70.68 -54.24
N ASP D 900 -62.86 71.50 -54.52
CA ASP D 900 -64.09 71.00 -55.12
C ASP D 900 -64.12 71.09 -56.64
N CYS D 901 -62.97 70.89 -57.30
CA CYS D 901 -62.92 70.93 -58.75
C CYS D 901 -63.97 70.00 -59.37
N ARG D 902 -64.89 70.58 -60.13
CA ARG D 902 -65.86 69.81 -60.88
C ARG D 902 -66.38 70.65 -62.04
N ILE D 903 -66.63 69.98 -63.16
CA ILE D 903 -66.84 70.64 -64.44
C ILE D 903 -68.16 70.18 -65.03
N SER D 904 -68.92 71.12 -65.57
CA SER D 904 -70.14 70.84 -66.29
C SER D 904 -69.90 71.03 -67.77
N PHE D 905 -70.02 69.95 -68.55
CA PHE D 905 -69.75 70.04 -69.98
C PHE D 905 -70.83 70.86 -70.68
N GLY D 906 -70.41 71.57 -71.73
CA GLY D 906 -71.35 72.35 -72.49
C GLY D 906 -72.22 71.49 -73.38
N MET D 907 -73.41 72.01 -73.66
CA MET D 907 -74.38 71.26 -74.46
C MET D 907 -74.99 72.17 -75.51
N ASN D 908 -75.09 71.67 -76.74
CA ASN D 908 -75.73 72.38 -77.84
C ASN D 908 -75.10 73.75 -78.07
N GLY D 909 -73.79 73.82 -77.97
CA GLY D 909 -73.06 75.05 -78.21
C GLY D 909 -72.75 75.87 -76.97
N ALA D 910 -73.44 75.61 -75.86
CA ALA D 910 -73.12 76.33 -74.63
C ALA D 910 -71.70 76.01 -74.19
N ALA D 911 -71.04 77.00 -73.63
CA ALA D 911 -69.67 76.81 -73.20
C ALA D 911 -69.62 75.95 -71.94
N PRO D 912 -68.57 75.15 -71.78
CA PRO D 912 -68.42 74.38 -70.55
C PRO D 912 -68.14 75.30 -69.37
N MET D 913 -68.47 74.80 -68.18
CA MET D 913 -68.36 75.61 -66.97
C MET D 913 -67.72 74.81 -65.85
N ILE D 914 -67.06 75.52 -64.95
CA ILE D 914 -66.43 74.94 -63.78
C ILE D 914 -66.86 75.75 -62.56
N ARG D 915 -66.84 75.12 -61.39
CA ARG D 915 -67.33 75.76 -60.18
C ARG D 915 -66.22 76.52 -59.48
N ASP D 916 -66.46 77.80 -59.24
CA ASP D 916 -65.58 78.63 -58.44
C ASP D 916 -65.64 78.18 -56.98
N GLU D 917 -64.74 78.71 -56.15
CA GLU D 917 -64.80 78.41 -54.74
C GLU D 917 -65.99 79.05 -54.06
N THR D 918 -66.59 80.08 -54.68
CA THR D 918 -67.77 80.72 -54.13
C THR D 918 -69.06 80.08 -54.63
N GLY D 919 -68.97 79.00 -55.39
CA GLY D 919 -70.15 78.34 -55.92
C GLY D 919 -70.63 78.85 -57.24
N LEU D 920 -69.91 79.77 -57.88
CA LEU D 920 -70.29 80.28 -59.17
C LEU D 920 -69.83 79.35 -60.29
N MET D 921 -70.63 79.30 -61.35
CA MET D 921 -70.28 78.58 -62.55
C MET D 921 -69.67 79.57 -63.54
N VAL D 922 -68.49 79.26 -64.06
CA VAL D 922 -67.77 80.21 -64.90
C VAL D 922 -67.29 79.53 -66.18
N PRO D 923 -67.15 80.26 -67.27
CA PRO D 923 -66.64 79.68 -68.51
C PRO D 923 -65.11 79.58 -68.44
N PHE D 924 -64.53 79.09 -69.54
CA PHE D 924 -63.08 78.89 -69.60
C PHE D 924 -62.42 80.13 -70.19
N GLU D 925 -62.34 81.17 -69.35
CA GLU D 925 -61.70 82.42 -69.74
C GLU D 925 -61.46 83.25 -68.50
N GLY D 926 -60.69 84.31 -68.67
CA GLY D 926 -60.39 85.20 -67.56
C GLY D 926 -59.09 84.89 -66.88
N ASN D 927 -59.02 85.11 -65.58
CA ASN D 927 -57.81 84.86 -64.79
C ASN D 927 -58.16 83.96 -63.61
N TRP D 928 -57.45 82.86 -63.47
CA TRP D 928 -57.71 81.88 -62.43
C TRP D 928 -56.51 81.75 -61.52
N ILE D 929 -56.71 81.04 -60.41
CA ILE D 929 -55.65 80.74 -59.46
C ILE D 929 -55.81 79.30 -59.00
N PHE D 930 -54.73 78.51 -59.10
CA PHE D 930 -54.75 77.11 -58.69
C PHE D 930 -53.66 76.86 -57.66
N PRO D 931 -53.97 76.16 -56.58
CA PRO D 931 -52.91 75.43 -55.87
C PRO D 931 -52.40 74.31 -56.76
N LEU D 932 -51.10 74.07 -56.70
CA LEU D 932 -50.47 73.19 -57.69
C LEU D 932 -50.96 71.75 -57.52
N ALA D 933 -51.11 71.29 -56.29
CA ALA D 933 -51.56 69.93 -56.06
C ALA D 933 -52.90 69.66 -56.75
N LEU D 934 -53.72 70.70 -56.89
CA LEU D 934 -54.99 70.53 -57.57
C LEU D 934 -54.78 70.09 -59.00
N TRP D 935 -53.77 70.65 -59.67
CA TRP D 935 -53.45 70.21 -61.02
C TRP D 935 -52.75 68.85 -60.99
N GLN D 936 -51.94 68.60 -59.97
CA GLN D 936 -51.26 67.31 -59.91
C GLN D 936 -52.26 66.17 -59.86
N MET D 937 -53.34 66.34 -59.11
CA MET D 937 -54.28 65.25 -58.94
C MET D 937 -55.23 65.08 -60.12
N ASN D 938 -55.24 65.99 -61.08
CA ASN D 938 -56.11 65.85 -62.25
C ASN D 938 -55.38 66.27 -63.51
N THR D 939 -54.09 65.94 -63.59
CA THR D 939 -53.27 66.25 -64.75
C THR D 939 -53.98 65.99 -66.07
N ARG D 940 -54.36 64.74 -66.33
CA ARG D 940 -54.83 64.39 -67.66
C ARG D 940 -56.13 65.11 -68.00
N TYR D 941 -57.08 65.09 -67.07
CA TYR D 941 -58.36 65.74 -67.30
C TYR D 941 -58.17 67.23 -67.56
N PHE D 942 -57.35 67.88 -66.74
CA PHE D 942 -57.15 69.31 -66.88
C PHE D 942 -56.45 69.65 -68.17
N ASN D 943 -55.43 68.88 -68.54
CA ASN D 943 -54.76 69.12 -69.81
C ASN D 943 -55.77 69.05 -70.94
N GLN D 944 -56.52 67.95 -71.01
CA GLN D 944 -57.44 67.76 -72.11
C GLN D 944 -58.50 68.86 -72.14
N GLN D 945 -58.87 69.39 -70.99
CA GLN D 945 -59.92 70.39 -70.98
C GLN D 945 -59.43 71.82 -71.20
N PHE D 946 -58.17 72.12 -70.87
CA PHE D 946 -57.74 73.52 -70.82
C PHE D 946 -56.66 73.87 -71.83
N ASP D 947 -55.99 72.89 -72.43
CA ASP D 947 -54.83 73.23 -73.26
C ASP D 947 -55.24 74.07 -74.46
N ALA D 948 -56.36 73.73 -75.11
CA ALA D 948 -56.78 74.48 -76.29
C ALA D 948 -57.08 75.93 -75.94
N TRP D 949 -57.81 76.16 -74.86
CA TRP D 949 -58.14 77.53 -74.48
C TRP D 949 -56.90 78.31 -74.07
N ILE D 950 -55.97 77.68 -73.37
CA ILE D 950 -54.74 78.39 -73.03
C ILE D 950 -53.97 78.75 -74.29
N LYS D 951 -53.87 77.81 -75.22
CA LYS D 951 -53.04 78.03 -76.41
C LYS D 951 -53.62 79.12 -77.30
N THR D 952 -54.92 79.06 -77.57
CA THR D 952 -55.53 79.97 -78.53
C THR D 952 -56.57 80.91 -77.94
N GLY D 953 -57.27 80.50 -76.89
CA GLY D 953 -58.33 81.33 -76.35
C GLY D 953 -57.80 82.50 -75.53
N GLU D 954 -58.51 82.87 -74.48
CA GLU D 954 -58.16 84.01 -73.65
C GLU D 954 -58.14 83.61 -72.20
N LEU D 955 -57.54 82.46 -71.91
CA LEU D 955 -57.45 81.93 -70.55
C LEU D 955 -56.04 82.09 -70.03
N ARG D 956 -55.91 82.59 -68.81
CA ARG D 956 -54.62 82.75 -68.16
C ARG D 956 -54.72 82.21 -66.74
N ILE D 957 -53.76 81.37 -66.37
CA ILE D 957 -53.79 80.67 -65.09
C ILE D 957 -52.51 81.00 -64.32
N ARG D 958 -52.65 81.14 -63.01
CA ARG D 958 -51.51 81.32 -62.12
C ARG D 958 -51.44 80.10 -61.21
N ILE D 959 -50.30 79.43 -61.22
CA ILE D 959 -50.09 78.23 -60.42
C ILE D 959 -49.25 78.58 -59.21
N GLU D 960 -49.75 78.25 -58.02
CA GLU D 960 -49.05 78.55 -56.78
C GLU D 960 -48.03 77.45 -56.50
N MET D 961 -46.76 77.82 -56.46
CA MET D 961 -45.67 76.88 -56.30
C MET D 961 -44.84 77.10 -55.04
N GLY D 962 -44.65 78.33 -54.61
CA GLY D 962 -43.72 78.62 -53.55
C GLY D 962 -42.31 78.69 -54.06
N ALA D 963 -41.74 77.55 -54.43
CA ALA D 963 -40.40 77.48 -54.99
C ALA D 963 -40.35 76.41 -56.06
N TYR D 964 -39.44 76.57 -57.01
CA TYR D 964 -39.34 75.62 -58.10
C TYR D 964 -38.02 75.78 -58.85
N PRO D 965 -37.42 74.70 -59.31
CA PRO D 965 -36.26 74.81 -60.20
C PRO D 965 -36.68 75.35 -61.56
N TYR D 966 -35.73 75.99 -62.24
CA TYR D 966 -36.04 76.65 -63.49
C TYR D 966 -34.95 76.39 -64.52
N MET D 967 -35.31 76.55 -65.78
CA MET D 967 -34.45 76.31 -66.92
C MET D 967 -34.56 77.49 -67.88
N LEU D 968 -33.46 77.82 -68.55
CA LEU D 968 -33.44 78.93 -69.47
C LEU D 968 -33.17 78.45 -70.90
N HIS D 969 -33.86 79.07 -71.85
CA HIS D 969 -33.63 78.81 -73.27
C HIS D 969 -33.49 80.16 -73.97
N TYR D 970 -32.29 80.49 -74.41
CA TYR D 970 -32.06 81.75 -75.09
C TYR D 970 -32.45 81.65 -76.55
N TYR D 971 -32.74 82.80 -77.15
CA TYR D 971 -33.16 82.82 -78.54
C TYR D 971 -32.73 84.12 -79.20
N ASP D 972 -32.67 84.08 -80.52
CA ASP D 972 -32.25 85.25 -81.30
C ASP D 972 -33.41 86.21 -81.43
N PRO D 973 -33.26 87.48 -81.02
CA PRO D 973 -34.38 88.42 -81.13
C PRO D 973 -34.86 88.65 -82.54
N ARG D 974 -34.00 88.57 -83.54
CA ARG D 974 -34.38 88.92 -84.90
C ARG D 974 -35.16 87.82 -85.61
N GLN D 975 -35.35 86.67 -84.99
CA GLN D 975 -36.04 85.55 -85.61
C GLN D 975 -37.34 85.28 -84.88
N TYR D 976 -38.32 84.79 -85.61
CA TYR D 976 -39.58 84.39 -84.99
C TYR D 976 -39.33 83.30 -83.98
N ALA D 977 -40.09 83.32 -82.89
CA ALA D 977 -39.88 82.36 -81.82
C ALA D 977 -41.19 82.10 -81.10
N ASN D 978 -41.58 80.83 -81.03
CA ASN D 978 -42.78 80.41 -80.33
C ASN D 978 -42.39 79.39 -79.27
N ALA D 979 -42.84 79.64 -78.03
CA ALA D 979 -42.46 78.80 -76.91
C ALA D 979 -43.54 77.81 -76.53
N TRP D 980 -44.53 77.59 -77.40
CA TRP D 980 -45.64 76.73 -77.02
C TRP D 980 -45.20 75.30 -76.78
N ASN D 981 -44.21 74.82 -77.54
CA ASN D 981 -43.80 73.43 -77.39
C ASN D 981 -43.25 73.16 -76.01
N LEU D 982 -42.41 74.07 -75.50
CA LEU D 982 -41.82 73.87 -74.19
C LEU D 982 -42.89 73.83 -73.10
N THR D 983 -43.81 74.79 -73.13
CA THR D 983 -44.85 74.84 -72.12
C THR D 983 -45.78 73.65 -72.23
N SER D 984 -46.08 73.21 -73.45
CA SER D 984 -46.92 72.04 -73.63
C SER D 984 -46.27 70.81 -73.03
N ALA D 985 -44.98 70.63 -73.29
CA ALA D 985 -44.28 69.49 -72.70
C ALA D 985 -44.30 69.58 -71.19
N TRP D 986 -44.03 70.77 -70.63
CA TRP D 986 -44.01 70.92 -69.19
C TRP D 986 -45.37 70.58 -68.58
N LEU D 987 -46.44 71.12 -69.18
CA LEU D 987 -47.77 70.85 -68.66
C LEU D 987 -48.11 69.37 -68.74
N GLU D 988 -47.77 68.74 -69.86
CA GLU D 988 -48.17 67.35 -70.05
C GLU D 988 -47.36 66.40 -69.20
N GLU D 989 -46.16 66.79 -68.79
CA GLU D 989 -45.33 65.91 -67.99
C GLU D 989 -45.56 66.06 -66.49
N ILE D 990 -46.50 66.91 -66.08
CA ILE D 990 -46.82 67.00 -64.66
C ILE D 990 -47.46 65.70 -64.20
N THR D 991 -47.04 65.23 -63.04
CA THR D 991 -47.49 63.97 -62.48
C THR D 991 -47.92 64.21 -61.04
N PRO D 992 -48.91 63.47 -60.54
CA PRO D 992 -49.29 63.61 -59.13
C PRO D 992 -48.17 63.29 -58.16
N THR D 993 -46.98 62.97 -58.68
CA THR D 993 -45.84 62.75 -57.81
C THR D 993 -44.68 63.66 -58.19
N SER D 994 -44.54 63.98 -59.48
CA SER D 994 -43.36 64.69 -59.94
C SER D 994 -43.74 65.82 -60.88
N ILE D 995 -42.89 66.83 -60.92
CA ILE D 995 -42.98 67.90 -61.92
C ILE D 995 -41.59 68.13 -62.50
N PRO D 996 -41.47 68.58 -63.74
CA PRO D 996 -40.16 68.91 -64.30
C PRO D 996 -39.84 70.39 -64.12
N SER D 997 -38.59 70.73 -64.43
CA SER D 997 -38.14 72.10 -64.29
C SER D 997 -38.91 73.04 -65.21
N VAL D 998 -39.22 74.22 -64.70
CA VAL D 998 -40.00 75.18 -65.50
C VAL D 998 -39.12 75.78 -66.57
N PRO D 999 -39.53 75.75 -67.84
CA PRO D 999 -38.73 76.34 -68.90
C PRO D 999 -39.08 77.79 -69.18
N PHE D 1000 -38.05 78.62 -69.34
CA PHE D 1000 -38.22 80.01 -69.70
C PHE D 1000 -37.50 80.30 -71.00
N MET D 1001 -38.06 81.22 -71.78
CA MET D 1001 -37.50 81.63 -73.06
C MET D 1001 -37.10 83.09 -72.96
N VAL D 1002 -35.80 83.36 -72.84
CA VAL D 1002 -35.31 84.70 -72.58
C VAL D 1002 -34.50 85.19 -73.77
N PRO D 1003 -34.68 86.44 -74.19
CA PRO D 1003 -33.95 86.93 -75.36
C PRO D 1003 -32.49 87.18 -75.07
N ILE D 1004 -31.71 87.26 -76.15
CA ILE D 1004 -30.27 87.46 -76.05
C ILE D 1004 -29.98 88.95 -76.20
N SER D 1005 -29.26 89.50 -75.23
CA SER D 1005 -28.90 90.91 -75.26
C SER D 1005 -27.99 91.20 -76.44
N SER D 1006 -28.05 92.44 -76.93
CA SER D 1006 -27.25 92.88 -78.05
C SER D 1006 -26.64 94.24 -77.77
N ASP D 1007 -25.49 94.49 -78.40
CA ASP D 1007 -24.77 95.75 -78.20
C ASP D 1007 -24.80 96.63 -79.44
N HIS D 1008 -25.68 96.35 -80.40
CA HIS D 1008 -25.84 97.22 -81.56
C HIS D 1008 -27.27 97.10 -82.04
N ASP D 1009 -27.68 98.06 -82.86
CA ASP D 1009 -29.04 98.10 -83.35
C ASP D 1009 -29.38 96.81 -84.09
N ILE D 1010 -30.58 96.28 -83.82
CA ILE D 1010 -31.06 95.07 -84.48
C ILE D 1010 -32.50 95.29 -84.90
N SER D 1011 -32.96 94.43 -85.80
CA SER D 1011 -34.36 94.44 -86.22
C SER D 1011 -35.20 93.81 -85.12
N SER D 1012 -36.49 93.62 -85.38
CA SER D 1012 -37.40 93.03 -84.41
C SER D 1012 -38.27 91.99 -85.09
N ALA D 1013 -38.74 91.03 -84.30
CA ALA D 1013 -39.55 89.94 -84.81
C ALA D 1013 -40.48 89.48 -83.71
N PRO D 1014 -41.69 89.02 -84.06
CA PRO D 1014 -42.65 88.65 -83.02
C PRO D 1014 -42.18 87.44 -82.22
N ALA D 1015 -42.57 87.40 -80.96
CA ALA D 1015 -42.26 86.29 -80.08
C ALA D 1015 -43.50 85.96 -79.25
N VAL D 1016 -43.75 84.67 -79.08
CA VAL D 1016 -44.91 84.18 -78.35
C VAL D 1016 -44.44 83.55 -77.06
N GLN D 1017 -44.84 84.11 -75.93
CA GLN D 1017 -44.43 83.64 -74.62
C GLN D 1017 -45.65 83.16 -73.85
N TYR D 1018 -45.45 82.16 -73.01
CA TYR D 1018 -46.57 81.58 -72.27
C TYR D 1018 -46.34 81.57 -70.77
N ILE D 1019 -45.09 81.41 -70.34
CA ILE D 1019 -44.76 81.31 -68.92
C ILE D 1019 -43.98 82.53 -68.51
N ILE D 1020 -44.41 83.18 -67.44
CA ILE D 1020 -43.67 84.26 -66.82
C ILE D 1020 -43.66 84.04 -65.31
N SER D 1021 -42.62 84.54 -64.65
CA SER D 1021 -42.54 84.44 -63.21
C SER D 1021 -43.44 85.48 -62.56
N THR D 1022 -43.60 85.37 -61.24
CA THR D 1022 -44.45 86.30 -60.52
C THR D 1022 -43.69 87.53 -60.05
N GLU D 1023 -42.54 87.36 -59.40
CA GLU D 1023 -41.74 88.48 -58.97
C GLU D 1023 -40.34 88.35 -59.57
N TYR D 1024 -39.48 89.29 -59.20
CA TYR D 1024 -38.11 89.27 -59.70
C TYR D 1024 -37.41 87.99 -59.29
N ASN D 1025 -36.78 87.34 -60.26
CA ASN D 1025 -36.06 86.10 -60.00
C ASN D 1025 -34.74 86.05 -60.75
N ASP D 1026 -34.22 87.19 -61.18
CA ASP D 1026 -33.11 87.24 -62.12
C ASP D 1026 -31.93 87.89 -61.41
N ARG D 1027 -31.65 87.43 -60.19
CA ARG D 1027 -30.48 87.91 -59.48
C ARG D 1027 -29.22 87.18 -59.89
N SER D 1028 -29.34 86.06 -60.59
CA SER D 1028 -28.18 85.27 -60.96
C SER D 1028 -27.36 85.91 -62.06
N LEU D 1029 -27.97 86.79 -62.84
CA LEU D 1029 -27.27 87.35 -64.00
C LEU D 1029 -26.17 88.29 -63.53
N PHE D 1030 -25.04 88.25 -64.24
CA PHE D 1030 -23.87 89.01 -63.85
C PHE D 1030 -23.63 90.24 -64.72
N CYS D 1031 -23.52 90.06 -66.04
CA CYS D 1031 -23.30 91.19 -66.91
C CYS D 1031 -23.73 90.82 -68.33
N THR D 1032 -23.97 91.84 -69.14
CA THR D 1032 -24.35 91.68 -70.53
C THR D 1032 -23.46 92.52 -71.40
N ASN D 1033 -23.00 91.94 -72.51
CA ASN D 1033 -22.10 92.62 -73.44
C ASN D 1033 -20.89 93.18 -72.70
N SER D 1034 -20.31 92.34 -71.85
CA SER D 1034 -19.27 92.81 -70.94
C SER D 1034 -18.07 93.38 -71.68
N SER D 1035 -17.85 92.97 -72.92
CA SER D 1035 -16.72 93.47 -73.69
C SER D 1035 -17.08 94.61 -74.62
N SER D 1036 -18.30 95.09 -74.57
CA SER D 1036 -18.75 96.16 -75.46
C SER D 1036 -18.97 97.45 -74.69
N PRO D 1037 -18.95 98.59 -75.37
CA PRO D 1037 -19.18 99.86 -74.66
C PRO D 1037 -20.52 99.96 -73.95
N GLN D 1038 -21.58 99.37 -74.51
CA GLN D 1038 -22.89 99.48 -73.88
C GLN D 1038 -23.84 98.47 -74.51
N THR D 1039 -24.99 98.29 -73.87
CA THR D 1039 -26.05 97.41 -74.34
C THR D 1039 -27.18 98.24 -74.93
N ILE D 1040 -27.57 97.91 -76.16
CA ILE D 1040 -28.60 98.66 -76.86
C ILE D 1040 -29.97 98.03 -76.71
N ALA D 1041 -30.07 96.73 -76.96
CA ALA D 1041 -31.36 96.05 -76.94
C ALA D 1041 -31.28 94.84 -76.02
N GLY D 1042 -32.44 94.46 -75.48
CA GLY D 1042 -32.52 93.35 -74.57
C GLY D 1042 -32.24 93.78 -73.15
N PRO D 1043 -32.31 92.84 -72.22
CA PRO D 1043 -32.03 93.17 -70.81
C PRO D 1043 -30.60 93.68 -70.66
N ASP D 1044 -30.43 94.68 -69.80
CA ASP D 1044 -29.15 95.32 -69.59
C ASP D 1044 -28.78 95.23 -68.11
N LYS D 1045 -27.50 95.03 -67.84
CA LYS D 1045 -27.03 94.84 -66.47
C LYS D 1045 -25.55 95.12 -66.41
N HIS D 1046 -25.15 96.10 -65.61
CA HIS D 1046 -23.74 96.36 -65.42
C HIS D 1046 -23.18 95.42 -64.36
N ILE D 1047 -21.89 95.55 -64.08
CA ILE D 1047 -21.28 94.73 -63.04
C ILE D 1047 -21.91 95.05 -61.71
N PRO D 1048 -22.32 94.07 -60.91
CA PRO D 1048 -22.92 94.39 -59.61
C PRO D 1048 -21.93 95.08 -58.71
N VAL D 1049 -22.16 96.37 -58.46
CA VAL D 1049 -21.18 97.17 -57.75
C VAL D 1049 -21.09 96.73 -56.29
N GLU D 1050 -22.22 96.43 -55.67
CA GLU D 1050 -22.21 96.09 -54.25
C GLU D 1050 -21.46 94.80 -53.98
N ARG D 1051 -21.31 93.94 -54.99
CA ARG D 1051 -20.50 92.75 -54.83
C ARG D 1051 -19.02 93.07 -54.66
N TYR D 1052 -18.60 94.28 -54.97
CA TYR D 1052 -17.21 94.68 -54.85
C TYR D 1052 -17.10 95.93 -54.02
N ASN D 1053 -17.77 95.94 -52.87
CA ASN D 1053 -17.88 97.15 -52.06
C ASN D 1053 -16.51 97.65 -51.63
N ILE D 1054 -15.58 96.75 -51.35
CA ILE D 1054 -14.25 97.15 -50.91
C ILE D 1054 -13.58 98.00 -51.98
N LEU D 1055 -13.62 97.55 -53.23
CA LEU D 1055 -12.96 98.29 -54.30
C LEU D 1055 -13.74 99.54 -54.69
N THR D 1056 -15.06 99.44 -54.78
CA THR D 1056 -15.83 100.54 -55.32
C THR D 1056 -16.01 101.70 -54.34
N ASN D 1057 -16.00 101.43 -53.04
CA ASN D 1057 -16.26 102.47 -52.07
C ASN D 1057 -14.96 102.85 -51.38
N PRO D 1058 -14.43 104.05 -51.61
CA PRO D 1058 -13.16 104.43 -50.98
C PRO D 1058 -13.25 104.54 -49.48
N ASP D 1059 -14.45 104.69 -48.93
CA ASP D 1059 -14.62 104.87 -47.49
C ASP D 1059 -14.90 103.57 -46.75
N ALA D 1060 -15.01 102.45 -47.46
CA ALA D 1060 -15.36 101.31 -46.63
C ALA D 1060 -14.13 100.76 -45.92
N PRO D 1061 -14.28 100.34 -44.67
CA PRO D 1061 -13.19 99.66 -44.01
C PRO D 1061 -12.87 98.36 -44.71
N PRO D 1062 -11.61 97.95 -44.72
CA PRO D 1062 -11.25 96.74 -45.48
C PRO D 1062 -11.97 95.49 -45.06
N THR D 1063 -12.34 95.36 -43.79
CA THR D 1063 -12.89 94.11 -43.27
C THR D 1063 -14.41 94.12 -43.18
N GLN D 1064 -15.08 94.90 -44.04
CA GLN D 1064 -16.53 94.98 -43.99
C GLN D 1064 -17.16 93.89 -44.85
N ILE D 1065 -18.23 93.29 -44.34
CA ILE D 1065 -19.01 92.31 -45.08
C ILE D 1065 -20.48 92.71 -45.03
N GLN D 1066 -21.23 92.25 -46.01
CA GLN D 1066 -22.62 92.66 -46.19
C GLN D 1066 -23.59 91.49 -46.09
N LEU D 1067 -23.22 90.48 -45.31
CA LEU D 1067 -24.14 89.38 -45.07
C LEU D 1067 -25.30 89.85 -44.21
N PRO D 1068 -26.45 89.17 -44.28
CA PRO D 1068 -26.76 88.04 -45.16
C PRO D 1068 -27.49 88.46 -46.43
N GLU D 1069 -27.49 89.74 -46.74
CA GLU D 1069 -28.26 90.22 -47.87
C GLU D 1069 -27.49 90.11 -49.18
N VAL D 1070 -26.22 90.48 -49.19
CA VAL D 1070 -25.41 90.46 -50.41
C VAL D 1070 -24.08 89.80 -50.08
N VAL D 1071 -23.72 88.79 -50.86
CA VAL D 1071 -22.43 88.13 -50.72
C VAL D 1071 -21.42 88.87 -51.60
N ASP D 1072 -20.26 89.17 -51.02
CA ASP D 1072 -19.24 89.91 -51.74
C ASP D 1072 -18.31 88.94 -52.48
N LEU D 1073 -17.63 89.46 -53.49
CA LEU D 1073 -16.75 88.66 -54.32
C LEU D 1073 -15.28 89.07 -54.21
N TYR D 1074 -14.95 89.98 -53.30
CA TYR D 1074 -13.58 90.43 -53.12
C TYR D 1074 -13.41 90.84 -51.67
N ASN D 1075 -12.57 90.11 -50.94
CA ASN D 1075 -12.53 90.26 -49.49
C ASN D 1075 -11.09 90.25 -48.99
N VAL D 1076 -10.96 90.42 -47.68
CA VAL D 1076 -9.68 90.29 -46.99
C VAL D 1076 -9.63 88.91 -46.38
N VAL D 1077 -8.64 88.13 -46.78
CA VAL D 1077 -8.51 86.74 -46.34
C VAL D 1077 -7.28 86.61 -45.48
N THR D 1078 -7.42 85.89 -44.37
CA THR D 1078 -6.30 85.60 -43.48
C THR D 1078 -5.77 84.22 -43.79
N ARG D 1079 -4.48 84.14 -44.11
CA ARG D 1079 -3.85 82.88 -44.46
C ARG D 1079 -2.82 82.53 -43.39
N TYR D 1080 -2.87 81.30 -42.91
CA TYR D 1080 -2.08 80.88 -41.77
C TYR D 1080 -0.93 79.97 -42.22
N ALA D 1081 0.04 79.80 -41.33
CA ALA D 1081 1.16 78.92 -41.58
C ALA D 1081 1.54 78.14 -40.34
N TYR D 1082 0.57 77.80 -39.50
CA TYR D 1082 0.86 77.12 -38.26
C TYR D 1082 1.36 75.70 -38.51
N GLU D 1083 2.10 75.17 -37.55
CA GLU D 1083 2.56 73.80 -37.60
C GLU D 1083 1.67 72.92 -36.73
N THR D 1084 1.60 71.64 -37.08
CA THR D 1084 0.80 70.65 -36.36
C THR D 1084 1.68 69.45 -36.06
N PRO D 1085 2.63 69.58 -35.15
CA PRO D 1085 3.56 68.50 -34.87
C PRO D 1085 2.90 67.43 -34.02
N PRO D 1086 3.40 66.20 -34.08
CA PRO D 1086 2.94 65.18 -33.14
C PRO D 1086 3.39 65.51 -31.73
N ILE D 1087 2.64 64.98 -30.77
CA ILE D 1087 2.89 65.31 -29.36
C ILE D 1087 4.32 64.92 -28.97
N THR D 1088 4.73 63.71 -29.33
CA THR D 1088 6.04 63.22 -28.93
C THR D 1088 7.17 64.00 -29.56
N ALA D 1089 6.89 64.78 -30.62
CA ALA D 1089 7.95 65.54 -31.25
C ALA D 1089 8.37 66.73 -30.41
N VAL D 1090 7.47 67.28 -29.62
CA VAL D 1090 7.76 68.47 -28.84
C VAL D 1090 8.02 68.15 -27.36
N VAL D 1091 7.37 67.13 -26.81
CA VAL D 1091 7.54 66.75 -25.42
C VAL D 1091 8.21 65.38 -25.40
N MET D 1092 9.45 65.34 -24.92
CA MET D 1092 10.21 64.10 -24.85
C MET D 1092 10.47 63.74 -23.40
N GLY D 1093 10.19 62.49 -23.05
CA GLY D 1093 10.40 62.05 -21.69
C GLY D 1093 11.86 61.80 -21.38
N VAL D 1094 12.16 61.67 -20.10
CA VAL D 1094 13.52 61.39 -19.65
C VAL D 1094 13.61 59.94 -19.22
N PRO D 1095 14.32 59.08 -19.97
CA PRO D 1095 14.43 57.66 -19.64
C PRO D 1095 15.19 57.44 -18.34
N MET E 1 -83.64 41.74 -85.06
CA MET E 1 -83.88 41.20 -83.73
C MET E 1 -82.56 40.81 -83.05
N LYS E 2 -82.49 41.02 -81.74
CA LYS E 2 -81.34 40.67 -80.94
C LYS E 2 -81.70 39.48 -80.06
N ARG E 3 -80.84 38.45 -80.06
CA ARG E 3 -81.07 37.25 -79.28
C ARG E 3 -79.93 37.06 -78.28
N ILE E 4 -80.29 36.72 -77.05
CA ILE E 4 -79.33 36.56 -75.96
C ILE E 4 -79.39 35.12 -75.48
N PRO E 5 -78.27 34.41 -75.40
CA PRO E 5 -78.30 33.03 -74.91
C PRO E 5 -78.52 32.97 -73.41
N ARG E 6 -78.76 31.76 -72.93
CA ARG E 6 -78.95 31.51 -71.50
C ARG E 6 -77.72 30.85 -70.90
N LYS E 7 -77.38 31.26 -69.68
CA LYS E 7 -76.30 30.65 -68.92
C LYS E 7 -76.77 29.49 -68.06
N THR E 8 -78.05 29.15 -68.11
CA THR E 8 -78.62 28.10 -67.29
C THR E 8 -79.53 27.23 -68.14
N LYS E 9 -79.47 25.92 -67.91
CA LYS E 9 -80.38 24.99 -68.58
C LYS E 9 -81.79 25.21 -68.07
N GLY E 10 -82.76 25.21 -68.98
CA GLY E 10 -84.13 25.55 -68.67
C GLY E 10 -85.06 24.37 -68.63
N LYS E 11 -86.35 24.64 -68.84
CA LYS E 11 -87.36 23.59 -68.80
C LYS E 11 -87.14 22.55 -69.89
N SER E 12 -86.78 22.99 -71.09
CA SER E 12 -86.55 22.09 -72.20
C SER E 12 -85.26 21.30 -72.01
N PRO E 40 -59.73 70.55 -92.15
CA PRO E 40 -59.92 70.88 -90.74
C PRO E 40 -59.11 69.98 -89.82
N ALA E 41 -58.05 70.52 -89.24
CA ALA E 41 -57.20 69.73 -88.34
C ALA E 41 -58.01 69.26 -87.14
N THR E 42 -57.71 68.05 -86.67
CA THR E 42 -58.47 67.44 -85.59
C THR E 42 -57.60 66.98 -84.43
N THR E 43 -56.35 67.44 -84.34
CA THR E 43 -55.47 67.07 -83.24
C THR E 43 -55.48 68.19 -82.22
N GLU E 44 -56.46 68.16 -81.32
CA GLU E 44 -56.55 69.19 -80.30
C GLU E 44 -55.39 69.04 -79.31
N PRO E 45 -54.89 70.15 -78.77
CA PRO E 45 -53.55 70.14 -78.17
C PRO E 45 -53.43 69.51 -76.80
N GLY E 46 -54.44 68.77 -76.35
CA GLY E 46 -54.35 68.17 -75.03
C GLY E 46 -54.30 66.66 -75.03
N THR E 47 -54.33 66.04 -76.20
CA THR E 47 -54.53 64.61 -76.31
C THR E 47 -53.24 63.81 -76.36
N SER E 48 -52.08 64.46 -76.31
CA SER E 48 -50.84 63.71 -76.40
C SER E 48 -50.61 62.88 -75.14
N ASN E 49 -49.87 61.78 -75.30
CA ASN E 49 -49.67 60.80 -74.25
C ASN E 49 -48.28 60.97 -73.65
N ARG E 50 -48.23 61.20 -72.34
CA ARG E 50 -46.98 61.32 -71.58
C ARG E 50 -47.07 60.55 -70.28
N GLU E 51 -47.51 59.29 -70.36
CA GLU E 51 -47.67 58.49 -69.16
C GLU E 51 -46.31 58.16 -68.55
N GLN E 52 -45.99 58.81 -67.43
CA GLN E 52 -44.82 58.48 -66.64
C GLN E 52 -45.18 58.15 -65.20
N TYR E 53 -46.45 57.89 -64.92
CA TYR E 53 -46.93 57.70 -63.56
C TYR E 53 -47.08 56.21 -63.29
N LYS E 54 -46.45 55.75 -62.20
CA LYS E 54 -46.55 54.37 -61.76
C LYS E 54 -47.43 54.40 -60.52
N ALA E 55 -48.62 53.81 -60.61
CA ALA E 55 -49.56 53.83 -59.50
C ALA E 55 -48.96 53.11 -58.30
N ARG E 56 -49.25 53.63 -57.12
CA ARG E 56 -48.73 53.06 -55.89
C ARG E 56 -49.81 53.14 -54.82
N PRO E 57 -50.42 52.02 -54.44
CA PRO E 57 -50.18 50.64 -54.86
C PRO E 57 -50.52 50.37 -56.31
N GLY E 58 -49.95 49.31 -56.87
CA GLY E 58 -50.12 49.03 -58.28
C GLY E 58 -51.56 48.64 -58.59
N ILE E 59 -51.97 48.92 -59.83
CA ILE E 59 -53.33 48.60 -60.25
C ILE E 59 -53.54 47.10 -60.30
N ALA E 60 -52.57 46.38 -60.88
CA ALA E 60 -52.77 44.94 -61.08
C ALA E 60 -52.87 44.21 -59.76
N SER E 61 -52.05 44.58 -58.78
CA SER E 61 -52.07 43.87 -57.50
C SER E 61 -53.42 44.00 -56.81
N VAL E 62 -53.91 45.23 -56.68
CA VAL E 62 -55.20 45.43 -56.04
C VAL E 62 -56.32 44.84 -56.87
N GLN E 63 -56.17 44.80 -58.21
CA GLN E 63 -57.18 44.16 -59.03
C GLN E 63 -57.28 42.67 -58.73
N ARG E 64 -56.15 41.98 -58.70
CA ARG E 64 -56.19 40.56 -58.36
C ARG E 64 -56.69 40.35 -56.94
N ALA E 65 -56.37 41.26 -56.03
CA ALA E 65 -56.87 41.14 -54.67
C ALA E 65 -58.39 41.21 -54.64
N THR E 66 -58.96 42.26 -55.24
CA THR E 66 -60.40 42.44 -55.21
C THR E 66 -61.12 41.42 -56.08
N GLU E 67 -60.41 40.76 -56.98
CA GLU E 67 -61.04 39.72 -57.79
C GLU E 67 -61.54 38.58 -56.92
N SER E 68 -60.76 38.18 -55.92
CA SER E 68 -61.17 37.10 -55.04
C SER E 68 -62.30 37.51 -54.12
N ALA E 69 -62.27 38.74 -53.59
CA ALA E 69 -63.36 39.20 -52.74
C ALA E 69 -64.65 39.38 -53.51
N GLU E 70 -64.57 39.53 -54.83
CA GLU E 70 -65.78 39.68 -55.64
C GLU E 70 -66.66 38.44 -55.54
N MET E 71 -66.04 37.27 -55.42
CA MET E 71 -66.76 36.01 -55.59
C MET E 71 -67.83 35.84 -54.52
N PRO E 72 -69.04 35.43 -54.89
CA PRO E 72 -70.07 35.15 -53.89
C PRO E 72 -69.75 33.89 -53.11
N MET E 73 -70.31 33.80 -51.91
CA MET E 73 -70.08 32.64 -51.08
C MET E 73 -70.75 31.40 -51.67
N LYS E 74 -70.15 30.24 -51.41
CA LYS E 74 -70.60 29.02 -52.02
C LYS E 74 -71.99 28.63 -51.53
N ASN E 75 -72.69 27.86 -52.35
CA ASN E 75 -73.99 27.34 -51.99
C ASN E 75 -73.84 26.23 -50.95
N ASN E 76 -74.91 26.01 -50.19
CA ASN E 76 -74.98 24.92 -49.22
C ASN E 76 -76.32 24.20 -49.43
N ASP E 77 -76.36 23.31 -50.42
CA ASP E 77 -77.59 22.59 -50.73
C ASP E 77 -77.84 21.41 -49.81
N GLU E 78 -76.82 20.94 -49.11
CA GLU E 78 -76.93 19.68 -48.40
C GLU E 78 -77.99 19.76 -47.31
N GLY E 79 -78.74 18.67 -47.13
CA GLY E 79 -79.81 18.62 -46.17
C GLY E 79 -81.16 19.02 -46.71
N THR E 80 -81.25 19.45 -47.95
CA THR E 80 -82.48 19.91 -48.56
C THR E 80 -83.01 18.89 -49.56
N PRO E 81 -84.31 18.82 -49.76
CA PRO E 81 -84.87 17.83 -50.69
C PRO E 81 -84.60 18.22 -52.13
N ASP E 82 -84.77 17.25 -53.02
CA ASP E 82 -84.67 17.44 -54.45
C ASP E 82 -86.07 17.33 -55.07
N LYS E 83 -86.10 17.38 -56.40
CA LYS E 83 -87.39 17.32 -57.09
C LYS E 83 -88.10 15.98 -56.85
N LYS E 84 -87.34 14.92 -56.62
CA LYS E 84 -87.94 13.62 -56.35
C LYS E 84 -88.49 13.53 -54.93
N GLY E 85 -88.04 14.40 -54.03
CA GLY E 85 -88.46 14.36 -52.65
C GLY E 85 -87.45 13.77 -51.69
N ASN E 86 -86.41 13.10 -52.20
CA ASN E 86 -85.39 12.53 -51.34
C ASN E 86 -84.35 13.59 -51.02
N THR E 87 -84.09 13.78 -49.74
CA THR E 87 -83.08 14.76 -49.34
C THR E 87 -81.70 14.31 -49.79
N LYS E 88 -80.85 15.29 -50.04
CA LYS E 88 -79.50 15.04 -50.49
C LYS E 88 -78.48 15.38 -49.44
N GLY E 89 -77.32 14.74 -49.55
CA GLY E 89 -76.22 14.95 -48.63
C GLY E 89 -75.61 13.62 -48.25
N ASP E 90 -74.89 13.61 -47.15
CA ASP E 90 -74.24 12.41 -46.66
C ASP E 90 -74.98 11.84 -45.46
N LEU E 91 -74.77 10.55 -45.22
CA LEU E 91 -75.38 9.87 -44.08
C LEU E 91 -74.36 9.78 -42.95
N VAL E 92 -74.16 10.91 -42.28
CA VAL E 92 -73.19 10.97 -41.18
C VAL E 92 -73.85 11.67 -40.00
N ASN E 93 -73.32 11.38 -38.81
CA ASN E 93 -73.75 12.10 -37.63
C ASN E 93 -73.38 13.57 -37.74
N GLU E 94 -74.33 14.44 -37.36
CA GLU E 94 -74.15 15.87 -37.61
C GLU E 94 -72.96 16.43 -36.83
N HIS E 95 -72.74 15.94 -35.60
CA HIS E 95 -71.55 16.33 -34.87
C HIS E 95 -70.30 16.02 -35.67
N SER E 96 -70.23 14.77 -36.17
CA SER E 96 -69.06 14.34 -36.91
C SER E 96 -68.86 15.20 -38.15
N GLU E 97 -69.94 15.54 -38.84
CA GLU E 97 -69.78 16.35 -40.03
C GLU E 97 -69.33 17.76 -39.69
N ALA E 98 -69.80 18.29 -38.56
CA ALA E 98 -69.32 19.59 -38.13
C ALA E 98 -67.81 19.58 -37.91
N LYS E 99 -67.32 18.56 -37.20
CA LYS E 99 -65.88 18.48 -36.97
C LYS E 99 -65.10 18.30 -38.28
N ASP E 100 -65.55 17.39 -39.14
CA ASP E 100 -64.85 17.14 -40.39
C ASP E 100 -64.87 18.37 -41.26
N GLU E 101 -65.98 19.11 -41.24
CA GLU E 101 -66.15 20.29 -42.05
C GLU E 101 -65.27 21.43 -41.55
N ALA E 102 -65.04 21.48 -40.24
CA ALA E 102 -64.05 22.42 -39.72
C ALA E 102 -62.65 22.04 -40.17
N ASP E 103 -62.34 20.74 -40.15
CA ASP E 103 -61.01 20.30 -40.57
C ASP E 103 -60.76 20.63 -42.03
N GLU E 104 -61.78 20.46 -42.87
CA GLU E 104 -61.64 20.82 -44.28
C GLU E 104 -61.32 22.30 -44.43
N ALA E 105 -61.98 23.14 -43.65
CA ALA E 105 -61.70 24.57 -43.72
C ALA E 105 -60.28 24.88 -43.29
N THR E 106 -59.80 24.22 -42.25
CA THR E 106 -58.41 24.43 -41.83
C THR E 106 -57.45 24.03 -42.94
N LYS E 107 -57.70 22.90 -43.58
CA LYS E 107 -56.83 22.46 -44.66
C LYS E 107 -56.84 23.46 -45.81
N LYS E 108 -58.03 23.95 -46.18
CA LYS E 108 -58.10 24.93 -47.25
C LYS E 108 -57.37 26.21 -46.88
N GLN E 109 -57.47 26.63 -45.63
CA GLN E 109 -56.73 27.80 -45.18
C GLN E 109 -55.24 27.59 -45.33
N ALA E 110 -54.75 26.41 -44.92
CA ALA E 110 -53.33 26.10 -45.07
C ALA E 110 -52.92 26.14 -46.52
N LYS E 111 -53.74 25.59 -47.40
CA LYS E 111 -53.43 25.62 -48.83
C LYS E 111 -53.37 27.05 -49.35
N ASP E 112 -54.32 27.89 -48.93
CA ASP E 112 -54.34 29.28 -49.39
C ASP E 112 -53.09 30.02 -48.93
N THR E 113 -52.67 29.80 -47.70
CA THR E 113 -51.51 30.49 -47.17
C THR E 113 -50.20 29.91 -47.70
N ASP E 114 -50.26 28.79 -48.42
CA ASP E 114 -49.11 28.14 -49.03
C ASP E 114 -48.09 27.69 -47.97
N LYS E 115 -48.60 27.14 -46.88
CA LYS E 115 -47.78 26.60 -45.82
C LYS E 115 -48.24 25.20 -45.47
N SER E 116 -47.36 24.46 -44.79
CA SER E 116 -47.72 23.13 -44.32
C SER E 116 -48.77 23.21 -43.21
N LYS E 117 -48.70 24.24 -42.37
CA LYS E 117 -49.68 24.48 -41.34
C LYS E 117 -50.53 25.68 -41.72
N ALA E 118 -51.78 25.68 -41.30
CA ALA E 118 -52.57 26.90 -41.32
C ALA E 118 -52.32 27.66 -40.02
N GLN E 119 -51.88 28.91 -40.14
CA GLN E 119 -51.67 29.72 -38.96
C GLN E 119 -52.99 30.04 -38.26
N VAL E 120 -54.08 30.11 -39.00
CA VAL E 120 -55.41 30.37 -38.46
C VAL E 120 -56.23 29.11 -38.62
N THR E 121 -56.68 28.54 -37.51
CA THR E 121 -57.35 27.25 -37.52
C THR E 121 -58.80 27.41 -37.07
N TYR E 122 -59.68 26.65 -37.71
CA TYR E 122 -61.08 26.58 -37.32
C TYR E 122 -61.39 25.39 -36.44
N SER E 123 -60.39 24.57 -36.11
CA SER E 123 -60.61 23.37 -35.32
C SER E 123 -59.50 23.23 -34.31
N ASP E 124 -59.75 22.39 -33.31
CA ASP E 124 -58.83 22.20 -32.18
C ASP E 124 -58.52 23.53 -31.49
N THR E 125 -59.53 24.38 -31.42
CA THR E 125 -59.42 25.60 -30.65
C THR E 125 -59.67 25.30 -29.17
N GLY E 126 -59.54 26.34 -28.34
CA GLY E 126 -59.79 26.15 -26.92
C GLY E 126 -61.27 25.97 -26.61
N ILE E 127 -62.14 26.44 -27.49
CA ILE E 127 -63.56 26.44 -27.21
C ILE E 127 -64.10 25.02 -27.30
N ASN E 128 -64.86 24.60 -26.28
CA ASN E 128 -65.48 23.28 -26.27
C ASN E 128 -66.82 23.38 -26.99
N ASN E 129 -66.76 23.33 -28.32
CA ASN E 129 -67.96 23.41 -29.15
C ASN E 129 -68.52 22.02 -29.43
N ALA E 130 -68.72 21.23 -28.38
CA ALA E 130 -69.16 19.86 -28.57
C ALA E 130 -70.59 19.78 -29.07
N ASN E 131 -71.44 20.72 -28.67
CA ASN E 131 -72.83 20.66 -29.06
C ASN E 131 -73.09 21.24 -30.44
N GLU E 132 -72.07 21.75 -31.11
CA GLU E 132 -72.28 22.35 -32.42
C GLU E 132 -72.87 21.33 -33.39
N LEU E 133 -73.90 21.76 -34.12
CA LEU E 133 -74.53 20.93 -35.13
C LEU E 133 -74.39 21.60 -36.48
N SER E 134 -74.45 20.78 -37.52
CA SER E 134 -74.43 21.27 -38.89
C SER E 134 -75.43 20.46 -39.70
N ARG E 135 -75.97 21.09 -40.74
CA ARG E 135 -76.92 20.41 -41.59
C ARG E 135 -76.28 19.21 -42.25
N SER E 136 -77.05 18.14 -42.43
CA SER E 136 -76.57 16.93 -43.07
C SER E 136 -77.71 16.28 -43.83
N GLY E 137 -77.36 15.29 -44.64
CA GLY E 137 -78.36 14.56 -45.39
C GLY E 137 -78.91 13.39 -44.61
N ASN E 138 -78.52 13.29 -43.34
CA ASN E 138 -78.92 12.16 -42.53
C ASN E 138 -80.37 12.27 -42.06
N VAL E 139 -80.88 13.47 -41.89
CA VAL E 139 -82.19 13.70 -41.27
C VAL E 139 -83.10 14.38 -42.27
N ASP E 140 -84.30 13.83 -42.44
CA ASP E 140 -85.27 14.38 -43.38
C ASP E 140 -85.92 15.62 -42.78
N ASN E 141 -86.97 16.13 -43.44
CA ASN E 141 -87.70 17.27 -42.94
C ASN E 141 -88.67 16.92 -41.84
N GLU E 142 -88.99 15.65 -41.64
CA GLU E 142 -89.93 15.22 -40.63
C GLU E 142 -89.26 14.92 -39.29
N GLY E 143 -87.95 15.06 -39.20
CA GLY E 143 -87.25 14.63 -38.02
C GLY E 143 -86.91 13.16 -37.99
N GLY E 144 -87.27 12.41 -39.03
CA GLY E 144 -86.92 11.02 -39.12
C GLY E 144 -85.57 10.79 -39.77
N SER E 145 -85.15 9.54 -39.74
CA SER E 145 -83.86 9.15 -40.30
C SER E 145 -83.99 8.84 -41.79
N ASN E 146 -82.93 9.13 -42.54
CA ASN E 146 -82.87 8.83 -43.96
C ASN E 146 -82.20 7.51 -44.24
N GLN E 147 -82.30 6.55 -43.31
CA GLN E 147 -81.75 5.22 -43.56
C GLN E 147 -82.32 4.62 -44.84
N LYS E 148 -83.55 4.97 -45.18
CA LYS E 148 -84.19 4.58 -46.42
C LYS E 148 -84.73 5.82 -47.11
N PRO E 149 -84.53 5.96 -48.41
CA PRO E 149 -84.97 7.18 -49.09
C PRO E 149 -86.46 7.39 -48.99
N MET E 150 -86.86 8.67 -48.95
CA MET E 150 -88.26 9.01 -48.74
C MET E 150 -89.14 8.41 -49.82
N SER E 151 -88.71 8.49 -51.07
CA SER E 151 -89.52 7.91 -52.15
C SER E 151 -89.69 6.42 -51.97
N THR E 152 -88.64 5.74 -51.47
CA THR E 152 -88.77 4.32 -51.21
C THR E 152 -89.81 4.05 -50.12
N ARG E 153 -89.81 4.86 -49.07
CA ARG E 153 -90.83 4.70 -48.03
C ARG E 153 -92.23 4.88 -48.61
N ILE E 154 -92.40 5.89 -49.45
CA ILE E 154 -93.71 6.12 -50.05
C ILE E 154 -94.11 4.92 -50.91
N ALA E 155 -93.17 4.39 -51.68
CA ALA E 155 -93.48 3.27 -52.55
C ALA E 155 -93.91 2.05 -51.73
N GLU E 156 -93.15 1.72 -50.68
CA GLU E 156 -93.51 0.57 -49.86
C GLU E 156 -94.85 0.77 -49.20
N ALA E 157 -95.10 1.97 -48.67
CA ALA E 157 -96.37 2.23 -48.01
C ALA E 157 -97.54 2.10 -48.97
N THR E 158 -97.39 2.62 -50.18
CA THR E 158 -98.50 2.58 -51.12
C THR E 158 -98.67 1.22 -51.77
N SER E 159 -97.63 0.39 -51.77
CA SER E 159 -97.76 -0.92 -52.40
C SER E 159 -98.36 -1.97 -51.47
N ALA E 160 -98.59 -1.64 -50.21
CA ALA E 160 -99.14 -2.60 -49.26
C ALA E 160 -100.66 -2.67 -49.31
N ILE E 161 -101.30 -1.87 -50.16
CA ILE E 161 -102.76 -1.82 -50.22
C ILE E 161 -103.31 -2.22 -51.58
N VAL E 162 -102.45 -2.38 -52.59
CA VAL E 162 -102.94 -2.63 -53.93
C VAL E 162 -103.65 -3.97 -54.00
N SER E 163 -104.66 -4.05 -54.85
CA SER E 163 -105.43 -5.26 -55.06
C SER E 163 -105.44 -5.60 -56.54
N LYS E 164 -105.48 -6.89 -56.84
CA LYS E 164 -105.37 -7.39 -58.21
C LYS E 164 -106.69 -7.99 -58.66
N HIS E 165 -106.73 -8.43 -59.90
CA HIS E 165 -107.94 -8.98 -60.49
C HIS E 165 -108.32 -10.28 -59.79
N PRO E 166 -109.60 -10.63 -59.78
CA PRO E 166 -110.01 -11.87 -59.11
C PRO E 166 -109.50 -13.09 -59.85
N ALA E 167 -109.37 -14.18 -59.10
CA ALA E 167 -108.89 -15.44 -59.64
C ALA E 167 -109.86 -15.99 -60.68
N TYR F 1 -58.96 59.47 -81.29
CA TYR F 1 -60.08 60.39 -81.15
C TYR F 1 -60.17 60.91 -79.72
N GLN F 2 -61.26 61.58 -79.40
CA GLN F 2 -61.44 62.18 -78.08
C GLN F 2 -62.92 62.37 -77.80
N CYS F 3 -63.35 61.91 -76.62
CA CYS F 3 -64.72 62.10 -76.15
C CYS F 3 -64.69 63.19 -75.08
N HIS F 4 -65.29 64.34 -75.39
CA HIS F 4 -65.24 65.47 -74.47
C HIS F 4 -66.18 65.30 -73.28
N VAL F 5 -67.18 64.41 -73.39
CA VAL F 5 -68.12 64.24 -72.29
C VAL F 5 -67.45 63.60 -71.09
N CYS F 6 -66.67 62.54 -71.32
CA CYS F 6 -66.04 61.80 -70.23
C CYS F 6 -64.53 61.73 -70.38
N SER F 7 -63.94 62.59 -71.21
CA SER F 7 -62.49 62.68 -71.39
C SER F 7 -61.89 61.39 -71.94
N ALA F 8 -62.68 60.57 -72.62
CA ALA F 8 -62.19 59.31 -73.15
C ALA F 8 -61.46 59.51 -74.47
N VAL F 9 -60.50 58.62 -74.74
CA VAL F 9 -59.76 58.61 -75.98
C VAL F 9 -60.11 57.34 -76.75
N LEU F 10 -60.51 57.50 -78.00
CA LEU F 10 -60.94 56.39 -78.84
C LEU F 10 -60.18 56.42 -80.16
N PHE F 11 -60.45 55.41 -80.99
CA PHE F 11 -59.72 55.23 -82.24
C PHE F 11 -60.60 55.20 -83.48
N SER F 12 -61.91 55.05 -83.34
CA SER F 12 -62.79 54.97 -84.50
C SER F 12 -64.00 55.87 -84.31
N PRO F 13 -64.50 56.48 -85.39
CA PRO F 13 -65.75 57.26 -85.27
C PRO F 13 -66.93 56.42 -84.84
N LEU F 14 -66.99 55.16 -85.26
CA LEU F 14 -68.03 54.26 -84.77
C LEU F 14 -67.89 54.05 -83.27
N ASP F 15 -66.66 53.86 -82.80
CA ASP F 15 -66.42 53.77 -81.37
C ASP F 15 -66.80 55.06 -80.65
N LEU F 16 -66.52 56.21 -81.27
CA LEU F 16 -66.92 57.47 -80.66
C LEU F 16 -68.43 57.58 -80.51
N ASP F 17 -69.17 57.21 -81.56
CA ASP F 17 -70.63 57.24 -81.49
C ASP F 17 -71.15 56.28 -80.44
N ALA F 18 -70.58 55.07 -80.38
CA ALA F 18 -71.01 54.11 -79.38
C ALA F 18 -70.74 54.63 -77.97
N HIS F 19 -69.59 55.25 -77.75
CA HIS F 19 -69.24 55.72 -76.42
C HIS F 19 -70.09 56.90 -76.00
N VAL F 20 -70.37 57.82 -76.93
CA VAL F 20 -71.23 58.95 -76.58
C VAL F 20 -72.68 58.51 -76.43
N ALA F 21 -73.05 57.36 -77.00
CA ALA F 21 -74.36 56.79 -76.70
C ALA F 21 -74.47 56.43 -75.23
N SER F 22 -73.36 56.02 -74.60
CA SER F 22 -73.36 55.77 -73.17
C SER F 22 -73.63 57.04 -72.37
N HIS F 23 -73.32 58.21 -72.93
CA HIS F 23 -73.65 59.48 -72.32
C HIS F 23 -75.08 59.91 -72.61
N GLY F 24 -75.83 59.12 -73.38
CA GLY F 24 -77.15 59.49 -73.82
C GLY F 24 -77.18 60.30 -75.10
N LEU F 25 -76.02 60.62 -75.67
CA LEU F 25 -75.97 61.41 -76.89
C LEU F 25 -76.32 60.53 -78.09
N HIS F 26 -77.23 61.02 -78.94
CA HIS F 26 -77.58 60.29 -80.14
C HIS F 26 -76.40 60.26 -81.10
N GLY F 27 -76.13 59.08 -81.66
CA GLY F 27 -74.97 58.87 -82.50
C GLY F 27 -74.92 59.79 -83.70
N ASN F 28 -73.79 60.46 -83.88
CA ASN F 28 -73.63 61.42 -84.96
C ASN F 28 -73.09 60.76 -86.22
N ILE F 36 -69.52 48.51 -76.45
CA ILE F 36 -70.46 47.48 -76.83
C ILE F 36 -71.44 47.26 -75.69
N GLN F 37 -72.62 46.75 -76.03
CA GLN F 37 -73.67 46.54 -75.04
C GLN F 37 -73.24 45.57 -73.95
N ARG F 38 -72.21 44.77 -74.20
CA ARG F 38 -71.70 43.87 -73.17
C ARG F 38 -71.16 44.63 -71.97
N HIS F 39 -70.79 45.89 -72.14
CA HIS F 39 -70.26 46.68 -71.04
C HIS F 39 -71.33 46.91 -69.98
N ILE F 40 -70.95 46.72 -68.73
CA ILE F 40 -71.85 46.95 -67.61
C ILE F 40 -71.44 48.17 -66.78
N THR F 41 -70.15 48.48 -66.72
CA THR F 41 -69.65 49.59 -65.94
C THR F 41 -68.43 50.17 -66.65
N GLU F 42 -68.36 51.49 -66.73
CA GLU F 42 -67.28 52.17 -67.41
C GLU F 42 -66.73 53.25 -66.50
N PHE F 43 -65.51 53.05 -66.01
CA PHE F 43 -64.85 54.01 -65.13
C PHE F 43 -63.65 54.62 -65.83
N ILE F 44 -63.23 55.78 -65.35
CA ILE F 44 -62.05 56.45 -65.87
C ILE F 44 -61.49 57.36 -64.79
N SER F 45 -60.18 57.34 -64.65
CA SER F 45 -59.50 58.23 -63.72
C SER F 45 -59.24 59.57 -64.38
N SER F 46 -58.80 60.52 -63.57
CA SER F 46 -58.47 61.84 -64.09
C SER F 46 -56.98 62.14 -64.04
N TRP F 47 -56.22 61.40 -63.24
CA TRP F 47 -54.79 61.64 -63.12
C TRP F 47 -53.95 60.65 -63.92
N GLN F 48 -54.57 59.73 -64.65
CA GLN F 48 -53.84 58.77 -65.45
C GLN F 48 -54.76 58.22 -66.52
N ASN F 49 -54.17 57.65 -67.55
CA ASN F 49 -54.91 57.07 -68.67
C ASN F 49 -54.96 55.57 -68.46
N HIS F 50 -56.07 55.10 -67.90
CA HIS F 50 -56.26 53.67 -67.68
C HIS F 50 -57.73 53.36 -67.44
N PRO F 51 -58.58 53.46 -68.44
CA PRO F 51 -59.99 53.15 -68.24
C PRO F 51 -60.20 51.67 -67.93
N ILE F 52 -61.26 51.40 -67.19
CA ILE F 52 -61.60 50.04 -66.77
C ILE F 52 -63.07 49.79 -67.08
N VAL F 53 -63.36 48.65 -67.69
CA VAL F 53 -64.73 48.28 -68.04
C VAL F 53 -65.02 46.90 -67.46
N GLN F 54 -66.30 46.64 -67.23
CA GLN F 54 -66.76 45.37 -66.68
C GLN F 54 -67.75 44.73 -67.63
N VAL F 55 -67.63 43.41 -67.80
CA VAL F 55 -68.55 42.65 -68.63
C VAL F 55 -68.99 41.42 -67.85
N SER F 56 -70.08 40.82 -68.30
CA SER F 56 -70.62 39.65 -67.62
C SER F 56 -69.63 38.50 -67.66
N ALA F 57 -69.56 37.77 -66.56
CA ALA F 57 -68.61 36.66 -66.44
C ALA F 57 -68.93 35.51 -67.40
N ASP F 58 -70.11 35.48 -67.98
CA ASP F 58 -70.47 34.40 -68.89
C ASP F 58 -69.91 34.59 -70.29
N VAL F 59 -69.41 35.78 -70.63
CA VAL F 59 -68.89 36.01 -71.96
C VAL F 59 -67.66 35.13 -72.20
N GLU F 60 -67.44 34.77 -73.46
CA GLU F 60 -66.38 33.85 -73.82
C GLU F 60 -65.01 34.52 -73.92
N ASN F 61 -64.97 35.84 -73.99
CA ASN F 61 -63.72 36.56 -74.24
C ASN F 61 -63.48 37.57 -73.13
N LYS F 62 -62.24 37.60 -72.62
CA LYS F 62 -61.82 38.48 -71.54
C LYS F 62 -60.76 39.46 -72.04
N LYS F 63 -60.98 40.04 -73.20
CA LYS F 63 -59.98 40.90 -73.81
C LYS F 63 -59.87 42.20 -73.00
N THR F 64 -58.98 42.19 -72.02
CA THR F 64 -58.69 43.36 -71.19
C THR F 64 -59.94 43.94 -70.55
N ALA F 65 -60.87 43.09 -70.14
CA ALA F 65 -62.10 43.52 -69.50
C ALA F 65 -62.24 42.82 -68.15
N GLN F 66 -62.69 43.57 -67.15
CA GLN F 66 -62.91 42.98 -65.84
C GLN F 66 -64.18 42.12 -65.88
N LEU F 67 -64.46 41.47 -64.76
CA LEU F 67 -65.55 40.52 -64.68
C LEU F 67 -66.56 40.92 -63.61
N LEU F 68 -67.80 40.50 -63.82
CA LEU F 68 -68.90 40.71 -62.90
C LEU F 68 -69.35 39.34 -62.40
N HIS F 69 -68.81 38.94 -61.25
CA HIS F 69 -69.01 37.58 -60.78
C HIS F 69 -70.35 37.35 -60.10
N ALA F 70 -71.12 38.40 -59.83
CA ALA F 70 -72.39 38.21 -59.15
C ALA F 70 -73.36 37.42 -60.02
N ASP F 71 -74.18 36.60 -59.38
CA ASP F 71 -75.22 35.86 -60.08
C ASP F 71 -76.42 36.77 -60.21
N THR F 72 -76.27 37.79 -61.03
CA THR F 72 -77.32 38.78 -61.16
C THR F 72 -78.53 38.21 -61.91
N PRO F 73 -79.73 38.62 -61.53
CA PRO F 73 -80.92 38.21 -62.26
C PRO F 73 -81.07 39.01 -63.55
N ARG F 74 -81.96 38.52 -64.40
CA ARG F 74 -82.27 39.18 -65.67
C ARG F 74 -83.62 39.86 -65.51
N LEU F 75 -83.59 41.14 -65.16
CA LEU F 75 -84.82 41.87 -64.84
C LEU F 75 -85.53 42.37 -66.10
N VAL F 76 -84.85 43.16 -66.90
CA VAL F 76 -85.47 43.79 -68.06
C VAL F 76 -85.37 42.87 -69.27
N THR F 77 -86.52 42.55 -69.85
CA THR F 77 -86.61 41.74 -71.04
C THR F 77 -87.72 42.29 -71.93
N TRP F 78 -87.58 42.11 -73.23
CA TRP F 78 -88.49 42.72 -74.20
C TRP F 78 -89.22 41.66 -74.99
N ASP F 79 -90.43 42.02 -75.44
CA ASP F 79 -91.24 41.15 -76.28
C ASP F 79 -91.86 42.00 -77.38
N ALA F 80 -91.74 41.56 -78.61
CA ALA F 80 -92.24 42.31 -79.75
C ALA F 80 -93.45 41.66 -80.42
N GLY F 81 -93.95 40.56 -79.88
CA GLY F 81 -95.10 39.88 -80.45
C GLY F 81 -96.40 40.39 -79.89
N LEU F 82 -97.39 39.50 -79.84
CA LEU F 82 -98.68 39.82 -79.27
C LEU F 82 -98.68 39.51 -77.77
N CYS F 83 -99.28 40.41 -76.99
CA CYS F 83 -99.38 40.22 -75.55
C CYS F 83 -100.61 39.37 -75.25
N THR F 84 -100.53 38.11 -75.65
CA THR F 84 -101.64 37.18 -75.46
C THR F 84 -101.11 35.85 -74.96
N SER F 85 -101.99 35.08 -74.33
CA SER F 85 -101.66 33.73 -73.90
C SER F 85 -102.78 32.74 -74.16
N PHE F 86 -103.88 33.15 -74.79
CA PHE F 86 -104.97 32.27 -75.16
C PHE F 86 -105.09 32.28 -76.68
N LYS F 87 -105.20 31.09 -77.27
CA LYS F 87 -105.38 30.98 -78.71
C LYS F 87 -106.60 30.15 -79.00
N ILE F 88 -107.13 30.32 -80.21
CA ILE F 88 -108.34 29.63 -80.66
C ILE F 88 -107.92 28.60 -81.69
N VAL F 89 -108.39 27.37 -81.52
CA VAL F 89 -107.97 26.28 -82.39
C VAL F 89 -109.18 25.61 -83.02
N PRO F 90 -109.04 25.01 -84.20
CA PRO F 90 -110.16 24.26 -84.78
C PRO F 90 -110.15 22.83 -84.25
N ILE F 91 -111.31 22.37 -83.80
CA ILE F 91 -111.42 21.00 -83.29
C ILE F 91 -111.92 20.06 -84.37
N VAL F 92 -113.00 20.43 -85.06
CA VAL F 92 -113.52 19.62 -86.15
C VAL F 92 -113.57 20.47 -87.41
N PRO F 93 -112.67 20.24 -88.37
CA PRO F 93 -112.64 21.09 -89.57
C PRO F 93 -113.86 20.85 -90.43
N ALA F 94 -114.20 21.88 -91.21
CA ALA F 94 -115.32 21.81 -92.13
C ALA F 94 -115.08 22.79 -93.26
N GLN F 95 -115.77 22.57 -94.37
CA GLN F 95 -115.63 23.43 -95.54
C GLN F 95 -116.98 23.56 -96.22
N VAL F 96 -117.38 24.79 -96.51
CA VAL F 96 -118.71 25.05 -97.04
C VAL F 96 -118.60 25.91 -98.29
N PRO F 97 -119.55 25.82 -99.22
CA PRO F 97 -119.55 26.72 -100.37
C PRO F 97 -119.85 28.14 -99.94
N GLN F 98 -119.34 29.10 -100.72
CA GLN F 98 -119.52 30.51 -100.42
C GLN F 98 -119.90 31.26 -101.67
N ASP F 99 -120.73 32.29 -101.50
CA ASP F 99 -121.14 33.11 -102.65
C ASP F 99 -120.03 34.04 -103.09
N VAL F 100 -119.33 34.67 -102.16
CA VAL F 100 -118.28 35.63 -102.47
C VAL F 100 -116.94 34.97 -102.19
N LEU F 101 -116.05 35.02 -103.18
CA LEU F 101 -114.77 34.33 -103.10
C LEU F 101 -113.61 35.24 -102.77
N ALA F 102 -113.53 36.43 -103.39
CA ALA F 102 -112.37 37.28 -103.20
C ALA F 102 -112.73 38.71 -103.58
N TYR F 103 -111.89 39.64 -103.14
CA TYR F 103 -112.01 41.04 -103.53
C TYR F 103 -111.28 41.28 -104.84
N THR F 104 -111.80 42.22 -105.61
CA THR F 104 -111.23 42.55 -106.91
C THR F 104 -110.93 44.03 -106.98
N PHE F 105 -109.68 44.37 -107.28
CA PHE F 105 -109.29 45.73 -107.56
C PHE F 105 -109.14 45.87 -109.07
N PHE F 106 -108.56 46.98 -109.55
CA PHE F 106 -108.66 47.33 -110.97
C PHE F 106 -108.29 46.16 -111.87
N THR F 107 -107.24 45.43 -111.52
CA THR F 107 -107.01 44.17 -112.22
C THR F 107 -106.76 43.01 -111.27
N SER F 108 -106.04 43.22 -110.18
CA SER F 108 -105.66 42.13 -109.30
C SER F 108 -106.81 41.76 -108.37
N SER F 109 -106.67 40.59 -107.76
CA SER F 109 -107.67 40.08 -106.82
C SER F 109 -106.95 39.61 -105.56
N TYR F 110 -107.57 39.84 -104.41
CA TYR F 110 -106.98 39.49 -103.13
C TYR F 110 -107.86 38.49 -102.41
N ALA F 111 -107.21 37.54 -101.72
CA ALA F 111 -107.94 36.50 -101.02
C ALA F 111 -108.61 37.07 -99.77
N ILE F 112 -109.43 36.23 -99.15
CA ILE F 112 -110.16 36.60 -97.94
C ILE F 112 -109.58 35.83 -96.77
N GLN F 113 -109.19 36.54 -95.72
CA GLN F 113 -108.56 35.94 -94.55
C GLN F 113 -109.41 36.23 -93.32
N SER F 114 -109.95 35.19 -92.72
CA SER F 114 -110.81 35.38 -91.56
C SER F 114 -109.99 35.47 -90.29
N PRO F 115 -110.44 36.26 -89.32
CA PRO F 115 -109.69 36.38 -88.06
C PRO F 115 -109.80 35.17 -87.17
N PHE F 116 -110.71 34.25 -87.47
CA PHE F 116 -110.96 33.11 -86.61
C PHE F 116 -110.86 31.82 -87.40
N PRO F 117 -110.55 30.71 -86.75
CA PRO F 117 -110.56 29.42 -87.45
C PRO F 117 -111.94 29.14 -88.03
N GLU F 118 -111.95 28.58 -89.22
CA GLU F 118 -113.16 28.36 -89.99
C GLU F 118 -113.46 26.87 -89.96
N ALA F 119 -114.18 26.44 -88.93
CA ALA F 119 -114.39 25.01 -88.71
C ALA F 119 -115.76 24.78 -88.09
N ALA F 120 -116.12 23.50 -88.00
CA ALA F 120 -117.41 23.15 -87.40
C ALA F 120 -117.48 23.55 -85.94
N VAL F 121 -116.41 23.30 -85.19
CA VAL F 121 -116.32 23.71 -83.79
C VAL F 121 -114.94 24.30 -83.55
N SER F 122 -114.82 25.08 -82.48
CA SER F 122 -113.55 25.70 -82.13
C SER F 122 -113.58 26.06 -80.66
N ARG F 123 -112.43 25.93 -80.01
CA ARG F 123 -112.33 26.15 -78.58
C ARG F 123 -111.14 27.06 -78.27
N ILE F 124 -111.02 27.45 -77.02
CA ILE F 124 -109.97 28.34 -76.55
C ILE F 124 -108.99 27.52 -75.72
N VAL F 125 -107.70 27.70 -75.98
CA VAL F 125 -106.66 26.88 -75.39
C VAL F 125 -105.57 27.78 -74.83
N VAL F 126 -105.11 27.47 -73.62
CA VAL F 126 -104.06 28.23 -72.97
C VAL F 126 -102.72 27.88 -73.61
N HIS F 127 -101.99 28.91 -74.04
CA HIS F 127 -100.70 28.71 -74.70
C HIS F 127 -99.89 29.99 -74.49
N THR F 128 -99.06 29.99 -73.46
CA THR F 128 -98.34 31.19 -73.09
C THR F 128 -97.34 31.57 -74.16
N ARG F 129 -97.37 32.83 -74.58
CA ARG F 129 -96.43 33.37 -75.56
C ARG F 129 -96.46 32.55 -76.85
N TRP F 130 -97.67 32.14 -77.25
CA TRP F 130 -97.79 31.36 -78.48
C TRP F 130 -97.51 32.19 -79.72
N ALA F 131 -97.55 33.52 -79.60
CA ALA F 131 -97.26 34.39 -80.73
C ALA F 131 -96.26 35.47 -80.36
N SER F 132 -95.43 35.23 -79.35
CA SER F 132 -94.50 36.25 -78.88
C SER F 132 -93.23 36.21 -79.71
N ASN F 133 -92.42 37.26 -79.53
CA ASN F 133 -91.13 37.37 -80.23
C ASN F 133 -90.20 38.09 -79.26
N VAL F 134 -89.40 37.32 -78.53
CA VAL F 134 -88.65 37.84 -77.40
C VAL F 134 -87.16 37.77 -77.69
N ASP F 135 -86.38 38.41 -76.83
CA ASP F 135 -84.93 38.36 -76.89
C ASP F 135 -84.33 37.37 -75.89
N PHE F 136 -84.87 37.35 -74.67
CA PHE F 136 -84.47 36.38 -73.66
C PHE F 136 -85.69 35.55 -73.30
N ASP F 137 -85.47 34.26 -73.10
CA ASP F 137 -86.56 33.32 -72.86
C ASP F 137 -86.59 32.96 -71.38
N ARG F 138 -87.66 33.35 -70.70
CA ARG F 138 -87.86 32.88 -69.33
C ARG F 138 -87.97 31.37 -69.28
N ASP F 139 -88.44 30.77 -70.37
CA ASP F 139 -88.48 29.32 -70.53
C ASP F 139 -89.29 28.66 -69.42
N SER F 140 -90.52 29.16 -69.25
CA SER F 140 -91.48 28.58 -68.32
C SER F 140 -92.84 28.51 -68.98
N SER F 141 -92.89 28.01 -70.21
CA SER F 141 -94.13 28.00 -70.96
C SER F 141 -95.11 26.99 -70.38
N VAL F 142 -96.39 27.33 -70.47
CA VAL F 142 -97.48 26.43 -70.09
C VAL F 142 -98.22 26.09 -71.37
N ILE F 143 -98.22 24.81 -71.74
CA ILE F 143 -98.70 24.38 -73.03
C ILE F 143 -99.92 23.50 -72.81
N MET F 144 -101.06 23.89 -73.38
CA MET F 144 -102.27 23.10 -73.33
C MET F 144 -102.51 22.44 -74.67
N ALA F 145 -102.65 21.18 -74.65
CA ALA F 145 -103.13 20.66 -75.93
C ALA F 145 -104.65 20.81 -76.01
N PRO F 146 -105.21 20.81 -77.21
CA PRO F 146 -106.66 20.91 -77.33
C PRO F 146 -107.34 19.76 -76.62
N PRO F 147 -108.55 19.97 -76.11
CA PRO F 147 -109.17 18.98 -75.24
C PRO F 147 -109.38 17.64 -75.91
N THR F 148 -109.41 17.58 -77.24
CA THR F 148 -109.52 16.30 -77.92
C THR F 148 -108.36 15.38 -77.55
N GLU F 149 -107.18 15.95 -77.33
CA GLU F 149 -106.03 15.17 -76.91
C GLU F 149 -106.01 15.03 -75.40
N ASN F 150 -105.03 14.29 -74.90
CA ASN F 150 -104.90 14.03 -73.48
C ASN F 150 -103.98 15.04 -72.82
N ASN F 151 -104.45 15.68 -71.75
CA ASN F 151 -103.68 16.66 -71.02
C ASN F 151 -103.42 16.24 -69.58
N ILE F 152 -103.55 14.94 -69.28
CA ILE F 152 -103.43 14.49 -67.90
C ILE F 152 -102.03 14.76 -67.36
N HIS F 153 -101.02 14.75 -68.22
CA HIS F 153 -99.65 14.86 -67.70
C HIS F 153 -99.32 16.25 -67.21
N LEU F 154 -100.17 17.25 -67.45
CA LEU F 154 -99.88 18.57 -66.91
C LEU F 154 -100.18 18.67 -65.42
N PHE F 155 -100.76 17.65 -64.82
CA PHE F 155 -101.14 17.70 -63.42
C PHE F 155 -100.36 16.72 -62.58
N LYS F 156 -99.20 16.29 -63.04
CA LYS F 156 -98.43 15.31 -62.29
C LYS F 156 -96.92 15.54 -62.34
N GLN F 157 -96.45 16.74 -62.67
CA GLN F 157 -95.03 17.02 -62.44
C GLN F 157 -94.71 17.04 -60.96
N LEU F 158 -95.69 17.41 -60.13
CA LEU F 158 -95.52 17.53 -58.70
C LEU F 158 -95.57 16.15 -58.05
N LEU F 159 -95.89 16.12 -56.76
CA LEU F 159 -95.57 15.01 -55.88
C LEU F 159 -96.13 13.67 -56.35
N ASN F 160 -96.84 13.68 -57.48
CA ASN F 160 -97.33 12.45 -58.06
C ASN F 160 -96.18 11.66 -58.66
N THR F 161 -95.27 11.18 -57.82
CA THR F 161 -94.08 10.48 -58.30
C THR F 161 -94.18 8.96 -58.17
N GLU F 162 -94.65 8.47 -57.04
CA GLU F 162 -94.77 7.03 -56.84
C GLU F 162 -96.16 6.52 -57.22
N THR F 163 -96.58 6.89 -58.42
CA THR F 163 -97.90 6.50 -58.89
C THR F 163 -97.95 5.02 -59.22
N LEU F 164 -99.17 4.51 -59.34
CA LEU F 164 -99.40 3.15 -59.80
C LEU F 164 -99.83 3.11 -61.26
N SER F 165 -99.86 4.25 -61.94
CA SER F 165 -100.19 4.29 -63.35
C SER F 165 -99.54 5.53 -63.95
N VAL F 166 -98.82 5.34 -65.06
CA VAL F 166 -98.20 6.48 -65.72
C VAL F 166 -99.26 7.44 -66.21
N ARG F 167 -100.36 6.92 -66.74
CA ARG F 167 -101.52 7.73 -67.03
C ARG F 167 -102.29 8.03 -65.75
N GLY F 168 -103.07 9.09 -65.79
CA GLY F 168 -103.88 9.44 -64.64
C GLY F 168 -103.09 10.16 -63.56
N ALA F 169 -103.72 11.16 -62.93
CA ALA F 169 -103.08 11.93 -61.89
C ALA F 169 -103.68 11.57 -60.53
N ASN F 170 -103.05 12.04 -59.48
CA ASN F 170 -103.49 11.78 -58.11
C ASN F 170 -104.37 12.93 -57.65
N PRO F 171 -105.62 12.68 -57.28
CA PRO F 171 -106.50 13.78 -56.86
C PRO F 171 -105.98 14.53 -55.64
N LEU F 172 -105.17 13.91 -54.80
CA LEU F 172 -104.73 14.58 -53.58
C LEU F 172 -103.76 15.72 -53.84
N MET F 173 -103.15 15.77 -55.03
CA MET F 173 -102.18 16.83 -55.33
C MET F 173 -102.63 17.75 -56.45
N PHE F 174 -103.94 17.79 -56.71
CA PHE F 174 -104.46 18.72 -57.70
C PHE F 174 -104.18 20.17 -57.31
N ARG F 175 -104.39 20.52 -56.04
CA ARG F 175 -104.18 21.91 -55.67
C ARG F 175 -102.72 22.30 -55.81
N ALA F 176 -101.81 21.41 -55.41
CA ALA F 176 -100.39 21.71 -55.56
C ALA F 176 -100.02 21.87 -57.03
N ASN F 177 -100.49 20.95 -57.88
CA ASN F 177 -100.13 21.03 -59.29
C ASN F 177 -100.71 22.28 -59.94
N VAL F 178 -101.95 22.62 -59.60
CA VAL F 178 -102.58 23.80 -60.18
C VAL F 178 -101.88 25.07 -59.71
N LEU F 179 -101.47 25.10 -58.43
CA LEU F 179 -100.75 26.26 -57.94
C LEU F 179 -99.43 26.42 -58.68
N HIS F 180 -98.72 25.31 -58.90
CA HIS F 180 -97.50 25.41 -59.68
C HIS F 180 -97.77 25.88 -61.10
N MET F 181 -98.84 25.39 -61.71
CA MET F 181 -99.18 25.84 -63.06
C MET F 181 -99.44 27.34 -63.09
N LEU F 182 -100.17 27.84 -62.10
CA LEU F 182 -100.46 29.27 -62.07
C LEU F 182 -99.19 30.08 -61.85
N LEU F 183 -98.31 29.62 -60.97
CA LEU F 183 -97.04 30.32 -60.77
C LEU F 183 -96.24 30.36 -62.06
N GLU F 184 -96.17 29.24 -62.76
CA GLU F 184 -95.41 29.20 -64.00
C GLU F 184 -96.05 30.11 -65.05
N PHE F 185 -97.38 30.15 -65.08
CA PHE F 185 -98.09 31.06 -65.97
C PHE F 185 -97.71 32.51 -65.69
N VAL F 186 -97.65 32.89 -64.42
CA VAL F 186 -97.28 34.26 -64.09
C VAL F 186 -95.84 34.53 -64.49
N LEU F 187 -94.94 33.61 -64.17
CA LEU F 187 -93.52 33.83 -64.44
C LEU F 187 -93.26 33.96 -65.92
N ASP F 188 -93.92 33.15 -66.75
CA ASP F 188 -93.62 33.16 -68.17
C ASP F 188 -94.02 34.47 -68.86
N ASN F 189 -94.80 35.33 -68.21
CA ASN F 189 -95.27 36.56 -68.83
C ASN F 189 -94.55 37.79 -68.33
N LEU F 190 -93.51 37.65 -67.51
CA LEU F 190 -92.80 38.80 -66.95
C LEU F 190 -91.91 39.40 -68.04
N TYR F 191 -92.53 40.21 -68.89
CA TYR F 191 -91.84 40.81 -70.03
C TYR F 191 -92.24 42.27 -70.14
N LEU F 192 -91.68 42.93 -71.15
CA LEU F 192 -92.04 44.28 -71.51
C LEU F 192 -92.44 44.31 -72.97
N ASN F 193 -93.33 45.24 -73.31
CA ASN F 193 -93.90 45.31 -74.66
C ASN F 193 -93.05 46.25 -75.50
N ARG F 194 -92.18 45.67 -76.32
CA ARG F 194 -91.29 46.47 -77.14
C ARG F 194 -92.07 47.21 -78.23
N HIS F 195 -91.60 48.40 -78.56
CA HIS F 195 -92.15 49.20 -79.64
C HIS F 195 -91.60 48.73 -80.98
N THR F 196 -92.50 48.51 -81.94
CA THR F 196 -92.13 48.14 -83.30
C THR F 196 -92.61 49.20 -84.27
N GLY F 197 -92.33 48.99 -85.55
CA GLY F 197 -92.73 49.92 -86.58
C GLY F 197 -94.19 49.78 -86.97
N PHE F 198 -94.66 50.74 -87.76
CA PHE F 198 -96.05 50.74 -88.19
C PHE F 198 -96.15 50.77 -89.71
N SER F 199 -97.37 50.88 -90.22
CA SER F 199 -97.60 51.00 -91.66
C SER F 199 -98.99 51.54 -91.87
N GLN F 200 -99.10 52.69 -92.54
CA GLN F 200 -100.41 53.27 -92.80
C GLN F 200 -101.16 52.42 -93.82
N ASP F 201 -102.44 52.17 -93.54
CA ASP F 201 -103.25 51.29 -94.37
C ASP F 201 -104.32 52.08 -95.10
N HIS F 202 -104.76 51.54 -96.24
CA HIS F 202 -105.79 52.18 -97.02
C HIS F 202 -106.79 51.17 -97.57
N THR F 203 -106.91 50.03 -96.89
CA THR F 203 -107.98 49.10 -97.21
C THR F 203 -109.33 49.78 -96.97
N PRO F 204 -110.32 49.59 -97.85
CA PRO F 204 -111.58 50.34 -97.70
C PRO F 204 -112.26 50.11 -96.36
N PHE F 205 -112.05 48.95 -95.73
CA PHE F 205 -112.70 48.65 -94.48
C PHE F 205 -112.08 49.36 -93.29
N THR F 206 -110.79 49.66 -93.35
CA THR F 206 -110.07 50.32 -92.27
C THR F 206 -109.23 51.47 -92.81
N GLU F 207 -109.83 52.29 -93.66
CA GLU F 207 -109.10 53.36 -94.32
C GLU F 207 -108.47 54.30 -93.32
N GLY F 208 -107.18 54.59 -93.51
CA GLY F 208 -106.48 55.58 -92.72
C GLY F 208 -105.89 55.09 -91.43
N ALA F 209 -106.15 53.85 -91.03
CA ALA F 209 -105.64 53.37 -89.76
C ALA F 209 -104.14 53.16 -89.82
N ASN F 210 -103.51 53.18 -88.66
CA ASN F 210 -102.07 52.95 -88.52
C ASN F 210 -101.90 51.61 -87.82
N LEU F 211 -101.58 50.59 -88.60
CA LEU F 211 -101.45 49.24 -88.07
C LEU F 211 -100.01 48.95 -87.68
N ARG F 212 -99.84 48.19 -86.61
CA ARG F 212 -98.52 47.78 -86.16
C ARG F 212 -98.08 46.51 -86.87
N SER F 213 -96.83 46.48 -87.31
CA SER F 213 -96.29 45.33 -88.03
C SER F 213 -95.28 44.62 -87.15
N LEU F 214 -95.43 43.30 -87.04
CA LEU F 214 -94.49 42.50 -86.29
C LEU F 214 -93.15 42.41 -87.01
N PRO F 215 -92.08 42.10 -86.29
CA PRO F 215 -90.79 41.92 -86.94
C PRO F 215 -90.76 40.64 -87.75
N GLY F 216 -89.70 40.48 -88.52
CA GLY F 216 -89.55 39.33 -89.37
C GLY F 216 -90.13 39.60 -90.75
N PRO F 217 -89.91 38.68 -91.68
CA PRO F 217 -90.40 38.87 -93.04
C PRO F 217 -91.90 38.62 -93.14
N ASP F 218 -92.51 39.34 -94.09
CA ASP F 218 -93.92 39.15 -94.44
C ASP F 218 -94.83 39.31 -93.21
N ALA F 219 -94.82 40.51 -92.65
CA ALA F 219 -95.67 40.78 -91.49
C ALA F 219 -97.14 40.86 -91.87
N GLU F 220 -97.44 40.89 -93.17
CA GLU F 220 -98.83 41.05 -93.60
C GLU F 220 -99.72 39.89 -93.20
N LYS F 221 -99.14 38.73 -92.86
CA LYS F 221 -99.97 37.60 -92.48
C LYS F 221 -100.70 37.87 -91.17
N TRP F 222 -100.03 38.53 -90.23
CA TRP F 222 -100.56 38.72 -88.90
C TRP F 222 -101.69 39.75 -88.85
N TYR F 223 -101.90 40.50 -89.93
CA TYR F 223 -102.93 41.53 -89.91
C TYR F 223 -104.30 40.94 -89.70
N SER F 224 -104.60 39.82 -90.36
CA SER F 224 -105.89 39.18 -90.18
C SER F 224 -106.08 38.72 -88.76
N ILE F 225 -105.01 38.31 -88.09
CA ILE F 225 -105.14 37.83 -86.72
C ILE F 225 -105.33 38.99 -85.76
N MET F 226 -104.52 40.04 -85.90
CA MET F 226 -104.54 41.10 -84.90
C MET F 226 -105.82 41.92 -84.97
N TYR F 227 -106.25 42.33 -86.17
CA TYR F 227 -107.39 43.23 -86.29
C TYR F 227 -108.56 42.50 -86.95
N PRO F 228 -109.50 41.98 -86.17
CA PRO F 228 -110.66 41.32 -86.78
C PRO F 228 -111.47 42.22 -87.68
N THR F 229 -111.55 43.52 -87.36
CA THR F 229 -112.34 44.43 -88.16
C THR F 229 -111.80 44.57 -89.58
N ARG F 230 -110.51 44.25 -89.79
CA ARG F 230 -109.89 44.53 -91.08
C ARG F 230 -110.60 43.78 -92.21
N MET F 231 -110.98 42.53 -91.97
CA MET F 231 -111.81 41.84 -92.95
C MET F 231 -113.19 42.48 -92.98
N GLY F 232 -113.74 42.63 -94.18
CA GLY F 232 -115.05 43.21 -94.32
C GLY F 232 -116.16 42.24 -93.97
N THR F 233 -117.30 42.37 -94.65
CA THR F 233 -118.44 41.49 -94.44
C THR F 233 -118.94 40.94 -95.77
N PRO F 234 -118.12 40.16 -96.47
CA PRO F 234 -118.50 39.69 -97.80
C PRO F 234 -119.67 38.70 -97.78
N ASN F 235 -119.57 37.67 -96.94
CA ASN F 235 -120.55 36.60 -96.93
C ASN F 235 -121.55 36.83 -95.80
N VAL F 236 -122.41 35.84 -95.59
CA VAL F 236 -123.40 35.86 -94.53
C VAL F 236 -123.11 34.68 -93.62
N SER F 237 -122.31 34.91 -92.59
CA SER F 237 -121.92 33.87 -91.66
C SER F 237 -121.91 34.44 -90.26
N LYS F 238 -121.67 33.58 -89.27
CA LYS F 238 -121.56 34.06 -87.90
C LYS F 238 -120.39 35.02 -87.76
N ILE F 239 -119.27 34.71 -88.41
CA ILE F 239 -118.12 35.61 -88.38
C ILE F 239 -118.48 36.96 -88.99
N CYS F 240 -119.17 36.92 -90.14
CA CYS F 240 -119.57 38.15 -90.80
C CYS F 240 -120.53 38.97 -89.93
N ASN F 241 -121.46 38.30 -89.25
CA ASN F 241 -122.36 39.01 -88.36
C ASN F 241 -121.61 39.66 -87.22
N PHE F 242 -120.68 38.92 -86.61
CA PHE F 242 -119.91 39.50 -85.51
C PHE F 242 -119.11 40.70 -85.97
N VAL F 243 -118.51 40.62 -87.15
CA VAL F 243 -117.78 41.77 -87.68
C VAL F 243 -118.72 42.94 -87.89
N ALA F 244 -119.88 42.68 -88.49
CA ALA F 244 -120.84 43.74 -88.74
C ALA F 244 -121.34 44.38 -87.45
N SER F 245 -121.27 43.67 -86.34
CA SER F 245 -121.69 44.27 -85.08
C SER F 245 -120.70 45.31 -84.57
N CYS F 246 -119.43 45.18 -84.94
CA CYS F 246 -118.39 46.00 -84.33
C CYS F 246 -118.39 47.42 -84.89
N VAL F 247 -117.59 48.27 -84.25
CA VAL F 247 -117.40 49.66 -84.68
C VAL F 247 -116.11 49.73 -85.48
N ARG F 248 -115.90 50.86 -86.17
CA ARG F 248 -114.81 50.93 -87.13
C ARG F 248 -113.58 51.63 -86.55
N ASN F 249 -113.78 52.72 -85.82
CA ASN F 249 -112.65 53.59 -85.48
C ASN F 249 -111.66 52.93 -84.53
N ARG F 250 -112.14 52.08 -83.61
CA ARG F 250 -111.27 51.54 -82.56
C ARG F 250 -110.43 50.41 -83.13
N VAL F 251 -109.31 50.78 -83.75
CA VAL F 251 -108.39 49.81 -84.33
C VAL F 251 -107.08 50.52 -84.59
N GLY F 252 -105.99 49.75 -84.59
CA GLY F 252 -104.70 50.32 -84.90
C GLY F 252 -104.20 51.24 -83.80
N ARG F 253 -103.31 52.14 -84.19
CA ARG F 253 -102.73 53.08 -83.25
C ARG F 253 -103.81 53.98 -82.66
N PHE F 254 -103.70 54.26 -81.37
CA PHE F 254 -104.70 55.03 -80.65
C PHE F 254 -104.15 56.33 -80.09
N ASP F 255 -102.98 56.30 -79.47
CA ASP F 255 -102.39 57.49 -78.89
C ASP F 255 -100.89 57.26 -78.82
N ARG F 256 -100.13 58.34 -78.94
CA ARG F 256 -98.68 58.26 -78.99
C ARG F 256 -98.08 59.34 -78.11
N ALA F 257 -96.85 59.12 -77.68
CA ALA F 257 -96.15 60.06 -76.84
C ALA F 257 -95.87 61.35 -77.60
N GLN F 258 -95.89 62.46 -76.87
CA GLN F 258 -95.45 63.72 -77.46
C GLN F 258 -93.94 63.76 -77.59
N MET F 259 -93.22 63.28 -76.59
CA MET F 259 -91.78 63.17 -76.68
C MET F 259 -91.41 62.13 -77.72
N MET F 260 -90.37 62.43 -78.51
CA MET F 260 -89.96 61.51 -79.55
C MET F 260 -88.55 61.83 -79.97
N ASN F 261 -87.84 60.81 -80.44
CA ASN F 261 -86.52 60.97 -81.03
C ASN F 261 -86.56 60.54 -82.48
N GLY F 262 -85.80 61.23 -83.32
CA GLY F 262 -85.94 61.01 -84.75
C GLY F 262 -87.36 61.24 -85.17
N ALA F 263 -87.94 60.24 -85.83
CA ALA F 263 -89.35 60.24 -86.16
C ALA F 263 -90.10 59.13 -85.44
N MET F 264 -89.53 58.58 -84.38
CA MET F 264 -90.12 57.47 -83.65
C MET F 264 -90.62 57.96 -82.30
N SER F 265 -91.87 57.63 -81.98
CA SER F 265 -92.45 58.05 -80.72
C SER F 265 -91.87 57.26 -79.56
N GLU F 266 -91.94 57.85 -78.37
CA GLU F 266 -91.36 57.21 -77.19
C GLU F 266 -92.23 56.08 -76.67
N TRP F 267 -93.55 56.23 -76.72
CA TRP F 267 -94.48 55.18 -76.36
C TRP F 267 -95.75 55.35 -77.18
N VAL F 268 -96.59 54.32 -77.17
CA VAL F 268 -97.76 54.31 -78.03
C VAL F 268 -98.80 53.38 -77.44
N ASP F 269 -100.06 53.79 -77.58
CA ASP F 269 -101.21 52.95 -77.25
C ASP F 269 -101.86 52.48 -78.53
N VAL F 270 -102.12 51.18 -78.63
CA VAL F 270 -102.63 50.58 -79.85
C VAL F 270 -103.71 49.57 -79.51
N PHE F 271 -104.75 49.55 -80.33
CA PHE F 271 -105.77 48.50 -80.26
C PHE F 271 -105.23 47.27 -80.99
N GLU F 272 -105.25 46.12 -80.33
CA GLU F 272 -104.90 44.88 -81.00
C GLU F 272 -105.39 43.71 -80.17
N THR F 273 -105.33 42.54 -80.79
CA THR F 273 -105.70 41.32 -80.09
C THR F 273 -104.75 41.06 -78.93
N SER F 274 -105.31 40.72 -77.77
CA SER F 274 -104.54 40.43 -76.57
C SER F 274 -105.53 39.92 -75.53
N ASP F 275 -105.02 39.56 -74.37
CA ASP F 275 -105.85 39.15 -73.25
C ASP F 275 -105.63 40.10 -72.09
N ALA F 276 -106.70 40.37 -71.35
CA ALA F 276 -106.61 41.33 -70.27
C ALA F 276 -105.68 40.85 -69.16
N LEU F 277 -105.59 39.53 -68.96
CA LEU F 277 -104.80 39.00 -67.85
C LEU F 277 -103.32 39.32 -68.02
N THR F 278 -102.76 38.97 -69.18
CA THR F 278 -101.35 39.25 -69.39
C THR F 278 -101.09 40.74 -69.46
N VAL F 279 -102.05 41.51 -69.99
CA VAL F 279 -101.90 42.96 -70.03
C VAL F 279 -101.76 43.50 -68.61
N SER F 280 -102.62 43.05 -67.70
CA SER F 280 -102.54 43.50 -66.33
C SER F 280 -101.24 43.07 -65.67
N ILE F 281 -100.82 41.83 -65.92
CA ILE F 281 -99.61 41.33 -65.31
C ILE F 281 -98.42 42.17 -65.75
N ARG F 282 -98.32 42.43 -67.05
CA ARG F 282 -97.20 43.20 -67.55
C ARG F 282 -97.27 44.66 -67.12
N GLY F 283 -98.46 45.23 -66.99
CA GLY F 283 -98.56 46.58 -66.45
C GLY F 283 -98.05 46.67 -65.04
N ARG F 284 -98.45 45.71 -64.19
CA ARG F 284 -97.96 45.70 -62.82
C ARG F 284 -96.46 45.49 -62.77
N TRP F 285 -95.94 44.62 -63.63
CA TRP F 285 -94.50 44.41 -63.68
C TRP F 285 -93.77 45.67 -64.10
N MET F 286 -94.29 46.38 -65.08
CA MET F 286 -93.67 47.63 -65.53
C MET F 286 -93.67 48.64 -64.40
N ALA F 287 -94.78 48.72 -63.66
CA ALA F 287 -94.83 49.65 -62.54
C ALA F 287 -93.78 49.30 -61.49
N ARG F 288 -93.64 48.02 -61.17
CA ARG F 288 -92.64 47.61 -60.19
C ARG F 288 -91.25 47.98 -60.65
N LEU F 289 -90.94 47.76 -61.92
CA LEU F 289 -89.63 48.16 -62.43
C LEU F 289 -89.45 49.67 -62.35
N ALA F 290 -90.48 50.43 -62.72
CA ALA F 290 -90.36 51.89 -62.74
C ALA F 290 -90.10 52.44 -61.34
N ARG F 291 -90.68 51.81 -60.33
CA ARG F 291 -90.48 52.31 -58.97
C ARG F 291 -89.02 52.22 -58.54
N MET F 292 -88.20 51.47 -59.25
CA MET F 292 -86.80 51.26 -58.87
C MET F 292 -85.84 52.18 -59.61
N ASN F 293 -86.35 53.15 -60.38
CA ASN F 293 -85.48 53.97 -61.21
C ASN F 293 -84.54 54.81 -60.37
N ILE F 294 -83.39 55.14 -60.95
CA ILE F 294 -82.37 55.96 -60.29
C ILE F 294 -81.75 56.86 -61.34
N ASN F 295 -81.49 58.09 -60.97
CA ASN F 295 -80.81 58.95 -61.92
C ASN F 295 -79.34 59.10 -61.54
N PRO F 296 -78.46 59.36 -62.50
CA PRO F 296 -77.02 59.28 -62.22
C PRO F 296 -76.52 60.23 -61.15
N THR F 297 -77.21 61.34 -60.91
CA THR F 297 -76.78 62.25 -59.85
C THR F 297 -76.80 61.55 -58.50
N GLU F 298 -77.80 60.72 -58.27
CA GLU F 298 -77.84 59.94 -57.04
C GLU F 298 -76.64 59.02 -56.95
N ILE F 299 -76.22 58.44 -58.08
CA ILE F 299 -75.03 57.61 -58.09
C ILE F 299 -73.81 58.45 -57.71
N GLU F 300 -73.71 59.65 -58.25
CA GLU F 300 -72.60 60.53 -57.89
C GLU F 300 -72.56 60.75 -56.39
N TRP F 301 -73.71 61.08 -55.80
CA TRP F 301 -73.76 61.31 -54.37
C TRP F 301 -73.33 60.07 -53.60
N ALA F 302 -73.90 58.92 -53.95
CA ALA F 302 -73.62 57.70 -53.20
C ALA F 302 -72.14 57.33 -53.29
N LEU F 303 -71.58 57.37 -54.49
CA LEU F 303 -70.19 57.01 -54.66
C LEU F 303 -69.27 57.97 -53.92
N THR F 304 -69.58 59.26 -53.98
CA THR F 304 -68.76 60.23 -53.26
C THR F 304 -68.81 59.97 -51.77
N GLU F 305 -70.01 59.72 -51.23
CA GLU F 305 -70.15 59.51 -49.80
C GLU F 305 -69.44 58.24 -49.35
N CYS F 306 -69.57 57.16 -50.13
CA CYS F 306 -68.94 55.90 -49.75
C CYS F 306 -67.43 55.98 -49.73
N ALA F 307 -66.85 56.97 -50.40
CA ALA F 307 -65.40 57.07 -50.50
C ALA F 307 -64.76 57.78 -49.32
N GLN F 308 -65.56 58.20 -48.34
CA GLN F 308 -65.04 58.85 -47.13
C GLN F 308 -64.25 60.11 -47.46
N GLY F 309 -64.65 60.80 -48.52
CA GLY F 309 -64.02 62.06 -48.86
C GLY F 309 -62.57 61.95 -49.27
N TYR F 310 -62.21 60.89 -49.98
CA TYR F 310 -60.87 60.79 -50.54
C TYR F 310 -60.85 60.97 -52.05
N VAL F 311 -61.95 60.68 -52.74
CA VAL F 311 -62.10 60.94 -54.16
C VAL F 311 -63.49 61.51 -54.39
N THR F 312 -63.66 62.14 -55.55
CA THR F 312 -64.94 62.70 -55.95
C THR F 312 -65.31 62.14 -57.31
N VAL F 313 -66.58 61.78 -57.47
CA VAL F 313 -67.05 61.09 -58.67
C VAL F 313 -68.01 62.00 -59.42
N THR F 314 -67.89 62.01 -60.74
CA THR F 314 -68.77 62.79 -61.60
C THR F 314 -69.25 61.91 -62.74
N SER F 315 -70.56 61.93 -63.00
CA SER F 315 -71.19 61.13 -64.05
C SER F 315 -72.06 62.04 -64.91
N PRO F 316 -71.47 62.73 -65.88
CA PRO F 316 -72.26 63.64 -66.70
C PRO F 316 -73.28 62.90 -67.55
N TYR F 317 -74.37 63.59 -67.87
CA TYR F 317 -75.42 63.00 -68.68
C TYR F 317 -76.28 64.10 -69.29
N ALA F 318 -77.06 63.71 -70.26
CA ALA F 318 -77.95 64.57 -71.02
C ALA F 318 -79.39 64.37 -70.59
N PRO F 319 -80.23 65.40 -70.73
CA PRO F 319 -81.62 65.27 -70.28
C PRO F 319 -82.37 64.20 -71.05
N SER F 320 -83.05 63.32 -70.31
CA SER F 320 -83.91 62.29 -70.88
C SER F 320 -84.79 61.74 -69.77
N VAL F 321 -85.85 61.06 -70.17
CA VAL F 321 -86.78 60.47 -69.21
C VAL F 321 -86.91 58.96 -69.35
N ASN F 322 -86.68 58.40 -70.53
CA ASN F 322 -86.84 56.98 -70.76
C ASN F 322 -85.55 56.22 -70.52
N ARG F 323 -84.70 56.75 -69.65
CA ARG F 323 -83.49 56.07 -69.23
C ARG F 323 -83.85 55.28 -67.97
N LEU F 324 -83.99 53.97 -68.12
CA LEU F 324 -84.41 53.11 -67.02
C LEU F 324 -83.18 52.46 -66.40
N MET F 325 -82.97 52.71 -65.11
CA MET F 325 -81.79 52.22 -64.39
C MET F 325 -82.25 51.69 -63.04
N PRO F 326 -82.89 50.53 -63.01
CA PRO F 326 -83.52 50.06 -61.78
C PRO F 326 -82.52 49.59 -60.74
N TYR F 327 -82.30 50.38 -59.69
CA TYR F 327 -81.38 49.99 -58.64
C TYR F 327 -81.79 50.39 -57.23
N ARG F 328 -82.99 50.91 -57.01
CA ARG F 328 -83.37 51.42 -55.70
C ARG F 328 -84.33 50.45 -55.02
N ILE F 329 -83.97 50.03 -53.80
CA ILE F 329 -84.81 49.15 -52.98
C ILE F 329 -84.79 49.65 -51.55
N SER F 330 -85.75 49.15 -50.77
CA SER F 330 -85.88 49.55 -49.37
C SER F 330 -84.97 48.71 -48.48
N ASN F 331 -84.75 49.21 -47.27
CA ASN F 331 -83.86 48.52 -46.34
C ASN F 331 -84.39 47.16 -45.95
N ALA F 332 -85.72 47.01 -45.88
CA ALA F 332 -86.30 45.76 -45.43
C ALA F 332 -85.91 44.61 -46.33
N GLU F 333 -85.87 44.85 -47.64
CA GLU F 333 -85.48 43.79 -48.57
C GLU F 333 -84.05 43.34 -48.30
N ARG F 334 -83.15 44.30 -48.08
CA ARG F 334 -81.77 43.95 -47.78
C ARG F 334 -81.67 43.17 -46.48
N GLN F 335 -82.47 43.55 -45.47
CA GLN F 335 -82.45 42.82 -44.22
C GLN F 335 -82.92 41.39 -44.41
N ILE F 336 -83.96 41.19 -45.21
CA ILE F 336 -84.43 39.84 -45.48
C ILE F 336 -83.35 39.03 -46.17
N SER F 337 -82.69 39.62 -47.15
CA SER F 337 -81.62 38.91 -47.86
C SER F 337 -80.48 38.56 -46.91
N GLN F 338 -80.14 39.47 -46.01
CA GLN F 338 -79.08 39.19 -45.04
C GLN F 338 -79.46 38.03 -44.13
N ILE F 339 -80.72 38.00 -43.69
CA ILE F 339 -81.17 36.88 -42.87
C ILE F 339 -81.04 35.58 -43.64
N ILE F 340 -81.37 35.60 -44.93
CA ILE F 340 -81.25 34.40 -45.75
C ILE F 340 -79.80 33.94 -45.79
N ARG F 341 -78.87 34.87 -46.00
CA ARG F 341 -77.46 34.49 -46.06
C ARG F 341 -76.99 33.90 -44.74
N ILE F 342 -77.34 34.55 -43.63
CA ILE F 342 -76.92 34.05 -42.32
C ILE F 342 -77.46 32.66 -42.08
N MET F 343 -78.72 32.43 -42.43
CA MET F 343 -79.27 31.09 -42.34
C MET F 343 -78.55 30.13 -43.26
N ASN F 344 -78.03 30.61 -44.39
CA ASN F 344 -77.30 29.73 -45.30
C ASN F 344 -75.99 29.27 -44.69
N ILE F 345 -75.35 30.11 -43.87
CA ILE F 345 -74.06 29.73 -43.29
C ILE F 345 -74.17 28.37 -42.61
N GLY F 346 -75.03 28.28 -41.60
CA GLY F 346 -75.34 26.98 -41.00
C GLY F 346 -74.16 26.24 -40.42
N ASN F 347 -73.28 26.93 -39.71
CA ASN F 347 -72.12 26.33 -39.04
C ASN F 347 -71.19 25.64 -40.02
N ASN F 348 -71.23 26.01 -41.29
CA ASN F 348 -70.34 25.45 -42.30
C ASN F 348 -69.10 26.33 -42.38
N ALA F 349 -68.05 25.94 -41.66
CA ALA F 349 -66.82 26.71 -41.66
C ALA F 349 -66.26 26.87 -43.06
N THR F 350 -66.51 25.89 -43.93
CA THR F 350 -66.04 25.98 -45.30
C THR F 350 -66.64 27.19 -46.00
N VAL F 351 -67.89 27.53 -45.70
CA VAL F 351 -68.48 28.71 -46.30
C VAL F 351 -67.78 29.98 -45.84
N ILE F 352 -67.46 30.06 -44.54
CA ILE F 352 -66.90 31.29 -44.00
C ILE F 352 -65.47 31.50 -44.47
N GLN F 353 -64.68 30.43 -44.54
CA GLN F 353 -63.24 30.56 -44.74
C GLN F 353 -62.85 31.45 -45.92
N PRO F 354 -63.38 31.27 -47.14
CA PRO F 354 -62.91 32.11 -48.24
C PRO F 354 -63.17 33.59 -48.02
N VAL F 355 -64.28 33.93 -47.38
CA VAL F 355 -64.62 35.34 -47.20
C VAL F 355 -63.56 36.02 -46.33
N LEU F 356 -63.27 35.44 -45.18
CA LEU F 356 -62.28 36.03 -44.29
C LEU F 356 -60.91 36.04 -44.93
N GLN F 357 -60.53 34.96 -45.62
CA GLN F 357 -59.22 34.94 -46.25
C GLN F 357 -59.08 36.05 -47.27
N ASP F 358 -60.11 36.23 -48.11
CA ASP F 358 -60.04 37.23 -49.16
C ASP F 358 -60.01 38.63 -48.60
N ILE F 359 -60.84 38.90 -47.58
CA ILE F 359 -60.81 40.24 -46.99
C ILE F 359 -59.48 40.50 -46.33
N SER F 360 -58.89 39.48 -45.71
CA SER F 360 -57.57 39.65 -45.11
C SER F 360 -56.55 40.03 -46.17
N VAL F 361 -56.57 39.35 -47.31
CA VAL F 361 -55.62 39.68 -48.38
C VAL F 361 -55.84 41.10 -48.88
N LEU F 362 -57.10 41.48 -49.06
CA LEU F 362 -57.39 42.81 -49.59
C LEU F 362 -56.90 43.90 -48.64
N LEU F 363 -57.19 43.76 -47.35
CA LEU F 363 -56.62 44.69 -46.38
C LEU F 363 -55.10 44.67 -46.41
N GLN F 364 -54.50 43.49 -46.56
CA GLN F 364 -53.05 43.38 -46.52
C GLN F 364 -52.43 44.21 -47.63
N ARG F 365 -52.99 44.16 -48.83
CA ARG F 365 -52.38 44.88 -49.94
C ARG F 365 -53.17 46.10 -50.37
N ILE F 366 -53.98 46.68 -49.49
CA ILE F 366 -54.44 48.04 -49.66
C ILE F 366 -53.81 49.00 -48.65
N SER F 367 -53.44 48.53 -47.48
CA SER F 367 -52.97 49.41 -46.43
C SER F 367 -51.54 49.85 -46.67
N PRO F 368 -51.20 51.07 -46.26
CA PRO F 368 -49.81 51.52 -46.36
C PRO F 368 -48.91 50.95 -45.27
N LEU F 369 -49.48 50.28 -44.28
CA LEU F 369 -48.66 49.76 -43.19
C LEU F 369 -47.82 48.59 -43.66
N GLN F 370 -46.55 48.60 -43.29
CA GLN F 370 -45.62 47.52 -43.58
C GLN F 370 -45.10 46.94 -42.29
N ILE F 371 -45.15 45.62 -42.15
CA ILE F 371 -44.67 44.95 -40.95
C ILE F 371 -43.21 44.58 -41.19
N ASP F 372 -42.32 45.08 -40.34
CA ASP F 372 -40.88 44.91 -40.52
C ASP F 372 -40.22 44.51 -39.21
N PRO F 373 -39.94 43.22 -39.00
CA PRO F 373 -39.37 42.80 -37.72
C PRO F 373 -37.96 43.31 -37.46
N THR F 374 -37.28 43.81 -38.49
CA THR F 374 -35.95 44.36 -38.27
C THR F 374 -35.97 45.49 -37.26
N ILE F 375 -37.12 46.16 -37.09
CA ILE F 375 -37.25 47.13 -36.02
C ILE F 375 -37.00 46.47 -34.68
N ILE F 376 -37.66 45.35 -34.42
CA ILE F 376 -37.46 44.63 -33.16
C ILE F 376 -36.02 44.19 -33.04
N SER F 377 -35.47 43.61 -34.12
CA SER F 377 -34.11 43.09 -34.04
C SER F 377 -33.12 44.19 -33.71
N ASN F 378 -33.23 45.34 -34.37
CA ASN F 378 -32.32 46.45 -34.10
C ASN F 378 -32.52 47.00 -32.70
N THR F 379 -33.76 47.10 -32.24
CA THR F 379 -34.00 47.65 -30.91
C THR F 379 -33.36 46.77 -29.85
N MET F 380 -33.57 45.45 -29.93
CA MET F 380 -32.93 44.56 -28.98
C MET F 380 -31.42 44.55 -29.16
N SER F 381 -30.96 44.59 -30.40
CA SER F 381 -29.54 44.75 -30.73
C SER F 381 -28.69 43.70 -30.03
N THR F 382 -29.15 42.46 -30.06
CA THR F 382 -28.43 41.35 -29.43
C THR F 382 -28.32 40.18 -30.39
N VAL F 383 -27.20 39.48 -30.29
CA VAL F 383 -27.03 38.19 -30.95
C VAL F 383 -27.17 37.05 -29.95
N SER F 384 -26.25 36.99 -28.98
CA SER F 384 -26.39 36.07 -27.87
C SER F 384 -25.54 36.63 -26.72
N GLU F 385 -26.18 37.29 -25.77
CA GLU F 385 -25.48 37.83 -24.62
C GLU F 385 -25.14 36.69 -23.66
N SER F 386 -24.51 37.06 -22.54
CA SER F 386 -24.26 36.12 -21.45
C SER F 386 -23.43 34.93 -21.92
N THR F 387 -22.17 35.24 -22.26
CA THR F 387 -21.22 34.29 -22.82
C THR F 387 -21.32 32.88 -22.21
N THR F 388 -21.26 32.80 -20.88
CA THR F 388 -21.16 31.52 -20.21
C THR F 388 -22.47 31.05 -19.59
N GLN F 389 -23.07 31.84 -18.70
CA GLN F 389 -24.32 31.42 -18.08
C GLN F 389 -25.46 31.52 -19.08
N THR F 390 -26.29 30.48 -19.12
CA THR F 390 -27.20 30.31 -20.25
C THR F 390 -28.34 31.32 -20.23
N LEU F 391 -28.75 31.76 -19.04
CA LEU F 391 -29.90 32.65 -18.93
C LEU F 391 -29.59 34.01 -19.56
N SER F 392 -30.34 34.36 -20.61
CA SER F 392 -30.21 35.65 -21.25
C SER F 392 -31.59 36.06 -21.74
N PRO F 393 -32.27 36.92 -21.00
CA PRO F 393 -33.66 37.27 -21.39
C PRO F 393 -33.78 37.88 -22.76
N ALA F 394 -32.79 38.66 -23.19
CA ALA F 394 -32.86 39.28 -24.52
C ALA F 394 -32.91 38.22 -25.61
N SER F 395 -32.08 37.19 -25.51
CA SER F 395 -32.14 36.11 -26.48
C SER F 395 -33.44 35.32 -26.33
N SER F 396 -33.91 35.14 -25.11
CA SER F 396 -35.12 34.35 -24.90
C SER F 396 -36.32 34.98 -25.57
N ILE F 397 -36.49 36.29 -25.41
CA ILE F 397 -37.66 36.94 -26.00
C ILE F 397 -37.58 36.91 -27.51
N LEU F 398 -36.38 37.07 -28.07
CA LEU F 398 -36.24 36.96 -29.53
C LEU F 398 -36.59 35.57 -30.00
N GLY F 399 -36.16 34.55 -29.28
CA GLY F 399 -36.53 33.19 -29.64
C GLY F 399 -38.03 32.97 -29.60
N LYS F 400 -38.68 33.50 -28.57
CA LYS F 400 -40.13 33.33 -28.48
C LYS F 400 -40.85 34.06 -29.60
N LEU F 401 -40.42 35.30 -29.90
CA LEU F 401 -41.10 36.06 -30.93
C LEU F 401 -40.85 35.48 -32.31
N ARG F 402 -39.64 35.02 -32.57
CA ARG F 402 -39.24 34.52 -33.88
C ARG F 402 -39.56 35.55 -34.95
N PRO F 403 -38.89 36.70 -34.93
CA PRO F 403 -39.23 37.77 -35.88
C PRO F 403 -39.00 37.39 -37.33
N SER F 404 -38.12 36.42 -37.60
CA SER F 404 -37.74 36.13 -38.97
C SER F 404 -38.91 35.64 -39.80
N ASN F 405 -39.94 35.10 -39.15
CA ASN F 405 -41.10 34.62 -39.88
C ASN F 405 -41.77 35.79 -40.60
N SER F 406 -42.30 35.52 -41.79
CA SER F 406 -42.86 36.56 -42.65
C SER F 406 -44.34 36.37 -42.92
N ASP F 407 -45.03 35.58 -42.10
CA ASP F 407 -46.46 35.37 -42.25
C ASP F 407 -47.21 36.13 -41.17
N PHE F 408 -48.18 36.93 -41.59
CA PHE F 408 -48.98 37.72 -40.66
C PHE F 408 -50.43 37.67 -41.04
N SER F 409 -50.91 36.50 -41.46
CA SER F 409 -52.32 36.36 -41.80
C SER F 409 -53.20 36.58 -40.58
N SER F 410 -52.69 36.24 -39.39
CA SER F 410 -53.50 36.37 -38.18
C SER F 410 -53.92 37.81 -37.94
N PHE F 411 -53.00 38.76 -38.18
CA PHE F 411 -53.31 40.17 -37.95
C PHE F 411 -54.44 40.64 -38.86
N ARG F 412 -54.32 40.37 -40.16
CA ARG F 412 -55.34 40.81 -41.09
C ARG F 412 -56.68 40.12 -40.83
N VAL F 413 -56.64 38.82 -40.51
CA VAL F 413 -57.88 38.12 -40.21
C VAL F 413 -58.54 38.69 -38.97
N ALA F 414 -57.73 39.02 -37.96
CA ALA F 414 -58.28 39.63 -36.76
C ALA F 414 -58.96 40.95 -37.08
N LEU F 415 -58.34 41.76 -37.92
CA LEU F 415 -59.00 43.01 -38.33
C LEU F 415 -60.29 42.73 -39.07
N ALA F 416 -60.28 41.77 -39.98
CA ALA F 416 -61.47 41.49 -40.77
C ALA F 416 -62.60 40.93 -39.91
N GLY F 417 -62.26 40.27 -38.80
CA GLY F 417 -63.27 39.69 -37.94
C GLY F 417 -64.20 40.70 -37.32
N TRP F 418 -63.78 41.96 -37.23
CA TRP F 418 -64.63 42.98 -36.64
C TRP F 418 -65.90 43.20 -37.44
N LEU F 419 -65.87 42.93 -38.73
CA LEU F 419 -67.04 43.13 -39.57
C LEU F 419 -68.06 42.01 -39.40
N TYR F 420 -67.64 40.87 -38.86
CA TYR F 420 -68.56 39.73 -38.77
C TYR F 420 -68.60 39.19 -37.35
N ASN F 421 -68.74 40.11 -36.40
CA ASN F 421 -68.87 39.72 -35.00
C ASN F 421 -70.04 38.78 -34.78
N GLY F 422 -71.10 38.92 -35.56
CA GLY F 422 -72.31 38.18 -35.32
C GLY F 422 -72.28 36.70 -35.67
N VAL F 423 -71.34 36.28 -36.52
CA VAL F 423 -71.30 34.89 -36.94
C VAL F 423 -69.98 34.21 -36.66
N VAL F 424 -68.88 34.94 -36.49
CA VAL F 424 -67.57 34.35 -36.24
C VAL F 424 -66.97 35.02 -35.03
N THR F 425 -66.41 34.23 -34.12
CA THR F 425 -65.73 34.74 -32.94
C THR F 425 -64.26 34.40 -33.02
N THR F 426 -63.42 35.42 -32.97
CA THR F 426 -61.98 35.23 -33.00
C THR F 426 -61.45 35.09 -31.58
N VAL F 427 -60.75 33.98 -31.32
CA VAL F 427 -60.17 33.73 -30.03
C VAL F 427 -58.71 33.35 -30.21
N ILE F 428 -57.95 33.46 -29.13
CA ILE F 428 -56.55 33.07 -29.13
C ILE F 428 -56.46 31.57 -28.93
N ASP F 429 -55.72 30.90 -29.80
CA ASP F 429 -55.58 29.45 -29.71
C ASP F 429 -55.00 29.06 -28.36
N ASP F 430 -55.51 27.95 -27.81
CA ASP F 430 -55.07 27.52 -26.50
C ASP F 430 -53.59 27.16 -26.47
N SER F 431 -53.00 26.83 -27.62
CA SER F 431 -51.59 26.47 -27.62
C SER F 431 -50.69 27.65 -27.29
N SER F 432 -51.19 28.88 -27.41
CA SER F 432 -50.38 30.04 -27.07
C SER F 432 -50.31 30.32 -25.58
N TYR F 433 -51.12 29.64 -24.78
CA TYR F 433 -51.09 29.83 -23.35
C TYR F 433 -49.87 29.11 -22.75
N PRO F 434 -49.44 29.52 -21.56
CA PRO F 434 -48.29 28.87 -20.94
C PRO F 434 -48.54 27.39 -20.71
N LYS F 435 -47.48 26.60 -20.84
CA LYS F 435 -47.59 25.16 -20.67
C LYS F 435 -48.01 24.83 -19.24
N ASP F 436 -49.04 24.00 -19.11
CA ASP F 436 -49.53 23.53 -17.82
C ASP F 436 -49.85 24.69 -16.88
N GLY F 437 -50.35 25.79 -17.45
CA GLY F 437 -50.58 27.00 -16.69
C GLY F 437 -49.33 27.81 -16.44
N GLY F 438 -48.17 27.16 -16.43
CA GLY F 438 -46.93 27.87 -16.23
C GLY F 438 -46.74 28.32 -14.81
N SER F 439 -45.65 29.06 -14.59
CA SER F 439 -45.35 29.61 -13.29
C SER F 439 -44.54 30.88 -13.47
N VAL F 440 -44.59 31.74 -12.46
CA VAL F 440 -43.84 32.98 -12.52
C VAL F 440 -42.34 32.74 -12.40
N THR F 441 -41.94 31.57 -11.90
CA THR F 441 -40.52 31.29 -11.74
C THR F 441 -39.84 30.96 -13.05
N SER F 442 -40.58 30.65 -14.10
CA SER F 442 -40.02 30.27 -15.39
C SER F 442 -39.89 31.51 -16.27
N LEU F 443 -38.69 31.73 -16.79
CA LEU F 443 -38.46 32.90 -17.62
C LEU F 443 -39.31 32.86 -18.88
N GLU F 444 -39.43 31.70 -19.51
CA GLU F 444 -40.19 31.58 -20.74
C GLU F 444 -41.67 31.88 -20.50
N ASN F 445 -42.20 31.45 -19.36
CA ASN F 445 -43.60 31.70 -19.07
C ASN F 445 -43.89 33.18 -18.96
N LEU F 446 -42.92 33.97 -18.48
CA LEU F 446 -43.13 35.41 -18.42
C LEU F 446 -43.29 36.00 -19.81
N TRP F 447 -42.46 35.58 -20.76
CA TRP F 447 -42.61 36.07 -22.12
C TRP F 447 -43.89 35.58 -22.76
N ASP F 448 -44.32 34.36 -22.45
CA ASP F 448 -45.62 33.91 -22.90
C ASP F 448 -46.72 34.81 -22.39
N PHE F 449 -46.65 35.18 -21.12
CA PHE F 449 -47.66 36.07 -20.55
C PHE F 449 -47.64 37.42 -21.24
N PHE F 450 -46.45 37.96 -21.48
CA PHE F 450 -46.36 39.22 -22.23
C PHE F 450 -47.05 39.11 -23.58
N ILE F 451 -46.69 38.09 -24.36
CA ILE F 451 -47.21 37.98 -25.72
C ILE F 451 -48.72 37.88 -25.68
N LEU F 452 -49.24 37.00 -24.83
CA LEU F 452 -50.67 36.77 -24.79
C LEU F 452 -51.42 38.00 -24.30
N ALA F 453 -50.90 38.66 -23.25
CA ALA F 453 -51.58 39.83 -22.72
C ALA F 453 -51.59 40.96 -23.73
N LEU F 454 -50.49 41.15 -24.45
CA LEU F 454 -50.45 42.21 -25.43
C LEU F 454 -51.28 41.90 -26.67
N ALA F 455 -51.51 40.62 -26.95
CA ALA F 455 -52.28 40.26 -28.14
C ALA F 455 -53.78 40.16 -27.90
N LEU F 456 -54.21 39.89 -26.67
CA LEU F 456 -55.63 39.65 -26.43
C LEU F 456 -56.58 40.75 -26.88
N PRO F 457 -56.33 42.04 -26.63
CA PRO F 457 -57.38 43.04 -26.87
C PRO F 457 -57.88 43.12 -28.30
N LEU F 458 -57.16 42.57 -29.27
CA LEU F 458 -57.60 42.65 -30.65
C LEU F 458 -58.69 41.64 -31.01
N THR F 459 -58.90 40.62 -30.19
CA THR F 459 -59.87 39.59 -30.51
C THR F 459 -61.28 40.09 -30.27
N THR F 460 -62.24 39.44 -30.94
CA THR F 460 -63.65 39.76 -30.75
C THR F 460 -64.27 38.98 -29.61
N ASP F 461 -63.51 38.13 -28.94
CA ASP F 461 -64.04 37.32 -27.86
C ASP F 461 -64.47 38.21 -26.71
N PRO F 462 -65.75 38.18 -26.31
CA PRO F 462 -66.17 39.02 -25.18
C PRO F 462 -65.46 38.70 -23.88
N CYS F 463 -65.13 37.43 -23.64
CA CYS F 463 -64.54 37.03 -22.37
C CYS F 463 -63.04 37.26 -22.31
N ALA F 464 -62.49 38.10 -23.20
CA ALA F 464 -61.05 38.29 -23.24
C ALA F 464 -60.47 38.82 -21.94
N PRO F 465 -61.01 39.89 -21.33
CA PRO F 465 -60.36 40.40 -20.11
C PRO F 465 -60.29 39.38 -18.99
N VAL F 466 -61.31 38.54 -18.87
CA VAL F 466 -61.28 37.50 -17.84
C VAL F 466 -60.12 36.56 -18.08
N LYS F 467 -59.88 36.19 -19.34
CA LYS F 467 -58.72 35.35 -19.65
C LYS F 467 -57.43 36.08 -19.32
N ALA F 468 -57.35 37.35 -19.68
CA ALA F 468 -56.13 38.12 -19.44
C ALA F 468 -55.80 38.19 -17.95
N PHE F 469 -56.83 38.23 -17.11
CA PHE F 469 -56.56 38.24 -15.67
C PHE F 469 -56.25 36.85 -15.15
N MET F 470 -57.02 35.86 -15.58
CA MET F 470 -56.90 34.54 -15.00
C MET F 470 -55.62 33.85 -15.40
N THR F 471 -55.02 34.22 -16.54
CA THR F 471 -53.74 33.62 -16.86
C THR F 471 -52.68 34.00 -15.84
N LEU F 472 -52.62 35.27 -15.44
CA LEU F 472 -51.67 35.67 -14.42
C LEU F 472 -52.07 35.11 -13.06
N ALA F 473 -53.37 34.99 -12.81
CA ALA F 473 -53.80 34.33 -11.58
C ALA F 473 -53.28 32.91 -11.52
N ASN F 474 -53.33 32.19 -12.64
CA ASN F 474 -52.81 30.84 -12.70
C ASN F 474 -51.31 30.82 -12.45
N MET F 475 -50.58 31.71 -13.13
CA MET F 475 -49.12 31.68 -12.99
C MET F 475 -48.69 32.00 -11.57
N MET F 476 -49.49 32.74 -10.81
CA MET F 476 -49.09 33.23 -9.51
C MET F 476 -49.44 32.27 -8.38
N VAL F 477 -49.97 31.10 -8.69
CA VAL F 477 -50.35 30.16 -7.64
C VAL F 477 -49.11 29.73 -6.87
N GLY F 478 -49.29 29.47 -5.58
CA GLY F 478 -48.20 29.11 -4.71
C GLY F 478 -47.49 30.28 -4.07
N PHE F 479 -47.27 31.36 -4.80
CA PHE F 479 -46.80 32.60 -4.23
C PHE F 479 -47.91 33.58 -3.94
N GLU F 480 -49.15 33.23 -4.23
CA GLU F 480 -50.24 34.19 -4.17
C GLU F 480 -51.56 33.45 -4.01
N THR F 481 -52.43 34.00 -3.16
CA THR F 481 -53.75 33.42 -2.93
C THR F 481 -54.80 34.50 -3.03
N ILE F 482 -55.92 34.18 -3.65
CA ILE F 482 -57.08 35.06 -3.67
C ILE F 482 -58.27 34.24 -3.19
N PRO F 483 -59.25 34.85 -2.53
CA PRO F 483 -60.42 34.09 -2.08
C PRO F 483 -61.33 33.78 -3.25
N MET F 484 -61.52 32.50 -3.52
CA MET F 484 -62.37 32.05 -4.62
C MET F 484 -63.75 31.76 -4.08
N ASP F 485 -64.75 32.42 -4.64
CA ASP F 485 -66.12 32.29 -4.13
C ASP F 485 -66.63 30.87 -4.27
N ASN F 486 -66.51 30.30 -5.46
CA ASN F 486 -67.01 28.96 -5.73
C ASN F 486 -66.10 27.91 -5.09
N GLN F 487 -66.71 26.85 -4.58
CA GLN F 487 -65.94 25.80 -3.92
C GLN F 487 -65.34 24.81 -4.91
N ILE F 488 -65.82 24.77 -6.15
CA ILE F 488 -65.28 23.83 -7.13
C ILE F 488 -64.11 24.44 -7.88
N TYR F 489 -64.29 25.63 -8.43
CA TYR F 489 -63.25 26.27 -9.22
C TYR F 489 -62.20 26.87 -8.29
N THR F 490 -60.99 26.35 -8.36
CA THR F 490 -59.88 26.87 -7.58
C THR F 490 -59.16 27.94 -8.40
N GLN F 491 -58.15 28.55 -7.79
CA GLN F 491 -57.36 29.54 -8.49
C GLN F 491 -56.63 28.94 -9.68
N SER F 492 -56.37 27.64 -9.66
CA SER F 492 -55.57 26.99 -10.69
C SER F 492 -56.38 26.59 -11.92
N ARG F 493 -57.63 27.03 -12.02
CA ARG F 493 -58.41 26.71 -13.20
C ARG F 493 -57.77 27.34 -14.44
N ARG F 494 -57.67 26.55 -15.51
CA ARG F 494 -56.96 26.99 -16.69
C ARG F 494 -57.63 28.22 -17.29
N ALA F 495 -56.80 29.15 -17.78
CA ALA F 495 -57.31 30.44 -18.23
C ALA F 495 -58.23 30.29 -19.43
N SER F 496 -57.86 29.44 -20.40
CA SER F 496 -58.64 29.33 -21.61
C SER F 496 -60.02 28.73 -21.37
N ALA F 497 -60.27 28.15 -20.20
CA ALA F 497 -61.58 27.60 -19.89
C ALA F 497 -62.63 28.65 -19.62
N PHE F 498 -62.23 29.91 -19.37
CA PHE F 498 -63.17 30.97 -19.07
C PHE F 498 -63.69 31.58 -20.37
N SER F 499 -64.50 30.78 -21.07
CA SER F 499 -64.97 31.15 -22.39
C SER F 499 -66.35 31.78 -22.40
N THR F 500 -67.13 31.63 -21.33
CA THR F 500 -68.49 32.12 -21.35
C THR F 500 -68.74 33.07 -20.18
N PRO F 501 -69.65 34.02 -20.33
CA PRO F 501 -69.80 35.06 -19.31
C PRO F 501 -70.20 34.54 -17.95
N HIS F 502 -70.88 33.39 -17.89
CA HIS F 502 -71.28 32.85 -16.60
C HIS F 502 -70.09 32.40 -15.77
N THR F 503 -68.90 32.32 -16.35
CA THR F 503 -67.71 31.88 -15.64
C THR F 503 -66.94 33.02 -14.99
N TRP F 504 -67.41 34.25 -15.10
CA TRP F 504 -66.66 35.37 -14.57
C TRP F 504 -66.63 35.31 -13.05
N PRO F 505 -65.47 35.27 -12.42
CA PRO F 505 -65.43 35.14 -10.96
C PRO F 505 -65.74 36.46 -10.27
N ARG F 506 -66.38 36.37 -9.10
CA ARG F 506 -66.68 37.56 -8.33
C ARG F 506 -65.41 38.29 -7.94
N CYS F 507 -64.36 37.55 -7.62
CA CYS F 507 -63.09 38.15 -7.24
C CYS F 507 -62.51 39.01 -8.34
N PHE F 508 -63.11 39.03 -9.52
CA PHE F 508 -62.66 39.86 -10.63
C PHE F 508 -63.55 41.08 -10.85
N MET F 509 -64.87 40.89 -10.81
CA MET F 509 -65.76 42.04 -10.98
C MET F 509 -65.64 43.01 -9.82
N ASN F 510 -65.48 42.52 -8.60
CA ASN F 510 -65.33 43.37 -7.43
C ASN F 510 -63.88 43.30 -6.98
N ILE F 511 -63.12 44.34 -7.32
CA ILE F 511 -61.70 44.38 -7.00
C ILE F 511 -61.47 44.37 -5.50
N GLN F 512 -62.42 44.91 -4.73
CA GLN F 512 -62.20 45.09 -3.30
C GLN F 512 -61.95 43.78 -2.57
N LEU F 513 -62.32 42.65 -3.18
CA LEU F 513 -62.06 41.36 -2.55
C LEU F 513 -60.61 40.96 -2.63
N ILE F 514 -59.84 41.54 -3.55
CA ILE F 514 -58.42 41.22 -3.69
C ILE F 514 -57.67 41.96 -2.59
N SER F 515 -57.11 41.22 -1.66
CA SER F 515 -56.41 41.84 -0.54
C SER F 515 -55.05 42.36 -1.00
N PRO F 516 -54.80 43.66 -0.90
CA PRO F 516 -53.47 44.17 -1.29
C PRO F 516 -52.34 43.58 -0.48
N ILE F 517 -52.58 43.28 0.80
CA ILE F 517 -51.56 42.59 1.58
C ILE F 517 -51.33 41.19 1.06
N ASP F 518 -52.40 40.46 0.74
CA ASP F 518 -52.25 39.12 0.20
C ASP F 518 -51.75 39.15 -1.23
N ALA F 519 -52.33 40.01 -2.08
CA ALA F 519 -52.09 39.97 -3.51
C ALA F 519 -51.64 41.33 -4.01
N PRO F 520 -50.39 41.70 -3.73
CA PRO F 520 -49.90 43.00 -4.20
C PRO F 520 -49.91 43.13 -5.71
N ILE F 521 -49.75 42.03 -6.44
CA ILE F 521 -49.56 42.13 -7.88
C ILE F 521 -50.89 41.93 -8.61
N LEU F 522 -51.65 40.90 -8.21
CA LEU F 522 -52.92 40.65 -8.88
C LEU F 522 -53.88 41.80 -8.70
N ARG F 523 -53.83 42.48 -7.54
CA ARG F 523 -54.65 43.66 -7.36
C ARG F 523 -54.32 44.73 -8.40
N GLN F 524 -53.03 45.02 -8.57
CA GLN F 524 -52.61 46.00 -9.57
C GLN F 524 -53.07 45.58 -10.95
N TRP F 525 -52.89 44.31 -11.29
CA TRP F 525 -53.32 43.82 -12.60
C TRP F 525 -54.81 44.00 -12.77
N ALA F 526 -55.57 43.85 -11.69
CA ALA F 526 -57.02 44.03 -11.76
C ALA F 526 -57.37 45.48 -12.10
N GLU F 527 -56.79 46.46 -11.39
CA GLU F 527 -57.17 47.82 -11.78
C GLU F 527 -56.62 48.18 -13.15
N ILE F 528 -55.48 47.63 -13.55
CA ILE F 528 -55.00 47.92 -14.90
C ILE F 528 -56.01 47.46 -15.93
N ILE F 529 -56.51 46.23 -15.79
CA ILE F 529 -57.49 45.73 -16.73
C ILE F 529 -58.75 46.57 -16.69
N HIS F 530 -59.22 46.89 -15.48
CA HIS F 530 -60.48 47.61 -15.36
C HIS F 530 -60.38 49.02 -15.93
N ARG F 531 -59.21 49.65 -15.80
CA ARG F 531 -59.10 51.05 -16.11
C ARG F 531 -58.67 51.29 -17.56
N TYR F 532 -57.68 50.55 -18.04
CA TYR F 532 -57.05 50.88 -19.32
C TYR F 532 -57.39 49.92 -20.44
N TRP F 533 -58.37 49.06 -20.28
CA TRP F 533 -58.80 48.24 -21.39
C TRP F 533 -59.43 49.13 -22.46
N PRO F 534 -59.20 48.83 -23.74
CA PRO F 534 -59.68 49.73 -24.80
C PRO F 534 -61.18 49.90 -24.79
N ASN F 535 -61.62 51.04 -25.30
CA ASN F 535 -63.02 51.40 -25.33
C ASN F 535 -63.58 51.29 -26.73
N PRO F 536 -64.71 50.63 -26.92
CA PRO F 536 -65.31 50.54 -28.25
C PRO F 536 -65.83 51.88 -28.72
N SER F 537 -66.03 51.99 -30.03
CA SER F 537 -66.52 53.23 -30.63
C SER F 537 -67.29 52.89 -31.90
N GLN F 538 -67.60 53.92 -32.68
CA GLN F 538 -68.43 53.78 -33.86
C GLN F 538 -67.78 54.51 -35.03
N ILE F 539 -68.39 54.37 -36.20
CA ILE F 539 -67.93 55.06 -37.40
C ILE F 539 -69.05 55.00 -38.43
N ARG F 540 -69.19 56.07 -39.20
CA ARG F 540 -70.17 56.11 -40.28
C ARG F 540 -69.61 55.46 -41.53
N TYR F 541 -70.51 54.93 -42.35
CA TYR F 541 -70.08 54.28 -43.58
C TYR F 541 -71.26 54.17 -44.53
N GLY F 542 -70.96 53.91 -45.79
CA GLY F 542 -71.98 53.64 -46.78
C GLY F 542 -72.78 54.86 -47.15
N ALA F 543 -73.78 54.64 -48.00
CA ALA F 543 -74.69 55.69 -48.45
C ALA F 543 -76.11 55.20 -48.23
N PRO F 544 -76.61 55.27 -47.00
CA PRO F 544 -77.94 54.71 -46.71
C PRO F 544 -79.05 55.31 -47.53
N ASN F 545 -78.95 56.58 -47.90
CA ASN F 545 -80.04 57.22 -48.63
C ASN F 545 -80.23 56.64 -50.04
N VAL F 546 -79.24 55.92 -50.56
CA VAL F 546 -79.34 55.37 -51.90
C VAL F 546 -79.21 53.86 -51.86
N PHE F 547 -78.07 53.37 -51.39
CA PHE F 547 -77.86 51.94 -51.30
C PHE F 547 -78.64 51.28 -50.18
N GLY F 548 -79.27 52.07 -49.31
CA GLY F 548 -79.90 51.42 -48.19
C GLY F 548 -78.84 50.89 -47.22
N SER F 549 -79.28 50.01 -46.34
CA SER F 549 -78.37 49.41 -45.38
C SER F 549 -78.93 48.08 -44.92
N ALA F 550 -78.06 47.09 -44.79
CA ALA F 550 -78.44 45.75 -44.36
C ALA F 550 -78.18 45.53 -42.89
N ASN F 551 -77.85 46.57 -42.13
CA ASN F 551 -77.62 46.41 -40.71
C ASN F 551 -78.89 45.95 -40.02
N LEU F 552 -78.74 45.06 -39.04
CA LEU F 552 -79.88 44.46 -38.36
C LEU F 552 -80.01 44.96 -36.92
N PHE F 553 -78.99 44.78 -36.11
CA PHE F 553 -79.05 45.16 -34.71
C PHE F 553 -78.49 46.54 -34.43
N THR F 554 -78.11 47.27 -35.46
CA THR F 554 -77.45 48.56 -35.33
C THR F 554 -78.15 49.57 -36.22
N PRO F 555 -78.00 50.87 -35.94
CA PRO F 555 -78.57 51.87 -36.82
C PRO F 555 -77.95 51.75 -38.20
N PRO F 556 -78.70 52.11 -39.25
CA PRO F 556 -78.23 51.85 -40.61
C PRO F 556 -76.92 52.54 -40.97
N GLU F 557 -76.58 53.65 -40.33
CA GLU F 557 -75.37 54.39 -40.69
C GLU F 557 -74.13 53.91 -39.96
N VAL F 558 -74.28 53.02 -38.99
CA VAL F 558 -73.26 52.79 -37.99
C VAL F 558 -72.47 51.54 -38.31
N LEU F 559 -71.16 51.60 -38.08
CA LEU F 559 -70.29 50.44 -38.07
C LEU F 559 -69.57 50.42 -36.74
N LEU F 560 -69.67 49.31 -36.02
CA LEU F 560 -69.12 49.23 -34.68
C LEU F 560 -67.66 48.80 -34.71
N LEU F 561 -66.91 49.28 -33.72
CA LEU F 561 -65.50 48.96 -33.60
C LEU F 561 -65.17 48.67 -32.15
N PRO F 562 -64.26 47.74 -31.89
CA PRO F 562 -63.83 47.47 -30.52
C PRO F 562 -62.77 48.42 -30.00
N ILE F 563 -62.31 49.37 -30.82
CA ILE F 563 -61.29 50.33 -30.44
C ILE F 563 -61.78 51.72 -30.76
N ASP F 564 -61.30 52.70 -30.00
CA ASP F 564 -61.61 54.09 -30.31
C ASP F 564 -60.88 54.51 -31.57
N HIS F 565 -61.51 55.37 -32.36
CA HIS F 565 -60.95 55.87 -33.60
C HIS F 565 -60.75 57.38 -33.51
N GLN F 566 -59.79 57.88 -34.26
CA GLN F 566 -59.37 59.27 -34.22
C GLN F 566 -59.21 59.80 -35.63
N PRO F 567 -59.23 61.12 -35.81
CA PRO F 567 -58.99 61.68 -37.14
C PRO F 567 -57.61 61.32 -37.66
N ALA F 568 -57.51 61.19 -38.98
CA ALA F 568 -56.28 60.75 -39.61
C ALA F 568 -55.19 61.80 -39.48
N ASN F 569 -53.97 61.34 -39.21
CA ASN F 569 -52.80 62.20 -39.16
C ASN F 569 -51.57 61.34 -39.34
N VAL F 570 -50.46 61.97 -39.71
CA VAL F 570 -49.22 61.23 -39.94
C VAL F 570 -48.11 61.88 -39.13
N THR F 571 -48.39 63.04 -38.55
CA THR F 571 -47.42 63.75 -37.74
C THR F 571 -47.49 63.41 -36.27
N THR F 572 -48.34 62.46 -35.89
CA THR F 572 -48.53 62.13 -34.49
C THR F 572 -47.23 61.57 -33.91
N PRO F 573 -46.83 61.98 -32.71
CA PRO F 573 -45.68 61.36 -32.07
C PRO F 573 -45.91 59.88 -31.83
N THR F 574 -44.84 59.10 -32.00
CA THR F 574 -44.95 57.66 -31.78
C THR F 574 -45.26 57.35 -30.32
N LEU F 575 -44.59 58.03 -29.40
CA LEU F 575 -44.77 57.77 -27.97
C LEU F 575 -45.87 58.65 -27.40
N ASP F 576 -47.02 58.60 -28.04
CA ASP F 576 -48.20 59.34 -27.59
C ASP F 576 -49.02 58.41 -26.71
N PHE F 577 -48.87 58.58 -25.40
CA PHE F 577 -49.56 57.71 -24.46
C PHE F 577 -51.07 57.95 -24.43
N THR F 578 -51.55 58.99 -25.10
CA THR F 578 -52.99 59.20 -25.21
C THR F 578 -53.65 58.06 -25.95
N ASN F 579 -53.01 57.56 -27.01
CA ASN F 579 -53.52 56.40 -27.72
C ASN F 579 -53.64 55.22 -26.77
N GLU F 580 -54.79 54.55 -26.81
CA GLU F 580 -55.08 53.52 -25.82
C GLU F 580 -54.17 52.31 -25.98
N LEU F 581 -53.80 51.98 -27.21
CA LEU F 581 -52.95 50.81 -27.42
C LEU F 581 -51.57 51.02 -26.84
N THR F 582 -50.98 52.18 -27.11
CA THR F 582 -49.66 52.48 -26.54
C THR F 582 -49.73 52.53 -25.02
N ASN F 583 -50.79 53.11 -24.48
CA ASN F 583 -50.96 53.15 -23.04
C ASN F 583 -51.05 51.74 -22.47
N TRP F 584 -51.77 50.85 -23.16
CA TRP F 584 -51.88 49.47 -22.71
C TRP F 584 -50.52 48.79 -22.70
N ARG F 585 -49.74 48.98 -23.77
CA ARG F 585 -48.41 48.39 -23.82
C ARG F 585 -47.54 48.90 -22.69
N ALA F 586 -47.56 50.21 -22.44
CA ALA F 586 -46.76 50.78 -21.37
C ALA F 586 -47.19 50.24 -20.02
N ARG F 587 -48.51 50.12 -19.81
CA ARG F 587 -49.00 49.62 -18.53
C ARG F 587 -48.55 48.19 -18.29
N VAL F 588 -48.65 47.35 -19.31
CA VAL F 588 -48.22 45.96 -19.15
C VAL F 588 -46.75 45.89 -18.84
N CYS F 589 -45.94 46.65 -19.57
CA CYS F 589 -44.50 46.64 -19.33
C CYS F 589 -44.17 47.10 -17.92
N GLU F 590 -44.82 48.16 -17.46
CA GLU F 590 -44.57 48.64 -16.10
C GLU F 590 -45.01 47.61 -15.07
N LEU F 591 -46.12 46.93 -15.31
CA LEU F 591 -46.57 45.90 -14.38
C LEU F 591 -45.51 44.82 -14.22
N MET F 592 -45.04 44.26 -15.33
CA MET F 592 -44.04 43.20 -15.17
C MET F 592 -42.72 43.74 -14.65
N LYS F 593 -42.42 45.02 -14.91
CA LYS F 593 -41.26 45.62 -14.28
C LYS F 593 -41.39 45.58 -12.76
N ASN F 594 -42.59 45.88 -12.26
CA ASN F 594 -42.84 45.72 -10.84
C ASN F 594 -42.76 44.27 -10.41
N LEU F 595 -43.13 43.35 -11.30
CA LEU F 595 -43.20 41.93 -10.93
C LEU F 595 -41.83 41.37 -10.60
N VAL F 596 -40.82 41.69 -11.41
CA VAL F 596 -39.50 41.09 -11.26
C VAL F 596 -38.55 41.95 -10.47
N ASP F 597 -39.03 43.04 -9.87
CA ASP F 597 -38.14 44.02 -9.25
C ASP F 597 -37.37 43.41 -8.09
N ASN F 598 -38.09 42.89 -7.09
CA ASN F 598 -37.46 42.42 -5.87
C ASN F 598 -37.14 40.94 -5.90
N GLN F 599 -37.41 40.25 -7.01
CA GLN F 599 -37.15 38.82 -7.14
C GLN F 599 -37.84 38.04 -6.03
N ARG F 600 -38.99 38.51 -5.59
CA ARG F 600 -39.73 37.79 -4.57
C ARG F 600 -40.38 36.53 -5.13
N TYR F 601 -40.62 36.48 -6.44
CA TYR F 601 -41.32 35.37 -7.05
C TYR F 601 -40.44 34.49 -7.93
N GLN F 602 -39.13 34.76 -7.98
CA GLN F 602 -38.22 33.97 -8.79
C GLN F 602 -37.06 33.46 -7.94
N PRO F 603 -37.31 32.51 -7.06
CA PRO F 603 -36.22 31.80 -6.40
C PRO F 603 -35.57 30.84 -7.40
N GLY F 604 -34.36 30.41 -7.05
CA GLY F 604 -33.67 29.51 -7.94
C GLY F 604 -32.96 30.17 -9.10
N TRP F 605 -33.06 31.48 -9.22
CA TRP F 605 -32.25 32.24 -10.18
C TRP F 605 -30.95 32.60 -9.48
N THR F 606 -29.88 31.87 -9.80
CA THR F 606 -28.62 32.09 -9.11
C THR F 606 -27.99 33.43 -9.50
N GLN F 607 -28.32 33.95 -10.67
CA GLN F 607 -27.85 35.26 -11.10
C GLN F 607 -28.95 36.29 -10.95
N SER F 608 -28.56 37.50 -10.59
CA SER F 608 -29.52 38.60 -10.45
C SER F 608 -29.85 39.11 -11.84
N LEU F 609 -31.01 38.72 -12.35
CA LEU F 609 -31.45 39.14 -13.68
C LEU F 609 -32.35 40.35 -13.64
N VAL F 610 -32.33 41.10 -12.55
CA VAL F 610 -33.21 42.26 -12.43
C VAL F 610 -32.88 43.30 -13.49
N SER F 611 -31.59 43.63 -13.62
CA SER F 611 -31.19 44.66 -14.56
C SER F 611 -31.52 44.26 -15.98
N SER F 612 -31.25 43.02 -16.35
CA SER F 612 -31.49 42.58 -17.72
C SER F 612 -32.98 42.59 -18.05
N MET F 613 -33.80 42.07 -17.16
CA MET F 613 -35.25 42.06 -17.40
C MET F 613 -35.78 43.49 -17.49
N ARG F 614 -35.33 44.36 -16.59
CA ARG F 614 -35.80 45.74 -16.62
C ARG F 614 -35.40 46.42 -17.92
N GLY F 615 -34.17 46.21 -18.37
CA GLY F 615 -33.74 46.82 -19.62
C GLY F 615 -34.52 46.33 -20.80
N THR F 616 -34.76 45.01 -20.86
CA THR F 616 -35.52 44.46 -21.97
C THR F 616 -36.95 44.99 -21.98
N LEU F 617 -37.58 45.05 -20.80
CA LEU F 617 -38.93 45.57 -20.73
C LEU F 617 -38.97 47.04 -21.14
N ASP F 618 -37.97 47.81 -20.74
CA ASP F 618 -37.93 49.21 -21.14
C ASP F 618 -37.76 49.34 -22.64
N LYS F 619 -36.90 48.51 -23.24
CA LYS F 619 -36.74 48.56 -24.69
C LYS F 619 -38.04 48.23 -25.40
N LEU F 620 -38.76 47.23 -24.90
CA LEU F 620 -40.04 46.88 -25.51
C LEU F 620 -41.05 48.00 -25.31
N LYS F 621 -40.96 48.72 -24.21
CA LYS F 621 -41.92 49.77 -23.90
C LYS F 621 -41.86 50.91 -24.91
N LEU F 622 -40.65 51.29 -25.32
CA LEU F 622 -40.43 52.51 -26.08
C LEU F 622 -40.06 52.24 -27.54
N ILE F 623 -40.61 51.18 -28.13
CA ILE F 623 -40.30 50.87 -29.51
C ILE F 623 -41.03 51.83 -30.43
N LYS F 624 -40.48 52.05 -31.62
CA LYS F 624 -41.12 52.95 -32.58
C LYS F 624 -42.19 52.22 -33.39
N SER F 625 -43.07 51.50 -32.72
CA SER F 625 -44.08 50.75 -33.45
C SER F 625 -45.20 51.69 -33.86
N MET F 626 -45.39 51.84 -35.17
CA MET F 626 -46.43 52.71 -35.68
C MET F 626 -47.73 51.97 -35.94
N THR F 627 -47.79 50.68 -35.57
CA THR F 627 -49.04 49.93 -35.69
C THR F 627 -50.18 50.53 -34.89
N PRO F 628 -50.01 50.90 -33.61
CA PRO F 628 -51.13 51.54 -32.91
C PRO F 628 -51.62 52.81 -33.57
N MET F 629 -50.73 53.61 -34.12
CA MET F 629 -51.14 54.78 -34.88
C MET F 629 -52.06 54.38 -36.02
N TYR F 630 -51.63 53.40 -36.82
CA TYR F 630 -52.41 52.97 -37.96
C TYR F 630 -53.76 52.45 -37.53
N LEU F 631 -53.79 51.60 -36.51
CA LEU F 631 -55.05 51.06 -36.02
C LEU F 631 -55.99 52.13 -35.51
N GLN F 632 -55.46 53.13 -34.82
CA GLN F 632 -56.29 54.20 -34.29
C GLN F 632 -56.82 55.12 -35.36
N GLN F 633 -56.09 55.31 -36.47
CA GLN F 633 -56.50 56.33 -37.42
C GLN F 633 -56.93 55.78 -38.77
N LEU F 634 -56.10 55.00 -39.45
CA LEU F 634 -56.36 54.67 -40.83
C LEU F 634 -57.21 53.43 -41.00
N ALA F 635 -56.95 52.39 -40.21
CA ALA F 635 -57.68 51.14 -40.34
C ALA F 635 -59.19 51.30 -40.31
N PRO F 636 -59.78 52.08 -39.41
CA PRO F 636 -61.23 52.30 -39.50
C PRO F 636 -61.66 52.90 -40.83
N VAL F 637 -60.86 53.81 -41.38
CA VAL F 637 -61.20 54.39 -42.67
C VAL F 637 -61.18 53.32 -43.76
N GLU F 638 -60.16 52.47 -43.75
CA GLU F 638 -60.09 51.41 -44.75
C GLU F 638 -61.27 50.47 -44.63
N LEU F 639 -61.62 50.08 -43.41
CA LEU F 639 -62.77 49.20 -43.22
C LEU F 639 -64.04 49.87 -43.71
N ALA F 640 -64.22 51.16 -43.40
CA ALA F 640 -65.42 51.86 -43.83
C ALA F 640 -65.50 51.93 -45.35
N VAL F 641 -64.37 52.17 -46.01
CA VAL F 641 -64.39 52.23 -47.46
C VAL F 641 -64.73 50.87 -48.05
N ILE F 642 -64.13 49.81 -47.52
CA ILE F 642 -64.31 48.49 -48.12
C ILE F 642 -65.71 47.96 -47.87
N ALA F 643 -66.26 48.19 -46.69
CA ALA F 643 -67.45 47.47 -46.23
C ALA F 643 -68.63 47.51 -47.19
N PRO F 644 -69.06 48.65 -47.73
CA PRO F 644 -70.28 48.63 -48.55
C PRO F 644 -70.15 47.79 -49.81
N MET F 645 -68.93 47.49 -50.24
CA MET F 645 -68.74 46.80 -51.51
C MET F 645 -68.73 45.29 -51.37
N LEU F 646 -68.79 44.78 -50.15
CA LEU F 646 -68.65 43.34 -49.95
C LEU F 646 -69.89 42.60 -50.46
N PRO F 647 -69.72 41.37 -50.97
CA PRO F 647 -70.90 40.56 -51.28
C PRO F 647 -71.66 40.14 -50.03
N PHE F 648 -71.00 40.15 -48.87
CA PHE F 648 -71.62 39.78 -47.60
C PHE F 648 -71.48 40.97 -46.67
N PRO F 649 -72.47 41.85 -46.60
CA PRO F 649 -72.33 43.08 -45.83
C PRO F 649 -72.18 42.78 -44.35
N PRO F 650 -71.60 43.69 -43.58
CA PRO F 650 -71.25 43.38 -42.19
C PRO F 650 -72.48 43.02 -41.37
N PHE F 651 -72.28 42.13 -40.40
CA PHE F 651 -73.34 41.67 -39.51
C PHE F 651 -72.75 41.63 -38.10
N GLN F 652 -72.90 42.73 -37.38
CA GLN F 652 -72.25 42.90 -36.09
C GLN F 652 -73.24 42.79 -34.94
N VAL F 653 -72.69 42.55 -33.76
CA VAL F 653 -73.45 42.49 -32.52
C VAL F 653 -72.70 43.38 -31.53
N PRO F 654 -73.37 44.22 -30.76
CA PRO F 654 -72.67 45.31 -30.06
C PRO F 654 -71.57 44.81 -29.14
N TYR F 655 -70.48 45.58 -29.11
CA TYR F 655 -69.36 45.32 -28.23
C TYR F 655 -69.60 45.99 -26.88
N VAL F 656 -69.50 45.22 -25.81
CA VAL F 656 -69.51 45.76 -24.46
C VAL F 656 -68.23 45.30 -23.77
N ARG F 657 -67.40 46.25 -23.36
CA ARG F 657 -66.06 45.86 -22.94
C ARG F 657 -66.06 45.10 -21.64
N LEU F 658 -66.82 45.56 -20.64
CA LEU F 658 -66.72 44.96 -19.32
C LEU F 658 -68.07 44.75 -18.66
N ASP F 659 -69.16 45.25 -19.22
CA ASP F 659 -70.48 45.07 -18.63
C ASP F 659 -70.92 43.62 -18.82
N ARG F 660 -70.90 42.85 -17.73
CA ARG F 660 -71.17 41.43 -17.83
C ARG F 660 -72.61 41.13 -18.24
N ASP F 661 -73.56 41.98 -17.82
CA ASP F 661 -74.95 41.65 -18.07
C ASP F 661 -75.33 41.84 -19.53
N ARG F 662 -74.63 42.68 -20.27
CA ARG F 662 -75.02 43.01 -21.63
C ARG F 662 -74.23 42.26 -22.69
N VAL F 663 -73.41 41.29 -22.33
CA VAL F 663 -72.71 40.52 -23.36
C VAL F 663 -73.70 39.64 -24.10
N PRO F 664 -73.60 39.49 -25.41
CA PRO F 664 -74.47 38.55 -26.12
C PRO F 664 -73.99 37.13 -25.94
N THR F 665 -74.94 36.19 -26.04
CA THR F 665 -74.61 34.77 -25.93
C THR F 665 -75.24 33.88 -26.99
N MET F 666 -76.36 34.29 -27.60
CA MET F 666 -77.04 33.43 -28.56
C MET F 666 -77.54 34.28 -29.72
N VAL F 667 -77.57 33.67 -30.90
CA VAL F 667 -78.15 34.29 -32.08
C VAL F 667 -79.02 33.25 -32.78
N GLY F 668 -80.28 33.60 -33.02
CA GLY F 668 -81.21 32.65 -33.60
C GLY F 668 -82.11 33.31 -34.62
N VAL F 669 -82.63 32.49 -35.53
CA VAL F 669 -83.52 32.93 -36.59
C VAL F 669 -84.79 32.10 -36.50
N THR F 670 -85.94 32.76 -36.60
CA THR F 670 -87.22 32.09 -36.51
C THR F 670 -88.05 32.36 -37.74
N ARG F 671 -89.04 31.50 -37.95
CA ARG F 671 -89.87 31.54 -39.15
C ARG F 671 -91.35 31.75 -38.87
N GLN F 672 -91.77 31.82 -37.62
CA GLN F 672 -93.18 31.93 -37.29
C GLN F 672 -93.49 33.30 -36.70
N SER F 673 -94.73 33.73 -36.92
CA SER F 673 -95.15 35.04 -36.43
C SER F 673 -95.27 35.04 -34.92
N ARG F 674 -95.32 36.25 -34.36
CA ARG F 674 -95.28 36.39 -32.90
C ARG F 674 -96.52 35.85 -32.21
N ASP F 675 -97.62 35.64 -32.95
CA ASP F 675 -98.90 35.32 -32.34
C ASP F 675 -99.30 33.86 -32.52
N THR F 676 -98.34 32.96 -32.63
CA THR F 676 -98.62 31.54 -32.74
C THR F 676 -97.69 30.77 -31.83
N ILE F 677 -98.22 29.73 -31.20
CA ILE F 677 -97.45 28.84 -30.34
C ILE F 677 -97.26 27.55 -31.10
N THR F 678 -96.01 27.21 -31.40
CA THR F 678 -95.73 26.03 -32.20
C THR F 678 -94.54 25.25 -31.65
N GLN F 679 -94.09 24.26 -32.40
CA GLN F 679 -92.95 23.47 -31.97
C GLN F 679 -91.71 24.33 -31.89
N PRO F 680 -90.97 24.27 -30.79
CA PRO F 680 -89.74 25.06 -30.69
C PRO F 680 -88.64 24.48 -31.55
N ALA F 681 -88.32 25.13 -32.66
CA ALA F 681 -87.32 24.65 -33.59
C ALA F 681 -86.24 25.72 -33.70
N LEU F 682 -85.21 25.59 -32.86
CA LEU F 682 -84.16 26.60 -32.83
C LEU F 682 -83.27 26.48 -34.06
N SER F 683 -82.75 27.63 -34.50
CA SER F 683 -81.82 27.65 -35.61
C SER F 683 -80.52 26.96 -35.23
N LEU F 684 -79.85 26.40 -36.23
CA LEU F 684 -78.59 25.70 -35.98
C LEU F 684 -77.53 26.62 -35.41
N SER F 685 -77.61 27.92 -35.67
CA SER F 685 -76.62 28.86 -35.15
C SER F 685 -76.62 28.91 -33.63
N THR F 686 -77.73 28.55 -32.99
CA THR F 686 -77.81 28.63 -31.54
C THR F 686 -77.00 27.53 -30.86
N THR F 687 -76.57 26.51 -31.58
CA THR F 687 -75.84 25.42 -30.94
C THR F 687 -74.38 25.75 -30.69
N ASN F 688 -73.88 26.86 -31.21
CA ASN F 688 -72.50 27.25 -30.94
C ASN F 688 -72.34 27.64 -29.48
N THR F 689 -71.27 27.17 -28.85
CA THR F 689 -70.99 27.55 -27.48
C THR F 689 -70.78 29.06 -27.38
N THR F 690 -70.00 29.62 -28.29
CA THR F 690 -69.81 31.05 -28.36
C THR F 690 -70.95 31.66 -29.18
N VAL F 691 -70.91 32.97 -29.38
CA VAL F 691 -71.95 33.62 -30.16
C VAL F 691 -71.88 33.17 -31.62
N GLY F 692 -70.69 32.94 -32.14
CA GLY F 692 -70.55 32.51 -33.51
C GLY F 692 -69.63 31.33 -33.67
N VAL F 693 -69.29 30.99 -34.92
CA VAL F 693 -68.36 29.88 -35.16
C VAL F 693 -66.99 30.23 -34.61
N PRO F 694 -66.37 29.38 -33.81
CA PRO F 694 -65.08 29.73 -33.22
C PRO F 694 -64.00 29.84 -34.29
N LEU F 695 -63.01 30.70 -34.01
CA LEU F 695 -61.88 30.89 -34.90
C LEU F 695 -60.66 31.19 -34.05
N ALA F 696 -59.57 30.48 -34.29
CA ALA F 696 -58.39 30.55 -33.45
C ALA F 696 -57.28 31.30 -34.16
N LEU F 697 -56.66 32.24 -33.46
CA LEU F 697 -55.54 33.02 -33.98
C LEU F 697 -54.29 32.69 -33.19
N ASP F 698 -53.15 33.16 -33.71
CA ASP F 698 -51.87 32.98 -33.07
C ASP F 698 -51.45 34.30 -32.44
N ALA F 699 -51.16 34.27 -31.13
CA ALA F 699 -50.81 35.50 -30.44
C ALA F 699 -49.46 36.04 -30.88
N ARG F 700 -48.53 35.13 -31.21
CA ARG F 700 -47.19 35.56 -31.57
C ARG F 700 -47.20 36.47 -32.79
N ALA F 701 -47.93 36.07 -33.82
CA ALA F 701 -47.99 36.87 -35.04
C ALA F 701 -48.60 38.24 -34.77
N ILE F 702 -49.69 38.28 -34.00
CA ILE F 702 -50.36 39.54 -33.72
C ILE F 702 -49.43 40.46 -32.94
N THR F 703 -48.73 39.92 -31.95
CA THR F 703 -47.82 40.76 -31.18
C THR F 703 -46.69 41.30 -32.06
N VAL F 704 -46.08 40.44 -32.86
CA VAL F 704 -45.00 40.89 -33.73
C VAL F 704 -45.49 41.97 -34.67
N ALA F 705 -46.71 41.82 -35.18
CA ALA F 705 -47.28 42.87 -36.01
C ALA F 705 -47.46 44.15 -35.23
N LEU F 706 -47.91 44.06 -33.98
CA LEU F 706 -48.14 45.25 -33.19
C LEU F 706 -46.85 46.00 -32.87
N LEU F 707 -45.73 45.29 -32.75
CA LEU F 707 -44.49 45.94 -32.37
C LEU F 707 -43.61 46.35 -33.53
N SER F 708 -43.95 46.01 -34.77
CA SER F 708 -43.02 46.20 -35.88
C SER F 708 -43.73 46.77 -37.10
N GLY F 709 -44.51 47.82 -36.90
CA GLY F 709 -45.19 48.49 -38.00
C GLY F 709 -44.50 49.79 -38.38
N LYS F 710 -44.49 50.08 -39.67
CA LYS F 710 -43.91 51.33 -40.15
C LYS F 710 -44.51 51.70 -41.48
N TYR F 711 -44.56 53.00 -41.74
CA TYR F 711 -45.08 53.56 -42.98
C TYR F 711 -43.95 53.74 -43.99
N PRO F 712 -44.29 53.88 -45.27
CA PRO F 712 -43.28 54.31 -46.23
C PRO F 712 -42.76 55.69 -45.88
N PRO F 713 -41.49 55.95 -46.13
CA PRO F 713 -40.92 57.26 -45.76
C PRO F 713 -41.40 58.40 -46.62
N ASP F 714 -42.26 58.16 -47.60
CA ASP F 714 -42.74 59.20 -48.51
C ASP F 714 -44.25 59.13 -48.68
N LEU F 715 -44.96 58.71 -47.64
CA LEU F 715 -46.38 58.50 -47.75
C LEU F 715 -47.13 59.83 -47.81
N VAL F 716 -48.05 59.94 -48.76
CA VAL F 716 -49.02 61.02 -48.80
C VAL F 716 -50.39 60.37 -48.89
N THR F 717 -51.22 60.59 -47.87
CA THR F 717 -52.45 59.83 -47.75
C THR F 717 -53.37 60.02 -48.94
N ASN F 718 -53.51 61.27 -49.40
CA ASN F 718 -54.44 61.54 -50.49
C ASN F 718 -54.05 60.77 -51.74
N VAL F 719 -52.79 60.85 -52.14
CA VAL F 719 -52.35 60.15 -53.35
C VAL F 719 -52.51 58.64 -53.18
N TRP F 720 -52.11 58.12 -52.02
CA TRP F 720 -52.19 56.68 -51.78
C TRP F 720 -53.62 56.20 -51.92
N TYR F 721 -54.56 56.85 -51.24
CA TYR F 721 -55.92 56.34 -51.26
C TYR F 721 -56.61 56.63 -52.58
N ALA F 722 -56.24 57.72 -53.26
CA ALA F 722 -56.76 57.94 -54.60
C ALA F 722 -56.36 56.80 -55.53
N ASP F 723 -55.12 56.36 -55.42
CA ASP F 723 -54.67 55.23 -56.22
C ASP F 723 -55.22 53.89 -55.74
N ALA F 724 -55.64 53.81 -54.48
CA ALA F 724 -56.10 52.55 -53.94
C ALA F 724 -57.60 52.30 -54.12
N ILE F 725 -58.42 53.34 -54.17
CA ILE F 725 -59.86 53.14 -54.27
C ILE F 725 -60.30 53.00 -55.72
N TYR F 726 -59.71 53.76 -56.63
CA TYR F 726 -60.18 53.80 -58.00
C TYR F 726 -60.28 52.42 -58.65
N PRO F 727 -59.23 51.59 -58.66
CA PRO F 727 -59.41 50.23 -59.19
C PRO F 727 -60.43 49.42 -58.43
N MET F 728 -60.50 49.59 -57.11
CA MET F 728 -61.47 48.84 -56.32
C MET F 728 -62.90 49.20 -56.70
N TYR F 729 -63.19 50.48 -56.85
CA TYR F 729 -64.54 50.88 -57.22
C TYR F 729 -64.83 50.64 -58.69
N ALA F 730 -63.79 50.50 -59.51
CA ALA F 730 -64.02 50.18 -60.91
C ALA F 730 -64.60 48.79 -61.09
N ASP F 731 -64.40 47.89 -60.14
CA ASP F 731 -64.86 46.51 -60.24
C ASP F 731 -65.95 46.21 -59.22
N THR F 732 -66.71 47.21 -58.81
CA THR F 732 -67.73 47.02 -57.81
C THR F 732 -68.90 46.22 -58.37
N GLU F 733 -69.67 45.59 -57.46
CA GLU F 733 -70.84 44.85 -57.87
C GLU F 733 -72.05 45.09 -56.97
N VAL F 734 -72.15 46.26 -56.35
CA VAL F 734 -73.22 46.49 -55.39
C VAL F 734 -74.58 46.49 -56.08
N PHE F 735 -74.64 47.01 -57.30
CA PHE F 735 -75.92 47.16 -57.97
C PHE F 735 -76.56 45.81 -58.28
N SER F 736 -75.78 44.88 -58.82
CA SER F 736 -76.30 43.55 -59.07
C SER F 736 -76.73 42.88 -57.78
N ASN F 737 -76.00 43.14 -56.69
CA ASN F 737 -76.40 42.62 -55.40
C ASN F 737 -77.76 43.18 -54.98
N LEU F 738 -77.98 44.46 -55.22
CA LEU F 738 -79.27 45.06 -54.90
C LEU F 738 -80.39 44.39 -55.67
N GLN F 739 -80.18 44.17 -56.97
CA GLN F 739 -81.21 43.52 -57.77
C GLN F 739 -81.48 42.11 -57.26
N ARG F 740 -80.43 41.36 -56.93
CA ARG F 740 -80.60 40.02 -56.41
C ARG F 740 -81.36 40.03 -55.10
N ASP F 741 -81.08 41.01 -54.24
CA ASP F 741 -81.78 41.11 -52.98
C ASP F 741 -83.27 41.37 -53.19
N MET F 742 -83.60 42.23 -54.15
CA MET F 742 -85.01 42.46 -54.46
C MET F 742 -85.67 41.17 -54.91
N ILE F 743 -84.99 40.41 -55.76
CA ILE F 743 -85.54 39.13 -56.21
C ILE F 743 -85.77 38.19 -55.03
N THR F 744 -84.82 38.13 -54.11
CA THR F 744 -84.94 37.24 -52.97
C THR F 744 -86.14 37.62 -52.11
N CYS F 745 -86.30 38.92 -51.85
CA CYS F 745 -87.40 39.36 -51.00
C CYS F 745 -88.74 39.13 -51.68
N GLU F 746 -88.76 39.14 -53.01
CA GLU F 746 -89.96 38.71 -53.74
C GLU F 746 -90.23 37.22 -53.52
N ALA F 747 -89.18 36.41 -53.68
CA ALA F 747 -89.35 34.96 -53.65
C ALA F 747 -89.85 34.48 -52.31
N VAL F 748 -89.37 35.09 -51.23
CA VAL F 748 -89.78 34.63 -49.90
C VAL F 748 -91.30 34.78 -49.73
N GLN F 749 -91.84 35.94 -50.10
CA GLN F 749 -93.27 36.15 -49.99
C GLN F 749 -94.03 35.21 -50.90
N THR F 750 -93.53 34.99 -52.12
CA THR F 750 -94.24 34.05 -52.99
C THR F 750 -94.31 32.67 -52.36
N LEU F 751 -93.19 32.21 -51.78
CA LEU F 751 -93.19 30.90 -51.16
C LEU F 751 -94.20 30.83 -50.03
N VAL F 752 -94.19 31.81 -49.13
CA VAL F 752 -95.11 31.72 -48.00
C VAL F 752 -96.55 31.78 -48.48
N THR F 753 -96.85 32.65 -49.43
CA THR F 753 -98.22 32.79 -49.89
C THR F 753 -98.74 31.50 -50.51
N LEU F 754 -97.95 30.87 -51.38
CA LEU F 754 -98.41 29.62 -51.96
C LEU F 754 -98.47 28.49 -50.95
N VAL F 755 -97.43 28.35 -50.12
CA VAL F 755 -97.40 27.20 -49.22
C VAL F 755 -98.50 27.29 -48.18
N ALA F 756 -98.96 28.50 -47.86
CA ALA F 756 -100.04 28.62 -46.89
C ALA F 756 -101.36 28.06 -47.42
N GLN F 757 -101.46 27.83 -48.72
CA GLN F 757 -102.73 27.43 -49.31
C GLN F 757 -102.91 25.94 -49.44
N ILE F 758 -101.96 25.13 -48.96
CA ILE F 758 -102.08 23.68 -49.03
C ILE F 758 -101.87 23.01 -47.69
N SER F 759 -101.72 23.77 -46.61
CA SER F 759 -101.53 23.21 -45.28
C SER F 759 -102.20 24.12 -44.27
N GLU F 760 -102.07 23.78 -42.99
CA GLU F 760 -102.61 24.62 -41.93
C GLU F 760 -101.53 25.60 -41.49
N THR F 761 -101.71 26.86 -41.85
CA THR F 761 -100.87 27.94 -41.36
C THR F 761 -101.76 29.10 -40.96
N GLN F 762 -101.44 29.72 -39.83
CA GLN F 762 -102.21 30.85 -39.35
C GLN F 762 -101.91 32.14 -40.09
N TYR F 763 -101.19 32.04 -41.20
CA TYR F 763 -100.90 33.22 -42.01
C TYR F 763 -102.20 33.78 -42.56
N PRO F 764 -102.51 35.05 -42.32
CA PRO F 764 -103.77 35.59 -42.82
C PRO F 764 -103.72 35.76 -44.33
N VAL F 765 -104.37 34.85 -45.04
CA VAL F 765 -104.40 34.88 -46.49
C VAL F 765 -105.78 34.40 -46.94
N ASP F 766 -106.30 35.05 -47.97
CA ASP F 766 -107.58 34.68 -48.56
C ASP F 766 -107.38 33.57 -49.58
N ARG F 767 -108.05 32.44 -49.37
CA ARG F 767 -107.90 31.26 -50.20
C ARG F 767 -108.86 31.35 -51.39
N TYR F 768 -108.38 30.92 -52.56
CA TYR F 768 -109.18 30.94 -53.77
C TYR F 768 -109.41 29.58 -54.39
N LEU F 769 -108.62 28.57 -54.03
CA LEU F 769 -108.69 27.28 -54.68
C LEU F 769 -109.18 26.20 -53.72
N ASP F 770 -110.02 26.57 -52.76
CA ASP F 770 -110.48 25.59 -51.78
C ASP F 770 -111.32 24.49 -52.40
N TRP F 771 -111.99 24.77 -53.51
CA TRP F 771 -112.81 23.74 -54.14
C TRP F 771 -111.98 22.70 -54.88
N ILE F 772 -110.70 22.94 -55.08
CA ILE F 772 -109.80 21.95 -55.66
C ILE F 772 -109.41 20.97 -54.56
N PRO F 773 -109.67 19.68 -54.73
CA PRO F 773 -109.32 18.72 -53.67
C PRO F 773 -107.82 18.64 -53.47
N SER F 774 -107.42 18.42 -52.21
CA SER F 774 -106.01 18.24 -51.86
C SER F 774 -105.95 17.67 -50.47
N LEU F 775 -104.77 17.17 -50.11
CA LEU F 775 -104.59 16.61 -48.78
C LEU F 775 -104.12 17.72 -47.85
N ARG F 776 -103.72 17.33 -46.65
CA ARG F 776 -103.20 18.25 -45.64
C ARG F 776 -101.70 18.03 -45.55
N ALA F 777 -100.94 18.92 -46.18
CA ALA F 777 -99.52 18.69 -46.37
C ALA F 777 -98.78 18.60 -45.04
N SER F 778 -97.84 17.67 -44.97
CA SER F 778 -96.92 17.58 -43.85
C SER F 778 -95.67 18.38 -44.18
N ALA F 779 -94.63 18.23 -43.37
CA ALA F 779 -93.40 18.98 -43.62
C ALA F 779 -92.74 18.52 -44.92
N ALA F 780 -92.71 17.21 -45.17
CA ALA F 780 -91.99 16.70 -46.33
C ALA F 780 -92.68 17.09 -47.64
N THR F 781 -94.00 16.96 -47.69
CA THR F 781 -94.72 17.31 -48.91
C THR F 781 -94.56 18.79 -49.23
N ALA F 782 -94.74 19.64 -48.23
CA ALA F 782 -94.51 21.06 -48.44
C ALA F 782 -93.07 21.34 -48.81
N ALA F 783 -92.13 20.56 -48.30
CA ALA F 783 -90.73 20.75 -48.67
C ALA F 783 -90.52 20.50 -50.15
N THR F 784 -91.09 19.41 -50.66
CA THR F 784 -90.95 19.13 -52.09
C THR F 784 -91.64 20.20 -52.93
N PHE F 785 -92.81 20.66 -52.48
CA PHE F 785 -93.50 21.72 -53.20
C PHE F 785 -92.65 22.99 -53.25
N ALA F 786 -92.03 23.33 -52.12
CA ALA F 786 -91.16 24.50 -52.09
C ALA F 786 -89.94 24.30 -52.97
N GLU F 787 -89.42 23.08 -53.05
CA GLU F 787 -88.34 22.80 -53.99
C GLU F 787 -88.75 23.12 -55.41
N TRP F 788 -89.94 22.67 -55.81
CA TRP F 788 -90.39 22.96 -57.16
C TRP F 788 -90.55 24.45 -57.39
N VAL F 789 -91.11 25.16 -56.41
CA VAL F 789 -91.26 26.61 -56.55
C VAL F 789 -89.91 27.28 -56.69
N ASN F 790 -88.94 26.88 -55.87
CA ASN F 790 -87.62 27.49 -55.91
C ASN F 790 -86.95 27.25 -57.25
N THR F 791 -87.02 26.03 -57.77
CA THR F 791 -86.42 25.75 -59.06
C THR F 791 -87.09 26.57 -60.15
N SER F 792 -88.42 26.69 -60.11
CA SER F 792 -89.11 27.49 -61.11
C SER F 792 -88.64 28.93 -61.07
N MET F 793 -88.53 29.49 -59.87
CA MET F 793 -88.09 30.88 -59.77
C MET F 793 -86.66 31.06 -60.25
N LYS F 794 -85.77 30.13 -59.91
CA LYS F 794 -84.38 30.26 -60.34
C LYS F 794 -84.27 30.17 -61.86
N THR F 795 -84.98 29.23 -62.48
CA THR F 795 -84.91 29.12 -63.93
C THR F 795 -85.54 30.33 -64.60
N ALA F 796 -86.61 30.86 -64.03
CA ALA F 796 -87.32 31.96 -64.68
C ALA F 796 -86.43 33.19 -64.81
N PHE F 797 -85.68 33.51 -63.77
CA PHE F 797 -84.85 34.70 -63.76
C PHE F 797 -83.39 34.41 -64.08
N ASP F 798 -83.08 33.18 -64.51
CA ASP F 798 -81.74 32.78 -64.90
C ASP F 798 -80.76 32.96 -63.73
N LEU F 799 -81.03 32.20 -62.67
CA LEU F 799 -80.18 32.16 -61.49
C LEU F 799 -79.52 30.81 -61.39
N SER F 800 -78.27 30.80 -60.90
CA SER F 800 -77.55 29.56 -60.71
C SER F 800 -77.04 29.37 -59.29
N ASP F 801 -76.89 30.44 -58.51
CA ASP F 801 -76.42 30.33 -57.14
C ASP F 801 -77.59 29.96 -56.23
N MET F 802 -77.36 30.06 -54.92
CA MET F 802 -78.39 29.73 -53.96
C MET F 802 -79.54 30.74 -54.00
N LEU F 803 -80.72 30.26 -53.68
CA LEU F 803 -81.90 31.10 -53.50
C LEU F 803 -82.95 30.27 -52.77
N LEU F 804 -83.39 30.73 -51.60
CA LEU F 804 -84.39 30.05 -50.79
C LEU F 804 -83.94 28.69 -50.31
N GLU F 805 -82.69 28.31 -50.58
CA GLU F 805 -82.22 26.98 -50.20
C GLU F 805 -82.27 26.75 -48.69
N PRO F 806 -81.73 27.61 -47.83
CA PRO F 806 -81.77 27.32 -46.39
C PRO F 806 -83.17 27.24 -45.83
N LEU F 807 -84.16 27.85 -46.49
CA LEU F 807 -85.53 27.76 -46.01
C LEU F 807 -86.11 26.36 -46.17
N LEU F 808 -85.45 25.49 -46.93
CA LEU F 808 -85.95 24.14 -47.17
C LEU F 808 -85.31 23.12 -46.25
N SER F 809 -84.82 23.56 -45.09
CA SER F 809 -84.11 22.69 -44.17
C SER F 809 -85.00 22.21 -43.02
N GLY F 810 -86.27 21.97 -43.30
CA GLY F 810 -87.14 21.45 -42.27
C GLY F 810 -88.30 22.37 -41.97
N ASP F 811 -89.52 21.84 -42.07
CA ASP F 811 -90.76 22.56 -41.80
C ASP F 811 -90.79 23.83 -42.65
N PRO F 812 -90.90 23.70 -43.97
CA PRO F 812 -90.87 24.90 -44.81
C PRO F 812 -92.06 25.83 -44.60
N ARG F 813 -93.17 25.31 -44.12
CA ARG F 813 -94.32 26.18 -43.87
C ARG F 813 -93.99 27.17 -42.77
N MET F 814 -94.25 28.45 -43.04
CA MET F 814 -93.83 29.51 -42.14
C MET F 814 -94.69 30.73 -42.40
N THR F 815 -94.46 31.78 -41.62
CA THR F 815 -95.18 33.03 -41.78
C THR F 815 -94.27 34.21 -42.11
N GLN F 816 -93.19 34.39 -41.38
CA GLN F 816 -92.28 35.49 -41.67
C GLN F 816 -90.96 35.24 -40.96
N LEU F 817 -89.91 35.90 -41.46
CA LEU F 817 -88.58 35.75 -40.90
C LEU F 817 -88.34 36.77 -39.80
N ALA F 818 -87.45 36.41 -38.88
CA ALA F 818 -87.05 37.30 -37.79
C ALA F 818 -85.77 36.76 -37.18
N ILE F 819 -84.90 37.66 -36.76
CA ILE F 819 -83.61 37.30 -36.19
C ILE F 819 -83.42 38.06 -34.89
N GLN F 820 -82.93 37.37 -33.87
CA GLN F 820 -82.81 37.98 -32.54
C GLN F 820 -81.58 37.43 -31.85
N TYR F 821 -81.16 38.14 -30.80
CA TYR F 821 -80.02 37.73 -30.00
C TYR F 821 -80.32 38.00 -28.53
N GLN F 822 -79.59 37.30 -27.66
CA GLN F 822 -79.91 37.26 -26.24
C GLN F 822 -78.73 37.75 -25.41
N GLN F 823 -79.01 38.62 -24.45
CA GLN F 823 -78.00 39.07 -23.50
C GLN F 823 -77.81 38.03 -22.40
N TYR F 824 -76.75 38.22 -21.61
CA TYR F 824 -76.51 37.30 -20.50
C TYR F 824 -77.60 37.40 -19.45
N ASN F 825 -78.05 38.62 -19.16
CA ASN F 825 -79.05 38.82 -18.12
C ASN F 825 -80.46 38.44 -18.57
N GLY F 826 -80.59 37.74 -19.69
CA GLY F 826 -81.88 37.26 -20.15
C GLY F 826 -82.61 38.18 -21.10
N ARG F 827 -82.21 39.43 -21.20
CA ARG F 827 -82.86 40.35 -22.12
C ARG F 827 -82.56 39.96 -23.55
N THR F 828 -83.56 40.12 -24.42
CA THR F 828 -83.43 39.76 -25.82
C THR F 828 -83.83 40.94 -26.69
N PHE F 829 -83.36 40.91 -27.94
CA PHE F 829 -83.65 41.95 -28.93
C PHE F 829 -84.15 41.28 -30.19
N ASN F 830 -85.43 41.44 -30.49
CA ASN F 830 -86.02 40.83 -31.67
C ASN F 830 -86.22 41.83 -32.81
N ILE F 831 -85.68 41.49 -33.98
CA ILE F 831 -85.80 42.35 -35.15
C ILE F 831 -86.68 41.71 -36.21
N ILE F 832 -87.83 42.33 -36.49
CA ILE F 832 -88.75 41.80 -37.48
C ILE F 832 -88.83 42.80 -38.62
N PRO F 833 -88.18 42.50 -39.75
CA PRO F 833 -88.22 43.44 -40.88
C PRO F 833 -89.63 43.64 -41.39
N GLU F 834 -89.92 44.88 -41.79
CA GLU F 834 -91.25 45.26 -42.27
C GLU F 834 -91.36 44.86 -43.73
N MET F 835 -92.03 43.76 -44.01
CA MET F 835 -92.13 43.28 -45.37
C MET F 835 -93.01 44.20 -46.20
N PRO F 836 -92.50 44.77 -47.29
CA PRO F 836 -93.36 45.53 -48.19
C PRO F 836 -94.20 44.61 -49.05
N GLY F 837 -94.91 45.16 -50.02
CA GLY F 837 -95.73 44.33 -50.89
C GLY F 837 -94.89 43.39 -51.74
N SER F 838 -95.54 42.42 -52.37
CA SER F 838 -94.87 41.47 -53.25
C SER F 838 -95.64 41.38 -54.55
N VAL F 839 -95.06 41.89 -55.64
CA VAL F 839 -95.81 41.99 -56.89
C VAL F 839 -96.16 40.62 -57.44
N ILE F 840 -95.24 39.66 -57.33
CA ILE F 840 -95.48 38.36 -57.93
C ILE F 840 -96.59 37.62 -57.19
N ALA F 841 -96.56 37.66 -55.86
CA ALA F 841 -97.62 36.99 -55.10
C ALA F 841 -98.97 37.63 -55.38
N ASP F 842 -99.00 38.96 -55.47
CA ASP F 842 -100.26 39.64 -55.78
C ASP F 842 -100.76 39.23 -57.16
N CYS F 843 -99.85 39.15 -58.13
CA CYS F 843 -100.26 38.73 -59.47
C CYS F 843 -100.80 37.31 -59.47
N VAL F 844 -100.17 36.43 -58.70
CA VAL F 844 -100.65 35.04 -58.62
C VAL F 844 -102.04 35.00 -58.01
N GLN F 845 -102.26 35.76 -56.93
CA GLN F 845 -103.59 35.79 -56.33
C GLN F 845 -104.61 36.37 -57.29
N LEU F 846 -104.21 37.37 -58.08
CA LEU F 846 -105.10 37.89 -59.12
C LEU F 846 -105.46 36.80 -60.11
N THR F 847 -104.47 36.05 -60.56
CA THR F 847 -104.71 34.96 -61.50
C THR F 847 -105.64 33.91 -60.92
N ALA F 848 -105.58 33.70 -59.61
CA ALA F 848 -106.46 32.72 -58.99
C ALA F 848 -107.93 33.14 -59.12
N GLU F 849 -108.22 34.43 -58.96
CA GLU F 849 -109.55 34.93 -59.30
C GLU F 849 -110.00 34.46 -60.68
N VAL F 850 -109.20 34.75 -61.70
CA VAL F 850 -109.61 34.45 -63.06
C VAL F 850 -109.80 32.96 -63.23
N PHE F 851 -108.88 32.18 -62.67
CA PHE F 851 -109.02 30.73 -62.74
C PHE F 851 -110.31 30.27 -62.08
N ASN F 852 -110.75 30.98 -61.04
CA ASN F 852 -112.00 30.61 -60.39
C ASN F 852 -113.21 30.76 -61.29
N HIS F 853 -113.08 31.48 -62.39
CA HIS F 853 -114.17 31.60 -63.36
C HIS F 853 -113.83 31.05 -64.73
N GLU F 854 -112.55 30.79 -65.01
CA GLU F 854 -112.12 30.38 -66.34
C GLU F 854 -111.50 28.99 -66.33
N TYR F 855 -111.90 28.16 -65.37
CA TYR F 855 -111.26 26.86 -65.20
C TYR F 855 -111.42 25.98 -66.43
N ASN F 856 -112.49 26.16 -67.20
CA ASN F 856 -112.69 25.33 -68.37
C ASN F 856 -111.57 25.53 -69.38
N LEU F 857 -111.11 26.77 -69.54
CA LEU F 857 -110.05 27.05 -70.49
C LEU F 857 -108.74 26.38 -70.11
N PHE F 858 -108.56 26.04 -68.84
CA PHE F 858 -107.36 25.35 -68.40
C PHE F 858 -107.52 23.84 -68.40
N GLY F 859 -108.64 23.33 -68.90
CA GLY F 859 -108.87 21.91 -68.94
C GLY F 859 -109.47 21.30 -67.70
N ILE F 860 -109.80 22.12 -66.70
CA ILE F 860 -110.42 21.64 -65.47
C ILE F 860 -111.92 21.84 -65.57
N ALA F 861 -112.68 20.81 -65.19
CA ALA F 861 -114.12 20.91 -65.08
C ALA F 861 -114.51 20.89 -63.61
N ARG F 862 -115.43 21.77 -63.25
CA ARG F 862 -115.86 21.91 -61.86
C ARG F 862 -117.12 21.12 -61.61
N GLY F 863 -117.25 20.61 -60.39
CA GLY F 863 -118.45 19.92 -59.98
C GLY F 863 -118.28 18.43 -59.86
N ASP F 864 -119.32 17.67 -60.21
CA ASP F 864 -119.32 16.23 -60.08
C ASP F 864 -119.78 15.61 -61.39
N ILE F 865 -119.81 14.28 -61.42
CA ILE F 865 -120.27 13.55 -62.60
C ILE F 865 -121.27 12.49 -62.15
N ILE F 866 -122.11 12.09 -63.10
CA ILE F 866 -123.14 11.09 -62.86
C ILE F 866 -122.92 9.96 -63.85
N ILE F 867 -122.80 8.75 -63.34
CA ILE F 867 -122.58 7.58 -64.17
C ILE F 867 -123.89 6.80 -64.24
N GLY F 868 -124.42 6.65 -65.44
CA GLY F 868 -125.67 5.94 -65.61
C GLY F 868 -126.09 5.89 -67.06
N ARG F 869 -126.67 4.77 -67.47
CA ARG F 869 -127.05 4.60 -68.86
C ARG F 869 -128.11 5.61 -69.25
N VAL F 870 -127.91 6.23 -70.41
CA VAL F 870 -128.92 7.10 -71.00
C VAL F 870 -128.87 6.95 -72.50
N GLN F 871 -129.95 6.46 -73.09
CA GLN F 871 -130.02 6.16 -74.51
C GLN F 871 -131.16 6.97 -75.12
N SER F 872 -130.82 7.84 -76.06
CA SER F 872 -131.80 8.69 -76.72
C SER F 872 -131.17 9.26 -77.98
N THR F 873 -131.97 10.03 -78.71
CA THR F 873 -131.51 10.66 -79.94
C THR F 873 -131.37 12.17 -79.82
N HIS F 874 -131.72 12.75 -78.68
CA HIS F 874 -131.57 14.18 -78.50
C HIS F 874 -130.10 14.57 -78.51
N LEU F 875 -129.83 15.80 -78.93
CA LEU F 875 -128.48 16.23 -79.26
C LEU F 875 -127.87 17.20 -78.24
N TRP F 876 -128.37 17.20 -77.01
CA TRP F 876 -127.77 18.08 -76.02
C TRP F 876 -126.36 17.62 -75.67
N SER F 877 -125.52 18.56 -75.33
CA SER F 877 -124.15 18.20 -74.99
C SER F 877 -124.07 17.60 -73.59
N PRO F 878 -123.19 16.63 -73.38
CA PRO F 878 -123.05 16.05 -72.03
C PRO F 878 -122.52 17.03 -71.02
N LEU F 879 -121.90 18.12 -71.45
CA LEU F 879 -121.37 19.11 -70.53
C LEU F 879 -122.37 20.22 -70.21
N ALA F 880 -123.53 20.20 -70.83
CA ALA F 880 -124.64 21.09 -70.48
C ALA F 880 -125.91 20.27 -70.42
N PRO F 881 -126.01 19.36 -69.46
CA PRO F 881 -127.10 18.39 -69.45
C PRO F 881 -128.41 19.05 -69.06
N PRO F 882 -129.55 18.47 -69.47
CA PRO F 882 -130.82 18.99 -69.02
C PRO F 882 -130.99 18.76 -67.53
N PRO F 883 -131.74 19.63 -66.84
CA PRO F 883 -131.87 19.50 -65.39
C PRO F 883 -132.50 18.19 -64.94
N ASP F 884 -133.40 17.64 -65.75
CA ASP F 884 -134.16 16.46 -65.35
C ASP F 884 -133.35 15.17 -65.38
N LEU F 885 -132.03 15.25 -65.54
CA LEU F 885 -131.18 14.07 -65.52
C LEU F 885 -130.21 14.05 -64.36
N VAL F 886 -130.19 15.08 -63.52
CA VAL F 886 -129.24 15.16 -62.43
C VAL F 886 -129.99 15.14 -61.11
N PHE F 887 -129.32 14.61 -60.09
CA PHE F 887 -129.84 14.64 -58.74
C PHE F 887 -128.72 15.07 -57.80
N ASP F 888 -129.11 15.58 -56.64
CA ASP F 888 -128.15 16.09 -55.68
C ASP F 888 -128.40 15.43 -54.33
N ARG F 889 -127.62 15.86 -53.34
CA ARG F 889 -127.75 15.29 -52.00
C ARG F 889 -129.14 15.52 -51.43
N ASP F 890 -129.72 16.68 -51.68
CA ASP F 890 -131.05 17.00 -51.16
C ASP F 890 -132.15 16.72 -52.18
N THR F 891 -132.22 15.47 -52.62
CA THR F 891 -133.23 15.05 -53.58
C THR F 891 -133.96 13.83 -53.02
N PRO F 892 -135.27 13.75 -53.15
CA PRO F 892 -136.01 12.61 -52.60
C PRO F 892 -135.55 11.29 -53.18
N GLY F 893 -135.47 10.29 -52.31
CA GLY F 893 -135.15 8.94 -52.73
C GLY F 893 -133.69 8.65 -52.96
N VAL F 894 -132.81 9.57 -52.64
CA VAL F 894 -131.39 9.40 -52.89
C VAL F 894 -130.74 8.75 -51.67
N HIS F 895 -129.80 7.84 -51.94
CA HIS F 895 -129.04 7.17 -50.89
C HIS F 895 -127.62 7.70 -50.89
N ILE F 896 -127.13 8.07 -49.72
CA ILE F 896 -125.79 8.62 -49.56
C ILE F 896 -124.91 7.57 -48.89
N PHE F 897 -123.62 7.61 -49.20
CA PHE F 897 -122.71 6.60 -48.69
C PHE F 897 -121.46 7.26 -48.12
N GLY F 898 -120.97 6.68 -47.03
CA GLY F 898 -119.75 7.14 -46.40
C GLY F 898 -118.67 6.10 -46.51
N ARG F 899 -117.63 6.21 -45.69
CA ARG F 899 -116.51 5.27 -45.82
C ARG F 899 -116.94 3.84 -45.54
N ASP F 900 -117.85 3.65 -44.59
CA ASP F 900 -118.35 2.32 -44.24
C ASP F 900 -119.39 1.93 -45.29
N CYS F 901 -119.00 1.03 -46.21
CA CYS F 901 -119.85 0.68 -47.35
C CYS F 901 -119.82 -0.82 -47.57
N ARG F 902 -120.04 -1.59 -46.52
CA ARG F 902 -119.95 -3.04 -46.62
C ARG F 902 -121.03 -3.58 -47.55
N ILE F 903 -120.70 -4.64 -48.27
CA ILE F 903 -121.58 -5.24 -49.27
C ILE F 903 -121.85 -6.69 -48.90
N SER F 904 -123.12 -7.06 -48.91
CA SER F 904 -123.55 -8.42 -48.56
C SER F 904 -124.13 -9.12 -49.77
N PHE F 905 -123.57 -10.29 -50.09
CA PHE F 905 -124.13 -11.11 -51.16
C PHE F 905 -125.48 -11.66 -50.76
N GLY F 906 -126.42 -11.66 -51.70
CA GLY F 906 -127.71 -12.25 -51.49
C GLY F 906 -127.74 -13.66 -52.05
N MET F 907 -128.18 -14.61 -51.21
CA MET F 907 -128.19 -16.02 -51.58
C MET F 907 -129.61 -16.50 -51.75
N ASN F 908 -129.78 -17.56 -52.54
CA ASN F 908 -131.09 -18.14 -52.85
C ASN F 908 -131.97 -17.14 -53.61
N GLY F 909 -131.37 -16.45 -54.57
CA GLY F 909 -132.10 -15.57 -55.44
C GLY F 909 -132.32 -14.17 -54.92
N ALA F 910 -132.03 -13.92 -53.65
CA ALA F 910 -132.17 -12.57 -53.12
C ALA F 910 -131.12 -11.65 -53.72
N ALA F 911 -131.52 -10.42 -53.98
CA ALA F 911 -130.58 -9.45 -54.52
C ALA F 911 -129.52 -9.11 -53.47
N PRO F 912 -128.31 -8.79 -53.90
CA PRO F 912 -127.30 -8.31 -52.95
C PRO F 912 -127.66 -6.93 -52.44
N MET F 913 -127.09 -6.58 -51.28
CA MET F 913 -127.34 -5.29 -50.67
C MET F 913 -126.04 -4.63 -50.24
N ILE F 914 -126.06 -3.31 -50.21
CA ILE F 914 -124.96 -2.50 -49.73
C ILE F 914 -125.47 -1.64 -48.59
N ARG F 915 -124.58 -1.23 -47.70
CA ARG F 915 -124.96 -0.52 -46.48
C ARG F 915 -125.05 0.97 -46.76
N ASP F 916 -126.21 1.54 -46.43
CA ASP F 916 -126.44 2.97 -46.59
C ASP F 916 -125.60 3.76 -45.58
N GLU F 917 -125.75 5.08 -45.63
CA GLU F 917 -125.10 5.93 -44.63
C GLU F 917 -125.72 5.76 -43.25
N THR F 918 -127.04 5.66 -43.19
CA THR F 918 -127.73 5.60 -41.91
C THR F 918 -127.82 4.18 -41.36
N GLY F 919 -127.14 3.24 -42.01
CA GLY F 919 -127.14 1.86 -41.57
C GLY F 919 -128.31 1.07 -42.13
N LEU F 920 -128.50 1.15 -43.44
CA LEU F 920 -129.58 0.44 -44.10
C LEU F 920 -129.09 -0.28 -45.34
N MET F 921 -129.47 -1.54 -45.51
CA MET F 921 -129.05 -2.32 -46.65
C MET F 921 -130.03 -2.07 -47.80
N VAL F 922 -129.49 -1.74 -48.96
CA VAL F 922 -130.32 -1.37 -50.10
C VAL F 922 -129.91 -2.18 -51.32
N PRO F 923 -130.81 -2.45 -52.26
CA PRO F 923 -130.45 -3.22 -53.45
C PRO F 923 -129.70 -2.35 -54.45
N PHE F 924 -129.13 -3.02 -55.46
CA PHE F 924 -128.27 -2.36 -56.43
C PHE F 924 -129.12 -1.71 -57.53
N GLU F 925 -129.79 -0.63 -57.15
CA GLU F 925 -130.53 0.17 -58.12
C GLU F 925 -130.89 1.50 -57.48
N GLY F 926 -131.29 2.44 -58.32
CA GLY F 926 -131.70 3.75 -57.84
C GLY F 926 -130.66 4.82 -58.08
N ASN F 927 -130.61 5.82 -57.20
CA ASN F 927 -129.66 6.92 -57.31
C ASN F 927 -128.80 6.94 -56.06
N TRP F 928 -127.50 6.95 -56.24
CA TRP F 928 -126.55 6.91 -55.14
C TRP F 928 -125.65 8.13 -55.18
N ILE F 929 -124.94 8.35 -54.07
CA ILE F 929 -124.01 9.47 -53.95
C ILE F 929 -122.68 8.89 -53.47
N PHE F 930 -121.72 8.78 -54.38
CA PHE F 930 -120.44 8.19 -54.04
C PHE F 930 -119.27 9.18 -54.08
N PRO F 931 -118.50 9.23 -53.00
CA PRO F 931 -117.31 10.09 -52.92
C PRO F 931 -116.21 9.49 -53.78
N LEU F 932 -115.29 10.30 -54.28
CA LEU F 932 -114.21 9.81 -55.12
C LEU F 932 -113.31 8.83 -54.38
N ALA F 933 -113.02 9.13 -53.13
CA ALA F 933 -112.16 8.29 -52.31
C ALA F 933 -112.72 6.86 -52.18
N LEU F 934 -114.03 6.77 -52.02
CA LEU F 934 -114.70 5.47 -51.88
C LEU F 934 -114.32 4.50 -52.99
N TRP F 935 -114.66 4.87 -54.22
CA TRP F 935 -114.37 4.07 -55.36
C TRP F 935 -112.90 3.79 -55.43
N GLN F 936 -112.09 4.72 -54.96
CA GLN F 936 -110.65 4.54 -55.02
C GLN F 936 -110.20 3.38 -54.13
N MET F 937 -110.77 3.25 -52.94
CA MET F 937 -110.31 2.23 -52.01
C MET F 937 -110.69 0.83 -52.43
N ASN F 938 -111.76 0.67 -53.23
CA ASN F 938 -112.27 -0.64 -53.57
C ASN F 938 -112.51 -0.75 -55.06
N THR F 939 -111.54 -0.31 -55.86
CA THR F 939 -111.74 -0.25 -57.29
C THR F 939 -112.00 -1.64 -57.88
N ARG F 940 -111.23 -2.65 -57.47
CA ARG F 940 -111.44 -3.98 -58.03
C ARG F 940 -112.77 -4.56 -57.59
N TYR F 941 -113.07 -4.47 -56.30
CA TYR F 941 -114.30 -5.06 -55.78
C TYR F 941 -115.54 -4.38 -56.36
N PHE F 942 -115.59 -3.06 -56.28
CA PHE F 942 -116.74 -2.33 -56.82
C PHE F 942 -116.86 -2.55 -58.31
N ASN F 943 -115.73 -2.52 -59.02
CA ASN F 943 -115.72 -2.72 -60.45
C ASN F 943 -116.20 -4.11 -60.83
N GLN F 944 -115.96 -5.10 -59.97
CA GLN F 944 -116.49 -6.43 -60.22
C GLN F 944 -117.98 -6.51 -59.94
N GLN F 945 -118.44 -5.84 -58.88
CA GLN F 945 -119.82 -6.01 -58.46
C GLN F 945 -120.78 -5.18 -59.30
N PHE F 946 -120.62 -3.86 -59.29
CA PHE F 946 -121.66 -2.99 -59.84
C PHE F 946 -121.70 -2.95 -61.35
N ASP F 947 -120.62 -3.38 -62.01
CA ASP F 947 -120.44 -3.05 -63.42
C ASP F 947 -121.62 -3.47 -64.29
N ALA F 948 -122.11 -4.68 -64.10
CA ALA F 948 -123.26 -5.14 -64.88
C ALA F 948 -124.49 -4.29 -64.62
N TRP F 949 -124.70 -3.91 -63.35
CA TRP F 949 -125.87 -3.12 -63.02
C TRP F 949 -125.82 -1.75 -63.67
N ILE F 950 -124.65 -1.12 -63.70
CA ILE F 950 -124.55 0.12 -64.48
C ILE F 950 -124.81 -0.15 -65.95
N LYS F 951 -124.20 -1.20 -66.50
CA LYS F 951 -124.26 -1.40 -67.95
C LYS F 951 -125.68 -1.62 -68.43
N THR F 952 -126.45 -2.47 -67.73
CA THR F 952 -127.78 -2.81 -68.19
C THR F 952 -128.88 -2.60 -67.17
N GLY F 953 -128.59 -2.56 -65.88
CA GLY F 953 -129.61 -2.44 -64.86
C GLY F 953 -130.18 -1.05 -64.78
N GLU F 954 -130.56 -0.65 -63.56
CA GLU F 954 -131.14 0.65 -63.31
C GLU F 954 -130.40 1.37 -62.19
N LEU F 955 -129.08 1.35 -62.25
CA LEU F 955 -128.23 1.92 -61.21
C LEU F 955 -127.54 3.16 -61.76
N ARG F 956 -127.58 4.24 -61.00
CA ARG F 956 -126.90 5.48 -61.36
C ARG F 956 -126.18 6.03 -60.14
N ILE F 957 -124.93 6.44 -60.33
CA ILE F 957 -124.10 6.93 -59.24
C ILE F 957 -123.63 8.33 -59.59
N ARG F 958 -123.74 9.24 -58.64
CA ARG F 958 -123.12 10.56 -58.75
C ARG F 958 -121.85 10.54 -57.90
N ILE F 959 -120.71 10.72 -58.55
CA ILE F 959 -119.43 10.69 -57.87
C ILE F 959 -118.99 12.11 -57.56
N GLU F 960 -118.69 12.37 -56.29
CA GLU F 960 -118.26 13.70 -55.88
C GLU F 960 -116.76 13.85 -56.10
N MET F 961 -116.38 14.82 -56.94
CA MET F 961 -114.98 15.01 -57.28
C MET F 961 -114.56 16.45 -57.07
N GLY F 962 -115.49 17.39 -57.17
CA GLY F 962 -115.15 18.78 -57.08
C GLY F 962 -114.58 19.33 -58.36
N ALA F 963 -113.38 18.87 -58.71
CA ALA F 963 -112.74 19.28 -59.96
C ALA F 963 -112.02 18.08 -60.56
N TYR F 964 -111.92 18.06 -61.87
CA TYR F 964 -111.32 16.93 -62.56
C TYR F 964 -110.93 17.29 -63.99
N PRO F 965 -109.85 16.73 -64.52
CA PRO F 965 -109.56 16.92 -65.94
C PRO F 965 -110.53 16.14 -66.79
N TYR F 966 -110.74 16.63 -68.01
CA TYR F 966 -111.67 15.99 -68.92
C TYR F 966 -111.08 15.91 -70.31
N MET F 967 -111.54 14.93 -71.07
CA MET F 967 -111.08 14.70 -72.43
C MET F 967 -112.27 14.36 -73.30
N LEU F 968 -112.39 15.04 -74.43
CA LEU F 968 -113.58 14.96 -75.27
C LEU F 968 -113.43 13.91 -76.35
N HIS F 969 -114.56 13.51 -76.93
CA HIS F 969 -114.59 12.54 -78.02
C HIS F 969 -115.78 12.89 -78.91
N TYR F 970 -115.53 13.65 -79.97
CA TYR F 970 -116.60 14.02 -80.88
C TYR F 970 -117.01 12.83 -81.72
N TYR F 971 -118.26 12.84 -82.18
CA TYR F 971 -118.78 11.75 -82.98
C TYR F 971 -119.86 12.26 -83.92
N ASP F 972 -120.09 11.50 -84.98
CA ASP F 972 -121.13 11.84 -85.94
C ASP F 972 -122.47 11.40 -85.39
N PRO F 973 -123.41 12.32 -85.17
CA PRO F 973 -124.72 11.92 -84.65
C PRO F 973 -125.51 11.04 -85.60
N ARG F 974 -125.18 11.05 -86.90
CA ARG F 974 -125.91 10.23 -87.85
C ARG F 974 -125.63 8.75 -87.70
N GLN F 975 -124.62 8.36 -86.92
CA GLN F 975 -124.23 6.97 -86.77
C GLN F 975 -124.58 6.49 -85.37
N TYR F 976 -124.87 5.20 -85.26
CA TYR F 976 -125.03 4.59 -83.95
C TYR F 976 -123.75 4.76 -83.14
N ALA F 977 -123.91 5.09 -81.87
CA ALA F 977 -122.75 5.34 -81.02
C ALA F 977 -123.03 4.82 -79.62
N ASN F 978 -122.05 4.16 -79.03
CA ASN F 978 -122.17 3.57 -77.71
C ASN F 978 -120.88 3.84 -76.94
N ALA F 979 -120.98 4.62 -75.88
CA ALA F 979 -119.82 5.06 -75.12
C ALA F 979 -119.42 4.09 -74.03
N TRP F 980 -119.94 2.87 -74.04
CA TRP F 980 -119.70 1.97 -72.92
C TRP F 980 -118.23 1.62 -72.79
N ASN F 981 -117.52 1.46 -73.90
CA ASN F 981 -116.12 1.05 -73.83
C ASN F 981 -115.28 2.10 -73.11
N LEU F 982 -115.49 3.37 -73.43
CA LEU F 982 -114.69 4.44 -72.83
C LEU F 982 -114.90 4.49 -71.32
N THR F 983 -116.16 4.48 -70.90
CA THR F 983 -116.44 4.55 -69.47
C THR F 983 -115.96 3.31 -68.75
N SER F 984 -116.10 2.15 -69.39
CA SER F 984 -115.61 0.91 -68.77
C SER F 984 -114.11 0.97 -68.56
N ALA F 985 -113.38 1.43 -69.57
CA ALA F 985 -111.93 1.58 -69.40
C ALA F 985 -111.61 2.57 -68.29
N TRP F 986 -112.31 3.70 -68.27
CA TRP F 986 -112.03 4.69 -67.25
C TRP F 986 -112.26 4.14 -65.85
N LEU F 987 -113.37 3.44 -65.65
CA LEU F 987 -113.61 2.82 -64.36
C LEU F 987 -112.57 1.77 -64.05
N GLU F 988 -112.06 1.08 -65.06
CA GLU F 988 -111.03 0.08 -64.83
C GLU F 988 -109.74 0.72 -64.32
N GLU F 989 -109.38 1.88 -64.86
CA GLU F 989 -108.08 2.46 -64.55
C GLU F 989 -108.07 3.29 -63.27
N ILE F 990 -109.19 3.40 -62.56
CA ILE F 990 -109.17 4.13 -61.30
C ILE F 990 -108.31 3.37 -60.29
N THR F 991 -107.40 4.10 -59.64
CA THR F 991 -106.38 3.51 -58.81
C THR F 991 -106.33 4.25 -57.48
N PRO F 992 -106.02 3.56 -56.38
CA PRO F 992 -105.90 4.25 -55.10
C PRO F 992 -104.96 5.44 -55.11
N THR F 993 -104.11 5.55 -56.12
CA THR F 993 -103.19 6.68 -56.23
C THR F 993 -103.35 7.49 -57.50
N SER F 994 -104.22 7.09 -58.42
CA SER F 994 -104.31 7.74 -59.71
C SER F 994 -105.75 7.77 -60.21
N ILE F 995 -106.02 8.67 -61.14
CA ILE F 995 -107.30 8.73 -61.81
C ILE F 995 -107.12 9.31 -63.21
N PRO F 996 -107.53 8.62 -64.25
CA PRO F 996 -107.39 9.14 -65.61
C PRO F 996 -108.46 10.18 -65.90
N SER F 997 -108.16 11.02 -66.89
CA SER F 997 -109.08 12.09 -67.27
C SER F 997 -110.41 11.49 -67.74
N VAL F 998 -111.50 12.11 -67.31
CA VAL F 998 -112.82 11.56 -67.60
C VAL F 998 -113.13 11.74 -69.09
N PRO F 999 -113.67 10.74 -69.75
CA PRO F 999 -114.02 10.89 -71.16
C PRO F 999 -115.45 11.33 -71.39
N PHE F 1000 -115.66 12.28 -72.29
CA PHE F 1000 -116.99 12.75 -72.65
C PHE F 1000 -117.21 12.52 -74.13
N MET F 1001 -118.42 12.12 -74.50
CA MET F 1001 -118.78 11.87 -75.88
C MET F 1001 -119.79 12.91 -76.33
N VAL F 1002 -119.33 13.89 -77.11
CA VAL F 1002 -120.12 15.06 -77.48
C VAL F 1002 -120.48 14.95 -78.94
N PRO F 1003 -121.71 15.29 -79.34
CA PRO F 1003 -122.06 15.23 -80.76
C PRO F 1003 -121.50 16.42 -81.53
N ILE F 1004 -121.39 16.25 -82.84
CA ILE F 1004 -120.86 17.30 -83.69
C ILE F 1004 -122.00 18.17 -84.21
N SER F 1005 -121.83 19.48 -84.09
CA SER F 1005 -122.84 20.41 -84.58
C SER F 1005 -122.90 20.35 -86.11
N SER F 1006 -124.07 20.65 -86.65
CA SER F 1006 -124.29 20.63 -88.08
C SER F 1006 -125.09 21.85 -88.51
N ASP F 1007 -124.71 22.41 -89.66
CA ASP F 1007 -125.37 23.59 -90.19
C ASP F 1007 -126.51 23.26 -91.15
N HIS F 1008 -126.76 21.99 -91.42
CA HIS F 1008 -127.84 21.58 -92.27
C HIS F 1008 -128.56 20.41 -91.63
N ASP F 1009 -129.86 20.30 -91.91
CA ASP F 1009 -130.67 19.27 -91.28
C ASP F 1009 -130.13 17.88 -91.59
N ILE F 1010 -130.14 17.03 -90.57
CA ILE F 1010 -129.57 15.69 -90.66
C ILE F 1010 -130.53 14.69 -90.05
N SER F 1011 -130.31 13.42 -90.37
CA SER F 1011 -131.04 12.35 -89.72
C SER F 1011 -130.50 12.14 -88.30
N SER F 1012 -131.22 11.34 -87.53
CA SER F 1012 -130.88 11.08 -86.14
C SER F 1012 -130.70 9.59 -85.91
N ALA F 1013 -129.67 9.24 -85.14
CA ALA F 1013 -129.37 7.86 -84.84
C ALA F 1013 -129.23 7.72 -83.33
N PRO F 1014 -129.61 6.56 -82.78
CA PRO F 1014 -129.55 6.38 -81.33
C PRO F 1014 -128.12 6.48 -80.82
N ALA F 1015 -127.98 7.04 -79.62
CA ALA F 1015 -126.69 7.18 -78.97
C ALA F 1015 -126.84 6.80 -77.51
N VAL F 1016 -125.79 6.24 -76.94
CA VAL F 1016 -125.80 5.74 -75.57
C VAL F 1016 -124.63 6.38 -74.82
N GLN F 1017 -124.93 7.30 -73.92
CA GLN F 1017 -123.92 7.85 -73.03
C GLN F 1017 -123.95 7.13 -71.69
N TYR F 1018 -122.89 7.35 -70.92
CA TYR F 1018 -122.86 6.90 -69.54
C TYR F 1018 -122.32 7.93 -68.57
N ILE F 1019 -121.67 9.00 -69.02
CA ILE F 1019 -121.09 10.01 -68.15
C ILE F 1019 -121.60 11.37 -68.57
N ILE F 1020 -122.16 12.12 -67.63
CA ILE F 1020 -122.58 13.49 -67.87
C ILE F 1020 -122.10 14.36 -66.71
N SER F 1021 -121.89 15.64 -67.00
CA SER F 1021 -121.51 16.58 -65.97
C SER F 1021 -122.70 16.96 -65.12
N THR F 1022 -122.44 17.59 -63.98
CA THR F 1022 -123.49 18.05 -63.08
C THR F 1022 -123.72 19.54 -63.15
N GLU F 1023 -122.97 20.27 -63.96
CA GLU F 1023 -123.19 21.70 -64.13
C GLU F 1023 -122.50 22.14 -65.41
N TYR F 1024 -122.83 23.36 -65.86
CA TYR F 1024 -122.33 23.86 -67.12
C TYR F 1024 -120.81 23.89 -67.14
N ASN F 1025 -120.22 23.43 -68.25
CA ASN F 1025 -118.78 23.36 -68.35
C ASN F 1025 -118.25 23.72 -69.73
N ASP F 1026 -118.97 24.54 -70.50
CA ASP F 1026 -118.56 24.89 -71.86
C ASP F 1026 -118.06 26.32 -71.97
N ARG F 1027 -117.35 26.81 -70.96
CA ARG F 1027 -116.77 28.14 -71.09
C ARG F 1027 -115.70 28.18 -72.19
N SER F 1028 -115.10 27.05 -72.51
CA SER F 1028 -114.03 27.02 -73.51
C SER F 1028 -114.56 26.98 -74.94
N LEU F 1029 -115.83 26.64 -75.13
CA LEU F 1029 -116.39 26.61 -76.48
C LEU F 1029 -116.45 28.02 -77.05
N PHE F 1030 -115.97 28.18 -78.28
CA PHE F 1030 -115.91 29.50 -78.89
C PHE F 1030 -117.02 29.74 -79.90
N CYS F 1031 -117.14 28.87 -80.91
CA CYS F 1031 -118.19 29.03 -81.90
C CYS F 1031 -118.39 27.71 -82.61
N THR F 1032 -119.59 27.53 -83.15
CA THR F 1032 -119.93 26.34 -83.92
C THR F 1032 -120.44 26.75 -85.29
N ASN F 1033 -119.94 26.07 -86.32
CA ASN F 1033 -120.25 26.38 -87.70
C ASN F 1033 -119.97 27.85 -87.99
N SER F 1034 -118.76 28.29 -87.67
CA SER F 1034 -118.41 29.70 -87.74
C SER F 1034 -118.63 30.28 -89.12
N SER F 1035 -118.55 29.46 -90.16
CA SER F 1035 -118.75 29.92 -91.52
C SER F 1035 -120.19 29.78 -91.99
N SER F 1036 -121.03 29.26 -91.20
CA SER F 1036 -122.37 29.03 -91.70
C SER F 1036 -123.31 30.17 -91.29
N PRO F 1037 -124.40 30.36 -92.03
CA PRO F 1037 -125.38 31.36 -91.59
C PRO F 1037 -125.97 31.05 -90.22
N GLN F 1038 -126.19 29.77 -89.90
CA GLN F 1038 -126.74 29.40 -88.61
C GLN F 1038 -126.58 27.91 -88.41
N THR F 1039 -126.74 27.48 -87.16
CA THR F 1039 -126.64 26.08 -86.80
C THR F 1039 -128.04 25.47 -86.72
N ILE F 1040 -128.23 24.34 -87.39
CA ILE F 1040 -129.54 23.71 -87.45
C ILE F 1040 -129.72 22.70 -86.33
N ALA F 1041 -128.75 21.82 -86.14
CA ALA F 1041 -128.86 20.76 -85.14
C ALA F 1041 -127.58 20.68 -84.33
N GLY F 1042 -127.70 20.15 -83.12
CA GLY F 1042 -126.58 20.04 -82.23
C GLY F 1042 -126.40 21.28 -81.38
N PRO F 1043 -125.37 21.29 -80.53
CA PRO F 1043 -125.11 22.47 -79.71
C PRO F 1043 -124.86 23.70 -80.57
N ASP F 1044 -125.43 24.82 -80.17
CA ASP F 1044 -125.27 26.08 -80.87
C ASP F 1044 -124.54 27.05 -79.96
N LYS F 1045 -123.59 27.78 -80.53
CA LYS F 1045 -122.84 28.78 -79.78
C LYS F 1045 -122.34 29.83 -80.74
N HIS F 1046 -122.76 31.07 -80.53
CA HIS F 1046 -122.26 32.20 -81.31
C HIS F 1046 -120.99 32.73 -80.67
N ILE F 1047 -120.39 33.72 -81.33
CA ILE F 1047 -119.13 34.26 -80.82
C ILE F 1047 -119.39 34.97 -79.50
N PRO F 1048 -118.55 34.79 -78.48
CA PRO F 1048 -118.84 35.38 -77.17
C PRO F 1048 -118.64 36.88 -77.15
N VAL F 1049 -119.70 37.60 -77.53
CA VAL F 1049 -119.64 39.04 -77.72
C VAL F 1049 -119.06 39.76 -76.51
N GLU F 1050 -119.39 39.27 -75.31
CA GLU F 1050 -118.94 39.95 -74.09
C GLU F 1050 -117.42 39.98 -73.99
N ARG F 1051 -116.73 39.08 -74.67
CA ARG F 1051 -115.27 39.11 -74.64
C ARG F 1051 -114.73 40.31 -75.40
N TYR F 1052 -115.39 40.70 -76.49
CA TYR F 1052 -114.99 41.87 -77.26
C TYR F 1052 -115.83 43.07 -76.87
N ASN F 1053 -115.71 43.44 -75.60
CA ASN F 1053 -116.55 44.50 -75.05
C ASN F 1053 -116.26 45.83 -75.72
N ILE F 1054 -115.00 46.24 -75.75
CA ILE F 1054 -114.65 47.55 -76.28
C ILE F 1054 -114.94 47.68 -77.76
N LEU F 1055 -115.18 46.58 -78.45
CA LEU F 1055 -115.53 46.61 -79.86
C LEU F 1055 -117.02 46.54 -80.10
N THR F 1056 -117.76 45.83 -79.24
CA THR F 1056 -119.17 45.62 -79.48
C THR F 1056 -120.07 46.52 -78.66
N ASN F 1057 -119.59 47.04 -77.53
CA ASN F 1057 -120.40 47.93 -76.71
C ASN F 1057 -119.95 49.35 -76.93
N PRO F 1058 -120.72 50.17 -77.64
CA PRO F 1058 -120.26 51.52 -77.98
C PRO F 1058 -120.06 52.42 -76.78
N ASP F 1059 -120.65 52.11 -75.63
CA ASP F 1059 -120.57 52.98 -74.48
C ASP F 1059 -119.36 52.70 -73.60
N ALA F 1060 -118.62 51.64 -73.88
CA ALA F 1060 -117.51 51.28 -73.01
C ALA F 1060 -116.34 52.24 -73.22
N PRO F 1061 -115.76 52.78 -72.16
CA PRO F 1061 -114.53 53.53 -72.32
C PRO F 1061 -113.43 52.63 -72.82
N PRO F 1062 -112.45 53.19 -73.54
CA PRO F 1062 -111.46 52.33 -74.21
C PRO F 1062 -110.67 51.43 -73.27
N THR F 1063 -110.48 51.83 -72.02
CA THR F 1063 -109.62 51.09 -71.10
C THR F 1063 -110.41 50.34 -70.02
N GLN F 1064 -111.56 49.79 -70.37
CA GLN F 1064 -112.41 49.11 -69.40
C GLN F 1064 -112.23 47.60 -69.49
N ILE F 1065 -112.18 46.95 -68.33
CA ILE F 1065 -112.00 45.51 -68.24
C ILE F 1065 -113.05 44.94 -67.30
N GLN F 1066 -113.31 43.63 -67.46
CA GLN F 1066 -114.30 42.94 -66.64
C GLN F 1066 -113.67 41.88 -65.76
N LEU F 1067 -112.46 42.13 -65.29
CA LEU F 1067 -111.82 41.16 -64.41
C LEU F 1067 -112.58 41.09 -63.10
N PRO F 1068 -112.60 39.91 -62.45
CA PRO F 1068 -112.02 38.68 -62.92
C PRO F 1068 -113.03 37.67 -63.44
N GLU F 1069 -114.18 38.14 -63.91
CA GLU F 1069 -115.22 37.25 -64.38
C GLU F 1069 -115.11 36.92 -65.86
N VAL F 1070 -114.70 37.87 -66.69
CA VAL F 1070 -114.62 37.67 -68.13
C VAL F 1070 -113.29 38.20 -68.62
N VAL F 1071 -112.60 37.42 -69.45
CA VAL F 1071 -111.33 37.82 -70.03
C VAL F 1071 -111.59 38.35 -71.42
N ASP F 1072 -111.13 39.58 -71.69
CA ASP F 1072 -111.29 40.19 -72.99
C ASP F 1072 -110.23 39.67 -73.94
N LEU F 1073 -110.63 39.45 -75.19
CA LEU F 1073 -109.71 39.02 -76.23
C LEU F 1073 -109.26 40.17 -77.13
N TYR F 1074 -109.60 41.41 -76.78
CA TYR F 1074 -109.25 42.56 -77.61
C TYR F 1074 -109.32 43.80 -76.73
N ASN F 1075 -108.21 44.51 -76.61
CA ASN F 1075 -108.14 45.66 -75.72
C ASN F 1075 -106.90 46.48 -76.07
N VAL F 1076 -106.59 47.47 -75.23
CA VAL F 1076 -105.56 48.45 -75.51
C VAL F 1076 -104.28 48.05 -74.80
N VAL F 1077 -103.17 48.10 -75.51
CA VAL F 1077 -101.85 47.81 -74.93
C VAL F 1077 -100.95 49.01 -75.16
N THR F 1078 -99.95 49.14 -74.30
CA THR F 1078 -98.97 50.21 -74.38
C THR F 1078 -97.60 49.61 -74.63
N ARG F 1079 -96.87 50.14 -75.60
CA ARG F 1079 -95.57 49.62 -75.99
C ARG F 1079 -94.52 50.70 -75.83
N TYR F 1080 -93.45 50.37 -75.14
CA TYR F 1080 -92.40 51.31 -74.78
C TYR F 1080 -91.13 51.03 -75.58
N ALA F 1081 -90.15 51.91 -75.40
CA ALA F 1081 -88.82 51.73 -75.97
C ALA F 1081 -87.85 52.46 -75.04
N TYR F 1082 -87.21 51.72 -74.17
CA TYR F 1082 -86.40 52.29 -73.11
C TYR F 1082 -84.92 52.23 -73.47
N GLU F 1083 -84.10 52.71 -72.55
CA GLU F 1083 -82.65 52.65 -72.69
C GLU F 1083 -82.04 52.24 -71.37
N THR F 1084 -81.01 51.41 -71.42
CA THR F 1084 -80.33 50.90 -70.24
C THR F 1084 -78.84 51.17 -70.36
N PRO F 1085 -78.43 52.43 -70.23
CA PRO F 1085 -77.01 52.74 -70.38
C PRO F 1085 -76.21 52.13 -69.25
N PRO F 1086 -74.96 51.78 -69.49
CA PRO F 1086 -74.10 51.28 -68.41
C PRO F 1086 -73.77 52.39 -67.44
N ILE F 1087 -73.45 51.99 -66.21
CA ILE F 1087 -73.08 52.95 -65.19
C ILE F 1087 -71.73 53.56 -65.54
N THR F 1088 -71.72 54.87 -65.74
CA THR F 1088 -70.53 55.60 -66.14
C THR F 1088 -70.11 56.53 -65.01
N ALA F 1089 -68.79 56.67 -64.83
CA ALA F 1089 -68.28 57.50 -63.74
C ALA F 1089 -66.91 58.02 -64.10
N VAL F 1090 -66.57 59.18 -63.57
CA VAL F 1090 -65.26 59.79 -63.71
C VAL F 1090 -64.73 60.06 -62.31
N VAL F 1091 -63.62 59.44 -61.96
CA VAL F 1091 -63.05 59.58 -60.63
C VAL F 1091 -62.04 60.71 -60.64
N MET F 1092 -62.23 61.67 -59.73
CA MET F 1092 -61.37 62.82 -59.63
C MET F 1092 -60.62 62.78 -58.31
N GLY F 1093 -59.33 63.08 -58.37
CA GLY F 1093 -58.53 63.10 -57.16
C GLY F 1093 -58.81 64.31 -56.29
N VAL F 1094 -58.41 64.21 -55.04
CA VAL F 1094 -58.60 65.27 -54.05
C VAL F 1094 -57.24 65.84 -53.72
N PRO F 1095 -57.02 67.15 -53.92
CA PRO F 1095 -55.73 67.80 -53.69
C PRO F 1095 -55.34 67.82 -52.21
N LEU G 14 3.14 -36.06 14.41
CA LEU G 14 3.50 -36.93 13.30
C LEU G 14 2.74 -38.25 13.37
N ASP G 15 2.99 -39.02 14.43
CA ASP G 15 2.25 -40.26 14.64
C ASP G 15 0.79 -40.00 14.94
N LEU G 16 0.48 -38.92 15.65
CA LEU G 16 -0.91 -38.51 15.80
C LEU G 16 -1.48 -38.13 14.44
N ASP G 17 -2.67 -38.63 14.14
CA ASP G 17 -3.23 -38.56 12.78
C ASP G 17 -2.25 -39.19 11.78
N ALA G 18 -2.10 -40.51 11.95
CA ALA G 18 -0.91 -41.25 11.53
C ALA G 18 -0.23 -40.72 10.27
N HIS G 19 -0.98 -40.55 9.20
CA HIS G 19 -0.34 -40.12 7.95
C HIS G 19 -1.13 -39.00 7.28
N VAL G 20 -2.28 -38.65 7.84
CA VAL G 20 -3.12 -37.60 7.30
C VAL G 20 -2.70 -36.29 7.97
N ALA G 21 -1.53 -36.31 8.61
CA ALA G 21 -1.08 -35.23 9.49
C ALA G 21 -1.31 -33.84 8.90
N SER G 22 -0.61 -33.51 7.82
CA SER G 22 -0.88 -32.30 7.04
C SER G 22 -0.90 -31.06 7.93
N HIS G 23 0.28 -30.71 8.44
CA HIS G 23 0.47 -29.82 9.59
C HIS G 23 -0.59 -28.71 9.72
N GLY G 24 -0.89 -28.04 8.62
CA GLY G 24 -1.91 -27.00 8.64
C GLY G 24 -3.28 -27.50 9.05
N LEU G 25 -3.88 -26.87 10.05
CA LEU G 25 -5.19 -27.32 10.54
C LEU G 25 -6.31 -26.79 9.66
N HIS G 26 -6.45 -25.46 9.59
CA HIS G 26 -7.45 -24.82 8.75
C HIS G 26 -6.85 -24.43 7.41
N GLY G 27 -7.73 -24.14 6.45
CA GLY G 27 -7.30 -23.83 5.10
C GLY G 27 -6.99 -25.04 4.25
N ASN G 28 -7.14 -26.25 4.80
CA ASN G 28 -6.86 -27.47 4.06
C ASN G 28 -8.03 -27.91 3.19
N MET G 29 -9.15 -27.21 3.23
CA MET G 29 -10.31 -27.60 2.45
C MET G 29 -10.09 -27.29 0.97
N THR G 30 -10.83 -28.01 0.13
CA THR G 30 -10.75 -27.86 -1.32
C THR G 30 -12.14 -27.53 -1.87
N LEU G 31 -12.31 -27.64 -3.18
CA LEU G 31 -13.52 -27.19 -3.85
C LEU G 31 -14.38 -28.33 -4.38
N THR G 32 -13.92 -29.57 -4.28
CA THR G 32 -14.24 -30.60 -5.27
C THR G 32 -15.70 -30.71 -5.71
N SER G 33 -16.57 -31.23 -4.85
CA SER G 33 -17.94 -31.47 -5.31
C SER G 33 -19.00 -30.86 -4.41
N SER G 34 -18.95 -31.24 -3.13
CA SER G 34 -20.09 -31.00 -2.25
C SER G 34 -20.20 -29.54 -1.85
N ASP G 35 -19.08 -28.81 -1.84
CA ASP G 35 -19.15 -27.41 -1.46
C ASP G 35 -20.00 -26.62 -2.43
N ILE G 36 -19.85 -26.89 -3.73
CA ILE G 36 -20.67 -26.21 -4.73
C ILE G 36 -22.14 -26.47 -4.46
N GLN G 37 -22.50 -27.74 -4.26
CA GLN G 37 -23.90 -28.09 -4.07
C GLN G 37 -24.46 -27.46 -2.80
N ARG G 38 -23.67 -27.48 -1.73
CA ARG G 38 -24.11 -26.87 -0.48
C ARG G 38 -24.34 -25.37 -0.66
N HIS G 39 -23.44 -24.71 -1.38
CA HIS G 39 -23.64 -23.29 -1.65
C HIS G 39 -24.92 -23.06 -2.45
N ILE G 40 -25.19 -23.91 -3.44
CA ILE G 40 -26.44 -23.78 -4.19
C ILE G 40 -27.63 -23.92 -3.28
N THR G 41 -27.62 -24.93 -2.42
CA THR G 41 -28.77 -25.16 -1.55
C THR G 41 -29.03 -23.98 -0.63
N GLU G 42 -27.98 -23.46 0.01
CA GLU G 42 -28.19 -22.34 0.92
C GLU G 42 -28.60 -21.09 0.15
N PHE G 43 -28.05 -20.89 -1.05
CA PHE G 43 -28.43 -19.73 -1.86
C PHE G 43 -29.91 -19.80 -2.24
N ILE G 44 -30.38 -20.96 -2.67
CA ILE G 44 -31.78 -21.09 -3.08
C ILE G 44 -32.68 -20.94 -1.88
N SER G 45 -32.27 -21.47 -0.72
CA SER G 45 -33.08 -21.27 0.48
C SER G 45 -33.18 -19.79 0.82
N SER G 46 -32.05 -19.08 0.77
CA SER G 46 -32.08 -17.65 1.06
C SER G 46 -32.98 -16.91 0.10
N TRP G 47 -32.95 -17.28 -1.18
CA TRP G 47 -33.84 -16.63 -2.13
C TRP G 47 -35.30 -16.93 -1.81
N GLN G 48 -35.62 -18.18 -1.48
CA GLN G 48 -37.01 -18.57 -1.25
C GLN G 48 -37.56 -18.04 0.06
N ASN G 49 -36.71 -17.65 1.01
CA ASN G 49 -37.20 -17.24 2.32
C ASN G 49 -37.22 -15.72 2.50
N HIS G 50 -37.58 -14.96 1.46
CA HIS G 50 -37.93 -13.58 1.78
C HIS G 50 -39.23 -13.24 1.07
N PRO G 51 -40.04 -12.31 1.61
CA PRO G 51 -41.47 -12.30 1.31
C PRO G 51 -41.84 -12.24 -0.16
N ILE G 52 -41.08 -11.50 -0.98
CA ILE G 52 -41.49 -11.28 -2.37
C ILE G 52 -41.39 -12.55 -3.21
N VAL G 53 -40.48 -13.46 -2.87
CA VAL G 53 -40.42 -14.75 -3.56
C VAL G 53 -41.62 -15.62 -3.19
N GLN G 54 -42.31 -15.31 -2.10
CA GLN G 54 -43.64 -15.83 -1.85
C GLN G 54 -44.62 -15.06 -2.73
N VAL G 55 -45.88 -14.98 -2.32
CA VAL G 55 -47.06 -14.94 -3.18
C VAL G 55 -46.88 -14.19 -4.49
N SER G 56 -46.10 -13.13 -4.50
CA SER G 56 -45.91 -12.35 -5.72
C SER G 56 -45.50 -13.23 -6.90
N ALA G 57 -46.38 -13.35 -7.90
CA ALA G 57 -46.13 -14.19 -9.06
C ALA G 57 -46.96 -13.67 -10.23
N ASP G 58 -46.58 -14.09 -11.44
CA ASP G 58 -47.24 -13.57 -12.64
C ASP G 58 -48.58 -14.23 -12.92
N VAL G 59 -48.70 -15.52 -12.70
CA VAL G 59 -49.92 -16.24 -13.03
C VAL G 59 -51.04 -15.77 -12.11
N GLU G 60 -52.12 -15.29 -12.72
CA GLU G 60 -53.24 -14.72 -11.98
C GLU G 60 -54.49 -15.57 -12.18
N ASN G 61 -55.21 -15.79 -11.09
CA ASN G 61 -56.42 -16.61 -11.13
C ASN G 61 -57.60 -15.76 -11.60
N LYS G 62 -58.80 -16.31 -11.47
CA LYS G 62 -59.99 -15.60 -11.92
C LYS G 62 -60.37 -14.50 -10.96
N LYS G 63 -60.22 -14.73 -9.65
CA LYS G 63 -60.70 -13.78 -8.67
C LYS G 63 -59.92 -12.46 -8.74
N THR G 64 -58.59 -12.55 -8.80
CA THR G 64 -57.81 -11.34 -8.92
C THR G 64 -58.07 -10.64 -10.25
N ALA G 65 -58.32 -11.39 -11.31
CA ALA G 65 -58.69 -10.78 -12.58
C ALA G 65 -59.98 -10.00 -12.44
N GLN G 66 -60.96 -10.56 -11.73
CA GLN G 66 -62.23 -9.86 -11.55
C GLN G 66 -62.04 -8.60 -10.73
N LEU G 67 -61.20 -8.66 -9.71
CA LEU G 67 -60.90 -7.46 -8.94
C LEU G 67 -60.26 -6.39 -9.81
N LEU G 68 -59.32 -6.79 -10.66
CA LEU G 68 -58.64 -5.82 -11.51
C LEU G 68 -59.47 -5.45 -12.73
N HIS G 69 -60.18 -6.42 -13.31
CA HIS G 69 -60.94 -6.18 -14.53
C HIS G 69 -62.23 -6.98 -14.46
N ALA G 70 -63.34 -6.30 -14.24
CA ALA G 70 -64.65 -6.92 -14.22
C ALA G 70 -65.35 -6.62 -15.53
N ASP G 71 -66.09 -7.61 -16.04
CA ASP G 71 -66.84 -7.41 -17.27
C ASP G 71 -67.89 -6.34 -17.10
N THR G 72 -68.06 -5.53 -18.13
CA THR G 72 -69.03 -4.44 -18.08
C THR G 72 -70.32 -4.88 -18.74
N PRO G 73 -71.44 -4.93 -18.02
CA PRO G 73 -72.70 -5.31 -18.65
C PRO G 73 -73.12 -4.28 -19.68
N ARG G 74 -73.80 -4.76 -20.71
CA ARG G 74 -74.22 -3.90 -21.81
C ARG G 74 -75.68 -3.53 -21.57
N LEU G 75 -75.90 -2.31 -21.08
CA LEU G 75 -77.23 -1.91 -20.69
C LEU G 75 -78.04 -1.39 -21.87
N VAL G 76 -77.54 -0.36 -22.54
CA VAL G 76 -78.31 0.34 -23.56
C VAL G 76 -78.33 -0.48 -24.83
N THR G 77 -79.51 -1.00 -25.19
CA THR G 77 -79.71 -1.68 -26.45
C THR G 77 -80.99 -1.15 -27.08
N TRP G 78 -80.98 -1.06 -28.41
CA TRP G 78 -82.08 -0.45 -29.14
C TRP G 78 -82.81 -1.49 -29.97
N ASP G 79 -84.12 -1.29 -30.10
CA ASP G 79 -84.96 -2.11 -30.96
C ASP G 79 -85.72 -1.21 -31.91
N ALA G 80 -85.73 -1.58 -33.19
CA ALA G 80 -86.40 -0.80 -34.21
C ALA G 80 -87.64 -1.49 -34.76
N GLY G 81 -87.96 -2.69 -34.28
CA GLY G 81 -89.11 -3.43 -34.76
C GLY G 81 -90.38 -3.05 -34.04
N LEU G 82 -91.25 -4.04 -33.87
CA LEU G 82 -92.50 -3.85 -33.14
C LEU G 82 -92.37 -4.37 -31.72
N CYS G 83 -92.81 -3.56 -30.76
CA CYS G 83 -92.75 -3.94 -29.35
C CYS G 83 -93.91 -4.88 -29.05
N THR G 84 -93.74 -6.14 -29.43
CA THR G 84 -94.78 -7.13 -29.20
C THR G 84 -94.14 -8.49 -28.94
N SER G 85 -94.93 -9.37 -28.34
CA SER G 85 -94.46 -10.72 -28.07
C SER G 85 -95.52 -11.77 -28.34
N PHE G 86 -96.66 -11.40 -28.90
CA PHE G 86 -97.73 -12.33 -29.21
C PHE G 86 -98.05 -12.24 -30.69
N LYS G 87 -98.26 -13.40 -31.32
CA LYS G 87 -98.59 -13.46 -32.73
C LYS G 87 -99.83 -14.32 -32.91
N ILE G 88 -100.55 -14.06 -33.99
CA ILE G 88 -101.75 -14.81 -34.33
C ILE G 88 -101.42 -15.74 -35.48
N VAL G 89 -101.59 -17.03 -35.26
CA VAL G 89 -101.21 -18.01 -36.27
C VAL G 89 -102.46 -18.69 -36.82
N PRO G 90 -102.51 -18.98 -38.11
CA PRO G 90 -103.58 -19.84 -38.63
C PRO G 90 -103.41 -21.25 -38.09
N ILE G 91 -104.53 -21.92 -37.90
CA ILE G 91 -104.55 -23.31 -37.46
C ILE G 91 -105.16 -24.21 -38.52
N VAL G 92 -106.29 -23.80 -39.09
CA VAL G 92 -106.95 -24.55 -40.15
C VAL G 92 -107.21 -23.61 -41.31
N PRO G 93 -106.76 -23.95 -42.51
CA PRO G 93 -107.01 -23.07 -43.66
C PRO G 93 -108.49 -22.88 -43.92
N ALA G 94 -108.85 -21.68 -44.37
CA ALA G 94 -110.25 -21.34 -44.57
C ALA G 94 -110.86 -22.17 -45.68
N GLN G 95 -112.16 -22.42 -45.56
CA GLN G 95 -112.89 -23.25 -46.52
C GLN G 95 -113.22 -22.38 -47.73
N VAL G 96 -112.25 -22.28 -48.63
CA VAL G 96 -112.38 -21.51 -49.86
C VAL G 96 -111.61 -22.23 -50.97
N PRO G 97 -112.20 -22.44 -52.14
CA PRO G 97 -113.58 -22.09 -52.50
C PRO G 97 -114.58 -23.10 -51.97
N GLN G 98 -115.86 -22.72 -51.92
CA GLN G 98 -116.90 -23.59 -51.40
C GLN G 98 -118.07 -23.60 -52.36
N ASP G 99 -119.01 -24.50 -52.09
CA ASP G 99 -120.16 -24.67 -52.98
C ASP G 99 -121.26 -23.65 -52.74
N VAL G 100 -121.18 -22.87 -51.66
CA VAL G 100 -122.24 -21.94 -51.28
C VAL G 100 -121.92 -20.53 -51.74
N LEU G 101 -120.83 -19.95 -51.26
CA LEU G 101 -120.44 -18.61 -51.64
C LEU G 101 -119.49 -18.66 -52.82
N ALA G 102 -119.77 -17.87 -53.84
CA ALA G 102 -118.87 -17.77 -54.97
C ALA G 102 -117.54 -17.21 -54.53
N TYR G 103 -116.47 -17.68 -55.18
CA TYR G 103 -115.13 -17.25 -54.80
C TYR G 103 -114.93 -15.75 -54.97
N THR G 104 -115.76 -15.09 -55.77
CA THR G 104 -115.61 -13.65 -55.97
C THR G 104 -115.96 -12.84 -54.74
N PHE G 105 -116.64 -13.44 -53.76
CA PHE G 105 -116.99 -12.69 -52.56
C PHE G 105 -115.78 -12.45 -51.67
N PHE G 106 -114.96 -13.48 -51.48
CA PHE G 106 -113.91 -13.41 -50.46
C PHE G 106 -112.83 -12.42 -50.85
N THR G 107 -112.29 -11.75 -49.83
CA THR G 107 -111.25 -10.76 -50.07
C THR G 107 -109.97 -11.40 -50.58
N SER G 108 -109.66 -12.61 -50.13
CA SER G 108 -108.42 -13.27 -50.55
C SER G 108 -108.37 -13.49 -52.04
N SER G 109 -109.53 -13.61 -52.70
CA SER G 109 -109.54 -13.78 -54.15
C SER G 109 -108.97 -12.58 -54.89
N TYR G 110 -108.83 -11.44 -54.22
CA TYR G 110 -108.27 -10.24 -54.84
C TYR G 110 -106.87 -9.95 -54.35
N ALA G 111 -106.25 -10.89 -53.63
CA ALA G 111 -104.87 -10.74 -53.16
C ALA G 111 -104.71 -9.49 -52.29
N ILE G 112 -105.64 -9.27 -51.39
CA ILE G 112 -105.62 -8.11 -50.52
C ILE G 112 -105.01 -8.49 -49.18
N GLN G 113 -104.01 -7.74 -48.75
CA GLN G 113 -103.38 -8.00 -47.47
C GLN G 113 -104.38 -7.78 -46.34
N SER G 114 -104.28 -8.62 -45.31
CA SER G 114 -105.16 -8.54 -44.18
C SER G 114 -104.38 -8.46 -42.88
N PRO G 115 -104.85 -7.67 -41.91
CA PRO G 115 -104.14 -7.58 -40.63
C PRO G 115 -104.15 -8.88 -39.85
N PHE G 116 -105.10 -9.77 -40.13
CA PHE G 116 -105.25 -11.02 -39.39
C PHE G 116 -105.28 -12.18 -40.36
N PRO G 117 -104.86 -13.36 -39.93
CA PRO G 117 -104.93 -14.53 -40.81
C PRO G 117 -106.35 -14.82 -41.23
N GLU G 118 -106.52 -15.17 -42.49
CA GLU G 118 -107.81 -15.58 -43.02
C GLU G 118 -107.85 -17.10 -42.97
N ALA G 119 -108.42 -17.64 -41.91
CA ALA G 119 -108.39 -19.08 -41.68
C ALA G 119 -109.64 -19.48 -40.92
N ALA G 120 -109.94 -20.78 -40.99
CA ALA G 120 -111.08 -21.29 -40.24
C ALA G 120 -110.89 -21.12 -38.74
N VAL G 121 -109.69 -21.38 -38.25
CA VAL G 121 -109.38 -21.26 -36.83
C VAL G 121 -108.04 -20.57 -36.68
N SER G 122 -107.97 -19.57 -35.80
CA SER G 122 -106.72 -18.90 -35.50
C SER G 122 -106.58 -18.73 -34.00
N ARG G 123 -105.35 -18.79 -33.52
CA ARG G 123 -105.08 -18.72 -32.08
C ARG G 123 -103.92 -17.78 -31.83
N ILE G 124 -103.65 -17.54 -30.56
CA ILE G 124 -102.61 -16.63 -30.12
C ILE G 124 -101.49 -17.43 -29.49
N VAL G 125 -100.25 -17.18 -29.91
CA VAL G 125 -99.08 -17.89 -29.43
C VAL G 125 -98.04 -16.87 -29.02
N VAL G 126 -97.33 -17.16 -27.94
CA VAL G 126 -96.29 -16.27 -27.45
C VAL G 126 -95.00 -16.54 -28.20
N HIS G 127 -94.34 -15.49 -28.65
CA HIS G 127 -93.09 -15.60 -29.41
C HIS G 127 -92.33 -14.30 -29.18
N THR G 128 -91.41 -14.30 -28.21
CA THR G 128 -90.74 -13.07 -27.84
C THR G 128 -89.92 -12.53 -29.01
N ARG G 129 -90.06 -11.24 -29.26
CA ARG G 129 -89.29 -10.56 -30.31
C ARG G 129 -89.50 -11.21 -31.67
N TRP G 130 -90.72 -11.69 -31.94
CA TRP G 130 -90.97 -12.33 -33.21
C TRP G 130 -90.98 -11.35 -34.37
N ALA G 131 -91.04 -10.05 -34.09
CA ALA G 131 -91.03 -9.04 -35.13
C ALA G 131 -90.04 -7.93 -34.89
N SER G 132 -89.18 -8.05 -33.88
CA SER G 132 -88.26 -6.99 -33.57
C SER G 132 -87.05 -7.02 -34.51
N ASN G 133 -86.31 -5.91 -34.50
CA ASN G 133 -85.09 -5.77 -35.30
C ASN G 133 -84.06 -5.07 -34.41
N VAL G 134 -83.29 -5.86 -33.68
CA VAL G 134 -82.40 -5.33 -32.66
C VAL G 134 -80.97 -5.31 -33.18
N ASP G 135 -80.10 -4.64 -32.46
CA ASP G 135 -78.67 -4.60 -32.77
C ASP G 135 -77.86 -5.59 -31.95
N PHE G 136 -78.19 -5.75 -30.68
CA PHE G 136 -77.54 -6.70 -29.80
C PHE G 136 -78.58 -7.71 -29.33
N ASP G 137 -78.23 -8.99 -29.40
CA ASP G 137 -79.16 -10.04 -29.01
C ASP G 137 -78.89 -10.44 -27.57
N ARG G 138 -79.94 -10.49 -26.77
CA ARG G 138 -79.82 -10.96 -25.40
C ARG G 138 -79.97 -12.47 -25.29
N ASP G 139 -80.43 -13.14 -26.34
CA ASP G 139 -80.43 -14.60 -26.44
C ASP G 139 -81.14 -15.23 -25.24
N SER G 140 -82.40 -14.84 -25.07
CA SER G 140 -83.25 -15.45 -24.07
C SER G 140 -84.67 -15.59 -24.60
N SER G 141 -84.81 -15.96 -25.86
CA SER G 141 -86.11 -16.02 -26.49
C SER G 141 -86.96 -17.14 -25.90
N VAL G 142 -88.27 -16.89 -25.82
CA VAL G 142 -89.24 -17.88 -25.41
C VAL G 142 -90.19 -18.07 -26.58
N ILE G 143 -90.09 -19.21 -27.25
CA ILE G 143 -90.83 -19.48 -28.47
C ILE G 143 -91.69 -20.71 -28.25
N MET G 144 -92.96 -20.61 -28.60
CA MET G 144 -93.89 -21.71 -28.44
C MET G 144 -94.47 -22.10 -29.79
N ALA G 145 -94.66 -23.38 -29.96
CA ALA G 145 -95.31 -23.90 -31.15
C ALA G 145 -96.81 -23.74 -31.03
N PRO G 146 -97.54 -23.78 -32.15
CA PRO G 146 -98.99 -23.75 -32.08
C PRO G 146 -99.50 -24.95 -31.31
N PRO G 147 -100.66 -24.81 -30.65
CA PRO G 147 -101.14 -25.90 -29.78
C PRO G 147 -101.39 -27.21 -30.50
N THR G 148 -101.53 -27.20 -31.82
CA THR G 148 -101.65 -28.45 -32.55
C THR G 148 -100.37 -29.27 -32.52
N GLU G 149 -99.26 -28.69 -32.08
CA GLU G 149 -97.99 -29.38 -31.98
C GLU G 149 -97.57 -29.48 -30.53
N ASN G 150 -96.73 -30.47 -30.24
CA ASN G 150 -96.32 -30.71 -28.87
C ASN G 150 -95.40 -29.61 -28.36
N ASN G 151 -95.70 -29.10 -27.17
CA ASN G 151 -94.88 -28.08 -26.53
C ASN G 151 -94.27 -28.54 -25.22
N ILE G 152 -94.23 -29.86 -24.98
CA ILE G 152 -93.84 -30.36 -23.67
C ILE G 152 -92.41 -29.97 -23.32
N HIS G 153 -91.55 -29.80 -24.33
CA HIS G 153 -90.14 -29.63 -24.07
C HIS G 153 -89.81 -28.32 -23.37
N LEU G 154 -90.77 -27.38 -23.30
CA LEU G 154 -90.51 -26.13 -22.58
C LEU G 154 -90.72 -26.24 -21.08
N PHE G 155 -91.31 -27.33 -20.61
CA PHE G 155 -91.58 -27.50 -19.19
C PHE G 155 -90.67 -28.55 -18.55
N LYS G 156 -89.59 -28.92 -19.22
CA LYS G 156 -88.70 -29.93 -18.68
C LYS G 156 -87.24 -29.56 -18.88
N GLN G 157 -86.89 -28.29 -18.66
CA GLN G 157 -85.52 -27.86 -18.87
C GLN G 157 -84.70 -27.80 -17.59
N LEU G 158 -85.33 -27.68 -16.43
CA LEU G 158 -84.57 -27.44 -15.21
C LEU G 158 -84.21 -28.71 -14.45
N LEU G 159 -85.22 -29.46 -14.01
CA LEU G 159 -84.95 -30.57 -13.11
C LEU G 159 -85.38 -31.91 -13.68
N ASN G 160 -85.84 -31.96 -14.93
CA ASN G 160 -86.24 -33.21 -15.54
C ASN G 160 -85.05 -33.98 -16.10
N THR G 161 -84.01 -34.14 -15.27
CA THR G 161 -82.85 -34.92 -15.68
C THR G 161 -83.05 -36.41 -15.45
N GLU G 162 -84.12 -36.81 -14.79
CA GLU G 162 -84.42 -38.20 -14.56
C GLU G 162 -85.47 -38.75 -15.51
N THR G 163 -86.29 -37.87 -16.09
CA THR G 163 -87.36 -38.31 -16.98
C THR G 163 -86.80 -39.06 -18.18
N LEU G 164 -87.06 -40.36 -18.25
CA LEU G 164 -86.52 -41.16 -19.34
C LEU G 164 -87.19 -40.80 -20.66
N SER G 165 -88.51 -40.71 -20.68
CA SER G 165 -89.22 -40.46 -21.92
C SER G 165 -88.92 -39.06 -22.45
N VAL G 166 -88.92 -38.95 -23.78
CA VAL G 166 -88.74 -37.66 -24.42
C VAL G 166 -90.07 -36.92 -24.58
N ARG G 167 -91.19 -37.63 -24.57
CA ARG G 167 -92.49 -37.02 -24.73
C ARG G 167 -93.13 -36.61 -23.41
N GLY G 168 -92.49 -36.92 -22.28
CA GLY G 168 -93.11 -36.65 -21.00
C GLY G 168 -92.34 -35.71 -20.11
N ALA G 169 -93.03 -35.13 -19.12
CA ALA G 169 -92.41 -34.23 -18.16
C ALA G 169 -92.94 -34.55 -16.77
N ASN G 170 -92.16 -34.20 -15.77
CA ASN G 170 -92.55 -34.44 -14.39
C ASN G 170 -93.38 -33.28 -13.89
N PRO G 171 -94.60 -33.52 -13.43
CA PRO G 171 -95.46 -32.40 -13.00
C PRO G 171 -94.89 -31.59 -11.85
N LEU G 172 -94.15 -32.22 -10.94
CA LEU G 172 -93.77 -31.54 -9.71
C LEU G 172 -92.78 -30.41 -9.92
N MET G 173 -92.25 -30.27 -11.14
CA MET G 173 -91.30 -29.21 -11.45
C MET G 173 -91.94 -28.18 -12.38
N PHE G 174 -93.27 -28.19 -12.47
CA PHE G 174 -93.95 -27.25 -13.35
C PHE G 174 -93.76 -25.82 -12.87
N ARG G 175 -93.86 -25.59 -11.56
CA ARG G 175 -93.72 -24.23 -11.06
C ARG G 175 -92.33 -23.69 -11.32
N ALA G 176 -91.29 -24.49 -11.08
CA ALA G 176 -89.94 -24.03 -11.32
C ALA G 176 -89.73 -23.72 -12.80
N ASN G 177 -90.21 -24.61 -13.68
CA ASN G 177 -90.04 -24.37 -15.10
C ASN G 177 -90.79 -23.11 -15.53
N VAL G 178 -91.98 -22.89 -14.99
CA VAL G 178 -92.74 -21.70 -15.35
C VAL G 178 -92.04 -20.45 -14.89
N LEU G 179 -91.48 -20.47 -13.67
CA LEU G 179 -90.75 -19.32 -13.18
C LEU G 179 -89.56 -19.01 -14.08
N HIS G 180 -88.82 -20.04 -14.48
CA HIS G 180 -87.69 -19.83 -15.36
C HIS G 180 -88.13 -19.27 -16.71
N MET G 181 -89.24 -19.77 -17.24
CA MET G 181 -89.77 -19.25 -18.49
C MET G 181 -90.13 -17.78 -18.36
N LEU G 182 -90.78 -17.41 -17.27
CA LEU G 182 -91.15 -16.02 -17.07
C LEU G 182 -89.92 -15.14 -16.93
N LEU G 183 -88.90 -15.63 -16.24
CA LEU G 183 -87.67 -14.85 -16.11
C LEU G 183 -87.05 -14.59 -17.47
N GLU G 184 -86.98 -15.61 -18.33
CA GLU G 184 -86.51 -15.36 -19.69
C GLU G 184 -87.43 -14.41 -20.43
N PHE G 185 -88.73 -14.51 -20.24
CA PHE G 185 -89.65 -13.61 -20.93
C PHE G 185 -89.34 -12.16 -20.58
N VAL G 186 -89.11 -11.89 -19.31
CA VAL G 186 -88.76 -10.53 -18.90
C VAL G 186 -87.41 -10.13 -19.48
N LEU G 187 -86.41 -11.01 -19.35
CA LEU G 187 -85.06 -10.64 -19.75
C LEU G 187 -84.98 -10.37 -21.24
N ASP G 188 -85.73 -11.10 -22.04
CA ASP G 188 -85.62 -10.98 -23.49
C ASP G 188 -86.23 -9.69 -24.03
N ASN G 189 -86.96 -8.94 -23.21
CA ASN G 189 -87.63 -7.74 -23.68
C ASN G 189 -87.02 -6.46 -23.13
N LEU G 190 -85.81 -6.51 -22.59
CA LEU G 190 -85.17 -5.33 -22.05
C LEU G 190 -84.47 -4.58 -23.19
N TYR G 191 -85.25 -3.76 -23.88
CA TYR G 191 -84.73 -2.95 -24.96
C TYR G 191 -85.31 -1.54 -24.87
N LEU G 192 -84.85 -0.68 -25.77
CA LEU G 192 -85.35 0.68 -25.87
C LEU G 192 -85.90 0.88 -27.27
N ASN G 193 -87.09 1.46 -27.37
CA ASN G 193 -87.76 1.59 -28.66
C ASN G 193 -87.12 2.70 -29.47
N ARG G 194 -86.46 2.33 -30.56
CA ARG G 194 -85.79 3.28 -31.42
C ARG G 194 -86.78 3.97 -32.35
N HIS G 195 -86.51 5.24 -32.63
CA HIS G 195 -87.29 6.04 -33.56
C HIS G 195 -86.68 5.95 -34.95
N THR G 196 -87.47 5.48 -35.92
CA THR G 196 -86.94 5.22 -37.26
C THR G 196 -87.20 6.38 -38.22
N GLY G 197 -88.46 6.66 -38.51
CA GLY G 197 -88.81 7.64 -39.51
C GLY G 197 -90.16 7.36 -40.10
N PHE G 198 -90.75 8.40 -40.69
CA PHE G 198 -92.13 8.35 -41.13
C PHE G 198 -92.26 8.83 -42.57
N SER G 199 -93.48 8.76 -43.09
CA SER G 199 -93.78 9.22 -44.43
C SER G 199 -95.28 9.41 -44.55
N GLN G 200 -95.70 10.54 -45.09
CA GLN G 200 -97.12 10.84 -45.19
C GLN G 200 -97.79 9.92 -46.22
N ASP G 201 -98.98 9.44 -45.87
CA ASP G 201 -99.72 8.57 -46.78
C ASP G 201 -100.19 9.35 -47.99
N HIS G 202 -99.96 8.79 -49.18
CA HIS G 202 -100.41 9.38 -50.43
C HIS G 202 -101.73 8.81 -50.90
N THR G 203 -102.36 7.95 -50.12
CA THR G 203 -103.59 7.28 -50.50
C THR G 203 -104.74 7.71 -49.61
N PRO G 204 -105.99 7.61 -50.10
CA PRO G 204 -107.13 8.04 -49.29
C PRO G 204 -107.56 7.04 -48.23
N PHE G 205 -106.80 5.97 -47.99
CA PHE G 205 -107.20 5.01 -46.96
C PHE G 205 -107.19 5.65 -45.58
N THR G 206 -106.25 6.54 -45.33
CA THR G 206 -106.22 7.34 -44.11
C THR G 206 -106.25 8.81 -44.49
N GLU G 207 -106.57 9.66 -43.52
CA GLU G 207 -106.63 11.09 -43.77
C GLU G 207 -105.23 11.70 -43.56
N GLY G 208 -104.35 11.36 -44.49
CA GLY G 208 -103.01 11.92 -44.49
C GLY G 208 -102.20 11.61 -43.24
N ALA G 209 -102.30 10.39 -42.74
CA ALA G 209 -101.57 10.01 -41.54
C ALA G 209 -100.08 9.91 -41.83
N ASN G 210 -99.30 9.76 -40.76
CA ASN G 210 -97.86 9.57 -40.84
C ASN G 210 -97.55 8.14 -40.44
N LEU G 211 -97.02 7.35 -41.37
CA LEU G 211 -96.81 5.93 -41.17
C LEU G 211 -95.33 5.66 -40.92
N ARG G 212 -95.04 4.89 -39.88
CA ARG G 212 -93.67 4.57 -39.54
C ARG G 212 -93.15 3.46 -40.44
N SER G 213 -91.88 3.58 -40.84
CA SER G 213 -91.24 2.61 -41.72
C SER G 213 -90.18 1.84 -40.94
N LEU G 214 -90.32 0.54 -40.92
CA LEU G 214 -89.30 -0.30 -40.30
C LEU G 214 -88.11 -0.49 -41.23
N PRO G 215 -86.93 -0.71 -40.68
CA PRO G 215 -85.75 -0.99 -41.49
C PRO G 215 -85.75 -2.46 -41.90
N GLY G 216 -84.67 -2.86 -42.55
CA GLY G 216 -84.52 -4.22 -42.98
C GLY G 216 -85.26 -4.47 -44.28
N PRO G 217 -84.92 -5.57 -44.95
CA PRO G 217 -85.56 -5.88 -46.23
C PRO G 217 -86.97 -6.42 -46.02
N ASP G 218 -87.72 -6.45 -47.11
CA ASP G 218 -89.06 -7.03 -47.13
C ASP G 218 -89.96 -6.35 -46.11
N ALA G 219 -89.96 -5.01 -46.12
CA ALA G 219 -90.78 -4.24 -45.21
C ALA G 219 -92.20 -4.08 -45.69
N GLU G 220 -92.54 -4.65 -46.84
CA GLU G 220 -93.87 -4.50 -47.41
C GLU G 220 -94.96 -5.03 -46.50
N LYS G 221 -94.75 -6.20 -45.88
CA LYS G 221 -95.81 -6.82 -45.10
C LYS G 221 -96.14 -6.03 -43.85
N TRP G 222 -95.16 -5.40 -43.23
CA TRP G 222 -95.37 -4.79 -41.92
C TRP G 222 -96.46 -3.73 -41.97
N TYR G 223 -96.64 -3.07 -43.11
CA TYR G 223 -97.66 -2.04 -43.20
C TYR G 223 -99.06 -2.58 -43.06
N SER G 224 -99.27 -3.88 -43.22
CA SER G 224 -100.59 -4.46 -43.02
C SER G 224 -100.78 -5.01 -41.63
N ILE G 225 -99.72 -5.39 -40.94
CA ILE G 225 -99.83 -5.84 -39.56
C ILE G 225 -99.77 -4.67 -38.58
N MET G 226 -99.01 -3.63 -38.90
CA MET G 226 -98.87 -2.51 -37.98
C MET G 226 -100.21 -1.82 -37.73
N TYR G 227 -100.90 -1.45 -38.81
CA TYR G 227 -102.10 -0.61 -38.71
C TYR G 227 -103.30 -1.37 -39.24
N PRO G 228 -104.03 -2.09 -38.39
CA PRO G 228 -105.19 -2.83 -38.87
C PRO G 228 -106.28 -1.94 -39.44
N THR G 229 -106.40 -0.71 -38.96
CA THR G 229 -107.48 0.16 -39.41
C THR G 229 -107.29 0.67 -40.82
N ARG G 230 -106.13 0.45 -41.43
CA ARG G 230 -105.89 0.94 -42.78
C ARG G 230 -106.53 0.10 -43.87
N MET G 231 -107.07 -1.06 -43.52
CA MET G 231 -107.70 -1.93 -44.50
C MET G 231 -108.97 -1.30 -45.04
N GLY G 232 -109.29 -1.61 -46.30
CA GLY G 232 -110.60 -1.30 -46.83
C GLY G 232 -111.64 -2.30 -46.36
N THR G 233 -112.91 -1.91 -46.45
CA THR G 233 -114.02 -2.71 -45.92
C THR G 233 -115.07 -2.92 -46.99
N PRO G 234 -114.83 -3.83 -47.92
CA PRO G 234 -115.85 -4.13 -48.93
C PRO G 234 -116.83 -5.22 -48.52
N ASN G 235 -116.41 -6.15 -47.68
CA ASN G 235 -117.22 -7.32 -47.38
C ASN G 235 -118.03 -7.12 -46.10
N VAL G 236 -118.77 -8.17 -45.73
CA VAL G 236 -119.40 -8.27 -44.42
C VAL G 236 -118.69 -9.29 -43.54
N SER G 237 -117.51 -9.73 -43.96
CA SER G 237 -116.74 -10.71 -43.20
C SER G 237 -116.45 -10.17 -41.80
N LYS G 238 -116.04 -11.08 -40.93
CA LYS G 238 -115.82 -10.71 -39.53
C LYS G 238 -114.78 -9.60 -39.41
N ILE G 239 -113.67 -9.73 -40.15
CA ILE G 239 -112.63 -8.73 -40.07
C ILE G 239 -113.13 -7.38 -40.60
N CYS G 240 -113.91 -7.40 -41.69
CA CYS G 240 -114.39 -6.16 -42.26
C CYS G 240 -115.35 -5.46 -41.30
N ASN G 241 -116.26 -6.22 -40.68
CA ASN G 241 -117.15 -5.62 -39.69
C ASN G 241 -116.36 -5.04 -38.54
N PHE G 242 -115.40 -5.80 -38.02
CA PHE G 242 -114.60 -5.32 -36.90
C PHE G 242 -113.91 -4.01 -37.25
N VAL G 243 -113.30 -3.94 -38.44
CA VAL G 243 -112.61 -2.73 -38.84
C VAL G 243 -113.58 -1.58 -38.98
N ALA G 244 -114.74 -1.82 -39.61
CA ALA G 244 -115.71 -0.76 -39.78
C ALA G 244 -116.27 -0.27 -38.45
N SER G 245 -116.13 -1.06 -37.39
CA SER G 245 -116.65 -0.66 -36.10
C SER G 245 -115.64 0.15 -35.25
N CYS G 246 -114.50 0.53 -35.81
CA CYS G 246 -113.45 1.17 -35.02
C CYS G 246 -113.34 2.65 -35.34
N VAL G 247 -112.61 3.36 -34.46
CA VAL G 247 -112.31 4.76 -34.68
C VAL G 247 -111.22 4.89 -35.74
N ARG G 248 -111.14 6.07 -36.35
CA ARG G 248 -110.35 6.27 -37.55
C ARG G 248 -109.14 7.15 -37.36
N ASN G 249 -109.20 8.13 -36.45
CA ASN G 249 -108.12 9.10 -36.32
C ASN G 249 -106.95 8.58 -35.51
N ARG G 250 -107.04 7.38 -34.93
CA ARG G 250 -105.99 6.86 -34.07
C ARG G 250 -105.16 5.86 -34.86
N VAL G 251 -104.19 6.39 -35.60
CA VAL G 251 -103.31 5.57 -36.43
C VAL G 251 -102.07 6.39 -36.76
N GLY G 252 -100.92 5.72 -36.81
CA GLY G 252 -99.70 6.38 -37.19
C GLY G 252 -99.14 7.24 -36.07
N ARG G 253 -98.41 8.29 -36.46
CA ARG G 253 -97.82 9.17 -35.48
C ARG G 253 -98.89 9.97 -34.76
N PHE G 254 -98.63 10.25 -33.49
CA PHE G 254 -99.59 10.91 -32.61
C PHE G 254 -99.09 12.23 -32.07
N ASP G 255 -97.81 12.33 -31.71
CA ASP G 255 -97.24 13.55 -31.17
C ASP G 255 -95.73 13.41 -31.15
N ARG G 256 -95.03 14.52 -31.41
CA ARG G 256 -93.58 14.52 -31.47
C ARG G 256 -93.05 15.77 -30.81
N ALA G 257 -91.77 15.72 -30.43
CA ALA G 257 -91.08 16.81 -29.75
C ALA G 257 -89.90 17.24 -30.60
N GLN G 258 -90.11 18.22 -31.48
CA GLN G 258 -89.05 18.73 -32.34
C GLN G 258 -88.35 19.86 -31.61
N MET G 259 -87.06 19.71 -31.36
CA MET G 259 -86.32 20.68 -30.55
C MET G 259 -85.45 21.60 -31.40
N MET G 260 -84.68 21.04 -32.31
CA MET G 260 -83.84 21.82 -33.20
C MET G 260 -84.33 21.65 -34.63
N ASN G 261 -84.44 22.75 -35.35
CA ASN G 261 -84.83 22.67 -36.76
C ASN G 261 -83.71 22.04 -37.55
N GLY G 262 -83.99 20.90 -38.18
CA GLY G 262 -83.01 20.20 -38.97
C GLY G 262 -82.30 19.06 -38.27
N ALA G 263 -82.79 18.60 -37.13
CA ALA G 263 -82.23 17.45 -36.44
C ALA G 263 -83.33 16.43 -36.19
N MET G 264 -82.95 15.28 -35.65
CA MET G 264 -83.91 14.23 -35.40
C MET G 264 -84.93 14.67 -34.35
N SER G 265 -86.19 14.28 -34.56
CA SER G 265 -87.20 14.51 -33.55
C SER G 265 -86.80 13.84 -32.27
N GLU G 266 -87.03 14.52 -31.14
CA GLU G 266 -86.46 14.06 -29.89
C GLU G 266 -87.08 12.75 -29.45
N TRP G 267 -88.41 12.67 -29.51
CA TRP G 267 -89.13 11.43 -29.31
C TRP G 267 -90.49 11.58 -29.96
N VAL G 268 -91.16 10.45 -30.17
CA VAL G 268 -92.46 10.43 -30.81
C VAL G 268 -93.39 9.49 -30.06
N ASP G 269 -94.69 9.68 -30.29
CA ASP G 269 -95.72 8.75 -29.83
C ASP G 269 -96.52 8.29 -31.02
N VAL G 270 -96.75 6.99 -31.11
CA VAL G 270 -97.38 6.40 -32.29
C VAL G 270 -98.43 5.39 -31.87
N PHE G 271 -99.44 5.22 -32.71
CA PHE G 271 -100.37 4.10 -32.60
C PHE G 271 -99.87 3.00 -33.53
N GLU G 272 -99.64 1.82 -32.97
CA GLU G 272 -99.22 0.68 -33.80
C GLU G 272 -99.47 -0.59 -33.03
N THR G 273 -99.44 -1.70 -33.75
CA THR G 273 -99.62 -3.00 -33.14
C THR G 273 -98.53 -3.26 -32.10
N SER G 274 -98.94 -3.74 -30.94
CA SER G 274 -98.02 -4.02 -29.84
C SER G 274 -98.81 -4.82 -28.80
N ASP G 275 -98.20 -5.02 -27.64
CA ASP G 275 -98.90 -5.60 -26.51
C ASP G 275 -98.65 -4.76 -25.28
N ALA G 276 -99.62 -4.75 -24.37
CA ALA G 276 -99.48 -3.93 -23.17
C ALA G 276 -98.33 -4.39 -22.30
N LEU G 277 -98.12 -5.70 -22.21
CA LEU G 277 -97.15 -6.23 -21.26
C LEU G 277 -95.74 -5.76 -21.59
N THR G 278 -95.30 -5.96 -22.83
CA THR G 278 -93.95 -5.55 -23.19
C THR G 278 -93.81 -4.04 -23.15
N VAL G 279 -94.87 -3.31 -23.52
CA VAL G 279 -94.81 -1.86 -23.46
C VAL G 279 -94.56 -1.41 -22.03
N SER G 280 -95.28 -1.99 -21.07
CA SER G 280 -95.08 -1.61 -19.67
C SER G 280 -93.69 -2.00 -19.18
N ILE G 281 -93.23 -3.19 -19.57
CA ILE G 281 -91.90 -3.64 -19.13
C ILE G 281 -90.84 -2.65 -19.62
N ARG G 282 -90.87 -2.34 -20.92
CA ARG G 282 -89.89 -1.41 -21.46
C ARG G 282 -90.09 -0.01 -20.91
N GLY G 283 -91.30 0.37 -20.52
CA GLY G 283 -91.51 1.66 -19.91
C GLY G 283 -90.81 1.79 -18.59
N ARG G 284 -91.02 0.83 -17.68
CA ARG G 284 -90.29 0.89 -16.42
C ARG G 284 -88.79 0.70 -16.60
N TRP G 285 -88.37 -0.10 -17.58
CA TRP G 285 -86.95 -0.23 -17.85
C TRP G 285 -86.35 1.10 -18.26
N MET G 286 -87.05 1.83 -19.13
CA MET G 286 -86.61 3.16 -19.52
C MET G 286 -86.57 4.11 -18.34
N ALA G 287 -87.57 4.00 -17.45
CA ALA G 287 -87.62 4.88 -16.29
C ALA G 287 -86.40 4.68 -15.40
N ARG G 288 -86.00 3.44 -15.19
CA ARG G 288 -84.80 3.18 -14.38
C ARG G 288 -83.59 3.90 -14.96
N LEU G 289 -83.33 3.71 -16.24
CA LEU G 289 -82.17 4.35 -16.86
C LEU G 289 -82.28 5.86 -16.81
N ALA G 290 -83.48 6.40 -17.00
CA ALA G 290 -83.66 7.84 -16.87
C ALA G 290 -83.27 8.32 -15.48
N ARG G 291 -83.63 7.53 -14.46
CA ARG G 291 -83.18 7.86 -13.12
C ARG G 291 -81.67 7.81 -13.00
N MET G 292 -81.01 6.97 -13.81
CA MET G 292 -79.56 6.87 -13.72
C MET G 292 -78.83 8.00 -14.46
N ASN G 293 -79.54 8.85 -15.17
CA ASN G 293 -78.89 9.75 -16.12
C ASN G 293 -78.09 10.84 -15.41
N ILE G 294 -77.04 11.31 -16.10
CA ILE G 294 -76.26 12.48 -15.69
C ILE G 294 -76.00 13.33 -16.91
N ASN G 295 -75.63 14.58 -16.68
CA ASN G 295 -75.42 15.55 -17.74
C ASN G 295 -73.97 16.04 -17.69
N PRO G 296 -73.45 16.54 -18.82
CA PRO G 296 -72.01 16.82 -18.89
C PRO G 296 -71.50 17.78 -17.84
N THR G 297 -72.29 18.76 -17.42
CA THR G 297 -71.81 19.70 -16.41
C THR G 297 -71.50 18.98 -15.10
N GLU G 298 -72.37 18.06 -14.69
CA GLU G 298 -72.08 17.25 -13.52
C GLU G 298 -70.80 16.47 -13.71
N ILE G 299 -70.56 15.99 -14.93
CA ILE G 299 -69.35 15.23 -15.20
C ILE G 299 -68.12 16.09 -15.02
N GLU G 300 -68.13 17.32 -15.55
CA GLU G 300 -66.93 18.14 -15.41
C GLU G 300 -66.72 18.52 -13.95
N TRP G 301 -67.80 18.78 -13.22
CA TRP G 301 -67.64 19.08 -11.81
C TRP G 301 -67.03 17.91 -11.07
N ALA G 302 -67.54 16.70 -11.31
CA ALA G 302 -67.01 15.53 -10.62
C ALA G 302 -65.55 15.30 -10.98
N LEU G 303 -65.21 15.44 -12.26
CA LEU G 303 -63.84 15.17 -12.67
C LEU G 303 -62.88 16.22 -12.12
N THR G 304 -63.27 17.49 -12.14
CA THR G 304 -62.43 18.53 -11.58
C THR G 304 -62.22 18.33 -10.10
N GLU G 305 -63.28 17.99 -9.36
CA GLU G 305 -63.13 17.78 -7.93
C GLU G 305 -62.29 16.56 -7.63
N CYS G 306 -62.45 15.50 -8.41
CA CYS G 306 -61.71 14.27 -8.14
C CYS G 306 -60.22 14.45 -8.36
N ALA G 307 -59.83 15.37 -9.23
CA ALA G 307 -58.42 15.62 -9.49
C ALA G 307 -57.84 16.73 -8.64
N GLN G 308 -58.59 17.21 -7.65
CA GLN G 308 -58.11 18.24 -6.73
C GLN G 308 -57.71 19.51 -7.47
N GLY G 309 -58.32 19.75 -8.62
CA GLY G 309 -58.12 20.99 -9.35
C GLY G 309 -56.87 21.06 -10.18
N TYR G 310 -56.04 20.01 -10.19
CA TYR G 310 -54.82 20.09 -10.96
C TYR G 310 -55.06 19.98 -12.46
N VAL G 311 -56.17 19.38 -12.88
CA VAL G 311 -56.53 19.33 -14.28
C VAL G 311 -57.93 19.90 -14.44
N THR G 312 -58.14 20.67 -15.50
CA THR G 312 -59.41 21.34 -15.74
C THR G 312 -60.04 20.78 -17.00
N VAL G 313 -61.30 20.37 -16.90
CA VAL G 313 -62.05 19.90 -18.05
C VAL G 313 -63.22 20.85 -18.28
N THR G 314 -63.68 20.89 -19.52
CA THR G 314 -64.69 21.84 -19.92
C THR G 314 -65.88 21.12 -20.55
N SER G 315 -67.05 21.72 -20.41
CA SER G 315 -68.26 21.21 -21.02
C SER G 315 -68.90 22.30 -21.86
N PRO G 316 -69.60 21.94 -22.92
CA PRO G 316 -70.24 22.95 -23.77
C PRO G 316 -71.40 23.63 -23.05
N TYR G 317 -71.77 24.79 -23.58
CA TYR G 317 -72.84 25.62 -23.02
C TYR G 317 -73.74 26.06 -24.16
N ALA G 318 -74.74 25.23 -24.49
CA ALA G 318 -75.62 25.47 -25.61
C ALA G 318 -76.76 24.46 -25.58
N PRO G 319 -77.84 24.68 -26.31
CA PRO G 319 -78.91 23.68 -26.38
C PRO G 319 -78.40 22.32 -26.84
N SER G 320 -78.85 21.28 -26.16
CA SER G 320 -78.30 19.94 -26.32
C SER G 320 -79.22 19.06 -27.15
N VAL G 321 -78.89 17.76 -27.20
CA VAL G 321 -79.65 16.77 -27.96
C VAL G 321 -80.17 15.65 -27.05
N ASN G 322 -80.09 15.84 -25.74
CA ASN G 322 -80.54 14.84 -24.76
C ASN G 322 -79.85 13.50 -24.98
N ARG G 323 -78.54 13.51 -24.79
CA ARG G 323 -77.78 12.27 -24.75
C ARG G 323 -78.06 11.54 -23.44
N LEU G 324 -78.06 10.21 -23.52
CA LEU G 324 -78.40 9.36 -22.39
C LEU G 324 -77.14 8.65 -21.89
N MET G 325 -76.71 9.00 -20.69
CA MET G 325 -75.47 8.48 -20.12
C MET G 325 -75.74 7.99 -18.71
N PRO G 326 -76.25 6.77 -18.56
CA PRO G 326 -76.64 6.27 -17.25
C PRO G 326 -75.43 5.82 -16.45
N TYR G 327 -75.08 6.59 -15.42
CA TYR G 327 -73.93 6.24 -14.61
C TYR G 327 -74.08 6.53 -13.12
N ARG G 328 -75.24 6.99 -12.65
CA ARG G 328 -75.40 7.39 -11.26
C ARG G 328 -76.25 6.37 -10.52
N ILE G 329 -75.75 5.89 -9.38
CA ILE G 329 -76.46 4.92 -8.56
C ILE G 329 -76.38 5.35 -7.11
N SER G 330 -77.29 4.82 -6.31
CA SER G 330 -77.35 5.16 -4.89
C SER G 330 -76.18 4.54 -4.14
N ASN G 331 -75.93 5.07 -2.94
CA ASN G 331 -74.82 4.57 -2.14
C ASN G 331 -75.05 3.14 -1.68
N ALA G 332 -76.31 2.75 -1.48
CA ALA G 332 -76.59 1.41 -0.95
C ALA G 332 -76.09 0.34 -1.90
N GLU G 333 -76.29 0.52 -3.20
CA GLU G 333 -75.81 -0.46 -4.17
C GLU G 333 -74.30 -0.57 -4.14
N ARG G 334 -73.61 0.58 -4.03
CA ARG G 334 -72.16 0.54 -3.93
C ARG G 334 -71.72 -0.21 -2.69
N GLN G 335 -72.38 0.03 -1.56
CA GLN G 335 -72.00 -0.67 -0.34
C GLN G 335 -72.23 -2.17 -0.47
N ILE G 336 -73.34 -2.57 -1.08
CA ILE G 336 -73.61 -3.99 -1.24
C ILE G 336 -72.54 -4.64 -2.10
N SER G 337 -72.19 -4.00 -3.21
CA SER G 337 -71.16 -4.57 -4.07
C SER G 337 -69.82 -4.62 -3.36
N GLN G 338 -69.51 -3.61 -2.55
CA GLN G 338 -68.28 -3.62 -1.77
C GLN G 338 -68.26 -4.79 -0.81
N ILE G 339 -69.39 -5.06 -0.16
CA ILE G 339 -69.46 -6.20 0.74
C ILE G 339 -69.23 -7.49 -0.02
N ILE G 340 -69.81 -7.60 -1.22
CA ILE G 340 -69.60 -8.81 -2.02
C ILE G 340 -68.13 -8.97 -2.36
N ARG G 341 -67.46 -7.89 -2.74
CA ARG G 341 -66.05 -7.96 -3.08
C ARG G 341 -65.22 -8.38 -1.88
N ILE G 342 -65.44 -7.76 -0.73
CA ILE G 342 -64.71 -8.15 0.48
C ILE G 342 -65.00 -9.61 0.81
N MET G 343 -66.22 -10.05 0.55
CA MET G 343 -66.58 -11.43 0.82
C MET G 343 -65.75 -12.39 -0.02
N ASN G 344 -65.70 -12.17 -1.33
CA ASN G 344 -65.02 -13.17 -2.15
C ASN G 344 -63.51 -13.07 -2.03
N ILE G 345 -62.97 -11.87 -1.78
CA ILE G 345 -61.53 -11.75 -1.55
C ILE G 345 -61.11 -12.34 -0.23
N GLY G 346 -62.05 -12.57 0.68
CA GLY G 346 -61.74 -12.82 2.08
C GLY G 346 -60.72 -13.90 2.37
N ASN G 347 -59.74 -13.55 3.21
CA ASN G 347 -58.84 -14.51 3.83
C ASN G 347 -57.96 -15.22 2.82
N ASN G 348 -57.40 -14.51 1.84
CA ASN G 348 -56.51 -15.11 0.86
C ASN G 348 -55.59 -14.04 0.31
N ALA G 349 -54.31 -14.10 0.68
CA ALA G 349 -53.37 -13.05 0.33
C ALA G 349 -53.03 -13.03 -1.16
N THR G 350 -53.06 -14.19 -1.81
CA THR G 350 -52.71 -14.26 -3.22
C THR G 350 -53.64 -13.40 -4.06
N VAL G 351 -54.90 -13.30 -3.65
CA VAL G 351 -55.85 -12.50 -4.41
C VAL G 351 -55.54 -11.02 -4.26
N ILE G 352 -55.18 -10.59 -3.05
CA ILE G 352 -55.11 -9.15 -2.80
C ILE G 352 -53.75 -8.57 -3.21
N GLN G 353 -52.67 -9.32 -3.06
CA GLN G 353 -51.33 -8.76 -3.28
C GLN G 353 -51.16 -8.06 -4.62
N PRO G 354 -51.60 -8.61 -5.75
CA PRO G 354 -51.42 -7.89 -7.02
C PRO G 354 -52.07 -6.53 -7.06
N VAL G 355 -53.18 -6.33 -6.37
CA VAL G 355 -53.81 -5.02 -6.32
C VAL G 355 -52.85 -4.01 -5.70
N LEU G 356 -52.24 -4.38 -4.58
CA LEU G 356 -51.27 -3.51 -3.94
C LEU G 356 -50.09 -3.26 -4.86
N GLN G 357 -49.64 -4.29 -5.57
CA GLN G 357 -48.50 -4.10 -6.47
C GLN G 357 -48.84 -3.11 -7.57
N ASP G 358 -50.05 -3.20 -8.12
CA ASP G 358 -50.47 -2.25 -9.14
C ASP G 358 -50.54 -0.84 -8.61
N ILE G 359 -51.10 -0.67 -7.41
CA ILE G 359 -51.15 0.66 -6.82
C ILE G 359 -49.74 1.18 -6.60
N SER G 360 -48.82 0.30 -6.21
CA SER G 360 -47.44 0.72 -5.98
C SER G 360 -46.81 1.23 -7.25
N VAL G 361 -46.98 0.51 -8.36
CA VAL G 361 -46.36 0.97 -9.60
C VAL G 361 -46.99 2.27 -10.07
N LEU G 362 -48.30 2.42 -9.86
CA LEU G 362 -48.94 3.68 -10.23
C LEU G 362 -48.36 4.84 -9.41
N LEU G 363 -48.22 4.64 -8.10
CA LEU G 363 -47.64 5.68 -7.27
C LEU G 363 -46.23 6.02 -7.70
N GLN G 364 -45.43 5.00 -8.02
CA GLN G 364 -44.10 5.24 -8.55
C GLN G 364 -44.16 6.10 -9.79
N ARG G 365 -45.13 5.84 -10.67
CA ARG G 365 -45.16 6.54 -11.94
C ARG G 365 -45.68 7.95 -11.80
N ILE G 366 -46.41 8.25 -10.73
CA ILE G 366 -46.99 9.57 -10.57
C ILE G 366 -46.12 10.45 -9.68
N SER G 367 -45.37 9.84 -8.78
CA SER G 367 -44.70 10.61 -7.75
C SER G 367 -43.50 11.35 -8.30
N PRO G 368 -43.19 12.56 -7.81
CA PRO G 368 -41.93 13.21 -8.17
C PRO G 368 -40.75 12.75 -7.34
N LEU G 369 -40.98 11.99 -6.28
CA LEU G 369 -39.89 11.52 -5.45
C LEU G 369 -39.14 10.39 -6.14
N GLN G 370 -37.82 10.39 -6.01
CA GLN G 370 -36.98 9.31 -6.48
C GLN G 370 -36.09 8.84 -5.35
N ILE G 371 -35.83 7.54 -5.31
CA ILE G 371 -34.96 6.95 -4.31
C ILE G 371 -33.56 6.87 -4.89
N ASP G 372 -32.60 7.46 -4.20
CA ASP G 372 -31.20 7.46 -4.66
C ASP G 372 -30.29 7.03 -3.53
N PRO G 373 -29.92 5.75 -3.46
CA PRO G 373 -29.12 5.28 -2.31
C PRO G 373 -27.76 5.93 -2.19
N THR G 374 -27.25 6.59 -3.24
CA THR G 374 -25.90 7.12 -3.18
C THR G 374 -25.75 8.21 -2.13
N ILE G 375 -26.85 8.77 -1.63
CA ILE G 375 -26.77 9.76 -0.56
C ILE G 375 -26.06 9.17 0.65
N ILE G 376 -26.44 7.96 1.04
CA ILE G 376 -25.84 7.32 2.21
C ILE G 376 -24.35 7.10 1.99
N SER G 377 -23.98 6.61 0.80
CA SER G 377 -22.58 6.36 0.52
C SER G 377 -21.78 7.65 0.60
N ASN G 378 -22.31 8.73 0.01
CA ASN G 378 -21.58 10.00 0.03
C ASN G 378 -21.41 10.51 1.46
N THR G 379 -22.47 10.44 2.26
CA THR G 379 -22.37 11.02 3.59
C THR G 379 -21.50 10.18 4.51
N MET G 380 -21.53 8.86 4.37
CA MET G 380 -20.63 8.02 5.14
C MET G 380 -19.20 8.06 4.64
N SER G 381 -18.96 8.51 3.41
CA SER G 381 -17.61 8.59 2.91
C SER G 381 -16.78 9.67 3.60
N THR G 382 -17.35 10.38 4.56
CA THR G 382 -16.68 11.48 5.24
C THR G 382 -16.38 11.20 6.70
N VAL G 383 -17.04 10.22 7.31
CA VAL G 383 -16.87 9.97 8.73
C VAL G 383 -15.42 9.62 9.03
N SER G 384 -14.90 10.16 10.13
CA SER G 384 -13.52 9.94 10.52
C SER G 384 -13.37 8.64 11.28
N GLU G 385 -12.33 7.89 10.96
CA GLU G 385 -12.04 6.66 11.69
C GLU G 385 -10.57 6.32 11.50
N SER G 386 -10.08 5.46 12.40
CA SER G 386 -8.71 4.98 12.32
C SER G 386 -8.66 3.65 11.58
N THR G 387 -7.60 3.46 10.82
CA THR G 387 -7.46 2.24 10.03
C THR G 387 -7.02 1.04 10.84
N THR G 388 -6.55 1.25 12.07
CA THR G 388 -6.07 0.16 12.90
C THR G 388 -7.18 -0.50 13.71
N GLN G 389 -8.42 -0.03 13.59
CA GLN G 389 -9.51 -0.58 14.37
C GLN G 389 -10.01 -1.88 13.77
N THR G 390 -10.37 -2.82 14.64
CA THR G 390 -10.94 -4.08 14.18
C THR G 390 -12.30 -3.86 13.55
N LEU G 391 -13.10 -2.96 14.12
CA LEU G 391 -14.47 -2.74 13.68
C LEU G 391 -14.59 -1.37 13.02
N SER G 392 -15.47 -1.28 12.03
CA SER G 392 -15.73 -0.04 11.31
C SER G 392 -17.23 0.17 11.19
N PRO G 393 -17.81 1.12 11.92
CA PRO G 393 -19.27 1.31 11.82
C PRO G 393 -19.74 1.66 10.43
N ALA G 394 -19.00 2.50 9.71
CA ALA G 394 -19.45 2.96 8.40
C ALA G 394 -19.52 1.81 7.41
N SER G 395 -18.47 1.00 7.33
CA SER G 395 -18.47 -0.11 6.40
C SER G 395 -19.62 -1.07 6.71
N SER G 396 -19.83 -1.37 7.99
CA SER G 396 -20.91 -2.27 8.37
C SER G 396 -22.26 -1.70 7.95
N ILE G 397 -22.51 -0.43 8.24
CA ILE G 397 -23.83 0.12 7.93
C ILE G 397 -24.05 0.15 6.43
N LEU G 398 -23.03 0.51 5.64
CA LEU G 398 -23.19 0.44 4.19
C LEU G 398 -23.46 -0.99 3.75
N GLY G 399 -22.81 -1.96 4.36
CA GLY G 399 -23.06 -3.34 4.01
C GLY G 399 -24.48 -3.77 4.30
N LYS G 400 -25.09 -3.20 5.36
CA LYS G 400 -26.38 -3.70 5.79
C LYS G 400 -27.55 -3.02 5.11
N LEU G 401 -27.33 -1.94 4.36
CA LEU G 401 -28.45 -1.25 3.74
C LEU G 401 -28.85 -1.78 2.37
N ARG G 402 -28.09 -2.70 1.76
CA ARG G 402 -28.51 -3.24 0.46
C ARG G 402 -29.57 -4.32 0.64
N PRO G 403 -30.80 -4.13 0.19
CA PRO G 403 -31.84 -5.14 0.44
C PRO G 403 -31.60 -6.40 -0.37
N SER G 404 -32.20 -7.48 0.10
CA SER G 404 -32.12 -8.76 -0.61
C SER G 404 -32.83 -8.63 -1.95
N ASN G 405 -32.16 -9.06 -3.01
CA ASN G 405 -32.62 -8.89 -4.39
C ASN G 405 -32.75 -7.42 -4.80
N SER G 406 -32.38 -6.50 -3.91
CA SER G 406 -32.48 -5.06 -4.16
C SER G 406 -33.88 -4.71 -4.67
N ASP G 407 -34.89 -5.07 -3.87
CA ASP G 407 -36.27 -4.99 -4.31
C ASP G 407 -36.80 -3.56 -4.25
N PHE G 408 -36.46 -2.81 -3.21
CA PHE G 408 -36.81 -1.39 -3.10
C PHE G 408 -38.28 -1.10 -3.34
N SER G 409 -39.13 -2.13 -3.32
CA SER G 409 -40.53 -1.95 -3.68
C SER G 409 -41.46 -2.02 -2.48
N SER G 410 -40.97 -2.49 -1.34
CA SER G 410 -41.84 -2.58 -0.16
C SER G 410 -42.31 -1.22 0.29
N PHE G 411 -41.60 -0.15 -0.08
CA PHE G 411 -42.00 1.18 0.33
C PHE G 411 -43.33 1.58 -0.31
N ARG G 412 -43.41 1.45 -1.64
CA ARG G 412 -44.66 1.80 -2.32
C ARG G 412 -45.79 0.89 -1.89
N VAL G 413 -45.49 -0.40 -1.67
CA VAL G 413 -46.51 -1.32 -1.20
C VAL G 413 -47.01 -0.91 0.17
N ALA G 414 -46.10 -0.51 1.06
CA ALA G 414 -46.51 -0.07 2.38
C ALA G 414 -47.39 1.16 2.30
N LEU G 415 -47.05 2.11 1.43
CA LEU G 415 -47.93 3.26 1.26
C LEU G 415 -49.30 2.84 0.74
N ALA G 416 -49.33 1.92 -0.22
CA ALA G 416 -50.61 1.47 -0.76
C ALA G 416 -51.44 0.78 0.30
N GLY G 417 -50.79 0.08 1.23
CA GLY G 417 -51.52 -0.67 2.23
C GLY G 417 -52.38 0.18 3.13
N TRP G 418 -52.12 1.49 3.20
CA TRP G 418 -52.89 2.34 4.08
C TRP G 418 -54.36 2.39 3.69
N LEU G 419 -54.68 2.07 2.45
CA LEU G 419 -56.06 2.14 1.99
C LEU G 419 -56.85 0.88 2.30
N TYR G 420 -56.21 -0.20 2.72
CA TYR G 420 -56.90 -1.46 2.89
C TYR G 420 -56.53 -2.11 4.22
N ASN G 421 -56.37 -1.31 5.27
CA ASN G 421 -56.09 -1.90 6.57
C ASN G 421 -57.26 -2.72 7.10
N GLY G 422 -58.44 -2.61 6.48
CA GLY G 422 -59.55 -3.44 6.88
C GLY G 422 -59.31 -4.91 6.59
N VAL G 423 -58.72 -5.21 5.45
CA VAL G 423 -58.53 -6.59 5.03
C VAL G 423 -57.06 -7.02 4.99
N VAL G 424 -56.13 -6.08 4.94
CA VAL G 424 -54.71 -6.42 4.85
C VAL G 424 -53.97 -5.71 5.96
N THR G 425 -53.17 -6.45 6.70
CA THR G 425 -52.34 -5.90 7.76
C THR G 425 -50.89 -6.09 7.36
N THR G 426 -50.25 -5.03 6.92
CA THR G 426 -48.85 -5.11 6.53
C THR G 426 -47.98 -5.26 7.77
N VAL G 427 -47.10 -6.25 7.75
CA VAL G 427 -46.22 -6.54 8.87
C VAL G 427 -44.79 -6.67 8.35
N ILE G 428 -43.85 -6.57 9.27
CA ILE G 428 -42.44 -6.75 8.97
C ILE G 428 -42.10 -8.23 9.08
N ASP G 429 -41.42 -8.77 8.08
CA ASP G 429 -41.12 -10.19 8.07
C ASP G 429 -40.17 -10.56 9.20
N ASP G 430 -40.19 -11.85 9.56
CA ASP G 430 -39.31 -12.34 10.61
C ASP G 430 -37.85 -12.16 10.23
N SER G 431 -37.51 -12.37 8.96
CA SER G 431 -36.12 -12.39 8.54
C SER G 431 -35.39 -11.09 8.84
N SER G 432 -36.12 -9.99 9.02
CA SER G 432 -35.48 -8.73 9.34
C SER G 432 -34.99 -8.67 10.79
N TYR G 433 -35.57 -9.48 11.67
CA TYR G 433 -35.13 -9.48 13.06
C TYR G 433 -33.82 -10.23 13.20
N PRO G 434 -33.05 -9.95 14.25
CA PRO G 434 -31.85 -10.76 14.52
C PRO G 434 -32.24 -12.20 14.78
N LYS G 435 -31.36 -13.12 14.36
CA LYS G 435 -31.72 -14.53 14.37
C LYS G 435 -31.97 -15.04 15.78
N ASP G 436 -31.05 -14.78 16.69
CA ASP G 436 -31.15 -15.29 18.06
C ASP G 436 -31.62 -14.24 19.05
N GLY G 437 -32.08 -13.09 18.58
CA GLY G 437 -32.46 -11.99 19.43
C GLY G 437 -31.40 -10.92 19.54
N GLY G 438 -30.16 -11.24 19.20
CA GLY G 438 -29.11 -10.24 19.15
C GLY G 438 -28.58 -9.87 20.52
N SER G 439 -27.63 -8.94 20.50
CA SER G 439 -27.03 -8.45 21.74
C SER G 439 -26.46 -7.06 21.47
N VAL G 440 -26.64 -6.16 22.44
CA VAL G 440 -26.18 -4.79 22.26
C VAL G 440 -24.67 -4.69 22.21
N THR G 441 -23.95 -5.72 22.66
CA THR G 441 -22.51 -5.70 22.52
C THR G 441 -22.08 -5.86 21.07
N SER G 442 -22.97 -6.35 20.21
CA SER G 442 -22.65 -6.55 18.80
C SER G 442 -23.11 -5.35 17.99
N LEU G 443 -22.18 -4.74 17.26
CA LEU G 443 -22.53 -3.57 16.45
C LEU G 443 -23.55 -3.93 15.38
N GLU G 444 -23.40 -5.11 14.78
CA GLU G 444 -24.35 -5.58 13.77
C GLU G 444 -25.77 -5.52 14.30
N ASN G 445 -25.98 -6.02 15.53
CA ASN G 445 -27.30 -6.00 16.13
C ASN G 445 -27.78 -4.58 16.39
N LEU G 446 -26.88 -3.67 16.74
CA LEU G 446 -27.30 -2.28 16.88
C LEU G 446 -27.84 -1.73 15.58
N TRP G 447 -27.16 -2.02 14.47
CA TRP G 447 -27.66 -1.55 13.19
C TRP G 447 -29.00 -2.20 12.85
N ASP G 448 -29.15 -3.49 13.16
CA ASP G 448 -30.44 -4.15 12.97
C ASP G 448 -31.54 -3.42 13.72
N PHE G 449 -31.28 -3.09 14.99
CA PHE G 449 -32.27 -2.38 15.78
C PHE G 449 -32.60 -1.05 15.14
N PHE G 450 -31.59 -0.37 14.61
CA PHE G 450 -31.84 0.91 13.96
C PHE G 450 -32.78 0.75 12.78
N ILE G 451 -32.52 -0.24 11.92
CA ILE G 451 -33.36 -0.47 10.75
C ILE G 451 -34.79 -0.73 11.17
N LEU G 452 -34.99 -1.65 12.11
CA LEU G 452 -36.36 -1.95 12.53
C LEU G 452 -37.04 -0.76 13.17
N ALA G 453 -36.31 0.01 13.98
CA ALA G 453 -36.91 1.14 14.66
C ALA G 453 -37.40 2.18 13.67
N LEU G 454 -36.62 2.47 12.64
CA LEU G 454 -37.11 3.42 11.65
C LEU G 454 -38.22 2.84 10.78
N ALA G 455 -38.16 1.55 10.45
CA ALA G 455 -39.12 1.02 9.49
C ALA G 455 -40.49 0.77 10.11
N LEU G 456 -40.53 0.39 11.39
CA LEU G 456 -41.79 -0.10 11.96
C LEU G 456 -42.96 0.88 11.91
N PRO G 457 -42.81 2.18 12.20
CA PRO G 457 -43.98 3.04 12.25
C PRO G 457 -44.72 3.19 10.94
N LEU G 458 -44.18 2.71 9.83
CA LEU G 458 -44.85 2.84 8.54
C LEU G 458 -45.82 1.72 8.23
N THR G 459 -45.85 0.66 9.03
CA THR G 459 -46.75 -0.45 8.78
C THR G 459 -48.11 -0.19 9.39
N THR G 460 -49.13 -0.86 8.85
CA THR G 460 -50.48 -0.72 9.36
C THR G 460 -50.76 -1.64 10.53
N ASP G 461 -49.80 -2.45 10.94
CA ASP G 461 -49.99 -3.39 12.03
C ASP G 461 -50.27 -2.62 13.32
N PRO G 462 -51.43 -2.81 13.95
CA PRO G 462 -51.69 -2.10 15.22
C PRO G 462 -50.72 -2.45 16.32
N CYS G 463 -50.19 -3.66 16.34
CA CYS G 463 -49.28 -4.10 17.39
C CYS G 463 -47.82 -3.71 17.10
N ALA G 464 -47.62 -2.72 16.23
CA ALA G 464 -46.25 -2.32 15.90
C ALA G 464 -45.47 -1.75 17.07
N PRO G 465 -46.00 -0.78 17.85
CA PRO G 465 -45.16 -0.20 18.91
C PRO G 465 -44.66 -1.20 19.93
N VAL G 466 -45.49 -2.19 20.26
CA VAL G 466 -45.05 -3.22 21.19
C VAL G 466 -43.87 -3.99 20.61
N LYS G 467 -43.94 -4.29 19.31
CA LYS G 467 -42.81 -4.96 18.68
C LYS G 467 -41.57 -4.08 18.70
N ALA G 468 -41.73 -2.78 18.47
CA ALA G 468 -40.59 -1.89 18.51
C ALA G 468 -39.93 -1.88 19.88
N PHE G 469 -40.74 -1.86 20.93
CA PHE G 469 -40.19 -1.92 22.28
C PHE G 469 -39.52 -3.25 22.55
N MET G 470 -40.19 -4.34 22.19
CA MET G 470 -39.69 -5.65 22.55
C MET G 470 -38.44 -6.01 21.76
N THR G 471 -38.21 -5.34 20.63
CA THR G 471 -36.95 -5.57 19.92
C THR G 471 -35.77 -5.20 20.79
N LEU G 472 -35.78 -3.97 21.32
CA LEU G 472 -34.72 -3.57 22.23
C LEU G 472 -34.73 -4.39 23.51
N ALA G 473 -35.91 -4.74 24.00
CA ALA G 473 -35.96 -5.58 25.19
C ALA G 473 -35.24 -6.91 24.96
N ASN G 474 -35.49 -7.55 23.82
CA ASN G 474 -34.78 -8.78 23.47
C ASN G 474 -33.30 -8.52 23.36
N MET G 475 -32.92 -7.41 22.72
CA MET G 475 -31.51 -7.09 22.57
C MET G 475 -30.81 -7.00 23.91
N MET G 476 -31.49 -6.49 24.92
CA MET G 476 -30.84 -6.08 26.16
C MET G 476 -31.05 -7.07 27.29
N VAL G 477 -31.42 -8.31 26.98
CA VAL G 477 -31.62 -9.31 28.01
C VAL G 477 -30.30 -9.61 28.70
N GLY G 478 -30.36 -9.81 30.01
CA GLY G 478 -29.17 -10.06 30.80
C GLY G 478 -28.39 -8.83 31.17
N PHE G 479 -28.34 -7.83 30.28
CA PHE G 479 -27.76 -6.54 30.62
C PHE G 479 -28.58 -5.82 31.66
N GLU G 480 -29.91 -5.88 31.53
CA GLU G 480 -30.84 -5.26 32.45
C GLU G 480 -32.25 -5.71 32.12
N THR G 481 -33.05 -5.94 33.17
CA THR G 481 -34.28 -6.71 33.09
C THR G 481 -35.49 -5.86 33.43
N ILE G 482 -36.66 -6.34 33.00
CA ILE G 482 -37.93 -5.69 33.28
C ILE G 482 -38.94 -6.77 33.67
N PRO G 483 -39.97 -6.40 34.42
CA PRO G 483 -41.00 -7.38 34.81
C PRO G 483 -41.97 -7.65 33.66
N MET G 484 -41.96 -8.89 33.18
CA MET G 484 -42.86 -9.30 32.12
C MET G 484 -44.20 -9.71 32.73
N ASP G 485 -45.06 -10.33 31.93
CA ASP G 485 -46.39 -10.68 32.40
C ASP G 485 -46.49 -12.10 32.91
N ASN G 486 -45.86 -13.06 32.23
CA ASN G 486 -45.95 -14.46 32.63
C ASN G 486 -44.68 -15.17 32.19
N GLN G 487 -44.66 -16.49 32.39
CA GLN G 487 -43.49 -17.27 32.04
C GLN G 487 -43.43 -17.61 30.56
N ILE G 488 -44.52 -17.42 29.81
CA ILE G 488 -44.54 -17.76 28.40
C ILE G 488 -43.93 -16.66 27.55
N TYR G 489 -44.41 -15.44 27.71
CA TYR G 489 -43.88 -14.31 26.95
C TYR G 489 -42.78 -13.61 27.76
N THR G 490 -41.71 -14.37 27.97
CA THR G 490 -40.56 -13.90 28.72
C THR G 490 -39.87 -12.78 27.94
N GLN G 491 -39.02 -12.02 28.63
CA GLN G 491 -38.28 -10.94 27.99
C GLN G 491 -37.42 -11.43 26.85
N SER G 492 -37.08 -12.72 26.82
CA SER G 492 -36.26 -13.27 25.75
C SER G 492 -37.08 -13.84 24.60
N ARG G 493 -38.40 -13.75 24.66
CA ARG G 493 -39.22 -14.22 23.55
C ARG G 493 -39.04 -13.31 22.33
N ARG G 494 -39.08 -13.91 21.15
CA ARG G 494 -38.90 -13.14 19.92
C ARG G 494 -39.93 -12.04 19.82
N ALA G 495 -39.47 -10.85 19.39
CA ALA G 495 -40.34 -9.70 19.36
C ALA G 495 -41.51 -9.89 18.41
N SER G 496 -41.30 -10.64 17.32
CA SER G 496 -42.36 -10.81 16.34
C SER G 496 -43.52 -11.64 16.87
N ALA G 497 -43.34 -12.30 18.02
CA ALA G 497 -44.43 -13.09 18.56
C ALA G 497 -45.56 -12.21 19.09
N PHE G 498 -45.23 -11.03 19.60
CA PHE G 498 -46.23 -10.15 20.19
C PHE G 498 -47.10 -9.54 19.10
N SER G 499 -48.18 -10.23 18.72
CA SER G 499 -48.98 -9.81 17.58
C SER G 499 -50.41 -9.45 17.93
N THR G 500 -50.86 -9.69 19.15
CA THR G 500 -52.23 -9.41 19.51
C THR G 500 -52.28 -8.48 20.72
N PRO G 501 -53.37 -7.73 20.87
CA PRO G 501 -53.46 -6.82 22.01
C PRO G 501 -53.33 -7.50 23.35
N HIS G 502 -53.80 -8.75 23.46
CA HIS G 502 -53.72 -9.45 24.73
C HIS G 502 -52.28 -9.67 25.19
N THR G 503 -51.32 -9.65 24.27
CA THR G 503 -49.93 -9.91 24.60
C THR G 503 -49.16 -8.65 24.95
N TRP G 504 -49.82 -7.51 25.04
CA TRP G 504 -49.12 -6.29 25.39
C TRP G 504 -48.67 -6.37 26.85
N PRO G 505 -47.38 -6.27 27.13
CA PRO G 505 -46.94 -6.38 28.52
C PRO G 505 -47.42 -5.21 29.36
N ARG G 506 -47.63 -5.48 30.64
CA ARG G 506 -48.06 -4.43 31.56
C ARG G 506 -46.99 -3.35 31.68
N CYS G 507 -45.72 -3.75 31.71
CA CYS G 507 -44.64 -2.78 31.90
C CYS G 507 -44.63 -1.76 30.77
N PHE G 508 -44.87 -2.20 29.54
CA PHE G 508 -44.90 -1.25 28.42
C PHE G 508 -46.06 -0.29 28.54
N MET G 509 -47.20 -0.77 29.04
CA MET G 509 -48.37 0.09 29.16
C MET G 509 -48.26 1.03 30.36
N ASN G 510 -47.51 0.65 31.38
CA ASN G 510 -47.34 1.46 32.58
C ASN G 510 -45.84 1.71 32.77
N ILE G 511 -45.40 2.92 32.43
CA ILE G 511 -43.97 3.22 32.43
C ILE G 511 -43.38 3.06 33.81
N GLN G 512 -44.19 3.30 34.86
CA GLN G 512 -43.65 3.34 36.22
C GLN G 512 -43.03 2.01 36.61
N LEU G 513 -43.49 0.90 36.03
CA LEU G 513 -42.97 -0.40 36.40
C LEU G 513 -41.50 -0.56 36.02
N ILE G 514 -41.02 0.20 35.04
CA ILE G 514 -39.63 0.08 34.61
C ILE G 514 -38.77 0.92 35.55
N SER G 515 -37.75 0.30 36.11
CA SER G 515 -36.91 0.98 37.09
C SER G 515 -36.09 2.07 36.42
N PRO G 516 -36.18 3.32 36.85
CA PRO G 516 -35.30 4.35 36.28
C PRO G 516 -33.84 4.10 36.57
N ILE G 517 -33.52 3.32 37.59
CA ILE G 517 -32.14 3.03 37.93
C ILE G 517 -31.67 1.72 37.32
N ASP G 518 -32.45 0.67 37.45
CA ASP G 518 -32.07 -0.63 36.91
C ASP G 518 -32.36 -0.77 35.42
N ALA G 519 -33.18 0.10 34.85
CA ALA G 519 -33.46 0.03 33.43
C ALA G 519 -33.57 1.42 32.82
N PRO G 520 -32.48 2.21 32.83
CA PRO G 520 -32.58 3.57 32.28
C PRO G 520 -32.87 3.60 30.79
N ILE G 521 -32.14 2.79 30.02
CA ILE G 521 -32.27 2.83 28.57
C ILE G 521 -33.67 2.36 28.15
N LEU G 522 -34.16 1.29 28.75
CA LEU G 522 -35.47 0.79 28.37
C LEU G 522 -36.56 1.79 28.74
N ARG G 523 -36.43 2.45 29.88
CA ARG G 523 -37.41 3.46 30.25
C ARG G 523 -37.38 4.63 29.28
N GLN G 524 -36.18 5.05 28.88
CA GLN G 524 -36.08 6.11 27.88
C GLN G 524 -36.76 5.69 26.58
N TRP G 525 -36.51 4.47 26.15
CA TRP G 525 -37.11 3.97 24.91
C TRP G 525 -38.63 3.96 25.00
N ALA G 526 -39.16 3.52 26.13
CA ALA G 526 -40.60 3.47 26.30
C ALA G 526 -41.20 4.87 26.29
N GLU G 527 -40.56 5.82 26.98
CA GLU G 527 -41.06 7.18 26.97
C GLU G 527 -41.04 7.76 25.57
N ILE G 528 -39.96 7.50 24.83
CA ILE G 528 -39.87 8.00 23.46
C ILE G 528 -40.99 7.44 22.61
N ILE G 529 -41.24 6.13 22.73
CA ILE G 529 -42.31 5.52 21.94
C ILE G 529 -43.65 6.15 22.28
N HIS G 530 -43.91 6.33 23.57
CA HIS G 530 -45.19 6.90 23.98
C HIS G 530 -45.36 8.33 23.49
N ARG G 531 -44.30 9.13 23.55
CA ARG G 531 -44.46 10.55 23.31
C ARG G 531 -44.17 10.98 21.88
N TYR G 532 -43.68 10.08 21.03
CA TYR G 532 -43.29 10.49 19.69
C TYR G 532 -43.80 9.58 18.58
N TRP G 533 -44.55 8.55 18.90
CA TRP G 533 -45.11 7.72 17.84
C TRP G 533 -46.08 8.54 17.01
N PRO G 534 -46.12 8.34 15.70
CA PRO G 534 -46.90 9.22 14.84
C PRO G 534 -48.38 9.21 15.16
N ASN G 535 -49.04 10.34 14.89
CA ASN G 535 -50.46 10.56 15.12
C ASN G 535 -51.23 10.40 13.83
N PRO G 536 -52.32 9.63 13.82
CA PRO G 536 -53.14 9.51 12.62
C PRO G 536 -53.87 10.81 12.33
N SER G 537 -54.32 10.93 11.07
CA SER G 537 -55.07 12.10 10.63
C SER G 537 -56.05 11.65 9.55
N GLN G 538 -56.62 12.62 8.83
CA GLN G 538 -57.63 12.32 7.83
C GLN G 538 -57.53 13.34 6.71
N ILE G 539 -58.16 13.02 5.59
CA ILE G 539 -58.14 13.89 4.41
C ILE G 539 -59.41 13.65 3.61
N ARG G 540 -59.86 14.69 2.92
CA ARG G 540 -61.07 14.61 2.10
C ARG G 540 -60.72 14.30 0.65
N TYR G 541 -61.60 13.56 -0.01
CA TYR G 541 -61.34 13.10 -1.35
C TYR G 541 -62.66 12.75 -2.03
N GLY G 542 -62.59 12.50 -3.33
CA GLY G 542 -63.71 11.96 -4.07
C GLY G 542 -64.72 13.00 -4.48
N ALA G 543 -65.64 12.58 -5.34
CA ALA G 543 -66.73 13.40 -5.85
C ALA G 543 -68.04 12.64 -5.65
N PRO G 544 -68.63 12.74 -4.46
CA PRO G 544 -69.76 11.86 -4.14
C PRO G 544 -70.96 12.02 -5.04
N ASN G 545 -71.27 13.23 -5.49
CA ASN G 545 -72.54 13.47 -6.15
C ASN G 545 -72.68 12.69 -7.46
N VAL G 546 -71.58 12.18 -7.99
CA VAL G 546 -71.61 11.32 -9.16
C VAL G 546 -71.10 9.92 -8.83
N PHE G 547 -69.99 9.83 -8.11
CA PHE G 547 -69.37 8.55 -7.81
C PHE G 547 -69.97 7.86 -6.59
N GLY G 548 -70.88 8.51 -5.89
CA GLY G 548 -71.36 7.90 -4.67
C GLY G 548 -70.22 7.82 -3.66
N SER G 549 -70.33 6.82 -2.79
CA SER G 549 -69.30 6.59 -1.78
C SER G 549 -69.44 5.16 -1.28
N ALA G 550 -68.37 4.38 -1.40
CA ALA G 550 -68.37 2.99 -0.98
C ALA G 550 -67.86 2.81 0.45
N ASN G 551 -67.63 3.89 1.17
CA ASN G 551 -67.13 3.77 2.54
C ASN G 551 -68.14 3.04 3.41
N LEU G 552 -67.64 2.19 4.30
CA LEU G 552 -68.48 1.38 5.17
C LEU G 552 -68.41 1.83 6.62
N PHE G 553 -67.22 1.84 7.20
CA PHE G 553 -67.06 2.16 8.62
C PHE G 553 -66.59 3.57 8.86
N THR G 554 -66.44 4.38 7.82
CA THR G 554 -65.98 5.75 7.93
C THR G 554 -66.94 6.66 7.19
N PRO G 555 -67.02 7.93 7.56
CA PRO G 555 -67.89 8.84 6.84
C PRO G 555 -67.45 8.98 5.40
N PRO G 556 -68.37 9.27 4.49
CA PRO G 556 -67.99 9.44 3.09
C PRO G 556 -67.01 10.60 2.93
N GLU G 557 -66.27 10.58 1.83
CA GLU G 557 -65.26 11.58 1.50
C GLU G 557 -64.05 11.51 2.41
N VAL G 558 -64.07 10.64 3.41
CA VAL G 558 -63.03 10.62 4.42
C VAL G 558 -62.05 9.51 4.09
N LEU G 559 -60.76 9.84 4.09
CA LEU G 559 -59.69 8.87 3.87
C LEU G 559 -58.75 8.96 5.05
N LEU G 560 -58.67 7.88 5.84
CA LEU G 560 -57.86 7.90 7.05
C LEU G 560 -56.40 7.62 6.74
N LEU G 561 -55.52 8.25 7.51
CA LEU G 561 -54.09 8.07 7.38
C LEU G 561 -53.49 7.73 8.73
N PRO G 562 -52.40 6.98 8.75
CA PRO G 562 -51.69 6.73 10.01
C PRO G 562 -50.60 7.74 10.33
N ILE G 563 -50.53 8.85 9.61
CA ILE G 563 -49.49 9.85 9.80
C ILE G 563 -50.13 11.23 9.69
N ASP G 564 -49.70 12.15 10.54
CA ASP G 564 -50.23 13.50 10.48
C ASP G 564 -49.94 14.13 9.12
N HIS G 565 -50.95 14.77 8.55
CA HIS G 565 -50.85 15.44 7.27
C HIS G 565 -50.95 16.94 7.47
N GLN G 566 -49.94 17.66 7.02
CA GLN G 566 -49.91 19.12 7.10
C GLN G 566 -49.74 19.66 5.69
N PRO G 567 -50.81 20.17 5.08
CA PRO G 567 -50.73 20.54 3.67
C PRO G 567 -49.66 21.60 3.42
N ALA G 568 -48.96 21.45 2.30
CA ALA G 568 -47.89 22.37 1.97
C ALA G 568 -48.46 23.72 1.56
N ASN G 569 -47.70 24.79 1.83
CA ASN G 569 -48.14 26.14 1.52
C ASN G 569 -47.35 26.77 0.38
N VAL G 570 -46.33 26.09 -0.14
CA VAL G 570 -45.50 26.62 -1.22
C VAL G 570 -45.39 25.57 -2.30
N THR G 571 -45.09 26.00 -3.52
CA THR G 571 -44.91 25.11 -4.64
C THR G 571 -43.46 24.98 -5.07
N THR G 572 -42.53 25.51 -4.28
CA THR G 572 -41.10 25.39 -4.55
C THR G 572 -40.47 24.83 -3.29
N PRO G 573 -40.61 23.53 -3.05
CA PRO G 573 -40.23 22.98 -1.75
C PRO G 573 -38.73 23.03 -1.52
N THR G 574 -38.36 23.08 -0.25
CA THR G 574 -36.98 23.02 0.18
C THR G 574 -36.87 22.07 1.36
N LEU G 575 -35.64 21.76 1.72
CA LEU G 575 -35.41 20.85 2.84
C LEU G 575 -35.94 21.46 4.13
N ASP G 576 -36.56 20.62 4.95
CA ASP G 576 -37.12 21.03 6.23
C ASP G 576 -36.96 19.90 7.21
N PHE G 577 -36.68 20.24 8.46
CA PHE G 577 -36.47 19.24 9.51
C PHE G 577 -37.55 19.27 10.59
N THR G 578 -38.56 20.13 10.45
CA THR G 578 -39.66 20.17 11.42
C THR G 578 -40.75 19.21 10.96
N ASN G 579 -40.45 17.92 11.09
CA ASN G 579 -41.28 16.87 10.56
C ASN G 579 -41.60 15.84 11.63
N GLU G 580 -42.71 15.14 11.43
CA GLU G 580 -43.09 14.09 12.36
C GLU G 580 -42.09 12.95 12.33
N LEU G 581 -41.70 12.53 11.13
CA LEU G 581 -40.77 11.42 10.99
C LEU G 581 -39.33 11.84 11.27
N THR G 582 -38.97 13.09 10.94
CA THR G 582 -37.63 13.56 11.27
C THR G 582 -37.42 13.58 12.77
N ASN G 583 -38.43 13.98 13.54
CA ASN G 583 -38.32 13.93 14.98
C ASN G 583 -38.10 12.49 15.45
N TRP G 584 -38.82 11.55 14.83
CA TRP G 584 -38.63 10.16 15.19
C TRP G 584 -37.19 9.72 14.95
N ARG G 585 -36.65 10.07 13.79
CA ARG G 585 -35.27 9.69 13.48
C ARG G 585 -34.30 10.31 14.47
N ALA G 586 -34.50 11.58 14.80
CA ALA G 586 -33.60 12.25 15.73
C ALA G 586 -33.67 11.61 17.10
N ARG G 587 -34.87 11.27 17.57
CA ARG G 587 -35.01 10.64 18.87
C ARG G 587 -34.32 9.29 18.89
N VAL G 588 -34.47 8.51 17.82
CA VAL G 588 -33.83 7.20 17.79
C VAL G 588 -32.31 7.35 17.82
N CYS G 589 -31.77 8.28 17.04
CA CYS G 589 -30.33 8.48 17.06
C CYS G 589 -29.85 8.92 18.44
N GLU G 590 -30.60 9.81 19.09
CA GLU G 590 -30.19 10.27 20.41
C GLU G 590 -30.25 9.14 21.43
N LEU G 591 -31.24 8.27 21.33
CA LEU G 591 -31.29 7.13 22.24
C LEU G 591 -30.08 6.24 22.03
N MET G 592 -29.73 5.97 20.77
CA MET G 592 -28.56 5.14 20.50
C MET G 592 -27.31 5.79 21.06
N LYS G 593 -27.19 7.10 20.93
CA LYS G 593 -26.03 7.81 21.48
C LYS G 593 -25.99 7.68 22.99
N ASN G 594 -27.13 7.82 23.66
CA ASN G 594 -27.16 7.63 25.11
C ASN G 594 -26.77 6.21 25.48
N LEU G 595 -27.09 5.25 24.62
CA LEU G 595 -26.73 3.87 24.89
C LEU G 595 -25.22 3.68 24.80
N VAL G 596 -24.61 4.18 23.73
CA VAL G 596 -23.20 3.85 23.48
C VAL G 596 -22.29 4.45 24.53
N ASP G 597 -22.61 5.64 25.05
CA ASP G 597 -21.75 6.31 26.01
C ASP G 597 -22.10 5.99 27.45
N ASN G 598 -23.02 5.04 27.68
CA ASN G 598 -23.41 4.70 29.03
C ASN G 598 -22.21 4.17 29.82
N GLN G 599 -22.16 4.51 31.10
CA GLN G 599 -20.96 4.31 31.88
C GLN G 599 -20.62 2.83 32.06
N ARG G 600 -21.61 1.95 32.01
CA ARG G 600 -21.37 0.53 32.19
C ARG G 600 -21.38 -0.23 30.87
N TYR G 601 -21.25 0.48 29.75
CA TYR G 601 -21.13 -0.16 28.45
C TYR G 601 -19.91 0.38 27.72
N GLN G 602 -19.64 1.67 27.93
CA GLN G 602 -18.52 2.31 27.23
C GLN G 602 -17.16 1.68 27.50
N PRO G 603 -16.79 1.28 28.73
CA PRO G 603 -15.45 0.71 28.93
C PRO G 603 -15.16 -0.51 28.10
N GLY G 604 -16.19 -1.17 27.55
CA GLY G 604 -15.93 -2.30 26.69
C GLY G 604 -15.47 -1.97 25.29
N TRP G 605 -15.41 -0.68 24.94
CA TRP G 605 -15.05 -0.26 23.60
C TRP G 605 -13.83 0.64 23.65
N THR G 606 -13.00 0.54 22.62
CA THR G 606 -11.85 1.41 22.50
C THR G 606 -12.29 2.84 22.24
N GLN G 607 -11.40 3.78 22.54
CA GLN G 607 -11.78 5.19 22.50
C GLN G 607 -12.12 5.65 21.10
N SER G 608 -11.34 5.23 20.11
CA SER G 608 -11.57 5.70 18.74
C SER G 608 -12.91 5.20 18.21
N LEU G 609 -13.29 3.97 18.56
CA LEU G 609 -14.54 3.42 18.07
C LEU G 609 -15.73 4.21 18.57
N VAL G 610 -15.67 4.70 19.80
CA VAL G 610 -16.76 5.50 20.33
C VAL G 610 -16.94 6.77 19.52
N SER G 611 -15.82 7.44 19.20
CA SER G 611 -15.91 8.66 18.40
C SER G 611 -16.46 8.36 17.02
N SER G 612 -16.03 7.26 16.40
CA SER G 612 -16.55 6.91 15.08
C SER G 612 -18.05 6.63 15.15
N MET G 613 -18.49 5.92 16.19
CA MET G 613 -19.90 5.61 16.36
C MET G 613 -20.72 6.88 16.49
N ARG G 614 -20.27 7.79 17.34
CA ARG G 614 -21.02 9.04 17.52
C ARG G 614 -21.03 9.87 16.24
N GLY G 615 -19.92 9.89 15.51
CA GLY G 615 -19.90 10.60 14.25
C GLY G 615 -20.89 10.02 13.25
N THR G 616 -20.94 8.70 13.16
CA THR G 616 -21.89 8.07 12.25
C THR G 616 -23.32 8.37 12.65
N LEU G 617 -23.62 8.33 13.95
CA LEU G 617 -24.97 8.64 14.39
C LEU G 617 -25.33 10.08 14.07
N ASP G 618 -24.39 11.01 14.27
CA ASP G 618 -24.65 12.40 13.91
C ASP G 618 -24.92 12.54 12.43
N LYS G 619 -24.12 11.86 11.60
CA LYS G 619 -24.37 11.86 10.17
C LYS G 619 -25.77 11.39 9.85
N LEU G 620 -26.19 10.27 10.44
CA LEU G 620 -27.51 9.72 10.14
C LEU G 620 -28.61 10.68 10.60
N LYS G 621 -28.40 11.35 11.72
CA LYS G 621 -29.42 12.27 12.23
C LYS G 621 -29.67 13.40 11.24
N LEU G 622 -28.61 13.94 10.65
CA LEU G 622 -28.71 15.10 9.78
C LEU G 622 -28.61 14.75 8.31
N ILE G 623 -29.03 13.55 7.91
CA ILE G 623 -29.08 13.22 6.50
C ILE G 623 -30.08 14.12 5.80
N LYS G 624 -29.79 14.49 4.56
CA LYS G 624 -30.66 15.38 3.80
C LYS G 624 -31.66 14.60 2.98
N SER G 625 -32.37 13.69 3.63
CA SER G 625 -33.35 12.86 2.94
C SER G 625 -34.65 13.61 2.79
N MET G 626 -35.18 13.67 1.57
CA MET G 626 -36.37 14.44 1.29
C MET G 626 -37.64 13.64 1.53
N THR G 627 -37.51 12.37 1.94
CA THR G 627 -38.68 11.50 2.09
C THR G 627 -39.67 11.98 3.13
N PRO G 628 -39.28 12.30 4.37
CA PRO G 628 -40.30 12.59 5.38
C PRO G 628 -41.23 13.74 5.02
N MET G 629 -40.70 14.81 4.44
CA MET G 629 -41.59 15.91 4.09
C MET G 629 -42.46 15.54 2.91
N TYR G 630 -41.94 14.70 2.00
CA TYR G 630 -42.80 14.16 0.96
C TYR G 630 -43.98 13.43 1.56
N LEU G 631 -43.71 12.51 2.50
CA LEU G 631 -44.78 11.77 3.14
C LEU G 631 -45.74 12.67 3.89
N GLN G 632 -45.25 13.74 4.48
CA GLN G 632 -46.11 14.63 5.23
C GLN G 632 -46.97 15.52 4.34
N GLN G 633 -46.46 15.96 3.20
CA GLN G 633 -47.12 16.99 2.41
C GLN G 633 -47.73 16.49 1.11
N LEU G 634 -47.01 15.70 0.32
CA LEU G 634 -47.44 15.37 -1.02
C LEU G 634 -48.11 14.02 -1.14
N ALA G 635 -47.62 13.02 -0.41
CA ALA G 635 -48.20 11.68 -0.51
C ALA G 635 -49.69 11.64 -0.22
N PRO G 636 -50.21 12.31 0.81
CA PRO G 636 -51.66 12.31 0.99
C PRO G 636 -52.42 12.86 -0.20
N VAL G 637 -51.88 13.91 -0.85
CA VAL G 637 -52.55 14.46 -2.02
C VAL G 637 -52.60 13.42 -3.12
N GLU G 638 -51.49 12.73 -3.37
CA GLU G 638 -51.47 11.71 -4.41
C GLU G 638 -52.46 10.60 -4.10
N LEU G 639 -52.49 10.15 -2.85
CA LEU G 639 -53.43 9.09 -2.49
C LEU G 639 -54.87 9.54 -2.69
N ALA G 640 -55.17 10.78 -2.32
CA ALA G 640 -56.52 11.29 -2.51
C ALA G 640 -56.89 11.35 -3.98
N VAL G 641 -55.95 11.77 -4.82
CA VAL G 641 -56.22 11.82 -6.26
C VAL G 641 -56.48 10.42 -6.79
N ILE G 642 -55.65 9.45 -6.39
CA ILE G 642 -55.75 8.12 -6.96
C ILE G 642 -57.02 7.40 -6.50
N ALA G 643 -57.40 7.58 -5.24
CA ALA G 643 -58.37 6.69 -4.61
C ALA G 643 -59.65 6.45 -5.40
N PRO G 644 -60.36 7.46 -5.91
CA PRO G 644 -61.64 7.18 -6.56
C PRO G 644 -61.53 6.34 -7.82
N MET G 645 -60.36 6.30 -8.45
CA MET G 645 -60.20 5.55 -9.69
C MET G 645 -59.71 4.12 -9.48
N LEU G 646 -59.61 3.66 -8.25
CA LEU G 646 -59.20 2.28 -8.02
C LEU G 646 -60.29 1.31 -8.47
N PRO G 647 -59.91 0.17 -9.04
CA PRO G 647 -60.90 -0.88 -9.30
C PRO G 647 -61.54 -1.41 -8.03
N PHE G 648 -60.77 -1.46 -6.94
CA PHE G 648 -61.28 -1.93 -5.65
C PHE G 648 -61.24 -0.76 -4.67
N PRO G 649 -62.38 -0.16 -4.35
CA PRO G 649 -62.38 1.08 -3.57
C PRO G 649 -61.83 0.85 -2.18
N PRO G 650 -61.35 1.90 -1.52
CA PRO G 650 -60.69 1.72 -0.22
C PRO G 650 -61.62 1.16 0.83
N PHE G 651 -61.03 0.45 1.79
CA PHE G 651 -61.79 -0.17 2.87
C PHE G 651 -60.92 -0.11 4.11
N GLN G 652 -61.24 0.80 5.02
CA GLN G 652 -60.39 1.06 6.19
C GLN G 652 -61.21 0.95 7.47
N VAL G 653 -60.48 0.74 8.57
CA VAL G 653 -61.05 0.84 9.90
C VAL G 653 -60.18 1.81 10.68
N PRO G 654 -60.69 2.47 11.71
CA PRO G 654 -59.95 3.59 12.31
C PRO G 654 -58.60 3.17 12.88
N TYR G 655 -57.65 4.10 12.80
CA TYR G 655 -56.31 3.89 13.35
C TYR G 655 -56.26 4.41 14.78
N VAL G 656 -55.73 3.61 15.68
CA VAL G 656 -55.48 4.01 17.05
C VAL G 656 -54.01 3.77 17.35
N ARG G 657 -53.32 4.79 17.85
CA ARG G 657 -51.87 4.66 17.94
C ARG G 657 -51.46 3.83 19.14
N LEU G 658 -51.99 4.13 20.32
CA LEU G 658 -51.64 3.39 21.52
C LEU G 658 -52.82 2.97 22.37
N ASP G 659 -54.04 3.40 22.03
CA ASP G 659 -55.19 3.06 22.85
C ASP G 659 -55.51 1.57 22.67
N ARG G 660 -54.99 0.74 23.56
CA ARG G 660 -55.14 -0.71 23.41
C ARG G 660 -56.58 -1.16 23.41
N ASP G 661 -57.49 -0.39 24.00
CA ASP G 661 -58.86 -0.86 24.12
C ASP G 661 -59.61 -0.77 22.80
N ARG G 662 -59.22 0.15 21.91
CA ARG G 662 -59.96 0.37 20.68
C ARG G 662 -59.34 -0.36 19.49
N VAL G 663 -58.36 -1.22 19.72
CA VAL G 663 -57.71 -1.92 18.62
C VAL G 663 -58.70 -2.89 17.99
N PRO G 664 -58.94 -2.81 16.67
CA PRO G 664 -59.82 -3.79 16.03
C PRO G 664 -59.23 -5.18 16.12
N THR G 665 -60.10 -6.18 16.33
CA THR G 665 -59.66 -7.56 16.42
C THR G 665 -60.43 -8.50 15.52
N MET G 666 -61.43 -8.04 14.78
CA MET G 666 -62.25 -8.94 13.98
C MET G 666 -63.04 -8.13 12.98
N VAL G 667 -63.06 -8.59 11.73
CA VAL G 667 -63.92 -8.05 10.70
C VAL G 667 -64.62 -9.21 10.03
N GLY G 668 -65.94 -9.20 10.04
CA GLY G 668 -66.70 -10.34 9.55
C GLY G 668 -67.84 -9.90 8.66
N VAL G 669 -68.20 -10.78 7.73
CA VAL G 669 -69.35 -10.59 6.87
C VAL G 669 -70.23 -11.82 6.98
N THR G 670 -71.49 -11.67 6.61
CA THR G 670 -72.43 -12.76 6.65
C THR G 670 -73.21 -12.80 5.33
N ARG G 671 -73.62 -14.02 4.95
CA ARG G 671 -74.43 -14.18 3.76
C ARG G 671 -75.69 -14.98 4.01
N GLN G 672 -76.03 -15.27 5.26
CA GLN G 672 -77.23 -16.02 5.57
C GLN G 672 -77.62 -15.76 7.01
N SER G 673 -78.64 -16.48 7.46
CA SER G 673 -79.16 -16.34 8.82
C SER G 673 -79.41 -17.72 9.40
N ARG G 674 -79.48 -17.79 10.72
CA ARG G 674 -79.71 -19.07 11.38
C ARG G 674 -81.17 -19.49 11.21
N ASP G 675 -81.53 -20.53 11.96
CA ASP G 675 -82.81 -21.21 11.74
C ASP G 675 -83.99 -20.28 11.97
N THR G 676 -84.19 -19.85 13.21
CA THR G 676 -85.41 -19.12 13.54
C THR G 676 -85.19 -17.62 13.52
N ILE G 677 -83.94 -17.16 13.54
CA ILE G 677 -83.67 -15.74 13.53
C ILE G 677 -84.09 -15.16 12.20
N THR G 678 -84.65 -13.95 12.24
CA THR G 678 -85.16 -13.30 11.06
C THR G 678 -84.59 -11.92 10.84
N GLN G 679 -84.19 -11.21 11.90
CA GLN G 679 -83.71 -9.85 11.82
C GLN G 679 -82.19 -9.86 11.76
N PRO G 680 -81.58 -9.28 10.72
CA PRO G 680 -80.12 -9.40 10.59
C PRO G 680 -79.35 -8.86 11.76
N ALA G 681 -79.89 -7.86 12.46
CA ALA G 681 -79.19 -7.29 13.60
C ALA G 681 -78.96 -8.30 14.71
N LEU G 682 -79.71 -9.39 14.72
CA LEU G 682 -79.57 -10.41 15.76
C LEU G 682 -78.68 -11.58 15.36
N SER G 683 -78.87 -12.11 14.15
CA SER G 683 -78.09 -13.26 13.73
C SER G 683 -76.68 -12.88 13.28
N LEU G 684 -76.38 -11.59 13.16
CA LEU G 684 -75.09 -11.16 12.63
C LEU G 684 -73.94 -11.62 13.51
N SER G 685 -74.10 -11.53 14.83
CA SER G 685 -72.99 -11.78 15.73
C SER G 685 -72.53 -13.23 15.68
N THR G 686 -73.38 -14.16 15.27
CA THR G 686 -73.04 -15.58 15.32
C THR G 686 -73.01 -16.25 13.96
N THR G 687 -73.27 -15.54 12.88
CA THR G 687 -73.35 -16.14 11.55
C THR G 687 -72.45 -15.40 10.56
N ASN G 688 -71.34 -14.87 11.05
CA ASN G 688 -70.40 -14.13 10.22
C ASN G 688 -69.08 -14.85 10.13
N THR G 689 -68.36 -14.58 9.04
CA THR G 689 -67.07 -15.20 8.77
C THR G 689 -65.98 -14.16 8.82
N THR G 690 -64.94 -14.40 9.61
CA THR G 690 -63.85 -13.46 9.75
C THR G 690 -63.11 -13.30 8.42
N VAL G 691 -62.63 -12.09 8.17
CA VAL G 691 -61.98 -11.75 6.91
C VAL G 691 -60.73 -10.97 7.20
N GLY G 692 -59.65 -11.29 6.51
CA GLY G 692 -58.40 -10.53 6.60
C GLY G 692 -57.19 -11.42 6.58
N VAL G 693 -56.10 -10.89 6.01
CA VAL G 693 -54.82 -11.60 5.97
C VAL G 693 -53.69 -10.66 6.31
N PRO G 694 -52.58 -11.16 6.84
CA PRO G 694 -51.39 -10.36 7.00
C PRO G 694 -50.46 -10.47 5.81
N LEU G 695 -49.81 -9.36 5.50
CA LEU G 695 -48.86 -9.29 4.39
C LEU G 695 -47.49 -8.92 4.95
N ALA G 696 -46.47 -9.64 4.51
CA ALA G 696 -45.12 -9.48 5.04
C ALA G 696 -44.30 -8.61 4.10
N LEU G 697 -43.61 -7.63 4.68
CA LEU G 697 -42.72 -6.75 3.94
C LEU G 697 -41.30 -6.92 4.46
N ASP G 698 -40.39 -6.14 3.89
CA ASP G 698 -39.00 -6.14 4.30
C ASP G 698 -38.65 -4.75 4.81
N ALA G 699 -38.33 -4.68 6.09
CA ALA G 699 -38.04 -3.38 6.70
C ALA G 699 -36.78 -2.77 6.12
N ARG G 700 -35.83 -3.62 5.73
CA ARG G 700 -34.51 -3.16 5.35
C ARG G 700 -34.54 -2.43 4.00
N ALA G 701 -35.66 -2.53 3.27
CA ALA G 701 -35.89 -1.66 2.12
C ALA G 701 -36.61 -0.39 2.52
N ILE G 702 -37.51 -0.48 3.50
CA ILE G 702 -38.25 0.70 3.95
C ILE G 702 -37.30 1.73 4.49
N THR G 703 -36.30 1.30 5.26
CA THR G 703 -35.34 2.25 5.80
C THR G 703 -34.57 2.95 4.70
N VAL G 704 -34.14 2.21 3.68
CA VAL G 704 -33.46 2.84 2.55
C VAL G 704 -34.35 3.91 1.93
N ALA G 705 -35.62 3.57 1.71
CA ALA G 705 -36.52 4.55 1.11
C ALA G 705 -36.66 5.78 2.00
N LEU G 706 -36.72 5.57 3.31
CA LEU G 706 -36.83 6.70 4.22
C LEU G 706 -35.57 7.55 4.23
N LEU G 707 -34.42 6.97 3.96
CA LEU G 707 -33.15 7.67 4.13
C LEU G 707 -32.61 8.29 2.86
N SER G 708 -33.22 8.05 1.70
CA SER G 708 -32.57 8.43 0.45
C SER G 708 -33.57 9.02 -0.53
N GLY G 709 -34.56 9.76 -0.04
CA GLY G 709 -35.48 10.44 -0.94
C GLY G 709 -34.80 11.63 -1.59
N LYS G 710 -35.21 11.93 -2.81
CA LYS G 710 -34.61 13.03 -3.55
C LYS G 710 -35.60 13.57 -4.57
N TYR G 711 -35.66 14.89 -4.69
CA TYR G 711 -36.51 15.59 -5.61
C TYR G 711 -35.75 16.01 -6.85
N PRO G 712 -36.46 16.28 -7.95
CA PRO G 712 -35.79 16.92 -9.08
C PRO G 712 -35.25 18.28 -8.67
N PRO G 713 -34.21 18.75 -9.35
CA PRO G 713 -33.56 20.00 -8.88
C PRO G 713 -34.49 21.19 -8.82
N ASP G 714 -35.16 21.51 -9.92
CA ASP G 714 -36.07 22.66 -9.96
C ASP G 714 -37.49 22.12 -10.08
N LEU G 715 -38.14 21.95 -8.94
CA LEU G 715 -39.47 21.38 -8.87
C LEU G 715 -40.48 22.47 -8.63
N VAL G 716 -41.57 22.45 -9.40
CA VAL G 716 -42.73 23.31 -9.17
C VAL G 716 -43.93 22.39 -9.14
N THR G 717 -44.43 22.08 -7.94
CA THR G 717 -45.37 20.99 -7.78
C THR G 717 -46.64 21.22 -8.58
N ASN G 718 -47.18 22.44 -8.55
CA ASN G 718 -48.43 22.69 -9.25
C ASN G 718 -48.30 22.49 -10.75
N VAL G 719 -47.09 22.51 -11.28
CA VAL G 719 -46.87 22.21 -12.69
C VAL G 719 -46.60 20.73 -12.89
N TRP G 720 -45.78 20.14 -12.02
CA TRP G 720 -45.44 18.73 -12.15
C TRP G 720 -46.68 17.86 -12.09
N TYR G 721 -47.53 18.09 -11.10
CA TYR G 721 -48.73 17.27 -10.98
C TYR G 721 -49.71 17.57 -12.10
N ALA G 722 -49.84 18.82 -12.49
CA ALA G 722 -50.71 19.15 -13.61
C ALA G 722 -50.30 18.40 -14.86
N ASP G 723 -49.00 18.23 -15.06
CA ASP G 723 -48.53 17.45 -16.19
C ASP G 723 -48.79 15.96 -15.99
N ALA G 724 -48.48 15.44 -14.80
CA ALA G 724 -48.49 14.00 -14.61
C ALA G 724 -49.91 13.45 -14.58
N ILE G 725 -50.82 14.10 -13.87
CA ILE G 725 -52.15 13.56 -13.67
C ILE G 725 -52.94 13.55 -14.96
N TYR G 726 -52.75 14.57 -15.80
CA TYR G 726 -53.59 14.90 -16.94
C TYR G 726 -54.15 13.69 -17.69
N PRO G 727 -53.32 12.76 -18.18
CA PRO G 727 -53.89 11.66 -18.97
C PRO G 727 -54.70 10.68 -18.16
N MET G 728 -54.41 10.54 -16.87
CA MET G 728 -55.00 9.45 -16.10
C MET G 728 -56.48 9.72 -15.80
N TYR G 729 -56.95 10.94 -15.99
CA TYR G 729 -58.36 11.29 -15.84
C TYR G 729 -59.06 11.48 -17.18
N ALA G 730 -58.81 10.57 -18.11
CA ALA G 730 -59.63 10.40 -19.28
C ALA G 730 -60.26 9.03 -19.37
N ASP G 731 -59.86 8.10 -18.50
CA ASP G 731 -60.30 6.71 -18.59
C ASP G 731 -61.73 6.58 -18.09
N THR G 732 -62.40 5.53 -18.55
CA THR G 732 -63.80 5.30 -18.25
C THR G 732 -64.04 4.04 -17.43
N GLU G 733 -63.02 3.52 -16.77
CA GLU G 733 -63.19 2.27 -16.03
C GLU G 733 -64.19 2.43 -14.91
N VAL G 734 -64.14 3.55 -14.20
CA VAL G 734 -65.01 3.77 -13.04
C VAL G 734 -66.47 3.72 -13.46
N PHE G 735 -66.78 4.38 -14.58
CA PHE G 735 -68.17 4.45 -15.00
C PHE G 735 -68.72 3.07 -15.35
N SER G 736 -67.89 2.24 -15.98
CA SER G 736 -68.30 0.85 -16.22
C SER G 736 -68.47 0.11 -14.91
N ASN G 737 -67.57 0.35 -13.95
CA ASN G 737 -67.70 -0.31 -12.66
C ASN G 737 -69.04 -0.01 -12.02
N LEU G 738 -69.49 1.24 -12.12
CA LEU G 738 -70.75 1.63 -11.48
C LEU G 738 -71.92 0.81 -12.04
N GLN G 739 -71.98 0.67 -13.35
CA GLN G 739 -73.01 -0.16 -13.96
C GLN G 739 -72.88 -1.60 -13.48
N ARG G 740 -71.65 -2.08 -13.32
CA ARG G 740 -71.46 -3.44 -12.83
C ARG G 740 -72.05 -3.59 -11.42
N ASP G 741 -71.82 -2.62 -10.54
CA ASP G 741 -72.38 -2.73 -9.20
C ASP G 741 -73.89 -2.71 -9.24
N MET G 742 -74.46 -1.86 -10.10
CA MET G 742 -75.91 -1.83 -10.24
C MET G 742 -76.44 -3.19 -10.62
N ILE G 743 -75.82 -3.82 -11.62
CA ILE G 743 -76.29 -5.12 -12.09
C ILE G 743 -76.16 -6.16 -10.98
N THR G 744 -75.09 -6.07 -10.18
CA THR G 744 -74.92 -7.02 -9.10
C THR G 744 -76.08 -6.93 -8.11
N CYS G 745 -76.41 -5.71 -7.67
CA CYS G 745 -77.53 -5.58 -6.73
C CYS G 745 -78.84 -6.04 -7.36
N GLU G 746 -79.06 -5.69 -8.62
CA GLU G 746 -80.23 -6.15 -9.36
C GLU G 746 -80.35 -7.66 -9.29
N ALA G 747 -79.26 -8.36 -9.60
CA ALA G 747 -79.29 -9.82 -9.64
C ALA G 747 -79.55 -10.40 -8.27
N VAL G 748 -78.95 -9.82 -7.23
CA VAL G 748 -79.18 -10.34 -5.87
C VAL G 748 -80.65 -10.27 -5.52
N GLN G 749 -81.26 -9.11 -5.74
CA GLN G 749 -82.67 -8.97 -5.39
C GLN G 749 -83.54 -9.90 -6.22
N THR G 750 -83.21 -10.05 -7.51
CA THR G 750 -83.97 -10.99 -8.34
C THR G 750 -83.86 -12.40 -7.80
N LEU G 751 -82.66 -12.79 -7.37
CA LEU G 751 -82.47 -14.13 -6.84
C LEU G 751 -83.35 -14.36 -5.63
N VAL G 752 -83.35 -13.42 -4.67
CA VAL G 752 -84.15 -13.67 -3.48
C VAL G 752 -85.63 -13.68 -3.80
N THR G 753 -86.09 -12.79 -4.68
CA THR G 753 -87.51 -12.77 -5.02
C THR G 753 -87.93 -14.08 -5.69
N LEU G 754 -87.12 -14.58 -6.61
CA LEU G 754 -87.48 -15.82 -7.29
C LEU G 754 -87.46 -17.00 -6.33
N VAL G 755 -86.44 -17.09 -5.48
CA VAL G 755 -86.33 -18.24 -4.58
C VAL G 755 -87.49 -18.24 -3.59
N ALA G 756 -87.96 -17.06 -3.17
CA ALA G 756 -89.05 -17.04 -2.20
C ALA G 756 -90.30 -17.75 -2.70
N GLN G 757 -90.45 -17.92 -4.01
CA GLN G 757 -91.66 -18.56 -4.53
C GLN G 757 -91.71 -20.05 -4.23
N ILE G 758 -90.62 -20.78 -4.48
CA ILE G 758 -90.64 -22.23 -4.36
C ILE G 758 -90.27 -22.72 -2.98
N SER G 759 -89.92 -21.83 -2.06
CA SER G 759 -89.51 -22.21 -0.73
C SER G 759 -90.11 -21.23 0.27
N GLU G 760 -89.60 -21.24 1.49
CA GLU G 760 -90.07 -20.38 2.56
C GLU G 760 -88.92 -19.50 3.01
N THR G 761 -89.05 -18.20 2.80
CA THR G 761 -88.04 -17.24 3.18
C THR G 761 -88.59 -16.29 4.23
N GLN G 762 -87.77 -15.31 4.61
CA GLN G 762 -88.19 -14.31 5.58
C GLN G 762 -88.56 -12.99 4.93
N TYR G 763 -88.46 -12.89 3.61
CA TYR G 763 -88.86 -11.58 3.12
C TYR G 763 -90.31 -11.61 2.69
N PRO G 764 -91.05 -10.53 2.93
CA PRO G 764 -92.43 -10.45 2.42
C PRO G 764 -92.42 -10.47 0.90
N VAL G 765 -93.41 -11.13 0.32
CA VAL G 765 -93.46 -11.29 -1.12
C VAL G 765 -94.86 -11.76 -1.51
N ASP G 766 -95.32 -11.35 -2.69
CA ASP G 766 -96.56 -11.86 -3.23
C ASP G 766 -96.39 -13.31 -3.65
N ARG G 767 -97.51 -13.94 -3.97
CA ARG G 767 -97.50 -15.35 -4.37
C ARG G 767 -98.71 -15.57 -5.26
N TYR G 768 -98.48 -15.62 -6.57
CA TYR G 768 -99.55 -15.84 -7.53
C TYR G 768 -99.57 -17.23 -8.14
N LEU G 769 -98.49 -17.99 -8.01
CA LEU G 769 -98.36 -19.26 -8.71
C LEU G 769 -98.40 -20.45 -7.76
N ASP G 770 -99.15 -20.34 -6.66
CA ASP G 770 -99.25 -21.47 -5.76
C ASP G 770 -100.16 -22.56 -6.29
N TRP G 771 -101.03 -22.24 -7.25
CA TRP G 771 -101.90 -23.27 -7.80
C TRP G 771 -101.16 -24.25 -8.69
N ILE G 772 -100.00 -23.86 -9.22
CA ILE G 772 -99.17 -24.78 -9.98
C ILE G 772 -98.47 -25.74 -9.00
N PRO G 773 -98.58 -27.05 -9.18
CA PRO G 773 -97.96 -27.97 -8.25
C PRO G 773 -96.45 -27.83 -8.23
N SER G 774 -95.86 -28.09 -7.06
CA SER G 774 -94.41 -28.04 -6.91
C SER G 774 -94.01 -29.05 -5.85
N LEU G 775 -92.74 -29.46 -5.93
CA LEU G 775 -92.21 -30.44 -4.99
C LEU G 775 -91.89 -29.78 -3.65
N ARG G 776 -91.45 -30.60 -2.70
CA ARG G 776 -90.96 -30.10 -1.43
C ARG G 776 -89.50 -29.70 -1.60
N ALA G 777 -89.24 -28.40 -1.64
CA ALA G 777 -87.90 -27.93 -1.95
C ALA G 777 -86.93 -28.24 -0.81
N SER G 778 -85.76 -28.74 -1.17
CA SER G 778 -84.65 -28.92 -0.25
C SER G 778 -83.56 -27.91 -0.60
N ALA G 779 -82.43 -28.01 0.11
CA ALA G 779 -81.33 -27.10 -0.17
C ALA G 779 -80.77 -27.33 -1.57
N ALA G 780 -80.66 -28.59 -1.99
CA ALA G 780 -80.04 -28.90 -3.27
C ALA G 780 -80.85 -28.32 -4.43
N THR G 781 -82.16 -28.46 -4.40
CA THR G 781 -82.96 -27.92 -5.48
C THR G 781 -82.93 -26.40 -5.50
N ALA G 782 -82.85 -25.77 -4.32
CA ALA G 782 -82.68 -24.33 -4.29
C ALA G 782 -81.37 -23.92 -4.92
N ALA G 783 -80.30 -24.66 -4.65
CA ALA G 783 -79.01 -24.35 -5.24
C ALA G 783 -79.06 -24.50 -6.76
N THR G 784 -79.70 -25.56 -7.25
CA THR G 784 -79.81 -25.76 -8.69
C THR G 784 -80.59 -24.62 -9.33
N PHE G 785 -81.72 -24.25 -8.73
CA PHE G 785 -82.51 -23.15 -9.26
C PHE G 785 -81.71 -21.86 -9.29
N ALA G 786 -80.94 -21.61 -8.23
CA ALA G 786 -80.12 -20.41 -8.19
C ALA G 786 -79.07 -20.43 -9.29
N GLU G 787 -78.45 -21.58 -9.53
CA GLU G 787 -77.48 -21.66 -10.62
C GLU G 787 -78.13 -21.34 -11.96
N TRP G 788 -79.33 -21.88 -12.18
CA TRP G 788 -80.01 -21.60 -13.45
C TRP G 788 -80.30 -20.11 -13.59
N VAL G 789 -80.76 -19.48 -12.51
CA VAL G 789 -81.03 -18.05 -12.55
C VAL G 789 -79.75 -17.27 -12.86
N ASN G 790 -78.65 -17.63 -12.20
CA ASN G 790 -77.40 -16.93 -12.42
C ASN G 790 -76.92 -17.06 -13.86
N THR G 791 -77.02 -18.27 -14.41
CA THR G 791 -76.63 -18.48 -15.80
C THR G 791 -77.48 -17.63 -16.74
N SER G 792 -78.79 -17.59 -16.48
CA SER G 792 -79.67 -16.79 -17.32
C SER G 792 -79.28 -15.32 -17.28
N MET G 793 -78.99 -14.80 -16.09
CA MET G 793 -78.60 -13.40 -15.97
C MET G 793 -77.32 -13.11 -16.72
N LYS G 794 -76.29 -13.95 -16.50
CA LYS G 794 -75.01 -13.72 -17.16
C LYS G 794 -75.17 -13.75 -18.68
N THR G 795 -75.95 -14.71 -19.18
CA THR G 795 -76.19 -14.76 -20.62
C THR G 795 -76.90 -13.51 -21.11
N ALA G 796 -77.92 -13.06 -20.36
CA ALA G 796 -78.71 -11.93 -20.83
C ALA G 796 -77.94 -10.63 -20.84
N PHE G 797 -77.00 -10.43 -19.93
CA PHE G 797 -76.27 -9.17 -19.89
C PHE G 797 -74.86 -9.27 -20.44
N ASP G 798 -74.54 -10.35 -21.15
CA ASP G 798 -73.25 -10.53 -21.80
C ASP G 798 -72.11 -10.43 -20.78
N LEU G 799 -72.12 -11.35 -19.83
CA LEU G 799 -71.09 -11.45 -18.82
C LEU G 799 -70.43 -12.81 -18.90
N SER G 800 -69.12 -12.84 -18.65
CA SER G 800 -68.37 -14.09 -18.66
C SER G 800 -67.79 -14.44 -17.30
N ASP G 801 -67.57 -13.47 -16.43
CA ASP G 801 -66.92 -13.71 -15.15
C ASP G 801 -67.97 -14.14 -14.12
N MET G 802 -67.56 -14.14 -12.85
CA MET G 802 -68.40 -14.66 -11.79
C MET G 802 -69.50 -13.67 -11.42
N LEU G 803 -70.69 -14.19 -11.16
CA LEU G 803 -71.81 -13.40 -10.67
C LEU G 803 -72.60 -14.26 -9.69
N LEU G 804 -72.88 -13.71 -8.51
CA LEU G 804 -73.61 -14.37 -7.43
C LEU G 804 -72.87 -15.57 -6.87
N GLU G 805 -71.73 -15.95 -7.43
CA GLU G 805 -71.02 -17.14 -6.97
C GLU G 805 -70.67 -17.09 -5.49
N PRO G 806 -70.25 -15.96 -4.90
CA PRO G 806 -70.05 -15.94 -3.45
C PRO G 806 -71.31 -16.28 -2.68
N LEU G 807 -72.49 -16.07 -3.26
CA LEU G 807 -73.73 -16.45 -2.60
C LEU G 807 -74.19 -17.86 -2.93
N LEU G 808 -73.78 -18.40 -4.08
CA LEU G 808 -74.14 -19.77 -4.40
C LEU G 808 -73.47 -20.78 -3.49
N SER G 809 -72.44 -20.38 -2.75
CA SER G 809 -71.87 -21.22 -1.71
C SER G 809 -72.82 -21.29 -0.54
N GLY G 810 -73.43 -22.44 -0.34
CA GLY G 810 -74.33 -22.62 0.78
C GLY G 810 -75.80 -22.52 0.41
N ASP G 811 -76.63 -22.28 1.40
CA ASP G 811 -78.06 -22.35 1.20
C ASP G 811 -78.59 -20.97 0.83
N PRO G 812 -79.26 -20.82 -0.32
CA PRO G 812 -79.75 -19.51 -0.74
C PRO G 812 -81.11 -19.13 -0.19
N ARG G 813 -81.73 -19.96 0.63
CA ARG G 813 -83.11 -19.69 1.04
C ARG G 813 -83.19 -18.64 2.15
N MET G 814 -82.10 -18.30 2.79
CA MET G 814 -82.11 -17.32 3.88
C MET G 814 -80.96 -16.34 3.74
N THR G 815 -80.75 -15.83 2.53
CA THR G 815 -79.63 -14.94 2.29
C THR G 815 -79.88 -13.57 2.91
N GLN G 816 -78.78 -12.94 3.33
CA GLN G 816 -78.81 -11.59 3.85
C GLN G 816 -77.40 -11.02 3.76
N LEU G 817 -77.31 -9.70 3.72
CA LEU G 817 -76.02 -9.03 3.56
C LEU G 817 -75.78 -8.12 4.76
N ALA G 818 -74.63 -8.30 5.41
CA ALA G 818 -74.27 -7.47 6.55
C ALA G 818 -72.78 -7.57 6.76
N ILE G 819 -72.24 -6.66 7.57
CA ILE G 819 -70.83 -6.63 7.88
C ILE G 819 -70.65 -5.96 9.24
N GLN G 820 -69.61 -6.35 9.96
CA GLN G 820 -69.37 -5.81 11.28
C GLN G 820 -67.90 -5.91 11.62
N TYR G 821 -67.50 -5.12 12.61
CA TYR G 821 -66.16 -5.24 13.19
C TYR G 821 -66.25 -4.90 14.66
N GLN G 822 -65.29 -5.41 15.41
CA GLN G 822 -65.36 -5.41 16.87
C GLN G 822 -64.02 -5.01 17.46
N GLN G 823 -64.07 -4.14 18.46
CA GLN G 823 -62.86 -3.67 19.12
C GLN G 823 -62.39 -4.68 20.16
N TYR G 824 -61.22 -4.39 20.74
CA TYR G 824 -60.70 -5.24 21.79
C TYR G 824 -61.58 -5.20 23.03
N ASN G 825 -62.10 -4.03 23.37
CA ASN G 825 -62.91 -3.88 24.57
C ASN G 825 -64.32 -4.43 24.39
N GLY G 826 -64.61 -5.08 23.26
CA GLY G 826 -65.88 -5.75 23.07
C GLY G 826 -66.93 -4.97 22.31
N ARG G 827 -66.73 -3.67 22.09
CA ARG G 827 -67.70 -2.91 21.34
C ARG G 827 -67.73 -3.37 19.89
N THR G 828 -68.92 -3.49 19.33
CA THR G 828 -69.12 -3.94 17.96
C THR G 828 -69.90 -2.91 17.17
N PHE G 829 -69.60 -2.82 15.89
CA PHE G 829 -70.24 -1.87 14.98
C PHE G 829 -70.79 -2.64 13.78
N ASN G 830 -72.07 -2.47 13.51
CA ASN G 830 -72.72 -3.17 12.41
C ASN G 830 -73.06 -2.20 11.29
N ILE G 831 -73.14 -2.73 10.07
CA ILE G 831 -73.61 -1.98 8.92
C ILE G 831 -74.57 -2.87 8.15
N ILE G 832 -75.83 -2.46 8.07
CA ILE G 832 -76.84 -3.24 7.37
C ILE G 832 -77.37 -2.40 6.21
N PRO G 833 -76.89 -2.63 4.99
CA PRO G 833 -77.35 -1.81 3.86
C PRO G 833 -78.81 -2.11 3.54
N GLU G 834 -79.63 -1.05 3.52
CA GLU G 834 -81.05 -1.22 3.28
C GLU G 834 -81.23 -1.48 1.78
N MET G 835 -81.79 -2.64 1.45
CA MET G 835 -81.84 -3.05 0.05
C MET G 835 -82.71 -2.10 -0.75
N PRO G 836 -82.19 -1.52 -1.84
CA PRO G 836 -83.01 -0.65 -2.68
C PRO G 836 -83.93 -1.48 -3.56
N GLY G 837 -84.65 -0.80 -4.44
CA GLY G 837 -85.59 -1.46 -5.32
C GLY G 837 -84.89 -2.27 -6.38
N SER G 838 -85.69 -2.85 -7.26
CA SER G 838 -85.17 -3.65 -8.36
C SER G 838 -86.21 -3.74 -9.45
N VAL G 839 -85.89 -3.22 -10.63
CA VAL G 839 -86.87 -3.20 -11.72
C VAL G 839 -87.13 -4.61 -12.23
N ILE G 840 -86.10 -5.46 -12.27
CA ILE G 840 -86.28 -6.81 -12.80
C ILE G 840 -87.23 -7.61 -11.91
N ALA G 841 -87.05 -7.53 -10.60
CA ALA G 841 -87.92 -8.28 -9.71
C ALA G 841 -89.36 -7.79 -9.82
N ASP G 842 -89.55 -6.46 -9.84
CA ASP G 842 -90.90 -5.94 -9.96
C ASP G 842 -91.54 -6.38 -11.27
N CYS G 843 -90.78 -6.32 -12.36
CA CYS G 843 -91.33 -6.67 -13.66
C CYS G 843 -91.65 -8.16 -13.75
N VAL G 844 -90.78 -9.01 -13.20
CA VAL G 844 -91.05 -10.44 -13.26
C VAL G 844 -92.26 -10.79 -12.41
N GLN G 845 -92.41 -10.12 -11.26
CA GLN G 845 -93.63 -10.33 -10.48
C GLN G 845 -94.86 -9.85 -11.25
N LEU G 846 -94.74 -8.74 -11.96
CA LEU G 846 -95.85 -8.27 -12.77
C LEU G 846 -96.23 -9.29 -13.84
N THR G 847 -95.24 -9.85 -14.51
CA THR G 847 -95.55 -10.85 -15.55
C THR G 847 -96.13 -12.11 -14.93
N ALA G 848 -95.68 -12.48 -13.73
CA ALA G 848 -96.31 -13.60 -13.05
C ALA G 848 -97.77 -13.30 -12.74
N GLU G 849 -98.05 -12.08 -12.30
CA GLU G 849 -99.43 -11.70 -12.01
C GLU G 849 -100.29 -11.74 -13.27
N VAL G 850 -99.73 -11.29 -14.39
CA VAL G 850 -100.45 -11.36 -15.66
C VAL G 850 -100.69 -12.81 -16.05
N PHE G 851 -99.69 -13.66 -15.85
CA PHE G 851 -99.83 -15.07 -16.18
C PHE G 851 -101.01 -15.71 -15.46
N ASN G 852 -101.39 -15.17 -14.32
CA ASN G 852 -102.51 -15.72 -13.58
C ASN G 852 -103.84 -15.57 -14.30
N HIS G 853 -103.90 -14.77 -15.35
CA HIS G 853 -105.11 -14.62 -16.14
C HIS G 853 -104.94 -15.09 -17.58
N GLU G 854 -103.72 -15.07 -18.10
CA GLU G 854 -103.47 -15.41 -19.49
C GLU G 854 -102.69 -16.72 -19.62
N TYR G 855 -102.87 -17.65 -18.69
CA TYR G 855 -102.11 -18.88 -18.71
C TYR G 855 -102.38 -19.70 -19.96
N ASN G 856 -103.56 -19.53 -20.57
CA ASN G 856 -103.87 -20.30 -21.77
C ASN G 856 -102.94 -19.94 -22.91
N LEU G 857 -102.61 -18.65 -23.05
CA LEU G 857 -101.74 -18.23 -24.14
C LEU G 857 -100.37 -18.87 -24.06
N PHE G 858 -99.97 -19.34 -22.88
CA PHE G 858 -98.69 -20.02 -22.72
C PHE G 858 -98.82 -21.52 -22.84
N GLY G 859 -99.94 -22.02 -23.35
CA GLY G 859 -100.10 -23.45 -23.51
C GLY G 859 -100.31 -24.21 -22.21
N ILE G 860 -100.74 -23.54 -21.16
CA ILE G 860 -101.00 -24.15 -19.87
C ILE G 860 -102.48 -24.05 -19.58
N ALA G 861 -103.09 -25.18 -19.23
CA ALA G 861 -104.49 -25.22 -18.86
C ALA G 861 -104.63 -25.32 -17.35
N ARG G 862 -105.64 -24.65 -16.81
CA ARG G 862 -105.88 -24.62 -15.38
C ARG G 862 -107.02 -25.57 -15.02
N GLY G 863 -106.96 -26.11 -13.82
CA GLY G 863 -108.03 -26.95 -13.33
C GLY G 863 -107.70 -28.42 -13.35
N ASP G 864 -108.71 -29.26 -13.60
CA ASP G 864 -108.56 -30.70 -13.61
C ASP G 864 -109.15 -31.24 -14.92
N ILE G 865 -109.13 -32.57 -15.04
CA ILE G 865 -109.67 -33.24 -16.22
C ILE G 865 -110.61 -34.32 -15.77
N ILE G 866 -111.52 -34.71 -16.67
CA ILE G 866 -112.52 -35.71 -16.39
C ILE G 866 -112.48 -36.74 -17.51
N ILE G 867 -112.32 -38.01 -17.14
CA ILE G 867 -112.20 -39.09 -18.11
C ILE G 867 -113.50 -39.88 -18.09
N GLY G 868 -114.15 -39.97 -19.24
CA GLY G 868 -115.39 -40.70 -19.34
C GLY G 868 -115.96 -40.67 -20.74
N ARG G 869 -116.60 -41.76 -21.16
CA ARG G 869 -117.11 -41.85 -22.51
C ARG G 869 -118.29 -40.90 -22.70
N VAL G 870 -118.24 -40.12 -23.76
CA VAL G 870 -119.32 -39.21 -24.11
C VAL G 870 -119.55 -39.29 -25.62
N GLN G 871 -120.60 -40.00 -26.02
CA GLN G 871 -120.89 -40.21 -27.43
C GLN G 871 -122.12 -39.40 -27.80
N SER G 872 -121.97 -38.49 -28.76
CA SER G 872 -123.05 -37.64 -29.21
C SER G 872 -122.59 -36.94 -30.48
N THR G 873 -123.48 -36.17 -31.09
CA THR G 873 -123.17 -35.42 -32.29
C THR G 873 -123.09 -33.92 -32.04
N HIS G 874 -123.18 -33.49 -30.79
CA HIS G 874 -123.11 -32.06 -30.50
C HIS G 874 -121.68 -31.57 -30.63
N LEU G 875 -121.55 -30.27 -30.87
CA LEU G 875 -120.28 -29.68 -31.29
C LEU G 875 -119.73 -28.69 -30.28
N TRP G 876 -119.83 -29.00 -29.00
CA TRP G 876 -119.21 -28.14 -28.00
C TRP G 876 -117.74 -28.49 -27.85
N SER G 877 -116.93 -27.49 -27.61
CA SER G 877 -115.50 -27.71 -27.46
C SER G 877 -115.22 -28.41 -26.13
N PRO G 878 -114.33 -29.40 -26.10
CA PRO G 878 -113.99 -30.03 -24.81
C PRO G 878 -113.31 -29.10 -23.85
N LEU G 879 -112.78 -27.98 -24.31
CA LEU G 879 -112.20 -27.00 -23.42
C LEU G 879 -113.25 -26.08 -22.79
N ALA G 880 -114.48 -26.12 -23.27
CA ALA G 880 -115.59 -25.37 -22.67
C ALA G 880 -116.79 -26.29 -22.55
N PRO G 881 -116.71 -27.29 -21.69
CA PRO G 881 -117.73 -28.32 -21.65
C PRO G 881 -119.02 -27.79 -21.05
N PRO G 882 -120.16 -28.41 -21.36
CA PRO G 882 -121.39 -28.04 -20.70
C PRO G 882 -121.33 -28.36 -19.22
N PRO G 883 -121.97 -27.56 -18.37
CA PRO G 883 -121.77 -27.70 -16.92
C PRO G 883 -122.20 -29.05 -16.37
N ASP G 884 -123.26 -29.65 -16.91
CA ASP G 884 -123.78 -30.88 -16.32
C ASP G 884 -122.88 -32.08 -16.54
N LEU G 885 -121.86 -31.98 -17.39
CA LEU G 885 -120.93 -33.11 -17.55
C LEU G 885 -119.91 -33.19 -16.43
N VAL G 886 -119.65 -32.09 -15.72
CA VAL G 886 -118.59 -32.08 -14.72
C VAL G 886 -119.19 -32.27 -13.35
N PHE G 887 -118.38 -32.81 -12.44
CA PHE G 887 -118.75 -32.94 -11.04
C PHE G 887 -117.54 -32.57 -10.19
N ASP G 888 -117.72 -32.59 -8.88
CA ASP G 888 -116.65 -32.21 -7.98
C ASP G 888 -116.91 -32.82 -6.62
N ARG G 889 -116.16 -32.36 -5.62
CA ARG G 889 -116.18 -33.01 -4.31
C ARG G 889 -117.52 -32.83 -3.61
N ASP G 890 -118.23 -31.74 -3.86
CA ASP G 890 -119.51 -31.49 -3.19
C ASP G 890 -120.70 -32.01 -3.97
N THR G 891 -120.48 -32.60 -5.13
CA THR G 891 -121.59 -33.18 -5.88
C THR G 891 -122.13 -34.40 -5.13
N PRO G 892 -123.45 -34.53 -5.02
CA PRO G 892 -124.01 -35.70 -4.34
C PRO G 892 -123.64 -37.00 -5.04
N GLY G 893 -123.42 -38.04 -4.25
CA GLY G 893 -123.16 -39.36 -4.79
C GLY G 893 -121.86 -39.53 -5.54
N VAL G 894 -120.76 -39.00 -5.01
CA VAL G 894 -119.44 -39.21 -5.57
C VAL G 894 -118.60 -40.00 -4.56
N HIS G 895 -117.42 -40.39 -4.99
CA HIS G 895 -116.50 -41.13 -4.14
C HIS G 895 -115.11 -40.53 -4.25
N ILE G 896 -114.53 -40.17 -3.12
CA ILE G 896 -113.19 -39.60 -3.07
C ILE G 896 -112.24 -40.68 -2.57
N PHE G 897 -111.01 -40.68 -3.09
CA PHE G 897 -110.04 -41.72 -2.79
C PHE G 897 -108.74 -41.11 -2.33
N GLY G 898 -108.18 -41.66 -1.27
CA GLY G 898 -106.92 -41.19 -0.73
C GLY G 898 -105.87 -42.27 -0.69
N ARG G 899 -105.02 -42.27 0.35
CA ARG G 899 -103.85 -43.11 0.36
C ARG G 899 -104.18 -44.61 0.42
N ASP G 900 -105.42 -44.96 0.69
CA ASP G 900 -105.79 -46.36 0.95
C ASP G 900 -106.20 -47.13 -0.29
N CYS G 901 -105.61 -46.84 -1.45
CA CYS G 901 -105.92 -47.61 -2.64
C CYS G 901 -105.68 -49.10 -2.41
N ARG G 902 -106.77 -49.87 -2.43
CA ARG G 902 -106.68 -51.31 -2.32
C ARG G 902 -107.97 -51.93 -2.83
N ILE G 903 -107.82 -53.01 -3.60
CA ILE G 903 -108.90 -53.60 -4.36
C ILE G 903 -109.04 -55.06 -3.98
N SER G 904 -110.27 -55.49 -3.77
CA SER G 904 -110.58 -56.90 -3.52
C SER G 904 -111.20 -57.48 -4.78
N PHE G 905 -110.59 -58.53 -5.32
CA PHE G 905 -111.06 -59.12 -6.56
C PHE G 905 -112.41 -59.79 -6.36
N GLY G 906 -113.24 -59.73 -7.39
CA GLY G 906 -114.52 -60.38 -7.35
C GLY G 906 -114.42 -61.88 -7.51
N MET G 907 -115.40 -62.59 -6.99
CA MET G 907 -115.39 -64.05 -6.98
C MET G 907 -116.73 -64.59 -7.45
N ASN G 908 -116.67 -65.61 -8.31
CA ASN G 908 -117.85 -66.32 -8.76
C ASN G 908 -118.89 -65.38 -9.35
N GLY G 909 -118.41 -64.39 -10.10
CA GLY G 909 -119.27 -63.46 -10.79
C GLY G 909 -119.48 -62.14 -10.09
N ALA G 910 -119.21 -62.06 -8.79
CA ALA G 910 -119.37 -60.80 -8.08
C ALA G 910 -118.39 -59.77 -8.62
N ALA G 911 -118.85 -58.54 -8.71
CA ALA G 911 -118.02 -57.49 -9.27
C ALA G 911 -116.90 -57.12 -8.30
N PRO G 912 -115.75 -56.69 -8.82
CA PRO G 912 -114.66 -56.26 -7.95
C PRO G 912 -115.01 -54.97 -7.23
N MET G 913 -114.31 -54.72 -6.14
CA MET G 913 -114.63 -53.62 -5.23
C MET G 913 -113.35 -52.93 -4.79
N ILE G 914 -113.45 -51.63 -4.54
CA ILE G 914 -112.34 -50.83 -4.04
C ILE G 914 -112.82 -50.02 -2.85
N ARG G 915 -111.89 -49.71 -1.94
CA ARG G 915 -112.27 -49.02 -0.71
C ARG G 915 -112.36 -47.52 -0.92
N ASP G 916 -113.49 -46.95 -0.51
CA ASP G 916 -113.69 -45.52 -0.49
C ASP G 916 -112.81 -44.89 0.60
N GLU G 917 -112.78 -43.56 0.65
CA GLU G 917 -112.09 -42.90 1.76
C GLU G 917 -112.83 -43.12 3.08
N THR G 918 -114.15 -43.27 3.03
CA THR G 918 -114.96 -43.41 4.23
C THR G 918 -115.11 -44.84 4.68
N GLY G 919 -114.19 -45.73 4.30
CA GLY G 919 -114.24 -47.09 4.76
C GLY G 919 -115.24 -47.98 4.07
N LEU G 920 -115.94 -47.48 3.06
CA LEU G 920 -116.88 -48.27 2.28
C LEU G 920 -116.19 -48.79 1.02
N MET G 921 -116.69 -49.90 0.50
CA MET G 921 -116.17 -50.50 -0.72
C MET G 921 -117.25 -50.42 -1.79
N VAL G 922 -116.85 -50.00 -2.99
CA VAL G 922 -117.81 -49.71 -4.05
C VAL G 922 -117.41 -50.48 -5.30
N PRO G 923 -118.37 -50.77 -6.18
CA PRO G 923 -118.03 -51.39 -7.46
C PRO G 923 -117.44 -50.37 -8.42
N PHE G 924 -116.91 -50.89 -9.53
CA PHE G 924 -116.27 -50.05 -10.54
C PHE G 924 -117.34 -49.34 -11.37
N GLU G 925 -117.97 -48.34 -10.75
CA GLU G 925 -119.06 -47.64 -11.40
C GLU G 925 -119.33 -46.35 -10.64
N GLY G 926 -119.71 -45.31 -11.38
CA GLY G 926 -120.09 -44.04 -10.79
C GLY G 926 -119.12 -42.93 -11.15
N ASN G 927 -118.98 -41.98 -10.23
CA ASN G 927 -118.10 -40.84 -10.41
C ASN G 927 -117.08 -40.84 -9.29
N TRP G 928 -115.80 -40.80 -9.65
CA TRP G 928 -114.71 -40.88 -8.69
C TRP G 928 -113.86 -39.63 -8.77
N ILE G 929 -113.04 -39.41 -7.75
CA ILE G 929 -112.12 -38.29 -7.71
C ILE G 929 -110.77 -38.80 -7.23
N PHE G 930 -109.72 -38.54 -8.01
CA PHE G 930 -108.38 -39.03 -7.74
C PHE G 930 -107.38 -37.90 -7.65
N PRO G 931 -106.49 -37.91 -6.68
CA PRO G 931 -105.25 -37.14 -6.82
C PRO G 931 -104.34 -37.81 -7.83
N LEU G 932 -103.54 -36.98 -8.51
CA LEU G 932 -102.72 -37.51 -9.61
C LEU G 932 -101.70 -38.51 -9.11
N ALA G 933 -101.04 -38.22 -7.98
CA ALA G 933 -99.99 -39.10 -7.49
C ALA G 933 -100.52 -40.50 -7.22
N LEU G 934 -101.79 -40.61 -6.85
CA LEU G 934 -102.37 -41.92 -6.57
C LEU G 934 -102.33 -42.79 -7.82
N TRP G 935 -102.59 -42.21 -8.98
CA TRP G 935 -102.47 -42.96 -10.23
C TRP G 935 -101.01 -43.12 -10.63
N GLN G 936 -100.19 -42.10 -10.36
CA GLN G 936 -98.79 -42.19 -10.77
C GLN G 936 -98.09 -43.35 -10.09
N MET G 937 -98.44 -43.63 -8.85
CA MET G 937 -97.75 -44.70 -8.12
C MET G 937 -98.32 -46.08 -8.39
N ASN G 938 -99.42 -46.19 -9.12
CA ASN G 938 -99.99 -47.49 -9.44
C ASN G 938 -100.46 -47.53 -10.88
N THR G 939 -99.72 -46.85 -11.75
CA THR G 939 -100.02 -46.80 -13.18
C THR G 939 -100.40 -48.16 -13.75
N ARG G 940 -99.50 -49.13 -13.68
CA ARG G 940 -99.73 -50.38 -14.39
C ARG G 940 -100.94 -51.12 -13.85
N TYR G 941 -101.06 -51.17 -12.52
CA TYR G 941 -102.19 -51.83 -11.91
C TYR G 941 -103.50 -51.18 -12.32
N PHE G 942 -103.52 -49.84 -12.33
CA PHE G 942 -104.76 -49.13 -12.62
C PHE G 942 -105.14 -49.27 -14.08
N ASN G 943 -104.16 -49.21 -14.98
CA ASN G 943 -104.46 -49.46 -16.38
C ASN G 943 -105.00 -50.86 -16.59
N GLN G 944 -104.42 -51.83 -15.89
CA GLN G 944 -104.92 -53.20 -16.01
C GLN G 944 -106.33 -53.32 -15.49
N GLN G 945 -106.69 -52.52 -14.48
CA GLN G 945 -107.97 -52.74 -13.81
C GLN G 945 -109.11 -51.92 -14.40
N PHE G 946 -108.95 -50.61 -14.52
CA PHE G 946 -110.09 -49.74 -14.78
C PHE G 946 -110.34 -49.45 -16.26
N ASP G 947 -109.38 -49.76 -17.13
CA ASP G 947 -109.45 -49.27 -18.50
C ASP G 947 -110.64 -49.84 -19.25
N ALA G 948 -110.94 -51.13 -19.06
CA ALA G 948 -112.07 -51.72 -19.75
C ALA G 948 -113.36 -51.02 -19.38
N TRP G 949 -113.58 -50.79 -18.09
CA TRP G 949 -114.77 -50.09 -17.64
C TRP G 949 -114.82 -48.68 -18.16
N ILE G 950 -113.68 -47.99 -18.18
CA ILE G 950 -113.68 -46.62 -18.70
C ILE G 950 -114.06 -46.63 -20.17
N LYS G 951 -113.49 -47.55 -20.94
CA LYS G 951 -113.72 -47.57 -22.38
C LYS G 951 -115.16 -47.91 -22.71
N THR G 952 -115.73 -48.91 -22.04
CA THR G 952 -117.06 -49.38 -22.40
C THR G 952 -118.05 -49.43 -21.26
N GLY G 953 -117.63 -49.42 -20.00
CA GLY G 953 -118.57 -49.50 -18.91
C GLY G 953 -119.23 -48.18 -18.63
N GLU G 954 -119.40 -47.85 -17.34
CA GLU G 954 -120.09 -46.63 -16.94
C GLU G 954 -119.27 -45.85 -15.93
N LEU G 955 -117.95 -45.99 -15.98
CA LEU G 955 -117.07 -45.45 -14.95
C LEU G 955 -116.45 -44.15 -15.45
N ARG G 956 -116.48 -43.12 -14.60
CA ARG G 956 -115.94 -41.82 -14.94
C ARG G 956 -115.08 -41.33 -13.79
N ILE G 957 -113.92 -40.77 -14.10
CA ILE G 957 -112.94 -40.37 -13.10
C ILE G 957 -112.55 -38.92 -13.33
N ARG G 958 -112.45 -38.16 -12.25
CA ARG G 958 -111.92 -36.81 -12.27
C ARG G 958 -110.54 -36.83 -11.63
N ILE G 959 -109.53 -36.42 -12.39
CA ILE G 959 -108.15 -36.44 -11.93
C ILE G 959 -107.78 -35.03 -11.50
N GLU G 960 -107.39 -34.89 -10.23
CA GLU G 960 -106.97 -33.59 -9.73
C GLU G 960 -105.54 -33.31 -10.15
N MET G 961 -105.34 -32.24 -10.91
CA MET G 961 -104.01 -31.95 -11.45
C MET G 961 -103.59 -30.51 -11.14
N GLY G 962 -104.55 -29.60 -11.14
CA GLY G 962 -104.23 -28.20 -10.93
C GLY G 962 -103.86 -27.48 -12.20
N ALA G 963 -102.68 -27.78 -12.74
CA ALA G 963 -102.22 -27.20 -13.99
C ALA G 963 -101.54 -28.27 -14.82
N TYR G 964 -101.60 -28.12 -16.13
CA TYR G 964 -101.03 -29.11 -17.03
C TYR G 964 -100.92 -28.57 -18.45
N PRO G 965 -99.96 -29.04 -19.23
CA PRO G 965 -99.94 -28.70 -20.65
C PRO G 965 -100.97 -29.51 -21.41
N TYR G 966 -101.27 -29.04 -22.62
CA TYR G 966 -102.28 -29.69 -23.45
C TYR G 966 -101.87 -29.61 -24.91
N MET G 967 -102.45 -30.50 -25.71
CA MET G 967 -102.18 -30.54 -27.13
C MET G 967 -103.46 -30.92 -27.87
N LEU G 968 -103.84 -30.12 -28.85
CA LEU G 968 -105.12 -30.27 -29.52
C LEU G 968 -105.04 -31.24 -30.69
N HIS G 969 -106.21 -31.66 -31.13
CA HIS G 969 -106.33 -32.50 -32.33
C HIS G 969 -107.66 -32.17 -32.99
N TYR G 970 -107.61 -31.46 -34.09
CA TYR G 970 -108.82 -31.06 -34.79
C TYR G 970 -109.33 -32.20 -35.67
N TYR G 971 -110.63 -32.19 -35.94
CA TYR G 971 -111.24 -33.24 -36.74
C TYR G 971 -112.43 -32.69 -37.50
N ASP G 972 -112.79 -33.38 -38.57
CA ASP G 972 -113.89 -32.97 -39.43
C ASP G 972 -115.21 -33.35 -38.78
N PRO G 973 -116.13 -32.40 -38.56
CA PRO G 973 -117.41 -32.74 -37.95
C PRO G 973 -118.24 -33.74 -38.73
N ARG G 974 -118.09 -33.81 -40.05
CA ARG G 974 -118.96 -34.66 -40.86
C ARG G 974 -118.50 -36.11 -40.90
N GLN G 975 -117.35 -36.43 -40.33
CA GLN G 975 -116.84 -37.80 -40.34
C GLN G 975 -116.92 -38.39 -38.95
N TYR G 976 -117.07 -39.71 -38.89
CA TYR G 976 -116.99 -40.39 -37.62
C TYR G 976 -115.62 -40.18 -37.00
N ALA G 977 -115.57 -40.04 -35.68
CA ALA G 977 -114.31 -39.78 -35.00
C ALA G 977 -114.37 -40.36 -33.60
N ASN G 978 -113.32 -41.09 -33.22
CA ASN G 978 -113.21 -41.70 -31.91
C ASN G 978 -111.88 -41.31 -31.30
N ALA G 979 -111.93 -40.86 -30.05
CA ALA G 979 -110.74 -40.37 -29.36
C ALA G 979 -110.13 -41.40 -28.42
N TRP G 980 -110.60 -42.65 -28.47
CA TRP G 980 -110.15 -43.61 -27.48
C TRP G 980 -108.66 -43.91 -27.60
N ASN G 981 -108.14 -43.94 -28.83
CA ASN G 981 -106.72 -44.24 -29.00
C ASN G 981 -105.85 -43.21 -28.30
N LEU G 982 -106.16 -41.93 -28.47
CA LEU G 982 -105.36 -40.89 -27.86
C LEU G 982 -105.38 -40.98 -26.35
N THR G 983 -106.58 -41.17 -25.78
CA THR G 983 -106.70 -41.22 -24.33
C THR G 983 -106.01 -42.45 -23.76
N SER G 984 -106.14 -43.60 -24.44
CA SER G 984 -105.47 -44.80 -23.99
C SER G 984 -103.96 -44.61 -24.02
N ALA G 985 -103.45 -44.00 -25.09
CA ALA G 985 -102.02 -43.72 -25.16
C ALA G 985 -101.60 -42.81 -24.02
N TRP G 986 -102.41 -41.79 -23.71
CA TRP G 986 -102.07 -40.90 -22.62
C TRP G 986 -102.03 -41.65 -21.29
N LEU G 987 -103.03 -42.48 -21.04
CA LEU G 987 -103.09 -43.20 -19.76
C LEU G 987 -101.93 -44.16 -19.60
N GLU G 988 -101.60 -44.90 -20.65
CA GLU G 988 -100.57 -45.92 -20.50
C GLU G 988 -99.20 -45.32 -20.25
N GLU G 989 -98.97 -44.08 -20.68
CA GLU G 989 -97.66 -43.46 -20.53
C GLU G 989 -97.51 -42.70 -19.23
N ILE G 990 -98.50 -42.75 -18.34
CA ILE G 990 -98.34 -42.14 -17.02
C ILE G 990 -97.21 -42.86 -16.30
N THR G 991 -96.38 -42.10 -15.62
CA THR G 991 -95.22 -42.63 -14.93
C THR G 991 -95.12 -42.01 -13.56
N PRO G 992 -94.66 -42.76 -12.56
CA PRO G 992 -94.51 -42.18 -11.22
C PRO G 992 -93.56 -41.00 -11.18
N THR G 993 -92.98 -40.65 -12.32
CA THR G 993 -92.14 -39.47 -12.42
C THR G 993 -92.37 -38.65 -13.67
N SER G 994 -93.37 -38.97 -14.49
CA SER G 994 -93.58 -38.22 -15.71
C SER G 994 -95.00 -38.41 -16.21
N ILE G 995 -95.50 -37.38 -16.90
CA ILE G 995 -96.75 -37.48 -17.66
C ILE G 995 -96.58 -36.80 -18.99
N PRO G 996 -97.33 -37.24 -19.99
CA PRO G 996 -97.32 -36.58 -21.29
C PRO G 996 -98.41 -35.53 -21.38
N SER G 997 -98.33 -34.72 -22.43
CA SER G 997 -99.29 -33.64 -22.63
C SER G 997 -100.69 -34.21 -22.83
N VAL G 998 -101.68 -33.54 -22.26
CA VAL G 998 -103.06 -34.02 -22.33
C VAL G 998 -103.60 -33.79 -23.75
N PRO G 999 -104.15 -34.80 -24.40
CA PRO G 999 -104.71 -34.61 -25.74
C PRO G 999 -106.17 -34.20 -25.67
N PHE G 1000 -106.57 -33.35 -26.62
CA PHE G 1000 -107.95 -32.91 -26.74
C PHE G 1000 -108.39 -33.06 -28.18
N MET G 1001 -109.66 -33.41 -28.37
CA MET G 1001 -110.25 -33.61 -29.68
C MET G 1001 -111.35 -32.57 -29.86
N VAL G 1002 -111.09 -31.57 -30.69
CA VAL G 1002 -111.97 -30.42 -30.84
C VAL G 1002 -112.45 -30.36 -32.27
N PRO G 1003 -113.74 -30.12 -32.51
CA PRO G 1003 -114.23 -30.05 -33.90
C PRO G 1003 -113.78 -28.77 -34.58
N ILE G 1004 -114.00 -28.73 -35.88
CA ILE G 1004 -113.58 -27.62 -36.72
C ILE G 1004 -114.81 -26.80 -37.09
N SER G 1005 -114.75 -25.50 -36.82
CA SER G 1005 -115.88 -24.63 -37.10
C SER G 1005 -116.09 -24.46 -38.59
N SER G 1006 -117.35 -24.34 -38.99
CA SER G 1006 -117.72 -24.21 -40.39
C SER G 1006 -118.64 -23.03 -40.57
N ASP G 1007 -118.62 -22.45 -41.77
CA ASP G 1007 -119.39 -21.26 -42.08
C ASP G 1007 -120.58 -21.55 -43.00
N HIS G 1008 -120.94 -22.82 -43.17
CA HIS G 1008 -122.11 -23.16 -43.95
C HIS G 1008 -122.68 -24.47 -43.41
N ASP G 1009 -123.93 -24.74 -43.78
CA ASP G 1009 -124.63 -25.90 -43.26
C ASP G 1009 -123.87 -27.18 -43.58
N ILE G 1010 -123.74 -28.05 -42.60
CA ILE G 1010 -123.06 -29.33 -42.76
C ILE G 1010 -123.90 -30.42 -42.11
N SER G 1011 -123.62 -31.65 -42.49
CA SER G 1011 -124.27 -32.80 -41.88
C SER G 1011 -123.65 -33.05 -40.51
N SER G 1012 -124.02 -34.15 -39.87
CA SER G 1012 -123.52 -34.49 -38.56
C SER G 1012 -123.21 -35.97 -38.47
N ALA G 1013 -122.13 -36.30 -37.78
CA ALA G 1013 -121.69 -37.67 -37.60
C ALA G 1013 -121.33 -37.89 -36.14
N PRO G 1014 -121.55 -39.10 -35.63
CA PRO G 1014 -121.26 -39.36 -34.22
C PRO G 1014 -119.78 -39.17 -33.92
N ALA G 1015 -119.49 -38.66 -32.73
CA ALA G 1015 -118.13 -38.45 -32.27
C ALA G 1015 -118.05 -38.91 -30.82
N VAL G 1016 -116.97 -39.60 -30.48
CA VAL G 1016 -116.78 -40.16 -29.15
C VAL G 1016 -115.61 -39.47 -28.48
N GLN G 1017 -115.84 -38.90 -27.30
CA GLN G 1017 -114.82 -38.18 -26.56
C GLN G 1017 -114.63 -38.82 -25.20
N TYR G 1018 -113.46 -38.62 -24.62
CA TYR G 1018 -113.18 -39.22 -23.33
C TYR G 1018 -112.64 -38.22 -22.33
N ILE G 1019 -111.96 -37.17 -22.79
CA ILE G 1019 -111.32 -36.20 -21.93
C ILE G 1019 -111.97 -34.84 -22.13
N ILE G 1020 -112.38 -34.22 -21.03
CA ILE G 1020 -112.87 -32.85 -21.02
C ILE G 1020 -112.29 -32.12 -19.83
N SER G 1021 -111.94 -30.86 -20.04
CA SER G 1021 -111.43 -30.05 -18.95
C SER G 1021 -112.54 -29.71 -17.96
N THR G 1022 -112.15 -29.48 -16.71
CA THR G 1022 -113.14 -29.17 -15.69
C THR G 1022 -113.70 -27.77 -15.83
N GLU G 1023 -112.86 -26.80 -16.18
CA GLU G 1023 -113.27 -25.40 -16.24
C GLU G 1023 -112.89 -24.82 -17.59
N TYR G 1024 -113.30 -23.57 -17.81
CA TYR G 1024 -113.03 -22.91 -19.08
C TYR G 1024 -111.54 -22.73 -19.28
N ASN G 1025 -111.04 -23.24 -20.41
CA ASN G 1025 -109.62 -23.14 -20.72
C ASN G 1025 -109.38 -22.73 -22.16
N ASP G 1026 -110.36 -22.15 -22.83
CA ASP G 1026 -110.28 -21.92 -24.27
C ASP G 1026 -110.15 -20.43 -24.53
N ARG G 1027 -109.29 -19.76 -23.75
CA ARG G 1027 -109.06 -18.35 -23.94
C ARG G 1027 -108.14 -18.07 -25.12
N SER G 1028 -107.31 -19.04 -25.50
CA SER G 1028 -106.34 -18.82 -26.56
C SER G 1028 -106.99 -18.61 -27.93
N LEU G 1029 -108.25 -18.99 -28.08
CA LEU G 1029 -108.90 -18.86 -29.38
C LEU G 1029 -109.05 -17.40 -29.75
N PHE G 1030 -108.92 -17.10 -31.04
CA PHE G 1030 -108.97 -15.73 -31.52
C PHE G 1030 -110.19 -15.46 -32.40
N CYS G 1031 -110.36 -16.23 -33.47
CA CYS G 1031 -111.49 -16.01 -34.37
C CYS G 1031 -111.75 -17.28 -35.15
N THR G 1032 -112.97 -17.41 -35.67
CA THR G 1032 -113.39 -18.56 -36.44
C THR G 1032 -114.01 -18.10 -37.74
N ASN G 1033 -113.53 -18.65 -38.84
CA ASN G 1033 -114.02 -18.29 -40.18
C ASN G 1033 -113.92 -16.79 -40.40
N SER G 1034 -112.75 -16.24 -40.08
CA SER G 1034 -112.59 -14.79 -40.06
C SER G 1034 -112.91 -14.16 -41.41
N SER G 1035 -112.73 -14.90 -42.50
CA SER G 1035 -113.02 -14.39 -43.82
C SER G 1035 -114.47 -14.60 -44.23
N SER G 1036 -115.27 -15.21 -43.39
CA SER G 1036 -116.65 -15.52 -43.71
C SER G 1036 -117.60 -14.57 -43.03
N PRO G 1037 -118.82 -14.41 -43.55
CA PRO G 1037 -119.78 -13.53 -42.88
C PRO G 1037 -120.13 -13.97 -41.47
N GLN G 1038 -120.19 -15.28 -41.20
CA GLN G 1038 -120.49 -15.74 -39.86
C GLN G 1038 -120.17 -17.22 -39.74
N THR G 1039 -120.14 -17.71 -38.50
CA THR G 1039 -119.93 -19.11 -38.21
C THR G 1039 -121.27 -19.74 -37.88
N ILE G 1040 -121.62 -20.82 -38.58
CA ILE G 1040 -122.91 -21.46 -38.39
C ILE G 1040 -122.81 -22.62 -37.42
N ALA G 1041 -121.92 -23.56 -37.68
CA ALA G 1041 -121.79 -24.76 -36.86
C ALA G 1041 -120.41 -24.82 -36.23
N GLY G 1042 -120.34 -25.40 -35.04
CA GLY G 1042 -119.09 -25.50 -34.33
C GLY G 1042 -118.90 -24.33 -33.39
N PRO G 1043 -117.80 -24.36 -32.63
CA PRO G 1043 -117.54 -23.25 -31.71
C PRO G 1043 -117.35 -21.94 -32.46
N ASP G 1044 -118.06 -20.91 -32.01
CA ASP G 1044 -118.02 -19.60 -32.64
C ASP G 1044 -117.30 -18.62 -31.73
N LYS G 1045 -116.53 -17.72 -32.33
CA LYS G 1045 -115.74 -16.78 -31.56
C LYS G 1045 -115.47 -15.55 -32.42
N HIS G 1046 -116.07 -14.42 -32.05
CA HIS G 1046 -115.78 -13.18 -32.74
C HIS G 1046 -114.44 -12.63 -32.31
N ILE G 1047 -113.97 -11.62 -33.03
CA ILE G 1047 -112.69 -11.00 -32.69
C ILE G 1047 -112.80 -10.36 -31.32
N PRO G 1048 -111.88 -10.62 -30.39
CA PRO G 1048 -112.01 -10.07 -29.04
C PRO G 1048 -111.92 -8.56 -29.02
N VAL G 1049 -113.04 -7.91 -28.71
CA VAL G 1049 -113.09 -6.45 -28.71
C VAL G 1049 -112.21 -5.88 -27.61
N GLU G 1050 -112.27 -6.48 -26.42
CA GLU G 1050 -111.60 -5.90 -25.27
C GLU G 1050 -110.09 -5.80 -25.46
N ARG G 1051 -109.53 -6.63 -26.35
CA ARG G 1051 -108.10 -6.52 -26.62
C ARG G 1051 -107.77 -5.38 -27.57
N TYR G 1052 -108.78 -4.71 -28.12
CA TYR G 1052 -108.58 -3.53 -28.96
C TYR G 1052 -109.42 -2.39 -28.43
N ASN G 1053 -109.33 -2.17 -27.12
CA ASN G 1053 -110.21 -1.21 -26.46
C ASN G 1053 -110.03 0.19 -27.00
N ILE G 1054 -108.79 0.59 -27.28
CA ILE G 1054 -108.54 1.94 -27.75
C ILE G 1054 -109.27 2.19 -29.06
N LEU G 1055 -109.31 1.20 -29.93
CA LEU G 1055 -109.98 1.37 -31.22
C LEU G 1055 -111.49 1.23 -31.11
N THR G 1056 -111.94 0.23 -30.35
CA THR G 1056 -113.38 -0.03 -30.29
C THR G 1056 -114.11 1.01 -29.45
N ASN G 1057 -113.55 1.40 -28.31
CA ASN G 1057 -114.22 2.34 -27.43
C ASN G 1057 -113.83 3.75 -27.83
N PRO G 1058 -114.75 4.57 -28.33
CA PRO G 1058 -114.38 5.95 -28.71
C PRO G 1058 -114.02 6.81 -27.52
N ASP G 1059 -114.52 6.52 -26.33
CA ASP G 1059 -114.33 7.37 -25.19
C ASP G 1059 -113.10 7.02 -24.36
N ALA G 1060 -112.45 5.92 -24.68
CA ALA G 1060 -111.28 5.56 -23.87
C ALA G 1060 -110.13 6.53 -24.13
N PRO G 1061 -109.43 6.96 -23.08
CA PRO G 1061 -108.25 7.78 -23.30
C PRO G 1061 -107.20 6.99 -24.06
N PRO G 1062 -106.41 7.66 -24.89
CA PRO G 1062 -105.46 6.92 -25.73
C PRO G 1062 -104.46 6.08 -24.95
N THR G 1063 -104.14 6.46 -23.72
CA THR G 1063 -103.10 5.79 -22.95
C THR G 1063 -103.66 4.88 -21.87
N GLN G 1064 -104.75 4.17 -22.15
CA GLN G 1064 -105.36 3.29 -21.17
C GLN G 1064 -104.89 1.85 -21.39
N ILE G 1065 -104.60 1.17 -20.30
CA ILE G 1065 -104.25 -0.25 -20.31
C ILE G 1065 -105.13 -0.98 -19.31
N GLN G 1066 -105.28 -2.29 -19.52
CA GLN G 1066 -106.20 -3.09 -18.73
C GLN G 1066 -105.50 -4.23 -18.01
N LEU G 1067 -104.21 -4.10 -17.73
CA LEU G 1067 -103.52 -5.15 -16.99
C LEU G 1067 -104.10 -5.25 -15.58
N PRO G 1068 -104.04 -6.44 -14.96
CA PRO G 1068 -103.51 -7.68 -15.52
C PRO G 1068 -104.58 -8.65 -15.97
N GLU G 1069 -105.76 -8.15 -16.34
CA GLU G 1069 -106.85 -9.03 -16.75
C GLU G 1069 -106.89 -9.26 -18.26
N VAL G 1070 -106.66 -8.22 -19.05
CA VAL G 1070 -106.71 -8.32 -20.50
C VAL G 1070 -105.49 -7.64 -21.07
N VAL G 1071 -104.80 -8.31 -22.00
CA VAL G 1071 -103.62 -7.77 -22.65
C VAL G 1071 -104.07 -7.16 -23.97
N ASP G 1072 -103.91 -5.85 -24.10
CA ASP G 1072 -104.30 -5.17 -25.33
C ASP G 1072 -103.34 -5.50 -26.45
N LEU G 1073 -103.84 -5.45 -27.67
CA LEU G 1073 -103.02 -5.70 -28.86
C LEU G 1073 -102.76 -4.44 -29.67
N TYR G 1074 -103.29 -3.30 -29.24
CA TYR G 1074 -103.08 -2.03 -29.92
C TYR G 1074 -102.85 -0.96 -28.86
N ASN G 1075 -101.71 -0.29 -28.93
CA ASN G 1075 -101.32 0.58 -27.84
C ASN G 1075 -100.56 1.79 -28.39
N VAL G 1076 -100.43 2.79 -27.53
CA VAL G 1076 -99.59 3.95 -27.80
C VAL G 1076 -98.18 3.64 -27.33
N VAL G 1077 -97.22 3.78 -28.23
CA VAL G 1077 -95.84 3.43 -27.95
C VAL G 1077 -94.97 4.67 -28.13
N THR G 1078 -94.05 4.88 -27.21
CA THR G 1078 -93.12 6.00 -27.27
C THR G 1078 -91.77 5.51 -27.78
N ARG G 1079 -91.27 6.15 -28.84
CA ARG G 1079 -90.02 5.76 -29.46
C ARG G 1079 -89.02 6.91 -29.32
N TYR G 1080 -87.81 6.58 -28.91
CA TYR G 1080 -86.81 7.58 -28.56
C TYR G 1080 -85.73 7.66 -29.63
N ALA G 1081 -84.99 8.77 -29.60
CA ALA G 1081 -83.88 8.99 -30.51
C ALA G 1081 -82.68 9.58 -29.79
N TYR G 1082 -82.44 9.16 -28.55
CA TYR G 1082 -81.33 9.70 -27.78
C TYR G 1082 -80.00 9.21 -28.34
N GLU G 1083 -78.95 9.94 -28.01
CA GLU G 1083 -77.59 9.53 -28.30
C GLU G 1083 -76.93 8.97 -27.06
N THR G 1084 -75.96 8.08 -27.28
CA THR G 1084 -75.20 7.47 -26.19
C THR G 1084 -73.71 7.60 -26.50
N PRO G 1085 -73.19 8.82 -26.51
CA PRO G 1085 -71.79 9.01 -26.85
C PRO G 1085 -70.89 8.54 -25.74
N PRO G 1086 -69.64 8.22 -26.05
CA PRO G 1086 -68.66 7.98 -24.98
C PRO G 1086 -68.39 9.26 -24.23
N ILE G 1087 -67.94 9.10 -22.98
CA ILE G 1087 -67.78 10.24 -22.09
C ILE G 1087 -66.77 11.24 -22.66
N THR G 1088 -65.67 10.74 -23.20
CA THR G 1088 -64.64 11.64 -23.70
C THR G 1088 -65.11 12.45 -24.90
N ALA G 1089 -66.25 12.10 -25.49
CA ALA G 1089 -66.74 12.84 -26.65
C ALA G 1089 -67.34 14.19 -26.24
N VAL G 1090 -67.93 14.28 -25.06
CA VAL G 1090 -68.70 15.46 -24.70
C VAL G 1090 -67.89 16.40 -23.83
N VAL G 1091 -66.99 15.87 -23.02
CA VAL G 1091 -66.16 16.67 -22.13
C VAL G 1091 -64.72 16.59 -22.62
N MET G 1092 -64.10 17.76 -22.78
CA MET G 1092 -62.76 17.86 -23.33
C MET G 1092 -61.82 18.42 -22.27
N GLY G 1093 -60.71 17.74 -22.05
CA GLY G 1093 -59.73 18.25 -21.13
C GLY G 1093 -58.90 19.37 -21.74
N VAL G 1094 -58.27 20.14 -20.87
CA VAL G 1094 -57.38 21.23 -21.27
C VAL G 1094 -55.96 20.79 -20.99
N PRO G 1095 -55.15 20.53 -22.03
CA PRO G 1095 -53.80 20.02 -21.88
C PRO G 1095 -52.89 21.00 -21.16
N MET H 1 -96.94 -88.70 -8.00
CA MET H 1 -95.62 -89.16 -7.56
C MET H 1 -94.52 -88.21 -8.01
N LYS H 2 -93.90 -87.53 -7.05
CA LYS H 2 -92.79 -86.63 -7.32
C LYS H 2 -91.61 -87.00 -6.45
N ARG H 3 -90.41 -86.95 -7.02
CA ARG H 3 -89.18 -87.27 -6.32
C ARG H 3 -88.41 -85.99 -6.05
N ILE H 4 -87.90 -85.84 -4.83
CA ILE H 4 -87.13 -84.68 -4.42
C ILE H 4 -85.74 -85.15 -4.04
N PRO H 5 -84.70 -84.68 -4.72
CA PRO H 5 -83.34 -85.12 -4.38
C PRO H 5 -82.84 -84.50 -3.09
N ARG H 6 -81.83 -85.13 -2.52
CA ARG H 6 -81.19 -84.66 -1.29
C ARG H 6 -79.95 -83.86 -1.63
N LYS H 7 -79.79 -82.72 -0.96
CA LYS H 7 -78.63 -81.86 -1.16
C LYS H 7 -77.49 -82.18 -0.21
N THR H 8 -77.62 -83.24 0.60
CA THR H 8 -76.58 -83.63 1.53
C THR H 8 -76.53 -85.15 1.61
N LYS H 9 -75.32 -85.69 1.59
CA LYS H 9 -75.14 -87.13 1.74
C LYS H 9 -75.59 -87.57 3.12
N GLY H 10 -76.36 -88.64 3.19
CA GLY H 10 -76.93 -89.07 4.44
C GLY H 10 -76.23 -90.26 5.06
N LYS H 11 -77.01 -91.16 5.68
CA LYS H 11 -76.41 -92.31 6.36
C LYS H 11 -75.69 -93.21 5.37
N SER H 12 -76.27 -93.43 4.19
CA SER H 12 -75.65 -94.26 3.17
C SER H 12 -74.64 -93.47 2.36
N PRO H 40 -114.40 -64.77 -30.30
CA PRO H 40 -114.44 -63.87 -29.16
C PRO H 40 -113.12 -63.15 -28.95
N ALA H 41 -113.13 -61.82 -29.02
CA ALA H 41 -111.91 -61.06 -28.82
C ALA H 41 -111.40 -61.23 -27.40
N THR H 42 -110.08 -61.11 -27.24
CA THR H 42 -109.45 -61.34 -25.95
C THR H 42 -108.47 -60.23 -25.58
N THR H 43 -108.11 -59.35 -26.51
CA THR H 43 -107.14 -58.31 -26.25
C THR H 43 -107.72 -57.30 -25.27
N GLU H 44 -107.34 -57.41 -24.01
CA GLU H 44 -107.88 -56.54 -22.98
C GLU H 44 -107.39 -55.11 -23.21
N PRO H 45 -108.27 -54.11 -23.10
CA PRO H 45 -107.90 -52.74 -23.48
C PRO H 45 -106.90 -52.06 -22.57
N GLY H 46 -106.37 -52.73 -21.55
CA GLY H 46 -105.42 -52.07 -20.67
C GLY H 46 -104.08 -52.75 -20.55
N THR H 47 -103.91 -53.89 -21.23
CA THR H 47 -102.76 -54.73 -21.04
C THR H 47 -101.57 -54.38 -21.94
N SER H 48 -101.68 -53.33 -22.74
CA SER H 48 -100.57 -52.94 -23.59
C SER H 48 -99.42 -52.40 -22.74
N ASN H 49 -98.19 -52.75 -23.13
CA ASN H 49 -97.01 -52.43 -22.35
C ASN H 49 -96.25 -51.30 -23.02
N ARG H 50 -96.29 -50.12 -22.41
CA ARG H 50 -95.47 -48.97 -22.80
C ARG H 50 -94.62 -48.60 -21.59
N GLU H 51 -93.50 -49.28 -21.44
CA GLU H 51 -92.64 -49.07 -20.28
C GLU H 51 -91.66 -47.94 -20.56
N GLN H 52 -91.66 -46.94 -19.68
CA GLN H 52 -90.74 -45.83 -19.82
C GLN H 52 -90.16 -45.40 -18.49
N TYR H 53 -90.36 -46.18 -17.43
CA TYR H 53 -89.89 -45.82 -16.10
C TYR H 53 -88.58 -46.54 -15.80
N LYS H 54 -87.57 -45.77 -15.42
CA LYS H 54 -86.27 -46.32 -15.04
C LYS H 54 -86.17 -46.21 -13.52
N ALA H 55 -86.20 -47.35 -12.83
CA ALA H 55 -86.16 -47.35 -11.38
C ALA H 55 -84.89 -46.68 -10.88
N ARG H 56 -85.04 -45.83 -9.87
CA ARG H 56 -83.91 -45.10 -9.30
C ARG H 56 -84.09 -45.14 -7.78
N PRO H 57 -83.30 -45.94 -7.07
CA PRO H 57 -82.16 -46.72 -7.51
C PRO H 57 -82.53 -47.91 -8.39
N GLY H 58 -81.59 -48.35 -9.22
CA GLY H 58 -81.88 -49.42 -10.15
C GLY H 58 -82.15 -50.74 -9.46
N ILE H 59 -82.92 -51.58 -10.13
CA ILE H 59 -83.29 -52.87 -9.56
C ILE H 59 -82.06 -53.75 -9.40
N ALA H 60 -81.26 -53.86 -10.47
CA ALA H 60 -80.13 -54.78 -10.44
C ALA H 60 -79.11 -54.36 -9.38
N SER H 61 -78.89 -53.05 -9.25
CA SER H 61 -77.91 -52.56 -8.28
C SER H 61 -78.32 -52.97 -6.87
N VAL H 62 -79.60 -52.83 -6.54
CA VAL H 62 -80.06 -53.22 -5.21
C VAL H 62 -80.04 -54.73 -5.05
N GLN H 63 -80.41 -55.47 -6.09
CA GLN H 63 -80.43 -56.92 -6.01
C GLN H 63 -79.05 -57.48 -5.72
N ARG H 64 -78.02 -56.93 -6.38
CA ARG H 64 -76.67 -57.42 -6.14
C ARG H 64 -76.27 -57.19 -4.69
N ALA H 65 -76.59 -56.02 -4.14
CA ALA H 65 -76.24 -55.74 -2.74
C ALA H 65 -77.00 -56.66 -1.80
N THR H 66 -78.28 -56.89 -2.07
CA THR H 66 -79.07 -57.75 -1.20
C THR H 66 -78.58 -59.19 -1.24
N GLU H 67 -78.03 -59.62 -2.38
CA GLU H 67 -77.51 -60.99 -2.46
C GLU H 67 -76.39 -61.20 -1.46
N SER H 68 -75.49 -60.22 -1.33
CA SER H 68 -74.37 -60.38 -0.41
C SER H 68 -74.85 -60.47 1.03
N ALA H 69 -75.77 -59.59 1.43
CA ALA H 69 -76.28 -59.64 2.79
C ALA H 69 -77.19 -60.83 3.04
N GLU H 70 -77.68 -61.46 1.97
CA GLU H 70 -78.57 -62.60 2.11
C GLU H 70 -77.83 -63.81 2.64
N MET H 71 -76.54 -63.93 2.31
CA MET H 71 -75.74 -65.09 2.72
C MET H 71 -75.72 -65.31 4.22
N PRO H 72 -75.82 -66.58 4.66
CA PRO H 72 -75.78 -66.82 6.09
C PRO H 72 -74.37 -66.70 6.65
N MET H 73 -74.31 -66.57 7.98
CA MET H 73 -73.03 -66.47 8.66
C MET H 73 -72.24 -67.76 8.50
N LYS H 74 -70.93 -67.62 8.33
CA LYS H 74 -70.10 -68.79 8.11
C LYS H 74 -70.02 -69.63 9.38
N ASN H 75 -69.76 -70.92 9.18
CA ASN H 75 -69.60 -71.82 10.32
C ASN H 75 -68.27 -71.60 11.00
N ASN H 76 -68.22 -71.90 12.29
CA ASN H 76 -67.01 -71.83 13.10
C ASN H 76 -66.98 -73.12 13.92
N ASP H 77 -66.31 -74.12 13.40
CA ASP H 77 -66.43 -75.48 13.89
C ASP H 77 -65.21 -75.90 14.71
N GLU H 78 -64.11 -75.16 14.60
CA GLU H 78 -62.86 -75.52 15.27
C GLU H 78 -63.08 -75.76 16.76
N GLY H 79 -62.30 -76.68 17.31
CA GLY H 79 -62.38 -77.01 18.72
C GLY H 79 -63.50 -77.93 19.11
N THR H 80 -64.24 -78.48 18.16
CA THR H 80 -65.33 -79.37 18.48
C THR H 80 -64.97 -80.81 18.13
N PRO H 81 -65.51 -81.78 18.87
CA PRO H 81 -65.18 -83.18 18.58
C PRO H 81 -65.74 -83.62 17.25
N ASP H 82 -65.05 -84.56 16.62
CA ASP H 82 -65.43 -85.05 15.31
C ASP H 82 -66.26 -86.32 15.46
N LYS H 83 -66.50 -86.99 14.33
CA LYS H 83 -67.24 -88.25 14.36
C LYS H 83 -66.50 -89.29 15.19
N LYS H 84 -65.18 -89.39 15.01
CA LYS H 84 -64.39 -90.36 15.76
C LYS H 84 -64.34 -90.00 17.23
N GLY H 85 -64.21 -88.72 17.54
CA GLY H 85 -64.07 -88.30 18.92
C GLY H 85 -62.84 -87.43 19.12
N ASN H 86 -62.21 -87.03 18.03
CA ASN H 86 -61.01 -86.21 18.07
C ASN H 86 -61.38 -84.77 17.73
N THR H 87 -60.94 -83.84 18.57
CA THR H 87 -61.25 -82.44 18.35
C THR H 87 -60.56 -81.95 17.09
N LYS H 88 -61.34 -81.44 16.16
CA LYS H 88 -60.80 -80.90 14.92
C LYS H 88 -60.26 -79.50 15.16
N GLY H 89 -59.41 -79.04 14.25
CA GLY H 89 -58.79 -77.74 14.34
C GLY H 89 -57.28 -77.84 14.28
N ASP H 90 -56.64 -76.70 14.47
CA ASP H 90 -55.19 -76.60 14.43
C ASP H 90 -54.62 -76.62 15.85
N LEU H 91 -53.32 -76.87 15.92
CA LEU H 91 -52.61 -76.88 17.21
C LEU H 91 -51.93 -75.53 17.39
N VAL H 92 -52.74 -74.53 17.72
CA VAL H 92 -52.27 -73.15 17.88
C VAL H 92 -52.75 -72.63 19.22
N ASN H 93 -51.91 -71.83 19.88
CA ASN H 93 -52.33 -71.16 21.09
C ASN H 93 -53.51 -70.25 20.81
N GLU H 94 -54.46 -70.22 21.75
CA GLU H 94 -55.73 -69.54 21.51
C GLU H 94 -55.54 -68.05 21.23
N HIS H 95 -54.67 -67.39 21.99
CA HIS H 95 -54.44 -65.97 21.74
C HIS H 95 -53.79 -65.75 20.39
N SER H 96 -52.84 -66.60 20.03
CA SER H 96 -52.26 -66.53 18.69
C SER H 96 -53.34 -66.76 17.63
N GLU H 97 -54.27 -67.67 17.90
CA GLU H 97 -55.36 -67.91 16.97
C GLU H 97 -56.20 -66.65 16.79
N ALA H 98 -56.50 -65.95 17.89
CA ALA H 98 -57.27 -64.73 17.79
C ALA H 98 -56.54 -63.68 16.98
N LYS H 99 -55.23 -63.53 17.20
CA LYS H 99 -54.46 -62.58 16.42
C LYS H 99 -54.49 -62.93 14.93
N ASP H 100 -54.29 -64.20 14.61
CA ASP H 100 -54.31 -64.61 13.20
C ASP H 100 -55.66 -64.36 12.57
N GLU H 101 -56.74 -64.68 13.28
CA GLU H 101 -58.06 -64.44 12.73
C GLU H 101 -58.31 -62.96 12.52
N ALA H 102 -57.87 -62.11 13.44
CA ALA H 102 -58.00 -60.68 13.25
C ALA H 102 -57.24 -60.22 12.01
N ASP H 103 -56.02 -60.72 11.83
CA ASP H 103 -55.24 -60.33 10.67
C ASP H 103 -55.91 -60.75 9.37
N GLU H 104 -56.43 -61.97 9.33
CA GLU H 104 -57.13 -62.43 8.14
C GLU H 104 -58.37 -61.59 7.87
N ALA H 105 -59.08 -61.20 8.93
CA ALA H 105 -60.24 -60.34 8.75
C ALA H 105 -59.84 -59.00 8.14
N THR H 106 -58.77 -58.40 8.64
CA THR H 106 -58.33 -57.13 8.09
C THR H 106 -57.93 -57.28 6.63
N LYS H 107 -57.23 -58.36 6.32
CA LYS H 107 -56.78 -58.64 4.96
C LYS H 107 -57.98 -58.75 4.03
N LYS H 108 -58.98 -59.53 4.43
CA LYS H 108 -60.17 -59.71 3.63
C LYS H 108 -60.93 -58.41 3.46
N GLN H 109 -61.01 -57.60 4.51
CA GLN H 109 -61.64 -56.29 4.40
C GLN H 109 -60.93 -55.43 3.37
N ALA H 110 -59.61 -55.44 3.39
CA ALA H 110 -58.86 -54.68 2.40
C ALA H 110 -59.15 -55.19 1.00
N LYS H 111 -59.25 -56.51 0.83
CA LYS H 111 -59.54 -57.05 -0.49
C LYS H 111 -60.92 -56.65 -0.97
N ASP H 112 -61.90 -56.59 -0.07
CA ASP H 112 -63.26 -56.27 -0.47
C ASP H 112 -63.37 -54.89 -1.09
N THR H 113 -62.71 -53.90 -0.49
CA THR H 113 -62.79 -52.52 -0.97
C THR H 113 -61.77 -52.21 -2.04
N ASP H 114 -60.98 -53.20 -2.47
CA ASP H 114 -59.99 -53.02 -3.53
C ASP H 114 -58.97 -51.96 -3.14
N LYS H 115 -58.27 -52.20 -2.04
CA LYS H 115 -57.23 -51.30 -1.58
C LYS H 115 -56.02 -52.12 -1.12
N SER H 116 -54.85 -51.47 -1.14
CA SER H 116 -53.65 -52.11 -0.62
C SER H 116 -53.72 -52.31 0.88
N LYS H 117 -54.16 -51.28 1.60
CA LYS H 117 -54.34 -51.36 3.05
C LYS H 117 -55.79 -51.01 3.38
N ALA H 118 -56.33 -51.70 4.38
CA ALA H 118 -57.73 -51.53 4.74
C ALA H 118 -57.93 -50.25 5.54
N GLN H 119 -59.04 -49.57 5.26
CA GLN H 119 -59.41 -48.41 6.06
C GLN H 119 -59.99 -48.83 7.41
N VAL H 120 -60.76 -49.91 7.43
CA VAL H 120 -61.36 -50.43 8.65
C VAL H 120 -60.55 -51.65 9.05
N THR H 121 -59.95 -51.61 10.24
CA THR H 121 -59.05 -52.65 10.69
C THR H 121 -59.60 -53.34 11.93
N TYR H 122 -59.51 -54.66 11.96
CA TYR H 122 -59.82 -55.45 13.13
C TYR H 122 -58.60 -55.76 13.99
N SER H 123 -57.42 -55.30 13.58
CA SER H 123 -56.20 -55.60 14.30
C SER H 123 -55.39 -54.32 14.49
N ASP H 124 -54.52 -54.36 15.49
CA ASP H 124 -53.67 -53.23 15.85
C ASP H 124 -54.52 -51.98 16.13
N THR H 125 -55.61 -52.19 16.84
CA THR H 125 -56.41 -51.08 17.32
C THR H 125 -55.78 -50.49 18.57
N GLY H 126 -56.36 -49.40 19.07
CA GLY H 126 -55.86 -48.83 20.30
C GLY H 126 -56.14 -49.69 21.52
N ILE H 127 -57.07 -50.63 21.41
CA ILE H 127 -57.49 -51.41 22.57
C ILE H 127 -56.47 -52.50 22.84
N ASN H 128 -56.03 -52.60 24.10
CA ASN H 128 -55.14 -53.69 24.50
C ASN H 128 -55.99 -54.89 24.85
N ASN H 129 -56.29 -55.68 23.81
CA ASN H 129 -57.11 -56.87 23.98
C ASN H 129 -56.24 -58.11 24.19
N ALA H 130 -55.32 -58.03 25.16
CA ALA H 130 -54.35 -59.09 25.35
C ALA H 130 -54.95 -60.38 25.90
N ASN H 131 -56.06 -60.29 26.61
CA ASN H 131 -56.66 -61.48 27.20
C ASN H 131 -57.68 -62.14 26.29
N GLU H 132 -57.79 -61.69 25.05
CA GLU H 132 -58.71 -62.32 24.11
C GLU H 132 -58.35 -63.77 23.90
N LEU H 133 -59.36 -64.63 23.85
CA LEU H 133 -59.19 -66.04 23.57
C LEU H 133 -60.11 -66.44 22.43
N SER H 134 -59.61 -67.32 21.56
CA SER H 134 -60.40 -67.83 20.46
C SER H 134 -60.35 -69.35 20.46
N ARG H 135 -61.45 -69.98 20.11
CA ARG H 135 -61.53 -71.43 20.10
C ARG H 135 -60.54 -71.99 19.09
N SER H 136 -59.82 -73.04 19.51
CA SER H 136 -58.85 -73.69 18.65
C SER H 136 -58.89 -75.19 18.90
N GLY H 137 -58.11 -75.92 18.12
CA GLY H 137 -58.08 -77.36 18.26
C GLY H 137 -57.00 -77.82 19.22
N ASN H 138 -56.47 -76.89 20.01
CA ASN H 138 -55.40 -77.21 20.94
C ASN H 138 -55.89 -77.94 22.18
N VAL H 139 -57.10 -77.64 22.65
CA VAL H 139 -57.60 -78.19 23.90
C VAL H 139 -58.87 -78.99 23.64
N ASP H 140 -59.04 -80.06 24.40
CA ASP H 140 -60.21 -80.90 24.28
C ASP H 140 -61.27 -80.43 25.27
N ASN H 141 -62.32 -81.24 25.46
CA ASN H 141 -63.41 -80.87 26.35
C ASN H 141 -63.08 -81.11 27.82
N GLU H 142 -62.03 -81.85 28.13
CA GLU H 142 -61.62 -82.08 29.50
C GLU H 142 -60.61 -81.05 29.99
N GLY H 143 -60.28 -80.07 29.16
CA GLY H 143 -59.25 -79.12 29.51
C GLY H 143 -57.83 -79.58 29.27
N GLY H 144 -57.63 -80.80 28.78
CA GLY H 144 -56.30 -81.26 28.48
C GLY H 144 -55.82 -80.80 27.12
N SER H 145 -54.56 -81.08 26.85
CA SER H 145 -53.96 -80.72 25.58
C SER H 145 -54.16 -81.83 24.56
N ASN H 146 -54.35 -81.44 23.29
CA ASN H 146 -54.49 -82.40 22.20
C ASN H 146 -53.16 -82.70 21.53
N GLN H 147 -52.04 -82.61 22.25
CA GLN H 147 -50.78 -83.02 21.68
C GLN H 147 -50.84 -84.48 21.24
N LYS H 148 -51.72 -85.26 21.86
CA LYS H 148 -52.01 -86.61 21.43
C LYS H 148 -53.53 -86.76 21.35
N PRO H 149 -54.07 -87.20 20.21
CA PRO H 149 -55.53 -87.22 20.05
C PRO H 149 -56.19 -88.15 21.04
N MET H 150 -57.49 -87.92 21.27
CA MET H 150 -58.27 -88.80 22.13
C MET H 150 -58.06 -90.26 21.76
N SER H 151 -58.48 -90.64 20.56
CA SER H 151 -58.51 -92.04 20.19
C SER H 151 -57.18 -92.72 20.45
N THR H 152 -56.08 -92.02 20.20
CA THR H 152 -54.77 -92.57 20.53
C THR H 152 -54.64 -92.82 22.02
N ARG H 153 -55.11 -91.90 22.86
CA ARG H 153 -54.99 -92.09 24.29
C ARG H 153 -55.86 -93.24 24.79
N ILE H 154 -57.09 -93.33 24.31
CA ILE H 154 -57.92 -94.47 24.69
C ILE H 154 -57.27 -95.77 24.24
N ALA H 155 -56.73 -95.80 23.02
CA ALA H 155 -56.09 -97.02 22.54
C ALA H 155 -54.91 -97.40 23.41
N GLU H 156 -54.09 -96.42 23.80
CA GLU H 156 -52.93 -96.70 24.62
C GLU H 156 -53.35 -97.21 25.99
N ALA H 157 -54.34 -96.56 26.60
CA ALA H 157 -54.77 -96.94 27.94
C ALA H 157 -55.39 -98.33 27.95
N THR H 158 -56.25 -98.62 26.98
CA THR H 158 -56.89 -99.93 26.97
C THR H 158 -55.90 -101.04 26.59
N SER H 159 -54.84 -100.70 25.87
CA SER H 159 -53.87 -101.71 25.48
C SER H 159 -52.99 -102.17 26.64
N ALA H 160 -52.77 -101.32 27.64
CA ALA H 160 -51.84 -101.64 28.71
C ALA H 160 -52.36 -102.69 29.67
N ILE H 161 -53.52 -103.27 29.40
CA ILE H 161 -54.10 -104.17 30.39
C ILE H 161 -54.64 -105.45 29.75
N VAL H 162 -54.58 -105.57 28.42
CA VAL H 162 -55.10 -106.76 27.76
C VAL H 162 -54.29 -107.98 28.17
N SER H 163 -54.97 -109.12 28.27
CA SER H 163 -54.33 -110.37 28.63
C SER H 163 -53.85 -111.11 27.38
N LYS H 164 -53.45 -112.36 27.56
CA LYS H 164 -52.92 -113.16 26.47
C LYS H 164 -53.05 -114.64 26.82
N HIS H 165 -53.02 -115.49 25.80
CA HIS H 165 -53.12 -116.92 26.02
C HIS H 165 -51.92 -117.42 26.81
N PRO H 166 -52.07 -118.46 27.63
CA PRO H 166 -50.92 -119.00 28.35
C PRO H 166 -49.90 -119.60 27.40
N ALA H 167 -48.63 -119.52 27.80
CA ALA H 167 -47.53 -119.97 26.96
C ALA H 167 -46.38 -120.46 27.84
N ARG H 168 -45.46 -121.20 27.21
CA ARG H 168 -44.26 -121.72 27.86
C ARG H 168 -44.59 -122.60 29.06
N TYR I 1 -101.53 -63.39 -21.87
CA TYR I 1 -102.43 -63.94 -20.87
C TYR I 1 -102.39 -63.11 -19.59
N GLN I 2 -103.56 -62.91 -18.99
CA GLN I 2 -103.71 -62.03 -17.84
C GLN I 2 -104.37 -62.77 -16.69
N CYS I 3 -103.79 -62.64 -15.49
CA CYS I 3 -104.35 -63.20 -14.28
C CYS I 3 -104.93 -62.05 -13.46
N HIS I 4 -106.25 -61.88 -13.53
CA HIS I 4 -106.91 -60.78 -12.85
C HIS I 4 -106.91 -60.93 -11.33
N VAL I 5 -106.56 -62.11 -10.81
CA VAL I 5 -106.47 -62.27 -9.36
C VAL I 5 -105.33 -61.41 -8.81
N CYS I 6 -104.20 -61.36 -9.52
CA CYS I 6 -103.05 -60.61 -9.07
C CYS I 6 -102.55 -59.59 -10.08
N SER I 7 -103.21 -59.46 -11.24
CA SER I 7 -102.82 -58.52 -12.30
C SER I 7 -101.44 -58.82 -12.87
N ALA I 8 -101.02 -60.07 -12.88
CA ALA I 8 -99.75 -60.44 -13.48
C ALA I 8 -99.92 -60.69 -14.97
N VAL I 9 -98.82 -60.63 -15.70
CA VAL I 9 -98.80 -60.84 -17.15
C VAL I 9 -98.26 -62.23 -17.43
N LEU I 10 -99.01 -63.02 -18.19
CA LEU I 10 -98.65 -64.38 -18.54
C LEU I 10 -98.71 -64.58 -20.04
N PHE I 11 -98.25 -65.75 -20.49
CA PHE I 11 -98.16 -66.03 -21.92
C PHE I 11 -98.69 -67.40 -22.33
N SER I 12 -98.90 -68.33 -21.40
CA SER I 12 -99.41 -69.64 -21.74
C SER I 12 -100.64 -69.97 -20.89
N PRO I 13 -101.65 -70.61 -21.47
CA PRO I 13 -102.83 -70.98 -20.67
C PRO I 13 -102.50 -71.92 -19.52
N LEU I 14 -101.56 -72.85 -19.72
CA LEU I 14 -101.14 -73.71 -18.61
C LEU I 14 -100.39 -72.91 -17.56
N ASP I 15 -99.60 -71.91 -17.98
CA ASP I 15 -99.01 -70.99 -17.02
C ASP I 15 -100.09 -70.22 -16.27
N LEU I 16 -101.18 -69.86 -16.95
CA LEU I 16 -102.28 -69.20 -16.26
C LEU I 16 -102.92 -70.11 -15.21
N ASP I 17 -103.12 -71.39 -15.56
CA ASP I 17 -103.68 -72.32 -14.59
C ASP I 17 -102.75 -72.51 -13.40
N ALA I 18 -101.45 -72.61 -13.66
CA ALA I 18 -100.48 -72.73 -12.57
C ALA I 18 -100.48 -71.49 -11.69
N HIS I 19 -100.56 -70.31 -12.31
CA HIS I 19 -100.51 -69.06 -11.55
C HIS I 19 -101.76 -68.88 -10.69
N VAL I 20 -102.94 -69.20 -11.24
CA VAL I 20 -104.14 -69.11 -10.43
C VAL I 20 -104.19 -70.23 -9.39
N ALA I 21 -103.47 -71.32 -9.62
CA ALA I 21 -103.31 -72.33 -8.57
C ALA I 21 -102.53 -71.76 -7.39
N SER I 22 -101.59 -70.86 -7.66
CA SER I 22 -100.88 -70.17 -6.57
C SER I 22 -101.80 -69.25 -5.79
N HIS I 23 -102.92 -68.84 -6.37
CA HIS I 23 -103.94 -68.06 -5.68
C HIS I 23 -104.96 -68.94 -4.98
N GLY I 24 -104.81 -70.26 -5.04
CA GLY I 24 -105.77 -71.18 -4.47
C GLY I 24 -106.86 -71.63 -5.41
N LEU I 25 -106.97 -71.04 -6.60
CA LEU I 25 -107.97 -71.45 -7.56
C LEU I 25 -107.62 -72.82 -8.14
N HIS I 26 -108.64 -73.66 -8.31
CA HIS I 26 -108.42 -74.96 -8.93
C HIS I 26 -108.09 -74.80 -10.40
N GLY I 27 -107.12 -75.60 -10.87
CA GLY I 27 -106.71 -75.55 -12.26
C GLY I 27 -107.81 -75.97 -13.22
N ASN I 28 -108.36 -75.01 -13.95
CA ASN I 28 -109.45 -75.29 -14.87
C ASN I 28 -108.92 -75.73 -16.23
N ILE I 36 -93.82 -72.69 -11.50
CA ILE I 36 -93.35 -74.04 -11.25
C ILE I 36 -93.26 -74.22 -9.74
N GLN I 37 -93.32 -75.49 -9.31
CA GLN I 37 -93.19 -75.79 -7.89
C GLN I 37 -91.86 -75.32 -7.31
N ARG I 38 -90.87 -75.05 -8.17
CA ARG I 38 -89.62 -74.49 -7.69
C ARG I 38 -89.81 -73.09 -7.12
N HIS I 39 -90.94 -72.44 -7.38
CA HIS I 39 -91.17 -71.11 -6.85
C HIS I 39 -91.44 -71.16 -5.35
N ILE I 40 -90.80 -70.26 -4.62
CA ILE I 40 -91.08 -70.05 -3.20
C ILE I 40 -91.85 -68.76 -2.97
N THR I 41 -91.41 -67.67 -3.57
CA THR I 41 -92.02 -66.37 -3.36
C THR I 41 -92.22 -65.68 -4.70
N GLU I 42 -93.36 -65.00 -4.85
CA GLU I 42 -93.69 -64.29 -6.07
C GLU I 42 -94.15 -62.89 -5.70
N PHE I 43 -93.40 -61.88 -6.09
CA PHE I 43 -93.75 -60.49 -5.85
C PHE I 43 -93.92 -59.77 -7.17
N ILE I 44 -94.91 -58.88 -7.24
CA ILE I 44 -95.11 -58.05 -8.42
C ILE I 44 -95.43 -56.64 -7.96
N SER I 45 -94.73 -55.67 -8.54
CA SER I 45 -95.00 -54.27 -8.26
C SER I 45 -96.21 -53.80 -9.04
N SER I 46 -96.76 -52.67 -8.62
CA SER I 46 -97.92 -52.10 -9.29
C SER I 46 -97.58 -50.95 -10.22
N TRP I 47 -96.45 -50.29 -10.00
CA TRP I 47 -96.09 -49.14 -10.80
C TRP I 47 -95.15 -49.49 -11.96
N GLN I 48 -94.80 -50.75 -12.13
CA GLN I 48 -93.94 -51.15 -13.22
C GLN I 48 -94.13 -52.62 -13.52
N ASN I 49 -93.74 -53.03 -14.71
CA ASN I 49 -93.87 -54.42 -15.15
C ASN I 49 -92.50 -55.06 -14.93
N HIS I 50 -92.33 -55.68 -13.78
CA HIS I 50 -91.08 -56.36 -13.49
C HIS I 50 -91.27 -57.37 -12.36
N PRO I 51 -91.96 -58.47 -12.62
CA PRO I 51 -92.16 -59.48 -11.58
C PRO I 51 -90.85 -60.09 -11.14
N ILE I 52 -90.80 -60.51 -9.88
CA ILE I 52 -89.63 -61.13 -9.30
C ILE I 52 -90.04 -62.40 -8.58
N VAL I 53 -89.35 -63.50 -8.87
CA VAL I 53 -89.59 -64.77 -8.22
C VAL I 53 -88.28 -65.29 -7.68
N GLN I 54 -88.36 -66.10 -6.64
CA GLN I 54 -87.18 -66.61 -5.97
C GLN I 54 -87.28 -68.12 -5.84
N VAL I 55 -86.17 -68.80 -6.12
CA VAL I 55 -86.12 -70.26 -6.13
C VAL I 55 -84.98 -70.73 -5.26
N SER I 56 -85.02 -72.01 -4.90
CA SER I 56 -84.00 -72.58 -4.04
C SER I 56 -82.62 -72.53 -4.69
N ALA I 57 -81.61 -72.18 -3.90
CA ALA I 57 -80.26 -72.04 -4.43
C ALA I 57 -79.66 -73.36 -4.89
N ASP I 58 -80.27 -74.50 -4.53
CA ASP I 58 -79.75 -75.78 -4.95
C ASP I 58 -80.17 -76.16 -6.36
N VAL I 59 -81.07 -75.39 -6.99
CA VAL I 59 -81.48 -75.73 -8.34
C VAL I 59 -80.33 -75.46 -9.31
N GLU I 60 -80.29 -76.27 -10.38
CA GLU I 60 -79.22 -76.17 -11.35
C GLU I 60 -79.36 -74.99 -12.29
N ASN I 61 -80.58 -74.51 -12.53
CA ASN I 61 -80.85 -73.50 -13.55
C ASN I 61 -81.32 -72.22 -12.88
N LYS I 62 -80.70 -71.11 -13.26
CA LYS I 62 -80.96 -69.80 -12.65
C LYS I 62 -81.61 -68.85 -13.66
N LYS I 63 -82.60 -69.33 -14.40
CA LYS I 63 -83.19 -68.52 -15.45
C LYS I 63 -83.95 -67.33 -14.86
N THR I 64 -83.32 -66.15 -14.89
CA THR I 64 -83.92 -64.89 -14.47
C THR I 64 -84.62 -64.98 -13.13
N ALA I 65 -84.14 -65.82 -12.22
CA ALA I 65 -84.76 -66.00 -10.92
C ALA I 65 -83.76 -65.67 -9.82
N GLN I 66 -84.29 -65.16 -8.71
CA GLN I 66 -83.45 -64.90 -7.56
C GLN I 66 -83.21 -66.19 -6.77
N LEU I 67 -82.34 -66.10 -5.77
CA LEU I 67 -81.90 -67.27 -5.03
C LEU I 67 -82.36 -67.20 -3.58
N LEU I 68 -82.53 -68.37 -2.99
CA LEU I 68 -82.88 -68.51 -1.58
C LEU I 68 -81.67 -69.15 -0.90
N HIS I 69 -80.73 -68.32 -0.47
CA HIS I 69 -79.48 -68.82 0.08
C HIS I 69 -79.61 -69.40 1.48
N ALA I 70 -80.76 -69.23 2.13
CA ALA I 70 -80.91 -69.72 3.49
C ALA I 70 -80.84 -71.24 3.52
N ASP I 71 -80.36 -71.77 4.65
CA ASP I 71 -80.29 -73.22 4.86
C ASP I 71 -81.60 -73.67 5.49
N THR I 72 -82.65 -73.61 4.68
CA THR I 72 -83.95 -73.95 5.22
C THR I 72 -84.09 -75.45 5.44
N PRO I 73 -84.70 -75.87 6.54
CA PRO I 73 -85.00 -77.29 6.73
C PRO I 73 -86.18 -77.71 5.87
N ARG I 74 -86.34 -79.02 5.75
CA ARG I 74 -87.47 -79.58 5.02
C ARG I 74 -88.46 -80.12 6.03
N LEU I 75 -89.50 -79.32 6.32
CA LEU I 75 -90.47 -79.72 7.33
C LEU I 75 -91.52 -80.65 6.75
N VAL I 76 -92.25 -80.21 5.75
CA VAL I 76 -93.37 -80.99 5.24
C VAL I 76 -92.86 -82.05 4.27
N THR I 77 -93.17 -83.31 4.58
CA THR I 77 -92.83 -84.44 3.74
C THR I 77 -94.03 -85.39 3.71
N TRP I 78 -94.17 -86.11 2.61
CA TRP I 78 -95.36 -86.93 2.40
C TRP I 78 -94.99 -88.39 2.25
N ASP I 79 -95.90 -89.26 2.71
CA ASP I 79 -95.74 -90.70 2.59
C ASP I 79 -97.06 -91.30 2.15
N ALA I 80 -97.01 -92.19 1.16
CA ALA I 80 -98.19 -92.86 0.67
C ALA I 80 -98.21 -94.34 1.01
N GLY I 81 -97.16 -94.86 1.65
CA GLY I 81 -97.09 -96.26 1.99
C GLY I 81 -97.94 -96.63 3.18
N LEU I 82 -97.41 -97.52 4.01
CA LEU I 82 -98.06 -97.94 5.23
C LEU I 82 -97.38 -97.31 6.44
N CYS I 83 -98.19 -96.81 7.37
CA CYS I 83 -97.65 -96.16 8.57
C CYS I 83 -97.31 -97.25 9.59
N THR I 84 -96.28 -98.03 9.27
CA THR I 84 -95.83 -99.10 10.13
C THR I 84 -94.31 -99.17 10.11
N SER I 85 -93.75 -99.79 11.15
CA SER I 85 -92.32 -100.01 11.22
C SER I 85 -91.98 -101.40 11.73
N PHE I 86 -92.95 -102.30 11.82
CA PHE I 86 -92.73 -103.66 12.24
C PHE I 86 -93.19 -104.60 11.14
N LYS I 87 -92.40 -105.63 10.87
CA LYS I 87 -92.75 -106.60 9.86
C LYS I 87 -92.58 -108.00 10.44
N ILE I 88 -93.42 -108.92 9.97
CA ILE I 88 -93.39 -110.30 10.37
C ILE I 88 -92.61 -111.08 9.33
N VAL I 89 -91.63 -111.85 9.78
CA VAL I 89 -90.77 -112.57 8.84
C VAL I 89 -90.79 -114.06 9.16
N PRO I 90 -90.69 -114.92 8.15
CA PRO I 90 -90.52 -116.35 8.42
C PRO I 90 -89.11 -116.62 8.92
N ILE I 91 -88.98 -117.62 9.78
CA ILE I 91 -87.68 -118.03 10.29
C ILE I 91 -87.34 -119.44 9.84
N VAL I 92 -88.23 -120.39 10.08
CA VAL I 92 -88.05 -121.75 9.60
C VAL I 92 -89.16 -122.05 8.61
N PRO I 93 -88.89 -122.01 7.31
CA PRO I 93 -89.95 -122.26 6.33
C PRO I 93 -90.47 -123.67 6.43
N ALA I 94 -91.76 -123.82 6.13
CA ALA I 94 -92.39 -125.13 6.14
C ALA I 94 -93.51 -125.13 5.12
N GLN I 95 -93.81 -126.33 4.62
CA GLN I 95 -94.90 -126.50 3.66
C GLN I 95 -95.69 -127.74 4.07
N VAL I 96 -97.00 -127.58 4.18
CA VAL I 96 -97.88 -128.64 4.67
C VAL I 96 -99.02 -128.76 3.66
N PRO I 97 -99.63 -129.93 3.48
CA PRO I 97 -100.79 -130.02 2.59
C PRO I 97 -102.01 -129.31 3.15
N GLN I 98 -102.81 -128.76 2.24
CA GLN I 98 -104.11 -128.20 2.54
C GLN I 98 -105.21 -129.13 2.03
N ASP I 99 -106.45 -128.80 2.37
CA ASP I 99 -107.58 -129.48 1.77
C ASP I 99 -108.25 -128.62 0.72
N VAL I 100 -108.22 -127.29 0.90
CA VAL I 100 -108.77 -126.35 -0.07
C VAL I 100 -107.61 -125.61 -0.72
N LEU I 101 -107.64 -125.53 -2.04
CA LEU I 101 -106.52 -124.97 -2.79
C LEU I 101 -106.77 -123.57 -3.32
N ALA I 102 -107.97 -123.27 -3.81
CA ALA I 102 -108.23 -121.96 -4.38
C ALA I 102 -109.73 -121.73 -4.48
N TYR I 103 -110.11 -120.47 -4.59
CA TYR I 103 -111.50 -120.09 -4.81
C TYR I 103 -111.83 -120.22 -6.30
N THR I 104 -113.06 -120.60 -6.59
CA THR I 104 -113.50 -120.80 -7.97
C THR I 104 -114.75 -119.97 -8.22
N PHE I 105 -114.70 -119.14 -9.24
CA PHE I 105 -115.87 -118.51 -9.81
C PHE I 105 -116.39 -119.40 -10.93
N PHE I 106 -117.23 -118.84 -11.81
CA PHE I 106 -117.79 -119.59 -12.93
C PHE I 106 -116.76 -120.49 -13.59
N THR I 107 -115.70 -119.89 -14.13
CA THR I 107 -114.58 -120.64 -14.68
C THR I 107 -113.24 -120.14 -14.21
N SER I 108 -113.17 -118.96 -13.62
CA SER I 108 -111.90 -118.46 -13.11
C SER I 108 -111.53 -119.17 -11.81
N SER I 109 -110.27 -119.02 -11.42
CA SER I 109 -109.78 -119.61 -10.18
C SER I 109 -108.73 -118.69 -9.62
N TYR I 110 -108.93 -118.25 -8.37
CA TYR I 110 -108.04 -117.29 -7.73
C TYR I 110 -107.30 -117.96 -6.58
N ALA I 111 -106.00 -117.71 -6.52
CA ALA I 111 -105.19 -118.31 -5.48
C ALA I 111 -105.50 -117.69 -4.13
N ILE I 112 -105.00 -118.33 -3.07
CA ILE I 112 -105.22 -117.90 -1.70
C ILE I 112 -103.94 -117.24 -1.20
N GLN I 113 -104.08 -116.01 -0.69
CA GLN I 113 -102.94 -115.28 -0.13
C GLN I 113 -103.15 -115.11 1.36
N SER I 114 -102.22 -115.60 2.14
CA SER I 114 -102.34 -115.45 3.58
C SER I 114 -101.81 -114.08 4.01
N PRO I 115 -102.45 -113.45 5.00
CA PRO I 115 -101.96 -112.15 5.46
C PRO I 115 -100.71 -112.23 6.30
N PHE I 116 -100.24 -113.43 6.61
CA PHE I 116 -99.10 -113.63 7.50
C PHE I 116 -98.12 -114.60 6.85
N PRO I 117 -96.86 -114.55 7.25
CA PRO I 117 -95.91 -115.56 6.79
C PRO I 117 -96.39 -116.95 7.18
N GLU I 118 -96.18 -117.89 6.27
CA GLU I 118 -96.70 -119.25 6.41
C GLU I 118 -95.50 -120.18 6.60
N ALA I 119 -95.07 -120.33 7.83
CA ALA I 119 -93.86 -121.08 8.13
C ALA I 119 -94.01 -121.77 9.47
N ALA I 120 -92.97 -122.52 9.85
CA ALA I 120 -92.99 -123.21 11.13
C ALA I 120 -92.93 -122.22 12.29
N VAL I 121 -92.06 -121.22 12.19
CA VAL I 121 -91.94 -120.18 13.21
C VAL I 121 -91.77 -118.84 12.52
N SER I 122 -92.37 -117.81 13.08
CA SER I 122 -92.25 -116.46 12.55
C SER I 122 -92.10 -115.50 13.72
N ARG I 123 -91.44 -114.37 13.46
CA ARG I 123 -91.13 -113.41 14.50
C ARG I 123 -91.41 -112.00 14.00
N ILE I 124 -91.24 -111.04 14.89
CA ILE I 124 -91.47 -109.63 14.59
C ILE I 124 -90.14 -108.90 14.60
N VAL I 125 -89.87 -108.13 13.57
CA VAL I 125 -88.59 -107.46 13.38
C VAL I 125 -88.83 -105.99 13.10
N VAL I 126 -87.99 -105.14 13.67
CA VAL I 126 -88.11 -103.70 13.49
C VAL I 126 -87.47 -103.32 12.16
N HIS I 127 -88.24 -102.63 11.32
CA HIS I 127 -87.74 -102.17 10.02
C HIS I 127 -88.49 -100.89 9.68
N THR I 128 -87.89 -99.75 10.00
CA THR I 128 -88.56 -98.48 9.80
C THR I 128 -88.83 -98.24 8.33
N ARG I 129 -90.06 -97.84 8.02
CA ARG I 129 -90.48 -97.50 6.66
C ARG I 129 -90.20 -98.64 5.69
N TRP I 130 -90.43 -99.87 6.15
CA TRP I 130 -90.21 -101.02 5.28
C TRP I 130 -91.25 -101.15 4.20
N ALA I 131 -92.37 -100.44 4.31
CA ALA I 131 -93.41 -100.46 3.28
C ALA I 131 -93.78 -99.04 2.86
N SER I 132 -92.93 -98.07 3.14
CA SER I 132 -93.25 -96.68 2.87
C SER I 132 -93.06 -96.35 1.40
N ASN I 133 -93.60 -95.20 1.00
CA ASN I 133 -93.47 -94.68 -0.36
C ASN I 133 -93.44 -93.16 -0.22
N VAL I 134 -92.24 -92.60 -0.16
CA VAL I 134 -92.05 -91.22 0.23
C VAL I 134 -91.64 -90.40 -0.99
N ASP I 135 -91.64 -89.08 -0.83
CA ASP I 135 -91.12 -88.16 -1.84
C ASP I 135 -89.74 -87.63 -1.50
N PHE I 136 -89.51 -87.28 -0.24
CA PHE I 136 -88.19 -86.96 0.28
C PHE I 136 -87.83 -87.98 1.34
N ASP I 137 -86.58 -88.40 1.35
CA ASP I 137 -86.14 -89.50 2.19
C ASP I 137 -85.29 -88.94 3.32
N ARG I 138 -85.72 -89.17 4.57
CA ARG I 138 -84.99 -88.64 5.72
C ARG I 138 -83.63 -89.31 5.88
N ASP I 139 -83.52 -90.56 5.44
CA ASP I 139 -82.27 -91.31 5.49
C ASP I 139 -81.75 -91.41 6.93
N SER I 140 -82.61 -91.97 7.79
CA SER I 140 -82.22 -92.34 9.15
C SER I 140 -82.85 -93.67 9.51
N SER I 141 -82.89 -94.58 8.55
CA SER I 141 -83.62 -95.83 8.74
C SER I 141 -82.93 -96.72 9.76
N VAL I 142 -83.74 -97.43 10.53
CA VAL I 142 -83.27 -98.43 11.48
C VAL I 142 -83.76 -99.77 10.98
N ILE I 143 -82.84 -100.65 10.59
CA ILE I 143 -83.18 -101.95 10.05
C ILE I 143 -82.58 -103.02 10.94
N MET I 144 -83.42 -103.92 11.42
CA MET I 144 -82.98 -105.07 12.19
C MET I 144 -82.99 -106.30 11.30
N ALA I 145 -81.99 -107.12 11.45
CA ALA I 145 -82.02 -108.41 10.77
C ALA I 145 -82.77 -109.41 11.63
N PRO I 146 -83.32 -110.47 11.02
CA PRO I 146 -83.98 -111.49 11.81
C PRO I 146 -83.02 -112.10 12.80
N PRO I 147 -83.50 -112.51 13.97
CA PRO I 147 -82.60 -112.85 15.07
C PRO I 147 -81.64 -114.00 14.76
N THR I 148 -81.96 -114.85 13.79
CA THR I 148 -81.03 -115.92 13.43
C THR I 148 -79.72 -115.39 12.89
N GLU I 149 -79.67 -114.15 12.45
CA GLU I 149 -78.44 -113.51 12.00
C GLU I 149 -77.94 -112.56 13.08
N ASN I 150 -76.69 -112.14 12.94
CA ASN I 150 -76.06 -111.32 13.97
C ASN I 150 -76.45 -109.87 13.78
N ASN I 151 -76.76 -109.19 14.89
CA ASN I 151 -77.14 -107.79 14.87
C ASN I 151 -76.24 -106.93 15.75
N ILE I 152 -75.08 -107.44 16.14
CA ILE I 152 -74.26 -106.74 17.12
C ILE I 152 -73.83 -105.38 16.60
N HIS I 153 -73.70 -105.24 15.28
CA HIS I 153 -73.15 -104.01 14.72
C HIS I 153 -74.07 -102.81 14.90
N LEU I 154 -75.31 -103.02 15.33
CA LEU I 154 -76.18 -101.89 15.64
C LEU I 154 -75.98 -101.36 17.05
N PHE I 155 -75.25 -102.06 17.90
CA PHE I 155 -74.99 -101.60 19.26
C PHE I 155 -73.55 -101.15 19.46
N LYS I 156 -72.79 -100.98 18.38
CA LYS I 156 -71.41 -100.55 18.47
C LYS I 156 -71.12 -99.34 17.60
N GLN I 157 -72.14 -98.55 17.29
CA GLN I 157 -71.93 -97.42 16.39
C GLN I 157 -71.24 -96.27 17.09
N LEU I 158 -71.58 -96.02 18.36
CA LEU I 158 -71.29 -94.72 18.95
C LEU I 158 -69.85 -94.62 19.45
N LEU I 159 -69.49 -95.36 20.48
CA LEU I 159 -68.24 -95.16 21.18
C LEU I 159 -67.27 -96.32 21.03
N ASN I 160 -67.67 -97.39 20.35
CA ASN I 160 -66.82 -98.56 20.20
C ASN I 160 -65.72 -98.31 19.16
N THR I 161 -64.91 -97.30 19.46
CA THR I 161 -63.86 -96.90 18.54
C THR I 161 -62.64 -97.81 18.67
N GLU I 162 -62.04 -97.84 19.85
CA GLU I 162 -60.82 -98.62 20.07
C GLU I 162 -61.13 -99.97 20.71
N THR I 163 -62.04 -100.72 20.13
CA THR I 163 -62.34 -102.04 20.64
C THR I 163 -61.19 -102.99 20.35
N LEU I 164 -61.12 -104.06 21.13
CA LEU I 164 -60.18 -105.13 20.87
C LEU I 164 -60.79 -106.27 20.07
N SER I 165 -62.05 -106.13 19.66
CA SER I 165 -62.69 -107.12 18.80
C SER I 165 -63.59 -106.39 17.81
N VAL I 166 -63.47 -106.73 16.53
CA VAL I 166 -64.31 -106.11 15.52
C VAL I 166 -65.76 -106.48 15.76
N ARG I 167 -66.03 -107.73 16.09
CA ARG I 167 -67.37 -108.14 16.49
C ARG I 167 -67.52 -107.95 17.99
N GLY I 168 -68.75 -107.73 18.42
CA GLY I 168 -69.01 -107.50 19.82
C GLY I 168 -69.02 -106.02 20.16
N ALA I 169 -69.83 -105.66 21.16
CA ALA I 169 -69.99 -104.29 21.57
C ALA I 169 -69.51 -104.11 23.02
N ASN I 170 -69.41 -102.86 23.43
CA ASN I 170 -69.01 -102.56 24.80
C ASN I 170 -70.26 -102.38 25.65
N PRO I 171 -70.48 -103.20 26.66
CA PRO I 171 -71.69 -103.04 27.48
C PRO I 171 -71.76 -101.71 28.20
N LEU I 172 -70.64 -101.03 28.38
CA LEU I 172 -70.67 -99.73 29.05
C LEU I 172 -71.37 -98.67 28.23
N MET I 173 -71.53 -98.86 26.93
CA MET I 173 -72.20 -97.87 26.09
C MET I 173 -73.48 -98.40 25.45
N PHE I 174 -74.08 -99.46 26.00
CA PHE I 174 -75.38 -99.88 25.50
C PHE I 174 -76.41 -98.78 25.64
N ARG I 175 -76.42 -98.07 26.76
CA ARG I 175 -77.45 -97.04 26.93
C ARG I 175 -77.30 -95.94 25.89
N ALA I 176 -76.07 -95.49 25.63
CA ALA I 176 -75.86 -94.48 24.61
C ALA I 176 -76.27 -94.98 23.24
N ASN I 177 -75.86 -96.19 22.90
CA ASN I 177 -76.19 -96.73 21.58
C ASN I 177 -77.69 -96.87 21.41
N VAL I 178 -78.38 -97.34 22.45
CA VAL I 178 -79.83 -97.51 22.36
C VAL I 178 -80.54 -96.17 22.28
N LEU I 179 -80.06 -95.18 23.02
CA LEU I 179 -80.66 -93.85 22.92
C LEU I 179 -80.53 -93.31 21.51
N HIS I 180 -79.35 -93.45 20.92
CA HIS I 180 -79.16 -93.00 19.54
C HIS I 180 -80.07 -93.76 18.59
N MET I 181 -80.21 -95.07 18.80
CA MET I 181 -81.09 -95.86 17.94
C MET I 181 -82.53 -95.38 18.02
N LEU I 182 -83.02 -95.11 19.23
CA LEU I 182 -84.38 -94.64 19.37
C LEU I 182 -84.55 -93.24 18.79
N LEU I 183 -83.52 -92.41 18.92
CA LEU I 183 -83.60 -91.08 18.32
C LEU I 183 -83.75 -91.18 16.82
N GLU I 184 -82.95 -92.03 16.17
CA GLU I 184 -83.14 -92.21 14.74
C GLU I 184 -84.46 -92.88 14.41
N PHE I 185 -84.95 -93.76 15.28
CA PHE I 185 -86.26 -94.35 15.05
C PHE I 185 -87.33 -93.28 14.98
N VAL I 186 -87.28 -92.31 15.90
CA VAL I 186 -88.25 -91.22 15.85
C VAL I 186 -88.02 -90.37 14.60
N LEU I 187 -86.76 -90.01 14.34
CA LEU I 187 -86.48 -89.08 13.25
C LEU I 187 -86.94 -89.64 11.92
N ASP I 188 -86.76 -90.94 11.70
CA ASP I 188 -87.07 -91.50 10.40
C ASP I 188 -88.57 -91.57 10.13
N ASN I 189 -89.41 -91.30 11.13
CA ASN I 189 -90.86 -91.44 10.95
C ASN I 189 -91.59 -90.11 10.88
N LEU I 190 -90.87 -88.99 10.83
CA LEU I 190 -91.53 -87.68 10.77
C LEU I 190 -92.04 -87.48 9.36
N TYR I 191 -93.29 -87.90 9.13
CA TYR I 191 -93.91 -87.81 7.82
C TYR I 191 -95.38 -87.45 7.97
N LEU I 192 -96.00 -87.09 6.86
CA LEU I 192 -97.43 -86.83 6.80
C LEU I 192 -98.07 -87.90 5.94
N ASN I 193 -99.17 -88.48 6.44
CA ASN I 193 -99.82 -89.58 5.75
C ASN I 193 -100.57 -89.03 4.54
N ARG I 194 -100.03 -89.24 3.35
CA ARG I 194 -100.65 -88.75 2.14
C ARG I 194 -101.88 -89.56 1.80
N HIS I 195 -102.90 -88.89 1.28
CA HIS I 195 -104.13 -89.53 0.88
C HIS I 195 -104.05 -89.98 -0.58
N THR I 196 -104.42 -91.23 -0.83
CA THR I 196 -104.36 -91.81 -2.17
C THR I 196 -105.75 -92.28 -2.60
N GLY I 197 -105.80 -92.92 -3.76
CA GLY I 197 -107.07 -93.37 -4.31
C GLY I 197 -107.57 -94.64 -3.68
N PHE I 198 -108.82 -94.97 -3.99
CA PHE I 198 -109.50 -96.12 -3.43
C PHE I 198 -110.03 -97.00 -4.55
N SER I 199 -110.70 -98.08 -4.17
CA SER I 199 -111.31 -98.99 -5.13
C SER I 199 -112.37 -99.80 -4.41
N GLN I 200 -113.62 -99.70 -4.86
CA GLN I 200 -114.70 -100.46 -4.26
C GLN I 200 -114.49 -101.94 -4.50
N ASP I 201 -114.76 -102.76 -3.48
CA ASP I 201 -114.52 -104.19 -3.56
C ASP I 201 -115.82 -104.96 -3.46
N HIS I 202 -115.83 -106.16 -4.03
CA HIS I 202 -117.00 -107.01 -3.96
C HIS I 202 -116.64 -108.47 -3.70
N THR I 203 -115.48 -108.73 -3.12
CA THR I 203 -115.15 -110.07 -2.69
C THR I 203 -116.17 -110.53 -1.65
N PRO I 204 -116.64 -111.78 -1.71
CA PRO I 204 -117.74 -112.19 -0.84
C PRO I 204 -117.45 -112.00 0.64
N PHE I 205 -116.20 -112.03 1.05
CA PHE I 205 -115.89 -111.88 2.47
C PHE I 205 -115.99 -110.44 2.94
N THR I 206 -115.67 -109.47 2.07
CA THR I 206 -115.68 -108.06 2.44
C THR I 206 -116.38 -107.23 1.37
N GLU I 207 -117.56 -107.69 0.96
CA GLU I 207 -118.26 -107.03 -0.14
C GLU I 207 -118.68 -105.62 0.26
N GLY I 208 -118.51 -104.68 -0.67
CA GLY I 208 -118.98 -103.33 -0.47
C GLY I 208 -118.06 -102.43 0.31
N ALA I 209 -116.85 -102.86 0.61
CA ALA I 209 -115.92 -102.07 1.40
C ALA I 209 -114.94 -101.35 0.48
N ASN I 210 -114.80 -100.04 0.69
CA ASN I 210 -113.83 -99.28 -0.09
C ASN I 210 -112.43 -99.53 0.46
N LEU I 211 -111.52 -99.94 -0.41
CA LEU I 211 -110.17 -100.33 -0.01
C LEU I 211 -109.16 -99.36 -0.59
N ARG I 212 -108.27 -98.87 0.25
CA ARG I 212 -107.19 -98.02 -0.23
C ARG I 212 -106.26 -98.82 -1.11
N SER I 213 -105.78 -98.19 -2.18
CA SER I 213 -104.88 -98.83 -3.12
C SER I 213 -103.56 -98.10 -3.14
N LEU I 214 -102.47 -98.84 -2.94
CA LEU I 214 -101.15 -98.25 -2.95
C LEU I 214 -100.79 -97.76 -4.36
N PRO I 215 -100.00 -96.70 -4.48
CA PRO I 215 -99.57 -96.25 -5.80
C PRO I 215 -98.56 -97.21 -6.39
N GLY I 216 -98.40 -97.12 -7.71
CA GLY I 216 -97.52 -98.00 -8.42
C GLY I 216 -98.23 -99.25 -8.90
N PRO I 217 -97.49 -100.13 -9.56
CA PRO I 217 -98.12 -101.32 -10.14
C PRO I 217 -98.42 -102.37 -9.09
N ASP I 218 -99.46 -103.17 -9.38
CA ASP I 218 -99.81 -104.37 -8.62
C ASP I 218 -100.08 -104.05 -7.15
N ALA I 219 -101.15 -103.28 -6.92
CA ALA I 219 -101.60 -103.05 -5.54
C ALA I 219 -102.32 -104.28 -4.99
N GLU I 220 -102.80 -105.16 -5.88
CA GLU I 220 -103.59 -106.29 -5.44
C GLU I 220 -102.78 -107.22 -4.55
N LYS I 221 -101.46 -107.26 -4.76
CA LYS I 221 -100.62 -108.01 -3.83
C LYS I 221 -100.62 -107.35 -2.47
N TRP I 222 -100.64 -106.01 -2.43
CA TRP I 222 -100.67 -105.32 -1.16
C TRP I 222 -101.98 -105.54 -0.43
N TYR I 223 -103.08 -105.73 -1.16
CA TYR I 223 -104.38 -105.93 -0.52
C TYR I 223 -104.33 -107.07 0.48
N SER I 224 -103.61 -108.14 0.16
CA SER I 224 -103.56 -109.29 1.06
C SER I 224 -102.91 -108.94 2.38
N ILE I 225 -101.86 -108.12 2.35
CA ILE I 225 -101.13 -107.82 3.57
C ILE I 225 -101.79 -106.69 4.34
N MET I 226 -102.51 -105.80 3.66
CA MET I 226 -103.09 -104.66 4.36
C MET I 226 -104.30 -105.06 5.19
N TYR I 227 -105.16 -105.92 4.64
CA TYR I 227 -106.45 -106.23 5.25
C TYR I 227 -106.51 -107.71 5.57
N PRO I 228 -106.15 -108.10 6.79
CA PRO I 228 -106.13 -109.53 7.12
C PRO I 228 -107.47 -110.21 6.96
N THR I 229 -108.56 -109.51 7.22
CA THR I 229 -109.87 -110.14 7.15
C THR I 229 -110.32 -110.43 5.74
N ARG I 230 -109.62 -109.91 4.72
CA ARG I 230 -110.05 -110.15 3.34
C ARG I 230 -109.97 -111.62 2.96
N MET I 231 -108.92 -112.31 3.40
CA MET I 231 -108.86 -113.74 3.23
C MET I 231 -110.03 -114.40 3.94
N GLY I 232 -110.65 -115.38 3.30
CA GLY I 232 -111.75 -116.08 3.91
C GLY I 232 -111.29 -117.03 4.99
N THR I 233 -112.07 -118.08 5.25
CA THR I 233 -111.69 -119.13 6.19
C THR I 233 -111.83 -120.47 5.51
N PRO I 234 -111.02 -120.73 4.49
CA PRO I 234 -111.20 -121.96 3.71
C PRO I 234 -110.68 -123.20 4.43
N ASN I 235 -109.51 -123.09 5.05
CA ASN I 235 -108.86 -124.24 5.65
C ASN I 235 -109.05 -124.24 7.16
N VAL I 236 -108.39 -125.17 7.83
CA VAL I 236 -108.48 -125.33 9.28
C VAL I 236 -107.07 -125.16 9.81
N SER I 237 -106.72 -123.94 10.21
CA SER I 237 -105.39 -123.64 10.69
C SER I 237 -105.48 -122.52 11.72
N LYS I 238 -104.33 -122.20 12.32
CA LYS I 238 -104.30 -121.12 13.30
C LYS I 238 -104.69 -119.80 12.65
N ILE I 239 -104.20 -119.55 11.44
CA ILE I 239 -104.54 -118.33 10.74
C ILE I 239 -106.04 -118.28 10.46
N CYS I 240 -106.60 -119.40 10.01
CA CYS I 240 -108.04 -119.44 9.73
C CYS I 240 -108.84 -119.21 11.00
N ASN I 241 -108.41 -119.80 12.11
CA ASN I 241 -109.11 -119.57 13.38
C ASN I 241 -109.06 -118.09 13.75
N PHE I 242 -107.89 -117.48 13.66
CA PHE I 242 -107.76 -116.07 14.00
C PHE I 242 -108.69 -115.22 13.15
N VAL I 243 -108.63 -115.41 11.82
CA VAL I 243 -109.45 -114.57 10.95
C VAL I 243 -110.93 -114.85 11.15
N ALA I 244 -111.30 -116.07 11.56
CA ALA I 244 -112.69 -116.34 11.88
C ALA I 244 -113.13 -115.63 13.15
N SER I 245 -112.19 -115.40 14.06
CA SER I 245 -112.54 -114.67 15.28
C SER I 245 -112.87 -113.20 15.02
N CYS I 246 -112.27 -112.60 13.99
CA CYS I 246 -112.39 -111.17 13.78
C CYS I 246 -113.78 -110.79 13.29
N VAL I 247 -114.12 -109.52 13.47
CA VAL I 247 -115.38 -108.94 12.98
C VAL I 247 -115.19 -108.52 11.53
N ARG I 248 -116.30 -108.22 10.87
CA ARG I 248 -116.25 -107.95 9.43
C ARG I 248 -116.36 -106.47 9.10
N ASN I 249 -117.15 -105.71 9.85
CA ASN I 249 -117.49 -104.35 9.43
C ASN I 249 -116.32 -103.38 9.52
N ARG I 250 -115.26 -103.72 10.24
CA ARG I 250 -114.16 -102.79 10.47
C ARG I 250 -113.03 -103.11 9.50
N VAL I 251 -113.10 -102.52 8.30
CA VAL I 251 -112.07 -102.71 7.29
C VAL I 251 -112.25 -101.63 6.25
N GLY I 252 -111.14 -101.22 5.63
CA GLY I 252 -111.22 -100.25 4.57
C GLY I 252 -111.57 -98.87 5.09
N ARG I 253 -112.16 -98.07 4.21
CA ARG I 253 -112.50 -96.70 4.57
C ARG I 253 -113.54 -96.69 5.68
N PHE I 254 -113.38 -95.76 6.61
CA PHE I 254 -114.24 -95.67 7.79
C PHE I 254 -114.97 -94.34 7.88
N ASP I 255 -114.29 -93.23 7.61
CA ASP I 255 -114.91 -91.93 7.67
C ASP I 255 -114.15 -90.99 6.75
N ARG I 256 -114.87 -90.02 6.19
CA ARG I 256 -114.29 -89.11 5.21
C ARG I 256 -114.79 -87.70 5.47
N ALA I 257 -114.03 -86.73 5.01
CA ALA I 257 -114.37 -85.34 5.20
C ALA I 257 -115.64 -84.98 4.43
N GLN I 258 -116.42 -84.07 5.01
CA GLN I 258 -117.56 -83.53 4.28
C GLN I 258 -117.09 -82.62 3.15
N MET I 259 -116.06 -81.82 3.41
CA MET I 259 -115.50 -80.96 2.38
C MET I 259 -114.73 -81.77 1.36
N MET I 260 -114.84 -81.39 0.10
CA MET I 260 -114.08 -82.05 -0.94
C MET I 260 -113.88 -81.11 -2.11
N ASN I 261 -112.81 -81.34 -2.85
CA ASN I 261 -112.55 -80.64 -4.10
C ASN I 261 -112.61 -81.64 -5.24
N GLY I 262 -113.30 -81.27 -6.31
CA GLY I 262 -113.61 -82.26 -7.32
C GLY I 262 -114.47 -83.35 -6.72
N ALA I 263 -114.07 -84.59 -6.94
CA ALA I 263 -114.73 -85.73 -6.33
C ALA I 263 -113.88 -86.37 -5.24
N MET I 264 -112.80 -85.72 -4.84
CA MET I 264 -111.84 -86.28 -3.90
C MET I 264 -112.03 -85.62 -2.54
N SER I 265 -112.23 -86.44 -1.51
CA SER I 265 -112.45 -85.91 -0.17
C SER I 265 -111.17 -85.28 0.36
N GLU I 266 -111.33 -84.30 1.26
CA GLU I 266 -110.18 -83.59 1.78
C GLU I 266 -109.33 -84.46 2.69
N TRP I 267 -109.96 -85.31 3.49
CA TRP I 267 -109.24 -86.26 4.34
C TRP I 267 -110.12 -87.48 4.54
N VAL I 268 -109.52 -88.55 5.05
CA VAL I 268 -110.20 -89.83 5.14
C VAL I 268 -109.63 -90.63 6.29
N ASP I 269 -110.49 -91.40 6.95
CA ASP I 269 -110.11 -92.28 8.04
C ASP I 269 -110.32 -93.72 7.60
N VAL I 270 -109.28 -94.53 7.74
CA VAL I 270 -109.28 -95.87 7.15
C VAL I 270 -108.70 -96.87 8.14
N PHE I 271 -109.31 -98.05 8.18
CA PHE I 271 -108.74 -99.21 8.86
C PHE I 271 -107.70 -99.85 7.96
N GLU I 272 -106.49 -100.07 8.48
CA GLU I 272 -105.47 -100.73 7.71
C GLU I 272 -104.36 -101.18 8.65
N THR I 273 -103.45 -102.00 8.12
CA THR I 273 -102.34 -102.48 8.92
C THR I 273 -101.38 -101.34 9.24
N SER I 274 -101.04 -101.20 10.51
CA SER I 274 -100.15 -100.14 10.98
C SER I 274 -99.94 -100.35 12.46
N ASP I 275 -98.86 -99.78 12.98
CA ASP I 275 -98.53 -99.90 14.40
C ASP I 275 -99.01 -98.65 15.12
N ALA I 276 -99.33 -98.81 16.41
CA ALA I 276 -99.81 -97.66 17.17
C ALA I 276 -98.73 -96.61 17.35
N LEU I 277 -97.48 -97.04 17.53
CA LEU I 277 -96.42 -96.10 17.89
C LEU I 277 -96.17 -95.08 16.80
N THR I 278 -95.97 -95.54 15.56
CA THR I 278 -95.73 -94.60 14.48
C THR I 278 -96.94 -93.74 14.19
N VAL I 279 -98.14 -94.30 14.33
CA VAL I 279 -99.35 -93.49 14.14
C VAL I 279 -99.37 -92.35 15.14
N SER I 280 -99.08 -92.65 16.40
CA SER I 280 -99.06 -91.59 17.41
C SER I 280 -97.97 -90.57 17.12
N ILE I 281 -96.80 -91.03 16.68
CA ILE I 281 -95.71 -90.11 16.39
C ILE I 281 -96.11 -89.15 15.27
N ARG I 282 -96.66 -89.69 14.20
CA ARG I 282 -97.08 -88.85 13.10
C ARG I 282 -98.24 -87.94 13.47
N GLY I 283 -99.13 -88.39 14.36
CA GLY I 283 -100.17 -87.50 14.84
C GLY I 283 -99.61 -86.31 15.59
N ARG I 284 -98.65 -86.56 16.47
CA ARG I 284 -98.03 -85.46 17.19
C ARG I 284 -97.31 -84.52 16.24
N TRP I 285 -96.60 -85.07 15.25
CA TRP I 285 -95.92 -84.23 14.28
C TRP I 285 -96.89 -83.37 13.50
N MET I 286 -98.01 -83.96 13.07
CA MET I 286 -99.02 -83.20 12.36
C MET I 286 -99.57 -82.08 13.23
N ALA I 287 -99.82 -82.37 14.51
CA ALA I 287 -100.33 -81.34 15.40
C ALA I 287 -99.34 -80.20 15.54
N ARG I 288 -98.06 -80.52 15.72
CA ARG I 288 -97.04 -79.48 15.84
C ARG I 288 -96.99 -78.63 14.59
N LEU I 289 -97.05 -79.25 13.42
CA LEU I 289 -97.04 -78.47 12.18
C LEU I 289 -98.28 -77.60 12.07
N ALA I 290 -99.43 -78.13 12.45
CA ALA I 290 -100.68 -77.38 12.32
C ALA I 290 -100.66 -76.16 13.23
N ARG I 291 -100.03 -76.27 14.39
CA ARG I 291 -99.97 -75.12 15.29
C ARG I 291 -99.21 -73.94 14.70
N MET I 292 -98.44 -74.16 13.64
CA MET I 292 -97.62 -73.12 13.03
C MET I 292 -98.30 -72.42 11.86
N ASN I 293 -99.57 -72.72 11.59
CA ASN I 293 -100.19 -72.22 10.38
C ASN I 293 -100.35 -70.71 10.40
N ILE I 294 -100.34 -70.12 9.21
CA ILE I 294 -100.50 -68.68 9.02
C ILE I 294 -101.38 -68.45 7.80
N ASN I 295 -102.30 -67.51 7.90
CA ASN I 295 -103.09 -67.15 6.74
C ASN I 295 -102.55 -65.88 6.11
N PRO I 296 -102.72 -65.70 4.79
CA PRO I 296 -102.02 -64.60 4.10
C PRO I 296 -102.38 -63.21 4.58
N THR I 297 -103.53 -63.02 5.23
CA THR I 297 -103.85 -61.70 5.75
C THR I 297 -102.83 -61.26 6.78
N GLU I 298 -102.37 -62.19 7.61
CA GLU I 298 -101.32 -61.86 8.57
C GLU I 298 -100.05 -61.45 7.85
N ILE I 299 -99.75 -62.10 6.72
CA ILE I 299 -98.59 -61.70 5.93
C ILE I 299 -98.75 -60.27 5.43
N GLU I 300 -99.94 -59.95 4.93
CA GLU I 300 -100.23 -58.57 4.56
C GLU I 300 -99.92 -57.62 5.70
N TRP I 301 -100.45 -57.91 6.88
CA TRP I 301 -100.24 -57.02 8.02
C TRP I 301 -98.77 -56.87 8.35
N ALA I 302 -98.05 -57.99 8.40
CA ALA I 302 -96.66 -57.96 8.82
C ALA I 302 -95.80 -57.18 7.83
N LEU I 303 -95.96 -57.47 6.54
CA LEU I 303 -95.16 -56.76 5.54
C LEU I 303 -95.50 -55.28 5.51
N THR I 304 -96.79 -54.94 5.63
CA THR I 304 -97.15 -53.53 5.64
C THR I 304 -96.55 -52.82 6.85
N GLU I 305 -96.59 -53.46 8.01
CA GLU I 305 -96.03 -52.84 9.21
C GLU I 305 -94.51 -52.71 9.11
N CYS I 306 -93.86 -53.68 8.50
CA CYS I 306 -92.40 -53.63 8.41
C CYS I 306 -91.94 -52.45 7.57
N ALA I 307 -92.66 -52.14 6.49
CA ALA I 307 -92.23 -51.14 5.54
C ALA I 307 -92.32 -49.71 6.05
N GLN I 308 -92.68 -49.52 7.32
CA GLN I 308 -92.71 -48.19 7.92
C GLN I 308 -93.63 -47.24 7.16
N GLY I 309 -94.70 -47.76 6.59
CA GLY I 309 -95.67 -46.92 5.91
C GLY I 309 -95.15 -46.26 4.66
N TYR I 310 -94.28 -46.93 3.91
CA TYR I 310 -93.86 -46.42 2.61
C TYR I 310 -94.48 -47.17 1.45
N VAL I 311 -94.81 -48.44 1.64
CA VAL I 311 -95.53 -49.22 0.64
C VAL I 311 -96.62 -50.03 1.35
N THR I 312 -97.61 -50.46 0.59
CA THR I 312 -98.68 -51.30 1.09
C THR I 312 -98.68 -52.60 0.31
N VAL I 313 -98.90 -53.71 1.01
CA VAL I 313 -98.81 -55.04 0.43
C VAL I 313 -100.19 -55.67 0.42
N THR I 314 -100.57 -56.25 -0.71
CA THR I 314 -101.85 -56.92 -0.85
C THR I 314 -101.64 -58.32 -1.42
N SER I 315 -102.27 -59.31 -0.80
CA SER I 315 -102.15 -60.71 -1.21
C SER I 315 -103.53 -61.35 -1.24
N PRO I 316 -104.23 -61.27 -2.35
CA PRO I 316 -105.56 -61.87 -2.43
C PRO I 316 -105.49 -63.38 -2.39
N TYR I 317 -106.59 -63.99 -1.93
CA TYR I 317 -106.65 -65.45 -1.87
C TYR I 317 -108.11 -65.88 -1.75
N ALA I 318 -108.38 -67.06 -2.29
CA ALA I 318 -109.69 -67.68 -2.23
C ALA I 318 -109.87 -68.42 -0.91
N PRO I 319 -111.11 -68.62 -0.47
CA PRO I 319 -111.34 -69.27 0.83
C PRO I 319 -111.03 -70.77 0.76
N SER I 320 -110.16 -71.21 1.66
CA SER I 320 -109.87 -72.62 1.85
C SER I 320 -109.26 -72.82 3.22
N VAL I 321 -109.28 -74.06 3.69
CA VAL I 321 -108.74 -74.37 5.02
C VAL I 321 -107.57 -75.34 4.98
N ASN I 322 -107.42 -76.13 3.92
CA ASN I 322 -106.34 -77.09 3.82
C ASN I 322 -105.08 -76.48 3.22
N ARG I 323 -104.94 -75.17 3.32
CA ARG I 323 -103.74 -74.46 2.89
C ARG I 323 -102.81 -74.36 4.08
N LEU I 324 -101.65 -75.00 3.98
CA LEU I 324 -100.69 -75.06 5.06
C LEU I 324 -99.52 -74.12 4.78
N MET I 325 -99.29 -73.17 5.67
CA MET I 325 -98.16 -72.23 5.57
C MET I 325 -97.53 -72.11 6.95
N PRO I 326 -96.75 -73.09 7.36
CA PRO I 326 -96.21 -73.08 8.73
C PRO I 326 -95.12 -72.04 8.94
N TYR I 327 -95.45 -70.95 9.61
CA TYR I 327 -94.42 -69.96 9.92
C TYR I 327 -94.51 -69.36 11.32
N ARG I 328 -95.60 -69.56 12.06
CA ARG I 328 -95.75 -68.92 13.36
C ARG I 328 -94.94 -69.65 14.41
N ILE I 329 -94.08 -68.91 15.12
CA ILE I 329 -93.33 -69.43 16.25
C ILE I 329 -93.35 -68.41 17.37
N SER I 330 -92.82 -68.82 18.52
CA SER I 330 -92.81 -67.97 19.70
C SER I 330 -91.52 -67.18 19.78
N ASN I 331 -91.55 -66.13 20.61
CA ASN I 331 -90.37 -65.30 20.80
C ASN I 331 -89.24 -66.08 21.44
N ALA I 332 -89.57 -66.96 22.39
CA ALA I 332 -88.53 -67.68 23.13
C ALA I 332 -87.65 -68.51 22.20
N GLU I 333 -88.25 -69.12 21.18
CA GLU I 333 -87.47 -69.90 20.23
C GLU I 333 -86.50 -69.01 19.47
N ARG I 334 -86.95 -67.83 19.06
CA ARG I 334 -86.05 -66.90 18.39
C ARG I 334 -84.93 -66.46 19.32
N GLN I 335 -85.24 -66.26 20.59
CA GLN I 335 -84.20 -65.88 21.55
C GLN I 335 -83.17 -66.99 21.69
N ILE I 336 -83.62 -68.24 21.76
CA ILE I 336 -82.69 -69.36 21.83
C ILE I 336 -81.81 -69.38 20.60
N SER I 337 -82.39 -69.17 19.43
CA SER I 337 -81.61 -69.17 18.20
C SER I 337 -80.57 -68.05 18.21
N GLN I 338 -80.96 -66.87 18.68
CA GLN I 338 -79.99 -65.78 18.76
C GLN I 338 -78.87 -66.08 19.74
N ILE I 339 -79.19 -66.74 20.85
CA ILE I 339 -78.13 -67.13 21.79
C ILE I 339 -77.15 -68.07 21.09
N ILE I 340 -77.69 -69.01 20.31
CA ILE I 340 -76.82 -69.93 19.59
C ILE I 340 -75.94 -69.17 18.61
N ARG I 341 -76.53 -68.24 17.86
CA ARG I 341 -75.77 -67.50 16.87
C ARG I 341 -74.67 -66.68 17.50
N ILE I 342 -74.97 -66.03 18.62
CA ILE I 342 -73.96 -65.24 19.31
C ILE I 342 -72.83 -66.13 19.80
N MET I 343 -73.19 -67.25 20.43
CA MET I 343 -72.17 -68.16 20.93
C MET I 343 -71.32 -68.73 19.81
N ASN I 344 -71.87 -68.82 18.60
CA ASN I 344 -71.10 -69.33 17.47
C ASN I 344 -69.90 -68.45 17.15
N ILE I 345 -70.00 -67.15 17.40
CA ILE I 345 -68.94 -66.23 16.99
C ILE I 345 -67.62 -66.60 17.67
N GLY I 346 -67.59 -66.52 18.99
CA GLY I 346 -66.41 -66.92 19.73
C GLY I 346 -65.16 -66.13 19.40
N ASN I 347 -65.28 -64.81 19.37
CA ASN I 347 -64.13 -63.92 19.18
C ASN I 347 -63.42 -64.20 17.87
N ASN I 348 -64.14 -64.62 16.85
CA ASN I 348 -63.57 -64.88 15.54
C ASN I 348 -63.96 -63.75 14.61
N ALA I 349 -63.07 -62.78 14.44
CA ALA I 349 -63.39 -61.62 13.60
C ALA I 349 -63.70 -62.06 12.17
N THR I 350 -63.15 -63.19 11.74
CA THR I 350 -63.45 -63.70 10.41
C THR I 350 -64.94 -63.92 10.23
N VAL I 351 -65.61 -64.40 11.28
CA VAL I 351 -67.04 -64.65 11.18
C VAL I 351 -67.81 -63.34 11.09
N ILE I 352 -67.38 -62.32 11.83
CA ILE I 352 -68.22 -61.15 12.01
C ILE I 352 -67.99 -60.12 10.91
N GLN I 353 -66.82 -60.15 10.29
CA GLN I 353 -66.50 -59.15 9.27
C GLN I 353 -67.47 -59.13 8.08
N PRO I 354 -67.81 -60.27 7.46
CA PRO I 354 -68.62 -60.20 6.24
C PRO I 354 -69.96 -59.52 6.43
N VAL I 355 -70.64 -59.77 7.56
CA VAL I 355 -71.97 -59.19 7.73
C VAL I 355 -71.87 -57.67 7.86
N LEU I 356 -70.90 -57.18 8.62
CA LEU I 356 -70.73 -55.75 8.74
C LEU I 356 -70.42 -55.12 7.39
N GLN I 357 -69.51 -55.73 6.63
CA GLN I 357 -69.14 -55.15 5.35
C GLN I 357 -70.33 -55.15 4.40
N ASP I 358 -71.07 -56.26 4.35
CA ASP I 358 -72.20 -56.35 3.43
C ASP I 358 -73.30 -55.37 3.78
N ILE I 359 -73.60 -55.22 5.08
CA ILE I 359 -74.61 -54.26 5.48
C ILE I 359 -74.16 -52.84 5.16
N SER I 360 -72.87 -52.55 5.35
CA SER I 360 -72.38 -51.23 4.98
C SER I 360 -72.59 -50.95 3.51
N VAL I 361 -72.28 -51.93 2.66
CA VAL I 361 -72.49 -51.75 1.23
C VAL I 361 -73.97 -51.56 0.92
N LEU I 362 -74.82 -52.35 1.56
CA LEU I 362 -76.25 -52.25 1.31
C LEU I 362 -76.77 -50.87 1.65
N LEU I 363 -76.38 -50.32 2.80
CA LEU I 363 -76.76 -48.95 3.13
C LEU I 363 -76.22 -47.98 2.10
N GLN I 364 -74.97 -48.14 1.69
CA GLN I 364 -74.39 -47.20 0.74
C GLN I 364 -75.12 -47.22 -0.59
N ARG I 365 -75.71 -48.35 -0.93
CA ARG I 365 -76.37 -48.53 -2.22
C ARG I 365 -77.87 -48.27 -2.15
N ILE I 366 -78.38 -47.89 -0.99
CA ILE I 366 -79.81 -47.62 -0.85
C ILE I 366 -80.13 -46.23 -0.33
N SER I 367 -79.22 -45.58 0.37
CA SER I 367 -79.50 -44.26 0.91
C SER I 367 -79.46 -43.21 -0.20
N PRO I 368 -80.30 -42.18 -0.12
CA PRO I 368 -80.23 -41.08 -1.09
C PRO I 368 -79.04 -40.17 -0.89
N LEU I 369 -78.34 -40.29 0.23
CA LEU I 369 -77.22 -39.40 0.50
C LEU I 369 -76.10 -39.66 -0.48
N GLN I 370 -75.53 -38.58 -1.02
CA GLN I 370 -74.35 -38.63 -1.86
C GLN I 370 -73.25 -37.82 -1.20
N ILE I 371 -72.06 -38.38 -1.14
CA ILE I 371 -70.93 -37.74 -0.49
C ILE I 371 -70.06 -37.10 -1.57
N ASP I 372 -69.94 -35.79 -1.53
CA ASP I 372 -69.21 -35.01 -2.52
C ASP I 372 -68.14 -34.17 -1.83
N PRO I 373 -66.92 -34.68 -1.73
CA PRO I 373 -65.87 -33.92 -1.03
C PRO I 373 -65.56 -32.58 -1.66
N THR I 374 -65.96 -32.35 -2.91
CA THR I 374 -65.68 -31.07 -3.54
C THR I 374 -66.38 -29.92 -2.85
N ILE I 375 -67.38 -30.21 -2.01
CA ILE I 375 -68.04 -29.15 -1.27
C ILE I 375 -67.05 -28.45 -0.35
N ILE I 376 -66.18 -29.21 0.30
CA ILE I 376 -65.17 -28.61 1.17
C ILE I 376 -64.25 -27.70 0.35
N SER I 377 -63.81 -28.17 -0.81
CA SER I 377 -62.91 -27.36 -1.63
C SER I 377 -63.60 -26.08 -2.08
N ASN I 378 -64.86 -26.18 -2.49
CA ASN I 378 -65.58 -24.98 -2.91
C ASN I 378 -65.75 -24.01 -1.75
N THR I 379 -66.09 -24.51 -0.57
CA THR I 379 -66.28 -23.64 0.58
C THR I 379 -64.98 -22.96 0.97
N MET I 380 -63.87 -23.70 0.96
CA MET I 380 -62.58 -23.08 1.23
C MET I 380 -62.27 -22.01 0.18
N SER I 381 -62.51 -22.33 -1.09
CA SER I 381 -62.34 -21.39 -2.19
C SER I 381 -60.93 -20.79 -2.18
N THR I 382 -59.96 -21.56 -1.73
CA THR I 382 -58.59 -21.11 -1.61
C THR I 382 -57.80 -21.54 -2.84
N VAL I 383 -56.98 -20.63 -3.36
CA VAL I 383 -56.12 -20.92 -4.50
C VAL I 383 -54.73 -21.24 -3.94
N SER I 384 -54.50 -22.51 -3.67
CA SER I 384 -53.24 -22.93 -3.08
C SER I 384 -52.10 -22.84 -4.09
N GLU I 385 -50.91 -22.49 -3.60
CA GLU I 385 -49.69 -22.56 -4.39
C GLU I 385 -48.56 -23.02 -3.50
N SER I 386 -47.68 -23.85 -4.05
CA SER I 386 -46.72 -24.59 -3.23
C SER I 386 -45.59 -23.72 -2.71
N THR I 387 -45.25 -22.65 -3.43
CA THR I 387 -44.11 -21.84 -3.03
C THR I 387 -44.43 -21.00 -1.80
N THR I 388 -44.64 -21.66 -0.67
CA THR I 388 -44.89 -21.00 0.61
C THR I 388 -44.14 -21.75 1.70
N GLN I 389 -43.18 -21.07 2.32
CA GLN I 389 -42.47 -21.68 3.45
C GLN I 389 -43.42 -21.92 4.61
N THR I 390 -44.32 -20.98 4.89
CA THR I 390 -45.36 -21.15 5.89
C THR I 390 -46.64 -21.63 5.20
N LEU I 391 -47.46 -22.36 5.95
CA LEU I 391 -48.70 -22.87 5.40
C LEU I 391 -49.90 -22.14 6.01
N SER I 392 -50.76 -21.73 5.17
CA SER I 392 -52.00 -21.14 5.63
C SER I 392 -52.88 -22.22 6.24
N PRO I 393 -53.74 -21.85 7.20
CA PRO I 393 -54.61 -22.85 7.82
C PRO I 393 -55.50 -23.59 6.83
N ALA I 394 -55.99 -22.89 5.80
CA ALA I 394 -56.89 -23.52 4.85
C ALA I 394 -56.18 -24.64 4.08
N SER I 395 -54.98 -24.36 3.59
CA SER I 395 -54.23 -25.40 2.91
C SER I 395 -53.91 -26.55 3.84
N SER I 396 -53.59 -26.25 5.10
CA SER I 396 -53.28 -27.30 6.05
C SER I 396 -54.48 -28.22 6.27
N ILE I 397 -55.65 -27.65 6.50
CA ILE I 397 -56.82 -28.48 6.76
C ILE I 397 -57.21 -29.25 5.51
N LEU I 398 -57.07 -28.63 4.34
CA LEU I 398 -57.40 -29.34 3.11
C LEU I 398 -56.46 -30.53 2.91
N GLY I 399 -55.17 -30.34 3.18
CA GLY I 399 -54.25 -31.45 3.10
C GLY I 399 -54.56 -32.54 4.10
N LYS I 400 -54.99 -32.15 5.31
CA LYS I 400 -55.34 -33.15 6.31
C LYS I 400 -56.56 -33.95 5.90
N LEU I 401 -57.54 -33.30 5.28
CA LEU I 401 -58.76 -34.01 4.91
C LEU I 401 -58.58 -34.87 3.68
N ARG I 402 -57.72 -34.46 2.75
CA ARG I 402 -57.49 -35.19 1.51
C ARG I 402 -58.81 -35.45 0.79
N PRO I 403 -59.44 -34.42 0.24
CA PRO I 403 -60.74 -34.61 -0.40
C PRO I 403 -60.70 -35.50 -1.62
N SER I 404 -59.54 -35.69 -2.25
CA SER I 404 -59.47 -36.49 -3.46
C SER I 404 -59.81 -37.95 -3.19
N ASN I 405 -59.57 -38.43 -1.98
CA ASN I 405 -59.87 -39.81 -1.65
C ASN I 405 -61.36 -40.07 -1.77
N SER I 406 -61.72 -41.26 -2.25
CA SER I 406 -63.11 -41.60 -2.54
C SER I 406 -63.56 -42.86 -1.81
N ASP I 407 -62.94 -43.17 -0.68
CA ASP I 407 -63.34 -44.31 0.13
C ASP I 407 -64.04 -43.81 1.38
N PHE I 408 -65.23 -44.35 1.65
CA PHE I 408 -65.98 -43.96 2.83
C PHE I 408 -66.60 -45.16 3.50
N SER I 409 -65.92 -46.31 3.45
CA SER I 409 -66.44 -47.51 4.11
C SER I 409 -66.58 -47.28 5.61
N SER I 410 -65.70 -46.45 6.19
CA SER I 410 -65.78 -46.20 7.62
C SER I 410 -67.11 -45.60 8.01
N PHE I 411 -67.62 -44.67 7.19
CA PHE I 411 -68.88 -44.02 7.52
C PHE I 411 -70.02 -45.03 7.57
N ARG I 412 -70.15 -45.84 6.52
CA ARG I 412 -71.24 -46.82 6.49
C ARG I 412 -71.09 -47.84 7.59
N VAL I 413 -69.86 -48.28 7.86
CA VAL I 413 -69.65 -49.28 8.89
C VAL I 413 -70.00 -48.73 10.26
N ALA I 414 -69.75 -47.44 10.49
CA ALA I 414 -70.14 -46.83 11.76
C ALA I 414 -71.63 -46.94 11.98
N LEU I 415 -72.42 -46.66 10.96
CA LEU I 415 -73.87 -46.82 11.08
C LEU I 415 -74.22 -48.28 11.29
N ALA I 416 -73.60 -49.18 10.54
CA ALA I 416 -73.95 -50.59 10.64
C ALA I 416 -73.65 -51.15 12.03
N GLY I 417 -72.66 -50.58 12.70
CA GLY I 417 -72.29 -51.10 14.01
C GLY I 417 -73.35 -50.86 15.06
N TRP I 418 -74.23 -49.89 14.85
CA TRP I 418 -75.25 -49.58 15.83
C TRP I 418 -76.18 -50.77 16.08
N LEU I 419 -76.40 -51.60 15.06
CA LEU I 419 -77.30 -52.73 15.24
C LEU I 419 -76.67 -53.85 16.04
N TYR I 420 -75.35 -53.93 16.07
CA TYR I 420 -74.69 -55.05 16.74
C TYR I 420 -73.80 -54.54 17.86
N ASN I 421 -74.35 -53.63 18.67
CA ASN I 421 -73.61 -53.09 19.80
C ASN I 421 -73.11 -54.18 20.75
N GLY I 422 -73.86 -55.29 20.84
CA GLY I 422 -73.56 -56.29 21.84
C GLY I 422 -72.34 -57.14 21.58
N VAL I 423 -71.89 -57.22 20.32
CA VAL I 423 -70.75 -58.07 19.99
C VAL I 423 -69.62 -57.30 19.33
N VAL I 424 -69.86 -56.16 18.73
CA VAL I 424 -68.84 -55.38 18.04
C VAL I 424 -68.78 -54.00 18.68
N THR I 425 -67.57 -53.57 19.01
CA THR I 425 -67.35 -52.25 19.61
C THR I 425 -66.50 -51.44 18.67
N THR I 426 -67.10 -50.42 18.06
CA THR I 426 -66.39 -49.58 17.11
C THR I 426 -65.67 -48.47 17.85
N VAL I 427 -64.36 -48.34 17.61
CA VAL I 427 -63.55 -47.30 18.22
C VAL I 427 -62.74 -46.62 17.14
N ILE I 428 -62.27 -45.42 17.45
CA ILE I 428 -61.40 -44.69 16.53
C ILE I 428 -60.01 -45.28 16.61
N ASP I 429 -59.43 -45.58 15.46
CA ASP I 429 -58.07 -46.12 15.43
C ASP I 429 -57.10 -45.14 16.06
N ASP I 430 -56.16 -45.67 16.84
CA ASP I 430 -55.22 -44.82 17.56
C ASP I 430 -54.35 -43.98 16.64
N SER I 431 -54.15 -44.42 15.39
CA SER I 431 -53.36 -43.63 14.47
C SER I 431 -54.02 -42.30 14.13
N SER I 432 -55.32 -42.16 14.40
CA SER I 432 -56.00 -40.92 14.13
C SER I 432 -55.73 -39.85 15.18
N TYR I 433 -55.18 -40.24 16.33
CA TYR I 433 -54.94 -39.28 17.39
C TYR I 433 -53.68 -38.47 17.07
N PRO I 434 -53.54 -37.29 17.69
CA PRO I 434 -52.33 -36.49 17.44
C PRO I 434 -51.07 -37.25 17.78
N LYS I 435 -50.05 -37.07 16.96
CA LYS I 435 -48.81 -37.81 17.13
C LYS I 435 -48.15 -37.42 18.44
N ASP I 436 -47.75 -38.43 19.21
CA ASP I 436 -47.03 -38.25 20.47
C ASP I 436 -47.77 -37.35 21.43
N GLY I 437 -49.10 -37.47 21.47
CA GLY I 437 -49.93 -36.63 22.29
C GLY I 437 -50.21 -35.27 21.71
N GLY I 438 -49.31 -34.73 20.90
CA GLY I 438 -49.53 -33.46 20.25
C GLY I 438 -49.36 -32.29 21.19
N SER I 439 -49.63 -31.11 20.65
CA SER I 439 -49.54 -29.89 21.44
C SER I 439 -50.40 -28.82 20.79
N VAL I 440 -50.92 -27.92 21.62
CA VAL I 440 -51.72 -26.82 21.10
C VAL I 440 -50.90 -25.82 20.31
N THR I 441 -49.57 -25.94 20.36
CA THR I 441 -48.73 -25.00 19.61
C THR I 441 -48.58 -25.38 18.15
N SER I 442 -49.10 -26.54 17.74
CA SER I 442 -48.96 -27.01 16.37
C SER I 442 -50.28 -26.89 15.63
N LEU I 443 -50.24 -26.26 14.46
CA LEU I 443 -51.45 -26.14 13.65
C LEU I 443 -51.97 -27.51 13.24
N GLU I 444 -51.07 -28.39 12.81
CA GLU I 444 -51.48 -29.71 12.34
C GLU I 444 -52.14 -30.49 13.47
N ASN I 445 -51.60 -30.37 14.68
CA ASN I 445 -52.23 -31.01 15.83
C ASN I 445 -53.61 -30.43 16.11
N LEU I 446 -53.78 -29.12 15.92
CA LEU I 446 -55.10 -28.52 16.10
C LEU I 446 -56.10 -29.12 15.12
N TRP I 447 -55.70 -29.27 13.86
CA TRP I 447 -56.60 -29.88 12.90
C TRP I 447 -56.89 -31.33 13.25
N ASP I 448 -55.88 -32.06 13.74
CA ASP I 448 -56.12 -33.42 14.18
C ASP I 448 -57.19 -33.46 15.26
N PHE I 449 -57.08 -32.56 16.24
CA PHE I 449 -58.07 -32.52 17.30
C PHE I 449 -59.45 -32.19 16.75
N PHE I 450 -59.51 -31.29 15.78
CA PHE I 450 -60.80 -30.96 15.18
C PHE I 450 -61.44 -32.19 14.57
N ILE I 451 -60.68 -32.90 13.74
CA ILE I 451 -61.22 -34.10 13.09
C ILE I 451 -61.68 -35.10 14.14
N LEU I 452 -60.84 -35.34 15.14
CA LEU I 452 -61.15 -36.33 16.15
C LEU I 452 -62.42 -35.97 16.91
N ALA I 453 -62.52 -34.71 17.36
CA ALA I 453 -63.66 -34.30 18.15
C ALA I 453 -64.94 -34.34 17.33
N LEU I 454 -64.87 -33.93 16.07
CA LEU I 454 -66.07 -33.92 15.26
C LEU I 454 -66.50 -35.32 14.84
N ALA I 455 -65.58 -36.28 14.82
CA ALA I 455 -65.93 -37.64 14.44
C ALA I 455 -66.31 -38.55 15.59
N LEU I 456 -65.84 -38.26 16.80
CA LEU I 456 -66.04 -39.20 17.91
C LEU I 456 -67.47 -39.60 18.20
N PRO I 457 -68.48 -38.71 18.22
CA PRO I 457 -69.78 -39.09 18.77
C PRO I 457 -70.47 -40.24 18.06
N LEU I 458 -70.08 -40.58 16.83
CA LEU I 458 -70.79 -41.63 16.10
C LEU I 458 -70.34 -43.04 16.46
N THR I 459 -69.26 -43.20 17.20
CA THR I 459 -68.81 -44.54 17.56
C THR I 459 -69.67 -45.10 18.68
N THR I 460 -69.70 -46.42 18.78
CA THR I 460 -70.45 -47.09 19.83
C THR I 460 -69.64 -47.28 21.10
N ASP I 461 -68.43 -46.76 21.14
CA ASP I 461 -67.59 -46.87 22.32
C ASP I 461 -68.26 -46.14 23.49
N PRO I 462 -68.52 -46.82 24.60
CA PRO I 462 -69.14 -46.12 25.74
C PRO I 462 -68.23 -45.08 26.37
N CYS I 463 -66.92 -45.13 26.12
CA CYS I 463 -65.97 -44.22 26.74
C CYS I 463 -65.59 -43.06 25.85
N ALA I 464 -66.35 -42.81 24.78
CA ALA I 464 -65.98 -41.77 23.84
C ALA I 464 -65.84 -40.39 24.48
N PRO I 465 -66.78 -39.91 25.30
CA PRO I 465 -66.60 -38.55 25.84
C PRO I 465 -65.33 -38.37 26.64
N VAL I 466 -64.93 -39.40 27.39
CA VAL I 466 -63.71 -39.29 28.18
C VAL I 466 -62.50 -39.09 27.26
N LYS I 467 -62.46 -39.84 26.16
CA LYS I 467 -61.39 -39.64 25.20
C LYS I 467 -61.43 -38.25 24.60
N ALA I 468 -62.64 -37.78 24.26
CA ALA I 468 -62.77 -36.46 23.66
C ALA I 468 -62.27 -35.37 24.58
N PHE I 469 -62.43 -35.55 25.89
CA PHE I 469 -61.91 -34.56 26.83
C PHE I 469 -60.42 -34.73 27.05
N MET I 470 -59.97 -35.97 27.22
CA MET I 470 -58.59 -36.18 27.60
C MET I 470 -57.63 -35.87 26.46
N THR I 471 -58.10 -35.94 25.21
CA THR I 471 -57.21 -35.55 24.12
C THR I 471 -56.85 -34.08 24.20
N LEU I 472 -57.82 -33.21 24.48
CA LEU I 472 -57.51 -31.80 24.67
C LEU I 472 -56.72 -31.58 25.93
N ALA I 473 -56.98 -32.37 26.97
CA ALA I 473 -56.17 -32.27 28.18
C ALA I 473 -54.71 -32.58 27.86
N ASN I 474 -54.46 -33.59 27.04
CA ASN I 474 -53.10 -33.95 26.68
C ASN I 474 -52.44 -32.86 25.85
N MET I 475 -53.13 -32.37 24.83
CA MET I 475 -52.53 -31.37 23.95
C MET I 475 -52.19 -30.08 24.68
N MET I 476 -52.81 -29.82 25.82
CA MET I 476 -52.74 -28.52 26.47
C MET I 476 -51.82 -28.56 27.70
N VAL I 477 -51.07 -29.65 27.88
CA VAL I 477 -50.15 -29.74 29.00
C VAL I 477 -49.08 -28.68 28.87
N GLY I 478 -48.64 -28.13 30.00
CA GLY I 478 -47.65 -27.09 30.03
C GLY I 478 -48.21 -25.69 30.05
N PHE I 479 -49.24 -25.42 29.25
CA PHE I 479 -49.98 -24.17 29.36
C PHE I 479 -51.15 -24.28 30.33
N GLU I 480 -51.44 -25.48 30.82
CA GLU I 480 -52.62 -25.70 31.62
C GLU I 480 -52.39 -26.88 32.56
N THR I 481 -52.91 -26.75 33.77
CA THR I 481 -52.78 -27.79 34.78
C THR I 481 -54.13 -28.04 35.41
N ILE I 482 -54.48 -29.31 35.61
CA ILE I 482 -55.68 -29.68 36.35
C ILE I 482 -55.28 -30.66 37.43
N PRO I 483 -56.00 -30.74 38.55
CA PRO I 483 -55.63 -31.68 39.61
C PRO I 483 -55.98 -33.10 39.21
N MET I 484 -55.07 -34.02 39.46
CA MET I 484 -55.27 -35.44 39.19
C MET I 484 -55.25 -36.19 40.51
N ASP I 485 -56.34 -36.91 40.82
CA ASP I 485 -56.43 -37.62 42.08
C ASP I 485 -55.42 -38.75 42.14
N ASN I 486 -55.39 -39.60 41.12
CA ASN I 486 -54.50 -40.75 41.12
C ASN I 486 -53.05 -40.27 41.16
N GLN I 487 -52.26 -40.85 42.07
CA GLN I 487 -50.87 -40.49 42.18
C GLN I 487 -50.00 -41.05 41.07
N ILE I 488 -50.52 -42.00 40.29
CA ILE I 488 -49.79 -42.55 39.15
C ILE I 488 -50.16 -41.83 37.86
N TYR I 489 -51.45 -41.76 37.54
CA TYR I 489 -51.87 -41.13 36.30
C TYR I 489 -51.70 -39.62 36.39
N THR I 490 -51.08 -39.04 35.38
CA THR I 490 -50.92 -37.60 35.27
C THR I 490 -51.80 -37.07 34.17
N GLN I 491 -51.71 -35.77 33.93
CA GLN I 491 -52.46 -35.17 32.84
C GLN I 491 -52.00 -35.67 31.48
N SER I 492 -50.76 -36.11 31.37
CA SER I 492 -50.18 -36.49 30.10
C SER I 492 -50.46 -37.94 29.72
N ARG I 493 -51.39 -38.59 30.40
CA ARG I 493 -51.80 -39.93 29.99
C ARG I 493 -52.48 -39.86 28.63
N ARG I 494 -52.11 -40.77 27.74
CA ARG I 494 -52.65 -40.73 26.38
C ARG I 494 -54.16 -40.94 26.39
N ALA I 495 -54.85 -40.26 25.49
CA ALA I 495 -56.30 -40.34 25.46
C ALA I 495 -56.78 -41.73 25.12
N SER I 496 -56.11 -42.41 24.19
CA SER I 496 -56.59 -43.69 23.71
C SER I 496 -56.58 -44.76 24.78
N ALA I 497 -55.88 -44.54 25.89
CA ALA I 497 -55.86 -45.52 26.96
C ALA I 497 -57.18 -45.59 27.71
N PHE I 498 -57.93 -44.50 27.78
CA PHE I 498 -59.18 -44.45 28.54
C PHE I 498 -60.26 -45.22 27.78
N SER I 499 -60.20 -46.54 27.90
CA SER I 499 -61.08 -47.41 27.13
C SER I 499 -62.17 -48.07 27.95
N THR I 500 -62.10 -48.01 29.26
CA THR I 500 -63.05 -48.69 30.13
C THR I 500 -63.56 -47.72 31.19
N PRO I 501 -64.75 -47.97 31.73
CA PRO I 501 -65.32 -47.02 32.69
C PRO I 501 -64.46 -46.81 33.92
N HIS I 502 -63.66 -47.79 34.32
CA HIS I 502 -62.88 -47.66 35.54
C HIS I 502 -61.75 -46.65 35.41
N THR I 503 -61.51 -46.13 34.22
CA THR I 503 -60.44 -45.16 34.01
C THR I 503 -60.92 -43.73 33.98
N TRP I 504 -62.19 -43.48 34.26
CA TRP I 504 -62.72 -42.12 34.15
C TRP I 504 -62.20 -41.28 35.29
N PRO I 505 -61.50 -40.18 35.02
CA PRO I 505 -60.98 -39.35 36.10
C PRO I 505 -62.08 -38.59 36.79
N ARG I 506 -61.92 -38.38 38.10
CA ARG I 506 -62.93 -37.65 38.84
C ARG I 506 -62.94 -36.18 38.45
N CYS I 507 -61.80 -35.65 38.01
CA CYS I 507 -61.74 -34.26 37.58
C CYS I 507 -62.62 -34.00 36.36
N PHE I 508 -63.04 -35.06 35.66
CA PHE I 508 -63.97 -34.92 34.54
C PHE I 508 -65.42 -35.16 34.93
N MET I 509 -65.67 -36.09 35.84
CA MET I 509 -67.04 -36.33 36.28
C MET I 509 -67.61 -35.13 37.02
N ASN I 510 -66.79 -34.49 37.84
CA ASN I 510 -67.21 -33.32 38.61
C ASN I 510 -66.51 -32.10 38.03
N ILE I 511 -67.28 -31.24 37.37
CA ILE I 511 -66.70 -30.09 36.69
C ILE I 511 -66.14 -29.08 37.69
N GLN I 512 -66.69 -29.05 38.90
CA GLN I 512 -66.28 -28.05 39.88
C GLN I 512 -64.79 -28.11 40.17
N LEU I 513 -64.18 -29.28 40.01
CA LEU I 513 -62.77 -29.43 40.31
C LEU I 513 -61.87 -28.73 39.30
N ILE I 514 -62.40 -28.31 38.16
CA ILE I 514 -61.63 -27.59 37.16
C ILE I 514 -61.69 -26.11 37.51
N SER I 515 -60.55 -25.54 37.87
CA SER I 515 -60.52 -24.15 38.29
C SER I 515 -60.68 -23.24 37.08
N PRO I 516 -61.73 -22.43 37.01
CA PRO I 516 -61.88 -21.54 35.84
C PRO I 516 -60.74 -20.56 35.68
N ILE I 517 -60.23 -20.01 36.78
CA ILE I 517 -59.11 -19.06 36.66
C ILE I 517 -57.86 -19.79 36.22
N ASP I 518 -57.74 -21.07 36.56
CA ASP I 518 -56.57 -21.84 36.17
C ASP I 518 -56.75 -22.50 34.81
N ALA I 519 -57.91 -23.12 34.55
CA ALA I 519 -58.13 -23.91 33.34
C ALA I 519 -59.38 -23.44 32.63
N PRO I 520 -59.32 -22.28 32.01
CA PRO I 520 -60.52 -21.74 31.35
C PRO I 520 -60.97 -22.62 30.18
N ILE I 521 -60.05 -22.90 29.26
CA ILE I 521 -60.42 -23.64 28.07
C ILE I 521 -60.89 -25.04 28.43
N LEU I 522 -60.19 -25.71 29.34
CA LEU I 522 -60.59 -27.07 29.70
C LEU I 522 -61.94 -27.07 30.42
N ARG I 523 -62.19 -26.06 31.26
CA ARG I 523 -63.49 -25.97 31.90
C ARG I 523 -64.59 -25.81 30.86
N GLN I 524 -64.38 -24.93 29.89
CA GLN I 524 -65.37 -24.76 28.83
C GLN I 524 -65.57 -26.06 28.07
N TRP I 525 -64.48 -26.78 27.78
CA TRP I 525 -64.60 -28.03 27.04
C TRP I 525 -65.40 -29.06 27.81
N ALA I 526 -65.14 -29.18 29.11
CA ALA I 526 -65.90 -30.12 29.93
C ALA I 526 -67.37 -29.75 29.97
N GLU I 527 -67.67 -28.46 30.12
CA GLU I 527 -69.07 -28.04 30.11
C GLU I 527 -69.72 -28.36 28.79
N ILE I 528 -69.02 -28.13 27.69
CA ILE I 528 -69.56 -28.42 26.36
C ILE I 528 -69.88 -29.90 26.25
N ILE I 529 -68.95 -30.76 26.68
CA ILE I 529 -69.17 -32.19 26.58
C ILE I 529 -70.37 -32.60 27.42
N HIS I 530 -70.46 -32.08 28.64
CA HIS I 530 -71.56 -32.49 29.51
C HIS I 530 -72.90 -32.01 28.99
N ARG I 531 -72.93 -30.84 28.35
CA ARG I 531 -74.20 -30.23 28.02
C ARG I 531 -74.71 -30.55 26.63
N TYR I 532 -73.82 -30.74 25.65
CA TYR I 532 -74.24 -30.82 24.25
C TYR I 532 -73.87 -32.13 23.58
N TRP I 533 -73.35 -33.11 24.31
CA TRP I 533 -73.14 -34.41 23.71
C TRP I 533 -74.48 -35.04 23.34
N PRO I 534 -74.56 -35.74 22.22
CA PRO I 534 -75.86 -36.23 21.74
C PRO I 534 -76.55 -37.15 22.74
N ASN I 535 -77.82 -37.40 22.48
CA ASN I 535 -78.68 -38.15 23.38
C ASN I 535 -79.23 -39.38 22.67
N PRO I 536 -79.19 -40.55 23.28
CA PRO I 536 -79.75 -41.74 22.66
C PRO I 536 -81.28 -41.67 22.59
N SER I 537 -81.84 -42.52 21.74
CA SER I 537 -83.29 -42.55 21.55
C SER I 537 -83.69 -43.96 21.12
N GLN I 538 -84.96 -44.11 20.74
CA GLN I 538 -85.52 -45.40 20.37
C GLN I 538 -86.32 -45.25 19.08
N ILE I 539 -86.65 -46.40 18.49
CA ILE I 539 -87.47 -46.43 17.28
C ILE I 539 -88.12 -47.79 17.18
N ARG I 540 -89.36 -47.82 16.71
CA ARG I 540 -90.09 -49.07 16.53
C ARG I 540 -89.70 -49.70 15.20
N TYR I 541 -89.71 -51.02 15.17
CA TYR I 541 -89.35 -51.73 13.96
C TYR I 541 -89.98 -53.13 13.98
N GLY I 542 -90.06 -53.72 12.79
CA GLY I 542 -90.52 -55.09 12.67
C GLY I 542 -92.01 -55.22 12.91
N ALA I 543 -92.46 -56.47 12.88
CA ALA I 543 -93.86 -56.83 13.13
C ALA I 543 -93.88 -57.90 14.19
N PRO I 544 -93.69 -57.52 15.46
CA PRO I 544 -93.55 -58.54 16.52
C PRO I 544 -94.76 -59.44 16.66
N ASN I 545 -95.95 -58.96 16.30
CA ASN I 545 -97.14 -59.77 16.49
C ASN I 545 -97.17 -60.99 15.57
N VAL I 546 -96.39 -60.99 14.50
CA VAL I 546 -96.37 -62.09 13.56
C VAL I 546 -94.99 -62.75 13.50
N PHE I 547 -93.93 -61.96 13.39
CA PHE I 547 -92.58 -62.49 13.26
C PHE I 547 -91.90 -62.66 14.61
N GLY I 548 -92.56 -62.29 15.70
CA GLY I 548 -91.87 -62.35 16.96
C GLY I 548 -90.75 -61.33 17.00
N SER I 549 -89.81 -61.55 17.92
CA SER I 549 -88.68 -60.64 18.04
C SER I 549 -87.52 -61.38 18.67
N ALA I 550 -86.32 -61.12 18.17
CA ALA I 550 -85.11 -61.73 18.71
C ALA I 550 -84.44 -60.86 19.76
N ASN I 551 -85.05 -59.75 20.15
CA ASN I 551 -84.47 -58.90 21.17
C ASN I 551 -84.30 -59.66 22.47
N LEU I 552 -83.20 -59.41 23.16
CA LEU I 552 -82.91 -60.06 24.43
C LEU I 552 -82.94 -59.08 25.59
N PHE I 553 -82.16 -58.01 25.52
CA PHE I 553 -82.06 -57.05 26.61
C PHE I 553 -82.95 -55.84 26.41
N THR I 554 -83.77 -55.83 25.37
CA THR I 554 -84.62 -54.70 25.04
C THR I 554 -86.04 -55.19 24.84
N PRO I 555 -87.03 -54.31 24.91
CA PRO I 555 -88.39 -54.71 24.60
C PRO I 555 -88.47 -55.20 23.16
N PRO I 556 -89.39 -56.13 22.88
CA PRO I 556 -89.37 -56.81 21.58
C PRO I 556 -89.51 -55.90 20.37
N GLU I 557 -90.19 -54.77 20.50
CA GLU I 557 -90.51 -53.93 19.35
C GLU I 557 -89.64 -52.69 19.24
N VAL I 558 -88.53 -52.63 19.97
CA VAL I 558 -87.74 -51.41 20.06
C VAL I 558 -86.37 -51.64 19.46
N LEU I 559 -85.84 -50.60 18.84
CA LEU I 559 -84.47 -50.57 18.34
C LEU I 559 -83.76 -49.38 18.96
N LEU I 560 -82.58 -49.60 19.51
CA LEU I 560 -81.86 -48.54 20.20
C LEU I 560 -80.96 -47.78 19.25
N LEU I 561 -80.76 -46.50 19.55
CA LEU I 561 -79.92 -45.63 18.75
C LEU I 561 -79.10 -44.75 19.68
N PRO I 562 -77.90 -44.37 19.25
CA PRO I 562 -77.10 -43.40 20.01
C PRO I 562 -77.42 -41.95 19.68
N ILE I 563 -78.35 -41.69 18.79
CA ILE I 563 -78.67 -40.35 18.33
C ILE I 563 -80.17 -40.15 18.38
N ASP I 564 -80.60 -38.97 18.80
CA ASP I 564 -82.02 -38.64 18.75
C ASP I 564 -82.49 -38.58 17.31
N HIS I 565 -83.71 -39.03 17.07
CA HIS I 565 -84.28 -39.09 15.73
C HIS I 565 -85.54 -38.23 15.67
N GLN I 566 -85.86 -37.77 14.47
CA GLN I 566 -86.98 -36.87 14.24
C GLN I 566 -87.72 -37.32 13.00
N PRO I 567 -88.99 -36.93 12.86
CA PRO I 567 -89.74 -37.28 11.65
C PRO I 567 -89.09 -36.68 10.40
N ALA I 568 -89.23 -37.39 9.30
CA ALA I 568 -88.57 -37.00 8.06
C ALA I 568 -89.26 -35.80 7.43
N ASN I 569 -88.48 -34.83 6.97
CA ASN I 569 -89.01 -33.67 6.27
C ASN I 569 -87.87 -33.03 5.50
N VAL I 570 -87.93 -33.10 4.17
CA VAL I 570 -86.81 -32.64 3.35
C VAL I 570 -86.70 -31.12 3.32
N THR I 571 -87.74 -30.40 3.71
CA THR I 571 -87.69 -28.94 3.69
C THR I 571 -86.95 -28.36 4.87
N THR I 572 -86.26 -29.18 5.66
CA THR I 572 -85.60 -28.70 6.85
C THR I 572 -84.48 -27.73 6.48
N PRO I 573 -84.35 -26.62 7.19
CA PRO I 573 -83.19 -25.74 6.96
C PRO I 573 -81.90 -26.43 7.36
N THR I 574 -80.84 -26.12 6.61
CA THR I 574 -79.54 -26.72 6.92
C THR I 574 -78.94 -26.15 8.21
N LEU I 575 -78.96 -24.83 8.36
CA LEU I 575 -78.43 -24.19 9.56
C LEU I 575 -79.49 -24.16 10.66
N ASP I 576 -79.98 -25.34 11.00
CA ASP I 576 -80.92 -25.50 12.10
C ASP I 576 -80.14 -26.06 13.29
N PHE I 577 -79.87 -25.21 14.26
CA PHE I 577 -79.06 -25.61 15.40
C PHE I 577 -79.83 -26.48 16.38
N THR I 578 -81.12 -26.69 16.16
CA THR I 578 -81.86 -27.64 16.99
C THR I 578 -81.31 -29.05 16.83
N ASN I 579 -80.95 -29.42 15.62
CA ASN I 579 -80.35 -30.74 15.38
C ASN I 579 -79.09 -30.89 16.23
N GLU I 580 -78.98 -32.04 16.88
CA GLU I 580 -77.90 -32.23 17.85
C GLU I 580 -76.54 -32.18 17.18
N LEU I 581 -76.40 -32.80 16.01
CA LEU I 581 -75.10 -32.89 15.37
C LEU I 581 -74.61 -31.51 14.92
N THR I 582 -75.51 -30.72 14.33
CA THR I 582 -75.13 -29.37 13.92
C THR I 582 -74.74 -28.53 15.13
N ASN I 583 -75.49 -28.65 16.22
CA ASN I 583 -75.15 -27.94 17.44
C ASN I 583 -73.78 -28.36 17.94
N TRP I 584 -73.48 -29.65 17.87
CA TRP I 584 -72.17 -30.14 18.30
C TRP I 584 -71.05 -29.52 17.45
N ARG I 585 -71.25 -29.50 16.13
CA ARG I 585 -70.24 -28.91 15.27
C ARG I 585 -70.03 -27.44 15.59
N ALA I 586 -71.12 -26.70 15.78
CA ALA I 586 -71.01 -25.28 16.07
C ALA I 586 -70.29 -25.05 17.39
N ARG I 587 -70.61 -25.86 18.41
CA ARG I 587 -69.97 -25.71 19.70
C ARG I 587 -68.48 -25.97 19.61
N VAL I 588 -68.08 -27.01 18.88
CA VAL I 588 -66.66 -27.29 18.72
C VAL I 588 -65.95 -26.13 18.04
N CYS I 589 -66.56 -25.60 16.98
CA CYS I 589 -65.94 -24.49 16.27
C CYS I 589 -65.79 -23.27 17.18
N GLU I 590 -66.82 -22.98 17.97
CA GLU I 590 -66.73 -21.84 18.88
C GLU I 590 -65.64 -22.05 19.92
N LEU I 591 -65.53 -23.27 20.45
CA LEU I 591 -64.47 -23.55 21.41
C LEU I 591 -63.11 -23.28 20.79
N MET I 592 -62.88 -23.75 19.57
CA MET I 592 -61.59 -23.51 18.95
C MET I 592 -61.35 -22.03 18.70
N LYS I 593 -62.39 -21.30 18.31
CA LYS I 593 -62.23 -19.87 18.13
C LYS I 593 -61.76 -19.22 19.43
N ASN I 594 -62.37 -19.60 20.55
CA ASN I 594 -61.92 -19.08 21.84
C ASN I 594 -60.49 -19.49 22.14
N LEU I 595 -60.13 -20.73 21.78
CA LEU I 595 -58.79 -21.22 22.05
C LEU I 595 -57.74 -20.41 21.33
N VAL I 596 -57.97 -20.12 20.05
CA VAL I 596 -56.95 -19.49 19.22
C VAL I 596 -57.07 -17.98 19.20
N ASP I 597 -58.08 -17.42 19.86
CA ASP I 597 -58.37 -15.99 19.73
C ASP I 597 -57.17 -15.13 20.10
N ASN I 598 -56.74 -15.18 21.35
CA ASN I 598 -55.75 -14.23 21.84
C ASN I 598 -54.31 -14.69 21.66
N GLN I 599 -54.08 -15.84 21.02
CA GLN I 599 -52.74 -16.36 20.80
C GLN I 599 -51.99 -16.52 22.12
N ARG I 600 -52.70 -16.89 23.18
CA ARG I 600 -52.01 -17.14 24.44
C ARG I 600 -51.26 -18.46 24.42
N TYR I 601 -51.74 -19.42 23.64
CA TYR I 601 -51.21 -20.77 23.68
C TYR I 601 -50.32 -21.10 22.50
N GLN I 602 -50.05 -20.16 21.60
CA GLN I 602 -49.23 -20.41 20.43
C GLN I 602 -48.11 -19.38 20.34
N PRO I 603 -47.09 -19.49 21.16
CA PRO I 603 -45.87 -18.72 20.94
C PRO I 603 -45.11 -19.27 19.75
N GLY I 604 -44.10 -18.52 19.33
CA GLY I 604 -43.32 -18.96 18.20
C GLY I 604 -44.02 -18.86 16.87
N TRP I 605 -45.24 -18.32 16.84
CA TRP I 605 -45.94 -18.05 15.61
C TRP I 605 -45.56 -16.63 15.18
N THR I 606 -44.85 -16.52 14.06
CA THR I 606 -44.34 -15.22 13.64
C THR I 606 -45.47 -14.25 13.31
N GLN I 607 -46.46 -14.70 12.55
CA GLN I 607 -47.53 -13.82 12.12
C GLN I 607 -48.81 -14.12 12.90
N SER I 608 -49.66 -13.11 12.98
CA SER I 608 -50.96 -13.27 13.63
C SER I 608 -51.86 -14.08 12.72
N LEU I 609 -51.88 -15.40 12.92
CA LEU I 609 -52.78 -16.25 12.17
C LEU I 609 -54.19 -16.23 12.70
N VAL I 610 -54.52 -15.25 13.55
CA VAL I 610 -55.85 -15.21 14.16
C VAL I 610 -56.92 -15.06 13.10
N SER I 611 -56.72 -14.14 12.16
CA SER I 611 -57.75 -13.87 11.16
C SER I 611 -57.99 -15.11 10.30
N SER I 612 -56.93 -15.73 9.80
CA SER I 612 -57.08 -16.90 8.94
C SER I 612 -57.70 -18.05 9.70
N MET I 613 -57.25 -18.29 10.93
CA MET I 613 -57.80 -19.36 11.74
C MET I 613 -59.29 -19.16 11.96
N ARG I 614 -59.69 -17.96 12.36
CA ARG I 614 -61.09 -17.67 12.61
C ARG I 614 -61.91 -17.82 11.34
N GLY I 615 -61.39 -17.34 10.21
CA GLY I 615 -62.13 -17.46 8.97
C GLY I 615 -62.36 -18.90 8.57
N THR I 616 -61.31 -19.73 8.68
CA THR I 616 -61.45 -21.14 8.34
C THR I 616 -62.45 -21.82 9.28
N LEU I 617 -62.37 -21.51 10.57
CA LEU I 617 -63.30 -22.11 11.52
C LEU I 617 -64.73 -21.72 11.20
N ASP I 618 -64.96 -20.45 10.86
CA ASP I 618 -66.30 -20.02 10.50
C ASP I 618 -66.79 -20.72 9.24
N LYS I 619 -65.92 -20.87 8.25
CA LYS I 619 -66.31 -21.56 7.03
C LYS I 619 -66.73 -23.00 7.33
N LEU I 620 -65.96 -23.69 8.17
CA LEU I 620 -66.34 -25.05 8.53
C LEU I 620 -67.64 -25.08 9.31
N LYS I 621 -67.84 -24.12 10.21
CA LYS I 621 -69.03 -24.14 11.05
C LYS I 621 -70.28 -23.93 10.22
N LEU I 622 -70.21 -23.13 9.17
CA LEU I 622 -71.37 -22.79 8.36
C LEU I 622 -71.46 -23.59 7.07
N ILE I 623 -70.82 -24.75 7.00
CA ILE I 623 -70.86 -25.54 5.78
C ILE I 623 -72.26 -26.09 5.57
N LYS I 624 -72.62 -26.28 4.30
CA LYS I 624 -73.98 -26.72 3.95
C LYS I 624 -74.06 -28.24 3.86
N SER I 625 -73.58 -28.92 4.90
CA SER I 625 -73.59 -30.37 4.87
C SER I 625 -74.96 -30.89 5.28
N MET I 626 -75.53 -31.76 4.45
CA MET I 626 -76.82 -32.35 4.73
C MET I 626 -76.69 -33.68 5.44
N THR I 627 -75.47 -34.08 5.79
CA THR I 627 -75.30 -35.33 6.52
C THR I 627 -76.00 -35.34 7.86
N PRO I 628 -75.88 -34.30 8.71
CA PRO I 628 -76.63 -34.33 9.98
C PRO I 628 -78.13 -34.42 9.77
N MET I 629 -78.66 -33.73 8.77
CA MET I 629 -80.08 -33.87 8.45
C MET I 629 -80.43 -35.31 8.16
N TYR I 630 -79.63 -35.95 7.31
CA TYR I 630 -79.91 -37.33 6.90
C TYR I 630 -79.84 -38.26 8.09
N LEU I 631 -78.80 -38.13 8.91
CA LEU I 631 -78.67 -38.97 10.09
C LEU I 631 -79.81 -38.77 11.07
N GLN I 632 -80.28 -37.54 11.25
CA GLN I 632 -81.36 -37.28 12.17
C GLN I 632 -82.69 -37.80 11.67
N GLN I 633 -82.94 -37.77 10.36
CA GLN I 633 -84.26 -38.07 9.87
C GLN I 633 -84.35 -39.42 9.16
N LEU I 634 -83.55 -39.66 8.14
CA LEU I 634 -83.76 -40.82 7.29
C LEU I 634 -83.10 -42.07 7.84
N ALA I 635 -81.82 -41.99 8.23
CA ALA I 635 -81.05 -43.19 8.55
C ALA I 635 -81.77 -44.15 9.49
N PRO I 636 -82.42 -43.70 10.58
CA PRO I 636 -83.20 -44.65 11.38
C PRO I 636 -84.27 -45.36 10.58
N VAL I 637 -84.86 -44.69 9.58
CA VAL I 637 -85.95 -45.32 8.83
C VAL I 637 -85.45 -46.54 8.07
N GLU I 638 -84.37 -46.40 7.31
CA GLU I 638 -83.93 -47.56 6.54
C GLU I 638 -83.26 -48.58 7.44
N LEU I 639 -82.64 -48.13 8.54
CA LEU I 639 -82.20 -49.12 9.52
C LEU I 639 -83.37 -49.98 9.99
N ALA I 640 -84.51 -49.34 10.27
CA ALA I 640 -85.68 -50.07 10.72
C ALA I 640 -86.22 -50.99 9.64
N VAL I 641 -86.21 -50.54 8.39
CA VAL I 641 -86.78 -51.40 7.35
C VAL I 641 -85.88 -52.58 7.06
N ILE I 642 -84.56 -52.40 7.21
CA ILE I 642 -83.64 -53.48 6.91
C ILE I 642 -83.60 -54.49 8.05
N ALA I 643 -83.61 -54.02 9.29
CA ALA I 643 -83.31 -54.89 10.44
C ALA I 643 -84.09 -56.19 10.48
N PRO I 644 -85.42 -56.21 10.28
CA PRO I 644 -86.12 -57.51 10.33
C PRO I 644 -85.65 -58.48 9.26
N MET I 645 -85.22 -57.99 8.11
CA MET I 645 -84.85 -58.87 7.01
C MET I 645 -83.47 -59.48 7.17
N LEU I 646 -82.70 -59.05 8.17
CA LEU I 646 -81.31 -59.47 8.25
C LEU I 646 -81.23 -60.95 8.60
N PRO I 647 -80.18 -61.65 8.13
CA PRO I 647 -79.98 -63.04 8.57
C PRO I 647 -79.55 -63.14 10.01
N PHE I 648 -78.90 -62.11 10.53
CA PHE I 648 -78.50 -62.06 11.94
C PHE I 648 -79.19 -60.86 12.58
N PRO I 649 -80.32 -61.07 13.24
CA PRO I 649 -81.11 -59.94 13.73
C PRO I 649 -80.35 -59.17 14.79
N PRO I 650 -80.68 -57.89 14.98
CA PRO I 650 -79.86 -57.03 15.82
C PRO I 650 -79.78 -57.53 17.25
N PHE I 651 -78.63 -57.28 17.87
CA PHE I 651 -78.34 -57.70 19.24
C PHE I 651 -77.69 -56.51 19.94
N GLN I 652 -78.51 -55.70 20.60
CA GLN I 652 -78.05 -54.42 21.13
C GLN I 652 -77.94 -54.45 22.64
N VAL I 653 -77.19 -53.49 23.16
CA VAL I 653 -76.98 -53.28 24.59
C VAL I 653 -77.20 -51.80 24.85
N PRO I 654 -77.86 -51.41 25.94
CA PRO I 654 -78.32 -50.02 26.07
C PRO I 654 -77.20 -49.00 25.99
N TYR I 655 -77.54 -47.83 25.45
CA TYR I 655 -76.60 -46.72 25.33
C TYR I 655 -76.82 -45.74 26.47
N VAL I 656 -75.73 -45.33 27.12
CA VAL I 656 -75.77 -44.34 28.18
C VAL I 656 -74.72 -43.28 27.86
N ARG I 657 -75.14 -42.02 27.79
CA ARG I 657 -74.23 -40.98 27.33
C ARG I 657 -73.15 -40.71 28.37
N LEU I 658 -73.53 -40.45 29.62
CA LEU I 658 -72.55 -40.16 30.65
C LEU I 658 -72.81 -40.87 31.97
N ASP I 659 -73.93 -41.56 32.15
CA ASP I 659 -74.15 -42.28 33.39
C ASP I 659 -73.14 -43.41 33.52
N ARG I 660 -72.13 -43.18 34.35
CA ARG I 660 -70.99 -44.09 34.45
C ARG I 660 -71.34 -45.41 35.11
N ASP I 661 -72.17 -45.40 36.15
CA ASP I 661 -72.44 -46.62 36.89
C ASP I 661 -73.21 -47.63 36.07
N ARG I 662 -73.91 -47.19 35.03
CA ARG I 662 -74.73 -48.08 34.23
C ARG I 662 -74.09 -48.47 32.92
N VAL I 663 -72.80 -48.23 32.77
CA VAL I 663 -72.13 -48.59 31.52
C VAL I 663 -71.91 -50.10 31.49
N PRO I 664 -72.35 -50.79 30.45
CA PRO I 664 -72.06 -52.22 30.35
C PRO I 664 -70.58 -52.48 30.14
N THR I 665 -70.12 -53.60 30.67
CA THR I 665 -68.72 -53.99 30.52
C THR I 665 -68.50 -55.43 30.12
N MET I 666 -69.43 -56.34 30.38
CA MET I 666 -69.18 -57.75 30.14
C MET I 666 -70.44 -58.41 29.63
N VAL I 667 -70.29 -59.37 28.71
CA VAL I 667 -71.39 -60.13 28.16
C VAL I 667 -71.01 -61.60 28.22
N GLY I 668 -71.86 -62.42 28.85
CA GLY I 668 -71.54 -63.82 29.01
C GLY I 668 -72.76 -64.69 28.73
N VAL I 669 -72.46 -65.95 28.43
CA VAL I 669 -73.47 -66.97 28.17
C VAL I 669 -73.23 -68.14 29.10
N THR I 670 -74.29 -68.63 29.72
CA THR I 670 -74.18 -69.73 30.67
C THR I 670 -75.07 -70.89 30.23
N ARG I 671 -74.70 -72.09 30.67
CA ARG I 671 -75.41 -73.30 30.31
C ARG I 671 -76.09 -74.00 31.47
N GLN I 672 -75.74 -73.68 32.71
CA GLN I 672 -76.29 -74.37 33.85
C GLN I 672 -77.47 -73.61 34.43
N SER I 673 -78.36 -74.36 35.10
CA SER I 673 -79.55 -73.77 35.68
C SER I 673 -79.21 -72.97 36.94
N ARG I 674 -80.17 -72.16 37.37
CA ARG I 674 -79.92 -71.25 38.48
C ARG I 674 -79.84 -71.96 39.83
N ASP I 675 -80.28 -73.23 39.91
CA ASP I 675 -80.40 -73.91 41.19
C ASP I 675 -79.28 -74.92 41.42
N THR I 676 -78.20 -74.84 40.64
CA THR I 676 -77.07 -75.74 40.82
C THR I 676 -75.80 -74.93 40.94
N ILE I 677 -74.89 -75.40 41.80
CA ILE I 677 -73.58 -74.80 41.96
C ILE I 677 -72.58 -75.72 41.28
N THR I 678 -71.88 -75.20 40.28
CA THR I 678 -71.01 -76.02 39.46
C THR I 678 -69.72 -75.26 39.17
N GLN I 679 -68.87 -75.88 38.36
CA GLN I 679 -67.60 -75.28 38.03
C GLN I 679 -67.83 -74.04 37.16
N PRO I 680 -67.25 -72.90 37.50
CA PRO I 680 -67.49 -71.70 36.70
C PRO I 680 -66.80 -71.76 35.35
N ALA I 681 -67.58 -71.88 34.28
CA ALA I 681 -67.04 -71.97 32.92
C ALA I 681 -67.53 -70.73 32.17
N LEU I 682 -66.71 -69.69 32.16
CA LEU I 682 -67.10 -68.46 31.51
C LEU I 682 -67.03 -68.61 29.99
N SER I 683 -67.96 -67.94 29.31
CA SER I 683 -67.96 -67.96 27.86
C SER I 683 -66.79 -67.16 27.31
N LEU I 684 -66.35 -67.53 26.11
CA LEU I 684 -65.22 -66.86 25.49
C LEU I 684 -65.50 -65.39 25.23
N SER I 685 -66.77 -65.01 25.10
CA SER I 685 -67.11 -63.62 24.87
C SER I 685 -66.72 -62.72 26.03
N THR I 686 -66.53 -63.28 27.21
CA THR I 686 -66.21 -62.48 28.38
C THR I 686 -64.76 -62.04 28.42
N THR I 687 -63.90 -62.57 27.55
CA THR I 687 -62.50 -62.23 27.57
C THR I 687 -62.18 -60.94 26.82
N ASN I 688 -63.15 -60.35 26.13
CA ASN I 688 -62.91 -59.11 25.43
C ASN I 688 -62.70 -57.99 26.43
N THR I 689 -61.69 -57.15 26.18
CA THR I 689 -61.44 -56.01 27.05
C THR I 689 -62.63 -55.07 27.05
N THR I 690 -63.15 -54.74 25.88
CA THR I 690 -64.37 -53.95 25.78
C THR I 690 -65.56 -54.89 25.92
N VAL I 691 -66.76 -54.38 25.64
CA VAL I 691 -67.94 -55.24 25.68
C VAL I 691 -67.92 -56.24 24.53
N GLY I 692 -67.44 -55.82 23.37
CA GLY I 692 -67.43 -56.70 22.22
C GLY I 692 -66.09 -56.73 21.50
N VAL I 693 -66.04 -57.39 20.35
CA VAL I 693 -64.80 -57.47 19.58
C VAL I 693 -64.42 -56.07 19.09
N PRO I 694 -63.20 -55.62 19.32
CA PRO I 694 -62.83 -54.26 18.91
C PRO I 694 -62.85 -54.11 17.40
N LEU I 695 -63.16 -52.89 16.97
CA LEU I 695 -63.16 -52.54 15.56
C LEU I 695 -62.68 -51.10 15.43
N ALA I 696 -61.74 -50.87 14.54
CA ALA I 696 -61.09 -49.57 14.41
C ALA I 696 -61.58 -48.86 13.15
N LEU I 697 -61.97 -47.60 13.30
CA LEU I 697 -62.39 -46.76 12.19
C LEU I 697 -61.40 -45.62 12.02
N ASP I 698 -61.53 -44.91 10.91
CA ASP I 698 -60.67 -43.77 10.61
C ASP I 698 -61.50 -42.50 10.75
N ALA I 699 -60.99 -41.55 11.52
CA ALA I 699 -61.76 -40.34 11.81
C ALA I 699 -61.89 -39.46 10.57
N ARG I 700 -60.88 -39.46 9.72
CA ARG I 700 -60.89 -38.56 8.56
C ARG I 700 -62.07 -38.85 7.66
N ALA I 701 -62.33 -40.12 7.38
CA ALA I 701 -63.46 -40.47 6.52
C ALA I 701 -64.77 -40.05 7.16
N ILE I 702 -64.91 -40.27 8.47
CA ILE I 702 -66.15 -39.90 9.16
C ILE I 702 -66.38 -38.41 9.05
N THR I 703 -65.33 -37.62 9.28
CA THR I 703 -65.48 -36.17 9.21
C THR I 703 -65.84 -35.72 7.81
N VAL I 704 -65.15 -36.26 6.80
CA VAL I 704 -65.43 -35.85 5.43
C VAL I 704 -66.87 -36.18 5.07
N ALA I 705 -67.35 -37.35 5.49
CA ALA I 705 -68.74 -37.69 5.25
C ALA I 705 -69.67 -36.71 5.97
N LEU I 706 -69.35 -36.37 7.20
CA LEU I 706 -70.17 -35.43 7.96
C LEU I 706 -70.16 -34.04 7.39
N LEU I 707 -69.19 -33.71 6.53
CA LEU I 707 -69.08 -32.36 6.01
C LEU I 707 -69.44 -32.22 4.54
N SER I 708 -69.74 -33.31 3.85
CA SER I 708 -69.93 -33.24 2.40
C SER I 708 -71.13 -34.08 1.97
N GLY I 709 -72.27 -33.89 2.62
CA GLY I 709 -73.49 -34.61 2.28
C GLY I 709 -74.42 -33.76 1.45
N LYS I 710 -75.10 -34.39 0.50
CA LYS I 710 -76.09 -33.71 -0.31
C LYS I 710 -77.04 -34.73 -0.92
N TYR I 711 -78.28 -34.31 -1.13
CA TYR I 711 -79.29 -35.11 -1.79
C TYR I 711 -79.33 -34.81 -3.28
N PRO I 712 -79.91 -35.69 -4.07
CA PRO I 712 -80.26 -35.32 -5.44
C PRO I 712 -81.21 -34.15 -5.44
N PRO I 713 -81.06 -33.22 -6.37
CA PRO I 713 -81.92 -32.03 -6.36
C PRO I 713 -83.40 -32.35 -6.52
N ASP I 714 -83.74 -33.42 -7.22
CA ASP I 714 -85.14 -33.76 -7.51
C ASP I 714 -85.62 -34.93 -6.68
N LEU I 715 -85.16 -35.04 -5.43
CA LEU I 715 -85.52 -36.18 -4.60
C LEU I 715 -86.98 -36.11 -4.19
N VAL I 716 -87.67 -37.24 -4.28
CA VAL I 716 -89.00 -37.42 -3.71
C VAL I 716 -88.96 -38.69 -2.90
N THR I 717 -89.16 -38.56 -1.59
CA THR I 717 -88.92 -39.69 -0.68
C THR I 717 -89.86 -40.85 -0.99
N ASN I 718 -91.13 -40.56 -1.26
CA ASN I 718 -92.10 -41.64 -1.43
C ASN I 718 -91.73 -42.51 -2.61
N VAL I 719 -91.26 -41.91 -3.70
CA VAL I 719 -90.86 -42.69 -4.86
C VAL I 719 -89.57 -43.45 -4.59
N TRP I 720 -88.58 -42.74 -4.05
CA TRP I 720 -87.26 -43.35 -3.85
C TRP I 720 -87.36 -44.56 -2.95
N TYR I 721 -88.06 -44.44 -1.83
CA TYR I 721 -88.04 -45.53 -0.87
C TYR I 721 -88.89 -46.69 -1.33
N ALA I 722 -89.96 -46.45 -2.07
CA ALA I 722 -90.69 -47.56 -2.66
C ALA I 722 -89.83 -48.31 -3.65
N ASP I 723 -89.11 -47.58 -4.50
CA ASP I 723 -88.23 -48.22 -5.47
C ASP I 723 -87.11 -48.97 -4.78
N ALA I 724 -86.66 -48.50 -3.62
CA ALA I 724 -85.62 -49.20 -2.89
C ALA I 724 -86.15 -50.45 -2.20
N ILE I 725 -87.33 -50.36 -1.60
CA ILE I 725 -87.85 -51.48 -0.82
C ILE I 725 -88.30 -52.62 -1.72
N TYR I 726 -88.92 -52.33 -2.87
CA TYR I 726 -89.53 -53.42 -3.65
C TYR I 726 -88.55 -54.54 -3.95
N PRO I 727 -87.41 -54.31 -4.61
CA PRO I 727 -86.49 -55.44 -4.86
C PRO I 727 -85.95 -56.05 -3.59
N MET I 728 -85.71 -55.22 -2.57
CA MET I 728 -85.14 -55.74 -1.33
C MET I 728 -86.09 -56.69 -0.64
N TYR I 729 -87.37 -56.36 -0.61
CA TYR I 729 -88.35 -57.27 -0.03
C TYR I 729 -88.70 -58.43 -0.95
N ALA I 730 -88.44 -58.30 -2.25
CA ALA I 730 -88.73 -59.41 -3.14
C ALA I 730 -87.80 -60.59 -2.93
N ASP I 731 -86.67 -60.39 -2.26
CA ASP I 731 -85.70 -61.45 -2.01
C ASP I 731 -85.56 -61.76 -0.52
N THR I 732 -86.63 -61.59 0.24
CA THR I 732 -86.57 -61.85 1.67
C THR I 732 -86.42 -63.33 1.95
N GLU I 733 -85.97 -63.64 3.16
CA GLU I 733 -85.76 -65.02 3.58
C GLU I 733 -86.30 -65.31 4.97
N VAL I 734 -86.96 -64.34 5.62
CA VAL I 734 -87.30 -64.47 7.03
C VAL I 734 -88.17 -65.70 7.27
N PHE I 735 -89.01 -66.03 6.29
CA PHE I 735 -89.92 -67.16 6.47
C PHE I 735 -89.16 -68.46 6.65
N SER I 736 -88.06 -68.63 5.94
CA SER I 736 -87.25 -69.83 6.14
C SER I 736 -86.47 -69.76 7.45
N ASN I 737 -86.00 -68.57 7.81
CA ASN I 737 -85.27 -68.42 9.07
C ASN I 737 -86.13 -68.81 10.25
N LEU I 738 -87.43 -68.49 10.19
CA LEU I 738 -88.32 -68.84 11.30
C LEU I 738 -88.38 -70.35 11.50
N GLN I 739 -88.50 -71.11 10.40
CA GLN I 739 -88.50 -72.56 10.50
C GLN I 739 -87.17 -73.05 11.05
N ARG I 740 -86.07 -72.45 10.60
CA ARG I 740 -84.77 -72.87 11.12
C ARG I 740 -84.67 -72.64 12.62
N ASP I 741 -85.20 -71.52 13.10
CA ASP I 741 -85.14 -71.25 14.54
C ASP I 741 -85.97 -72.26 15.32
N MET I 742 -87.15 -72.61 14.80
CA MET I 742 -87.95 -73.63 15.46
C MET I 742 -87.17 -74.93 15.57
N ILE I 743 -86.53 -75.33 14.46
CA ILE I 743 -85.72 -76.54 14.49
C ILE I 743 -84.60 -76.42 15.52
N THR I 744 -84.00 -75.24 15.63
CA THR I 744 -82.88 -75.07 16.55
C THR I 744 -83.34 -75.27 18.00
N CYS I 745 -84.44 -74.64 18.38
CA CYS I 745 -84.92 -74.82 19.75
C CYS I 745 -85.26 -76.27 20.02
N GLU I 746 -85.92 -76.92 19.06
CA GLU I 746 -86.26 -78.32 19.24
C GLU I 746 -85.00 -79.16 19.44
N ALA I 747 -83.97 -78.91 18.65
CA ALA I 747 -82.74 -79.69 18.73
C ALA I 747 -82.06 -79.50 20.07
N VAL I 748 -82.01 -78.26 20.56
CA VAL I 748 -81.35 -78.01 21.84
C VAL I 748 -82.08 -78.74 22.96
N GLN I 749 -83.41 -78.69 22.96
CA GLN I 749 -84.14 -79.40 24.00
C GLN I 749 -83.90 -80.90 23.92
N THR I 750 -83.90 -81.46 22.71
CA THR I 750 -83.65 -82.90 22.60
C THR I 750 -82.26 -83.25 23.10
N LEU I 751 -81.27 -82.42 22.79
CA LEU I 751 -79.91 -82.71 23.25
C LEU I 751 -79.84 -82.71 24.77
N VAL I 752 -80.44 -81.71 25.41
CA VAL I 752 -80.34 -81.71 26.87
C VAL I 752 -81.07 -82.91 27.45
N THR I 753 -82.24 -83.25 26.91
CA THR I 753 -83.00 -84.37 27.42
C THR I 753 -82.21 -85.67 27.29
N LEU I 754 -81.59 -85.89 26.14
CA LEU I 754 -80.87 -87.14 25.93
C LEU I 754 -79.61 -87.19 26.78
N VAL I 755 -78.81 -86.11 26.78
CA VAL I 755 -77.54 -86.16 27.49
C VAL I 755 -77.77 -86.29 28.99
N ALA I 756 -78.92 -85.82 29.48
CA ALA I 756 -79.17 -85.93 30.91
C ALA I 756 -79.32 -87.37 31.38
N GLN I 757 -79.48 -88.32 30.47
CA GLN I 757 -79.77 -89.69 30.86
C GLN I 757 -78.53 -90.58 30.90
N ILE I 758 -77.34 -90.06 30.58
CA ILE I 758 -76.14 -90.87 30.67
C ILE I 758 -75.08 -90.14 31.48
N SER I 759 -75.51 -89.17 32.27
CA SER I 759 -74.57 -88.38 33.05
C SER I 759 -75.26 -87.89 34.31
N GLU I 760 -74.49 -87.27 35.19
CA GLU I 760 -75.00 -86.74 36.46
C GLU I 760 -75.38 -85.29 36.24
N THR I 761 -76.68 -85.03 36.13
CA THR I 761 -77.18 -83.69 35.87
C THR I 761 -78.53 -83.52 36.55
N GLN I 762 -78.72 -82.37 37.18
CA GLN I 762 -79.93 -82.12 37.96
C GLN I 762 -81.13 -81.73 37.12
N TYR I 763 -81.09 -81.98 35.82
CA TYR I 763 -82.27 -81.74 35.00
C TYR I 763 -83.34 -82.74 35.39
N PRO I 764 -84.54 -82.31 35.75
CA PRO I 764 -85.56 -83.27 36.18
C PRO I 764 -86.20 -83.98 35.00
N VAL I 765 -85.85 -85.23 34.79
CA VAL I 765 -86.37 -86.03 33.69
C VAL I 765 -86.60 -87.44 34.17
N ASP I 766 -87.73 -88.01 33.78
CA ASP I 766 -88.04 -89.39 34.11
C ASP I 766 -87.10 -90.34 33.36
N ARG I 767 -86.22 -91.01 34.10
CA ARG I 767 -85.27 -91.92 33.52
C ARG I 767 -85.96 -93.27 33.27
N TYR I 768 -85.80 -93.79 32.06
CA TYR I 768 -86.51 -94.99 31.65
C TYR I 768 -85.62 -96.15 31.23
N LEU I 769 -84.35 -95.90 30.95
CA LEU I 769 -83.43 -96.96 30.54
C LEU I 769 -82.32 -97.14 31.56
N ASP I 770 -82.65 -97.02 32.84
CA ASP I 770 -81.64 -97.22 33.86
C ASP I 770 -81.29 -98.68 34.05
N TRP I 771 -82.14 -99.60 33.62
CA TRP I 771 -81.79 -101.01 33.66
C TRP I 771 -80.78 -101.38 32.58
N ILE I 772 -80.59 -100.54 31.58
CA ILE I 772 -79.54 -100.74 30.59
C ILE I 772 -78.21 -100.34 31.22
N PRO I 773 -77.20 -101.19 31.21
CA PRO I 773 -75.92 -100.82 31.82
C PRO I 773 -75.27 -99.67 31.08
N SER I 774 -74.58 -98.81 31.83
CA SER I 774 -73.85 -97.70 31.27
C SER I 774 -72.92 -97.14 32.32
N LEU I 775 -72.01 -96.29 31.88
CA LEU I 775 -71.11 -95.59 32.79
C LEU I 775 -71.62 -94.18 33.02
N ARG I 776 -70.88 -93.38 33.77
CA ARG I 776 -71.18 -91.97 33.98
C ARG I 776 -70.23 -91.18 33.09
N ALA I 777 -70.75 -90.73 31.95
CA ALA I 777 -69.91 -90.13 30.92
C ALA I 777 -69.24 -88.86 31.42
N SER I 778 -67.97 -88.71 31.10
CA SER I 778 -67.29 -87.45 31.34
C SER I 778 -67.62 -86.47 30.23
N ALA I 779 -66.92 -85.34 30.22
CA ALA I 779 -67.21 -84.31 29.21
C ALA I 779 -66.91 -84.83 27.81
N ALA I 780 -65.79 -85.55 27.64
CA ALA I 780 -65.41 -86.00 26.32
C ALA I 780 -66.41 -87.00 25.75
N THR I 781 -66.84 -87.96 26.57
CA THR I 781 -67.80 -88.95 26.10
C THR I 781 -69.11 -88.28 25.73
N ALA I 782 -69.57 -87.35 26.55
CA ALA I 782 -70.81 -86.63 26.24
C ALA I 782 -70.65 -85.83 24.96
N ALA I 783 -69.48 -85.24 24.74
CA ALA I 783 -69.25 -84.49 23.52
C ALA I 783 -69.34 -85.39 22.30
N THR I 784 -68.73 -86.57 22.38
CA THR I 784 -68.83 -87.50 21.26
C THR I 784 -70.27 -87.92 21.02
N PHE I 785 -71.02 -88.18 22.09
CA PHE I 785 -72.42 -88.55 21.93
C PHE I 785 -73.23 -87.43 21.28
N ALA I 786 -73.01 -86.20 21.73
CA ALA I 786 -73.74 -85.08 21.17
C ALA I 786 -73.37 -84.83 19.72
N GLU I 787 -72.12 -85.12 19.34
CA GLU I 787 -71.75 -85.03 17.94
C GLU I 787 -72.65 -85.90 17.08
N TRP I 788 -72.84 -87.16 17.49
CA TRP I 788 -73.70 -88.06 16.74
C TRP I 788 -75.13 -87.56 16.73
N VAL I 789 -75.61 -87.06 17.86
CA VAL I 789 -76.97 -86.52 17.88
C VAL I 789 -77.12 -85.40 16.87
N ASN I 790 -76.17 -84.46 16.87
CA ASN I 790 -76.25 -83.31 15.98
C ASN I 790 -76.21 -83.73 14.53
N THR I 791 -75.28 -84.61 14.18
CA THR I 791 -75.20 -85.07 12.80
C THR I 791 -76.47 -85.80 12.38
N SER I 792 -77.04 -86.61 13.28
CA SER I 792 -78.27 -87.31 12.94
C SER I 792 -79.39 -86.34 12.64
N MET I 793 -79.55 -85.31 13.48
CA MET I 793 -80.60 -84.34 13.19
C MET I 793 -80.35 -83.58 11.90
N LYS I 794 -79.10 -83.18 11.65
CA LYS I 794 -78.81 -82.44 10.44
C LYS I 794 -79.11 -83.27 9.20
N THR I 795 -78.72 -84.55 9.21
CA THR I 795 -79.05 -85.41 8.08
C THR I 795 -80.54 -85.63 7.95
N ALA I 796 -81.24 -85.81 9.07
CA ALA I 796 -82.67 -86.08 9.01
C ALA I 796 -83.43 -84.90 8.42
N PHE I 797 -83.07 -83.68 8.81
CA PHE I 797 -83.75 -82.50 8.29
C PHE I 797 -83.03 -81.87 7.10
N ASP I 798 -81.96 -82.52 6.62
CA ASP I 798 -81.26 -82.09 5.41
C ASP I 798 -80.73 -80.66 5.55
N LEU I 799 -79.82 -80.50 6.50
CA LEU I 799 -79.14 -79.24 6.72
C LEU I 799 -77.64 -79.43 6.55
N SER I 800 -76.95 -78.32 6.33
CA SER I 800 -75.50 -78.36 6.14
C SER I 800 -74.75 -77.29 6.91
N ASP I 801 -75.43 -76.33 7.52
CA ASP I 801 -74.77 -75.22 8.19
C ASP I 801 -74.76 -75.43 9.69
N MET I 802 -74.35 -74.40 10.42
CA MET I 802 -74.18 -74.48 11.86
C MET I 802 -75.48 -74.84 12.55
N LEU I 803 -75.42 -75.85 13.41
CA LEU I 803 -76.55 -76.24 14.25
C LEU I 803 -75.99 -76.98 15.45
N LEU I 804 -75.93 -76.31 16.61
CA LEU I 804 -75.46 -76.85 17.87
C LEU I 804 -73.97 -77.17 17.90
N GLU I 805 -73.21 -76.83 16.86
CA GLU I 805 -71.77 -76.97 16.97
C GLU I 805 -71.16 -76.14 18.10
N PRO I 806 -71.55 -74.88 18.32
CA PRO I 806 -70.99 -74.15 19.46
C PRO I 806 -71.29 -74.79 20.79
N LEU I 807 -72.32 -75.62 20.88
CA LEU I 807 -72.62 -76.31 22.12
C LEU I 807 -71.58 -77.36 22.48
N LEU I 808 -70.75 -77.76 21.52
CA LEU I 808 -69.81 -78.86 21.69
C LEU I 808 -68.42 -78.37 22.03
N SER I 809 -68.31 -77.18 22.60
CA SER I 809 -67.02 -76.55 22.88
C SER I 809 -66.59 -76.74 24.33
N GLY I 810 -66.90 -77.88 24.92
CA GLY I 810 -66.48 -78.12 26.28
C GLY I 810 -67.63 -78.31 27.25
N ASP I 811 -67.70 -79.47 27.86
CA ASP I 811 -68.73 -79.85 28.81
C ASP I 811 -70.11 -79.61 28.21
N PRO I 812 -70.55 -80.44 27.27
CA PRO I 812 -71.91 -80.33 26.76
C PRO I 812 -72.97 -80.73 27.77
N ARG I 813 -72.58 -81.32 28.90
CA ARG I 813 -73.53 -81.65 29.94
C ARG I 813 -74.14 -80.36 30.46
N MET I 814 -75.41 -80.11 30.12
CA MET I 814 -75.98 -78.80 30.31
C MET I 814 -77.43 -78.91 30.73
N THR I 815 -77.97 -77.80 31.23
CA THR I 815 -79.34 -77.74 31.72
C THR I 815 -80.19 -76.72 30.97
N GLN I 816 -79.70 -75.50 30.79
CA GLN I 816 -80.53 -74.45 30.23
C GLN I 816 -79.68 -73.29 29.75
N LEU I 817 -79.99 -72.78 28.56
CA LEU I 817 -79.30 -71.61 28.03
C LEU I 817 -79.79 -70.34 28.72
N ALA I 818 -78.89 -69.38 28.83
CA ALA I 818 -79.22 -68.06 29.35
C ALA I 818 -78.11 -67.11 28.96
N ILE I 819 -78.45 -65.82 28.90
CA ILE I 819 -77.50 -64.78 28.54
C ILE I 819 -77.67 -63.62 29.50
N GLN I 820 -76.56 -62.93 29.79
CA GLN I 820 -76.60 -61.85 30.76
C GLN I 820 -75.45 -60.89 30.51
N TYR I 821 -75.54 -59.71 31.11
CA TYR I 821 -74.51 -58.70 30.97
C TYR I 821 -74.40 -57.92 32.27
N GLN I 822 -73.29 -57.22 32.41
CA GLN I 822 -72.90 -56.61 33.67
C GLN I 822 -72.70 -55.10 33.52
N GLN I 823 -73.28 -54.35 34.45
CA GLN I 823 -73.01 -52.92 34.54
C GLN I 823 -71.73 -52.66 35.30
N TYR I 824 -71.21 -51.44 35.15
CA TYR I 824 -69.97 -51.11 35.84
C TYR I 824 -70.13 -51.17 37.35
N ASN I 825 -71.29 -50.77 37.86
CA ASN I 825 -71.52 -50.76 39.30
C ASN I 825 -71.86 -52.13 39.86
N GLY I 826 -71.60 -53.20 39.12
CA GLY I 826 -71.79 -54.54 39.63
C GLY I 826 -73.15 -55.14 39.40
N ARG I 827 -74.14 -54.34 39.00
CA ARG I 827 -75.46 -54.89 38.72
C ARG I 827 -75.43 -55.76 37.47
N THR I 828 -76.22 -56.82 37.47
CA THR I 828 -76.29 -57.73 36.34
C THR I 828 -77.74 -57.92 35.92
N PHE I 829 -77.93 -58.17 34.63
CA PHE I 829 -79.24 -58.41 34.05
C PHE I 829 -79.21 -59.79 33.41
N ASN I 830 -79.92 -60.74 34.01
CA ASN I 830 -79.94 -62.11 33.54
C ASN I 830 -81.25 -62.37 32.80
N ILE I 831 -81.14 -62.86 31.57
CA ILE I 831 -82.31 -63.16 30.75
C ILE I 831 -82.37 -64.65 30.46
N ILE I 832 -83.42 -65.30 30.94
CA ILE I 832 -83.60 -66.74 30.75
C ILE I 832 -84.85 -66.97 29.91
N PRO I 833 -84.73 -67.30 28.63
CA PRO I 833 -85.91 -67.53 27.81
C PRO I 833 -86.71 -68.70 28.36
N GLU I 834 -88.04 -68.54 28.34
CA GLU I 834 -88.94 -69.56 28.85
C GLU I 834 -89.13 -70.59 27.74
N MET I 835 -88.45 -71.71 27.86
CA MET I 835 -88.41 -72.67 26.76
C MET I 835 -89.73 -73.42 26.67
N PRO I 836 -90.41 -73.39 25.53
CA PRO I 836 -91.67 -74.12 25.40
C PRO I 836 -91.43 -75.62 25.23
N GLY I 837 -92.49 -76.36 24.99
CA GLY I 837 -92.38 -77.79 24.81
C GLY I 837 -91.55 -78.19 23.62
N SER I 838 -91.36 -79.49 23.42
CA SER I 838 -90.55 -80.00 22.32
C SER I 838 -91.16 -81.32 21.87
N VAL I 839 -91.74 -81.33 20.68
CA VAL I 839 -92.47 -82.51 20.23
C VAL I 839 -91.54 -83.68 20.02
N ILE I 840 -90.34 -83.44 19.48
CA ILE I 840 -89.42 -84.53 19.22
C ILE I 840 -88.93 -85.14 20.53
N ALA I 841 -88.59 -84.30 21.49
CA ALA I 841 -88.13 -84.82 22.78
C ALA I 841 -89.23 -85.63 23.46
N ASP I 842 -90.46 -85.14 23.44
CA ASP I 842 -91.56 -85.86 24.04
C ASP I 842 -91.81 -87.19 23.32
N CYS I 843 -91.74 -87.18 21.99
CA CYS I 843 -91.94 -88.42 21.25
C CYS I 843 -90.82 -89.41 21.55
N VAL I 844 -89.60 -88.93 21.72
CA VAL I 844 -88.49 -89.81 22.07
C VAL I 844 -88.72 -90.42 23.44
N GLN I 845 -89.17 -89.61 24.40
CA GLN I 845 -89.49 -90.17 25.70
C GLN I 845 -90.59 -91.21 25.60
N LEU I 846 -91.61 -90.94 24.79
CA LEU I 846 -92.70 -91.89 24.62
C LEU I 846 -92.19 -93.20 24.06
N THR I 847 -91.38 -93.14 23.00
CA THR I 847 -90.92 -94.38 22.39
C THR I 847 -89.93 -95.11 23.27
N ALA I 848 -89.14 -94.39 24.06
CA ALA I 848 -88.26 -95.04 25.02
C ALA I 848 -89.08 -95.76 26.08
N GLU I 849 -90.16 -95.14 26.52
CA GLU I 849 -90.96 -95.75 27.57
C GLU I 849 -91.71 -96.96 27.04
N VAL I 850 -92.12 -96.92 25.77
CA VAL I 850 -92.68 -98.10 25.13
C VAL I 850 -91.63 -99.19 25.01
N PHE I 851 -90.39 -98.80 24.72
CA PHE I 851 -89.30 -99.77 24.62
C PHE I 851 -89.15 -100.55 25.91
N ASN I 852 -89.54 -99.96 27.03
CA ASN I 852 -89.42 -100.64 28.33
C ASN I 852 -90.28 -101.88 28.42
N HIS I 853 -91.22 -102.08 27.52
CA HIS I 853 -92.04 -103.29 27.50
C HIS I 853 -91.85 -104.13 26.26
N GLU I 854 -91.28 -103.57 25.18
CA GLU I 854 -91.14 -104.29 23.93
C GLU I 854 -89.68 -104.44 23.51
N TYR I 855 -88.78 -104.59 24.49
CA TYR I 855 -87.36 -104.65 24.17
C TYR I 855 -87.02 -105.87 23.33
N ASN I 856 -87.81 -106.94 23.43
CA ASN I 856 -87.50 -108.14 22.67
C ASN I 856 -87.59 -107.89 21.18
N LEU I 857 -88.54 -107.05 20.76
CA LEU I 857 -88.68 -106.77 19.33
C LEU I 857 -87.45 -106.08 18.75
N PHE I 858 -86.64 -105.45 19.59
CA PHE I 858 -85.43 -104.78 19.14
C PHE I 858 -84.19 -105.64 19.28
N GLY I 859 -84.35 -106.92 19.57
CA GLY I 859 -83.19 -107.78 19.73
C GLY I 859 -82.45 -107.63 21.03
N ILE I 860 -83.06 -107.02 22.04
CA ILE I 860 -82.44 -106.84 23.35
C ILE I 860 -83.20 -107.70 24.35
N ALA I 861 -82.47 -108.49 25.13
CA ALA I 861 -83.06 -109.36 26.13
C ALA I 861 -82.76 -108.81 27.52
N ARG I 862 -83.79 -108.71 28.35
CA ARG I 862 -83.65 -108.19 29.70
C ARG I 862 -83.36 -109.33 30.66
N GLY I 863 -82.54 -109.03 31.66
CA GLY I 863 -82.27 -110.00 32.71
C GLY I 863 -80.84 -110.50 32.73
N ASP I 864 -80.67 -111.76 33.05
CA ASP I 864 -79.36 -112.39 33.19
C ASP I 864 -79.39 -113.75 32.54
N ILE I 865 -78.25 -114.44 32.57
CA ILE I 865 -78.12 -115.76 31.99
C ILE I 865 -77.49 -116.69 33.01
N ILE I 866 -77.73 -117.98 32.84
CA ILE I 866 -77.19 -119.00 33.72
C ILE I 866 -76.43 -119.99 32.87
N ILE I 867 -75.12 -120.07 33.07
CA ILE I 867 -74.26 -120.97 32.32
C ILE I 867 -74.10 -122.23 33.14
N GLY I 868 -74.51 -123.36 32.58
CA GLY I 868 -74.43 -124.63 33.27
C GLY I 868 -74.98 -125.76 32.44
N ARG I 869 -74.35 -126.93 32.52
CA ARG I 869 -74.77 -128.06 31.70
C ARG I 869 -76.16 -128.51 32.08
N VAL I 870 -76.99 -128.75 31.07
CA VAL I 870 -78.30 -129.34 31.28
C VAL I 870 -78.63 -130.26 30.10
N GLN I 871 -78.78 -131.55 30.37
CA GLN I 871 -79.02 -132.54 29.33
C GLN I 871 -80.36 -133.20 29.59
N SER I 872 -81.23 -133.17 28.59
CA SER I 872 -82.57 -133.74 28.72
C SER I 872 -83.16 -133.86 27.33
N THR I 873 -84.38 -134.39 27.28
CA THR I 873 -85.13 -134.48 26.04
C THR I 873 -86.35 -133.58 26.04
N HIS I 874 -86.59 -132.83 27.09
CA HIS I 874 -87.73 -131.94 27.14
C HIS I 874 -87.55 -130.80 26.14
N LEU I 875 -88.67 -130.27 25.68
CA LEU I 875 -88.70 -129.34 24.55
C LEU I 875 -89.07 -127.92 24.97
N TRP I 876 -88.63 -127.48 26.14
CA TRP I 876 -88.90 -126.11 26.53
C TRP I 876 -87.89 -125.16 25.92
N SER I 877 -88.33 -123.95 25.64
CA SER I 877 -87.45 -122.96 25.03
C SER I 877 -86.49 -122.41 26.07
N PRO I 878 -85.23 -122.18 25.69
CA PRO I 878 -84.29 -121.57 26.64
C PRO I 878 -84.66 -120.15 27.03
N LEU I 879 -85.49 -119.49 26.24
CA LEU I 879 -85.92 -118.14 26.58
C LEU I 879 -87.09 -118.12 27.55
N ALA I 880 -87.71 -119.26 27.81
CA ALA I 880 -88.77 -119.39 28.80
C ALA I 880 -88.48 -120.61 29.66
N PRO I 881 -87.41 -120.59 30.44
CA PRO I 881 -86.98 -121.77 31.16
C PRO I 881 -87.93 -122.10 32.29
N PRO I 882 -88.00 -123.38 32.69
CA PRO I 882 -88.81 -123.73 33.85
C PRO I 882 -88.19 -123.17 35.12
N PRO I 883 -89.00 -122.89 36.13
CA PRO I 883 -88.47 -122.26 37.35
C PRO I 883 -87.43 -123.10 38.08
N ASP I 884 -87.54 -124.42 38.00
CA ASP I 884 -86.68 -125.31 38.77
C ASP I 884 -85.26 -125.37 38.26
N LEU I 885 -84.86 -124.45 37.37
CA LEU I 885 -83.51 -124.40 36.85
C LEU I 885 -82.80 -123.09 37.12
N VAL I 886 -83.45 -122.12 37.75
CA VAL I 886 -82.85 -120.81 37.96
C VAL I 886 -82.68 -120.57 39.45
N PHE I 887 -81.71 -119.74 39.80
CA PHE I 887 -81.49 -119.33 41.16
C PHE I 887 -81.13 -117.84 41.17
N ASP I 888 -81.25 -117.23 42.34
CA ASP I 888 -80.95 -115.82 42.47
C ASP I 888 -80.18 -115.56 43.76
N ARG I 889 -80.00 -114.27 44.10
CA ARG I 889 -79.27 -113.93 45.31
C ARG I 889 -79.96 -114.45 46.54
N ASP I 890 -81.29 -114.43 46.54
CA ASP I 890 -82.07 -114.85 47.70
C ASP I 890 -82.44 -116.33 47.63
N THR I 891 -81.43 -117.17 47.44
CA THR I 891 -81.63 -118.59 47.31
C THR I 891 -80.70 -119.32 48.26
N PRO I 892 -81.18 -120.32 48.99
CA PRO I 892 -80.31 -121.04 49.93
C PRO I 892 -79.12 -121.67 49.23
N GLY I 893 -77.97 -121.63 49.91
CA GLY I 893 -76.78 -122.28 49.38
C GLY I 893 -76.25 -121.71 48.09
N VAL I 894 -76.16 -120.38 47.99
CA VAL I 894 -75.65 -119.72 46.80
C VAL I 894 -74.50 -118.81 47.21
N HIS I 895 -73.43 -118.83 46.44
CA HIS I 895 -72.25 -118.04 46.73
C HIS I 895 -72.21 -116.83 45.81
N ILE I 896 -71.95 -115.66 46.39
CA ILE I 896 -71.89 -114.42 45.64
C ILE I 896 -70.45 -113.96 45.59
N PHE I 897 -70.10 -113.22 44.54
CA PHE I 897 -68.73 -112.79 44.33
C PHE I 897 -68.71 -111.32 43.95
N GLY I 898 -67.58 -110.69 44.24
CA GLY I 898 -67.41 -109.28 43.92
C GLY I 898 -66.07 -109.00 43.28
N ARG I 899 -65.53 -107.81 43.51
CA ARG I 899 -64.26 -107.44 42.90
C ARG I 899 -63.11 -108.31 43.40
N ASP I 900 -63.09 -108.64 44.68
CA ASP I 900 -62.02 -109.43 45.26
C ASP I 900 -62.38 -110.90 45.09
N CYS I 901 -61.77 -111.55 44.09
CA CYS I 901 -62.15 -112.91 43.70
C CYS I 901 -60.90 -113.74 43.44
N ARG I 902 -59.94 -113.70 44.36
CA ARG I 902 -58.68 -114.38 44.16
C ARG I 902 -58.86 -115.89 44.13
N ILE I 903 -58.06 -116.56 43.29
CA ILE I 903 -58.16 -118.00 43.08
C ILE I 903 -56.86 -118.64 43.50
N SER I 904 -56.94 -119.67 44.33
CA SER I 904 -55.78 -120.40 44.82
C SER I 904 -55.84 -121.84 44.34
N PHE I 905 -54.76 -122.31 43.74
CA PHE I 905 -54.66 -123.71 43.37
C PHE I 905 -54.53 -124.58 44.62
N GLY I 906 -55.23 -125.70 44.60
CA GLY I 906 -55.00 -126.71 45.61
C GLY I 906 -53.80 -127.57 45.26
N MET I 907 -53.08 -127.99 46.29
CA MET I 907 -51.86 -128.76 46.12
C MET I 907 -52.03 -130.15 46.71
N ASN I 908 -51.33 -131.12 46.13
CA ASN I 908 -51.34 -132.50 46.59
C ASN I 908 -52.76 -133.08 46.59
N GLY I 909 -53.50 -132.77 45.54
CA GLY I 909 -54.80 -133.35 45.33
C GLY I 909 -55.96 -132.56 45.89
N ALA I 910 -55.69 -131.58 46.76
CA ALA I 910 -56.77 -130.76 47.28
C ALA I 910 -57.38 -129.92 46.17
N ALA I 911 -58.69 -129.74 46.22
CA ALA I 911 -59.37 -129.00 45.17
C ALA I 911 -58.98 -127.52 45.25
N PRO I 912 -58.84 -126.84 44.11
CA PRO I 912 -58.59 -125.41 44.13
C PRO I 912 -59.82 -124.66 44.63
N MET I 913 -59.58 -123.46 45.15
CA MET I 913 -60.64 -122.69 45.77
C MET I 913 -60.60 -121.24 45.30
N ILE I 914 -61.77 -120.61 45.34
CA ILE I 914 -61.93 -119.21 44.98
C ILE I 914 -62.50 -118.48 46.18
N ARG I 915 -62.23 -117.17 46.26
CA ARG I 915 -62.59 -116.39 47.43
C ARG I 915 -64.03 -115.90 47.32
N ASP I 916 -64.84 -116.25 48.31
CA ASP I 916 -66.22 -115.80 48.38
C ASP I 916 -66.29 -114.29 48.62
N GLU I 917 -67.50 -113.76 48.58
CA GLU I 917 -67.69 -112.37 48.94
C GLU I 917 -67.45 -112.11 50.42
N THR I 918 -67.88 -113.04 51.28
CA THR I 918 -67.76 -112.87 52.71
C THR I 918 -66.36 -113.21 53.22
N GLY I 919 -65.45 -113.59 52.35
CA GLY I 919 -64.11 -113.96 52.76
C GLY I 919 -63.85 -115.43 52.90
N LEU I 920 -64.77 -116.28 52.44
CA LEU I 920 -64.60 -117.72 52.49
C LEU I 920 -63.95 -118.21 51.21
N MET I 921 -63.33 -119.38 51.28
CA MET I 921 -62.76 -120.04 50.13
C MET I 921 -63.63 -121.24 49.80
N VAL I 922 -64.08 -121.34 48.55
CA VAL I 922 -65.01 -122.40 48.19
C VAL I 922 -64.50 -123.17 46.98
N PRO I 923 -64.82 -124.46 46.86
CA PRO I 923 -64.38 -125.23 45.70
C PRO I 923 -65.21 -124.93 44.47
N PHE I 924 -64.76 -125.47 43.34
CA PHE I 924 -65.34 -125.16 42.04
C PHE I 924 -66.54 -126.07 41.77
N GLU I 925 -67.64 -125.76 42.45
CA GLU I 925 -68.90 -126.46 42.20
C GLU I 925 -70.01 -125.69 42.89
N GLY I 926 -71.24 -125.98 42.48
CA GLY I 926 -72.39 -125.36 43.09
C GLY I 926 -73.05 -124.31 42.21
N ASN I 927 -73.59 -123.27 42.83
CA ASN I 927 -74.23 -122.18 42.12
C ASN I 927 -73.58 -120.87 42.52
N TRP I 928 -73.18 -120.07 41.54
CA TRP I 928 -72.45 -118.84 41.79
C TRP I 928 -73.18 -117.66 41.17
N ILE I 929 -72.76 -116.46 41.56
CA ILE I 929 -73.29 -115.21 41.04
C ILE I 929 -72.11 -114.34 40.63
N PHE I 930 -72.07 -113.95 39.37
CA PHE I 930 -71.01 -113.12 38.84
C PHE I 930 -71.57 -111.86 38.18
N PRO I 931 -71.06 -110.68 38.52
CA PRO I 931 -71.22 -109.54 37.62
C PRO I 931 -70.38 -109.75 36.37
N LEU I 932 -70.86 -109.19 35.27
CA LEU I 932 -70.19 -109.40 33.98
C LEU I 932 -68.78 -108.81 34.00
N ALA I 933 -68.62 -107.62 34.57
CA ALA I 933 -67.32 -106.98 34.63
C ALA I 933 -66.29 -107.87 35.28
N LEU I 934 -66.70 -108.74 36.20
CA LEU I 934 -65.77 -109.64 36.84
C LEU I 934 -65.11 -110.56 35.83
N TRP I 935 -65.92 -111.13 34.92
CA TRP I 935 -65.35 -111.97 33.87
C TRP I 935 -64.60 -111.14 32.85
N GLN I 936 -65.05 -109.92 32.58
CA GLN I 936 -64.33 -109.07 31.65
C GLN I 936 -62.90 -108.83 32.13
N MET I 937 -62.73 -108.65 33.44
CA MET I 937 -61.41 -108.38 33.97
C MET I 937 -60.43 -109.51 33.75
N ASN I 938 -60.86 -110.76 33.92
CA ASN I 938 -59.94 -111.89 33.89
C ASN I 938 -60.48 -112.98 32.97
N THR I 939 -60.92 -112.57 31.78
CA THR I 939 -61.41 -113.54 30.80
C THR I 939 -60.45 -114.70 30.60
N ARG I 940 -59.17 -114.42 30.36
CA ARG I 940 -58.25 -115.51 30.04
C ARG I 940 -58.09 -116.47 31.22
N TYR I 941 -57.78 -115.93 32.39
CA TYR I 941 -57.57 -116.76 33.57
C TYR I 941 -58.82 -117.55 33.90
N PHE I 942 -59.97 -116.87 34.01
CA PHE I 942 -61.20 -117.54 34.39
C PHE I 942 -61.57 -118.62 33.38
N ASN I 943 -61.43 -118.31 32.09
CA ASN I 943 -61.71 -119.31 31.08
C ASN I 943 -60.86 -120.54 31.32
N GLN I 944 -59.54 -120.38 31.26
CA GLN I 944 -58.66 -121.53 31.34
C GLN I 944 -58.84 -122.28 32.66
N GLN I 945 -59.38 -121.64 33.68
CA GLN I 945 -59.61 -122.34 34.94
C GLN I 945 -60.94 -123.08 35.00
N PHE I 946 -62.01 -122.51 34.44
CA PHE I 946 -63.34 -123.07 34.66
C PHE I 946 -63.94 -123.80 33.47
N ASP I 947 -63.27 -123.84 32.30
CA ASP I 947 -63.88 -124.54 31.18
C ASP I 947 -64.24 -125.98 31.56
N ALA I 948 -63.28 -126.73 32.11
CA ALA I 948 -63.53 -128.14 32.38
C ALA I 948 -64.62 -128.31 33.43
N TRP I 949 -64.59 -127.50 34.49
CA TRP I 949 -65.58 -127.62 35.54
C TRP I 949 -66.98 -127.34 35.02
N ILE I 950 -67.14 -126.31 34.18
CA ILE I 950 -68.45 -126.05 33.62
C ILE I 950 -68.87 -127.17 32.68
N LYS I 951 -67.93 -127.68 31.88
CA LYS I 951 -68.29 -128.66 30.85
C LYS I 951 -68.74 -129.96 31.46
N THR I 952 -68.01 -130.46 32.46
CA THR I 952 -68.29 -131.79 32.99
C THR I 952 -68.63 -131.82 34.48
N GLY I 953 -68.31 -130.79 35.23
CA GLY I 953 -68.58 -130.75 36.65
C GLY I 953 -69.99 -130.34 36.97
N GLU I 954 -70.18 -129.79 38.16
CA GLU I 954 -71.48 -129.30 38.61
C GLU I 954 -71.42 -127.82 38.87
N LEU I 955 -70.56 -127.11 38.15
CA LEU I 955 -70.40 -125.68 38.32
C LEU I 955 -71.41 -124.96 37.44
N ARG I 956 -72.26 -124.16 38.06
CA ARG I 956 -73.22 -123.35 37.33
C ARG I 956 -73.06 -121.90 37.76
N ILE I 957 -72.98 -120.99 36.79
CA ILE I 957 -72.66 -119.60 37.06
C ILE I 957 -73.74 -118.73 36.44
N ARG I 958 -74.22 -117.75 37.20
CA ARG I 958 -75.18 -116.78 36.72
C ARG I 958 -74.46 -115.44 36.51
N ILE I 959 -74.56 -114.91 35.30
CA ILE I 959 -73.91 -113.65 34.96
C ILE I 959 -74.93 -112.53 35.06
N GLU I 960 -74.68 -111.58 35.95
CA GLU I 960 -75.53 -110.41 36.06
C GLU I 960 -75.18 -109.46 34.93
N MET I 961 -76.16 -109.14 34.08
CA MET I 961 -75.91 -108.31 32.91
C MET I 961 -76.94 -107.22 32.68
N GLY I 962 -78.15 -107.35 33.21
CA GLY I 962 -79.17 -106.35 32.96
C GLY I 962 -79.80 -106.53 31.60
N ALA I 963 -79.04 -106.21 30.55
CA ALA I 963 -79.53 -106.34 29.18
C ALA I 963 -78.40 -106.83 28.29
N TYR I 964 -78.77 -107.46 27.18
CA TYR I 964 -77.78 -108.03 26.28
C TYR I 964 -78.41 -108.41 24.95
N PRO I 965 -77.69 -108.28 23.84
CA PRO I 965 -78.18 -108.81 22.57
C PRO I 965 -78.08 -110.31 22.54
N TYR I 966 -78.87 -110.93 21.67
CA TYR I 966 -78.93 -112.38 21.62
C TYR I 966 -79.05 -112.87 20.19
N MET I 967 -78.60 -114.10 19.97
CA MET I 967 -78.64 -114.79 18.69
C MET I 967 -79.42 -116.08 18.83
N LEU I 968 -80.17 -116.45 17.79
CA LEU I 968 -80.91 -117.68 17.78
C LEU I 968 -80.22 -118.72 16.91
N HIS I 969 -80.33 -119.98 17.31
CA HIS I 969 -79.78 -121.10 16.55
C HIS I 969 -80.77 -122.24 16.64
N TYR I 970 -81.66 -122.34 15.66
CA TYR I 970 -82.65 -123.39 15.66
C TYR I 970 -82.02 -124.73 15.33
N TYR I 971 -82.52 -125.79 15.96
CA TYR I 971 -81.96 -127.12 15.79
C TYR I 971 -83.08 -128.15 15.76
N ASP I 972 -82.89 -129.19 14.98
CA ASP I 972 -83.91 -130.23 14.88
C ASP I 972 -83.95 -131.02 16.17
N PRO I 973 -85.09 -131.06 16.87
CA PRO I 973 -85.16 -131.84 18.11
C PRO I 973 -85.09 -133.34 17.89
N ARG I 974 -85.13 -133.79 16.65
CA ARG I 974 -85.14 -135.21 16.33
C ARG I 974 -83.74 -135.80 16.27
N GLN I 975 -82.71 -134.99 16.50
CA GLN I 975 -81.33 -135.44 16.38
C GLN I 975 -80.53 -134.96 17.58
N TYR I 976 -79.37 -135.58 17.77
CA TYR I 976 -78.45 -135.15 18.81
C TYR I 976 -77.98 -133.73 18.54
N ALA I 977 -77.76 -132.98 19.62
CA ALA I 977 -77.36 -131.58 19.49
C ALA I 977 -76.68 -131.13 20.77
N ASN I 978 -75.45 -130.63 20.65
CA ASN I 978 -74.68 -130.18 21.79
C ASN I 978 -74.23 -128.74 21.56
N ALA I 979 -74.44 -127.89 22.54
CA ALA I 979 -74.17 -126.47 22.41
C ALA I 979 -72.81 -126.06 22.94
N TRP I 980 -71.96 -127.01 23.33
CA TRP I 980 -70.73 -126.65 24.01
C TRP I 980 -69.83 -125.81 23.11
N ASN I 981 -69.83 -126.07 21.81
CA ASN I 981 -68.98 -125.31 20.91
C ASN I 981 -69.37 -123.85 20.88
N LEU I 982 -70.67 -123.57 20.74
CA LEU I 982 -71.11 -122.18 20.67
C LEU I 982 -70.83 -121.45 21.98
N THR I 983 -71.13 -122.09 23.11
CA THR I 983 -70.90 -121.45 24.39
C THR I 983 -69.42 -121.23 24.65
N SER I 984 -68.59 -122.20 24.26
CA SER I 984 -67.15 -122.03 24.41
C SER I 984 -66.64 -120.89 23.57
N ALA I 985 -67.14 -120.78 22.34
CA ALA I 985 -66.76 -119.64 21.51
C ALA I 985 -67.17 -118.34 22.14
N TRP I 986 -68.38 -118.27 22.70
CA TRP I 986 -68.83 -117.04 23.33
C TRP I 986 -67.97 -116.68 24.52
N LEU I 987 -67.69 -117.65 25.38
CA LEU I 987 -66.86 -117.38 26.55
C LEU I 987 -65.44 -117.02 26.14
N GLU I 988 -64.97 -117.54 25.01
CA GLU I 988 -63.58 -117.30 24.62
C GLU I 988 -63.38 -115.84 24.20
N GLU I 989 -64.38 -115.24 23.58
CA GLU I 989 -64.22 -113.94 22.96
C GLU I 989 -64.63 -112.78 23.86
N ILE I 990 -64.98 -113.04 25.12
CA ILE I 990 -65.29 -111.95 26.03
C ILE I 990 -64.02 -111.13 26.25
N THR I 991 -64.14 -109.82 26.08
CA THR I 991 -63.00 -108.92 26.03
C THR I 991 -63.21 -107.79 27.01
N PRO I 992 -62.13 -107.31 27.65
CA PRO I 992 -62.27 -106.18 28.58
C PRO I 992 -63.05 -105.00 28.05
N THR I 993 -63.15 -104.88 26.73
CA THR I 993 -63.93 -103.81 26.12
C THR I 993 -65.09 -104.28 25.29
N SER I 994 -65.25 -105.59 25.08
CA SER I 994 -66.27 -106.06 24.16
C SER I 994 -66.77 -107.43 24.57
N ILE I 995 -68.05 -107.67 24.30
CA ILE I 995 -68.65 -109.00 24.40
C ILE I 995 -69.46 -109.25 23.14
N PRO I 996 -69.51 -110.48 22.63
CA PRO I 996 -70.35 -110.78 21.48
C PRO I 996 -71.76 -111.15 21.92
N SER I 997 -72.65 -111.24 20.94
CA SER I 997 -74.04 -111.55 21.23
C SER I 997 -74.16 -112.96 21.80
N VAL I 998 -75.12 -113.13 22.69
CA VAL I 998 -75.28 -114.40 23.40
C VAL I 998 -75.99 -115.40 22.48
N PRO I 999 -75.42 -116.59 22.27
CA PRO I 999 -76.10 -117.59 21.43
C PRO I 999 -77.07 -118.45 22.22
N PHE I 1000 -78.18 -118.78 21.58
CA PHE I 1000 -79.20 -119.64 22.17
C PHE I 1000 -79.54 -120.75 21.18
N MET I 1001 -79.87 -121.91 21.72
CA MET I 1001 -80.23 -123.07 20.90
C MET I 1001 -81.68 -123.44 21.20
N VAL I 1002 -82.56 -123.23 20.24
CA VAL I 1002 -83.99 -123.45 20.45
C VAL I 1002 -84.52 -124.43 19.42
N PRO I 1003 -85.39 -125.37 19.81
CA PRO I 1003 -85.91 -126.34 18.84
C PRO I 1003 -87.03 -125.75 17.98
N ILE I 1004 -87.25 -126.40 16.84
CA ILE I 1004 -88.38 -126.07 15.99
C ILE I 1004 -89.59 -126.86 16.43
N SER I 1005 -90.72 -126.18 16.57
CA SER I 1005 -91.96 -126.85 16.91
C SER I 1005 -92.46 -127.67 15.74
N SER I 1006 -93.05 -128.83 16.06
CA SER I 1006 -93.57 -129.74 15.06
C SER I 1006 -95.06 -129.89 15.20
N ASP I 1007 -95.76 -129.87 14.07
CA ASP I 1007 -97.21 -130.04 14.04
C ASP I 1007 -97.64 -131.49 13.98
N HIS I 1008 -96.69 -132.42 13.97
CA HIS I 1008 -96.99 -133.84 13.96
C HIS I 1008 -96.07 -134.52 14.95
N ASP I 1009 -96.52 -135.66 15.48
CA ASP I 1009 -95.78 -136.33 16.52
C ASP I 1009 -94.41 -136.77 16.02
N ILE I 1010 -93.39 -136.56 16.84
CA ILE I 1010 -92.01 -136.85 16.49
C ILE I 1010 -91.35 -137.62 17.62
N SER I 1011 -90.21 -138.22 17.31
CA SER I 1011 -89.42 -138.90 18.32
C SER I 1011 -88.61 -137.87 19.10
N SER I 1012 -87.76 -138.34 19.99
CA SER I 1012 -86.97 -137.49 20.86
C SER I 1012 -85.51 -137.94 20.86
N ALA I 1013 -84.62 -136.97 21.00
CA ALA I 1013 -83.19 -137.25 21.01
C ALA I 1013 -82.54 -136.36 22.07
N PRO I 1014 -81.54 -136.86 22.79
CA PRO I 1014 -80.91 -136.05 23.82
C PRO I 1014 -80.27 -134.80 23.25
N ALA I 1015 -80.33 -133.72 24.02
CA ALA I 1015 -79.75 -132.46 23.62
C ALA I 1015 -79.16 -131.80 24.86
N VAL I 1016 -78.01 -131.16 24.69
CA VAL I 1016 -77.26 -130.58 25.80
C VAL I 1016 -77.15 -129.09 25.58
N GLN I 1017 -77.78 -128.32 26.47
CA GLN I 1017 -77.63 -126.88 26.47
C GLN I 1017 -76.62 -126.43 27.52
N TYR I 1018 -76.21 -125.18 27.41
CA TYR I 1018 -75.37 -124.57 28.44
C TYR I 1018 -75.78 -123.18 28.83
N ILE I 1019 -76.60 -122.49 28.05
CA ILE I 1019 -77.03 -121.13 28.37
C ILE I 1019 -78.55 -121.07 28.30
N ILE I 1020 -79.16 -120.58 29.38
CA ILE I 1020 -80.58 -120.30 29.42
C ILE I 1020 -80.78 -118.91 29.99
N SER I 1021 -81.88 -118.28 29.60
CA SER I 1021 -82.17 -116.96 30.14
C SER I 1021 -82.75 -117.09 31.54
N THR I 1022 -82.92 -115.95 32.20
CA THR I 1022 -83.46 -115.92 33.55
C THR I 1022 -84.91 -115.50 33.62
N GLU I 1023 -85.38 -114.70 32.67
CA GLU I 1023 -86.77 -114.25 32.66
C GLU I 1023 -87.34 -114.49 31.27
N TYR I 1024 -88.67 -114.37 31.17
CA TYR I 1024 -89.32 -114.53 29.88
C TYR I 1024 -88.84 -113.45 28.91
N ASN I 1025 -88.04 -113.86 27.92
CA ASN I 1025 -87.52 -112.93 26.92
C ASN I 1025 -87.98 -113.30 25.52
N ASP I 1026 -89.14 -113.93 25.40
CA ASP I 1026 -89.61 -114.49 24.15
C ASP I 1026 -90.85 -113.76 23.66
N ARG I 1027 -90.84 -112.43 23.77
CA ARG I 1027 -91.97 -111.66 23.28
C ARG I 1027 -92.01 -111.62 21.75
N SER I 1028 -90.85 -111.61 21.10
CA SER I 1028 -90.82 -111.42 19.65
C SER I 1028 -91.43 -112.57 18.88
N LEU I 1029 -91.62 -113.73 19.51
CA LEU I 1029 -92.28 -114.83 18.82
C LEU I 1029 -93.69 -114.44 18.42
N PHE I 1030 -94.04 -114.71 17.18
CA PHE I 1030 -95.35 -114.33 16.67
C PHE I 1030 -96.31 -115.51 16.59
N CYS I 1031 -95.94 -116.56 15.88
CA CYS I 1031 -96.79 -117.74 15.78
C CYS I 1031 -95.92 -118.93 15.42
N THR I 1032 -96.43 -120.12 15.70
CA THR I 1032 -95.71 -121.34 15.38
C THR I 1032 -96.64 -122.30 14.66
N ASN I 1033 -96.11 -122.97 13.63
CA ASN I 1033 -96.88 -123.89 12.80
C ASN I 1033 -98.16 -123.22 12.31
N SER I 1034 -98.00 -121.99 11.80
CA SER I 1034 -99.16 -121.15 11.53
C SER I 1034 -100.12 -121.78 10.53
N SER I 1035 -99.63 -122.66 9.67
CA SER I 1035 -100.47 -123.21 8.61
C SER I 1035 -101.09 -124.55 8.98
N SER I 1036 -100.92 -125.01 10.20
CA SER I 1036 -101.44 -126.30 10.62
C SER I 1036 -102.46 -126.12 11.73
N PRO I 1037 -103.37 -127.08 11.92
CA PRO I 1037 -104.42 -126.90 12.92
C PRO I 1037 -103.91 -126.68 14.32
N GLN I 1038 -102.82 -127.35 14.72
CA GLN I 1038 -102.30 -127.18 16.07
C GLN I 1038 -100.87 -127.68 16.13
N THR I 1039 -100.17 -127.26 17.18
CA THR I 1039 -98.79 -127.65 17.41
C THR I 1039 -98.75 -128.82 18.38
N ILE I 1040 -98.08 -129.89 18.00
CA ILE I 1040 -98.02 -131.09 18.83
C ILE I 1040 -96.90 -131.01 19.85
N ALA I 1041 -95.69 -130.69 19.41
CA ALA I 1041 -94.53 -130.67 20.28
C ALA I 1041 -93.72 -129.41 20.04
N GLY I 1042 -92.97 -129.01 21.05
CA GLY I 1042 -92.19 -127.80 20.99
C GLY I 1042 -92.95 -126.62 21.53
N PRO I 1043 -92.31 -125.46 21.56
CA PRO I 1043 -92.99 -124.25 22.04
C PRO I 1043 -94.21 -123.94 21.17
N ASP I 1044 -95.28 -123.52 21.82
CA ASP I 1044 -96.54 -123.22 21.14
C ASP I 1044 -96.88 -121.77 21.35
N LYS I 1045 -97.37 -121.12 20.31
CA LYS I 1045 -97.71 -119.70 20.36
C LYS I 1045 -98.73 -119.41 19.27
N HIS I 1046 -99.96 -119.13 19.68
CA HIS I 1046 -100.99 -118.75 18.73
C HIS I 1046 -100.84 -117.29 18.36
N ILE I 1047 -101.76 -116.78 17.53
CA ILE I 1047 -101.65 -115.39 17.10
C ILE I 1047 -101.84 -114.47 18.31
N PRO I 1048 -101.04 -113.42 18.45
CA PRO I 1048 -101.19 -112.54 19.60
C PRO I 1048 -102.43 -111.67 19.51
N VAL I 1049 -103.55 -112.20 20.00
CA VAL I 1049 -104.86 -111.57 19.80
C VAL I 1049 -104.86 -110.13 20.30
N GLU I 1050 -104.23 -109.89 21.45
CA GLU I 1050 -104.29 -108.56 22.04
C GLU I 1050 -103.71 -107.50 21.13
N ARG I 1051 -102.84 -107.88 20.20
CA ARG I 1051 -102.36 -106.92 19.20
C ARG I 1051 -103.50 -106.45 18.31
N TYR I 1052 -104.35 -107.38 17.89
CA TYR I 1052 -105.43 -107.08 16.96
C TYR I 1052 -106.74 -106.82 17.72
N ASN I 1053 -106.68 -105.83 18.60
CA ASN I 1053 -107.79 -105.61 19.53
C ASN I 1053 -109.03 -105.13 18.80
N ILE I 1054 -108.91 -104.10 17.96
CA ILE I 1054 -110.08 -103.50 17.33
C ILE I 1054 -110.77 -104.46 16.38
N LEU I 1055 -110.13 -105.57 16.03
CA LEU I 1055 -110.76 -106.63 15.26
C LEU I 1055 -111.34 -107.72 16.14
N THR I 1056 -110.61 -108.16 17.15
CA THR I 1056 -111.04 -109.27 17.97
C THR I 1056 -111.94 -108.88 19.13
N ASN I 1057 -111.79 -107.66 19.66
CA ASN I 1057 -112.61 -107.23 20.77
C ASN I 1057 -113.80 -106.46 20.23
N PRO I 1058 -115.02 -107.00 20.30
CA PRO I 1058 -116.18 -106.27 19.77
C PRO I 1058 -116.51 -105.01 20.54
N ASP I 1059 -116.02 -104.87 21.76
CA ASP I 1059 -116.38 -103.75 22.62
C ASP I 1059 -115.39 -102.61 22.56
N ALA I 1060 -114.28 -102.78 21.88
CA ALA I 1060 -113.30 -101.70 21.87
C ALA I 1060 -113.76 -100.60 20.94
N PRO I 1061 -113.73 -99.33 21.36
CA PRO I 1061 -114.00 -98.25 20.44
C PRO I 1061 -112.95 -98.21 19.34
N PRO I 1062 -113.31 -97.74 18.15
CA PRO I 1062 -112.38 -97.83 17.02
C PRO I 1062 -111.05 -97.12 17.24
N THR I 1063 -111.01 -96.11 18.10
CA THR I 1063 -109.81 -95.32 18.30
C THR I 1063 -109.02 -95.72 19.55
N GLN I 1064 -109.34 -96.85 20.15
CA GLN I 1064 -108.69 -97.26 21.39
C GLN I 1064 -107.30 -97.81 21.12
N ILE I 1065 -106.35 -97.46 21.99
CA ILE I 1065 -104.99 -97.98 21.93
C ILE I 1065 -104.62 -98.50 23.31
N GLN I 1066 -103.57 -99.33 23.34
CA GLN I 1066 -103.10 -99.93 24.59
C GLN I 1066 -101.67 -99.52 24.92
N LEU I 1067 -101.19 -98.42 24.36
CA LEU I 1067 -99.86 -97.96 24.72
C LEU I 1067 -99.82 -97.68 26.21
N PRO I 1068 -98.69 -97.96 26.87
CA PRO I 1068 -97.45 -98.44 26.27
C PRO I 1068 -97.17 -99.93 26.46
N GLU I 1069 -98.11 -100.69 27.01
CA GLU I 1069 -97.86 -102.10 27.24
C GLU I 1069 -97.86 -102.92 25.95
N VAL I 1070 -98.77 -102.62 25.03
CA VAL I 1070 -98.94 -103.41 23.82
C VAL I 1070 -99.11 -102.46 22.64
N VAL I 1071 -98.40 -102.72 21.56
CA VAL I 1071 -98.51 -101.94 20.34
C VAL I 1071 -99.44 -102.67 19.38
N ASP I 1072 -100.58 -102.06 19.07
CA ASP I 1072 -101.53 -102.66 18.15
C ASP I 1072 -100.97 -102.64 16.73
N LEU I 1073 -101.19 -103.73 16.00
CA LEU I 1073 -100.73 -103.85 14.64
C LEU I 1073 -101.83 -103.60 13.62
N TYR I 1074 -102.95 -103.02 14.04
CA TYR I 1074 -104.08 -102.73 13.16
C TYR I 1074 -104.91 -101.66 13.83
N ASN I 1075 -105.04 -100.51 13.19
CA ASN I 1075 -105.67 -99.38 13.85
C ASN I 1075 -106.04 -98.31 12.82
N VAL I 1076 -106.77 -97.31 13.27
CA VAL I 1076 -107.31 -96.27 12.41
C VAL I 1076 -106.20 -95.29 12.04
N VAL I 1077 -106.13 -94.92 10.77
CA VAL I 1077 -105.15 -93.96 10.29
C VAL I 1077 -105.86 -92.88 9.50
N THR I 1078 -105.43 -91.64 9.69
CA THR I 1078 -105.98 -90.49 8.98
C THR I 1078 -105.00 -90.03 7.92
N ARG I 1079 -105.51 -89.80 6.71
CA ARG I 1079 -104.68 -89.41 5.58
C ARG I 1079 -105.18 -88.08 5.03
N TYR I 1080 -104.26 -87.16 4.79
CA TYR I 1080 -104.59 -85.80 4.41
C TYR I 1080 -104.11 -85.49 3.00
N ALA I 1081 -104.44 -84.28 2.55
CA ALA I 1081 -103.92 -83.75 1.29
C ALA I 1081 -104.00 -82.22 1.39
N TYR I 1082 -102.87 -81.59 1.70
CA TYR I 1082 -102.80 -80.15 1.84
C TYR I 1082 -102.17 -79.49 0.63
N GLU I 1083 -102.19 -78.17 0.65
CA GLU I 1083 -101.59 -77.34 -0.39
C GLU I 1083 -100.61 -76.39 0.26
N THR I 1084 -99.49 -76.14 -0.41
CA THR I 1084 -98.42 -75.29 0.09
C THR I 1084 -98.13 -74.21 -0.93
N PRO I 1085 -99.03 -73.24 -1.07
CA PRO I 1085 -98.86 -72.23 -2.10
C PRO I 1085 -97.64 -71.37 -1.81
N PRO I 1086 -97.00 -70.84 -2.85
CA PRO I 1086 -95.90 -69.89 -2.62
C PRO I 1086 -96.43 -68.60 -2.02
N ILE I 1087 -95.54 -67.92 -1.31
CA ILE I 1087 -95.90 -66.62 -0.73
C ILE I 1087 -96.08 -65.63 -1.86
N THR I 1088 -97.29 -65.11 -2.02
CA THR I 1088 -97.62 -64.18 -3.08
C THR I 1088 -97.89 -62.80 -2.48
N ALA I 1089 -97.38 -61.76 -3.15
CA ALA I 1089 -97.55 -60.41 -2.66
C ALA I 1089 -97.63 -59.45 -3.83
N VAL I 1090 -98.38 -58.37 -3.64
CA VAL I 1090 -98.43 -57.27 -4.58
C VAL I 1090 -98.07 -56.01 -3.80
N VAL I 1091 -97.09 -55.26 -4.30
CA VAL I 1091 -96.59 -54.07 -3.62
C VAL I 1091 -97.17 -52.84 -4.29
N MET I 1092 -98.02 -52.12 -3.57
CA MET I 1092 -98.60 -50.88 -4.06
C MET I 1092 -97.76 -49.71 -3.56
N GLY I 1093 -97.92 -48.57 -4.23
CA GLY I 1093 -97.22 -47.36 -3.86
C GLY I 1093 -98.08 -46.46 -3.00
N VAL I 1094 -97.42 -45.65 -2.19
CA VAL I 1094 -98.09 -44.70 -1.30
C VAL I 1094 -97.90 -43.31 -1.88
N PRO I 1095 -98.97 -42.62 -2.29
CA PRO I 1095 -98.92 -41.30 -2.92
C PRO I 1095 -98.40 -40.22 -1.99
N LEU J 31 -36.86 -38.69 -33.02
CA LEU J 31 -37.04 -39.31 -31.71
C LEU J 31 -36.38 -38.50 -30.61
N THR J 32 -37.11 -38.28 -29.51
CA THR J 32 -36.63 -37.55 -28.34
C THR J 32 -36.14 -36.15 -28.72
N SER J 33 -36.83 -35.53 -29.68
CA SER J 33 -36.56 -34.13 -30.00
C SER J 33 -37.54 -33.22 -29.26
N SER J 34 -37.87 -33.58 -28.02
CA SER J 34 -39.07 -33.17 -27.27
C SER J 34 -39.31 -31.66 -27.46
N ASP J 35 -38.45 -30.79 -26.95
CA ASP J 35 -38.76 -29.37 -26.95
C ASP J 35 -37.59 -28.61 -26.33
N ILE J 36 -37.62 -27.28 -26.45
CA ILE J 36 -36.62 -26.46 -25.78
C ILE J 36 -37.22 -25.82 -24.54
N GLN J 37 -38.51 -25.50 -24.57
CA GLN J 37 -39.16 -24.95 -23.39
C GLN J 37 -39.17 -25.95 -22.25
N ARG J 38 -39.43 -27.21 -22.56
CA ARG J 38 -39.37 -28.23 -21.51
C ARG J 38 -37.95 -28.42 -21.01
N HIS J 39 -36.96 -28.23 -21.89
CA HIS J 39 -35.58 -28.21 -21.43
C HIS J 39 -35.35 -27.11 -20.41
N ILE J 40 -35.86 -25.90 -20.70
CA ILE J 40 -35.72 -24.80 -19.76
C ILE J 40 -36.40 -25.12 -18.44
N THR J 41 -37.63 -25.64 -18.51
CA THR J 41 -38.41 -25.84 -17.29
C THR J 41 -37.84 -26.95 -16.43
N GLU J 42 -37.28 -27.97 -17.06
CA GLU J 42 -36.75 -29.11 -16.30
C GLU J 42 -35.57 -28.69 -15.43
N PHE J 43 -34.68 -27.86 -15.98
CA PHE J 43 -33.57 -27.35 -15.19
C PHE J 43 -34.07 -26.53 -14.00
N ILE J 44 -35.06 -25.66 -14.24
CA ILE J 44 -35.60 -24.85 -13.15
C ILE J 44 -36.20 -25.72 -12.08
N SER J 45 -36.95 -26.76 -12.49
CA SER J 45 -37.53 -27.69 -11.53
C SER J 45 -36.44 -28.38 -10.73
N SER J 46 -35.31 -28.66 -11.37
CA SER J 46 -34.17 -29.18 -10.60
C SER J 46 -33.70 -28.15 -9.58
N TRP J 47 -33.71 -26.88 -9.97
CA TRP J 47 -33.27 -25.83 -9.04
C TRP J 47 -34.16 -25.76 -7.81
N GLN J 48 -35.47 -25.68 -8.01
CA GLN J 48 -36.38 -25.40 -6.90
C GLN J 48 -36.36 -26.51 -5.87
N ASN J 49 -36.00 -27.72 -6.27
CA ASN J 49 -36.05 -28.85 -5.36
C ASN J 49 -35.04 -28.68 -4.23
N HIS J 50 -35.46 -29.03 -3.02
CA HIS J 50 -34.61 -28.94 -1.84
C HIS J 50 -35.04 -29.94 -0.77
N ASN J 61 -11.45 -57.34 31.93
CA ASN J 61 -12.52 -57.30 30.95
C ASN J 61 -13.68 -58.21 31.35
N LYS J 62 -13.33 -59.32 32.00
CA LYS J 62 -14.36 -60.26 32.45
C LYS J 62 -15.31 -59.60 33.45
N LYS J 63 -14.77 -58.83 34.39
CA LYS J 63 -15.61 -58.14 35.36
C LYS J 63 -16.47 -57.08 34.67
N THR J 64 -15.93 -56.41 33.65
CA THR J 64 -16.74 -55.45 32.91
C THR J 64 -17.92 -56.14 32.25
N ALA J 65 -17.68 -57.29 31.62
CA ALA J 65 -18.77 -58.06 31.03
C ALA J 65 -19.78 -58.45 32.09
N GLN J 66 -19.31 -58.77 33.30
CA GLN J 66 -20.23 -59.06 34.39
C GLN J 66 -21.09 -57.87 34.72
N LEU J 67 -20.49 -56.70 34.88
CA LEU J 67 -21.26 -55.51 35.28
C LEU J 67 -22.26 -55.12 34.21
N LEU J 68 -21.87 -55.15 32.93
CA LEU J 68 -22.78 -54.69 31.89
C LEU J 68 -23.96 -55.62 31.72
N HIS J 69 -23.73 -56.93 31.70
CA HIS J 69 -24.85 -57.87 31.53
C HIS J 69 -24.39 -59.24 31.98
N ALA J 70 -25.03 -59.77 33.02
CA ALA J 70 -24.76 -61.12 33.48
C ALA J 70 -25.76 -62.09 32.88
N ASP J 71 -25.41 -63.37 32.89
CA ASP J 71 -26.30 -64.39 32.37
C ASP J 71 -27.56 -64.48 33.22
N THR J 72 -28.68 -64.63 32.57
CA THR J 72 -29.94 -64.70 33.29
C THR J 72 -30.20 -66.15 33.70
N PRO J 73 -30.47 -66.42 34.97
CA PRO J 73 -30.73 -67.80 35.38
C PRO J 73 -32.01 -68.32 34.77
N ARG J 74 -32.05 -69.63 34.56
CA ARG J 74 -33.22 -70.29 34.00
C ARG J 74 -34.09 -70.77 35.16
N LEU J 75 -35.11 -69.98 35.50
CA LEU J 75 -35.93 -70.29 36.66
C LEU J 75 -37.01 -71.31 36.34
N VAL J 76 -37.91 -70.97 35.43
CA VAL J 76 -39.09 -71.79 35.19
C VAL J 76 -38.74 -72.90 34.22
N THR J 77 -38.87 -74.15 34.67
CA THR J 77 -38.75 -75.32 33.83
C THR J 77 -39.90 -76.26 34.13
N TRP J 78 -40.31 -77.03 33.13
CA TRP J 78 -41.49 -77.86 33.23
C TRP J 78 -41.15 -79.32 33.07
N ASP J 79 -41.87 -80.17 33.81
CA ASP J 79 -41.71 -81.61 33.72
C ASP J 79 -43.08 -82.23 33.47
N ALA J 80 -43.12 -83.22 32.60
CA ALA J 80 -44.36 -83.89 32.25
C ALA J 80 -44.37 -85.36 32.65
N GLY J 81 -43.30 -85.86 33.23
CA GLY J 81 -43.21 -87.25 33.63
C GLY J 81 -43.76 -87.49 35.01
N LEU J 82 -43.20 -88.50 35.67
CA LEU J 82 -43.60 -88.86 37.02
C LEU J 82 -42.72 -88.14 38.03
N CYS J 83 -43.34 -87.46 38.99
CA CYS J 83 -42.61 -86.76 40.03
C CYS J 83 -42.10 -87.80 41.03
N THR J 84 -41.05 -88.51 40.61
CA THR J 84 -40.48 -89.55 41.45
C THR J 84 -38.98 -89.62 41.23
N SER J 85 -38.29 -90.20 42.19
CA SER J 85 -36.84 -90.37 42.10
C SER J 85 -36.38 -91.71 42.62
N PHE J 86 -37.29 -92.63 42.92
CA PHE J 86 -36.94 -93.95 43.41
C PHE J 86 -37.51 -95.00 42.47
N LYS J 87 -36.75 -96.06 42.25
CA LYS J 87 -37.09 -97.07 41.27
C LYS J 87 -36.95 -98.45 41.91
N ILE J 88 -37.92 -99.31 41.67
CA ILE J 88 -37.88 -100.69 42.13
C ILE J 88 -37.31 -101.55 41.01
N VAL J 89 -36.22 -102.24 41.29
CA VAL J 89 -35.55 -103.02 40.25
C VAL J 89 -35.47 -104.48 40.69
N PRO J 90 -35.51 -105.42 39.77
CA PRO J 90 -35.27 -106.82 40.15
C PRO J 90 -33.82 -107.04 40.49
N ILE J 91 -33.58 -108.06 41.30
CA ILE J 91 -32.24 -108.49 41.66
C ILE J 91 -31.97 -109.93 41.22
N VAL J 92 -32.91 -110.82 41.51
CA VAL J 92 -32.81 -112.21 41.09
C VAL J 92 -34.09 -112.60 40.38
N PRO J 93 -34.03 -113.10 39.15
CA PRO J 93 -35.25 -113.44 38.43
C PRO J 93 -36.02 -114.55 39.13
N ALA J 94 -37.34 -114.53 38.97
CA ALA J 94 -38.20 -115.45 39.68
C ALA J 94 -37.96 -116.89 39.23
N GLN J 95 -38.23 -117.82 40.14
CA GLN J 95 -38.13 -119.24 39.86
C GLN J 95 -39.39 -119.69 39.14
N VAL J 96 -39.39 -119.49 37.83
CA VAL J 96 -40.50 -119.91 36.97
C VAL J 96 -39.91 -120.48 35.69
N PRO J 97 -40.33 -121.67 35.24
CA PRO J 97 -41.32 -122.55 35.87
C PRO J 97 -40.72 -123.34 37.02
N GLN J 98 -41.57 -124.01 37.78
CA GLN J 98 -41.17 -124.76 38.95
C GLN J 98 -41.49 -126.23 38.74
N ASP J 99 -41.26 -127.01 39.79
CA ASP J 99 -41.69 -128.41 39.81
C ASP J 99 -42.95 -128.61 40.62
N VAL J 100 -43.37 -127.62 41.41
CA VAL J 100 -44.50 -127.75 42.31
C VAL J 100 -45.75 -127.07 41.76
N LEU J 101 -45.61 -125.83 41.29
CA LEU J 101 -46.75 -125.10 40.74
C LEU J 101 -46.74 -125.17 39.23
N ALA J 102 -47.89 -125.50 38.66
CA ALA J 102 -48.04 -125.47 37.22
C ALA J 102 -47.83 -124.04 36.71
N TYR J 103 -47.18 -123.92 35.55
CA TYR J 103 -46.87 -122.60 35.01
C TYR J 103 -48.13 -121.79 34.74
N THR J 104 -49.29 -122.43 34.61
CA THR J 104 -50.53 -121.70 34.37
C THR J 104 -50.97 -120.89 35.58
N PHE J 105 -50.36 -121.11 36.74
CA PHE J 105 -50.75 -120.36 37.93
C PHE J 105 -50.27 -118.91 37.85
N PHE J 106 -49.03 -118.72 37.41
CA PHE J 106 -48.40 -117.41 37.52
C PHE J 106 -49.00 -116.42 36.55
N THR J 107 -49.15 -115.17 37.02
CA THR J 107 -49.73 -114.13 36.18
C THR J 107 -48.86 -113.87 34.95
N SER J 108 -47.54 -113.85 35.13
CA SER J 108 -46.64 -113.52 34.04
C SER J 108 -46.76 -114.48 32.87
N SER J 109 -47.24 -115.70 33.12
CA SER J 109 -47.45 -116.64 32.03
C SER J 109 -48.49 -116.18 31.03
N TYR J 110 -49.34 -115.22 31.41
CA TYR J 110 -50.34 -114.66 30.53
C TYR J 110 -49.92 -113.32 29.96
N ALA J 111 -48.66 -112.95 30.11
CA ALA J 111 -48.12 -111.70 29.58
C ALA J 111 -48.90 -110.50 30.10
N ILE J 112 -49.25 -110.53 31.39
CA ILE J 112 -50.00 -109.46 32.02
C ILE J 112 -49.02 -108.48 32.64
N GLN J 113 -49.19 -107.20 32.32
CA GLN J 113 -48.33 -106.18 32.91
C GLN J 113 -48.51 -106.13 34.42
N SER J 114 -47.44 -105.81 35.13
CA SER J 114 -47.50 -105.73 36.57
C SER J 114 -46.92 -104.40 37.06
N PRO J 115 -47.51 -103.79 38.07
CA PRO J 115 -46.96 -102.55 38.60
C PRO J 115 -45.59 -102.72 39.23
N PHE J 116 -45.26 -103.93 39.66
CA PHE J 116 -44.01 -104.23 40.35
C PHE J 116 -43.30 -105.36 39.64
N PRO J 117 -41.98 -105.43 39.72
CA PRO J 117 -41.26 -106.53 39.09
C PRO J 117 -41.69 -107.86 39.68
N GLU J 118 -41.81 -108.87 38.81
CA GLU J 118 -42.13 -110.22 39.24
C GLU J 118 -40.80 -110.98 39.31
N ALA J 119 -40.15 -110.88 40.47
CA ALA J 119 -38.83 -111.47 40.63
C ALA J 119 -38.70 -112.03 42.03
N ALA J 120 -37.70 -112.89 42.20
CA ALA J 120 -37.47 -113.47 43.52
C ALA J 120 -37.08 -112.43 44.53
N VAL J 121 -36.23 -111.47 44.14
CA VAL J 121 -35.76 -110.43 45.04
C VAL J 121 -35.77 -109.11 44.30
N SER J 122 -36.35 -108.08 44.92
CA SER J 122 -36.39 -106.75 44.34
C SER J 122 -36.03 -105.72 45.41
N ARG J 123 -35.39 -104.64 44.98
CA ARG J 123 -34.90 -103.63 45.90
C ARG J 123 -35.15 -102.25 45.32
N ILE J 124 -35.03 -101.25 46.18
CA ILE J 124 -35.27 -99.86 45.81
C ILE J 124 -33.93 -99.16 45.64
N VAL J 125 -33.79 -98.41 44.55
CA VAL J 125 -32.58 -97.66 44.27
C VAL J 125 -32.96 -96.22 43.92
N VAL J 126 -31.95 -95.36 43.93
CA VAL J 126 -32.15 -93.93 43.70
C VAL J 126 -31.76 -93.60 42.27
N HIS J 127 -32.66 -92.95 41.55
CA HIS J 127 -32.44 -92.63 40.14
C HIS J 127 -33.25 -91.36 39.85
N THR J 128 -32.61 -90.21 39.94
CA THR J 128 -33.33 -88.95 39.81
C THR J 128 -33.84 -88.77 38.39
N ARG J 129 -35.11 -88.38 38.27
CA ARG J 129 -35.74 -88.12 36.98
C ARG J 129 -35.65 -89.32 36.05
N TRP J 130 -35.77 -90.52 36.61
CA TRP J 130 -35.72 -91.72 35.79
C TRP J 130 -36.98 -91.89 34.96
N ALA J 131 -38.07 -91.21 35.32
CA ALA J 131 -39.31 -91.30 34.58
C ALA J 131 -39.81 -89.93 34.13
N SER J 132 -38.97 -88.91 34.19
CA SER J 132 -39.41 -87.57 33.84
C SER J 132 -39.33 -87.36 32.34
N ASN J 133 -39.89 -86.24 31.89
CA ASN J 133 -39.83 -85.81 30.49
C ASN J 133 -39.85 -84.28 30.52
N VAL J 134 -38.67 -83.68 30.50
CA VAL J 134 -38.53 -82.26 30.73
C VAL J 134 -38.22 -81.55 29.42
N ASP J 135 -38.31 -80.23 29.45
CA ASP J 135 -37.95 -79.40 28.31
C ASP J 135 -36.53 -78.87 28.40
N PHE J 136 -36.05 -78.59 29.61
CA PHE J 136 -34.69 -78.14 29.83
C PHE J 136 -34.05 -79.04 30.87
N ASP J 137 -32.79 -79.40 30.64
CA ASP J 137 -32.08 -80.33 31.52
C ASP J 137 -31.15 -79.55 32.43
N ARG J 138 -31.31 -79.77 33.74
CA ARG J 138 -30.42 -79.15 34.71
C ARG J 138 -29.12 -79.92 34.88
N ASP J 139 -29.06 -81.15 34.36
CA ASP J 139 -27.82 -81.92 34.30
C ASP J 139 -27.15 -82.04 35.66
N SER J 140 -27.90 -82.58 36.61
CA SER J 140 -27.37 -82.84 37.94
C SER J 140 -27.87 -84.18 38.44
N SER J 141 -27.98 -85.15 37.54
CA SER J 141 -28.57 -86.43 37.89
C SER J 141 -27.70 -87.19 38.89
N VAL J 142 -28.36 -87.89 39.79
CA VAL J 142 -27.71 -88.80 40.73
C VAL J 142 -28.23 -90.19 40.39
N ILE J 143 -27.41 -91.00 39.74
CA ILE J 143 -27.81 -92.31 39.25
C ILE J 143 -27.10 -93.36 40.06
N MET J 144 -27.84 -94.40 40.43
CA MET J 144 -27.30 -95.48 41.25
C MET J 144 -27.53 -96.82 40.58
N ALA J 145 -26.62 -97.75 40.84
CA ALA J 145 -26.73 -99.10 40.36
C ALA J 145 -27.30 -99.99 41.46
N PRO J 146 -27.90 -101.13 41.09
CA PRO J 146 -28.38 -102.05 42.11
C PRO J 146 -27.23 -102.52 42.99
N PRO J 147 -27.51 -102.84 44.25
CA PRO J 147 -26.41 -103.14 45.18
C PRO J 147 -25.54 -104.29 44.75
N THR J 148 -26.03 -105.19 43.90
CA THR J 148 -25.18 -106.25 43.39
C THR J 148 -24.03 -105.72 42.56
N GLU J 149 -24.16 -104.51 42.03
CA GLU J 149 -23.05 -103.83 41.37
C GLU J 149 -22.34 -102.92 42.34
N ASN J 150 -21.13 -102.53 41.97
CA ASN J 150 -20.32 -101.69 42.84
C ASN J 150 -20.71 -100.23 42.65
N ASN J 151 -20.90 -99.52 43.77
CA ASN J 151 -21.31 -98.12 43.75
C ASN J 151 -20.30 -97.21 44.44
N ILE J 152 -19.04 -97.65 44.54
CA ILE J 152 -18.08 -96.90 45.34
C ILE J 152 -17.77 -95.56 44.71
N HIS J 153 -17.84 -95.48 43.38
CA HIS J 153 -17.38 -94.29 42.68
C HIS J 153 -18.21 -93.07 43.00
N LEU J 154 -19.38 -93.24 43.60
CA LEU J 154 -20.22 -92.08 43.92
C LEU J 154 -19.86 -91.45 45.25
N PHE J 155 -18.92 -92.02 45.99
CA PHE J 155 -18.47 -91.43 47.24
C PHE J 155 -17.00 -91.04 47.20
N LYS J 156 -16.43 -90.89 46.01
CA LYS J 156 -15.02 -90.59 45.91
C LYS J 156 -14.72 -89.51 44.88
N GLN J 157 -15.67 -88.62 44.58
CA GLN J 157 -15.49 -87.63 43.54
C GLN J 157 -15.23 -86.23 44.06
N LEU J 158 -15.03 -86.05 45.37
CA LEU J 158 -14.72 -84.74 45.92
C LEU J 158 -13.23 -84.56 46.24
N LEU J 159 -12.70 -85.39 47.12
CA LEU J 159 -11.34 -85.17 47.63
C LEU J 159 -10.48 -86.41 47.51
N ASN J 160 -10.93 -87.43 46.79
CA ASN J 160 -10.15 -88.64 46.66
C ASN J 160 -9.15 -88.52 45.51
N THR J 161 -8.37 -87.44 45.51
CA THR J 161 -7.39 -87.26 44.45
C THR J 161 -6.16 -88.13 44.66
N GLU J 162 -5.86 -88.50 45.90
CA GLU J 162 -4.71 -89.34 46.20
C GLU J 162 -5.05 -90.82 46.23
N THR J 163 -6.32 -91.17 46.05
CA THR J 163 -6.74 -92.57 46.10
C THR J 163 -6.20 -93.28 44.87
N LEU J 164 -5.12 -94.05 45.06
CA LEU J 164 -4.51 -94.76 43.94
C LEU J 164 -5.48 -95.78 43.34
N SER J 165 -6.10 -96.59 44.19
CA SER J 165 -6.97 -97.65 43.70
C SER J 165 -8.21 -97.08 43.04
N VAL J 166 -8.69 -97.78 42.02
CA VAL J 166 -9.96 -97.39 41.40
C VAL J 166 -11.14 -97.99 42.15
N ARG J 167 -10.93 -99.03 42.95
CA ARG J 167 -11.99 -99.65 43.70
C ARG J 167 -12.09 -99.14 45.13
N GLY J 168 -11.21 -98.24 45.55
CA GLY J 168 -11.21 -97.78 46.91
C GLY J 168 -11.62 -96.34 47.08
N ALA J 169 -11.94 -95.94 48.31
CA ALA J 169 -12.28 -94.56 48.59
C ALA J 169 -11.88 -94.24 50.02
N ASN J 170 -11.53 -92.98 50.23
CA ASN J 170 -11.08 -92.56 51.55
C ASN J 170 -12.29 -92.36 52.45
N PRO J 171 -12.39 -93.07 53.57
CA PRO J 171 -13.57 -92.92 54.44
C PRO J 171 -13.74 -91.52 54.98
N LEU J 172 -12.66 -90.80 55.24
CA LEU J 172 -12.75 -89.54 55.96
C LEU J 172 -13.44 -88.44 55.17
N MET J 173 -13.68 -88.61 53.87
CA MET J 173 -14.42 -87.65 53.09
C MET J 173 -15.81 -88.14 52.71
N PHE J 174 -16.30 -89.15 53.44
CA PHE J 174 -17.65 -89.64 53.19
C PHE J 174 -18.69 -88.55 53.42
N ARG J 175 -18.53 -87.78 54.49
CA ARG J 175 -19.53 -86.74 54.78
C ARG J 175 -19.56 -85.69 53.68
N ALA J 176 -18.39 -85.26 53.21
CA ALA J 176 -18.34 -84.26 52.15
C ALA J 176 -18.97 -84.80 50.88
N ASN J 177 -18.64 -86.04 50.52
CA ASN J 177 -19.20 -86.61 49.30
C ASN J 177 -20.71 -86.74 49.41
N VAL J 178 -21.21 -87.15 50.58
CA VAL J 178 -22.65 -87.31 50.76
C VAL J 178 -23.34 -85.95 50.70
N LEU J 179 -22.71 -84.92 51.26
CA LEU J 179 -23.29 -83.58 51.21
C LEU J 179 -23.41 -83.11 49.77
N HIS J 180 -22.36 -83.29 48.98
CA HIS J 180 -22.42 -82.90 47.57
C HIS J 180 -23.48 -83.71 46.83
N MET J 181 -23.60 -84.99 47.15
CA MET J 181 -24.61 -85.82 46.52
C MET J 181 -26.01 -85.32 46.85
N LEU J 182 -26.25 -84.95 48.11
CA LEU J 182 -27.56 -84.42 48.48
C LEU J 182 -27.84 -83.10 47.78
N LEU J 183 -26.82 -82.25 47.65
CA LEU J 183 -27.01 -80.99 46.95
C LEU J 183 -27.43 -81.24 45.50
N GLU J 184 -26.75 -82.17 44.82
CA GLU J 184 -27.18 -82.48 43.47
C GLU J 184 -28.55 -83.10 43.43
N PHE J 185 -28.90 -83.93 44.41
CA PHE J 185 -30.23 -84.52 44.44
C PHE J 185 -31.29 -83.44 44.51
N VAL J 186 -31.08 -82.43 45.34
CA VAL J 186 -32.05 -81.34 45.43
C VAL J 186 -32.08 -80.55 44.12
N LEU J 187 -30.90 -80.18 43.61
CA LEU J 187 -30.86 -79.34 42.42
C LEU J 187 -31.49 -80.00 41.22
N ASP J 188 -31.37 -81.33 41.11
CA ASP J 188 -31.87 -82.01 39.93
C ASP J 188 -33.38 -82.09 39.87
N ASN J 189 -34.08 -81.73 40.93
CA ASN J 189 -35.53 -81.89 41.00
C ASN J 189 -36.27 -80.56 40.97
N LEU J 190 -35.59 -79.45 40.72
CA LEU J 190 -36.23 -78.14 40.68
C LEU J 190 -36.98 -78.01 39.37
N TYR J 191 -38.20 -78.55 39.36
CA TYR J 191 -39.06 -78.50 38.19
C TYR J 191 -40.49 -78.27 38.62
N LEU J 192 -41.29 -77.78 37.69
CA LEU J 192 -42.70 -77.54 37.91
C LEU J 192 -43.51 -78.61 37.20
N ASN J 193 -44.44 -79.23 37.93
CA ASN J 193 -45.25 -80.29 37.36
C ASN J 193 -46.21 -79.72 36.33
N ARG J 194 -46.27 -80.33 35.16
CA ARG J 194 -47.09 -79.82 34.07
C ARG J 194 -48.34 -80.68 33.89
N HIS J 195 -49.39 -80.04 33.36
CA HIS J 195 -50.66 -80.67 33.06
C HIS J 195 -50.68 -81.11 31.61
N THR J 196 -50.84 -82.41 31.37
CA THR J 196 -50.82 -82.97 30.03
C THR J 196 -52.22 -83.16 29.45
N GLY J 197 -53.03 -84.00 30.06
CA GLY J 197 -54.32 -84.34 29.52
C GLY J 197 -54.74 -85.73 29.93
N PHE J 198 -56.05 -85.97 29.89
CA PHE J 198 -56.62 -87.18 30.44
C PHE J 198 -57.52 -87.85 29.41
N SER J 199 -58.07 -88.99 29.81
CA SER J 199 -59.00 -89.75 28.97
C SER J 199 -59.78 -90.69 29.87
N GLN J 200 -61.09 -90.75 29.66
CA GLN J 200 -61.94 -91.60 30.50
C GLN J 200 -61.69 -93.06 30.20
N ASP J 201 -61.68 -93.88 31.24
CA ASP J 201 -61.47 -95.31 31.06
C ASP J 201 -62.66 -95.93 30.34
N HIS J 202 -62.37 -96.81 29.40
CA HIS J 202 -63.38 -97.55 28.67
C HIS J 202 -63.53 -98.98 29.16
N THR J 203 -62.84 -99.35 30.23
CA THR J 203 -62.85 -100.71 30.73
C THR J 203 -63.37 -100.74 32.15
N PRO J 204 -63.93 -101.88 32.59
CA PRO J 204 -64.48 -101.95 33.94
C PRO J 204 -63.46 -101.98 35.06
N PHE J 205 -62.16 -101.88 34.75
CA PHE J 205 -61.17 -101.98 35.81
C PHE J 205 -61.25 -100.80 36.77
N THR J 206 -61.67 -99.64 36.28
CA THR J 206 -61.94 -98.49 37.13
C THR J 206 -63.31 -97.94 36.78
N GLU J 207 -64.00 -97.42 37.79
CA GLU J 207 -65.35 -96.90 37.60
C GLU J 207 -65.28 -95.55 36.90
N GLY J 208 -64.93 -95.61 35.62
CA GLY J 208 -64.88 -94.41 34.80
C GLY J 208 -63.88 -93.37 35.28
N ALA J 209 -62.69 -93.83 35.68
CA ALA J 209 -61.67 -92.90 36.12
C ALA J 209 -61.12 -92.11 34.94
N ASN J 210 -60.39 -91.05 35.25
CA ASN J 210 -59.74 -90.21 34.24
C ASN J 210 -58.24 -90.43 34.37
N LEU J 211 -57.64 -91.09 33.39
CA LEU J 211 -56.25 -91.49 33.45
C LEU J 211 -55.39 -90.47 32.71
N ARG J 212 -54.31 -90.04 33.36
CA ARG J 212 -53.43 -89.06 32.75
C ARG J 212 -52.61 -89.69 31.64
N SER J 213 -52.41 -88.94 30.55
CA SER J 213 -51.69 -89.42 29.39
C SER J 213 -50.29 -88.83 29.37
N LEU J 214 -49.31 -89.68 29.23
CA LEU J 214 -47.91 -89.27 29.18
C LEU J 214 -47.50 -88.97 27.74
N PRO J 215 -46.56 -88.06 27.54
CA PRO J 215 -46.06 -87.79 26.21
C PRO J 215 -44.89 -88.71 25.87
N GLY J 216 -44.37 -88.54 24.67
CA GLY J 216 -43.20 -89.27 24.25
C GLY J 216 -43.55 -90.63 23.67
N PRO J 217 -42.57 -91.28 23.06
CA PRO J 217 -42.80 -92.59 22.47
C PRO J 217 -42.97 -93.66 23.54
N ASP J 218 -43.70 -94.71 23.16
CA ASP J 218 -43.92 -95.86 24.02
C ASP J 218 -44.50 -95.43 25.37
N ALA J 219 -45.68 -94.82 25.32
CA ALA J 219 -46.44 -94.53 26.51
C ALA J 219 -47.20 -95.73 27.02
N GLU J 220 -47.07 -96.86 26.35
CA GLU J 220 -47.71 -98.10 26.75
C GLU J 220 -47.32 -98.55 28.14
N LYS J 221 -46.04 -98.49 28.49
CA LYS J 221 -45.58 -99.06 29.74
C LYS J 221 -46.07 -98.28 30.95
N TRP J 222 -46.21 -96.96 30.83
CA TRP J 222 -46.48 -96.13 32.01
C TRP J 222 -47.84 -96.40 32.63
N TYR J 223 -48.83 -96.83 31.85
CA TYR J 223 -50.16 -96.99 32.41
C TYR J 223 -50.22 -98.09 33.46
N SER J 224 -49.25 -98.99 33.48
CA SER J 224 -49.17 -100.00 34.52
C SER J 224 -48.33 -99.57 35.70
N ILE J 225 -47.54 -98.52 35.55
CA ILE J 225 -46.69 -98.05 36.64
C ILE J 225 -47.38 -96.93 37.42
N MET J 226 -48.10 -96.06 36.74
CA MET J 226 -48.75 -94.95 37.43
C MET J 226 -49.84 -95.44 38.39
N TYR J 227 -50.64 -96.41 37.97
CA TYR J 227 -51.81 -96.83 38.72
C TYR J 227 -51.69 -98.30 39.11
N PRO J 228 -51.09 -98.59 40.26
CA PRO J 228 -51.02 -99.98 40.70
C PRO J 228 -52.37 -100.61 40.95
N THR J 229 -53.35 -99.83 41.37
CA THR J 229 -54.64 -100.39 41.72
C THR J 229 -55.47 -100.77 40.51
N ARG J 230 -55.04 -100.44 39.31
CA ARG J 230 -55.79 -100.77 38.11
C ARG J 230 -55.62 -102.22 37.68
N MET J 231 -54.67 -102.94 38.27
CA MET J 231 -54.45 -104.34 37.92
C MET J 231 -55.64 -105.19 38.32
N GLY J 232 -55.85 -106.27 37.58
CA GLY J 232 -56.78 -107.29 38.02
C GLY J 232 -56.18 -108.17 39.11
N THR J 233 -57.06 -108.86 39.83
CA THR J 233 -56.65 -109.69 40.97
C THR J 233 -57.18 -111.10 40.77
N PRO J 234 -56.60 -111.87 39.87
CA PRO J 234 -57.07 -113.23 39.64
C PRO J 234 -56.44 -114.24 40.57
N ASN J 235 -55.28 -113.90 41.10
CA ASN J 235 -54.37 -114.86 41.70
C ASN J 235 -54.22 -114.53 43.19
N VAL J 236 -53.50 -115.39 43.90
CA VAL J 236 -53.20 -115.19 45.32
C VAL J 236 -51.73 -114.81 45.52
N SER J 237 -51.08 -114.32 44.48
CA SER J 237 -49.70 -113.88 44.62
C SER J 237 -49.61 -112.72 45.60
N LYS J 238 -48.38 -112.41 46.01
CA LYS J 238 -48.17 -111.32 46.96
C LYS J 238 -48.70 -110.01 46.41
N ILE J 239 -48.42 -109.72 45.15
CA ILE J 239 -48.87 -108.46 44.57
C ILE J 239 -50.39 -108.42 44.49
N CYS J 240 -51.01 -109.54 44.10
CA CYS J 240 -52.47 -109.57 44.03
C CYS J 240 -53.09 -109.41 45.42
N ASN J 241 -52.53 -110.08 46.42
CA ASN J 241 -53.04 -109.93 47.77
C ASN J 241 -52.92 -108.49 48.24
N PHE J 242 -51.79 -107.86 47.95
CA PHE J 242 -51.61 -106.47 48.35
C PHE J 242 -52.64 -105.58 47.68
N VAL J 243 -52.80 -105.70 46.37
CA VAL J 243 -53.66 -104.78 45.64
C VAL J 243 -55.13 -105.05 45.96
N ALA J 244 -55.45 -106.26 46.42
CA ALA J 244 -56.84 -106.55 46.77
C ALA J 244 -57.28 -105.84 48.04
N SER J 245 -56.35 -105.33 48.84
CA SER J 245 -56.67 -104.71 50.11
C SER J 245 -56.75 -103.20 50.05
N CYS J 246 -56.61 -102.60 48.86
CA CYS J 246 -56.53 -101.16 48.74
C CYS J 246 -57.89 -100.56 48.38
N VAL J 247 -58.03 -99.27 48.67
CA VAL J 247 -59.22 -98.54 48.28
C VAL J 247 -59.20 -98.30 46.78
N ARG J 248 -60.38 -98.31 46.16
CA ARG J 248 -60.45 -98.19 44.71
C ARG J 248 -60.78 -96.78 44.23
N ASN J 249 -61.27 -95.91 45.11
CA ASN J 249 -61.65 -94.58 44.68
C ASN J 249 -60.46 -93.76 44.23
N ARG J 250 -59.33 -93.87 44.94
CA ARG J 250 -58.23 -92.93 44.78
C ARG J 250 -57.35 -93.38 43.62
N VAL J 251 -57.70 -92.91 42.43
CA VAL J 251 -56.93 -93.19 41.23
C VAL J 251 -57.30 -92.14 40.19
N GLY J 252 -56.34 -91.80 39.34
CA GLY J 252 -56.65 -90.86 38.29
C GLY J 252 -56.87 -89.45 38.81
N ARG J 253 -57.61 -88.68 38.01
CA ARG J 253 -57.85 -87.29 38.35
C ARG J 253 -58.74 -87.18 39.57
N PHE J 254 -58.40 -86.23 40.45
CA PHE J 254 -59.11 -86.01 41.70
C PHE J 254 -59.98 -84.76 41.64
N ASP J 255 -59.40 -83.62 41.30
CA ASP J 255 -60.14 -82.37 41.22
C ASP J 255 -59.43 -81.46 40.22
N ARG J 256 -60.18 -80.52 39.68
CA ARG J 256 -59.60 -79.59 38.71
C ARG J 256 -60.28 -78.24 38.83
N ALA J 257 -59.61 -77.21 38.33
CA ALA J 257 -60.07 -75.83 38.37
C ALA J 257 -60.25 -75.35 36.95
N GLN J 258 -61.47 -75.43 36.44
CA GLN J 258 -61.79 -75.02 35.08
C GLN J 258 -62.43 -73.65 35.13
N MET J 259 -61.78 -72.66 34.53
CA MET J 259 -62.24 -71.28 34.61
C MET J 259 -63.00 -70.85 33.35
N MET J 260 -62.35 -70.93 32.21
CA MET J 260 -62.97 -70.52 30.95
C MET J 260 -63.46 -71.73 30.19
N ASN J 261 -64.67 -71.63 29.64
CA ASN J 261 -65.22 -72.71 28.83
C ASN J 261 -64.41 -72.84 27.55
N GLY J 262 -63.73 -73.98 27.39
CA GLY J 262 -62.96 -74.23 26.20
C GLY J 262 -61.52 -73.81 26.28
N ALA J 263 -60.90 -73.89 27.46
CA ALA J 263 -59.48 -73.62 27.63
C ALA J 263 -58.91 -74.67 28.56
N MET J 264 -57.60 -74.65 28.72
CA MET J 264 -56.96 -75.62 29.59
C MET J 264 -57.44 -75.44 31.03
N SER J 265 -57.73 -76.57 31.68
CA SER J 265 -58.03 -76.52 33.10
C SER J 265 -56.85 -75.94 33.85
N GLU J 266 -57.14 -75.06 34.80
CA GLU J 266 -56.08 -74.22 35.34
C GLU J 266 -55.06 -75.04 36.10
N TRP J 267 -55.52 -75.97 36.94
CA TRP J 267 -54.65 -76.95 37.56
C TRP J 267 -55.50 -78.16 37.92
N VAL J 268 -54.84 -79.29 38.15
CA VAL J 268 -55.53 -80.52 38.50
C VAL J 268 -54.80 -81.20 39.64
N ASP J 269 -55.51 -82.10 40.30
CA ASP J 269 -54.95 -82.95 41.34
C ASP J 269 -55.19 -84.40 40.94
N VAL J 270 -54.15 -85.23 41.09
CA VAL J 270 -54.20 -86.60 40.61
C VAL J 270 -53.62 -87.53 41.64
N PHE J 271 -54.10 -88.76 41.66
CA PHE J 271 -53.48 -89.86 42.36
C PHE J 271 -52.62 -90.63 41.38
N GLU J 272 -51.32 -90.70 41.64
CA GLU J 272 -50.44 -91.41 40.73
C GLU J 272 -49.15 -91.76 41.46
N THR J 273 -48.39 -92.67 40.87
CA THR J 273 -47.10 -93.05 41.43
C THR J 273 -46.19 -91.84 41.52
N SER J 274 -45.54 -91.69 42.65
CA SER J 274 -44.65 -90.57 42.93
C SER J 274 -43.89 -90.91 44.20
N ASP J 275 -43.14 -89.94 44.73
CA ASP J 275 -42.58 -90.09 46.06
C ASP J 275 -42.82 -88.81 46.83
N ALA J 276 -42.87 -88.94 48.16
CA ALA J 276 -43.18 -87.79 48.99
C ALA J 276 -42.09 -86.73 48.90
N LEU J 277 -40.84 -87.16 48.84
CA LEU J 277 -39.73 -86.21 48.96
C LEU J 277 -39.71 -85.23 47.80
N THR J 278 -39.72 -85.74 46.57
CA THR J 278 -39.68 -84.84 45.43
C THR J 278 -40.94 -84.01 45.32
N VAL J 279 -42.08 -84.58 45.67
CA VAL J 279 -43.32 -83.81 45.66
C VAL J 279 -43.21 -82.63 46.61
N SER J 280 -42.68 -82.86 47.82
CA SER J 280 -42.52 -81.77 48.77
C SER J 280 -41.53 -80.73 48.27
N ILE J 281 -40.42 -81.18 47.71
CA ILE J 281 -39.42 -80.23 47.22
C ILE J 281 -40.02 -79.35 46.13
N ARG J 282 -40.70 -79.96 45.18
CA ARG J 282 -41.30 -79.18 44.11
C ARG J 282 -42.42 -78.30 44.62
N GLY J 283 -43.16 -78.74 45.63
CA GLY J 283 -44.19 -77.89 46.20
C GLY J 283 -43.63 -76.62 46.82
N ARG J 284 -42.59 -76.77 47.64
CA ARG J 284 -42.00 -75.58 48.22
C ARG J 284 -41.30 -74.72 47.17
N TRP J 285 -40.71 -75.32 46.14
CA TRP J 285 -40.13 -74.52 45.07
C TRP J 285 -41.20 -73.72 44.34
N MET J 286 -42.35 -74.35 44.09
CA MET J 286 -43.46 -73.66 43.46
C MET J 286 -43.96 -72.52 44.34
N ALA J 287 -44.02 -72.74 45.64
CA ALA J 287 -44.42 -71.67 46.55
C ALA J 287 -43.44 -70.51 46.49
N ARG J 288 -42.15 -70.83 46.45
CA ARG J 288 -41.14 -69.78 46.37
C ARG J 288 -41.30 -68.95 45.11
N LEU J 289 -41.56 -69.61 43.99
CA LEU J 289 -41.81 -68.86 42.76
C LEU J 289 -43.08 -68.04 42.86
N ALA J 290 -44.14 -68.62 43.43
CA ALA J 290 -45.43 -67.95 43.47
C ALA J 290 -45.35 -66.68 44.30
N ARG J 291 -44.51 -66.68 45.34
CA ARG J 291 -44.33 -65.46 46.11
C ARG J 291 -43.79 -64.32 45.26
N MET J 292 -43.14 -64.62 44.15
CA MET J 292 -42.53 -63.61 43.29
C MET J 292 -43.45 -63.16 42.16
N ASN J 293 -44.66 -63.71 42.06
CA ASN J 293 -45.51 -63.42 40.93
C ASN J 293 -46.03 -62.00 40.97
N ILE J 294 -46.22 -61.42 39.79
CA ILE J 294 -46.83 -60.11 39.63
C ILE J 294 -47.85 -60.18 38.50
N ASN J 295 -48.79 -59.25 38.51
CA ASN J 295 -49.85 -59.19 37.54
C ASN J 295 -49.63 -58.01 36.59
N PRO J 296 -50.21 -58.06 35.39
CA PRO J 296 -49.92 -57.01 34.40
C PRO J 296 -50.24 -55.61 34.87
N THR J 297 -51.24 -55.43 35.73
CA THR J 297 -51.57 -54.09 36.19
C THR J 297 -50.43 -53.48 37.01
N GLU J 298 -49.81 -54.29 37.85
CA GLU J 298 -48.67 -53.79 38.62
C GLU J 298 -47.54 -53.38 37.71
N ILE J 299 -47.30 -54.15 36.65
CA ILE J 299 -46.27 -53.80 35.69
C ILE J 299 -46.62 -52.49 35.00
N GLU J 300 -47.89 -52.33 34.62
CA GLU J 300 -48.37 -51.05 34.10
C GLU J 300 -47.97 -49.90 35.00
N TRP J 301 -48.37 -49.99 36.27
CA TRP J 301 -48.13 -48.88 37.18
C TRP J 301 -46.64 -48.63 37.36
N ALA J 302 -45.86 -49.69 37.50
CA ALA J 302 -44.43 -49.54 37.72
C ALA J 302 -43.76 -48.85 36.53
N LEU J 303 -44.08 -49.31 35.32
CA LEU J 303 -43.48 -48.71 34.14
C LEU J 303 -43.91 -47.26 33.99
N THR J 304 -45.17 -46.96 34.27
CA THR J 304 -45.63 -45.57 34.17
C THR J 304 -44.87 -44.69 35.15
N GLU J 305 -44.69 -45.17 36.39
CA GLU J 305 -43.94 -44.38 37.36
C GLU J 305 -42.49 -44.20 36.93
N CYS J 306 -41.87 -45.27 36.42
CA CYS J 306 -40.46 -45.18 36.06
C CYS J 306 -40.25 -44.21 34.90
N ALA J 307 -41.27 -44.02 34.08
CA ALA J 307 -41.16 -43.10 32.95
C ALA J 307 -41.48 -41.66 33.33
N GLN J 308 -41.78 -41.39 34.59
CA GLN J 308 -42.15 -40.06 35.05
C GLN J 308 -43.39 -39.53 34.34
N GLY J 309 -44.20 -40.41 33.77
CA GLY J 309 -45.40 -40.02 33.08
C GLY J 309 -45.21 -39.68 31.62
N TYR J 310 -43.99 -39.74 31.09
CA TYR J 310 -43.79 -39.39 29.70
C TYR J 310 -44.28 -40.49 28.76
N VAL J 311 -44.43 -41.70 29.25
CA VAL J 311 -44.84 -42.83 28.44
C VAL J 311 -46.04 -43.50 29.10
N THR J 312 -47.03 -43.86 28.28
CA THR J 312 -48.22 -44.54 28.76
C THR J 312 -48.27 -45.92 28.16
N VAL J 313 -48.47 -46.93 29.01
CA VAL J 313 -48.66 -48.30 28.55
C VAL J 313 -50.09 -48.69 28.89
N THR J 314 -50.56 -49.74 28.23
CA THR J 314 -51.92 -50.22 28.41
C THR J 314 -51.88 -51.67 28.86
N SER J 315 -52.84 -52.02 29.72
CA SER J 315 -52.98 -53.39 30.19
C SER J 315 -54.42 -53.85 30.03
N PRO J 316 -54.63 -55.13 29.77
CA PRO J 316 -55.99 -55.62 29.54
C PRO J 316 -56.80 -55.63 30.83
N TYR J 317 -58.12 -55.58 30.66
CA TYR J 317 -59.07 -55.60 31.77
C TYR J 317 -60.14 -56.65 31.47
N ALA J 318 -59.86 -57.89 31.83
CA ALA J 318 -60.72 -59.01 31.52
C ALA J 318 -60.17 -60.25 32.23
N PRO J 319 -60.97 -61.32 32.33
CA PRO J 319 -60.46 -62.56 32.93
C PRO J 319 -59.22 -63.07 32.21
N SER J 320 -58.23 -63.46 33.00
CA SER J 320 -56.92 -63.88 32.51
C SER J 320 -56.83 -65.41 32.46
N VAL J 321 -55.62 -65.92 32.31
CA VAL J 321 -55.36 -67.35 32.29
C VAL J 321 -54.30 -67.70 33.32
N ASN J 322 -54.11 -66.84 34.31
CA ASN J 322 -53.15 -67.06 35.40
C ASN J 322 -51.73 -67.26 34.86
N ARG J 323 -51.18 -66.20 34.32
CA ARG J 323 -49.78 -66.21 33.92
C ARG J 323 -48.88 -66.24 35.15
N LEU J 324 -47.64 -66.65 34.94
CA LEU J 324 -46.65 -66.74 36.02
C LEU J 324 -45.43 -65.95 35.61
N MET J 325 -45.20 -64.82 36.28
CA MET J 325 -44.13 -63.88 35.92
C MET J 325 -43.36 -63.54 37.19
N PRO J 326 -42.45 -64.40 37.60
CA PRO J 326 -41.78 -64.22 38.90
C PRO J 326 -40.69 -63.15 38.89
N TYR J 327 -41.04 -61.90 39.18
CA TYR J 327 -40.06 -60.82 39.08
C TYR J 327 -39.96 -59.94 40.33
N ARG J 328 -40.63 -60.27 41.43
CA ARG J 328 -40.62 -59.41 42.61
C ARG J 328 -39.80 -60.06 43.72
N ILE J 329 -38.86 -59.28 44.28
CA ILE J 329 -37.99 -59.76 45.33
C ILE J 329 -37.89 -58.70 46.42
N SER J 330 -37.46 -59.15 47.61
CA SER J 330 -37.32 -58.25 48.74
C SER J 330 -36.11 -57.35 48.58
N ASN J 331 -36.12 -56.23 49.32
CA ASN J 331 -35.03 -55.28 49.25
C ASN J 331 -33.72 -55.88 49.74
N ALA J 332 -33.78 -56.81 50.68
CA ALA J 332 -32.56 -57.36 51.25
C ALA J 332 -31.71 -58.03 50.19
N GLU J 333 -32.34 -58.80 49.30
CA GLU J 333 -31.59 -59.48 48.25
C GLU J 333 -30.95 -58.48 47.31
N ARG J 334 -31.67 -57.41 46.98
CA ARG J 334 -31.09 -56.37 46.14
C ARG J 334 -29.88 -55.74 46.80
N GLN J 335 -29.97 -55.47 48.10
CA GLN J 335 -28.84 -54.89 48.81
C GLN J 335 -27.65 -55.84 48.82
N ILE J 336 -27.91 -57.13 49.01
CA ILE J 336 -26.82 -58.10 49.03
C ILE J 336 -26.12 -58.15 47.67
N SER J 337 -26.92 -58.18 46.59
CA SER J 337 -26.32 -58.20 45.26
C SER J 337 -25.53 -56.91 45.01
N GLN J 338 -26.05 -55.78 45.46
CA GLN J 338 -25.33 -54.52 45.32
C GLN J 338 -24.00 -54.58 46.04
N ILE J 339 -24.00 -55.16 47.25
CA ILE J 339 -22.76 -55.28 48.01
C ILE J 339 -21.77 -56.15 47.27
N ILE J 340 -22.24 -57.25 46.68
CA ILE J 340 -21.33 -58.12 45.94
C ILE J 340 -20.72 -57.38 44.75
N ARG J 341 -21.54 -56.62 44.03
CA ARG J 341 -21.04 -55.87 42.89
C ARG J 341 -19.98 -54.86 43.33
N ILE J 342 -20.28 -54.11 44.40
CA ILE J 342 -19.30 -53.15 44.89
C ILE J 342 -18.05 -53.86 45.36
N MET J 343 -18.19 -55.06 45.88
CA MET J 343 -17.03 -55.82 46.34
C MET J 343 -16.11 -56.14 45.18
N ASN J 344 -16.63 -56.73 44.11
CA ASN J 344 -15.73 -57.16 43.05
C ASN J 344 -15.32 -56.02 42.14
N ILE J 345 -15.97 -54.86 42.22
CA ILE J 345 -15.54 -53.71 41.42
C ILE J 345 -14.43 -52.92 42.09
N GLY J 346 -14.14 -53.22 43.35
CA GLY J 346 -13.36 -52.30 44.16
C GLY J 346 -11.97 -52.06 43.59
N ASN J 347 -11.58 -50.79 43.55
CA ASN J 347 -10.20 -50.38 43.28
C ASN J 347 -9.73 -50.79 41.89
N ASN J 348 -10.55 -50.54 40.88
CA ASN J 348 -10.17 -50.87 39.51
C ASN J 348 -10.93 -49.97 38.55
N ALA J 349 -10.28 -48.90 38.11
CA ALA J 349 -10.96 -47.92 37.26
C ALA J 349 -11.34 -48.51 35.91
N THR J 350 -10.54 -49.44 35.40
CA THR J 350 -10.82 -50.04 34.11
C THR J 350 -12.13 -50.79 34.10
N VAL J 351 -12.63 -51.19 35.26
CA VAL J 351 -13.89 -51.91 35.32
C VAL J 351 -15.08 -50.97 35.29
N ILE J 352 -14.94 -49.78 35.87
CA ILE J 352 -16.07 -48.86 35.96
C ILE J 352 -16.16 -47.92 34.77
N GLN J 353 -15.02 -47.58 34.16
CA GLN J 353 -15.02 -46.57 33.11
C GLN J 353 -15.95 -46.92 31.94
N PRO J 354 -16.00 -48.16 31.44
CA PRO J 354 -16.97 -48.47 30.38
C PRO J 354 -18.41 -48.25 30.78
N VAL J 355 -18.76 -48.43 32.06
CA VAL J 355 -20.13 -48.17 32.49
C VAL J 355 -20.47 -46.70 32.29
N LEU J 356 -19.54 -45.82 32.66
CA LEU J 356 -19.76 -44.40 32.46
C LEU J 356 -19.88 -44.08 30.98
N GLN J 357 -19.06 -44.72 30.14
CA GLN J 357 -19.20 -44.49 28.70
C GLN J 357 -20.58 -44.90 28.20
N ASP J 358 -21.09 -46.04 28.69
CA ASP J 358 -22.40 -46.50 28.26
C ASP J 358 -23.48 -45.52 28.67
N ILE J 359 -23.41 -45.02 29.91
CA ILE J 359 -24.40 -44.05 30.32
C ILE J 359 -24.29 -42.78 29.48
N SER J 360 -23.06 -42.41 29.11
CA SER J 360 -22.86 -41.22 28.30
C SER J 360 -23.53 -41.36 26.93
N VAL J 361 -23.35 -42.51 26.29
CA VAL J 361 -23.97 -42.66 24.97
C VAL J 361 -25.49 -42.77 25.11
N LEU J 362 -25.97 -43.37 26.19
CA LEU J 362 -27.41 -43.40 26.40
C LEU J 362 -27.98 -42.00 26.56
N LEU J 363 -27.26 -41.13 27.27
CA LEU J 363 -27.67 -39.74 27.37
C LEU J 363 -27.59 -39.02 26.03
N GLN J 364 -26.57 -39.33 25.23
CA GLN J 364 -26.52 -38.82 23.86
C GLN J 364 -27.83 -39.11 23.14
N ARG J 365 -28.28 -40.37 23.20
CA ARG J 365 -29.47 -40.75 22.44
C ARG J 365 -30.74 -40.06 22.91
N ILE J 366 -30.73 -39.46 24.09
CA ILE J 366 -31.97 -39.01 24.71
C ILE J 366 -32.05 -37.50 24.92
N SER J 367 -30.94 -36.83 25.09
CA SER J 367 -30.99 -35.43 25.48
C SER J 367 -31.42 -34.56 24.31
N PRO J 368 -32.14 -33.47 24.57
CA PRO J 368 -32.47 -32.53 23.51
C PRO J 368 -31.37 -31.51 23.32
N LEU J 369 -30.39 -31.51 24.21
CA LEU J 369 -29.32 -30.53 24.14
C LEU J 369 -28.15 -31.03 23.32
N GLN J 370 -27.70 -30.20 22.38
CA GLN J 370 -26.47 -30.45 21.65
C GLN J 370 -25.72 -29.13 21.53
N ILE J 371 -24.40 -29.23 21.37
CA ILE J 371 -23.54 -28.06 21.38
C ILE J 371 -23.26 -27.60 19.96
N ASP J 372 -23.26 -26.28 19.77
CA ASP J 372 -22.76 -25.66 18.56
C ASP J 372 -21.56 -24.82 18.95
N PRO J 373 -20.34 -25.29 18.69
CA PRO J 373 -19.16 -24.52 19.13
C PRO J 373 -19.05 -23.16 18.48
N THR J 374 -19.76 -22.91 17.38
CA THR J 374 -19.65 -21.63 16.69
C THR J 374 -20.17 -20.47 17.51
N ILE J 375 -20.89 -20.72 18.61
CA ILE J 375 -21.39 -19.64 19.43
C ILE J 375 -20.24 -18.77 19.93
N ILE J 376 -19.20 -19.41 20.46
CA ILE J 376 -18.08 -18.67 21.03
C ILE J 376 -17.40 -17.85 19.95
N SER J 377 -17.14 -18.46 18.79
CA SER J 377 -16.46 -17.75 17.72
C SER J 377 -17.29 -16.57 17.24
N ASN J 378 -18.59 -16.75 17.09
CA ASN J 378 -19.45 -15.67 16.63
C ASN J 378 -19.46 -14.52 17.62
N THR J 379 -19.53 -14.82 18.91
CA THR J 379 -19.51 -13.76 19.90
C THR J 379 -18.17 -13.04 19.91
N MET J 380 -17.07 -13.78 19.84
CA MET J 380 -15.76 -13.15 19.87
C MET J 380 -15.44 -12.39 18.61
N SER J 381 -16.13 -12.68 17.51
CA SER J 381 -15.86 -11.95 16.27
C SER J 381 -16.17 -10.47 16.38
N THR J 382 -16.95 -10.06 17.38
CA THR J 382 -17.36 -8.66 17.50
C THR J 382 -16.63 -7.92 18.61
N VAL J 383 -15.51 -8.44 19.08
CA VAL J 383 -14.74 -7.75 20.11
C VAL J 383 -13.93 -6.64 19.47
N SER J 384 -14.01 -5.45 20.06
CA SER J 384 -13.30 -4.29 19.53
C SER J 384 -11.89 -4.25 20.09
N GLU J 385 -10.90 -4.21 19.21
CA GLU J 385 -9.52 -4.11 19.64
C GLU J 385 -8.69 -3.49 18.53
N SER J 386 -7.53 -2.97 18.92
CA SER J 386 -6.63 -2.29 18.00
C SER J 386 -5.59 -3.26 17.47
N THR J 387 -5.34 -3.17 16.16
CA THR J 387 -4.43 -4.10 15.51
C THR J 387 -2.97 -3.85 15.85
N THR J 388 -2.63 -2.69 16.40
CA THR J 388 -1.25 -2.42 16.77
C THR J 388 -0.83 -3.12 18.05
N GLN J 389 -1.78 -3.62 18.84
CA GLN J 389 -1.44 -4.27 20.09
C GLN J 389 -0.74 -5.59 19.84
N THR J 390 0.17 -5.95 20.74
CA THR J 390 0.86 -7.22 20.62
C THR J 390 -0.03 -8.37 21.08
N LEU J 391 -0.85 -8.14 22.10
CA LEU J 391 -1.66 -9.19 22.70
C LEU J 391 -3.13 -9.02 22.30
N SER J 392 -3.75 -10.10 21.87
CA SER J 392 -5.15 -10.09 21.49
C SER J 392 -5.93 -11.05 22.40
N PRO J 393 -6.69 -10.53 23.36
CA PRO J 393 -7.45 -11.43 24.23
C PRO J 393 -8.40 -12.35 23.49
N ALA J 394 -9.06 -11.85 22.45
CA ALA J 394 -10.00 -12.66 21.71
C ALA J 394 -9.29 -13.82 21.02
N SER J 395 -8.12 -13.56 20.44
CA SER J 395 -7.37 -14.66 19.82
C SER J 395 -6.92 -15.68 20.86
N SER J 396 -6.44 -15.19 22.01
CA SER J 396 -5.91 -16.11 23.02
C SER J 396 -7.00 -17.00 23.58
N ILE J 397 -8.20 -16.45 23.81
CA ILE J 397 -9.26 -17.25 24.39
C ILE J 397 -9.71 -18.33 23.43
N LEU J 398 -9.79 -18.01 22.14
CA LEU J 398 -10.11 -19.04 21.15
C LEU J 398 -9.03 -20.10 21.11
N GLY J 399 -7.76 -19.69 21.14
CA GLY J 399 -6.69 -20.66 21.15
C GLY J 399 -6.74 -21.58 22.34
N LYS J 400 -7.13 -21.07 23.49
CA LYS J 400 -7.19 -21.91 24.68
C LYS J 400 -8.41 -22.82 24.67
N LEU J 401 -9.58 -22.31 24.27
CA LEU J 401 -10.76 -23.15 24.24
C LEU J 401 -10.63 -24.25 23.21
N ARG J 402 -10.24 -23.89 21.99
CA ARG J 402 -10.09 -24.82 20.86
C ARG J 402 -11.36 -25.66 20.76
N PRO J 403 -12.46 -25.08 20.30
CA PRO J 403 -13.71 -25.84 20.22
C PRO J 403 -13.66 -26.90 19.13
N SER J 404 -13.74 -28.17 19.51
CA SER J 404 -13.68 -29.23 18.52
C SER J 404 -15.01 -29.96 18.39
N ASN J 405 -15.70 -30.09 19.52
CA ASN J 405 -17.01 -30.74 19.73
C ASN J 405 -16.97 -32.27 19.78
N SER J 406 -15.77 -32.82 19.70
CA SER J 406 -15.57 -34.27 19.79
C SER J 406 -15.25 -34.68 21.23
N ASP J 407 -15.11 -33.68 22.10
CA ASP J 407 -14.80 -33.92 23.50
C ASP J 407 -16.06 -33.82 24.34
N PHE J 408 -17.16 -33.46 23.68
CA PHE J 408 -18.45 -33.36 24.33
C PHE J 408 -18.79 -34.58 25.18
N SER J 409 -18.16 -35.72 24.91
CA SER J 409 -18.42 -36.90 25.71
C SER J 409 -18.06 -36.67 27.17
N SER J 410 -16.94 -35.99 27.41
CA SER J 410 -16.50 -35.76 28.78
C SER J 410 -17.57 -35.08 29.62
N PHE J 411 -18.37 -34.21 29.02
CA PHE J 411 -19.43 -33.57 29.75
C PHE J 411 -20.42 -34.58 30.30
N ARG J 412 -20.87 -35.52 29.45
CA ARG J 412 -21.83 -36.50 29.93
C ARG J 412 -21.18 -37.55 30.81
N VAL J 413 -19.88 -37.80 30.67
CA VAL J 413 -19.20 -38.63 31.66
C VAL J 413 -19.24 -37.96 33.02
N ALA J 414 -18.97 -36.65 33.06
CA ALA J 414 -19.08 -35.92 34.32
C ALA J 414 -20.49 -36.01 34.87
N LEU J 415 -21.49 -35.88 34.00
CA LEU J 415 -22.87 -36.02 34.45
C LEU J 415 -23.12 -37.39 35.06
N ALA J 416 -22.75 -38.45 34.34
CA ALA J 416 -22.99 -39.80 34.81
C ALA J 416 -22.25 -40.11 36.09
N GLY J 417 -21.14 -39.42 36.36
CA GLY J 417 -20.42 -39.65 37.59
C GLY J 417 -21.23 -39.35 38.84
N TRP J 418 -22.28 -38.55 38.72
CA TRP J 418 -23.07 -38.18 39.88
C TRP J 418 -23.74 -39.37 40.53
N LEU J 419 -24.09 -40.39 39.74
CA LEU J 419 -24.82 -41.53 40.28
C LEU J 419 -23.92 -42.50 41.03
N TYR J 420 -22.61 -42.33 41.00
CA TYR J 420 -21.71 -43.28 41.64
C TYR J 420 -20.61 -42.57 42.41
N ASN J 421 -20.93 -41.47 43.06
CA ASN J 421 -19.90 -40.78 43.84
C ASN J 421 -19.44 -41.61 45.02
N GLY J 422 -20.20 -42.63 45.41
CA GLY J 422 -19.76 -43.51 46.47
C GLY J 422 -18.55 -44.34 46.08
N VAL J 423 -18.44 -44.71 44.81
CA VAL J 423 -17.37 -45.59 44.37
C VAL J 423 -16.42 -44.92 43.38
N VAL J 424 -16.84 -43.86 42.70
CA VAL J 424 -16.01 -43.19 41.72
C VAL J 424 -15.97 -41.70 42.04
N THR J 425 -14.78 -41.12 41.99
CA THR J 425 -14.59 -39.70 42.24
C THR J 425 -14.01 -39.08 40.98
N THR J 426 -14.78 -38.23 40.32
CA THR J 426 -14.30 -37.55 39.13
C THR J 426 -13.47 -36.34 39.52
N VAL J 427 -12.27 -36.24 38.95
CA VAL J 427 -11.36 -35.15 39.26
C VAL J 427 -10.83 -34.56 37.95
N ILE J 428 -10.35 -33.33 38.03
CA ILE J 428 -9.76 -32.67 36.88
C ILE J 428 -8.33 -33.16 36.72
N ASP J 429 -7.98 -33.53 35.50
CA ASP J 429 -6.65 -34.07 35.24
C ASP J 429 -5.58 -33.04 35.54
N ASP J 430 -4.37 -33.53 35.81
CA ASP J 430 -3.26 -32.65 36.15
C ASP J 430 -2.97 -31.65 35.04
N SER J 431 -2.97 -32.12 33.78
CA SER J 431 -2.51 -31.29 32.69
C SER J 431 -3.30 -30.00 32.54
N SER J 432 -4.52 -29.95 33.07
CA SER J 432 -5.33 -28.74 32.93
C SER J 432 -4.75 -27.56 33.70
N TYR J 433 -4.02 -27.81 34.78
CA TYR J 433 -3.48 -26.70 35.53
C TYR J 433 -2.27 -26.09 34.81
N PRO J 434 -1.93 -24.85 35.12
CA PRO J 434 -0.72 -24.25 34.53
C PRO J 434 0.51 -25.05 34.90
N LYS J 435 1.48 -25.06 33.98
CA LYS J 435 2.64 -25.93 34.13
C LYS J 435 3.45 -25.58 35.37
N ASP J 436 3.81 -24.32 35.52
CA ASP J 436 4.64 -23.90 36.64
C ASP J 436 3.83 -23.34 37.79
N GLY J 437 2.52 -23.24 37.66
CA GLY J 437 1.67 -22.57 38.63
C GLY J 437 1.06 -21.29 38.10
N GLY J 438 1.67 -20.69 37.08
CA GLY J 438 1.09 -19.55 36.40
C GLY J 438 1.49 -18.24 37.05
N SER J 439 0.92 -17.17 36.49
CA SER J 439 1.14 -15.82 36.96
C SER J 439 0.09 -14.91 36.34
N VAL J 440 -0.46 -14.00 37.14
CA VAL J 440 -1.52 -13.13 36.64
C VAL J 440 -1.01 -12.15 35.61
N THR J 441 0.31 -11.98 35.50
CA THR J 441 0.85 -11.08 34.50
C THR J 441 0.67 -11.62 33.09
N SER J 442 0.46 -12.91 32.93
CA SER J 442 0.33 -13.53 31.62
C SER J 442 -1.13 -13.85 31.36
N LEU J 443 -1.62 -13.44 30.19
CA LEU J 443 -3.02 -13.61 29.86
C LEU J 443 -3.41 -15.08 29.76
N GLU J 444 -2.50 -15.91 29.27
CA GLU J 444 -2.80 -17.33 29.13
C GLU J 444 -3.18 -17.94 30.47
N ASN J 445 -2.45 -17.59 31.52
CA ASN J 445 -2.77 -18.11 32.84
C ASN J 445 -4.12 -17.63 33.32
N LEU J 446 -4.49 -16.39 32.96
CA LEU J 446 -5.83 -15.92 33.30
C LEU J 446 -6.88 -16.79 32.64
N TRP J 447 -6.69 -17.14 31.37
CA TRP J 447 -7.67 -18.00 30.72
C TRP J 447 -7.69 -19.40 31.31
N ASP J 448 -6.53 -19.94 31.71
CA ASP J 448 -6.55 -21.24 32.37
C ASP J 448 -7.32 -21.19 33.67
N PHE J 449 -7.13 -20.12 34.46
CA PHE J 449 -7.88 -20.00 35.69
C PHE J 449 -9.37 -19.89 35.40
N PHE J 450 -9.73 -19.19 34.33
CA PHE J 450 -11.13 -19.13 33.94
C PHE J 450 -11.69 -20.52 33.65
N ILE J 451 -10.95 -21.29 32.86
CA ILE J 451 -11.40 -22.63 32.49
C ILE J 451 -11.60 -23.48 33.74
N LEU J 452 -10.61 -23.49 34.62
CA LEU J 452 -10.70 -24.32 35.81
C LEU J 452 -11.83 -23.86 36.72
N ALA J 453 -12.00 -22.54 36.89
CA ALA J 453 -13.05 -22.03 37.76
C ALA J 453 -14.42 -22.42 37.24
N LEU J 454 -14.62 -22.36 35.94
CA LEU J 454 -15.90 -22.79 35.40
C LEU J 454 -16.09 -24.29 35.44
N ALA J 455 -15.01 -25.07 35.34
CA ALA J 455 -15.17 -26.50 35.20
C ALA J 455 -15.33 -27.20 36.54
N LEU J 456 -14.63 -26.74 37.58
CA LEU J 456 -14.54 -27.50 38.82
C LEU J 456 -15.87 -27.84 39.47
N PRO J 457 -16.84 -26.91 39.61
CA PRO J 457 -18.05 -27.24 40.38
C PRO J 457 -18.87 -28.38 39.82
N LEU J 458 -18.54 -28.92 38.66
CA LEU J 458 -19.29 -30.04 38.10
C LEU J 458 -18.71 -31.40 38.47
N THR J 459 -17.59 -31.44 39.18
CA THR J 459 -17.01 -32.71 39.57
C THR J 459 -17.60 -33.16 40.90
N THR J 460 -17.44 -34.45 41.18
CA THR J 460 -17.89 -35.02 42.44
C THR J 460 -16.81 -35.00 43.51
N ASP J 461 -15.66 -34.42 43.22
CA ASP J 461 -14.56 -34.37 44.17
C ASP J 461 -14.97 -33.50 45.36
N PRO J 462 -15.03 -34.04 46.57
CA PRO J 462 -15.39 -33.20 47.72
C PRO J 462 -14.41 -32.07 47.95
N CYS J 463 -13.14 -32.26 47.63
CA CYS J 463 -12.13 -31.25 47.83
C CYS J 463 -12.02 -30.28 46.66
N ALA J 464 -13.07 -30.18 45.84
CA ALA J 464 -13.02 -29.28 44.70
C ALA J 464 -12.87 -27.81 45.09
N PRO J 465 -13.66 -27.25 46.01
CA PRO J 465 -13.54 -25.80 46.26
C PRO J 465 -12.17 -25.39 46.73
N VAL J 466 -11.50 -26.23 47.51
CA VAL J 466 -10.15 -25.91 47.94
C VAL J 466 -9.23 -25.81 46.74
N LYS J 467 -9.37 -26.73 45.78
CA LYS J 467 -8.58 -26.65 44.56
C LYS J 467 -8.88 -25.38 43.80
N ALA J 468 -10.16 -25.01 43.73
CA ALA J 468 -10.52 -23.79 43.02
C ALA J 468 -9.88 -22.57 43.65
N PHE J 469 -9.87 -22.51 44.98
CA PHE J 469 -9.25 -21.38 45.67
C PHE J 469 -7.74 -21.38 45.46
N MET J 470 -7.11 -22.53 45.66
CA MET J 470 -5.66 -22.60 45.56
C MET J 470 -5.17 -22.36 44.14
N THR J 471 -6.00 -22.60 43.14
CA THR J 471 -5.59 -22.30 41.78
C THR J 471 -5.27 -20.82 41.62
N LEU J 472 -6.15 -19.96 42.11
CA LEU J 472 -5.87 -18.53 42.07
C LEU J 472 -4.80 -18.15 43.08
N ALA J 473 -4.76 -18.83 44.23
CA ALA J 473 -3.73 -18.53 45.22
C ALA J 473 -2.34 -18.75 44.64
N ASN J 474 -2.18 -19.75 43.79
CA ASN J 474 -0.88 -20.01 43.18
C ASN J 474 -0.43 -18.85 42.32
N MET J 475 -1.34 -18.30 41.51
CA MET J 475 -0.97 -17.25 40.57
C MET J 475 -0.74 -15.91 41.25
N MET J 476 -1.10 -15.78 42.53
CA MET J 476 -0.88 -14.54 43.27
C MET J 476 0.48 -14.48 43.95
N VAL J 477 1.27 -15.55 43.87
CA VAL J 477 2.51 -15.62 44.62
C VAL J 477 3.42 -14.47 44.24
N GLY J 478 3.97 -13.79 45.24
CA GLY J 478 4.75 -12.59 45.02
C GLY J 478 3.94 -11.34 44.82
N PHE J 479 2.74 -11.45 44.25
CA PHE J 479 1.84 -10.32 44.11
C PHE J 479 0.93 -10.18 45.32
N GLU J 480 0.50 -11.28 45.91
CA GLU J 480 -0.37 -11.28 47.08
C GLU J 480 0.04 -12.44 47.97
N THR J 481 -0.04 -12.26 49.28
CA THR J 481 0.39 -13.30 50.21
C THR J 481 -0.68 -13.56 51.26
N ILE J 482 -0.77 -14.81 51.70
CA ILE J 482 -1.74 -15.20 52.72
C ILE J 482 -1.08 -16.21 53.67
N PRO J 483 -1.57 -16.29 54.90
CA PRO J 483 -0.99 -17.23 55.87
C PRO J 483 -1.37 -18.67 55.53
N MET J 484 -0.37 -19.47 55.19
CA MET J 484 -0.58 -20.89 54.93
C MET J 484 -0.63 -21.65 56.24
N ASP J 485 -0.56 -22.97 56.18
CA ASP J 485 -0.65 -23.81 57.36
C ASP J 485 0.70 -24.27 57.88
N ASN J 486 1.55 -24.82 57.01
CA ASN J 486 2.87 -25.26 57.40
C ASN J 486 3.83 -24.97 56.26
N GLN J 487 5.07 -25.45 56.39
CA GLN J 487 6.05 -25.21 55.35
C GLN J 487 5.93 -26.19 54.19
N ILE J 488 5.14 -27.25 54.33
CA ILE J 488 5.01 -28.22 53.24
C ILE J 488 3.98 -27.75 52.23
N TYR J 489 2.74 -27.60 52.67
CA TYR J 489 1.66 -27.16 51.78
C TYR J 489 1.61 -25.63 51.74
N THR J 490 2.70 -25.05 51.25
CA THR J 490 2.80 -23.60 51.19
C THR J 490 1.96 -23.07 50.03
N GLN J 491 2.00 -21.75 49.86
CA GLN J 491 1.18 -21.10 48.86
C GLN J 491 1.59 -21.46 47.44
N SER J 492 2.81 -21.98 47.25
CA SER J 492 3.30 -22.28 45.93
C SER J 492 3.21 -23.76 45.58
N ARG J 493 2.51 -24.56 46.38
CA ARG J 493 2.25 -25.94 46.01
C ARG J 493 1.32 -25.97 44.80
N ARG J 494 1.45 -27.04 44.00
CA ARG J 494 0.50 -27.26 42.93
C ARG J 494 -0.89 -27.40 43.53
N ALA J 495 -1.85 -26.67 42.95
CA ALA J 495 -3.20 -26.67 43.51
C ALA J 495 -3.81 -28.07 43.48
N SER J 496 -3.39 -28.91 42.54
CA SER J 496 -3.92 -30.26 42.46
C SER J 496 -3.47 -31.14 43.62
N ALA J 497 -2.50 -30.70 44.42
CA ALA J 497 -2.04 -31.54 45.52
C ALA J 497 -3.03 -31.57 46.67
N PHE J 498 -3.84 -30.54 46.83
CA PHE J 498 -4.81 -30.47 47.93
C PHE J 498 -5.97 -31.39 47.60
N SER J 499 -5.86 -32.65 48.04
CA SER J 499 -6.84 -33.65 47.66
C SER J 499 -7.63 -34.22 48.83
N THR J 500 -7.11 -34.13 50.05
CA THR J 500 -7.81 -34.73 51.18
C THR J 500 -8.32 -33.65 52.11
N PRO J 501 -9.36 -33.94 52.90
CA PRO J 501 -9.91 -32.92 53.78
C PRO J 501 -8.90 -32.38 54.77
N HIS J 502 -7.92 -33.19 55.16
CA HIS J 502 -6.93 -32.74 56.14
C HIS J 502 -6.06 -31.61 55.61
N THR J 503 -6.04 -31.38 54.30
CA THR J 503 -5.17 -30.37 53.72
C THR J 503 -5.87 -29.04 53.50
N TRP J 504 -7.09 -28.88 53.97
CA TRP J 504 -7.77 -27.60 53.81
C TRP J 504 -7.07 -26.56 54.65
N PRO J 505 -6.56 -25.48 54.07
CA PRO J 505 -5.85 -24.49 54.86
C PRO J 505 -6.79 -23.77 55.82
N ARG J 506 -6.22 -23.33 56.94
CA ARG J 506 -7.02 -22.60 57.92
C ARG J 506 -7.56 -21.30 57.34
N CYS J 507 -6.74 -20.59 56.57
CA CYS J 507 -7.17 -19.30 56.03
C CYS J 507 -8.35 -19.44 55.10
N PHE J 508 -8.53 -20.61 54.48
CA PHE J 508 -9.66 -20.79 53.59
C PHE J 508 -10.95 -21.00 54.37
N MET J 509 -10.89 -21.74 55.47
CA MET J 509 -12.10 -21.96 56.26
C MET J 509 -12.46 -20.74 57.09
N ASN J 510 -11.49 -19.95 57.51
CA ASN J 510 -11.72 -18.74 58.27
C ASN J 510 -11.32 -17.55 57.39
N ILE J 511 -12.30 -16.87 56.81
CA ILE J 511 -12.02 -15.78 55.88
C ILE J 511 -11.26 -14.67 56.57
N GLN J 512 -11.51 -14.46 57.86
CA GLN J 512 -10.95 -13.31 58.55
C GLN J 512 -9.43 -13.29 58.48
N LEU J 513 -8.80 -14.46 58.33
CA LEU J 513 -7.34 -14.51 58.29
C LEU J 513 -6.78 -13.84 57.04
N ILE J 514 -7.56 -13.71 55.99
CA ILE J 514 -7.08 -13.08 54.76
C ILE J 514 -7.20 -11.56 54.92
N SER J 515 -6.09 -10.87 54.75
CA SER J 515 -6.07 -9.43 54.97
C SER J 515 -6.86 -8.72 53.90
N PRO J 516 -7.89 -7.95 54.25
CA PRO J 516 -8.64 -7.21 53.22
C PRO J 516 -7.79 -6.17 52.51
N ILE J 517 -6.69 -5.75 53.11
CA ILE J 517 -5.82 -4.75 52.51
C ILE J 517 -4.66 -5.39 51.77
N ASP J 518 -4.03 -6.40 52.36
CA ASP J 518 -2.89 -7.07 51.75
C ASP J 518 -3.31 -8.20 50.82
N ALA J 519 -4.60 -8.53 50.75
CA ALA J 519 -5.05 -9.57 49.85
C ALA J 519 -6.49 -9.33 49.45
N PRO J 520 -6.79 -8.21 48.79
CA PRO J 520 -8.20 -7.92 48.46
C PRO J 520 -8.78 -8.91 47.48
N ILE J 521 -8.05 -9.23 46.41
CA ILE J 521 -8.56 -10.13 45.39
C ILE J 521 -8.80 -11.52 45.98
N LEU J 522 -7.84 -12.02 46.75
CA LEU J 522 -7.99 -13.35 47.32
C LEU J 522 -9.16 -13.42 48.29
N ARG J 523 -9.34 -12.38 49.11
CA ARG J 523 -10.47 -12.37 50.02
C ARG J 523 -11.78 -12.35 49.26
N GLN J 524 -11.86 -11.55 48.20
CA GLN J 524 -13.07 -11.55 47.38
C GLN J 524 -13.34 -12.93 46.81
N TRP J 525 -12.29 -13.58 46.32
CA TRP J 525 -12.45 -14.91 45.72
C TRP J 525 -12.95 -15.90 46.74
N ALA J 526 -12.40 -15.89 47.95
CA ALA J 526 -12.84 -16.81 48.98
C ALA J 526 -14.28 -16.55 49.39
N GLU J 527 -14.65 -15.28 49.54
CA GLU J 527 -16.03 -14.97 49.89
C GLU J 527 -16.99 -15.43 48.81
N ILE J 528 -16.61 -15.24 47.55
CA ILE J 528 -17.44 -15.70 46.44
C ILE J 528 -17.59 -17.21 46.51
N ILE J 529 -16.51 -17.92 46.80
CA ILE J 529 -16.56 -19.38 46.83
C ILE J 529 -17.53 -19.83 47.92
N HIS J 530 -17.42 -19.26 49.11
CA HIS J 530 -18.35 -19.65 50.17
C HIS J 530 -19.78 -19.31 49.83
N ARG J 531 -20.03 -18.14 49.26
CA ARG J 531 -21.41 -17.69 49.19
C ARG J 531 -22.11 -18.10 47.91
N TYR J 532 -21.39 -18.58 46.89
CA TYR J 532 -22.02 -18.94 45.62
C TYR J 532 -21.69 -20.32 45.09
N TRP J 533 -20.96 -21.15 45.81
CA TRP J 533 -20.76 -22.52 45.35
C TRP J 533 -22.10 -23.25 45.33
N PRO J 534 -22.29 -24.18 44.41
CA PRO J 534 -23.61 -24.81 44.25
C PRO J 534 -24.10 -25.56 45.49
N ASN J 535 -25.42 -25.61 45.63
CA ASN J 535 -26.08 -26.25 46.76
C ASN J 535 -26.69 -27.57 46.34
N PRO J 536 -26.29 -28.69 46.91
CA PRO J 536 -26.85 -29.98 46.52
C PRO J 536 -28.33 -30.08 46.85
N SER J 537 -29.03 -30.89 46.05
CA SER J 537 -30.45 -31.15 46.23
C SER J 537 -30.69 -32.61 45.93
N GLN J 538 -31.96 -32.99 45.81
CA GLN J 538 -32.32 -34.38 45.55
C GLN J 538 -33.68 -34.45 44.90
N ILE J 539 -33.97 -35.61 44.31
CA ILE J 539 -35.17 -35.80 43.51
C ILE J 539 -35.61 -37.25 43.62
N ARG J 540 -36.93 -37.45 43.62
CA ARG J 540 -37.51 -38.79 43.70
C ARG J 540 -37.44 -39.49 42.35
N TYR J 541 -37.36 -40.82 42.41
CA TYR J 541 -37.28 -41.62 41.19
C TYR J 541 -37.64 -43.07 41.52
N GLY J 542 -37.87 -43.84 40.47
CA GLY J 542 -38.03 -45.27 40.60
C GLY J 542 -39.47 -45.71 40.86
N ALA J 543 -39.66 -47.03 40.81
CA ALA J 543 -40.94 -47.66 41.10
C ALA J 543 -40.69 -48.72 42.17
N PRO J 544 -40.83 -48.35 43.44
CA PRO J 544 -40.35 -49.24 44.51
C PRO J 544 -41.10 -50.56 44.62
N ASN J 545 -42.42 -50.54 44.53
CA ASN J 545 -43.18 -51.74 44.89
C ASN J 545 -42.94 -52.90 43.95
N VAL J 546 -42.34 -52.66 42.79
CA VAL J 546 -42.00 -53.71 41.85
C VAL J 546 -40.49 -53.87 41.70
N PHE J 547 -39.79 -52.77 41.46
CA PHE J 547 -38.35 -52.82 41.26
C PHE J 547 -37.57 -52.88 42.55
N GLY J 548 -38.22 -52.74 43.70
CA GLY J 548 -37.46 -52.66 44.92
C GLY J 548 -36.62 -51.39 44.95
N SER J 549 -35.54 -51.45 45.71
CA SER J 549 -34.62 -50.32 45.79
C SER J 549 -33.31 -50.82 46.36
N ALA J 550 -32.21 -50.59 45.65
CA ALA J 550 -30.90 -51.04 46.08
C ALA J 550 -30.13 -49.98 46.85
N ASN J 551 -30.74 -48.85 47.15
CA ASN J 551 -30.04 -47.79 47.87
C ASN J 551 -29.60 -48.28 49.24
N LEU J 552 -28.40 -47.87 49.65
CA LEU J 552 -27.82 -48.33 50.91
C LEU J 552 -27.74 -47.21 51.94
N PHE J 553 -27.10 -46.11 51.62
CA PHE J 553 -26.93 -45.02 52.56
C PHE J 553 -27.93 -43.89 52.35
N THR J 554 -28.89 -44.07 51.47
CA THR J 554 -29.90 -43.06 51.19
C THR J 554 -31.27 -43.70 51.27
N PRO J 555 -32.31 -42.92 51.56
CA PRO J 555 -33.65 -43.48 51.57
C PRO J 555 -34.01 -44.01 50.20
N PRO J 556 -34.83 -45.05 50.14
CA PRO J 556 -35.28 -45.55 48.84
C PRO J 556 -36.04 -44.47 48.09
N GLU J 557 -35.95 -44.52 46.77
CA GLU J 557 -36.58 -43.60 45.82
C GLU J 557 -35.90 -42.24 45.78
N VAL J 558 -34.92 -41.98 46.62
CA VAL J 558 -34.26 -40.67 46.68
C VAL J 558 -32.96 -40.75 45.91
N LEU J 559 -32.73 -39.77 45.05
CA LEU J 559 -31.52 -39.67 44.25
C LEU J 559 -30.89 -38.32 44.51
N LEU J 560 -29.64 -38.32 44.96
CA LEU J 560 -28.97 -37.08 45.34
C LEU J 560 -28.31 -36.44 44.13
N LEU J 561 -28.22 -35.11 44.17
CA LEU J 561 -27.59 -34.34 43.11
C LEU J 561 -26.70 -33.28 43.73
N PRO J 562 -25.59 -32.95 43.08
CA PRO J 562 -24.71 -31.88 43.58
C PRO J 562 -25.08 -30.48 43.14
N ILE J 563 -26.25 -30.30 42.54
CA ILE J 563 -26.69 -28.99 42.07
C ILE J 563 -28.16 -28.83 42.39
N ASP J 564 -28.57 -27.63 42.78
CA ASP J 564 -29.97 -27.37 43.07
C ASP J 564 -30.82 -27.66 41.84
N HIS J 565 -31.93 -28.35 42.07
CA HIS J 565 -32.86 -28.72 41.01
C HIS J 565 -34.16 -27.96 41.16
N GLN J 566 -34.59 -27.29 40.09
CA GLN J 566 -35.79 -26.48 40.11
C GLN J 566 -36.65 -26.88 38.93
N PRO J 567 -37.77 -27.57 39.16
CA PRO J 567 -38.56 -28.09 38.04
C PRO J 567 -39.09 -26.96 37.17
N ALA J 568 -39.13 -27.22 35.87
CA ALA J 568 -39.58 -26.23 34.91
C ALA J 568 -41.10 -26.17 34.87
N ASN J 569 -41.64 -24.95 34.84
CA ASN J 569 -43.08 -24.74 34.81
C ASN J 569 -43.56 -24.44 33.39
N VAL J 570 -42.68 -24.58 32.40
CA VAL J 570 -43.01 -24.28 31.01
C VAL J 570 -42.44 -25.36 30.12
N THR J 571 -43.21 -25.75 29.09
CA THR J 571 -42.77 -26.73 28.12
C THR J 571 -42.22 -26.12 26.85
N THR J 572 -42.11 -24.80 26.79
CA THR J 572 -41.54 -24.09 25.64
C THR J 572 -40.49 -23.13 26.18
N PRO J 573 -39.32 -23.65 26.54
CA PRO J 573 -38.34 -22.83 27.25
C PRO J 573 -37.79 -21.71 26.39
N THR J 574 -37.41 -20.62 27.06
CA THR J 574 -36.71 -19.51 26.46
C THR J 574 -35.54 -19.13 27.34
N LEU J 575 -34.54 -18.49 26.74
CA LEU J 575 -33.32 -18.19 27.46
C LEU J 575 -33.60 -17.37 28.71
N ASP J 576 -32.99 -17.77 29.81
CA ASP J 576 -33.16 -17.11 31.10
C ASP J 576 -31.85 -17.19 31.87
N PHE J 577 -31.50 -16.08 32.53
CA PHE J 577 -30.25 -15.98 33.27
C PHE J 577 -30.43 -16.15 34.77
N THR J 578 -31.62 -16.50 35.23
CA THR J 578 -31.86 -16.74 36.65
C THR J 578 -31.48 -18.17 36.98
N ASN J 579 -30.18 -18.43 36.90
CA ASN J 579 -29.65 -19.76 37.11
C ASN J 579 -28.48 -19.71 38.07
N GLU J 580 -28.25 -20.84 38.71
CA GLU J 580 -27.18 -20.95 39.68
C GLU J 580 -25.82 -20.93 39.00
N LEU J 581 -25.66 -21.72 37.95
CA LEU J 581 -24.43 -21.73 37.17
C LEU J 581 -24.20 -20.40 36.46
N THR J 582 -25.27 -19.76 36.00
CA THR J 582 -25.14 -18.45 35.38
C THR J 582 -24.62 -17.43 36.39
N ASN J 583 -25.14 -17.47 37.62
CA ASN J 583 -24.61 -16.59 38.66
C ASN J 583 -23.15 -16.88 38.92
N TRP J 584 -22.78 -18.16 38.97
CA TRP J 584 -21.38 -18.51 39.15
C TRP J 584 -20.51 -17.88 38.08
N ARG J 585 -20.90 -18.02 36.82
CA ARG J 585 -20.10 -17.45 35.74
C ARG J 585 -20.03 -15.95 35.84
N ALA J 586 -21.15 -15.31 36.15
CA ALA J 586 -21.17 -13.85 36.22
C ALA J 586 -20.24 -13.35 37.31
N ARG J 587 -20.23 -14.01 38.47
CA ARG J 587 -19.39 -13.53 39.54
C ARG J 587 -17.92 -13.83 39.27
N VAL J 588 -17.61 -14.93 38.58
CA VAL J 588 -16.23 -15.14 38.17
C VAL J 588 -15.78 -14.02 37.24
N CYS J 589 -16.63 -13.64 36.29
CA CYS J 589 -16.29 -12.56 35.39
C CYS J 589 -16.09 -11.25 36.14
N GLU J 590 -16.95 -10.97 37.11
CA GLU J 590 -16.79 -9.75 37.90
C GLU J 590 -15.49 -9.76 38.68
N LEU J 591 -15.12 -10.92 39.22
CA LEU J 591 -13.84 -11.01 39.93
C LEU J 591 -12.69 -10.69 39.01
N MET J 592 -12.70 -11.25 37.79
CA MET J 592 -11.63 -10.95 36.86
C MET J 592 -11.62 -9.47 36.48
N LYS J 593 -12.79 -8.88 36.32
CA LYS J 593 -12.85 -7.46 36.00
C LYS J 593 -12.24 -6.62 37.10
N ASN J 594 -12.50 -6.99 38.35
CA ASN J 594 -11.83 -6.31 39.46
C ASN J 594 -10.33 -6.53 39.41
N LEU J 595 -9.90 -7.74 39.07
CA LEU J 595 -8.47 -8.05 39.02
C LEU J 595 -7.75 -7.19 38.00
N VAL J 596 -8.33 -7.04 36.81
CA VAL J 596 -7.65 -6.29 35.76
C VAL J 596 -7.48 -4.84 36.15
N ASP J 597 -8.51 -4.23 36.74
CA ASP J 597 -8.48 -2.82 37.10
C ASP J 597 -7.74 -2.56 38.39
N ASN J 598 -7.13 -3.57 39.00
CA ASN J 598 -6.41 -3.36 40.25
C ASN J 598 -5.30 -2.35 40.05
N GLN J 599 -5.24 -1.36 40.93
CA GLN J 599 -4.42 -0.18 40.69
C GLN J 599 -2.93 -0.52 40.58
N ARG J 600 -2.51 -1.64 41.16
CA ARG J 600 -1.11 -2.03 41.10
C ARG J 600 -0.85 -3.12 40.09
N TYR J 601 -1.78 -3.37 39.20
CA TYR J 601 -1.56 -4.34 38.13
C TYR J 601 -1.83 -3.76 36.75
N GLN J 602 -2.81 -2.87 36.63
CA GLN J 602 -3.14 -2.23 35.36
C GLN J 602 -2.07 -1.28 34.83
N PRO J 603 -1.20 -0.66 35.66
CA PRO J 603 -0.16 0.20 35.06
C PRO J 603 0.79 -0.53 34.13
N GLY J 604 0.89 -1.85 34.24
CA GLY J 604 1.70 -2.57 33.30
C GLY J 604 1.07 -2.81 31.95
N TRP J 605 -0.17 -2.38 31.75
CA TRP J 605 -0.93 -2.67 30.54
C TRP J 605 -1.36 -1.39 29.85
N THR J 606 -1.44 -1.47 28.52
CA THR J 606 -1.93 -0.34 27.74
C THR J 606 -3.43 -0.18 27.92
N GLN J 607 -3.90 1.06 27.82
CA GLN J 607 -5.31 1.35 28.06
C GLN J 607 -6.21 0.61 27.07
N SER J 608 -5.82 0.57 25.81
CA SER J 608 -6.60 -0.14 24.80
C SER J 608 -6.71 -1.61 25.15
N LEU J 609 -5.63 -2.21 25.63
CA LEU J 609 -5.68 -3.61 26.02
C LEU J 609 -6.65 -3.81 27.17
N VAL J 610 -6.69 -2.88 28.11
CA VAL J 610 -7.64 -2.97 29.22
C VAL J 610 -9.06 -2.92 28.68
N SER J 611 -9.32 -2.02 27.74
CA SER J 611 -10.66 -1.94 27.16
C SER J 611 -11.05 -3.24 26.47
N SER J 612 -10.11 -3.82 25.72
CA SER J 612 -10.40 -5.08 25.04
C SER J 612 -10.67 -6.19 26.04
N MET J 613 -9.90 -6.24 27.13
CA MET J 613 -10.12 -7.26 28.14
C MET J 613 -11.50 -7.13 28.76
N ARG J 614 -11.89 -5.90 29.11
CA ARG J 614 -13.21 -5.70 29.70
C ARG J 614 -14.31 -6.10 28.72
N GLY J 615 -14.14 -5.75 27.45
CA GLY J 615 -15.13 -6.13 26.45
C GLY J 615 -15.25 -7.64 26.32
N THR J 616 -14.10 -8.34 26.33
CA THR J 616 -14.14 -9.79 26.23
C THR J 616 -14.84 -10.40 27.44
N LEU J 617 -14.56 -9.89 28.63
CA LEU J 617 -15.23 -10.41 29.82
C LEU J 617 -16.72 -10.17 29.74
N ASP J 618 -17.14 -9.00 29.28
CA ASP J 618 -18.57 -8.72 29.14
C ASP J 618 -19.20 -9.68 28.15
N LYS J 619 -18.52 -9.95 27.03
CA LYS J 619 -19.04 -10.92 26.08
C LYS J 619 -19.21 -12.28 26.71
N LEU J 620 -18.21 -12.73 27.47
CA LEU J 620 -18.28 -14.06 28.07
C LEU J 620 -19.40 -14.15 29.09
N LYS J 621 -19.58 -13.10 29.89
CA LYS J 621 -20.60 -13.15 30.93
C LYS J 621 -21.99 -13.30 30.33
N LEU J 622 -22.27 -12.60 29.25
CA LEU J 622 -23.60 -12.59 28.66
C LEU J 622 -23.74 -13.57 27.51
N ILE J 623 -22.94 -14.64 27.50
CA ILE J 623 -23.06 -15.64 26.45
C ILE J 623 -24.45 -16.27 26.52
N LYS J 624 -25.00 -16.57 25.34
CA LYS J 624 -26.33 -17.17 25.27
C LYS J 624 -26.27 -18.68 25.23
N SER J 625 -25.56 -19.26 26.20
CA SER J 625 -25.44 -20.70 26.30
C SER J 625 -26.62 -21.26 27.07
N MET J 626 -27.27 -22.27 26.52
CA MET J 626 -28.46 -22.83 27.13
C MET J 626 -28.12 -23.93 28.12
N THR J 627 -26.83 -24.22 28.33
CA THR J 627 -26.44 -25.34 29.17
C THR J 627 -26.90 -25.20 30.61
N PRO J 628 -26.67 -24.09 31.32
CA PRO J 628 -27.07 -24.05 32.73
C PRO J 628 -28.56 -24.27 32.94
N MET J 629 -29.39 -23.78 32.03
CA MET J 629 -30.82 -24.07 32.13
C MET J 629 -31.09 -25.56 32.02
N TYR J 630 -30.41 -26.22 31.08
CA TYR J 630 -30.60 -27.66 30.91
C TYR J 630 -30.18 -28.41 32.16
N LEU J 631 -29.05 -28.00 32.76
CA LEU J 631 -28.62 -28.62 34.00
C LEU J 631 -29.59 -28.39 35.14
N GLN J 632 -30.17 -27.21 35.23
CA GLN J 632 -31.06 -26.89 36.34
C GLN J 632 -32.42 -27.54 36.22
N GLN J 633 -32.96 -27.67 35.01
CA GLN J 633 -34.36 -28.05 34.86
C GLN J 633 -34.58 -29.44 34.29
N LEU J 634 -33.85 -29.83 33.25
CA LEU J 634 -34.14 -31.07 32.54
C LEU J 634 -33.22 -32.23 32.89
N ALA J 635 -31.93 -31.97 33.06
CA ALA J 635 -30.98 -33.05 33.33
C ALA J 635 -31.38 -33.93 34.51
N PRO J 636 -31.84 -33.40 35.65
CA PRO J 636 -32.31 -34.29 36.70
C PRO J 636 -33.44 -35.19 36.27
N VAL J 637 -34.35 -34.70 35.42
CA VAL J 637 -35.42 -35.54 34.93
C VAL J 637 -34.86 -36.69 34.12
N GLU J 638 -33.90 -36.40 33.25
CA GLU J 638 -33.29 -37.47 32.45
C GLU J 638 -32.62 -38.49 33.34
N LEU J 639 -31.87 -38.04 34.34
CA LEU J 639 -31.19 -38.98 35.22
C LEU J 639 -32.20 -39.83 35.98
N ALA J 640 -33.28 -39.23 36.45
CA ALA J 640 -34.29 -39.99 37.16
C ALA J 640 -34.93 -41.05 36.27
N VAL J 641 -35.18 -40.69 35.01
CA VAL J 641 -35.76 -41.65 34.07
C VAL J 641 -34.79 -42.80 33.84
N ILE J 642 -33.51 -42.48 33.64
CA ILE J 642 -32.54 -43.50 33.26
C ILE J 642 -32.25 -44.44 34.42
N ALA J 643 -32.15 -43.90 35.64
CA ALA J 643 -31.54 -44.63 36.76
C ALA J 643 -32.08 -46.03 36.97
N PRO J 644 -33.39 -46.28 37.01
CA PRO J 644 -33.86 -47.64 37.35
C PRO J 644 -33.43 -48.70 36.35
N MET J 645 -33.15 -48.33 35.11
CA MET J 645 -32.84 -49.31 34.08
C MET J 645 -31.36 -49.62 33.95
N LEU J 646 -30.52 -49.05 34.80
CA LEU J 646 -29.10 -49.33 34.71
C LEU J 646 -28.80 -50.79 35.07
N PRO J 647 -27.82 -51.40 34.41
CA PRO J 647 -27.35 -52.71 34.87
C PRO J 647 -26.71 -52.64 36.24
N PHE J 648 -26.11 -51.51 36.58
CA PHE J 648 -25.46 -51.31 37.88
C PHE J 648 -26.20 -50.21 38.62
N PRO J 649 -27.04 -50.55 39.60
CA PRO J 649 -27.88 -49.55 40.24
C PRO J 649 -27.06 -48.50 40.95
N PRO J 650 -27.57 -47.28 41.10
CA PRO J 650 -26.76 -46.19 41.63
C PRO J 650 -26.31 -46.46 43.05
N PHE J 651 -25.14 -45.90 43.39
CA PHE J 651 -24.53 -46.07 44.70
C PHE J 651 -23.95 -44.73 45.11
N GLN J 652 -24.61 -44.05 46.04
CA GLN J 652 -24.28 -42.67 46.36
C GLN J 652 -24.01 -42.51 47.85
N VAL J 653 -23.23 -41.47 48.17
CA VAL J 653 -23.02 -41.02 49.54
C VAL J 653 -23.35 -39.54 49.55
N PRO J 654 -23.72 -38.95 50.69
CA PRO J 654 -24.25 -37.59 50.68
C PRO J 654 -23.24 -36.58 50.13
N TYR J 655 -23.75 -35.62 49.36
CA TYR J 655 -22.94 -34.53 48.82
C TYR J 655 -22.90 -33.42 49.85
N VAL J 656 -21.74 -33.19 50.42
CA VAL J 656 -21.58 -32.10 51.36
C VAL J 656 -20.99 -30.91 50.64
N ARG J 657 -21.43 -29.72 51.05
CA ARG J 657 -20.90 -28.46 50.55
C ARG J 657 -19.65 -28.14 51.36
N LEU J 658 -19.22 -26.87 51.35
CA LEU J 658 -18.01 -26.46 52.05
C LEU J 658 -17.88 -27.01 53.45
N ASP J 659 -18.98 -27.41 54.09
CA ASP J 659 -18.90 -28.12 55.36
C ASP J 659 -17.98 -29.32 55.22
N ARG J 660 -16.84 -29.29 55.91
CA ARG J 660 -15.84 -30.32 55.76
C ARG J 660 -15.87 -31.37 56.87
N ASP J 661 -16.62 -31.14 57.93
CA ASP J 661 -16.65 -32.11 59.02
C ASP J 661 -17.31 -33.41 58.61
N ARG J 662 -18.21 -33.35 57.63
CA ARG J 662 -18.96 -34.53 57.20
C ARG J 662 -18.47 -35.11 55.88
N VAL J 663 -17.31 -34.69 55.40
CA VAL J 663 -16.81 -35.24 54.15
C VAL J 663 -16.47 -36.71 54.34
N PRO J 664 -17.00 -37.61 53.54
CA PRO J 664 -16.63 -39.02 53.67
C PRO J 664 -15.16 -39.24 53.33
N THR J 665 -14.53 -40.14 54.06
CA THR J 665 -13.12 -40.43 53.85
C THR J 665 -12.85 -41.86 53.41
N MET J 666 -13.74 -42.80 53.70
CA MET J 666 -13.55 -44.18 53.29
C MET J 666 -14.90 -44.85 53.13
N VAL J 667 -14.94 -45.86 52.27
CA VAL J 667 -16.08 -46.74 52.13
C VAL J 667 -15.54 -48.15 52.12
N GLY J 668 -16.02 -48.98 53.05
CA GLY J 668 -15.47 -50.31 53.22
C GLY J 668 -16.57 -51.37 53.21
N VAL J 669 -16.19 -52.54 52.71
CA VAL J 669 -17.05 -53.71 52.77
C VAL J 669 -16.25 -54.84 53.41
N THR J 670 -16.96 -55.77 54.01
CA THR J 670 -16.32 -56.92 54.63
C THR J 670 -16.98 -58.19 54.14
N ARG J 671 -16.22 -59.28 54.16
CA ARG J 671 -16.74 -60.57 53.78
C ARG J 671 -16.33 -61.66 54.75
N GLN J 672 -15.74 -61.30 55.88
CA GLN J 672 -15.25 -62.27 56.84
C GLN J 672 -15.50 -61.74 58.24
N SER J 673 -15.00 -62.47 59.23
CA SER J 673 -15.03 -62.01 60.61
C SER J 673 -13.69 -62.33 61.24
N ARG J 674 -13.45 -61.73 62.38
CA ARG J 674 -12.16 -61.87 63.05
C ARG J 674 -12.11 -63.21 63.78
N ASP J 675 -11.14 -63.35 64.67
CA ASP J 675 -10.84 -64.64 65.27
C ASP J 675 -12.04 -65.23 66.00
N THR J 676 -12.66 -64.46 66.90
CA THR J 676 -13.80 -64.95 67.65
C THR J 676 -15.00 -64.03 67.63
N ILE J 677 -14.89 -62.84 67.06
CA ILE J 677 -16.02 -61.93 67.00
C ILE J 677 -17.05 -62.50 66.03
N THR J 678 -18.27 -62.69 66.52
CA THR J 678 -19.33 -63.27 65.71
C THR J 678 -20.43 -62.27 65.36
N GLN J 679 -20.48 -61.12 66.03
CA GLN J 679 -21.47 -60.12 65.69
C GLN J 679 -20.88 -59.17 64.67
N PRO J 680 -21.45 -59.05 63.48
CA PRO J 680 -20.83 -58.21 62.44
C PRO J 680 -20.65 -56.76 62.87
N ALA J 681 -21.54 -56.25 63.71
CA ALA J 681 -21.45 -54.86 64.13
C ALA J 681 -20.19 -54.57 64.91
N LEU J 682 -19.49 -55.62 65.38
CA LEU J 682 -18.26 -55.44 66.14
C LEU J 682 -17.01 -55.67 65.29
N SER J 683 -17.05 -56.62 64.37
CA SER J 683 -15.88 -56.91 63.53
C SER J 683 -15.86 -56.08 62.26
N LEU J 684 -16.92 -55.35 61.97
CA LEU J 684 -16.97 -54.57 60.74
C LEU J 684 -15.89 -53.50 60.71
N SER J 685 -15.65 -52.85 61.85
CA SER J 685 -14.71 -51.74 61.88
C SER J 685 -13.28 -52.17 61.58
N THR J 686 -12.98 -53.46 61.71
CA THR J 686 -11.62 -53.94 61.52
C THR J 686 -11.45 -54.93 60.38
N THR J 687 -12.53 -55.48 59.85
CA THR J 687 -12.43 -56.48 58.79
C THR J 687 -12.89 -55.92 57.44
N ASN J 688 -13.09 -54.61 57.34
CA ASN J 688 -13.57 -54.03 56.11
C ASN J 688 -12.44 -53.85 55.11
N THR J 689 -12.80 -53.47 53.90
CA THR J 689 -11.84 -53.27 52.81
C THR J 689 -12.23 -52.03 52.02
N THR J 690 -11.30 -51.09 51.90
CA THR J 690 -11.60 -49.82 51.25
C THR J 690 -11.91 -50.02 49.78
N VAL J 691 -12.82 -49.20 49.27
CA VAL J 691 -13.30 -49.30 47.90
C VAL J 691 -13.40 -47.91 47.31
N GLY J 692 -12.95 -47.75 46.07
CA GLY J 692 -13.11 -46.51 45.34
C GLY J 692 -11.89 -46.12 44.54
N VAL J 693 -12.11 -45.49 43.39
CA VAL J 693 -11.02 -45.01 42.54
C VAL J 693 -11.32 -43.62 42.06
N PRO J 694 -10.28 -42.83 41.82
CA PRO J 694 -10.47 -41.54 41.15
C PRO J 694 -10.39 -41.71 39.65
N LEU J 695 -11.11 -40.82 38.95
CA LEU J 695 -11.15 -40.85 37.49
C LEU J 695 -10.97 -39.43 36.99
N ALA J 696 -10.13 -39.25 35.98
CA ALA J 696 -9.68 -37.95 35.55
C ALA J 696 -10.44 -37.48 34.31
N LEU J 697 -10.80 -36.21 34.30
CA LEU J 697 -11.46 -35.58 33.17
C LEU J 697 -10.62 -34.42 32.65
N ASP J 698 -11.09 -33.81 31.58
CA ASP J 698 -10.44 -32.65 30.98
C ASP J 698 -11.32 -31.43 31.16
N ALA J 699 -10.78 -30.40 31.80
CA ALA J 699 -11.59 -29.23 32.14
C ALA J 699 -12.00 -28.47 30.88
N ARG J 700 -11.14 -28.45 29.87
CA ARG J 700 -11.41 -27.66 28.69
C ARG J 700 -12.68 -28.12 27.98
N ALA J 701 -12.86 -29.44 27.86
CA ALA J 701 -14.06 -29.97 27.23
C ALA J 701 -15.31 -29.58 28.02
N ILE J 702 -15.22 -29.66 29.34
CA ILE J 702 -16.37 -29.35 30.17
C ILE J 702 -16.74 -27.87 30.03
N THR J 703 -15.75 -26.99 30.01
CA THR J 703 -16.04 -25.58 29.83
C THR J 703 -16.65 -25.31 28.47
N VAL J 704 -16.12 -25.95 27.42
CA VAL J 704 -16.71 -25.79 26.10
C VAL J 704 -18.16 -26.21 26.11
N ALA J 705 -18.47 -27.32 26.76
CA ALA J 705 -19.85 -27.77 26.85
C ALA J 705 -20.71 -26.75 27.59
N LEU J 706 -20.17 -26.18 28.66
CA LEU J 706 -20.93 -25.22 29.44
C LEU J 706 -21.23 -23.96 28.64
N LEU J 707 -20.30 -23.51 27.83
CA LEU J 707 -20.43 -22.22 27.15
C LEU J 707 -21.17 -22.28 25.83
N SER J 708 -21.53 -23.47 25.34
CA SER J 708 -22.06 -23.57 23.99
C SER J 708 -23.24 -24.52 23.93
N GLY J 709 -24.17 -24.40 24.87
CA GLY J 709 -25.37 -25.21 24.81
C GLY J 709 -26.45 -24.54 23.98
N LYS J 710 -27.16 -25.35 23.20
CA LYS J 710 -28.19 -24.83 22.31
C LYS J 710 -29.28 -25.88 22.12
N TYR J 711 -30.51 -25.47 22.27
CA TYR J 711 -31.68 -26.30 22.04
C TYR J 711 -32.05 -26.30 20.57
N PRO J 712 -32.83 -27.29 20.12
CA PRO J 712 -33.41 -27.23 18.78
C PRO J 712 -34.27 -25.99 18.64
N PRO J 713 -34.54 -25.55 17.41
CA PRO J 713 -35.26 -24.28 17.21
C PRO J 713 -36.60 -24.21 17.93
N ASP J 714 -37.51 -25.12 17.63
CA ASP J 714 -38.85 -25.11 18.22
C ASP J 714 -38.99 -26.35 19.08
N LEU J 715 -38.72 -26.21 20.36
CA LEU J 715 -38.70 -27.32 21.30
C LEU J 715 -39.97 -27.33 22.12
N VAL J 716 -40.59 -28.50 22.23
CA VAL J 716 -41.73 -28.71 23.12
C VAL J 716 -41.40 -29.97 23.91
N THR J 717 -40.99 -29.78 25.18
CA THR J 717 -40.37 -30.87 25.92
C THR J 717 -41.32 -32.05 26.10
N ASN J 718 -42.58 -31.79 26.40
CA ASN J 718 -43.51 -32.89 26.63
C ASN J 718 -43.67 -33.76 25.39
N VAL J 719 -43.41 -33.22 24.21
CA VAL J 719 -43.47 -34.00 22.98
C VAL J 719 -42.14 -34.67 22.71
N TRP J 720 -41.04 -33.92 22.85
CA TRP J 720 -39.72 -34.47 22.57
C TRP J 720 -39.44 -35.67 23.45
N TYR J 721 -39.70 -35.55 24.75
CA TYR J 721 -39.43 -36.65 25.65
C TYR J 721 -40.41 -37.80 25.42
N ALA J 722 -41.66 -37.49 25.12
CA ALA J 722 -42.61 -38.55 24.81
C ALA J 722 -42.13 -39.38 23.62
N ASP J 723 -41.51 -38.73 22.64
CA ASP J 723 -40.98 -39.46 21.51
C ASP J 723 -39.71 -40.21 21.86
N ALA J 724 -38.82 -39.59 22.64
CA ALA J 724 -37.51 -40.19 22.87
C ALA J 724 -37.58 -41.37 23.83
N ILE J 725 -38.35 -41.25 24.91
CA ILE J 725 -38.38 -42.30 25.91
C ILE J 725 -38.98 -43.58 25.35
N TYR J 726 -40.06 -43.46 24.58
CA TYR J 726 -40.94 -44.55 24.20
C TYR J 726 -40.24 -45.86 23.90
N PRO J 727 -39.26 -45.90 22.99
CA PRO J 727 -38.61 -47.19 22.71
C PRO J 727 -37.88 -47.76 23.91
N MET J 728 -37.33 -46.91 24.77
CA MET J 728 -36.39 -47.39 25.79
C MET J 728 -37.07 -48.28 26.82
N TYR J 729 -38.38 -48.17 27.01
CA TYR J 729 -39.09 -48.98 28.00
C TYR J 729 -39.77 -50.18 27.39
N ALA J 730 -39.14 -50.79 26.39
CA ALA J 730 -39.56 -52.11 25.91
C ALA J 730 -38.51 -53.17 26.19
N ASP J 731 -37.56 -52.90 27.08
CA ASP J 731 -36.45 -53.82 27.36
C ASP J 731 -36.72 -54.56 28.67
N THR J 732 -36.40 -55.84 28.69
CA THR J 732 -36.65 -56.68 29.85
C THR J 732 -35.40 -56.98 30.65
N GLU J 733 -34.33 -56.23 30.44
CA GLU J 733 -33.07 -56.56 31.10
C GLU J 733 -33.20 -56.44 32.62
N VAL J 734 -33.90 -55.42 33.10
CA VAL J 734 -34.05 -55.21 34.54
C VAL J 734 -34.69 -56.42 35.19
N PHE J 735 -35.73 -56.95 34.55
CA PHE J 735 -36.42 -58.10 35.09
C PHE J 735 -35.50 -59.29 35.19
N SER J 736 -34.62 -59.46 34.21
CA SER J 736 -33.64 -60.54 34.30
C SER J 736 -32.67 -60.30 35.45
N ASN J 737 -32.23 -59.06 35.64
CA ASN J 737 -31.31 -58.77 36.73
C ASN J 737 -31.92 -59.09 38.08
N LEU J 738 -33.23 -58.88 38.22
CA LEU J 738 -33.88 -59.20 39.49
C LEU J 738 -33.73 -60.69 39.80
N GLN J 739 -34.01 -61.55 38.82
CA GLN J 739 -33.86 -62.98 39.04
C GLN J 739 -32.41 -63.34 39.32
N ARG J 740 -31.48 -62.68 38.64
CA ARG J 740 -30.07 -62.94 38.90
C ARG J 740 -29.73 -62.64 40.36
N ASP J 741 -30.24 -61.52 40.89
CA ASP J 741 -29.97 -61.18 42.28
C ASP J 741 -30.57 -62.21 43.23
N MET J 742 -31.80 -62.65 42.93
CA MET J 742 -32.41 -63.66 43.78
C MET J 742 -31.55 -64.91 43.84
N ILE J 743 -31.07 -65.36 42.68
CA ILE J 743 -30.23 -66.57 42.66
C ILE J 743 -28.93 -66.33 43.40
N THR J 744 -28.38 -65.12 43.31
CA THR J 744 -27.15 -64.83 44.04
C THR J 744 -27.34 -65.01 45.54
N CYS J 745 -28.40 -64.41 46.08
CA CYS J 745 -28.66 -64.55 47.51
C CYS J 745 -28.89 -66.01 47.89
N GLU J 746 -29.66 -66.72 47.06
CA GLU J 746 -29.89 -68.14 47.29
C GLU J 746 -28.58 -68.90 47.38
N ALA J 747 -27.67 -68.65 46.45
CA ALA J 747 -26.40 -69.38 46.42
C ALA J 747 -25.57 -69.06 47.64
N VAL J 748 -25.53 -67.79 48.05
CA VAL J 748 -24.72 -67.44 49.22
C VAL J 748 -25.22 -68.17 50.45
N GLN J 749 -26.54 -68.16 50.67
CA GLN J 749 -27.07 -68.85 51.84
C GLN J 749 -26.82 -70.35 51.77
N THR J 750 -26.96 -70.94 50.57
CA THR J 750 -26.67 -72.36 50.43
C THR J 750 -25.23 -72.66 50.78
N LEU J 751 -24.31 -71.82 50.33
CA LEU J 751 -22.90 -72.01 50.64
C LEU J 751 -22.67 -72.02 52.14
N VAL J 752 -23.20 -71.01 52.84
CA VAL J 752 -22.91 -70.96 54.27
C VAL J 752 -23.54 -72.14 54.99
N THR J 753 -24.75 -72.54 54.60
CA THR J 753 -25.40 -73.67 55.26
C THR J 753 -24.61 -74.95 55.06
N LEU J 754 -24.19 -75.23 53.82
CA LEU J 754 -23.43 -76.45 53.57
C LEU J 754 -22.09 -76.42 54.28
N VAL J 755 -21.41 -75.28 54.28
CA VAL J 755 -20.09 -75.21 54.92
C VAL J 755 -20.23 -75.46 56.41
N ALA J 756 -21.32 -74.99 57.02
CA ALA J 756 -21.49 -75.18 58.45
C ALA J 756 -21.49 -76.65 58.85
N GLN J 757 -21.77 -77.57 57.92
CA GLN J 757 -21.88 -78.98 58.27
C GLN J 757 -20.55 -79.69 58.38
N ILE J 758 -19.47 -79.12 57.86
CA ILE J 758 -18.15 -79.77 57.93
C ILE J 758 -17.16 -79.00 58.78
N SER J 759 -17.41 -77.74 59.09
CA SER J 759 -16.54 -76.97 59.95
C SER J 759 -17.39 -76.31 61.03
N GLU J 760 -16.78 -75.41 61.79
CA GLU J 760 -17.44 -74.71 62.87
C GLU J 760 -17.60 -73.25 62.50
N THR J 761 -18.84 -72.79 62.46
CA THR J 761 -19.16 -71.42 62.10
C THR J 761 -20.01 -70.78 63.19
N GLN J 762 -20.29 -69.49 63.04
CA GLN J 762 -21.07 -68.76 64.02
C GLN J 762 -22.56 -68.82 63.76
N TYR J 763 -22.98 -69.37 62.66
CA TYR J 763 -24.42 -69.34 62.46
C TYR J 763 -25.06 -70.56 63.08
N PRO J 764 -26.27 -70.42 63.62
CA PRO J 764 -27.01 -71.58 64.11
C PRO J 764 -27.38 -72.48 62.94
N VAL J 765 -27.37 -73.79 63.19
CA VAL J 765 -27.63 -74.73 62.12
C VAL J 765 -27.91 -76.12 62.70
N ASP J 766 -28.78 -76.87 62.03
CA ASP J 766 -29.02 -78.25 62.40
C ASP J 766 -27.82 -79.11 62.06
N ARG J 767 -27.84 -80.36 62.53
CA ARG J 767 -26.74 -81.28 62.28
C ARG J 767 -27.31 -82.70 62.35
N TYR J 768 -27.41 -83.36 61.19
CA TYR J 768 -27.93 -84.71 61.14
C TYR J 768 -26.91 -85.73 60.67
N LEU J 769 -25.82 -85.31 60.04
CA LEU J 769 -24.87 -86.23 59.44
C LEU J 769 -23.58 -86.37 60.23
N ASP J 770 -23.62 -86.06 61.53
CA ASP J 770 -22.40 -86.15 62.32
C ASP J 770 -21.94 -87.59 62.51
N TRP J 771 -22.87 -88.55 62.49
CA TRP J 771 -22.47 -89.93 62.64
C TRP J 771 -21.60 -90.41 61.49
N ILE J 772 -21.75 -89.82 60.32
CA ILE J 772 -20.86 -90.14 59.20
C ILE J 772 -19.46 -89.62 59.51
N PRO J 773 -18.43 -90.44 59.42
CA PRO J 773 -17.07 -89.97 59.75
C PRO J 773 -16.63 -88.87 58.80
N SER J 774 -15.84 -87.94 59.33
CA SER J 774 -15.32 -86.85 58.54
C SER J 774 -13.97 -86.42 59.11
N LEU J 775 -13.17 -85.76 58.27
CA LEU J 775 -11.83 -85.37 58.65
C LEU J 775 -11.84 -83.99 59.32
N ARG J 776 -10.71 -83.64 59.90
CA ARG J 776 -10.52 -82.32 60.50
C ARG J 776 -10.37 -81.31 59.38
N ALA J 777 -11.46 -80.64 59.02
CA ALA J 777 -11.44 -79.75 57.88
C ALA J 777 -10.55 -78.54 58.14
N SER J 778 -9.75 -78.18 57.15
CA SER J 778 -8.91 -77.01 57.19
C SER J 778 -9.44 -75.97 56.21
N ALA J 779 -8.71 -74.86 56.10
CA ALA J 779 -9.14 -73.81 55.18
C ALA J 779 -9.15 -74.29 53.74
N ALA J 780 -8.12 -75.06 53.35
CA ALA J 780 -8.05 -75.54 51.97
C ALA J 780 -9.23 -76.46 51.65
N THR J 781 -9.58 -77.34 52.59
CA THR J 781 -10.72 -78.21 52.36
C THR J 781 -12.00 -77.40 52.17
N ALA J 782 -12.17 -76.37 53.00
CA ALA J 782 -13.35 -75.52 52.85
C ALA J 782 -13.36 -74.82 51.50
N ALA J 783 -12.20 -74.35 51.05
CA ALA J 783 -12.14 -73.69 49.76
C ALA J 783 -12.52 -74.64 48.64
N THR J 784 -11.99 -75.86 48.67
CA THR J 784 -12.33 -76.83 47.64
C THR J 784 -13.82 -77.17 47.66
N PHE J 785 -14.36 -77.35 48.86
CA PHE J 785 -15.79 -77.65 48.97
C PHE J 785 -16.62 -76.51 48.40
N ALA J 786 -16.24 -75.26 48.70
CA ALA J 786 -16.98 -74.12 48.18
C ALA J 786 -16.89 -74.05 46.67
N GLU J 787 -15.72 -74.35 46.11
CA GLU J 787 -15.60 -74.37 44.65
C GLU J 787 -16.53 -75.40 44.04
N TRP J 788 -16.59 -76.59 44.65
CA TRP J 788 -17.50 -77.61 44.12
C TRP J 788 -18.94 -77.16 44.20
N VAL J 789 -19.33 -76.55 45.31
CA VAL J 789 -20.71 -76.08 45.46
C VAL J 789 -21.03 -75.04 44.40
N ASN J 790 -20.12 -74.08 44.21
CA ASN J 790 -20.35 -73.03 43.22
C ASN J 790 -20.46 -73.60 41.82
N THR J 791 -19.59 -74.54 41.48
CA THR J 791 -19.66 -75.16 40.16
C THR J 791 -20.98 -75.88 39.97
N SER J 792 -21.42 -76.64 40.97
CA SER J 792 -22.68 -77.35 40.85
C SER J 792 -23.84 -76.38 40.65
N MET J 793 -23.85 -75.29 41.41
CA MET J 793 -24.94 -74.33 41.28
C MET J 793 -24.95 -73.70 39.90
N LYS J 794 -23.78 -73.26 39.42
CA LYS J 794 -23.71 -72.64 38.10
C LYS J 794 -24.16 -73.61 37.02
N THR J 795 -23.73 -74.85 37.10
CA THR J 795 -24.15 -75.84 36.12
C THR J 795 -25.66 -76.04 36.16
N ALA J 796 -26.21 -76.15 37.37
CA ALA J 796 -27.63 -76.44 37.49
C ALA J 796 -28.50 -75.30 36.97
N PHE J 797 -28.09 -74.05 37.14
CA PHE J 797 -28.92 -72.93 36.72
C PHE J 797 -28.50 -72.34 35.38
N ASP J 798 -27.63 -73.02 34.64
CA ASP J 798 -27.20 -72.58 33.31
C ASP J 798 -26.55 -71.19 33.39
N LEU J 799 -25.65 -71.04 34.34
CA LEU J 799 -24.85 -69.82 34.48
C LEU J 799 -23.44 -70.10 33.97
N SER J 800 -22.91 -69.18 33.17
CA SER J 800 -21.58 -69.31 32.63
C SER J 800 -20.58 -68.33 33.20
N ASP J 801 -21.03 -67.26 33.83
CA ASP J 801 -20.14 -66.23 34.35
C ASP J 801 -19.82 -66.49 35.81
N MET J 802 -19.25 -65.50 36.49
CA MET J 802 -18.84 -65.66 37.88
C MET J 802 -20.06 -65.79 38.80
N LEU J 803 -19.83 -66.49 39.91
CA LEU J 803 -20.81 -66.61 41.00
C LEU J 803 -20.05 -67.04 42.23
N LEU J 804 -20.12 -66.24 43.29
CA LEU J 804 -19.48 -66.48 44.58
C LEU J 804 -17.96 -66.38 44.55
N GLU J 805 -17.33 -66.18 43.40
CA GLU J 805 -15.89 -65.95 43.38
C GLU J 805 -15.46 -64.79 44.25
N PRO J 806 -16.19 -63.67 44.33
CA PRO J 806 -15.83 -62.66 45.33
C PRO J 806 -15.80 -63.23 46.74
N LEU J 807 -16.70 -64.17 47.05
CA LEU J 807 -16.65 -64.83 48.35
C LEU J 807 -15.56 -65.89 48.41
N LEU J 808 -15.27 -66.55 47.28
CA LEU J 808 -14.29 -67.63 47.30
C LEU J 808 -12.92 -67.13 47.70
N SER J 809 -12.51 -65.97 47.22
CA SER J 809 -11.32 -65.33 47.76
C SER J 809 -11.52 -65.13 49.26
N GLY J 810 -10.51 -65.49 50.03
CA GLY J 810 -10.62 -65.48 51.47
C GLY J 810 -11.20 -66.76 52.02
N ASP J 811 -11.06 -66.91 53.34
CA ASP J 811 -11.56 -68.09 54.01
C ASP J 811 -13.08 -68.08 54.04
N PRO J 812 -13.74 -69.18 53.64
CA PRO J 812 -15.20 -69.19 53.58
C PRO J 812 -15.89 -69.67 54.84
N ARG J 813 -15.17 -69.93 55.92
CA ARG J 813 -15.82 -70.49 57.11
C ARG J 813 -16.45 -69.44 58.00
N MET J 814 -16.18 -68.15 57.78
CA MET J 814 -16.74 -67.10 58.62
C MET J 814 -17.26 -65.96 57.76
N THR J 815 -18.00 -66.29 56.72
CA THR J 815 -18.49 -65.27 55.79
C THR J 815 -19.58 -64.42 56.43
N GLN J 816 -19.58 -63.15 56.07
CA GLN J 816 -20.63 -62.23 56.46
C GLN J 816 -20.61 -61.07 55.48
N LEU J 817 -21.73 -60.36 55.40
CA LEU J 817 -21.87 -59.25 54.45
C LEU J 817 -22.21 -57.98 55.21
N ALA J 818 -21.43 -56.93 54.96
CA ALA J 818 -21.66 -55.65 55.59
C ALA J 818 -20.95 -54.58 54.78
N ILE J 819 -21.34 -53.33 55.03
CA ILE J 819 -20.73 -52.20 54.34
C ILE J 819 -20.88 -50.97 55.22
N GLN J 820 -19.85 -50.14 55.26
CA GLN J 820 -19.85 -48.96 56.11
C GLN J 820 -19.07 -47.85 55.45
N TYR J 821 -19.30 -46.63 55.93
CA TYR J 821 -18.50 -45.50 55.51
C TYR J 821 -18.36 -44.54 56.68
N GLN J 822 -17.36 -43.69 56.60
CA GLN J 822 -16.91 -42.90 57.74
C GLN J 822 -16.67 -41.46 57.33
N GLN J 823 -17.09 -40.53 58.16
CA GLN J 823 -16.89 -39.13 57.89
C GLN J 823 -15.51 -38.67 58.37
N TYR J 824 -15.19 -37.41 58.08
CA TYR J 824 -13.93 -36.86 58.55
C TYR J 824 -13.93 -36.71 60.07
N ASN J 825 -15.06 -36.37 60.66
CA ASN J 825 -15.12 -36.15 62.09
C ASN J 825 -15.22 -37.44 62.89
N GLY J 826 -15.28 -38.58 62.22
CA GLY J 826 -15.23 -39.86 62.89
C GLY J 826 -16.54 -40.60 62.98
N ARG J 827 -17.67 -39.94 62.75
CA ARG J 827 -18.95 -40.62 62.80
C ARG J 827 -19.04 -41.61 61.64
N THR J 828 -19.39 -42.85 61.94
CA THR J 828 -19.46 -43.91 60.95
C THR J 828 -20.89 -44.46 60.88
N PHE J 829 -21.27 -44.93 59.70
CA PHE J 829 -22.60 -45.45 59.45
C PHE J 829 -22.49 -46.86 58.89
N ASN J 830 -23.25 -47.78 59.45
CA ASN J 830 -23.19 -49.18 59.07
C ASN J 830 -24.50 -49.61 58.42
N ILE J 831 -24.43 -50.68 57.63
CA ILE J 831 -25.59 -51.25 56.96
C ILE J 831 -25.43 -52.77 56.92
N ILE J 832 -26.23 -53.46 57.74
CA ILE J 832 -26.13 -54.92 57.82
C ILE J 832 -27.42 -55.50 57.24
N PRO J 833 -27.41 -56.01 56.00
CA PRO J 833 -28.63 -56.56 55.42
C PRO J 833 -29.04 -57.82 56.17
N GLU J 834 -30.23 -57.78 56.77
CA GLU J 834 -30.71 -58.92 57.53
C GLU J 834 -31.00 -60.05 56.56
N MET J 835 -30.21 -61.12 56.64
CA MET J 835 -30.23 -62.18 55.65
C MET J 835 -31.62 -62.80 55.53
N PRO J 836 -32.24 -62.80 54.37
CA PRO J 836 -33.54 -63.43 54.20
C PRO J 836 -33.40 -64.94 54.13
N GLY J 837 -34.52 -65.61 53.91
CA GLY J 837 -34.53 -67.06 53.87
C GLY J 837 -33.90 -67.58 52.59
N SER J 838 -33.98 -68.91 52.44
CA SER J 838 -33.48 -69.57 51.24
C SER J 838 -34.19 -70.90 51.08
N VAL J 839 -34.90 -71.07 49.96
CA VAL J 839 -35.62 -72.31 49.74
C VAL J 839 -34.66 -73.47 49.52
N ILE J 840 -33.55 -73.23 48.84
CA ILE J 840 -32.61 -74.30 48.54
C ILE J 840 -32.00 -74.85 49.82
N ALA J 841 -31.59 -73.97 50.71
CA ALA J 841 -30.97 -74.42 51.96
C ALA J 841 -31.96 -75.22 52.79
N ASP J 842 -33.19 -74.74 52.89
CA ASP J 842 -34.21 -75.46 53.66
C ASP J 842 -34.47 -76.83 53.05
N CYS J 843 -34.56 -76.89 51.72
CA CYS J 843 -34.88 -78.15 51.07
C CYS J 843 -33.73 -79.14 51.20
N VAL J 844 -32.48 -78.69 51.07
CA VAL J 844 -31.37 -79.61 51.22
C VAL J 844 -31.25 -80.09 52.66
N GLN J 845 -31.56 -79.21 53.62
CA GLN J 845 -31.57 -79.64 55.01
C GLN J 845 -32.65 -80.69 55.23
N LEU J 846 -33.82 -80.51 54.64
CA LEU J 846 -34.89 -81.51 54.75
C LEU J 846 -34.45 -82.83 54.14
N THR J 847 -33.76 -82.76 53.00
CA THR J 847 -33.27 -83.97 52.36
C THR J 847 -32.29 -84.69 53.27
N ALA J 848 -31.39 -83.94 53.90
CA ALA J 848 -30.44 -84.56 54.83
C ALA J 848 -31.18 -85.19 56.00
N GLU J 849 -32.23 -84.51 56.49
CA GLU J 849 -33.01 -85.06 57.59
C GLU J 849 -33.65 -86.38 57.19
N VAL J 850 -34.20 -86.45 55.98
CA VAL J 850 -34.78 -87.70 55.50
C VAL J 850 -33.71 -88.77 55.35
N PHE J 851 -32.53 -88.38 54.88
CA PHE J 851 -31.44 -89.33 54.71
C PHE J 851 -31.08 -90.00 56.02
N ASN J 852 -31.33 -89.34 57.14
CA ASN J 852 -31.04 -89.92 58.44
C ASN J 852 -31.83 -91.18 58.72
N HIS J 853 -32.91 -91.42 57.98
CA HIS J 853 -33.70 -92.63 58.15
C HIS J 853 -33.65 -93.55 56.94
N GLU J 854 -33.26 -93.05 55.77
CA GLU J 854 -33.34 -93.81 54.54
C GLU J 854 -31.94 -94.04 53.94
N TYR J 855 -30.92 -94.11 54.79
CA TYR J 855 -29.56 -94.25 54.28
C TYR J 855 -29.38 -95.53 53.48
N ASN J 856 -30.16 -96.57 53.79
CA ASN J 856 -30.01 -97.83 53.07
C ASN J 856 -30.38 -97.68 51.61
N LEU J 857 -31.42 -96.88 51.30
CA LEU J 857 -31.79 -96.66 49.91
C LEU J 857 -30.65 -96.03 49.14
N PHE J 858 -29.87 -95.18 49.78
CA PHE J 858 -28.74 -94.53 49.13
C PHE J 858 -27.48 -95.39 49.18
N GLY J 859 -27.63 -96.70 49.37
CA GLY J 859 -26.48 -97.58 49.33
C GLY J 859 -25.49 -97.37 50.44
N ILE J 860 -25.90 -96.78 51.55
CA ILE J 860 -25.04 -96.52 52.69
C ILE J 860 -25.55 -97.32 53.87
N ALA J 861 -24.66 -98.07 54.50
CA ALA J 861 -24.99 -98.81 55.71
C ALA J 861 -24.52 -98.04 56.93
N ARG J 862 -25.25 -98.20 58.02
CA ARG J 862 -24.98 -97.49 59.26
C ARG J 862 -24.46 -98.45 60.33
N GLY J 863 -23.54 -97.97 61.14
CA GLY J 863 -23.05 -98.75 62.25
C GLY J 863 -21.66 -99.33 62.04
N ASP J 864 -21.46 -100.56 62.48
CA ASP J 864 -20.16 -101.21 62.43
C ASP J 864 -20.32 -102.60 61.86
N ILE J 865 -19.20 -103.31 61.74
CA ILE J 865 -19.19 -104.66 61.21
C ILE J 865 -18.43 -105.56 62.17
N ILE J 866 -18.73 -106.84 62.12
CA ILE J 866 -18.10 -107.84 62.97
C ILE J 866 -17.52 -108.92 62.07
N ILE J 867 -16.22 -109.13 62.16
CA ILE J 867 -15.52 -110.10 61.32
C ILE J 867 -15.24 -111.34 62.15
N GLY J 868 -15.82 -112.45 61.75
CA GLY J 868 -15.64 -113.69 62.48
C GLY J 868 -16.29 -114.88 61.80
N ARG J 869 -15.71 -116.05 61.96
CA ARG J 869 -16.24 -117.23 61.29
C ARG J 869 -17.54 -117.67 61.92
N VAL J 870 -18.50 -118.02 61.08
CA VAL J 870 -19.73 -118.65 61.53
C VAL J 870 -20.23 -119.61 60.47
N GLN J 871 -20.32 -120.89 60.81
CA GLN J 871 -20.66 -121.94 59.85
C GLN J 871 -21.94 -122.61 60.32
N SER J 872 -22.96 -122.58 59.46
CA SER J 872 -24.24 -123.19 59.78
C SER J 872 -25.07 -123.23 58.51
N THR J 873 -26.23 -123.85 58.60
CA THR J 873 -27.16 -123.95 57.49
C THR J 873 -28.29 -122.95 57.59
N HIS J 874 -28.28 -122.07 58.58
CA HIS J 874 -29.37 -121.14 58.79
C HIS J 874 -29.39 -120.09 57.67
N LEU J 875 -30.57 -119.53 57.43
CA LEU J 875 -30.78 -118.66 56.28
C LEU J 875 -31.01 -117.21 56.66
N TRP J 876 -30.63 -116.80 57.86
CA TRP J 876 -30.80 -115.40 58.22
C TRP J 876 -29.89 -114.52 57.38
N SER J 877 -30.37 -113.35 57.05
CA SER J 877 -29.56 -112.47 56.23
C SER J 877 -28.48 -111.80 57.07
N PRO J 878 -27.27 -111.65 56.54
CA PRO J 878 -26.21 -110.96 57.30
C PRO J 878 -26.52 -109.50 57.57
N LEU J 879 -27.44 -108.90 56.82
CA LEU J 879 -27.83 -107.52 57.09
C LEU J 879 -28.75 -107.40 58.29
N ALA J 880 -29.35 -108.50 58.75
CA ALA J 880 -30.21 -108.52 59.92
C ALA J 880 -29.83 -109.71 60.78
N PRO J 881 -28.65 -109.66 61.40
CA PRO J 881 -28.13 -110.83 62.10
C PRO J 881 -28.92 -111.11 63.36
N PRO J 882 -28.89 -112.34 63.86
CA PRO J 882 -29.48 -112.61 65.16
C PRO J 882 -28.73 -111.86 66.23
N PRO J 883 -29.43 -111.40 67.28
CA PRO J 883 -28.79 -110.54 68.27
C PRO J 883 -27.63 -111.20 68.99
N ASP J 884 -27.70 -112.50 69.24
CA ASP J 884 -26.71 -113.16 70.08
C ASP J 884 -25.33 -113.19 69.45
N LEU J 885 -25.21 -112.91 68.15
CA LEU J 885 -23.92 -112.96 67.49
C LEU J 885 -23.10 -111.68 67.63
N VAL J 886 -23.70 -110.59 68.09
CA VAL J 886 -23.02 -109.31 68.14
C VAL J 886 -22.63 -109.00 69.57
N PHE J 887 -21.71 -108.04 69.71
CA PHE J 887 -21.28 -107.59 71.01
C PHE J 887 -20.86 -106.13 70.90
N ASP J 888 -20.85 -105.44 72.03
CA ASP J 888 -20.56 -104.02 72.06
C ASP J 888 -19.57 -103.74 73.17
N ARG J 889 -19.33 -102.45 73.43
CA ARG J 889 -18.30 -102.06 74.38
C ARG J 889 -18.60 -102.53 75.79
N ASP J 890 -19.87 -102.46 76.20
CA ASP J 890 -20.23 -102.82 77.55
C ASP J 890 -20.50 -104.31 77.73
N THR J 891 -20.38 -105.09 76.67
CA THR J 891 -20.55 -106.54 76.80
C THR J 891 -19.42 -107.10 77.66
N PRO J 892 -19.73 -107.99 78.60
CA PRO J 892 -18.68 -108.58 79.42
C PRO J 892 -17.69 -109.38 78.60
N GLY J 893 -16.45 -109.42 79.06
CA GLY J 893 -15.43 -110.22 78.42
C GLY J 893 -15.02 -109.78 77.03
N VAL J 894 -14.84 -108.48 76.82
CA VAL J 894 -14.34 -107.95 75.56
C VAL J 894 -12.97 -107.33 75.82
N HIS J 895 -12.37 -106.82 74.75
CA HIS J 895 -11.08 -106.14 74.84
C HIS J 895 -11.07 -104.97 73.88
N ILE J 896 -10.91 -103.77 74.42
CA ILE J 896 -10.85 -102.56 73.63
C ILE J 896 -9.40 -102.22 73.38
N PHE J 897 -9.12 -101.64 72.21
CA PHE J 897 -7.74 -101.35 71.82
C PHE J 897 -7.62 -99.90 71.38
N GLY J 898 -6.58 -99.24 71.89
CA GLY J 898 -6.27 -97.87 71.55
C GLY J 898 -5.02 -97.74 70.72
N ARG J 899 -4.52 -96.50 70.64
CA ARG J 899 -3.47 -96.18 69.68
C ARG J 899 -2.16 -96.89 69.97
N ASP J 900 -2.02 -97.52 71.12
CA ASP J 900 -0.71 -98.05 71.53
C ASP J 900 -0.53 -99.51 71.15
N CYS J 901 -1.07 -99.91 69.99
CA CYS J 901 -0.95 -101.30 69.55
C CYS J 901 0.51 -101.73 69.49
N ARG J 902 0.84 -102.79 70.22
CA ARG J 902 2.15 -103.39 70.17
C ARG J 902 2.04 -104.86 70.55
N ILE J 903 2.83 -105.69 69.88
CA ILE J 903 2.70 -107.13 69.94
C ILE J 903 4.02 -107.75 70.36
N SER J 904 3.96 -108.71 71.29
CA SER J 904 5.12 -109.48 71.69
C SER J 904 5.02 -110.87 71.06
N PHE J 905 6.06 -111.26 70.34
CA PHE J 905 6.06 -112.55 69.66
C PHE J 905 6.15 -113.69 70.67
N GLY J 906 5.45 -114.78 70.38
CA GLY J 906 5.54 -115.95 71.21
C GLY J 906 6.86 -116.66 71.03
N MET J 907 7.28 -117.37 72.08
CA MET J 907 8.57 -118.04 72.07
C MET J 907 8.42 -119.45 72.61
N ASN J 908 9.04 -120.40 71.91
CA ASN J 908 9.06 -121.80 72.34
C ASN J 908 7.64 -122.34 72.55
N GLY J 909 6.76 -122.03 71.61
CA GLY J 909 5.41 -122.52 71.66
C GLY J 909 4.42 -121.62 72.38
N ALA J 910 4.90 -120.65 73.15
CA ALA J 910 3.99 -119.72 73.80
C ALA J 910 3.23 -118.91 72.75
N ALA J 911 1.99 -118.60 73.05
CA ALA J 911 1.17 -117.89 72.09
C ALA J 911 1.58 -116.42 72.01
N PRO J 912 1.47 -115.82 70.83
CA PRO J 912 1.73 -114.38 70.72
C PRO J 912 0.67 -113.59 71.47
N MET J 913 1.08 -112.41 71.95
CA MET J 913 0.23 -111.63 72.84
C MET J 913 0.25 -110.17 72.41
N ILE J 914 -0.86 -109.48 72.65
CA ILE J 914 -0.99 -108.06 72.32
C ILE J 914 -1.52 -107.33 73.55
N ARG J 915 -1.12 -106.07 73.70
CA ARG J 915 -1.44 -105.32 74.90
C ARG J 915 -2.80 -104.65 74.76
N ASP J 916 -3.67 -104.91 75.73
CA ASP J 916 -5.00 -104.33 75.77
C ASP J 916 -4.92 -102.83 76.06
N GLU J 917 -6.08 -102.19 76.11
CA GLU J 917 -6.12 -100.77 76.47
C GLU J 917 -5.82 -100.57 77.95
N THR J 918 -6.12 -101.56 78.77
CA THR J 918 -5.92 -101.47 80.22
C THR J 918 -4.54 -101.96 80.65
N GLY J 919 -3.62 -102.12 79.71
CA GLY J 919 -2.29 -102.57 80.05
C GLY J 919 -2.12 -104.06 80.15
N LEU J 920 -3.20 -104.82 80.02
CA LEU J 920 -3.10 -106.28 80.01
C LEU J 920 -2.69 -106.75 78.62
N MET J 921 -2.03 -107.90 78.59
CA MET J 921 -1.65 -108.55 77.34
C MET J 921 -2.42 -109.86 77.21
N VAL J 922 -3.01 -110.08 76.05
CA VAL J 922 -3.95 -111.19 75.87
C VAL J 922 -3.58 -111.96 74.62
N PRO J 923 -3.99 -113.23 74.53
CA PRO J 923 -3.74 -114.01 73.32
C PRO J 923 -4.67 -113.57 72.20
N PHE J 924 -4.49 -114.21 71.05
CA PHE J 924 -5.25 -113.86 69.85
C PHE J 924 -6.53 -114.70 69.79
N GLU J 925 -7.50 -114.30 70.59
CA GLU J 925 -8.80 -114.96 70.60
C GLU J 925 -9.77 -114.10 71.38
N GLY J 926 -11.04 -114.49 71.35
CA GLY J 926 -12.07 -113.77 72.06
C GLY J 926 -12.79 -112.76 71.19
N ASN J 927 -13.20 -111.64 71.76
CA ASN J 927 -13.89 -110.59 71.04
C ASN J 927 -13.14 -109.29 71.24
N TRP J 928 -12.77 -108.64 70.15
CA TRP J 928 -12.01 -107.40 70.19
C TRP J 928 -12.82 -106.28 69.56
N ILE J 929 -12.41 -105.05 69.85
CA ILE J 929 -13.04 -103.86 69.29
C ILE J 929 -11.94 -102.94 68.78
N PHE J 930 -12.05 -102.54 67.51
CA PHE J 930 -11.02 -101.78 66.84
C PHE J 930 -11.58 -100.50 66.25
N PRO J 931 -10.93 -99.36 66.46
CA PRO J 931 -11.19 -98.23 65.57
C PRO J 931 -10.60 -98.51 64.21
N LEU J 932 -11.31 -98.09 63.16
CA LEU J 932 -10.90 -98.45 61.80
C LEU J 932 -9.52 -97.88 61.47
N ALA J 933 -9.26 -96.63 61.86
CA ALA J 933 -7.98 -96.02 61.53
C ALA J 933 -6.82 -96.82 62.10
N LEU J 934 -7.02 -97.50 63.22
CA LEU J 934 -5.95 -98.29 63.81
C LEU J 934 -5.54 -99.41 62.88
N TRP J 935 -6.51 -100.05 62.22
CA TRP J 935 -6.17 -101.06 61.22
C TRP J 935 -5.62 -100.41 59.95
N GLN J 936 -6.14 -99.25 59.60
CA GLN J 936 -5.68 -98.60 58.37
C GLN J 936 -4.19 -98.28 58.46
N MET J 937 -3.72 -97.87 59.63
CA MET J 937 -2.32 -97.49 59.74
C MET J 937 -1.39 -98.68 59.95
N ASN J 938 -1.90 -99.90 60.08
CA ASN J 938 -1.05 -101.08 60.22
C ASN J 938 -1.62 -102.25 59.43
N THR J 939 -2.20 -101.95 58.27
CA THR J 939 -2.78 -102.96 57.39
C THR J 939 -1.93 -104.21 57.25
N ARG J 940 -0.70 -104.05 56.74
CA ARG J 940 0.08 -105.24 56.39
C ARG J 940 0.42 -106.08 57.61
N TYR J 941 0.90 -105.42 58.67
CA TYR J 941 1.23 -106.12 59.89
C TYR J 941 0.02 -106.85 60.44
N PHE J 942 -1.13 -106.18 60.46
CA PHE J 942 -2.32 -106.77 61.06
C PHE J 942 -2.82 -107.95 60.24
N ASN J 943 -2.83 -107.80 58.92
CA ASN J 943 -3.19 -108.93 58.07
C ASN J 943 -2.31 -110.12 58.37
N GLN J 944 -1.00 -109.92 58.31
CA GLN J 944 -0.08 -111.03 58.48
C GLN J 944 -0.19 -111.65 59.86
N GLN J 945 -0.56 -110.88 60.87
CA GLN J 945 -0.61 -111.44 62.21
C GLN J 945 -1.96 -112.02 62.59
N PHE J 946 -3.04 -111.60 61.93
CA PHE J 946 -4.37 -111.96 62.40
C PHE J 946 -5.20 -112.79 61.42
N ASP J 947 -4.86 -112.79 60.13
CA ASP J 947 -5.72 -113.47 59.16
C ASP J 947 -5.80 -114.96 59.46
N ALA J 948 -4.67 -115.57 59.79
CA ALA J 948 -4.66 -117.01 60.05
C ALA J 948 -5.55 -117.35 61.23
N TRP J 949 -5.50 -116.56 62.29
CA TRP J 949 -6.35 -116.82 63.44
C TRP J 949 -7.81 -116.55 63.14
N ILE J 950 -8.10 -115.52 62.34
CA ILE J 950 -9.50 -115.24 62.02
C ILE J 950 -10.10 -116.38 61.20
N LYS J 951 -9.34 -116.88 60.24
CA LYS J 951 -9.89 -117.85 59.29
C LYS J 951 -10.31 -119.14 60.00
N THR J 952 -9.46 -119.67 60.88
CA THR J 952 -9.70 -120.95 61.49
C THR J 952 -9.78 -120.94 63.00
N GLY J 953 -9.12 -119.99 63.67
CA GLY J 953 -9.11 -119.94 65.11
C GLY J 953 -10.43 -119.47 65.69
N GLU J 954 -10.36 -118.86 66.87
CA GLU J 954 -11.56 -118.44 67.58
C GLU J 954 -11.54 -116.94 67.81
N LEU J 955 -10.96 -116.19 66.89
CA LEU J 955 -10.82 -114.75 67.03
C LEU J 955 -11.92 -114.05 66.24
N ARG J 956 -12.60 -113.11 66.87
CA ARG J 956 -13.63 -112.30 66.24
C ARG J 956 -13.40 -110.85 66.57
N ILE J 957 -13.55 -109.99 65.58
CA ILE J 957 -13.15 -108.59 65.70
C ILE J 957 -14.31 -107.71 65.25
N ARG J 958 -14.50 -106.59 65.94
CA ARG J 958 -15.50 -105.60 65.58
C ARG J 958 -14.78 -104.31 65.18
N ILE J 959 -15.04 -103.84 63.97
CA ILE J 959 -14.43 -102.62 63.47
C ILE J 959 -15.44 -101.49 63.58
N GLU J 960 -15.04 -100.39 64.21
CA GLU J 960 -15.92 -99.25 64.39
C GLU J 960 -15.77 -98.31 63.20
N MET J 961 -16.85 -98.13 62.45
CA MET J 961 -16.79 -97.33 61.24
C MET J 961 -17.85 -96.24 61.19
N GLY J 962 -19.04 -96.49 61.71
CA GLY J 962 -20.09 -95.50 61.63
C GLY J 962 -20.91 -95.64 60.36
N ALA J 963 -20.28 -95.38 59.22
CA ALA J 963 -20.94 -95.49 57.93
C ALA J 963 -19.97 -96.09 56.92
N TYR J 964 -20.51 -96.79 55.93
CA TYR J 964 -19.70 -97.44 54.92
C TYR J 964 -20.57 -97.93 53.77
N PRO J 965 -20.09 -97.86 52.54
CA PRO J 965 -20.83 -98.48 51.43
C PRO J 965 -20.71 -99.99 51.45
N TYR J 966 -21.70 -100.64 50.87
CA TYR J 966 -21.78 -102.09 50.90
C TYR J 966 -22.13 -102.62 49.51
N MET J 967 -21.80 -103.89 49.28
CA MET J 967 -22.05 -104.53 48.00
C MET J 967 -22.42 -105.99 48.24
N LEU J 968 -23.54 -106.41 47.67
CA LEU J 968 -24.12 -107.71 47.98
C LEU J 968 -23.66 -108.79 47.02
N HIS J 969 -23.83 -110.04 47.45
CA HIS J 969 -23.53 -111.21 46.64
C HIS J 969 -24.53 -112.29 47.01
N TYR J 970 -25.29 -112.77 46.02
CA TYR J 970 -26.33 -113.75 46.28
C TYR J 970 -25.84 -115.15 45.95
N TYR J 971 -26.19 -116.10 46.82
CA TYR J 971 -25.72 -117.47 46.69
C TYR J 971 -26.88 -118.44 46.86
N ASP J 972 -26.88 -119.49 46.05
CA ASP J 972 -27.96 -120.48 46.08
C ASP J 972 -27.90 -121.25 47.39
N PRO J 973 -28.98 -121.27 48.18
CA PRO J 973 -28.92 -121.95 49.47
C PRO J 973 -28.69 -123.45 49.38
N ARG J 974 -29.02 -124.09 48.27
CA ARG J 974 -28.94 -125.54 48.22
C ARG J 974 -27.53 -126.07 48.02
N GLN J 975 -26.54 -125.20 47.85
CA GLN J 975 -25.19 -125.62 47.55
C GLN J 975 -24.21 -125.01 48.55
N TYR J 976 -23.09 -125.69 48.73
CA TYR J 976 -22.06 -125.19 49.62
C TYR J 976 -21.54 -123.85 49.13
N ALA J 977 -21.23 -122.97 50.07
CA ALA J 977 -20.74 -121.64 49.73
C ALA J 977 -19.89 -121.10 50.86
N ASN J 978 -18.70 -120.62 50.52
CA ASN J 978 -17.76 -120.07 51.48
C ASN J 978 -17.39 -118.66 51.06
N ALA J 979 -17.39 -117.74 52.03
CA ALA J 979 -17.18 -116.33 51.76
C ALA J 979 -15.78 -115.86 52.13
N TRP J 980 -14.85 -116.78 52.38
CA TRP J 980 -13.54 -116.35 52.87
C TRP J 980 -12.80 -115.52 51.83
N ASN J 981 -12.97 -115.83 50.55
CA ASN J 981 -12.23 -115.12 49.52
C ASN J 981 -12.58 -113.64 49.50
N LEU J 982 -13.86 -113.32 49.56
CA LEU J 982 -14.28 -111.93 49.48
C LEU J 982 -13.76 -111.14 50.67
N THR J 983 -13.93 -111.68 51.88
CA THR J 983 -13.47 -110.99 53.06
C THR J 983 -11.95 -110.87 53.07
N SER J 984 -11.25 -111.89 52.62
CA SER J 984 -9.80 -111.81 52.57
C SER J 984 -9.34 -110.71 51.63
N ALA J 985 -9.97 -110.62 50.45
CA ALA J 985 -9.63 -109.54 49.54
C ALA J 985 -9.92 -108.18 50.16
N TRP J 986 -11.08 -108.06 50.81
CA TRP J 986 -11.43 -106.78 51.42
C TRP J 986 -10.43 -106.38 52.49
N LEU J 987 -10.06 -107.32 53.35
CA LEU J 987 -9.11 -107.02 54.41
C LEU J 987 -7.75 -106.66 53.84
N GLU J 988 -7.28 -107.42 52.86
CA GLU J 988 -5.94 -107.18 52.33
C GLU J 988 -5.87 -105.90 51.51
N GLU J 989 -7.01 -105.40 51.03
CA GLU J 989 -7.00 -104.19 50.22
C GLU J 989 -7.25 -102.93 51.03
N ILE J 990 -7.33 -103.03 52.36
CA ILE J 990 -7.46 -101.85 53.18
C ILE J 990 -6.17 -101.05 53.13
N THR J 991 -6.30 -99.73 53.01
CA THR J 991 -5.16 -98.86 52.82
C THR J 991 -5.23 -97.71 53.82
N PRO J 992 -4.10 -97.23 54.33
CA PRO J 992 -4.14 -96.11 55.28
C PRO J 992 -4.80 -94.86 54.74
N THR J 993 -5.21 -94.88 53.48
CA THR J 993 -5.92 -93.77 52.90
C THR J 993 -7.19 -94.14 52.17
N SER J 994 -7.54 -95.43 52.10
CA SER J 994 -8.74 -95.82 51.38
C SER J 994 -9.19 -97.21 51.82
N ILE J 995 -10.48 -97.47 51.60
CA ILE J 995 -11.05 -98.81 51.79
C ILE J 995 -11.96 -99.14 50.64
N PRO J 996 -12.13 -100.43 50.36
CA PRO J 996 -13.11 -100.86 49.37
C PRO J 996 -14.46 -101.15 50.00
N SER J 997 -15.46 -101.34 49.13
CA SER J 997 -16.82 -101.59 49.59
C SER J 997 -16.89 -102.91 50.36
N VAL J 998 -17.70 -102.91 51.40
CA VAL J 998 -17.82 -104.10 52.26
C VAL J 998 -18.66 -105.14 51.52
N PRO J 999 -18.17 -106.36 51.35
CA PRO J 999 -18.95 -107.40 50.68
C PRO J 999 -19.77 -108.24 51.65
N PHE J 1000 -21.01 -108.49 51.26
CA PHE J 1000 -21.91 -109.35 52.02
C PHE J 1000 -22.39 -110.49 51.16
N MET J 1001 -22.62 -111.64 51.77
CA MET J 1001 -23.08 -112.84 51.09
C MET J 1001 -24.45 -113.20 51.64
N VAL J 1002 -25.48 -113.13 50.79
CA VAL J 1002 -26.86 -113.27 51.23
C VAL J 1002 -27.56 -114.34 50.42
N PRO J 1003 -28.40 -115.17 51.02
CA PRO J 1003 -29.09 -116.21 50.26
C PRO J 1003 -30.28 -115.68 49.49
N ILE J 1004 -30.68 -116.44 48.47
CA ILE J 1004 -31.87 -116.14 47.69
C ILE J 1004 -33.08 -116.76 48.38
N SER J 1005 -34.12 -115.95 48.60
CA SER J 1005 -35.34 -116.46 49.16
C SER J 1005 -36.05 -117.37 48.17
N SER J 1006 -36.68 -118.42 48.70
CA SER J 1006 -37.41 -119.38 47.89
C SER J 1006 -38.87 -119.43 48.31
N ASP J 1007 -39.70 -119.98 47.43
CA ASP J 1007 -41.12 -120.11 47.69
C ASP J 1007 -41.56 -121.57 47.74
N HIS J 1008 -40.65 -122.52 47.59
CA HIS J 1008 -40.98 -123.93 47.70
C HIS J 1008 -39.89 -124.61 48.51
N ASP J 1009 -40.24 -125.75 49.08
CA ASP J 1009 -39.31 -126.46 49.96
C ASP J 1009 -38.00 -126.77 49.23
N ILE J 1010 -36.89 -126.58 49.94
CA ILE J 1010 -35.57 -126.86 49.40
C ILE J 1010 -34.77 -127.60 50.45
N SER J 1011 -33.72 -128.29 50.00
CA SER J 1011 -32.79 -128.90 50.93
C SER J 1011 -31.87 -127.82 51.49
N SER J 1012 -30.91 -128.25 52.30
CA SER J 1012 -30.02 -127.32 52.99
C SER J 1012 -28.58 -127.75 52.82
N ALA J 1013 -27.69 -126.77 52.74
CA ALA J 1013 -26.26 -127.00 52.57
C ALA J 1013 -25.50 -126.05 53.48
N PRO J 1014 -24.31 -126.45 53.94
CA PRO J 1014 -23.55 -125.59 54.83
C PRO J 1014 -23.11 -124.31 54.14
N ALA J 1015 -22.97 -123.26 54.93
CA ALA J 1015 -22.50 -121.98 54.44
C ALA J 1015 -21.57 -121.36 55.48
N VAL J 1016 -20.51 -120.72 55.01
CA VAL J 1016 -19.51 -120.11 55.87
C VAL J 1016 -19.54 -118.61 55.67
N GLN J 1017 -19.71 -117.86 56.75
CA GLN J 1017 -19.84 -116.41 56.69
C GLN J 1017 -18.80 -115.78 57.59
N TYR J 1018 -18.38 -114.56 57.23
CA TYR J 1018 -17.35 -113.87 57.98
C TYR J 1018 -17.68 -112.42 58.31
N ILE J 1019 -18.60 -111.78 57.61
CA ILE J 1019 -18.92 -110.38 57.84
C ILE J 1019 -20.41 -110.25 58.10
N ILE J 1020 -20.76 -109.66 59.24
CA ILE J 1020 -22.14 -109.33 59.55
C ILE J 1020 -22.21 -107.89 60.02
N SER J 1021 -23.38 -107.29 59.86
CA SER J 1021 -23.58 -105.91 60.29
C SER J 1021 -23.96 -105.87 61.76
N THR J 1022 -23.57 -104.77 62.42
CA THR J 1022 -23.87 -104.62 63.83
C THR J 1022 -25.35 -104.40 64.09
N GLU J 1023 -26.02 -103.65 63.22
CA GLU J 1023 -27.42 -103.30 63.40
C GLU J 1023 -28.18 -103.58 62.11
N TYR J 1024 -29.50 -103.47 62.19
CA TYR J 1024 -30.34 -103.72 61.02
C TYR J 1024 -30.00 -102.73 59.92
N ASN J 1025 -29.78 -103.25 58.72
CA ASN J 1025 -29.45 -102.40 57.59
C ASN J 1025 -30.13 -102.84 56.30
N ASP J 1026 -31.20 -103.62 56.39
CA ASP J 1026 -31.84 -104.20 55.20
C ASP J 1026 -33.13 -103.46 54.88
N ARG J 1027 -33.14 -102.14 55.03
CA ARG J 1027 -34.34 -101.38 54.75
C ARG J 1027 -34.59 -101.23 53.26
N SER J 1028 -33.58 -101.49 52.43
CA SER J 1028 -33.74 -101.26 51.00
C SER J 1028 -34.54 -102.35 50.31
N LEU J 1029 -34.71 -103.50 50.93
CA LEU J 1029 -35.37 -104.61 50.26
C LEU J 1029 -36.86 -104.30 50.12
N PHE J 1030 -37.43 -104.68 48.98
CA PHE J 1030 -38.82 -104.34 48.67
C PHE J 1030 -39.76 -105.54 48.83
N CYS J 1031 -39.48 -106.63 48.14
CA CYS J 1031 -40.35 -107.79 48.21
C CYS J 1031 -39.59 -109.03 47.77
N THR J 1032 -40.03 -110.18 48.26
CA THR J 1032 -39.42 -111.46 47.94
C THR J 1032 -40.48 -112.39 47.38
N ASN J 1033 -40.16 -113.05 46.26
CA ASN J 1033 -41.09 -113.95 45.59
C ASN J 1033 -42.41 -113.25 45.30
N SER J 1034 -42.31 -112.05 44.74
CA SER J 1034 -43.47 -111.18 44.61
C SER J 1034 -44.62 -111.83 43.84
N SER J 1035 -44.30 -112.73 42.92
CA SER J 1035 -45.33 -113.40 42.14
C SER J 1035 -45.73 -114.75 42.72
N SER J 1036 -45.18 -115.12 43.85
CA SER J 1036 -45.49 -116.41 44.47
C SER J 1036 -46.54 -116.24 45.55
N PRO J 1037 -47.27 -117.30 45.88
CA PRO J 1037 -48.24 -117.20 46.98
C PRO J 1037 -47.63 -116.84 48.32
N GLN J 1038 -46.42 -117.30 48.61
CA GLN J 1038 -45.77 -116.99 49.88
C GLN J 1038 -44.32 -117.44 49.81
N THR J 1039 -43.52 -116.92 50.74
CA THR J 1039 -42.10 -117.26 50.84
C THR J 1039 -41.92 -118.26 51.97
N ILE J 1040 -41.20 -119.34 51.68
CA ILE J 1040 -40.98 -120.41 52.65
C ILE J 1040 -39.58 -120.38 53.23
N ALA J 1041 -38.56 -120.28 52.38
CA ALA J 1041 -37.17 -120.33 52.82
C ALA J 1041 -36.49 -119.01 52.49
N GLY J 1042 -35.68 -118.52 53.43
CA GLY J 1042 -34.94 -117.31 53.22
C GLY J 1042 -35.61 -116.11 53.85
N PRO J 1043 -34.97 -114.95 53.76
CA PRO J 1043 -35.56 -113.73 54.32
C PRO J 1043 -36.84 -113.36 53.58
N ASP J 1044 -37.94 -113.32 54.33
CA ASP J 1044 -39.25 -113.02 53.77
C ASP J 1044 -39.61 -111.57 54.06
N LYS J 1045 -40.24 -110.92 53.08
CA LYS J 1045 -40.60 -109.52 53.23
C LYS J 1045 -41.75 -109.19 52.30
N HIS J 1046 -42.89 -108.83 52.87
CA HIS J 1046 -44.04 -108.45 52.08
C HIS J 1046 -43.89 -107.02 51.58
N ILE J 1047 -44.80 -106.61 50.71
CA ILE J 1047 -44.79 -105.25 50.19
C ILE J 1047 -44.97 -104.28 51.35
N PRO J 1048 -44.15 -103.24 51.47
CA PRO J 1048 -44.28 -102.34 52.62
C PRO J 1048 -45.55 -101.54 52.59
N VAL J 1049 -46.44 -101.80 53.54
CA VAL J 1049 -47.73 -101.13 53.58
C VAL J 1049 -47.56 -99.64 53.82
N GLU J 1050 -46.67 -99.27 54.75
CA GLU J 1050 -46.56 -97.87 55.15
C GLU J 1050 -46.16 -96.98 53.99
N ARG J 1051 -45.46 -97.52 53.00
CA ARG J 1051 -45.17 -96.74 51.81
C ARG J 1051 -46.40 -96.47 50.96
N TYR J 1052 -47.52 -97.13 51.24
CA TYR J 1052 -48.76 -96.94 50.49
C TYR J 1052 -49.89 -96.64 51.45
N ASN J 1053 -49.64 -95.68 52.35
CA ASN J 1053 -50.60 -95.39 53.41
C ASN J 1053 -51.92 -94.91 52.86
N ILE J 1054 -51.89 -94.10 51.81
CA ILE J 1054 -53.12 -93.55 51.25
C ILE J 1054 -54.02 -94.66 50.73
N LEU J 1055 -53.44 -95.63 50.02
CA LEU J 1055 -54.25 -96.71 49.48
C LEU J 1055 -54.66 -97.71 50.54
N THR J 1056 -53.73 -98.11 51.41
CA THR J 1056 -54.01 -99.21 52.32
C THR J 1056 -54.94 -98.79 53.45
N ASN J 1057 -54.71 -97.61 54.02
CA ASN J 1057 -55.51 -97.16 55.16
C ASN J 1057 -56.73 -96.42 54.62
N PRO J 1058 -57.94 -96.94 54.78
CA PRO J 1058 -59.11 -96.24 54.28
C PRO J 1058 -59.40 -94.94 55.01
N ASP J 1059 -58.82 -94.73 56.18
CA ASP J 1059 -59.13 -93.58 57.00
C ASP J 1059 -58.15 -92.43 56.83
N ALA J 1060 -57.24 -92.54 55.94
CA ALA J 1060 -56.29 -91.44 55.94
C ALA J 1060 -56.72 -90.35 54.97
N PRO J 1061 -56.51 -89.09 55.33
CA PRO J 1061 -56.74 -88.03 54.37
C PRO J 1061 -55.81 -88.17 53.18
N PRO J 1062 -56.26 -87.80 51.98
CA PRO J 1062 -55.43 -88.03 50.79
C PRO J 1062 -54.11 -87.29 50.80
N THR J 1063 -53.97 -86.23 51.58
CA THR J 1063 -52.79 -85.38 51.52
C THR J 1063 -51.72 -85.77 52.55
N GLN J 1064 -52.01 -86.71 53.43
CA GLN J 1064 -51.10 -87.03 54.53
C GLN J 1064 -49.78 -87.58 54.01
N ILE J 1065 -48.70 -87.24 54.70
CA ILE J 1065 -47.37 -87.77 54.45
C ILE J 1065 -46.71 -88.13 55.77
N GLN J 1066 -45.73 -89.03 55.71
CA GLN J 1066 -45.03 -89.50 56.89
C GLN J 1066 -43.57 -89.08 56.90
N LEU J 1067 -43.24 -87.94 56.31
CA LEU J 1067 -41.88 -87.44 56.41
C LEU J 1067 -41.58 -87.10 57.87
N PRO J 1068 -40.31 -87.21 58.28
CA PRO J 1068 -39.17 -87.65 57.49
C PRO J 1068 -38.76 -89.09 57.77
N GLU J 1069 -39.72 -89.93 58.15
CA GLU J 1069 -39.41 -91.30 58.53
C GLU J 1069 -39.72 -92.31 57.44
N VAL J 1070 -40.79 -92.11 56.68
CA VAL J 1070 -41.19 -93.01 55.62
C VAL J 1070 -41.47 -92.20 54.37
N VAL J 1071 -40.89 -92.62 53.26
CA VAL J 1071 -41.13 -91.98 51.97
C VAL J 1071 -42.19 -92.79 51.24
N ASP J 1072 -43.35 -92.18 51.04
CA ASP J 1072 -44.44 -92.87 50.36
C ASP J 1072 -44.17 -92.98 48.87
N LEU J 1073 -44.73 -94.02 48.26
CA LEU J 1073 -44.58 -94.25 46.84
C LEU J 1073 -45.87 -94.01 46.06
N TYR J 1074 -46.84 -93.33 46.66
CA TYR J 1074 -48.11 -93.08 45.99
C TYR J 1074 -48.76 -91.89 46.68
N ASN J 1075 -48.84 -90.75 46.00
CA ASN J 1075 -49.23 -89.51 46.65
C ASN J 1075 -50.21 -88.76 45.74
N VAL J 1076 -50.53 -87.54 46.14
CA VAL J 1076 -51.38 -86.64 45.37
C VAL J 1076 -50.51 -85.51 44.86
N VAL J 1077 -50.46 -85.35 43.54
CA VAL J 1077 -49.60 -84.37 42.90
C VAL J 1077 -50.48 -83.33 42.23
N THR J 1078 -50.11 -82.06 42.37
CA THR J 1078 -50.80 -80.97 41.71
C THR J 1078 -50.05 -80.62 40.43
N ARG J 1079 -50.75 -80.65 39.31
CA ARG J 1079 -50.17 -80.38 38.01
C ARG J 1079 -50.74 -79.08 37.46
N TYR J 1080 -49.86 -78.16 37.08
CA TYR J 1080 -50.26 -76.83 36.67
C TYR J 1080 -50.26 -76.69 35.16
N ALA J 1081 -50.86 -75.60 34.69
CA ALA J 1081 -50.91 -75.28 33.28
C ALA J 1081 -50.68 -73.80 33.04
N TYR J 1082 -49.85 -73.17 33.87
CA TYR J 1082 -49.67 -71.73 33.81
C TYR J 1082 -48.96 -71.34 32.52
N GLU J 1083 -49.29 -70.16 32.02
CA GLU J 1083 -48.54 -69.57 30.91
C GLU J 1083 -47.44 -68.68 31.47
N THR J 1084 -46.37 -68.54 30.69
CA THR J 1084 -45.22 -67.71 31.08
C THR J 1084 -44.79 -66.80 29.93
N PRO J 1085 -45.66 -65.88 29.53
CA PRO J 1085 -45.36 -65.06 28.37
C PRO J 1085 -44.31 -64.02 28.71
N PRO J 1086 -43.63 -63.47 27.70
CA PRO J 1086 -42.72 -62.34 27.96
C PRO J 1086 -43.51 -61.08 28.27
N ILE J 1087 -42.79 -60.12 28.84
CA ILE J 1087 -43.45 -58.91 29.36
C ILE J 1087 -44.21 -58.20 28.25
N THR J 1088 -43.56 -58.00 27.11
CA THR J 1088 -44.16 -57.24 26.03
C THR J 1088 -45.38 -57.92 25.44
N ALA J 1089 -45.58 -59.21 25.72
CA ALA J 1089 -46.74 -59.89 25.16
C ALA J 1089 -48.04 -59.44 25.82
N VAL J 1090 -47.97 -59.00 27.07
CA VAL J 1090 -49.17 -58.64 27.81
C VAL J 1090 -49.31 -57.14 28.03
N VAL J 1091 -48.22 -56.38 27.98
CA VAL J 1091 -48.26 -54.93 28.17
C VAL J 1091 -47.86 -54.27 26.86
N MET J 1092 -48.79 -53.56 26.26
CA MET J 1092 -48.55 -52.87 25.00
C MET J 1092 -48.50 -51.37 25.23
N GLY J 1093 -47.41 -50.75 24.80
CA GLY J 1093 -47.31 -49.32 24.91
C GLY J 1093 -48.09 -48.61 23.84
N VAL J 1094 -48.27 -47.31 24.03
CA VAL J 1094 -48.95 -46.46 23.07
C VAL J 1094 -47.88 -45.70 22.29
N PRO J 1095 -47.74 -45.93 20.98
CA PRO J 1095 -46.73 -45.30 20.14
C PRO J 1095 -46.85 -43.79 20.09
N MET K 1 38.05 -117.91 60.49
CA MET K 1 38.73 -116.67 60.13
C MET K 1 38.05 -116.02 58.93
N LYS K 2 38.02 -114.69 58.93
CA LYS K 2 37.42 -113.92 57.84
C LYS K 2 38.35 -112.76 57.49
N ARG K 3 38.24 -112.29 56.25
CA ARG K 3 39.06 -111.19 55.76
C ARG K 3 38.20 -109.95 55.57
N ILE K 4 38.63 -108.84 56.14
CA ILE K 4 37.95 -107.56 55.97
C ILE K 4 38.94 -106.56 55.36
N PRO K 5 38.77 -106.19 54.10
CA PRO K 5 39.71 -105.24 53.49
C PRO K 5 39.61 -103.86 54.12
N ARG K 6 40.74 -103.15 54.11
CA ARG K 6 40.81 -101.80 54.63
C ARG K 6 40.36 -100.78 53.59
N LYS K 7 40.13 -99.55 54.04
CA LYS K 7 39.69 -98.48 53.17
C LYS K 7 40.71 -97.36 53.02
N THR K 8 41.86 -97.46 53.68
CA THR K 8 42.87 -96.41 53.62
C THR K 8 44.25 -97.03 53.73
N LYS K 9 45.21 -96.45 53.01
CA LYS K 9 46.58 -96.93 53.05
C LYS K 9 47.14 -96.81 54.47
N GLY K 10 47.97 -97.78 54.86
CA GLY K 10 48.51 -97.80 56.20
C GLY K 10 50.02 -97.71 56.27
N LYS K 11 50.61 -98.45 57.21
CA LYS K 11 52.06 -98.38 57.43
C LYS K 11 52.83 -98.98 56.25
N SER K 12 52.19 -99.85 55.47
CA SER K 12 52.85 -100.47 54.33
C SER K 12 52.51 -99.74 53.03
N PRO K 40 2.91 -130.89 53.98
CA PRO K 40 2.17 -129.89 54.77
C PRO K 40 2.11 -128.56 54.06
N ALA K 41 0.93 -127.94 54.02
CA ALA K 41 0.78 -126.67 53.34
C ALA K 41 1.62 -125.60 54.00
N THR K 42 1.96 -124.58 53.23
CA THR K 42 2.86 -123.54 53.69
C THR K 42 2.37 -122.13 53.38
N THR K 43 1.41 -121.97 52.46
CA THR K 43 0.94 -120.65 52.07
C THR K 43 0.17 -120.03 53.22
N GLU K 44 0.82 -119.14 53.94
CA GLU K 44 0.19 -118.46 55.06
C GLU K 44 -0.96 -117.58 54.56
N PRO K 45 -2.08 -117.54 55.26
CA PRO K 45 -3.27 -116.82 54.75
C PRO K 45 -3.17 -115.31 54.82
N GLY K 46 -2.00 -114.77 55.11
CA GLY K 46 -1.86 -113.33 55.19
C GLY K 46 -0.75 -112.74 54.36
N THR K 47 0.00 -113.59 53.67
CA THR K 47 1.20 -113.16 52.96
C THR K 47 0.93 -112.72 51.53
N SER K 48 -0.33 -112.65 51.12
CA SER K 48 -0.63 -112.17 49.78
C SER K 48 -0.27 -110.70 49.64
N ASN K 49 0.14 -110.31 48.44
CA ASN K 49 0.58 -108.95 48.16
C ASN K 49 -0.48 -108.26 47.30
N ARG K 50 -1.29 -107.43 47.94
CA ARG K 50 -2.27 -106.57 47.26
C ARG K 50 -2.02 -105.15 47.75
N GLU K 51 -1.08 -104.47 47.11
CA GLU K 51 -0.67 -103.14 47.51
C GLU K 51 -1.34 -102.12 46.59
N GLN K 52 -1.87 -101.06 47.19
CA GLN K 52 -2.40 -99.94 46.42
C GLN K 52 -2.04 -98.60 47.06
N TYR K 53 -1.10 -98.59 47.99
CA TYR K 53 -0.75 -97.37 48.70
C TYR K 53 0.46 -96.71 48.03
N LYS K 54 0.32 -95.44 47.71
CA LYS K 54 1.41 -94.63 47.21
C LYS K 54 1.82 -93.67 48.30
N ALA K 55 3.09 -93.70 48.67
CA ALA K 55 3.56 -92.88 49.77
C ALA K 55 3.42 -91.39 49.44
N ARG K 56 3.22 -90.60 50.47
CA ARG K 56 3.06 -89.16 50.31
C ARG K 56 3.57 -88.46 51.56
N PRO K 57 4.74 -87.82 51.51
CA PRO K 57 5.61 -87.67 50.34
C PRO K 57 6.25 -88.97 49.91
N GLY K 58 6.64 -89.05 48.64
CA GLY K 58 7.16 -90.30 48.11
C GLY K 58 8.46 -90.69 48.79
N ILE K 59 8.70 -92.01 48.84
CA ILE K 59 9.90 -92.51 49.48
C ILE K 59 11.13 -92.03 48.73
N ALA K 60 11.09 -92.08 47.40
CA ALA K 60 12.28 -91.78 46.62
C ALA K 60 12.76 -90.36 46.85
N SER K 61 11.85 -89.40 46.88
CA SER K 61 12.25 -87.99 47.00
C SER K 61 12.92 -87.72 48.33
N VAL K 62 12.28 -88.12 49.42
CA VAL K 62 12.85 -87.88 50.74
C VAL K 62 14.12 -88.70 50.94
N GLN K 63 14.20 -89.88 50.36
CA GLN K 63 15.43 -90.64 50.42
C GLN K 63 16.56 -89.90 49.72
N ARG K 64 16.26 -89.33 48.56
CA ARG K 64 17.28 -88.57 47.84
C ARG K 64 17.76 -87.39 48.66
N ALA K 65 16.84 -86.68 49.31
CA ALA K 65 17.24 -85.55 50.13
C ALA K 65 18.08 -85.98 51.32
N THR K 66 17.62 -86.99 52.06
CA THR K 66 18.33 -87.39 53.26
C THR K 66 19.67 -88.03 52.93
N GLU K 67 19.81 -88.60 51.74
CA GLU K 67 21.12 -89.12 51.35
C GLU K 67 22.13 -88.01 51.23
N SER K 68 21.73 -86.86 50.70
CA SER K 68 22.59 -85.68 50.74
C SER K 68 22.75 -85.15 52.15
N ALA K 69 21.76 -85.39 53.01
CA ALA K 69 21.89 -84.98 54.41
C ALA K 69 22.93 -85.81 55.16
N GLU K 70 23.14 -87.06 54.75
CA GLU K 70 24.02 -87.95 55.49
C GLU K 70 25.47 -87.47 55.44
N MET K 71 25.85 -86.80 54.36
CA MET K 71 27.27 -86.54 54.10
C MET K 71 27.88 -85.67 55.18
N PRO K 72 29.01 -86.06 55.76
CA PRO K 72 29.67 -85.21 56.76
C PRO K 72 30.31 -84.00 56.11
N MET K 73 30.50 -82.96 56.93
CA MET K 73 31.10 -81.74 56.43
C MET K 73 32.55 -81.97 56.05
N LYS K 74 33.03 -81.19 55.08
CA LYS K 74 34.35 -81.43 54.51
C LYS K 74 35.44 -81.09 55.51
N ASN K 75 36.61 -81.68 55.29
CA ASN K 75 37.77 -81.44 56.11
C ASN K 75 38.39 -80.08 55.76
N ASN K 76 39.01 -79.45 56.75
CA ASN K 76 39.70 -78.18 56.57
C ASN K 76 41.14 -78.36 57.06
N ASP K 77 41.99 -78.86 56.17
CA ASP K 77 43.37 -79.17 56.54
C ASP K 77 44.30 -77.98 56.45
N GLU K 78 43.87 -76.89 55.83
CA GLU K 78 44.77 -75.79 55.53
C GLU K 78 45.35 -75.20 56.80
N GLY K 79 46.63 -74.87 56.75
CA GLY K 79 47.31 -74.26 57.87
C GLY K 79 47.92 -75.20 58.87
N THR K 80 47.73 -76.50 58.71
CA THR K 80 48.28 -77.44 59.67
C THR K 80 49.52 -78.13 59.08
N PRO K 81 50.47 -78.53 59.91
CA PRO K 81 51.69 -79.13 59.40
C PRO K 81 51.44 -80.54 58.89
N ASP K 82 52.41 -81.04 58.12
CA ASP K 82 52.39 -82.39 57.60
C ASP K 82 53.43 -83.23 58.34
N LYS K 83 53.60 -84.48 57.89
CA LYS K 83 54.54 -85.37 58.55
C LYS K 83 55.97 -84.86 58.46
N LYS K 84 56.31 -84.16 57.38
CA LYS K 84 57.65 -83.59 57.28
C LYS K 84 57.84 -82.37 58.16
N GLY K 85 56.77 -81.66 58.48
CA GLY K 85 56.83 -80.51 59.37
C GLY K 85 56.48 -79.19 58.72
N ASN K 86 56.36 -79.14 57.40
CA ASN K 86 56.00 -77.90 56.73
C ASN K 86 54.49 -77.73 56.72
N THR K 87 54.02 -76.53 57.07
CA THR K 87 52.60 -76.25 57.02
C THR K 87 52.13 -76.27 55.58
N LYS K 88 50.97 -76.87 55.33
CA LYS K 88 50.46 -77.00 53.98
C LYS K 88 49.22 -76.14 53.79
N GLY K 89 49.09 -75.60 52.58
CA GLY K 89 48.04 -74.66 52.26
C GLY K 89 48.46 -73.75 51.13
N ASP K 90 48.23 -72.45 51.28
CA ASP K 90 48.59 -71.47 50.27
C ASP K 90 49.18 -70.24 50.94
N LEU K 91 50.01 -69.52 50.19
CA LEU K 91 50.67 -68.31 50.71
C LEU K 91 49.82 -67.11 50.35
N VAL K 92 48.70 -66.98 51.04
CA VAL K 92 47.74 -65.91 50.79
C VAL K 92 47.43 -65.22 52.11
N ASN K 93 47.20 -63.92 52.04
CA ASN K 93 46.76 -63.17 53.21
C ASN K 93 45.48 -63.78 53.76
N GLU K 94 45.39 -63.84 55.10
CA GLU K 94 44.27 -64.53 55.73
C GLU K 94 42.94 -63.87 55.39
N HIS K 95 42.88 -62.53 55.46
CA HIS K 95 41.62 -61.86 55.16
C HIS K 95 41.23 -62.07 53.70
N SER K 96 42.18 -61.96 52.79
CA SER K 96 41.89 -62.26 51.39
C SER K 96 41.45 -63.70 51.23
N GLU K 97 42.06 -64.61 51.99
CA GLU K 97 41.62 -66.00 51.96
C GLU K 97 40.16 -66.12 52.35
N ALA K 98 39.75 -65.44 53.42
CA ALA K 98 38.37 -65.51 53.86
C ALA K 98 37.42 -64.94 52.81
N LYS K 99 37.80 -63.82 52.21
CA LYS K 99 36.92 -63.20 51.21
C LYS K 99 36.77 -64.10 49.98
N ASP K 100 37.88 -64.63 49.47
CA ASP K 100 37.81 -65.50 48.31
C ASP K 100 37.02 -66.77 48.63
N GLU K 101 37.18 -67.27 49.85
CA GLU K 101 36.47 -68.45 50.29
C GLU K 101 34.97 -68.20 50.32
N ALA K 102 34.56 -67.02 50.80
CA ALA K 102 33.15 -66.66 50.77
C ALA K 102 32.65 -66.56 49.33
N ASP K 103 33.46 -66.01 48.43
CA ASP K 103 33.04 -65.94 47.02
C ASP K 103 32.83 -67.32 46.44
N GLU K 104 33.74 -68.25 46.74
CA GLU K 104 33.57 -69.63 46.28
C GLU K 104 32.29 -70.22 46.83
N ALA K 105 31.98 -69.95 48.10
CA ALA K 105 30.75 -70.46 48.67
C ALA K 105 29.53 -69.90 47.95
N THR K 106 29.55 -68.61 47.61
CA THR K 106 28.42 -68.03 46.89
C THR K 106 28.27 -68.68 45.52
N LYS K 107 29.38 -68.92 44.82
CA LYS K 107 29.29 -69.56 43.51
C LYS K 107 28.71 -70.96 43.63
N LYS K 108 29.15 -71.71 44.64
CA LYS K 108 28.60 -73.04 44.84
C LYS K 108 27.11 -72.99 45.15
N GLN K 109 26.69 -72.03 45.97
CA GLN K 109 25.27 -71.88 46.26
C GLN K 109 24.49 -71.58 45.00
N ALA K 110 25.02 -70.72 44.13
CA ALA K 110 24.35 -70.45 42.87
C ALA K 110 24.23 -71.71 42.03
N LYS K 111 25.29 -72.52 42.00
CA LYS K 111 25.23 -73.76 41.23
C LYS K 111 24.17 -74.70 41.78
N ASP K 112 24.06 -74.79 43.11
CA ASP K 112 23.12 -75.73 43.71
C ASP K 112 21.68 -75.41 43.35
N THR K 113 21.34 -74.14 43.21
CA THR K 113 19.99 -73.73 42.86
C THR K 113 19.77 -73.60 41.36
N ASP K 114 20.78 -73.93 40.56
CA ASP K 114 20.67 -73.88 39.10
C ASP K 114 20.29 -72.49 38.61
N LYS K 115 20.89 -71.47 39.21
CA LYS K 115 20.67 -70.09 38.80
C LYS K 115 22.01 -69.43 38.55
N SER K 116 22.01 -68.45 37.65
CA SER K 116 23.23 -67.71 37.38
C SER K 116 23.63 -66.84 38.56
N LYS K 117 22.65 -66.34 39.30
CA LYS K 117 22.88 -65.47 40.44
C LYS K 117 22.20 -66.06 41.67
N ALA K 118 22.98 -66.34 42.70
CA ALA K 118 22.43 -66.96 43.90
C ALA K 118 21.54 -65.99 44.66
N GLN K 119 20.44 -66.52 45.19
CA GLN K 119 19.56 -65.71 46.03
C GLN K 119 20.14 -65.52 47.42
N VAL K 120 20.76 -66.55 47.96
CA VAL K 120 21.38 -66.51 49.28
C VAL K 120 22.88 -66.39 49.10
N THR K 121 23.46 -65.29 49.55
CA THR K 121 24.87 -65.01 49.32
C THR K 121 25.63 -64.91 50.62
N TYR K 122 26.87 -65.39 50.61
CA TYR K 122 27.77 -65.30 51.74
C TYR K 122 28.76 -64.15 51.62
N SER K 123 28.72 -63.40 50.53
CA SER K 123 29.66 -62.32 50.29
C SER K 123 28.91 -61.09 49.86
N ASP K 124 29.55 -59.93 50.07
CA ASP K 124 28.95 -58.63 49.76
C ASP K 124 27.62 -58.48 50.48
N THR K 125 27.62 -58.84 51.76
CA THR K 125 26.47 -58.60 52.61
C THR K 125 26.57 -57.18 53.17
N GLY K 126 25.57 -56.79 53.98
CA GLY K 126 25.62 -55.47 54.58
C GLY K 126 26.64 -55.35 55.69
N ILE K 127 27.05 -56.48 56.27
CA ILE K 127 27.92 -56.45 57.43
C ILE K 127 29.35 -56.13 57.01
N ASN K 128 29.99 -55.22 57.74
CA ASN K 128 31.38 -54.87 57.49
C ASN K 128 32.27 -55.81 58.27
N ASN K 129 32.42 -57.03 57.76
CA ASN K 129 33.23 -58.04 58.42
C ASN K 129 34.67 -57.98 57.95
N ALA K 130 35.28 -56.80 58.06
CA ALA K 130 36.62 -56.60 57.53
C ALA K 130 37.69 -57.24 58.39
N ASN K 131 37.35 -57.75 59.57
CA ASN K 131 38.32 -58.36 60.45
C ASN K 131 38.30 -59.88 60.42
N GLU K 132 37.51 -60.47 59.52
CA GLU K 132 37.48 -61.93 59.44
C GLU K 132 38.85 -62.48 59.09
N LEU K 133 39.27 -63.50 59.83
CA LEU K 133 40.52 -64.20 59.57
C LEU K 133 40.23 -65.66 59.32
N SER K 134 40.90 -66.22 58.31
CA SER K 134 40.76 -67.62 57.96
C SER K 134 42.13 -68.26 57.90
N ARG K 135 42.19 -69.52 58.29
CA ARG K 135 43.46 -70.24 58.29
C ARG K 135 44.01 -70.35 56.86
N SER K 136 45.33 -70.21 56.74
CA SER K 136 46.00 -70.39 55.47
C SER K 136 47.41 -70.92 55.72
N GLY K 137 48.09 -71.24 54.65
CA GLY K 137 49.45 -71.72 54.75
C GLY K 137 50.49 -70.63 54.89
N ASN K 138 50.07 -69.39 55.09
CA ASN K 138 51.02 -68.28 55.11
C ASN K 138 51.84 -68.24 56.39
N VAL K 139 51.29 -68.71 57.50
CA VAL K 139 51.93 -68.59 58.80
C VAL K 139 52.17 -69.98 59.38
N ASP K 140 53.25 -70.11 60.16
CA ASP K 140 53.57 -71.36 60.80
C ASP K 140 53.00 -71.39 62.21
N ASN K 141 53.28 -72.45 62.96
CA ASN K 141 52.82 -72.55 64.33
C ASN K 141 53.59 -71.64 65.27
N GLU K 142 54.72 -71.10 64.84
CA GLU K 142 55.52 -70.24 65.67
C GLU K 142 55.13 -68.77 65.55
N GLY K 143 54.20 -68.44 64.66
CA GLY K 143 53.87 -67.06 64.41
C GLY K 143 54.67 -66.42 63.30
N GLY K 144 55.66 -67.11 62.75
CA GLY K 144 56.43 -66.59 61.64
C GLY K 144 55.75 -66.81 60.32
N SER K 145 56.45 -66.45 59.25
CA SER K 145 55.91 -66.55 57.90
C SER K 145 56.47 -67.77 57.19
N ASN K 146 55.65 -68.39 56.35
CA ASN K 146 56.06 -69.52 55.55
C ASN K 146 56.67 -69.12 54.23
N GLN K 147 57.24 -67.91 54.14
CA GLN K 147 57.93 -67.51 52.94
C GLN K 147 59.06 -68.46 52.60
N LYS K 148 59.60 -69.17 53.60
CA LYS K 148 60.54 -70.25 53.40
C LYS K 148 60.08 -71.43 54.25
N PRO K 149 60.04 -72.63 53.71
CA PRO K 149 59.46 -73.77 54.44
C PRO K 149 60.26 -74.12 55.68
N MET K 150 59.56 -74.72 56.65
CA MET K 150 60.19 -75.13 57.90
C MET K 150 61.43 -75.98 57.66
N SER K 151 61.29 -77.03 56.85
CA SER K 151 62.42 -77.93 56.62
C SER K 151 63.61 -77.19 56.04
N THR K 152 63.35 -76.24 55.15
CA THR K 152 64.44 -75.44 54.59
C THR K 152 65.13 -74.63 55.68
N ARG K 153 64.35 -74.05 56.60
CA ARG K 153 64.95 -73.31 57.70
C ARG K 153 65.81 -74.23 58.57
N ILE K 154 65.32 -75.42 58.89
CA ILE K 154 66.10 -76.33 59.70
C ILE K 154 67.40 -76.70 59.00
N ALA K 155 67.31 -77.00 57.70
CA ALA K 155 68.52 -77.38 56.97
C ALA K 155 69.52 -76.25 56.92
N GLU K 156 69.04 -75.03 56.66
CA GLU K 156 69.93 -73.88 56.58
C GLU K 156 70.59 -73.63 57.93
N ALA K 157 69.83 -73.73 59.01
CA ALA K 157 70.41 -73.50 60.33
C ALA K 157 71.43 -74.56 60.67
N THR K 158 71.13 -75.83 60.41
CA THR K 158 72.03 -76.89 60.82
C THR K 158 73.27 -77.00 59.94
N SER K 159 73.18 -76.56 58.68
CA SER K 159 74.35 -76.66 57.82
C SER K 159 75.33 -75.53 58.04
N ALA K 160 74.94 -74.49 58.77
CA ALA K 160 75.84 -73.38 59.04
C ALA K 160 76.83 -73.68 60.15
N ILE K 161 76.78 -74.88 60.73
CA ILE K 161 77.59 -75.21 61.90
C ILE K 161 78.48 -76.41 61.65
N VAL K 162 78.40 -77.04 60.48
CA VAL K 162 79.13 -78.29 60.25
C VAL K 162 80.62 -78.03 60.19
N SER K 163 81.39 -79.10 60.27
CA SER K 163 82.84 -79.06 60.14
C SER K 163 83.30 -80.25 59.32
N LYS K 164 84.49 -80.13 58.75
CA LYS K 164 85.02 -81.15 57.86
C LYS K 164 86.41 -81.57 58.33
N HIS K 165 86.97 -82.55 57.64
CA HIS K 165 88.27 -83.08 57.99
C HIS K 165 89.35 -82.03 57.75
N PRO K 166 90.45 -82.10 58.50
CA PRO K 166 91.53 -81.13 58.31
C PRO K 166 92.19 -81.27 56.95
N ALA K 167 92.73 -80.16 56.47
CA ALA K 167 93.41 -80.12 55.19
C ALA K 167 94.65 -81.01 55.19
N TYR L 1 8.33 -117.60 51.65
CA TYR L 1 8.78 -117.73 53.04
C TYR L 1 8.37 -116.49 53.84
N GLN L 2 8.44 -116.60 55.17
CA GLN L 2 7.95 -115.54 56.05
C GLN L 2 8.59 -115.67 57.41
N CYS L 3 8.99 -114.54 57.98
CA CYS L 3 9.53 -114.47 59.34
C CYS L 3 8.50 -113.80 60.23
N HIS L 4 8.03 -114.51 61.25
CA HIS L 4 7.05 -113.94 62.17
C HIS L 4 7.68 -113.07 63.25
N VAL L 5 9.00 -113.14 63.43
CA VAL L 5 9.62 -112.35 64.49
C VAL L 5 9.49 -110.86 64.20
N CYS L 6 9.72 -110.45 62.95
CA CYS L 6 9.63 -109.05 62.57
C CYS L 6 8.75 -108.83 61.36
N SER L 7 7.90 -109.80 61.00
CA SER L 7 7.00 -109.72 59.85
C SER L 7 7.74 -109.46 58.53
N ALA L 8 8.92 -110.05 58.36
CA ALA L 8 9.68 -109.86 57.14
C ALA L 8 9.33 -110.92 56.11
N VAL L 9 9.52 -110.57 54.85
CA VAL L 9 9.22 -111.45 53.72
C VAL L 9 10.53 -111.78 53.02
N LEU L 10 10.76 -113.07 52.79
CA LEU L 10 11.98 -113.57 52.16
C LEU L 10 11.63 -114.51 51.02
N PHE L 11 12.65 -115.18 50.48
CA PHE L 11 12.47 -116.11 49.37
C PHE L 11 13.18 -117.44 49.56
N SER L 12 14.15 -117.54 50.46
CA SER L 12 14.94 -118.77 50.60
C SER L 12 15.03 -119.18 52.07
N PRO L 13 14.99 -120.49 52.35
CA PRO L 13 15.14 -120.94 53.74
C PRO L 13 16.48 -120.56 54.34
N LEU L 14 17.55 -120.55 53.54
CA LEU L 14 18.83 -120.07 54.03
C LEU L 14 18.74 -118.61 54.42
N ASP L 15 18.08 -117.79 53.58
CA ASP L 15 17.84 -116.40 53.95
C ASP L 15 16.94 -116.30 55.18
N LEU L 16 16.02 -117.25 55.35
CA LEU L 16 15.18 -117.25 56.55
C LEU L 16 16.01 -117.46 57.81
N ASP L 17 16.90 -118.45 57.79
CA ASP L 17 17.79 -118.68 58.93
C ASP L 17 18.69 -117.46 59.16
N ALA L 18 19.23 -116.89 58.07
CA ALA L 18 20.10 -115.73 58.20
C ALA L 18 19.37 -114.55 58.80
N HIS L 19 18.10 -114.35 58.43
CA HIS L 19 17.34 -113.22 58.95
C HIS L 19 16.97 -113.44 60.41
N VAL L 20 16.51 -114.64 60.76
CA VAL L 20 16.15 -114.88 62.16
C VAL L 20 17.38 -114.89 63.05
N ALA L 21 18.57 -115.13 62.49
CA ALA L 21 19.78 -114.98 63.29
C ALA L 21 19.96 -113.55 63.77
N SER L 22 19.47 -112.57 63.02
CA SER L 22 19.54 -111.18 63.43
C SER L 22 18.65 -110.87 64.62
N HIS L 23 17.67 -111.73 64.92
CA HIS L 23 16.80 -111.55 66.06
C HIS L 23 17.27 -112.30 67.29
N GLY L 24 18.43 -112.93 67.24
CA GLY L 24 18.89 -113.83 68.28
C GLY L 24 18.47 -115.27 68.08
N LEU L 25 17.60 -115.53 67.11
CA LEU L 25 17.18 -116.89 66.80
C LEU L 25 18.22 -117.50 65.87
N HIS L 26 19.19 -118.21 66.44
CA HIS L 26 20.30 -118.76 65.67
C HIS L 26 19.78 -119.70 64.59
N GLY L 27 20.50 -119.73 63.47
CA GLY L 27 20.10 -120.54 62.33
C GLY L 27 19.98 -122.01 62.68
N ASN L 28 18.78 -122.57 62.50
CA ASN L 28 18.53 -123.97 62.81
C ASN L 28 18.23 -124.76 61.54
N ILE L 36 22.89 -110.98 55.08
CA ILE L 36 24.30 -111.30 55.25
C ILE L 36 24.94 -110.16 56.03
N GLN L 37 26.10 -110.44 56.62
CA GLN L 37 26.67 -109.54 57.62
C GLN L 37 26.94 -108.13 57.11
N ARG L 38 26.79 -107.86 55.80
CA ARG L 38 27.06 -106.51 55.33
C ARG L 38 26.01 -105.53 55.85
N HIS L 39 24.83 -106.03 56.21
CA HIS L 39 23.76 -105.18 56.70
C HIS L 39 24.15 -104.50 58.01
N ILE L 40 23.79 -103.23 58.14
CA ILE L 40 24.05 -102.47 59.35
C ILE L 40 22.78 -102.15 60.10
N THR L 41 21.75 -101.67 59.41
CA THR L 41 20.46 -101.39 60.01
C THR L 41 19.36 -101.96 59.11
N GLU L 42 18.32 -102.51 59.72
CA GLU L 42 17.20 -103.07 58.99
C GLU L 42 15.92 -102.49 59.54
N PHE L 43 15.19 -101.78 58.70
CA PHE L 43 13.92 -101.18 59.07
C PHE L 43 12.81 -101.77 58.22
N ILE L 44 11.62 -101.89 58.80
CA ILE L 44 10.47 -102.42 58.08
C ILE L 44 9.23 -101.71 58.56
N SER L 45 8.46 -101.19 57.61
CA SER L 45 7.21 -100.52 57.94
C SER L 45 6.12 -101.54 58.17
N SER L 46 5.02 -101.09 58.79
CA SER L 46 3.90 -101.96 59.06
C SER L 46 2.72 -101.72 58.13
N TRP L 47 2.65 -100.57 57.48
CA TRP L 47 1.53 -100.25 56.60
C TRP L 47 1.85 -100.43 55.14
N GLN L 48 3.05 -100.88 54.80
CA GLN L 48 3.41 -101.08 53.40
C GLN L 48 4.57 -102.05 53.33
N ASN L 49 4.63 -102.80 52.24
CA ASN L 49 5.70 -103.78 52.03
C ASN L 49 6.85 -103.06 51.34
N HIS L 50 7.78 -102.55 52.12
CA HIS L 50 8.89 -101.79 51.57
C HIS L 50 10.04 -101.73 52.56
N PRO L 51 10.72 -102.83 52.83
CA PRO L 51 11.83 -102.80 53.78
C PRO L 51 12.99 -101.99 53.27
N ILE L 52 13.78 -101.47 54.21
CA ILE L 52 14.94 -100.65 53.92
C ILE L 52 16.11 -101.16 54.73
N VAL L 53 17.28 -101.29 54.08
CA VAL L 53 18.50 -101.70 54.74
C VAL L 53 19.60 -100.71 54.42
N GLN L 54 20.62 -100.67 55.27
CA GLN L 54 21.76 -99.80 55.08
C GLN L 54 23.03 -100.63 55.08
N VAL L 55 23.94 -100.30 54.17
CA VAL L 55 25.19 -101.02 54.00
C VAL L 55 26.31 -100.00 53.97
N SER L 56 27.50 -100.41 54.37
CA SER L 56 28.65 -99.53 54.37
C SER L 56 28.91 -98.99 52.96
N ALA L 57 29.27 -97.71 52.88
CA ALA L 57 29.44 -97.06 51.60
C ALA L 57 30.65 -97.57 50.82
N ASP L 58 31.52 -98.35 51.45
CA ASP L 58 32.73 -98.83 50.77
C ASP L 58 32.49 -100.08 49.96
N VAL L 59 31.33 -100.72 50.07
CA VAL L 59 31.06 -101.90 49.26
C VAL L 59 30.89 -101.49 47.81
N GLU L 60 31.25 -102.38 46.90
CA GLU L 60 31.19 -102.12 45.47
C GLU L 60 29.88 -102.59 44.84
N ASN L 61 28.95 -103.10 45.64
CA ASN L 61 27.65 -103.54 45.15
C ASN L 61 26.57 -102.72 45.84
N LYS L 62 25.87 -101.89 45.06
CA LYS L 62 24.81 -101.03 45.55
C LYS L 62 23.44 -101.60 45.17
N LYS L 63 23.27 -102.91 45.29
CA LYS L 63 22.04 -103.55 44.84
C LYS L 63 20.91 -103.18 45.80
N THR L 64 20.20 -102.11 45.48
CA THR L 64 18.98 -101.71 46.18
C THR L 64 19.18 -101.62 47.69
N ALA L 65 20.29 -101.04 48.11
CA ALA L 65 20.58 -100.84 49.52
C ALA L 65 20.98 -99.40 49.77
N GLN L 66 20.48 -98.84 50.86
CA GLN L 66 20.87 -97.48 51.23
C GLN L 66 22.29 -97.48 51.76
N LEU L 67 22.89 -96.30 51.81
CA LEU L 67 24.29 -96.15 52.13
C LEU L 67 24.47 -95.48 53.49
N LEU L 68 25.62 -95.74 54.10
CA LEU L 68 26.01 -95.13 55.36
C LEU L 68 27.30 -94.35 55.10
N HIS L 69 27.18 -93.04 54.96
CA HIS L 69 28.33 -92.23 54.57
C HIS L 69 29.21 -91.83 55.74
N ALA L 70 28.81 -92.10 56.97
CA ALA L 70 29.60 -91.69 58.12
C ALA L 70 30.93 -92.42 58.15
N ASP L 71 31.98 -91.71 58.53
CA ASP L 71 33.33 -92.28 58.61
C ASP L 71 33.47 -92.97 59.96
N THR L 72 32.76 -94.08 60.10
CA THR L 72 32.74 -94.79 61.37
C THR L 72 34.08 -95.44 61.66
N PRO L 73 34.47 -95.50 62.92
CA PRO L 73 35.68 -96.26 63.29
C PRO L 73 35.38 -97.74 63.39
N ARG L 74 36.45 -98.53 63.43
CA ARG L 74 36.36 -99.97 63.55
C ARG L 74 36.69 -100.34 65.00
N LEU L 75 35.66 -100.56 65.80
CA LEU L 75 35.87 -100.84 67.22
C LEU L 75 36.13 -102.32 67.48
N VAL L 76 35.18 -103.17 67.10
CA VAL L 76 35.27 -104.59 67.44
C VAL L 76 36.13 -105.29 66.40
N THR L 77 37.27 -105.82 66.86
CA THR L 77 38.16 -106.61 66.01
C THR L 77 38.60 -107.84 66.79
N TRP L 78 38.66 -108.97 66.10
CA TRP L 78 38.94 -110.24 66.75
C TRP L 78 40.35 -110.71 66.47
N ASP L 79 40.81 -111.64 67.31
CA ASP L 79 42.14 -112.23 67.19
C ASP L 79 42.09 -113.67 67.65
N ALA L 80 42.58 -114.57 66.82
CA ALA L 80 42.58 -115.99 67.16
C ALA L 80 43.97 -116.53 67.48
N GLY L 81 45.01 -115.72 67.32
CA GLY L 81 46.37 -116.16 67.57
C GLY L 81 46.70 -116.22 69.03
N LEU L 82 47.97 -115.96 69.34
CA LEU L 82 48.44 -115.93 70.72
C LEU L 82 48.52 -114.49 71.19
N CYS L 83 48.03 -114.23 72.40
CA CYS L 83 48.06 -112.89 72.99
C CYS L 83 49.44 -112.63 73.55
N THR L 84 50.41 -112.51 72.64
CA THR L 84 51.79 -112.26 73.02
C THR L 84 52.39 -111.20 72.11
N SER L 85 53.43 -110.55 72.61
CA SER L 85 54.13 -109.53 71.84
C SER L 85 55.63 -109.65 71.92
N PHE L 86 56.16 -110.63 72.63
CA PHE L 86 57.59 -110.87 72.72
C PHE L 86 57.90 -112.26 72.21
N LYS L 87 59.02 -112.41 71.51
CA LYS L 87 59.43 -113.70 71.00
C LYS L 87 60.91 -113.90 71.29
N ILE L 88 61.30 -115.17 71.33
CA ILE L 88 62.66 -115.57 71.62
C ILE L 88 63.32 -116.02 70.32
N VAL L 89 64.53 -115.53 70.06
CA VAL L 89 65.20 -115.84 68.81
C VAL L 89 66.60 -116.35 69.10
N PRO L 90 67.15 -117.24 68.27
CA PRO L 90 68.54 -117.65 68.44
C PRO L 90 69.48 -116.63 67.84
N ILE L 91 70.56 -116.33 68.56
CA ILE L 91 71.57 -115.41 68.09
C ILE L 91 72.78 -116.15 67.56
N VAL L 92 73.33 -117.08 68.34
CA VAL L 92 74.44 -117.92 67.92
C VAL L 92 73.97 -119.36 67.92
N PRO L 93 73.67 -119.91 66.75
CA PRO L 93 73.18 -121.29 66.70
C PRO L 93 74.27 -122.28 67.07
N ALA L 94 73.84 -123.40 67.60
CA ALA L 94 74.77 -124.47 67.97
C ALA L 94 74.00 -125.78 67.99
N GLN L 95 74.73 -126.87 67.88
CA GLN L 95 74.13 -128.20 67.92
C GLN L 95 75.03 -129.12 68.72
N VAL L 96 74.43 -129.85 69.67
CA VAL L 96 75.17 -130.66 70.62
C VAL L 96 74.62 -132.08 70.58
N PRO L 97 75.45 -133.11 70.69
CA PRO L 97 74.93 -134.47 70.72
C PRO L 97 74.05 -134.69 71.95
N GLN L 98 73.02 -135.52 71.77
CA GLN L 98 72.07 -135.82 72.83
C GLN L 98 71.94 -137.32 73.01
N ASP L 99 71.75 -137.74 74.25
CA ASP L 99 71.70 -139.17 74.54
C ASP L 99 70.37 -139.79 74.13
N VAL L 100 69.28 -139.02 74.20
CA VAL L 100 67.96 -139.49 73.81
C VAL L 100 67.50 -138.71 72.60
N LEU L 101 66.96 -139.41 71.61
CA LEU L 101 66.67 -138.81 70.32
C LEU L 101 65.19 -138.65 70.01
N ALA L 102 64.34 -139.59 70.42
CA ALA L 102 62.93 -139.49 70.10
C ALA L 102 62.12 -140.38 71.02
N TYR L 103 60.84 -140.07 71.15
CA TYR L 103 59.91 -140.93 71.85
C TYR L 103 59.48 -142.07 70.94
N THR L 104 59.31 -143.25 71.52
CA THR L 104 58.90 -144.42 70.77
C THR L 104 57.62 -144.99 71.34
N PHE L 105 56.76 -145.49 70.45
CA PHE L 105 55.54 -146.19 70.78
C PHE L 105 55.66 -147.62 70.25
N PHE L 106 54.53 -148.32 70.18
CA PHE L 106 54.50 -149.70 69.71
C PHE L 106 55.42 -149.91 68.52
N THR L 107 55.20 -149.18 67.44
CA THR L 107 56.12 -149.17 66.31
C THR L 107 56.42 -147.79 65.79
N SER L 108 55.64 -146.77 66.17
CA SER L 108 55.89 -145.43 65.68
C SER L 108 56.96 -144.75 66.52
N SER L 109 57.39 -143.58 66.07
CA SER L 109 58.38 -142.79 66.78
C SER L 109 58.12 -141.33 66.49
N TYR L 110 58.11 -140.51 67.54
CA TYR L 110 57.79 -139.10 67.42
C TYR L 110 59.01 -138.27 67.82
N ALA L 111 59.25 -137.19 67.09
CA ALA L 111 60.42 -136.36 67.35
C ALA L 111 60.22 -135.56 68.63
N ILE L 112 61.32 -134.97 69.10
CA ILE L 112 61.32 -134.15 70.31
C ILE L 112 61.32 -132.69 69.89
N GLN L 113 60.35 -131.92 70.37
CA GLN L 113 60.21 -130.52 70.03
C GLN L 113 60.44 -129.69 71.28
N SER L 114 61.35 -128.74 71.20
CA SER L 114 61.66 -127.90 72.34
C SER L 114 60.80 -126.64 72.34
N PRO L 115 60.31 -126.23 73.50
CA PRO L 115 59.56 -124.97 73.58
C PRO L 115 60.43 -123.74 73.33
N PHE L 116 61.74 -123.88 73.44
CA PHE L 116 62.66 -122.77 73.31
C PHE L 116 63.70 -123.07 72.25
N PRO L 117 64.18 -122.07 71.54
CA PRO L 117 65.22 -122.31 70.54
C PRO L 117 66.48 -122.85 71.19
N GLU L 118 67.09 -123.83 70.53
CA GLU L 118 68.30 -124.47 71.02
C GLU L 118 69.48 -123.82 70.33
N ALA L 119 70.21 -122.99 71.07
CA ALA L 119 71.33 -122.25 70.50
C ALA L 119 72.29 -121.89 71.62
N ALA L 120 73.45 -121.38 71.22
CA ALA L 120 74.44 -120.95 72.20
C ALA L 120 73.92 -119.80 73.04
N VAL L 121 73.27 -118.83 72.41
CA VAL L 121 72.67 -117.70 73.11
C VAL L 121 71.34 -117.37 72.46
N SER L 122 70.37 -116.95 73.27
CA SER L 122 69.07 -116.54 72.78
C SER L 122 68.60 -115.33 73.58
N ARG L 123 67.81 -114.48 72.92
CA ARG L 123 67.41 -113.22 73.53
C ARG L 123 65.93 -112.98 73.25
N ILE L 124 65.35 -112.05 74.00
CA ILE L 124 63.95 -111.69 73.88
C ILE L 124 63.86 -110.43 73.03
N VAL L 125 62.94 -110.43 72.08
CA VAL L 125 62.80 -109.33 71.13
C VAL L 125 61.33 -108.95 71.03
N VAL L 126 61.06 -107.66 70.95
CA VAL L 126 59.70 -107.16 70.80
C VAL L 126 59.23 -107.39 69.38
N HIS L 127 58.02 -107.94 69.24
CA HIS L 127 57.45 -108.17 67.92
C HIS L 127 55.93 -108.23 68.09
N THR L 128 55.25 -107.13 67.80
CA THR L 128 53.83 -107.05 68.05
C THR L 128 53.07 -108.00 67.13
N ARG L 129 52.18 -108.79 67.71
CA ARG L 129 51.32 -109.69 66.95
C ARG L 129 52.12 -110.62 66.05
N TRP L 130 53.28 -111.05 66.54
CA TRP L 130 54.14 -111.92 65.74
C TRP L 130 53.54 -113.29 65.52
N ALA L 131 52.65 -113.73 66.40
CA ALA L 131 51.96 -115.00 66.25
C ALA L 131 50.45 -114.82 66.19
N SER L 132 49.99 -113.62 65.87
CA SER L 132 48.57 -113.34 65.88
C SER L 132 47.90 -113.88 64.61
N ASN L 133 46.57 -113.83 64.62
CA ASN L 133 45.76 -114.23 63.47
C ASN L 133 44.46 -113.45 63.56
N VAL L 134 44.37 -112.37 62.80
CA VAL L 134 43.28 -111.41 62.95
C VAL L 134 42.43 -111.41 61.69
N ASP L 135 41.30 -110.73 61.77
CA ASP L 135 40.43 -110.49 60.63
C ASP L 135 40.64 -109.11 60.01
N PHE L 136 40.81 -108.09 60.84
CA PHE L 136 41.13 -106.75 60.40
C PHE L 136 42.44 -106.33 61.04
N ASP L 137 43.28 -105.65 60.26
CA ASP L 137 44.62 -105.28 60.70
C ASP L 137 44.63 -103.81 61.10
N ARG L 138 45.03 -103.54 62.34
CA ARG L 138 45.25 -102.16 62.74
C ARG L 138 46.46 -101.58 62.01
N ASP L 139 47.38 -102.44 61.58
CA ASP L 139 48.52 -102.06 60.74
C ASP L 139 49.31 -100.92 61.39
N SER L 140 49.72 -101.15 62.63
CA SER L 140 50.60 -100.23 63.33
C SER L 140 51.65 -101.02 64.10
N SER L 141 52.16 -102.08 63.49
CA SER L 141 53.02 -103.01 64.19
C SER L 141 54.37 -102.39 64.51
N VAL L 142 54.93 -102.80 65.64
CA VAL L 142 56.28 -102.44 66.04
C VAL L 142 57.13 -103.69 65.86
N ILE L 143 58.03 -103.66 64.89
CA ILE L 143 58.87 -104.82 64.58
C ILE L 143 60.30 -104.46 64.97
N MET L 144 60.88 -105.28 65.83
CA MET L 144 62.20 -105.03 66.38
C MET L 144 63.13 -106.12 65.88
N ALA L 145 64.25 -105.75 65.32
CA ALA L 145 65.16 -106.79 64.86
C ALA L 145 66.03 -107.28 66.00
N PRO L 146 66.58 -108.49 65.88
CA PRO L 146 67.49 -108.97 66.91
C PRO L 146 68.67 -108.05 67.06
N PRO L 147 69.23 -107.95 68.27
CA PRO L 147 70.24 -106.91 68.52
C PRO L 147 71.48 -107.02 67.66
N THR L 148 71.75 -108.20 67.10
CA THR L 148 72.91 -108.33 66.23
C THR L 148 72.79 -107.44 65.00
N GLU L 149 71.59 -107.32 64.47
CA GLU L 149 71.33 -106.44 63.34
C GLU L 149 71.13 -105.01 63.82
N ASN L 150 71.29 -104.07 62.90
CA ASN L 150 71.08 -102.67 63.23
C ASN L 150 69.61 -102.38 63.46
N ASN L 151 69.33 -101.42 64.33
CA ASN L 151 67.97 -101.03 64.66
C ASN L 151 67.80 -99.53 64.80
N ILE L 152 68.75 -98.76 64.29
CA ILE L 152 68.73 -97.32 64.55
C ILE L 152 67.55 -96.66 63.88
N HIS L 153 67.02 -97.25 62.80
CA HIS L 153 65.99 -96.56 62.05
C HIS L 153 64.63 -96.58 62.73
N LEU L 154 64.49 -97.28 63.86
CA LEU L 154 63.26 -97.17 64.64
C LEU L 154 63.19 -95.84 65.37
N PHE L 155 64.34 -95.27 65.73
CA PHE L 155 64.40 -94.10 66.60
C PHE L 155 64.61 -92.81 65.85
N LYS L 156 64.52 -92.83 64.52
CA LYS L 156 64.68 -91.63 63.73
C LYS L 156 63.49 -91.39 62.81
N GLN L 157 62.32 -91.89 63.21
CA GLN L 157 61.13 -91.73 62.38
C GLN L 157 60.58 -90.31 62.44
N LEU L 158 60.59 -89.69 63.62
CA LEU L 158 59.77 -88.50 63.83
C LEU L 158 60.43 -87.23 63.32
N LEU L 159 61.55 -86.84 63.91
CA LEU L 159 62.06 -85.49 63.75
C LEU L 159 63.49 -85.47 63.23
N ASN L 160 63.93 -86.56 62.63
CA ASN L 160 65.28 -86.68 62.11
C ASN L 160 65.36 -86.35 60.62
N THR L 161 64.52 -85.41 60.16
CA THR L 161 64.43 -85.11 58.74
C THR L 161 65.75 -84.62 58.19
N GLU L 162 66.45 -83.76 58.93
CA GLU L 162 67.62 -83.07 58.41
C GLU L 162 68.91 -83.58 59.03
N THR L 163 68.96 -84.85 59.41
CA THR L 163 70.20 -85.41 59.93
C THR L 163 71.27 -85.40 58.85
N LEU L 164 72.49 -85.02 59.24
CA LEU L 164 73.60 -85.07 58.31
C LEU L 164 73.90 -86.51 57.90
N SER L 165 73.84 -87.43 58.83
CA SER L 165 74.07 -88.84 58.57
C SER L 165 72.74 -89.58 58.60
N VAL L 166 72.46 -90.33 57.53
CA VAL L 166 71.25 -91.13 57.51
C VAL L 166 71.35 -92.27 58.51
N ARG L 167 72.56 -92.77 58.76
CA ARG L 167 72.78 -93.69 59.86
C ARG L 167 72.83 -92.90 61.16
N GLY L 168 72.24 -93.45 62.20
CA GLY L 168 72.27 -92.72 63.46
C GLY L 168 71.06 -91.81 63.60
N ALA L 169 70.67 -91.58 64.85
CA ALA L 169 69.52 -90.75 65.16
C ALA L 169 69.95 -89.57 66.02
N ASN L 170 69.05 -88.59 66.10
CA ASN L 170 69.31 -87.39 66.89
C ASN L 170 68.97 -87.66 68.34
N PRO L 171 69.91 -87.54 69.27
CA PRO L 171 69.60 -87.82 70.67
C PRO L 171 68.55 -86.89 71.25
N LEU L 172 68.39 -85.70 70.67
CA LEU L 172 67.47 -84.73 71.25
C LEU L 172 66.01 -85.13 71.07
N MET L 173 65.70 -86.07 70.19
CA MET L 173 64.33 -86.50 69.98
C MET L 173 64.11 -87.95 70.36
N PHE L 174 64.98 -88.49 71.21
CA PHE L 174 64.81 -89.86 71.67
C PHE L 174 63.49 -90.03 72.40
N ARG L 175 63.15 -89.09 73.28
CA ARG L 175 61.93 -89.23 74.05
C ARG L 175 60.71 -89.19 73.15
N ALA L 176 60.70 -88.29 72.17
CA ALA L 176 59.58 -88.23 71.25
C ALA L 176 59.44 -89.53 70.46
N ASN L 177 60.56 -90.05 69.94
CA ASN L 177 60.48 -91.28 69.16
C ASN L 177 60.02 -92.44 70.02
N VAL L 178 60.49 -92.52 71.26
CA VAL L 178 60.09 -93.62 72.13
C VAL L 178 58.62 -93.50 72.51
N LEU L 179 58.15 -92.29 72.75
CA LEU L 179 56.72 -92.11 73.03
C LEU L 179 55.88 -92.56 71.85
N HIS L 180 56.28 -92.19 70.64
CA HIS L 180 55.54 -92.64 69.47
C HIS L 180 55.56 -94.15 69.36
N MET L 181 56.71 -94.76 69.63
CA MET L 181 56.81 -96.22 69.59
C MET L 181 55.86 -96.86 70.60
N LEU L 182 55.81 -96.32 71.81
CA LEU L 182 54.92 -96.89 72.82
C LEU L 182 53.46 -96.74 72.41
N LEU L 183 53.11 -95.58 71.84
CA LEU L 183 51.74 -95.39 71.39
C LEU L 183 51.37 -96.40 70.33
N GLU L 184 52.26 -96.63 69.36
CA GLU L 184 51.97 -97.63 68.34
C GLU L 184 51.90 -99.03 68.95
N PHE L 185 52.74 -99.32 69.94
CA PHE L 185 52.67 -100.61 70.61
C PHE L 185 51.31 -100.82 71.24
N VAL L 186 50.77 -99.80 71.89
CA VAL L 186 49.45 -99.92 72.49
C VAL L 186 48.40 -100.08 71.41
N LEU L 187 48.48 -99.27 70.34
CA LEU L 187 47.44 -99.29 69.32
C LEU L 187 47.36 -100.63 68.63
N ASP L 188 48.50 -101.24 68.33
CA ASP L 188 48.47 -102.48 67.56
C ASP L 188 47.89 -103.66 68.34
N ASN L 189 47.69 -103.53 69.65
CA ASN L 189 47.19 -104.61 70.47
C ASN L 189 45.72 -104.47 70.81
N LEU L 190 45.03 -103.47 70.27
CA LEU L 190 43.61 -103.25 70.59
C LEU L 190 42.77 -104.27 69.83
N TYR L 191 42.68 -105.46 70.40
CA TYR L 191 41.90 -106.54 69.81
C TYR L 191 41.13 -107.25 70.91
N LEU L 192 40.31 -108.21 70.50
CA LEU L 192 39.60 -109.07 71.43
C LEU L 192 39.98 -110.52 71.16
N ASN L 193 40.25 -111.26 72.23
CA ASN L 193 40.69 -112.64 72.07
C ASN L 193 39.52 -113.51 71.63
N ARG L 194 39.61 -114.03 70.42
CA ARG L 194 38.55 -114.87 69.88
C ARG L 194 38.68 -116.29 70.42
N HIS L 195 37.53 -116.88 70.73
CA HIS L 195 37.50 -118.26 71.22
C HIS L 195 37.53 -119.22 70.03
N THR L 196 38.35 -120.25 70.14
CA THR L 196 38.50 -121.25 69.08
C THR L 196 38.24 -122.64 69.65
N GLY L 197 38.52 -123.64 68.82
CA GLY L 197 38.27 -125.02 69.21
C GLY L 197 39.37 -125.63 70.04
N PHE L 198 39.05 -126.76 70.65
CA PHE L 198 39.96 -127.46 71.54
C PHE L 198 40.24 -128.86 70.99
N SER L 199 40.98 -129.65 71.77
CA SER L 199 41.24 -131.04 71.44
C SER L 199 41.77 -131.72 72.68
N GLN L 200 41.11 -132.80 73.09
CA GLN L 200 41.56 -133.54 74.27
C GLN L 200 42.86 -134.26 73.95
N ASP L 201 43.85 -134.12 74.83
CA ASP L 201 45.17 -134.66 74.60
C ASP L 201 45.43 -135.84 75.53
N HIS L 202 46.32 -136.73 75.09
CA HIS L 202 46.65 -137.91 75.88
C HIS L 202 48.14 -138.20 75.82
N THR L 203 48.96 -137.19 75.55
CA THR L 203 50.39 -137.34 75.73
C THR L 203 50.68 -137.64 77.19
N PRO L 204 51.57 -138.58 77.50
CA PRO L 204 51.74 -139.00 78.90
C PRO L 204 52.09 -137.86 79.85
N PHE L 205 52.77 -136.82 79.36
CA PHE L 205 53.11 -135.71 80.24
C PHE L 205 51.93 -134.81 80.54
N THR L 206 50.95 -134.72 79.66
CA THR L 206 49.78 -133.87 79.86
C THR L 206 48.50 -134.65 79.64
N GLU L 207 48.42 -135.84 80.26
CA GLU L 207 47.26 -136.69 80.07
C GLU L 207 45.98 -135.98 80.53
N GLY L 208 44.97 -136.00 79.67
CA GLY L 208 43.67 -135.46 80.00
C GLY L 208 43.49 -133.99 79.78
N ALA L 209 44.52 -133.26 79.39
CA ALA L 209 44.40 -131.83 79.23
C ALA L 209 43.58 -131.49 77.99
N ASN L 210 42.99 -130.30 78.00
CA ASN L 210 42.20 -129.79 76.87
C ASN L 210 43.01 -128.66 76.23
N LEU L 211 43.79 -129.01 75.22
CA LEU L 211 44.65 -128.03 74.58
C LEU L 211 43.87 -127.23 73.55
N ARG L 212 44.27 -125.98 73.36
CA ARG L 212 43.66 -125.10 72.38
C ARG L 212 44.40 -125.22 71.06
N SER L 213 43.65 -125.27 69.97
CA SER L 213 44.22 -125.45 68.64
C SER L 213 44.06 -124.17 67.84
N LEU L 214 45.16 -123.67 67.30
CA LEU L 214 45.11 -122.47 66.48
C LEU L 214 44.40 -122.76 65.17
N PRO L 215 43.78 -121.75 64.56
CA PRO L 215 43.08 -121.96 63.29
C PRO L 215 44.06 -122.21 62.16
N GLY L 216 43.52 -122.69 61.05
CA GLY L 216 44.32 -123.06 59.91
C GLY L 216 44.76 -124.50 60.00
N PRO L 217 45.65 -124.91 59.10
CA PRO L 217 46.11 -126.29 59.10
C PRO L 217 47.33 -126.49 59.99
N ASP L 218 47.59 -127.76 60.30
CA ASP L 218 48.77 -128.17 61.08
C ASP L 218 48.78 -127.49 62.45
N ALA L 219 47.78 -127.81 63.26
CA ALA L 219 47.72 -127.25 64.60
C ALA L 219 48.70 -127.92 65.55
N GLU L 220 49.15 -129.14 65.23
CA GLU L 220 50.02 -129.86 66.14
C GLU L 220 51.36 -129.15 66.35
N LYS L 221 51.80 -128.35 65.38
CA LYS L 221 53.10 -127.71 65.51
C LYS L 221 53.10 -126.63 66.58
N TRP L 222 52.00 -125.91 66.74
CA TRP L 222 51.97 -124.80 67.69
C TRP L 222 51.94 -125.24 69.14
N TYR L 223 51.68 -126.52 69.39
CA TYR L 223 51.57 -126.99 70.77
C TYR L 223 52.89 -126.85 71.50
N SER L 224 54.00 -127.18 70.85
CA SER L 224 55.29 -127.10 71.53
C SER L 224 55.63 -125.67 71.91
N ILE L 225 55.03 -124.70 71.25
CA ILE L 225 55.27 -123.31 71.62
C ILE L 225 54.30 -122.86 72.69
N MET L 226 53.01 -123.15 72.53
CA MET L 226 52.02 -122.65 73.48
C MET L 226 52.21 -123.25 74.86
N TYR L 227 52.48 -124.54 74.94
CA TYR L 227 52.52 -125.26 76.22
C TYR L 227 53.92 -125.83 76.44
N PRO L 228 54.79 -125.11 77.16
CA PRO L 228 56.13 -125.64 77.42
C PRO L 228 56.12 -126.94 78.17
N THR L 229 55.11 -127.18 79.01
CA THR L 229 55.09 -128.39 79.83
C THR L 229 54.91 -129.65 78.99
N ARG L 230 54.36 -129.54 77.78
CA ARG L 230 54.04 -130.75 77.03
C ARG L 230 55.27 -131.58 76.74
N MET L 231 56.38 -130.94 76.38
CA MET L 231 57.61 -131.68 76.21
C MET L 231 58.03 -132.29 77.54
N GLY L 232 58.45 -133.54 77.50
CA GLY L 232 58.85 -134.26 78.70
C GLY L 232 60.19 -133.80 79.22
N THR L 233 60.91 -134.72 79.82
CA THR L 233 62.26 -134.47 80.34
C THR L 233 63.22 -135.55 79.87
N PRO L 234 63.43 -135.66 78.56
CA PRO L 234 64.24 -136.77 78.03
C PRO L 234 65.70 -136.68 78.46
N ASN L 235 66.36 -135.58 78.14
CA ASN L 235 67.79 -135.44 78.34
C ASN L 235 68.06 -134.63 79.60
N VAL L 236 69.32 -134.28 79.80
CA VAL L 236 69.72 -133.36 80.85
C VAL L 236 70.19 -132.08 80.19
N SER L 237 69.60 -130.95 80.58
CA SER L 237 69.91 -129.66 79.97
C SER L 237 69.21 -128.58 80.77
N LYS L 238 69.48 -127.33 80.38
CA LYS L 238 68.77 -126.21 80.99
C LYS L 238 67.28 -126.34 80.78
N ILE L 239 66.86 -126.65 79.55
CA ILE L 239 65.45 -126.73 79.23
C ILE L 239 64.79 -127.86 80.02
N CYS L 240 65.45 -129.02 80.08
CA CYS L 240 64.87 -130.14 80.81
C CYS L 240 64.78 -129.84 82.30
N ASN L 241 65.79 -129.16 82.85
CA ASN L 241 65.70 -128.77 84.25
C ASN L 241 64.53 -127.84 84.48
N PHE L 242 64.35 -126.85 83.61
CA PHE L 242 63.23 -125.93 83.75
C PHE L 242 61.91 -126.67 83.70
N VAL L 243 61.76 -127.60 82.76
CA VAL L 243 60.52 -128.34 82.64
C VAL L 243 60.28 -129.17 83.90
N ALA L 244 61.31 -129.85 84.38
CA ALA L 244 61.16 -130.64 85.59
C ALA L 244 60.81 -129.80 86.79
N SER L 245 61.17 -128.51 86.78
CA SER L 245 60.83 -127.65 87.91
C SER L 245 59.37 -127.22 87.90
N CYS L 246 58.65 -127.42 86.81
CA CYS L 246 57.30 -126.89 86.69
C CYS L 246 56.27 -127.83 87.31
N VAL L 247 55.03 -127.35 87.36
CA VAL L 247 53.89 -128.12 87.86
C VAL L 247 53.07 -128.59 86.68
N ARG L 248 52.45 -129.76 86.82
CA ARG L 248 51.81 -130.41 85.68
C ARG L 248 50.40 -129.84 85.43
N ASN L 249 49.65 -129.57 86.49
CA ASN L 249 48.22 -129.36 86.35
C ASN L 249 47.87 -128.12 85.53
N ARG L 250 48.59 -127.02 85.72
CA ARG L 250 48.23 -125.74 85.12
C ARG L 250 48.64 -125.74 83.66
N VAL L 251 47.73 -126.17 82.79
CA VAL L 251 47.99 -126.20 81.35
C VAL L 251 46.66 -126.36 80.65
N GLY L 252 46.54 -125.74 79.47
CA GLY L 252 45.32 -125.89 78.70
C GLY L 252 44.15 -125.17 79.33
N ARG L 253 42.96 -125.71 79.08
CA ARG L 253 41.74 -125.10 79.59
C ARG L 253 41.71 -125.16 81.11
N PHE L 254 41.36 -124.04 81.73
CA PHE L 254 41.28 -123.93 83.18
C PHE L 254 39.86 -123.78 83.68
N ASP L 255 39.03 -123.02 82.97
CA ASP L 255 37.63 -122.85 83.34
C ASP L 255 36.85 -122.41 82.11
N ARG L 256 35.55 -122.65 82.15
CA ARG L 256 34.67 -122.34 81.03
C ARG L 256 33.34 -121.82 81.55
N ALA L 257 32.63 -121.13 80.67
CA ALA L 257 31.34 -120.58 81.03
C ALA L 257 30.32 -121.69 81.28
N GLN L 258 29.23 -121.32 81.95
CA GLN L 258 28.11 -122.23 82.12
C GLN L 258 27.13 -122.11 80.96
N MET L 259 26.78 -120.87 80.59
CA MET L 259 25.94 -120.66 79.42
C MET L 259 26.68 -121.09 78.17
N MET L 260 25.95 -121.70 77.24
CA MET L 260 26.59 -122.20 76.03
C MET L 260 25.52 -122.40 74.96
N ASN L 261 25.95 -122.29 73.71
CA ASN L 261 25.11 -122.59 72.56
C ASN L 261 25.64 -123.83 71.86
N GLY L 262 24.76 -124.79 71.63
CA GLY L 262 25.23 -126.08 71.16
C GLY L 262 26.15 -126.70 72.18
N ALA L 263 27.29 -127.20 71.71
CA ALA L 263 28.33 -127.73 72.58
C ALA L 263 29.49 -126.76 72.74
N MET L 264 29.29 -125.50 72.41
CA MET L 264 30.34 -124.49 72.40
C MET L 264 30.12 -123.54 73.57
N SER L 265 31.08 -123.46 74.47
CA SER L 265 30.94 -122.61 75.63
C SER L 265 31.06 -121.14 75.26
N GLU L 266 30.36 -120.29 76.01
CA GLU L 266 30.33 -118.87 75.70
C GLU L 266 31.70 -118.23 75.85
N TRP L 267 32.42 -118.56 76.94
CA TRP L 267 33.77 -118.08 77.13
C TRP L 267 34.56 -119.17 77.83
N VAL L 268 35.89 -119.01 77.84
CA VAL L 268 36.76 -120.04 78.38
C VAL L 268 38.03 -119.39 78.89
N ASP L 269 38.63 -119.98 79.92
CA ASP L 269 39.88 -119.53 80.49
C ASP L 269 40.93 -120.61 80.31
N VAL L 270 42.07 -120.25 79.74
CA VAL L 270 43.10 -121.23 79.41
C VAL L 270 44.46 -120.74 79.87
N PHE L 271 45.35 -121.69 80.09
CA PHE L 271 46.78 -121.41 80.29
C PHE L 271 47.47 -121.53 78.94
N GLU L 272 48.25 -120.51 78.57
CA GLU L 272 49.02 -120.59 77.35
C GLU L 272 50.11 -119.53 77.36
N THR L 273 51.05 -119.67 76.45
CA THR L 273 52.10 -118.68 76.28
C THR L 273 51.49 -117.34 75.91
N SER L 274 51.93 -116.29 76.59
CA SER L 274 51.41 -114.94 76.39
C SER L 274 52.33 -113.99 77.15
N ASP L 275 51.93 -112.74 77.25
CA ASP L 275 52.65 -111.78 78.08
C ASP L 275 51.66 -111.01 78.93
N ALA L 276 52.09 -110.63 80.13
CA ALA L 276 51.19 -109.94 81.04
C ALA L 276 50.74 -108.60 80.47
N LEU L 277 51.64 -107.90 79.78
CA LEU L 277 51.33 -106.56 79.31
C LEU L 277 50.18 -106.57 78.32
N THR L 278 50.29 -107.41 77.28
CA THR L 278 49.24 -107.45 76.26
C THR L 278 47.93 -107.94 76.86
N VAL L 279 48.00 -108.92 77.77
CA VAL L 279 46.79 -109.42 78.41
C VAL L 279 46.09 -108.30 79.16
N SER L 280 46.85 -107.52 79.92
CA SER L 280 46.25 -106.41 80.66
C SER L 280 45.66 -105.37 79.72
N ILE L 281 46.36 -105.07 78.64
CA ILE L 281 45.87 -104.07 77.70
C ILE L 281 44.54 -104.52 77.11
N ARG L 282 44.47 -105.78 76.69
CA ARG L 282 43.24 -106.28 76.09
C ARG L 282 42.13 -106.39 77.12
N GLY L 283 42.46 -106.67 78.38
CA GLY L 283 41.44 -106.67 79.41
C GLY L 283 40.82 -105.29 79.58
N ARG L 284 41.66 -104.26 79.64
CA ARG L 284 41.13 -102.90 79.77
C ARG L 284 40.30 -102.52 78.55
N TRP L 285 40.77 -102.89 77.36
CA TRP L 285 40.00 -102.59 76.15
C TRP L 285 38.65 -103.27 76.18
N MET L 286 38.61 -104.54 76.58
CA MET L 286 37.34 -105.26 76.65
C MET L 286 36.41 -104.62 77.66
N ALA L 287 36.95 -104.18 78.80
CA ALA L 287 36.12 -103.52 79.80
C ALA L 287 35.53 -102.23 79.24
N ARG L 288 36.34 -101.44 78.53
CA ARG L 288 35.83 -100.20 77.96
C ARG L 288 34.72 -100.48 76.96
N LEU L 289 34.89 -101.48 76.11
CA LEU L 289 33.82 -101.81 75.17
C LEU L 289 32.58 -102.31 75.91
N ALA L 290 32.77 -103.10 76.96
CA ALA L 290 31.63 -103.64 77.68
C ALA L 290 30.80 -102.54 78.30
N ARG L 291 31.46 -101.51 78.84
CA ARG L 291 30.72 -100.44 79.48
C ARG L 291 29.80 -99.68 78.52
N MET L 292 30.03 -99.81 77.22
CA MET L 292 29.24 -99.08 76.24
C MET L 292 28.03 -99.86 75.74
N ASN L 293 27.78 -101.05 76.29
CA ASN L 293 26.72 -101.89 75.78
C ASN L 293 25.35 -101.30 76.08
N ILE L 294 24.40 -101.58 75.18
CA ILE L 294 23.00 -101.26 75.39
C ILE L 294 22.16 -102.44 74.91
N ASN L 295 20.87 -102.38 75.20
CA ASN L 295 19.98 -103.44 74.78
C ASN L 295 18.84 -102.85 73.97
N PRO L 296 18.21 -103.64 73.10
CA PRO L 296 17.29 -103.05 72.11
C PRO L 296 16.10 -102.31 72.70
N THR L 297 15.73 -102.56 73.95
CA THR L 297 14.64 -101.79 74.54
C THR L 297 15.01 -100.32 74.65
N GLU L 298 16.29 -100.04 74.91
CA GLU L 298 16.72 -98.64 74.91
C GLU L 298 16.59 -98.03 73.53
N ILE L 299 16.87 -98.81 72.48
CA ILE L 299 16.65 -98.33 71.12
C ILE L 299 15.18 -98.04 70.90
N GLU L 300 14.32 -98.95 71.34
CA GLU L 300 12.88 -98.73 71.35
C GLU L 300 12.55 -97.36 71.87
N TRP L 301 12.95 -97.10 73.12
CA TRP L 301 12.60 -95.86 73.78
C TRP L 301 13.19 -94.66 73.07
N ALA L 302 14.44 -94.75 72.64
CA ALA L 302 15.11 -93.61 72.03
C ALA L 302 14.41 -93.20 70.74
N LEU L 303 14.17 -94.17 69.85
CA LEU L 303 13.52 -93.85 68.59
C LEU L 303 12.10 -93.34 68.82
N THR L 304 11.36 -94.00 69.72
CA THR L 304 10.00 -93.56 69.97
C THR L 304 9.96 -92.13 70.49
N GLU L 305 10.86 -91.81 71.41
CA GLU L 305 10.90 -90.46 71.97
C GLU L 305 11.31 -89.43 70.93
N CYS L 306 12.32 -89.75 70.11
CA CYS L 306 12.72 -88.83 69.06
C CYS L 306 11.63 -88.64 68.01
N ALA L 307 10.72 -89.59 67.88
CA ALA L 307 9.67 -89.49 66.89
C ALA L 307 8.63 -88.42 67.21
N GLN L 308 8.68 -87.82 68.40
CA GLN L 308 7.71 -86.82 68.82
C GLN L 308 6.29 -87.36 68.82
N GLY L 309 6.14 -88.66 69.06
CA GLY L 309 4.82 -89.24 69.20
C GLY L 309 4.03 -89.34 67.91
N TYR L 310 4.70 -89.39 66.77
CA TYR L 310 3.99 -89.61 65.51
C TYR L 310 4.06 -91.05 65.04
N VAL L 311 5.14 -91.76 65.36
CA VAL L 311 5.25 -93.18 65.08
C VAL L 311 5.80 -93.88 66.31
N THR L 312 5.60 -95.19 66.35
CA THR L 312 6.14 -96.01 67.43
C THR L 312 6.98 -97.10 66.80
N VAL L 313 8.08 -97.44 67.44
CA VAL L 313 8.99 -98.46 66.93
C VAL L 313 8.81 -99.73 67.76
N THR L 314 9.33 -100.83 67.23
CA THR L 314 9.30 -102.10 67.94
C THR L 314 10.46 -102.96 67.47
N SER L 315 11.23 -103.48 68.42
CA SER L 315 12.41 -104.30 68.13
C SER L 315 12.40 -105.56 68.98
N PRO L 316 11.74 -106.62 68.52
CA PRO L 316 11.74 -107.88 69.29
C PRO L 316 13.11 -108.49 69.33
N TYR L 317 13.36 -109.27 70.38
CA TYR L 317 14.65 -109.94 70.52
C TYR L 317 14.53 -111.06 71.55
N ALA L 318 15.31 -112.11 71.34
CA ALA L 318 15.37 -113.25 72.22
C ALA L 318 16.35 -112.98 73.37
N PRO L 319 16.17 -113.65 74.50
CA PRO L 319 17.08 -113.43 75.63
C PRO L 319 18.49 -113.91 75.31
N SER L 320 19.46 -113.10 75.69
CA SER L 320 20.87 -113.44 75.57
C SER L 320 21.69 -112.43 76.36
N VAL L 321 22.94 -112.77 76.60
CA VAL L 321 23.85 -111.88 77.33
C VAL L 321 25.11 -111.54 76.54
N ASN L 322 25.47 -112.33 75.53
CA ASN L 322 26.67 -112.08 74.75
C ASN L 322 26.36 -111.29 73.48
N ARG L 323 25.33 -110.46 73.53
CA ARG L 323 24.97 -109.58 72.42
C ARG L 323 25.59 -108.22 72.71
N LEU L 324 26.58 -107.84 71.91
CA LEU L 324 27.33 -106.61 72.13
C LEU L 324 26.87 -105.54 71.15
N MET L 325 26.39 -104.42 71.68
CA MET L 325 25.92 -103.30 70.87
C MET L 325 26.47 -102.01 71.46
N PRO L 326 27.76 -101.76 71.28
CA PRO L 326 28.38 -100.62 71.96
C PRO L 326 27.99 -99.28 71.36
N TYR L 327 27.10 -98.56 72.04
CA TYR L 327 26.71 -97.23 71.56
C TYR L 327 26.55 -96.19 72.65
N ARG L 328 26.54 -96.55 73.93
CA ARG L 328 26.27 -95.60 74.99
C ARG L 328 27.54 -94.85 75.38
N ILE L 329 27.46 -93.52 75.41
CA ILE L 329 28.56 -92.67 75.83
C ILE L 329 28.00 -91.56 76.72
N SER L 330 28.90 -90.78 77.29
CA SER L 330 28.51 -89.69 78.18
C SER L 330 28.34 -88.39 77.42
N ASN L 331 27.68 -87.43 78.06
CA ASN L 331 27.46 -86.13 77.42
C ASN L 331 28.77 -85.40 77.21
N ALA L 332 29.74 -85.59 78.11
CA ALA L 332 30.99 -84.86 78.01
C ALA L 332 31.71 -85.15 76.71
N GLU L 333 31.72 -86.42 76.29
CA GLU L 333 32.37 -86.77 75.03
C GLU L 333 31.68 -86.11 73.85
N ARG L 334 30.36 -86.07 73.87
CA ARG L 334 29.63 -85.40 72.79
C ARG L 334 29.96 -83.92 72.76
N GLN L 335 30.06 -83.29 73.92
CA GLN L 335 30.42 -81.88 73.97
C GLN L 335 31.82 -81.66 73.42
N ILE L 336 32.75 -82.54 73.75
CA ILE L 336 34.11 -82.41 73.24
C ILE L 336 34.11 -82.51 71.71
N SER L 337 33.39 -83.48 71.17
CA SER L 337 33.31 -83.63 69.73
C SER L 337 32.70 -82.39 69.09
N GLN L 338 31.65 -81.83 69.71
CA GLN L 338 31.05 -80.63 69.18
C GLN L 338 32.03 -79.47 69.18
N ILE L 339 32.83 -79.35 70.23
CA ILE L 339 33.82 -78.27 70.29
C ILE L 339 34.82 -78.43 69.16
N ILE L 340 35.27 -79.66 68.92
CA ILE L 340 36.20 -79.90 67.82
C ILE L 340 35.56 -79.50 66.50
N ARG L 341 34.30 -79.87 66.31
CA ARG L 341 33.61 -79.54 65.07
C ARG L 341 33.53 -78.02 64.90
N ILE L 342 33.24 -77.29 65.97
CA ILE L 342 33.20 -75.83 65.89
C ILE L 342 34.56 -75.30 65.47
N MET L 343 35.62 -75.81 66.08
CA MET L 343 36.96 -75.35 65.72
C MET L 343 37.25 -75.64 64.26
N ASN L 344 36.68 -76.72 63.72
CA ASN L 344 36.99 -77.11 62.35
C ASN L 344 36.54 -76.07 61.33
N ILE L 345 35.51 -75.27 61.64
CA ILE L 345 34.98 -74.34 60.66
C ILE L 345 36.00 -73.27 60.32
N GLY L 346 36.39 -72.46 61.31
CA GLY L 346 37.40 -71.46 61.10
C GLY L 346 37.09 -70.45 60.02
N ASN L 347 35.87 -69.91 60.05
CA ASN L 347 35.44 -68.89 59.10
C ASN L 347 35.52 -69.38 57.66
N ASN L 348 35.24 -70.66 57.45
CA ASN L 348 35.19 -71.24 56.11
C ASN L 348 33.73 -71.27 55.67
N ALA L 349 33.35 -70.33 54.82
CA ALA L 349 32.00 -70.33 54.29
C ALA L 349 31.72 -71.58 53.47
N THR L 350 32.71 -72.06 52.72
CA THR L 350 32.52 -73.25 51.91
C THR L 350 32.27 -74.48 52.76
N VAL L 351 32.68 -74.48 54.02
CA VAL L 351 32.37 -75.61 54.89
C VAL L 351 30.91 -75.57 55.29
N ILE L 352 30.42 -74.40 55.70
CA ILE L 352 29.06 -74.32 56.21
C ILE L 352 28.03 -74.48 55.10
N GLN L 353 28.29 -73.86 53.94
CA GLN L 353 27.27 -73.73 52.91
C GLN L 353 26.58 -75.04 52.54
N PRO L 354 27.28 -76.15 52.31
CA PRO L 354 26.56 -77.39 51.98
C PRO L 354 25.58 -77.80 53.05
N VAL L 355 25.93 -77.61 54.32
CA VAL L 355 25.05 -78.03 55.41
C VAL L 355 23.73 -77.27 55.35
N LEU L 356 23.80 -75.94 55.26
CA LEU L 356 22.58 -75.15 55.25
C LEU L 356 21.76 -75.42 54.00
N GLN L 357 22.42 -75.51 52.84
CA GLN L 357 21.67 -75.80 51.62
C GLN L 357 20.97 -77.14 51.72
N ASP L 358 21.66 -78.15 52.24
CA ASP L 358 21.07 -79.46 52.42
C ASP L 358 19.87 -79.42 53.36
N ILE L 359 20.00 -78.74 54.49
CA ILE L 359 18.90 -78.72 55.44
C ILE L 359 17.69 -78.01 54.83
N SER L 360 17.93 -76.94 54.08
CA SER L 360 16.82 -76.28 53.41
C SER L 360 16.14 -77.22 52.43
N VAL L 361 16.93 -77.95 51.65
CA VAL L 361 16.33 -78.90 50.70
C VAL L 361 15.51 -79.94 51.43
N LEU L 362 16.05 -80.48 52.53
CA LEU L 362 15.34 -81.51 53.26
C LEU L 362 14.03 -80.99 53.83
N LEU L 363 14.06 -79.78 54.40
CA LEU L 363 12.83 -79.16 54.88
C LEU L 363 11.84 -79.00 53.74
N GLN L 364 12.32 -78.72 52.53
CA GLN L 364 11.43 -78.50 51.42
C GLN L 364 10.61 -79.75 51.11
N ARG L 365 11.24 -80.91 51.14
CA ARG L 365 10.61 -82.15 50.70
C ARG L 365 9.91 -82.90 51.81
N ILE L 366 9.85 -82.34 53.01
CA ILE L 366 9.24 -83.03 54.13
C ILE L 366 8.04 -82.24 54.64
N SER L 367 8.06 -80.95 54.44
CA SER L 367 7.00 -80.12 54.96
C SER L 367 5.75 -80.26 54.11
N PRO L 368 4.56 -80.22 54.73
CA PRO L 368 3.32 -80.24 53.95
C PRO L 368 2.98 -78.90 53.32
N LEU L 369 3.65 -77.83 53.70
CA LEU L 369 3.32 -76.53 53.18
C LEU L 369 3.72 -76.41 51.72
N GLN L 370 2.85 -75.80 50.92
CA GLN L 370 3.13 -75.48 49.53
C GLN L 370 3.01 -73.98 49.33
N ILE L 371 3.92 -73.41 48.55
CA ILE L 371 3.94 -71.98 48.30
C ILE L 371 3.33 -71.72 46.95
N ASP L 372 2.25 -70.94 46.93
CA ASP L 372 1.49 -70.68 45.71
C ASP L 372 1.36 -69.17 45.53
N PRO L 373 2.28 -68.55 44.79
CA PRO L 373 2.23 -67.09 44.63
C PRO L 373 0.98 -66.60 43.94
N THR L 374 0.27 -67.46 43.20
CA THR L 374 -0.93 -67.02 42.50
C THR L 374 -2.01 -66.54 43.45
N ILE L 375 -1.91 -66.90 44.74
CA ILE L 375 -2.88 -66.41 45.71
C ILE L 375 -2.85 -64.89 45.75
N ILE L 376 -1.65 -64.31 45.75
CA ILE L 376 -1.52 -62.85 45.78
C ILE L 376 -2.16 -62.24 44.54
N SER L 377 -1.88 -62.82 43.37
CA SER L 377 -2.44 -62.28 42.14
C SER L 377 -3.96 -62.34 42.16
N ASN L 378 -4.52 -63.45 42.64
CA ASN L 378 -5.97 -63.56 42.74
C ASN L 378 -6.53 -62.51 43.69
N THR L 379 -5.84 -62.29 44.82
CA THR L 379 -6.34 -61.32 45.79
C THR L 379 -6.33 -59.91 45.20
N MET L 380 -5.26 -59.55 44.48
CA MET L 380 -5.20 -58.23 43.88
C MET L 380 -6.12 -58.13 42.67
N SER L 381 -5.87 -58.97 41.66
CA SER L 381 -6.74 -59.08 40.48
C SER L 381 -6.91 -57.73 39.80
N THR L 382 -5.80 -57.23 39.26
CA THR L 382 -5.81 -55.96 38.55
C THR L 382 -5.09 -56.10 37.21
N VAL L 383 -5.57 -55.33 36.23
CA VAL L 383 -4.95 -55.25 34.91
C VAL L 383 -4.69 -53.78 34.61
N SER L 384 -3.47 -53.45 34.19
CA SER L 384 -3.09 -52.07 33.95
C SER L 384 -3.46 -51.67 32.53
N GLU L 385 -4.23 -50.59 32.40
CA GLU L 385 -4.60 -50.09 31.09
C GLU L 385 -3.38 -49.57 30.33
N SER L 386 -2.59 -48.72 30.97
CA SER L 386 -1.42 -48.13 30.34
C SER L 386 -0.39 -47.79 31.40
N THR L 387 0.87 -48.16 31.15
CA THR L 387 1.94 -47.82 32.09
C THR L 387 2.16 -46.31 32.15
N THR L 388 1.88 -45.59 31.05
CA THR L 388 2.06 -44.15 31.03
C THR L 388 1.09 -43.43 31.97
N GLN L 389 0.04 -44.11 32.42
CA GLN L 389 -0.89 -43.49 33.36
C GLN L 389 -0.19 -43.24 34.69
N THR L 390 -0.88 -42.49 35.55
CA THR L 390 -0.25 -41.92 36.74
C THR L 390 0.37 -42.97 37.65
N LEU L 391 -0.47 -43.76 38.32
CA LEU L 391 0.02 -44.70 39.32
C LEU L 391 -0.93 -45.89 39.39
N SER L 392 -0.44 -46.97 39.97
CA SER L 392 -1.27 -48.13 40.25
C SER L 392 -0.64 -48.92 41.38
N PRO L 393 -1.06 -48.69 42.62
CA PRO L 393 -0.44 -49.39 43.75
C PRO L 393 -0.46 -50.90 43.63
N ALA L 394 -1.57 -51.48 43.14
CA ALA L 394 -1.58 -52.92 42.93
C ALA L 394 -0.52 -53.33 41.94
N SER L 395 -0.42 -52.61 40.82
CA SER L 395 0.61 -52.94 39.84
C SER L 395 1.99 -52.77 40.45
N SER L 396 2.19 -51.71 41.23
CA SER L 396 3.50 -51.49 41.83
C SER L 396 3.89 -52.61 42.77
N ILE L 397 2.97 -53.04 43.63
CA ILE L 397 3.31 -54.07 44.60
C ILE L 397 3.51 -55.41 43.90
N LEU L 398 2.73 -55.68 42.85
CA LEU L 398 2.97 -56.89 42.07
C LEU L 398 4.34 -56.86 41.41
N GLY L 399 4.74 -55.71 40.88
CA GLY L 399 6.06 -55.59 40.31
C GLY L 399 7.15 -55.82 41.33
N LYS L 400 6.96 -55.30 42.55
CA LYS L 400 7.97 -55.51 43.58
C LYS L 400 8.05 -56.97 44.01
N LEU L 401 6.90 -57.63 44.15
CA LEU L 401 6.92 -59.01 44.62
C LEU L 401 7.38 -59.99 43.55
N ARG L 402 6.99 -59.76 42.30
CA ARG L 402 7.32 -60.64 41.20
C ARG L 402 6.90 -62.08 41.51
N PRO L 403 5.60 -62.36 41.53
CA PRO L 403 5.16 -63.73 41.87
C PRO L 403 5.58 -64.77 40.86
N SER L 404 5.93 -64.38 39.64
CA SER L 404 6.29 -65.35 38.62
C SER L 404 7.53 -66.14 39.01
N ASN L 405 8.48 -65.49 39.69
CA ASN L 405 9.67 -66.19 40.16
C ASN L 405 9.28 -67.24 41.19
N SER L 406 9.86 -68.43 41.06
CA SER L 406 9.48 -69.58 41.88
C SER L 406 10.64 -70.08 42.72
N ASP L 407 11.52 -69.18 43.15
CA ASP L 407 12.66 -69.53 43.98
C ASP L 407 12.37 -69.10 45.42
N PHE L 408 12.50 -70.03 46.36
CA PHE L 408 12.27 -69.72 47.75
C PHE L 408 13.32 -70.36 48.65
N SER L 409 14.55 -70.51 48.14
CA SER L 409 15.61 -71.07 48.95
C SER L 409 15.87 -70.20 50.18
N SER L 410 15.73 -68.89 50.04
CA SER L 410 15.98 -67.99 51.16
C SER L 410 15.07 -68.29 52.33
N PHE L 411 13.79 -68.52 52.05
CA PHE L 411 12.84 -68.73 53.13
C PHE L 411 13.21 -69.94 53.97
N ARG L 412 13.53 -71.07 53.33
CA ARG L 412 13.82 -72.26 54.09
C ARG L 412 15.21 -72.24 54.68
N VAL L 413 16.16 -71.54 54.05
CA VAL L 413 17.45 -71.34 54.66
C VAL L 413 17.30 -70.56 55.95
N ALA L 414 16.35 -69.63 55.98
CA ALA L 414 16.08 -68.92 57.23
C ALA L 414 15.65 -69.87 58.33
N LEU L 415 14.76 -70.82 58.01
CA LEU L 415 14.36 -71.80 59.01
C LEU L 415 15.55 -72.65 59.45
N ALA L 416 16.38 -73.06 58.50
CA ALA L 416 17.54 -73.87 58.86
C ALA L 416 18.50 -73.09 59.75
N GLY L 417 18.54 -71.77 59.61
CA GLY L 417 19.47 -70.97 60.39
C GLY L 417 19.18 -70.97 61.88
N TRP L 418 17.97 -71.34 62.28
CA TRP L 418 17.64 -71.35 63.70
C TRP L 418 18.45 -72.38 64.46
N LEU L 419 18.85 -73.46 63.81
CA LEU L 419 19.56 -74.53 64.48
C LEU L 419 21.04 -74.24 64.66
N TYR L 420 21.58 -73.23 64.00
CA TYR L 420 23.00 -72.93 64.06
C TYR L 420 23.22 -71.46 64.34
N ASN L 421 22.51 -70.96 65.34
CA ASN L 421 22.63 -69.56 65.72
C ASN L 421 24.04 -69.21 66.16
N GLY L 422 24.80 -70.19 66.62
CA GLY L 422 26.10 -69.91 67.19
C GLY L 422 27.24 -69.75 66.22
N VAL L 423 27.05 -70.14 64.96
CA VAL L 423 28.16 -70.09 64.00
C VAL L 423 27.76 -69.27 62.79
N VAL L 424 26.46 -69.17 62.51
CA VAL L 424 25.96 -68.47 61.34
C VAL L 424 24.92 -67.48 61.80
N THR L 425 25.02 -66.25 61.31
CA THR L 425 24.04 -65.21 61.57
C THR L 425 23.36 -64.85 60.26
N THR L 426 22.03 -64.99 60.23
CA THR L 426 21.27 -64.64 59.05
C THR L 426 20.88 -63.17 59.12
N VAL L 427 21.11 -62.44 58.03
CA VAL L 427 20.76 -61.03 57.93
C VAL L 427 20.09 -60.79 56.59
N ILE L 428 19.48 -59.63 56.46
CA ILE L 428 18.87 -59.21 55.21
C ILE L 428 19.90 -58.44 54.40
N ASP L 429 20.09 -58.83 53.15
CA ASP L 429 21.06 -58.15 52.30
C ASP L 429 20.68 -56.69 52.13
N ASP L 430 21.70 -55.83 52.09
CA ASP L 430 21.45 -54.40 52.05
C ASP L 430 20.66 -54.00 50.80
N SER L 431 20.76 -54.77 49.73
CA SER L 431 20.05 -54.42 48.51
C SER L 431 18.54 -54.41 48.72
N SER L 432 18.03 -55.13 49.72
CA SER L 432 16.61 -55.11 49.98
C SER L 432 16.15 -53.78 50.59
N TYR L 433 17.07 -53.04 51.19
CA TYR L 433 16.70 -51.76 51.79
C TYR L 433 16.40 -50.73 50.71
N PRO L 434 15.57 -49.73 51.03
CA PRO L 434 15.26 -48.69 50.04
C PRO L 434 16.51 -47.99 49.56
N LYS L 435 16.52 -47.66 48.28
CA LYS L 435 17.71 -47.07 47.66
C LYS L 435 17.99 -45.70 48.25
N ASP L 436 19.26 -45.47 48.61
CA ASP L 436 19.73 -44.17 49.09
C ASP L 436 18.92 -43.69 50.28
N GLY L 437 18.58 -44.61 51.18
CA GLY L 437 17.77 -44.30 52.33
C GLY L 437 16.29 -44.21 52.02
N GLY L 438 15.95 -43.77 50.83
CA GLY L 438 14.56 -43.69 50.42
C GLY L 438 13.85 -42.51 51.03
N SER L 439 12.57 -42.40 50.70
CA SER L 439 11.73 -41.35 51.24
C SER L 439 10.29 -41.79 51.18
N VAL L 440 9.46 -41.22 52.06
CA VAL L 440 8.05 -41.58 52.10
C VAL L 440 7.26 -40.91 51.00
N THR L 441 7.82 -39.93 50.30
CA THR L 441 7.13 -39.34 49.17
C THR L 441 7.11 -40.29 47.98
N SER L 442 7.93 -41.32 47.99
CA SER L 442 8.01 -42.27 46.89
C SER L 442 7.11 -43.46 47.17
N LEU L 443 6.22 -43.77 46.24
CA LEU L 443 5.32 -44.90 46.42
C LEU L 443 6.10 -46.20 46.54
N GLU L 444 7.13 -46.35 45.70
CA GLU L 444 7.89 -47.60 45.70
C GLU L 444 8.56 -47.85 47.05
N ASN L 445 9.15 -46.80 47.62
CA ASN L 445 9.83 -46.96 48.89
C ASN L 445 8.89 -47.45 49.99
N LEU L 446 7.63 -47.07 49.92
CA LEU L 446 6.66 -47.57 50.89
C LEU L 446 6.55 -49.08 50.79
N TRP L 447 6.49 -49.62 49.57
CA TRP L 447 6.44 -51.06 49.43
C TRP L 447 7.73 -51.71 49.90
N ASP L 448 8.88 -51.11 49.59
CA ASP L 448 10.13 -51.67 50.10
C ASP L 448 10.08 -51.76 51.62
N PHE L 449 9.57 -50.72 52.28
CA PHE L 449 9.44 -50.76 53.72
C PHE L 449 8.51 -51.88 54.15
N PHE L 450 7.41 -52.08 53.41
CA PHE L 450 6.50 -53.16 53.73
C PHE L 450 7.20 -54.52 53.72
N ILE L 451 7.85 -54.85 52.60
CA ILE L 451 8.51 -56.15 52.53
C ILE L 451 9.57 -56.28 53.62
N LEU L 452 10.37 -55.24 53.81
CA LEU L 452 11.44 -55.33 54.79
C LEU L 452 10.89 -55.57 56.19
N ALA L 453 9.89 -54.79 56.58
CA ALA L 453 9.33 -54.92 57.92
C ALA L 453 8.68 -56.28 58.10
N LEU L 454 7.95 -56.75 57.08
CA LEU L 454 7.26 -58.02 57.23
C LEU L 454 8.21 -59.19 57.26
N ALA L 455 9.40 -59.07 56.64
CA ALA L 455 10.33 -60.17 56.59
C ALA L 455 11.38 -60.15 57.70
N LEU L 456 11.61 -59.02 58.34
CA LEU L 456 12.67 -58.94 59.34
C LEU L 456 12.55 -59.93 60.50
N PRO L 457 11.40 -60.16 61.11
CA PRO L 457 11.38 -60.93 62.37
C PRO L 457 11.89 -62.34 62.24
N LEU L 458 11.99 -62.91 61.04
CA LEU L 458 12.38 -64.30 60.90
C LEU L 458 13.89 -64.52 60.91
N THR L 459 14.69 -63.47 60.97
CA THR L 459 16.13 -63.63 60.93
C THR L 459 16.70 -63.83 62.32
N THR L 460 17.86 -64.47 62.39
CA THR L 460 18.53 -64.71 63.66
C THR L 460 19.35 -63.51 64.12
N ASP L 461 19.36 -62.44 63.35
CA ASP L 461 20.13 -61.25 63.70
C ASP L 461 19.60 -60.66 64.99
N PRO L 462 20.42 -60.54 66.04
CA PRO L 462 19.94 -59.94 67.29
C PRO L 462 19.56 -58.49 67.16
N CYS L 463 20.07 -57.78 66.15
CA CYS L 463 19.83 -56.35 66.00
C CYS L 463 18.67 -56.05 65.08
N ALA L 464 17.83 -57.02 64.78
CA ALA L 464 16.76 -56.82 63.80
C ALA L 464 15.80 -55.70 64.17
N PRO L 465 15.26 -55.61 65.40
CA PRO L 465 14.29 -54.54 65.68
C PRO L 465 14.86 -53.15 65.48
N VAL L 466 16.14 -52.96 65.79
CA VAL L 466 16.75 -51.65 65.62
C VAL L 466 16.74 -51.26 64.16
N LYS L 467 17.10 -52.19 63.28
CA LYS L 467 17.04 -51.91 61.85
C LYS L 467 15.61 -51.63 61.42
N ALA L 468 14.66 -52.39 61.94
CA ALA L 468 13.27 -52.19 61.55
C ALA L 468 12.80 -50.79 61.90
N PHE L 469 13.18 -50.30 63.07
CA PHE L 469 12.80 -48.95 63.45
C PHE L 469 13.55 -47.91 62.64
N MET L 470 14.86 -48.09 62.49
CA MET L 470 15.68 -47.06 61.88
C MET L 470 15.40 -46.93 60.40
N THR L 471 14.84 -47.96 59.77
CA THR L 471 14.44 -47.82 58.37
C THR L 471 13.39 -46.74 58.21
N LEU L 472 12.31 -46.84 58.98
CA LEU L 472 11.28 -45.81 58.93
C LEU L 472 11.80 -44.49 59.42
N ALA L 473 12.71 -44.51 60.41
CA ALA L 473 13.29 -43.27 60.88
C ALA L 473 14.05 -42.56 59.76
N ASN L 474 14.80 -43.32 58.96
CA ASN L 474 15.48 -42.73 57.82
C ASN L 474 14.48 -42.20 56.82
N MET L 475 13.43 -42.96 56.54
CA MET L 475 12.52 -42.58 55.46
C MET L 475 11.75 -41.31 55.76
N MET L 476 11.68 -40.88 57.03
CA MET L 476 10.87 -39.73 57.40
C MET L 476 11.69 -38.46 57.58
N VAL L 477 12.95 -38.45 57.15
CA VAL L 477 13.78 -37.26 57.32
C VAL L 477 13.16 -36.11 56.54
N GLY L 478 13.01 -34.97 57.21
CA GLY L 478 12.43 -33.80 56.63
C GLY L 478 10.95 -33.60 56.93
N PHE L 479 10.26 -34.66 57.33
CA PHE L 479 8.87 -34.55 57.74
C PHE L 479 8.66 -34.80 59.22
N GLU L 480 9.64 -35.38 59.90
CA GLU L 480 9.44 -35.84 61.26
C GLU L 480 10.82 -36.03 61.88
N THR L 481 11.08 -35.35 62.99
CA THR L 481 12.41 -35.35 63.57
C THR L 481 12.37 -35.91 64.99
N ILE L 482 13.47 -36.56 65.37
CA ILE L 482 13.64 -37.06 66.72
C ILE L 482 14.98 -36.56 67.24
N PRO L 483 15.15 -36.38 68.54
CA PRO L 483 16.48 -36.01 69.06
C PRO L 483 17.45 -37.16 68.91
N MET L 484 18.70 -36.83 68.62
CA MET L 484 19.76 -37.81 68.53
C MET L 484 20.81 -37.53 69.58
N ASP L 485 21.08 -38.53 70.42
CA ASP L 485 22.02 -38.35 71.53
C ASP L 485 23.43 -38.08 71.02
N ASN L 486 23.89 -38.85 70.04
CA ASN L 486 25.24 -38.71 69.53
C ASN L 486 25.35 -37.45 68.69
N GLN L 487 26.41 -36.67 68.92
CA GLN L 487 26.64 -35.48 68.14
C GLN L 487 27.13 -35.80 66.73
N ILE L 488 27.51 -37.04 66.46
CA ILE L 488 28.00 -37.44 65.14
C ILE L 488 26.92 -38.14 64.34
N TYR L 489 26.28 -39.15 64.92
CA TYR L 489 25.24 -39.89 64.21
C TYR L 489 23.97 -39.06 64.16
N THR L 490 23.40 -38.95 62.97
CA THR L 490 22.17 -38.21 62.76
C THR L 490 21.04 -39.19 62.46
N GLN L 491 19.86 -38.64 62.20
CA GLN L 491 18.73 -39.48 61.84
C GLN L 491 18.93 -40.12 60.47
N SER L 492 19.71 -39.50 59.61
CA SER L 492 19.91 -39.98 58.25
C SER L 492 20.92 -41.12 58.17
N ARG L 493 21.43 -41.60 59.29
CA ARG L 493 22.29 -42.77 59.27
C ARG L 493 21.51 -43.98 58.76
N ARG L 494 22.08 -44.68 57.77
CA ARG L 494 21.35 -45.75 57.11
C ARG L 494 21.07 -46.89 58.09
N ALA L 495 19.90 -47.51 57.93
CA ALA L 495 19.45 -48.51 58.88
C ALA L 495 20.36 -49.73 58.88
N SER L 496 20.90 -50.11 57.73
CA SER L 496 21.67 -51.33 57.66
C SER L 496 22.98 -51.26 58.43
N ALA L 497 23.39 -50.07 58.88
CA ALA L 497 24.61 -49.94 59.65
C ALA L 497 24.45 -50.31 61.12
N PHE L 498 23.22 -50.40 61.62
CA PHE L 498 22.99 -50.72 63.03
C PHE L 498 23.04 -52.24 63.21
N SER L 499 24.26 -52.77 63.09
CA SER L 499 24.44 -54.22 63.11
C SER L 499 24.89 -54.76 64.46
N THR L 500 25.27 -53.92 65.40
CA THR L 500 25.82 -54.38 66.66
C THR L 500 25.11 -53.72 67.82
N PRO L 501 25.05 -54.37 68.99
CA PRO L 501 24.27 -53.83 70.10
C PRO L 501 24.72 -52.46 70.56
N HIS L 502 26.00 -52.14 70.41
CA HIS L 502 26.48 -50.85 70.87
C HIS L 502 25.94 -49.69 70.05
N THR L 503 25.29 -49.97 68.93
CA THR L 503 24.78 -48.92 68.06
C THR L 503 23.32 -48.58 68.34
N TRP L 504 22.71 -49.16 69.36
CA TRP L 504 21.30 -48.90 69.62
C TRP L 504 21.13 -47.49 70.16
N PRO L 505 20.37 -46.64 69.49
CA PRO L 505 20.22 -45.26 69.96
C PRO L 505 19.41 -45.18 71.23
N ARG L 506 19.75 -44.19 72.07
CA ARG L 506 18.99 -44.02 73.31
C ARG L 506 17.54 -43.66 73.03
N CYS L 507 17.29 -42.93 71.94
CA CYS L 507 15.93 -42.56 71.60
C CYS L 507 15.06 -43.75 71.22
N PHE L 508 15.60 -44.97 71.27
CA PHE L 508 14.84 -46.15 70.87
C PHE L 508 14.43 -47.01 72.05
N MET L 509 15.34 -47.28 72.99
CA MET L 509 14.93 -48.08 74.14
C MET L 509 14.03 -47.27 75.08
N ASN L 510 14.22 -45.96 75.15
CA ASN L 510 13.36 -45.10 75.95
C ASN L 510 12.41 -44.39 75.01
N ILE L 511 11.17 -44.87 74.94
CA ILE L 511 10.19 -44.33 74.02
C ILE L 511 9.81 -42.90 74.40
N GLN L 512 9.85 -42.59 75.70
CA GLN L 512 9.35 -41.30 76.18
C GLN L 512 10.06 -40.13 75.50
N LEU L 513 11.29 -40.33 75.04
CA LEU L 513 12.03 -39.25 74.40
C LEU L 513 11.38 -38.81 73.10
N ILE L 514 10.61 -39.67 72.45
CA ILE L 514 9.99 -39.33 71.17
C ILE L 514 8.75 -38.50 71.44
N SER L 515 8.72 -37.29 70.89
CA SER L 515 7.60 -36.40 71.11
C SER L 515 6.42 -36.82 70.26
N PRO L 516 5.26 -37.13 70.85
CA PRO L 516 4.08 -37.42 70.03
C PRO L 516 3.66 -36.25 69.17
N ILE L 517 3.96 -35.02 69.58
CA ILE L 517 3.63 -33.86 68.76
C ILE L 517 4.55 -33.77 67.56
N ASP L 518 5.86 -33.90 67.79
CA ASP L 518 6.82 -33.78 66.70
C ASP L 518 6.87 -35.02 65.84
N ALA L 519 6.80 -36.21 66.45
CA ALA L 519 6.96 -37.47 65.72
C ALA L 519 5.88 -38.46 66.11
N PRO L 520 4.64 -38.22 65.70
CA PRO L 520 3.57 -39.19 66.01
C PRO L 520 3.81 -40.56 65.38
N ILE L 521 4.14 -40.57 64.08
CA ILE L 521 4.26 -41.83 63.37
C ILE L 521 5.40 -42.68 63.92
N LEU L 522 6.56 -42.05 64.14
CA LEU L 522 7.68 -42.82 64.70
C LEU L 522 7.36 -43.28 66.11
N ARG L 523 6.64 -42.49 66.88
CA ARG L 523 6.24 -42.91 68.21
C ARG L 523 5.38 -44.16 68.14
N GLN L 524 4.39 -44.16 67.24
CA GLN L 524 3.54 -45.32 67.07
C GLN L 524 4.36 -46.53 66.63
N TRP L 525 5.29 -46.33 65.71
CA TRP L 525 6.10 -47.42 65.21
C TRP L 525 6.95 -48.01 66.34
N ALA L 526 7.53 -47.16 67.17
CA ALA L 526 8.32 -47.65 68.29
C ALA L 526 7.46 -48.43 69.28
N GLU L 527 6.27 -47.92 69.59
CA GLU L 527 5.40 -48.67 70.49
C GLU L 527 5.03 -50.03 69.90
N ILE L 528 4.72 -50.06 68.61
CA ILE L 528 4.34 -51.32 67.98
C ILE L 528 5.50 -52.30 68.03
N ILE L 529 6.71 -51.83 67.72
CA ILE L 529 7.88 -52.71 67.75
C ILE L 529 8.09 -53.25 69.16
N HIS L 530 8.01 -52.37 70.16
CA HIS L 530 8.25 -52.80 71.53
C HIS L 530 7.21 -53.79 72.00
N ARG L 531 5.96 -53.59 71.63
CA ARG L 531 4.87 -54.37 72.20
C ARG L 531 4.59 -55.67 71.46
N TYR L 532 4.75 -55.69 70.13
CA TYR L 532 4.26 -56.80 69.34
C TYR L 532 5.35 -57.56 68.60
N TRP L 533 6.62 -57.29 68.88
CA TRP L 533 7.66 -58.12 68.30
C TRP L 533 7.56 -59.54 68.85
N PRO L 534 7.84 -60.56 68.04
CA PRO L 534 7.66 -61.94 68.50
C PRO L 534 8.49 -62.27 69.72
N ASN L 535 8.08 -63.34 70.40
CA ASN L 535 8.70 -63.76 71.64
C ASN L 535 9.41 -65.09 71.45
N PRO L 536 10.67 -65.19 71.85
CA PRO L 536 11.37 -66.48 71.74
C PRO L 536 10.77 -67.51 72.68
N SER L 537 10.91 -68.78 72.30
CA SER L 537 10.32 -69.87 73.07
C SER L 537 11.27 -71.04 73.06
N GLN L 538 10.79 -72.17 73.58
CA GLN L 538 11.61 -73.35 73.81
C GLN L 538 10.84 -74.58 73.34
N ILE L 539 11.57 -75.64 73.03
CA ILE L 539 10.95 -76.90 72.65
C ILE L 539 11.91 -78.03 72.96
N ARG L 540 11.36 -79.15 73.41
CA ARG L 540 12.15 -80.31 73.76
C ARG L 540 12.36 -81.21 72.54
N TYR L 541 13.51 -81.86 72.49
CA TYR L 541 13.83 -82.73 71.36
C TYR L 541 14.79 -83.81 71.80
N GLY L 542 14.89 -84.84 70.97
CA GLY L 542 15.90 -85.87 71.16
C GLY L 542 15.57 -86.84 72.27
N ALA L 543 16.54 -87.71 72.55
CA ALA L 543 16.41 -88.74 73.59
C ALA L 543 17.64 -88.63 74.47
N PRO L 544 17.67 -87.64 75.37
CA PRO L 544 18.88 -87.40 76.16
C PRO L 544 19.29 -88.58 77.03
N ASN L 545 18.33 -89.38 77.50
CA ASN L 545 18.66 -90.44 78.42
C ASN L 545 19.42 -91.58 77.76
N VAL L 546 19.45 -91.64 76.43
CA VAL L 546 20.15 -92.68 75.71
C VAL L 546 21.24 -92.11 74.81
N PHE L 547 20.90 -91.15 73.96
CA PHE L 547 21.85 -90.58 73.02
C PHE L 547 22.65 -89.44 73.63
N GLY L 548 22.37 -89.09 74.89
CA GLY L 548 23.05 -87.94 75.42
C GLY L 548 22.59 -86.68 74.71
N SER L 549 23.44 -85.66 74.77
CA SER L 549 23.13 -84.40 74.11
C SER L 549 24.42 -83.63 73.89
N ALA L 550 24.50 -82.92 72.77
CA ALA L 550 25.65 -82.10 72.45
C ALA L 550 25.42 -80.62 72.75
N ASN L 551 24.32 -80.29 73.43
CA ASN L 551 24.07 -78.90 73.78
C ASN L 551 25.16 -78.39 74.72
N LEU L 552 25.54 -77.12 74.54
CA LEU L 552 26.60 -76.53 75.34
C LEU L 552 26.11 -75.39 76.22
N PHE L 553 25.41 -74.41 75.67
CA PHE L 553 24.94 -73.27 76.43
C PHE L 553 23.48 -73.38 76.84
N THR L 554 22.87 -74.53 76.64
CA THR L 554 21.45 -74.76 76.89
C THR L 554 21.29 -76.06 77.66
N PRO L 555 20.14 -76.25 78.31
CA PRO L 555 19.89 -77.54 78.94
C PRO L 555 19.92 -78.65 77.92
N PRO L 556 20.33 -79.85 78.31
CA PRO L 556 20.64 -80.90 77.32
C PRO L 556 19.47 -81.26 76.42
N GLU L 557 18.23 -81.20 76.89
CA GLU L 557 17.09 -81.69 76.13
C GLU L 557 16.29 -80.58 75.47
N VAL L 558 16.80 -79.36 75.45
CA VAL L 558 16.02 -78.20 75.06
C VAL L 558 16.55 -77.61 73.77
N LEU L 559 15.65 -77.21 72.88
CA LEU L 559 15.99 -76.54 71.65
C LEU L 559 15.32 -75.17 71.62
N LEU L 560 16.11 -74.13 71.35
CA LEU L 560 15.59 -72.77 71.38
C LEU L 560 14.98 -72.38 70.06
N LEU L 561 13.98 -71.51 70.11
CA LEU L 561 13.33 -70.98 68.93
C LEU L 561 13.09 -69.49 69.10
N PRO L 562 13.20 -68.72 68.03
CA PRO L 562 12.91 -67.29 68.11
C PRO L 562 11.42 -66.96 68.10
N ILE L 563 10.56 -67.94 67.87
CA ILE L 563 9.12 -67.74 67.78
C ILE L 563 8.44 -68.65 68.78
N ASP L 564 7.31 -68.22 69.31
CA ASP L 564 6.52 -69.11 70.15
C ASP L 564 5.98 -70.27 69.33
N HIS L 565 5.63 -71.35 70.02
CA HIS L 565 5.07 -72.53 69.39
C HIS L 565 3.80 -72.95 70.11
N GLN L 566 2.93 -73.63 69.37
CA GLN L 566 1.63 -74.06 69.88
C GLN L 566 1.41 -75.50 69.46
N PRO L 567 0.56 -76.23 70.18
CA PRO L 567 0.22 -77.59 69.75
C PRO L 567 -0.45 -77.56 68.38
N ALA L 568 -0.14 -78.59 67.60
CA ALA L 568 -0.63 -78.64 66.22
C ALA L 568 -2.14 -78.82 66.20
N ASN L 569 -2.82 -78.04 65.37
CA ASN L 569 -4.26 -78.14 65.20
C ASN L 569 -4.61 -77.60 63.83
N VAL L 570 -4.91 -78.49 62.88
CA VAL L 570 -5.10 -78.10 61.49
C VAL L 570 -6.38 -77.31 61.26
N THR L 571 -7.27 -77.26 62.23
CA THR L 571 -8.54 -76.56 62.07
C THR L 571 -8.50 -75.13 62.57
N THR L 572 -7.31 -74.58 62.83
CA THR L 572 -7.21 -73.24 63.38
C THR L 572 -7.76 -72.23 62.38
N PRO L 573 -8.52 -71.23 62.83
CA PRO L 573 -8.94 -70.16 61.92
C PRO L 573 -7.73 -69.40 61.39
N THR L 574 -7.84 -68.96 60.13
CA THR L 574 -6.72 -68.28 59.50
C THR L 574 -6.48 -66.91 60.14
N LEU L 575 -7.55 -66.15 60.39
CA LEU L 575 -7.41 -64.82 60.96
C LEU L 575 -7.51 -64.86 62.48
N ASP L 576 -6.68 -65.70 63.07
CA ASP L 576 -6.54 -65.77 64.52
C ASP L 576 -5.42 -64.83 64.91
N PHE L 577 -5.77 -63.63 65.37
CA PHE L 577 -4.76 -62.63 65.70
C PHE L 577 -3.93 -63.01 66.92
N THR L 578 -4.26 -64.13 67.58
CA THR L 578 -3.40 -64.63 68.65
C THR L 578 -2.03 -65.02 68.10
N ASN L 579 -2.00 -65.63 66.93
CA ASN L 579 -0.73 -65.97 66.29
C ASN L 579 0.08 -64.71 66.06
N GLU L 580 1.25 -64.63 66.71
CA GLU L 580 1.99 -63.37 66.72
C GLU L 580 2.41 -62.93 65.33
N LEU L 581 2.58 -63.87 64.40
CA LEU L 581 2.94 -63.47 63.05
C LEU L 581 1.80 -62.73 62.38
N THR L 582 0.59 -63.28 62.47
CA THR L 582 -0.56 -62.60 61.90
C THR L 582 -0.80 -61.26 62.58
N ASN L 583 -0.65 -61.21 63.90
CA ASN L 583 -0.80 -59.95 64.62
C ASN L 583 0.22 -58.94 64.13
N TRP L 584 1.45 -59.38 63.90
CA TRP L 584 2.48 -58.49 63.40
C TRP L 584 2.11 -57.94 62.04
N ARG L 585 1.62 -58.80 61.15
CA ARG L 585 1.21 -58.34 59.83
C ARG L 585 0.10 -57.31 59.93
N ALA L 586 -0.89 -57.58 60.77
CA ALA L 586 -2.00 -56.64 60.92
C ALA L 586 -1.53 -55.31 61.49
N ARG L 587 -0.63 -55.35 62.46
CA ARG L 587 -0.14 -54.12 63.06
C ARG L 587 0.62 -53.28 62.04
N VAL L 588 1.47 -53.92 61.24
CA VAL L 588 2.22 -53.19 60.22
C VAL L 588 1.26 -52.54 59.22
N CYS L 589 0.26 -53.30 58.78
CA CYS L 589 -0.70 -52.75 57.83
C CYS L 589 -1.44 -51.57 58.42
N GLU L 590 -1.88 -51.68 59.67
CA GLU L 590 -2.60 -50.57 60.29
C GLU L 590 -1.69 -49.36 60.43
N LEU L 591 -0.42 -49.58 60.76
CA LEU L 591 0.50 -48.45 60.89
C LEU L 591 0.62 -47.70 59.58
N MET L 592 0.91 -48.41 58.49
CA MET L 592 1.06 -47.69 57.21
C MET L 592 -0.24 -47.06 56.77
N LYS L 593 -1.37 -47.71 57.06
CA LYS L 593 -2.64 -47.06 56.82
C LYS L 593 -2.70 -45.71 57.50
N ASN L 594 -2.44 -45.68 58.81
CA ASN L 594 -2.43 -44.41 59.53
C ASN L 594 -1.43 -43.44 58.94
N LEU L 595 -0.33 -43.97 58.40
CA LEU L 595 0.67 -43.12 57.78
C LEU L 595 0.13 -42.40 56.55
N VAL L 596 -0.76 -43.04 55.80
CA VAL L 596 -1.07 -42.57 54.44
C VAL L 596 -2.39 -41.80 54.34
N ASP L 597 -3.23 -41.75 55.37
CA ASP L 597 -4.55 -41.14 55.20
C ASP L 597 -4.46 -39.67 54.81
N ASN L 598 -3.91 -38.84 55.68
CA ASN L 598 -4.04 -37.40 55.49
C ASN L 598 -3.20 -36.87 54.34
N GLN L 599 -2.37 -37.71 53.72
CA GLN L 599 -1.44 -37.28 52.67
C GLN L 599 -0.54 -36.15 53.15
N ARG L 600 -0.26 -36.13 54.46
CA ARG L 600 0.61 -35.10 54.98
C ARG L 600 2.04 -35.27 54.49
N TYR L 601 2.43 -36.50 54.16
CA TYR L 601 3.82 -36.79 53.82
C TYR L 601 4.05 -37.06 52.35
N GLN L 602 3.05 -36.93 51.50
CA GLN L 602 3.20 -37.18 50.07
C GLN L 602 2.70 -35.99 49.26
N PRO L 603 3.41 -34.87 49.31
CA PRO L 603 3.12 -33.80 48.38
C PRO L 603 3.57 -34.20 46.98
N GLY L 604 2.96 -33.57 46.00
CA GLY L 604 3.25 -33.92 44.62
C GLY L 604 2.52 -35.15 44.13
N TRP L 605 1.77 -35.83 44.99
CA TRP L 605 0.85 -36.87 44.56
C TRP L 605 -0.40 -36.14 44.08
N THR L 606 -0.48 -35.92 42.77
CA THR L 606 -1.49 -35.00 42.25
C THR L 606 -2.87 -35.62 42.25
N GLN L 607 -2.98 -36.92 42.46
CA GLN L 607 -4.27 -37.58 42.65
C GLN L 607 -4.34 -38.19 44.03
N SER L 608 -5.55 -38.24 44.58
CA SER L 608 -5.76 -38.79 45.91
C SER L 608 -5.70 -40.31 45.80
N LEU L 609 -4.57 -40.89 46.21
CA LEU L 609 -4.38 -42.32 46.18
C LEU L 609 -4.76 -43.00 47.48
N VAL L 610 -5.37 -42.26 48.41
CA VAL L 610 -5.62 -42.80 49.74
C VAL L 610 -6.54 -44.01 49.68
N SER L 611 -7.57 -43.94 48.84
CA SER L 611 -8.48 -45.07 48.72
C SER L 611 -7.76 -46.30 48.20
N SER L 612 -6.92 -46.13 47.18
CA SER L 612 -6.19 -47.26 46.63
C SER L 612 -5.18 -47.81 47.62
N MET L 613 -4.45 -46.93 48.30
CA MET L 613 -3.55 -47.39 49.36
C MET L 613 -4.29 -48.23 50.37
N ARG L 614 -5.41 -47.71 50.88
CA ARG L 614 -6.11 -48.40 51.95
C ARG L 614 -6.67 -49.73 51.46
N GLY L 615 -7.20 -49.76 50.25
CA GLY L 615 -7.71 -51.01 49.72
C GLY L 615 -6.63 -52.06 49.57
N THR L 616 -5.48 -51.67 49.00
CA THR L 616 -4.39 -52.63 48.84
C THR L 616 -3.90 -53.12 50.19
N LEU L 617 -3.77 -52.22 51.16
CA LEU L 617 -3.31 -52.63 52.48
C LEU L 617 -4.30 -53.58 53.12
N ASP L 618 -5.60 -53.31 52.97
CA ASP L 618 -6.61 -54.21 53.53
C ASP L 618 -6.55 -55.57 52.87
N LYS L 619 -6.36 -55.61 51.56
CA LYS L 619 -6.23 -56.90 50.88
C LYS L 619 -5.04 -57.67 51.40
N LEU L 620 -3.91 -56.98 51.61
CA LEU L 620 -2.74 -57.65 52.17
C LEU L 620 -3.02 -58.15 53.58
N LYS L 621 -3.75 -57.37 54.36
CA LYS L 621 -3.93 -57.68 55.78
C LYS L 621 -4.77 -58.94 55.97
N LEU L 622 -5.74 -59.18 55.09
CA LEU L 622 -6.70 -60.25 55.27
C LEU L 622 -6.47 -61.43 54.33
N ILE L 623 -5.26 -61.57 53.80
CA ILE L 623 -4.98 -62.65 52.87
C ILE L 623 -5.05 -64.00 53.59
N LYS L 624 -5.37 -65.06 52.84
CA LYS L 624 -5.55 -66.38 53.44
C LYS L 624 -4.23 -67.14 53.53
N SER L 625 -3.18 -66.47 53.99
CA SER L 625 -1.88 -67.13 54.03
C SER L 625 -1.81 -68.06 55.22
N MET L 626 -1.52 -69.33 54.95
CA MET L 626 -1.40 -70.33 55.99
C MET L 626 0.05 -70.50 56.44
N THR L 627 0.95 -69.66 55.96
CA THR L 627 2.33 -69.73 56.40
C THR L 627 2.49 -69.46 57.89
N PRO L 628 1.89 -68.42 58.48
CA PRO L 628 2.04 -68.24 59.93
C PRO L 628 1.53 -69.40 60.74
N MET L 629 0.42 -70.02 60.30
CA MET L 629 -0.07 -71.22 60.96
C MET L 629 1.00 -72.31 60.94
N TYR L 630 1.61 -72.52 59.78
CA TYR L 630 2.62 -73.56 59.65
C TYR L 630 3.81 -73.28 60.55
N LEU L 631 4.30 -72.04 60.54
CA LEU L 631 5.44 -71.70 61.38
C LEU L 631 5.11 -71.86 62.86
N GLN L 632 3.91 -71.49 63.28
CA GLN L 632 3.55 -71.57 64.68
C GLN L 632 3.31 -72.98 65.15
N GLN L 633 2.87 -73.88 64.28
CA GLN L 633 2.50 -75.22 64.74
C GLN L 633 3.43 -76.31 64.23
N LEU L 634 3.59 -76.44 62.92
CA LEU L 634 4.19 -77.65 62.35
C LEU L 634 5.71 -77.57 62.30
N ALA L 635 6.24 -76.45 61.82
CA ALA L 635 7.68 -76.32 61.61
C ALA L 635 8.51 -76.64 62.85
N PRO L 636 8.17 -76.19 64.06
CA PRO L 636 8.97 -76.61 65.21
C PRO L 636 9.00 -78.12 65.38
N VAL L 637 7.90 -78.81 65.11
CA VAL L 637 7.89 -80.26 65.22
C VAL L 637 8.84 -80.87 64.20
N GLU L 638 8.83 -80.36 62.97
CA GLU L 638 9.75 -80.87 61.97
C GLU L 638 11.20 -80.66 62.39
N LEU L 639 11.51 -79.48 62.91
CA LEU L 639 12.87 -79.22 63.36
C LEU L 639 13.26 -80.17 64.48
N ALA L 640 12.34 -80.41 65.43
CA ALA L 640 12.63 -81.31 66.53
C ALA L 640 12.89 -82.72 66.03
N VAL L 641 12.10 -83.17 65.06
CA VAL L 641 12.29 -84.51 64.52
C VAL L 641 13.64 -84.62 63.82
N ILE L 642 13.99 -83.61 63.03
CA ILE L 642 15.22 -83.68 62.23
C ILE L 642 16.46 -83.56 63.11
N ALA L 643 16.40 -82.75 64.17
CA ALA L 643 17.62 -82.36 64.87
C ALA L 643 18.50 -83.52 65.32
N PRO L 644 17.99 -84.55 66.00
CA PRO L 644 18.90 -85.59 66.49
C PRO L 644 19.66 -86.32 65.40
N MET L 645 19.10 -86.42 64.21
CA MET L 645 19.72 -87.19 63.14
C MET L 645 20.76 -86.39 62.35
N LEU L 646 20.97 -85.13 62.67
CA LEU L 646 21.86 -84.32 61.86
C LEU L 646 23.31 -84.74 62.06
N PRO L 647 24.12 -84.69 61.00
CA PRO L 647 25.56 -84.93 61.18
C PRO L 647 26.22 -83.90 62.06
N PHE L 648 25.71 -82.66 62.05
CA PHE L 648 26.25 -81.56 62.84
C PHE L 648 25.15 -81.10 63.79
N PRO L 649 25.17 -81.55 65.05
CA PRO L 649 24.05 -81.29 65.93
C PRO L 649 23.92 -79.81 66.21
N PRO L 650 22.72 -79.34 66.53
CA PRO L 650 22.49 -77.90 66.65
C PRO L 650 23.35 -77.27 67.73
N PHE L 651 23.74 -76.02 67.49
CA PHE L 651 24.63 -75.27 68.38
C PHE L 651 24.07 -73.86 68.45
N GLN L 652 23.28 -73.59 69.48
CA GLN L 652 22.54 -72.34 69.57
C GLN L 652 23.09 -71.43 70.65
N VAL L 653 22.64 -70.18 70.59
CA VAL L 653 22.98 -69.14 71.55
C VAL L 653 21.67 -68.48 71.92
N PRO L 654 21.44 -68.14 73.19
CA PRO L 654 20.09 -67.71 73.61
C PRO L 654 19.57 -66.51 72.82
N TYR L 655 18.27 -66.53 72.57
CA TYR L 655 17.58 -65.46 71.88
C TYR L 655 17.00 -64.47 72.90
N VAL L 656 17.15 -63.19 72.61
CA VAL L 656 16.55 -62.14 73.42
C VAL L 656 15.90 -61.13 72.49
N ARG L 657 14.69 -60.70 72.82
CA ARG L 657 13.98 -59.81 71.90
C ARG L 657 14.52 -58.39 72.00
N LEU L 658 14.59 -57.82 73.20
CA LEU L 658 15.01 -56.44 73.32
C LEU L 658 15.92 -56.20 74.53
N ASP L 659 16.38 -57.25 75.21
CA ASP L 659 17.26 -57.06 76.36
C ASP L 659 18.66 -56.73 75.87
N ARG L 660 18.94 -55.44 75.71
CA ARG L 660 20.20 -55.02 75.12
C ARG L 660 21.42 -55.47 75.90
N ASP L 661 21.32 -55.65 77.21
CA ASP L 661 22.48 -56.02 77.99
C ASP L 661 22.84 -57.48 77.86
N ARG L 662 21.87 -58.33 77.53
CA ARG L 662 22.10 -59.77 77.48
C ARG L 662 22.28 -60.28 76.06
N VAL L 663 22.46 -59.38 75.11
CA VAL L 663 22.66 -59.80 73.72
C VAL L 663 24.07 -60.37 73.57
N PRO L 664 24.22 -61.59 73.07
CA PRO L 664 25.56 -62.14 72.85
C PRO L 664 26.28 -61.39 71.74
N THR L 665 27.61 -61.34 71.83
CA THR L 665 28.42 -60.65 70.85
C THR L 665 29.66 -61.39 70.40
N MET L 666 30.07 -62.46 71.10
CA MET L 666 31.37 -63.05 70.79
C MET L 666 31.35 -64.51 71.24
N VAL L 667 31.98 -65.37 70.45
CA VAL L 667 32.10 -66.79 70.77
C VAL L 667 33.54 -67.21 70.56
N GLY L 668 34.13 -67.86 71.55
CA GLY L 668 35.53 -68.24 71.47
C GLY L 668 35.75 -69.62 72.07
N VAL L 669 36.88 -70.21 71.68
CA VAL L 669 37.29 -71.53 72.15
C VAL L 669 38.69 -71.41 72.72
N THR L 670 38.91 -72.00 73.89
CA THR L 670 40.19 -71.94 74.55
C THR L 670 40.76 -73.33 74.73
N ARG L 671 42.07 -73.39 74.97
CA ARG L 671 42.76 -74.65 75.16
C ARG L 671 43.51 -74.74 76.48
N GLN L 672 43.80 -73.64 77.14
CA GLN L 672 44.54 -73.65 78.39
C GLN L 672 43.59 -73.82 79.57
N SER L 673 44.15 -74.31 80.67
CA SER L 673 43.34 -74.53 81.86
C SER L 673 43.00 -73.20 82.52
N ARG L 674 42.23 -73.27 83.60
CA ARG L 674 41.78 -72.07 84.28
C ARG L 674 42.80 -71.53 85.27
N ASP L 675 43.89 -72.25 85.53
CA ASP L 675 44.87 -71.84 86.53
C ASP L 675 46.22 -71.52 85.93
N THR L 676 46.26 -71.03 84.69
CA THR L 676 47.50 -70.64 84.06
C THR L 676 47.31 -69.32 83.34
N ILE L 677 48.29 -68.44 83.46
CA ILE L 677 48.30 -67.16 82.77
C ILE L 677 49.34 -67.26 81.67
N THR L 678 48.86 -67.28 80.42
CA THR L 678 49.73 -67.53 79.28
C THR L 678 49.43 -66.51 78.19
N GLN L 679 50.03 -66.74 77.03
CA GLN L 679 49.88 -65.85 75.91
C GLN L 679 48.45 -65.91 75.40
N PRO L 680 47.74 -64.77 75.30
CA PRO L 680 46.35 -64.82 74.86
C PRO L 680 46.22 -65.12 73.38
N ALA L 681 45.69 -66.29 73.04
CA ALA L 681 45.53 -66.72 71.65
C ALA L 681 44.05 -67.00 71.42
N LEU L 682 43.32 -65.99 70.97
CA LEU L 682 41.90 -66.14 70.73
C LEU L 682 41.64 -66.96 69.49
N SER L 683 40.52 -67.68 69.50
CA SER L 683 40.11 -68.45 68.34
C SER L 683 39.72 -67.51 67.20
N LEU L 684 39.84 -68.02 65.98
CA LEU L 684 39.49 -67.22 64.81
C LEU L 684 38.01 -66.87 64.78
N SER L 685 37.18 -67.62 65.49
CA SER L 685 35.75 -67.33 65.50
C SER L 685 35.45 -65.97 66.09
N THR L 686 36.34 -65.48 66.97
CA THR L 686 36.10 -64.20 67.62
C THR L 686 36.30 -63.01 66.70
N THR L 687 36.92 -63.21 65.53
CA THR L 687 37.19 -62.09 64.64
C THR L 687 35.98 -61.64 63.86
N ASN L 688 34.88 -62.39 63.89
CA ASN L 688 33.68 -61.98 63.19
C ASN L 688 33.07 -60.76 63.87
N THR L 689 32.59 -59.83 63.05
CA THR L 689 31.88 -58.68 63.59
C THR L 689 30.63 -59.14 64.34
N THR L 690 29.87 -60.04 63.75
CA THR L 690 28.69 -60.58 64.39
C THR L 690 29.12 -61.79 65.21
N VAL L 691 28.16 -62.45 65.86
CA VAL L 691 28.49 -63.64 66.64
C VAL L 691 29.01 -64.75 65.73
N GLY L 692 28.47 -64.86 64.53
CA GLY L 692 28.91 -65.91 63.62
C GLY L 692 29.20 -65.40 62.22
N VAL L 693 29.40 -66.31 61.28
CA VAL L 693 29.68 -65.90 59.91
C VAL L 693 28.43 -65.24 59.31
N PRO L 694 28.57 -64.08 58.69
CA PRO L 694 27.39 -63.43 58.12
C PRO L 694 26.78 -64.23 56.98
N LEU L 695 25.48 -64.10 56.82
CA LEU L 695 24.76 -64.76 55.75
C LEU L 695 23.60 -63.87 55.33
N ALA L 696 23.53 -63.56 54.04
CA ALA L 696 22.56 -62.61 53.53
C ALA L 696 21.40 -63.32 52.87
N LEU L 697 20.18 -62.98 53.28
CA LEU L 697 18.96 -63.50 52.68
C LEU L 697 18.28 -62.39 51.89
N ASP L 698 17.28 -62.78 51.11
CA ASP L 698 16.49 -61.85 50.33
C ASP L 698 15.12 -61.65 50.98
N ALA L 699 14.77 -60.40 51.23
CA ALA L 699 13.51 -60.12 51.92
C ALA L 699 12.31 -60.47 51.05
N ARG L 700 12.38 -60.21 49.76
CA ARG L 700 11.23 -60.38 48.89
C ARG L 700 10.76 -61.83 48.89
N ALA L 701 11.70 -62.77 48.77
CA ALA L 701 11.33 -64.18 48.75
C ALA L 701 10.67 -64.59 50.06
N ILE L 702 11.21 -64.12 51.18
CA ILE L 702 10.66 -64.47 52.48
C ILE L 702 9.24 -63.94 52.61
N THR L 703 9.03 -62.69 52.18
CA THR L 703 7.70 -62.11 52.28
C THR L 703 6.70 -62.85 51.41
N VAL L 704 7.09 -63.17 50.17
CA VAL L 704 6.21 -63.93 49.30
C VAL L 704 5.87 -65.27 49.92
N ALA L 705 6.85 -65.91 50.56
CA ALA L 705 6.57 -67.15 51.26
C ALA L 705 5.56 -66.94 52.38
N LEU L 706 5.73 -65.85 53.15
CA LEU L 706 4.83 -65.57 54.25
C LEU L 706 3.41 -65.28 53.79
N LEU L 707 3.24 -64.77 52.57
CA LEU L 707 1.93 -64.36 52.12
C LEU L 707 1.19 -65.39 51.28
N SER L 708 1.84 -66.46 50.85
CA SER L 708 1.25 -67.35 49.86
C SER L 708 1.46 -68.81 50.23
N GLY L 709 1.13 -69.17 51.47
CA GLY L 709 1.22 -70.54 51.93
C GLY L 709 -0.14 -71.19 51.98
N LYS L 710 -0.18 -72.48 51.65
CA LYS L 710 -1.42 -73.23 51.72
C LYS L 710 -1.11 -74.71 51.91
N TYR L 711 -2.08 -75.41 52.48
CA TYR L 711 -1.99 -76.83 52.74
C TYR L 711 -2.66 -77.62 51.63
N PRO L 712 -2.29 -78.88 51.44
CA PRO L 712 -3.05 -79.75 50.57
C PRO L 712 -4.47 -79.90 51.09
N PRO L 713 -5.46 -79.91 50.21
CA PRO L 713 -6.87 -79.91 50.66
C PRO L 713 -7.31 -81.22 51.29
N ASP L 714 -6.43 -82.19 51.45
CA ASP L 714 -6.79 -83.47 52.08
C ASP L 714 -5.69 -83.94 53.01
N LEU L 715 -5.14 -83.02 53.79
CA LEU L 715 -3.99 -83.33 54.63
C LEU L 715 -4.43 -83.99 55.93
N VAL L 716 -3.75 -85.07 56.29
CA VAL L 716 -3.91 -85.72 57.59
C VAL L 716 -2.53 -85.88 58.18
N THR L 717 -2.28 -85.22 59.31
CA THR L 717 -0.93 -85.15 59.85
C THR L 717 -0.40 -86.53 60.22
N ASN L 718 -1.24 -87.35 60.86
CA ASN L 718 -0.77 -88.63 61.36
C ASN L 718 -0.29 -89.54 60.24
N VAL L 719 -0.75 -89.30 59.01
CA VAL L 719 -0.30 -90.07 57.87
C VAL L 719 0.89 -89.42 57.20
N TRP L 720 0.80 -88.12 56.96
CA TRP L 720 1.87 -87.41 56.27
C TRP L 720 3.18 -87.54 57.03
N TYR L 721 3.14 -87.36 58.34
CA TYR L 721 4.38 -87.40 59.09
C TYR L 721 4.92 -88.81 59.26
N ALA L 722 4.06 -89.82 59.34
CA ALA L 722 4.57 -91.19 59.32
C ALA L 722 5.30 -91.46 58.02
N ASP L 723 4.69 -91.07 56.89
CA ASP L 723 5.33 -91.26 55.60
C ASP L 723 6.62 -90.47 55.50
N ALA L 724 6.70 -89.32 56.17
CA ALA L 724 7.89 -88.51 56.08
C ALA L 724 9.00 -89.01 56.98
N ILE L 725 8.66 -89.61 58.11
CA ILE L 725 9.67 -90.02 59.08
C ILE L 725 10.23 -91.39 58.76
N TYR L 726 9.40 -92.34 58.35
CA TYR L 726 9.89 -93.71 58.22
C TYR L 726 11.12 -93.82 57.32
N PRO L 727 11.09 -93.32 56.08
CA PRO L 727 12.30 -93.41 55.26
C PRO L 727 13.46 -92.61 55.82
N MET L 728 13.19 -91.46 56.41
CA MET L 728 14.27 -90.66 56.97
C MET L 728 14.97 -91.40 58.10
N TYR L 729 14.19 -92.01 58.99
CA TYR L 729 14.80 -92.72 60.11
C TYR L 729 15.45 -94.01 59.64
N ALA L 730 14.96 -94.59 58.55
CA ALA L 730 15.58 -95.81 58.05
C ALA L 730 17.01 -95.59 57.57
N ASP L 731 17.42 -94.33 57.36
CA ASP L 731 18.75 -94.01 56.86
C ASP L 731 19.57 -93.23 57.89
N THR L 732 19.26 -93.39 59.17
CA THR L 732 19.95 -92.62 60.19
C THR L 732 21.41 -93.06 60.32
N GLU L 733 22.20 -92.21 60.96
CA GLU L 733 23.61 -92.51 61.19
C GLU L 733 24.08 -92.09 62.57
N VAL L 734 23.18 -91.98 63.55
CA VAL L 734 23.54 -91.43 64.85
C VAL L 734 24.53 -92.35 65.56
N PHE L 735 24.38 -93.65 65.40
CA PHE L 735 25.23 -94.59 66.14
C PHE L 735 26.68 -94.47 65.72
N SER L 736 26.93 -94.37 64.41
CA SER L 736 28.29 -94.16 63.95
C SER L 736 28.85 -92.86 64.50
N ASN L 737 28.01 -91.82 64.57
CA ASN L 737 28.44 -90.56 65.15
C ASN L 737 28.84 -90.73 66.60
N LEU L 738 28.06 -91.51 67.36
CA LEU L 738 28.39 -91.73 68.76
C LEU L 738 29.74 -92.40 68.91
N GLN L 739 29.98 -93.45 68.13
CA GLN L 739 31.27 -94.13 68.20
C GLN L 739 32.40 -93.19 67.82
N ARG L 740 32.20 -92.38 66.78
CA ARG L 740 33.24 -91.46 66.36
C ARG L 740 33.54 -90.43 67.45
N ASP L 741 32.51 -89.94 68.13
CA ASP L 741 32.75 -88.98 69.20
C ASP L 741 33.50 -89.60 70.37
N MET L 742 33.18 -90.85 70.71
CA MET L 742 33.95 -91.53 71.74
C MET L 742 35.42 -91.57 71.35
N ILE L 743 35.69 -91.97 70.11
CA ILE L 743 37.07 -92.02 69.63
C ILE L 743 37.71 -90.63 69.70
N THR L 744 36.95 -89.59 69.37
CA THR L 744 37.50 -88.24 69.36
C THR L 744 37.94 -87.80 70.75
N CYS L 745 37.08 -88.01 71.75
CA CYS L 745 37.48 -87.65 73.11
C CYS L 745 38.69 -88.45 73.55
N GLU L 746 38.69 -89.76 73.26
CA GLU L 746 39.85 -90.58 73.58
C GLU L 746 41.12 -89.98 72.98
N ALA L 747 41.06 -89.61 71.71
CA ALA L 747 42.24 -89.12 71.01
C ALA L 747 42.71 -87.79 71.57
N VAL L 748 41.77 -86.90 71.90
CA VAL L 748 42.16 -85.59 72.44
C VAL L 748 42.88 -85.77 73.77
N GLN L 749 42.32 -86.61 74.64
CA GLN L 749 42.97 -86.83 75.93
C GLN L 749 44.34 -87.45 75.74
N THR L 750 44.46 -88.41 74.82
CA THR L 750 45.76 -89.00 74.56
C THR L 750 46.76 -87.95 74.06
N LEU L 751 46.32 -87.07 73.17
CA LEU L 751 47.21 -86.06 72.63
C LEU L 751 47.74 -85.15 73.73
N VAL L 752 46.85 -84.67 74.59
CA VAL L 752 47.34 -83.78 75.64
C VAL L 752 48.28 -84.53 76.58
N THR L 753 47.94 -85.78 76.93
CA THR L 753 48.79 -86.53 77.83
C THR L 753 50.19 -86.73 77.26
N LEU L 754 50.27 -87.13 75.99
CA LEU L 754 51.59 -87.32 75.38
C LEU L 754 52.35 -86.02 75.26
N VAL L 755 51.72 -84.99 74.69
CA VAL L 755 52.46 -83.76 74.40
C VAL L 755 52.91 -83.08 75.68
N ALA L 756 52.24 -83.34 76.79
CA ALA L 756 52.68 -82.72 78.04
C ALA L 756 54.02 -83.24 78.51
N GLN L 757 54.53 -84.32 77.93
CA GLN L 757 55.75 -84.94 78.44
C GLN L 757 57.01 -84.52 77.69
N ILE L 758 56.91 -83.60 76.73
CA ILE L 758 58.10 -83.14 76.01
C ILE L 758 58.14 -81.63 75.96
N SER L 759 57.35 -80.97 76.80
CA SER L 759 57.28 -79.52 76.78
C SER L 759 57.06 -79.01 78.20
N GLU L 760 56.83 -77.71 78.32
CA GLU L 760 56.49 -77.07 79.58
C GLU L 760 54.97 -76.96 79.64
N THR L 761 54.35 -77.74 80.51
CA THR L 761 52.91 -77.71 80.70
C THR L 761 52.61 -78.18 82.11
N GLN L 762 51.85 -77.39 82.84
CA GLN L 762 51.56 -77.68 84.23
C GLN L 762 50.50 -78.76 84.41
N TYR L 763 50.12 -79.44 83.33
CA TYR L 763 49.11 -80.48 83.42
C TYR L 763 49.72 -81.67 84.16
N PRO L 764 49.12 -82.13 85.25
CA PRO L 764 49.76 -83.14 86.09
C PRO L 764 49.87 -84.51 85.42
N VAL L 765 51.10 -84.95 85.15
CA VAL L 765 51.36 -86.26 84.59
C VAL L 765 52.53 -86.89 85.34
N ASP L 766 52.39 -88.17 85.66
CA ASP L 766 53.48 -88.94 86.22
C ASP L 766 54.50 -89.18 85.12
N ARG L 767 55.56 -88.37 85.10
CA ARG L 767 56.56 -88.45 84.04
C ARG L 767 57.44 -89.68 84.29
N TYR L 768 57.26 -90.71 83.47
CA TYR L 768 58.01 -91.95 83.62
C TYR L 768 59.25 -92.02 82.75
N LEU L 769 59.40 -91.15 81.77
CA LEU L 769 60.51 -91.23 80.83
C LEU L 769 61.33 -89.95 80.84
N ASP L 770 61.60 -89.42 82.03
CA ASP L 770 62.41 -88.22 82.10
C ASP L 770 63.88 -88.52 81.87
N TRP L 771 64.34 -89.71 82.24
CA TRP L 771 65.76 -90.03 82.09
C TRP L 771 66.19 -90.11 80.64
N ILE L 772 65.27 -90.30 79.71
CA ILE L 772 65.62 -90.28 78.30
C ILE L 772 65.85 -88.84 77.87
N PRO L 773 66.96 -88.54 77.20
CA PRO L 773 67.24 -87.16 76.80
C PRO L 773 66.22 -86.63 75.82
N SER L 774 65.95 -85.34 75.91
CA SER L 774 65.05 -84.65 74.99
C SER L 774 65.28 -83.16 75.13
N LEU L 775 64.69 -82.40 74.22
CA LEU L 775 64.74 -80.96 74.31
C LEU L 775 63.38 -80.43 74.77
N ARG L 776 63.34 -79.13 75.05
CA ARG L 776 62.10 -78.46 75.41
C ARG L 776 61.46 -77.96 74.11
N ALA L 777 60.53 -78.74 73.58
CA ALA L 777 59.99 -78.47 72.26
C ALA L 777 59.26 -77.14 72.21
N SER L 778 59.42 -76.43 71.10
CA SER L 778 58.65 -75.24 70.85
C SER L 778 57.31 -75.61 70.24
N ALA L 779 56.58 -74.60 69.76
CA ALA L 779 55.27 -74.85 69.17
C ALA L 779 55.39 -75.70 67.92
N ALA L 780 56.37 -75.40 67.06
CA ALA L 780 56.48 -76.12 65.79
C ALA L 780 56.81 -77.59 66.01
N THR L 781 57.77 -77.87 66.90
CA THR L 781 58.14 -79.25 67.16
C THR L 781 56.98 -80.03 67.76
N ALA L 782 56.27 -79.41 68.70
CA ALA L 782 55.11 -80.06 69.29
C ALA L 782 54.06 -80.33 68.23
N ALA L 783 53.85 -79.37 67.32
CA ALA L 783 52.87 -79.57 66.26
C ALA L 783 53.25 -80.74 65.37
N THR L 784 54.53 -80.84 65.02
CA THR L 784 54.96 -81.95 64.18
C THR L 784 54.76 -83.27 64.89
N PHE L 785 55.06 -83.33 66.19
CA PHE L 785 54.83 -84.55 66.95
C PHE L 785 53.35 -84.92 66.97
N ALA L 786 52.50 -83.93 67.23
CA ALA L 786 51.08 -84.18 67.33
C ALA L 786 50.51 -84.64 65.99
N GLU L 787 51.06 -84.14 64.90
CA GLU L 787 50.60 -84.58 63.59
C GLU L 787 50.83 -86.06 63.39
N TRP L 788 52.00 -86.56 63.78
CA TRP L 788 52.27 -87.98 63.69
C TRP L 788 51.35 -88.77 64.60
N VAL L 789 51.11 -88.26 65.81
CA VAL L 789 50.16 -88.94 66.69
C VAL L 789 48.80 -89.06 66.03
N ASN L 790 48.33 -87.97 65.43
CA ASN L 790 47.02 -87.96 64.79
C ASN L 790 46.97 -88.96 63.64
N THR L 791 48.01 -88.99 62.81
CA THR L 791 48.02 -89.95 61.72
C THR L 791 48.01 -91.37 62.23
N SER L 792 48.78 -91.65 63.28
CA SER L 792 48.80 -92.99 63.83
C SER L 792 47.42 -93.42 64.30
N MET L 793 46.74 -92.55 65.04
CA MET L 793 45.40 -92.89 65.50
C MET L 793 44.44 -93.10 64.33
N LYS L 794 44.51 -92.23 63.32
CA LYS L 794 43.60 -92.36 62.20
C LYS L 794 43.82 -93.66 61.46
N THR L 795 45.07 -94.04 61.23
CA THR L 795 45.35 -95.30 60.54
C THR L 795 44.93 -96.49 61.39
N ALA L 796 45.16 -96.43 62.70
CA ALA L 796 44.86 -97.58 63.55
C ALA L 796 43.37 -97.91 63.54
N PHE L 797 42.52 -96.89 63.61
CA PHE L 797 41.09 -97.09 63.67
C PHE L 797 40.42 -97.03 62.31
N ASP L 798 41.20 -96.92 61.23
CA ASP L 798 40.67 -96.87 59.87
C ASP L 798 39.76 -95.67 59.69
N LEU L 799 40.32 -94.49 59.88
CA LEU L 799 39.61 -93.24 59.73
C LEU L 799 40.14 -92.50 58.49
N SER L 800 39.30 -91.65 57.93
CA SER L 800 39.70 -90.88 56.77
C SER L 800 39.31 -89.42 56.83
N ASP L 801 38.49 -88.99 57.77
CA ASP L 801 38.01 -87.62 57.84
C ASP L 801 38.75 -86.84 58.92
N MET L 802 38.26 -85.64 59.19
CA MET L 802 38.88 -84.76 60.18
C MET L 802 38.91 -85.43 61.55
N LEU L 803 40.05 -85.33 62.22
CA LEU L 803 40.21 -85.82 63.58
C LEU L 803 41.43 -85.14 64.17
N LEU L 804 41.22 -84.23 65.12
CA LEU L 804 42.27 -83.42 65.73
C LEU L 804 43.01 -82.52 64.74
N GLU L 805 42.53 -82.43 63.51
CA GLU L 805 43.16 -81.49 62.57
C GLU L 805 43.12 -80.05 63.06
N PRO L 806 41.98 -79.50 63.49
CA PRO L 806 41.97 -78.11 63.94
C PRO L 806 42.86 -77.84 65.14
N LEU L 807 43.10 -78.84 65.99
CA LEU L 807 43.97 -78.62 67.14
C LEU L 807 45.40 -78.35 66.76
N LEU L 808 45.80 -78.61 65.51
CA LEU L 808 47.15 -78.39 65.06
C LEU L 808 47.34 -77.03 64.42
N SER L 809 46.34 -76.15 64.52
CA SER L 809 46.44 -74.84 63.88
C SER L 809 47.57 -74.03 64.47
N GLY L 810 47.71 -74.02 65.80
CA GLY L 810 48.77 -73.26 66.42
C GLY L 810 48.98 -73.57 67.88
N ASP L 811 50.22 -73.85 68.26
CA ASP L 811 50.60 -74.17 69.63
C ASP L 811 49.71 -75.26 70.19
N PRO L 812 49.87 -76.51 69.77
CA PRO L 812 49.07 -77.61 70.31
C PRO L 812 49.44 -78.00 71.73
N ARG L 813 50.32 -77.27 72.40
CA ARG L 813 50.67 -77.56 73.79
C ARG L 813 49.53 -77.08 74.68
N MET L 814 48.45 -77.84 74.66
CA MET L 814 47.21 -77.49 75.34
C MET L 814 47.09 -78.26 76.64
N THR L 815 46.07 -77.88 77.42
CA THR L 815 45.74 -78.57 78.67
C THR L 815 44.31 -79.07 78.68
N GLN L 816 43.35 -78.27 78.22
CA GLN L 816 41.95 -78.66 78.31
C GLN L 816 41.06 -77.76 77.46
N LEU L 817 40.17 -78.36 76.67
CA LEU L 817 39.26 -77.59 75.85
C LEU L 817 38.14 -76.97 76.68
N ALA L 818 37.60 -75.86 76.18
CA ALA L 818 36.49 -75.16 76.79
C ALA L 818 36.00 -74.11 75.80
N ILE L 819 34.72 -73.78 75.91
CA ILE L 819 34.08 -72.84 75.00
C ILE L 819 33.25 -71.86 75.81
N GLN L 820 33.21 -70.60 75.37
CA GLN L 820 32.54 -69.57 76.13
C GLN L 820 32.04 -68.48 75.18
N TYR L 821 31.08 -67.70 75.66
CA TYR L 821 30.53 -66.59 74.90
C TYR L 821 30.28 -65.42 75.82
N GLN L 822 30.13 -64.24 75.23
CA GLN L 822 30.14 -62.99 75.97
C GLN L 822 28.89 -62.17 75.67
N GLN L 823 28.29 -61.61 76.73
CA GLN L 823 27.14 -60.73 76.58
C GLN L 823 27.58 -59.32 76.26
N TYR L 824 26.62 -58.47 75.91
CA TYR L 824 26.94 -57.08 75.65
C TYR L 824 27.41 -56.38 76.93
N ASN L 825 26.78 -56.69 78.05
CA ASN L 825 27.10 -56.02 79.30
C ASN L 825 28.39 -56.52 79.93
N GLY L 826 29.19 -57.30 79.20
CA GLY L 826 30.46 -57.78 79.68
C GLY L 826 30.42 -59.11 80.39
N ARG L 827 29.24 -59.58 80.77
CA ARG L 827 29.14 -60.87 81.43
C ARG L 827 29.45 -62.00 80.44
N THR L 828 30.08 -63.05 80.93
CA THR L 828 30.46 -64.18 80.10
C THR L 828 29.99 -65.48 80.73
N PHE L 829 29.84 -66.50 79.89
CA PHE L 829 29.47 -67.83 80.33
C PHE L 829 30.50 -68.82 79.81
N ASN L 830 31.21 -69.46 80.72
CA ASN L 830 32.26 -70.40 80.38
C ASN L 830 31.78 -71.81 80.65
N ILE L 831 31.99 -72.69 79.67
CA ILE L 831 31.58 -74.09 79.76
C ILE L 831 32.78 -75.01 79.59
N ILE L 832 33.06 -75.80 80.62
CA ILE L 832 34.17 -76.74 80.61
C ILE L 832 33.61 -78.13 80.81
N PRO L 833 33.56 -78.94 79.76
CA PRO L 833 33.05 -80.30 79.92
C PRO L 833 33.91 -81.10 80.88
N GLU L 834 33.25 -81.92 81.70
CA GLU L 834 33.93 -82.73 82.70
C GLU L 834 34.48 -83.97 82.00
N MET L 835 35.74 -83.91 81.61
CA MET L 835 36.31 -84.97 80.78
C MET L 835 36.41 -86.26 81.59
N PRO L 836 35.80 -87.34 81.13
CA PRO L 836 35.96 -88.62 81.83
C PRO L 836 37.32 -89.22 81.56
N GLY L 837 37.55 -90.44 82.03
CA GLY L 837 38.82 -91.09 81.83
C GLY L 837 39.05 -91.45 80.38
N SER L 838 40.26 -91.91 80.11
CA SER L 838 40.62 -92.37 78.76
C SER L 838 41.42 -93.65 78.91
N VAL L 839 40.88 -94.75 78.37
CA VAL L 839 41.55 -96.03 78.53
C VAL L 839 42.87 -96.05 77.79
N ILE L 840 42.93 -95.41 76.62
CA ILE L 840 44.14 -95.46 75.81
C ILE L 840 45.29 -94.74 76.53
N ALA L 841 45.02 -93.55 77.05
CA ALA L 841 46.08 -92.80 77.72
C ALA L 841 46.57 -93.54 78.96
N ASP L 842 45.65 -94.13 79.73
CA ASP L 842 46.06 -94.87 80.92
C ASP L 842 46.87 -96.10 80.53
N CYS L 843 46.47 -96.78 79.46
CA CYS L 843 47.24 -97.93 78.99
C CYS L 843 48.63 -97.52 78.53
N VAL L 844 48.74 -96.35 77.90
CA VAL L 844 50.05 -95.86 77.50
C VAL L 844 50.91 -95.54 78.71
N GLN L 845 50.32 -94.97 79.74
CA GLN L 845 51.07 -94.71 80.97
C GLN L 845 51.54 -96.02 81.59
N LEU L 846 50.68 -97.03 81.60
CA LEU L 846 51.07 -98.33 82.10
C LEU L 846 52.23 -98.91 81.28
N THR L 847 52.16 -98.76 79.96
CA THR L 847 53.22 -99.26 79.10
C THR L 847 54.53 -98.55 79.37
N ALA L 848 54.47 -97.23 79.56
CA ALA L 848 55.67 -96.47 79.88
C ALA L 848 56.25 -96.93 81.22
N GLU L 849 55.39 -97.17 82.20
CA GLU L 849 55.86 -97.65 83.49
C GLU L 849 56.56 -98.99 83.35
N VAL L 850 55.99 -99.90 82.57
CA VAL L 850 56.62 -101.20 82.35
C VAL L 850 57.94 -101.02 81.63
N PHE L 851 57.97 -100.17 80.60
CA PHE L 851 59.20 -99.92 79.86
C PHE L 851 60.29 -99.37 80.75
N ASN L 852 59.93 -98.73 81.85
CA ASN L 852 60.93 -98.17 82.75
C ASN L 852 61.76 -99.24 83.45
N HIS L 853 61.35 -100.50 83.36
CA HIS L 853 62.13 -101.60 83.90
C HIS L 853 62.60 -102.59 82.86
N GLU L 854 62.00 -102.60 81.67
CA GLU L 854 62.30 -103.58 80.65
C GLU L 854 62.86 -102.94 79.38
N TYR L 855 63.60 -101.85 79.53
CA TYR L 855 64.07 -101.11 78.37
C TYR L 855 65.02 -101.93 77.52
N ASN L 856 65.69 -102.92 78.10
CA ASN L 856 66.63 -103.72 77.33
C ASN L 856 65.92 -104.50 76.23
N LEU L 857 64.72 -105.00 76.51
CA LEU L 857 63.98 -105.75 75.50
C LEU L 857 63.65 -104.89 74.29
N PHE L 858 63.59 -103.57 74.45
CA PHE L 858 63.30 -102.68 73.34
C PHE L 858 64.55 -102.20 72.62
N GLY L 859 65.72 -102.70 73.00
CA GLY L 859 66.95 -102.31 72.34
C GLY L 859 67.59 -101.05 72.88
N ILE L 860 67.09 -100.50 73.98
CA ILE L 860 67.65 -99.31 74.59
C ILE L 860 68.42 -99.71 75.85
N ALA L 861 69.64 -99.19 75.98
CA ALA L 861 70.43 -99.37 77.16
C ALA L 861 70.36 -98.13 78.02
N ARG L 862 70.33 -98.31 79.34
CA ARG L 862 70.26 -97.21 80.28
C ARG L 862 71.64 -96.93 80.85
N GLY L 863 71.91 -95.66 81.13
CA GLY L 863 73.15 -95.30 81.78
C GLY L 863 74.13 -94.62 80.85
N ASP L 864 75.42 -94.89 81.06
CA ASP L 864 76.49 -94.26 80.30
C ASP L 864 77.52 -95.32 79.93
N ILE L 865 78.51 -94.90 79.15
CA ILE L 865 79.54 -95.80 78.64
C ILE L 865 80.90 -95.22 78.97
N ILE L 866 81.91 -96.09 78.99
CA ILE L 866 83.27 -95.70 79.31
C ILE L 866 84.16 -96.15 78.17
N ILE L 867 84.87 -95.20 77.56
CA ILE L 867 85.75 -95.48 76.44
C ILE L 867 87.17 -95.55 76.97
N GLY L 868 87.83 -96.69 76.78
CA GLY L 868 89.19 -96.84 77.23
C GLY L 868 89.75 -98.22 76.94
N ARG L 869 91.05 -98.30 76.69
CA ARG L 869 91.64 -99.58 76.34
C ARG L 869 91.61 -100.53 77.52
N VAL L 870 91.11 -101.73 77.29
CA VAL L 870 91.06 -102.79 78.29
C VAL L 870 91.43 -104.09 77.59
N GLN L 871 92.63 -104.59 77.85
CA GLN L 871 93.10 -105.82 77.23
C GLN L 871 93.29 -106.88 78.29
N SER L 872 92.62 -108.01 78.13
CA SER L 872 92.70 -109.11 79.08
C SER L 872 92.09 -110.34 78.42
N THR L 873 92.23 -111.49 79.09
CA THR L 873 91.66 -112.74 78.63
C THR L 873 90.42 -113.13 79.41
N HIS L 874 89.93 -112.27 80.30
CA HIS L 874 88.75 -112.59 81.06
C HIS L 874 87.50 -112.51 80.19
N LEU L 875 86.47 -113.25 80.58
CA LEU L 875 85.31 -113.49 79.72
C LEU L 875 84.04 -112.84 80.24
N TRP L 876 84.15 -111.81 81.08
CA TRP L 876 82.95 -111.13 81.53
C TRP L 876 82.33 -110.36 80.38
N SER L 877 81.01 -110.29 80.36
CA SER L 877 80.32 -109.57 79.31
C SER L 877 80.57 -108.07 79.45
N PRO L 878 80.70 -107.34 78.34
CA PRO L 878 80.90 -105.89 78.44
C PRO L 878 79.67 -105.16 78.92
N LEU L 879 78.51 -105.81 78.97
CA LEU L 879 77.30 -105.18 79.46
C LEU L 879 77.06 -105.46 80.94
N ALA L 880 77.91 -106.25 81.58
CA ALA L 880 77.88 -106.46 83.03
C ALA L 880 79.30 -106.32 83.55
N PRO L 881 79.89 -105.13 83.44
CA PRO L 881 81.31 -104.99 83.71
C PRO L 881 81.61 -105.18 85.19
N PRO L 882 82.81 -105.63 85.53
CA PRO L 882 83.18 -105.69 86.94
C PRO L 882 83.27 -104.29 87.51
N PRO L 883 82.95 -104.13 88.81
CA PRO L 883 82.91 -102.78 89.38
C PRO L 883 84.24 -102.05 89.33
N ASP L 884 85.34 -102.77 89.44
CA ASP L 884 86.65 -102.16 89.51
C ASP L 884 87.15 -101.60 88.20
N LEU L 885 86.28 -101.51 87.19
CA LEU L 885 86.63 -100.88 85.92
C LEU L 885 85.98 -99.53 85.71
N VAL L 886 84.91 -99.22 86.44
CA VAL L 886 84.13 -98.02 86.20
C VAL L 886 84.53 -96.95 87.20
N PHE L 887 84.14 -95.72 86.89
CA PHE L 887 84.30 -94.60 87.80
C PHE L 887 83.12 -93.66 87.60
N ASP L 888 82.97 -92.72 88.52
CA ASP L 888 81.86 -91.79 88.48
C ASP L 888 82.30 -90.45 89.05
N ARG L 889 81.36 -89.52 89.12
CA ARG L 889 81.68 -88.17 89.60
C ARG L 889 82.22 -88.21 91.01
N ASP L 890 81.72 -89.13 91.84
CA ASP L 890 82.12 -89.20 93.24
C ASP L 890 83.28 -90.16 93.44
N THR L 891 84.34 -89.96 92.66
CA THR L 891 85.50 -90.83 92.71
C THR L 891 86.76 -89.96 92.78
N PRO L 892 87.71 -90.31 93.63
CA PRO L 892 88.93 -89.50 93.74
C PRO L 892 89.67 -89.42 92.42
N GLY L 893 90.22 -88.24 92.14
CA GLY L 893 91.03 -88.06 90.95
C GLY L 893 90.28 -88.19 89.64
N VAL L 894 89.10 -87.59 89.54
CA VAL L 894 88.31 -87.61 88.31
C VAL L 894 88.07 -86.18 87.88
N HIS L 895 88.30 -85.89 86.61
CA HIS L 895 88.16 -84.55 86.06
C HIS L 895 86.85 -84.44 85.32
N ILE L 896 86.11 -83.37 85.60
CA ILE L 896 84.81 -83.12 84.97
C ILE L 896 84.97 -81.96 84.01
N PHE L 897 84.18 -81.98 82.95
CA PHE L 897 84.29 -80.98 81.90
C PHE L 897 82.92 -80.43 81.55
N GLY L 898 82.88 -79.13 81.29
CA GLY L 898 81.64 -78.46 80.94
C GLY L 898 81.66 -77.88 79.55
N ARG L 899 80.85 -76.86 79.30
CA ARG L 899 80.79 -76.26 77.97
C ARG L 899 82.13 -75.65 77.59
N ASP L 900 82.82 -75.03 78.52
CA ASP L 900 84.14 -74.44 78.28
C ASP L 900 85.17 -75.57 78.33
N CYS L 901 85.65 -75.98 77.16
CA CYS L 901 86.53 -77.14 77.03
C CYS L 901 87.69 -76.83 76.09
N ARG L 902 88.32 -75.69 76.27
CA ARG L 902 89.32 -75.23 75.32
C ARG L 902 90.56 -76.11 75.35
N ILE L 903 91.15 -76.32 74.17
CA ILE L 903 92.30 -77.20 74.00
C ILE L 903 93.52 -76.36 73.68
N SER L 904 94.60 -76.58 74.43
CA SER L 904 95.86 -75.86 74.22
C SER L 904 96.94 -76.86 73.85
N PHE L 905 97.58 -76.63 72.71
CA PHE L 905 98.74 -77.41 72.33
C PHE L 905 99.92 -77.09 73.23
N GLY L 906 100.73 -78.10 73.52
CA GLY L 906 101.98 -77.89 74.21
C GLY L 906 103.11 -77.74 73.20
N MET L 907 104.02 -76.82 73.49
CA MET L 907 105.09 -76.47 72.57
C MET L 907 106.43 -76.83 73.17
N ASN L 908 107.38 -77.17 72.30
CA ASN L 908 108.74 -77.54 72.70
C ASN L 908 108.74 -78.76 73.63
N GLY L 909 107.90 -79.74 73.31
CA GLY L 909 107.87 -80.98 74.05
C GLY L 909 106.90 -81.01 75.21
N ALA L 910 106.33 -79.87 75.58
CA ALA L 910 105.33 -79.87 76.64
C ALA L 910 104.07 -80.60 76.17
N ALA L 911 103.47 -81.34 77.08
CA ALA L 911 102.28 -82.09 76.72
C ALA L 911 101.11 -81.14 76.46
N PRO L 912 100.29 -81.41 75.45
CA PRO L 912 99.11 -80.58 75.23
C PRO L 912 98.11 -80.75 76.37
N MET L 913 97.26 -79.75 76.52
CA MET L 913 96.48 -79.61 77.74
C MET L 913 95.02 -79.29 77.42
N ILE L 914 94.14 -79.65 78.36
CA ILE L 914 92.71 -79.42 78.25
C ILE L 914 92.22 -78.65 79.47
N ARG L 915 91.10 -77.96 79.30
CA ARG L 915 90.56 -77.09 80.34
C ARG L 915 89.56 -77.86 81.19
N ASP L 916 89.84 -77.93 82.48
CA ASP L 916 88.91 -78.56 83.42
C ASP L 916 87.68 -77.69 83.60
N GLU L 917 86.65 -78.27 84.22
CA GLU L 917 85.47 -77.49 84.54
C GLU L 917 85.76 -76.47 85.64
N THR L 918 86.61 -76.82 86.60
CA THR L 918 86.96 -75.90 87.67
C THR L 918 87.90 -74.80 87.22
N GLY L 919 88.42 -74.85 86.01
CA GLY L 919 89.36 -73.89 85.54
C GLY L 919 90.80 -74.34 85.55
N LEU L 920 91.05 -75.64 85.45
CA LEU L 920 92.40 -76.20 85.52
C LEU L 920 92.82 -76.71 84.15
N MET L 921 94.10 -76.56 83.86
CA MET L 921 94.70 -77.15 82.67
C MET L 921 95.24 -78.52 83.05
N VAL L 922 94.70 -79.57 82.44
CA VAL L 922 95.17 -80.93 82.75
C VAL L 922 95.55 -81.63 81.45
N PRO L 923 96.52 -82.54 81.48
CA PRO L 923 96.98 -83.19 80.26
C PRO L 923 96.07 -84.36 79.88
N PHE L 924 96.27 -84.85 78.65
CA PHE L 924 95.44 -85.92 78.12
C PHE L 924 95.86 -87.23 78.78
N GLU L 925 95.36 -87.45 79.98
CA GLU L 925 95.70 -88.64 80.74
C GLU L 925 94.79 -88.75 81.94
N GLY L 926 94.39 -89.97 82.29
CA GLY L 926 93.58 -90.19 83.47
C GLY L 926 92.17 -90.65 83.18
N ASN L 927 91.23 -90.24 84.02
CA ASN L 927 89.82 -90.56 83.85
C ASN L 927 89.02 -89.28 83.76
N TRP L 928 88.17 -89.17 82.76
CA TRP L 928 87.41 -87.96 82.49
C TRP L 928 85.93 -88.27 82.50
N ILE L 929 85.12 -87.21 82.49
CA ILE L 929 83.68 -87.32 82.42
C ILE L 929 83.19 -86.29 81.40
N PHE L 930 82.48 -86.77 80.38
CA PHE L 930 82.03 -85.95 79.28
C PHE L 930 80.53 -86.08 79.11
N PRO L 931 79.78 -84.99 79.14
CA PRO L 931 78.44 -85.04 78.55
C PRO L 931 78.53 -85.13 77.04
N LEU L 932 77.56 -85.84 76.46
CA LEU L 932 77.64 -86.16 75.03
C LEU L 932 77.70 -84.90 74.18
N ALA L 933 77.04 -83.83 74.64
CA ALA L 933 76.97 -82.61 73.84
C ALA L 933 78.35 -82.07 73.53
N LEU L 934 79.32 -82.26 74.43
CA LEU L 934 80.66 -81.74 74.17
C LEU L 934 81.30 -82.44 72.98
N TRP L 935 81.17 -83.77 72.90
CA TRP L 935 81.70 -84.46 71.75
C TRP L 935 80.94 -84.12 70.49
N GLN L 936 79.62 -83.95 70.61
CA GLN L 936 78.84 -83.52 69.45
C GLN L 936 79.29 -82.16 68.96
N MET L 937 79.74 -81.31 69.88
CA MET L 937 80.16 -79.96 69.55
C MET L 937 81.35 -79.94 68.60
N ASN L 938 82.39 -80.73 68.87
CA ASN L 938 83.66 -80.62 68.16
C ASN L 938 84.12 -81.98 67.68
N THR L 939 83.29 -82.67 66.92
CA THR L 939 83.59 -84.04 66.51
C THR L 939 84.96 -84.13 65.84
N ARG L 940 85.20 -83.30 64.82
CA ARG L 940 86.42 -83.41 64.05
C ARG L 940 87.64 -83.10 64.91
N TYR L 941 87.59 -81.99 65.65
CA TYR L 941 88.72 -81.58 66.47
C TYR L 941 89.04 -82.63 67.52
N PHE L 942 88.00 -83.12 68.19
CA PHE L 942 88.20 -84.09 69.27
C PHE L 942 88.75 -85.39 68.73
N ASN L 943 88.24 -85.85 67.59
CA ASN L 943 88.79 -87.06 67.00
C ASN L 943 90.25 -86.87 66.62
N GLN L 944 90.58 -85.72 66.03
CA GLN L 944 91.96 -85.47 65.63
C GLN L 944 92.88 -85.45 66.84
N GLN L 945 92.39 -84.97 67.99
CA GLN L 945 93.28 -84.81 69.13
C GLN L 945 93.37 -86.05 70.01
N PHE L 946 92.27 -86.78 70.21
CA PHE L 946 92.21 -87.75 71.30
C PHE L 946 92.55 -89.16 70.88
N ASP L 947 92.23 -89.55 69.64
CA ASP L 947 92.26 -90.95 69.26
C ASP L 947 93.63 -91.56 69.47
N ALA L 948 94.68 -90.81 69.18
CA ALA L 948 96.03 -91.33 69.38
C ALA L 948 96.28 -91.68 70.83
N TRP L 949 95.78 -90.86 71.75
CA TRP L 949 95.94 -91.15 73.17
C TRP L 949 95.05 -92.30 73.61
N ILE L 950 93.82 -92.34 73.12
CA ILE L 950 92.87 -93.36 73.55
C ILE L 950 93.36 -94.74 73.11
N LYS L 951 93.86 -94.84 71.88
CA LYS L 951 94.22 -96.16 71.35
C LYS L 951 95.36 -96.78 72.13
N THR L 952 96.44 -96.02 72.36
CA THR L 952 97.65 -96.58 72.94
C THR L 952 98.06 -95.97 74.26
N GLY L 953 97.55 -94.80 74.62
CA GLY L 953 97.85 -94.18 75.90
C GLY L 953 97.05 -94.78 77.02
N GLU L 954 96.70 -93.94 77.99
CA GLU L 954 95.93 -94.38 79.14
C GLU L 954 94.83 -93.37 79.45
N LEU L 955 94.30 -92.74 78.42
CA LEU L 955 93.18 -91.82 78.59
C LEU L 955 91.88 -92.61 78.53
N ARG L 956 91.01 -92.40 79.51
CA ARG L 956 89.72 -93.05 79.56
C ARG L 956 88.63 -92.01 79.81
N ILE L 957 87.53 -92.13 79.09
CA ILE L 957 86.48 -91.12 79.08
C ILE L 957 85.14 -91.79 79.35
N ARG L 958 84.30 -91.14 80.14
CA ARG L 958 82.94 -91.60 80.40
C ARG L 958 81.98 -90.62 79.75
N ILE L 959 81.30 -91.06 78.70
CA ILE L 959 80.32 -90.24 78.00
C ILE L 959 78.98 -90.37 78.71
N GLU L 960 78.40 -89.25 79.08
CA GLU L 960 77.09 -89.23 79.74
C GLU L 960 76.00 -89.12 78.68
N MET L 961 75.11 -90.12 78.63
CA MET L 961 74.06 -90.12 77.64
C MET L 961 72.69 -90.39 78.27
N GLY L 962 72.67 -91.15 79.35
CA GLY L 962 71.41 -91.54 79.95
C GLY L 962 70.84 -92.77 79.31
N ALA L 963 70.41 -92.64 78.05
CA ALA L 963 69.89 -93.77 77.29
C ALA L 963 70.45 -93.71 75.89
N TYR L 964 70.53 -94.87 75.25
CA TYR L 964 71.14 -94.98 73.93
C TYR L 964 70.87 -96.34 73.30
N PRO L 965 70.68 -96.41 72.00
CA PRO L 965 70.56 -97.71 71.35
C PRO L 965 71.90 -98.39 71.22
N TYR L 966 71.88 -99.72 71.21
CA TYR L 966 73.09 -100.51 71.17
C TYR L 966 72.96 -101.63 70.16
N MET L 967 74.10 -102.09 69.66
CA MET L 967 74.15 -103.17 68.69
C MET L 967 75.35 -104.04 69.00
N LEU L 968 75.15 -105.36 69.02
CA LEU L 968 76.13 -106.31 69.54
C LEU L 968 76.97 -106.90 68.43
N HIS L 969 78.12 -107.46 68.82
CA HIS L 969 79.04 -108.13 67.92
C HIS L 969 79.64 -109.32 68.66
N TYR L 970 79.02 -110.49 68.49
CA TYR L 970 79.57 -111.67 69.12
C TYR L 970 80.85 -112.11 68.41
N TYR L 971 81.73 -112.77 69.17
CA TYR L 971 83.00 -113.20 68.63
C TYR L 971 83.47 -114.44 69.37
N ASP L 972 84.33 -115.20 68.72
CA ASP L 972 84.87 -116.39 69.33
C ASP L 972 85.92 -116.02 70.37
N PRO L 973 85.75 -116.40 71.63
CA PRO L 973 86.77 -116.10 72.64
C PRO L 973 88.09 -116.76 72.38
N ARG L 974 88.12 -117.80 71.56
CA ARG L 974 89.31 -118.61 71.35
C ARG L 974 90.25 -118.01 70.32
N GLN L 975 89.89 -116.88 69.72
CA GLN L 975 90.72 -116.22 68.73
C GLN L 975 91.02 -114.80 69.17
N TYR L 976 92.14 -114.27 68.67
CA TYR L 976 92.46 -112.88 68.93
C TYR L 976 91.39 -111.97 68.38
N ALA L 977 91.10 -110.89 69.10
CA ALA L 977 90.04 -109.99 68.70
C ALA L 977 90.35 -108.58 69.19
N ASN L 978 90.34 -107.63 68.27
CA ASN L 978 90.61 -106.23 68.57
C ASN L 978 89.44 -105.40 68.08
N ALA L 979 88.90 -104.56 68.96
CA ALA L 979 87.70 -103.80 68.66
C ALA L 979 87.98 -102.35 68.30
N TRP L 980 89.23 -101.99 68.04
CA TRP L 980 89.54 -100.58 67.78
C TRP L 980 88.84 -100.10 66.52
N ASN L 981 88.71 -100.96 65.51
CA ASN L 981 88.08 -100.54 64.27
C ASN L 981 86.63 -100.13 64.50
N LEU L 982 85.88 -100.94 65.22
CA LEU L 982 84.47 -100.64 65.46
C LEU L 982 84.31 -99.35 66.24
N THR L 983 85.09 -99.19 67.31
CA THR L 983 84.97 -98.00 68.13
C THR L 983 85.39 -96.75 67.36
N SER L 984 86.46 -96.85 66.58
CA SER L 984 86.88 -95.71 65.79
C SER L 984 85.81 -95.33 64.78
N ALA L 985 85.22 -96.32 64.12
CA ALA L 985 84.14 -96.04 63.17
C ALA L 985 82.97 -95.39 63.87
N TRP L 986 82.64 -95.84 65.08
CA TRP L 986 81.55 -95.20 65.82
C TRP L 986 81.88 -93.75 66.14
N LEU L 987 83.10 -93.49 66.59
CA LEU L 987 83.47 -92.13 66.97
C LEU L 987 83.46 -91.20 65.77
N GLU L 988 83.96 -91.67 64.62
CA GLU L 988 84.06 -90.80 63.46
C GLU L 988 82.69 -90.34 62.99
N GLU L 989 81.65 -91.12 63.22
CA GLU L 989 80.33 -90.83 62.68
C GLU L 989 79.45 -90.04 63.64
N ILE L 990 79.99 -89.61 64.77
CA ILE L 990 79.23 -88.81 65.71
C ILE L 990 79.07 -87.43 65.10
N THR L 991 77.82 -87.02 64.89
CA THR L 991 77.54 -85.72 64.27
C THR L 991 76.58 -84.87 65.09
N PRO L 992 76.74 -83.54 65.00
CA PRO L 992 75.95 -82.53 65.70
C PRO L 992 74.46 -82.86 65.73
N THR L 993 73.99 -83.62 64.75
CA THR L 993 72.58 -83.98 64.72
C THR L 993 72.31 -85.47 64.73
N SER L 994 73.33 -86.31 64.82
CA SER L 994 73.14 -87.75 64.73
C SER L 994 74.13 -88.49 65.60
N ILE L 995 73.76 -89.71 65.97
CA ILE L 995 74.66 -90.61 66.67
C ILE L 995 74.35 -92.06 66.28
N PRO L 996 75.31 -92.81 65.78
CA PRO L 996 75.07 -94.21 65.45
C PRO L 996 74.99 -95.07 66.71
N SER L 997 74.36 -96.22 66.56
CA SER L 997 74.18 -97.11 67.69
C SER L 997 75.53 -97.58 68.22
N VAL L 998 75.60 -97.74 69.53
CA VAL L 998 76.87 -98.05 70.18
C VAL L 998 77.22 -99.51 69.91
N PRO L 999 78.42 -99.79 69.44
CA PRO L 999 78.81 -101.19 69.21
C PRO L 999 79.45 -101.84 70.41
N PHE L 1000 79.02 -103.06 70.75
CA PHE L 1000 79.62 -103.84 71.82
C PHE L 1000 80.13 -105.16 71.28
N MET L 1001 81.28 -105.58 71.79
CA MET L 1001 81.90 -106.84 71.39
C MET L 1001 81.84 -107.79 72.56
N VAL L 1002 81.08 -108.87 72.41
CA VAL L 1002 80.76 -109.76 73.53
C VAL L 1002 81.21 -111.17 73.20
N PRO L 1003 81.83 -111.88 74.14
CA PRO L 1003 82.25 -113.26 73.86
C PRO L 1003 81.07 -114.20 73.78
N ILE L 1004 81.34 -115.40 73.26
CA ILE L 1004 80.34 -116.45 73.10
C ILE L 1004 80.56 -117.50 74.17
N SER L 1005 79.49 -117.84 74.89
CA SER L 1005 79.60 -118.84 75.94
C SER L 1005 79.83 -120.22 75.35
N SER L 1006 80.52 -121.06 76.12
CA SER L 1006 80.82 -122.42 75.70
C SER L 1006 80.48 -123.40 76.80
N ASP L 1007 80.03 -124.58 76.40
CA ASP L 1007 79.67 -125.64 77.33
C ASP L 1007 80.80 -126.65 77.54
N HIS L 1008 81.95 -126.44 76.92
CA HIS L 1008 83.09 -127.33 77.10
C HIS L 1008 84.33 -126.47 77.27
N ASP L 1009 85.33 -127.03 77.94
CA ASP L 1009 86.53 -126.26 78.24
C ASP L 1009 87.22 -125.81 76.96
N ILE L 1010 87.62 -124.54 76.95
CA ILE L 1010 88.24 -123.93 75.77
C ILE L 1010 89.51 -123.22 76.21
N SER L 1011 90.38 -122.96 75.24
CA SER L 1011 91.56 -122.17 75.49
C SER L 1011 91.21 -120.69 75.49
N SER L 1012 92.20 -119.85 75.77
CA SER L 1012 92.00 -118.42 75.89
C SER L 1012 92.97 -117.67 75.00
N ALA L 1013 92.48 -116.57 74.41
CA ALA L 1013 93.29 -115.73 73.57
C ALA L 1013 93.04 -114.29 73.97
N PRO L 1014 94.02 -113.41 73.88
CA PRO L 1014 93.81 -112.03 74.30
C PRO L 1014 92.75 -111.33 73.46
N ALA L 1015 92.03 -110.43 74.10
CA ALA L 1015 91.01 -109.64 73.44
C ALA L 1015 91.12 -108.21 73.92
N VAL L 1016 90.76 -107.27 73.05
CA VAL L 1016 90.90 -105.85 73.34
C VAL L 1016 89.55 -105.18 73.13
N GLN L 1017 88.91 -104.79 74.23
CA GLN L 1017 87.70 -103.98 74.16
C GLN L 1017 88.04 -102.51 74.38
N TYR L 1018 87.12 -101.65 73.98
CA TYR L 1018 87.25 -100.23 74.24
C TYR L 1018 86.00 -99.60 74.81
N ILE L 1019 84.83 -100.22 74.69
CA ILE L 1019 83.58 -99.65 75.14
C ILE L 1019 82.91 -100.62 76.08
N ILE L 1020 82.51 -100.14 77.26
CA ILE L 1020 81.73 -100.92 78.21
C ILE L 1020 80.63 -100.02 78.76
N SER L 1021 79.57 -100.65 79.25
CA SER L 1021 78.48 -99.92 79.87
C SER L 1021 78.78 -99.67 81.34
N THR L 1022 78.03 -98.76 81.94
CA THR L 1022 78.25 -98.37 83.33
C THR L 1022 77.26 -99.02 84.29
N GLU L 1023 76.40 -99.91 83.80
CA GLU L 1023 75.49 -100.63 84.67
C GLU L 1023 74.96 -101.84 83.92
N TYR L 1024 74.30 -102.73 84.65
CA TYR L 1024 73.77 -103.94 84.05
C TYR L 1024 72.80 -103.62 82.93
N ASN L 1025 72.97 -104.31 81.80
CA ASN L 1025 72.08 -104.10 80.67
C ASN L 1025 71.72 -105.40 79.95
N ASP L 1026 71.78 -106.55 80.61
CA ASP L 1026 71.52 -107.83 79.98
C ASP L 1026 70.18 -108.42 80.40
N ARG L 1027 69.15 -107.59 80.59
CA ARG L 1027 67.85 -108.15 80.90
C ARG L 1027 67.27 -108.93 79.73
N SER L 1028 67.76 -108.70 78.51
CA SER L 1028 67.25 -109.40 77.34
C SER L 1028 67.92 -110.74 77.12
N LEU L 1029 68.98 -111.05 77.84
CA LEU L 1029 69.65 -112.34 77.69
C LEU L 1029 68.76 -113.43 78.25
N PHE L 1030 68.13 -114.22 77.38
CA PHE L 1030 67.19 -115.22 77.86
C PHE L 1030 67.90 -116.42 78.46
N CYS L 1031 68.68 -117.13 77.64
CA CYS L 1031 69.39 -118.30 78.14
C CYS L 1031 70.61 -118.53 77.27
N THR L 1032 71.57 -119.27 77.81
CA THR L 1032 72.78 -119.59 77.09
C THR L 1032 73.07 -121.09 77.19
N ASN L 1033 73.51 -121.68 76.08
CA ASN L 1033 73.81 -123.10 76.00
C ASN L 1033 72.61 -123.92 76.46
N SER L 1034 71.43 -123.53 75.98
CA SER L 1034 70.18 -124.10 76.49
C SER L 1034 70.11 -125.61 76.29
N SER L 1035 70.79 -126.14 75.28
CA SER L 1035 70.70 -127.56 74.97
C SER L 1035 71.75 -128.40 75.67
N SER L 1036 72.54 -127.81 76.56
CA SER L 1036 73.62 -128.49 77.23
C SER L 1036 73.45 -128.40 78.74
N PRO L 1037 74.05 -129.34 79.49
CA PRO L 1037 73.81 -129.34 80.95
C PRO L 1037 74.25 -128.09 81.66
N GLN L 1038 75.35 -127.46 81.25
CA GLN L 1038 75.86 -126.30 81.95
C GLN L 1038 76.89 -125.60 81.09
N THR L 1039 77.08 -124.31 81.35
CA THR L 1039 78.06 -123.51 80.64
C THR L 1039 79.35 -123.46 81.43
N ILE L 1040 80.47 -123.73 80.77
CA ILE L 1040 81.76 -123.77 81.45
C ILE L 1040 82.43 -122.41 81.42
N ALA L 1041 82.48 -121.79 80.25
CA ALA L 1041 83.16 -120.51 80.09
C ALA L 1041 82.23 -119.51 79.43
N GLY L 1042 82.47 -118.24 79.70
CA GLY L 1042 81.65 -117.18 79.17
C GLY L 1042 80.49 -116.86 80.08
N PRO L 1043 79.73 -115.83 79.73
CA PRO L 1043 78.59 -115.46 80.56
C PRO L 1043 77.58 -116.60 80.66
N ASP L 1044 77.05 -116.79 81.86
CA ASP L 1044 76.10 -117.85 82.14
C ASP L 1044 74.77 -117.23 82.55
N LYS L 1045 73.67 -117.80 82.06
CA LYS L 1045 72.35 -117.26 82.33
C LYS L 1045 71.34 -118.38 82.13
N HIS L 1046 70.81 -118.89 83.23
CA HIS L 1046 69.79 -119.92 83.16
C HIS L 1046 68.44 -119.29 82.82
N ILE L 1047 67.45 -120.17 82.62
CA ILE L 1047 66.14 -119.67 82.16
C ILE L 1047 65.53 -118.80 83.25
N PRO L 1048 64.95 -117.65 82.90
CA PRO L 1048 64.48 -116.71 83.93
C PRO L 1048 63.23 -117.20 84.63
N VAL L 1049 63.43 -117.98 85.69
CA VAL L 1049 62.32 -118.61 86.42
C VAL L 1049 61.22 -117.62 86.74
N GLU L 1050 61.58 -116.43 87.22
CA GLU L 1050 60.58 -115.48 87.68
C GLU L 1050 59.62 -115.05 86.58
N ARG L 1051 60.01 -115.21 85.32
CA ARG L 1051 59.07 -114.94 84.23
C ARG L 1051 57.92 -115.91 84.25
N TYR L 1052 58.20 -117.18 84.53
CA TYR L 1052 57.16 -118.22 84.56
C TYR L 1052 56.75 -118.46 86.02
N ASN L 1053 56.19 -117.41 86.61
CA ASN L 1053 55.85 -117.46 88.03
C ASN L 1053 54.79 -118.50 88.32
N ILE L 1054 53.68 -118.47 87.57
CA ILE L 1054 52.57 -119.36 87.89
C ILE L 1054 52.87 -120.82 87.66
N LEU L 1055 53.95 -121.12 86.93
CA LEU L 1055 54.38 -122.50 86.76
C LEU L 1055 55.43 -122.91 87.77
N THR L 1056 56.44 -122.06 87.98
CA THR L 1056 57.56 -122.43 88.83
C THR L 1056 57.30 -122.23 90.31
N ASN L 1057 56.25 -121.50 90.66
CA ASN L 1057 55.94 -121.21 92.07
C ASN L 1057 54.59 -121.81 92.42
N PRO L 1058 54.55 -122.89 93.19
CA PRO L 1058 53.26 -123.52 93.50
C PRO L 1058 52.35 -122.65 94.33
N ASP L 1059 52.88 -121.65 95.02
CA ASP L 1059 52.09 -120.84 95.92
C ASP L 1059 51.34 -119.70 95.24
N ALA L 1060 51.71 -119.34 94.03
CA ALA L 1060 51.09 -118.19 93.39
C ALA L 1060 49.68 -118.55 92.93
N PRO L 1061 48.69 -117.73 93.24
CA PRO L 1061 47.37 -117.95 92.67
C PRO L 1061 47.41 -117.79 91.16
N PRO L 1062 46.56 -118.51 90.44
CA PRO L 1062 46.67 -118.54 88.97
C PRO L 1062 46.51 -117.18 88.31
N THR L 1063 45.87 -116.23 88.98
CA THR L 1063 45.56 -114.94 88.36
C THR L 1063 46.47 -113.82 88.86
N GLN L 1064 47.73 -114.12 89.16
CA GLN L 1064 48.64 -113.15 89.74
C GLN L 1064 49.61 -112.63 88.70
N ILE L 1065 49.87 -111.32 88.76
CA ILE L 1065 50.80 -110.66 87.85
C ILE L 1065 51.79 -109.85 88.67
N GLN L 1066 52.91 -109.51 88.04
CA GLN L 1066 54.02 -108.84 88.71
C GLN L 1066 54.40 -107.54 88.02
N LEU L 1067 53.46 -106.91 87.33
CA LEU L 1067 53.74 -105.64 86.70
C LEU L 1067 53.97 -104.57 87.77
N PRO L 1068 54.78 -103.54 87.46
CA PRO L 1068 55.49 -103.33 86.21
C PRO L 1068 56.98 -103.63 86.27
N GLU L 1069 57.42 -104.48 87.20
CA GLU L 1069 58.83 -104.81 87.26
C GLU L 1069 59.21 -106.00 86.40
N VAL L 1070 58.33 -106.99 86.28
CA VAL L 1070 58.61 -108.19 85.51
C VAL L 1070 57.36 -108.55 84.73
N VAL L 1071 57.52 -108.85 83.45
CA VAL L 1071 56.43 -109.29 82.60
C VAL L 1071 56.47 -110.81 82.50
N ASP L 1072 55.37 -111.45 82.88
CA ASP L 1072 55.30 -112.90 82.85
C ASP L 1072 55.04 -113.39 81.44
N LEU L 1073 55.72 -114.47 81.06
CA LEU L 1073 55.59 -115.02 79.73
C LEU L 1073 54.59 -116.17 79.66
N TYR L 1074 53.84 -116.41 80.72
CA TYR L 1074 52.87 -117.49 80.74
C TYR L 1074 51.83 -117.18 81.80
N ASN L 1075 50.58 -117.05 81.38
CA ASN L 1075 49.52 -116.66 82.30
C ASN L 1075 48.18 -116.98 81.65
N VAL L 1076 47.10 -116.59 82.31
CA VAL L 1076 45.75 -116.97 81.94
C VAL L 1076 45.17 -115.92 81.02
N VAL L 1077 44.57 -116.35 79.91
CA VAL L 1077 43.86 -115.46 79.02
C VAL L 1077 42.41 -115.91 78.95
N THR L 1078 41.52 -114.97 78.66
CA THR L 1078 40.10 -115.23 78.52
C THR L 1078 39.68 -114.95 77.09
N ARG L 1079 38.94 -115.88 76.49
CA ARG L 1079 38.54 -115.78 75.10
C ARG L 1079 37.02 -115.82 75.00
N TYR L 1080 36.46 -114.92 74.21
CA TYR L 1080 35.02 -114.78 74.05
C TYR L 1080 34.62 -115.10 72.62
N ALA L 1081 33.30 -115.11 72.41
CA ALA L 1081 32.72 -115.24 71.07
C ALA L 1081 31.40 -114.48 71.12
N TYR L 1082 31.43 -113.22 70.70
CA TYR L 1082 30.28 -112.35 70.84
C TYR L 1082 29.39 -112.41 69.60
N GLU L 1083 28.34 -111.60 69.62
CA GLU L 1083 27.46 -111.41 68.47
C GLU L 1083 27.24 -109.92 68.30
N THR L 1084 27.20 -109.47 67.05
CA THR L 1084 27.03 -108.06 66.73
C THR L 1084 25.86 -107.96 65.77
N PRO L 1085 24.63 -108.07 66.28
CA PRO L 1085 23.48 -108.04 65.40
C PRO L 1085 23.30 -106.65 64.80
N PRO L 1086 22.76 -106.56 63.59
CA PRO L 1086 22.40 -105.26 63.05
C PRO L 1086 21.22 -104.68 63.79
N ILE L 1087 21.11 -103.36 63.76
CA ILE L 1087 20.00 -102.69 64.43
C ILE L 1087 18.73 -102.97 63.65
N THR L 1088 17.73 -103.49 64.33
CA THR L 1088 16.47 -103.90 63.72
C THR L 1088 15.32 -103.17 64.38
N ALA L 1089 14.37 -102.70 63.57
CA ALA L 1089 13.23 -101.97 64.10
C ALA L 1089 12.01 -102.24 63.23
N VAL L 1090 10.83 -102.07 63.82
CA VAL L 1090 9.57 -102.17 63.10
C VAL L 1090 8.78 -100.90 63.41
N VAL L 1091 8.54 -100.09 62.39
CA VAL L 1091 7.87 -98.80 62.57
C VAL L 1091 6.36 -99.01 62.46
N MET L 1092 5.64 -98.64 63.51
CA MET L 1092 4.19 -98.75 63.56
C MET L 1092 3.58 -97.37 63.48
N GLY L 1093 2.59 -97.20 62.60
CA GLY L 1093 1.91 -95.93 62.51
C GLY L 1093 1.01 -95.68 63.69
N VAL L 1094 0.62 -94.42 63.86
CA VAL L 1094 -0.23 -93.99 64.96
C VAL L 1094 -1.55 -93.51 64.39
N PRO L 1095 -2.69 -94.08 64.80
CA PRO L 1095 -4.00 -93.69 64.30
C PRO L 1095 -4.41 -92.31 64.78
N SER M 34 5.14 -11.29 16.37
CA SER M 34 5.98 -11.87 15.34
C SER M 34 7.37 -11.22 15.34
N ASP M 35 7.41 -9.90 15.50
CA ASP M 35 8.69 -9.22 15.59
C ASP M 35 9.48 -9.68 16.80
N ILE M 36 8.80 -9.82 17.94
CA ILE M 36 9.47 -10.29 19.14
C ILE M 36 9.96 -11.73 18.97
N GLN M 37 9.29 -12.48 18.07
CA GLN M 37 9.61 -13.89 17.90
C GLN M 37 11.03 -14.09 17.37
N ARG M 38 11.48 -13.22 16.46
CA ARG M 38 12.83 -13.36 15.94
C ARG M 38 13.88 -13.16 17.03
N HIS M 39 13.69 -12.17 17.90
CA HIS M 39 14.59 -12.01 19.03
C HIS M 39 14.47 -13.17 20.00
N ILE M 40 13.28 -13.73 20.18
CA ILE M 40 13.12 -14.88 21.07
C ILE M 40 13.93 -16.07 20.55
N THR M 41 13.82 -16.35 19.25
CA THR M 41 14.53 -17.51 18.71
C THR M 41 16.04 -17.25 18.62
N GLU M 42 16.44 -15.99 18.40
CA GLU M 42 17.87 -15.67 18.46
C GLU M 42 18.40 -15.85 19.88
N PHE M 43 17.60 -15.46 20.88
CA PHE M 43 17.94 -15.69 22.28
C PHE M 43 18.12 -17.17 22.56
N ILE M 44 17.16 -17.99 22.14
CA ILE M 44 17.21 -19.42 22.42
C ILE M 44 18.40 -20.05 21.72
N SER M 45 18.62 -19.71 20.44
CA SER M 45 19.72 -20.30 19.69
C SER M 45 21.07 -19.94 20.30
N SER M 46 21.14 -18.84 21.03
CA SER M 46 22.37 -18.42 21.68
C SER M 46 22.58 -19.17 22.99
N VAL M 59 48.09 -29.59 30.24
CA VAL M 59 48.42 -28.95 31.49
C VAL M 59 49.88 -28.51 31.52
N GLU M 60 50.11 -27.20 31.48
CA GLU M 60 51.45 -26.62 31.50
C GLU M 60 51.67 -26.05 32.90
N ASN M 61 52.33 -26.83 33.75
CA ASN M 61 52.52 -26.44 35.14
C ASN M 61 53.65 -25.44 35.28
N LYS M 62 53.36 -24.30 35.90
CA LYS M 62 54.41 -23.46 36.46
C LYS M 62 54.59 -23.77 37.94
N LYS M 63 53.51 -23.62 38.71
CA LYS M 63 53.41 -24.16 40.06
C LYS M 63 52.07 -24.86 40.26
N THR M 64 51.28 -24.99 39.20
CA THR M 64 49.89 -25.41 39.35
C THR M 64 49.77 -26.89 39.65
N ALA M 65 50.65 -27.72 39.09
CA ALA M 65 50.55 -29.15 39.32
C ALA M 65 50.67 -29.48 40.80
N GLN M 66 51.57 -28.79 41.50
CA GLN M 66 51.70 -29.03 42.93
C GLN M 66 50.41 -28.70 43.67
N LEU M 67 49.77 -27.58 43.32
CA LEU M 67 48.50 -27.25 43.96
C LEU M 67 47.44 -28.29 43.65
N LEU M 68 47.35 -28.74 42.40
CA LEU M 68 46.33 -29.71 42.04
C LEU M 68 46.65 -31.08 42.62
N HIS M 69 47.90 -31.50 42.57
CA HIS M 69 48.28 -32.78 43.19
C HIS M 69 49.79 -32.79 43.38
N ALA M 70 50.22 -32.85 44.63
CA ALA M 70 51.64 -32.99 44.95
C ALA M 70 51.98 -34.46 45.15
N ASP M 71 53.24 -34.80 44.91
CA ASP M 71 53.68 -36.17 45.07
C ASP M 71 53.63 -36.57 46.53
N THR M 72 53.23 -37.80 46.77
CA THR M 72 53.09 -38.29 48.13
C THR M 72 54.39 -38.94 48.58
N PRO M 73 54.94 -38.54 49.72
CA PRO M 73 56.19 -39.13 50.18
C PRO M 73 56.00 -40.59 50.55
N ARG M 74 57.10 -41.34 50.48
CA ARG M 74 57.11 -42.75 50.84
C ARG M 74 57.54 -42.86 52.30
N LEU M 75 56.55 -42.94 53.20
CA LEU M 75 56.86 -42.97 54.62
C LEU M 75 57.27 -44.36 55.08
N VAL M 76 56.38 -45.34 54.95
CA VAL M 76 56.61 -46.65 55.54
C VAL M 76 57.44 -47.49 54.57
N THR M 77 58.59 -47.95 55.04
CA THR M 77 59.41 -48.89 54.30
C THR M 77 59.88 -49.98 55.26
N TRP M 78 60.03 -51.19 54.75
CA TRP M 78 60.34 -52.34 55.58
C TRP M 78 61.71 -52.89 55.25
N ASP M 79 62.37 -53.42 56.27
CA ASP M 79 63.69 -54.04 56.14
C ASP M 79 63.65 -55.40 56.80
N ALA M 80 64.15 -56.42 56.10
CA ALA M 80 64.19 -57.77 56.64
C ALA M 80 65.58 -58.22 57.02
N GLY M 81 66.61 -57.49 56.64
CA GLY M 81 67.97 -57.87 56.94
C GLY M 81 68.37 -57.50 58.35
N LEU M 82 69.68 -57.50 58.59
CA LEU M 82 70.21 -57.09 59.88
C LEU M 82 70.15 -55.57 59.99
N CYS M 83 69.94 -55.09 61.21
CA CYS M 83 69.91 -53.64 61.47
C CYS M 83 71.31 -53.23 61.94
N THR M 84 72.19 -53.03 60.96
CA THR M 84 73.56 -52.66 61.27
C THR M 84 74.12 -51.81 60.14
N SER M 85 75.19 -51.09 60.45
CA SER M 85 75.87 -50.27 59.47
C SER M 85 77.38 -50.37 59.56
N PHE M 86 77.92 -51.15 60.49
CA PHE M 86 79.36 -51.29 60.65
C PHE M 86 79.79 -52.70 60.32
N LYS M 87 80.87 -52.81 59.58
CA LYS M 87 81.34 -54.08 59.04
C LYS M 87 82.80 -54.29 59.43
N ILE M 88 83.14 -55.51 59.80
CA ILE M 88 84.51 -55.87 60.16
C ILE M 88 85.14 -56.53 58.96
N VAL M 89 86.25 -55.97 58.49
CA VAL M 89 86.89 -56.50 57.28
C VAL M 89 88.31 -56.94 57.58
N PRO M 90 88.81 -57.97 56.92
CA PRO M 90 90.20 -58.37 57.11
C PRO M 90 91.13 -57.45 56.34
N ILE M 91 92.20 -57.03 56.99
CA ILE M 91 93.19 -56.16 56.38
C ILE M 91 94.42 -56.94 55.92
N VAL M 92 94.89 -57.87 56.74
CA VAL M 92 96.06 -58.68 56.41
C VAL M 92 95.71 -60.15 56.62
N PRO M 93 95.95 -61.02 55.65
CA PRO M 93 95.60 -62.43 55.82
C PRO M 93 96.38 -63.05 56.96
N ALA M 94 95.75 -64.03 57.61
CA ALA M 94 96.34 -64.66 58.78
C ALA M 94 97.60 -65.43 58.40
N GLN M 95 98.51 -65.56 59.37
CA GLN M 95 99.79 -66.22 59.16
C GLN M 95 99.60 -67.73 59.32
N VAL M 96 98.96 -68.33 58.32
CA VAL M 96 98.70 -69.77 58.31
C VAL M 96 98.95 -70.30 56.91
N PRO M 97 99.70 -71.40 56.76
CA PRO M 97 100.38 -72.13 57.83
C PRO M 97 101.68 -71.45 58.23
N GLN M 98 102.27 -71.89 59.33
CA GLN M 98 103.51 -71.31 59.81
C GLN M 98 104.40 -72.42 60.33
N ASP M 99 105.60 -72.04 60.75
CA ASP M 99 106.60 -73.00 61.18
C ASP M 99 106.45 -73.40 62.64
N VAL M 100 105.63 -72.70 63.42
CA VAL M 100 105.54 -72.90 64.86
C VAL M 100 104.34 -73.75 65.22
N LEU M 101 103.14 -73.28 64.93
CA LEU M 101 101.93 -74.04 65.21
C LEU M 101 101.62 -74.97 64.06
N ALA M 102 101.41 -76.24 64.37
CA ALA M 102 100.98 -77.18 63.35
C ALA M 102 99.62 -76.78 62.81
N TYR M 103 99.40 -77.04 61.52
CA TYR M 103 98.18 -76.56 60.87
C TYR M 103 96.93 -77.18 61.46
N THR M 104 97.04 -78.27 62.21
CA THR M 104 95.88 -78.85 62.85
C THR M 104 95.38 -78.04 64.03
N PHE M 105 96.15 -77.04 64.47
CA PHE M 105 95.71 -76.20 65.58
C PHE M 105 94.52 -75.32 65.19
N PHE M 106 94.62 -74.64 64.06
CA PHE M 106 93.66 -73.61 63.73
C PHE M 106 92.33 -74.20 63.28
N THR M 107 91.24 -73.55 63.68
CA THR M 107 89.92 -74.01 63.32
C THR M 107 89.67 -73.89 61.82
N SER M 108 90.28 -72.88 61.18
CA SER M 108 90.06 -72.68 59.75
C SER M 108 90.45 -73.90 58.95
N SER M 109 91.40 -74.70 59.44
CA SER M 109 91.76 -75.93 58.77
C SER M 109 90.63 -76.94 58.78
N TYR M 110 89.62 -76.75 59.62
CA TYR M 110 88.46 -77.63 59.66
C TYR M 110 87.24 -77.01 59.00
N ALA M 111 87.42 -75.91 58.27
CA ALA M 111 86.33 -75.24 57.56
C ALA M 111 85.20 -74.87 58.50
N ILE M 112 85.55 -74.38 59.68
CA ILE M 112 84.56 -73.98 60.67
C ILE M 112 84.22 -72.52 60.48
N GLN M 113 82.93 -72.23 60.32
CA GLN M 113 82.49 -70.86 60.15
C GLN M 113 82.78 -70.05 61.40
N SER M 114 83.15 -68.80 61.21
CA SER M 114 83.44 -67.96 62.36
C SER M 114 82.75 -66.62 62.23
N PRO M 115 82.29 -66.05 63.36
CA PRO M 115 81.62 -64.75 63.29
C PRO M 115 82.53 -63.61 62.90
N PHE M 116 83.82 -63.73 63.17
CA PHE M 116 84.78 -62.67 62.93
C PHE M 116 85.79 -63.11 61.89
N PRO M 117 86.39 -62.17 61.16
CA PRO M 117 87.45 -62.55 60.22
C PRO M 117 88.62 -63.20 60.95
N GLU M 118 89.16 -64.25 60.32
CA GLU M 118 90.35 -64.93 60.84
C GLU M 118 91.55 -64.30 60.14
N ALA M 119 91.93 -63.12 60.59
CA ALA M 119 92.97 -62.37 59.91
C ALA M 119 93.97 -61.85 60.93
N ALA M 120 95.17 -61.54 60.44
CA ALA M 120 96.18 -60.95 61.31
C ALA M 120 95.73 -59.57 61.80
N VAL M 121 95.10 -58.79 60.93
CA VAL M 121 94.62 -57.46 61.28
C VAL M 121 93.21 -57.29 60.73
N SER M 122 92.30 -56.81 61.58
CA SER M 122 90.93 -56.56 61.18
C SER M 122 90.49 -55.22 61.75
N ARG M 123 89.66 -54.50 60.99
CA ARG M 123 89.22 -53.18 61.38
C ARG M 123 87.74 -53.01 61.08
N ILE M 124 87.19 -51.90 61.56
CA ILE M 124 85.77 -51.63 61.44
C ILE M 124 85.58 -50.50 60.44
N VAL M 125 84.63 -50.68 59.52
CA VAL M 125 84.34 -49.67 58.52
C VAL M 125 82.83 -49.43 58.49
N VAL M 126 82.44 -48.30 57.91
CA VAL M 126 81.06 -47.89 57.83
C VAL M 126 80.50 -48.26 56.47
N HIS M 127 79.42 -49.01 56.46
CA HIS M 127 78.79 -49.46 55.20
C HIS M 127 77.30 -49.59 55.49
N THR M 128 76.55 -48.53 55.21
CA THR M 128 75.14 -48.50 55.57
C THR M 128 74.37 -49.56 54.80
N ARG M 129 73.52 -50.29 55.51
CA ARG M 129 72.67 -51.31 54.90
C ARG M 129 73.47 -52.35 54.13
N TRP M 130 74.65 -52.68 54.65
CA TRP M 130 75.49 -53.66 53.96
C TRP M 130 74.95 -55.07 54.07
N ALA M 131 74.03 -55.32 55.00
CA ALA M 131 73.43 -56.63 55.14
C ALA M 131 71.90 -56.57 55.19
N SER M 132 71.32 -55.44 54.81
CA SER M 132 69.87 -55.32 54.82
C SER M 132 69.27 -55.97 53.58
N ASN M 133 67.95 -56.15 53.63
CA ASN M 133 67.18 -56.69 52.51
C ASN M 133 65.85 -55.95 52.50
N VAL M 134 65.80 -54.85 51.77
CA VAL M 134 64.68 -53.92 51.83
C VAL M 134 63.80 -54.09 50.60
N ASP M 135 62.63 -53.46 50.64
CA ASP M 135 61.71 -53.47 49.51
C ASP M 135 61.77 -52.20 48.69
N PHE M 136 61.96 -51.04 49.33
CA PHE M 136 62.13 -49.78 48.65
C PHE M 136 63.48 -49.20 49.03
N ASP M 137 64.24 -48.77 48.04
CA ASP M 137 65.58 -48.25 48.28
C ASP M 137 65.53 -46.73 48.42
N ARG M 138 66.03 -46.23 49.54
CA ARG M 138 66.10 -44.79 49.75
C ARG M 138 67.31 -44.17 49.06
N ASP M 139 68.28 -44.98 48.63
CA ASP M 139 69.37 -44.53 47.78
C ASP M 139 70.12 -43.36 48.40
N SER M 140 70.62 -43.56 49.61
CA SER M 140 71.48 -42.58 50.24
C SER M 140 72.63 -43.27 50.96
N SER M 141 73.16 -44.33 50.36
CA SER M 141 74.14 -45.15 51.05
C SER M 141 75.43 -44.40 51.29
N VAL M 142 76.06 -44.71 52.41
CA VAL M 142 77.38 -44.17 52.77
C VAL M 142 78.30 -45.37 52.86
N ILE M 143 79.18 -45.52 51.88
CA ILE M 143 80.04 -46.69 51.77
C ILE M 143 81.48 -46.23 51.82
N MET M 144 82.28 -46.88 52.65
CA MET M 144 83.69 -46.54 52.81
C MET M 144 84.56 -47.74 52.49
N ALA M 145 85.70 -47.48 51.91
CA ALA M 145 86.69 -48.49 51.64
C ALA M 145 87.55 -48.71 52.87
N PRO M 146 88.18 -49.88 52.98
CA PRO M 146 89.08 -50.10 54.11
C PRO M 146 90.21 -49.08 54.09
N PRO M 147 90.75 -48.75 55.27
CA PRO M 147 91.72 -47.65 55.33
C PRO M 147 92.95 -47.87 54.49
N THR M 148 93.30 -49.12 54.16
CA THR M 148 94.43 -49.36 53.28
C THR M 148 94.21 -48.80 51.88
N GLU M 149 92.97 -48.50 51.52
CA GLU M 149 92.65 -47.84 50.26
C GLU M 149 92.29 -46.39 50.52
N ASN M 150 92.31 -45.60 49.45
CA ASN M 150 92.01 -44.19 49.58
C ASN M 150 90.53 -43.98 49.82
N ASN M 151 90.21 -42.90 50.53
CA ASN M 151 88.83 -42.53 50.80
C ASN M 151 88.58 -41.04 50.61
N ILE M 152 89.51 -40.32 49.96
CA ILE M 152 89.41 -38.86 49.89
C ILE M 152 88.16 -38.43 49.14
N HIS M 153 87.66 -39.27 48.24
CA HIS M 153 86.55 -38.85 47.39
C HIS M 153 85.27 -38.62 48.18
N LEU M 154 85.19 -39.11 49.42
CA LEU M 154 83.99 -38.89 50.21
C LEU M 154 83.98 -37.53 50.90
N PHE M 155 85.10 -36.82 50.91
CA PHE M 155 85.17 -35.51 51.54
C PHE M 155 85.34 -34.39 50.53
N LYS M 156 85.09 -34.65 49.25
CA LYS M 156 85.27 -33.63 48.24
C LYS M 156 84.10 -33.59 47.27
N GLN M 157 82.88 -33.79 47.76
CA GLN M 157 81.72 -33.84 46.90
C GLN M 157 80.74 -32.70 47.11
N LEU M 158 81.04 -31.76 48.00
CA LEU M 158 80.16 -30.61 48.20
C LEU M 158 80.67 -29.35 47.52
N LEU M 159 81.87 -28.90 47.87
CA LEU M 159 82.37 -27.61 47.40
C LEU M 159 83.73 -27.71 46.74
N ASN M 160 84.22 -28.91 46.48
CA ASN M 160 85.54 -29.08 45.86
C ASN M 160 85.44 -29.03 44.35
N THR M 161 84.74 -28.03 43.82
CA THR M 161 84.64 -27.88 42.38
C THR M 161 85.87 -27.24 41.78
N GLU M 162 86.74 -26.68 42.61
CA GLU M 162 87.97 -26.07 42.14
C GLU M 162 89.18 -26.98 42.32
N THR M 163 89.06 -28.02 43.16
CA THR M 163 90.16 -28.91 43.43
C THR M 163 90.54 -29.64 42.15
N LEU M 164 91.68 -29.26 41.56
CA LEU M 164 92.10 -29.85 40.29
C LEU M 164 92.48 -31.31 40.47
N SER M 165 93.30 -31.61 41.46
CA SER M 165 93.77 -32.98 41.67
C SER M 165 92.61 -33.89 42.06
N VAL M 166 92.62 -35.11 41.53
CA VAL M 166 91.60 -36.07 41.92
C VAL M 166 91.96 -36.77 43.23
N ARG M 167 93.20 -36.63 43.69
CA ARG M 167 93.62 -37.17 44.97
C ARG M 167 93.68 -36.14 46.07
N GLY M 168 93.21 -34.93 45.82
CA GLY M 168 93.24 -33.89 46.83
C GLY M 168 91.86 -33.41 47.23
N ALA M 169 91.77 -32.76 48.39
CA ALA M 169 90.52 -32.20 48.84
C ALA M 169 90.81 -30.93 49.62
N ASN M 170 89.86 -30.00 49.59
CA ASN M 170 90.05 -28.73 50.29
C ASN M 170 89.72 -28.92 51.77
N PRO M 171 90.67 -28.66 52.67
CA PRO M 171 90.38 -28.87 54.10
C PRO M 171 89.24 -28.03 54.62
N LEU M 172 89.04 -26.83 54.07
CA LEU M 172 88.01 -25.94 54.60
C LEU M 172 86.60 -26.42 54.29
N MET M 173 86.44 -27.39 53.40
CA MET M 173 85.13 -27.98 53.15
C MET M 173 84.84 -29.18 54.02
N PHE M 174 85.74 -29.52 54.94
CA PHE M 174 85.61 -30.78 55.68
C PHE M 174 84.35 -30.80 56.52
N ARG M 175 84.05 -29.70 57.22
CA ARG M 175 82.87 -29.71 58.07
C ARG M 175 81.60 -29.85 57.26
N ALA M 176 81.51 -29.13 56.14
CA ALA M 176 80.33 -29.23 55.29
C ALA M 176 80.18 -30.65 54.75
N ASN M 177 81.28 -31.25 54.30
CA ASN M 177 81.21 -32.60 53.76
C ASN M 177 80.80 -33.60 54.82
N VAL M 178 81.34 -33.46 56.03
CA VAL M 178 80.99 -34.38 57.10
C VAL M 178 79.52 -34.23 57.47
N LEU M 179 79.04 -32.99 57.54
CA LEU M 179 77.63 -32.76 57.85
C LEU M 179 76.73 -33.41 56.80
N HIS M 180 77.06 -33.21 55.53
CA HIS M 180 76.28 -33.85 54.48
C HIS M 180 76.30 -35.36 54.65
N MET M 181 77.49 -35.92 54.87
CA MET M 181 77.60 -37.37 55.01
C MET M 181 76.72 -37.88 56.14
N LEU M 182 76.72 -37.19 57.28
CA LEU M 182 75.85 -37.58 58.38
C LEU M 182 74.39 -37.51 57.98
N LEU M 183 74.01 -36.50 57.19
CA LEU M 183 72.62 -36.37 56.81
C LEU M 183 72.13 -37.61 56.06
N GLU M 184 72.84 -38.03 55.01
CA GLU M 184 72.37 -39.22 54.32
C GLU M 184 72.65 -40.49 55.12
N PHE M 185 73.58 -40.45 56.07
CA PHE M 185 73.70 -41.59 56.96
C PHE M 185 72.40 -41.81 57.73
N VAL M 186 71.81 -40.73 58.21
CA VAL M 186 70.52 -40.85 58.87
C VAL M 186 69.45 -41.24 57.87
N LEU M 187 69.44 -40.59 56.71
CA LEU M 187 68.36 -40.79 55.75
C LEU M 187 68.31 -42.23 55.26
N ASP M 188 69.48 -42.84 55.02
CA ASP M 188 69.52 -44.19 54.47
C ASP M 188 69.05 -45.25 55.46
N ASN M 189 68.85 -44.90 56.72
CA ASN M 189 68.50 -45.88 57.74
C ASN M 189 67.07 -45.75 58.21
N LEU M 190 66.21 -45.03 57.47
CA LEU M 190 64.83 -44.83 57.87
C LEU M 190 63.99 -46.01 57.38
N TYR M 191 64.07 -47.11 58.13
CA TYR M 191 63.34 -48.31 57.79
C TYR M 191 62.72 -48.90 59.06
N LEU M 192 61.69 -49.72 58.86
CA LEU M 192 61.04 -50.42 59.96
C LEU M 192 61.47 -51.88 59.94
N ASN M 193 61.96 -52.37 61.07
CA ASN M 193 62.43 -53.73 61.15
C ASN M 193 61.26 -54.69 61.03
N ARG M 194 61.40 -55.69 60.16
CA ARG M 194 60.30 -56.60 59.88
C ARG M 194 60.51 -57.94 60.58
N HIS M 195 59.39 -58.60 60.87
CA HIS M 195 59.37 -59.92 61.49
C HIS M 195 59.28 -60.98 60.41
N THR M 196 60.30 -61.83 60.32
CA THR M 196 60.39 -62.82 59.25
C THR M 196 59.87 -64.19 59.68
N GLY M 197 60.49 -64.80 60.67
CA GLY M 197 60.14 -66.14 61.08
C GLY M 197 61.30 -66.84 61.73
N PHE M 198 61.00 -67.91 62.45
CA PHE M 198 61.99 -68.56 63.28
C PHE M 198 61.96 -70.07 63.06
N SER M 199 62.85 -70.77 63.77
CA SER M 199 62.93 -72.21 63.74
C SER M 199 63.77 -72.66 64.92
N GLN M 200 63.29 -73.68 65.62
CA GLN M 200 63.99 -74.16 66.80
C GLN M 200 65.30 -74.83 66.42
N ASP M 201 66.33 -74.58 67.23
CA ASP M 201 67.62 -75.20 66.98
C ASP M 201 67.55 -76.70 67.23
N HIS M 202 68.09 -77.48 66.30
CA HIS M 202 68.13 -78.93 66.42
C HIS M 202 69.46 -79.45 66.88
N THR M 203 70.40 -78.57 67.21
CA THR M 203 71.74 -78.95 67.60
C THR M 203 72.01 -78.54 69.05
N PRO M 204 72.92 -79.20 69.73
CA PRO M 204 73.17 -78.84 71.12
C PRO M 204 73.96 -77.55 71.27
N PHE M 205 74.22 -76.86 70.16
CA PHE M 205 75.05 -75.66 70.23
C PHE M 205 74.38 -74.59 71.07
N THR M 206 73.07 -74.46 70.97
CA THR M 206 72.29 -73.64 71.88
C THR M 206 71.27 -74.52 72.59
N GLU M 207 70.71 -73.99 73.68
CA GLU M 207 69.75 -74.74 74.48
C GLU M 207 68.36 -74.55 73.88
N GLY M 208 68.19 -75.10 72.68
CA GLY M 208 66.90 -75.06 72.01
C GLY M 208 66.39 -73.67 71.73
N ALA M 209 67.26 -72.76 71.33
CA ALA M 209 66.85 -71.40 71.05
C ALA M 209 66.08 -71.34 69.74
N ASN M 210 65.45 -70.19 69.50
CA ASN M 210 64.75 -69.93 68.25
C ASN M 210 65.59 -68.98 67.42
N LEU M 211 65.89 -69.38 66.19
CA LEU M 211 66.81 -68.65 65.33
C LEU M 211 66.05 -67.99 64.20
N ARG M 212 66.27 -66.70 64.02
CA ARG M 212 65.58 -65.97 62.95
C ARG M 212 66.14 -66.36 61.60
N SER M 213 65.25 -66.46 60.61
CA SER M 213 65.63 -66.86 59.26
C SER M 213 65.59 -65.65 58.34
N LEU M 214 66.70 -65.37 57.70
CA LEU M 214 66.78 -64.28 56.74
C LEU M 214 66.22 -64.70 55.39
N PRO M 215 65.62 -63.78 54.65
CA PRO M 215 65.19 -64.08 53.28
C PRO M 215 66.37 -63.93 52.32
N GLY M 216 66.08 -64.15 51.05
CA GLY M 216 67.08 -63.97 50.01
C GLY M 216 67.92 -65.20 49.80
N PRO M 217 68.76 -65.17 48.77
CA PRO M 217 69.61 -66.33 48.46
C PRO M 217 70.81 -66.40 49.38
N ASP M 218 71.37 -67.60 49.47
CA ASP M 218 72.58 -67.85 50.24
C ASP M 218 72.39 -67.40 51.70
N ALA M 219 71.38 -67.98 52.34
CA ALA M 219 71.10 -67.65 53.73
C ALA M 219 72.02 -68.37 54.69
N GLU M 220 72.92 -69.21 54.20
CA GLU M 220 73.82 -69.97 55.06
C GLU M 220 74.76 -69.08 55.87
N LYS M 221 75.34 -68.07 55.24
CA LYS M 221 76.44 -67.34 55.87
C LYS M 221 75.96 -66.40 56.96
N TRP M 222 74.67 -66.04 56.97
CA TRP M 222 74.19 -65.14 58.01
C TRP M 222 74.14 -65.81 59.37
N TYR M 223 73.79 -67.10 59.41
CA TYR M 223 73.62 -67.76 60.70
C TYR M 223 74.88 -67.75 61.55
N SER M 224 76.06 -67.64 60.94
CA SER M 224 77.29 -67.53 61.70
C SER M 224 77.64 -66.09 62.06
N ILE M 225 76.90 -65.11 61.54
CA ILE M 225 77.17 -63.72 61.86
C ILE M 225 76.18 -63.17 62.87
N MET M 226 74.91 -63.56 62.78
CA MET M 226 73.93 -63.04 63.72
C MET M 226 74.24 -63.46 65.15
N TYR M 227 74.65 -64.71 65.34
CA TYR M 227 74.80 -65.28 66.68
C TYR M 227 76.24 -65.71 66.89
N PRO M 228 77.10 -64.79 67.36
CA PRO M 228 78.49 -65.18 67.65
C PRO M 228 78.59 -66.26 68.71
N THR M 229 77.68 -66.27 69.67
CA THR M 229 77.77 -67.22 70.77
C THR M 229 77.45 -68.64 70.37
N ARG M 230 76.97 -68.88 69.15
CA ARG M 230 76.64 -70.23 68.72
C ARG M 230 77.87 -71.03 68.31
N MET M 231 79.03 -70.39 68.16
CA MET M 231 80.23 -71.09 67.74
C MET M 231 80.71 -72.05 68.82
N GLY M 232 81.31 -73.16 68.38
CA GLY M 232 82.02 -74.02 69.30
C GLY M 232 83.35 -73.42 69.70
N THR M 233 83.85 -73.86 70.86
CA THR M 233 85.08 -73.33 71.44
C THR M 233 86.04 -74.46 71.75
N PRO M 234 86.70 -75.01 70.75
CA PRO M 234 87.70 -76.05 71.01
C PRO M 234 89.06 -75.46 71.34
N ASN M 235 89.32 -74.28 70.83
CA ASN M 235 90.66 -73.76 70.72
C ASN M 235 90.98 -72.78 71.85
N VAL M 236 92.18 -72.23 71.84
CA VAL M 236 92.58 -71.17 72.74
C VAL M 236 92.71 -69.84 72.00
N SER M 237 92.37 -69.82 70.73
CA SER M 237 92.43 -68.60 69.93
C SER M 237 91.60 -67.49 70.57
N LYS M 238 91.85 -66.26 70.13
CA LYS M 238 91.19 -65.11 70.73
C LYS M 238 89.68 -65.21 70.60
N ILE M 239 89.19 -65.63 69.44
CA ILE M 239 87.74 -65.76 69.26
C ILE M 239 87.17 -66.77 70.24
N CYS M 240 87.82 -67.93 70.36
CA CYS M 240 87.30 -68.96 71.24
C CYS M 240 87.31 -68.49 72.70
N ASN M 241 88.37 -67.81 73.12
CA ASN M 241 88.41 -67.29 74.47
C ASN M 241 87.27 -66.30 74.71
N PHE M 242 87.08 -65.37 73.77
CA PHE M 242 86.04 -64.37 73.94
C PHE M 242 84.68 -65.02 74.03
N VAL M 243 84.41 -65.98 73.16
CA VAL M 243 83.11 -66.65 73.18
C VAL M 243 82.92 -67.41 74.49
N ALA M 244 83.94 -68.13 74.93
CA ALA M 244 83.84 -68.86 76.19
C ALA M 244 83.64 -67.92 77.37
N SER M 245 84.01 -66.66 77.23
CA SER M 245 83.81 -65.69 78.30
C SER M 245 82.40 -65.10 78.31
N CYS M 246 81.53 -65.51 77.40
CA CYS M 246 80.22 -64.89 77.23
C CYS M 246 79.11 -65.73 77.83
N VAL M 247 77.98 -65.06 78.11
CA VAL M 247 76.78 -65.73 78.60
C VAL M 247 76.14 -66.51 77.46
N ARG M 248 75.37 -67.55 77.80
CA ARG M 248 74.79 -68.44 76.83
C ARG M 248 73.40 -68.00 76.37
N ASN M 249 72.50 -67.75 77.32
CA ASN M 249 71.07 -67.68 77.02
C ASN M 249 70.69 -66.49 76.13
N ARG M 250 71.41 -65.38 76.22
CA ARG M 250 71.02 -64.17 75.48
C ARG M 250 71.30 -64.37 73.99
N VAL M 251 70.46 -65.18 73.37
CA VAL M 251 70.58 -65.48 71.95
C VAL M 251 69.22 -65.86 71.41
N GLY M 252 68.96 -65.51 70.15
CA GLY M 252 67.72 -65.88 69.51
C GLY M 252 66.56 -65.02 69.96
N ARG M 253 65.36 -65.58 69.81
CA ARG M 253 64.15 -64.85 70.19
C ARG M 253 64.05 -64.72 71.70
N PHE M 254 63.59 -63.55 72.13
CA PHE M 254 63.50 -63.22 73.54
C PHE M 254 62.06 -63.23 74.04
N ASP M 255 61.16 -62.52 73.36
CA ASP M 255 59.77 -62.47 73.75
C ASP M 255 58.93 -62.10 72.54
N ARG M 256 57.66 -62.50 72.57
CA ARG M 256 56.75 -62.26 71.46
C ARG M 256 55.35 -62.00 72.00
N ALA M 257 54.54 -61.37 71.17
CA ALA M 257 53.17 -61.02 71.52
C ALA M 257 52.24 -61.72 70.53
N GLN M 258 51.86 -62.95 70.87
CA GLN M 258 50.97 -63.75 70.03
C GLN M 258 49.53 -63.49 70.48
N MET M 259 48.80 -62.69 69.71
CA MET M 259 47.46 -62.30 70.11
C MET M 259 46.40 -63.24 69.55
N MET M 260 46.62 -63.74 68.33
CA MET M 260 45.67 -64.62 67.68
C MET M 260 46.28 -65.99 67.48
N ASN M 261 45.49 -67.03 67.71
CA ASN M 261 45.94 -68.38 67.45
C ASN M 261 45.85 -68.67 65.95
N GLY M 262 46.99 -68.73 65.28
CA GLY M 262 47.00 -68.97 63.86
C GLY M 262 47.23 -67.76 62.99
N ALA M 263 47.71 -66.65 63.54
CA ALA M 263 48.06 -65.47 62.77
C ALA M 263 49.48 -65.08 63.10
N MET M 264 49.99 -64.10 62.35
CA MET M 264 51.35 -63.63 62.59
C MET M 264 51.47 -63.04 63.98
N SER M 265 52.56 -63.37 64.67
CA SER M 265 52.83 -62.76 65.95
C SER M 265 52.98 -61.26 65.78
N GLU M 266 52.50 -60.51 66.77
CA GLU M 266 52.44 -59.06 66.62
C GLU M 266 53.84 -58.45 66.48
N TRP M 267 54.73 -58.79 67.39
CA TRP M 267 56.10 -58.32 67.34
C TRP M 267 56.94 -59.24 68.21
N VAL M 268 58.25 -59.22 67.96
CA VAL M 268 59.18 -60.07 68.70
C VAL M 268 60.39 -59.25 69.10
N ASP M 269 61.09 -59.73 70.12
CA ASP M 269 62.36 -59.18 70.55
C ASP M 269 63.42 -60.25 70.40
N VAL M 270 64.55 -59.88 69.81
CA VAL M 270 65.59 -60.84 69.46
C VAL M 270 66.96 -60.30 69.84
N PHE M 271 67.84 -61.20 70.25
CA PHE M 271 69.25 -60.90 70.38
C PHE M 271 69.92 -61.25 69.07
N GLU M 272 70.59 -60.28 68.45
CA GLU M 272 71.26 -60.53 67.18
C GLU M 272 72.26 -59.42 66.95
N THR M 273 73.16 -59.66 65.99
CA THR M 273 74.14 -58.65 65.63
C THR M 273 73.45 -57.40 65.13
N SER M 274 73.94 -56.24 65.57
CA SER M 274 73.37 -54.96 65.22
C SER M 274 74.31 -53.90 65.76
N ASP M 275 73.92 -52.65 65.59
CA ASP M 275 74.63 -51.54 66.23
C ASP M 275 73.63 -50.68 66.99
N ALA M 276 74.11 -50.05 68.06
CA ALA M 276 73.21 -49.24 68.88
C ALA M 276 72.68 -48.05 68.10
N LEU M 277 73.50 -47.45 67.25
CA LEU M 277 73.13 -46.20 66.61
C LEU M 277 71.93 -46.38 65.69
N THR M 278 72.00 -47.33 64.77
CA THR M 278 70.88 -47.54 63.86
C THR M 278 69.65 -48.06 64.60
N VAL M 279 69.84 -48.87 65.64
CA VAL M 279 68.70 -49.34 66.41
C VAL M 279 67.97 -48.16 67.04
N SER M 280 68.72 -47.23 67.63
CA SER M 280 68.10 -46.06 68.25
C SER M 280 67.43 -45.18 67.21
N ILE M 281 68.08 -45.00 66.06
CA ILE M 281 67.50 -44.19 65.00
C ILE M 281 66.16 -44.77 64.58
N ARG M 282 66.13 -46.08 64.32
CA ARG M 282 64.88 -46.70 63.91
C ARG M 282 63.86 -46.70 65.03
N GLY M 283 64.30 -46.75 66.29
CA GLY M 283 63.37 -46.69 67.39
C GLY M 283 62.63 -45.37 67.47
N ARG M 284 63.37 -44.27 67.45
CA ARG M 284 62.70 -42.98 67.38
C ARG M 284 61.90 -42.79 66.10
N TRP M 285 62.38 -43.29 64.97
CA TRP M 285 61.61 -43.16 63.74
C TRP M 285 60.27 -43.89 63.86
N MET M 286 60.28 -45.08 64.44
CA MET M 286 59.03 -45.81 64.66
C MET M 286 58.15 -45.09 65.66
N ALA M 287 58.75 -44.47 66.67
CA ALA M 287 57.96 -43.74 67.65
C ALA M 287 57.19 -42.60 67.00
N ARG M 288 57.83 -41.89 66.08
CA ARG M 288 57.13 -40.82 65.36
C ARG M 288 55.91 -41.35 64.63
N LEU M 289 56.09 -42.40 63.84
CA LEU M 289 54.97 -42.95 63.08
C LEU M 289 53.89 -43.46 64.01
N ALA M 290 54.27 -44.06 65.13
CA ALA M 290 53.30 -44.51 66.11
C ALA M 290 52.48 -43.34 66.62
N ARG M 291 53.13 -42.20 66.86
CA ARG M 291 52.38 -41.01 67.24
C ARG M 291 51.41 -40.60 66.14
N MET M 292 51.78 -40.80 64.88
CA MET M 292 50.90 -40.41 63.79
C MET M 292 49.74 -41.36 63.54
N ASN M 293 49.65 -42.47 64.27
CA ASN M 293 48.69 -43.52 63.94
C ASN M 293 47.26 -43.11 64.24
N ILE M 294 46.32 -43.77 63.58
CA ILE M 294 44.90 -43.69 63.86
C ILE M 294 44.29 -45.08 63.76
N ASN M 295 42.99 -45.17 64.01
CA ASN M 295 42.28 -46.43 63.99
C ASN M 295 41.01 -46.30 63.15
N PRO M 296 40.49 -47.41 62.63
CA PRO M 296 39.36 -47.33 61.69
C PRO M 296 38.14 -46.61 62.24
N THR M 297 37.85 -46.75 63.53
CA THR M 297 36.68 -46.09 64.08
C THR M 297 36.79 -44.59 63.98
N GLU M 298 37.98 -44.04 64.25
CA GLU M 298 38.19 -42.61 64.11
C GLU M 298 37.98 -42.17 62.67
N ILE M 299 38.45 -42.97 61.72
CA ILE M 299 38.25 -42.64 60.31
C ILE M 299 36.77 -42.64 59.98
N GLU M 300 36.03 -43.63 60.48
CA GLU M 300 34.59 -43.65 60.29
C GLU M 300 33.96 -42.36 60.79
N TRP M 301 34.30 -41.97 62.02
CA TRP M 301 33.69 -40.77 62.60
C TRP M 301 34.05 -39.54 61.79
N ALA M 302 35.31 -39.42 61.38
CA ALA M 302 35.74 -38.25 60.63
C ALA M 302 35.02 -38.17 59.30
N LEU M 303 34.94 -39.29 58.57
CA LEU M 303 34.28 -39.26 57.28
C LEU M 303 32.79 -38.97 57.42
N THR M 304 32.14 -39.54 58.42
CA THR M 304 30.74 -39.24 58.64
C THR M 304 30.53 -37.76 58.93
N GLU M 305 31.39 -37.19 59.77
CA GLU M 305 31.25 -35.78 60.11
C GLU M 305 31.51 -34.90 58.90
N CYS M 306 32.49 -35.23 58.08
CA CYS M 306 32.84 -34.39 56.94
C CYS M 306 31.70 -34.33 55.94
N ALA M 307 30.98 -35.43 55.76
CA ALA M 307 29.90 -35.47 54.79
C ALA M 307 28.60 -34.89 55.32
N GLN M 308 28.60 -34.34 56.53
CA GLN M 308 27.41 -33.73 57.12
C GLN M 308 26.25 -34.71 57.22
N GLY M 309 26.57 -35.99 57.37
CA GLY M 309 25.55 -37.01 57.58
C GLY M 309 24.94 -37.57 56.32
N TYR M 310 25.23 -36.99 55.15
CA TYR M 310 24.64 -37.49 53.92
C TYR M 310 25.22 -38.82 53.50
N VAL M 311 26.36 -39.23 54.07
CA VAL M 311 27.01 -40.48 53.72
C VAL M 311 27.34 -41.22 55.01
N THR M 312 27.06 -42.51 55.05
CA THR M 312 27.36 -43.34 56.21
C THR M 312 28.37 -44.39 55.81
N VAL M 313 29.48 -44.45 56.56
CA VAL M 313 30.47 -45.48 56.38
C VAL M 313 30.50 -46.33 57.63
N THR M 314 30.99 -47.55 57.49
CA THR M 314 30.99 -48.50 58.59
C THR M 314 32.39 -49.03 58.82
N SER M 315 32.68 -49.37 60.07
CA SER M 315 33.94 -49.97 60.45
C SER M 315 33.68 -51.23 61.25
N PRO M 316 34.59 -52.20 61.18
CA PRO M 316 34.37 -53.45 61.91
C PRO M 316 34.45 -53.24 63.41
N TYR M 317 33.81 -54.16 64.13
CA TYR M 317 33.80 -54.16 65.59
C TYR M 317 34.25 -55.55 66.04
N ALA M 318 35.56 -55.71 66.16
CA ALA M 318 36.13 -57.02 66.41
C ALA M 318 37.59 -56.90 66.81
N PRO M 319 38.23 -57.99 67.23
CA PRO M 319 39.67 -57.93 67.54
C PRO M 319 40.52 -57.79 66.29
N SER M 320 40.84 -56.56 65.92
CA SER M 320 41.62 -56.29 64.72
C SER M 320 43.07 -56.77 64.89
N VAL M 321 43.89 -56.48 63.88
CA VAL M 321 45.28 -56.90 63.85
C VAL M 321 46.18 -55.66 63.86
N ASN M 322 45.70 -54.61 64.51
CA ASN M 322 46.42 -53.35 64.76
C ASN M 322 47.32 -52.94 63.59
N ARG M 323 46.64 -52.59 62.50
CA ARG M 323 47.28 -52.11 61.28
C ARG M 323 47.83 -50.71 61.53
N LEU M 324 48.83 -50.34 60.75
CA LEU M 324 49.51 -49.06 60.92
C LEU M 324 49.11 -48.13 59.79
N MET M 325 48.40 -47.05 60.13
CA MET M 325 47.93 -46.07 59.15
C MET M 325 48.24 -44.68 59.67
N PRO M 326 49.46 -44.21 59.51
CA PRO M 326 49.87 -42.92 60.08
C PRO M 326 49.35 -41.76 59.26
N TYR M 327 48.37 -41.03 59.80
CA TYR M 327 47.81 -39.90 59.08
C TYR M 327 47.46 -38.70 59.96
N ARG M 328 47.72 -38.73 61.25
CA ARG M 328 47.34 -37.64 62.14
C ARG M 328 48.55 -36.79 62.47
N ILE M 329 48.44 -35.48 62.24
CA ILE M 329 49.52 -34.54 62.50
C ILE M 329 48.94 -33.33 63.23
N SER M 330 49.83 -32.61 63.91
CA SER M 330 49.42 -31.45 64.68
C SER M 330 49.06 -30.28 63.77
N ASN M 331 48.27 -29.37 64.31
CA ASN M 331 47.83 -28.22 63.52
C ASN M 331 49.00 -27.32 63.14
N ALA M 332 50.07 -27.37 63.93
CA ALA M 332 51.20 -26.48 63.68
C ALA M 332 51.79 -26.70 62.29
N GLU M 333 52.08 -27.95 61.95
CA GLU M 333 52.64 -28.22 60.64
C GLU M 333 51.65 -28.01 59.52
N ARG M 334 50.35 -28.20 59.78
CA ARG M 334 49.36 -27.85 58.77
C ARG M 334 49.43 -26.37 58.46
N GLN M 335 49.53 -25.53 59.49
CA GLN M 335 49.65 -24.10 59.25
C GLN M 335 50.96 -23.76 58.54
N ILE M 336 52.04 -24.43 58.91
CA ILE M 336 53.32 -24.17 58.26
C ILE M 336 53.23 -24.49 56.77
N SER M 337 52.66 -25.65 56.44
CA SER M 337 52.54 -26.03 55.04
C SER M 337 51.61 -25.09 54.29
N GLN M 338 50.53 -24.65 54.94
CA GLN M 338 49.63 -23.70 54.30
C GLN M 338 50.35 -22.38 54.03
N ILE M 339 51.18 -21.92 54.96
CA ILE M 339 51.93 -20.71 54.73
C ILE M 339 52.89 -20.88 53.57
N ILE M 340 53.56 -22.03 53.51
CA ILE M 340 54.45 -22.29 52.37
C ILE M 340 53.67 -22.24 51.07
N ARG M 341 52.49 -22.86 51.05
CA ARG M 341 51.68 -22.89 49.83
C ARG M 341 51.27 -21.48 49.43
N ILE M 342 50.92 -20.65 50.40
CA ILE M 342 50.55 -19.28 50.08
C ILE M 342 51.75 -18.49 49.57
N MET M 343 52.94 -18.80 50.09
CA MET M 343 54.06 -17.91 49.85
C MET M 343 54.56 -18.01 48.41
N ASN M 344 54.32 -19.14 47.73
CA ASN M 344 54.74 -19.29 46.34
C ASN M 344 53.56 -19.20 45.38
N ILE M 345 52.54 -18.40 45.71
CA ILE M 345 51.40 -18.23 44.82
C ILE M 345 51.13 -16.74 44.69
N GLY M 346 51.86 -15.93 45.45
CA GLY M 346 51.60 -14.50 45.53
C GLY M 346 51.66 -13.78 44.20
N ASN M 347 50.62 -13.00 43.90
CA ASN M 347 50.59 -12.13 42.74
C ASN M 347 50.80 -12.90 41.44
N ASN M 348 50.08 -14.01 41.28
CA ASN M 348 50.20 -14.80 40.06
C ASN M 348 48.85 -15.45 39.79
N ALA M 349 48.04 -14.80 38.96
CA ALA M 349 46.69 -15.28 38.70
C ALA M 349 46.70 -16.66 38.05
N THR M 350 47.60 -16.86 37.08
CA THR M 350 47.62 -18.11 36.33
C THR M 350 47.79 -19.32 37.23
N VAL M 351 48.43 -19.16 38.38
CA VAL M 351 48.59 -20.28 39.28
C VAL M 351 47.26 -20.65 39.93
N ILE M 352 46.47 -19.65 40.32
CA ILE M 352 45.27 -19.92 41.10
C ILE M 352 44.05 -20.20 40.23
N GLN M 353 44.00 -19.69 39.01
CA GLN M 353 42.79 -19.84 38.20
C GLN M 353 42.38 -21.30 38.01
N PRO M 354 43.29 -22.23 37.66
CA PRO M 354 42.86 -23.62 37.49
C PRO M 354 42.25 -24.23 38.74
N VAL M 355 42.66 -23.79 39.93
CA VAL M 355 42.05 -24.32 41.14
C VAL M 355 40.58 -23.97 41.19
N LEU M 356 40.25 -22.70 40.91
CA LEU M 356 38.86 -22.30 40.87
C LEU M 356 38.12 -23.02 39.77
N GLN M 357 38.77 -23.25 38.63
CA GLN M 357 38.12 -24.00 37.56
C GLN M 357 37.74 -25.41 38.01
N ASP M 358 38.67 -26.08 38.68
CA ASP M 358 38.39 -27.43 39.16
C ASP M 358 37.27 -27.43 40.19
N ILE M 359 37.28 -26.46 41.10
CA ILE M 359 36.21 -26.37 42.09
C ILE M 359 34.87 -26.14 41.40
N SER M 360 34.87 -25.31 40.36
CA SER M 360 33.64 -25.09 39.60
C SER M 360 33.14 -26.38 38.99
N VAL M 361 34.05 -27.17 38.43
CA VAL M 361 33.65 -28.46 37.86
C VAL M 361 33.03 -29.33 38.92
N LEU M 362 33.64 -29.39 40.11
CA LEU M 362 33.14 -30.27 41.15
C LEU M 362 31.76 -29.83 41.64
N LEU M 363 31.57 -28.53 41.85
CA LEU M 363 30.24 -28.04 42.18
C LEU M 363 29.23 -28.38 41.11
N GLN M 364 29.59 -28.19 39.85
CA GLN M 364 28.66 -28.51 38.76
C GLN M 364 28.29 -29.98 38.81
N ARG M 365 29.22 -30.85 39.16
CA ARG M 365 28.91 -32.26 39.30
C ARG M 365 27.95 -32.52 40.47
N ILE M 366 28.17 -31.85 41.59
CA ILE M 366 27.43 -32.17 42.81
C ILE M 366 26.07 -31.49 42.86
N SER M 367 26.00 -30.21 42.49
CA SER M 367 24.83 -29.41 42.79
C SER M 367 23.62 -29.88 41.99
N PRO M 368 22.41 -29.73 42.54
CA PRO M 368 21.21 -30.06 41.77
C PRO M 368 20.65 -28.92 40.94
N LEU M 369 21.11 -27.69 41.19
CA LEU M 369 20.61 -26.56 40.43
C LEU M 369 21.03 -26.66 38.97
N GLN M 370 20.10 -26.38 38.07
CA GLN M 370 20.38 -26.36 36.65
C GLN M 370 19.94 -25.02 36.07
N ILE M 371 20.80 -24.42 35.27
CA ILE M 371 20.51 -23.13 34.66
C ILE M 371 19.76 -23.35 33.36
N ASP M 372 18.54 -22.83 33.28
CA ASP M 372 17.70 -22.96 32.08
C ASP M 372 17.35 -21.57 31.59
N PRO M 373 18.03 -21.08 30.55
CA PRO M 373 17.78 -19.70 30.11
C PRO M 373 16.41 -19.48 29.51
N THR M 374 15.68 -20.54 29.16
CA THR M 374 14.39 -20.37 28.50
C THR M 374 13.37 -19.70 29.41
N ILE M 375 13.61 -19.63 30.71
CA ILE M 375 12.67 -18.98 31.61
C ILE M 375 12.50 -17.52 31.25
N ILE M 376 13.61 -16.84 30.97
CA ILE M 376 13.54 -15.42 30.64
C ILE M 376 12.75 -15.20 29.36
N SER M 377 13.03 -16.02 28.34
CA SER M 377 12.31 -15.87 27.08
C SER M 377 10.83 -16.13 27.27
N ASN M 378 10.48 -17.17 28.04
CA ASN M 378 9.08 -17.49 28.24
C ASN M 378 8.36 -16.37 28.96
N THR M 379 8.98 -15.79 29.98
CA THR M 379 8.29 -14.75 30.73
C THR M 379 8.23 -13.45 29.93
N MET M 380 9.24 -13.16 29.12
CA MET M 380 9.23 -11.91 28.38
C MET M 380 8.39 -11.98 27.12
N SER M 381 8.04 -13.19 26.67
CA SER M 381 7.19 -13.29 25.49
C SER M 381 5.78 -12.78 25.72
N THR M 382 5.40 -12.52 26.97
CA THR M 382 4.04 -12.13 27.29
C THR M 382 3.91 -10.65 27.64
N VAL M 383 4.91 -9.84 27.34
CA VAL M 383 4.85 -8.43 27.65
C VAL M 383 3.98 -7.71 26.63
N SER M 384 3.07 -6.87 27.11
CA SER M 384 2.20 -6.11 26.22
C SER M 384 2.91 -4.86 25.75
N GLU M 385 2.89 -4.64 24.44
CA GLU M 385 3.50 -3.44 23.88
C GLU M 385 2.88 -3.14 22.52
N SER M 386 3.08 -1.91 22.07
CA SER M 386 2.54 -1.47 20.80
C SER M 386 3.57 -1.66 19.69
N THR M 387 3.07 -2.00 18.50
CA THR M 387 3.96 -2.21 17.36
C THR M 387 4.51 -0.90 16.83
N THR M 388 3.76 0.18 16.94
CA THR M 388 4.16 1.46 16.36
C THR M 388 5.30 2.12 17.12
N GLN M 389 5.86 1.48 18.15
CA GLN M 389 6.91 2.10 18.94
C GLN M 389 8.27 1.89 18.30
N THR M 390 9.14 2.89 18.46
CA THR M 390 10.49 2.78 17.96
C THR M 390 11.34 1.87 18.83
N LEU M 391 11.05 1.80 20.12
CA LEU M 391 11.85 1.03 21.06
C LEU M 391 11.01 -0.07 21.67
N SER M 392 11.71 -1.08 22.19
CA SER M 392 11.04 -2.20 22.84
C SER M 392 11.84 -2.68 24.03
N PRO M 393 11.35 -2.49 25.25
CA PRO M 393 12.11 -2.95 26.42
C PRO M 393 12.41 -4.43 26.41
N ALA M 394 11.45 -5.26 25.99
CA ALA M 394 11.67 -6.70 26.01
C ALA M 394 12.74 -7.12 25.02
N SER M 395 12.67 -6.62 23.79
CA SER M 395 13.69 -6.96 22.81
C SER M 395 15.06 -6.49 23.27
N SER M 396 15.12 -5.27 23.80
CA SER M 396 16.40 -4.73 24.27
C SER M 396 16.98 -5.57 25.38
N ILE M 397 16.15 -5.98 26.34
CA ILE M 397 16.68 -6.74 27.47
C ILE M 397 17.11 -8.12 27.02
N LEU M 398 16.35 -8.76 26.12
CA LEU M 398 16.79 -10.06 25.61
C LEU M 398 18.10 -9.95 24.86
N GLY M 399 18.26 -8.89 24.08
CA GLY M 399 19.53 -8.69 23.40
C GLY M 399 20.68 -8.48 24.37
N LYS M 400 20.44 -7.70 25.42
CA LYS M 400 21.50 -7.43 26.38
C LYS M 400 21.88 -8.69 27.16
N LEU M 401 20.90 -9.51 27.52
CA LEU M 401 21.20 -10.71 28.30
C LEU M 401 22.12 -11.64 27.52
N ARG M 402 21.84 -11.84 26.24
CA ARG M 402 22.69 -12.62 25.35
C ARG M 402 23.07 -13.97 25.98
N PRO M 403 22.09 -14.84 26.21
CA PRO M 403 22.36 -16.07 26.95
C PRO M 403 23.23 -17.02 26.16
N SER M 404 23.93 -17.89 26.87
CA SER M 404 24.69 -18.96 26.27
C SER M 404 24.50 -20.21 27.10
N ASN M 405 24.12 -21.30 26.44
CA ASN M 405 23.93 -22.56 27.16
C ASN M 405 25.21 -23.00 27.84
N SER M 406 26.35 -22.86 27.15
CA SER M 406 27.62 -23.31 27.69
C SER M 406 28.18 -22.34 28.74
N ASP M 407 27.99 -21.04 28.52
CA ASP M 407 28.69 -20.03 29.31
C ASP M 407 27.89 -19.71 30.57
N PHE M 408 28.08 -20.56 31.58
CA PHE M 408 27.59 -20.25 32.92
C PHE M 408 28.59 -20.69 33.99
N SER M 409 29.82 -21.03 33.60
CA SER M 409 30.81 -21.46 34.59
C SER M 409 31.28 -20.31 35.45
N SER M 410 31.19 -19.08 34.95
CA SER M 410 31.64 -17.94 35.74
C SER M 410 30.86 -17.81 37.03
N PHE M 411 29.60 -18.24 37.04
CA PHE M 411 28.83 -18.25 38.27
C PHE M 411 29.45 -19.19 39.30
N ARG M 412 29.78 -20.41 38.88
CA ARG M 412 30.42 -21.35 39.78
C ARG M 412 31.77 -20.84 40.25
N VAL M 413 32.50 -20.14 39.37
CA VAL M 413 33.76 -19.54 39.77
C VAL M 413 33.52 -18.48 40.83
N ALA M 414 32.46 -17.70 40.68
CA ALA M 414 32.14 -16.68 41.67
C ALA M 414 31.88 -17.32 43.03
N LEU M 415 31.12 -18.41 43.06
CA LEU M 415 30.94 -19.12 44.32
C LEU M 415 32.25 -19.66 44.86
N ALA M 416 33.07 -20.25 44.00
CA ALA M 416 34.33 -20.83 44.47
C ALA M 416 35.26 -19.77 45.03
N GLY M 417 35.14 -18.53 44.55
CA GLY M 417 36.01 -17.48 45.04
C GLY M 417 35.81 -17.15 46.50
N TRP M 418 34.67 -17.53 47.08
CA TRP M 418 34.40 -17.20 48.47
C TRP M 418 35.38 -17.86 49.43
N LEU M 419 36.03 -18.95 49.02
CA LEU M 419 36.90 -19.68 49.92
C LEU M 419 38.33 -19.18 49.90
N TYR M 420 38.68 -18.25 49.01
CA TYR M 420 40.06 -17.82 48.89
C TYR M 420 40.15 -16.32 48.78
N ASN M 421 39.27 -15.60 49.48
CA ASN M 421 39.33 -14.14 49.44
C ASN M 421 40.61 -13.61 50.06
N GLY M 422 41.36 -14.44 50.78
CA GLY M 422 42.64 -13.99 51.30
C GLY M 422 43.66 -13.70 50.22
N VAL M 423 43.61 -14.43 49.11
CA VAL M 423 44.66 -14.31 48.10
C VAL M 423 44.11 -13.82 46.77
N VAL M 424 42.84 -14.10 46.49
CA VAL M 424 42.22 -13.69 45.24
C VAL M 424 41.02 -12.83 45.56
N THR M 425 40.60 -12.02 44.59
CA THR M 425 39.49 -11.08 44.78
C THR M 425 38.74 -11.00 43.46
N THR M 426 37.64 -11.73 43.35
CA THR M 426 36.84 -11.71 42.14
C THR M 426 36.20 -10.34 41.98
N VAL M 427 36.33 -9.77 40.78
CA VAL M 427 35.75 -8.46 40.47
C VAL M 427 35.03 -8.56 39.14
N ILE M 428 34.21 -7.54 38.86
CA ILE M 428 33.53 -7.45 37.58
C ILE M 428 34.46 -6.81 36.57
N ASP M 429 34.59 -7.43 35.41
CA ASP M 429 35.46 -6.89 34.37
C ASP M 429 34.94 -5.55 33.88
N ASP M 430 35.87 -4.68 33.50
CA ASP M 430 35.49 -3.34 33.07
C ASP M 430 34.62 -3.39 31.83
N SER M 431 34.82 -4.38 30.96
CA SER M 431 34.04 -4.44 29.73
C SER M 431 32.55 -4.57 30.01
N SER M 432 32.15 -4.96 31.22
CA SER M 432 30.75 -5.01 31.57
C SER M 432 30.15 -3.64 31.80
N TYR M 433 30.96 -2.63 32.05
CA TYR M 433 30.46 -1.30 32.33
C TYR M 433 30.12 -0.56 31.05
N PRO M 434 29.27 0.45 31.12
CA PRO M 434 29.01 1.28 29.95
C PRO M 434 30.29 1.92 29.44
N LYS M 435 30.38 2.07 28.12
CA LYS M 435 31.62 2.50 27.49
C LYS M 435 32.02 3.90 27.95
N ASP M 436 31.20 4.89 27.63
CA ASP M 436 31.51 6.27 27.96
C ASP M 436 30.93 6.72 29.29
N GLY M 437 30.37 5.79 30.07
CA GLY M 437 29.68 6.11 31.30
C GLY M 437 28.18 6.02 31.19
N GLY M 438 27.63 6.06 29.98
CA GLY M 438 26.21 5.85 29.78
C GLY M 438 25.40 7.06 30.17
N SER M 439 24.09 6.91 29.99
CA SER M 439 23.14 7.96 30.35
C SER M 439 21.80 7.34 30.62
N VAL M 440 21.13 7.83 31.68
CA VAL M 440 19.84 7.26 32.07
C VAL M 440 18.73 7.57 31.10
N THR M 441 18.99 8.40 30.08
CA THR M 441 17.95 8.68 29.12
C THR M 441 17.87 7.58 28.06
N SER M 442 18.90 6.75 27.97
CA SER M 442 18.93 5.66 27.00
C SER M 442 18.53 4.36 27.69
N LEU M 443 17.70 3.57 27.00
CA LEU M 443 17.21 2.32 27.57
C LEU M 443 18.34 1.32 27.80
N GLU M 444 19.28 1.24 26.86
CA GLU M 444 20.34 0.26 26.94
C GLU M 444 21.13 0.43 28.23
N ASN M 445 21.49 1.68 28.55
CA ASN M 445 22.25 1.94 29.77
C ASN M 445 21.46 1.56 31.00
N LEU M 446 20.13 1.73 30.96
CA LEU M 446 19.31 1.23 32.05
C LEU M 446 19.49 -0.26 32.22
N TRP M 447 19.51 -0.99 31.11
CA TRP M 447 19.68 -2.43 31.22
C TRP M 447 21.06 -2.80 31.74
N ASP M 448 22.11 -2.10 31.32
CA ASP M 448 23.42 -2.37 31.88
C ASP M 448 23.45 -2.10 33.37
N PHE M 449 22.80 -1.04 33.82
CA PHE M 449 22.73 -0.78 35.25
C PHE M 449 22.03 -1.92 35.96
N PHE M 450 20.94 -2.42 35.39
CA PHE M 450 20.27 -3.58 35.97
C PHE M 450 21.23 -4.75 36.14
N ILE M 451 21.94 -5.09 35.06
CA ILE M 451 22.81 -6.25 35.10
C ILE M 451 23.87 -6.09 36.17
N LEU M 452 24.53 -4.93 36.19
CA LEU M 452 25.60 -4.72 37.16
C LEU M 452 25.06 -4.72 38.58
N ALA M 453 23.91 -4.09 38.82
CA ALA M 453 23.36 -4.05 40.16
C ALA M 453 23.04 -5.43 40.66
N LEU M 454 22.49 -6.28 39.81
CA LEU M 454 22.21 -7.64 40.25
C LEU M 454 23.48 -8.45 40.43
N ALA M 455 24.52 -8.20 39.62
CA ALA M 455 25.67 -9.09 39.65
C ALA M 455 26.66 -8.73 40.74
N LEU M 456 26.75 -7.46 41.12
CA LEU M 456 27.81 -7.03 42.03
C LEU M 456 27.80 -7.72 43.39
N PRO M 457 26.67 -7.85 44.11
CA PRO M 457 26.75 -8.32 45.49
C PRO M 457 27.26 -9.73 45.68
N LEU M 458 27.63 -10.42 44.60
CA LEU M 458 28.18 -11.75 44.72
C LEU M 458 29.69 -11.80 44.71
N THR M 459 30.36 -10.76 44.26
CA THR M 459 31.81 -10.76 44.23
C THR M 459 32.38 -10.56 45.63
N THR M 460 33.63 -10.95 45.79
CA THR M 460 34.32 -10.82 47.07
C THR M 460 35.06 -9.50 47.20
N ASP M 461 34.93 -8.62 46.22
CA ASP M 461 35.62 -7.34 46.28
C ASP M 461 35.04 -6.52 47.42
N PRO M 462 35.84 -6.09 48.40
CA PRO M 462 35.31 -5.28 49.49
C PRO M 462 34.72 -3.97 49.01
N CYS M 463 35.23 -3.40 47.93
CA CYS M 463 34.77 -2.12 47.43
C CYS M 463 33.60 -2.24 46.48
N ALA M 464 32.86 -3.34 46.54
CA ALA M 464 31.72 -3.54 45.63
C ALA M 464 30.62 -2.49 45.80
N PRO M 465 30.12 -2.20 47.01
CA PRO M 465 29.01 -1.26 47.11
C PRO M 465 29.32 0.12 46.56
N VAL M 466 30.55 0.58 46.73
CA VAL M 466 30.94 1.87 46.18
C VAL M 466 30.82 1.86 44.67
N LYS M 467 31.27 0.78 44.03
CA LYS M 467 31.13 0.67 42.59
C LYS M 467 29.67 0.64 42.18
N ALA M 468 28.85 -0.06 42.95
CA ALA M 468 27.42 -0.11 42.64
C ALA M 468 26.81 1.29 42.67
N PHE M 469 27.20 2.10 43.65
CA PHE M 469 26.66 3.45 43.74
C PHE M 469 27.21 4.34 42.63
N MET M 470 28.53 4.29 42.40
CA MET M 470 29.14 5.07 41.34
C MET M 470 28.58 4.76 39.97
N THR M 471 28.12 3.53 39.72
CA THR M 471 27.54 3.26 38.42
C THR M 471 26.36 4.18 38.15
N LEU M 472 25.40 4.20 39.06
CA LEU M 472 24.23 5.04 38.89
C LEU M 472 24.63 6.50 38.94
N ALA M 473 25.61 6.84 39.78
CA ALA M 473 26.06 8.23 39.83
C ALA M 473 26.62 8.69 38.50
N ASN M 474 27.41 7.84 37.83
CA ASN M 474 27.94 8.17 36.53
C ASN M 474 26.82 8.36 35.53
N MET M 475 25.84 7.46 35.54
CA MET M 475 24.77 7.59 34.57
C MET M 475 23.89 8.81 34.82
N MET M 476 23.94 9.39 36.01
CA MET M 476 23.14 10.55 36.36
C MET M 476 23.82 11.89 36.07
N VAL M 477 25.04 11.89 35.53
CA VAL M 477 25.78 13.14 35.38
C VAL M 477 24.96 14.10 34.53
N GLY M 478 24.85 15.34 35.00
CA GLY M 478 24.07 16.35 34.33
C GLY M 478 22.61 16.36 34.70
N PHE M 479 22.05 15.21 35.07
CA PHE M 479 20.67 15.14 35.53
C PHE M 479 20.56 15.47 37.01
N GLU M 480 21.45 14.91 37.82
CA GLU M 480 21.50 15.17 39.24
C GLU M 480 22.97 15.16 39.67
N THR M 481 23.30 15.95 40.69
CA THR M 481 24.68 16.12 41.10
C THR M 481 24.84 15.86 42.59
N ILE M 482 26.05 15.47 42.98
CA ILE M 482 26.37 15.19 44.38
C ILE M 482 27.77 15.72 44.68
N PRO M 483 28.03 16.05 45.95
CA PRO M 483 29.36 16.56 46.32
C PRO M 483 30.36 15.41 46.46
N MET M 484 31.40 15.43 45.65
CA MET M 484 32.46 14.43 45.75
C MET M 484 33.58 14.95 46.64
N ASP M 485 34.72 14.27 46.63
CA ASP M 485 35.79 14.60 47.55
C ASP M 485 36.80 15.59 46.98
N ASN M 486 37.21 15.40 45.73
CA ASN M 486 38.22 16.27 45.15
C ASN M 486 37.96 16.38 43.66
N GLN M 487 38.87 17.06 42.95
CA GLN M 487 38.72 17.23 41.53
C GLN M 487 39.17 16.03 40.73
N ILE M 488 39.88 15.08 41.35
CA ILE M 488 40.38 13.92 40.62
C ILE M 488 39.30 12.86 40.50
N TYR M 489 38.81 12.35 41.63
CA TYR M 489 37.76 11.34 41.62
C TYR M 489 36.40 12.03 41.60
N THR M 490 36.14 12.70 40.49
CA THR M 490 34.90 13.46 40.34
C THR M 490 33.73 12.52 40.05
N GLN M 491 32.57 13.11 39.79
CA GLN M 491 31.37 12.32 39.55
C GLN M 491 31.38 11.62 38.20
N SER M 492 32.30 11.96 37.31
CA SER M 492 32.32 11.38 35.98
C SER M 492 33.45 10.37 35.78
N ARG M 493 34.07 9.91 36.86
CA ARG M 493 35.06 8.85 36.73
C ARG M 493 34.38 7.54 36.41
N ARG M 494 35.12 6.64 35.77
CA ARG M 494 34.63 5.29 35.59
C ARG M 494 34.38 4.65 36.96
N ALA M 495 33.20 4.06 37.12
CA ALA M 495 32.87 3.45 38.40
C ALA M 495 33.87 2.37 38.78
N SER M 496 34.51 1.74 37.79
CA SER M 496 35.48 0.69 38.08
C SER M 496 36.75 1.24 38.70
N ALA M 497 36.95 2.56 38.69
CA ALA M 497 38.17 3.11 39.25
C ALA M 497 38.17 3.06 40.78
N PHE M 498 37.00 3.19 41.40
CA PHE M 498 36.92 3.23 42.86
C PHE M 498 37.21 1.86 43.43
N SER M 499 38.49 1.56 43.69
CA SER M 499 38.89 0.22 44.07
C SER M 499 39.46 0.11 45.47
N THR M 500 39.96 1.20 46.04
CA THR M 500 40.53 1.12 47.38
C THR M 500 39.62 1.80 48.38
N PRO M 501 39.69 1.41 49.65
CA PRO M 501 38.82 2.07 50.65
C PRO M 501 39.07 3.56 50.75
N HIS M 502 40.27 4.02 50.43
CA HIS M 502 40.57 5.43 50.54
C HIS M 502 39.75 6.28 49.59
N THR M 503 39.16 5.68 48.55
CA THR M 503 38.45 6.41 47.53
C THR M 503 36.94 6.43 47.74
N TRP M 504 36.45 5.97 48.87
CA TRP M 504 35.02 5.99 49.11
C TRP M 504 34.57 7.44 49.24
N PRO M 505 33.66 7.90 48.40
CA PRO M 505 33.27 9.32 48.47
C PRO M 505 32.57 9.62 49.77
N ARG M 506 32.87 10.80 50.32
CA ARG M 506 32.34 11.16 51.64
C ARG M 506 30.82 11.15 51.65
N CYS M 507 30.20 11.56 50.54
CA CYS M 507 28.75 11.55 50.46
C CYS M 507 28.18 10.15 50.57
N PHE M 508 28.98 9.12 50.30
CA PHE M 508 28.45 7.76 50.36
C PHE M 508 28.26 7.29 51.80
N MET M 509 29.23 7.56 52.68
CA MET M 509 29.04 7.15 54.08
C MET M 509 28.08 8.06 54.81
N ASN M 510 28.07 9.35 54.51
CA ASN M 510 27.15 10.29 55.13
C ASN M 510 26.04 10.57 54.14
N ILE M 511 24.89 9.94 54.35
CA ILE M 511 23.78 10.06 53.40
C ILE M 511 23.28 11.49 53.35
N GLN M 512 23.29 12.19 54.49
CA GLN M 512 22.67 13.51 54.54
C GLN M 512 23.25 14.47 53.53
N LEU M 513 24.50 14.24 53.12
CA LEU M 513 25.13 15.14 52.16
C LEU M 513 24.39 15.16 50.82
N ILE M 514 23.69 14.09 50.49
CA ILE M 514 22.92 14.04 49.24
C ILE M 514 21.61 14.78 49.47
N SER M 515 21.32 15.73 48.60
CA SER M 515 20.11 16.53 48.73
C SER M 515 18.88 15.69 48.44
N PRO M 516 17.93 15.57 49.38
CA PRO M 516 16.68 14.87 49.05
C PRO M 516 15.88 15.57 47.99
N ILE M 517 16.14 16.85 47.73
CA ILE M 517 15.41 17.61 46.74
C ILE M 517 16.13 17.66 45.41
N ASP M 518 17.44 17.89 45.43
CA ASP M 518 18.20 18.04 44.20
C ASP M 518 18.57 16.72 43.55
N ALA M 519 18.47 15.61 44.26
CA ALA M 519 18.83 14.32 43.70
C ALA M 519 18.13 13.21 44.44
N PRO M 520 16.80 13.13 44.36
CA PRO M 520 16.08 12.11 45.13
C PRO M 520 16.47 10.68 44.76
N ILE M 521 16.73 10.44 43.48
CA ILE M 521 17.03 9.08 43.03
C ILE M 521 18.33 8.60 43.65
N LEU M 522 19.35 9.44 43.67
CA LEU M 522 20.63 9.02 44.23
C LEU M 522 20.51 8.76 45.72
N ARG M 523 19.77 9.59 46.44
CA ARG M 523 19.58 9.35 47.86
C ARG M 523 18.86 8.04 48.10
N GLN M 524 17.81 7.78 47.32
CA GLN M 524 17.10 6.52 47.44
C GLN M 524 18.04 5.34 47.19
N TRP M 525 18.86 5.43 46.16
CA TRP M 525 19.79 4.36 45.84
C TRP M 525 20.79 4.14 46.96
N ALA M 526 21.30 5.23 47.53
CA ALA M 526 22.29 5.11 48.60
C ALA M 526 21.68 4.45 49.83
N GLU M 527 20.48 4.88 50.22
CA GLU M 527 19.89 4.28 51.41
C GLU M 527 19.49 2.84 51.15
N ILE M 528 19.11 2.51 49.90
CA ILE M 528 18.83 1.12 49.57
C ILE M 528 20.09 0.28 49.73
N ILE M 529 21.22 0.78 49.25
CA ILE M 529 22.48 0.06 49.40
C ILE M 529 22.80 -0.15 50.88
N HIS M 530 22.66 0.91 51.68
CA HIS M 530 22.96 0.78 53.10
C HIS M 530 22.05 -0.22 53.79
N ARG M 531 20.78 -0.24 53.44
CA ARG M 531 19.85 -1.02 54.27
C ARG M 531 19.61 -2.43 53.76
N TYR M 532 19.81 -2.70 52.47
CA TYR M 532 19.46 -4.00 51.94
C TYR M 532 20.65 -4.78 51.38
N TRP M 533 21.86 -4.30 51.56
CA TRP M 533 23.01 -5.07 51.11
C TRP M 533 23.13 -6.37 51.91
N PRO M 534 23.56 -7.46 51.28
CA PRO M 534 23.58 -8.74 51.99
C PRO M 534 24.47 -8.72 53.23
N ASN M 535 24.04 -9.48 54.23
CA ASN M 535 24.74 -9.60 55.51
C ASN M 535 25.58 -10.86 55.53
N PRO M 536 26.88 -10.76 55.79
CA PRO M 536 27.71 -11.96 55.86
C PRO M 536 27.36 -12.81 57.06
N SER M 537 27.68 -14.08 56.95
CA SER M 537 27.43 -15.05 58.02
C SER M 537 28.52 -16.10 57.97
N GLN M 538 28.31 -17.21 58.67
CA GLN M 538 29.33 -18.24 58.78
C GLN M 538 28.67 -19.58 59.09
N ILE M 539 29.41 -20.65 58.78
CA ILE M 539 28.88 -22.00 58.90
C ILE M 539 30.01 -22.94 59.30
N ARG M 540 29.71 -23.84 60.22
CA ARG M 540 30.70 -24.80 60.70
C ARG M 540 30.90 -25.91 59.68
N TYR M 541 32.08 -26.54 59.74
CA TYR M 541 32.42 -27.58 58.78
C TYR M 541 33.65 -28.33 59.27
N GLY M 542 33.96 -29.42 58.58
CA GLY M 542 35.20 -30.13 58.78
C GLY M 542 35.13 -31.17 59.87
N ALA M 543 36.21 -31.96 59.96
CA ALA M 543 36.38 -32.99 60.97
C ALA M 543 37.74 -32.79 61.61
N PRO M 544 37.85 -31.82 62.53
CA PRO M 544 39.18 -31.48 63.05
C PRO M 544 39.87 -32.62 63.78
N ASN M 545 39.10 -33.55 64.33
CA ASN M 545 39.69 -34.60 65.16
C ASN M 545 40.68 -35.46 64.38
N VAL M 546 40.57 -35.51 63.06
CA VAL M 546 41.50 -36.26 62.23
C VAL M 546 42.20 -35.36 61.22
N PHE M 547 41.45 -34.53 60.52
CA PHE M 547 42.00 -33.70 59.46
C PHE M 547 42.74 -32.48 60.00
N GLY M 548 42.68 -32.23 61.30
CA GLY M 548 43.25 -31.00 61.80
C GLY M 548 42.48 -29.81 61.27
N SER M 549 43.18 -28.69 61.16
CA SER M 549 42.56 -27.47 60.64
C SER M 549 43.65 -26.54 60.15
N ALA M 550 43.50 -26.06 58.92
CA ALA M 550 44.49 -25.17 58.32
C ALA M 550 44.11 -23.71 58.40
N ASN M 551 43.01 -23.38 59.08
CA ASN M 551 42.59 -21.98 59.18
C ASN M 551 43.62 -21.17 59.94
N LEU M 552 43.87 -19.95 59.47
CA LEU M 552 44.86 -19.07 60.08
C LEU M 552 44.23 -17.90 60.79
N PHE M 553 43.43 -17.10 60.09
CA PHE M 553 42.85 -15.89 60.67
C PHE M 553 41.43 -16.11 61.18
N THR M 554 40.90 -17.31 61.10
CA THR M 554 39.57 -17.63 61.56
C THR M 554 39.63 -18.84 62.47
N PRO M 555 38.68 -18.99 63.38
CA PRO M 555 38.70 -20.15 64.26
C PRO M 555 38.57 -21.42 63.46
N PRO M 556 39.12 -22.53 63.96
CA PRO M 556 38.99 -23.80 63.25
C PRO M 556 37.53 -24.20 63.13
N GLU M 557 37.22 -24.95 62.07
CA GLU M 557 35.89 -25.44 61.74
C GLU M 557 34.95 -24.33 61.28
N VAL M 558 35.42 -23.11 61.14
CA VAL M 558 34.56 -21.98 60.76
C VAL M 558 34.83 -21.62 59.31
N LEU M 559 33.77 -21.41 58.55
CA LEU M 559 33.87 -21.05 57.15
C LEU M 559 33.00 -19.82 56.91
N LEU M 560 33.63 -18.70 56.57
CA LEU M 560 32.91 -17.44 56.44
C LEU M 560 32.24 -17.33 55.08
N LEU M 561 31.10 -16.66 55.05
CA LEU M 561 30.33 -16.46 53.84
C LEU M 561 29.95 -15.00 53.69
N PRO M 562 29.82 -14.52 52.45
CA PRO M 562 29.32 -13.16 52.22
C PRO M 562 27.82 -13.04 52.16
N ILE M 563 27.09 -14.13 52.35
CA ILE M 563 25.63 -14.13 52.30
C ILE M 563 25.12 -14.79 53.56
N ASP M 564 24.01 -14.27 54.09
CA ASP M 564 23.42 -14.89 55.27
C ASP M 564 22.94 -16.28 54.90
N HIS M 565 23.29 -17.26 55.73
CA HIS M 565 22.95 -18.65 55.51
C HIS M 565 21.80 -19.04 56.43
N GLN M 566 20.72 -19.52 55.84
CA GLN M 566 19.53 -19.94 56.60
C GLN M 566 19.27 -21.40 56.29
N PRO M 567 19.55 -22.30 57.23
CA PRO M 567 19.37 -23.73 56.95
C PRO M 567 17.93 -24.04 56.61
N ALA M 568 17.74 -24.96 55.67
CA ALA M 568 16.41 -25.35 55.26
C ALA M 568 15.86 -26.43 56.18
N ASN M 569 14.56 -26.37 56.43
CA ASN M 569 13.89 -27.33 57.29
C ASN M 569 12.91 -28.21 56.52
N VAL M 570 12.99 -28.21 55.19
CA VAL M 570 12.10 -28.97 54.34
C VAL M 570 12.91 -29.65 53.25
N THR M 571 12.61 -30.91 52.97
CA THR M 571 13.30 -31.66 51.93
C THR M 571 12.52 -31.71 50.63
N THR M 572 11.45 -30.96 50.50
CA THR M 572 10.68 -30.85 49.26
C THR M 572 10.53 -29.37 48.95
N PRO M 573 11.58 -28.74 48.46
CA PRO M 573 11.57 -27.29 48.31
C PRO M 573 10.51 -26.82 47.33
N THR M 574 9.93 -25.67 47.64
CA THR M 574 8.97 -24.99 46.78
C THR M 574 9.33 -23.51 46.73
N LEU M 575 8.91 -22.87 45.65
CA LEU M 575 9.31 -21.48 45.41
C LEU M 575 8.90 -20.59 46.57
N ASP M 576 9.82 -19.72 46.98
CA ASP M 576 9.61 -18.78 48.07
C ASP M 576 10.33 -17.48 47.76
N PHE M 577 9.67 -16.36 48.05
CA PHE M 577 10.22 -15.05 47.76
C PHE M 577 10.80 -14.35 48.99
N THR M 578 10.82 -15.02 50.14
CA THR M 578 11.37 -14.42 51.35
C THR M 578 12.87 -14.74 51.41
N ASN M 579 13.60 -14.10 50.50
CA ASN M 579 15.01 -14.36 50.33
C ASN M 579 15.80 -13.05 50.39
N GLU M 580 17.05 -13.16 50.82
CA GLU M 580 17.90 -11.99 50.91
C GLU M 580 18.14 -11.38 49.53
N LEU M 581 18.42 -12.21 48.53
CA LEU M 581 18.70 -11.72 47.19
C LEU M 581 17.43 -11.34 46.44
N THR M 582 16.32 -12.04 46.70
CA THR M 582 15.07 -11.66 46.08
C THR M 582 14.65 -10.26 46.50
N ASN M 583 14.83 -9.94 47.78
CA ASN M 583 14.55 -8.59 48.23
C ASN M 583 15.43 -7.59 47.51
N TRP M 584 16.70 -7.92 47.30
CA TRP M 584 17.58 -7.03 46.57
C TRP M 584 17.07 -6.76 45.16
N ARG M 585 16.66 -7.82 44.47
CA ARG M 585 16.14 -7.65 43.12
C ARG M 585 14.87 -6.80 43.13
N ALA M 586 13.99 -7.04 44.10
CA ALA M 586 12.77 -6.27 44.20
C ALA M 586 13.07 -4.79 44.43
N ARG M 587 14.03 -4.51 45.30
CA ARG M 587 14.38 -3.12 45.58
C ARG M 587 14.93 -2.44 44.33
N VAL M 588 15.78 -3.14 43.57
CA VAL M 588 16.33 -2.56 42.36
C VAL M 588 15.22 -2.26 41.35
N CYS M 589 14.30 -3.21 41.18
CA CYS M 589 13.21 -3.00 40.23
C CYS M 589 12.33 -1.83 40.67
N GLU M 590 12.06 -1.73 41.97
CA GLU M 590 11.27 -0.62 42.47
C GLU M 590 11.98 0.71 42.25
N LEU M 591 13.30 0.73 42.44
CA LEU M 591 14.05 1.95 42.21
C LEU M 591 13.90 2.41 40.77
N MET M 592 14.08 1.50 39.82
CA MET M 592 13.94 1.90 38.42
C MET M 592 12.52 2.30 38.10
N LYS M 593 11.54 1.64 38.71
CA LYS M 593 10.16 2.04 38.50
C LYS M 593 9.93 3.47 38.96
N ASN M 594 10.51 3.85 40.09
CA ASN M 594 10.42 5.25 40.52
C ASN M 594 11.17 6.17 39.57
N LEU M 595 12.32 5.73 39.08
CA LEU M 595 13.13 6.57 38.22
C LEU M 595 12.40 6.91 36.94
N VAL M 596 11.83 5.91 36.27
CA VAL M 596 11.16 6.16 35.00
C VAL M 596 9.92 7.02 35.21
N ASP M 597 9.33 6.96 36.40
CA ASP M 597 8.12 7.73 36.68
C ASP M 597 8.39 9.12 37.22
N ASN M 598 9.66 9.52 37.32
CA ASN M 598 9.97 10.84 37.83
C ASN M 598 9.41 11.90 36.90
N GLN M 599 8.74 12.91 37.49
CA GLN M 599 8.05 13.91 36.69
C GLN M 599 9.02 14.75 35.86
N ARG M 600 10.30 14.77 36.21
CA ARG M 600 11.30 15.48 35.43
C ARG M 600 11.89 14.62 34.32
N TYR M 601 11.59 13.34 34.29
CA TYR M 601 12.11 12.43 33.28
C TYR M 601 11.05 11.86 32.36
N GLN M 602 9.90 11.47 32.90
CA GLN M 602 8.88 10.78 32.12
C GLN M 602 8.26 11.60 30.98
N PRO M 603 8.26 12.94 31.02
CA PRO M 603 7.77 13.67 29.84
C PRO M 603 8.58 13.42 28.58
N GLY M 604 9.81 12.94 28.71
CA GLY M 604 10.60 12.64 27.52
C GLY M 604 10.22 11.37 26.81
N TRP M 605 9.26 10.61 27.33
CA TRP M 605 8.86 9.34 26.76
C TRP M 605 7.37 9.35 26.46
N THR M 606 6.99 8.63 25.40
CA THR M 606 5.57 8.46 25.14
C THR M 606 4.95 7.53 26.17
N GLN M 607 3.62 7.62 26.31
CA GLN M 607 2.94 6.90 27.36
C GLN M 607 3.04 5.40 27.18
N SER M 608 2.92 4.92 25.93
CA SER M 608 2.97 3.50 25.68
C SER M 608 4.30 2.91 26.09
N LEU M 609 5.40 3.63 25.79
CA LEU M 609 6.70 3.14 26.21
C LEU M 609 6.83 3.08 27.72
N VAL M 610 6.26 4.06 28.42
CA VAL M 610 6.30 4.04 29.88
C VAL M 610 5.56 2.83 30.40
N SER M 611 4.38 2.54 29.85
CA SER M 611 3.64 1.37 30.31
C SER M 611 4.40 0.08 30.04
N SER M 612 5.02 -0.01 28.85
CA SER M 612 5.78 -1.21 28.54
C SER M 612 6.97 -1.38 29.48
N MET M 613 7.65 -0.28 29.80
CA MET M 613 8.77 -0.35 30.72
C MET M 613 8.31 -0.81 32.10
N ARG M 614 7.18 -0.28 32.57
CA ARG M 614 6.67 -0.71 33.86
C ARG M 614 6.33 -2.19 33.84
N GLY M 615 5.69 -2.65 32.77
CA GLY M 615 5.34 -4.05 32.68
C GLY M 615 6.57 -4.95 32.67
N THR M 616 7.60 -4.54 31.93
CA THR M 616 8.82 -5.32 31.88
C THR M 616 9.47 -5.41 33.27
N LEU M 617 9.54 -4.29 33.97
CA LEU M 617 10.11 -4.32 35.31
C LEU M 617 9.31 -5.21 36.23
N ASP M 618 7.98 -5.15 36.12
CA ASP M 618 7.14 -6.01 36.94
C ASP M 618 7.39 -7.48 36.64
N LYS M 619 7.51 -7.82 35.36
CA LYS M 619 7.81 -9.22 35.01
C LYS M 619 9.14 -9.64 35.58
N LEU M 620 10.13 -8.76 35.53
CA LEU M 620 11.45 -9.10 36.06
C LEU M 620 11.39 -9.32 37.57
N LYS M 621 10.62 -8.50 38.27
CA LYS M 621 10.60 -8.59 39.73
C LYS M 621 10.05 -9.94 40.20
N LEU M 622 9.03 -10.45 39.51
CA LEU M 622 8.32 -11.63 39.97
C LEU M 622 8.74 -12.89 39.23
N ILE M 623 9.89 -12.86 38.56
CA ILE M 623 10.33 -14.05 37.82
C ILE M 623 10.56 -15.19 38.79
N LYS M 624 10.26 -16.41 38.34
CA LYS M 624 10.33 -17.59 39.20
C LYS M 624 11.70 -18.27 39.11
N SER M 625 12.75 -17.49 39.33
CA SER M 625 14.09 -18.08 39.37
C SER M 625 14.32 -18.76 40.70
N MET M 626 15.02 -19.89 40.67
CA MET M 626 15.24 -20.68 41.86
C MET M 626 16.58 -20.41 42.52
N THR M 627 17.45 -19.63 41.88
CA THR M 627 18.81 -19.47 42.38
C THR M 627 18.92 -18.83 43.76
N PRO M 628 18.21 -17.74 44.07
CA PRO M 628 18.41 -17.16 45.42
C PRO M 628 18.09 -18.13 46.53
N MET M 629 17.07 -18.97 46.37
CA MET M 629 16.81 -20.00 47.35
C MET M 629 17.97 -20.97 47.46
N TYR M 630 18.53 -21.36 46.31
CA TYR M 630 19.67 -22.26 46.32
C TYR M 630 20.82 -21.64 47.10
N LEU M 631 21.19 -20.41 46.78
CA LEU M 631 22.26 -19.72 47.47
C LEU M 631 22.00 -19.59 48.95
N GLN M 632 20.76 -19.37 49.35
CA GLN M 632 20.46 -19.20 50.76
C GLN M 632 20.46 -20.50 51.55
N GLN M 633 20.03 -21.61 50.93
CA GLN M 633 19.78 -22.82 51.71
C GLN M 633 20.70 -23.99 51.39
N LEU M 634 21.08 -24.19 50.14
CA LEU M 634 21.79 -25.39 49.74
C LEU M 634 23.27 -25.15 49.49
N ALA M 635 23.61 -24.06 48.80
CA ALA M 635 25.00 -23.80 48.43
C ALA M 635 25.96 -23.82 49.62
N PRO M 636 25.66 -23.20 50.76
CA PRO M 636 26.57 -23.31 51.90
C PRO M 636 26.82 -24.74 52.32
N VAL M 637 25.78 -25.59 52.27
CA VAL M 637 25.97 -26.99 52.64
C VAL M 637 26.94 -27.66 51.67
N GLU M 638 26.78 -27.41 50.38
CA GLU M 638 27.68 -28.00 49.40
C GLU M 638 29.11 -27.54 49.63
N LEU M 639 29.29 -26.25 49.87
CA LEU M 639 30.64 -25.74 50.13
C LEU M 639 31.23 -26.39 51.38
N ALA M 640 30.43 -26.55 52.43
CA ALA M 640 30.92 -27.16 53.65
C ALA M 640 31.33 -28.61 53.41
N VAL M 641 30.53 -29.33 52.61
CA VAL M 641 30.87 -30.72 52.32
C VAL M 641 32.18 -30.81 51.55
N ILE M 642 32.34 -29.94 50.54
CA ILE M 642 33.50 -30.05 49.67
C ILE M 642 34.77 -29.58 50.36
N ALA M 643 34.68 -28.53 51.17
CA ALA M 643 35.86 -27.79 51.61
C ALA M 643 36.98 -28.65 52.19
N PRO M 644 36.73 -29.59 53.10
CA PRO M 644 37.86 -30.35 53.66
C PRO M 644 38.58 -31.18 52.62
N MET M 645 37.95 -31.46 51.49
CA MET M 645 38.49 -32.38 50.51
C MET M 645 39.40 -31.70 49.49
N LEU M 646 39.54 -30.38 49.55
CA LEU M 646 40.29 -29.66 48.53
C LEU M 646 41.78 -29.95 48.62
N PRO M 647 42.48 -29.95 47.49
CA PRO M 647 43.95 -29.96 47.55
C PRO M 647 44.51 -28.73 48.21
N PHE M 648 43.87 -27.58 48.06
CA PHE M 648 44.32 -26.32 48.64
C PHE M 648 43.28 -25.85 49.65
N PRO M 649 43.53 -26.01 50.94
CA PRO M 649 42.51 -25.73 51.94
C PRO M 649 42.14 -24.26 51.96
N PRO M 650 40.95 -23.92 52.43
CA PRO M 650 40.47 -22.54 52.33
C PRO M 650 41.35 -21.58 53.12
N PHE M 651 41.35 -20.32 52.67
CA PHE M 651 42.14 -19.28 53.29
C PHE M 651 41.35 -17.98 53.17
N GLN M 652 40.77 -17.52 54.27
CA GLN M 652 39.84 -16.40 54.24
C GLN M 652 40.26 -15.31 55.21
N VAL M 653 39.76 -14.11 54.96
CA VAL M 653 39.82 -13.00 55.90
C VAL M 653 38.40 -12.48 56.10
N PRO M 654 38.11 -11.89 57.25
CA PRO M 654 36.72 -11.58 57.59
C PRO M 654 36.08 -10.65 56.57
N TYR M 655 34.78 -10.87 56.35
CA TYR M 655 33.99 -10.07 55.44
C TYR M 655 33.31 -8.94 56.21
N VAL M 656 33.49 -7.72 55.72
CA VAL M 656 32.88 -6.54 56.32
C VAL M 656 31.87 -5.99 55.34
N ARG M 657 30.63 -5.80 55.81
CA ARG M 657 29.56 -5.38 54.92
C ARG M 657 29.81 -3.96 54.42
N LEU M 658 29.85 -3.00 55.33
CA LEU M 658 30.09 -1.62 54.95
C LEU M 658 30.99 -0.87 55.92
N ASP M 659 31.56 -1.54 56.92
CA ASP M 659 32.42 -0.88 57.88
C ASP M 659 33.79 -0.69 57.24
N ARG M 660 34.04 0.51 56.71
CA ARG M 660 35.25 0.76 55.96
C ARG M 660 36.50 0.57 56.81
N ASP M 661 36.41 0.85 58.12
CA ASP M 661 37.59 0.83 58.95
C ASP M 661 38.21 -0.57 59.05
N ARG M 662 37.41 -1.61 58.86
CA ARG M 662 37.90 -2.97 59.00
C ARG M 662 38.20 -3.64 57.68
N VAL M 663 38.20 -2.89 56.58
CA VAL M 663 38.46 -3.52 55.28
C VAL M 663 39.92 -3.95 55.21
N PRO M 664 40.21 -5.21 54.92
CA PRO M 664 41.60 -5.63 54.77
C PRO M 664 42.27 -4.89 53.63
N THR M 665 43.54 -4.55 53.82
CA THR M 665 44.29 -3.83 52.80
C THR M 665 45.63 -4.46 52.45
N MET M 666 46.11 -5.43 53.23
CA MET M 666 47.39 -6.05 52.92
C MET M 666 47.44 -7.40 53.62
N VAL M 667 47.91 -8.42 52.92
CA VAL M 667 48.20 -9.72 53.49
C VAL M 667 49.63 -10.06 53.11
N GLY M 668 50.48 -10.30 54.10
CA GLY M 668 51.89 -10.48 53.84
C GLY M 668 52.44 -11.68 54.58
N VAL M 669 53.47 -12.28 53.99
CA VAL M 669 54.19 -13.38 54.59
C VAL M 669 55.67 -13.02 54.64
N THR M 670 56.39 -13.67 55.54
CA THR M 670 57.81 -13.45 55.68
C THR M 670 58.54 -14.78 55.65
N ARG M 671 59.75 -14.76 55.14
CA ARG M 671 60.56 -15.98 55.10
C ARG M 671 61.95 -15.76 55.66
N GLN M 672 62.20 -14.65 56.35
CA GLN M 672 63.51 -14.38 56.92
C GLN M 672 63.38 -13.23 57.89
N SER M 673 64.52 -12.78 58.42
CA SER M 673 64.56 -11.71 59.40
C SER M 673 65.64 -10.72 59.03
N ARG M 674 65.55 -9.51 59.60
CA ARG M 674 66.48 -8.46 59.26
C ARG M 674 67.82 -8.69 59.95
N ASP M 675 68.66 -7.66 59.92
CA ASP M 675 70.05 -7.79 60.32
C ASP M 675 70.19 -8.19 61.78
N THR M 676 69.57 -7.45 62.69
CA THR M 676 69.80 -7.71 64.10
C THR M 676 68.59 -8.28 64.81
N ILE M 677 67.39 -8.10 64.26
CA ILE M 677 66.19 -8.56 64.92
C ILE M 677 66.16 -10.07 64.93
N THR M 678 65.83 -10.66 66.08
CA THR M 678 65.76 -12.11 66.22
C THR M 678 64.38 -12.59 66.63
N GLN M 679 63.45 -11.68 66.89
CA GLN M 679 62.11 -12.05 67.30
C GLN M 679 61.14 -11.77 66.16
N PRO M 680 60.43 -12.79 65.67
CA PRO M 680 59.54 -12.57 64.53
C PRO M 680 58.48 -11.51 64.78
N ALA M 681 58.03 -11.38 66.03
CA ALA M 681 57.02 -10.37 66.33
C ALA M 681 57.49 -8.97 66.05
N LEU M 682 58.81 -8.75 65.96
CA LEU M 682 59.35 -7.43 65.73
C LEU M 682 59.76 -7.19 64.28
N SER M 683 60.30 -8.20 63.61
CA SER M 683 60.73 -8.01 62.22
C SER M 683 59.61 -8.27 61.22
N LEU M 684 58.47 -8.78 61.66
CA LEU M 684 57.40 -9.14 60.72
C LEU M 684 56.88 -7.92 59.99
N SER M 685 56.71 -6.80 60.69
CA SER M 685 56.07 -5.63 60.09
C SER M 685 56.92 -5.03 58.97
N THR M 686 58.22 -5.32 58.92
CA THR M 686 59.09 -4.72 57.93
C THR M 686 59.71 -5.74 56.97
N THR M 687 59.47 -7.04 57.17
CA THR M 687 60.07 -8.05 56.33
C THR M 687 58.98 -8.93 55.71
N ASN M 688 57.81 -8.37 55.48
CA ASN M 688 56.70 -9.10 54.91
C ASN M 688 56.56 -8.79 53.43
N THR M 689 56.09 -9.78 52.69
CA THR M 689 55.88 -9.65 51.24
C THR M 689 54.38 -9.73 50.97
N THR M 690 53.83 -8.68 50.39
CA THR M 690 52.40 -8.64 50.14
C THR M 690 52.01 -9.72 49.16
N VAL M 691 50.83 -10.32 49.38
CA VAL M 691 50.33 -11.43 48.58
C VAL M 691 48.91 -11.14 48.17
N GLY M 692 48.60 -11.34 46.91
CA GLY M 692 47.25 -11.17 46.42
C GLY M 692 47.22 -10.93 44.93
N VAL M 693 46.06 -11.18 44.33
CA VAL M 693 45.86 -10.96 42.91
C VAL M 693 44.36 -10.85 42.61
N PRO M 694 43.94 -9.87 41.83
CA PRO M 694 42.54 -9.78 41.46
C PRO M 694 42.21 -10.70 40.28
N LEU M 695 40.95 -11.08 40.20
CA LEU M 695 40.44 -11.95 39.14
C LEU M 695 39.17 -11.35 38.57
N ALA M 696 39.06 -11.39 37.25
CA ALA M 696 37.97 -10.72 36.55
C ALA M 696 36.89 -11.71 36.16
N LEU M 697 35.64 -11.29 36.30
CA LEU M 697 34.48 -12.09 35.94
C LEU M 697 33.60 -11.30 34.99
N ASP M 698 32.52 -11.93 34.53
CA ASP M 698 31.58 -11.32 33.61
C ASP M 698 30.25 -11.13 34.31
N ALA M 699 29.78 -9.89 34.36
CA ALA M 699 28.53 -9.59 35.06
C ALA M 699 27.34 -10.20 34.33
N ARG M 700 27.37 -10.19 33.01
CA ARG M 700 26.22 -10.68 32.24
C ARG M 700 25.93 -12.14 32.56
N ALA M 701 26.98 -12.97 32.57
CA ALA M 701 26.77 -14.39 32.84
C ALA M 701 26.23 -14.61 34.24
N ILE M 702 26.75 -13.87 35.23
CA ILE M 702 26.30 -14.03 36.60
C ILE M 702 24.84 -13.65 36.72
N THR M 703 24.43 -12.55 36.10
CA THR M 703 23.02 -12.16 36.14
C THR M 703 22.15 -13.21 35.46
N VAL M 704 22.60 -13.72 34.31
CA VAL M 704 21.85 -14.77 33.63
C VAL M 704 21.63 -15.94 34.56
N ALA M 705 22.70 -16.37 35.24
CA ALA M 705 22.56 -17.47 36.18
C ALA M 705 21.57 -17.12 37.29
N LEU M 706 21.68 -15.92 37.84
CA LEU M 706 20.79 -15.52 38.93
C LEU M 706 19.33 -15.49 38.52
N LEU M 707 19.04 -15.28 37.24
CA LEU M 707 17.67 -15.15 36.80
C LEU M 707 17.05 -16.41 36.23
N SER M 708 17.79 -17.51 36.13
CA SER M 708 17.29 -18.66 35.39
C SER M 708 17.64 -19.97 36.09
N GLY M 709 17.40 -20.04 37.38
CA GLY M 709 17.61 -21.29 38.10
C GLY M 709 16.40 -22.20 38.01
N LYS M 710 16.66 -23.51 38.03
CA LYS M 710 15.59 -24.48 37.94
C LYS M 710 16.02 -25.77 38.61
N TYR M 711 15.17 -26.29 39.47
CA TYR M 711 15.38 -27.56 40.13
C TYR M 711 14.82 -28.70 39.29
N PRO M 712 15.28 -29.93 39.52
CA PRO M 712 14.62 -31.06 38.92
C PRO M 712 13.17 -31.12 39.36
N PRO M 713 12.30 -31.74 38.57
CA PRO M 713 10.86 -31.67 38.85
C PRO M 713 10.49 -32.19 40.24
N ASP M 714 10.87 -33.41 40.54
CA ASP M 714 10.57 -34.03 41.82
C ASP M 714 11.88 -34.16 42.58
N LEU M 715 12.19 -33.14 43.38
CA LEU M 715 13.44 -33.06 44.10
C LEU M 715 13.22 -33.46 45.55
N VAL M 716 14.10 -34.31 46.08
CA VAL M 716 14.15 -34.64 47.49
C VAL M 716 15.60 -34.55 47.91
N THR M 717 15.93 -33.50 48.66
CA THR M 717 17.33 -33.16 48.91
C THR M 717 18.09 -34.31 49.57
N ASN M 718 17.50 -34.91 50.60
CA ASN M 718 18.22 -35.93 51.36
C ASN M 718 18.51 -37.17 50.51
N VAL M 719 17.77 -37.38 49.43
CA VAL M 719 18.06 -38.48 48.53
C VAL M 719 19.06 -38.06 47.46
N TRP M 720 18.85 -36.89 46.88
CA TRP M 720 19.74 -36.41 45.83
C TRP M 720 21.17 -36.32 46.34
N TYR M 721 21.36 -35.70 47.49
CA TYR M 721 22.71 -35.54 48.01
C TYR M 721 23.31 -36.88 48.42
N ALA M 722 22.49 -37.75 49.02
CA ALA M 722 22.99 -39.07 49.39
C ALA M 722 23.49 -39.82 48.16
N ASP M 723 22.83 -39.64 47.02
CA ASP M 723 23.32 -40.28 45.81
C ASP M 723 24.57 -39.58 45.27
N ALA M 724 24.56 -38.25 45.26
CA ALA M 724 25.61 -37.52 44.57
C ALA M 724 26.94 -37.58 45.31
N ILE M 725 26.91 -37.37 46.62
CA ILE M 725 28.17 -37.27 47.37
C ILE M 725 28.88 -38.61 47.45
N TYR M 726 28.12 -39.70 47.58
CA TYR M 726 28.63 -41.04 47.88
C TYR M 726 29.98 -41.36 47.24
N PRO M 727 30.14 -41.29 45.92
CA PRO M 727 31.42 -41.68 45.34
C PRO M 727 32.58 -40.81 45.77
N MET M 728 32.32 -39.55 46.10
CA MET M 728 33.42 -38.61 46.30
C MET M 728 34.16 -38.88 47.61
N TYR M 729 33.50 -39.47 48.59
CA TYR M 729 34.16 -39.86 49.83
C TYR M 729 34.64 -41.30 49.82
N ALA M 730 35.08 -41.77 48.66
CA ALA M 730 35.98 -42.91 48.56
C ALA M 730 37.37 -42.46 48.12
N ASP M 731 37.64 -41.17 48.16
CA ASP M 731 38.91 -40.60 47.72
C ASP M 731 39.86 -40.51 48.90
N THR M 732 41.15 -40.69 48.64
CA THR M 732 42.16 -40.74 49.68
C THR M 732 43.29 -39.74 49.46
N GLU M 733 43.04 -38.67 48.71
CA GLU M 733 44.10 -37.69 48.48
C GLU M 733 44.43 -36.91 49.75
N VAL M 734 43.43 -36.68 50.60
CA VAL M 734 43.62 -35.81 51.77
C VAL M 734 44.69 -36.38 52.69
N PHE M 735 44.66 -37.69 52.90
CA PHE M 735 45.65 -38.33 53.75
C PHE M 735 47.04 -38.17 53.17
N SER M 736 47.17 -38.33 51.86
CA SER M 736 48.45 -38.13 51.21
C SER M 736 48.94 -36.70 51.41
N ASN M 737 48.03 -35.73 51.32
CA ASN M 737 48.41 -34.35 51.59
C ASN M 737 48.89 -34.16 53.02
N LEU M 738 48.25 -34.85 53.96
CA LEU M 738 48.70 -34.77 55.35
C LEU M 738 50.13 -35.27 55.49
N GLN M 739 50.43 -36.41 54.87
CA GLN M 739 51.79 -36.94 54.94
C GLN M 739 52.78 -35.99 54.28
N ARG M 740 52.39 -35.40 53.15
CA ARG M 740 53.25 -34.43 52.49
C ARG M 740 53.54 -33.24 53.40
N ASP M 741 52.52 -32.77 54.11
CA ASP M 741 52.70 -31.63 55.01
C ASP M 741 53.67 -31.98 56.13
N MET M 742 53.52 -33.18 56.69
CA MET M 742 54.43 -33.58 57.77
C MET M 742 55.87 -33.61 57.26
N ILE M 743 56.08 -34.15 56.06
CA ILE M 743 57.42 -34.18 55.50
C ILE M 743 57.96 -32.77 55.31
N THR M 744 57.13 -31.85 54.81
CA THR M 744 57.59 -30.49 54.57
C THR M 744 58.03 -29.83 55.87
N CYS M 745 57.22 -29.95 56.92
CA CYS M 745 57.59 -29.34 58.19
C CYS M 745 58.86 -29.96 58.76
N GLU M 746 59.03 -31.27 58.59
CA GLU M 746 60.26 -31.92 59.02
C GLU M 746 61.46 -31.34 58.28
N ALA M 747 61.33 -31.17 56.96
CA ALA M 747 62.46 -30.75 56.15
C ALA M 747 62.88 -29.33 56.48
N VAL M 748 61.93 -28.44 56.77
CA VAL M 748 62.30 -27.06 57.07
C VAL M 748 63.18 -27.00 58.32
N GLN M 749 62.76 -27.71 59.36
CA GLN M 749 63.53 -27.72 60.61
C GLN M 749 64.89 -28.37 60.40
N THR M 750 64.94 -29.44 59.60
CA THR M 750 66.23 -30.05 59.31
C THR M 750 67.15 -29.05 58.62
N LEU M 751 66.62 -28.28 57.67
CA LEU M 751 67.41 -27.27 57.00
C LEU M 751 67.98 -26.27 57.98
N VAL M 752 67.13 -25.73 58.86
CA VAL M 752 67.63 -24.69 59.75
C VAL M 752 68.68 -25.27 60.71
N THR M 753 68.46 -26.51 61.18
CA THR M 753 69.41 -27.10 62.11
C THR M 753 70.76 -27.32 61.44
N LEU M 754 70.77 -27.87 60.23
CA LEU M 754 72.04 -28.09 59.55
C LEU M 754 72.74 -26.78 59.23
N VAL M 755 71.99 -25.78 58.76
CA VAL M 755 72.64 -24.51 58.42
C VAL M 755 73.22 -23.86 59.67
N ALA M 756 72.58 -24.04 60.82
CA ALA M 756 73.07 -23.44 62.05
C ALA M 756 74.48 -23.88 62.40
N GLN M 757 74.92 -25.03 61.89
CA GLN M 757 76.25 -25.53 62.26
C GLN M 757 77.37 -24.74 61.58
N ILE M 758 77.23 -24.41 60.30
CA ILE M 758 78.31 -23.76 59.57
C ILE M 758 78.19 -22.25 59.55
N SER M 759 77.07 -21.69 59.97
CA SER M 759 76.88 -20.25 60.01
C SER M 759 76.21 -19.88 61.32
N GLU M 760 76.15 -18.59 61.60
CA GLU M 760 75.57 -18.08 62.83
C GLU M 760 74.13 -17.68 62.58
N THR M 761 73.22 -18.20 63.39
CA THR M 761 71.80 -17.90 63.28
C THR M 761 71.27 -17.52 64.66
N GLN M 762 69.96 -17.32 64.74
CA GLN M 762 69.30 -16.92 65.97
C GLN M 762 68.67 -18.08 66.71
N TYR M 763 68.86 -19.30 66.24
CA TYR M 763 68.17 -20.30 67.05
C TYR M 763 69.15 -20.96 68.01
N PRO M 764 68.70 -21.35 69.20
CA PRO M 764 69.57 -22.09 70.10
C PRO M 764 69.91 -23.45 69.50
N VAL M 765 71.18 -23.84 69.61
CA VAL M 765 71.61 -25.09 69.01
C VAL M 765 72.96 -25.51 69.58
N ASP M 766 73.15 -26.82 69.71
CA ASP M 766 74.40 -27.38 70.19
C ASP M 766 75.41 -27.47 69.04
N ARG M 767 76.66 -27.78 69.40
CA ARG M 767 77.75 -27.70 68.42
C ARG M 767 78.83 -28.69 68.83
N TYR M 768 78.94 -29.80 68.09
CA TYR M 768 79.97 -30.79 68.36
C TYR M 768 81.03 -30.89 67.27
N LEU M 769 80.87 -30.16 66.17
CA LEU M 769 81.79 -30.25 65.05
C LEU M 769 82.61 -28.97 64.88
N ASP M 770 82.88 -28.28 65.99
CA ASP M 770 83.69 -27.07 65.90
C ASP M 770 85.16 -27.39 65.70
N TRP M 771 85.62 -28.54 66.18
CA TRP M 771 87.02 -28.88 66.02
C TRP M 771 87.39 -29.16 64.58
N ILE M 772 86.41 -29.53 63.76
CA ILE M 772 86.67 -29.72 62.32
C ILE M 772 86.80 -28.35 61.67
N PRO M 773 87.89 -28.09 60.93
CA PRO M 773 88.06 -26.76 60.33
C PRO M 773 87.01 -26.48 59.28
N SER M 774 86.69 -25.21 59.12
CA SER M 774 85.69 -24.77 58.15
C SER M 774 86.01 -23.35 57.70
N LEU M 775 85.43 -22.97 56.57
CA LEU M 775 85.67 -21.65 56.00
C LEU M 775 84.74 -20.63 56.65
N ARG M 776 84.86 -19.38 56.18
CA ARG M 776 83.96 -18.31 56.59
C ARG M 776 82.76 -18.33 55.67
N ALA M 777 81.64 -18.86 56.16
CA ALA M 777 80.48 -19.08 55.31
C ALA M 777 79.89 -17.77 54.84
N SER M 778 79.59 -17.69 53.55
CA SER M 778 78.91 -16.55 52.95
C SER M 778 77.50 -16.96 52.53
N ALA M 779 76.78 -16.00 51.95
CA ALA M 779 75.43 -16.30 51.48
C ALA M 779 75.45 -17.37 50.41
N ALA M 780 76.41 -17.30 49.48
CA ALA M 780 76.49 -18.29 48.42
C ALA M 780 76.75 -19.68 48.96
N THR M 781 77.65 -19.80 49.93
CA THR M 781 77.92 -21.10 50.52
C THR M 781 76.68 -21.66 51.20
N ALA M 782 75.95 -20.82 51.93
CA ALA M 782 74.73 -21.27 52.58
C ALA M 782 73.71 -21.72 51.56
N ALA M 783 73.57 -20.97 50.46
CA ALA M 783 72.60 -21.35 49.44
C ALA M 783 72.97 -22.69 48.81
N THR M 784 74.24 -22.90 48.50
CA THR M 784 74.65 -24.17 47.93
C THR M 784 74.41 -25.32 48.90
N PHE M 785 74.74 -25.11 50.16
CA PHE M 785 74.53 -26.16 51.15
C PHE M 785 73.06 -26.49 51.28
N ALA M 786 72.20 -25.46 51.29
CA ALA M 786 70.77 -25.69 51.39
C ALA M 786 70.26 -26.44 50.17
N GLU M 787 70.76 -26.11 48.98
CA GLU M 787 70.34 -26.83 47.79
C GLU M 787 70.73 -28.29 47.86
N TRP M 788 71.94 -28.57 48.35
CA TRP M 788 72.34 -29.97 48.50
C TRP M 788 71.45 -30.70 49.49
N VAL M 789 71.12 -30.05 50.60
CA VAL M 789 70.22 -30.67 51.58
C VAL M 789 68.87 -30.96 50.95
N ASN M 790 68.34 -30.00 50.20
CA ASN M 790 67.04 -30.18 49.57
C ASN M 790 67.07 -31.34 48.59
N THR M 791 68.12 -31.43 47.78
CA THR M 791 68.22 -32.54 46.84
C THR M 791 68.27 -33.87 47.56
N SER M 792 69.07 -33.96 48.61
CA SER M 792 69.16 -35.22 49.34
C SER M 792 67.82 -35.62 49.94
N MET M 793 67.13 -34.66 50.55
CA MET M 793 65.84 -34.96 51.15
C MET M 793 64.82 -35.39 50.09
N LYS M 794 64.82 -34.72 48.94
CA LYS M 794 63.89 -35.11 47.88
C LYS M 794 64.19 -36.52 47.40
N THR M 795 65.48 -36.85 47.24
CA THR M 795 65.83 -38.18 46.79
C THR M 795 65.41 -39.24 47.78
N ALA M 796 65.61 -38.99 49.07
CA ALA M 796 65.37 -40.04 50.06
C ALA M 796 63.91 -40.45 50.13
N PHE M 797 62.99 -39.53 49.90
CA PHE M 797 61.56 -39.81 50.07
C PHE M 797 60.83 -39.97 48.74
N ASP M 798 61.54 -40.02 47.63
CA ASP M 798 60.96 -40.20 46.30
C ASP M 798 59.98 -39.08 45.98
N LEU M 799 60.50 -37.86 46.04
CA LEU M 799 59.78 -36.66 45.63
C LEU M 799 60.39 -36.11 44.35
N SER M 800 59.53 -35.64 43.45
CA SER M 800 59.99 -35.08 42.20
C SER M 800 59.68 -33.61 42.04
N ASP M 801 58.62 -33.12 42.67
CA ASP M 801 58.23 -31.72 42.55
C ASP M 801 59.04 -30.88 43.53
N MET M 802 58.66 -29.61 43.69
CA MET M 802 59.45 -28.67 44.46
C MET M 802 59.35 -28.96 45.95
N LEU M 803 60.45 -28.71 46.66
CA LEU M 803 60.51 -28.80 48.12
C LEU M 803 61.53 -27.78 48.59
N LEU M 804 61.09 -26.85 49.43
CA LEU M 804 61.90 -25.80 50.04
C LEU M 804 62.38 -24.73 49.07
N GLU M 805 62.16 -24.89 47.76
CA GLU M 805 62.55 -23.83 46.84
C GLU M 805 61.95 -22.48 47.19
N PRO M 806 60.71 -22.37 47.65
CA PRO M 806 60.24 -21.06 48.12
C PRO M 806 61.13 -20.47 49.20
N LEU M 807 61.69 -21.30 50.08
CA LEU M 807 62.67 -20.81 51.04
C LEU M 807 64.05 -20.60 50.42
N LEU M 808 64.42 -21.43 49.45
CA LEU M 808 65.79 -21.45 48.97
C LEU M 808 66.21 -20.17 48.26
N SER M 809 65.26 -19.30 47.92
CA SER M 809 65.62 -18.09 47.21
C SER M 809 66.49 -17.19 48.07
N GLY M 810 67.78 -17.13 47.78
CA GLY M 810 68.65 -16.17 48.44
C GLY M 810 69.30 -16.74 49.68
N ASP M 811 69.27 -15.97 50.76
CA ASP M 811 69.99 -16.29 51.99
C ASP M 811 69.06 -17.02 52.95
N PRO M 812 69.31 -18.29 53.26
CA PRO M 812 68.49 -19.01 54.25
C PRO M 812 69.05 -19.02 55.67
N ARG M 813 70.05 -18.19 55.96
CA ARG M 813 70.67 -18.25 57.29
C ARG M 813 69.80 -17.69 58.39
N MET M 814 68.70 -17.01 58.06
CA MET M 814 67.85 -16.40 59.08
C MET M 814 66.38 -16.66 58.78
N THR M 815 66.05 -17.90 58.42
CA THR M 815 64.69 -18.22 58.03
C THR M 815 63.73 -18.12 59.20
N GLN M 816 62.49 -17.74 58.90
CA GLN M 816 61.42 -17.70 59.86
C GLN M 816 60.11 -17.65 59.09
N LEU M 817 59.04 -18.14 59.72
CA LEU M 817 57.74 -18.22 59.07
C LEU M 817 56.72 -17.44 59.88
N ALA M 818 56.01 -16.53 59.22
CA ALA M 818 54.95 -15.77 59.87
C ALA M 818 54.08 -15.14 58.78
N ILE M 819 52.89 -14.73 59.18
CA ILE M 819 51.93 -14.13 58.27
C ILE M 819 51.10 -13.12 59.04
N GLN M 820 50.73 -12.03 58.37
CA GLN M 820 50.00 -10.95 59.01
C GLN M 820 49.06 -10.30 58.00
N TYR M 821 48.11 -9.53 58.52
CA TYR M 821 47.26 -8.73 57.65
C TYR M 821 46.77 -7.51 58.42
N GLN M 822 46.38 -6.49 57.68
CA GLN M 822 46.13 -5.17 58.23
C GLN M 822 44.79 -4.64 57.77
N GLN M 823 44.06 -4.01 58.69
CA GLN M 823 42.81 -3.34 58.36
C GLN M 823 43.10 -1.94 57.82
N TYR M 824 42.04 -1.24 57.42
CA TYR M 824 42.20 0.12 56.93
C TYR M 824 42.59 1.06 58.07
N ASN M 825 42.11 0.79 59.28
CA ASN M 825 42.39 1.67 60.41
C ASN M 825 43.75 1.43 61.03
N GLY M 826 44.49 0.44 60.55
CA GLY M 826 45.85 0.21 60.99
C GLY M 826 46.04 -0.95 61.94
N ARG M 827 44.97 -1.50 62.50
CA ARG M 827 45.11 -2.65 63.39
C ARG M 827 45.60 -3.85 62.60
N THR M 828 46.64 -4.50 63.10
CA THR M 828 47.26 -5.62 62.42
C THR M 828 47.12 -6.88 63.25
N PHE M 829 47.03 -8.01 62.57
CA PHE M 829 46.89 -9.31 63.22
C PHE M 829 48.01 -10.22 62.73
N ASN M 830 48.74 -10.81 63.67
CA ASN M 830 49.85 -11.69 63.35
C ASN M 830 49.50 -13.13 63.72
N ILE M 831 50.05 -14.07 62.96
CA ILE M 831 49.95 -15.49 63.25
C ILE M 831 51.34 -16.08 63.07
N ILE M 832 51.96 -16.49 64.16
CA ILE M 832 53.30 -17.08 64.15
C ILE M 832 53.18 -18.51 64.65
N PRO M 833 53.25 -19.51 63.77
CA PRO M 833 53.12 -20.90 64.22
C PRO M 833 54.34 -21.29 65.05
N GLU M 834 54.09 -21.80 66.24
CA GLU M 834 55.17 -22.15 67.16
C GLU M 834 55.73 -23.48 66.69
N MET M 835 56.96 -23.47 66.22
CA MET M 835 57.48 -24.56 65.39
C MET M 835 57.55 -25.87 66.16
N PRO M 836 56.94 -26.94 65.66
CA PRO M 836 56.94 -28.21 66.40
C PRO M 836 58.28 -28.90 66.31
N GLY M 837 58.36 -30.11 66.85
CA GLY M 837 59.60 -30.86 66.88
C GLY M 837 59.99 -31.40 65.51
N SER M 838 60.95 -32.32 65.52
CA SER M 838 61.45 -32.93 64.30
C SER M 838 62.28 -34.15 64.68
N VAL M 839 62.01 -35.28 64.03
CA VAL M 839 62.78 -36.47 64.34
C VAL M 839 64.07 -36.52 63.54
N ILE M 840 64.06 -36.03 62.30
CA ILE M 840 65.27 -36.03 61.49
C ILE M 840 66.34 -35.16 62.11
N ALA M 841 65.96 -33.95 62.53
CA ALA M 841 66.93 -33.05 63.13
C ALA M 841 67.48 -33.64 64.41
N ASP M 842 66.62 -34.22 65.25
CA ASP M 842 67.09 -34.82 66.48
C ASP M 842 68.03 -35.98 66.21
N CYS M 843 67.71 -36.80 65.21
CA CYS M 843 68.55 -37.97 64.94
C CYS M 843 69.90 -37.55 64.38
N VAL M 844 69.94 -36.55 63.51
CA VAL M 844 71.23 -36.10 63.00
C VAL M 844 72.02 -35.42 64.12
N GLN M 845 71.33 -34.73 65.03
CA GLN M 845 71.96 -34.19 66.21
C GLN M 845 72.60 -35.29 67.05
N LEU M 846 71.89 -36.41 67.22
CA LEU M 846 72.45 -37.54 67.95
C LEU M 846 73.66 -38.13 67.23
N THR M 847 73.56 -38.26 65.92
CA THR M 847 74.67 -38.82 65.14
C THR M 847 75.90 -37.93 65.24
N ALA M 848 75.70 -36.62 65.32
CA ALA M 848 76.83 -35.73 65.52
C ALA M 848 77.50 -36.02 66.85
N GLU M 849 76.72 -36.24 67.91
CA GLU M 849 77.30 -36.60 69.20
C GLU M 849 78.11 -37.88 69.10
N VAL M 850 77.55 -38.90 68.44
CA VAL M 850 78.24 -40.17 68.35
C VAL M 850 79.52 -40.02 67.55
N PHE M 851 79.49 -39.25 66.48
CA PHE M 851 80.69 -39.03 65.67
C PHE M 851 81.79 -38.38 66.48
N ASN M 852 81.44 -37.62 67.50
CA ASN M 852 82.44 -36.91 68.30
C ASN M 852 83.35 -37.85 69.07
N HIS M 853 83.00 -39.12 69.17
CA HIS M 853 83.84 -40.11 69.83
C HIS M 853 84.30 -41.23 68.90
N GLU M 854 83.57 -41.48 67.81
CA GLU M 854 83.89 -42.57 66.90
C GLU M 854 84.38 -42.05 65.55
N TYR M 855 85.07 -40.92 65.53
CA TYR M 855 85.50 -40.35 64.26
C TYR M 855 86.45 -41.26 63.53
N ASN M 856 87.16 -42.12 64.25
CA ASN M 856 88.10 -43.03 63.59
C ASN M 856 87.38 -44.00 62.67
N LEU M 857 86.20 -44.47 63.09
CA LEU M 857 85.46 -45.43 62.27
C LEU M 857 85.05 -44.83 60.93
N PHE M 858 84.95 -43.51 60.84
CA PHE M 858 84.58 -42.85 59.59
C PHE M 858 85.79 -42.43 58.78
N GLY M 859 86.97 -42.93 59.11
CA GLY M 859 88.16 -42.58 58.36
C GLY M 859 88.65 -41.18 58.59
N ILE M 860 88.31 -40.57 59.71
CA ILE M 860 88.76 -39.22 60.05
C ILE M 860 89.59 -39.30 61.31
N ALA M 861 90.79 -38.74 61.26
CA ALA M 861 91.66 -38.66 62.42
C ALA M 861 91.52 -37.29 63.06
N ARG M 862 91.80 -37.23 64.36
CA ARG M 862 91.67 -36.01 65.14
C ARG M 862 93.03 -35.56 65.65
N GLY M 863 93.21 -34.25 65.71
CA GLY M 863 94.43 -33.70 66.26
C GLY M 863 95.36 -33.11 65.22
N ASP M 864 96.65 -33.31 65.40
CA ASP M 864 97.67 -32.76 64.51
C ASP M 864 98.69 -33.85 64.20
N ILE M 865 99.65 -33.52 63.34
CA ILE M 865 100.68 -34.46 62.93
C ILE M 865 102.04 -33.82 63.16
N ILE M 866 103.04 -34.68 63.34
CA ILE M 866 104.40 -34.26 63.61
C ILE M 866 105.30 -34.90 62.56
N ILE M 867 106.10 -34.10 61.88
CA ILE M 867 106.95 -34.58 60.80
C ILE M 867 108.39 -34.52 61.31
N GLY M 868 109.02 -35.68 61.39
CA GLY M 868 110.39 -35.76 61.84
C GLY M 868 110.95 -37.16 61.71
N ARG M 869 112.24 -37.28 61.45
CA ARG M 869 112.85 -38.58 61.23
C ARG M 869 112.93 -39.36 62.53
N VAL M 870 112.47 -40.61 62.50
CA VAL M 870 112.56 -41.49 63.66
C VAL M 870 113.01 -42.86 63.19
N GLN M 871 114.28 -43.18 63.39
CA GLN M 871 114.84 -44.46 62.97
C GLN M 871 115.06 -45.33 64.18
N SER M 872 114.41 -46.49 64.20
CA SER M 872 114.55 -47.43 65.31
C SER M 872 113.95 -48.75 64.86
N THR M 873 114.06 -49.74 65.72
CA THR M 873 113.48 -51.06 65.48
C THR M 873 112.22 -51.32 66.28
N HIS M 874 111.83 -50.38 67.14
CA HIS M 874 110.67 -50.57 67.99
C HIS M 874 109.40 -50.56 67.15
N LEU M 875 108.39 -51.29 67.63
CA LEU M 875 107.20 -51.58 66.84
C LEU M 875 105.95 -50.92 67.41
N TRP M 876 106.06 -49.70 67.89
CA TRP M 876 104.86 -49.00 68.30
C TRP M 876 104.10 -48.51 67.08
N SER M 877 102.81 -48.38 67.22
CA SER M 877 101.98 -47.91 66.11
C SER M 877 102.10 -46.41 65.98
N PRO M 878 102.31 -45.88 64.77
CA PRO M 878 102.37 -44.43 64.61
C PRO M 878 101.07 -43.73 64.94
N LEU M 879 99.96 -44.45 64.98
CA LEU M 879 98.70 -43.86 65.43
C LEU M 879 98.58 -43.81 66.94
N ALA M 880 99.46 -44.51 67.66
CA ALA M 880 99.50 -44.47 69.13
C ALA M 880 100.94 -44.23 69.54
N PRO M 881 101.47 -43.05 69.26
CA PRO M 881 102.90 -42.80 69.48
C PRO M 881 103.22 -42.73 70.95
N PRO M 882 104.46 -43.06 71.34
CA PRO M 882 104.86 -42.84 72.72
C PRO M 882 104.86 -41.35 73.04
N PRO M 883 104.50 -40.98 74.27
CA PRO M 883 104.34 -39.56 74.58
C PRO M 883 105.60 -38.74 74.44
N ASP M 884 106.76 -39.32 74.71
CA ASP M 884 107.99 -38.55 74.73
C ASP M 884 108.41 -38.04 73.36
N LEU M 885 107.78 -38.52 72.29
CA LEU M 885 108.14 -38.07 70.95
C LEU M 885 107.35 -36.86 70.48
N VAL M 886 106.33 -36.43 71.21
CA VAL M 886 105.49 -35.34 70.76
C VAL M 886 105.76 -34.11 71.61
N PHE M 887 105.47 -32.95 71.03
CA PHE M 887 105.59 -31.68 71.73
C PHE M 887 104.40 -30.82 71.38
N ASP M 888 104.27 -29.70 72.07
CA ASP M 888 103.12 -28.83 71.90
C ASP M 888 103.52 -27.40 72.25
N ARG M 889 102.52 -26.52 72.35
CA ARG M 889 102.80 -25.10 72.46
C ARG M 889 103.53 -24.75 73.75
N ASP M 890 103.13 -25.35 74.87
CA ASP M 890 103.74 -25.03 76.15
C ASP M 890 105.01 -25.80 76.44
N THR M 891 105.40 -26.72 75.55
CA THR M 891 106.62 -27.46 75.76
C THR M 891 107.80 -26.50 75.75
N PRO M 892 108.74 -26.62 76.68
CA PRO M 892 109.88 -25.70 76.70
C PRO M 892 110.70 -25.80 75.42
N GLY M 893 111.23 -24.67 74.99
CA GLY M 893 112.10 -24.63 73.83
C GLY M 893 111.45 -24.99 72.51
N VAL M 894 110.25 -24.46 72.26
CA VAL M 894 109.60 -24.63 70.97
C VAL M 894 109.47 -23.26 70.32
N HIS M 895 109.23 -23.27 69.01
CA HIS M 895 109.13 -22.05 68.23
C HIS M 895 107.79 -22.04 67.52
N ILE M 896 106.99 -21.02 67.77
CA ILE M 896 105.68 -20.87 67.14
C ILE M 896 105.81 -19.87 66.01
N PHE M 897 105.10 -20.11 64.92
CA PHE M 897 105.22 -19.28 63.73
C PHE M 897 103.85 -18.77 63.30
N GLY M 898 103.77 -17.47 63.08
CA GLY M 898 102.55 -16.84 62.62
C GLY M 898 102.67 -16.34 61.19
N ARG M 899 101.77 -15.45 60.79
CA ARG M 899 101.62 -15.13 59.37
C ARG M 899 102.86 -14.45 58.79
N ASP M 900 103.77 -14.00 59.63
CA ASP M 900 104.88 -13.16 59.20
C ASP M 900 106.10 -13.96 58.74
N CYS M 901 105.90 -15.14 58.16
CA CYS M 901 107.03 -15.96 57.72
C CYS M 901 107.90 -15.20 56.75
N ARG M 902 109.19 -15.13 57.05
CA ARG M 902 110.17 -14.52 56.17
C ARG M 902 111.56 -15.04 56.54
N ILE M 903 112.38 -15.25 55.53
CA ILE M 903 113.61 -16.02 55.67
C ILE M 903 114.78 -15.17 55.18
N SER M 904 115.85 -15.14 55.96
CA SER M 904 117.10 -14.50 55.57
C SER M 904 118.09 -15.58 55.19
N PHE M 905 118.57 -15.55 53.95
CA PHE M 905 119.47 -16.57 53.46
C PHE M 905 120.82 -16.47 54.14
N GLY M 906 121.46 -17.61 54.33
CA GLY M 906 122.79 -17.62 54.91
C GLY M 906 123.84 -17.17 53.91
N MET M 907 124.90 -16.55 54.43
CA MET M 907 125.95 -16.01 53.59
C MET M 907 127.30 -16.47 54.10
N ASN M 908 128.16 -16.89 53.18
CA ASN M 908 129.53 -17.28 53.49
C ASN M 908 129.58 -18.36 54.56
N GLY M 909 128.69 -19.33 54.45
CA GLY M 909 128.65 -20.45 55.36
C GLY M 909 127.72 -20.29 56.54
N ALA M 910 127.21 -19.09 56.80
CA ALA M 910 126.25 -18.91 57.87
C ALA M 910 124.96 -19.68 57.57
N ALA M 911 124.37 -20.17 58.58
CA ALA M 911 123.16 -20.93 58.31
C ALA M 911 121.98 -19.98 58.05
N PRO M 912 121.03 -20.41 57.23
CA PRO M 912 119.84 -19.58 57.00
C PRO M 912 118.98 -19.50 58.25
N MET M 913 118.16 -18.44 58.29
CA MET M 913 117.36 -18.14 59.47
C MET M 913 115.96 -17.73 59.05
N ILE M 914 115.00 -18.00 59.93
CA ILE M 914 113.62 -17.59 59.76
C ILE M 914 113.17 -16.91 61.05
N ARG M 915 112.23 -15.98 60.93
CA ARG M 915 111.86 -15.12 62.05
C ARG M 915 110.77 -15.79 62.88
N ASP M 916 111.05 -15.94 64.17
CA ASP M 916 110.12 -16.51 65.13
C ASP M 916 108.91 -15.59 65.29
N GLU M 917 107.92 -16.08 66.03
CA GLU M 917 106.78 -15.23 66.38
C GLU M 917 107.21 -14.06 67.25
N THR M 918 108.09 -14.30 68.21
CA THR M 918 108.53 -13.29 69.15
C THR M 918 109.56 -12.34 68.59
N GLY M 919 109.83 -12.40 67.28
CA GLY M 919 110.78 -11.50 66.67
C GLY M 919 112.21 -12.01 66.61
N LEU M 920 112.46 -13.24 67.05
CA LEU M 920 113.77 -13.84 66.96
C LEU M 920 113.93 -14.53 65.61
N MET M 921 115.17 -14.66 65.17
CA MET M 921 115.49 -15.42 63.97
C MET M 921 116.28 -16.66 64.38
N VAL M 922 115.81 -17.83 63.94
CA VAL M 922 116.35 -19.09 64.42
C VAL M 922 116.81 -19.94 63.24
N PRO M 923 117.78 -20.83 63.45
CA PRO M 923 118.20 -21.71 62.35
C PRO M 923 117.20 -22.82 62.11
N PHE M 924 117.46 -23.59 61.06
CA PHE M 924 116.56 -24.66 60.62
C PHE M 924 116.82 -25.93 61.42
N GLU M 925 116.40 -25.89 62.68
CA GLU M 925 116.52 -27.07 63.53
C GLU M 925 115.65 -26.87 64.76
N GLY M 926 115.45 -27.96 65.50
CA GLY M 926 114.65 -27.92 66.70
C GLY M 926 113.22 -28.38 66.47
N ASN M 927 112.29 -27.85 67.26
CA ASN M 927 110.89 -28.20 67.15
C ASN M 927 110.08 -26.95 66.84
N TRP M 928 109.27 -27.03 65.79
CA TRP M 928 108.48 -25.90 65.33
C TRP M 928 107.01 -26.26 65.35
N ILE M 929 106.17 -25.23 65.27
CA ILE M 929 104.72 -25.39 65.25
C ILE M 929 104.17 -24.51 64.15
N PHE M 930 103.37 -25.09 63.26
CA PHE M 930 102.89 -24.43 62.06
C PHE M 930 101.39 -24.52 61.96
N PRO M 931 100.69 -23.43 61.65
CA PRO M 931 99.34 -23.56 61.11
C PRO M 931 99.41 -24.03 59.67
N LEU M 932 98.51 -24.93 59.29
CA LEU M 932 98.60 -25.57 57.99
C LEU M 932 98.45 -24.56 56.86
N ALA M 933 97.55 -23.59 57.01
CA ALA M 933 97.32 -22.62 55.94
C ALA M 933 98.61 -21.91 55.57
N LEU M 934 99.50 -21.69 56.53
CA LEU M 934 100.75 -21.01 56.24
C LEU M 934 101.60 -21.83 55.28
N TRP M 935 101.64 -23.14 55.47
CA TRP M 935 102.34 -24.00 54.52
C TRP M 935 101.60 -24.05 53.18
N GLN M 936 100.27 -24.00 53.21
CA GLN M 936 99.53 -24.01 51.97
C GLN M 936 99.91 -22.82 51.10
N MET M 937 100.04 -21.65 51.71
CA MET M 937 100.30 -20.46 50.90
C MET M 937 101.74 -20.36 50.44
N ASN M 938 102.64 -21.23 50.90
CA ASN M 938 104.03 -21.18 50.46
C ASN M 938 104.57 -22.58 50.24
N THR M 939 103.72 -23.47 49.74
CA THR M 939 104.12 -24.85 49.45
C THR M 939 105.48 -24.95 48.80
N ARG M 940 105.66 -24.38 47.62
CA ARG M 940 106.87 -24.62 46.85
C ARG M 940 108.10 -24.11 47.58
N TYR M 941 108.04 -22.87 48.05
CA TYR M 941 109.17 -22.25 48.70
C TYR M 941 109.54 -23.00 49.97
N PHE M 942 108.55 -23.37 50.77
CA PHE M 942 108.82 -24.09 52.00
C PHE M 942 109.39 -25.47 51.73
N ASN M 943 108.84 -26.18 50.74
CA ASN M 943 109.39 -27.47 50.38
C ASN M 943 110.86 -27.34 50.04
N GLN M 944 111.18 -26.45 49.12
CA GLN M 944 112.55 -26.30 48.66
C GLN M 944 113.48 -25.86 49.78
N GLN M 945 112.98 -25.10 50.75
CA GLN M 945 113.83 -24.67 51.85
C GLN M 945 114.04 -25.73 52.92
N PHE M 946 113.00 -26.48 53.26
CA PHE M 946 113.07 -27.31 54.46
C PHE M 946 113.31 -28.79 54.20
N ASP M 947 112.89 -29.32 53.04
CA ASP M 947 112.88 -30.76 52.86
C ASP M 947 114.26 -31.37 53.12
N ALA M 948 115.32 -30.66 52.77
CA ALA M 948 116.66 -31.18 53.00
C ALA M 948 116.92 -31.41 54.48
N TRP M 949 116.50 -30.48 55.33
CA TRP M 949 116.71 -30.64 56.76
C TRP M 949 115.74 -31.65 57.35
N ILE M 950 114.51 -31.73 56.82
CA ILE M 950 113.58 -32.73 57.31
C ILE M 950 114.13 -34.13 57.07
N LYS M 951 114.64 -34.38 55.86
CA LYS M 951 114.99 -35.73 55.46
C LYS M 951 116.16 -36.26 56.29
N THR M 952 117.21 -35.49 56.41
CA THR M 952 118.42 -35.95 57.06
C THR M 952 118.94 -35.04 58.15
N GLY M 953 118.42 -33.84 58.30
CA GLY M 953 118.92 -32.93 59.31
C GLY M 953 118.39 -33.23 60.69
N GLU M 954 118.09 -32.18 61.46
CA GLU M 954 117.60 -32.35 62.82
C GLU M 954 116.42 -31.45 63.11
N LEU M 955 115.55 -31.25 62.13
CA LEU M 955 114.42 -30.35 62.28
C LEU M 955 113.12 -31.14 62.28
N ARG M 956 112.24 -30.82 63.22
CA ARG M 956 110.98 -31.52 63.40
C ARG M 956 109.85 -30.50 63.50
N ILE M 957 108.76 -30.76 62.81
CA ILE M 957 107.68 -29.80 62.67
C ILE M 957 106.37 -30.44 63.10
N ARG M 958 105.54 -29.68 63.80
CA ARG M 958 104.19 -30.07 64.13
C ARG M 958 103.22 -29.18 63.35
N ILE M 959 102.36 -29.81 62.56
CA ILE M 959 101.42 -29.09 61.71
C ILE M 959 100.06 -29.10 62.39
N GLU M 960 99.57 -27.94 62.77
CA GLU M 960 98.27 -27.84 63.41
C GLU M 960 97.19 -28.02 62.35
N MET M 961 96.36 -29.04 62.51
CA MET M 961 95.40 -29.36 61.47
C MET M 961 93.97 -29.47 61.98
N GLY M 962 93.77 -30.00 63.18
CA GLY M 962 92.43 -30.23 63.68
C GLY M 962 91.89 -31.59 63.30
N ALA M 963 91.55 -31.77 62.03
CA ALA M 963 91.04 -33.05 61.55
C ALA M 963 91.54 -33.28 60.13
N TYR M 964 91.64 -34.55 59.76
CA TYR M 964 92.18 -34.90 58.45
C TYR M 964 91.93 -36.36 58.12
N PRO M 965 91.70 -36.69 56.86
CA PRO M 965 91.63 -38.09 56.46
C PRO M 965 93.01 -38.72 56.46
N TYR M 966 93.04 -40.05 56.53
CA TYR M 966 94.30 -40.78 56.61
C TYR M 966 94.20 -42.06 55.82
N MET M 967 95.36 -42.57 55.41
CA MET M 967 95.46 -43.80 54.64
C MET M 967 96.65 -44.59 55.15
N LEU M 968 96.45 -45.89 55.34
CA LEU M 968 97.43 -46.73 56.00
C LEU M 968 98.22 -47.56 54.99
N HIS M 969 99.48 -47.81 55.32
CA HIS M 969 100.36 -48.67 54.53
C HIS M 969 101.03 -49.64 55.48
N TYR M 970 100.70 -50.92 55.37
CA TYR M 970 101.31 -51.90 56.24
C TYR M 970 102.63 -52.39 55.64
N TYR M 971 103.48 -52.95 56.49
CA TYR M 971 104.79 -53.40 56.04
C TYR M 971 105.27 -54.54 56.93
N ASP M 972 106.21 -55.30 56.38
CA ASP M 972 106.76 -56.45 57.09
C ASP M 972 107.81 -55.99 58.08
N PRO M 973 107.68 -56.30 59.37
CA PRO M 973 108.70 -55.88 60.33
C PRO M 973 110.09 -56.42 60.04
N ARG M 974 110.19 -57.62 59.49
CA ARG M 974 111.49 -58.28 59.41
C ARG M 974 112.40 -57.71 58.31
N GLN M 975 111.89 -56.87 57.43
CA GLN M 975 112.71 -56.27 56.39
C GLN M 975 112.79 -54.77 56.57
N TYR M 976 113.84 -54.20 55.97
CA TYR M 976 114.03 -52.76 56.03
C TYR M 976 112.86 -52.05 55.37
N ALA M 977 112.49 -50.89 55.93
CA ALA M 977 111.36 -50.14 55.41
C ALA M 977 111.58 -48.67 55.69
N ASN M 978 111.63 -47.86 54.63
CA ASN M 978 111.82 -46.42 54.73
C ASN M 978 110.58 -45.73 54.18
N ALA M 979 110.04 -44.78 54.93
CA ALA M 979 108.80 -44.12 54.58
C ALA M 979 109.02 -42.75 53.96
N TRP M 980 110.25 -42.43 53.56
CA TRP M 980 110.53 -41.08 53.10
C TRP M 980 109.77 -40.75 51.83
N ASN M 981 109.64 -41.72 50.92
CA ASN M 981 108.97 -41.44 49.65
C ASN M 981 107.52 -41.03 49.87
N LEU M 982 106.82 -41.73 50.75
CA LEU M 982 105.41 -41.42 50.99
C LEU M 982 105.25 -40.00 51.53
N THR M 983 106.06 -39.64 52.52
CA THR M 983 105.94 -38.33 53.14
C THR M 983 106.35 -37.23 52.16
N SER M 984 107.40 -37.48 51.37
CA SER M 984 107.81 -36.49 50.38
C SER M 984 106.71 -36.25 49.37
N ALA M 985 106.08 -37.33 48.90
CA ALA M 985 104.96 -37.17 47.98
C ALA M 985 103.83 -36.39 48.62
N TRP M 986 103.52 -36.68 49.89
CA TRP M 986 102.44 -35.97 50.55
C TRP M 986 102.76 -34.49 50.67
N LEU M 987 103.99 -34.16 51.08
CA LEU M 987 104.36 -32.75 51.24
C LEU M 987 104.30 -32.02 49.91
N GLU M 988 104.79 -32.66 48.85
CA GLU M 988 104.90 -31.94 47.58
C GLU M 988 103.55 -31.69 46.92
N GLU M 989 102.51 -32.42 47.30
CA GLU M 989 101.21 -32.23 46.71
C GLU M 989 100.33 -31.26 47.50
N ILE M 990 100.83 -30.69 48.59
CA ILE M 990 100.05 -29.71 49.33
C ILE M 990 99.83 -28.49 48.45
N THR M 991 98.59 -28.02 48.41
CA THR M 991 98.20 -26.96 47.51
C THR M 991 97.38 -25.93 48.28
N PRO M 992 97.50 -24.65 47.95
CA PRO M 992 96.73 -23.63 48.69
C PRO M 992 95.23 -23.82 48.60
N THR M 993 94.77 -24.85 47.92
CA THR M 993 93.36 -25.20 47.91
C THR M 993 93.09 -26.67 48.15
N SER M 994 94.11 -27.49 48.36
CA SER M 994 93.86 -28.92 48.52
C SER M 994 95.04 -29.58 49.20
N ILE M 995 94.76 -30.66 49.93
CA ILE M 995 95.79 -31.51 50.51
C ILE M 995 95.40 -32.96 50.23
N PRO M 996 96.37 -33.86 50.13
CA PRO M 996 96.05 -35.28 50.00
C PRO M 996 96.01 -35.98 51.36
N SER M 997 95.48 -37.21 51.33
CA SER M 997 95.33 -37.98 52.56
C SER M 997 96.68 -38.23 53.21
N VAL M 998 96.71 -38.15 54.53
CA VAL M 998 97.97 -38.34 55.25
C VAL M 998 98.34 -39.82 55.24
N PRO M 999 99.54 -40.18 54.77
CA PRO M 999 99.95 -41.59 54.78
C PRO M 999 100.67 -41.98 56.06
N PHE M 1000 100.32 -43.15 56.57
CA PHE M 1000 100.96 -43.71 57.76
C PHE M 1000 101.53 -45.08 57.43
N MET M 1001 102.72 -45.35 57.93
CA MET M 1001 103.38 -46.64 57.77
C MET M 1001 103.32 -47.37 59.10
N VAL M 1002 102.64 -48.51 59.13
CA VAL M 1002 102.33 -49.21 60.37
C VAL M 1002 102.75 -50.67 60.26
N PRO M 1003 103.37 -51.25 61.29
CA PRO M 1003 103.84 -52.62 61.20
C PRO M 1003 102.69 -53.61 61.24
N ILE M 1004 103.03 -54.87 60.96
CA ILE M 1004 102.09 -55.98 60.92
C ILE M 1004 102.37 -56.88 62.12
N SER M 1005 101.41 -56.96 63.03
CA SER M 1005 101.61 -57.74 64.24
C SER M 1005 101.70 -59.23 63.91
N SER M 1006 102.55 -59.92 64.66
CA SER M 1006 102.76 -61.36 64.49
C SER M 1006 102.32 -62.10 65.74
N ASP M 1007 102.36 -63.43 65.64
CA ASP M 1007 101.97 -64.29 66.75
C ASP M 1007 103.07 -65.27 67.14
N HIS M 1008 104.27 -65.09 66.60
CA HIS M 1008 105.41 -65.91 66.98
C HIS M 1008 106.65 -65.06 66.91
N ASP M 1009 107.70 -65.52 67.58
CA ASP M 1009 108.95 -64.76 67.63
C ASP M 1009 109.46 -64.49 66.21
N ILE M 1010 109.89 -63.25 65.98
CA ILE M 1010 110.44 -62.84 64.70
C ILE M 1010 111.69 -62.03 64.94
N SER M 1011 112.50 -61.89 63.90
CA SER M 1011 113.66 -61.03 63.97
C SER M 1011 113.22 -59.57 63.88
N SER M 1012 114.19 -58.67 63.87
CA SER M 1012 113.91 -57.25 63.86
C SER M 1012 114.82 -56.55 62.85
N ALA M 1013 114.28 -55.52 62.20
CA ALA M 1013 114.99 -54.77 61.20
C ALA M 1013 114.70 -53.28 61.37
N PRO M 1014 115.63 -52.41 60.99
CA PRO M 1014 115.40 -50.98 61.16
C PRO M 1014 114.25 -50.50 60.29
N ALA M 1015 113.57 -49.46 60.77
CA ALA M 1015 112.41 -48.92 60.07
C ALA M 1015 112.39 -47.42 60.30
N VAL M 1016 112.38 -46.65 59.22
CA VAL M 1016 112.45 -45.20 59.28
C VAL M 1016 111.05 -44.63 59.08
N GLN M 1017 110.59 -43.83 60.03
CA GLN M 1017 109.28 -43.21 59.95
C GLN M 1017 109.43 -41.70 60.01
N TYR M 1018 108.45 -40.99 59.45
CA TYR M 1018 108.55 -39.54 59.39
C TYR M 1018 107.30 -38.85 59.91
N ILE M 1019 106.15 -39.50 59.85
CA ILE M 1019 104.89 -38.91 60.27
C ILE M 1019 104.29 -39.73 61.39
N ILE M 1020 103.96 -39.09 62.49
CA ILE M 1020 103.22 -39.70 63.58
C ILE M 1020 102.10 -38.75 63.98
N SER M 1021 101.03 -39.32 64.51
CA SER M 1021 99.92 -38.50 64.98
C SER M 1021 100.26 -37.91 66.34
N THR M 1022 99.41 -36.97 66.77
CA THR M 1022 99.63 -36.30 68.05
C THR M 1022 98.91 -36.98 69.19
N GLU M 1023 97.67 -37.42 68.98
CA GLU M 1023 96.89 -38.10 70.00
C GLU M 1023 96.52 -39.48 69.50
N TYR M 1024 95.89 -40.26 70.37
CA TYR M 1024 95.42 -41.58 70.00
C TYR M 1024 94.40 -41.49 68.88
N ASN M 1025 94.60 -42.29 67.84
CA ASN M 1025 93.67 -42.31 66.72
C ASN M 1025 93.40 -43.72 66.22
N ASP M 1026 93.69 -44.74 67.02
CA ASP M 1026 93.65 -46.12 66.58
C ASP M 1026 92.40 -46.84 67.08
N ARG M 1027 91.28 -46.12 67.18
CA ARG M 1027 90.06 -46.74 67.67
C ARG M 1027 89.47 -47.70 66.65
N SER M 1028 89.77 -47.52 65.37
CA SER M 1028 89.19 -48.36 64.34
C SER M 1028 89.65 -49.80 64.43
N LEU M 1029 90.82 -50.06 65.02
CA LEU M 1029 91.37 -51.40 65.03
C LEU M 1029 90.49 -52.32 65.87
N PHE M 1030 90.26 -53.53 65.36
CA PHE M 1030 89.35 -54.46 66.00
C PHE M 1030 90.07 -55.58 66.73
N CYS M 1031 90.93 -56.33 66.05
CA CYS M 1031 91.66 -57.42 66.68
C CYS M 1031 92.90 -57.73 65.86
N THR M 1032 93.88 -58.35 66.52
CA THR M 1032 95.15 -58.67 65.90
C THR M 1032 95.46 -60.14 66.12
N ASN M 1033 95.84 -60.84 65.05
CA ASN M 1033 96.15 -62.27 65.10
C ASN M 1033 95.02 -63.04 65.77
N SER M 1034 93.80 -62.76 65.31
CA SER M 1034 92.62 -63.23 66.02
C SER M 1034 92.58 -64.74 66.15
N SER M 1035 93.01 -65.46 65.11
CA SER M 1035 92.96 -66.91 65.14
C SER M 1035 94.09 -67.53 65.93
N SER M 1036 95.04 -66.74 66.39
CA SER M 1036 96.17 -67.27 67.15
C SER M 1036 95.87 -67.24 68.64
N PRO M 1037 96.58 -68.05 69.42
CA PRO M 1037 96.39 -67.99 70.88
C PRO M 1037 96.74 -66.64 71.47
N GLN M 1038 97.71 -65.92 70.92
CA GLN M 1038 98.07 -64.61 71.44
C GLN M 1038 98.94 -63.89 70.43
N THR M 1039 99.01 -62.57 70.57
CA THR M 1039 99.87 -61.73 69.75
C THR M 1039 101.15 -61.43 70.53
N ILE M 1040 102.29 -61.65 69.89
CA ILE M 1040 103.58 -61.51 70.55
C ILE M 1040 104.25 -60.19 70.20
N ALA M 1041 104.55 -59.98 68.92
CA ALA M 1041 105.27 -58.79 68.49
C ALA M 1041 104.36 -57.91 67.65
N GLY M 1042 104.46 -56.59 67.87
CA GLY M 1042 103.64 -55.65 67.16
C GLY M 1042 102.49 -55.16 67.99
N PRO M 1043 101.65 -54.29 67.42
CA PRO M 1043 100.49 -53.80 68.16
C PRO M 1043 99.50 -54.93 68.45
N ASP M 1044 99.14 -55.07 69.71
CA ASP M 1044 98.26 -56.14 70.16
C ASP M 1044 96.94 -55.55 70.63
N LYS M 1045 95.85 -56.24 70.30
CA LYS M 1045 94.52 -55.72 70.59
C LYS M 1045 93.54 -56.89 70.67
N HIS M 1046 92.92 -57.06 71.82
CA HIS M 1046 91.89 -58.08 71.99
C HIS M 1046 90.56 -57.55 71.47
N ILE M 1047 89.59 -58.45 71.41
CA ILE M 1047 88.25 -58.04 70.96
C ILE M 1047 87.69 -57.05 71.97
N PRO M 1048 87.21 -55.89 71.52
CA PRO M 1048 86.73 -54.90 72.48
C PRO M 1048 85.54 -55.39 73.28
N VAL M 1049 85.76 -55.61 74.57
CA VAL M 1049 84.73 -56.23 75.40
C VAL M 1049 83.52 -55.31 75.55
N GLU M 1050 83.76 -54.01 75.76
CA GLU M 1050 82.66 -53.09 76.00
C GLU M 1050 81.72 -52.99 74.82
N ARG M 1051 82.16 -53.36 73.62
CA ARG M 1051 81.26 -53.40 72.49
C ARG M 1051 80.21 -54.50 72.62
N TYR M 1052 80.39 -55.43 73.54
CA TYR M 1052 79.49 -56.55 73.74
C TYR M 1052 79.07 -56.62 75.19
N ASN M 1053 78.70 -55.47 75.76
CA ASN M 1053 78.40 -55.40 77.18
C ASN M 1053 77.27 -56.36 77.56
N ILE M 1054 76.27 -56.49 76.69
CA ILE M 1054 75.16 -57.38 76.98
C ILE M 1054 75.64 -58.81 77.14
N LEU M 1055 76.63 -59.22 76.37
CA LEU M 1055 77.10 -60.60 76.40
C LEU M 1055 78.13 -60.83 77.49
N THR M 1056 79.12 -59.95 77.60
CA THR M 1056 80.21 -60.18 78.53
C THR M 1056 79.81 -59.93 79.98
N ASN M 1057 78.96 -58.93 80.22
CA ASN M 1057 78.61 -58.58 81.58
C ASN M 1057 77.36 -59.32 81.99
N PRO M 1058 77.43 -60.28 82.91
CA PRO M 1058 76.21 -61.00 83.31
C PRO M 1058 75.20 -60.13 84.02
N ASP M 1059 75.60 -59.00 84.58
CA ASP M 1059 74.70 -58.15 85.35
C ASP M 1059 74.09 -57.03 84.53
N ALA M 1060 74.36 -56.99 83.23
CA ALA M 1060 73.72 -55.84 82.60
C ALA M 1060 72.30 -56.19 82.20
N PRO M 1061 71.37 -55.24 82.32
CA PRO M 1061 70.03 -55.46 81.80
C PRO M 1061 70.08 -55.63 80.30
N PRO M 1062 69.15 -56.40 79.74
CA PRO M 1062 69.23 -56.70 78.30
C PRO M 1062 69.20 -55.48 77.40
N THR M 1063 68.53 -54.40 77.80
CA THR M 1063 68.28 -53.27 76.91
C THR M 1063 69.13 -52.06 77.26
N GLN M 1064 70.38 -52.25 77.67
CA GLN M 1064 71.24 -51.15 78.05
C GLN M 1064 72.13 -50.75 76.88
N ILE M 1065 72.21 -49.45 76.61
CA ILE M 1065 73.08 -48.91 75.57
C ILE M 1065 74.06 -47.93 76.20
N GLN M 1066 75.15 -47.68 75.48
CA GLN M 1066 76.26 -46.89 75.99
C GLN M 1066 76.53 -45.65 75.14
N LEU M 1067 75.53 -45.15 74.43
CA LEU M 1067 75.71 -43.94 73.65
C LEU M 1067 75.95 -42.76 74.57
N PRO M 1068 76.61 -41.70 74.08
CA PRO M 1068 77.17 -41.52 72.75
C PRO M 1068 78.67 -41.78 72.69
N GLU M 1069 79.17 -42.67 73.54
CA GLU M 1069 80.60 -42.89 73.61
C GLU M 1069 81.03 -44.27 73.13
N VAL M 1070 80.17 -45.27 73.23
CA VAL M 1070 80.49 -46.62 72.78
C VAL M 1070 79.31 -47.15 71.99
N VAL M 1071 79.58 -47.73 70.83
CA VAL M 1071 78.56 -48.29 69.96
C VAL M 1071 78.61 -49.80 70.08
N ASP M 1072 77.61 -50.38 70.73
CA ASP M 1072 77.58 -51.82 70.90
C ASP M 1072 77.33 -52.53 69.59
N LEU M 1073 77.85 -53.75 69.49
CA LEU M 1073 77.73 -54.55 68.27
C LEU M 1073 76.82 -55.74 68.44
N TYR M 1074 76.03 -55.78 69.51
CA TYR M 1074 75.12 -56.90 69.76
C TYR M 1074 74.04 -56.38 70.70
N ASN M 1075 72.81 -56.30 70.21
CA ASN M 1075 71.78 -55.58 70.91
C ASN M 1075 70.47 -56.36 70.87
N VAL M 1076 69.45 -55.80 71.50
CA VAL M 1076 68.10 -56.33 71.46
C VAL M 1076 67.30 -55.52 70.47
N VAL M 1077 66.74 -56.17 69.46
CA VAL M 1077 66.05 -55.52 68.37
C VAL M 1077 64.60 -55.94 68.38
N THR M 1078 63.70 -54.97 68.21
CA THR M 1078 62.27 -55.24 68.11
C THR M 1078 61.87 -55.27 66.65
N ARG M 1079 61.29 -56.38 66.22
CA ARG M 1079 60.84 -56.54 64.84
C ARG M 1079 59.33 -56.63 64.82
N TYR M 1080 58.70 -55.83 63.97
CA TYR M 1080 57.26 -55.72 63.93
C TYR M 1080 56.68 -56.49 62.74
N ALA M 1081 55.36 -56.66 62.77
CA ALA M 1081 54.65 -57.33 61.69
C ALA M 1081 53.33 -56.63 61.37
N TYR M 1082 53.29 -55.32 61.52
CA TYR M 1082 52.07 -54.57 61.28
C TYR M 1082 51.66 -54.65 59.81
N GLU M 1083 50.40 -54.34 59.55
CA GLU M 1083 49.88 -54.26 58.20
C GLU M 1083 49.64 -52.81 57.83
N THR M 1084 49.75 -52.50 56.54
CA THR M 1084 49.59 -51.15 56.01
C THR M 1084 48.59 -51.19 54.87
N PRO M 1085 47.30 -51.32 55.17
CA PRO M 1085 46.32 -51.45 54.11
C PRO M 1085 45.90 -50.09 53.59
N PRO M 1086 45.31 -50.04 52.40
CA PRO M 1086 44.67 -48.80 51.96
C PRO M 1086 43.45 -48.49 52.80
N ILE M 1087 43.11 -47.21 52.86
CA ILE M 1087 42.04 -46.77 53.74
C ILE M 1087 40.73 -47.45 53.40
N THR M 1088 40.40 -47.52 52.10
CA THR M 1088 39.13 -48.10 51.70
C THR M 1088 39.04 -49.59 52.01
N ALA M 1089 40.16 -50.24 52.33
CA ALA M 1089 40.13 -51.66 52.61
C ALA M 1089 39.39 -51.97 53.91
N VAL M 1090 39.57 -51.15 54.95
CA VAL M 1090 39.02 -51.43 56.26
C VAL M 1090 37.65 -50.80 56.46
N VAL M 1091 37.45 -49.60 55.96
CA VAL M 1091 36.18 -48.90 56.08
C VAL M 1091 35.50 -48.90 54.72
N MET M 1092 34.25 -49.36 54.69
CA MET M 1092 33.48 -49.43 53.47
C MET M 1092 32.16 -48.68 53.66
N GLY M 1093 31.81 -47.85 52.69
CA GLY M 1093 30.57 -47.13 52.77
C GLY M 1093 29.38 -47.97 52.35
N VAL M 1094 28.20 -47.50 52.73
CA VAL M 1094 26.95 -48.17 52.41
C VAL M 1094 26.36 -47.46 51.19
N PRO M 1095 26.29 -48.10 50.03
CA PRO M 1095 25.77 -47.48 48.81
C PRO M 1095 24.30 -47.14 48.94
N MET N 1 133.87 -4.00 25.33
CA MET N 1 132.99 -2.91 24.92
C MET N 1 131.70 -3.45 24.31
N LYS N 2 130.60 -2.75 24.59
CA LYS N 2 129.28 -3.12 24.11
C LYS N 2 128.56 -1.85 23.64
N ARG N 3 127.63 -2.01 22.72
CA ARG N 3 126.85 -0.89 22.22
C ARG N 3 125.38 -1.28 22.13
N ILE N 4 124.51 -0.29 22.27
CA ILE N 4 123.07 -0.49 22.30
C ILE N 4 122.45 0.32 21.17
N PRO N 5 121.74 -0.30 20.24
CA PRO N 5 121.09 0.47 19.17
C PRO N 5 119.97 1.34 19.72
N ARG N 6 119.70 2.43 19.01
CA ARG N 6 118.65 3.35 19.40
C ARG N 6 117.31 2.91 18.82
N LYS N 7 116.23 3.39 19.44
CA LYS N 7 114.88 3.15 18.96
C LYS N 7 114.28 4.35 18.25
N THR N 8 115.04 5.43 18.08
CA THR N 8 114.55 6.64 17.41
C THR N 8 115.68 7.25 16.61
N LYS N 9 115.36 7.72 15.41
CA LYS N 9 116.36 8.35 14.56
C LYS N 9 116.86 9.64 15.20
N GLY N 10 118.15 9.89 15.07
CA GLY N 10 118.81 11.01 15.71
C GLY N 10 119.06 12.16 14.77
N LYS N 11 120.12 12.92 15.07
CA LYS N 11 120.44 14.11 14.27
C LYS N 11 120.81 13.73 12.83
N SER N 12 121.59 12.66 12.67
CA SER N 12 122.01 12.23 11.34
C SER N 12 120.84 11.66 10.55
N PRO N 40 129.54 -36.63 43.42
CA PRO N 40 128.69 -35.93 44.40
C PRO N 40 127.29 -35.70 43.87
N ALA N 41 126.29 -36.20 44.58
CA ALA N 41 124.90 -36.00 44.16
C ALA N 41 124.54 -34.53 44.24
N THR N 42 123.53 -34.15 43.46
CA THR N 42 123.11 -32.76 43.39
C THR N 42 121.60 -32.58 43.50
N THR N 43 120.80 -33.62 43.24
CA THR N 43 119.35 -33.52 43.28
C THR N 43 118.90 -33.41 44.72
N GLU N 44 118.89 -32.18 45.24
CA GLU N 44 118.42 -31.98 46.61
C GLU N 44 116.93 -32.29 46.68
N PRO N 45 116.44 -32.79 47.81
CA PRO N 45 115.14 -33.47 47.82
C PRO N 45 113.92 -32.57 47.69
N GLY N 46 114.07 -31.28 47.40
CA GLY N 46 112.90 -30.43 47.36
C GLY N 46 112.55 -29.85 46.00
N THR N 47 113.18 -30.35 44.95
CA THR N 47 113.12 -29.70 43.65
C THR N 47 112.12 -30.31 42.68
N SER N 48 111.41 -31.36 43.07
CA SER N 48 110.45 -31.96 42.16
C SER N 48 109.26 -31.02 41.94
N ASN N 49 108.54 -31.24 40.84
CA ASN N 49 107.47 -30.35 40.41
C ASN N 49 106.14 -31.10 40.38
N ARG N 50 105.15 -30.56 41.09
CA ARG N 50 103.77 -31.05 41.08
C ARG N 50 102.87 -29.86 40.78
N GLU N 51 102.69 -29.57 39.49
CA GLU N 51 101.95 -28.39 39.04
C GLU N 51 100.44 -28.63 39.15
N GLN N 52 100.03 -29.00 40.36
CA GLN N 52 98.64 -29.37 40.61
C GLN N 52 97.74 -28.19 40.91
N TYR N 53 98.28 -26.98 40.96
CA TYR N 53 97.51 -25.81 41.33
C TYR N 53 97.20 -24.99 40.09
N LYS N 54 95.93 -24.63 39.94
CA LYS N 54 95.50 -23.77 38.85
C LYS N 54 95.14 -22.45 39.50
N ALA N 55 95.68 -21.36 38.99
CA ALA N 55 95.42 -20.05 39.55
C ALA N 55 93.97 -19.64 39.29
N ARG N 56 93.47 -18.79 40.17
CA ARG N 56 92.07 -18.36 40.11
C ARG N 56 91.98 -16.99 40.76
N PRO N 57 91.91 -15.92 39.96
CA PRO N 57 91.78 -15.88 38.50
C PRO N 57 93.05 -16.31 37.77
N GLY N 58 92.90 -16.72 36.52
CA GLY N 58 94.02 -17.26 35.79
C GLY N 58 95.09 -16.22 35.54
N ILE N 59 96.33 -16.69 35.48
CA ILE N 59 97.45 -15.78 35.26
C ILE N 59 97.34 -15.12 33.90
N ALA N 60 97.08 -15.91 32.86
CA ALA N 60 96.99 -15.35 31.51
C ALA N 60 95.85 -14.36 31.39
N SER N 61 94.72 -14.67 32.03
CA SER N 61 93.57 -13.78 31.97
C SER N 61 93.90 -12.41 32.55
N VAL N 62 94.55 -12.39 33.70
CA VAL N 62 94.91 -11.12 34.32
C VAL N 62 95.99 -10.40 33.51
N GLN N 63 96.93 -11.17 32.96
CA GLN N 63 98.01 -10.57 32.18
C GLN N 63 97.44 -9.86 30.94
N ARG N 64 96.48 -10.49 30.27
CA ARG N 64 95.89 -9.87 29.09
C ARG N 64 95.23 -8.55 29.45
N ALA N 65 94.52 -8.50 30.59
CA ALA N 65 93.85 -7.28 30.99
C ALA N 65 94.85 -6.19 31.34
N THR N 66 95.85 -6.52 32.17
CA THR N 66 96.80 -5.51 32.58
C THR N 66 97.70 -5.05 31.45
N GLU N 67 97.81 -5.86 30.38
CA GLU N 67 98.59 -5.43 29.23
C GLU N 67 97.99 -4.18 28.61
N SER N 68 96.66 -4.13 28.52
CA SER N 68 96.01 -2.95 27.97
C SER N 68 96.21 -1.74 28.87
N ALA N 69 96.13 -1.93 30.18
CA ALA N 69 96.29 -0.80 31.09
C ALA N 69 97.73 -0.32 31.17
N GLU N 70 98.70 -1.15 30.79
CA GLU N 70 100.08 -0.70 30.77
C GLU N 70 100.28 0.47 29.82
N MET N 71 99.59 0.44 28.68
CA MET N 71 99.92 1.33 27.57
C MET N 71 99.75 2.80 27.97
N PRO N 72 100.73 3.65 27.68
CA PRO N 72 100.59 5.07 27.98
C PRO N 72 99.58 5.73 27.06
N MET N 73 99.04 6.86 27.52
CA MET N 73 98.05 7.57 26.75
C MET N 73 98.65 8.16 25.48
N LYS N 74 97.83 8.28 24.45
CA LYS N 74 98.29 8.72 23.15
C LYS N 74 98.76 10.16 23.20
N ASN N 75 99.72 10.47 22.33
CA ASN N 75 100.19 11.84 22.18
C ASN N 75 99.11 12.71 21.55
N ASN N 76 99.16 14.00 21.82
CA ASN N 76 98.25 14.98 21.23
C ASN N 76 99.11 16.13 20.69
N ASP N 77 99.60 15.96 19.46
CA ASP N 77 100.44 16.96 18.84
C ASP N 77 99.67 18.15 18.28
N GLU N 78 98.37 18.00 18.07
CA GLU N 78 97.62 18.96 17.29
C GLU N 78 97.62 20.33 17.96
N GLY N 79 97.74 21.37 17.14
CA GLY N 79 97.78 22.73 17.63
C GLY N 79 99.14 23.26 17.99
N THR N 80 100.19 22.47 17.81
CA THR N 80 101.54 22.87 18.17
C THR N 80 102.38 23.07 16.92
N PRO N 81 103.41 23.91 16.98
CA PRO N 81 104.23 24.16 15.79
C PRO N 81 105.18 23.01 15.51
N ASP N 82 105.71 23.02 14.30
CA ASP N 82 106.62 22.00 13.82
C ASP N 82 108.02 22.58 13.66
N LYS N 83 108.90 21.79 13.05
CA LYS N 83 110.27 22.22 12.85
C LYS N 83 110.35 23.53 12.08
N LYS N 84 109.51 23.68 11.05
CA LYS N 84 109.50 24.89 10.24
C LYS N 84 108.86 26.07 10.96
N GLY N 85 107.92 25.82 11.86
CA GLY N 85 107.18 26.87 12.53
C GLY N 85 105.70 26.89 12.23
N ASN N 86 105.24 26.11 11.26
CA ASN N 86 103.81 26.02 10.96
C ASN N 86 103.15 25.03 11.89
N THR N 87 101.98 25.40 12.42
CA THR N 87 101.30 24.55 13.38
C THR N 87 100.72 23.32 12.68
N LYS N 88 100.49 22.27 13.47
CA LYS N 88 99.95 21.02 12.98
C LYS N 88 98.46 20.93 13.30
N GLY N 89 97.73 20.24 12.45
CA GLY N 89 96.33 19.97 12.67
C GLY N 89 95.53 20.18 11.40
N ASP N 90 94.23 20.24 11.56
CA ASP N 90 93.30 20.44 10.46
C ASP N 90 92.54 21.75 10.67
N LEU N 91 92.18 22.39 9.56
CA LEU N 91 91.55 23.71 9.62
C LEU N 91 90.06 23.52 9.89
N VAL N 92 89.72 23.40 11.18
CA VAL N 92 88.33 23.25 11.61
C VAL N 92 88.09 24.13 12.83
N ASN N 93 86.81 24.44 13.07
CA ASN N 93 86.43 25.15 14.27
C ASN N 93 86.74 24.30 15.50
N GLU N 94 87.12 24.95 16.59
CA GLU N 94 87.48 24.21 17.79
C GLU N 94 86.30 23.43 18.34
N HIS N 95 85.12 24.05 18.40
CA HIS N 95 83.95 23.35 18.91
C HIS N 95 83.60 22.16 18.03
N SER N 96 83.67 22.34 16.73
CA SER N 96 83.42 21.23 15.81
C SER N 96 84.44 20.12 16.03
N GLU N 97 85.70 20.48 16.23
CA GLU N 97 86.73 19.48 16.47
C GLU N 97 86.44 18.69 17.74
N ALA N 98 86.05 19.38 18.81
CA ALA N 98 85.73 18.67 20.06
C ALA N 98 84.55 17.73 19.86
N LYS N 99 83.51 18.18 19.15
CA LYS N 99 82.37 17.32 18.90
C LYS N 99 82.77 16.09 18.10
N ASP N 100 83.58 16.29 17.06
CA ASP N 100 84.02 15.17 16.23
C ASP N 100 84.84 14.18 17.04
N GLU N 101 85.72 14.68 17.91
CA GLU N 101 86.49 13.79 18.75
C GLU N 101 85.59 13.01 19.68
N ALA N 102 84.54 13.63 20.21
CA ALA N 102 83.59 12.91 21.04
C ALA N 102 82.93 11.78 20.25
N ASP N 103 82.53 12.05 19.02
CA ASP N 103 81.92 11.00 18.20
C ASP N 103 82.89 9.87 17.94
N GLU N 104 84.15 10.19 17.64
CA GLU N 104 85.15 9.16 17.45
C GLU N 104 85.31 8.31 18.71
N ALA N 105 85.31 8.95 19.87
CA ALA N 105 85.44 8.21 21.12
C ALA N 105 84.27 7.26 21.31
N THR N 106 83.05 7.73 21.03
CA THR N 106 81.89 6.85 21.18
C THR N 106 81.98 5.67 20.23
N LYS N 107 82.38 5.92 18.98
CA LYS N 107 82.48 4.83 18.01
C LYS N 107 83.53 3.82 18.44
N LYS N 108 84.68 4.29 18.90
CA LYS N 108 85.70 3.37 19.39
C LYS N 108 85.19 2.57 20.57
N GLN N 109 84.50 3.23 21.50
CA GLN N 109 83.96 2.55 22.66
C GLN N 109 83.02 1.43 22.24
N ALA N 110 82.16 1.71 21.26
CA ALA N 110 81.30 0.65 20.74
C ALA N 110 82.14 -0.47 20.14
N LYS N 111 83.24 -0.12 19.48
CA LYS N 111 84.07 -1.14 18.85
C LYS N 111 84.68 -2.08 19.88
N ASP N 112 85.18 -1.55 21.00
CA ASP N 112 85.83 -2.42 21.97
C ASP N 112 84.85 -3.36 22.66
N THR N 113 83.61 -2.92 22.85
CA THR N 113 82.62 -3.74 23.54
C THR N 113 81.93 -4.74 22.61
N ASP N 114 82.32 -4.79 21.34
CA ASP N 114 81.74 -5.71 20.37
C ASP N 114 80.23 -5.54 20.28
N LYS N 115 79.80 -4.30 20.18
CA LYS N 115 78.38 -3.97 20.08
C LYS N 115 78.18 -2.93 18.98
N SER N 116 76.97 -2.92 18.42
CA SER N 116 76.66 -1.94 17.38
C SER N 116 76.50 -0.55 17.96
N LYS N 117 75.93 -0.45 19.16
CA LYS N 117 75.72 0.82 19.83
C LYS N 117 76.42 0.80 21.19
N ALA N 118 77.25 1.82 21.43
CA ALA N 118 77.98 1.88 22.68
C ALA N 118 77.04 2.15 23.84
N GLN N 119 77.21 1.41 24.94
CA GLN N 119 76.42 1.67 26.12
C GLN N 119 76.89 2.91 26.86
N VAL N 120 78.18 3.21 26.78
CA VAL N 120 78.75 4.39 27.39
C VAL N 120 79.12 5.35 26.27
N THR N 121 78.57 6.56 26.30
CA THR N 121 78.75 7.53 25.24
C THR N 121 79.38 8.80 25.77
N TYR N 122 80.35 9.33 25.03
CA TYR N 122 80.93 10.63 25.31
C TYR N 122 80.26 11.74 24.53
N SER N 123 79.29 11.42 23.69
CA SER N 123 78.59 12.42 22.89
C SER N 123 77.09 12.25 23.06
N ASP N 124 76.36 13.32 22.77
CA ASP N 124 74.91 13.33 22.88
C ASP N 124 74.48 12.96 24.30
N THR N 125 75.13 13.56 25.28
CA THR N 125 74.75 13.40 26.66
C THR N 125 73.69 14.44 27.03
N GLY N 126 73.23 14.40 28.27
CA GLY N 126 72.27 15.39 28.72
C GLY N 126 72.86 16.79 28.80
N ILE N 127 74.13 16.89 29.20
CA ILE N 127 74.74 18.19 29.46
C ILE N 127 74.86 18.99 28.17
N ASN N 128 74.56 20.28 28.26
CA ASN N 128 74.76 21.21 27.16
C ASN N 128 76.18 21.74 27.22
N ASN N 129 77.10 20.99 26.63
CA ASN N 129 78.52 21.39 26.59
C ASN N 129 78.84 22.19 25.34
N ALA N 130 78.04 23.22 25.07
CA ALA N 130 78.18 23.95 23.82
C ALA N 130 79.40 24.86 23.80
N ASN N 131 79.91 25.25 24.96
CA ASN N 131 81.06 26.13 25.02
C ASN N 131 82.39 25.39 25.04
N GLU N 132 82.36 24.06 24.94
CA GLU N 132 83.58 23.28 25.00
C GLU N 132 84.47 23.59 23.80
N LEU N 133 85.76 23.70 24.06
CA LEU N 133 86.76 23.93 23.02
C LEU N 133 87.79 22.82 23.05
N SER N 134 88.37 22.54 21.89
CA SER N 134 89.46 21.59 21.78
C SER N 134 90.56 22.20 20.93
N ARG N 135 91.79 21.81 21.24
CA ARG N 135 92.94 22.38 20.54
C ARG N 135 93.01 21.81 19.13
N SER N 136 93.10 22.70 18.14
CA SER N 136 93.16 22.30 16.75
C SER N 136 94.19 23.15 16.02
N GLY N 137 94.44 22.80 14.76
CA GLY N 137 95.45 23.49 14.00
C GLY N 137 94.96 24.72 13.27
N ASN N 138 93.75 25.18 13.62
CA ASN N 138 93.19 26.32 12.92
C ASN N 138 93.79 27.64 13.39
N VAL N 139 94.25 27.71 14.64
CA VAL N 139 94.73 28.95 15.21
C VAL N 139 96.18 28.76 15.66
N ASP N 140 96.98 29.79 15.44
CA ASP N 140 98.40 29.74 15.79
C ASP N 140 98.60 30.29 17.20
N ASN N 141 99.85 30.54 17.56
CA ASN N 141 100.16 31.04 18.90
C ASN N 141 99.82 32.51 19.08
N GLU N 142 99.82 33.31 18.02
CA GLU N 142 99.51 34.72 18.12
C GLU N 142 98.02 35.00 18.23
N GLY N 143 97.19 33.97 18.14
CA GLY N 143 95.76 34.18 18.10
C GLY N 143 95.21 34.45 16.72
N GLY N 144 96.06 34.48 15.70
CA GLY N 144 95.59 34.67 14.34
C GLY N 144 95.09 33.38 13.72
N SER N 145 94.65 33.49 12.47
CA SER N 145 94.11 32.35 11.74
C SER N 145 95.20 31.73 10.87
N ASN N 146 95.17 30.39 10.77
CA ASN N 146 96.12 29.66 9.95
C ASN N 146 95.62 29.46 8.52
N GLN N 147 94.80 30.37 8.02
CA GLN N 147 94.40 30.30 6.63
C GLN N 147 95.61 30.34 5.71
N LYS N 148 96.71 30.92 6.17
CA LYS N 148 97.97 30.91 5.46
C LYS N 148 99.06 30.52 6.44
N PRO N 149 99.97 29.62 6.08
CA PRO N 149 100.96 29.13 7.04
C PRO N 149 101.90 30.23 7.50
N MET N 150 102.49 30.02 8.68
CA MET N 150 103.41 31.01 9.24
C MET N 150 104.55 31.31 8.29
N SER N 151 105.23 30.27 7.81
CA SER N 151 106.37 30.47 6.93
C SER N 151 105.95 31.23 5.67
N THR N 152 104.77 30.92 5.15
CA THR N 152 104.30 31.61 3.96
C THR N 152 104.12 33.10 4.22
N ARG N 153 103.54 33.47 5.37
CA ARG N 153 103.37 34.88 5.66
C ARG N 153 104.71 35.56 5.87
N ILE N 154 105.66 34.86 6.52
CA ILE N 154 106.95 35.47 6.76
C ILE N 154 107.66 35.75 5.44
N ALA N 155 107.64 34.78 4.52
CA ALA N 155 108.23 35.01 3.20
C ALA N 155 107.49 36.12 2.47
N GLU N 156 106.16 36.09 2.54
CA GLU N 156 105.33 37.11 1.93
C GLU N 156 105.78 38.50 2.34
N ALA N 157 105.94 38.71 3.64
CA ALA N 157 106.33 40.02 4.14
C ALA N 157 107.76 40.35 3.76
N THR N 158 108.69 39.43 3.99
CA THR N 158 110.10 39.76 3.79
C THR N 158 110.45 39.96 2.33
N SER N 159 109.68 39.42 1.40
CA SER N 159 109.98 39.64 0.00
C SER N 159 109.40 40.94 -0.53
N ALA N 160 108.46 41.54 0.18
CA ALA N 160 107.87 42.80 -0.25
C ALA N 160 108.78 43.98 0.01
N ILE N 161 110.04 43.76 0.38
CA ILE N 161 110.90 44.85 0.79
C ILE N 161 112.30 44.72 0.19
N VAL N 162 112.62 43.61 -0.47
CA VAL N 162 113.94 43.41 -1.03
C VAL N 162 114.15 44.35 -2.21
N SER N 163 115.41 44.67 -2.49
CA SER N 163 115.78 45.50 -3.62
C SER N 163 116.90 44.82 -4.39
N LYS N 164 117.00 45.13 -5.67
CA LYS N 164 117.94 44.47 -6.56
C LYS N 164 118.90 45.47 -7.19
N HIS N 165 119.77 44.95 -8.04
CA HIS N 165 120.82 45.75 -8.64
C HIS N 165 120.22 46.85 -9.51
N PRO N 166 120.90 47.99 -9.66
CA PRO N 166 120.38 49.06 -10.50
C PRO N 166 120.37 48.68 -11.97
N ALA N 167 119.51 49.35 -12.72
CA ALA N 167 119.39 49.12 -14.14
C ALA N 167 120.65 49.55 -14.88
N TYR O 1 119.32 -27.62 37.94
CA TYR O 1 120.02 -26.65 38.78
C TYR O 1 119.03 -25.87 39.63
N GLN O 2 119.54 -25.15 40.62
CA GLN O 2 118.68 -24.46 41.58
C GLN O 2 119.43 -23.27 42.16
N CYS O 3 118.74 -22.14 42.27
CA CYS O 3 119.27 -20.94 42.90
C CYS O 3 118.55 -20.76 44.23
N HIS O 4 119.28 -20.99 45.32
CA HIS O 4 118.66 -20.93 46.64
C HIS O 4 118.31 -19.51 47.07
N VAL O 5 118.89 -18.49 46.42
CA VAL O 5 118.62 -17.12 46.83
C VAL O 5 117.18 -16.74 46.55
N CYS O 6 116.67 -17.08 45.37
CA CYS O 6 115.30 -16.73 44.99
C CYS O 6 114.45 -17.95 44.68
N SER O 7 114.93 -19.16 44.98
CA SER O 7 114.19 -20.39 44.79
C SER O 7 113.82 -20.65 43.34
N ALA O 8 114.54 -20.05 42.40
CA ALA O 8 114.26 -20.28 40.99
C ALA O 8 114.95 -21.55 40.51
N VAL O 9 114.36 -22.17 39.50
CA VAL O 9 114.89 -23.39 38.90
C VAL O 9 115.49 -23.05 37.54
N LEU O 10 116.76 -23.39 37.36
CA LEU O 10 117.46 -23.14 36.11
C LEU O 10 117.93 -24.47 35.52
N PHE O 11 118.67 -24.38 34.41
CA PHE O 11 119.16 -25.56 33.72
C PHE O 11 120.65 -25.51 33.40
N SER O 12 121.29 -24.34 33.47
CA SER O 12 122.67 -24.22 33.09
C SER O 12 123.50 -23.60 34.21
N PRO O 13 124.69 -24.13 34.49
CA PRO O 13 125.59 -23.46 35.42
C PRO O 13 125.98 -22.07 34.96
N LEU O 14 126.14 -21.87 33.65
CA LEU O 14 126.34 -20.54 33.10
C LEU O 14 125.13 -19.65 33.39
N ASP O 15 123.92 -20.17 33.16
CA ASP O 15 122.72 -19.43 33.52
C ASP O 15 122.60 -19.25 35.02
N LEU O 16 123.08 -20.20 35.81
CA LEU O 16 123.08 -20.03 37.25
C LEU O 16 123.98 -18.87 37.67
N ASP O 17 125.17 -18.78 37.10
CA ASP O 17 126.07 -17.67 37.39
C ASP O 17 125.48 -16.35 36.90
N ALA O 18 124.81 -16.37 35.75
CA ALA O 18 124.15 -15.16 35.27
C ALA O 18 123.03 -14.73 36.20
N HIS O 19 122.27 -15.69 36.74
CA HIS O 19 121.11 -15.37 37.55
C HIS O 19 121.50 -14.91 38.95
N VAL O 20 122.58 -15.47 39.51
CA VAL O 20 123.04 -15.01 40.82
C VAL O 20 123.63 -13.62 40.78
N ALA O 21 123.91 -13.10 39.58
CA ALA O 21 124.37 -11.71 39.47
C ALA O 21 123.29 -10.74 39.93
N SER O 22 122.04 -11.01 39.59
CA SER O 22 120.93 -10.20 40.08
C SER O 22 120.74 -10.31 41.58
N HIS O 23 121.36 -11.30 42.22
CA HIS O 23 121.37 -11.43 43.66
C HIS O 23 122.60 -10.77 44.28
N GLY O 24 123.38 -10.04 43.50
CA GLY O 24 124.61 -9.44 43.97
C GLY O 24 125.80 -10.38 43.91
N LEU O 25 125.57 -11.67 43.69
CA LEU O 25 126.66 -12.63 43.64
C LEU O 25 127.26 -12.64 42.25
N HIS O 26 128.48 -12.12 42.12
CA HIS O 26 129.15 -12.10 40.83
C HIS O 26 129.41 -13.52 40.35
N GLY O 27 129.89 -13.64 39.11
CA GLY O 27 130.16 -14.95 38.54
C GLY O 27 131.23 -15.70 39.30
N ASN O 28 130.82 -16.67 40.11
CA ASN O 28 131.76 -17.49 40.86
C ASN O 28 131.61 -18.96 40.47
N ASP O 35 122.68 -14.86 31.63
CA ASP O 35 123.25 -13.62 31.12
C ASP O 35 122.29 -12.94 30.15
N ILE O 36 121.18 -12.45 30.69
CA ILE O 36 120.17 -11.77 29.86
C ILE O 36 119.89 -10.36 30.38
N GLN O 37 120.86 -9.48 30.23
CA GLN O 37 120.74 -8.09 30.68
C GLN O 37 119.47 -7.43 30.15
N ARG O 38 118.83 -8.05 29.15
CA ARG O 38 117.53 -7.58 28.70
C ARG O 38 116.51 -7.58 29.83
N HIS O 39 116.69 -8.44 30.82
CA HIS O 39 115.75 -8.51 31.93
C HIS O 39 115.68 -7.18 32.66
N ILE O 40 114.47 -6.69 32.88
CA ILE O 40 114.23 -5.49 33.66
C ILE O 40 113.78 -5.81 35.06
N THR O 41 112.80 -6.69 35.20
CA THR O 41 112.31 -7.15 36.48
C THR O 41 112.25 -8.67 36.46
N GLU O 42 112.47 -9.28 37.63
CA GLU O 42 112.41 -10.72 37.79
C GLU O 42 111.58 -11.03 39.03
N PHE O 43 110.42 -11.64 38.84
CA PHE O 43 109.51 -11.96 39.93
C PHE O 43 109.33 -13.47 40.02
N ILE O 44 109.03 -13.94 41.21
CA ILE O 44 108.76 -15.35 41.42
C ILE O 44 107.83 -15.50 42.62
N SER O 45 106.85 -16.38 42.47
CA SER O 45 105.91 -16.65 43.55
C SER O 45 106.50 -17.66 44.52
N SER O 46 105.78 -17.88 45.62
CA SER O 46 106.20 -18.86 46.61
C SER O 46 105.28 -20.06 46.68
N TRP O 47 104.09 -19.99 46.10
CA TRP O 47 103.14 -21.09 46.14
C TRP O 47 102.96 -21.77 44.80
N GLN O 48 103.75 -21.41 43.80
CA GLN O 48 103.64 -22.04 42.49
C GLN O 48 104.93 -21.84 41.73
N ASN O 49 105.10 -22.62 40.67
CA ASN O 49 106.27 -22.53 39.82
C ASN O 49 105.87 -21.80 38.54
N HIS O 50 106.04 -20.49 38.55
CA HIS O 50 105.66 -19.69 37.41
C HIS O 50 106.33 -18.32 37.43
N PRO O 51 107.64 -18.24 37.22
CA PRO O 51 108.32 -16.95 37.25
C PRO O 51 107.90 -16.07 36.09
N ILE O 52 108.01 -14.76 36.31
CA ILE O 52 107.65 -13.76 35.31
C ILE O 52 108.80 -12.76 35.19
N VAL O 53 109.15 -12.42 33.96
CA VAL O 53 110.21 -11.44 33.70
C VAL O 53 109.68 -10.41 32.72
N GLN O 54 110.30 -9.22 32.74
CA GLN O 54 109.93 -8.13 31.86
C GLN O 54 111.14 -7.66 31.09
N VAL O 55 110.94 -7.34 29.82
CA VAL O 55 111.99 -6.81 28.96
C VAL O 55 111.44 -5.60 28.22
N SER O 56 112.33 -4.85 27.58
CA SER O 56 111.92 -3.66 26.85
C SER O 56 111.01 -4.05 25.69
N ALA O 57 110.09 -3.14 25.35
CA ALA O 57 109.12 -3.42 24.31
C ALA O 57 109.74 -3.46 22.92
N ASP O 58 110.95 -2.93 22.77
CA ASP O 58 111.58 -2.85 21.45
C ASP O 58 112.30 -4.11 21.04
N VAL O 59 112.53 -5.04 21.96
CA VAL O 59 113.25 -6.26 21.63
C VAL O 59 112.43 -7.08 20.63
N GLU O 60 113.13 -7.78 19.74
CA GLU O 60 112.48 -8.52 18.66
C GLU O 60 112.11 -9.94 19.05
N ASN O 61 112.42 -10.37 20.28
CA ASN O 61 112.15 -11.74 20.70
C ASN O 61 111.47 -11.69 22.07
N LYS O 62 110.15 -11.68 22.07
CA LYS O 62 109.33 -11.63 23.28
C LYS O 62 109.12 -13.01 23.90
N LYS O 63 109.97 -13.97 23.58
CA LYS O 63 109.72 -15.38 23.91
C LYS O 63 109.47 -15.58 25.40
N THR O 64 108.23 -15.92 25.76
CA THR O 64 107.84 -16.24 27.12
C THR O 64 108.24 -15.14 28.10
N ALA O 65 108.10 -13.90 27.69
CA ALA O 65 108.45 -12.76 28.53
C ALA O 65 107.37 -11.69 28.41
N GLN O 66 107.23 -10.90 29.46
CA GLN O 66 106.26 -9.81 29.43
C GLN O 66 106.87 -8.60 28.74
N LEU O 67 106.13 -7.50 28.74
CA LEU O 67 106.53 -6.29 28.03
C LEU O 67 106.57 -5.10 28.98
N LEU O 68 107.37 -4.12 28.61
CA LEU O 68 107.48 -2.86 29.34
C LEU O 68 107.20 -1.74 28.34
N HIS O 69 105.95 -1.30 28.28
CA HIS O 69 105.53 -0.35 27.26
C HIS O 69 105.81 1.10 27.62
N ALA O 70 106.29 1.37 28.83
CA ALA O 70 106.58 2.75 29.20
C ALA O 70 107.71 3.30 28.36
N ASP O 71 107.60 4.59 28.01
CA ASP O 71 108.64 5.26 27.22
C ASP O 71 109.73 5.72 28.18
N THR O 72 110.47 4.77 28.70
CA THR O 72 111.47 5.10 29.69
C THR O 72 112.67 5.80 29.04
N PRO O 73 113.27 6.75 29.73
CA PRO O 73 114.49 7.38 29.22
C PRO O 73 115.71 6.54 29.52
N ARG O 74 116.83 6.95 28.95
CA ARG O 74 118.11 6.29 29.15
C ARG O 74 118.97 7.18 30.03
N LEU O 75 119.05 6.84 31.31
CA LEU O 75 119.79 7.64 32.27
C LEU O 75 121.26 7.23 32.35
N VAL O 76 121.51 5.95 32.61
CA VAL O 76 122.86 5.47 32.84
C VAL O 76 123.49 5.14 31.49
N THR O 77 124.51 5.92 31.11
CA THR O 77 125.30 5.65 29.92
C THR O 77 126.77 5.82 30.27
N TRP O 78 127.61 5.03 29.62
CA TRP O 78 129.02 4.97 29.98
C TRP O 78 129.90 5.46 28.84
N ASP O 79 131.08 5.93 29.19
CA ASP O 79 132.06 6.42 28.23
C ASP O 79 133.43 5.92 28.64
N ALA O 80 134.16 5.34 27.70
CA ALA O 80 135.52 4.88 27.94
C ALA O 80 136.56 5.76 27.25
N GLY O 81 136.13 6.76 26.49
CA GLY O 81 137.05 7.62 25.77
C GLY O 81 137.69 8.66 26.66
N LEU O 82 137.92 9.83 26.11
CA LEU O 82 138.49 10.95 26.84
C LEU O 82 137.41 11.98 27.14
N CYS O 83 137.37 12.42 28.39
CA CYS O 83 136.37 13.42 28.81
C CYS O 83 136.80 14.81 28.36
N THR O 84 136.85 14.99 27.04
CA THR O 84 137.28 16.25 26.45
C THR O 84 136.34 16.62 25.32
N SER O 85 136.32 17.91 25.00
CA SER O 85 135.53 18.41 23.88
C SER O 85 136.26 19.44 23.05
N PHE O 86 137.53 19.71 23.33
CA PHE O 86 138.34 20.64 22.56
C PHE O 86 139.54 19.89 22.00
N LYS O 87 139.73 19.99 20.70
CA LYS O 87 140.86 19.33 20.05
C LYS O 87 141.70 20.37 19.32
N ILE O 88 143.00 20.13 19.29
CA ILE O 88 143.95 21.03 18.64
C ILE O 88 144.19 20.52 17.23
N VAL O 89 144.03 21.40 16.25
CA VAL O 89 144.11 20.98 14.85
C VAL O 89 145.17 21.80 14.14
N PRO O 90 145.99 21.19 13.29
CA PRO O 90 146.91 21.98 12.46
C PRO O 90 146.15 22.81 11.45
N ILE O 91 146.75 23.92 11.07
CA ILE O 91 146.17 24.82 10.07
C ILE O 91 147.12 25.01 8.89
N VAL O 92 148.36 25.39 9.16
CA VAL O 92 149.35 25.52 8.10
C VAL O 92 150.45 24.49 8.36
N PRO O 93 150.48 23.38 7.64
CA PRO O 93 151.49 22.35 7.89
C PRO O 93 152.88 22.85 7.56
N ALA O 94 153.86 22.32 8.28
CA ALA O 94 155.24 22.70 8.05
C ALA O 94 156.15 21.55 8.46
N GLN O 95 157.32 21.50 7.83
CA GLN O 95 158.33 20.50 8.13
C GLN O 95 159.66 21.20 8.32
N VAL O 96 160.35 20.87 9.42
CA VAL O 96 161.65 21.47 9.68
C VAL O 96 162.64 20.36 10.03
N PRO O 97 163.90 20.51 9.68
CA PRO O 97 164.89 19.51 10.06
C PRO O 97 165.09 19.49 11.57
N GLN O 98 165.45 18.31 12.09
CA GLN O 98 165.66 18.12 13.51
C GLN O 98 166.99 17.41 13.74
N ASP O 99 167.58 17.67 14.90
CA ASP O 99 168.90 17.12 15.17
C ASP O 99 168.81 15.75 15.83
N VAL O 100 167.72 15.47 16.52
CA VAL O 100 167.47 14.15 17.10
C VAL O 100 166.22 13.57 16.48
N LEU O 101 166.32 12.34 15.99
CA LEU O 101 165.25 11.75 15.20
C LEU O 101 164.52 10.62 15.90
N ALA O 102 165.21 9.80 16.70
CA ALA O 102 164.54 8.67 17.32
C ALA O 102 165.32 8.22 18.54
N TYR O 103 164.59 7.68 19.51
CA TYR O 103 165.20 7.07 20.68
C TYR O 103 165.84 5.75 20.31
N THR O 104 166.97 5.44 20.93
CA THR O 104 167.72 4.23 20.62
C THR O 104 167.86 3.37 21.86
N PHE O 105 167.51 2.11 21.73
CA PHE O 105 167.80 1.08 22.72
C PHE O 105 168.91 0.20 22.17
N PHE O 106 169.15 -0.93 22.82
CA PHE O 106 170.24 -1.83 22.46
C PHE O 106 170.42 -1.96 20.95
N THR O 107 169.39 -2.42 20.27
CA THR O 107 169.41 -2.44 18.81
C THR O 107 168.20 -1.77 18.20
N SER O 108 167.03 -1.91 18.81
CA SER O 108 165.82 -1.33 18.25
C SER O 108 165.79 0.17 18.49
N SER O 109 164.94 0.85 17.72
CA SER O 109 164.75 2.29 17.84
C SER O 109 163.26 2.59 17.73
N TYR O 110 162.85 3.68 18.36
CA TYR O 110 161.44 4.08 18.38
C TYR O 110 161.31 5.53 17.94
N ALA O 111 160.25 5.80 17.20
CA ALA O 111 160.01 7.16 16.72
C ALA O 111 159.55 8.06 17.87
N ILE O 112 159.48 9.36 17.57
CA ILE O 112 159.09 10.36 18.55
C ILE O 112 157.71 10.87 18.18
N GLN O 113 156.78 10.80 19.11
CA GLN O 113 155.39 11.22 18.89
C GLN O 113 155.10 12.43 19.77
N SER O 114 154.94 13.58 19.15
CA SER O 114 154.65 14.78 19.92
C SER O 114 153.18 14.80 20.35
N PRO O 115 152.89 15.36 21.52
CA PRO O 115 151.49 15.45 21.96
C PRO O 115 150.68 16.48 21.22
N PHE O 116 151.32 17.34 20.45
CA PHE O 116 150.66 18.45 19.78
C PHE O 116 151.00 18.44 18.30
N PRO O 117 150.14 19.02 17.47
CA PRO O 117 150.45 19.09 16.04
C PRO O 117 151.74 19.84 15.78
N GLU O 118 152.49 19.37 14.79
CA GLU O 118 153.75 19.98 14.37
C GLU O 118 153.46 20.77 13.10
N ALA O 119 153.13 22.04 13.26
CA ALA O 119 152.72 22.85 12.12
C ALA O 119 153.07 24.30 12.38
N ALA O 120 152.96 25.11 11.33
CA ALA O 120 153.26 26.54 11.47
C ALA O 120 152.29 27.21 12.42
N VAL O 121 151.01 26.88 12.32
CA VAL O 121 149.99 27.42 13.23
C VAL O 121 149.02 26.31 13.59
N SER O 122 148.41 26.44 14.76
CA SER O 122 147.42 25.48 15.24
C SER O 122 146.42 26.20 16.12
N ARG O 123 145.20 25.66 16.18
CA ARG O 123 144.11 26.31 16.88
C ARG O 123 143.27 25.29 17.60
N ILE O 124 142.52 25.76 18.60
CA ILE O 124 141.58 24.94 19.34
C ILE O 124 140.23 24.99 18.64
N VAL O 125 139.60 23.84 18.48
CA VAL O 125 138.31 23.73 17.82
C VAL O 125 137.40 22.86 18.67
N VAL O 126 136.14 23.27 18.79
CA VAL O 126 135.16 22.54 19.58
C VAL O 126 134.67 21.34 18.80
N HIS O 127 134.74 20.16 19.42
CA HIS O 127 134.26 18.93 18.77
C HIS O 127 133.83 17.99 19.90
N THR O 128 132.53 17.98 20.19
CA THR O 128 132.04 17.21 21.32
C THR O 128 132.28 15.73 21.11
N ARG O 129 132.82 15.06 22.14
CA ARG O 129 133.04 13.63 22.13
C ARG O 129 133.87 13.19 20.93
N TRP O 130 134.81 14.03 20.53
CA TRP O 130 135.64 13.71 19.38
C TRP O 130 136.53 12.52 19.63
N ALA O 131 136.87 12.24 20.89
CA ALA O 131 137.71 11.10 21.23
C ALA O 131 137.00 10.13 22.15
N SER O 132 135.67 10.16 22.18
CA SER O 132 134.93 9.32 23.10
C SER O 132 134.71 7.93 22.51
N ASN O 133 134.33 7.00 23.40
CA ASN O 133 134.05 5.61 23.03
C ASN O 133 132.86 5.20 23.89
N VAL O 134 131.66 5.39 23.35
CA VAL O 134 130.44 5.27 24.13
C VAL O 134 129.68 4.02 23.73
N ASP O 135 128.79 3.58 24.61
CA ASP O 135 127.92 2.45 24.33
C ASP O 135 126.62 2.89 23.70
N PHE O 136 125.99 3.91 24.25
CA PHE O 136 124.78 4.50 23.70
C PHE O 136 125.09 5.94 23.29
N ASP O 137 124.57 6.35 22.15
CA ASP O 137 124.89 7.66 21.60
C ASP O 137 123.72 8.61 21.84
N ARG O 138 124.00 9.73 22.51
CA ARG O 138 122.97 10.76 22.66
C ARG O 138 122.64 11.40 21.33
N ASP O 139 123.60 11.42 20.41
CA ASP O 139 123.38 11.89 19.04
C ASP O 139 122.91 13.35 19.02
N SER O 140 123.63 14.19 19.75
CA SER O 140 123.40 15.63 19.71
C SER O 140 124.73 16.35 19.65
N SER O 141 125.68 15.79 18.92
CA SER O 141 127.04 16.31 18.91
C SER O 141 127.10 17.68 18.26
N VAL O 142 127.98 18.53 18.79
CA VAL O 142 128.30 19.83 18.23
C VAL O 142 129.70 19.72 17.66
N ILE O 143 129.82 19.86 16.34
CA ILE O 143 131.09 19.69 15.66
C ILE O 143 131.39 20.97 14.89
N MET O 144 132.49 21.62 15.25
CA MET O 144 132.95 22.82 14.58
C MET O 144 133.96 22.43 13.51
N ALA O 145 134.22 23.36 12.61
CA ALA O 145 135.25 23.18 11.61
C ALA O 145 136.37 24.19 11.84
N PRO O 146 137.58 23.90 11.39
CA PRO O 146 138.67 24.85 11.57
C PRO O 146 138.34 26.17 10.90
N PRO O 147 138.77 27.29 11.48
CA PRO O 147 138.29 28.60 11.01
C PRO O 147 138.62 28.88 9.56
N THR O 148 139.60 28.18 8.97
CA THR O 148 139.88 28.37 7.55
C THR O 148 138.71 27.93 6.69
N GLU O 149 137.77 27.18 7.24
CA GLU O 149 136.58 26.75 6.54
C GLU O 149 135.37 27.55 7.03
N ASN O 150 134.22 27.27 6.44
CA ASN O 150 133.01 28.04 6.74
C ASN O 150 132.18 27.32 7.77
N ASN O 151 131.78 28.04 8.82
CA ASN O 151 130.95 27.50 9.89
C ASN O 151 129.59 28.18 9.95
N ILE O 152 129.20 28.91 8.91
CA ILE O 152 127.98 29.71 8.96
C ILE O 152 126.76 28.84 9.20
N HIS O 153 126.82 27.57 8.78
CA HIS O 153 125.64 26.72 8.87
C HIS O 153 125.30 26.30 10.29
N LEU O 154 126.22 26.48 11.23
CA LEU O 154 125.89 26.17 12.62
C LEU O 154 125.14 27.29 13.31
N PHE O 155 124.99 28.44 12.68
CA PHE O 155 124.29 29.57 13.27
C PHE O 155 122.97 29.86 12.59
N LYS O 156 122.47 28.93 11.78
CA LYS O 156 121.20 29.14 11.10
C LYS O 156 120.33 27.90 11.10
N GLN O 157 120.56 26.95 11.99
CA GLN O 157 119.64 25.83 12.12
C GLN O 157 118.28 26.29 12.61
N LEU O 158 118.24 27.36 13.38
CA LEU O 158 117.02 27.92 13.94
C LEU O 158 116.29 28.75 12.89
N LEU O 159 115.47 29.69 13.35
CA LEU O 159 114.36 30.27 12.60
C LEU O 159 114.74 30.85 11.24
N ASN O 160 116.00 30.71 10.85
CA ASN O 160 116.41 31.20 9.54
C ASN O 160 115.81 30.34 8.45
N THR O 161 114.50 30.43 8.26
CA THR O 161 113.81 29.59 7.28
C THR O 161 113.71 30.29 5.92
N GLU O 162 113.06 31.45 5.90
CA GLU O 162 112.86 32.17 4.64
C GLU O 162 113.93 33.23 4.42
N THR O 163 115.19 32.82 4.53
CA THR O 163 116.28 33.75 4.25
C THR O 163 116.36 34.03 2.76
N LEU O 164 116.94 35.17 2.43
CA LEU O 164 117.15 35.53 1.03
C LEU O 164 118.49 35.04 0.51
N SER O 165 119.28 34.36 1.33
CA SER O 165 120.54 33.79 0.90
C SER O 165 120.75 32.47 1.61
N VAL O 166 121.16 31.44 0.85
CA VAL O 166 121.42 30.14 1.45
C VAL O 166 122.58 30.24 2.42
N ARG O 167 123.65 30.90 2.01
CA ARG O 167 124.74 31.21 2.93
C ARG O 167 124.39 32.46 3.73
N GLY O 168 125.04 32.59 4.87
CA GLY O 168 124.74 33.73 5.72
C GLY O 168 123.65 33.43 6.73
N ALA O 169 123.68 34.19 7.83
CA ALA O 169 122.74 34.00 8.92
C ALA O 169 122.07 35.33 9.24
N ASN O 170 120.96 35.24 9.96
CA ASN O 170 120.21 36.42 10.33
C ASN O 170 120.72 36.94 11.66
N PRO O 171 121.18 38.19 11.73
CA PRO O 171 121.72 38.69 13.00
C PRO O 171 120.72 38.72 14.12
N LEU O 172 119.44 38.69 13.81
CA LEU O 172 118.45 38.80 14.86
C LEU O 172 118.25 37.50 15.63
N MET O 173 118.87 36.41 15.20
CA MET O 173 118.69 35.13 15.88
C MET O 173 120.00 34.47 16.30
N PHE O 174 121.10 35.22 16.38
CA PHE O 174 122.29 34.61 16.96
C PHE O 174 122.06 34.15 18.39
N ARG O 175 121.34 34.94 19.19
CA ARG O 175 121.16 34.52 20.57
C ARG O 175 120.38 33.21 20.64
N ALA O 176 119.30 33.08 19.87
CA ALA O 176 118.55 31.83 19.88
C ALA O 176 119.42 30.67 19.42
N ASN O 177 120.15 30.87 18.31
CA ASN O 177 120.98 29.79 17.80
C ASN O 177 122.07 29.38 18.79
N VAL O 178 122.65 30.36 19.47
CA VAL O 178 123.73 30.07 20.41
C VAL O 178 123.20 29.37 21.64
N LEU O 179 122.03 29.77 22.13
CA LEU O 179 121.43 29.02 23.24
C LEU O 179 121.16 27.58 22.84
N HIS O 180 120.63 27.36 21.64
CA HIS O 180 120.41 25.98 21.20
C HIS O 180 121.71 25.21 21.12
N MET O 181 122.76 25.86 20.61
CA MET O 181 124.07 25.21 20.52
C MET O 181 124.58 24.83 21.90
N LEU O 182 124.46 25.73 22.86
CA LEU O 182 124.92 25.44 24.22
C LEU O 182 124.14 24.30 24.83
N LEU O 183 122.83 24.29 24.62
CA LEU O 183 122.02 23.19 25.14
C LEU O 183 122.45 21.86 24.56
N GLU O 184 122.71 21.83 23.25
CA GLU O 184 123.20 20.59 22.66
C GLU O 184 124.57 20.22 23.20
N PHE O 185 125.43 21.21 23.45
CA PHE O 185 126.73 20.94 24.02
C PHE O 185 126.60 20.27 25.38
N VAL O 186 125.68 20.76 26.21
CA VAL O 186 125.46 20.14 27.51
C VAL O 186 124.90 18.74 27.34
N LEU O 187 123.92 18.58 26.46
CA LEU O 187 123.25 17.29 26.32
C LEU O 187 124.21 16.21 25.85
N ASP O 188 125.08 16.53 24.90
CA ASP O 188 125.94 15.51 24.33
C ASP O 188 126.96 14.97 25.31
N ASN O 189 127.15 15.62 26.46
CA ASN O 189 128.19 15.21 27.40
C ASN O 189 127.64 14.49 28.62
N LEU O 190 126.35 14.17 28.63
CA LEU O 190 125.74 13.49 29.78
C LEU O 190 126.13 12.02 29.73
N TYR O 191 127.25 11.69 30.36
CA TYR O 191 127.77 10.34 30.35
C TYR O 191 128.47 10.05 31.67
N LEU O 192 128.74 8.77 31.90
CA LEU O 192 129.48 8.31 33.07
C LEU O 192 130.85 7.84 32.63
N ASN O 193 131.89 8.27 33.33
CA ASN O 193 133.25 7.91 32.98
C ASN O 193 133.51 6.47 33.40
N ARG O 194 133.61 5.58 32.42
CA ARG O 194 133.79 4.16 32.73
C ARG O 194 135.23 3.86 33.10
N HIS O 195 135.39 3.04 34.12
CA HIS O 195 136.72 2.58 34.53
C HIS O 195 137.21 1.48 33.60
N THR O 196 138.45 1.60 33.15
CA THR O 196 139.04 0.63 32.23
C THR O 196 140.38 0.15 32.77
N GLY O 197 141.10 -0.62 31.95
CA GLY O 197 142.35 -1.22 32.37
C GLY O 197 143.51 -0.25 32.36
N PHE O 198 144.63 -0.71 32.90
CA PHE O 198 145.85 0.08 33.01
C PHE O 198 147.02 -0.74 32.50
N SER O 199 148.21 -0.15 32.56
CA SER O 199 149.44 -0.82 32.19
C SER O 199 150.61 -0.08 32.80
N GLN O 200 151.45 -0.79 33.54
CA GLN O 200 152.61 -0.17 34.15
C GLN O 200 153.65 0.17 33.09
N ASP O 201 154.16 1.39 33.14
CA ASP O 201 155.09 1.87 32.12
C ASP O 201 156.49 1.96 32.69
N HIS O 202 157.48 1.84 31.80
CA HIS O 202 158.87 1.99 32.22
C HIS O 202 159.69 2.81 31.22
N THR O 203 159.04 3.68 30.45
CA THR O 203 159.77 4.65 29.66
C THR O 203 160.58 5.53 30.59
N PRO O 204 161.84 5.84 30.26
CA PRO O 204 162.70 6.56 31.21
C PRO O 204 162.13 7.88 31.69
N PHE O 205 161.33 8.56 30.86
CA PHE O 205 160.76 9.83 31.29
C PHE O 205 159.62 9.66 32.27
N THR O 206 158.89 8.55 32.19
CA THR O 206 157.74 8.30 33.06
C THR O 206 157.86 6.94 33.72
N GLU O 207 159.04 6.65 34.27
CA GLU O 207 159.26 5.36 34.92
C GLU O 207 158.31 5.18 36.09
N GLY O 208 157.70 4.00 36.18
CA GLY O 208 156.87 3.64 37.31
C GLY O 208 155.43 4.12 37.24
N ALA O 209 155.05 4.86 36.21
CA ALA O 209 153.70 5.36 36.14
C ALA O 209 152.72 4.25 35.77
N ASN O 210 151.46 4.47 36.10
CA ASN O 210 150.37 3.56 35.77
C ASN O 210 149.47 4.26 34.76
N LEU O 211 149.73 4.03 33.49
CA LEU O 211 148.99 4.69 32.43
C LEU O 211 147.68 3.98 32.15
N ARG O 212 146.67 4.76 31.80
CA ARG O 212 145.38 4.19 31.45
C ARG O 212 145.38 3.75 29.99
N SER O 213 144.75 2.62 29.72
CA SER O 213 144.71 2.03 28.38
C SER O 213 143.28 2.07 27.85
N LEU O 214 143.11 2.68 26.68
CA LEU O 214 141.82 2.70 26.04
C LEU O 214 141.49 1.33 25.46
N PRO O 215 140.20 1.03 25.28
CA PRO O 215 139.81 -0.23 24.65
C PRO O 215 140.11 -0.20 23.15
N GLY O 216 139.96 -1.36 22.53
CA GLY O 216 140.25 -1.50 21.12
C GLY O 216 141.70 -1.80 20.86
N PRO O 217 142.03 -2.09 19.61
CA PRO O 217 143.41 -2.42 19.27
C PRO O 217 144.31 -1.19 19.26
N ASP O 218 145.58 -1.43 19.61
CA ASP O 218 146.61 -0.39 19.61
C ASP O 218 146.21 0.79 20.48
N ALA O 219 146.08 0.52 21.77
CA ALA O 219 145.76 1.59 22.72
C ALA O 219 146.93 2.56 22.88
N GLU O 220 148.16 2.06 22.79
CA GLU O 220 149.33 2.87 23.08
C GLU O 220 149.52 4.01 22.08
N LYS O 221 148.83 3.99 20.94
CA LYS O 221 148.89 5.14 20.05
C LYS O 221 148.29 6.37 20.72
N TRP O 222 147.43 6.18 21.71
CA TRP O 222 146.80 7.27 22.43
C TRP O 222 147.67 7.81 23.56
N TYR O 223 148.79 7.15 23.88
CA TYR O 223 149.62 7.60 24.99
C TYR O 223 150.18 8.98 24.74
N SER O 224 150.64 9.24 23.51
CA SER O 224 151.19 10.55 23.20
C SER O 224 150.16 11.64 23.39
N ILE O 225 148.91 11.37 23.01
CA ILE O 225 147.87 12.37 23.18
C ILE O 225 147.52 12.57 24.64
N MET O 226 147.40 11.47 25.39
CA MET O 226 146.91 11.58 26.76
C MET O 226 147.92 12.26 27.67
N TYR O 227 149.19 11.82 27.61
CA TYR O 227 150.18 12.21 28.59
C TYR O 227 151.31 12.98 27.91
N PRO O 228 151.25 14.31 27.90
CA PRO O 228 152.31 15.07 27.22
C PRO O 228 153.70 14.80 27.77
N THR O 229 153.82 14.59 29.08
CA THR O 229 155.14 14.40 29.67
C THR O 229 155.82 13.14 29.18
N ARG O 230 155.06 12.21 28.59
CA ARG O 230 155.64 10.93 28.20
C ARG O 230 156.76 11.11 27.19
N MET O 231 156.56 11.99 26.21
CA MET O 231 157.64 12.33 25.30
C MET O 231 158.70 13.12 26.04
N GLY O 232 159.97 12.81 25.76
CA GLY O 232 161.06 13.44 26.48
C GLY O 232 161.31 14.87 26.04
N THR O 233 162.57 15.27 26.02
CA THR O 233 162.98 16.59 25.51
C THR O 233 164.14 16.42 24.55
N PRO O 234 163.89 15.80 23.40
CA PRO O 234 164.98 15.50 22.47
C PRO O 234 165.63 16.75 21.88
N ASN O 235 164.81 17.61 21.28
CA ASN O 235 165.29 18.75 20.52
C ASN O 235 165.04 20.05 21.28
N VAL O 236 165.32 21.16 20.62
CA VAL O 236 164.99 22.49 21.13
C VAL O 236 163.85 23.03 20.30
N SER O 237 162.74 23.33 20.96
CA SER O 237 161.54 23.80 20.26
C SER O 237 160.54 24.27 21.30
N LYS O 238 159.46 24.88 20.81
CA LYS O 238 158.40 25.31 21.71
C LYS O 238 157.88 24.14 22.54
N ILE O 239 157.58 23.03 21.87
CA ILE O 239 157.00 21.87 22.56
C ILE O 239 157.98 21.32 23.58
N CYS O 240 159.26 21.20 23.21
CA CYS O 240 160.24 20.67 24.14
C CYS O 240 160.40 21.56 25.36
N ASN O 241 160.40 22.88 25.16
CA ASN O 241 160.47 23.78 26.30
C ASN O 241 159.24 23.62 27.20
N PHE O 242 158.07 23.51 26.58
CA PHE O 242 156.86 23.32 27.38
C PHE O 242 156.95 22.06 28.22
N VAL O 243 157.44 20.97 27.62
CA VAL O 243 157.59 19.73 28.37
C VAL O 243 158.59 19.90 29.50
N ALA O 244 159.70 20.57 29.22
CA ALA O 244 160.69 20.82 30.26
C ALA O 244 160.13 21.68 31.39
N SER O 245 159.08 22.43 31.12
CA SER O 245 158.46 23.22 32.19
C SER O 245 157.67 22.36 33.17
N CYS O 246 157.13 21.23 32.71
CA CYS O 246 156.19 20.47 33.51
C CYS O 246 156.89 19.69 34.62
N VAL O 247 156.09 19.17 35.55
CA VAL O 247 156.58 18.33 36.64
C VAL O 247 156.30 16.87 36.30
N ARG O 248 157.20 15.99 36.74
CA ARG O 248 157.16 14.60 36.30
C ARG O 248 156.05 13.81 36.98
N ASN O 249 155.85 14.00 38.29
CA ASN O 249 155.08 13.04 39.08
C ASN O 249 153.61 13.00 38.70
N ARG O 250 153.01 14.11 38.30
CA ARG O 250 151.56 14.17 38.10
C ARG O 250 151.22 13.61 36.73
N VAL O 251 151.03 12.31 36.66
CA VAL O 251 150.70 11.65 35.40
C VAL O 251 150.14 10.27 35.73
N GLY O 252 149.23 9.80 34.89
CA GLY O 252 148.69 8.47 35.07
C GLY O 252 147.79 8.38 36.29
N ARG O 253 147.76 7.19 36.87
CA ARG O 253 146.90 6.95 38.03
C ARG O 253 147.37 7.76 39.22
N PHE O 254 146.42 8.32 39.95
CA PHE O 254 146.70 9.17 41.10
C PHE O 254 146.17 8.60 42.40
N ASP O 255 144.95 8.08 42.40
CA ASP O 255 144.38 7.47 43.60
C ASP O 255 143.36 6.42 43.18
N ARG O 256 143.15 5.45 44.06
CA ARG O 256 142.26 4.35 43.78
C ARG O 256 141.48 3.98 45.02
N ALA O 257 140.33 3.34 44.81
CA ALA O 257 139.49 2.92 45.92
C ALA O 257 140.17 1.82 46.73
N GLN O 258 139.83 1.78 48.02
CA GLN O 258 140.24 0.65 48.85
C GLN O 258 139.41 -0.58 48.53
N MET O 259 138.10 -0.40 48.34
CA MET O 259 137.23 -1.49 47.98
C MET O 259 137.53 -1.97 46.56
N MET O 260 137.53 -3.28 46.37
CA MET O 260 137.74 -3.81 45.04
C MET O 260 137.17 -5.22 44.95
N ASN O 261 136.76 -5.60 43.75
CA ASN O 261 136.33 -6.96 43.46
C ASN O 261 137.40 -7.63 42.59
N GLY O 262 137.79 -8.83 42.96
CA GLY O 262 138.93 -9.45 42.30
C GLY O 262 140.15 -8.58 42.51
N ALA O 263 140.86 -8.31 41.41
CA ALA O 263 141.99 -7.41 41.44
C ALA O 263 141.68 -6.08 40.77
N MET O 264 140.40 -5.76 40.59
CA MET O 264 139.96 -4.58 39.87
C MET O 264 139.44 -3.56 40.87
N SER O 265 140.09 -2.40 40.93
CA SER O 265 139.70 -1.37 41.87
C SER O 265 138.31 -0.84 41.52
N GLU O 266 137.59 -0.40 42.55
CA GLU O 266 136.21 0.01 42.34
C GLU O 266 136.12 1.35 41.62
N TRP O 267 136.92 2.33 42.04
CA TRP O 267 137.01 3.60 41.32
C TRP O 267 138.47 4.03 41.33
N VAL O 268 138.78 5.01 40.48
CA VAL O 268 140.16 5.43 40.30
C VAL O 268 140.20 6.88 39.88
N ASP O 269 141.24 7.58 40.29
CA ASP O 269 141.49 8.96 39.92
C ASP O 269 142.78 9.02 39.11
N VAL O 270 142.73 9.70 37.96
CA VAL O 270 143.83 9.65 37.01
C VAL O 270 144.07 11.03 36.43
N PHE O 271 145.35 11.36 36.25
CA PHE O 271 145.75 12.53 35.48
C PHE O 271 145.71 12.17 34.00
N GLU O 272 144.91 12.87 33.22
CA GLU O 272 144.88 12.62 31.79
C GLU O 272 144.33 13.84 31.09
N THR O 273 144.58 13.91 29.78
CA THR O 273 144.11 15.02 28.98
C THR O 273 142.59 15.09 29.01
N SER O 274 142.06 16.26 29.32
CA SER O 274 140.62 16.48 29.41
C SER O 274 140.38 17.95 29.67
N ASP O 275 139.18 18.40 29.34
CA ASP O 275 138.78 19.78 29.58
C ASP O 275 137.99 19.88 30.89
N ALA O 276 138.14 21.00 31.57
CA ALA O 276 137.51 21.15 32.88
C ALA O 276 136.01 21.28 32.76
N LEU O 277 135.51 21.84 31.65
CA LEU O 277 134.09 22.08 31.51
C LEU O 277 133.31 20.77 31.53
N THR O 278 133.69 19.82 30.68
CA THR O 278 132.97 18.57 30.64
C THR O 278 133.18 17.77 31.91
N VAL O 279 134.35 17.87 32.53
CA VAL O 279 134.57 17.19 33.79
C VAL O 279 133.59 17.69 34.84
N SER O 280 133.43 19.01 34.93
CA SER O 280 132.47 19.56 35.88
C SER O 280 131.05 19.13 35.54
N ILE O 281 130.70 19.14 34.25
CA ILE O 281 129.34 18.76 33.86
C ILE O 281 129.05 17.33 34.27
N ARG O 282 129.99 16.42 33.99
CA ARG O 282 129.78 15.03 34.34
C ARG O 282 129.83 14.80 35.84
N GLY O 283 130.58 15.62 36.58
CA GLY O 283 130.51 15.54 38.02
C GLY O 283 129.14 15.89 38.55
N ARG O 284 128.56 16.95 38.02
CA ARG O 284 127.20 17.32 38.43
C ARG O 284 126.21 16.23 38.05
N TRP O 285 126.36 15.65 36.86
CA TRP O 285 125.48 14.57 36.45
C TRP O 285 125.59 13.38 37.39
N MET O 286 126.82 13.02 37.77
CA MET O 286 127.04 11.98 38.76
C MET O 286 126.34 12.29 40.06
N ALA O 287 126.47 13.52 40.55
CA ALA O 287 125.82 13.87 41.80
C ALA O 287 124.31 13.71 41.71
N ARG O 288 123.73 14.19 40.60
CA ARG O 288 122.28 14.10 40.44
C ARG O 288 121.82 12.64 40.42
N LEU O 289 122.53 11.78 39.70
CA LEU O 289 122.14 10.38 39.70
C LEU O 289 122.32 9.75 41.07
N ALA O 290 123.41 10.07 41.76
CA ALA O 290 123.66 9.46 43.07
C ALA O 290 122.56 9.84 44.05
N ARG O 291 122.03 11.05 43.93
CA ARG O 291 120.97 11.46 44.85
C ARG O 291 119.70 10.64 44.68
N MET O 292 119.57 9.87 43.61
CA MET O 292 118.37 9.10 43.34
C MET O 292 118.49 7.64 43.75
N ASN O 293 119.57 7.25 44.42
CA ASN O 293 119.80 5.84 44.68
C ASN O 293 118.75 5.26 45.61
N ILE O 294 118.51 3.95 45.47
CA ILE O 294 117.55 3.21 46.27
C ILE O 294 118.16 1.86 46.63
N ASN O 295 117.95 1.44 47.86
CA ASN O 295 118.37 0.09 48.22
C ASN O 295 117.17 -0.84 48.25
N PRO O 296 117.37 -2.14 47.99
CA PRO O 296 116.22 -3.03 47.84
C PRO O 296 115.34 -3.16 49.08
N THR O 297 115.85 -2.87 50.28
CA THR O 297 115.04 -3.03 51.47
C THR O 297 113.83 -2.08 51.44
N GLU O 298 114.06 -0.84 51.04
CA GLU O 298 112.93 0.06 50.93
C GLU O 298 112.02 -0.31 49.78
N ILE O 299 112.53 -1.01 48.76
CA ILE O 299 111.64 -1.57 47.75
C ILE O 299 110.72 -2.61 48.37
N GLU O 300 111.27 -3.47 49.22
CA GLU O 300 110.44 -4.42 49.95
C GLU O 300 109.36 -3.68 50.74
N TRP O 301 109.76 -2.65 51.47
CA TRP O 301 108.80 -1.88 52.25
C TRP O 301 107.71 -1.32 51.36
N ALA O 302 108.10 -0.69 50.25
CA ALA O 302 107.15 0.00 49.40
C ALA O 302 106.15 -0.98 48.82
N LEU O 303 106.62 -2.09 48.27
CA LEU O 303 105.70 -3.05 47.67
C LEU O 303 104.81 -3.69 48.71
N THR O 304 105.36 -4.04 49.87
CA THR O 304 104.55 -4.66 50.92
C THR O 304 103.44 -3.72 51.37
N GLU O 305 103.77 -2.45 51.63
CA GLU O 305 102.74 -1.51 52.05
C GLU O 305 101.74 -1.27 50.91
N CYS O 306 102.23 -1.21 49.68
CA CYS O 306 101.36 -0.99 48.53
C CYS O 306 100.37 -2.12 48.34
N ALA O 307 100.72 -3.33 48.77
CA ALA O 307 99.86 -4.49 48.55
C ALA O 307 98.68 -4.56 49.50
N GLN O 308 98.51 -3.57 50.39
CA GLN O 308 97.39 -3.52 51.31
C GLN O 308 97.32 -4.75 52.21
N GLY O 309 98.48 -5.32 52.54
CA GLY O 309 98.51 -6.41 53.49
C GLY O 309 97.92 -7.72 53.02
N TYR O 310 97.90 -7.96 51.71
CA TYR O 310 97.46 -9.24 51.20
C TYR O 310 98.60 -10.16 50.82
N VAL O 311 99.76 -9.61 50.47
CA VAL O 311 100.96 -10.38 50.20
C VAL O 311 102.14 -9.67 50.83
N THR O 312 103.23 -10.41 51.00
CA THR O 312 104.47 -9.86 51.51
C THR O 312 105.56 -10.07 50.47
N VAL O 313 106.43 -9.10 50.32
CA VAL O 313 107.47 -9.12 49.31
C VAL O 313 108.83 -9.16 49.98
N THR O 314 109.74 -9.95 49.42
CA THR O 314 111.09 -10.08 49.95
C THR O 314 112.08 -10.04 48.81
N SER O 315 113.13 -9.24 48.96
CA SER O 315 114.17 -9.08 47.95
C SER O 315 115.53 -9.23 48.61
N PRO O 316 116.03 -10.45 48.75
CA PRO O 316 117.34 -10.65 49.37
C PRO O 316 118.45 -10.09 48.51
N TYR O 317 119.54 -9.69 49.16
CA TYR O 317 120.69 -9.14 48.44
C TYR O 317 121.91 -9.17 49.34
N ALA O 318 123.07 -9.08 48.69
CA ALA O 318 124.37 -9.11 49.34
C ALA O 318 124.89 -7.70 49.55
N PRO O 319 125.76 -7.49 50.53
CA PRO O 319 126.27 -6.14 50.81
C PRO O 319 127.13 -5.62 49.67
N SER O 320 126.88 -4.39 49.28
CA SER O 320 127.67 -3.69 48.27
C SER O 320 127.31 -2.22 48.33
N VAL O 321 128.14 -1.39 47.70
CA VAL O 321 127.89 0.04 47.66
C VAL O 321 127.72 0.58 46.24
N ASN O 322 128.24 -0.11 45.22
CA ASN O 322 128.15 0.36 43.85
C ASN O 322 126.96 -0.24 43.12
N ARG O 323 125.92 -0.59 43.84
CA ARG O 323 124.67 -1.06 43.27
C ARG O 323 123.79 0.17 43.10
N LEU O 324 123.74 0.70 41.88
CA LEU O 324 123.03 1.93 41.60
C LEU O 324 121.65 1.64 41.05
N MET O 325 120.62 2.05 41.76
CA MET O 325 119.23 1.81 41.38
C MET O 325 118.49 3.14 41.49
N PRO O 326 118.72 4.04 40.54
CA PRO O 326 118.16 5.39 40.67
C PRO O 326 116.67 5.44 40.46
N TYR O 327 115.90 5.60 41.54
CA TYR O 327 114.45 5.71 41.39
C TYR O 327 113.81 6.74 42.30
N ARG O 328 114.51 7.32 43.26
CA ARG O 328 113.89 8.20 44.24
C ARG O 328 113.76 9.61 43.69
N ILE O 329 112.55 10.17 43.77
CA ILE O 329 112.27 11.53 43.36
C ILE O 329 111.36 12.17 44.40
N SER O 330 111.18 13.48 44.28
CA SER O 330 110.38 14.24 45.22
C SER O 330 108.96 14.38 44.71
N ASN O 331 108.05 14.71 45.63
CA ASN O 331 106.65 14.86 45.27
C ASN O 331 106.44 15.97 44.25
N ALA O 332 107.25 17.02 44.33
CA ALA O 332 107.05 18.18 43.46
C ALA O 332 107.19 17.80 42.00
N GLU O 333 108.18 16.97 41.68
CA GLU O 333 108.35 16.53 40.31
C GLU O 333 107.17 15.71 39.83
N ARG O 334 106.65 14.84 40.69
CA ARG O 334 105.47 14.07 40.32
C ARG O 334 104.28 14.98 40.07
N GLN O 335 104.12 16.01 40.90
CA GLN O 335 103.02 16.95 40.70
C GLN O 335 103.16 17.68 39.38
N ILE O 336 104.37 18.12 39.05
CA ILE O 336 104.60 18.82 37.79
C ILE O 336 104.25 17.91 36.62
N SER O 337 104.71 16.66 36.67
CA SER O 337 104.41 15.73 35.59
C SER O 337 102.92 15.46 35.48
N GLN O 338 102.23 15.36 36.61
CA GLN O 338 100.79 15.16 36.59
C GLN O 338 100.09 16.35 35.96
N ILE O 339 100.54 17.56 36.27
CA ILE O 339 99.95 18.75 35.66
C ILE O 339 100.14 18.71 34.14
N ILE O 340 101.33 18.31 33.70
CA ILE O 340 101.58 18.20 32.26
C ILE O 340 100.61 17.20 31.65
N ARG O 341 100.43 16.05 32.31
CA ARG O 341 99.54 15.03 31.78
C ARG O 341 98.11 15.55 31.68
N ILE O 342 97.66 16.30 32.69
CA ILE O 342 96.32 16.85 32.63
C ILE O 342 96.19 17.85 31.49
N MET O 343 97.20 18.70 31.31
CA MET O 343 97.16 19.65 30.19
C MET O 343 97.13 18.92 28.87
N ASN O 344 97.70 17.72 28.81
CA ASN O 344 97.71 16.97 27.56
C ASN O 344 96.32 16.60 27.07
N ILE O 345 95.33 16.50 27.97
CA ILE O 345 94.00 16.07 27.56
C ILE O 345 93.40 17.06 26.56
N GLY O 346 93.21 18.29 27.00
CA GLY O 346 92.66 19.31 26.12
C GLY O 346 91.28 18.99 25.60
N ASN O 347 90.41 18.45 26.46
CA ASN O 347 89.03 18.16 26.09
C ASN O 347 88.94 17.23 24.89
N ASN O 348 89.86 16.29 24.80
CA ASN O 348 89.87 15.31 23.72
C ASN O 348 89.37 13.99 24.28
N ALA O 349 88.14 13.63 23.93
CA ALA O 349 87.57 12.40 24.44
C ALA O 349 88.33 11.17 23.95
N THR O 350 88.89 11.23 22.74
CA THR O 350 89.62 10.10 22.21
C THR O 350 90.85 9.80 23.07
N VAL O 351 91.40 10.82 23.72
CA VAL O 351 92.56 10.62 24.57
C VAL O 351 92.17 9.85 25.82
N ILE O 352 91.04 10.21 26.42
CA ILE O 352 90.72 9.71 27.76
C ILE O 352 90.01 8.36 27.69
N GLN O 353 89.24 8.12 26.62
CA GLN O 353 88.42 6.91 26.55
C GLN O 353 89.20 5.62 26.78
N PRO O 354 90.34 5.37 26.13
CA PRO O 354 91.01 4.08 26.33
C PRO O 354 91.38 3.82 27.77
N VAL O 355 91.79 4.85 28.51
CA VAL O 355 92.20 4.65 29.90
C VAL O 355 91.04 4.10 30.72
N LEU O 356 89.89 4.76 30.64
CA LEU O 356 88.74 4.31 31.41
C LEU O 356 88.29 2.93 30.97
N GLN O 357 88.27 2.68 29.66
CA GLN O 357 87.82 1.36 29.20
C GLN O 357 88.73 0.27 29.71
N ASP O 358 90.05 0.48 29.60
CA ASP O 358 90.99 -0.54 30.03
C ASP O 358 90.91 -0.77 31.54
N ILE O 359 90.77 0.31 32.31
CA ILE O 359 90.69 0.15 33.76
C ILE O 359 89.42 -0.60 34.13
N SER O 360 88.31 -0.29 33.46
CA SER O 360 87.07 -1.01 33.74
C SER O 360 87.23 -2.50 33.44
N VAL O 361 87.86 -2.83 32.32
CA VAL O 361 88.10 -4.24 32.02
C VAL O 361 88.96 -4.88 33.10
N LEU O 362 90.00 -4.17 33.55
CA LEU O 362 90.87 -4.72 34.58
C LEU O 362 90.10 -5.02 35.85
N LEU O 363 89.24 -4.09 36.28
CA LEU O 363 88.39 -4.36 37.43
C LEU O 363 87.50 -5.57 37.18
N GLN O 364 86.93 -5.68 35.98
CA GLN O 364 86.03 -6.78 35.70
C GLN O 364 86.74 -8.12 35.81
N ARG O 365 88.02 -8.17 35.45
CA ARG O 365 88.76 -9.42 35.37
C ARG O 365 89.50 -9.72 36.66
N ILE O 366 89.33 -8.91 37.70
CA ILE O 366 90.04 -9.12 38.94
C ILE O 366 89.10 -9.25 40.14
N SER O 367 87.88 -8.77 40.05
CA SER O 367 86.90 -8.82 41.13
C SER O 367 86.32 -10.22 41.27
N PRO O 368 86.02 -10.64 42.50
CA PRO O 368 85.29 -11.90 42.68
C PRO O 368 83.80 -11.77 42.39
N LEU O 369 83.29 -10.55 42.24
CA LEU O 369 81.86 -10.38 42.02
C LEU O 369 81.46 -10.88 40.64
N GLN O 370 80.31 -11.56 40.58
CA GLN O 370 79.73 -12.03 39.34
C GLN O 370 78.31 -11.49 39.21
N ILE O 371 77.96 -11.06 38.00
CA ILE O 371 76.65 -10.47 37.72
C ILE O 371 75.78 -11.56 37.11
N ASP O 372 74.60 -11.77 37.69
CA ASP O 372 73.74 -12.90 37.31
C ASP O 372 72.28 -12.50 37.38
N PRO O 373 71.68 -12.10 36.26
CA PRO O 373 70.27 -11.69 36.28
C PRO O 373 69.30 -12.80 36.65
N THR O 374 69.73 -14.06 36.56
CA THR O 374 68.84 -15.14 36.94
C THR O 374 68.38 -15.03 38.38
N ILE O 375 69.14 -14.34 39.23
CA ILE O 375 68.65 -14.04 40.57
C ILE O 375 67.36 -13.26 40.49
N ILE O 376 67.35 -12.19 39.70
CA ILE O 376 66.15 -11.38 39.52
C ILE O 376 65.03 -12.24 38.94
N SER O 377 65.35 -13.01 37.90
CA SER O 377 64.30 -13.79 37.25
C SER O 377 63.66 -14.78 38.20
N ASN O 378 64.47 -15.48 39.00
CA ASN O 378 63.92 -16.46 39.93
C ASN O 378 63.13 -15.77 41.04
N THR O 379 63.62 -14.63 41.53
CA THR O 379 62.89 -13.94 42.58
C THR O 379 61.51 -13.51 42.10
N MET O 380 61.44 -12.97 40.88
CA MET O 380 60.13 -12.60 40.34
C MET O 380 59.27 -13.84 40.09
N SER O 381 59.84 -14.83 39.39
CA SER O 381 59.15 -16.10 39.14
C SER O 381 57.77 -15.89 38.51
N THR O 382 57.75 -15.20 37.37
CA THR O 382 56.52 -14.89 36.67
C THR O 382 56.71 -15.14 35.18
N VAL O 383 55.74 -15.80 34.56
CA VAL O 383 55.75 -16.08 33.14
C VAL O 383 54.59 -15.38 32.42
N SER O 384 53.35 -15.69 32.81
CA SER O 384 52.15 -15.06 32.26
C SER O 384 52.10 -15.20 30.74
N GLU O 385 52.08 -16.44 30.29
CA GLU O 385 52.03 -16.73 28.86
C GLU O 385 50.68 -16.34 28.27
N SER O 386 50.70 -16.03 26.97
CA SER O 386 49.49 -15.76 26.19
C SER O 386 48.66 -14.64 26.82
N THR O 387 49.34 -13.61 27.32
CA THR O 387 48.69 -12.45 27.93
C THR O 387 48.86 -11.28 26.97
N THR O 388 47.86 -11.07 26.11
CA THR O 388 47.90 -9.96 25.17
C THR O 388 47.94 -8.63 25.89
N GLN O 389 47.13 -8.48 26.94
CA GLN O 389 47.14 -7.29 27.79
C GLN O 389 47.62 -7.73 29.17
N THR O 390 48.94 -7.75 29.36
CA THR O 390 49.51 -8.16 30.63
C THR O 390 49.06 -7.21 31.74
N LEU O 391 49.51 -5.96 31.66
CA LEU O 391 49.21 -4.95 32.66
C LEU O 391 49.51 -5.51 34.06
N SER O 392 50.66 -6.17 34.18
CA SER O 392 51.10 -6.73 35.43
C SER O 392 52.45 -6.14 35.79
N PRO O 393 52.64 -5.70 37.03
CA PRO O 393 53.91 -5.04 37.39
C PRO O 393 55.12 -5.92 37.15
N ALA O 394 55.01 -7.22 37.41
CA ALA O 394 56.17 -8.10 37.27
C ALA O 394 56.61 -8.18 35.82
N SER O 395 55.68 -8.39 34.90
CA SER O 395 56.07 -8.48 33.50
C SER O 395 56.68 -7.18 33.01
N SER O 396 56.10 -6.05 33.40
CA SER O 396 56.63 -4.77 32.96
C SER O 396 58.03 -4.53 33.51
N ILE O 397 58.25 -4.86 34.78
CA ILE O 397 59.57 -4.61 35.36
C ILE O 397 60.60 -5.54 34.73
N LEU O 398 60.21 -6.77 34.40
CA LEU O 398 61.13 -7.64 33.66
C LEU O 398 61.43 -7.08 32.29
N GLY O 399 60.43 -6.50 31.63
CA GLY O 399 60.68 -5.88 30.34
C GLY O 399 61.66 -4.74 30.43
N LYS O 400 61.54 -3.91 31.47
CA LYS O 400 62.48 -2.80 31.63
C LYS O 400 63.87 -3.29 31.96
N LEU O 401 63.99 -4.22 32.91
CA LEU O 401 65.32 -4.65 33.35
C LEU O 401 66.06 -5.35 32.23
N ARG O 402 65.37 -6.25 31.51
CA ARG O 402 65.97 -7.08 30.45
C ARG O 402 67.20 -7.80 31.03
N PRO O 403 66.96 -8.66 32.02
CA PRO O 403 67.93 -9.43 32.82
C PRO O 403 68.83 -10.38 32.04
N SER O 404 68.31 -11.02 31.01
CA SER O 404 69.09 -11.95 30.22
C SER O 404 70.33 -11.29 29.57
N ASN O 405 70.17 -10.04 29.10
CA ASN O 405 71.29 -9.33 28.48
C ASN O 405 72.41 -9.14 29.51
N SER O 406 73.67 -9.24 29.08
CA SER O 406 74.79 -9.14 30.02
C SER O 406 75.81 -8.00 29.92
N ASP O 407 75.67 -7.07 28.98
CA ASP O 407 76.64 -6.00 28.92
C ASP O 407 76.57 -5.19 30.20
N PHE O 408 77.71 -5.00 30.86
CA PHE O 408 77.75 -4.25 32.10
C PHE O 408 78.95 -3.32 32.16
N SER O 409 79.35 -2.78 31.00
CA SER O 409 80.46 -1.83 30.98
C SER O 409 80.13 -0.59 31.80
N SER O 410 78.84 -0.24 31.88
CA SER O 410 78.46 0.95 32.61
C SER O 410 78.86 0.86 34.07
N PHE O 411 78.64 -0.29 34.69
CA PHE O 411 78.95 -0.45 36.11
C PHE O 411 80.44 -0.30 36.36
N ARG O 412 81.26 -1.03 35.60
CA ARG O 412 82.70 -0.99 35.84
C ARG O 412 83.26 0.38 35.52
N VAL O 413 82.75 1.03 34.48
CA VAL O 413 83.22 2.37 34.15
C VAL O 413 82.80 3.35 35.24
N ALA O 414 81.62 3.16 35.83
CA ALA O 414 81.21 4.02 36.94
C ALA O 414 82.17 3.88 38.10
N LEU O 415 82.56 2.65 38.41
CA LEU O 415 83.58 2.46 39.46
C LEU O 415 84.88 3.14 39.07
N ALA O 416 85.33 2.97 37.83
CA ALA O 416 86.61 3.52 37.43
C ALA O 416 86.60 5.03 37.43
N GLY O 417 85.44 5.64 37.24
CA GLY O 417 85.39 7.10 37.15
C GLY O 417 85.75 7.79 38.45
N TRP O 418 85.61 7.09 39.58
CA TRP O 418 85.93 7.70 40.86
C TRP O 418 87.38 8.14 40.93
N LEU O 419 88.27 7.42 40.28
CA LEU O 419 89.69 7.77 40.34
C LEU O 419 90.02 9.03 39.57
N TYR O 420 89.14 9.45 38.66
CA TYR O 420 89.42 10.59 37.80
C TYR O 420 88.28 11.59 37.87
N ASN O 421 87.87 11.91 39.10
CA ASN O 421 86.82 12.88 39.32
C ASN O 421 87.15 14.23 38.70
N GLY O 422 88.43 14.56 38.58
CA GLY O 422 88.81 15.90 38.20
C GLY O 422 88.87 16.19 36.72
N VAL O 423 88.76 15.18 35.87
CA VAL O 423 88.90 15.42 34.43
C VAL O 423 87.67 14.94 33.68
N VAL O 424 86.96 13.97 34.24
CA VAL O 424 85.78 13.40 33.59
C VAL O 424 84.67 13.30 34.62
N THR O 425 83.45 13.60 34.19
CA THR O 425 82.28 13.54 35.06
C THR O 425 81.29 12.55 34.48
N THR O 426 80.85 11.61 35.30
CA THR O 426 79.91 10.59 34.87
C THR O 426 78.49 11.00 35.24
N VAL O 427 77.58 10.88 34.29
CA VAL O 427 76.18 11.22 34.48
C VAL O 427 75.33 10.10 33.91
N ILE O 428 74.02 10.22 34.10
CA ILE O 428 73.06 9.31 33.52
C ILE O 428 72.56 9.91 32.22
N ASP O 429 72.60 9.13 31.14
CA ASP O 429 72.14 9.62 29.86
C ASP O 429 70.68 10.05 29.94
N ASP O 430 70.36 11.13 29.23
CA ASP O 430 69.01 11.67 29.29
C ASP O 430 67.96 10.69 28.79
N SER O 431 68.36 9.67 28.02
CA SER O 431 67.41 8.69 27.56
C SER O 431 66.82 7.89 28.71
N SER O 432 67.60 7.66 29.77
CA SER O 432 67.12 6.87 30.89
C SER O 432 65.99 7.54 31.64
N TYR O 433 65.85 8.85 31.51
CA TYR O 433 64.79 9.57 32.19
C TYR O 433 63.45 9.24 31.55
N PRO O 434 62.35 9.40 32.30
CA PRO O 434 61.03 9.11 31.72
C PRO O 434 60.76 9.96 30.49
N LYS O 435 60.10 9.36 29.52
CA LYS O 435 59.88 10.01 28.23
C LYS O 435 58.91 11.17 28.42
N ASP O 436 59.31 12.36 27.94
CA ASP O 436 58.52 13.57 28.08
C ASP O 436 58.17 13.87 29.53
N GLY O 437 59.12 13.67 30.44
CA GLY O 437 58.89 13.92 31.85
C GLY O 437 58.18 12.80 32.56
N GLY O 438 57.18 12.21 31.92
CA GLY O 438 56.45 11.12 32.52
C GLY O 438 55.37 11.59 33.47
N SER O 439 54.68 10.63 34.06
CA SER O 439 53.60 10.90 34.99
C SER O 439 53.44 9.73 35.94
N VAL O 440 53.03 10.03 37.16
CA VAL O 440 52.80 8.98 38.13
C VAL O 440 51.64 8.08 37.74
N THR O 441 50.79 8.54 36.84
CA THR O 441 49.65 7.74 36.42
C THR O 441 50.05 6.54 35.57
N SER O 442 51.30 6.45 35.14
CA SER O 442 51.75 5.41 34.23
C SER O 442 52.57 4.37 34.98
N LEU O 443 52.13 3.11 34.92
CA LEU O 443 52.95 2.03 35.45
C LEU O 443 54.30 1.98 34.76
N GLU O 444 54.35 2.41 33.50
CA GLU O 444 55.61 2.43 32.78
C GLU O 444 56.62 3.36 33.43
N ASN O 445 56.19 4.58 33.74
CA ASN O 445 57.12 5.60 34.22
C ASN O 445 57.59 5.33 35.64
N LEU O 446 56.78 4.63 36.43
CA LEU O 446 57.17 4.34 37.80
C LEU O 446 58.46 3.53 37.84
N TRP O 447 58.57 2.55 36.94
CA TRP O 447 59.78 1.73 36.92
C TRP O 447 60.98 2.54 36.47
N ASP O 448 60.80 3.45 35.50
CA ASP O 448 61.91 4.31 35.12
C ASP O 448 62.38 5.13 36.30
N PHE O 449 61.43 5.69 37.06
CA PHE O 449 61.81 6.44 38.24
C PHE O 449 62.55 5.57 39.24
N PHE O 450 62.07 4.36 39.46
CA PHE O 450 62.71 3.47 40.42
C PHE O 450 64.13 3.16 40.01
N ILE O 451 64.33 2.78 38.74
CA ILE O 451 65.66 2.43 38.25
C ILE O 451 66.58 3.63 38.37
N LEU O 452 66.12 4.80 37.94
CA LEU O 452 66.97 5.97 37.95
C LEU O 452 67.36 6.37 39.36
N ALA O 453 66.39 6.34 40.28
CA ALA O 453 66.69 6.70 41.66
C ALA O 453 67.65 5.71 42.30
N LEU O 454 67.49 4.42 41.99
CA LEU O 454 68.37 3.44 42.56
C LEU O 454 69.77 3.50 41.97
N ALA O 455 69.91 3.99 40.75
CA ALA O 455 71.21 4.02 40.09
C ALA O 455 71.96 5.34 40.23
N LEU O 456 71.28 6.42 40.61
CA LEU O 456 71.94 7.72 40.65
C LEU O 456 73.16 7.80 41.57
N PRO O 457 73.14 7.31 42.81
CA PRO O 457 74.22 7.64 43.75
C PRO O 457 75.61 7.26 43.29
N LEU O 458 75.76 6.25 42.42
CA LEU O 458 77.09 5.84 42.01
C LEU O 458 77.76 6.79 41.04
N THR O 459 77.04 7.75 40.49
CA THR O 459 77.64 8.70 39.56
C THR O 459 78.48 9.72 40.30
N THR O 460 79.48 10.26 39.60
CA THR O 460 80.34 11.28 40.16
C THR O 460 79.76 12.69 40.00
N ASP O 461 78.58 12.81 39.41
CA ASP O 461 77.98 14.12 39.20
C ASP O 461 77.68 14.77 40.55
N PRO O 462 78.16 15.99 40.78
CA PRO O 462 77.85 16.67 42.05
C PRO O 462 76.39 17.03 42.20
N CYS O 463 75.63 17.09 41.10
CA CYS O 463 74.25 17.53 41.15
C CYS O 463 73.26 16.38 41.13
N ALA O 464 73.70 15.17 41.46
CA ALA O 464 72.81 14.01 41.40
C ALA O 464 71.59 14.13 42.28
N PRO O 465 71.70 14.48 43.57
CA PRO O 465 70.49 14.49 44.42
C PRO O 465 69.41 15.42 43.90
N VAL O 466 69.80 16.56 43.34
CA VAL O 466 68.80 17.49 42.81
C VAL O 466 68.07 16.85 41.64
N LYS O 467 68.80 16.13 40.78
CA LYS O 467 68.15 15.42 39.69
C LYS O 467 67.19 14.37 40.23
N ALA O 468 67.62 13.64 41.26
CA ALA O 468 66.75 12.61 41.83
C ALA O 468 65.46 13.20 42.35
N PHE O 469 65.54 14.32 43.05
CA PHE O 469 64.34 14.95 43.58
C PHE O 469 63.47 15.51 42.46
N MET O 470 64.09 16.22 41.52
CA MET O 470 63.35 16.88 40.46
C MET O 470 62.68 15.89 39.53
N THR O 471 63.19 14.65 39.43
CA THR O 471 62.50 13.65 38.62
C THR O 471 61.11 13.38 39.17
N LEU O 472 61.02 13.07 40.47
CA LEU O 472 59.72 12.81 41.06
C LEU O 472 58.87 14.05 41.08
N ALA O 473 59.49 15.22 41.26
CA ALA O 473 58.73 16.46 41.19
C ALA O 473 58.09 16.63 39.82
N ASN O 474 58.83 16.31 38.75
CA ASN O 474 58.27 16.39 37.41
C ASN O 474 57.14 15.39 37.22
N MET O 475 57.32 14.17 37.70
CA MET O 475 56.28 13.17 37.50
C MET O 475 54.99 13.49 38.23
N MET O 476 55.04 14.37 39.22
CA MET O 476 53.89 14.64 40.08
C MET O 476 53.13 15.90 39.68
N VAL O 477 53.43 16.50 38.53
CA VAL O 477 52.78 17.73 38.13
C VAL O 477 51.29 17.50 37.98
N GLY O 478 50.49 18.41 38.53
CA GLY O 478 49.05 18.33 38.43
C GLY O 478 48.39 17.56 39.54
N PHE O 479 49.13 16.77 40.29
CA PHE O 479 48.61 16.06 41.44
C PHE O 479 49.09 16.62 42.76
N GLU O 480 50.22 17.30 42.76
CA GLU O 480 50.92 17.64 43.99
C GLU O 480 51.91 18.75 43.67
N THR O 481 51.67 19.94 44.20
CA THR O 481 52.36 21.14 43.77
C THR O 481 53.23 21.70 44.88
N ILE O 482 54.36 22.28 44.49
CA ILE O 482 55.27 22.94 45.43
C ILE O 482 55.57 24.33 44.90
N PRO O 483 55.88 25.30 45.75
CA PRO O 483 56.18 26.64 45.26
C PRO O 483 57.52 26.74 44.57
N MET O 484 57.56 27.58 43.53
CA MET O 484 58.78 27.90 42.81
C MET O 484 59.28 29.28 43.22
N ASP O 485 60.54 29.34 43.64
CA ASP O 485 61.16 30.62 43.96
C ASP O 485 61.25 31.52 42.73
N ASN O 486 61.68 30.96 41.60
CA ASN O 486 61.88 31.73 40.39
C ASN O 486 60.58 31.76 39.59
N GLN O 487 60.19 32.96 39.16
CA GLN O 487 58.99 33.10 38.35
C GLN O 487 59.12 32.48 36.97
N ILE O 488 60.34 32.15 36.54
CA ILE O 488 60.54 31.57 35.21
C ILE O 488 60.46 30.06 35.29
N TYR O 489 61.34 29.46 36.10
CA TYR O 489 61.35 28.01 36.22
C TYR O 489 60.09 27.52 36.92
N THR O 490 59.45 26.52 36.33
CA THR O 490 58.25 25.94 36.91
C THR O 490 58.59 24.61 37.56
N GLN O 491 57.55 23.94 38.06
CA GLN O 491 57.74 22.58 38.56
C GLN O 491 58.00 21.61 37.43
N SER O 492 57.56 21.92 36.21
CA SER O 492 57.67 21.00 35.09
C SER O 492 59.01 21.09 34.38
N ARG O 493 59.95 21.87 34.90
CA ARG O 493 61.28 21.93 34.28
C ARG O 493 61.92 20.55 34.34
N ARG O 494 62.52 20.15 33.22
CA ARG O 494 63.01 18.79 33.09
C ARG O 494 64.11 18.50 34.08
N ALA O 495 64.12 17.28 34.61
CA ALA O 495 65.06 16.93 35.66
C ALA O 495 66.49 16.93 35.15
N SER O 496 66.72 16.43 33.94
CA SER O 496 68.08 16.30 33.45
C SER O 496 68.73 17.63 33.11
N ALA O 497 68.05 18.75 33.33
CA ALA O 497 68.65 20.05 33.08
C ALA O 497 69.39 20.61 34.28
N PHE O 498 69.06 20.17 35.49
CA PHE O 498 69.70 20.67 36.70
C PHE O 498 71.10 20.07 36.77
N SER O 499 72.03 20.68 36.04
CA SER O 499 73.36 20.12 35.90
C SER O 499 74.43 20.87 36.67
N THR O 500 74.16 22.08 37.12
CA THR O 500 75.15 22.91 37.79
C THR O 500 74.59 23.40 39.12
N PRO O 501 75.47 23.72 40.07
CA PRO O 501 74.97 24.11 41.40
C PRO O 501 74.06 25.32 41.38
N HIS O 502 74.23 26.23 40.42
CA HIS O 502 73.41 27.43 40.42
C HIS O 502 71.94 27.15 40.13
N THR O 503 71.61 25.93 39.71
CA THR O 503 70.24 25.59 39.39
C THR O 503 69.49 24.97 40.56
N TRP O 504 70.10 24.85 41.72
CA TRP O 504 69.47 24.18 42.83
C TRP O 504 68.32 25.02 43.36
N PRO O 505 67.09 24.53 43.35
CA PRO O 505 65.97 25.34 43.83
C PRO O 505 66.01 25.47 45.35
N ARG O 506 65.61 26.65 45.82
CA ARG O 506 65.55 26.85 47.26
C ARG O 506 64.46 26.02 47.89
N CYS O 507 63.41 25.69 47.12
CA CYS O 507 62.36 24.84 47.64
C CYS O 507 62.87 23.45 47.97
N PHE O 508 64.05 23.10 47.48
CA PHE O 508 64.68 21.82 47.83
C PHE O 508 65.70 21.98 48.94
N MET O 509 66.43 23.08 48.96
CA MET O 509 67.42 23.30 50.02
C MET O 509 66.75 23.39 51.39
N ASN O 510 65.65 24.09 51.48
CA ASN O 510 64.92 24.28 52.73
C ASN O 510 63.68 23.41 52.69
N ILE O 511 63.67 22.36 53.50
CA ILE O 511 62.55 21.42 53.49
C ILE O 511 61.27 22.10 53.95
N GLN O 512 61.39 23.02 54.90
CA GLN O 512 60.20 23.58 55.53
C GLN O 512 59.28 24.27 54.53
N LEU O 513 59.80 24.67 53.37
CA LEU O 513 58.97 25.35 52.39
C LEU O 513 58.02 24.40 51.67
N ILE O 514 58.14 23.09 51.86
CA ILE O 514 57.26 22.12 51.23
C ILE O 514 56.12 21.81 52.18
N SER O 515 54.90 22.12 51.76
CA SER O 515 53.74 21.92 52.63
C SER O 515 53.45 20.44 52.78
N PRO O 516 53.43 19.90 54.00
CA PRO O 516 53.07 18.48 54.17
C PRO O 516 51.65 18.18 53.72
N ILE O 517 50.79 19.19 53.67
CA ILE O 517 49.43 18.98 53.18
C ILE O 517 49.37 19.05 51.67
N ASP O 518 49.99 20.06 51.07
CA ASP O 518 49.97 20.21 49.62
C ASP O 518 50.89 19.22 48.92
N ALA O 519 51.89 18.69 49.62
CA ALA O 519 52.88 17.81 48.98
C ALA O 519 53.44 16.84 50.01
N PRO O 520 52.67 15.84 50.38
CA PRO O 520 53.18 14.84 51.33
C PRO O 520 54.30 13.99 50.75
N ILE O 521 54.07 13.44 49.57
CA ILE O 521 55.05 12.54 48.97
C ILE O 521 56.34 13.27 48.66
N LEU O 522 56.24 14.48 48.11
CA LEU O 522 57.45 15.25 47.83
C LEU O 522 58.20 15.57 49.10
N ARG O 523 57.49 15.91 50.17
CA ARG O 523 58.14 16.18 51.44
C ARG O 523 58.89 14.96 51.93
N GLN O 524 58.25 13.79 51.88
CA GLN O 524 58.91 12.56 52.31
C GLN O 524 60.14 12.29 51.47
N TRP O 525 60.03 12.46 50.16
CA TRP O 525 61.14 12.17 49.26
C TRP O 525 62.32 13.10 49.54
N ALA O 526 62.03 14.39 49.75
CA ALA O 526 63.10 15.33 50.08
C ALA O 526 63.76 14.97 51.40
N GLU O 527 62.97 14.61 52.41
CA GLU O 527 63.55 14.21 53.67
C GLU O 527 64.42 12.97 53.51
N ILE O 528 63.98 12.01 52.72
CA ILE O 528 64.75 10.80 52.50
C ILE O 528 66.07 11.13 51.85
N ILE O 529 66.05 11.98 50.82
CA ILE O 529 67.30 12.34 50.14
C ILE O 529 68.25 13.02 51.11
N HIS O 530 67.74 13.95 51.91
CA HIS O 530 68.60 14.63 52.87
C HIS O 530 69.18 13.67 53.89
N ARG O 531 68.38 12.73 54.37
CA ARG O 531 68.81 11.95 55.52
C ARG O 531 69.68 10.76 55.14
N TYR O 532 69.32 10.03 54.07
CA TYR O 532 69.93 8.75 53.81
C TYR O 532 70.80 8.71 52.56
N TRP O 533 71.09 9.85 51.95
CA TRP O 533 72.00 9.83 50.81
C TRP O 533 73.39 9.40 51.29
N PRO O 534 74.12 8.62 50.50
CA PRO O 534 75.39 8.06 50.98
C PRO O 534 76.41 9.13 51.33
N ASN O 535 77.30 8.77 52.23
CA ASN O 535 78.31 9.67 52.77
C ASN O 535 79.67 9.36 52.19
N PRO O 536 80.40 10.35 51.68
CA PRO O 536 81.75 10.10 51.17
C PRO O 536 82.70 9.73 52.29
N SER O 537 83.82 9.13 51.91
CA SER O 537 84.81 8.66 52.88
C SER O 537 86.19 8.76 52.24
N GLN O 538 87.17 8.18 52.92
CA GLN O 538 88.57 8.27 52.53
C GLN O 538 89.23 6.90 52.70
N ILE O 539 90.40 6.75 52.10
CA ILE O 539 91.15 5.50 52.22
C ILE O 539 92.61 5.77 51.87
N ARG O 540 93.50 5.12 52.61
CA ARG O 540 94.92 5.24 52.36
C ARG O 540 95.34 4.31 51.22
N TYR O 541 96.41 4.70 50.53
CA TYR O 541 96.90 3.89 49.42
C TYR O 541 98.33 4.29 49.11
N GLY O 542 99.02 3.41 48.39
CA GLY O 542 100.35 3.71 47.90
C GLY O 542 101.40 3.67 48.98
N ALA O 543 102.62 4.06 48.59
CA ALA O 543 103.77 4.10 49.49
C ALA O 543 104.41 5.48 49.37
N PRO O 544 103.84 6.49 50.01
CA PRO O 544 104.34 7.86 49.83
C PRO O 544 105.78 8.04 50.27
N ASN O 545 106.24 7.29 51.26
CA ASN O 545 107.59 7.48 51.76
C ASN O 545 108.66 7.05 50.77
N VAL O 546 108.28 6.33 49.71
CA VAL O 546 109.22 5.90 48.68
C VAL O 546 108.80 6.36 47.30
N PHE O 547 107.54 6.14 46.93
CA PHE O 547 107.06 6.47 45.60
C PHE O 547 106.58 7.91 45.50
N GLY O 548 106.59 8.65 46.59
CA GLY O 548 106.01 9.97 46.53
C GLY O 548 104.51 9.86 46.32
N SER O 549 103.93 10.93 45.79
CA SER O 549 102.50 10.95 45.50
C SER O 549 102.22 12.04 44.49
N ALA O 550 101.33 11.75 43.55
CA ALA O 550 100.93 12.71 42.53
C ALA O 550 99.68 13.48 42.93
N ASN O 551 99.21 13.32 44.16
CA ASN O 551 98.02 14.04 44.60
C ASN O 551 98.27 15.54 44.58
N LEU O 552 97.25 16.29 44.16
CA LEU O 552 97.35 17.74 44.05
C LEU O 552 96.45 18.45 45.05
N PHE O 553 95.15 18.19 45.01
CA PHE O 553 94.20 18.85 45.88
C PHE O 553 93.89 18.06 47.14
N THR O 554 94.56 16.95 47.36
CA THR O 554 94.32 16.06 48.47
C THR O 554 95.64 15.79 49.19
N PRO O 555 95.58 15.37 50.44
CA PRO O 555 96.81 14.96 51.12
C PRO O 555 97.46 13.82 50.36
N PRO O 556 98.79 13.74 50.40
CA PRO O 556 99.49 12.84 49.46
C PRO O 556 99.12 11.38 49.59
N GLU O 557 98.73 10.90 50.77
CA GLU O 557 98.59 9.47 51.00
C GLU O 557 97.15 9.02 51.06
N VAL O 558 96.20 9.81 50.57
CA VAL O 558 94.79 9.53 50.77
C VAL O 558 94.10 9.40 49.42
N LEU O 559 93.04 8.60 49.37
CA LEU O 559 92.22 8.42 48.18
C LEU O 559 90.77 8.68 48.56
N LEU O 560 90.09 9.49 47.76
CA LEU O 560 88.72 9.88 48.07
C LEU O 560 87.73 8.90 47.47
N LEU O 561 86.58 8.77 48.15
CA LEU O 561 85.51 7.91 47.70
C LEU O 561 84.17 8.60 47.92
N PRO O 562 83.20 8.39 47.03
CA PRO O 562 81.84 8.89 47.28
C PRO O 562 81.01 7.97 48.14
N ILE O 563 81.56 6.87 48.62
CA ILE O 563 80.83 5.87 49.39
C ILE O 563 81.63 5.52 50.64
N ASP O 564 80.95 5.36 51.76
CA ASP O 564 81.62 4.92 52.98
C ASP O 564 82.08 3.48 52.84
N HIS O 565 83.17 3.14 53.50
CA HIS O 565 83.79 1.83 53.40
C HIS O 565 83.96 1.21 54.78
N GLN O 566 84.05 -0.12 54.80
CA GLN O 566 84.15 -0.88 56.02
C GLN O 566 85.21 -1.96 55.84
N PRO O 567 85.75 -2.49 56.94
CA PRO O 567 86.70 -3.61 56.82
C PRO O 567 86.03 -4.82 56.19
N ALA O 568 86.83 -5.59 55.46
CA ALA O 568 86.32 -6.73 54.71
C ALA O 568 85.89 -7.84 55.66
N ASN O 569 84.73 -8.42 55.41
CA ASN O 569 84.24 -9.56 56.17
C ASN O 569 83.19 -10.27 55.35
N VAL O 570 83.51 -11.48 54.89
CA VAL O 570 82.62 -12.19 53.97
C VAL O 570 81.34 -12.62 54.66
N THR O 571 81.38 -12.88 55.95
CA THR O 571 80.23 -13.42 56.67
C THR O 571 79.14 -12.41 56.93
N THR O 572 79.19 -11.23 56.31
CA THR O 572 78.21 -10.20 56.58
C THR O 572 76.82 -10.67 56.16
N PRO O 573 75.78 -10.39 56.94
CA PRO O 573 74.41 -10.69 56.49
C PRO O 573 74.04 -9.85 55.29
N THR O 574 73.20 -10.43 54.43
CA THR O 574 72.80 -9.71 53.21
C THR O 574 71.90 -8.53 53.54
N LEU O 575 70.88 -8.75 54.37
CA LEU O 575 69.92 -7.70 54.71
C LEU O 575 70.39 -6.91 55.91
N ASP O 576 71.62 -6.41 55.82
CA ASP O 576 72.20 -5.55 56.84
C ASP O 576 71.86 -4.11 56.46
N PHE O 577 70.86 -3.55 57.12
CA PHE O 577 70.43 -2.20 56.79
C PHE O 577 71.43 -1.14 57.24
N THR O 578 72.46 -1.52 57.99
CA THR O 578 73.52 -0.58 58.31
C THR O 578 74.22 -0.11 57.05
N ASN O 579 74.42 -1.02 56.10
CA ASN O 579 75.05 -0.66 54.84
C ASN O 579 74.23 0.42 54.14
N GLU O 580 74.91 1.47 53.69
CA GLU O 580 74.21 2.63 53.17
C GLU O 580 73.44 2.29 51.90
N LEU O 581 74.02 1.47 51.03
CA LEU O 581 73.34 1.16 49.77
C LEU O 581 72.07 0.36 50.02
N THR O 582 72.14 -0.63 50.90
CA THR O 582 70.97 -1.44 51.20
C THR O 582 69.88 -0.58 51.84
N ASN O 583 70.27 0.29 52.77
CA ASN O 583 69.31 1.17 53.40
C ASN O 583 68.67 2.10 52.36
N TRP O 584 69.47 2.58 51.42
CA TRP O 584 68.94 3.43 50.36
C TRP O 584 67.91 2.69 49.53
N ARG O 585 68.22 1.46 49.14
CA ARG O 585 67.26 0.67 48.37
C ARG O 585 65.98 0.45 49.14
N ALA O 586 66.10 0.13 50.43
CA ALA O 586 64.91 -0.09 51.24
C ALA O 586 64.08 1.17 51.34
N ARG O 587 64.73 2.32 51.53
CA ARG O 587 63.99 3.58 51.64
C ARG O 587 63.27 3.89 50.34
N VAL O 588 63.92 3.69 49.21
CA VAL O 588 63.28 3.97 47.93
C VAL O 588 62.07 3.07 47.73
N CYS O 589 62.22 1.78 48.03
CA CYS O 589 61.10 0.86 47.86
C CYS O 589 59.94 1.24 48.77
N GLU O 590 60.23 1.61 50.02
CA GLU O 590 59.18 2.00 50.93
C GLU O 590 58.48 3.27 50.45
N LEU O 591 59.24 4.22 49.90
CA LEU O 591 58.62 5.42 49.38
C LEU O 591 57.66 5.09 48.24
N MET O 592 58.09 4.28 47.29
CA MET O 592 57.20 3.93 46.19
C MET O 592 55.96 3.22 46.70
N LYS O 593 56.14 2.29 47.64
CA LYS O 593 54.99 1.69 48.30
C LYS O 593 54.03 2.75 48.78
N ASN O 594 54.47 3.58 49.72
CA ASN O 594 53.59 4.60 50.29
C ASN O 594 52.96 5.46 49.21
N LEU O 595 53.64 5.62 48.07
CA LEU O 595 53.06 6.33 46.95
C LEU O 595 51.86 5.60 46.38
N VAL O 596 51.90 4.27 46.33
CA VAL O 596 50.98 3.53 45.48
C VAL O 596 49.79 2.91 46.23
N ASP O 597 49.78 2.91 47.57
CA ASP O 597 48.71 2.18 48.28
C ASP O 597 47.34 2.73 47.93
N ASN O 598 47.07 3.98 48.30
CA ASN O 598 45.70 4.47 48.30
C ASN O 598 45.18 4.80 46.91
N GLN O 599 45.98 4.64 45.87
CA GLN O 599 45.55 4.91 44.49
C GLN O 599 45.10 6.35 44.33
N ARG O 600 45.66 7.26 45.14
CA ARG O 600 45.31 8.66 44.99
C ARG O 600 45.90 9.26 43.73
N TYR O 601 46.93 8.65 43.17
CA TYR O 601 47.66 9.22 42.07
C TYR O 601 47.56 8.44 40.78
N GLN O 602 46.80 7.35 40.74
CA GLN O 602 46.64 6.54 39.52
C GLN O 602 45.16 6.33 39.24
N PRO O 603 44.46 7.36 38.82
CA PRO O 603 43.11 7.17 38.29
C PRO O 603 43.19 6.47 36.94
N GLY O 604 42.09 5.89 36.54
CA GLY O 604 42.08 5.23 35.25
C GLY O 604 42.73 3.88 35.23
N TRP O 605 43.08 3.33 36.38
CA TRP O 605 43.40 1.92 36.51
C TRP O 605 42.11 1.18 36.80
N THR O 606 41.71 0.31 35.88
CA THR O 606 40.46 -0.42 36.03
C THR O 606 40.50 -1.36 37.21
N GLN O 607 41.67 -1.96 37.47
CA GLN O 607 41.81 -2.97 38.49
C GLN O 607 42.72 -2.47 39.60
N SER O 608 42.43 -2.90 40.82
CA SER O 608 43.26 -2.52 41.97
C SER O 608 44.58 -3.28 41.89
N LEU O 609 45.61 -2.63 41.37
CA LEU O 609 46.93 -3.23 41.28
C LEU O 609 47.74 -3.06 42.55
N VAL O 610 47.10 -2.71 43.65
CA VAL O 610 47.84 -2.43 44.89
C VAL O 610 48.58 -3.66 45.36
N SER O 611 47.91 -4.81 45.36
CA SER O 611 48.52 -6.02 45.90
C SER O 611 49.76 -6.41 45.10
N SER O 612 49.62 -6.48 43.78
CA SER O 612 50.76 -6.88 42.94
C SER O 612 51.88 -5.86 43.02
N MET O 613 51.52 -4.58 43.00
CA MET O 613 52.52 -3.53 43.11
C MET O 613 53.33 -3.69 44.40
N ARG O 614 52.63 -3.87 45.52
CA ARG O 614 53.30 -4.01 46.80
C ARG O 614 54.14 -5.27 46.85
N GLY O 615 53.64 -6.36 46.28
CA GLY O 615 54.42 -7.59 46.27
C GLY O 615 55.71 -7.45 45.49
N THR O 616 55.63 -6.83 44.31
CA THR O 616 56.83 -6.61 43.51
C THR O 616 57.82 -5.72 44.24
N LEU O 617 57.31 -4.65 44.86
CA LEU O 617 58.21 -3.76 45.58
C LEU O 617 58.87 -4.48 46.75
N ASP O 618 58.12 -5.34 47.44
CA ASP O 618 58.71 -6.11 48.53
C ASP O 618 59.78 -7.06 48.04
N LYS O 619 59.53 -7.73 46.91
CA LYS O 619 60.54 -8.62 46.36
C LYS O 619 61.81 -7.86 46.00
N LEU O 620 61.66 -6.69 45.39
CA LEU O 620 62.84 -5.89 45.06
C LEU O 620 63.54 -5.40 46.31
N LYS O 621 62.79 -5.00 47.33
CA LYS O 621 63.39 -4.48 48.55
C LYS O 621 64.22 -5.53 49.25
N LEU O 622 63.72 -6.75 49.32
CA LEU O 622 64.38 -7.83 50.04
C LEU O 622 65.17 -8.75 49.13
N ILE O 623 65.42 -8.35 47.88
CA ILE O 623 66.22 -9.19 47.01
C ILE O 623 67.60 -9.35 47.62
N LYS O 624 68.08 -10.58 47.69
CA LYS O 624 69.28 -10.90 48.43
C LYS O 624 70.49 -11.02 47.51
N SER O 625 70.81 -9.88 46.90
CA SER O 625 72.01 -9.72 46.10
C SER O 625 73.16 -9.25 46.98
N MET O 626 74.38 -9.47 46.48
CA MET O 626 75.58 -9.19 47.26
C MET O 626 76.37 -8.02 46.73
N THR O 627 75.80 -7.23 45.82
CA THR O 627 76.53 -6.09 45.27
C THR O 627 76.87 -5.04 46.32
N PRO O 628 75.93 -4.56 47.15
CA PRO O 628 76.31 -3.54 48.13
C PRO O 628 77.38 -4.01 49.09
N MET O 629 77.36 -5.27 49.48
CA MET O 629 78.45 -5.82 50.29
C MET O 629 79.78 -5.63 49.60
N TYR O 630 79.87 -6.01 48.33
CA TYR O 630 81.11 -5.88 47.59
C TYR O 630 81.53 -4.44 47.49
N LEU O 631 80.60 -3.55 47.14
CA LEU O 631 80.90 -2.13 47.00
C LEU O 631 81.40 -1.52 48.30
N GLN O 632 80.84 -1.94 49.43
CA GLN O 632 81.24 -1.38 50.71
C GLN O 632 82.56 -1.93 51.21
N GLN O 633 82.88 -3.18 50.90
CA GLN O 633 84.06 -3.80 51.50
C GLN O 633 85.21 -4.02 50.51
N LEU O 634 84.96 -4.72 49.41
CA LEU O 634 86.05 -5.23 48.60
C LEU O 634 86.53 -4.21 47.59
N ALA O 635 85.59 -3.57 46.88
CA ALA O 635 85.94 -2.66 45.79
C ALA O 635 86.92 -1.57 46.20
N PRO O 636 86.77 -0.89 47.33
CA PRO O 636 87.81 0.09 47.71
C PRO O 636 89.18 -0.52 47.85
N VAL O 637 89.26 -1.76 48.33
CA VAL O 637 90.56 -2.42 48.43
C VAL O 637 91.17 -2.62 47.05
N GLU O 638 90.37 -3.08 46.10
CA GLU O 638 90.87 -3.26 44.74
C GLU O 638 91.33 -1.95 44.15
N LEU O 639 90.55 -0.88 44.34
CA LEU O 639 90.94 0.41 43.81
C LEU O 639 92.25 0.89 44.43
N ALA O 640 92.39 0.70 45.74
CA ALA O 640 93.62 1.11 46.40
C ALA O 640 94.81 0.33 45.87
N VAL O 641 94.62 -0.96 45.62
CA VAL O 641 95.71 -1.78 45.08
C VAL O 641 96.10 -1.29 43.69
N ILE O 642 95.10 -1.03 42.85
CA ILE O 642 95.39 -0.71 41.46
C ILE O 642 96.02 0.67 41.34
N ALA O 643 95.50 1.66 42.05
CA ALA O 643 95.77 3.07 41.75
C ALA O 643 97.25 3.41 41.62
N PRO O 644 98.14 3.02 42.53
CA PRO O 644 99.55 3.40 42.34
C PRO O 644 100.18 2.81 41.09
N MET O 645 99.64 1.72 40.56
CA MET O 645 100.22 1.06 39.41
C MET O 645 99.86 1.73 38.09
N LEU O 646 98.88 2.62 38.08
CA LEU O 646 98.35 3.11 36.82
C LEU O 646 99.36 4.02 36.12
N PRO O 647 99.36 4.02 34.78
CA PRO O 647 100.18 4.99 34.05
C PRO O 647 99.74 6.42 34.28
N PHE O 648 98.45 6.63 34.53
CA PHE O 648 97.92 7.97 34.80
C PHE O 648 97.44 8.02 36.24
N PRO O 649 98.20 8.62 37.15
CA PRO O 649 97.85 8.54 38.56
C PRO O 649 96.54 9.26 38.82
N PRO O 650 95.82 8.88 39.87
CA PRO O 650 94.50 9.45 40.11
C PRO O 650 94.57 10.95 40.33
N PHE O 651 93.51 11.64 39.91
CA PHE O 651 93.41 13.09 40.00
C PHE O 651 91.99 13.41 40.42
N GLN O 652 91.79 13.59 41.72
CA GLN O 652 90.45 13.73 42.28
C GLN O 652 90.18 15.16 42.71
N VAL O 653 88.91 15.43 42.94
CA VAL O 653 88.43 16.72 43.42
C VAL O 653 87.39 16.41 44.50
N PRO O 654 87.43 17.07 45.66
CA PRO O 654 86.69 16.56 46.82
C PRO O 654 85.21 16.38 46.56
N TYR O 655 84.65 15.32 47.13
CA TYR O 655 83.23 15.03 47.05
C TYR O 655 82.53 15.66 48.25
N VAL O 656 81.47 16.41 47.99
CA VAL O 656 80.59 16.92 49.03
C VAL O 656 79.18 16.40 48.75
N ARG O 657 78.59 15.73 49.73
CA ARG O 657 77.35 15.01 49.46
C ARG O 657 76.22 15.97 49.13
N LEU O 658 76.01 16.99 49.97
CA LEU O 658 74.88 17.88 49.78
C LEU O 658 75.21 19.34 50.01
N ASP O 659 76.34 19.67 50.62
CA ASP O 659 76.70 21.07 50.78
C ASP O 659 76.84 21.73 49.41
N ARG O 660 76.20 22.88 49.26
CA ARG O 660 76.12 23.49 47.93
C ARG O 660 77.27 24.45 47.67
N ASP O 661 77.60 25.30 48.64
CA ASP O 661 78.53 26.38 48.37
C ASP O 661 79.96 25.89 48.18
N ARG O 662 80.27 24.66 48.59
CA ARG O 662 81.61 24.12 48.37
C ARG O 662 81.67 23.14 47.21
N VAL O 663 80.65 23.08 46.37
CA VAL O 663 80.68 22.21 45.21
C VAL O 663 81.68 22.76 44.20
N PRO O 664 82.65 21.99 43.75
CA PRO O 664 83.57 22.47 42.72
C PRO O 664 82.86 22.67 41.40
N THR O 665 83.32 23.67 40.65
CA THR O 665 82.71 23.97 39.36
C THR O 665 83.71 24.23 38.23
N MET O 666 85.00 24.41 38.51
CA MET O 666 85.92 24.81 37.46
C MET O 666 87.32 24.34 37.82
N VAL O 667 88.09 23.95 36.81
CA VAL O 667 89.48 23.53 37.00
C VAL O 667 90.31 24.18 35.91
N GLY O 668 91.39 24.86 36.31
CA GLY O 668 92.22 25.58 35.36
C GLY O 668 93.69 25.35 35.65
N VAL O 669 94.51 25.73 34.66
CA VAL O 669 95.96 25.62 34.75
C VAL O 669 96.56 26.97 34.41
N THR O 670 97.63 27.33 35.11
CA THR O 670 98.25 28.64 34.97
C THR O 670 99.74 28.49 34.68
N ARG O 671 100.25 29.32 33.77
CA ARG O 671 101.66 29.30 33.43
C ARG O 671 102.44 30.47 34.02
N GLN O 672 101.76 31.47 34.56
CA GLN O 672 102.41 32.68 35.03
C GLN O 672 102.56 32.66 36.54
N SER O 673 103.51 33.47 37.02
CA SER O 673 103.76 33.59 38.45
C SER O 673 102.67 34.44 39.10
N ARG O 674 102.70 34.48 40.43
CA ARG O 674 101.66 35.18 41.17
C ARG O 674 101.88 36.69 41.20
N ASP O 675 103.05 37.17 40.80
CA ASP O 675 103.38 38.59 40.92
C ASP O 675 103.45 39.29 39.57
N THR O 676 102.67 38.83 38.60
CA THR O 676 102.64 39.45 37.28
C THR O 676 101.20 39.65 36.83
N ILE O 677 100.93 40.82 36.26
CA ILE O 677 99.64 41.13 35.66
C ILE O 677 99.79 40.93 34.16
N THR O 678 99.19 39.87 33.64
CA THR O 678 99.38 39.49 32.25
C THR O 678 98.03 39.24 31.61
N GLN O 679 98.07 38.90 30.34
CA GLN O 679 96.85 38.66 29.59
C GLN O 679 96.14 37.43 30.16
N PRO O 680 94.85 37.50 30.45
CA PRO O 680 94.16 36.34 31.01
C PRO O 680 93.99 35.24 29.98
N ALA O 681 94.72 34.15 30.12
CA ALA O 681 94.69 33.06 29.14
C ALA O 681 94.30 31.78 29.88
N LEU O 682 93.00 31.51 29.94
CA LEU O 682 92.52 30.33 30.63
C LEU O 682 92.78 29.08 29.80
N SER O 683 93.03 27.98 30.50
CA SER O 683 93.23 26.71 29.82
C SER O 683 91.91 26.20 29.26
N LEU O 684 92.01 25.26 28.34
CA LEU O 684 90.81 24.72 27.69
C LEU O 684 89.91 24.00 28.67
N SER O 685 90.48 23.43 29.73
CA SER O 685 89.69 22.66 30.67
C SER O 685 88.60 23.47 31.33
N THR O 686 88.76 24.80 31.42
CA THR O 686 87.75 25.63 32.05
C THR O 686 86.52 25.80 31.18
N THR O 687 86.57 25.43 29.92
CA THR O 687 85.43 25.64 29.03
C THR O 687 84.35 24.59 29.19
N ASN O 688 84.60 23.54 29.96
CA ASN O 688 83.58 22.51 30.16
C ASN O 688 82.47 23.03 31.06
N THR O 689 81.22 22.74 30.69
CA THR O 689 80.10 23.12 31.54
C THR O 689 80.21 22.47 32.90
N THR O 690 80.49 21.17 32.92
CA THR O 690 80.72 20.46 34.17
C THR O 690 82.20 20.65 34.54
N VAL O 691 82.60 20.12 35.70
CA VAL O 691 84.00 20.22 36.10
C VAL O 691 84.90 19.50 35.11
N GLY O 692 84.46 18.39 34.56
CA GLY O 692 85.27 17.64 33.62
C GLY O 692 84.55 17.33 32.33
N VAL O 693 85.12 16.45 31.52
CA VAL O 693 84.47 16.06 30.26
C VAL O 693 83.23 15.25 30.59
N PRO O 694 82.07 15.58 30.02
CA PRO O 694 80.87 14.81 30.31
C PRO O 694 81.00 13.39 29.81
N LEU O 695 80.36 12.48 30.55
CA LEU O 695 80.36 11.06 30.20
C LEU O 695 79.01 10.48 30.59
N ALA O 696 78.36 9.82 29.64
CA ALA O 696 76.99 9.34 29.83
C ALA O 696 77.01 7.84 30.09
N LEU O 697 76.23 7.41 31.08
CA LEU O 697 76.10 6.02 31.44
C LEU O 697 74.64 5.58 31.29
N ASP O 698 74.42 4.29 31.41
CA ASP O 698 73.09 3.71 31.29
C ASP O 698 72.62 3.25 32.67
N ALA O 699 71.50 3.79 33.12
CA ALA O 699 71.01 3.47 34.45
C ALA O 699 70.61 2.02 34.58
N ARG O 700 70.06 1.44 33.51
CA ARG O 700 69.55 0.08 33.57
C ARG O 700 70.65 -0.91 33.92
N ALA O 701 71.81 -0.77 33.28
CA ALA O 701 72.92 -1.68 33.55
C ALA O 701 73.37 -1.57 34.99
N ILE O 702 73.48 -0.34 35.51
CA ILE O 702 73.91 -0.15 36.89
C ILE O 702 72.92 -0.78 37.85
N THR O 703 71.62 -0.58 37.60
CA THR O 703 70.62 -1.17 38.48
C THR O 703 70.69 -2.70 38.46
N VAL O 704 70.82 -3.28 37.26
CA VAL O 704 70.93 -4.72 37.17
C VAL O 704 72.13 -5.22 37.95
N ALA O 705 73.26 -4.52 37.82
CA ALA O 705 74.44 -4.90 38.58
C ALA O 705 74.19 -4.80 40.08
N LEU O 706 73.48 -3.76 40.52
CA LEU O 706 73.22 -3.61 41.94
C LEU O 706 72.28 -4.68 42.47
N LEU O 707 71.43 -5.26 41.63
CA LEU O 707 70.45 -6.22 42.11
C LEU O 707 70.82 -7.67 41.82
N SER O 708 71.92 -7.94 41.14
CA SER O 708 72.22 -9.29 40.70
C SER O 708 73.68 -9.63 40.94
N GLY O 709 74.17 -9.35 42.13
CA GLY O 709 75.55 -9.64 42.50
C GLY O 709 75.64 -10.86 43.39
N LYS O 710 76.69 -11.66 43.18
CA LYS O 710 76.91 -12.82 44.02
C LYS O 710 78.38 -13.20 43.97
N TYR O 711 78.81 -13.92 45.00
CA TYR O 711 80.17 -14.39 45.14
C TYR O 711 80.27 -15.85 44.78
N PRO O 712 81.47 -16.32 44.42
CA PRO O 712 81.68 -17.75 44.27
C PRO O 712 81.41 -18.47 45.58
N PRO O 713 80.80 -19.65 45.53
CA PRO O 713 80.42 -20.34 46.77
C PRO O 713 81.58 -20.91 47.54
N ASP O 714 82.82 -20.68 47.14
CA ASP O 714 83.97 -21.17 47.89
C ASP O 714 85.06 -20.11 47.93
N LEU O 715 84.67 -18.85 48.04
CA LEU O 715 85.62 -17.75 47.99
C LEU O 715 86.42 -17.68 49.28
N VAL O 716 87.74 -17.58 49.14
CA VAL O 716 88.63 -17.28 50.25
C VAL O 716 89.43 -16.05 49.82
N THR O 717 89.29 -14.95 50.56
CA THR O 717 89.81 -13.68 50.10
C THR O 717 91.33 -13.71 49.95
N ASN O 718 92.03 -14.33 50.89
CA ASN O 718 93.49 -14.31 50.86
C ASN O 718 94.01 -14.96 49.58
N VAL O 719 93.54 -16.15 49.26
CA VAL O 719 94.02 -16.86 48.07
C VAL O 719 93.66 -16.08 46.82
N TRP O 720 92.41 -15.63 46.73
CA TRP O 720 91.97 -14.93 45.53
C TRP O 720 92.80 -13.69 45.28
N TYR O 721 93.04 -12.91 46.32
CA TYR O 721 93.76 -11.66 46.10
C TYR O 721 95.24 -11.88 45.92
N ALA O 722 95.82 -12.93 46.52
CA ALA O 722 97.21 -13.24 46.20
C ALA O 722 97.36 -13.57 44.73
N ASP O 723 96.46 -14.42 44.22
CA ASP O 723 96.50 -14.76 42.80
C ASP O 723 96.29 -13.53 41.93
N ALA O 724 95.38 -12.65 42.33
CA ALA O 724 95.13 -11.45 41.55
C ALA O 724 96.34 -10.52 41.53
N ILE O 725 96.99 -10.32 42.68
CA ILE O 725 98.06 -9.35 42.77
C ILE O 725 99.35 -9.85 42.11
N TYR O 726 99.62 -11.15 42.17
CA TYR O 726 100.94 -11.61 41.74
C TYR O 726 101.31 -11.16 40.33
N PRO O 727 100.51 -11.45 39.30
CA PRO O 727 100.90 -11.01 37.95
C PRO O 727 100.82 -9.51 37.76
N MET O 728 99.84 -8.87 38.39
CA MET O 728 99.68 -7.42 38.21
C MET O 728 100.93 -6.68 38.68
N TYR O 729 101.47 -7.07 39.83
CA TYR O 729 102.71 -6.47 40.28
C TYR O 729 103.92 -7.03 39.55
N ALA O 730 103.84 -8.26 39.04
CA ALA O 730 104.94 -8.78 38.24
C ALA O 730 105.12 -8.00 36.95
N ASP O 731 104.07 -7.37 36.45
CA ASP O 731 104.15 -6.57 35.23
C ASP O 731 104.09 -5.08 35.51
N THR O 732 104.63 -4.62 36.64
CA THR O 732 104.53 -3.23 36.98
C THR O 732 105.45 -2.38 36.12
N GLU O 733 105.17 -1.06 36.11
CA GLU O 733 105.95 -0.10 35.33
C GLU O 733 106.20 1.19 36.11
N VAL O 734 106.14 1.14 37.45
CA VAL O 734 106.19 2.37 38.23
C VAL O 734 107.53 3.06 38.06
N PHE O 735 108.62 2.29 38.11
CA PHE O 735 109.95 2.87 38.18
C PHE O 735 110.28 3.66 36.92
N SER O 736 109.92 3.11 35.76
CA SER O 736 110.12 3.86 34.53
C SER O 736 109.31 5.14 34.54
N ASN O 737 108.10 5.09 35.09
CA ASN O 737 107.30 6.31 35.19
C ASN O 737 107.99 7.34 36.07
N LEU O 738 108.59 6.90 37.18
CA LEU O 738 109.30 7.84 38.04
C LEU O 738 110.44 8.51 37.31
N GLN O 739 111.24 7.72 36.58
CA GLN O 739 112.35 8.31 35.84
C GLN O 739 111.84 9.29 34.79
N ARG O 740 110.77 8.94 34.10
CA ARG O 740 110.20 9.85 33.10
C ARG O 740 109.73 11.14 33.75
N ASP O 741 109.11 11.04 34.93
CA ASP O 741 108.64 12.25 35.61
C ASP O 741 109.81 13.15 35.96
N MET O 742 110.91 12.57 36.44
CA MET O 742 112.07 13.38 36.75
C MET O 742 112.59 14.10 35.51
N ILE O 743 112.67 13.37 34.39
CA ILE O 743 113.07 14.00 33.13
C ILE O 743 112.13 15.13 32.78
N THR O 744 110.83 14.93 32.97
CA THR O 744 109.84 15.94 32.58
C THR O 744 110.03 17.22 33.37
N CYS O 745 110.21 17.10 34.69
CA CYS O 745 110.42 18.29 35.50
C CYS O 745 111.69 19.01 35.09
N GLU O 746 112.76 18.25 34.86
CA GLU O 746 114.01 18.83 34.39
C GLU O 746 113.78 19.62 33.10
N ALA O 747 113.05 19.03 32.17
CA ALA O 747 112.84 19.66 30.87
C ALA O 747 112.03 20.93 30.99
N VAL O 748 111.00 20.93 31.84
CA VAL O 748 110.20 22.13 32.02
C VAL O 748 111.05 23.27 32.56
N GLN O 749 111.87 22.97 33.57
CA GLN O 749 112.72 24.03 34.12
C GLN O 749 113.71 24.53 33.07
N THR O 750 114.27 23.63 32.29
CA THR O 750 115.19 24.06 31.23
C THR O 750 114.48 24.96 30.23
N LEU O 751 113.26 24.60 29.85
CA LEU O 751 112.51 25.41 28.90
C LEU O 751 112.30 26.82 29.41
N VAL O 752 111.80 26.95 30.64
CA VAL O 752 111.53 28.30 31.15
C VAL O 752 112.83 29.08 31.25
N THR O 753 113.89 28.45 31.75
CA THR O 753 115.15 29.15 31.93
C THR O 753 115.69 29.67 30.61
N LEU O 754 115.67 28.84 29.57
CA LEU O 754 116.19 29.31 28.29
C LEU O 754 115.30 30.36 27.66
N VAL O 755 113.99 30.10 27.61
CA VAL O 755 113.11 31.01 26.88
C VAL O 755 113.04 32.36 27.57
N ALA O 756 113.35 32.43 28.86
CA ALA O 756 113.38 33.72 29.52
C ALA O 756 114.51 34.61 29.03
N GLN O 757 115.48 34.07 28.29
CA GLN O 757 116.66 34.83 27.90
C GLN O 757 116.56 35.41 26.50
N ILE O 758 115.43 35.27 25.82
CA ILE O 758 115.24 35.86 24.51
C ILE O 758 113.98 36.70 24.40
N SER O 759 113.29 36.96 25.52
CA SER O 759 112.13 37.83 25.52
C SER O 759 112.14 38.64 26.80
N GLU O 760 111.07 39.37 27.06
CA GLU O 760 110.87 40.03 28.35
C GLU O 760 109.91 39.19 29.17
N THR O 761 110.46 38.46 30.12
CA THR O 761 109.69 37.77 31.13
C THR O 761 110.27 38.16 32.47
N GLN O 762 109.40 38.40 33.44
CA GLN O 762 109.85 38.87 34.75
C GLN O 762 110.45 37.77 35.60
N TYR O 763 110.80 36.64 34.99
CA TYR O 763 111.46 35.58 35.70
C TYR O 763 112.83 36.05 36.17
N PRO O 764 113.14 36.01 37.46
CA PRO O 764 114.45 36.46 37.91
C PRO O 764 115.54 35.47 37.56
N VAL O 765 116.35 35.82 36.56
CA VAL O 765 117.41 34.95 36.09
C VAL O 765 118.56 35.80 35.58
N ASP O 766 119.78 35.42 35.96
CA ASP O 766 120.96 36.09 35.44
C ASP O 766 121.04 35.93 33.93
N ARG O 767 121.49 36.99 33.25
CA ARG O 767 121.64 36.99 31.81
C ARG O 767 123.10 37.24 31.48
N TYR O 768 123.67 36.36 30.65
CA TYR O 768 125.05 36.48 30.22
C TYR O 768 125.24 36.53 28.71
N LEU O 769 124.18 36.35 27.93
CA LEU O 769 124.29 36.47 26.48
C LEU O 769 123.52 37.68 25.97
N ASP O 770 123.57 38.79 26.71
CA ASP O 770 122.92 40.01 26.24
C ASP O 770 123.73 40.68 25.14
N TRP O 771 125.05 40.58 25.19
CA TRP O 771 125.88 41.19 24.17
C TRP O 771 125.68 40.54 22.81
N ILE O 772 125.14 39.32 22.76
CA ILE O 772 124.78 38.70 21.49
C ILE O 772 123.51 39.37 20.98
N PRO O 773 123.52 39.94 19.78
CA PRO O 773 122.32 40.61 19.27
C PRO O 773 121.18 39.63 19.04
N SER O 774 119.96 40.11 19.27
CA SER O 774 118.77 39.30 19.02
C SER O 774 117.57 40.23 19.00
N LEU O 775 116.46 39.69 18.51
CA LEU O 775 115.22 40.44 18.49
C LEU O 775 114.42 40.17 19.76
N ARG O 776 113.21 40.70 19.79
CA ARG O 776 112.29 40.55 20.90
C ARG O 776 111.26 39.50 20.53
N ALA O 777 111.45 38.28 21.03
CA ALA O 777 110.66 37.15 20.57
C ALA O 777 109.18 37.35 20.87
N SER O 778 108.34 37.08 19.87
CA SER O 778 106.91 37.04 20.06
C SER O 778 106.48 35.62 20.38
N ALA O 779 105.17 35.38 20.37
CA ALA O 779 104.66 34.07 20.76
C ALA O 779 105.09 33.00 19.76
N ALA O 780 105.00 33.30 18.46
CA ALA O 780 105.33 32.30 17.45
C ALA O 780 106.82 31.99 17.44
N THR O 781 107.65 33.02 17.54
CA THR O 781 109.09 32.81 17.56
C THR O 781 109.50 31.96 18.76
N ALA O 782 108.99 32.32 19.94
CA ALA O 782 109.27 31.53 21.13
C ALA O 782 108.74 30.11 20.97
N ALA O 783 107.61 29.95 20.29
CA ALA O 783 107.05 28.62 20.08
C ALA O 783 107.98 27.76 19.24
N THR O 784 108.51 28.32 18.17
CA THR O 784 109.44 27.56 17.33
C THR O 784 110.71 27.21 18.12
N PHE O 785 111.22 28.17 18.88
CA PHE O 785 112.41 27.89 19.68
C PHE O 785 112.15 26.77 20.68
N ALA O 786 110.97 26.81 21.32
CA ALA O 786 110.62 25.77 22.27
C ALA O 786 110.46 24.42 21.58
N GLU O 787 109.93 24.42 20.37
CA GLU O 787 109.86 23.18 19.60
C GLU O 787 111.24 22.58 19.39
N TRP O 788 112.20 23.43 19.02
CA TRP O 788 113.55 22.91 18.81
C TRP O 788 114.13 22.37 20.10
N VAL O 789 113.91 23.08 21.21
CA VAL O 789 114.41 22.60 22.50
C VAL O 789 113.78 21.25 22.84
N ASN O 790 112.48 21.14 22.63
CA ASN O 790 111.78 19.91 22.98
C ASN O 790 112.30 18.74 22.16
N THR O 791 112.47 18.94 20.85
CA THR O 791 113.00 17.86 20.02
C THR O 791 114.40 17.48 20.43
N SER O 792 115.25 18.47 20.73
CA SER O 792 116.60 18.15 21.16
C SER O 792 116.60 17.31 22.42
N MET O 793 115.77 17.67 23.39
CA MET O 793 115.72 16.89 24.63
C MET O 793 115.18 15.49 24.36
N LYS O 794 114.14 15.37 23.53
CA LYS O 794 113.59 14.04 23.27
C LYS O 794 114.61 13.14 22.60
N THR O 795 115.36 13.65 21.63
CA THR O 795 116.39 12.83 21.02
C THR O 795 117.53 12.52 21.97
N ALA O 796 117.82 13.45 22.89
CA ALA O 796 118.95 13.25 23.79
C ALA O 796 118.74 12.03 24.68
N PHE O 797 117.55 11.88 25.25
CA PHE O 797 117.26 10.77 26.15
C PHE O 797 116.49 9.65 25.47
N ASP O 798 116.39 9.69 24.15
CA ASP O 798 115.72 8.65 23.37
C ASP O 798 114.26 8.50 23.81
N LEU O 799 113.53 9.61 23.78
CA LEU O 799 112.11 9.60 24.04
C LEU O 799 111.34 9.55 22.74
N SER O 800 110.12 9.03 22.81
CA SER O 800 109.26 8.98 21.63
C SER O 800 107.84 9.44 21.88
N ASP O 801 107.40 9.57 23.12
CA ASP O 801 106.06 9.98 23.44
C ASP O 801 106.05 11.45 23.86
N MET O 802 104.92 11.90 24.39
CA MET O 802 104.74 13.30 24.75
C MET O 802 105.81 13.79 25.71
N LEU O 803 106.31 14.99 25.44
CA LEU O 803 107.18 15.69 26.40
C LEU O 803 107.13 17.17 26.03
N LEU O 804 106.46 17.97 26.86
CA LEU O 804 106.32 19.42 26.69
C LEU O 804 105.46 19.82 25.51
N GLU O 805 104.87 18.88 24.77
CA GLU O 805 103.95 19.27 23.72
C GLU O 805 102.78 20.11 24.22
N PRO O 806 102.10 19.78 25.31
CA PRO O 806 100.97 20.63 25.74
C PRO O 806 101.37 22.05 26.06
N LEU O 807 102.62 22.28 26.44
CA LEU O 807 103.07 23.64 26.75
C LEU O 807 103.18 24.52 25.52
N LEU O 808 103.12 23.94 24.33
CA LEU O 808 103.36 24.69 23.11
C LEU O 808 102.08 25.19 22.47
N SER O 809 100.93 25.07 23.16
CA SER O 809 99.67 25.49 22.57
C SER O 809 99.66 26.97 22.25
N GLY O 810 100.03 27.80 23.20
CA GLY O 810 100.02 29.23 22.98
C GLY O 810 100.79 30.00 24.04
N ASP O 811 101.56 30.98 23.60
CA ASP O 811 102.40 31.80 24.47
C ASP O 811 103.27 30.95 25.38
N PRO O 812 104.33 30.33 24.85
CA PRO O 812 105.25 29.59 25.72
C PRO O 812 106.11 30.49 26.58
N ARG O 813 105.89 31.80 26.56
CA ARG O 813 106.65 32.73 27.41
C ARG O 813 106.08 32.62 28.83
N MET O 814 106.39 31.51 29.47
CA MET O 814 105.81 31.15 30.75
C MET O 814 106.81 31.32 31.87
N THR O 815 106.32 31.21 33.10
CA THR O 815 107.15 31.38 34.28
C THR O 815 107.08 30.21 35.25
N GLN O 816 105.91 29.64 35.47
CA GLN O 816 105.78 28.60 36.49
C GLN O 816 104.44 27.90 36.35
N LEU O 817 104.46 26.58 36.51
CA LEU O 817 103.22 25.81 36.46
C LEU O 817 102.43 26.00 37.75
N ALA O 818 101.11 25.81 37.64
CA ALA O 818 100.21 25.89 38.78
C ALA O 818 98.84 25.40 38.33
N ILE O 819 98.11 24.78 39.26
CA ILE O 819 96.78 24.26 38.98
C ILE O 819 95.86 24.68 40.11
N GLN O 820 94.62 24.99 39.78
CA GLN O 820 93.67 25.47 40.78
C GLN O 820 92.25 25.08 40.38
N TYR O 821 91.36 25.10 41.36
CA TYR O 821 89.96 24.81 41.14
C TYR O 821 89.12 25.75 41.98
N GLN O 822 87.84 25.85 41.63
CA GLN O 822 86.95 26.86 42.19
C GLN O 822 85.73 26.20 42.83
N GLN O 823 85.35 26.72 44.00
CA GLN O 823 84.10 26.33 44.63
C GLN O 823 82.95 27.13 44.04
N TYR O 824 81.74 26.70 44.36
CA TYR O 824 80.57 27.45 43.92
C TYR O 824 80.51 28.82 44.58
N ASN O 825 80.86 28.91 45.85
CA ASN O 825 80.77 30.15 46.59
C ASN O 825 81.94 31.08 46.33
N GLY O 826 82.71 30.85 45.28
CA GLY O 826 83.75 31.77 44.86
C GLY O 826 85.12 31.50 45.43
N ARG O 827 85.22 30.74 46.50
CA ARG O 827 86.53 30.41 47.05
C ARG O 827 87.28 29.51 46.09
N THR O 828 88.58 29.78 45.94
CA THR O 828 89.41 28.99 45.05
C THR O 828 90.61 28.45 45.82
N PHE O 829 91.04 27.25 45.43
CA PHE O 829 92.22 26.61 46.00
C PHE O 829 93.30 26.58 44.94
N ASN O 830 94.45 27.15 45.26
CA ASN O 830 95.58 27.21 44.34
C ASN O 830 96.71 26.35 44.87
N ILE O 831 97.26 25.50 44.00
CA ILE O 831 98.35 24.61 44.36
C ILE O 831 99.53 24.92 43.47
N ILE O 832 100.63 25.35 44.08
CA ILE O 832 101.84 25.67 43.34
C ILE O 832 102.96 24.74 43.81
N PRO O 833 103.35 23.76 43.02
CA PRO O 833 104.38 22.83 43.47
C PRO O 833 105.70 23.55 43.73
N GLU O 834 106.40 23.11 44.77
CA GLU O 834 107.66 23.72 45.17
C GLU O 834 108.75 23.25 44.23
N MET O 835 109.07 24.07 43.24
CA MET O 835 110.02 23.66 42.20
C MET O 835 111.40 23.42 42.79
N PRO O 836 111.96 22.23 42.68
CA PRO O 836 113.35 22.02 43.10
C PRO O 836 114.32 22.43 42.01
N GLY O 837 115.60 22.20 42.21
CA GLY O 837 116.59 22.60 41.24
C GLY O 837 116.52 21.79 39.96
N SER O 838 117.36 22.18 39.02
CA SER O 838 117.46 21.47 37.75
C SER O 838 118.92 21.46 37.33
N VAL O 839 119.55 20.28 37.34
CA VAL O 839 120.97 20.20 37.07
C VAL O 839 121.27 20.63 35.64
N ILE O 840 120.37 20.31 34.72
CA ILE O 840 120.62 20.64 33.31
C ILE O 840 120.65 22.15 33.13
N ALA O 841 119.69 22.86 33.70
CA ALA O 841 119.66 24.31 33.56
C ALA O 841 120.89 24.95 34.19
N ASP O 842 121.29 24.47 35.35
CA ASP O 842 122.48 25.02 36.00
C ASP O 842 123.72 24.77 35.17
N CYS O 843 123.85 23.58 34.59
CA CYS O 843 125.00 23.29 33.75
C CYS O 843 124.98 24.18 32.51
N VAL O 844 123.80 24.44 31.96
CA VAL O 844 123.71 25.34 30.81
C VAL O 844 124.16 26.74 31.21
N GLN O 845 123.74 27.21 32.39
CA GLN O 845 124.18 28.52 32.84
C GLN O 845 125.69 28.57 33.02
N LEU O 846 126.27 27.50 33.55
CA LEU O 846 127.73 27.45 33.69
C LEU O 846 128.40 27.49 32.32
N THR O 847 127.84 26.78 31.35
CA THR O 847 128.37 26.84 29.99
C THR O 847 128.30 28.25 29.45
N ALA O 848 127.22 28.96 29.74
CA ALA O 848 127.11 30.34 29.34
C ALA O 848 128.19 31.20 30.00
N GLU O 849 128.46 30.96 31.28
CA GLU O 849 129.54 31.67 31.95
C GLU O 849 130.84 31.48 31.20
N VAL O 850 131.17 30.23 30.89
CA VAL O 850 132.43 29.95 30.20
C VAL O 850 132.45 30.60 28.84
N PHE O 851 131.35 30.48 28.09
CA PHE O 851 131.28 31.05 26.76
C PHE O 851 131.50 32.56 26.77
N ASN O 852 131.17 33.21 27.88
CA ASN O 852 131.38 34.64 27.98
C ASN O 852 132.85 35.02 27.98
N HIS O 853 133.75 34.05 28.12
CA HIS O 853 135.18 34.29 28.06
C HIS O 853 135.87 33.55 26.94
N GLU O 854 135.35 32.39 26.54
CA GLU O 854 136.01 31.55 25.55
C GLU O 854 135.26 31.51 24.22
N TYR O 855 134.64 32.62 23.83
CA TYR O 855 133.80 32.62 22.65
C TYR O 855 134.60 32.36 21.38
N ASN O 856 135.89 32.71 21.37
CA ASN O 856 136.69 32.51 20.17
C ASN O 856 136.81 31.03 19.83
N LEU O 857 136.83 30.15 20.83
CA LEU O 857 136.93 28.73 20.54
C LEU O 857 135.71 28.23 19.78
N PHE O 858 134.58 28.91 19.93
CA PHE O 858 133.36 28.51 19.23
C PHE O 858 133.22 29.17 17.87
N GLY O 859 134.22 29.94 17.44
CA GLY O 859 134.14 30.61 16.17
C GLY O 859 133.40 31.93 16.19
N ILE O 860 133.04 32.44 17.35
CA ILE O 860 132.37 33.73 17.49
C ILE O 860 133.42 34.76 17.85
N ALA O 861 133.36 35.91 17.19
CA ALA O 861 134.20 37.05 17.53
C ALA O 861 133.35 38.11 18.20
N ARG O 862 133.88 38.71 19.26
CA ARG O 862 133.17 39.74 20.00
C ARG O 862 133.64 41.11 19.57
N GLY O 863 132.71 42.07 19.56
CA GLY O 863 133.07 43.44 19.30
C GLY O 863 132.54 43.97 17.99
N ASP O 864 133.34 44.80 17.32
CA ASP O 864 132.96 45.44 16.08
C ASP O 864 134.09 45.28 15.08
N ILE O 865 133.85 45.76 13.86
CA ILE O 865 134.85 45.71 12.79
C ILE O 865 134.95 47.09 12.16
N ILE O 866 136.09 47.34 11.55
CA ILE O 866 136.38 48.62 10.91
C ILE O 866 136.80 48.34 9.48
N ILE O 867 136.05 48.86 8.53
CA ILE O 867 136.35 48.69 7.11
C ILE O 867 137.10 49.91 6.63
N GLY O 868 138.30 49.70 6.09
CA GLY O 868 139.09 50.81 5.60
C GLY O 868 140.40 50.36 5.01
N ARG O 869 140.83 51.01 3.94
CA ARG O 869 142.07 50.64 3.29
C ARG O 869 143.25 50.86 4.22
N VAL O 870 144.14 49.88 4.28
CA VAL O 870 145.41 50.01 4.99
C VAL O 870 146.46 49.23 4.21
N GLN O 871 147.49 49.92 3.76
CA GLN O 871 148.56 49.33 2.96
C GLN O 871 149.86 49.49 3.73
N SER O 872 150.53 48.37 3.99
CA SER O 872 151.76 48.39 4.77
C SER O 872 152.46 47.06 4.59
N THR O 873 153.63 46.94 5.22
CA THR O 873 154.38 45.70 5.23
C THR O 873 154.49 45.08 6.61
N HIS O 874 153.92 45.71 7.63
CA HIS O 874 153.97 45.14 8.97
C HIS O 874 153.13 43.87 9.04
N LEU O 875 153.51 42.98 9.96
CA LEU O 875 152.82 41.71 10.09
C LEU O 875 151.92 41.57 11.31
N TRP O 876 151.42 42.70 11.81
CA TRP O 876 150.52 42.65 12.96
C TRP O 876 149.25 41.94 12.53
N SER O 877 148.83 40.95 13.31
CA SER O 877 147.63 40.19 12.99
C SER O 877 146.39 41.06 13.04
N PRO O 878 145.43 40.80 12.13
CA PRO O 878 144.18 41.56 12.05
C PRO O 878 143.36 41.43 13.32
N LEU O 879 143.32 40.22 13.87
CA LEU O 879 142.57 39.96 15.10
C LEU O 879 142.97 40.94 16.20
N ALA O 880 144.27 41.09 16.40
CA ALA O 880 144.79 42.00 17.42
C ALA O 880 145.51 43.17 16.75
N PRO O 881 144.75 44.18 16.30
CA PRO O 881 145.28 45.35 15.61
C PRO O 881 145.98 46.30 16.56
N PRO O 882 146.90 47.11 16.05
CA PRO O 882 147.49 48.15 16.89
C PRO O 882 146.45 49.19 17.26
N PRO O 883 146.59 49.85 18.41
CA PRO O 883 145.55 50.78 18.84
C PRO O 883 145.36 51.96 17.90
N ASP O 884 146.43 52.43 17.27
CA ASP O 884 146.40 53.63 16.47
C ASP O 884 145.69 53.44 15.12
N LEU O 885 145.02 52.31 14.90
CA LEU O 885 144.20 52.13 13.72
C LEU O 885 142.71 52.22 14.00
N VAL O 886 142.29 52.10 15.25
CA VAL O 886 140.87 51.99 15.58
C VAL O 886 140.40 53.30 16.19
N PHE O 887 139.08 53.52 16.09
CA PHE O 887 138.45 54.65 16.74
C PHE O 887 137.13 54.17 17.33
N ASP O 888 136.66 54.88 18.35
CA ASP O 888 135.41 54.54 19.01
C ASP O 888 134.43 55.68 18.87
N ARG O 889 133.28 55.54 19.51
CA ARG O 889 132.30 56.62 19.53
C ARG O 889 132.87 57.86 20.20
N ASP O 890 133.73 57.69 21.19
CA ASP O 890 134.28 58.81 21.95
C ASP O 890 135.64 59.25 21.41
N THR O 891 135.70 59.52 20.11
CA THR O 891 136.92 59.96 19.48
C THR O 891 136.67 61.25 18.73
N PRO O 892 137.54 62.25 18.88
CA PRO O 892 137.30 63.53 18.20
C PRO O 892 137.23 63.37 16.70
N GLY O 893 136.29 64.10 16.09
CA GLY O 893 136.19 64.15 14.66
C GLY O 893 135.50 62.99 13.99
N VAL O 894 134.79 62.15 14.74
CA VAL O 894 134.05 61.05 14.16
C VAL O 894 132.61 61.49 13.95
N HIS O 895 131.89 60.76 13.11
CA HIS O 895 130.50 61.05 12.80
C HIS O 895 129.67 59.82 13.09
N ILE O 896 128.61 59.99 13.86
CA ILE O 896 127.72 58.91 14.24
C ILE O 896 126.45 59.01 13.42
N PHE O 897 125.85 57.87 13.13
CA PHE O 897 124.68 57.84 12.25
C PHE O 897 123.57 57.02 12.87
N GLY O 898 122.34 57.45 12.61
CA GLY O 898 121.16 56.75 13.09
C GLY O 898 120.31 56.27 11.95
N ARG O 899 119.06 55.91 12.22
CA ARG O 899 118.20 55.35 11.17
C ARG O 899 117.96 56.36 10.06
N ASP O 900 117.97 57.65 10.37
CA ASP O 900 117.81 58.70 9.37
C ASP O 900 119.19 59.00 8.79
N CYS O 901 119.46 58.46 7.60
CA CYS O 901 120.78 58.56 6.97
C CYS O 901 120.63 58.91 5.50
N ARG O 902 119.83 59.93 5.20
CA ARG O 902 119.55 60.27 3.81
C ARG O 902 120.82 60.71 3.10
N ILE O 903 120.87 60.44 1.80
CA ILE O 903 122.04 60.69 0.98
C ILE O 903 121.66 61.60 -0.17
N SER O 904 122.42 62.67 -0.36
CA SER O 904 122.14 63.65 -1.41
C SER O 904 123.33 63.75 -2.36
N PHE O 905 123.06 63.63 -3.65
CA PHE O 905 124.08 63.88 -4.65
C PHE O 905 124.36 65.37 -4.77
N GLY O 906 125.65 65.71 -4.83
CA GLY O 906 126.02 67.07 -5.18
C GLY O 906 126.12 67.22 -6.68
N MET O 907 125.78 68.42 -7.16
CA MET O 907 125.79 68.70 -8.58
C MET O 907 126.84 69.73 -8.93
N ASN O 908 127.24 69.73 -10.20
CA ASN O 908 128.21 70.68 -10.73
C ASN O 908 129.54 70.58 -10.00
N GLY O 909 129.95 69.36 -9.70
CA GLY O 909 131.22 69.10 -9.06
C GLY O 909 131.20 69.09 -7.55
N ALA O 910 130.10 69.49 -6.95
CA ALA O 910 130.01 69.45 -5.49
C ALA O 910 130.03 68.01 -5.01
N ALA O 911 130.75 67.77 -3.93
CA ALA O 911 130.85 66.43 -3.40
C ALA O 911 129.50 65.98 -2.86
N PRO O 912 129.10 64.74 -3.09
CA PRO O 912 127.85 64.25 -2.53
C PRO O 912 127.93 64.17 -1.02
N MET O 913 126.76 64.26 -0.39
CA MET O 913 126.68 64.55 1.03
C MET O 913 125.77 63.53 1.70
N ILE O 914 126.03 63.25 2.98
CA ILE O 914 125.20 62.34 3.76
C ILE O 914 124.87 63.02 5.07
N ARG O 915 123.74 62.59 5.66
CA ARG O 915 123.19 63.25 6.84
C ARG O 915 123.74 62.64 8.12
N ASP O 916 124.31 63.47 8.97
CA ASP O 916 124.78 63.03 10.28
C ASP O 916 123.59 62.78 11.21
N GLU O 917 123.87 62.12 12.32
CA GLU O 917 122.84 61.92 13.34
C GLU O 917 122.39 63.25 13.93
N THR O 918 123.34 64.15 14.19
CA THR O 918 123.01 65.45 14.78
C THR O 918 122.25 66.35 13.82
N GLY O 919 122.15 65.98 12.55
CA GLY O 919 121.51 66.82 11.56
C GLY O 919 122.46 67.54 10.64
N LEU O 920 123.74 67.58 10.95
CA LEU O 920 124.72 68.19 10.07
C LEU O 920 124.89 67.30 8.84
N MET O 921 125.36 67.90 7.76
CA MET O 921 125.47 67.25 6.46
C MET O 921 126.96 67.07 6.19
N VAL O 922 127.40 65.84 5.93
CA VAL O 922 128.83 65.59 5.83
C VAL O 922 129.18 64.88 4.52
N PRO O 923 130.39 65.06 4.00
CA PRO O 923 130.79 64.38 2.77
C PRO O 923 131.37 63.01 3.04
N PHE O 924 131.73 62.32 1.96
CA PHE O 924 132.19 60.94 2.03
C PHE O 924 133.69 60.88 2.28
N GLU O 925 134.07 61.09 3.53
CA GLU O 925 135.44 60.87 3.98
C GLU O 925 135.47 60.99 5.50
N GLY O 926 136.55 60.52 6.09
CA GLY O 926 136.72 60.61 7.53
C GLY O 926 136.55 59.29 8.24
N ASN O 927 135.92 59.31 9.41
CA ASN O 927 135.67 58.10 10.19
C ASN O 927 134.22 58.09 10.63
N TRP O 928 133.53 56.99 10.38
CA TRP O 928 132.10 56.89 10.65
C TRP O 928 131.82 55.71 11.58
N ILE O 929 130.61 55.72 12.13
CA ILE O 929 130.10 54.61 12.92
C ILE O 929 128.71 54.27 12.42
N PHE O 930 128.52 53.02 11.99
CA PHE O 930 127.23 52.51 11.55
C PHE O 930 126.79 51.36 12.43
N PRO O 931 125.57 51.36 12.94
CA PRO O 931 124.94 50.09 13.31
C PRO O 931 124.74 49.25 12.06
N LEU O 932 124.90 47.93 12.22
CA LEU O 932 124.83 47.05 11.05
C LEU O 932 123.46 47.10 10.40
N ALA O 933 122.42 47.36 11.20
CA ALA O 933 121.07 47.44 10.64
C ALA O 933 121.00 48.49 9.55
N LEU O 934 121.75 49.59 9.70
CA LEU O 934 121.71 50.64 8.69
C LEU O 934 122.16 50.12 7.34
N TRP O 935 123.29 49.38 7.32
CA TRP O 935 123.72 48.78 6.07
C TRP O 935 122.71 47.76 5.58
N GLN O 936 122.06 47.06 6.49
CA GLN O 936 121.08 46.06 6.05
C GLN O 936 119.89 46.73 5.36
N MET O 937 119.51 47.92 5.81
CA MET O 937 118.34 48.58 5.24
C MET O 937 118.48 48.81 3.75
N ASN O 938 119.62 49.33 3.32
CA ASN O 938 119.78 49.78 1.94
C ASN O 938 121.07 49.24 1.37
N THR O 939 121.29 47.94 1.52
CA THR O 939 122.56 47.35 1.13
C THR O 939 122.90 47.64 -0.32
N ARG O 940 121.93 47.58 -1.22
CA ARG O 940 122.22 47.87 -2.62
C ARG O 940 122.62 49.32 -2.82
N TYR O 941 121.86 50.24 -2.22
CA TYR O 941 122.13 51.67 -2.41
C TYR O 941 123.48 52.06 -1.83
N PHE O 942 123.72 51.71 -0.56
CA PHE O 942 124.99 52.06 0.06
C PHE O 942 126.14 51.39 -0.66
N ASN O 943 125.95 50.13 -1.07
CA ASN O 943 127.00 49.44 -1.78
C ASN O 943 127.35 50.16 -3.08
N GLN O 944 126.34 50.59 -3.82
CA GLN O 944 126.59 51.35 -5.03
C GLN O 944 127.31 52.65 -4.74
N GLN O 945 126.91 53.34 -3.67
CA GLN O 945 127.44 54.68 -3.42
C GLN O 945 128.85 54.69 -2.85
N PHE O 946 129.21 53.71 -2.01
CA PHE O 946 130.39 53.86 -1.17
C PHE O 946 131.63 53.18 -1.73
N ASP O 947 131.47 52.12 -2.52
CA ASP O 947 132.57 51.24 -2.85
C ASP O 947 133.78 51.99 -3.38
N ALA O 948 133.57 52.95 -4.28
CA ALA O 948 134.70 53.66 -4.86
C ALA O 948 135.46 54.43 -3.80
N TRP O 949 134.75 55.16 -2.93
CA TRP O 949 135.40 55.92 -1.89
C TRP O 949 136.13 55.02 -0.91
N ILE O 950 135.53 53.90 -0.54
CA ILE O 950 136.20 52.98 0.39
C ILE O 950 137.44 52.38 -0.24
N LYS O 951 137.35 52.03 -1.52
CA LYS O 951 138.46 51.34 -2.18
C LYS O 951 139.64 52.29 -2.39
N THR O 952 139.38 53.49 -2.90
CA THR O 952 140.46 54.38 -3.27
C THR O 952 140.55 55.66 -2.45
N GLY O 953 139.45 56.16 -1.91
CA GLY O 953 139.46 57.38 -1.13
C GLY O 953 140.03 57.16 0.25
N GLU O 954 139.53 57.94 1.21
CA GLU O 954 139.97 57.88 2.59
C GLU O 954 138.77 57.81 3.52
N LEU O 955 137.85 56.89 3.21
CA LEU O 955 136.65 56.68 4.01
C LEU O 955 136.82 55.39 4.80
N ARG O 956 136.55 55.46 6.09
CA ARG O 956 136.60 54.29 6.96
C ARG O 956 135.36 54.25 7.82
N ILE O 957 134.75 53.07 7.92
CA ILE O 957 133.50 52.88 8.65
C ILE O 957 133.71 51.82 9.72
N ARG O 958 133.20 52.09 10.90
CA ARG O 958 133.14 51.10 11.96
C ARG O 958 131.72 50.58 12.06
N ILE O 959 131.56 49.27 11.96
CA ILE O 959 130.24 48.64 11.95
C ILE O 959 129.96 48.08 13.35
N GLU O 960 128.94 48.61 14.01
CA GLU O 960 128.52 48.07 15.29
C GLU O 960 127.81 46.75 15.07
N MET O 961 128.35 45.67 15.64
CA MET O 961 127.81 44.35 15.35
C MET O 961 127.51 43.58 16.62
N GLY O 962 128.27 43.83 17.68
CA GLY O 962 128.15 43.06 18.89
C GLY O 962 128.94 41.77 18.82
N ALA O 963 128.41 40.79 18.09
CA ALA O 963 129.10 39.52 17.88
C ALA O 963 128.84 39.05 16.46
N TYR O 964 129.78 38.26 15.93
CA TYR O 964 129.69 37.85 14.53
C TYR O 964 130.59 36.65 14.32
N PRO O 965 130.23 35.76 13.40
CA PRO O 965 131.15 34.69 13.02
C PRO O 965 132.23 35.20 12.09
N TYR O 966 133.38 34.55 12.13
CA TYR O 966 134.53 34.97 11.37
C TYR O 966 135.15 33.78 10.67
N MET O 967 135.89 34.07 9.59
CA MET O 967 136.55 33.05 8.80
C MET O 967 137.87 33.59 8.30
N LEU O 968 138.92 32.80 8.43
CA LEU O 968 140.29 33.25 8.20
C LEU O 968 140.75 32.86 6.80
N HIS O 969 141.67 33.67 6.25
CA HIS O 969 142.29 33.42 4.96
C HIS O 969 143.79 33.63 5.13
N TYR O 970 144.50 32.55 5.46
CA TYR O 970 145.95 32.65 5.62
C TYR O 970 146.62 32.90 4.28
N TYR O 971 147.71 33.66 4.32
CA TYR O 971 148.43 34.00 3.10
C TYR O 971 149.91 34.12 3.39
N ASP O 972 150.71 33.99 2.35
CA ASP O 972 152.15 34.14 2.48
C ASP O 972 152.50 35.62 2.44
N PRO O 973 153.10 36.16 3.51
CA PRO O 973 153.51 37.57 3.47
C PRO O 973 154.57 37.88 2.44
N ARG O 974 155.26 36.87 1.93
CA ARG O 974 156.37 37.09 1.01
C ARG O 974 155.92 37.53 -0.37
N GLN O 975 154.63 37.47 -0.68
CA GLN O 975 154.11 37.87 -1.97
C GLN O 975 153.18 39.06 -1.80
N TYR O 976 152.87 39.70 -2.93
CA TYR O 976 151.84 40.73 -2.92
C TYR O 976 150.49 40.09 -2.59
N ALA O 977 149.64 40.87 -1.93
CA ALA O 977 148.34 40.34 -1.52
C ALA O 977 147.36 41.49 -1.35
N ASN O 978 146.23 41.41 -2.02
CA ASN O 978 145.18 42.42 -1.93
C ASN O 978 143.90 41.73 -1.48
N ALA O 979 143.23 42.31 -0.49
CA ALA O 979 142.04 41.73 0.09
C ALA O 979 140.76 42.39 -0.39
N TRP O 980 140.83 43.22 -1.43
CA TRP O 980 139.64 43.95 -1.84
C TRP O 980 138.55 43.02 -2.34
N ASN O 981 138.93 41.95 -3.05
CA ASN O 981 137.92 41.05 -3.60
C ASN O 981 137.08 40.43 -2.51
N LEU O 982 137.73 39.95 -1.44
CA LEU O 982 136.99 39.29 -0.36
C LEU O 982 136.03 40.25 0.31
N THR O 983 136.51 41.45 0.63
CA THR O 983 135.65 42.42 1.30
C THR O 983 134.51 42.87 0.41
N SER O 984 134.78 43.06 -0.88
CA SER O 984 133.72 43.43 -1.81
C SER O 984 132.66 42.34 -1.87
N ALA O 985 133.10 41.08 -1.94
CA ALA O 985 132.14 39.98 -1.95
C ALA O 985 131.32 39.97 -0.67
N TRP O 986 131.97 40.22 0.47
CA TRP O 986 131.25 40.24 1.73
C TRP O 986 130.21 41.35 1.74
N LEU O 987 130.56 42.53 1.24
CA LEU O 987 129.61 43.64 1.24
C LEU O 987 128.47 43.40 0.27
N GLU O 988 128.72 42.70 -0.84
CA GLU O 988 127.65 42.45 -1.79
C GLU O 988 126.57 41.55 -1.19
N GLU O 989 126.96 40.57 -0.40
CA GLU O 989 126.02 39.57 0.09
C GLU O 989 125.31 39.99 1.37
N ILE O 990 125.55 41.21 1.87
CA ILE O 990 124.74 41.71 2.97
C ILE O 990 123.29 41.76 2.54
N THR O 991 122.42 41.19 3.36
CA THR O 991 121.02 40.99 2.98
C THR O 991 120.13 41.41 4.14
N PRO O 992 118.96 41.98 3.84
CA PRO O 992 118.03 42.35 4.91
C PRO O 992 117.74 41.25 5.92
N THR O 993 117.97 39.99 5.54
CA THR O 993 117.75 38.89 6.46
C THR O 993 118.95 37.99 6.68
N SER O 994 120.09 38.28 6.07
CA SER O 994 121.24 37.38 6.20
C SER O 994 122.53 38.18 6.20
N ILE O 995 123.58 37.56 6.71
CA ILE O 995 124.92 38.12 6.69
C ILE O 995 125.96 37.01 6.57
N PRO O 996 126.86 37.07 5.60
CA PRO O 996 127.92 36.08 5.51
C PRO O 996 129.01 36.31 6.56
N SER O 997 129.75 35.25 6.84
CA SER O 997 130.79 35.33 7.86
C SER O 997 131.88 36.31 7.45
N VAL O 998 132.44 36.97 8.43
CA VAL O 998 133.42 38.04 8.14
C VAL O 998 134.74 37.42 7.71
N PRO O 999 135.28 37.79 6.56
CA PRO O 999 136.57 37.26 6.15
C PRO O 999 137.75 38.08 6.62
N PHE O 1000 138.75 37.41 7.18
CA PHE O 1000 139.94 38.09 7.68
C PHE O 1000 141.19 37.50 7.03
N MET O 1001 142.21 38.34 6.85
CA MET O 1001 143.46 37.88 6.26
C MET O 1001 144.56 37.93 7.31
N VAL O 1002 145.22 36.79 7.52
CA VAL O 1002 146.27 36.70 8.51
C VAL O 1002 147.59 36.24 7.91
N PRO O 1003 148.69 36.92 8.23
CA PRO O 1003 150.02 36.56 7.73
C PRO O 1003 150.51 35.29 8.40
N ILE O 1004 151.13 34.41 7.62
CA ILE O 1004 151.64 33.14 8.13
C ILE O 1004 152.97 33.39 8.83
N SER O 1005 153.06 32.96 10.08
CA SER O 1005 154.28 33.16 10.86
C SER O 1005 155.43 32.35 10.30
N SER O 1006 156.63 32.90 10.39
CA SER O 1006 157.83 32.25 9.90
C SER O 1006 158.82 32.05 11.03
N ASP O 1007 159.60 30.98 10.93
CA ASP O 1007 160.64 30.68 11.90
C ASP O 1007 162.03 31.06 11.41
N HIS O 1008 162.11 31.74 10.26
CA HIS O 1008 163.40 32.15 9.72
C HIS O 1008 163.23 33.49 9.05
N ASP O 1009 164.34 34.20 8.90
CA ASP O 1009 164.31 35.54 8.33
C ASP O 1009 163.75 35.51 6.91
N ILE O 1010 162.82 36.41 6.62
CA ILE O 1010 162.20 36.50 5.31
C ILE O 1010 162.14 37.95 4.87
N SER O 1011 162.02 38.14 3.57
CA SER O 1011 161.71 39.45 3.03
C SER O 1011 160.21 39.70 3.10
N SER O 1012 159.80 40.92 2.80
CA SER O 1012 158.40 41.29 2.88
C SER O 1012 157.97 42.04 1.63
N ALA O 1013 156.69 41.92 1.31
CA ALA O 1013 156.08 42.56 0.16
C ALA O 1013 154.81 43.27 0.62
N PRO O 1014 154.41 44.33 -0.06
CA PRO O 1014 153.24 45.09 0.39
C PRO O 1014 151.99 44.24 0.37
N ALA O 1015 151.12 44.51 1.35
CA ALA O 1015 149.84 43.82 1.45
C ALA O 1015 148.77 44.84 1.80
N VAL O 1016 147.55 44.62 1.32
CA VAL O 1016 146.46 45.57 1.48
C VAL O 1016 145.31 44.86 2.17
N GLN O 1017 144.99 45.29 3.39
CA GLN O 1017 143.81 44.81 4.09
C GLN O 1017 142.68 45.83 4.00
N TYR O 1018 141.49 45.37 4.32
CA TYR O 1018 140.35 46.28 4.40
C TYR O 1018 139.48 46.05 5.63
N ILE O 1019 139.62 44.94 6.35
CA ILE O 1019 138.81 44.67 7.52
C ILE O 1019 139.72 44.28 8.67
N ILE O 1020 139.56 44.96 9.81
CA ILE O 1020 140.25 44.59 11.04
C ILE O 1020 139.24 44.59 12.17
N SER O 1021 139.50 43.76 13.17
CA SER O 1021 138.64 43.73 14.35
C SER O 1021 138.94 44.93 15.24
N THR O 1022 138.05 45.17 16.20
CA THR O 1022 138.18 46.30 17.10
C THR O 1022 138.70 45.91 18.48
N GLU O 1023 139.02 44.64 18.68
CA GLU O 1023 139.52 44.18 19.97
C GLU O 1023 140.10 42.79 19.79
N TYR O 1024 140.84 42.33 20.80
CA TYR O 1024 141.55 41.08 20.71
C TYR O 1024 140.59 39.92 20.48
N ASN O 1025 140.92 39.06 19.52
CA ASN O 1025 140.05 37.94 19.21
C ASN O 1025 140.83 36.66 18.88
N ASP O 1026 142.08 36.59 19.32
CA ASP O 1026 142.91 35.43 19.02
C ASP O 1026 143.03 34.40 20.14
N ARG O 1027 141.98 34.23 20.94
CA ARG O 1027 142.06 33.23 21.99
C ARG O 1027 142.11 31.81 21.45
N SER O 1028 141.64 31.59 20.23
CA SER O 1028 141.66 30.26 19.66
C SER O 1028 143.04 29.83 19.21
N LEU O 1029 143.94 30.78 18.99
CA LEU O 1029 145.29 30.44 18.56
C LEU O 1029 146.02 29.70 19.66
N PHE O 1030 146.57 28.54 19.33
CA PHE O 1030 147.25 27.70 20.32
C PHE O 1030 148.75 27.94 20.35
N CYS O 1031 149.43 27.68 19.24
CA CYS O 1031 150.86 27.87 19.18
C CYS O 1031 151.26 28.08 17.72
N THR O 1032 152.38 28.75 17.52
CA THR O 1032 152.89 29.01 16.19
C THR O 1032 154.32 28.51 16.07
N ASN O 1033 154.63 27.93 14.90
CA ASN O 1033 155.95 27.37 14.63
C ASN O 1033 156.40 26.45 15.75
N SER O 1034 155.49 25.56 16.15
CA SER O 1034 155.69 24.77 17.36
C SER O 1034 156.96 23.94 17.30
N SER O 1035 157.37 23.51 16.11
CA SER O 1035 158.50 22.60 16.00
C SER O 1035 159.84 23.32 15.94
N SER O 1036 159.86 24.64 16.00
CA SER O 1036 161.07 25.41 15.85
C SER O 1036 161.45 26.11 17.14
N PRO O 1037 162.72 26.48 17.32
CA PRO O 1037 163.12 27.12 18.57
C PRO O 1037 162.39 28.42 18.86
N GLN O 1038 162.08 29.21 17.84
CA GLN O 1038 161.42 30.48 18.08
C GLN O 1038 160.86 31.01 16.77
N THR O 1039 159.95 31.97 16.88
CA THR O 1039 159.34 32.62 15.72
C THR O 1039 160.07 33.92 15.44
N ILE O 1040 160.49 34.10 14.21
CA ILE O 1040 161.25 35.30 13.83
C ILE O 1040 160.33 36.42 13.39
N ALA O 1041 159.39 36.13 12.49
CA ALA O 1041 158.51 37.13 11.94
C ALA O 1041 157.07 36.62 11.96
N GLY O 1042 156.13 37.56 11.98
CA GLY O 1042 154.73 37.22 12.01
C GLY O 1042 154.23 37.13 13.44
N PRO O 1043 152.94 36.90 13.61
CA PRO O 1043 152.38 36.77 14.95
C PRO O 1043 153.02 35.61 15.70
N ASP O 1044 153.31 35.83 16.97
CA ASP O 1044 154.01 34.87 17.81
C ASP O 1044 153.12 34.47 18.97
N LYS O 1045 153.13 33.19 19.32
CA LYS O 1045 152.30 32.67 20.40
C LYS O 1045 152.90 31.38 20.90
N HIS O 1046 153.34 31.39 22.15
CA HIS O 1046 153.85 30.19 22.80
C HIS O 1046 152.68 29.39 23.38
N ILE O 1047 153.01 28.21 23.90
CA ILE O 1047 151.96 27.33 24.42
C ILE O 1047 151.25 28.00 25.58
N PRO O 1048 149.92 27.96 25.65
CA PRO O 1048 149.21 28.66 26.73
C PRO O 1048 149.39 27.96 28.05
N VAL O 1049 150.48 28.31 28.74
CA VAL O 1049 150.87 27.61 29.97
C VAL O 1049 149.73 27.58 30.97
N GLU O 1050 149.00 28.69 31.09
CA GLU O 1050 147.96 28.78 32.12
C GLU O 1050 146.90 27.71 31.95
N ARG O 1051 146.73 27.17 30.75
CA ARG O 1051 145.80 26.06 30.56
C ARG O 1051 146.29 24.81 31.27
N TYR O 1052 147.60 24.57 31.23
CA TYR O 1052 148.18 23.40 31.92
C TYR O 1052 148.70 23.81 33.29
N ASN O 1053 147.78 24.34 34.09
CA ASN O 1053 148.16 24.90 35.39
C ASN O 1053 148.70 23.84 36.32
N ILE O 1054 147.98 22.72 36.45
CA ILE O 1054 148.38 21.71 37.43
C ILE O 1054 149.69 21.05 37.04
N LEU O 1055 150.12 21.17 35.79
CA LEU O 1055 151.44 20.68 35.41
C LEU O 1055 152.52 21.73 35.59
N THR O 1056 152.23 22.97 35.22
CA THR O 1056 153.25 24.01 35.23
C THR O 1056 153.36 24.74 36.56
N ASN O 1057 152.31 24.74 37.37
CA ASN O 1057 152.37 25.44 38.64
C ASN O 1057 152.70 24.44 39.74
N PRO O 1058 153.89 24.49 40.33
CA PRO O 1058 154.27 23.47 41.32
C PRO O 1058 153.39 23.45 42.55
N ASP O 1059 152.84 24.60 42.95
CA ASP O 1059 152.10 24.70 44.20
C ASP O 1059 150.61 24.49 44.04
N ALA O 1060 150.12 24.31 42.82
CA ALA O 1060 148.68 24.19 42.62
C ALA O 1060 148.18 22.86 43.18
N PRO O 1061 147.14 22.87 44.00
CA PRO O 1061 146.56 21.61 44.45
C PRO O 1061 146.00 20.83 43.27
N PRO O 1062 146.03 19.51 43.33
CA PRO O 1062 145.66 18.71 42.16
C PRO O 1062 144.24 18.94 41.66
N THR O 1063 143.31 19.32 42.53
CA THR O 1063 141.91 19.43 42.15
C THR O 1063 141.49 20.85 41.82
N GLN O 1064 142.44 21.78 41.74
CA GLN O 1064 142.11 23.17 41.49
C GLN O 1064 141.68 23.38 40.05
N ILE O 1065 140.73 24.28 39.86
CA ILE O 1065 140.24 24.67 38.53
C ILE O 1065 140.22 26.18 38.44
N GLN O 1066 140.14 26.68 37.21
CA GLN O 1066 140.16 28.11 36.95
C GLN O 1066 138.90 28.58 36.22
N LEU O 1067 137.77 27.95 36.50
CA LEU O 1067 136.53 28.37 35.87
C LEU O 1067 136.09 29.71 36.45
N PRO O 1068 135.31 30.50 35.69
CA PRO O 1068 134.84 30.26 34.34
C PRO O 1068 135.56 31.07 33.28
N GLU O 1069 136.75 31.59 33.60
CA GLU O 1069 137.43 32.45 32.65
C GLU O 1069 138.48 31.71 31.83
N VAL O 1070 139.03 30.62 32.34
CA VAL O 1070 140.02 29.82 31.61
C VAL O 1070 139.71 28.36 31.87
N VAL O 1071 139.64 27.57 30.80
CA VAL O 1071 139.46 26.13 30.90
C VAL O 1071 140.82 25.46 30.84
N ASP O 1072 140.98 24.39 31.60
CA ASP O 1072 142.23 23.64 31.62
C ASP O 1072 142.12 22.41 30.73
N LEU O 1073 143.23 22.07 30.10
CA LEU O 1073 143.27 20.95 29.16
C LEU O 1073 143.93 19.72 29.76
N TYR O 1074 144.21 19.72 31.05
CA TYR O 1074 144.84 18.58 31.72
C TYR O 1074 144.48 18.65 33.20
N ASN O 1075 143.78 17.64 33.70
CA ASN O 1075 143.26 17.68 35.05
C ASN O 1075 142.82 16.28 35.45
N VAL O 1076 142.34 16.17 36.69
CA VAL O 1076 142.03 14.88 37.29
C VAL O 1076 140.64 14.44 36.88
N VAL O 1077 140.47 13.14 36.62
CA VAL O 1077 139.19 12.57 36.23
C VAL O 1077 138.94 11.34 37.10
N THR O 1078 137.70 11.18 37.55
CA THR O 1078 137.28 10.02 38.31
C THR O 1078 136.51 9.08 37.41
N ARG O 1079 136.84 7.80 37.45
CA ARG O 1079 136.21 6.79 36.61
C ARG O 1079 135.65 5.69 37.48
N TYR O 1080 134.40 5.31 37.21
CA TYR O 1080 133.67 4.35 38.03
C TYR O 1080 133.38 3.09 37.24
N ALA O 1081 132.82 2.11 37.94
CA ALA O 1081 132.32 0.89 37.32
C ALA O 1081 131.23 0.34 38.23
N TYR O 1082 129.98 0.63 37.90
CA TYR O 1082 128.86 0.27 38.75
C TYR O 1082 128.15 -0.98 38.27
N GLU O 1083 127.19 -1.41 39.08
CA GLU O 1083 126.32 -2.52 38.77
C GLU O 1083 124.89 -2.02 38.80
N THR O 1084 124.09 -2.47 37.83
CA THR O 1084 122.71 -2.04 37.70
C THR O 1084 121.83 -3.29 37.65
N PRO O 1085 121.64 -3.95 38.79
CA PRO O 1085 120.88 -5.19 38.78
C PRO O 1085 119.41 -4.92 38.49
N PRO O 1086 118.69 -5.91 37.97
CA PRO O 1086 117.26 -5.72 37.74
C PRO O 1086 116.50 -5.76 39.05
N ILE O 1087 115.22 -5.39 38.96
CA ILE O 1087 114.36 -5.44 40.14
C ILE O 1087 114.05 -6.89 40.45
N THR O 1088 114.44 -7.35 41.63
CA THR O 1088 114.23 -8.73 42.05
C THR O 1088 113.24 -8.76 43.21
N ALA O 1089 112.28 -9.68 43.15
CA ALA O 1089 111.26 -9.77 44.17
C ALA O 1089 110.82 -11.22 44.32
N VAL O 1090 110.38 -11.55 45.53
CA VAL O 1090 109.76 -12.84 45.83
C VAL O 1090 108.45 -12.54 46.55
N VAL O 1091 107.34 -12.91 45.94
CA VAL O 1091 106.02 -12.64 46.50
C VAL O 1091 105.60 -13.81 47.38
N MET O 1092 105.26 -13.52 48.63
CA MET O 1092 104.85 -14.54 49.58
C MET O 1092 103.38 -14.33 49.94
N GLY O 1093 102.68 -15.43 50.13
CA GLY O 1093 101.29 -15.37 50.50
C GLY O 1093 101.10 -15.15 51.98
N VAL O 1094 99.91 -14.65 52.33
CA VAL O 1094 99.54 -14.38 53.71
C VAL O 1094 98.44 -15.37 54.10
N PRO O 1095 98.66 -16.22 55.11
CA PRO O 1095 97.67 -17.21 55.54
C PRO O 1095 96.46 -16.55 56.19
N SER P 33 11.16 2.63 11.90
CA SER P 33 12.08 1.66 12.48
C SER P 33 13.41 1.67 11.71
N SER P 34 13.47 0.86 10.65
CA SER P 34 14.69 0.81 9.85
C SER P 34 14.98 2.14 9.19
N ASP P 35 13.94 2.87 8.78
CA ASP P 35 14.15 4.14 8.09
C ASP P 35 14.89 5.14 8.98
N ILE P 36 14.51 5.23 10.26
CA ILE P 36 15.26 6.07 11.18
C ILE P 36 16.68 5.56 11.31
N GLN P 37 16.84 4.24 11.49
CA GLN P 37 18.17 3.65 11.55
C GLN P 37 18.95 3.95 10.29
N ARG P 38 18.28 3.97 9.15
CA ARG P 38 18.93 4.36 7.90
C ARG P 38 19.40 5.81 7.96
N HIS P 39 18.60 6.69 8.58
CA HIS P 39 18.91 8.11 8.56
C HIS P 39 20.25 8.42 9.22
N ILE P 40 20.69 7.56 10.16
CA ILE P 40 22.04 7.72 10.69
C ILE P 40 23.08 7.49 9.61
N THR P 41 22.81 6.56 8.69
CA THR P 41 23.81 6.20 7.70
C THR P 41 24.19 7.37 6.80
N GLU P 42 23.22 8.15 6.34
CA GLU P 42 23.56 9.32 5.53
C GLU P 42 24.36 10.33 6.35
N PHE P 43 24.10 10.39 7.65
CA PHE P 43 24.90 11.26 8.51
C PHE P 43 26.36 10.83 8.52
N ILE P 44 26.61 9.54 8.74
CA ILE P 44 27.98 9.04 8.74
C ILE P 44 28.59 9.12 7.34
N SER P 45 27.87 8.61 6.35
CA SER P 45 28.39 8.54 5.00
C SER P 45 28.21 9.85 4.25
N ASN P 61 48.48 38.00 -3.96
CA ASN P 61 49.41 36.89 -3.88
C ASN P 61 50.83 37.37 -3.58
N LYS P 62 51.25 38.43 -4.27
CA LYS P 62 52.54 39.02 -4.00
C LYS P 62 52.63 39.58 -2.59
N LYS P 63 51.54 40.18 -2.11
CA LYS P 63 51.45 40.53 -0.70
C LYS P 63 51.42 39.29 0.17
N THR P 64 50.72 38.24 -0.28
CA THR P 64 50.56 37.03 0.50
C THR P 64 51.88 36.34 0.81
N ALA P 65 52.71 36.16 -0.23
CA ALA P 65 53.98 35.46 -0.03
C ALA P 65 54.85 36.20 0.98
N GLN P 66 54.74 37.52 1.03
CA GLN P 66 55.47 38.29 2.02
C GLN P 66 55.04 37.95 3.45
N LEU P 67 53.74 37.95 3.71
CA LEU P 67 53.26 37.78 5.08
C LEU P 67 53.64 36.42 5.65
N LEU P 68 53.49 35.35 4.88
CA LEU P 68 53.88 34.04 5.37
C LEU P 68 55.38 33.98 5.65
N HIS P 69 56.20 34.60 4.80
CA HIS P 69 57.64 34.62 5.01
C HIS P 69 58.23 35.77 4.19
N ALA P 70 58.81 36.75 4.89
CA ALA P 70 59.49 37.85 4.24
C ALA P 70 60.98 37.56 4.17
N ASP P 71 61.65 38.18 3.20
CA ASP P 71 63.09 38.00 3.06
C ASP P 71 63.83 38.58 4.26
N THR P 72 64.85 37.88 4.70
CA THR P 72 65.62 38.32 5.86
C THR P 72 66.81 39.14 5.40
N PRO P 73 66.98 40.36 5.91
CA PRO P 73 68.09 41.19 5.46
C PRO P 73 69.43 40.63 5.89
N ARG P 74 70.47 40.98 5.12
CA ARG P 74 71.82 40.48 5.35
C ARG P 74 72.57 41.50 6.21
N LEU P 75 72.55 41.29 7.52
CA LEU P 75 73.17 42.26 8.43
C LEU P 75 74.67 42.04 8.55
N VAL P 76 75.07 40.88 9.06
CA VAL P 76 76.47 40.66 9.44
C VAL P 76 77.26 40.25 8.21
N THR P 77 78.20 41.09 7.81
CA THR P 77 79.14 40.78 6.74
C THR P 77 80.54 41.22 7.18
N TRP P 78 81.55 40.50 6.70
CA TRP P 78 82.91 40.73 7.15
C TRP P 78 83.79 41.16 5.98
N ASP P 79 84.69 42.09 6.27
CA ASP P 79 85.68 42.56 5.29
C ASP P 79 87.06 42.28 5.85
N ALA P 80 87.86 41.53 5.08
CA ALA P 80 89.22 41.21 5.49
C ALA P 80 90.26 42.12 4.87
N GLY P 81 89.87 43.03 4.00
CA GLY P 81 90.79 43.93 3.34
C GLY P 81 91.06 45.18 4.13
N LEU P 82 91.58 46.18 3.44
CA LEU P 82 91.83 47.47 4.07
C LEU P 82 90.53 48.27 4.19
N CYS P 83 90.39 48.97 5.31
CA CYS P 83 89.21 49.79 5.54
C CYS P 83 89.46 51.18 4.96
N THR P 84 89.45 51.24 3.63
CA THR P 84 89.72 52.50 2.95
C THR P 84 88.82 52.64 1.74
N SER P 85 88.63 53.88 1.31
CA SER P 85 87.86 54.17 0.11
C SER P 85 88.49 55.24 -0.76
N PHE P 86 89.72 55.64 -0.48
CA PHE P 86 90.44 56.61 -1.28
C PHE P 86 91.77 56.00 -1.71
N LYS P 87 92.16 56.24 -2.96
CA LYS P 87 93.41 55.74 -3.49
C LYS P 87 94.15 56.86 -4.19
N ILE P 88 95.47 56.78 -4.18
CA ILE P 88 96.31 57.75 -4.87
C ILE P 88 96.74 57.16 -6.19
N VAL P 89 96.53 57.90 -7.27
CA VAL P 89 96.80 57.38 -8.61
C VAL P 89 97.79 58.29 -9.33
N PRO P 90 98.71 57.74 -10.11
CA PRO P 90 99.60 58.58 -10.91
C PRO P 90 98.82 59.23 -12.05
N ILE P 91 99.19 60.47 -12.38
CA ILE P 91 98.57 61.19 -13.48
C ILE P 91 99.55 61.38 -14.62
N VAL P 92 100.76 61.83 -14.32
CA VAL P 92 101.81 62.02 -15.30
C VAL P 92 103.04 61.23 -14.85
N PRO P 93 103.57 60.34 -15.67
CA PRO P 93 104.72 59.54 -15.24
C PRO P 93 105.94 60.37 -14.91
N ALA P 94 106.75 59.90 -13.97
CA ALA P 94 107.90 60.66 -13.51
C ALA P 94 108.92 60.82 -14.63
N GLN P 95 109.62 61.95 -14.61
CA GLN P 95 110.59 62.28 -15.65
C GLN P 95 111.95 61.62 -15.34
N VAL P 96 111.99 60.32 -15.62
CA VAL P 96 113.21 59.53 -15.43
C VAL P 96 113.36 58.60 -16.64
N PRO P 97 114.56 58.51 -17.24
CA PRO P 97 115.78 59.23 -16.91
C PRO P 97 115.75 60.66 -17.41
N GLN P 98 116.63 61.50 -16.89
CA GLN P 98 116.69 62.90 -17.24
C GLN P 98 118.13 63.30 -17.56
N ASP P 99 118.29 64.56 -17.95
CA ASP P 99 119.59 65.06 -18.35
C ASP P 99 120.41 65.60 -17.18
N VAL P 100 119.86 65.64 -15.97
CA VAL P 100 120.53 66.30 -14.86
C VAL P 100 120.95 65.28 -13.82
N LEU P 101 119.99 64.59 -13.22
CA LEU P 101 120.30 63.59 -12.21
C LEU P 101 120.64 62.27 -12.87
N ALA P 102 121.72 61.64 -12.40
CA ALA P 102 122.03 60.30 -12.87
C ALA P 102 120.95 59.33 -12.42
N TYR P 103 120.65 58.35 -13.28
CA TYR P 103 119.56 57.42 -12.98
C TYR P 103 119.83 56.61 -11.72
N THR P 104 121.08 56.52 -11.30
CA THR P 104 121.41 55.77 -10.10
C THR P 104 120.90 56.41 -8.85
N PHE P 105 120.50 57.68 -8.91
CA PHE P 105 119.99 58.40 -7.76
C PHE P 105 118.59 57.97 -7.37
N PHE P 106 117.71 57.78 -8.33
CA PHE P 106 116.31 57.50 -8.04
C PHE P 106 116.15 56.10 -7.46
N THR P 107 115.28 55.96 -6.46
CA THR P 107 115.08 54.68 -5.81
C THR P 107 114.38 53.69 -6.74
N SER P 108 113.65 54.19 -7.73
CA SER P 108 112.94 53.31 -8.65
C SER P 108 113.89 52.45 -9.46
N SER P 109 115.10 52.93 -9.72
CA SER P 109 116.07 52.15 -10.47
C SER P 109 116.51 50.89 -9.75
N TYR P 110 116.26 50.79 -8.45
CA TYR P 110 116.59 49.60 -7.67
C TYR P 110 115.37 48.74 -7.41
N ALA P 111 114.26 49.03 -8.09
CA ALA P 111 113.01 48.27 -7.94
C ALA P 111 112.53 48.25 -6.50
N ILE P 112 112.69 49.36 -5.80
CA ILE P 112 112.24 49.47 -4.43
C ILE P 112 110.77 49.87 -4.41
N GLN P 113 109.93 49.05 -3.79
CA GLN P 113 108.50 49.33 -3.74
C GLN P 113 108.25 50.54 -2.87
N SER P 114 107.37 51.39 -3.30
CA SER P 114 107.10 52.60 -2.55
C SER P 114 105.65 52.64 -2.07
N PRO P 115 105.41 53.23 -0.89
CA PRO P 115 104.04 53.35 -0.43
C PRO P 115 103.19 54.25 -1.29
N PHE P 116 103.80 55.15 -2.05
CA PHE P 116 103.12 56.16 -2.84
C PHE P 116 103.56 56.05 -4.28
N PRO P 117 102.70 56.44 -5.22
CA PRO P 117 103.11 56.45 -6.62
C PRO P 117 104.28 57.39 -6.84
N GLU P 118 105.22 56.97 -7.68
CA GLU P 118 106.38 57.78 -8.04
C GLU P 118 106.09 58.37 -9.42
N ALA P 119 105.60 59.60 -9.43
CA ALA P 119 105.16 60.21 -10.67
C ALA P 119 105.28 61.72 -10.55
N ALA P 120 105.22 62.38 -11.70
CA ALA P 120 105.29 63.84 -11.72
C ALA P 120 104.10 64.44 -10.99
N VAL P 121 102.90 63.89 -11.20
CA VAL P 121 101.68 64.40 -10.60
C VAL P 121 100.87 63.22 -10.08
N SER P 122 100.26 63.39 -8.91
CA SER P 122 99.42 62.35 -8.32
C SER P 122 98.25 63.00 -7.61
N ARG P 123 97.08 62.36 -7.69
CA ARG P 123 95.87 62.91 -7.12
C ARG P 123 95.08 61.81 -6.40
N ILE P 124 94.12 62.25 -5.61
CA ILE P 124 93.29 61.35 -4.82
C ILE P 124 91.93 61.22 -5.47
N VAL P 125 91.46 59.98 -5.60
CA VAL P 125 90.16 59.71 -6.23
C VAL P 125 89.39 58.77 -5.32
N VAL P 126 88.06 58.78 -5.45
CA VAL P 126 87.20 57.94 -4.64
C VAL P 126 86.99 56.60 -5.35
N HIS P 127 87.23 55.51 -4.64
CA HIS P 127 87.00 54.17 -5.19
C HIS P 127 86.60 53.28 -4.01
N THR P 128 85.30 53.14 -3.80
CA THR P 128 84.82 52.41 -2.63
C THR P 128 85.26 50.96 -2.68
N ARG P 129 85.80 50.48 -1.56
CA ARG P 129 86.22 49.10 -1.42
C ARG P 129 87.24 48.69 -2.48
N TRP P 130 88.14 49.59 -2.85
CA TRP P 130 89.12 49.28 -3.88
C TRP P 130 90.17 48.29 -3.38
N ALA P 131 90.26 48.07 -2.07
CA ALA P 131 91.20 47.13 -1.50
C ALA P 131 90.56 46.10 -0.60
N SER P 132 89.23 46.03 -0.55
CA SER P 132 88.57 45.14 0.38
C SER P 132 88.63 43.70 -0.12
N ASN P 133 88.28 42.78 0.77
CA ASN P 133 88.16 41.35 0.46
C ASN P 133 87.02 40.82 1.32
N VAL P 134 85.82 40.76 0.75
CA VAL P 134 84.62 40.51 1.55
C VAL P 134 84.03 39.15 1.21
N ASP P 135 83.01 38.75 1.98
CA ASP P 135 82.31 37.50 1.74
C ASP P 135 80.95 37.69 1.09
N PHE P 136 80.29 38.81 1.34
CA PHE P 136 79.05 39.16 0.69
C PHE P 136 79.19 40.54 0.08
N ASP P 137 78.81 40.69 -1.18
CA ASP P 137 78.94 41.94 -1.89
C ASP P 137 77.60 42.68 -1.83
N ARG P 138 77.65 43.95 -1.43
CA ARG P 138 76.45 44.77 -1.39
C ARG P 138 76.17 45.48 -2.70
N ASP P 139 77.12 45.41 -3.64
CA ASP P 139 76.93 45.88 -5.01
C ASP P 139 76.35 47.29 -5.06
N SER P 140 77.03 48.23 -4.42
CA SER P 140 76.65 49.64 -4.46
C SER P 140 77.89 50.51 -4.56
N SER P 141 78.83 50.11 -5.42
CA SER P 141 80.11 50.78 -5.50
C SER P 141 79.99 52.16 -6.09
N VAL P 142 80.89 53.04 -5.66
CA VAL P 142 81.06 54.37 -6.23
C VAL P 142 82.48 54.41 -6.77
N ILE P 143 82.63 54.48 -8.09
CA ILE P 143 83.92 54.38 -8.75
C ILE P 143 84.16 55.66 -9.52
N MET P 144 85.32 56.27 -9.30
CA MET P 144 85.69 57.48 -10.02
C MET P 144 86.93 57.26 -10.85
N ALA P 145 86.99 57.94 -11.97
CA ALA P 145 88.14 57.96 -12.85
C ALA P 145 89.02 59.15 -12.51
N PRO P 146 90.31 59.10 -12.86
CA PRO P 146 91.18 60.25 -12.62
C PRO P 146 90.65 61.48 -13.35
N PRO P 147 90.93 62.67 -12.83
CA PRO P 147 90.31 63.89 -13.37
C PRO P 147 90.63 64.12 -14.84
N THR P 148 91.72 63.52 -15.33
CA THR P 148 92.05 63.61 -16.75
C THR P 148 91.04 62.91 -17.65
N GLU P 149 90.16 62.09 -17.09
CA GLU P 149 89.11 61.43 -17.84
C GLU P 149 87.76 61.99 -17.42
N ASN P 150 86.77 61.80 -18.29
CA ASN P 150 85.44 62.35 -18.02
C ASN P 150 84.73 61.53 -16.97
N ASN P 151 84.16 62.22 -15.97
CA ASN P 151 83.39 61.59 -14.92
C ASN P 151 81.93 62.02 -14.93
N ILE P 152 81.46 62.66 -16.00
CA ILE P 152 80.14 63.27 -16.03
C ILE P 152 79.05 62.23 -15.85
N HIS P 153 79.33 60.99 -16.22
CA HIS P 153 78.30 59.96 -16.19
C HIS P 153 77.81 59.65 -14.78
N LEU P 154 78.54 60.06 -13.74
CA LEU P 154 78.11 59.81 -12.37
C LEU P 154 77.13 60.84 -11.85
N PHE P 155 76.99 62.00 -12.51
CA PHE P 155 76.07 63.03 -12.07
C PHE P 155 74.85 63.12 -12.96
N LYS P 156 74.59 62.10 -13.77
CA LYS P 156 73.47 62.12 -14.70
C LYS P 156 72.64 60.85 -14.67
N GLN P 157 72.64 60.12 -13.55
CA GLN P 157 71.96 58.83 -13.54
C GLN P 157 70.61 58.86 -12.82
N LEU P 158 70.16 60.02 -12.35
CA LEU P 158 68.87 60.05 -11.66
C LEU P 158 67.73 60.57 -12.52
N LEU P 159 67.84 61.79 -13.04
CA LEU P 159 66.73 62.44 -13.71
C LEU P 159 67.07 62.94 -15.10
N ASN P 160 68.24 62.59 -15.61
CA ASN P 160 68.63 63.05 -16.95
C ASN P 160 68.21 62.06 -18.02
N THR P 161 66.89 61.80 -18.06
CA THR P 161 66.36 60.95 -19.12
C THR P 161 66.30 61.66 -20.46
N GLU P 162 66.08 62.97 -20.47
CA GLU P 162 65.95 63.72 -21.70
C GLU P 162 67.25 64.36 -22.16
N THR P 163 68.30 64.29 -21.36
CA THR P 163 69.61 64.81 -21.74
C THR P 163 70.12 64.00 -22.94
N LEU P 164 70.39 64.69 -24.05
CA LEU P 164 70.82 64.02 -25.27
C LEU P 164 72.30 63.62 -25.24
N SER P 165 73.18 64.59 -25.04
CA SER P 165 74.60 64.32 -25.13
C SER P 165 75.02 63.29 -24.09
N VAL P 166 75.81 62.33 -24.51
CA VAL P 166 76.41 61.39 -23.58
C VAL P 166 77.51 62.07 -22.79
N ARG P 167 77.88 63.29 -23.17
CA ARG P 167 78.88 64.09 -22.50
C ARG P 167 78.28 65.21 -21.65
N GLY P 168 76.96 65.40 -21.73
CA GLY P 168 76.31 66.48 -21.00
C GLY P 168 75.46 66.01 -19.85
N ALA P 169 75.16 66.93 -18.93
CA ALA P 169 74.30 66.64 -17.79
C ALA P 169 73.60 67.92 -17.37
N ASN P 170 72.40 67.77 -16.81
CA ASN P 170 71.61 68.91 -16.42
C ASN P 170 72.07 69.40 -15.06
N PRO P 171 72.48 70.66 -14.93
CA PRO P 171 72.92 71.15 -13.61
C PRO P 171 71.85 71.10 -12.55
N LEU P 172 70.58 71.28 -12.93
CA LEU P 172 69.53 71.41 -11.93
C LEU P 172 69.27 70.13 -11.16
N MET P 173 69.79 68.99 -11.60
CA MET P 173 69.68 67.76 -10.82
C MET P 173 71.00 67.33 -10.21
N PHE P 174 71.95 68.26 -10.03
CA PHE P 174 73.21 67.89 -9.41
C PHE P 174 73.01 67.43 -7.97
N ARG P 175 72.22 68.18 -7.20
CA ARG P 175 72.04 67.86 -5.79
C ARG P 175 71.38 66.50 -5.62
N ALA P 176 70.38 66.21 -6.44
CA ALA P 176 69.72 64.90 -6.37
C ALA P 176 70.70 63.78 -6.66
N ASN P 177 71.51 63.96 -7.71
CA ASN P 177 72.50 62.94 -8.06
C ASN P 177 73.52 62.77 -6.95
N VAL P 178 73.99 63.88 -6.38
CA VAL P 178 75.00 63.81 -5.33
C VAL P 178 74.46 63.08 -4.12
N LEU P 179 73.22 63.37 -3.74
CA LEU P 179 72.62 62.70 -2.59
C LEU P 179 72.60 61.20 -2.79
N HIS P 180 72.19 60.75 -3.97
CA HIS P 180 72.20 59.32 -4.26
C HIS P 180 73.62 58.77 -4.19
N MET P 181 74.60 59.54 -4.66
CA MET P 181 75.98 59.09 -4.59
C MET P 181 76.43 58.91 -3.15
N LEU P 182 76.09 59.86 -2.28
CA LEU P 182 76.46 59.73 -0.87
C LEU P 182 75.78 58.55 -0.22
N LEU P 183 74.51 58.34 -0.54
CA LEU P 183 73.79 57.21 0.03
C LEU P 183 74.45 55.89 -0.34
N GLU P 184 74.81 55.75 -1.62
CA GLU P 184 75.49 54.52 -2.04
C GLU P 184 76.88 54.42 -1.42
N PHE P 185 77.50 55.56 -1.14
CA PHE P 185 78.81 55.54 -0.49
C PHE P 185 78.73 54.91 0.89
N VAL P 186 77.71 55.28 1.65
CA VAL P 186 77.53 54.70 2.99
C VAL P 186 77.14 53.23 2.89
N LEU P 187 76.20 52.92 2.00
CA LEU P 187 75.64 51.57 1.93
C LEU P 187 76.72 50.54 1.62
N ASP P 188 77.64 50.89 0.74
CA ASP P 188 78.69 49.94 0.36
C ASP P 188 79.66 49.69 1.51
N ASN P 189 79.77 50.58 2.48
CA ASN P 189 80.77 50.46 3.51
C ASN P 189 80.27 49.83 4.79
N LEU P 190 79.07 49.24 4.78
CA LEU P 190 78.49 48.62 5.96
C LEU P 190 79.05 47.22 6.12
N TYR P 191 80.27 47.13 6.63
CA TYR P 191 80.93 45.87 6.89
C TYR P 191 81.57 45.89 8.27
N LEU P 192 81.96 44.72 8.74
CA LEU P 192 82.69 44.57 9.99
C LEU P 192 84.12 44.16 9.70
N ASN P 193 85.07 44.86 10.30
CA ASN P 193 86.49 44.61 10.04
C ASN P 193 86.89 43.31 10.71
N ARG P 194 87.38 42.36 9.92
CA ARG P 194 87.73 41.05 10.44
C ARG P 194 89.21 40.98 10.78
N HIS P 195 89.55 40.06 11.69
CA HIS P 195 90.91 39.88 12.16
C HIS P 195 91.50 38.62 11.54
N THR P 196 92.57 38.78 10.76
CA THR P 196 93.08 37.69 9.95
C THR P 196 94.22 37.00 10.68
N GLY P 197 95.31 37.67 11.00
CA GLY P 197 96.46 37.00 11.59
C GLY P 197 97.71 37.79 11.29
N PHE P 198 98.76 37.49 12.07
CA PHE P 198 99.97 38.29 12.02
C PHE P 198 101.22 37.46 11.88
N SER P 199 102.38 38.13 11.88
CA SER P 199 103.67 37.46 11.78
C SER P 199 104.74 38.47 12.17
N GLN P 200 105.63 38.07 13.08
CA GLN P 200 106.66 38.99 13.54
C GLN P 200 107.67 39.26 12.44
N ASP P 201 108.12 40.51 12.38
CA ASP P 201 109.06 40.93 11.34
C ASP P 201 110.43 40.29 11.60
N HIS P 202 111.04 39.75 10.55
CA HIS P 202 112.37 39.19 10.61
C HIS P 202 113.44 40.16 10.11
N THR P 203 113.07 41.38 9.78
CA THR P 203 114.02 42.33 9.21
C THR P 203 114.19 43.52 10.14
N PRO P 204 115.33 44.21 10.10
CA PRO P 204 115.54 45.37 10.97
C PRO P 204 114.80 46.63 10.55
N PHE P 205 113.90 46.56 9.57
CA PHE P 205 113.14 47.74 9.18
C PHE P 205 112.27 48.26 10.31
N THR P 206 111.65 47.35 11.06
CA THR P 206 110.89 47.70 12.25
C THR P 206 111.46 46.97 13.45
N GLU P 207 111.12 47.44 14.65
CA GLU P 207 111.63 46.84 15.88
C GLU P 207 110.81 45.60 16.23
N GLY P 208 110.83 44.63 15.32
CA GLY P 208 110.12 43.39 15.53
C GLY P 208 108.63 43.56 15.69
N ALA P 209 108.03 44.41 14.86
CA ALA P 209 106.60 44.64 14.92
C ALA P 209 105.85 43.41 14.42
N ASN P 210 104.54 43.41 14.66
CA ASN P 210 103.66 42.35 14.19
C ASN P 210 102.90 42.88 12.98
N LEU P 211 103.00 42.17 11.86
CA LEU P 211 102.47 42.66 10.60
C LEU P 211 101.27 41.82 10.18
N ARG P 212 100.16 42.49 9.88
CA ARG P 212 98.94 41.78 9.52
C ARG P 212 99.07 41.19 8.12
N SER P 213 98.54 39.98 7.95
CA SER P 213 98.63 39.25 6.69
C SER P 213 97.29 39.29 5.98
N LEU P 214 97.27 39.87 4.79
CA LEU P 214 96.08 39.89 3.96
C LEU P 214 95.89 38.55 3.26
N PRO P 215 94.65 38.13 3.04
CA PRO P 215 94.39 36.92 2.27
C PRO P 215 94.38 37.21 0.77
N GLY P 216 94.15 36.16 0.00
CA GLY P 216 94.05 36.28 -1.44
C GLY P 216 95.40 36.19 -2.12
N PRO P 217 95.38 36.13 -3.45
CA PRO P 217 96.63 36.01 -4.21
C PRO P 217 97.35 37.35 -4.29
N ASP P 218 98.65 37.26 -4.60
CA ASP P 218 99.50 38.44 -4.78
C ASP P 218 99.45 39.35 -3.56
N ALA P 219 99.60 38.75 -2.38
CA ALA P 219 99.46 39.51 -1.14
C ALA P 219 100.71 40.30 -0.78
N GLU P 220 101.91 40.36 -1.39
CA GLU P 220 103.13 41.11 -0.72
C GLU P 220 103.12 42.34 -1.10
N LYS P 221 102.37 42.42 -2.18
CA LYS P 221 102.40 43.82 -2.59
C LYS P 221 101.73 44.72 -1.57
N TRP P 222 100.76 44.18 -0.83
CA TRP P 222 100.03 45.00 0.13
C TRP P 222 100.92 45.47 1.28
N TYR P 223 102.02 44.76 1.50
CA TYR P 223 102.88 45.08 2.64
C TYR P 223 103.56 46.42 2.46
N SER P 224 103.77 46.84 1.22
CA SER P 224 104.38 48.13 0.95
C SER P 224 103.38 49.27 0.92
N ILE P 225 102.08 48.98 0.93
CA ILE P 225 101.07 50.02 0.97
C ILE P 225 100.48 50.18 2.36
N MET P 226 100.34 49.08 3.12
CA MET P 226 99.75 49.16 4.45
C MET P 226 100.57 50.03 5.38
N TYR P 227 101.88 49.82 5.40
CA TYR P 227 102.77 50.48 6.36
C TYR P 227 103.77 51.36 5.65
N PRO P 228 103.48 52.64 5.46
CA PRO P 228 104.42 53.53 4.78
C PRO P 228 105.74 53.66 5.53
N THR P 229 105.68 53.62 6.85
CA THR P 229 106.87 53.86 7.66
C THR P 229 107.89 52.75 7.58
N ARG P 230 107.53 51.61 6.98
CA ARG P 230 108.46 50.49 6.91
C ARG P 230 109.52 50.67 5.83
N MET P 231 109.32 51.58 4.89
CA MET P 231 110.29 51.77 3.82
C MET P 231 111.61 52.31 4.37
N GLY P 232 112.70 51.91 3.74
CA GLY P 232 113.98 52.53 4.00
C GLY P 232 114.09 53.89 3.35
N THR P 233 114.96 54.74 3.91
CA THR P 233 115.11 56.12 3.46
C THR P 233 116.56 56.39 3.10
N PRO P 234 117.02 55.89 1.96
CA PRO P 234 118.39 56.20 1.53
C PRO P 234 118.47 57.50 0.76
N ASN P 235 117.36 57.89 0.14
CA ASN P 235 117.34 59.01 -0.78
C ASN P 235 116.98 60.29 -0.05
N VAL P 236 116.99 61.40 -0.79
CA VAL P 236 116.60 62.70 -0.27
C VAL P 236 115.30 63.15 -0.94
N SER P 237 114.61 62.23 -1.60
CA SER P 237 113.39 62.56 -2.32
C SER P 237 112.28 62.98 -1.36
N LYS P 238 111.17 63.44 -1.94
CA LYS P 238 110.07 63.93 -1.13
C LYS P 238 109.50 62.84 -0.23
N ILE P 239 109.30 61.64 -0.78
CA ILE P 239 108.71 60.56 0.01
C ILE P 239 109.65 60.16 1.14
N CYS P 240 110.94 60.06 0.85
CA CYS P 240 111.89 59.66 1.88
C CYS P 240 112.02 60.74 2.95
N ASN P 241 111.94 62.01 2.57
CA ASN P 241 111.92 63.07 3.55
C ASN P 241 110.68 62.97 4.44
N PHE P 242 109.53 62.69 3.83
CA PHE P 242 108.30 62.59 4.60
C PHE P 242 108.37 61.46 5.61
N VAL P 243 108.87 60.30 5.17
CA VAL P 243 108.94 59.14 6.05
C VAL P 243 109.91 59.41 7.19
N ALA P 244 111.04 60.04 6.89
CA ALA P 244 112.08 60.24 7.90
C ALA P 244 111.59 61.06 9.08
N SER P 245 110.55 61.86 8.88
CA SER P 245 110.04 62.72 9.95
C SER P 245 108.94 62.07 10.77
N CYS P 246 108.61 60.81 10.52
CA CYS P 246 107.50 60.15 11.20
C CYS P 246 107.99 59.38 12.42
N VAL P 247 107.04 59.05 13.30
CA VAL P 247 107.36 58.23 14.46
C VAL P 247 107.44 56.77 14.03
N ARG P 248 108.33 56.01 14.67
CA ARG P 248 108.63 54.67 14.17
C ARG P 248 107.72 53.62 14.81
N ASN P 249 107.49 53.72 16.11
CA ASN P 249 106.88 52.62 16.85
C ASN P 249 105.41 52.41 16.53
N ARG P 250 104.77 53.37 15.89
CA ARG P 250 103.34 53.29 15.59
C ARG P 250 103.15 52.57 14.26
N VAL P 251 103.26 51.25 14.30
CA VAL P 251 103.08 50.41 13.11
C VAL P 251 102.71 49.01 13.58
N GLY P 252 101.91 48.32 12.77
CA GLY P 252 101.54 46.96 13.09
C GLY P 252 100.58 46.89 14.26
N ARG P 253 100.52 45.71 14.86
CA ARG P 253 99.58 45.48 15.96
C ARG P 253 99.93 46.34 17.16
N PHE P 254 98.91 46.90 17.79
CA PHE P 254 99.04 47.78 18.94
C PHE P 254 98.58 47.14 20.24
N ASP P 255 97.45 46.45 20.23
CA ASP P 255 96.91 45.84 21.43
C ASP P 255 95.95 44.72 21.03
N ARG P 256 95.80 43.75 21.91
CA ARG P 256 94.91 42.64 21.66
C ARG P 256 94.35 42.14 22.97
N ALA P 257 93.23 41.40 22.87
CA ALA P 257 92.55 40.84 24.03
C ALA P 257 92.50 39.33 23.87
N GLN P 258 93.48 38.65 24.43
CA GLN P 258 93.57 37.20 24.34
C GLN P 258 93.04 36.61 25.63
N MET P 259 91.82 36.06 25.59
CA MET P 259 91.16 35.55 26.78
C MET P 259 91.46 34.08 27.04
N MET P 260 91.17 33.20 26.10
CA MET P 260 91.40 31.77 26.27
C MET P 260 92.64 31.37 25.49
N ASN P 261 93.57 30.70 26.17
CA ASN P 261 94.78 30.22 25.53
C ASN P 261 94.43 29.19 24.46
N GLY P 262 95.06 29.27 23.29
CA GLY P 262 94.78 28.34 22.22
C GLY P 262 93.57 28.67 21.38
N ALA P 263 93.11 29.91 21.39
CA ALA P 263 91.99 30.34 20.59
C ALA P 263 92.31 31.68 19.97
N MET P 264 91.51 32.07 18.98
CA MET P 264 91.72 33.37 18.34
C MET P 264 91.47 34.50 19.33
N SER P 265 92.25 35.57 19.16
CA SER P 265 92.06 36.76 19.96
C SER P 265 90.69 37.35 19.68
N GLU P 266 90.05 37.87 20.72
CA GLU P 266 88.70 38.41 20.54
C GLU P 266 88.69 39.60 19.59
N TRP P 267 89.63 40.53 19.75
CA TRP P 267 89.76 41.66 18.85
C TRP P 267 91.17 42.20 19.00
N VAL P 268 91.61 42.95 18.00
CA VAL P 268 92.93 43.55 18.00
C VAL P 268 92.83 45.00 17.56
N ASP P 269 93.83 45.79 17.94
CA ASP P 269 93.96 47.17 17.49
C ASP P 269 95.29 47.31 16.76
N VAL P 270 95.24 47.97 15.60
CA VAL P 270 96.37 47.92 14.68
C VAL P 270 96.48 49.27 13.97
N PHE P 271 97.71 49.65 13.64
CA PHE P 271 97.97 50.78 12.77
C PHE P 271 98.10 50.29 11.33
N GLU P 272 97.38 50.92 10.42
CA GLU P 272 97.50 50.60 9.00
C GLU P 272 96.82 51.65 8.16
N THR P 273 97.03 51.60 6.84
CA THR P 273 96.41 52.55 5.94
C THR P 273 94.89 52.39 5.97
N SER P 274 94.20 53.51 6.03
CA SER P 274 92.74 53.55 6.04
C SER P 274 92.27 54.96 5.80
N ASP P 275 90.98 55.23 5.96
CA ASP P 275 90.50 56.60 5.97
C ASP P 275 89.55 56.77 7.15
N ALA P 276 89.63 57.93 7.78
CA ALA P 276 88.86 58.23 8.99
C ALA P 276 87.38 58.09 8.73
N LEU P 277 86.92 58.48 7.54
CA LEU P 277 85.50 58.44 7.23
C LEU P 277 84.96 57.02 7.28
N THR P 278 85.54 56.11 6.50
CA THR P 278 85.08 54.73 6.53
C THR P 278 85.36 54.06 7.87
N VAL P 279 86.40 54.47 8.58
CA VAL P 279 86.61 53.92 9.91
C VAL P 279 85.45 54.30 10.82
N SER P 280 85.03 55.56 10.78
CA SER P 280 83.94 56.02 11.62
C SER P 280 82.63 55.34 11.24
N ILE P 281 82.35 55.23 9.93
CA ILE P 281 81.09 54.64 9.51
C ILE P 281 81.00 53.20 9.99
N ARG P 282 82.07 52.43 9.82
CA ARG P 282 82.07 51.07 10.33
C ARG P 282 82.12 51.05 11.85
N GLY P 283 82.54 52.16 12.46
CA GLY P 283 82.51 52.23 13.90
C GLY P 283 81.10 52.31 14.46
N ARG P 284 80.35 53.34 14.09
CA ARG P 284 78.98 53.45 14.54
C ARG P 284 78.10 52.32 14.04
N TRP P 285 78.45 51.70 12.91
CA TRP P 285 77.69 50.55 12.45
C TRP P 285 77.81 49.39 13.43
N MET P 286 79.03 49.13 13.91
CA MET P 286 79.22 48.03 14.85
C MET P 286 78.49 48.29 16.15
N ALA P 287 78.47 49.55 16.61
CA ALA P 287 77.79 49.87 17.86
C ALA P 287 76.31 49.51 17.79
N ARG P 288 75.69 49.73 16.64
CA ARG P 288 74.28 49.38 16.49
C ARG P 288 74.06 47.90 16.70
N LEU P 289 74.93 47.07 16.13
CA LEU P 289 74.80 45.62 16.32
C LEU P 289 75.09 45.23 17.75
N ALA P 290 76.06 45.88 18.39
CA ALA P 290 76.36 45.59 19.78
C ALA P 290 75.18 45.90 20.67
N ARG P 291 74.43 46.96 20.37
CA ARG P 291 73.24 47.26 21.15
C ARG P 291 72.17 46.18 20.98
N MET P 292 72.09 45.56 19.81
CA MET P 292 71.09 44.53 19.56
C MET P 292 71.54 43.15 20.01
N ASN P 293 72.81 42.98 20.35
CA ASN P 293 73.31 41.67 20.77
C ASN P 293 72.57 41.13 21.99
N ILE P 294 72.42 39.80 22.03
CA ILE P 294 71.84 39.10 23.16
C ILE P 294 72.63 37.82 23.38
N ASN P 295 72.37 37.15 24.51
CA ASN P 295 73.20 36.00 24.83
C ASN P 295 72.36 34.76 25.14
N PRO P 296 72.98 33.56 25.10
CA PRO P 296 72.22 32.32 25.23
C PRO P 296 71.39 32.21 26.50
N THR P 297 71.84 32.80 27.61
CA THR P 297 71.05 32.73 28.82
C THR P 297 69.71 33.44 28.65
N GLU P 298 69.73 34.64 28.06
CA GLU P 298 68.48 35.32 27.79
C GLU P 298 67.65 34.56 26.77
N ILE P 299 68.31 33.96 25.78
CA ILE P 299 67.56 33.17 24.80
C ILE P 299 66.83 32.02 25.49
N GLU P 300 67.52 31.33 26.41
CA GLU P 300 66.92 30.22 27.13
C GLU P 300 65.74 30.69 27.96
N TRP P 301 65.92 31.81 28.67
CA TRP P 301 64.84 32.32 29.51
C TRP P 301 63.63 32.70 28.67
N ALA P 302 63.86 33.35 27.54
CA ALA P 302 62.75 33.79 26.69
C ALA P 302 61.98 32.61 26.15
N LEU P 303 62.69 31.60 25.64
CA LEU P 303 62.02 30.46 25.03
C LEU P 303 61.18 29.71 26.05
N THR P 304 61.70 29.53 27.26
CA THR P 304 60.96 28.84 28.30
C THR P 304 59.65 29.55 28.62
N GLU P 305 59.71 30.87 28.75
CA GLU P 305 58.52 31.63 29.10
C GLU P 305 57.46 31.52 28.01
N CYS P 306 57.87 31.60 26.74
CA CYS P 306 56.91 31.52 25.64
C CYS P 306 56.21 30.17 25.62
N ALA P 307 56.95 29.10 25.90
CA ALA P 307 56.36 27.77 25.91
C ALA P 307 55.55 27.49 27.16
N GLN P 308 55.39 28.48 28.04
CA GLN P 308 54.58 28.36 29.25
C GLN P 308 55.07 27.26 30.17
N GLY P 309 56.34 26.86 30.03
CA GLY P 309 56.94 25.87 30.89
C GLY P 309 56.84 24.45 30.37
N TYR P 310 56.05 24.23 29.31
CA TYR P 310 55.90 22.88 28.78
C TYR P 310 57.21 22.36 28.20
N VAL P 311 58.02 23.23 27.60
CA VAL P 311 59.27 22.84 26.98
C VAL P 311 60.42 23.41 27.80
N THR P 312 61.43 22.59 28.04
CA THR P 312 62.63 22.99 28.76
C THR P 312 63.79 23.02 27.80
N VAL P 313 64.58 24.08 27.86
CA VAL P 313 65.75 24.23 26.99
C VAL P 313 66.93 24.65 27.88
N THR P 314 68.14 24.32 27.42
CA THR P 314 69.33 24.49 28.23
C THR P 314 70.38 25.28 27.47
N SER P 315 71.23 25.98 28.21
CA SER P 315 72.35 26.74 27.69
C SER P 315 73.61 26.44 28.49
N PRO P 316 74.78 26.56 27.89
CA PRO P 316 76.02 26.25 28.59
C PRO P 316 76.32 27.27 29.68
N TYR P 317 77.11 26.82 30.66
CA TYR P 317 77.54 27.65 31.77
C TYR P 317 79.06 27.50 31.91
N ALA P 318 79.80 28.32 31.16
CA ALA P 318 81.25 28.27 31.13
C ALA P 318 81.78 29.47 30.36
N PRO P 319 83.05 29.81 30.47
CA PRO P 319 83.60 30.89 29.63
C PRO P 319 83.41 30.60 28.15
N SER P 320 82.88 31.56 27.44
CA SER P 320 82.46 31.39 26.06
C SER P 320 83.49 31.99 25.10
N VAL P 321 83.14 32.01 23.81
CA VAL P 321 83.96 32.59 22.77
C VAL P 321 83.48 33.99 22.41
N ASN P 322 82.48 34.51 23.14
CA ASN P 322 81.97 35.86 22.94
C ASN P 322 81.42 36.02 21.51
N ARG P 323 80.29 35.36 21.27
CA ARG P 323 79.61 35.41 19.98
C ARG P 323 78.83 36.71 19.81
N LEU P 324 78.13 36.81 18.68
CA LEU P 324 77.35 37.98 18.33
C LEU P 324 76.03 37.54 17.70
N MET P 325 74.92 37.84 18.37
CA MET P 325 73.58 37.46 17.92
C MET P 325 72.65 38.67 18.01
N PRO P 326 72.62 39.50 16.99
CA PRO P 326 71.85 40.76 17.06
C PRO P 326 70.36 40.58 16.83
N TYR P 327 69.59 40.26 17.87
CA TYR P 327 68.19 39.96 17.69
C TYR P 327 67.25 40.77 18.59
N ARG P 328 67.74 41.82 19.24
CA ARG P 328 66.91 42.61 20.14
C ARG P 328 66.71 44.00 19.58
N ILE P 329 65.44 44.41 19.47
CA ILE P 329 65.09 45.73 18.98
C ILE P 329 64.05 46.33 19.91
N SER P 330 63.67 47.57 19.64
CA SER P 330 62.83 48.31 20.56
C SER P 330 61.35 48.16 20.21
N ASN P 331 60.50 48.33 21.23
CA ASN P 331 59.06 48.28 21.04
C ASN P 331 58.61 49.33 20.05
N ALA P 332 59.30 50.48 20.02
CA ALA P 332 58.96 51.52 19.06
C ALA P 332 59.12 51.01 17.64
N GLU P 333 60.25 50.35 17.37
CA GLU P 333 60.47 49.79 16.04
C GLU P 333 59.47 48.69 15.72
N ARG P 334 59.15 47.85 16.70
CA ARG P 334 58.16 46.80 16.44
C ARG P 334 56.81 47.40 16.08
N GLN P 335 56.39 48.45 16.78
CA GLN P 335 55.11 49.09 16.47
C GLN P 335 55.16 49.75 15.11
N ILE P 336 56.27 50.43 14.78
CA ILE P 336 56.40 51.05 13.46
C ILE P 336 56.24 49.99 12.38
N SER P 337 56.93 48.87 12.53
CA SER P 337 56.80 47.79 11.56
C SER P 337 55.39 47.24 11.49
N GLN P 338 54.72 47.12 12.63
CA GLN P 338 53.35 46.62 12.63
C GLN P 338 52.40 47.54 11.89
N ILE P 339 52.55 48.85 12.04
CA ILE P 339 51.68 49.79 11.34
C ILE P 339 51.85 49.66 9.83
N ILE P 340 53.09 49.54 9.37
CA ILE P 340 53.35 49.37 7.95
C ILE P 340 52.66 48.10 7.45
N ARG P 341 52.78 47.02 8.23
CA ARG P 341 52.16 45.75 7.84
C ARG P 341 50.65 45.90 7.73
N ILE P 342 50.04 46.63 8.67
CA ILE P 342 48.59 46.81 8.64
C ILE P 342 48.18 47.61 7.41
N MET P 343 49.01 48.55 6.99
CA MET P 343 48.67 49.45 5.89
C MET P 343 48.31 48.71 4.61
N ASN P 344 49.18 47.80 4.18
CA ASN P 344 48.95 47.12 2.90
C ASN P 344 47.89 46.04 3.03
N ILE P 345 47.84 45.37 4.18
CA ILE P 345 46.89 44.27 4.34
C ILE P 345 45.47 44.80 4.45
N GLY P 346 45.31 46.06 4.85
CA GLY P 346 43.99 46.60 5.06
C GLY P 346 43.13 46.54 3.81
N ASN P 347 41.89 46.13 3.99
CA ASN P 347 40.90 46.06 2.92
C ASN P 347 41.28 45.03 1.86
N ASN P 348 42.24 44.17 2.19
CA ASN P 348 42.69 43.15 1.24
C ASN P 348 42.42 41.80 1.89
N ALA P 349 41.24 41.24 1.59
CA ALA P 349 40.85 39.99 2.21
C ALA P 349 41.71 38.83 1.72
N THR P 350 41.98 38.78 0.42
CA THR P 350 42.63 37.61 -0.17
C THR P 350 44.05 37.39 0.32
N VAL P 351 44.58 38.31 1.12
CA VAL P 351 45.88 38.12 1.74
C VAL P 351 45.75 37.69 3.20
N ILE P 352 44.70 38.14 3.88
CA ILE P 352 44.51 37.75 5.27
C ILE P 352 43.83 36.40 5.41
N GLN P 353 42.92 36.05 4.49
CA GLN P 353 42.26 34.75 4.58
C GLN P 353 43.25 33.59 4.52
N PRO P 354 44.22 33.56 3.61
CA PRO P 354 45.21 32.47 3.67
C PRO P 354 45.99 32.44 4.97
N VAL P 355 46.22 33.59 5.60
CA VAL P 355 46.91 33.60 6.89
C VAL P 355 46.07 32.86 7.92
N LEU P 356 44.78 33.19 8.01
CA LEU P 356 43.91 32.54 8.99
C LEU P 356 43.93 31.03 8.82
N GLN P 357 44.00 30.56 7.58
CA GLN P 357 44.10 29.13 7.33
C GLN P 357 45.37 28.56 7.96
N ASP P 358 46.46 29.31 7.89
CA ASP P 358 47.75 28.80 8.37
C ASP P 358 47.70 28.48 9.86
N ILE P 359 47.08 29.36 10.65
CA ILE P 359 46.92 29.06 12.06
C ILE P 359 46.04 27.84 12.26
N SER P 360 45.02 27.69 11.41
CA SER P 360 44.07 26.61 11.60
C SER P 360 44.74 25.24 11.58
N VAL P 361 45.61 25.00 10.60
CA VAL P 361 46.31 23.73 10.55
C VAL P 361 47.29 23.59 11.69
N LEU P 362 47.93 24.70 12.07
CA LEU P 362 48.88 24.67 13.18
C LEU P 362 48.18 24.32 14.48
N LEU P 363 47.00 24.89 14.71
CA LEU P 363 46.19 24.50 15.85
C LEU P 363 45.81 23.02 15.79
N GLN P 364 45.44 22.56 14.59
CA GLN P 364 45.02 21.19 14.41
C GLN P 364 46.13 20.21 14.78
N ARG P 365 47.37 20.58 14.50
CA ARG P 365 48.49 19.69 14.79
C ARG P 365 48.73 19.54 16.28
N ILE P 366 48.41 20.56 17.06
CA ILE P 366 48.83 20.63 18.46
C ILE P 366 47.67 20.30 19.38
N SER P 367 46.45 20.55 18.93
CA SER P 367 45.29 20.40 19.80
C SER P 367 45.00 18.93 20.08
N PRO P 368 44.77 18.54 21.33
CA PRO P 368 44.36 17.17 21.62
C PRO P 368 42.90 16.89 21.32
N LEU P 369 42.08 17.92 21.17
CA LEU P 369 40.67 17.72 20.88
C LEU P 369 40.48 17.15 19.49
N GLN P 370 39.56 16.20 19.37
CA GLN P 370 39.23 15.59 18.10
C GLN P 370 37.72 15.58 17.93
N ILE P 371 37.26 16.03 16.77
CA ILE P 371 35.83 16.09 16.47
C ILE P 371 35.41 14.73 15.91
N ASP P 372 34.44 14.10 16.58
CA ASP P 372 33.91 12.80 16.16
C ASP P 372 32.40 12.91 16.04
N PRO P 373 31.88 13.07 14.83
CA PRO P 373 30.43 13.29 14.66
C PRO P 373 29.58 12.10 15.08
N THR P 374 30.17 10.91 15.23
CA THR P 374 29.37 9.75 15.60
C THR P 374 28.75 9.89 16.97
N ILE P 375 29.24 10.82 17.79
CA ILE P 375 28.65 11.04 19.11
C ILE P 375 27.20 11.45 18.99
N ILE P 376 26.91 12.38 18.06
CA ILE P 376 25.55 12.84 17.87
C ILE P 376 24.66 11.70 17.41
N SER P 377 25.15 10.89 16.48
CA SER P 377 24.32 9.81 15.95
C SER P 377 23.96 8.81 17.04
N ASN P 378 24.90 8.45 17.90
CA ASN P 378 24.67 7.42 18.90
C ASN P 378 23.54 7.82 19.84
N THR P 379 23.59 9.04 20.38
CA THR P 379 22.57 9.46 21.31
C THR P 379 21.22 9.66 20.63
N MET P 380 21.22 10.13 19.38
CA MET P 380 19.96 10.30 18.66
C MET P 380 19.29 8.98 18.35
N SER P 381 20.05 7.90 18.29
CA SER P 381 19.50 6.60 17.93
C SER P 381 18.61 6.01 19.02
N THR P 382 18.59 6.59 20.22
CA THR P 382 17.87 6.02 21.34
C THR P 382 16.66 6.89 21.72
N VAL P 383 16.25 7.80 20.85
CA VAL P 383 15.11 8.65 21.15
C VAL P 383 13.82 7.88 20.86
N SER P 384 12.79 8.13 21.67
CA SER P 384 11.53 7.43 21.54
C SER P 384 10.56 8.26 20.69
N GLU P 385 9.99 7.63 19.68
CA GLU P 385 8.96 8.28 18.85
C GLU P 385 8.12 7.21 18.19
N SER P 386 6.93 7.59 17.79
CA SER P 386 5.99 6.70 17.13
C SER P 386 6.24 6.68 15.63
N THR P 387 6.01 5.53 15.02
CA THR P 387 6.23 5.37 13.58
C THR P 387 5.10 5.94 12.74
N THR P 388 3.96 6.24 13.35
CA THR P 388 2.82 6.76 12.60
C THR P 388 2.84 8.28 12.44
N GLN P 389 3.81 8.95 13.04
CA GLN P 389 3.91 10.40 12.91
C GLN P 389 4.48 10.77 11.55
N THR P 390 3.93 11.84 10.98
CA THR P 390 4.47 12.34 9.71
C THR P 390 5.85 12.95 9.89
N LEU P 391 6.09 13.64 11.00
CA LEU P 391 7.33 14.32 11.26
C LEU P 391 8.12 13.59 12.33
N SER P 392 9.44 13.61 12.20
CA SER P 392 10.34 12.97 13.16
C SER P 392 11.41 13.95 13.57
N PRO P 393 11.37 14.46 14.80
CA PRO P 393 12.39 15.44 15.23
C PRO P 393 13.81 14.93 15.11
N ALA P 394 14.04 13.66 15.44
CA ALA P 394 15.39 13.10 15.38
C ALA P 394 15.90 13.06 13.95
N SER P 395 15.05 12.63 13.03
CA SER P 395 15.44 12.55 11.62
C SER P 395 15.76 13.94 11.09
N SER P 396 14.96 14.93 11.48
CA SER P 396 15.14 16.30 10.99
C SER P 396 16.48 16.87 11.41
N ILE P 397 16.85 16.70 12.68
CA ILE P 397 18.08 17.31 13.18
C ILE P 397 19.30 16.71 12.50
N LEU P 398 19.28 15.41 12.24
CA LEU P 398 20.39 14.78 11.54
C LEU P 398 20.51 15.32 10.13
N GLY P 399 19.38 15.58 9.48
CA GLY P 399 19.42 16.16 8.15
C GLY P 399 20.03 17.55 8.12
N LYS P 400 19.84 18.33 9.18
CA LYS P 400 20.32 19.71 9.18
C LYS P 400 21.82 19.78 9.37
N LEU P 401 22.38 18.94 10.25
CA LEU P 401 23.81 19.05 10.53
C LEU P 401 24.63 18.44 9.40
N ARG P 402 24.53 17.12 9.24
CA ARG P 402 25.18 16.33 8.20
C ARG P 402 26.59 16.82 7.84
N PRO P 403 27.57 16.77 8.77
CA PRO P 403 28.97 16.78 8.34
C PRO P 403 29.49 15.37 8.18
N SER P 404 30.10 15.04 7.04
CA SER P 404 30.61 13.70 6.80
C SER P 404 32.00 13.79 6.21
N ASN P 405 32.99 13.33 6.97
CA ASN P 405 34.37 13.24 6.49
C ASN P 405 34.88 14.60 6.01
N SER P 406 34.44 15.66 6.70
CA SER P 406 34.68 17.01 6.26
C SER P 406 36.09 17.48 6.66
N ASP P 407 36.39 18.72 6.28
CA ASP P 407 37.69 19.31 6.63
C ASP P 407 37.74 19.73 8.09
N PHE P 408 36.60 20.14 8.64
CA PHE P 408 36.43 20.56 10.03
C PHE P 408 37.12 21.89 10.31
N SER P 409 37.53 22.61 9.27
CA SER P 409 38.42 23.75 9.46
C SER P 409 37.68 24.97 10.00
N SER P 410 36.40 25.12 9.65
CA SER P 410 35.69 26.36 9.97
C SER P 410 35.69 26.64 11.47
N PHE P 411 35.60 25.60 12.30
CA PHE P 411 35.63 25.80 13.73
C PHE P 411 36.97 26.36 14.19
N ARG P 412 38.08 25.80 13.69
CA ARG P 412 39.38 26.24 14.14
C ARG P 412 39.71 27.63 13.61
N VAL P 413 39.18 27.97 12.44
CA VAL P 413 39.40 29.30 11.89
C VAL P 413 38.81 30.36 12.82
N ALA P 414 37.62 30.09 13.36
CA ALA P 414 36.97 31.05 14.25
C ALA P 414 37.84 31.34 15.47
N LEU P 415 38.53 30.32 15.99
CA LEU P 415 39.46 30.55 17.08
C LEU P 415 40.59 31.48 16.65
N ALA P 416 41.13 31.26 15.45
CA ALA P 416 42.20 32.12 14.97
C ALA P 416 41.72 33.54 14.74
N GLY P 417 40.41 33.71 14.55
CA GLY P 417 39.85 35.03 14.37
C GLY P 417 39.98 35.90 15.60
N TRP P 418 40.02 35.26 16.78
CA TRP P 418 40.11 36.00 18.02
C TRP P 418 41.36 36.85 18.11
N LEU P 419 42.41 36.50 17.37
CA LEU P 419 43.66 37.22 17.46
C LEU P 419 43.72 38.45 16.56
N TYR P 420 42.75 38.63 15.67
CA TYR P 420 42.80 39.71 14.70
C TYR P 420 41.46 40.39 14.52
N ASN P 421 40.76 40.69 15.61
CA ASN P 421 39.46 41.33 15.48
C ASN P 421 39.63 42.78 15.07
N GLY P 422 40.86 43.27 15.10
CA GLY P 422 41.12 44.64 14.66
C GLY P 422 40.87 44.83 13.17
N VAL P 423 41.26 43.84 12.37
CA VAL P 423 41.10 43.93 10.93
C VAL P 423 40.14 42.89 10.37
N VAL P 424 39.83 41.83 11.09
CA VAL P 424 38.99 40.75 10.60
C VAL P 424 37.80 40.60 11.52
N THR P 425 36.60 40.56 10.94
CA THR P 425 35.37 40.41 11.70
C THR P 425 34.65 39.16 11.19
N THR P 426 34.82 38.05 11.89
CA THR P 426 34.14 36.82 11.50
C THR P 426 32.64 36.95 11.75
N VAL P 427 31.86 36.60 10.72
CA VAL P 427 30.42 36.68 10.80
C VAL P 427 29.82 35.39 10.27
N ILE P 428 28.59 35.11 10.69
CA ILE P 428 27.88 33.93 10.20
C ILE P 428 27.35 34.22 8.81
N ASP P 429 27.59 33.29 7.88
CA ASP P 429 27.17 33.50 6.51
C ASP P 429 25.66 33.59 6.40
N ASP P 430 25.18 34.34 5.41
CA ASP P 430 23.75 34.56 5.25
C ASP P 430 23.01 33.26 4.98
N SER P 431 23.64 32.34 4.23
CA SER P 431 22.97 31.11 3.83
C SER P 431 22.54 30.28 5.02
N SER P 432 23.16 30.50 6.18
CA SER P 432 22.78 29.78 7.38
C SER P 432 21.42 30.20 7.92
N TYR P 433 20.95 31.37 7.59
CA TYR P 433 19.66 31.82 8.09
C TYR P 433 18.53 31.23 7.25
N PRO P 434 17.34 31.12 7.82
CA PRO P 434 16.18 30.72 7.01
C PRO P 434 15.96 31.70 5.87
N LYS P 435 15.57 31.18 4.72
CA LYS P 435 15.49 31.99 3.51
C LYS P 435 14.40 33.06 3.62
N ASP P 436 13.20 32.66 4.00
CA ASP P 436 12.09 33.61 4.08
C ASP P 436 12.01 34.32 5.42
N GLY P 437 12.71 33.83 6.43
CA GLY P 437 12.59 34.31 7.80
C GLY P 437 12.14 33.24 8.76
N GLY P 438 11.45 32.21 8.25
CA GLY P 438 11.09 31.06 9.06
C GLY P 438 9.79 31.25 9.82
N SER P 439 9.37 30.17 10.47
CA SER P 439 8.16 30.16 11.28
C SER P 439 8.29 29.06 12.31
N VAL P 440 7.94 29.37 13.56
CA VAL P 440 8.09 28.42 14.65
C VAL P 440 7.08 27.29 14.53
N THR P 441 6.08 27.48 13.68
CA THR P 441 5.15 26.40 13.38
C THR P 441 5.81 25.24 12.66
N SER P 442 6.90 25.50 11.92
CA SER P 442 7.60 24.48 11.18
C SER P 442 8.70 23.91 12.06
N LEU P 443 8.76 22.58 12.13
CA LEU P 443 9.83 21.93 12.90
C LEU P 443 11.19 22.21 12.29
N GLU P 444 11.22 22.46 10.98
CA GLU P 444 12.49 22.66 10.29
C GLU P 444 13.19 23.92 10.76
N ASN P 445 12.47 25.04 10.78
CA ASN P 445 13.08 26.30 11.16
C ASN P 445 13.51 26.31 12.62
N LEU P 446 12.88 25.48 13.45
CA LEU P 446 13.27 25.43 14.85
C LEU P 446 14.73 25.01 14.99
N TRP P 447 15.15 24.02 14.22
CA TRP P 447 16.53 23.58 14.28
C TRP P 447 17.49 24.65 13.75
N ASP P 448 17.07 25.40 12.73
CA ASP P 448 17.91 26.47 12.22
C ASP P 448 18.16 27.51 13.31
N PHE P 449 17.14 27.79 14.12
CA PHE P 449 17.34 28.70 15.24
C PHE P 449 18.32 28.12 16.24
N PHE P 450 18.28 26.81 16.44
CA PHE P 450 19.22 26.14 17.33
C PHE P 450 20.65 26.31 16.84
N ILE P 451 20.86 26.16 15.54
CA ILE P 451 22.21 26.22 14.99
C ILE P 451 22.82 27.60 15.21
N LEU P 452 22.08 28.64 14.84
CA LEU P 452 22.60 30.00 14.98
C LEU P 452 22.78 30.36 16.45
N ALA P 453 21.91 29.85 17.31
CA ALA P 453 21.99 30.19 18.72
C ALA P 453 23.31 29.74 19.33
N LEU P 454 23.78 28.54 18.98
CA LEU P 454 25.00 28.04 19.57
C LEU P 454 26.24 28.57 18.86
N ALA P 455 26.12 28.92 17.58
CA ALA P 455 27.29 29.33 16.81
C ALA P 455 27.67 30.78 17.04
N LEU P 456 26.68 31.66 17.14
CA LEU P 456 26.89 33.10 17.18
C LEU P 456 27.85 33.56 18.28
N PRO P 457 27.75 33.05 19.52
CA PRO P 457 28.63 33.56 20.58
C PRO P 457 30.11 33.30 20.32
N LEU P 458 30.44 32.53 19.30
CA LEU P 458 31.82 32.22 18.98
C LEU P 458 32.44 33.15 17.95
N THR P 459 31.68 34.10 17.43
CA THR P 459 32.20 34.98 16.39
C THR P 459 32.67 36.30 16.99
N THR P 460 33.56 36.97 16.26
CA THR P 460 34.11 38.23 16.71
C THR P 460 33.22 39.42 16.42
N ASP P 461 32.09 39.21 15.73
CA ASP P 461 31.20 40.28 15.36
C ASP P 461 30.62 40.94 16.61
N PRO P 462 30.88 42.23 16.83
CA PRO P 462 30.30 42.90 17.99
C PRO P 462 28.79 43.01 17.97
N CYS P 463 28.16 42.90 16.80
CA CYS P 463 26.71 42.97 16.69
C CYS P 463 26.05 41.60 16.76
N ALA P 464 26.79 40.57 17.13
CA ALA P 464 26.25 39.21 17.19
C ALA P 464 25.04 39.07 18.11
N PRO P 465 25.02 39.62 19.33
CA PRO P 465 23.84 39.39 20.18
C PRO P 465 22.53 39.86 19.58
N VAL P 466 22.54 41.00 18.88
CA VAL P 466 21.32 41.47 18.25
C VAL P 466 20.86 40.49 17.18
N LYS P 467 21.79 39.99 16.38
CA LYS P 467 21.44 38.98 15.39
C LYS P 467 20.85 37.75 16.06
N ALA P 468 21.39 37.37 17.21
CA ALA P 468 20.83 36.25 17.95
C ALA P 468 19.40 36.54 18.38
N PHE P 469 19.14 37.76 18.85
CA PHE P 469 17.80 38.13 19.29
C PHE P 469 16.83 38.20 18.12
N MET P 470 17.18 38.96 17.09
CA MET P 470 16.24 39.22 16.00
C MET P 470 15.93 37.95 15.22
N THR P 471 16.81 36.95 15.30
CA THR P 471 16.56 35.69 14.61
C THR P 471 15.27 35.04 15.10
N LEU P 472 15.09 34.97 16.41
CA LEU P 472 13.85 34.45 16.94
C LEU P 472 12.68 35.39 16.66
N ALA P 473 12.91 36.70 16.73
CA ALA P 473 11.85 37.66 16.46
C ALA P 473 11.37 37.54 15.03
N ASN P 474 12.28 37.32 14.09
CA ASN P 474 11.88 37.12 12.71
C ASN P 474 11.00 35.88 12.57
N MET P 475 11.35 34.82 13.29
CA MET P 475 10.58 33.59 13.18
C MET P 475 9.18 33.72 13.73
N MET P 476 8.90 34.76 14.50
CA MET P 476 7.64 34.73 15.24
C MET P 476 6.70 35.88 14.88
N VAL P 477 6.90 36.51 13.72
CA VAL P 477 6.03 37.57 13.25
C VAL P 477 4.60 37.05 13.16
N GLY P 478 3.63 37.87 13.55
CA GLY P 478 2.24 37.49 13.55
C GLY P 478 1.84 36.64 14.73
N PHE P 479 2.80 36.00 15.39
CA PHE P 479 2.55 35.19 16.57
C PHE P 479 2.74 36.01 17.85
N GLU P 480 3.63 36.99 17.80
CA GLU P 480 4.05 37.72 18.99
C GLU P 480 4.81 38.95 18.51
N THR P 481 4.45 40.13 18.99
CA THR P 481 4.94 41.37 18.41
C THR P 481 5.65 42.24 19.44
N ILE P 482 6.58 43.06 18.97
CA ILE P 482 7.36 43.96 19.82
C ILE P 482 7.51 45.28 19.09
N PRO P 483 7.75 46.37 19.82
CA PRO P 483 7.92 47.67 19.17
C PRO P 483 9.29 47.87 18.55
N MET P 484 9.35 48.03 17.23
CA MET P 484 10.59 48.26 16.54
C MET P 484 10.96 49.75 16.57
N ASP P 485 12.14 50.08 16.04
CA ASP P 485 12.58 51.47 16.05
C ASP P 485 11.80 52.32 15.06
N ASN P 486 11.66 51.85 13.82
CA ASN P 486 11.08 52.65 12.77
C ASN P 486 10.44 51.74 11.74
N GLN P 487 10.06 52.31 10.61
CA GLN P 487 9.35 51.59 9.56
C GLN P 487 10.27 50.79 8.65
N ILE P 488 11.56 51.03 8.69
CA ILE P 488 12.51 50.35 7.81
C ILE P 488 13.02 49.05 8.42
N TYR P 489 13.64 49.14 9.59
CA TYR P 489 14.14 47.95 10.28
C TYR P 489 13.03 47.37 11.16
N THR P 490 11.99 46.89 10.49
CA THR P 490 10.84 46.34 11.19
C THR P 490 11.14 44.93 11.69
N GLN P 491 10.14 44.33 12.31
CA GLN P 491 10.31 43.02 12.93
C GLN P 491 10.50 41.91 11.91
N SER P 492 10.24 42.17 10.63
CA SER P 492 10.37 41.14 9.61
C SER P 492 11.61 41.30 8.75
N ARG P 493 12.49 42.24 9.05
CA ARG P 493 13.74 42.36 8.31
C ARG P 493 14.63 41.16 8.58
N ARG P 494 15.49 40.82 7.62
CA ARG P 494 16.45 39.76 7.81
C ARG P 494 17.33 40.05 9.01
N ALA P 495 17.51 39.05 9.88
CA ALA P 495 18.34 39.24 11.07
C ALA P 495 19.76 39.59 10.68
N SER P 496 20.22 39.10 9.53
CA SER P 496 21.58 39.37 9.07
C SER P 496 21.76 40.84 8.72
N ALA P 497 20.66 41.57 8.53
CA ALA P 497 20.75 42.97 8.18
C ALA P 497 21.21 43.85 9.33
N PHE P 498 20.92 43.46 10.58
CA PHE P 498 21.34 44.25 11.73
C PHE P 498 22.82 44.07 11.96
N SER P 499 23.65 44.92 11.35
CA SER P 499 25.08 44.74 11.37
C SER P 499 25.84 45.92 11.97
N THR P 500 25.17 47.01 12.32
CA THR P 500 25.86 48.16 12.87
C THR P 500 25.20 48.55 14.18
N PRO P 501 25.96 49.17 15.09
CA PRO P 501 25.40 49.52 16.41
C PRO P 501 24.18 50.41 16.33
N HIS P 502 24.13 51.26 15.31
CA HIS P 502 23.02 52.18 15.15
C HIS P 502 21.72 51.44 14.90
N THR P 503 21.80 50.18 14.49
CA THR P 503 20.62 49.40 14.19
C THR P 503 20.09 48.61 15.38
N TRP P 504 20.70 48.73 16.55
CA TRP P 504 20.21 48.00 17.71
C TRP P 504 18.85 48.53 18.12
N PRO P 505 17.83 47.69 18.18
CA PRO P 505 16.50 48.15 18.56
C PRO P 505 16.45 48.60 20.01
N ARG P 506 15.58 49.56 20.29
CA ARG P 506 15.41 50.04 21.66
C ARG P 506 14.89 48.94 22.57
N CYS P 507 13.95 48.13 22.06
CA CYS P 507 13.37 47.07 22.87
C CYS P 507 14.41 46.05 23.31
N PHE P 508 15.51 45.91 22.56
CA PHE P 508 16.54 44.97 22.95
C PHE P 508 17.38 45.50 24.11
N MET P 509 17.46 46.82 24.27
CA MET P 509 18.24 47.41 25.34
C MET P 509 17.44 47.62 26.61
N ASN P 510 16.20 48.08 26.48
CA ASN P 510 15.30 48.27 27.61
C ASN P 510 14.25 47.18 27.51
N ILE P 511 14.55 46.04 28.13
CA ILE P 511 13.73 44.84 28.00
C ILE P 511 12.34 45.08 28.58
N GLN P 512 12.19 46.13 29.38
CA GLN P 512 10.87 46.49 29.89
C GLN P 512 9.91 46.82 28.76
N LEU P 513 10.42 47.26 27.61
CA LEU P 513 9.58 47.55 26.47
C LEU P 513 8.88 46.31 25.92
N ILE P 514 9.38 45.13 26.22
CA ILE P 514 8.79 43.88 25.74
C ILE P 514 7.77 43.42 26.77
N SER P 515 6.51 43.39 26.37
CA SER P 515 5.43 43.08 27.28
C SER P 515 5.54 41.65 27.79
N PRO P 516 5.61 41.43 29.11
CA PRO P 516 5.62 40.06 29.63
C PRO P 516 4.35 39.28 29.31
N ILE P 517 3.24 39.96 29.07
CA ILE P 517 1.98 39.32 28.74
C ILE P 517 1.83 39.14 27.23
N ASP P 518 2.15 40.18 26.47
CA ASP P 518 2.06 40.11 25.02
C ASP P 518 3.29 39.49 24.36
N ALA P 519 4.37 39.30 25.12
CA ALA P 519 5.55 38.68 24.52
C ALA P 519 6.36 37.90 25.54
N PRO P 520 5.78 36.90 26.21
CA PRO P 520 6.54 36.18 27.24
C PRO P 520 7.76 35.45 26.71
N ILE P 521 7.60 34.69 25.62
CA ILE P 521 8.72 33.90 25.11
C ILE P 521 9.85 34.81 24.65
N LEU P 522 9.50 35.87 23.93
CA LEU P 522 10.54 36.74 23.38
C LEU P 522 11.21 37.54 24.48
N ARG P 523 10.46 37.96 25.49
CA ARG P 523 11.06 38.61 26.64
C ARG P 523 12.01 37.67 27.37
N GLN P 524 11.61 36.40 27.50
CA GLN P 524 12.48 35.40 28.10
C GLN P 524 13.78 35.26 27.32
N TRP P 525 13.68 35.24 25.99
CA TRP P 525 14.87 35.15 25.15
C TRP P 525 15.77 36.35 25.37
N ALA P 526 15.19 37.55 25.41
CA ALA P 526 16.00 38.74 25.64
C ALA P 526 16.69 38.69 26.99
N GLU P 527 15.97 38.27 28.03
CA GLU P 527 16.58 38.17 29.35
C GLU P 527 17.71 37.16 29.37
N ILE P 528 17.53 36.02 28.69
CA ILE P 528 18.60 35.03 28.64
C ILE P 528 19.82 35.60 27.95
N ILE P 529 19.61 36.33 26.85
CA ILE P 529 20.74 36.93 26.14
C ILE P 529 21.48 37.91 27.05
N HIS P 530 20.72 38.74 27.77
CA HIS P 530 21.35 39.70 28.67
C HIS P 530 22.13 39.01 29.77
N ARG P 531 21.58 37.92 30.32
CA ARG P 531 22.13 37.37 31.55
C ARG P 531 23.23 36.35 31.32
N TYR P 532 23.19 35.59 30.22
CA TYR P 532 24.10 34.46 30.07
C TYR P 532 25.06 34.57 28.89
N TRP P 533 25.09 35.70 28.19
CA TRP P 533 26.05 35.84 27.11
C TRP P 533 27.47 35.79 27.66
N PRO P 534 28.40 35.18 26.93
CA PRO P 534 29.76 34.99 27.46
C PRO P 534 30.48 36.27 27.84
N ASN P 535 31.30 36.21 28.89
CA ASN P 535 32.04 37.35 29.39
C ASN P 535 33.47 37.30 28.86
N PRO P 536 33.97 38.37 28.24
CA PRO P 536 35.37 38.37 27.77
C PRO P 536 36.33 38.43 28.94
N SER P 537 37.56 38.00 28.68
CA SER P 537 38.61 37.98 29.70
C SER P 537 39.95 38.22 29.02
N GLN P 538 41.03 37.92 29.73
CA GLN P 538 42.38 38.20 29.23
C GLN P 538 43.33 37.13 29.74
N ILE P 539 44.50 37.05 29.11
CA ILE P 539 45.50 36.05 29.46
C ILE P 539 46.87 36.58 29.06
N ARG P 540 47.87 36.28 29.89
CA ARG P 540 49.23 36.78 29.68
C ARG P 540 49.99 35.85 28.75
N TYR P 541 50.89 36.43 27.96
CA TYR P 541 51.61 35.65 26.95
C TYR P 541 52.91 36.37 26.58
N GLY P 542 53.78 35.63 25.91
CA GLY P 542 54.98 36.19 25.34
C GLY P 542 56.13 36.32 26.31
N ALA P 543 57.27 36.76 25.78
CA ALA P 543 58.47 37.00 26.57
C ALA P 543 59.00 38.36 26.20
N PRO P 544 58.56 39.42 26.89
CA PRO P 544 58.82 40.78 26.41
C PRO P 544 60.30 41.15 26.31
N ASN P 545 61.15 40.73 27.24
CA ASN P 545 62.49 41.29 27.29
C ASN P 545 63.34 40.94 26.08
N VAL P 546 62.90 39.98 25.26
CA VAL P 546 63.61 39.62 24.05
C VAL P 546 62.79 39.91 22.80
N PHE P 547 61.52 39.57 22.81
CA PHE P 547 60.68 39.71 21.63
C PHE P 547 60.00 41.07 21.52
N GLY P 548 60.21 41.96 22.48
CA GLY P 548 59.46 43.18 22.37
C GLY P 548 57.98 42.91 22.55
N SER P 549 57.17 43.84 22.02
CA SER P 549 55.72 43.70 22.03
C SER P 549 55.15 44.53 20.88
N ALA P 550 54.35 43.87 20.05
CA ALA P 550 53.74 44.56 18.92
C ALA P 550 52.34 45.08 19.24
N ASN P 551 51.89 44.97 20.48
CA ASN P 551 50.55 45.44 20.83
C ASN P 551 50.47 46.95 20.68
N LEU P 552 49.33 47.42 20.18
CA LEU P 552 49.11 48.84 19.92
C LEU P 552 48.08 49.44 20.87
N PHE P 553 46.89 48.85 20.95
CA PHE P 553 45.83 49.40 21.79
C PHE P 553 45.69 48.67 23.11
N THR P 554 46.39 47.56 23.30
CA THR P 554 46.29 46.79 24.52
C THR P 554 47.65 46.79 25.21
N PRO P 555 47.69 46.59 26.53
CA PRO P 555 48.98 46.53 27.22
C PRO P 555 49.81 45.38 26.71
N PRO P 556 51.14 45.50 26.74
CA PRO P 556 51.99 44.40 26.29
C PRO P 556 51.76 43.17 27.13
N GLU P 557 52.01 42.01 26.52
CA GLU P 557 51.93 40.70 27.17
C GLU P 557 50.48 40.29 27.43
N VAL P 558 49.52 41.12 27.04
CA VAL P 558 48.12 40.84 27.30
C VAL P 558 47.46 40.33 26.03
N LEU P 559 46.69 39.26 26.15
CA LEU P 559 45.96 38.66 25.03
C LEU P 559 44.50 38.59 25.42
N LEU P 560 43.65 39.33 24.70
CA LEU P 560 42.24 39.37 25.04
C LEU P 560 41.50 38.18 24.44
N LEU P 561 40.46 37.74 25.15
CA LEU P 561 39.61 36.64 24.73
C LEU P 561 38.15 37.06 24.81
N PRO P 562 37.31 36.56 23.92
CA PRO P 562 35.88 36.86 24.03
C PRO P 562 35.15 35.90 24.94
N ILE P 563 35.89 35.04 25.62
CA ILE P 563 35.33 34.05 26.53
C ILE P 563 36.20 33.98 27.78
N ASP P 564 35.54 33.90 28.93
CA ASP P 564 36.23 33.89 30.21
C ASP P 564 37.12 32.66 30.31
N HIS P 565 38.35 32.87 30.77
CA HIS P 565 39.32 31.81 30.98
C HIS P 565 39.32 31.40 32.44
N GLN P 566 39.28 30.09 32.69
CA GLN P 566 39.36 29.55 34.04
C GLN P 566 40.37 28.42 33.96
N PRO P 567 41.61 28.64 34.40
CA PRO P 567 42.67 27.64 34.16
C PRO P 567 42.39 26.30 34.82
N ALA P 568 42.72 25.23 34.12
CA ALA P 568 42.51 23.89 34.63
C ALA P 568 43.53 23.57 35.72
N ASN P 569 43.08 22.85 36.74
CA ASN P 569 43.93 22.49 37.86
C ASN P 569 44.23 21.00 37.94
N VAL P 570 43.78 20.21 36.98
CA VAL P 570 44.01 18.78 36.96
C VAL P 570 44.54 18.40 35.58
N THR P 571 45.47 17.46 35.55
CA THR P 571 46.09 17.01 34.31
C THR P 571 45.44 15.76 33.74
N THR P 572 44.36 15.27 34.35
CA THR P 572 43.60 14.14 33.82
C THR P 572 42.14 14.56 33.80
N PRO P 573 41.72 15.27 32.75
CA PRO P 573 40.38 15.85 32.74
C PRO P 573 39.28 14.81 32.72
N THR P 574 38.15 15.16 33.33
CA THR P 574 36.94 14.34 33.27
C THR P 574 35.78 15.27 32.98
N LEU P 575 34.72 14.72 32.39
CA LEU P 575 33.61 15.54 31.92
C LEU P 575 33.02 16.37 33.05
N ASP P 576 32.76 17.65 32.74
CA ASP P 576 32.22 18.60 33.69
C ASP P 576 31.26 19.54 32.98
N PHE P 577 30.11 19.79 33.59
CA PHE P 577 29.09 20.63 32.99
C PHE P 577 29.09 22.04 33.54
N THR P 578 30.00 22.38 34.44
CA THR P 578 30.03 23.73 34.99
C THR P 578 30.90 24.60 34.09
N ASN P 579 30.41 24.87 32.88
CA ASN P 579 31.14 25.67 31.90
C ASN P 579 30.29 26.85 31.48
N GLU P 580 30.97 27.87 30.96
CA GLU P 580 30.28 29.05 30.46
C GLU P 580 29.41 28.69 29.26
N LEU P 581 29.94 27.90 28.34
CA LEU P 581 29.18 27.50 27.17
C LEU P 581 28.16 26.41 27.47
N THR P 582 28.45 25.52 28.41
CA THR P 582 27.47 24.51 28.77
C THR P 582 26.21 25.14 29.32
N ASN P 583 26.35 26.15 30.17
CA ASN P 583 25.18 26.90 30.63
C ASN P 583 24.48 27.56 29.46
N TRP P 584 25.23 28.03 28.47
CA TRP P 584 24.61 28.61 27.28
C TRP P 584 23.75 27.59 26.56
N ARG P 585 24.27 26.38 26.35
CA ARG P 585 23.49 25.35 25.68
C ARG P 585 22.26 24.98 26.51
N ALA P 586 22.43 24.89 27.82
CA ALA P 586 21.32 24.53 28.69
C ALA P 586 20.20 25.56 28.61
N ARG P 587 20.56 26.84 28.61
CA ARG P 587 19.56 27.89 28.58
C ARG P 587 18.77 27.86 27.27
N VAL P 588 19.47 27.69 26.14
CA VAL P 588 18.80 27.71 24.86
C VAL P 588 17.81 26.56 24.74
N CYS P 589 18.26 25.34 25.04
CA CYS P 589 17.37 24.19 24.94
C CYS P 589 16.23 24.31 25.94
N GLU P 590 16.50 24.93 27.09
CA GLU P 590 15.43 25.16 28.07
C GLU P 590 14.37 26.08 27.52
N LEU P 591 14.77 27.09 26.75
CA LEU P 591 13.81 28.02 26.17
C LEU P 591 12.86 27.31 25.23
N MET P 592 13.41 26.56 24.27
CA MET P 592 12.57 25.91 23.28
C MET P 592 11.60 24.93 23.94
N LYS P 593 12.01 24.31 25.03
CA LYS P 593 11.11 23.43 25.75
C LYS P 593 9.88 24.18 26.24
N ASN P 594 10.10 25.41 26.74
CA ASN P 594 8.95 26.25 27.07
C ASN P 594 8.19 26.64 25.81
N LEU P 595 8.90 26.86 24.70
CA LEU P 595 8.24 27.28 23.47
C LEU P 595 7.30 26.19 22.95
N VAL P 596 7.73 24.93 22.96
CA VAL P 596 6.90 23.85 22.48
C VAL P 596 5.67 23.68 23.35
N ASP P 597 5.85 23.71 24.66
CA ASP P 597 4.75 23.51 25.60
C ASP P 597 3.89 24.74 25.77
N ASN P 598 4.11 25.79 25.01
CA ASN P 598 3.31 27.00 25.13
C ASN P 598 1.85 26.68 24.84
N GLN P 599 0.96 27.20 25.68
CA GLN P 599 -0.45 26.84 25.66
C GLN P 599 -1.13 27.22 24.35
N ARG P 600 -0.64 28.26 23.67
CA ARG P 600 -1.27 28.76 22.46
C ARG P 600 -0.48 28.35 21.22
N TYR P 601 0.45 27.42 21.37
CA TYR P 601 1.13 26.84 20.22
C TYR P 601 1.08 25.31 20.18
N GLN P 602 1.14 24.62 21.31
CA GLN P 602 1.09 23.17 21.35
C GLN P 602 -0.23 22.56 20.87
N PRO P 603 -1.38 23.26 20.90
CA PRO P 603 -2.59 22.66 20.32
C PRO P 603 -2.48 22.34 18.84
N GLY P 604 -1.56 22.97 18.12
CA GLY P 604 -1.37 22.63 16.72
C GLY P 604 -0.61 21.34 16.49
N TRP P 605 -0.12 20.70 17.54
CA TRP P 605 0.68 19.50 17.43
C TRP P 605 0.00 18.34 18.13
N THR P 606 0.21 17.14 17.61
CA THR P 606 -0.30 15.94 18.27
C THR P 606 0.48 15.69 19.55
N GLN P 607 -0.11 14.88 20.44
CA GLN P 607 0.49 14.66 21.75
C GLN P 607 1.83 13.93 21.66
N SER P 608 1.91 12.88 20.84
CA SER P 608 3.14 12.10 20.78
C SER P 608 4.33 12.92 20.29
N LEU P 609 4.10 13.77 19.28
CA LEU P 609 5.19 14.59 18.75
C LEU P 609 5.77 15.50 19.83
N VAL P 610 4.93 16.00 20.74
CA VAL P 610 5.42 16.84 21.82
C VAL P 610 6.39 16.08 22.69
N SER P 611 6.05 14.83 23.02
CA SER P 611 6.93 14.03 23.87
C SER P 611 8.26 13.78 23.19
N SER P 612 8.24 13.47 21.89
CA SER P 612 9.49 13.26 21.16
C SER P 612 10.32 14.53 21.11
N MET P 613 9.66 15.67 20.90
CA MET P 613 10.37 16.94 20.88
C MET P 613 11.02 17.21 22.22
N ARG P 614 10.33 16.83 23.30
CA ARG P 614 10.87 17.00 24.64
C ARG P 614 12.09 16.11 24.84
N GLY P 615 12.04 14.91 24.27
CA GLY P 615 13.14 13.97 24.38
C GLY P 615 14.38 14.41 23.63
N THR P 616 14.21 14.90 22.41
CA THR P 616 15.36 15.30 21.61
C THR P 616 16.09 16.46 22.24
N LEU P 617 15.35 17.47 22.72
CA LEU P 617 15.99 18.60 23.37
C LEU P 617 16.72 18.17 24.62
N ASP P 618 16.12 17.27 25.40
CA ASP P 618 16.76 16.81 26.63
C ASP P 618 18.09 16.15 26.33
N LYS P 619 18.14 15.32 25.29
CA LYS P 619 19.40 14.68 24.92
C LYS P 619 20.45 15.70 24.49
N LEU P 620 20.02 16.73 23.75
CA LEU P 620 20.96 17.77 23.34
C LEU P 620 21.51 18.52 24.54
N LYS P 621 20.71 18.67 25.60
CA LYS P 621 21.19 19.36 26.79
C LYS P 621 22.32 18.60 27.45
N LEU P 622 22.20 17.28 27.53
CA LEU P 622 23.12 16.45 28.30
C LEU P 622 24.12 15.71 27.44
N ILE P 623 24.36 16.13 26.21
CA ILE P 623 25.29 15.41 25.34
C ILE P 623 26.70 15.52 25.91
N LYS P 624 27.42 14.41 25.93
CA LYS P 624 28.76 14.37 26.50
C LYS P 624 29.79 14.91 25.51
N SER P 625 29.66 16.20 25.23
CA SER P 625 30.59 16.87 24.34
C SER P 625 31.69 17.55 25.15
N MET P 626 32.93 17.28 24.76
CA MET P 626 34.07 17.79 25.50
C MET P 626 34.53 19.15 25.01
N THR P 627 33.92 19.68 23.96
CA THR P 627 34.35 20.95 23.36
C THR P 627 34.26 22.12 24.32
N PRO P 628 33.14 22.35 25.01
CA PRO P 628 33.08 23.52 25.90
C PRO P 628 34.14 23.51 26.98
N MET P 629 34.51 22.33 27.48
CA MET P 629 35.63 22.24 28.41
C MET P 629 36.92 22.69 27.74
N TYR P 630 37.13 22.28 26.49
CA TYR P 630 38.35 22.62 25.78
C TYR P 630 38.51 24.12 25.64
N LEU P 631 37.41 24.80 25.31
CA LEU P 631 37.48 26.24 25.09
C LEU P 631 37.79 27.00 26.36
N GLN P 632 37.35 26.51 27.50
CA GLN P 632 37.51 27.24 28.75
C GLN P 632 38.87 27.02 29.40
N GLN P 633 39.46 25.85 29.23
CA GLN P 633 40.67 25.50 29.96
C GLN P 633 41.90 25.35 29.09
N LEU P 634 41.77 24.78 27.90
CA LEU P 634 42.94 24.40 27.11
C LEU P 634 43.25 25.36 25.98
N ALA P 635 42.25 25.72 25.18
CA ALA P 635 42.44 26.52 23.98
C ALA P 635 43.19 27.83 24.23
N PRO P 636 42.83 28.61 25.27
CA PRO P 636 43.59 29.83 25.53
C PRO P 636 45.08 29.59 25.74
N VAL P 637 45.44 28.49 26.41
CA VAL P 637 46.85 28.18 26.60
C VAL P 637 47.52 27.97 25.26
N GLU P 638 46.86 27.25 24.36
CA GLU P 638 47.42 27.00 23.03
C GLU P 638 47.60 28.30 22.25
N LEU P 639 46.59 29.17 22.30
CA LEU P 639 46.70 30.45 21.61
C LEU P 639 47.85 31.27 22.17
N ALA P 640 47.99 31.30 23.49
CA ALA P 640 49.09 32.03 24.10
C ALA P 640 50.43 31.46 23.68
N VAL P 641 50.55 30.13 23.61
CA VAL P 641 51.79 29.52 23.18
C VAL P 641 52.14 29.86 21.75
N ILE P 642 51.18 29.74 20.84
CA ILE P 642 51.44 29.92 19.42
C ILE P 642 51.72 31.38 19.07
N ALA P 643 51.00 32.30 19.70
CA ALA P 643 50.91 33.70 19.28
C ALA P 643 52.25 34.36 18.96
N PRO P 644 53.27 34.28 19.83
CA PRO P 644 54.51 34.99 19.52
C PRO P 644 55.21 34.51 18.26
N MET P 645 55.09 33.23 17.93
CA MET P 645 55.71 32.68 16.72
C MET P 645 54.99 33.04 15.44
N LEU P 646 53.88 33.76 15.52
CA LEU P 646 53.14 34.11 14.31
C LEU P 646 53.96 35.03 13.42
N PRO P 647 53.79 34.95 12.11
CA PRO P 647 54.45 35.90 11.21
C PRO P 647 53.81 37.27 11.29
N PHE P 648 52.50 37.28 11.48
CA PHE P 648 51.75 38.52 11.65
C PHE P 648 51.31 38.60 13.11
N PRO P 649 51.93 39.45 13.93
CA PRO P 649 51.64 39.43 15.35
C PRO P 649 50.21 39.85 15.63
N PRO P 650 49.65 39.42 16.76
CA PRO P 650 48.25 39.74 17.04
C PRO P 650 47.99 41.23 17.09
N PHE P 651 46.81 41.61 16.63
CA PHE P 651 46.38 43.01 16.57
C PHE P 651 44.88 43.02 16.87
N GLN P 652 44.50 43.43 18.06
CA GLN P 652 43.11 43.36 18.47
C GLN P 652 42.68 44.65 19.17
N VAL P 653 41.37 44.82 19.26
CA VAL P 653 40.75 45.93 19.95
C VAL P 653 39.85 45.35 21.04
N PRO P 654 39.55 46.12 22.08
CA PRO P 654 38.87 45.54 23.25
C PRO P 654 37.53 44.93 22.90
N TYR P 655 37.22 43.83 23.59
CA TYR P 655 35.95 43.13 23.46
C TYR P 655 34.93 43.75 24.39
N VAL P 656 33.79 44.15 23.85
CA VAL P 656 32.67 44.65 24.64
C VAL P 656 31.56 43.62 24.57
N ARG P 657 31.12 43.14 25.73
CA ARG P 657 30.17 42.03 25.76
C ARG P 657 28.83 42.47 25.18
N LEU P 658 28.17 43.41 25.83
CA LEU P 658 26.88 43.87 25.35
C LEU P 658 26.72 45.37 25.38
N ASP P 659 27.65 46.12 25.99
CA ASP P 659 27.60 47.57 25.95
C ASP P 659 27.72 48.07 24.52
N ARG P 660 26.86 49.01 24.14
CA ARG P 660 26.89 49.53 22.78
C ARG P 660 27.95 50.62 22.61
N ASP P 661 27.98 51.55 23.55
CA ASP P 661 28.74 52.79 23.39
C ASP P 661 30.21 52.54 23.10
N ARG P 662 30.75 51.46 23.62
CA ARG P 662 32.17 51.16 23.45
C ARG P 662 32.45 50.28 22.25
N VAL P 663 31.47 50.02 21.40
CA VAL P 663 31.73 49.20 20.21
C VAL P 663 32.63 49.95 19.25
N PRO P 664 33.76 49.40 18.83
CA PRO P 664 34.61 50.09 17.86
C PRO P 664 33.92 50.16 16.51
N THR P 665 33.95 51.35 15.90
CA THR P 665 33.31 51.57 14.62
C THR P 665 34.27 51.95 13.52
N MET P 666 35.54 52.20 13.84
CA MET P 666 36.49 52.65 12.85
C MET P 666 37.92 52.40 13.32
N VAL P 667 38.75 51.86 12.45
CA VAL P 667 40.18 51.74 12.70
C VAL P 667 40.91 52.31 11.49
N GLY P 668 41.77 53.29 11.73
CA GLY P 668 42.41 53.99 10.64
C GLY P 668 43.90 54.18 10.89
N VAL P 669 44.62 54.30 9.78
CA VAL P 669 46.04 54.61 9.80
C VAL P 669 46.28 55.78 8.87
N THR P 670 47.34 56.53 9.14
CA THR P 670 47.70 57.67 8.32
C THR P 670 49.13 57.52 7.83
N ARG P 671 49.40 58.11 6.67
CA ARG P 671 50.76 58.08 6.14
C ARG P 671 51.18 59.44 5.59
N GLN P 672 50.33 60.45 5.67
CA GLN P 672 50.67 61.79 5.20
C GLN P 672 50.15 62.81 6.21
N SER P 673 50.35 64.08 5.87
CA SER P 673 49.81 65.19 6.65
C SER P 673 49.19 66.18 5.68
N ARG P 674 48.29 67.00 6.21
CA ARG P 674 47.52 67.91 5.37
C ARG P 674 48.38 69.13 5.00
N ASP P 675 47.74 70.18 4.49
CA ASP P 675 48.47 71.28 3.85
C ASP P 675 49.50 71.91 4.78
N THR P 676 49.09 72.30 5.98
CA THR P 676 49.99 72.98 6.89
C THR P 676 50.04 72.38 8.28
N ILE P 677 49.14 71.48 8.62
CA ILE P 677 49.18 70.84 9.94
C ILE P 677 50.42 69.96 10.01
N THR P 678 51.30 70.25 10.97
CA THR P 678 52.53 69.50 11.11
C THR P 678 52.52 68.55 12.30
N GLN P 679 51.50 68.61 13.15
CA GLN P 679 51.44 67.76 14.33
C GLN P 679 50.54 66.56 14.06
N PRO P 680 51.06 65.35 14.21
CA PRO P 680 50.26 64.14 13.93
C PRO P 680 48.98 64.10 14.75
N ALA P 681 49.07 64.52 16.01
CA ALA P 681 47.89 64.49 16.87
C ALA P 681 46.76 65.33 16.32
N LEU P 682 47.06 66.30 15.46
CA LEU P 682 46.04 67.14 14.84
C LEU P 682 45.67 66.69 13.45
N SER P 683 46.62 66.17 12.68
CA SER P 683 46.32 65.74 11.31
C SER P 683 45.70 64.35 11.23
N LEU P 684 45.81 63.55 12.30
CA LEU P 684 45.37 62.16 12.24
C LEU P 684 43.87 62.04 12.06
N SER P 685 43.12 62.95 12.68
CA SER P 685 41.66 62.82 12.66
C SER P 685 41.09 62.89 11.25
N THR P 686 41.80 63.53 10.33
CA THR P 686 41.27 63.72 8.98
C THR P 686 42.19 63.15 7.90
N THR P 687 43.35 62.61 8.26
CA THR P 687 44.20 62.07 7.21
C THR P 687 44.34 60.55 7.34
N ASN P 688 43.32 59.87 7.83
CA ASN P 688 43.38 58.44 8.06
C ASN P 688 42.57 57.67 7.02
N THR P 689 42.89 56.40 6.87
CA THR P 689 42.18 55.50 5.97
C THR P 689 41.68 54.30 6.76
N THR P 690 40.40 53.96 6.59
CA THR P 690 39.79 52.91 7.36
C THR P 690 40.35 51.55 6.96
N VAL P 691 40.50 50.67 7.95
CA VAL P 691 41.07 49.35 7.76
C VAL P 691 40.16 48.32 8.40
N GLY P 692 39.98 47.21 7.70
CA GLY P 692 39.17 46.13 8.23
C GLY P 692 38.36 45.46 7.14
N VAL P 693 38.19 44.15 7.28
CA VAL P 693 37.46 43.37 6.29
C VAL P 693 36.63 42.30 7.00
N PRO P 694 35.43 41.99 6.53
CA PRO P 694 34.67 40.89 7.11
C PRO P 694 34.98 39.56 6.45
N LEU P 695 34.79 38.49 7.20
CA LEU P 695 35.00 37.14 6.72
C LEU P 695 33.83 36.27 7.18
N ALA P 696 33.34 35.42 6.29
CA ALA P 696 32.12 34.66 6.54
C ALA P 696 32.43 33.25 7.02
N LEU P 697 31.64 32.77 7.96
CA LEU P 697 31.75 31.42 8.48
C LEU P 697 30.43 30.70 8.29
N ASP P 698 30.50 29.37 8.32
CA ASP P 698 29.31 28.53 8.17
C ASP P 698 28.88 28.06 9.55
N ALA P 699 27.68 28.44 9.96
CA ALA P 699 27.20 28.12 11.30
C ALA P 699 27.06 26.61 11.50
N ARG P 700 26.58 25.91 10.48
CA ARG P 700 26.39 24.46 10.53
C ARG P 700 27.65 23.75 10.98
N ALA P 701 28.80 24.14 10.43
CA ALA P 701 30.05 23.52 10.80
C ALA P 701 30.41 23.81 12.26
N ILE P 702 30.21 25.05 12.69
CA ILE P 702 30.59 25.47 14.02
C ILE P 702 29.83 24.68 15.07
N THR P 703 28.52 24.52 14.86
CA THR P 703 27.68 23.87 15.86
C THR P 703 28.12 22.43 16.09
N VAL P 704 28.44 21.71 15.02
CA VAL P 704 28.83 20.31 15.16
C VAL P 704 30.08 20.18 16.01
N ALA P 705 31.05 21.08 15.82
CA ALA P 705 32.27 21.02 16.62
C ALA P 705 31.95 21.18 18.10
N LEU P 706 31.04 22.11 18.43
CA LEU P 706 30.66 22.30 19.82
C LEU P 706 29.94 21.09 20.39
N LEU P 707 29.38 20.23 19.54
CA LEU P 707 28.56 19.14 20.02
C LEU P 707 29.25 17.80 20.01
N SER P 708 30.39 17.68 19.34
CA SER P 708 31.03 16.39 19.12
C SER P 708 32.51 16.45 19.42
N GLY P 709 32.88 17.09 20.52
CA GLY P 709 34.26 17.06 20.97
C GLY P 709 34.58 15.77 21.68
N LYS P 710 35.85 15.37 21.61
CA LYS P 710 36.27 14.12 22.21
C LYS P 710 37.78 14.13 22.41
N TYR P 711 38.19 13.84 23.61
CA TYR P 711 39.59 13.68 23.99
C TYR P 711 40.08 12.27 23.67
N PRO P 712 41.39 12.09 23.54
CA PRO P 712 41.93 10.73 23.50
C PRO P 712 41.58 10.00 24.77
N PRO P 713 41.55 8.65 24.72
CA PRO P 713 41.04 7.89 25.87
C PRO P 713 41.77 8.17 27.17
N ASP P 714 43.09 8.00 27.19
CA ASP P 714 43.88 8.25 28.39
C ASP P 714 44.81 9.43 28.12
N LEU P 715 44.30 10.62 28.43
CA LEU P 715 45.02 11.86 28.17
C LEU P 715 45.67 12.37 29.44
N VAL P 716 46.90 12.87 29.29
CA VAL P 716 47.57 13.60 30.36
C VAL P 716 48.15 14.87 29.76
N THR P 717 47.52 16.01 30.06
CA THR P 717 47.84 17.28 29.41
C THR P 717 49.31 17.62 29.44
N ASN P 718 49.95 17.49 30.61
CA ASN P 718 51.33 17.92 30.75
C ASN P 718 52.27 17.08 29.89
N VAL P 719 51.88 15.85 29.59
CA VAL P 719 52.70 14.98 28.74
C VAL P 719 52.38 15.27 27.29
N TRP P 720 51.09 15.37 26.98
CA TRP P 720 50.66 15.60 25.61
C TRP P 720 51.26 16.87 25.04
N TYR P 721 51.17 17.96 25.80
CA TYR P 721 51.75 19.22 25.32
C TYR P 721 53.26 19.18 25.30
N ALA P 722 53.88 18.58 26.32
CA ALA P 722 55.34 18.47 26.31
C ALA P 722 55.82 17.75 25.08
N ASP P 723 55.03 16.82 24.56
CA ASP P 723 55.38 16.16 23.32
C ASP P 723 55.09 17.03 22.10
N ALA P 724 53.87 17.57 22.02
CA ALA P 724 53.44 18.26 20.81
C ALA P 724 54.22 19.54 20.56
N ILE P 725 54.43 20.34 21.60
CA ILE P 725 55.03 21.66 21.41
C ILE P 725 56.50 21.58 21.01
N TYR P 726 57.25 20.63 21.54
CA TYR P 726 58.70 20.52 21.42
C TYR P 726 59.26 20.90 20.05
N PRO P 727 58.82 20.28 18.96
CA PRO P 727 59.42 20.63 17.66
C PRO P 727 59.18 22.08 17.27
N MET P 728 58.04 22.64 17.65
CA MET P 728 57.64 23.93 17.13
C MET P 728 58.58 25.05 17.57
N TYR P 729 59.22 24.90 18.73
CA TYR P 729 60.05 25.96 19.27
C TYR P 729 61.52 25.76 18.96
N ALA P 730 61.85 25.22 17.79
CA ALA P 730 63.22 25.16 17.30
C ALA P 730 63.37 25.84 15.95
N ASP P 731 62.39 26.62 15.53
CA ASP P 731 62.43 27.36 14.27
C ASP P 731 62.86 28.79 14.57
N THR P 732 63.73 29.33 13.72
CA THR P 732 64.32 30.64 13.96
C THR P 732 63.61 31.74 13.18
N GLU P 733 62.46 31.43 12.60
CA GLU P 733 61.76 32.42 11.78
C GLU P 733 61.38 33.64 12.60
N VAL P 734 61.06 33.46 13.89
CA VAL P 734 60.69 34.58 14.75
C VAL P 734 61.85 35.57 14.83
N PHE P 735 63.06 35.04 15.05
CA PHE P 735 64.21 35.92 15.19
C PHE P 735 64.57 36.57 13.87
N SER P 736 64.35 35.88 12.76
CA SER P 736 64.58 36.47 11.45
C SER P 736 63.70 37.69 11.24
N ASN P 737 62.43 37.60 11.66
CA ASN P 737 61.52 38.71 11.48
C ASN P 737 61.98 39.94 12.26
N LEU P 738 62.56 39.74 13.44
CA LEU P 738 63.02 40.88 14.24
C LEU P 738 64.05 41.70 13.48
N GLN P 739 65.00 41.03 12.83
CA GLN P 739 65.98 41.74 12.02
C GLN P 739 65.30 42.50 10.89
N ARG P 740 64.30 41.88 10.27
CA ARG P 740 63.59 42.52 9.17
C ARG P 740 62.93 43.81 9.64
N ASP P 741 62.35 43.79 10.83
CA ASP P 741 61.68 44.98 11.36
C ASP P 741 62.66 46.13 11.57
N MET P 742 63.87 45.81 12.04
CA MET P 742 64.85 46.85 12.29
C MET P 742 65.18 47.62 11.01
N ILE P 743 65.35 46.89 9.91
CA ILE P 743 65.65 47.55 8.64
C ILE P 743 64.50 48.43 8.21
N THR P 744 63.27 47.95 8.36
CA THR P 744 62.08 48.69 7.94
C THR P 744 62.04 50.06 8.58
N CYS P 745 62.19 50.11 9.91
CA CYS P 745 62.23 51.41 10.57
C CYS P 745 63.48 52.20 10.16
N GLU P 746 64.59 51.49 9.92
CA GLU P 746 65.82 52.17 9.54
C GLU P 746 65.64 52.88 8.20
N ALA P 747 65.00 52.22 7.25
CA ALA P 747 64.84 52.79 5.92
C ALA P 747 63.92 53.99 5.93
N VAL P 748 62.86 53.94 6.75
CA VAL P 748 61.88 55.01 6.77
C VAL P 748 62.53 56.34 7.14
N GLN P 749 63.32 56.34 8.22
CA GLN P 749 64.03 57.54 8.61
C GLN P 749 64.98 58.00 7.52
N THR P 750 65.60 57.06 6.83
CA THR P 750 66.48 57.42 5.73
C THR P 750 65.74 58.17 4.63
N LEU P 751 64.49 57.78 4.37
CA LEU P 751 63.70 58.47 3.36
C LEU P 751 63.45 59.91 3.75
N VAL P 752 62.92 60.14 4.96
CA VAL P 752 62.51 61.49 5.35
C VAL P 752 63.72 62.41 5.44
N THR P 753 64.90 61.86 5.75
CA THR P 753 66.09 62.68 5.83
C THR P 753 66.54 63.14 4.45
N LEU P 754 66.56 62.23 3.48
CA LEU P 754 67.05 62.59 2.15
C LEU P 754 66.06 63.47 1.42
N VAL P 755 64.76 63.17 1.53
CA VAL P 755 63.76 63.98 0.84
C VAL P 755 63.79 65.42 1.32
N ALA P 756 64.03 65.61 2.62
CA ALA P 756 64.12 66.95 3.17
C ALA P 756 65.26 67.76 2.58
N GLN P 757 66.24 67.12 1.93
CA GLN P 757 67.33 67.84 1.31
C GLN P 757 66.97 68.48 -0.01
N ILE P 758 65.90 68.02 -0.66
CA ILE P 758 65.47 68.59 -1.93
C ILE P 758 64.13 69.30 -1.83
N SER P 759 63.38 69.10 -0.75
CA SER P 759 62.10 69.76 -0.56
C SER P 759 62.05 70.30 0.86
N GLU P 760 60.87 70.77 1.26
CA GLU P 760 60.63 71.26 2.60
C GLU P 760 59.69 70.32 3.32
N THR P 761 60.08 69.89 4.51
CA THR P 761 59.29 69.01 5.35
C THR P 761 59.01 69.67 6.68
N GLN P 762 58.40 68.93 7.60
CA GLN P 762 58.12 69.43 8.93
C GLN P 762 59.11 68.91 9.97
N TYR P 763 60.11 68.15 9.55
CA TYR P 763 61.05 67.65 10.54
C TYR P 763 62.32 68.50 10.56
N PRO P 764 62.89 68.74 11.75
CA PRO P 764 64.17 69.43 11.80
C PRO P 764 65.24 68.58 11.12
N VAL P 765 66.17 69.26 10.45
CA VAL P 765 67.23 68.57 9.70
C VAL P 765 68.32 69.57 9.40
N ASP P 766 69.56 69.08 9.34
CA ASP P 766 70.68 69.90 8.91
C ASP P 766 70.60 70.15 7.41
N ARG P 767 71.48 70.99 6.89
CA ARG P 767 71.50 71.29 5.47
C ARG P 767 72.89 71.76 5.04
N TYR P 768 73.63 70.91 4.34
CA TYR P 768 74.98 71.27 3.92
C TYR P 768 75.17 71.36 2.42
N LEU P 769 74.20 70.92 1.61
CA LEU P 769 74.35 70.89 0.17
C LEU P 769 73.53 71.95 -0.53
N ASP P 770 73.14 73.01 0.18
CA ASP P 770 72.32 74.04 -0.43
C ASP P 770 73.05 74.81 -1.51
N TRP P 771 74.38 74.85 -1.46
CA TRP P 771 75.12 75.56 -2.49
C TRP P 771 75.11 74.85 -3.82
N ILE P 772 74.85 73.54 -3.83
CA ILE P 772 74.70 72.80 -5.07
C ILE P 772 73.33 73.11 -5.66
N PRO P 773 73.25 73.57 -6.90
CA PRO P 773 71.95 73.97 -7.46
C PRO P 773 70.98 72.81 -7.58
N SER P 774 69.68 73.12 -7.43
CA SER P 774 68.65 72.10 -7.54
C SER P 774 67.36 72.75 -8.00
N LEU P 775 66.54 71.98 -8.71
CA LEU P 775 65.31 72.52 -9.26
C LEU P 775 64.26 72.72 -8.18
N ARG P 776 63.13 73.29 -8.60
CA ARG P 776 61.96 73.43 -7.73
C ARG P 776 61.22 72.11 -7.71
N ALA P 777 61.35 71.36 -6.61
CA ALA P 777 60.87 70.00 -6.55
C ALA P 777 59.35 69.95 -6.54
N SER P 778 58.79 69.00 -7.27
CA SER P 778 57.36 68.72 -7.25
C SER P 778 57.12 67.32 -6.67
N ALA P 779 55.84 66.98 -6.54
CA ALA P 779 55.47 65.68 -6.02
C ALA P 779 56.00 64.57 -6.91
N ALA P 780 56.00 64.80 -8.23
CA ALA P 780 56.47 63.78 -9.16
C ALA P 780 57.95 63.49 -8.95
N THR P 781 58.78 64.53 -8.87
CA THR P 781 60.20 64.30 -8.68
C THR P 781 60.48 63.76 -7.28
N ALA P 782 59.69 64.14 -6.29
CA ALA P 782 59.85 63.56 -4.96
C ALA P 782 59.59 62.06 -5.02
N ALA P 783 58.53 61.65 -5.73
CA ALA P 783 58.22 60.23 -5.85
C ALA P 783 59.32 59.49 -6.57
N THR P 784 59.85 60.08 -7.65
CA THR P 784 60.91 59.42 -8.40
C THR P 784 62.16 59.25 -7.54
N PHE P 785 62.56 60.30 -6.83
CA PHE P 785 63.72 60.21 -5.95
C PHE P 785 63.50 59.17 -4.87
N ALA P 786 62.29 59.13 -4.30
CA ALA P 786 61.99 58.16 -3.25
C ALA P 786 62.09 56.74 -3.78
N GLU P 787 61.58 56.50 -4.99
CA GLU P 787 61.67 55.18 -5.58
C GLU P 787 63.12 54.79 -5.81
N TRP P 788 63.94 55.73 -6.28
CA TRP P 788 65.36 55.43 -6.47
C TRP P 788 66.03 55.11 -5.14
N VAL P 789 65.64 55.80 -4.07
CA VAL P 789 66.17 55.47 -2.75
C VAL P 789 65.77 54.06 -2.35
N ASN P 790 64.51 53.70 -2.59
CA ASN P 790 63.98 52.41 -2.18
C ASN P 790 64.72 51.27 -2.84
N THR P 791 65.00 51.40 -4.14
CA THR P 791 65.71 50.36 -4.87
C THR P 791 67.10 50.13 -4.29
N SER P 792 67.77 51.23 -3.94
CA SER P 792 69.14 51.12 -3.41
C SER P 792 69.16 50.32 -2.12
N MET P 793 68.22 50.58 -1.23
CA MET P 793 68.20 49.88 0.06
C MET P 793 67.96 48.38 -0.15
N LYS P 794 67.04 48.03 -1.04
CA LYS P 794 66.72 46.62 -1.26
C LYS P 794 67.93 45.88 -1.82
N THR P 795 68.66 46.50 -2.74
CA THR P 795 69.83 45.87 -3.32
C THR P 795 70.90 45.63 -2.26
N ALA P 796 71.16 46.62 -1.41
CA ALA P 796 72.26 46.53 -0.48
C ALA P 796 72.07 45.46 0.58
N PHE P 797 70.84 45.16 0.96
CA PHE P 797 70.58 44.15 1.98
C PHE P 797 70.05 42.86 1.40
N ASP P 798 70.11 42.69 0.08
CA ASP P 798 69.66 41.48 -0.58
C ASP P 798 68.20 41.18 -0.27
N LEU P 799 67.33 42.11 -0.67
CA LEU P 799 65.90 41.95 -0.50
C LEU P 799 65.21 41.92 -1.85
N SER P 800 64.23 41.05 -1.99
CA SER P 800 63.44 40.95 -3.20
C SER P 800 61.97 41.26 -2.98
N ASP P 801 61.48 41.16 -1.74
CA ASP P 801 60.08 41.42 -1.46
C ASP P 801 59.83 42.93 -1.35
N MET P 802 58.65 43.30 -0.88
CA MET P 802 58.21 44.69 -0.95
C MET P 802 58.71 45.46 0.26
N LEU P 803 59.26 46.65 0.01
CA LEU P 803 59.74 47.55 1.05
C LEU P 803 59.38 48.98 0.69
N LEU P 804 58.73 49.68 1.60
CA LEU P 804 58.50 51.13 1.53
C LEU P 804 57.48 51.52 0.46
N GLU P 805 57.09 50.56 -0.39
CA GLU P 805 56.05 50.89 -1.36
C GLU P 805 54.69 51.17 -0.73
N PRO P 806 54.36 50.64 0.46
CA PRO P 806 53.18 51.14 1.15
C PRO P 806 53.24 52.65 1.34
N LEU P 807 54.43 53.19 1.57
CA LEU P 807 54.60 54.62 1.67
C LEU P 807 54.87 55.30 0.33
N LEU P 808 55.55 54.62 -0.60
CA LEU P 808 55.95 55.27 -1.84
C LEU P 808 54.76 55.71 -2.70
N SER P 809 53.54 55.47 -2.27
CA SER P 809 52.39 56.01 -2.98
C SER P 809 52.45 57.53 -2.99
N GLY P 810 52.70 58.09 -4.18
CA GLY P 810 52.58 59.53 -4.37
C GLY P 810 53.58 60.36 -3.58
N ASP P 811 53.06 61.27 -2.75
CA ASP P 811 53.85 62.27 -2.07
C ASP P 811 54.47 61.74 -0.79
N PRO P 812 55.80 61.71 -0.72
CA PRO P 812 56.48 61.38 0.54
C PRO P 812 56.96 62.58 1.32
N ARG P 813 56.69 63.80 0.87
CA ARG P 813 57.27 64.99 1.50
C ARG P 813 56.65 65.31 2.85
N MET P 814 55.54 64.65 3.19
CA MET P 814 54.89 64.90 4.47
C MET P 814 54.51 63.62 5.17
N THR P 815 55.41 62.64 5.21
CA THR P 815 55.10 61.35 5.79
C THR P 815 54.99 61.43 7.30
N GLN P 816 54.22 60.51 7.87
CA GLN P 816 54.05 60.35 9.31
C GLN P 816 53.32 59.05 9.54
N LEU P 817 53.62 58.39 10.65
CA LEU P 817 53.04 57.09 10.97
C LEU P 817 52.19 57.22 12.23
N ALA P 818 50.92 56.82 12.11
CA ALA P 818 50.01 56.89 13.24
C ALA P 818 48.84 55.95 12.99
N ILE P 819 48.16 55.60 14.08
CA ILE P 819 47.00 54.72 14.03
C ILE P 819 46.02 55.15 15.11
N GLN P 820 44.73 54.94 14.84
CA GLN P 820 43.72 55.24 15.84
C GLN P 820 42.53 54.33 15.64
N TYR P 821 41.66 54.30 16.65
CA TYR P 821 40.36 53.67 16.56
C TYR P 821 39.37 54.44 17.41
N GLN P 822 38.09 54.26 17.11
CA GLN P 822 37.05 55.14 17.62
C GLN P 822 35.86 54.32 18.08
N GLN P 823 35.31 54.68 19.23
CA GLN P 823 34.14 54.01 19.78
C GLN P 823 32.87 54.55 19.14
N TYR P 824 31.75 53.92 19.50
CA TYR P 824 30.46 54.39 19.00
C TYR P 824 30.12 55.76 19.55
N ASN P 825 30.38 55.99 20.83
CA ASN P 825 30.04 57.27 21.43
C ASN P 825 30.99 58.36 21.07
N GLY P 826 31.87 58.16 20.09
CA GLY P 826 32.71 59.23 19.58
C GLY P 826 34.08 59.33 20.18
N ARG P 827 34.38 58.62 21.26
CA ARG P 827 35.71 58.70 21.86
C ARG P 827 36.71 58.01 20.96
N THR P 828 37.86 58.65 20.76
CA THR P 828 38.91 58.14 19.88
C THR P 828 40.20 57.97 20.67
N PHE P 829 40.94 56.92 20.32
CA PHE P 829 42.21 56.61 20.96
C PHE P 829 43.31 56.68 19.91
N ASN P 830 44.36 57.44 20.21
CA ASN P 830 45.46 57.62 19.28
C ASN P 830 46.71 56.89 19.77
N ILE P 831 47.52 56.46 18.80
CA ILE P 831 48.81 55.84 19.10
C ILE P 831 49.86 56.45 18.19
N ILE P 832 50.73 57.28 18.76
CA ILE P 832 51.81 57.92 18.02
C ILE P 832 53.12 57.28 18.44
N PRO P 833 53.78 56.50 17.59
CA PRO P 833 55.06 55.90 17.99
C PRO P 833 56.17 56.91 17.95
N GLU P 834 56.81 57.13 19.09
CA GLU P 834 57.95 58.04 19.15
C GLU P 834 59.09 57.42 18.37
N MET P 835 59.37 57.98 17.21
CA MET P 835 60.24 57.37 16.22
C MET P 835 61.68 57.34 16.73
N PRO P 836 62.31 56.17 16.83
CA PRO P 836 63.66 56.08 17.36
C PRO P 836 64.68 56.56 16.33
N GLY P 837 65.95 56.40 16.68
CA GLY P 837 67.04 56.91 15.87
C GLY P 837 67.30 56.08 14.62
N SER P 838 68.39 56.40 13.93
CA SER P 838 68.75 55.72 12.69
C SER P 838 70.23 55.89 12.37
N VAL P 839 70.97 54.80 12.35
CA VAL P 839 72.40 54.88 12.07
C VAL P 839 72.66 55.24 10.62
N ILE P 840 71.87 54.72 9.68
CA ILE P 840 72.08 55.03 8.28
C ILE P 840 71.85 56.52 8.03
N ALA P 841 70.73 57.05 8.54
CA ALA P 841 70.45 58.46 8.35
C ALA P 841 71.51 59.32 9.03
N ASP P 842 71.92 58.94 10.23
CA ASP P 842 72.97 59.68 10.92
C ASP P 842 74.28 59.63 10.15
N CYS P 843 74.66 58.44 9.68
CA CYS P 843 75.95 58.31 9.01
C CYS P 843 75.95 59.06 7.68
N VAL P 844 74.86 59.00 6.92
CA VAL P 844 74.83 59.64 5.61
C VAL P 844 74.96 61.15 5.76
N GLN P 845 74.36 61.70 6.82
CA GLN P 845 74.51 63.13 7.08
C GLN P 845 75.95 63.49 7.42
N LEU P 846 76.67 62.60 8.11
CA LEU P 846 78.07 62.87 8.41
C LEU P 846 78.88 63.03 7.13
N THR P 847 78.66 62.14 6.17
CA THR P 847 79.40 62.22 4.91
C THR P 847 79.08 63.52 4.18
N ALA P 848 77.80 63.91 4.15
CA ALA P 848 77.46 65.19 3.54
C ALA P 848 78.21 66.33 4.20
N GLU P 849 78.33 66.28 5.52
CA GLU P 849 79.13 67.29 6.22
C GLU P 849 80.59 67.22 5.81
N VAL P 850 81.14 66.01 5.68
CA VAL P 850 82.51 65.87 5.18
C VAL P 850 82.61 66.32 3.73
N PHE P 851 81.58 66.00 2.93
CA PHE P 851 81.58 66.42 1.53
C PHE P 851 81.68 67.93 1.39
N ASN P 852 81.25 68.66 2.41
CA ASN P 852 81.24 70.11 2.35
C ASN P 852 82.65 70.67 2.40
N HIS P 853 83.63 69.83 2.72
CA HIS P 853 85.02 70.28 2.77
C HIS P 853 85.87 69.57 1.73
N GLU P 854 85.61 68.28 1.52
CA GLU P 854 86.39 67.47 0.60
C GLU P 854 85.70 67.25 -0.73
N TYR P 855 84.93 68.24 -1.21
CA TYR P 855 84.17 68.07 -2.45
C TYR P 855 85.09 67.83 -3.63
N ASN P 856 86.31 68.35 -3.58
CA ASN P 856 87.22 68.20 -4.71
C ASN P 856 87.57 66.73 -4.94
N LEU P 857 87.70 65.95 -3.87
CA LEU P 857 88.03 64.55 -4.03
C LEU P 857 86.95 63.79 -4.78
N PHE P 858 85.72 64.33 -4.83
CA PHE P 858 84.64 63.71 -5.57
C PHE P 858 84.47 64.33 -6.95
N GLY P 859 85.49 65.01 -7.46
CA GLY P 859 85.41 65.54 -8.80
C GLY P 859 84.52 66.75 -8.94
N ILE P 860 84.09 67.34 -7.84
CA ILE P 860 83.21 68.51 -7.86
C ILE P 860 84.02 69.74 -7.50
N ALA P 861 83.90 70.77 -8.31
CA ALA P 861 84.51 72.06 -8.05
C ALA P 861 83.46 73.03 -7.53
N ARG P 862 83.83 73.84 -6.56
CA ARG P 862 82.92 74.79 -5.93
C ARG P 862 83.17 76.19 -6.46
N GLY P 863 82.12 76.99 -6.49
CA GLY P 863 82.25 78.37 -6.89
C GLY P 863 81.78 78.64 -8.31
N ASP P 864 82.49 79.52 -9.01
CA ASP P 864 82.12 79.95 -10.34
C ASP P 864 83.35 79.96 -11.23
N ILE P 865 83.16 80.31 -12.50
CA ILE P 865 84.24 80.33 -13.48
C ILE P 865 84.24 81.69 -14.17
N ILE P 866 85.39 82.03 -14.74
CA ILE P 866 85.59 83.32 -15.41
C ILE P 866 86.18 83.01 -16.78
N ILE P 867 85.53 83.51 -17.83
CA ILE P 867 85.97 83.27 -19.19
C ILE P 867 86.65 84.54 -19.70
N GLY P 868 87.93 84.43 -20.07
CA GLY P 868 88.64 85.57 -20.59
C GLY P 868 90.05 85.21 -21.02
N ARG P 869 90.55 85.87 -22.06
CA ARG P 869 91.87 85.56 -22.57
C ARG P 869 92.93 85.99 -21.58
N VAL P 870 93.84 85.06 -21.26
CA VAL P 870 94.97 85.35 -20.39
C VAL P 870 96.21 84.71 -21.00
N GLN P 871 97.02 85.52 -21.67
CA GLN P 871 98.20 85.03 -22.37
C GLN P 871 99.45 85.48 -21.63
N SER P 872 100.24 84.52 -21.16
CA SER P 872 101.47 84.80 -20.44
C SER P 872 102.25 83.50 -20.34
N THR P 873 103.45 83.60 -19.77
CA THR P 873 104.33 82.45 -19.60
C THR P 873 104.37 81.94 -18.17
N HIS P 874 103.63 82.56 -17.26
CA HIS P 874 103.64 82.14 -15.86
C HIS P 874 102.99 80.77 -15.72
N LEU P 875 103.36 80.02 -14.69
CA LEU P 875 102.94 78.64 -14.55
C LEU P 875 102.08 78.44 -13.30
N TRP P 876 101.17 79.36 -13.03
CA TRP P 876 100.24 79.13 -11.95
C TRP P 876 99.13 78.20 -12.41
N SER P 877 98.59 77.43 -11.48
CA SER P 877 97.53 76.48 -11.79
C SER P 877 96.22 77.23 -11.97
N PRO P 878 95.45 76.94 -13.03
CA PRO P 878 94.15 77.60 -13.19
C PRO P 878 93.15 77.25 -12.12
N LEU P 879 93.40 76.20 -11.35
CA LEU P 879 92.55 75.84 -10.23
C LEU P 879 92.88 76.63 -8.98
N ALA P 880 93.90 77.48 -9.03
CA ALA P 880 94.26 78.35 -7.93
C ALA P 880 94.78 79.66 -8.50
N PRO P 881 93.92 80.45 -9.14
CA PRO P 881 94.38 81.63 -9.87
C PRO P 881 94.90 82.70 -8.93
N PRO P 882 95.76 83.58 -9.41
CA PRO P 882 96.15 84.74 -8.60
C PRO P 882 94.95 85.64 -8.37
N PRO P 883 94.89 86.28 -7.21
CA PRO P 883 93.67 86.99 -6.81
C PRO P 883 93.25 88.10 -7.76
N ASP P 884 94.20 88.80 -8.37
CA ASP P 884 93.87 90.01 -9.10
C ASP P 884 93.06 89.74 -10.37
N LEU P 885 93.10 88.51 -10.87
CA LEU P 885 92.40 88.22 -12.12
C LEU P 885 90.91 87.98 -11.93
N VAL P 886 90.45 87.75 -10.72
CA VAL P 886 89.04 87.48 -10.48
C VAL P 886 88.35 88.75 -10.04
N PHE P 887 87.03 88.76 -10.19
CA PHE P 887 86.20 89.87 -9.72
C PHE P 887 84.86 89.30 -9.28
N ASP P 888 84.07 90.12 -8.60
CA ASP P 888 82.81 89.68 -8.02
C ASP P 888 81.76 90.76 -8.23
N ARG P 889 80.67 90.65 -7.47
CA ARG P 889 79.54 91.55 -7.65
C ARG P 889 79.86 92.96 -7.18
N ASP P 890 80.56 93.13 -6.07
CA ASP P 890 80.79 94.45 -5.52
C ASP P 890 82.11 95.05 -5.97
N THR P 891 82.81 94.39 -6.88
CA THR P 891 84.00 94.98 -7.49
C THR P 891 83.61 96.23 -8.29
N PRO P 892 84.38 97.30 -8.16
CA PRO P 892 84.07 98.51 -8.92
C PRO P 892 84.11 98.26 -10.43
N GLY P 893 83.21 98.94 -11.14
CA GLY P 893 83.17 98.84 -12.59
C GLY P 893 82.78 97.48 -13.12
N VAL P 894 81.79 96.85 -12.54
CA VAL P 894 81.30 95.56 -13.01
C VAL P 894 79.83 95.69 -13.38
N HIS P 895 79.43 95.05 -14.46
CA HIS P 895 78.05 95.09 -14.95
C HIS P 895 77.39 93.75 -14.68
N ILE P 896 76.22 93.78 -14.08
CA ILE P 896 75.45 92.59 -13.76
C ILE P 896 74.25 92.54 -14.70
N PHE P 897 73.83 91.34 -15.06
CA PHE P 897 72.75 91.16 -16.04
C PHE P 897 71.70 90.21 -15.48
N GLY P 898 70.44 90.54 -15.75
CA GLY P 898 69.32 89.72 -15.29
C GLY P 898 68.41 89.29 -16.42
N ARG P 899 67.13 89.06 -16.09
CA ARG P 899 66.21 88.40 -17.01
C ARG P 899 66.07 89.12 -18.34
N ASP P 900 66.06 90.45 -18.32
CA ASP P 900 65.64 91.22 -19.48
C ASP P 900 66.73 91.45 -20.51
N CYS P 901 67.75 90.59 -20.57
CA CYS P 901 68.82 90.72 -21.56
C CYS P 901 68.26 90.95 -22.95
N ARG P 902 68.65 92.08 -23.55
CA ARG P 902 68.22 92.43 -24.90
C ARG P 902 69.31 93.26 -25.56
N ILE P 903 69.44 93.08 -26.87
CA ILE P 903 70.60 93.56 -27.61
C ILE P 903 70.17 94.58 -28.65
N SER P 904 70.87 95.71 -28.71
CA SER P 904 70.70 96.70 -29.74
C SER P 904 71.91 96.63 -30.67
N PHE P 905 71.67 96.33 -31.94
CA PHE P 905 72.76 96.21 -32.88
C PHE P 905 73.34 97.57 -33.25
N GLY P 906 74.64 97.62 -33.43
CA GLY P 906 75.29 98.83 -33.89
C GLY P 906 75.04 99.08 -35.35
N MET P 907 75.17 100.35 -35.75
CA MET P 907 74.86 100.73 -37.12
C MET P 907 75.86 101.78 -37.58
N ASN P 908 76.26 101.66 -38.85
CA ASN P 908 77.15 102.61 -39.50
C ASN P 908 78.44 102.81 -38.70
N GLY P 909 78.99 101.70 -38.24
CA GLY P 909 80.25 101.71 -37.52
C GLY P 909 80.13 101.73 -36.02
N ALA P 910 78.97 102.10 -35.48
CA ALA P 910 78.78 102.13 -34.05
C ALA P 910 78.84 100.70 -33.49
N ALA P 911 79.15 100.61 -32.22
CA ALA P 911 79.30 99.32 -31.57
C ALA P 911 77.96 98.83 -31.05
N PRO P 912 77.73 97.53 -31.06
CA PRO P 912 76.51 96.97 -30.47
C PRO P 912 76.51 97.13 -28.96
N MET P 913 75.30 97.10 -28.40
CA MET P 913 75.15 97.37 -26.98
C MET P 913 74.24 96.33 -26.34
N ILE P 914 74.47 96.07 -25.07
CA ILE P 914 73.64 95.20 -24.24
C ILE P 914 73.07 96.02 -23.10
N ARG P 915 71.86 95.66 -22.69
CA ARG P 915 71.21 96.40 -21.62
C ARG P 915 71.65 95.89 -20.25
N ASP P 916 72.18 96.81 -19.45
CA ASP P 916 72.62 96.49 -18.10
C ASP P 916 71.40 96.16 -17.24
N GLU P 917 71.65 95.74 -16.00
CA GLU P 917 70.58 95.55 -15.04
C GLU P 917 69.98 96.87 -14.57
N THR P 918 70.76 97.94 -14.57
CA THR P 918 70.31 99.23 -14.09
C THR P 918 69.78 100.13 -15.20
N GLY P 919 69.38 99.56 -16.34
CA GLY P 919 68.83 100.35 -17.42
C GLY P 919 69.84 101.00 -18.32
N LEU P 920 71.11 100.60 -18.25
CA LEU P 920 72.15 101.18 -19.08
C LEU P 920 72.47 100.26 -20.26
N MET P 921 72.97 100.85 -21.33
CA MET P 921 73.41 100.12 -22.50
C MET P 921 74.91 100.25 -22.62
N VAL P 922 75.62 99.13 -22.63
CA VAL P 922 77.08 99.17 -22.59
C VAL P 922 77.64 98.35 -23.75
N PRO P 923 78.84 98.67 -24.24
CA PRO P 923 79.42 97.91 -25.34
C PRO P 923 79.93 96.55 -24.87
N PHE P 924 80.39 95.76 -25.83
CA PHE P 924 80.92 94.43 -25.56
C PHE P 924 82.36 94.54 -25.10
N GLU P 925 82.53 95.01 -23.86
CA GLU P 925 83.86 95.24 -23.32
C GLU P 925 83.75 95.39 -21.82
N GLY P 926 84.74 94.84 -21.11
CA GLY P 926 84.80 94.99 -19.67
C GLY P 926 84.61 93.70 -18.91
N ASN P 927 84.06 93.78 -17.70
CA ASN P 927 83.84 92.62 -16.85
C ASN P 927 82.35 92.48 -16.60
N TRP P 928 81.79 91.33 -16.93
CA TRP P 928 80.36 91.07 -16.77
C TRP P 928 80.14 89.93 -15.79
N ILE P 929 78.90 89.81 -15.33
CA ILE P 929 78.50 88.74 -14.44
C ILE P 929 77.19 88.17 -14.95
N PHE P 930 77.15 86.85 -15.17
CA PHE P 930 76.01 86.17 -15.74
C PHE P 930 75.53 85.08 -14.79
N PRO P 931 74.23 84.97 -14.56
CA PRO P 931 73.69 83.71 -14.05
C PRO P 931 73.70 82.67 -15.16
N LEU P 932 74.00 81.42 -14.79
CA LEU P 932 74.14 80.37 -15.79
C LEU P 932 72.87 80.16 -16.58
N ALA P 933 71.72 80.14 -15.90
CA ALA P 933 70.45 79.89 -16.57
C ALA P 933 70.22 80.89 -17.69
N LEU P 934 70.74 82.11 -17.54
CA LEU P 934 70.56 83.12 -18.56
C LEU P 934 71.20 82.71 -19.87
N TRP P 935 72.43 82.19 -19.81
CA TRP P 935 73.11 81.74 -21.02
C TRP P 935 72.42 80.52 -21.62
N GLN P 936 71.95 79.62 -20.75
CA GLN P 936 71.35 78.37 -21.24
C GLN P 936 70.14 78.66 -22.12
N MET P 937 69.34 79.64 -21.74
CA MET P 937 68.17 79.92 -22.54
C MET P 937 68.46 80.71 -23.78
N ASN P 938 69.70 81.15 -23.98
CA ASN P 938 70.03 81.86 -25.22
C ASN P 938 71.37 81.43 -25.81
N THR P 939 71.70 80.14 -25.76
CA THR P 939 73.01 79.65 -26.17
C THR P 939 73.41 80.12 -27.57
N ARG P 940 72.62 79.74 -28.58
CA ARG P 940 73.00 80.03 -29.96
C ARG P 940 73.12 81.52 -30.21
N TYR P 941 72.15 82.29 -29.69
CA TYR P 941 72.19 83.73 -29.87
C TYR P 941 73.40 84.34 -29.20
N PHE P 942 73.73 83.89 -27.99
CA PHE P 942 74.87 84.44 -27.28
C PHE P 942 76.18 84.04 -27.92
N ASN P 943 76.31 82.76 -28.30
CA ASN P 943 77.54 82.29 -28.92
C ASN P 943 77.84 83.07 -30.19
N GLN P 944 76.79 83.44 -30.94
CA GLN P 944 77.00 84.14 -32.19
C GLN P 944 77.52 85.56 -31.95
N GLN P 945 77.14 86.17 -30.83
CA GLN P 945 77.46 87.57 -30.61
C GLN P 945 78.76 87.78 -29.86
N PHE P 946 79.02 86.97 -28.84
CA PHE P 946 80.09 87.25 -27.88
C PHE P 946 81.42 86.58 -28.23
N ASP P 947 81.39 85.40 -28.86
CA ASP P 947 82.59 84.59 -29.01
C ASP P 947 83.73 85.36 -29.68
N ALA P 948 83.39 86.19 -30.68
CA ALA P 948 84.42 86.97 -31.35
C ALA P 948 85.10 87.92 -30.38
N TRP P 949 84.34 88.56 -29.51
CA TRP P 949 84.92 89.51 -28.57
C TRP P 949 85.66 88.83 -27.44
N ILE P 950 85.20 87.66 -27.01
CA ILE P 950 85.93 86.94 -25.96
C ILE P 950 87.27 86.46 -26.49
N LYS P 951 87.28 85.93 -27.72
CA LYS P 951 88.49 85.31 -28.25
C LYS P 951 89.60 86.34 -28.45
N THR P 952 89.31 87.43 -29.15
CA THR P 952 90.33 88.40 -29.50
C THR P 952 90.11 89.78 -28.90
N GLY P 953 88.89 90.12 -28.51
CA GLY P 953 88.62 91.44 -27.98
C GLY P 953 89.05 91.59 -26.53
N GLU P 954 88.25 92.29 -25.73
CA GLU P 954 88.58 92.56 -24.34
C GLU P 954 87.37 92.34 -23.45
N LEU P 955 86.62 91.27 -23.70
CA LEU P 955 85.43 90.95 -22.94
C LEU P 955 85.72 89.75 -22.05
N ARG P 956 85.44 89.90 -20.76
CA ARG P 956 85.63 88.83 -19.78
C ARG P 956 84.33 88.64 -19.01
N ILE P 957 83.88 87.41 -18.90
CA ILE P 957 82.57 87.09 -18.35
C ILE P 957 82.73 86.11 -17.21
N ARG P 958 81.98 86.32 -16.14
CA ARG P 958 81.94 85.41 -15.00
C ARG P 958 80.58 84.73 -15.00
N ILE P 959 80.57 83.41 -15.05
CA ILE P 959 79.34 82.63 -15.04
C ILE P 959 79.10 82.13 -13.61
N GLU P 960 77.89 82.34 -13.11
CA GLU P 960 77.54 81.93 -11.76
C GLU P 960 76.95 80.54 -11.79
N MET P 961 77.64 79.58 -11.20
CA MET P 961 77.22 78.19 -11.21
C MET P 961 77.06 77.57 -9.83
N GLY P 962 77.90 77.93 -8.87
CA GLY P 962 77.84 77.29 -7.56
C GLY P 962 78.71 76.06 -7.49
N ALA P 963 78.32 75.00 -8.18
CA ALA P 963 79.08 73.77 -8.23
C ALA P 963 79.03 73.20 -9.63
N TYR P 964 80.09 72.47 -10.00
CA TYR P 964 80.17 71.95 -11.36
C TYR P 964 81.26 70.89 -11.47
N PRO P 965 81.05 69.86 -12.27
CA PRO P 965 82.12 68.91 -12.55
C PRO P 965 83.18 69.52 -13.46
N TYR P 966 84.39 68.99 -13.37
CA TYR P 966 85.52 69.50 -14.13
C TYR P 966 86.35 68.35 -14.67
N MET P 967 87.12 68.65 -15.70
CA MET P 967 87.98 67.67 -16.34
C MET P 967 89.23 68.37 -16.87
N LEU P 968 90.38 67.83 -16.54
CA LEU P 968 91.65 68.52 -16.72
C LEU P 968 92.35 68.11 -18.02
N HIS P 969 93.37 68.88 -18.39
CA HIS P 969 94.24 68.58 -19.52
C HIS P 969 95.63 69.08 -19.16
N TYR P 970 96.61 68.18 -19.17
CA TYR P 970 97.97 68.57 -18.87
C TYR P 970 98.76 68.83 -20.14
N TYR P 971 99.70 69.76 -20.07
CA TYR P 971 100.48 70.15 -21.22
C TYR P 971 101.92 70.42 -20.81
N ASP P 972 102.81 70.28 -21.78
CA ASP P 972 104.24 70.52 -21.57
C ASP P 972 104.48 72.02 -21.56
N PRO P 973 105.07 72.55 -20.48
CA PRO P 973 105.30 74.00 -20.41
C PRO P 973 106.20 74.55 -21.50
N ARG P 974 107.08 73.73 -22.07
CA ARG P 974 108.07 74.23 -23.01
C ARG P 974 107.54 74.38 -24.43
N GLN P 975 106.27 74.06 -24.67
CA GLN P 975 105.68 74.17 -26.00
C GLN P 975 104.52 75.14 -25.96
N TYR P 976 104.26 75.77 -27.11
CA TYR P 976 103.09 76.64 -27.25
C TYR P 976 101.83 75.83 -27.00
N ALA P 977 100.85 76.47 -26.38
CA ALA P 977 99.60 75.78 -26.05
C ALA P 977 98.48 76.80 -25.98
N ASN P 978 97.47 76.65 -26.83
CA ASN P 978 96.32 77.54 -26.85
C ASN P 978 95.09 76.71 -26.50
N ALA P 979 94.32 77.20 -25.53
CA ALA P 979 93.19 76.46 -25.01
C ALA P 979 91.87 76.86 -25.63
N TRP P 980 91.88 77.66 -26.69
CA TRP P 980 90.63 78.18 -27.25
C TRP P 980 89.76 77.05 -27.77
N ASN P 981 90.36 76.05 -28.42
CA ASN P 981 89.60 74.96 -28.99
C ASN P 981 88.81 74.22 -27.93
N LEU P 982 89.45 73.98 -26.79
CA LEU P 982 88.78 73.28 -25.70
C LEU P 982 87.61 74.11 -25.16
N THR P 983 87.83 75.40 -24.95
CA THR P 983 86.79 76.26 -24.40
C THR P 983 85.65 76.50 -25.38
N SER P 984 85.97 76.73 -26.65
CA SER P 984 84.92 76.98 -27.64
C SER P 984 83.97 75.79 -27.72
N ALA P 985 84.52 74.57 -27.66
CA ALA P 985 83.69 73.39 -27.66
C ALA P 985 82.75 73.37 -26.47
N TRP P 986 83.22 73.85 -25.32
CA TRP P 986 82.39 73.89 -24.13
C TRP P 986 81.22 74.85 -24.30
N LEU P 987 81.50 76.06 -24.78
CA LEU P 987 80.44 77.06 -24.91
C LEU P 987 79.39 76.62 -25.91
N GLU P 988 79.81 76.10 -27.05
CA GLU P 988 78.85 75.74 -28.09
C GLU P 988 77.94 74.60 -27.66
N GLU P 989 78.40 73.75 -26.75
CA GLU P 989 77.64 72.58 -26.34
C GLU P 989 76.76 72.84 -25.13
N ILE P 990 76.73 74.08 -24.64
CA ILE P 990 75.78 74.44 -23.58
C ILE P 990 74.37 74.39 -24.14
N THR P 991 73.47 73.83 -23.37
CA THR P 991 72.09 73.59 -23.78
C THR P 991 71.17 74.10 -22.69
N PRO P 992 69.97 74.56 -23.04
CA PRO P 992 69.00 74.94 -22.01
C PRO P 992 68.58 73.76 -21.16
N THR P 993 69.14 72.58 -21.43
CA THR P 993 68.92 71.41 -20.60
C THR P 993 70.18 70.84 -19.99
N SER P 994 71.34 70.93 -20.66
CA SER P 994 72.52 70.25 -20.16
C SER P 994 73.77 71.08 -20.46
N ILE P 995 74.82 70.80 -19.71
CA ILE P 995 76.13 71.39 -19.94
C ILE P 995 77.19 70.28 -19.86
N PRO P 996 78.32 70.43 -20.54
CA PRO P 996 79.41 69.47 -20.39
C PRO P 996 80.38 69.88 -19.29
N SER P 997 81.29 68.96 -18.98
CA SER P 997 82.27 69.20 -17.93
C SER P 997 83.19 70.36 -18.31
N VAL P 998 83.53 71.17 -17.33
CA VAL P 998 84.38 72.34 -17.59
C VAL P 998 85.81 71.87 -17.83
N PRO P 999 86.43 72.24 -18.94
CA PRO P 999 87.82 71.83 -19.18
C PRO P 999 88.83 72.82 -18.63
N PHE P 1000 89.87 72.32 -17.97
CA PHE P 1000 90.97 73.15 -17.49
C PHE P 1000 92.27 72.66 -18.09
N MET P 1001 93.14 73.59 -18.44
CA MET P 1001 94.45 73.30 -19.00
C MET P 1001 95.49 73.67 -17.94
N VAL P 1002 96.25 72.68 -17.48
CA VAL P 1002 97.14 72.86 -16.34
C VAL P 1002 98.56 72.42 -16.71
N PRO P 1003 99.58 73.19 -16.35
CA PRO P 1003 100.95 72.80 -16.70
C PRO P 1003 101.43 71.62 -15.87
N ILE P 1004 102.43 70.93 -16.40
CA ILE P 1004 103.03 69.78 -15.72
C ILE P 1004 104.21 70.26 -14.90
N SER P 1005 104.24 69.90 -13.63
CA SER P 1005 105.33 70.30 -12.75
C SER P 1005 106.64 69.66 -13.20
N SER P 1006 107.73 70.35 -12.97
CA SER P 1006 109.06 69.85 -13.30
C SER P 1006 109.96 69.92 -12.07
N ASP P 1007 111.02 69.12 -12.09
CA ASP P 1007 111.97 69.05 -10.98
C ASP P 1007 113.35 69.51 -11.40
N HIS P 1008 113.45 70.14 -12.56
CA HIS P 1008 114.72 70.67 -13.04
C HIS P 1008 114.46 71.84 -13.98
N ASP P 1009 115.44 72.71 -14.15
CA ASP P 1009 115.28 73.93 -14.93
C ASP P 1009 114.77 73.65 -16.32
N ILE P 1010 113.79 74.43 -16.78
CA ILE P 1010 113.24 74.31 -18.12
C ILE P 1010 113.10 75.71 -18.71
N SER P 1011 113.05 75.79 -20.03
CA SER P 1011 112.80 77.06 -20.69
C SER P 1011 111.32 77.38 -20.61
N SER P 1012 110.89 78.48 -21.22
CA SER P 1012 109.51 78.90 -21.14
C SER P 1012 108.94 79.14 -22.52
N ALA P 1013 107.63 79.03 -22.64
CA ALA P 1013 106.93 79.22 -23.90
C ALA P 1013 105.60 79.87 -23.62
N PRO P 1014 105.05 80.63 -24.56
CA PRO P 1014 103.75 81.29 -24.31
C PRO P 1014 102.63 80.30 -24.14
N ALA P 1015 101.61 80.68 -23.37
CA ALA P 1015 100.46 79.81 -23.13
C ALA P 1015 99.23 80.68 -23.01
N VAL P 1016 98.17 80.32 -23.73
CA VAL P 1016 96.94 81.10 -23.77
C VAL P 1016 95.86 80.33 -23.04
N GLN P 1017 95.31 80.94 -22.00
CA GLN P 1017 94.27 80.33 -21.18
C GLN P 1017 92.99 81.15 -21.26
N TYR P 1018 91.86 80.47 -21.07
CA TYR P 1018 90.57 81.11 -21.17
C TYR P 1018 89.64 80.87 -20.00
N ILE P 1019 89.78 79.77 -19.26
CA ILE P 1019 88.91 79.48 -18.14
C ILE P 1019 89.75 79.32 -16.88
N ILE P 1020 89.37 80.04 -15.82
CA ILE P 1020 89.95 79.86 -14.50
C ILE P 1020 88.81 79.81 -13.49
N SER P 1021 89.08 79.13 -12.38
CA SER P 1021 88.09 79.02 -11.32
C SER P 1021 88.09 80.28 -10.47
N THR P 1022 87.00 80.51 -9.74
CA THR P 1022 86.89 81.67 -8.88
C THR P 1022 87.65 81.52 -7.58
N GLU P 1023 87.68 80.32 -7.00
CA GLU P 1023 88.30 80.11 -5.70
C GLU P 1023 89.21 78.89 -5.79
N TYR P 1024 89.90 78.62 -4.69
CA TYR P 1024 90.76 77.44 -4.62
C TYR P 1024 89.93 76.18 -4.83
N ASN P 1025 90.39 75.34 -5.75
CA ASN P 1025 89.68 74.10 -6.02
C ASN P 1025 90.62 72.93 -6.25
N ASP P 1026 91.92 73.09 -6.05
CA ASP P 1026 92.90 72.06 -6.37
C ASP P 1026 93.32 71.26 -5.14
N ARG P 1027 92.37 71.00 -4.24
CA ARG P 1027 92.67 70.21 -3.04
C ARG P 1027 92.91 68.75 -3.36
N SER P 1028 92.46 68.27 -4.51
CA SER P 1028 92.65 66.87 -4.87
C SER P 1028 94.10 66.53 -5.16
N LEU P 1029 94.95 67.54 -5.37
CA LEU P 1029 96.35 67.29 -5.66
C LEU P 1029 97.03 66.66 -4.45
N PHE P 1030 97.89 65.68 -4.70
CA PHE P 1030 98.56 65.00 -3.60
C PHE P 1030 100.04 65.37 -3.49
N CYS P 1031 100.80 65.17 -4.57
CA CYS P 1031 102.22 65.47 -4.54
C CYS P 1031 102.72 65.66 -5.95
N THR P 1032 103.81 66.41 -6.08
CA THR P 1032 104.42 66.69 -7.38
C THR P 1032 105.87 66.27 -7.34
N ASN P 1033 106.31 65.53 -8.36
CA ASN P 1033 107.67 65.02 -8.44
C ASN P 1033 108.06 64.25 -7.19
N SER P 1034 107.19 63.34 -6.76
CA SER P 1034 107.32 62.67 -5.47
C SER P 1034 108.63 61.90 -5.36
N SER P 1035 109.24 61.55 -6.49
CA SER P 1035 110.48 60.81 -6.48
C SER P 1035 111.71 61.71 -6.61
N SER P 1036 111.53 63.01 -6.59
CA SER P 1036 112.61 63.97 -6.82
C SER P 1036 112.88 64.77 -5.56
N PRO P 1037 114.11 65.29 -5.39
CA PRO P 1037 114.39 66.11 -4.22
C PRO P 1037 113.55 67.36 -4.09
N GLN P 1038 113.17 68.01 -5.19
CA GLN P 1038 112.35 69.21 -5.10
C GLN P 1038 111.68 69.55 -6.42
N THR P 1039 110.59 70.30 -6.36
CA THR P 1039 109.92 70.79 -7.56
C THR P 1039 110.39 72.21 -7.83
N ILE P 1040 110.91 72.44 -9.03
CA ILE P 1040 111.47 73.75 -9.35
C ILE P 1040 110.49 74.62 -10.14
N ALA P 1041 109.88 74.07 -11.19
CA ALA P 1041 109.01 74.86 -12.05
C ALA P 1041 107.63 74.23 -12.05
N GLY P 1042 106.60 75.07 -11.98
CA GLY P 1042 105.23 74.61 -11.98
C GLY P 1042 104.67 74.54 -10.59
N PRO P 1043 103.40 74.15 -10.47
CA PRO P 1043 102.78 74.04 -9.15
C PRO P 1043 103.49 72.99 -8.30
N ASP P 1044 103.84 73.39 -7.08
CA ASP P 1044 104.57 72.54 -6.16
C ASP P 1044 103.67 72.17 -4.99
N LYS P 1045 103.74 70.92 -4.56
CA LYS P 1045 102.88 70.43 -3.50
C LYS P 1045 103.58 69.27 -2.79
N HIS P 1046 103.82 69.43 -1.49
CA HIS P 1046 104.38 68.37 -0.69
C HIS P 1046 103.28 67.43 -0.22
N ILE P 1047 103.69 66.30 0.36
CA ILE P 1047 102.75 65.34 0.90
C ILE P 1047 101.95 66.00 2.01
N PRO P 1048 100.63 65.94 1.97
CA PRO P 1048 99.83 66.64 3.00
C PRO P 1048 100.06 66.05 4.38
N VAL P 1049 100.69 66.83 5.25
CA VAL P 1049 101.08 66.32 6.56
C VAL P 1049 99.85 66.08 7.44
N GLU P 1050 98.88 67.00 7.38
CA GLU P 1050 97.74 66.92 8.28
C GLU P 1050 96.92 65.66 8.07
N ARG P 1051 97.03 65.03 6.90
CA ARG P 1051 96.37 63.76 6.67
C ARG P 1051 97.05 62.60 7.38
N TYR P 1052 98.25 62.80 7.90
CA TYR P 1052 98.98 61.76 8.60
C TYR P 1052 99.33 62.23 10.00
N ASN P 1053 98.36 62.82 10.70
CA ASN P 1053 98.61 63.44 11.98
C ASN P 1053 99.14 62.43 13.00
N ILE P 1054 98.63 61.20 12.94
CA ILE P 1054 99.04 60.18 13.89
C ILE P 1054 100.54 59.92 13.80
N LEU P 1055 101.07 59.90 12.58
CA LEU P 1055 102.48 59.64 12.37
C LEU P 1055 103.37 60.87 12.53
N THR P 1056 102.97 62.00 11.95
CA THR P 1056 103.84 63.15 11.89
C THR P 1056 103.95 63.89 13.21
N ASN P 1057 102.86 63.96 13.97
CA ASN P 1057 102.87 64.70 15.23
C ASN P 1057 103.08 63.74 16.39
N PRO P 1058 104.23 63.76 17.06
CA PRO P 1058 104.48 62.79 18.13
C PRO P 1058 103.59 62.97 19.33
N ASP P 1059 102.97 64.12 19.49
CA ASP P 1059 102.16 64.41 20.68
C ASP P 1059 100.71 63.99 20.51
N ALA P 1060 100.30 63.54 19.33
CA ALA P 1060 98.89 63.26 19.17
C ALA P 1060 98.54 61.90 19.75
N PRO P 1061 97.42 61.79 20.47
CA PRO P 1061 96.95 60.49 20.89
C PRO P 1061 96.65 59.62 19.69
N PRO P 1062 96.90 58.31 19.77
CA PRO P 1062 96.72 57.46 18.59
C PRO P 1062 95.30 57.46 18.05
N THR P 1063 94.30 57.72 18.88
CA THR P 1063 92.91 57.61 18.45
C THR P 1063 92.30 58.95 18.07
N GLN P 1064 93.11 59.90 17.58
CA GLN P 1064 92.61 61.22 17.23
C GLN P 1064 92.21 61.25 15.76
N ILE P 1065 91.08 61.91 15.47
CA ILE P 1065 90.62 62.15 14.11
C ILE P 1065 90.26 63.62 13.97
N GLN P 1066 90.23 64.08 12.71
CA GLN P 1066 90.01 65.49 12.43
C GLN P 1066 88.79 65.77 11.56
N LEU P 1067 87.81 64.89 11.56
CA LEU P 1067 86.59 65.14 10.81
C LEU P 1067 85.86 66.32 11.42
N PRO P 1068 85.06 67.07 10.65
CA PRO P 1068 84.78 66.86 9.24
C PRO P 1068 85.57 67.79 8.31
N GLU P 1069 86.81 68.12 8.69
CA GLU P 1069 87.58 69.06 7.88
C GLU P 1069 88.72 68.39 7.12
N VAL P 1070 89.34 67.37 7.69
CA VAL P 1070 90.44 66.67 7.04
C VAL P 1070 90.23 65.17 7.22
N VAL P 1071 90.36 64.41 6.15
CA VAL P 1071 90.23 62.96 6.19
C VAL P 1071 91.64 62.38 6.33
N ASP P 1072 91.87 61.66 7.44
CA ASP P 1072 93.18 61.11 7.69
C ASP P 1072 93.38 59.80 6.93
N LEU P 1073 94.58 59.59 6.40
CA LEU P 1073 94.83 58.42 5.58
C LEU P 1073 95.57 57.33 6.34
N TYR P 1074 95.77 57.50 7.65
CA TYR P 1074 96.44 56.51 8.47
C TYR P 1074 95.81 56.56 9.86
N ASN P 1075 95.28 55.43 10.31
CA ASN P 1075 94.43 55.44 11.49
C ASN P 1075 94.60 54.17 12.29
N VAL P 1076 94.03 54.18 13.49
CA VAL P 1076 93.93 52.98 14.31
C VAL P 1076 92.62 52.29 13.99
N VAL P 1077 92.71 51.02 13.60
CA VAL P 1077 91.54 50.24 13.20
C VAL P 1077 91.38 49.07 14.15
N THR P 1078 90.14 48.82 14.55
CA THR P 1078 89.82 47.69 15.41
C THR P 1078 89.23 46.58 14.55
N ARG P 1079 89.85 45.40 14.62
CA ARG P 1079 89.40 44.24 13.86
C ARG P 1079 88.92 43.17 14.82
N TYR P 1080 87.73 42.64 14.58
CA TYR P 1080 87.11 41.69 15.49
C TYR P 1080 87.22 40.27 14.95
N ALA P 1081 86.91 39.32 15.82
CA ALA P 1081 86.91 37.90 15.45
C ALA P 1081 85.71 37.17 16.02
N TYR P 1082 84.58 37.85 16.15
CA TYR P 1082 83.41 37.25 16.78
C TYR P 1082 82.87 36.10 15.94
N GLU P 1083 82.15 35.20 16.60
CA GLU P 1083 81.44 34.14 15.90
C GLU P 1083 79.97 34.51 15.76
N THR P 1084 79.34 33.95 14.73
CA THR P 1084 77.93 34.20 14.45
C THR P 1084 77.24 32.87 14.20
N PRO P 1085 77.07 32.07 15.25
CA PRO P 1085 76.45 30.76 15.07
C PRO P 1085 74.94 30.89 14.95
N PRO P 1086 74.28 29.91 14.35
CA PRO P 1086 72.81 29.90 14.41
C PRO P 1086 72.33 29.64 15.82
N ILE P 1087 71.12 30.11 16.12
CA ILE P 1087 70.63 30.10 17.49
C ILE P 1087 70.54 28.69 18.03
N THR P 1088 70.03 27.76 17.22
CA THR P 1088 69.88 26.39 17.68
C THR P 1088 71.21 25.72 17.94
N ALA P 1089 72.32 26.29 17.45
CA ALA P 1089 73.62 25.67 17.67
C ALA P 1089 74.12 25.86 19.10
N VAL P 1090 73.77 26.97 19.74
CA VAL P 1090 74.25 27.25 21.08
C VAL P 1090 73.25 26.88 22.16
N VAL P 1091 71.95 26.91 21.86
CA VAL P 1091 70.93 26.56 22.84
C VAL P 1091 70.33 25.23 22.41
N MET P 1092 70.31 24.26 23.32
CA MET P 1092 69.89 22.91 23.01
C MET P 1092 68.69 22.51 23.86
N GLY P 1093 67.65 21.99 23.20
CA GLY P 1093 66.46 21.54 23.86
C GLY P 1093 66.62 20.16 24.45
N VAL P 1094 65.68 19.79 25.30
CA VAL P 1094 65.67 18.50 25.98
C VAL P 1094 64.48 17.70 25.46
N PRO P 1095 64.72 16.72 24.59
CA PRO P 1095 63.66 15.88 24.01
C PRO P 1095 63.09 14.92 25.03
N MET Q 1 57.55 96.58 -63.55
CA MET Q 1 56.23 95.99 -63.44
C MET Q 1 56.34 94.55 -62.96
N LYS Q 2 55.36 94.12 -62.18
CA LYS Q 2 55.31 92.78 -61.63
C LYS Q 2 53.88 92.25 -61.78
N ARG Q 3 53.73 90.93 -61.78
CA ARG Q 3 52.43 90.30 -61.98
C ARG Q 3 52.10 89.44 -60.76
N ILE Q 4 50.87 89.57 -60.27
CA ILE Q 4 50.38 88.79 -59.14
C ILE Q 4 49.15 88.02 -59.62
N PRO Q 5 49.13 86.70 -59.51
CA PRO Q 5 47.97 85.94 -60.00
C PRO Q 5 46.80 85.96 -59.02
N ARG Q 6 45.58 85.91 -59.57
CA ARG Q 6 44.39 85.93 -58.73
C ARG Q 6 44.05 84.53 -58.23
N LYS Q 7 43.54 84.47 -57.01
CA LYS Q 7 43.05 83.22 -56.41
C LYS Q 7 41.55 83.03 -56.62
N THR Q 8 40.88 83.99 -57.25
CA THR Q 8 39.44 83.92 -57.44
C THR Q 8 39.13 84.03 -58.93
N LYS Q 9 37.91 83.68 -59.35
CA LYS Q 9 37.54 83.81 -60.76
C LYS Q 9 36.74 85.10 -60.88
N GLY Q 10 37.34 86.09 -61.54
CA GLY Q 10 36.79 87.43 -61.57
C GLY Q 10 35.61 87.58 -62.52
N LYS Q 11 35.08 88.81 -62.54
CA LYS Q 11 33.91 89.10 -63.36
C LYS Q 11 34.21 88.99 -64.85
N SER Q 12 35.28 89.64 -65.31
CA SER Q 12 35.64 89.66 -66.71
C SER Q 12 36.75 88.64 -66.94
N SER Q 13 36.47 87.65 -67.77
CA SER Q 13 37.42 86.58 -68.03
C SER Q 13 37.05 85.82 -69.31
N PRO Q 40 90.67 87.14 -46.33
CA PRO Q 40 90.22 87.24 -44.94
C PRO Q 40 89.44 86.02 -44.48
N ALA Q 41 89.79 85.50 -43.30
CA ALA Q 41 89.11 84.34 -42.73
C ALA Q 41 87.72 84.78 -42.27
N THR Q 42 86.74 84.50 -43.12
CA THR Q 42 85.38 84.97 -42.90
C THR Q 42 84.62 84.01 -41.99
N THR Q 43 85.26 82.93 -41.59
CA THR Q 43 84.64 81.95 -40.70
C THR Q 43 84.53 82.56 -39.31
N GLU Q 44 83.34 83.05 -38.98
CA GLU Q 44 83.13 83.68 -37.68
C GLU Q 44 83.23 82.64 -36.58
N PRO Q 45 83.83 82.98 -35.43
CA PRO Q 45 84.10 81.99 -34.39
C PRO Q 45 82.87 81.50 -33.64
N GLY Q 46 81.65 81.85 -34.06
CA GLY Q 46 80.48 81.40 -33.33
C GLY Q 46 79.45 80.68 -34.15
N THR Q 47 79.68 80.54 -35.46
CA THR Q 47 78.68 80.02 -36.38
C THR Q 47 78.62 78.50 -36.43
N SER Q 48 79.51 77.80 -35.72
CA SER Q 48 79.52 76.34 -35.78
C SER Q 48 78.25 75.77 -35.17
N ASN Q 49 77.71 74.72 -35.79
CA ASN Q 49 76.45 74.13 -35.37
C ASN Q 49 76.70 72.89 -34.52
N ARG Q 50 76.19 72.92 -33.28
CA ARG Q 50 76.19 71.75 -32.40
C ARG Q 50 74.77 71.59 -31.86
N GLU Q 51 73.91 70.90 -32.61
CA GLU Q 51 72.50 70.74 -32.23
C GLU Q 51 72.34 69.48 -31.38
N GLN Q 52 72.26 69.70 -30.08
CA GLN Q 52 72.04 68.64 -29.11
C GLN Q 52 70.69 68.72 -28.43
N TYR Q 53 69.85 69.66 -28.84
CA TYR Q 53 68.61 69.93 -28.12
C TYR Q 53 67.41 69.36 -28.86
N LYS Q 54 66.54 68.67 -28.12
CA LYS Q 54 65.23 68.29 -28.62
C LYS Q 54 64.18 69.03 -27.82
N ALA Q 55 63.19 69.57 -28.51
CA ALA Q 55 62.17 70.36 -27.86
C ALA Q 55 61.23 69.48 -27.03
N ARG Q 56 60.63 70.09 -26.01
CA ARG Q 56 59.53 69.47 -25.27
C ARG Q 56 58.47 70.55 -25.09
N PRO Q 57 57.35 70.47 -25.80
CA PRO Q 57 57.01 69.44 -26.78
C PRO Q 57 57.77 69.63 -28.09
N GLY Q 58 57.84 68.58 -28.90
CA GLY Q 58 58.56 68.67 -30.17
C GLY Q 58 57.91 69.67 -31.10
N ILE Q 59 58.73 70.29 -31.95
CA ILE Q 59 58.23 71.30 -32.88
C ILE Q 59 57.26 70.68 -33.86
N ALA Q 60 57.60 69.51 -34.39
CA ALA Q 60 56.76 68.90 -35.41
C ALA Q 60 55.36 68.61 -34.88
N SER Q 61 55.27 68.08 -33.65
CA SER Q 61 53.98 67.72 -33.07
C SER Q 61 53.08 68.94 -32.90
N VAL Q 62 53.63 70.01 -32.30
CA VAL Q 62 52.81 71.17 -32.00
C VAL Q 62 52.42 71.90 -33.28
N GLN Q 63 53.28 71.89 -34.30
CA GLN Q 63 52.96 72.55 -35.56
C GLN Q 63 51.73 71.92 -36.20
N ARG Q 64 51.65 70.60 -36.14
CA ARG Q 64 50.50 69.89 -36.70
C ARG Q 64 49.22 70.29 -35.98
N ALA Q 65 49.30 70.42 -34.66
CA ALA Q 65 48.13 70.81 -33.88
C ALA Q 65 47.68 72.22 -34.21
N THR Q 66 48.63 73.15 -34.31
CA THR Q 66 48.29 74.53 -34.63
C THR Q 66 47.70 74.66 -36.02
N GLU Q 67 48.11 73.80 -36.95
CA GLU Q 67 47.58 73.88 -38.31
C GLU Q 67 46.08 73.66 -38.34
N SER Q 68 45.57 72.80 -37.47
CA SER Q 68 44.13 72.53 -37.43
C SER Q 68 43.32 73.68 -36.85
N ALA Q 69 43.75 74.26 -35.75
CA ALA Q 69 43.04 75.40 -35.18
C ALA Q 69 43.26 76.65 -36.00
N GLU Q 70 44.25 76.62 -36.89
CA GLU Q 70 44.56 77.78 -37.73
C GLU Q 70 43.47 78.03 -38.76
N MET Q 71 42.83 76.96 -39.23
CA MET Q 71 41.85 77.03 -40.31
C MET Q 71 40.63 77.85 -39.93
N PRO Q 72 40.16 78.72 -40.83
CA PRO Q 72 38.92 79.46 -40.57
C PRO Q 72 37.71 78.54 -40.64
N MET Q 73 36.66 78.93 -39.94
CA MET Q 73 35.45 78.13 -39.92
C MET Q 73 34.71 78.20 -41.25
N LYS Q 74 33.96 77.14 -41.55
CA LYS Q 74 33.37 76.99 -42.86
C LYS Q 74 32.26 78.02 -43.09
N ASN Q 75 32.03 78.32 -44.36
CA ASN Q 75 30.93 79.20 -44.73
C ASN Q 75 29.60 78.47 -44.58
N ASN Q 76 28.55 79.27 -44.42
CA ASN Q 76 27.18 78.75 -44.30
C ASN Q 76 26.30 79.52 -45.28
N ASP Q 77 26.26 79.04 -46.53
CA ASP Q 77 25.55 79.76 -47.58
C ASP Q 77 24.06 79.49 -47.55
N GLU Q 78 23.65 78.38 -46.96
CA GLU Q 78 22.27 77.93 -47.04
C GLU Q 78 21.32 79.00 -46.51
N GLY Q 79 20.21 79.19 -47.23
CA GLY Q 79 19.24 80.19 -46.85
C GLY Q 79 19.40 81.49 -47.61
N THR Q 80 20.64 81.83 -47.95
CA THR Q 80 20.90 83.08 -48.65
C THR Q 80 20.52 82.96 -50.12
N PRO Q 81 20.16 84.07 -50.76
CA PRO Q 81 19.85 84.05 -52.18
C PRO Q 81 21.09 84.05 -53.05
N ASP Q 82 20.90 83.70 -54.31
CA ASP Q 82 21.96 83.74 -55.30
C ASP Q 82 21.80 84.94 -56.21
N LYS Q 83 22.77 85.11 -57.13
CA LYS Q 83 22.70 86.22 -58.05
C LYS Q 83 21.48 86.15 -58.94
N LYS Q 84 20.95 84.94 -59.18
CA LYS Q 84 19.70 84.79 -59.90
C LYS Q 84 18.51 85.32 -59.10
N GLY Q 85 18.54 85.17 -57.78
CA GLY Q 85 17.47 85.60 -56.92
C GLY Q 85 16.81 84.50 -56.12
N ASN Q 86 17.15 83.24 -56.38
CA ASN Q 86 16.54 82.12 -55.69
C ASN Q 86 17.42 81.70 -54.52
N THR Q 87 16.80 81.48 -53.37
CA THR Q 87 17.54 81.01 -52.20
C THR Q 87 18.10 79.62 -52.46
N LYS Q 88 19.32 79.39 -52.01
CA LYS Q 88 19.94 78.08 -52.16
C LYS Q 88 19.74 77.26 -50.89
N GLY Q 89 19.78 75.94 -51.07
CA GLY Q 89 19.59 74.98 -50.01
C GLY Q 89 18.60 73.92 -50.40
N ASP Q 90 18.20 73.12 -49.43
CA ASP Q 90 17.22 72.07 -49.64
C ASP Q 90 15.91 72.44 -48.97
N LEU Q 91 14.84 71.73 -49.37
CA LEU Q 91 13.51 71.95 -48.80
C LEU Q 91 13.31 70.96 -47.66
N VAL Q 92 14.00 71.23 -46.56
CA VAL Q 92 13.93 70.40 -45.36
C VAL Q 92 13.50 71.28 -44.20
N ASN Q 93 12.76 70.69 -43.26
CA ASN Q 93 12.26 71.44 -42.11
C ASN Q 93 13.42 71.96 -41.28
N GLU Q 94 13.24 73.16 -40.72
CA GLU Q 94 14.29 73.78 -39.92
C GLU Q 94 14.64 72.94 -38.71
N HIS Q 95 13.63 72.40 -38.03
CA HIS Q 95 13.90 71.49 -36.92
C HIS Q 95 14.63 70.25 -37.39
N SER Q 96 14.24 69.70 -38.54
CA SER Q 96 14.93 68.55 -39.09
C SER Q 96 16.40 68.87 -39.37
N GLU Q 97 16.65 70.01 -40.01
CA GLU Q 97 18.02 70.41 -40.31
C GLU Q 97 18.83 70.58 -39.03
N ALA Q 98 18.24 71.22 -38.01
CA ALA Q 98 18.94 71.35 -36.74
C ALA Q 98 19.28 69.98 -36.17
N LYS Q 99 18.37 69.02 -36.32
CA LYS Q 99 18.66 67.66 -35.87
C LYS Q 99 19.61 66.94 -36.83
N ASP Q 100 19.38 67.08 -38.14
CA ASP Q 100 20.24 66.41 -39.11
C ASP Q 100 21.67 66.94 -39.05
N GLU Q 101 21.83 68.26 -38.91
CA GLU Q 101 23.16 68.82 -38.77
C GLU Q 101 23.85 68.31 -37.51
N ALA Q 102 23.07 68.14 -36.43
CA ALA Q 102 23.65 67.62 -35.20
C ALA Q 102 24.23 66.23 -35.40
N ASP Q 103 23.51 65.39 -36.15
CA ASP Q 103 23.97 64.02 -36.37
C ASP Q 103 25.30 64.00 -37.12
N GLU Q 104 25.41 64.82 -38.17
CA GLU Q 104 26.63 64.83 -38.97
C GLU Q 104 27.83 65.27 -38.15
N ALA Q 105 27.66 66.30 -37.33
CA ALA Q 105 28.74 66.78 -36.48
C ALA Q 105 29.18 65.68 -35.53
N THR Q 106 28.21 64.96 -34.96
CA THR Q 106 28.55 63.85 -34.09
C THR Q 106 29.28 62.75 -34.84
N LYS Q 107 28.87 62.46 -36.07
CA LYS Q 107 29.55 61.42 -36.84
C LYS Q 107 31.00 61.76 -37.11
N LYS Q 108 31.29 63.01 -37.48
CA LYS Q 108 32.67 63.39 -37.74
C LYS Q 108 33.50 63.42 -36.46
N GLN Q 109 32.86 63.67 -35.32
CA GLN Q 109 33.54 63.56 -34.04
C GLN Q 109 34.10 62.15 -33.85
N ALA Q 110 33.30 61.13 -34.15
CA ALA Q 110 33.76 59.76 -33.99
C ALA Q 110 34.94 59.46 -34.90
N LYS Q 111 34.86 59.91 -36.15
CA LYS Q 111 35.95 59.67 -37.09
C LYS Q 111 37.22 60.37 -36.65
N ASP Q 112 37.12 61.60 -36.13
CA ASP Q 112 38.31 62.33 -35.70
C ASP Q 112 39.01 61.63 -34.55
N THR Q 113 38.27 60.90 -33.72
CA THR Q 113 38.85 60.17 -32.61
C THR Q 113 38.81 58.66 -32.84
N ASP Q 114 38.93 58.22 -34.08
CA ASP Q 114 39.08 56.82 -34.51
C ASP Q 114 38.32 55.85 -33.61
N LYS Q 115 37.07 56.16 -33.35
CA LYS Q 115 36.22 55.34 -32.50
C LYS Q 115 34.83 55.26 -33.12
N SER Q 116 34.18 54.10 -32.91
CA SER Q 116 32.84 53.90 -33.44
C SER Q 116 31.80 54.78 -32.76
N LYS Q 117 31.87 54.91 -31.43
CA LYS Q 117 30.91 55.70 -30.67
C LYS Q 117 31.59 56.95 -30.14
N ALA Q 118 31.06 58.11 -30.50
CA ALA Q 118 31.66 59.37 -30.07
C ALA Q 118 31.49 59.56 -28.58
N GLN Q 119 32.55 60.03 -27.93
CA GLN Q 119 32.49 60.29 -26.50
C GLN Q 119 31.72 61.57 -26.20
N VAL Q 120 31.91 62.60 -27.02
CA VAL Q 120 31.16 63.84 -26.91
C VAL Q 120 30.20 63.93 -28.09
N THR Q 121 28.95 64.27 -27.81
CA THR Q 121 27.90 64.26 -28.83
C THR Q 121 27.17 65.59 -28.83
N TYR Q 122 26.68 65.97 -30.01
CA TYR Q 122 25.85 67.15 -30.18
C TYR Q 122 24.37 66.80 -30.26
N SER Q 123 24.03 65.53 -30.16
CA SER Q 123 22.65 65.08 -30.24
C SER Q 123 22.38 64.09 -29.13
N ASP Q 124 21.09 63.86 -28.85
CA ASP Q 124 20.65 62.99 -27.77
C ASP Q 124 21.20 63.49 -26.42
N THR Q 125 21.03 64.77 -26.18
CA THR Q 125 21.42 65.36 -24.91
C THR Q 125 20.21 65.43 -23.99
N GLY Q 126 20.46 65.76 -22.73
CA GLY Q 126 19.37 65.88 -21.77
C GLY Q 126 18.42 67.00 -22.10
N ILE Q 127 18.93 68.10 -22.65
CA ILE Q 127 18.10 69.28 -22.87
C ILE Q 127 17.06 69.01 -23.94
N ASN Q 128 15.82 69.39 -23.64
CA ASN Q 128 14.72 69.30 -24.61
C ASN Q 128 14.78 70.56 -25.46
N ASN Q 129 15.67 70.56 -26.44
CA ASN Q 129 15.83 71.71 -27.33
C ASN Q 129 14.98 71.56 -28.59
N ALA Q 130 13.68 71.34 -28.39
CA ALA Q 130 12.79 71.10 -29.51
C ALA Q 130 12.51 72.36 -30.31
N ASN Q 131 12.43 73.52 -29.65
CA ASN Q 131 12.09 74.76 -30.32
C ASN Q 131 13.24 75.34 -31.12
N GLU Q 132 14.34 74.62 -31.27
CA GLU Q 132 15.48 75.11 -32.02
C GLU Q 132 15.17 75.21 -33.50
N LEU Q 133 15.63 76.28 -34.13
CA LEU Q 133 15.52 76.46 -35.58
C LEU Q 133 16.90 76.62 -36.19
N SER Q 134 17.05 76.12 -37.42
CA SER Q 134 18.26 76.28 -38.20
C SER Q 134 17.89 76.84 -39.56
N ARG Q 135 18.78 77.68 -40.10
CA ARG Q 135 18.51 78.34 -41.36
C ARG Q 135 18.49 77.31 -42.49
N SER Q 136 17.44 77.36 -43.32
CA SER Q 136 17.26 76.37 -44.37
C SER Q 136 16.76 77.07 -45.63
N GLY Q 137 16.83 76.35 -46.74
CA GLY Q 137 16.45 76.88 -48.02
C GLY Q 137 14.97 76.67 -48.32
N ASN Q 138 14.18 76.46 -47.28
CA ASN Q 138 12.75 76.19 -47.48
C ASN Q 138 11.95 77.48 -47.49
N VAL Q 139 12.45 78.55 -46.88
CA VAL Q 139 11.74 79.82 -46.81
C VAL Q 139 12.61 80.91 -47.42
N ASP Q 140 11.95 81.86 -48.08
CA ASP Q 140 12.63 82.96 -48.73
C ASP Q 140 12.74 84.14 -47.75
N ASN Q 141 13.10 85.31 -48.25
CA ASN Q 141 13.23 86.49 -47.41
C ASN Q 141 11.90 87.15 -47.09
N GLU Q 142 10.83 86.80 -47.80
CA GLU Q 142 9.51 87.34 -47.54
C GLU Q 142 8.72 86.47 -46.57
N GLY Q 143 9.34 85.40 -46.06
CA GLY Q 143 8.62 84.50 -45.18
C GLY Q 143 7.72 83.53 -45.88
N GLY Q 144 7.72 83.51 -47.21
CA GLY Q 144 6.93 82.58 -47.97
C GLY Q 144 7.64 81.26 -48.18
N SER Q 145 6.87 80.27 -48.62
CA SER Q 145 7.41 78.95 -48.89
C SER Q 145 8.20 78.99 -50.18
N ASN Q 146 9.38 78.36 -50.17
CA ASN Q 146 10.23 78.35 -51.35
C ASN Q 146 9.95 77.11 -52.19
N GLN Q 147 8.75 76.54 -52.07
CA GLN Q 147 8.44 75.35 -52.84
C GLN Q 147 8.38 75.64 -54.33
N LYS Q 148 8.38 76.93 -54.70
CA LYS Q 148 8.49 77.35 -56.09
C LYS Q 148 9.49 78.50 -56.14
N PRO Q 149 10.49 78.44 -57.01
CA PRO Q 149 11.57 79.42 -56.98
C PRO Q 149 11.09 80.83 -57.28
N MET Q 150 11.86 81.82 -56.82
CA MET Q 150 11.55 83.22 -57.09
C MET Q 150 11.38 83.50 -58.57
N SER Q 151 12.32 83.06 -59.40
CA SER Q 151 12.26 83.39 -60.81
C SER Q 151 11.00 82.83 -61.44
N THR Q 152 10.66 81.58 -61.11
CA THR Q 152 9.47 80.97 -61.67
C THR Q 152 8.20 81.68 -61.20
N ARG Q 153 8.16 82.10 -59.93
CA ARG Q 153 7.02 82.86 -59.46
C ARG Q 153 6.89 84.17 -60.20
N ILE Q 154 8.02 84.85 -60.43
CA ILE Q 154 7.99 86.04 -61.26
C ILE Q 154 7.59 85.67 -62.69
N ALA Q 155 7.94 84.46 -63.12
CA ALA Q 155 7.61 84.04 -64.47
C ALA Q 155 6.11 84.00 -64.69
N GLU Q 156 5.38 83.31 -63.80
CA GLU Q 156 3.92 83.27 -63.94
C GLU Q 156 3.32 84.64 -63.66
N ALA Q 157 3.93 85.41 -62.76
CA ALA Q 157 3.33 86.67 -62.35
C ALA Q 157 3.20 87.64 -63.52
N THR Q 158 4.28 87.89 -64.25
CA THR Q 158 4.25 88.86 -65.33
C THR Q 158 3.88 88.25 -66.68
N SER Q 159 3.70 86.95 -66.76
CA SER Q 159 3.23 86.36 -68.00
C SER Q 159 1.74 86.58 -68.21
N ALA Q 160 1.00 86.91 -67.16
CA ALA Q 160 -0.44 87.12 -67.25
C ALA Q 160 -0.81 88.53 -67.66
N ILE Q 161 0.17 89.43 -67.81
CA ILE Q 161 -0.11 90.81 -68.17
C ILE Q 161 0.20 91.09 -69.64
N VAL Q 162 0.90 90.20 -70.31
CA VAL Q 162 1.36 90.43 -71.67
C VAL Q 162 0.19 90.41 -72.63
N SER Q 163 0.30 91.20 -73.70
CA SER Q 163 -0.68 91.21 -74.78
C SER Q 163 0.05 91.07 -76.10
N LYS Q 164 -0.60 90.42 -77.05
CA LYS Q 164 0.03 90.07 -78.31
C LYS Q 164 -0.46 91.00 -79.42
N HIS Q 165 0.27 90.98 -80.53
CA HIS Q 165 -0.09 91.78 -81.68
C HIS Q 165 -1.45 91.35 -82.21
N PRO Q 166 -2.30 92.30 -82.61
CA PRO Q 166 -3.68 91.96 -82.95
C PRO Q 166 -3.76 91.09 -84.20
N ALA Q 167 -4.93 90.49 -84.38
CA ALA Q 167 -5.18 89.61 -85.51
C ALA Q 167 -5.12 90.39 -86.83
N TYR R 1 77.07 81.79 -44.38
CA TYR R 1 76.88 83.22 -44.19
C TYR R 1 76.08 83.50 -42.93
N GLN R 2 76.37 84.65 -42.31
CA GLN R 2 75.75 85.01 -41.04
C GLN R 2 75.29 86.45 -41.11
N CYS R 3 74.07 86.70 -40.61
CA CYS R 3 73.48 88.03 -40.54
C CYS R 3 73.42 88.44 -39.08
N HIS R 4 74.24 89.42 -38.70
CA HIS R 4 74.29 89.88 -37.31
C HIS R 4 73.05 90.66 -36.90
N VAL R 5 72.23 91.10 -37.84
CA VAL R 5 71.02 91.84 -37.50
C VAL R 5 70.06 90.96 -36.72
N CYS R 6 69.90 89.71 -37.16
CA CYS R 6 68.92 88.80 -36.58
C CYS R 6 69.50 87.42 -36.27
N SER R 7 70.82 87.26 -36.33
CA SER R 7 71.53 86.00 -36.04
C SER R 7 71.11 84.88 -36.98
N ALA R 8 70.46 85.18 -38.09
CA ALA R 8 70.05 84.13 -39.03
C ALA R 8 71.24 83.67 -39.87
N VAL R 9 71.30 82.37 -40.12
CA VAL R 9 72.37 81.76 -40.90
C VAL R 9 71.90 81.61 -42.34
N LEU R 10 72.73 82.06 -43.28
CA LEU R 10 72.42 81.99 -44.70
C LEU R 10 73.55 81.25 -45.43
N PHE R 11 73.35 81.01 -46.72
CA PHE R 11 74.30 80.25 -47.52
C PHE R 11 74.78 80.96 -48.78
N SER R 12 74.14 82.05 -49.20
CA SER R 12 74.54 82.72 -50.42
C SER R 12 74.69 84.23 -50.19
N PRO R 13 75.66 84.87 -50.84
CA PRO R 13 75.73 86.34 -50.74
C PRO R 13 74.51 87.04 -51.30
N LEU R 14 73.90 86.47 -52.34
CA LEU R 14 72.68 87.03 -52.90
C LEU R 14 71.54 86.97 -51.88
N ASP R 15 71.44 85.85 -51.15
CA ASP R 15 70.41 85.72 -50.13
C ASP R 15 70.63 86.67 -48.97
N LEU R 16 71.88 86.99 -48.66
CA LEU R 16 72.18 87.91 -47.56
C LEU R 16 71.60 89.30 -47.84
N ASP R 17 71.79 89.79 -49.07
CA ASP R 17 71.22 91.09 -49.43
C ASP R 17 69.69 91.06 -49.38
N ALA R 18 69.10 89.95 -49.83
CA ALA R 18 67.66 89.83 -49.79
C ALA R 18 67.13 89.74 -48.36
N HIS R 19 67.85 89.03 -47.49
CA HIS R 19 67.40 88.83 -46.12
C HIS R 19 67.40 90.12 -45.31
N VAL R 20 68.47 90.92 -45.44
CA VAL R 20 68.61 92.14 -44.67
C VAL R 20 67.58 93.18 -45.13
N ALA R 21 66.98 92.96 -46.30
CA ALA R 21 65.92 93.83 -46.76
C ALA R 21 64.73 93.82 -45.80
N SER R 22 64.44 92.65 -45.22
CA SER R 22 63.41 92.57 -44.19
C SER R 22 63.75 93.37 -42.94
N HIS R 23 65.04 93.65 -42.71
CA HIS R 23 65.46 94.50 -41.61
C HIS R 23 65.49 95.97 -41.97
N GLY R 24 65.13 96.33 -43.21
CA GLY R 24 65.24 97.68 -43.71
C GLY R 24 66.55 97.93 -44.42
N LEU R 25 67.54 97.08 -44.22
CA LEU R 25 68.83 97.24 -44.88
C LEU R 25 68.71 96.81 -46.33
N HIS R 26 68.86 97.77 -47.24
CA HIS R 26 68.69 97.51 -48.66
C HIS R 26 69.85 96.66 -49.19
N GLY R 27 69.63 96.06 -50.35
CA GLY R 27 70.65 95.26 -50.99
C GLY R 27 71.91 96.04 -51.31
N ASN R 28 73.01 95.68 -50.66
CA ASN R 28 74.26 96.40 -50.82
C ASN R 28 75.25 95.61 -51.68
N ASP R 35 62.73 83.76 -47.63
CA ASP R 35 63.53 83.48 -48.83
C ASP R 35 63.33 84.56 -49.88
N ILE R 36 62.07 84.87 -50.17
CA ILE R 36 61.74 85.88 -51.16
C ILE R 36 60.46 86.61 -50.78
N GLN R 37 59.98 87.47 -51.68
CA GLN R 37 58.76 88.23 -51.43
C GLN R 37 57.59 87.36 -51.01
N ARG R 38 57.65 86.05 -51.29
CA ARG R 38 56.62 85.13 -50.83
C ARG R 38 56.52 85.10 -49.31
N HIS R 39 57.61 85.40 -48.60
CA HIS R 39 57.61 85.33 -47.15
C HIS R 39 56.70 86.38 -46.54
N ILE R 40 56.04 86.00 -45.45
CA ILE R 40 55.14 86.92 -44.76
C ILE R 40 55.64 87.15 -43.34
N THR R 41 56.05 86.08 -42.67
CA THR R 41 56.58 86.17 -41.31
C THR R 41 57.86 85.37 -41.22
N GLU R 42 58.84 85.87 -40.48
CA GLU R 42 60.13 85.21 -40.31
C GLU R 42 60.48 85.24 -38.82
N PHE R 43 60.52 84.08 -38.19
CA PHE R 43 60.86 83.99 -36.78
C PHE R 43 62.15 83.21 -36.57
N ILE R 44 62.91 83.63 -35.56
CA ILE R 44 64.16 82.95 -35.21
C ILE R 44 64.20 82.72 -33.71
N SER R 45 64.37 81.46 -33.31
CA SER R 45 64.58 81.14 -31.91
C SER R 45 66.01 81.46 -31.52
N SER R 46 66.18 81.90 -30.27
CA SER R 46 67.50 82.30 -29.80
C SER R 46 68.27 81.17 -29.14
N TRP R 47 67.60 80.10 -28.74
CA TRP R 47 68.26 79.00 -28.05
C TRP R 47 68.44 77.77 -28.92
N GLN R 48 68.12 77.84 -30.20
CA GLN R 48 68.27 76.70 -31.09
C GLN R 48 68.28 77.18 -32.53
N ASN R 49 68.77 76.31 -33.41
CA ASN R 49 68.86 76.63 -34.84
C ASN R 49 67.67 75.99 -35.54
N HIS R 50 66.58 76.75 -35.65
CA HIS R 50 65.41 76.25 -36.35
C HIS R 50 64.50 77.40 -36.76
N PRO R 51 64.87 78.19 -37.76
CA PRO R 51 64.01 79.28 -38.20
C PRO R 51 62.74 78.76 -38.85
N ILE R 52 61.70 79.59 -38.79
CA ILE R 52 60.38 79.24 -39.32
C ILE R 52 59.87 80.41 -40.14
N VAL R 53 59.33 80.13 -41.32
CA VAL R 53 58.80 81.15 -42.22
C VAL R 53 57.40 80.75 -42.63
N GLN R 54 56.58 81.75 -42.94
CA GLN R 54 55.22 81.53 -43.41
C GLN R 54 55.04 82.14 -44.79
N VAL R 55 54.35 81.41 -45.67
CA VAL R 55 54.05 81.89 -47.01
C VAL R 55 52.56 81.69 -47.26
N SER R 56 52.06 82.35 -48.29
CA SER R 56 50.64 82.27 -48.62
C SER R 56 50.26 80.84 -48.97
N ALA R 57 49.06 80.43 -48.54
CA ALA R 57 48.61 79.07 -48.79
C ALA R 57 48.37 78.80 -50.28
N ASP R 58 48.34 79.85 -51.10
CA ASP R 58 48.08 79.70 -52.52
C ASP R 58 49.31 79.31 -53.32
N VAL R 59 50.50 79.36 -52.72
CA VAL R 59 51.72 79.05 -53.46
C VAL R 59 51.76 77.55 -53.76
N GLU R 60 52.55 77.19 -54.77
CA GLU R 60 52.59 75.83 -55.26
C GLU R 60 53.71 74.99 -54.65
N ASN R 61 54.74 75.62 -54.10
CA ASN R 61 55.90 74.91 -53.56
C ASN R 61 55.97 75.17 -52.06
N LYS R 62 55.69 74.13 -51.28
CA LYS R 62 55.60 74.23 -49.83
C LYS R 62 56.90 73.80 -49.17
N LYS R 63 58.03 74.08 -49.81
CA LYS R 63 59.30 73.59 -49.31
C LYS R 63 59.60 74.10 -47.90
N THR R 64 59.53 73.20 -46.93
CA THR R 64 59.96 73.45 -45.54
C THR R 64 59.36 74.74 -44.97
N ALA R 65 58.26 75.22 -45.52
CA ALA R 65 57.65 76.46 -45.06
C ALA R 65 56.26 76.19 -44.51
N GLN R 66 55.86 77.01 -43.55
CA GLN R 66 54.52 76.92 -42.99
C GLN R 66 53.52 77.65 -43.88
N LEU R 67 52.25 77.55 -43.51
CA LEU R 67 51.17 78.09 -44.32
C LEU R 67 50.40 79.14 -43.55
N LEU R 68 49.67 79.96 -44.29
CA LEU R 68 48.80 80.99 -43.74
C LEU R 68 47.43 80.77 -44.36
N HIS R 69 46.50 80.23 -43.57
CA HIS R 69 45.22 79.80 -44.12
C HIS R 69 44.18 80.91 -44.07
N ALA R 70 44.51 82.07 -43.51
CA ALA R 70 43.57 83.17 -43.46
C ALA R 70 43.24 83.65 -44.86
N ASP R 71 41.96 83.98 -45.08
CA ASP R 71 41.51 84.51 -46.36
C ASP R 71 41.77 86.01 -46.34
N THR R 72 43.03 86.37 -46.39
CA THR R 72 43.39 87.77 -46.26
C THR R 72 43.01 88.55 -47.52
N PRO R 73 42.54 89.78 -47.38
CA PRO R 73 42.34 90.63 -48.55
C PRO R 73 43.66 91.22 -49.00
N ARG R 74 43.68 91.66 -50.25
CA ARG R 74 44.86 92.34 -50.80
C ARG R 74 44.60 93.83 -50.72
N LEU R 75 45.21 94.48 -49.73
CA LEU R 75 45.00 95.91 -49.54
C LEU R 75 45.91 96.72 -50.48
N VAL R 76 47.21 96.52 -50.36
CA VAL R 76 48.15 97.35 -51.12
C VAL R 76 48.30 96.79 -52.53
N THR R 77 47.97 97.62 -53.52
CA THR R 77 48.15 97.30 -54.92
C THR R 77 48.68 98.54 -55.63
N TRP R 78 49.52 98.32 -56.64
CA TRP R 78 50.22 99.42 -57.30
C TRP R 78 49.73 99.58 -58.72
N ASP R 79 49.86 100.81 -59.22
CA ASP R 79 49.46 101.15 -60.58
C ASP R 79 50.47 102.14 -61.14
N ALA R 80 51.10 101.77 -62.26
CA ALA R 80 52.13 102.62 -62.86
C ALA R 80 51.65 103.36 -64.09
N GLY R 81 50.38 103.23 -64.46
CA GLY R 81 49.85 103.91 -65.63
C GLY R 81 49.32 105.28 -65.30
N LEU R 82 48.33 105.71 -66.08
CA LEU R 82 47.67 106.99 -65.85
C LEU R 82 46.51 106.83 -64.89
N CYS R 83 46.36 107.79 -63.99
CA CYS R 83 45.25 107.77 -63.02
C CYS R 83 44.05 108.50 -63.62
N THR R 84 43.45 107.86 -64.62
CA THR R 84 42.31 108.42 -65.31
C THR R 84 41.28 107.32 -65.57
N SER R 85 40.04 107.73 -65.81
CA SER R 85 38.97 106.81 -66.12
C SER R 85 38.10 107.29 -67.28
N PHE R 86 38.50 108.38 -67.94
CA PHE R 86 37.78 108.90 -69.10
C PHE R 86 38.74 109.00 -70.26
N LYS R 87 38.26 108.64 -71.45
CA LYS R 87 39.05 108.73 -72.66
C LYS R 87 38.23 109.38 -73.76
N ILE R 88 38.93 110.01 -74.70
CA ILE R 88 38.29 110.71 -75.80
C ILE R 88 38.41 109.85 -77.05
N VAL R 89 37.29 109.59 -77.71
CA VAL R 89 37.27 108.70 -78.85
C VAL R 89 36.70 109.46 -80.04
N PRO R 90 37.18 109.16 -81.24
CA PRO R 90 36.60 109.78 -82.43
C PRO R 90 35.31 109.09 -82.83
N ILE R 91 34.28 109.87 -83.16
CA ILE R 91 33.02 109.31 -83.59
C ILE R 91 32.88 109.35 -85.11
N VAL R 92 33.18 110.49 -85.72
CA VAL R 92 33.14 110.61 -87.17
C VAL R 92 34.51 111.03 -87.67
N PRO R 93 35.27 110.13 -88.27
CA PRO R 93 36.63 110.49 -88.71
C PRO R 93 36.63 111.48 -89.85
N ALA R 94 37.71 112.26 -89.96
CA ALA R 94 37.84 113.22 -91.05
C ALA R 94 39.29 113.59 -91.30
N GLN R 95 39.61 114.05 -92.50
CA GLN R 95 40.96 114.44 -92.85
C GLN R 95 40.91 115.71 -93.67
N VAL R 96 41.76 116.67 -93.32
CA VAL R 96 41.79 117.97 -94.02
C VAL R 96 43.23 118.31 -94.38
N PRO R 97 43.47 119.06 -95.44
CA PRO R 97 44.82 119.48 -95.76
C PRO R 97 45.36 120.44 -94.72
N GLN R 98 46.68 120.42 -94.54
CA GLN R 98 47.35 121.28 -93.57
C GLN R 98 48.54 121.95 -94.23
N ASP R 99 48.83 123.17 -93.78
CA ASP R 99 49.96 123.91 -94.34
C ASP R 99 51.29 123.36 -93.85
N VAL R 100 51.38 123.04 -92.56
CA VAL R 100 52.61 122.53 -91.98
C VAL R 100 52.45 121.03 -91.73
N LEU R 101 53.42 120.25 -92.18
CA LEU R 101 53.30 118.80 -92.14
C LEU R 101 54.15 118.12 -91.07
N ALA R 102 55.34 118.64 -90.78
CA ALA R 102 56.21 117.96 -89.82
C ALA R 102 57.28 118.93 -89.35
N TYR R 103 57.73 118.72 -88.12
CA TYR R 103 58.86 119.45 -87.55
C TYR R 103 60.14 118.95 -88.20
N THR R 104 61.09 119.86 -88.41
CA THR R 104 62.33 119.47 -89.07
C THR R 104 63.48 120.36 -88.62
N PHE R 105 64.62 119.72 -88.36
CA PHE R 105 65.90 120.38 -88.18
C PHE R 105 66.96 119.53 -88.88
N PHE R 106 68.21 119.72 -88.50
CA PHE R 106 69.39 119.66 -89.39
C PHE R 106 69.12 118.70 -90.56
N THR R 107 68.78 117.44 -90.31
CA THR R 107 68.36 116.56 -91.39
C THR R 107 67.10 115.77 -91.06
N SER R 108 66.86 115.50 -89.78
CA SER R 108 65.74 114.67 -89.39
C SER R 108 64.42 115.42 -89.57
N SER R 109 63.33 114.65 -89.65
CA SER R 109 61.99 115.22 -89.74
C SER R 109 61.09 114.41 -88.83
N TYR R 110 60.42 115.09 -87.90
CA TYR R 110 59.59 114.43 -86.91
C TYR R 110 58.13 114.75 -87.20
N ALA R 111 57.29 113.73 -87.11
CA ALA R 111 55.87 113.88 -87.37
C ALA R 111 55.18 114.62 -86.24
N ILE R 112 54.03 115.22 -86.56
CA ILE R 112 53.24 115.97 -85.60
C ILE R 112 52.22 115.03 -84.97
N GLN R 113 52.14 115.03 -83.64
CA GLN R 113 51.22 114.18 -82.91
C GLN R 113 50.31 115.07 -82.08
N SER R 114 49.01 114.94 -82.27
CA SER R 114 48.05 115.72 -81.52
C SER R 114 47.64 114.98 -80.26
N PRO R 115 47.41 115.71 -79.17
CA PRO R 115 46.99 115.07 -77.92
C PRO R 115 45.58 114.53 -78.01
N PHE R 116 44.82 115.04 -78.96
CA PHE R 116 43.40 114.76 -79.08
C PHE R 116 43.11 114.12 -80.43
N PRO R 117 42.03 113.35 -80.53
CA PRO R 117 41.66 112.77 -81.82
C PRO R 117 41.38 113.87 -82.84
N GLU R 118 41.76 113.59 -84.08
CA GLU R 118 41.48 114.49 -85.20
C GLU R 118 40.30 113.91 -85.96
N ALA R 119 39.12 114.44 -85.68
CA ALA R 119 37.91 113.89 -86.26
C ALA R 119 36.84 114.96 -86.31
N ALA R 120 35.78 114.68 -87.06
CA ALA R 120 34.68 115.64 -87.16
C ALA R 120 34.03 115.87 -85.81
N VAL R 121 33.81 114.81 -85.04
CA VAL R 121 33.24 114.92 -83.70
C VAL R 121 33.95 113.93 -82.80
N SER R 122 34.01 114.24 -81.50
CA SER R 122 34.61 113.37 -80.51
C SER R 122 33.87 113.54 -79.19
N ARG R 123 33.85 112.48 -78.39
CA ARG R 123 33.09 112.48 -77.15
C ARG R 123 33.89 111.80 -76.04
N ILE R 124 33.53 112.13 -74.82
CA ILE R 124 34.14 111.52 -73.64
C ILE R 124 33.35 110.26 -73.29
N VAL R 125 34.08 109.20 -72.91
CA VAL R 125 33.46 107.92 -72.59
C VAL R 125 34.14 107.35 -71.36
N VAL R 126 33.34 106.78 -70.47
CA VAL R 126 33.85 106.21 -69.22
C VAL R 126 34.51 104.87 -69.52
N HIS R 127 35.77 104.72 -69.11
CA HIS R 127 36.48 103.46 -69.25
C HIS R 127 37.51 103.32 -68.15
N THR R 128 37.16 102.62 -67.08
CA THR R 128 38.03 102.57 -65.91
C THR R 128 39.34 101.88 -66.24
N ARG R 129 40.44 102.51 -65.82
CA ARG R 129 41.78 101.96 -65.98
C ARG R 129 42.09 101.61 -67.43
N TRP R 130 41.60 102.45 -68.35
CA TRP R 130 41.83 102.19 -69.76
C TRP R 130 43.28 102.40 -70.16
N ALA R 131 44.07 103.05 -69.31
CA ALA R 131 45.49 103.25 -69.56
C ALA R 131 46.34 102.82 -68.36
N SER R 132 45.79 102.00 -67.49
CA SER R 132 46.51 101.61 -66.29
C SER R 132 47.54 100.52 -66.59
N ASN R 133 48.42 100.29 -65.61
CA ASN R 133 49.44 99.25 -65.71
C ASN R 133 49.65 98.75 -64.28
N VAL R 134 48.97 97.67 -63.92
CA VAL R 134 48.85 97.25 -62.53
C VAL R 134 49.51 95.89 -62.35
N ASP R 135 49.76 95.54 -61.09
CA ASP R 135 50.32 94.25 -60.73
C ASP R 135 49.25 93.24 -60.37
N PHE R 136 48.24 93.66 -59.62
CA PHE R 136 47.10 92.83 -59.27
C PHE R 136 45.84 93.48 -59.80
N ASP R 137 45.00 92.69 -60.46
CA ASP R 137 43.82 93.22 -61.13
C ASP R 137 42.61 93.01 -60.23
N ARG R 138 41.96 94.12 -59.88
CA ARG R 138 40.67 94.03 -59.20
C ARG R 138 39.62 93.37 -60.07
N ASP R 139 39.71 93.56 -61.38
CA ASP R 139 38.78 93.00 -62.36
C ASP R 139 37.34 93.34 -61.99
N SER R 140 37.11 94.63 -61.75
CA SER R 140 35.78 95.18 -61.56
C SER R 140 35.55 96.35 -62.49
N SER R 141 35.92 96.18 -63.76
CA SER R 141 35.99 97.31 -64.67
C SER R 141 34.60 97.79 -65.07
N VAL R 142 34.54 99.06 -65.47
CA VAL R 142 33.32 99.66 -66.02
C VAL R 142 33.71 100.21 -67.38
N ILE R 143 33.40 99.45 -68.44
CA ILE R 143 33.78 99.81 -69.79
C ILE R 143 32.53 100.21 -70.55
N MET R 144 32.55 101.41 -71.12
CA MET R 144 31.42 101.93 -71.88
C MET R 144 31.79 102.01 -73.34
N ALA R 145 30.84 101.67 -74.20
CA ALA R 145 31.01 101.82 -75.63
C ALA R 145 30.66 103.24 -76.05
N PRO R 146 31.21 103.71 -77.17
CA PRO R 146 30.84 105.04 -77.66
C PRO R 146 29.35 105.12 -77.94
N PRO R 147 28.76 106.29 -77.80
CA PRO R 147 27.29 106.40 -77.86
C PRO R 147 26.70 105.93 -79.17
N THR R 148 27.51 105.87 -80.22
CA THR R 148 27.05 105.33 -81.49
C THR R 148 26.66 103.86 -81.38
N GLU R 149 27.23 103.12 -80.44
CA GLU R 149 26.89 101.72 -80.22
C GLU R 149 25.92 101.61 -79.06
N ASN R 150 25.33 100.41 -78.93
CA ASN R 150 24.34 100.17 -77.89
C ASN R 150 25.02 99.90 -76.56
N ASN R 151 24.44 100.45 -75.48
CA ASN R 151 24.98 100.30 -74.13
C ASN R 151 23.98 99.74 -73.15
N ILE R 152 22.85 99.21 -73.62
CA ILE R 152 21.74 98.84 -72.76
C ILE R 152 22.13 97.72 -71.80
N HIS R 153 23.12 96.91 -72.19
CA HIS R 153 23.48 95.76 -71.37
C HIS R 153 24.07 96.18 -70.03
N LEU R 154 24.64 97.38 -69.96
CA LEU R 154 25.20 97.86 -68.70
C LEU R 154 24.12 98.14 -67.66
N PHE R 155 22.97 98.63 -68.08
CA PHE R 155 21.88 98.98 -67.17
C PHE R 155 20.90 97.83 -66.97
N LYS R 156 21.38 96.59 -67.11
CA LYS R 156 20.51 95.42 -67.08
C LYS R 156 21.13 94.29 -66.26
N GLN R 157 22.32 94.49 -65.70
CA GLN R 157 23.07 93.38 -65.12
C GLN R 157 22.32 92.73 -63.96
N LEU R 158 21.90 93.51 -62.97
CA LEU R 158 21.17 92.97 -61.84
C LEU R 158 19.72 93.43 -61.98
N LEU R 159 19.00 92.74 -62.85
CA LEU R 159 17.65 93.10 -63.23
C LEU R 159 16.68 92.22 -62.46
N ASN R 160 15.41 92.30 -62.79
CA ASN R 160 14.52 91.16 -62.62
C ASN R 160 14.87 90.21 -63.77
N THR R 161 15.19 88.97 -63.43
CA THR R 161 15.83 88.10 -64.40
C THR R 161 14.96 87.88 -65.63
N GLU R 162 13.66 87.69 -65.42
CA GLU R 162 12.75 87.56 -66.54
C GLU R 162 12.66 88.89 -67.27
N THR R 163 12.71 88.84 -68.59
CA THR R 163 12.46 90.02 -69.40
C THR R 163 11.79 89.55 -70.70
N LEU R 164 10.85 90.35 -71.17
CA LEU R 164 10.13 90.03 -72.40
C LEU R 164 10.87 90.53 -73.63
N SER R 165 12.10 91.02 -73.46
CA SER R 165 12.95 91.43 -74.56
C SER R 165 14.39 91.45 -74.06
N VAL R 166 15.26 90.67 -74.70
CA VAL R 166 16.65 90.61 -74.28
C VAL R 166 17.28 91.99 -74.37
N ARG R 167 17.06 92.68 -75.49
CA ARG R 167 17.42 94.08 -75.58
C ARG R 167 16.44 94.92 -74.79
N GLY R 168 16.94 96.04 -74.27
CA GLY R 168 16.11 96.90 -73.44
C GLY R 168 16.15 96.52 -71.98
N ALA R 169 16.18 97.52 -71.10
CA ALA R 169 16.24 97.30 -69.67
C ALA R 169 14.93 97.70 -69.02
N ASN R 170 14.82 97.40 -67.72
CA ASN R 170 13.62 97.71 -66.96
C ASN R 170 13.80 99.05 -66.27
N PRO R 171 12.96 100.05 -66.56
CA PRO R 171 13.11 101.35 -65.91
C PRO R 171 12.98 101.29 -64.40
N LEU R 172 12.20 100.33 -63.88
CA LEU R 172 12.01 100.25 -62.43
C LEU R 172 13.28 99.86 -61.70
N MET R 173 14.31 99.39 -62.40
CA MET R 173 15.57 99.04 -61.77
C MET R 173 16.75 99.82 -62.33
N PHE R 174 16.54 101.03 -62.82
CA PHE R 174 17.69 101.85 -63.20
C PHE R 174 18.50 102.24 -61.98
N ARG R 175 17.84 102.76 -60.95
CA ARG R 175 18.57 103.24 -59.77
C ARG R 175 19.37 102.12 -59.14
N ALA R 176 18.77 100.94 -59.02
CA ALA R 176 19.52 99.80 -58.49
C ALA R 176 20.71 99.46 -59.39
N ASN R 177 20.50 99.48 -60.70
CA ASN R 177 21.58 99.16 -61.62
C ASN R 177 22.64 100.27 -61.62
N VAL R 178 22.21 101.52 -61.61
CA VAL R 178 23.16 102.63 -61.64
C VAL R 178 24.02 102.62 -60.39
N LEU R 179 23.41 102.39 -59.23
CA LEU R 179 24.18 102.35 -57.99
C LEU R 179 25.24 101.27 -58.04
N HIS R 180 24.89 100.09 -58.54
CA HIS R 180 25.86 99.01 -58.64
C HIS R 180 26.98 99.37 -59.61
N MET R 181 26.64 100.09 -60.67
CA MET R 181 27.67 100.58 -61.58
C MET R 181 28.64 101.50 -60.86
N LEU R 182 28.11 102.42 -60.05
CA LEU R 182 28.97 103.34 -59.33
C LEU R 182 29.85 102.62 -58.32
N LEU R 183 29.34 101.58 -57.68
CA LEU R 183 30.13 100.84 -56.73
C LEU R 183 31.35 100.21 -57.40
N GLU R 184 31.17 99.67 -58.60
CA GLU R 184 32.32 99.15 -59.33
C GLU R 184 33.30 100.27 -59.67
N PHE R 185 32.79 101.44 -60.04
CA PHE R 185 33.67 102.54 -60.42
C PHE R 185 34.63 102.90 -59.29
N VAL R 186 34.20 102.75 -58.05
CA VAL R 186 35.09 103.01 -56.92
C VAL R 186 36.00 101.82 -56.67
N LEU R 187 35.42 100.61 -56.70
CA LEU R 187 36.20 99.42 -56.36
C LEU R 187 37.37 99.22 -57.33
N ASP R 188 37.16 99.52 -58.61
CA ASP R 188 38.24 99.33 -59.57
C ASP R 188 39.39 100.30 -59.35
N ASN R 189 39.13 101.48 -58.78
CA ASN R 189 40.13 102.52 -58.72
C ASN R 189 40.93 102.50 -57.43
N LEU R 190 40.71 101.52 -56.56
CA LEU R 190 41.46 101.40 -55.32
C LEU R 190 42.86 100.91 -55.64
N TYR R 191 43.75 101.86 -55.93
CA TYR R 191 45.13 101.55 -56.28
C TYR R 191 46.05 102.63 -55.71
N LEU R 192 47.33 102.29 -55.64
CA LEU R 192 48.36 103.22 -55.22
C LEU R 192 49.19 103.63 -56.43
N ASN R 193 49.37 104.93 -56.61
CA ASN R 193 50.09 105.46 -57.75
C ASN R 193 51.58 105.16 -57.58
N ARG R 194 52.10 104.26 -58.41
CA ARG R 194 53.49 103.85 -58.30
C ARG R 194 54.41 104.90 -58.91
N HIS R 195 55.56 105.10 -58.27
CA HIS R 195 56.61 105.96 -58.78
C HIS R 195 57.37 105.26 -59.90
N THR R 196 57.57 105.94 -61.01
CA THR R 196 58.33 105.42 -62.13
C THR R 196 59.49 106.35 -62.46
N GLY R 197 60.18 106.06 -63.54
CA GLY R 197 61.33 106.85 -63.97
C GLY R 197 60.93 108.06 -64.77
N PHE R 198 61.92 108.94 -64.97
CA PHE R 198 61.70 110.19 -65.69
C PHE R 198 62.63 110.31 -66.87
N SER R 199 62.60 111.44 -67.55
CA SER R 199 63.53 111.73 -68.64
C SER R 199 63.51 113.22 -68.91
N GLN R 200 64.70 113.82 -68.96
CA GLN R 200 64.81 115.25 -69.20
C GLN R 200 64.57 115.52 -70.68
N ASP R 201 63.65 116.44 -70.97
CA ASP R 201 63.24 116.71 -72.34
C ASP R 201 63.79 118.05 -72.81
N HIS R 202 64.16 118.10 -74.08
CA HIS R 202 64.68 119.34 -74.67
C HIS R 202 63.95 119.71 -75.94
N THR R 203 62.71 119.27 -76.09
CA THR R 203 61.86 119.79 -77.15
C THR R 203 61.68 121.29 -76.96
N PRO R 204 61.73 122.08 -78.04
CA PRO R 204 61.69 123.54 -77.88
C PRO R 204 60.51 124.05 -77.09
N PHE R 205 59.34 123.42 -77.26
CA PHE R 205 58.15 123.89 -76.58
C PHE R 205 58.16 123.58 -75.08
N THR R 206 58.88 122.57 -74.65
CA THR R 206 58.95 122.19 -73.24
C THR R 206 60.39 122.02 -72.79
N GLU R 207 61.24 122.99 -73.13
CA GLU R 207 62.65 122.92 -72.79
C GLU R 207 62.85 122.80 -71.29
N GLY R 208 63.70 121.85 -70.89
CA GLY R 208 64.08 121.72 -69.50
C GLY R 208 63.10 120.98 -68.61
N ALA R 209 62.00 120.49 -69.15
CA ALA R 209 61.02 119.79 -68.34
C ALA R 209 61.52 118.39 -68.00
N ASN R 210 60.85 117.77 -67.03
CA ASN R 210 61.14 116.40 -66.62
C ASN R 210 59.87 115.58 -66.84
N LEU R 211 59.82 114.89 -67.97
CA LEU R 211 58.64 114.13 -68.34
C LEU R 211 58.70 112.73 -67.78
N ARG R 212 57.54 112.22 -67.36
CA ARG R 212 57.47 110.87 -66.82
C ARG R 212 57.31 109.86 -67.95
N SER R 213 58.04 108.76 -67.85
CA SER R 213 58.03 107.72 -68.87
C SER R 213 57.36 106.47 -68.34
N LEU R 214 56.40 105.94 -69.09
CA LEU R 214 55.71 104.73 -68.70
C LEU R 214 56.66 103.53 -68.83
N PRO R 215 56.36 102.43 -68.16
CA PRO R 215 57.16 101.22 -68.34
C PRO R 215 56.85 100.55 -69.67
N GLY R 216 57.69 99.57 -70.00
CA GLY R 216 57.52 98.81 -71.21
C GLY R 216 58.16 99.49 -72.41
N PRO R 217 58.13 98.81 -73.55
CA PRO R 217 58.78 99.35 -74.75
C PRO R 217 57.98 100.49 -75.38
N ASP R 218 58.73 101.38 -76.04
CA ASP R 218 58.14 102.53 -76.73
C ASP R 218 57.30 103.37 -75.78
N ALA R 219 57.91 103.79 -74.66
CA ALA R 219 57.19 104.61 -73.70
C ALA R 219 56.86 105.98 -74.27
N GLU R 220 57.68 106.45 -75.21
CA GLU R 220 57.52 107.80 -75.75
C GLU R 220 56.25 107.96 -76.58
N LYS R 221 55.51 106.89 -76.88
CA LYS R 221 54.24 107.08 -77.56
C LYS R 221 53.25 107.84 -76.70
N TRP R 222 53.42 107.78 -75.38
CA TRP R 222 52.44 108.34 -74.46
C TRP R 222 52.69 109.80 -74.15
N TYR R 223 53.80 110.38 -74.61
CA TYR R 223 54.09 111.76 -74.30
C TYR R 223 53.02 112.68 -74.86
N SER R 224 52.63 112.46 -76.11
CA SER R 224 51.61 113.30 -76.73
C SER R 224 50.28 113.18 -75.99
N ILE R 225 49.92 111.97 -75.57
CA ILE R 225 48.69 111.78 -74.83
C ILE R 225 48.74 112.47 -73.47
N MET R 226 49.83 112.33 -72.74
CA MET R 226 49.88 112.86 -71.38
C MET R 226 50.04 114.37 -71.35
N TYR R 227 50.83 114.95 -72.24
CA TYR R 227 51.24 116.35 -72.14
C TYR R 227 50.73 117.12 -73.34
N PRO R 228 49.55 117.74 -73.23
CA PRO R 228 49.03 118.50 -74.39
C PRO R 228 49.96 119.60 -74.85
N THR R 229 50.67 120.23 -73.92
CA THR R 229 51.55 121.34 -74.28
C THR R 229 52.73 120.89 -75.13
N ARG R 230 53.04 119.59 -75.13
CA ARG R 230 54.21 119.10 -75.84
C ARG R 230 54.14 119.46 -77.32
N MET R 231 53.00 119.22 -77.94
CA MET R 231 52.82 119.63 -79.33
C MET R 231 52.82 121.15 -79.43
N GLY R 232 53.50 121.67 -80.44
CA GLY R 232 53.59 123.11 -80.61
C GLY R 232 52.31 123.71 -81.16
N THR R 233 52.45 124.80 -81.93
CA THR R 233 51.31 125.44 -82.59
C THR R 233 51.64 125.64 -84.06
N PRO R 234 51.80 124.56 -84.82
CA PRO R 234 52.18 124.71 -86.23
C PRO R 234 51.08 125.32 -87.08
N ASN R 235 49.87 124.77 -87.03
CA ASN R 235 48.80 125.13 -87.94
C ASN R 235 47.76 125.99 -87.22
N VAL R 236 46.67 126.26 -87.93
CA VAL R 236 45.58 127.07 -87.39
C VAL R 236 44.36 126.14 -87.31
N SER R 237 44.02 125.74 -86.10
CA SER R 237 42.90 124.84 -85.88
C SER R 237 42.39 125.01 -84.46
N LYS R 238 41.33 124.27 -84.14
CA LYS R 238 40.79 124.28 -82.78
C LYS R 238 41.84 123.87 -81.77
N ILE R 239 42.54 122.78 -82.04
CA ILE R 239 43.54 122.27 -81.10
C ILE R 239 44.67 123.27 -80.94
N CYS R 240 45.14 123.84 -82.06
CA CYS R 240 46.23 124.80 -81.98
C CYS R 240 45.82 126.04 -81.21
N ASN R 241 44.59 126.52 -81.42
CA ASN R 241 44.10 127.65 -80.65
C ASN R 241 44.04 127.33 -79.17
N PHE R 242 43.58 126.13 -78.83
CA PHE R 242 43.54 125.72 -77.42
C PHE R 242 44.93 125.70 -76.81
N VAL R 243 45.90 125.15 -77.55
CA VAL R 243 47.24 124.98 -77.01
C VAL R 243 47.89 126.33 -76.73
N ALA R 244 47.63 127.31 -77.60
CA ALA R 244 48.20 128.64 -77.40
C ALA R 244 47.68 129.29 -76.13
N SER R 245 46.54 128.83 -75.61
CA SER R 245 46.00 129.42 -74.40
C SER R 245 46.76 128.97 -73.16
N CYS R 246 47.27 127.74 -73.15
CA CYS R 246 47.86 127.18 -71.96
C CYS R 246 49.18 127.85 -71.61
N VAL R 247 49.58 127.72 -70.34
CA VAL R 247 50.85 128.24 -69.85
C VAL R 247 51.91 127.15 -69.99
N ARG R 248 53.15 127.58 -70.22
CA ARG R 248 54.21 126.64 -70.56
C ARG R 248 54.68 125.84 -69.35
N ASN R 249 54.85 126.51 -68.22
CA ASN R 249 55.66 125.95 -67.14
C ASN R 249 55.01 124.78 -66.41
N ARG R 250 53.68 124.65 -66.46
CA ARG R 250 52.99 123.63 -65.68
C ARG R 250 52.91 122.34 -66.50
N VAL R 251 53.98 121.56 -66.43
CA VAL R 251 54.05 120.30 -67.15
C VAL R 251 55.18 119.48 -66.54
N GLY R 252 55.02 118.16 -66.58
CA GLY R 252 56.07 117.27 -66.08
C GLY R 252 56.15 117.30 -64.56
N ARG R 253 57.36 117.03 -64.06
CA ARG R 253 57.58 117.00 -62.62
C ARG R 253 57.39 118.39 -62.03
N PHE R 254 56.71 118.45 -60.90
CA PHE R 254 56.44 119.71 -60.21
C PHE R 254 57.16 119.83 -58.88
N ASP R 255 57.09 118.80 -58.03
CA ASP R 255 57.79 118.82 -56.76
C ASP R 255 58.15 117.39 -56.38
N ARG R 256 59.22 117.26 -55.61
CA ARG R 256 59.74 115.95 -55.25
C ARG R 256 60.14 115.95 -53.79
N ALA R 257 60.26 114.74 -53.23
CA ALA R 257 60.59 114.59 -51.83
C ALA R 257 62.03 115.02 -51.56
N GLN R 258 62.32 115.26 -50.28
CA GLN R 258 63.69 115.52 -49.85
C GLN R 258 64.42 114.24 -49.46
N MET R 259 63.75 113.33 -48.75
CA MET R 259 64.32 112.03 -48.48
C MET R 259 64.40 111.23 -49.77
N MET R 260 65.48 110.46 -49.91
CA MET R 260 65.69 109.72 -51.13
C MET R 260 66.71 108.61 -50.89
N ASN R 261 66.49 107.48 -51.56
CA ASN R 261 67.41 106.35 -51.52
C ASN R 261 68.09 106.24 -52.88
N GLY R 262 69.40 106.02 -52.86
CA GLY R 262 70.14 106.09 -54.11
C GLY R 262 70.01 107.47 -54.73
N ALA R 263 69.73 107.50 -56.03
CA ALA R 263 69.46 108.73 -56.74
C ALA R 263 67.97 108.92 -57.02
N MET R 264 67.11 108.10 -56.41
CA MET R 264 65.69 108.10 -56.67
C MET R 264 64.94 108.75 -55.51
N SER R 265 64.10 109.71 -55.83
CA SER R 265 63.35 110.42 -54.81
C SER R 265 62.27 109.52 -54.21
N GLU R 266 61.87 109.86 -52.99
CA GLU R 266 60.88 109.04 -52.28
C GLU R 266 59.48 109.22 -52.84
N TRP R 267 59.15 110.42 -53.31
CA TRP R 267 57.87 110.68 -53.96
C TRP R 267 58.01 111.92 -54.82
N VAL R 268 57.10 112.05 -55.79
CA VAL R 268 57.16 113.15 -56.73
C VAL R 268 55.74 113.64 -57.00
N ASP R 269 55.62 114.90 -57.40
CA ASP R 269 54.36 115.49 -57.84
C ASP R 269 54.51 115.94 -59.28
N VAL R 270 53.60 115.52 -60.15
CA VAL R 270 53.74 115.77 -61.57
C VAL R 270 52.44 116.35 -62.14
N PHE R 271 52.60 117.10 -63.23
CA PHE R 271 51.47 117.51 -64.05
C PHE R 271 51.28 116.51 -65.17
N GLU R 272 50.12 115.86 -65.19
CA GLU R 272 49.86 114.90 -66.26
C GLU R 272 48.36 114.71 -66.46
N THR R 273 47.98 114.16 -67.61
CA THR R 273 46.58 113.93 -67.91
C THR R 273 45.99 112.92 -66.94
N SER R 274 44.87 113.30 -66.31
CA SER R 274 44.21 112.48 -65.31
C SER R 274 42.90 113.11 -64.91
N ASP R 275 41.98 112.32 -64.36
CA ASP R 275 40.67 112.82 -63.97
C ASP R 275 40.61 113.07 -62.47
N ALA R 276 40.08 114.23 -62.11
CA ALA R 276 40.06 114.70 -60.73
C ALA R 276 39.29 113.75 -59.84
N LEU R 277 38.27 113.09 -60.39
CA LEU R 277 37.46 112.17 -59.58
C LEU R 277 38.32 111.03 -59.04
N THR R 278 39.00 110.31 -59.94
CA THR R 278 39.80 109.18 -59.49
C THR R 278 41.03 109.66 -58.73
N VAL R 279 41.51 110.87 -59.05
CA VAL R 279 42.60 111.44 -58.26
C VAL R 279 42.16 111.59 -56.81
N SER R 280 40.96 112.12 -56.61
CA SER R 280 40.43 112.29 -55.26
C SER R 280 40.18 110.95 -54.58
N ILE R 281 39.65 109.97 -55.33
CA ILE R 281 39.33 108.68 -54.72
C ILE R 281 40.59 108.02 -54.19
N ARG R 282 41.64 107.98 -55.00
CA ARG R 282 42.89 107.36 -54.55
C ARG R 282 43.56 108.14 -53.45
N GLY R 283 43.29 109.45 -53.37
CA GLY R 283 43.80 110.22 -52.23
C GLY R 283 43.20 109.76 -50.92
N ARG R 284 41.87 109.57 -50.90
CA ARG R 284 41.23 109.07 -49.70
C ARG R 284 41.70 107.66 -49.37
N TRP R 285 41.84 106.81 -50.39
CA TRP R 285 42.34 105.46 -50.16
C TRP R 285 43.72 105.49 -49.53
N MET R 286 44.58 106.38 -50.02
CA MET R 286 45.89 106.61 -49.41
C MET R 286 45.77 106.94 -47.92
N ALA R 287 44.87 107.85 -47.58
CA ALA R 287 44.71 108.28 -46.20
C ALA R 287 44.33 107.12 -45.31
N ARG R 288 43.38 106.30 -45.75
CA ARG R 288 42.90 105.20 -44.94
C ARG R 288 44.02 104.22 -44.61
N LEU R 289 44.82 103.86 -45.61
CA LEU R 289 45.93 102.94 -45.37
C LEU R 289 46.97 103.56 -44.45
N ALA R 290 47.28 104.83 -44.64
CA ALA R 290 48.30 105.48 -43.83
C ALA R 290 47.92 105.49 -42.36
N ARG R 291 46.63 105.64 -42.07
CA ARG R 291 46.18 105.64 -40.69
C ARG R 291 46.35 104.29 -40.02
N MET R 292 46.62 103.24 -40.79
CA MET R 292 46.74 101.89 -40.25
C MET R 292 48.18 101.50 -39.97
N ASN R 293 49.13 102.42 -40.10
CA ASN R 293 50.55 102.07 -40.03
C ASN R 293 50.93 101.60 -38.64
N ILE R 294 51.95 100.74 -38.59
CA ILE R 294 52.50 100.19 -37.36
C ILE R 294 54.00 100.10 -37.50
N ASN R 295 54.71 100.41 -36.41
CA ASN R 295 56.15 100.27 -36.39
C ASN R 295 56.53 99.08 -35.53
N PRO R 296 57.65 98.42 -35.82
CA PRO R 296 57.95 97.13 -35.19
C PRO R 296 58.11 97.17 -33.68
N THR R 297 58.37 98.33 -33.09
CA THR R 297 58.43 98.41 -31.64
C THR R 297 57.07 98.07 -31.03
N GLU R 298 56.00 98.52 -31.67
CA GLU R 298 54.66 98.16 -31.21
C GLU R 298 54.45 96.65 -31.30
N ILE R 299 54.99 96.02 -32.35
CA ILE R 299 54.90 94.58 -32.47
C ILE R 299 55.65 93.90 -31.34
N GLU R 300 56.84 94.41 -31.02
CA GLU R 300 57.60 93.86 -29.90
C GLU R 300 56.79 93.95 -28.61
N TRP R 301 56.14 95.09 -28.37
CA TRP R 301 55.31 95.24 -27.19
C TRP R 301 54.16 94.26 -27.20
N ALA R 302 53.50 94.11 -28.34
CA ALA R 302 52.31 93.28 -28.45
C ALA R 302 52.63 91.81 -28.19
N LEU R 303 53.62 91.27 -28.90
CA LEU R 303 53.95 89.86 -28.75
C LEU R 303 54.46 89.54 -27.36
N THR R 304 55.28 90.43 -26.79
CA THR R 304 55.84 90.18 -25.46
C THR R 304 54.72 90.10 -24.43
N GLU R 305 53.76 91.03 -24.49
CA GLU R 305 52.67 91.02 -23.53
C GLU R 305 51.80 89.79 -23.68
N CYS R 306 51.52 89.37 -24.92
CA CYS R 306 50.67 88.21 -25.14
C CYS R 306 51.31 86.95 -24.58
N ALA R 307 52.64 86.94 -24.44
CA ALA R 307 53.36 85.75 -24.02
C ALA R 307 53.26 85.54 -22.51
N GLN R 308 52.56 86.43 -21.82
CA GLN R 308 52.35 86.33 -20.37
C GLN R 308 53.66 86.26 -19.60
N GLY R 309 54.70 86.92 -20.10
CA GLY R 309 55.97 86.95 -19.40
C GLY R 309 56.76 85.66 -19.44
N TYR R 310 56.58 84.84 -20.48
CA TYR R 310 57.36 83.62 -20.63
C TYR R 310 58.47 83.74 -21.66
N VAL R 311 58.30 84.57 -22.69
CA VAL R 311 59.34 84.85 -23.67
C VAL R 311 59.36 86.34 -23.93
N THR R 312 60.47 86.81 -24.49
CA THR R 312 60.61 88.21 -24.90
C THR R 312 61.00 88.24 -26.36
N VAL R 313 60.31 89.04 -27.13
CA VAL R 313 60.57 89.15 -28.56
C VAL R 313 61.38 90.42 -28.83
N THR R 314 61.99 90.47 -30.01
CA THR R 314 62.80 91.61 -30.42
C THR R 314 62.80 91.67 -31.93
N SER R 315 62.52 92.86 -32.47
CA SER R 315 62.46 93.07 -33.92
C SER R 315 63.32 94.26 -34.30
N PRO R 316 64.62 94.08 -34.52
CA PRO R 316 65.47 95.21 -34.89
C PRO R 316 65.10 95.76 -36.25
N TYR R 317 65.39 97.04 -36.45
CA TYR R 317 65.05 97.69 -37.71
C TYR R 317 65.83 98.98 -37.84
N ALA R 318 65.96 99.45 -39.07
CA ALA R 318 66.66 100.67 -39.39
C ALA R 318 65.68 101.82 -39.56
N PRO R 319 66.13 103.06 -39.37
CA PRO R 319 65.20 104.20 -39.46
C PRO R 319 64.77 104.44 -40.91
N SER R 320 63.46 104.51 -41.10
CA SER R 320 62.86 104.84 -42.38
C SER R 320 61.42 105.28 -42.14
N VAL R 321 60.85 105.99 -43.12
CA VAL R 321 59.48 106.50 -43.00
C VAL R 321 58.55 105.93 -44.06
N ASN R 322 59.07 105.30 -45.11
CA ASN R 322 58.22 104.77 -46.16
C ASN R 322 58.01 103.28 -45.93
N ARG R 323 57.99 102.86 -44.67
CA ARG R 323 57.76 101.48 -44.28
C ARG R 323 56.28 101.37 -43.89
N LEU R 324 55.50 100.73 -44.75
CA LEU R 324 54.07 100.63 -44.54
C LEU R 324 53.71 99.24 -44.03
N MET R 325 53.08 99.16 -42.86
CA MET R 325 52.68 97.91 -42.25
C MET R 325 51.28 98.07 -41.70
N PRO R 326 50.26 98.08 -42.56
CA PRO R 326 48.91 98.38 -42.10
C PRO R 326 48.28 97.25 -41.30
N TYR R 327 48.20 97.40 -39.98
CA TYR R 327 47.56 96.40 -39.16
C TYR R 327 46.70 96.98 -38.05
N ARG R 328 46.76 98.28 -37.83
CA ARG R 328 46.07 98.91 -36.71
C ARG R 328 44.62 99.21 -37.08
N ILE R 329 43.70 98.73 -36.26
CA ILE R 329 42.28 98.99 -36.40
C ILE R 329 41.68 99.22 -35.01
N SER R 330 40.37 99.44 -34.96
CA SER R 330 39.72 99.84 -33.73
C SER R 330 38.90 98.72 -33.11
N ASN R 331 38.67 98.83 -31.80
CA ASN R 331 37.83 97.86 -31.11
C ASN R 331 36.43 97.85 -31.71
N ALA R 332 35.91 99.00 -32.11
CA ALA R 332 34.59 99.06 -32.70
C ALA R 332 34.52 98.21 -33.96
N GLU R 333 35.54 98.32 -34.81
CA GLU R 333 35.57 97.50 -36.02
C GLU R 333 35.71 96.03 -35.67
N ARG R 334 36.53 95.71 -34.67
CA ARG R 334 36.67 94.30 -34.30
C ARG R 334 35.36 93.72 -33.81
N GLN R 335 34.60 94.47 -33.01
CA GLN R 335 33.33 93.99 -32.50
C GLN R 335 32.36 93.69 -33.63
N ILE R 336 32.34 94.56 -34.65
CA ILE R 336 31.46 94.35 -35.78
C ILE R 336 31.77 93.02 -36.45
N SER R 337 33.06 92.74 -36.64
CA SER R 337 33.45 91.51 -37.33
C SER R 337 33.01 90.27 -36.55
N GLN R 338 33.16 90.28 -35.23
CA GLN R 338 32.75 89.11 -34.46
C GLN R 338 31.24 88.92 -34.43
N ILE R 339 30.47 90.00 -34.43
CA ILE R 339 29.03 89.86 -34.54
C ILE R 339 28.66 89.15 -35.82
N ILE R 340 29.38 89.43 -36.91
CA ILE R 340 29.15 88.73 -38.17
C ILE R 340 29.41 87.24 -37.98
N ARG R 341 30.50 86.90 -37.31
CA ARG R 341 30.87 85.50 -37.11
C ARG R 341 29.81 84.76 -36.33
N ILE R 342 29.26 85.39 -35.30
CA ILE R 342 28.25 84.74 -34.47
C ILE R 342 27.01 84.44 -35.29
N MET R 343 26.57 85.39 -36.10
CA MET R 343 25.42 85.17 -36.96
C MET R 343 25.66 84.04 -37.95
N ASN R 344 26.93 83.77 -38.27
CA ASN R 344 27.23 82.72 -39.24
C ASN R 344 26.81 81.36 -38.74
N ILE R 345 26.88 81.13 -37.43
CA ILE R 345 26.56 79.81 -36.89
C ILE R 345 25.12 79.45 -37.19
N GLY R 346 24.19 80.22 -36.65
CA GLY R 346 22.78 79.96 -36.90
C GLY R 346 22.37 78.56 -36.50
N ASN R 347 22.76 78.14 -35.31
CA ASN R 347 22.44 76.83 -34.74
C ASN R 347 22.98 75.68 -35.58
N ASN R 348 24.04 75.91 -36.36
CA ASN R 348 24.66 74.86 -37.14
C ASN R 348 25.75 74.22 -36.32
N ALA R 349 25.50 73.01 -35.81
CA ALA R 349 26.50 72.33 -35.00
C ALA R 349 27.73 71.98 -35.81
N THR R 350 27.55 71.77 -37.13
CA THR R 350 28.69 71.42 -37.98
C THR R 350 29.68 72.57 -38.06
N VAL R 351 29.19 73.81 -38.07
CA VAL R 351 30.10 74.95 -38.10
C VAL R 351 30.95 74.99 -36.82
N ILE R 352 30.32 74.79 -35.67
CA ILE R 352 31.03 74.85 -34.39
C ILE R 352 31.99 73.71 -34.18
N GLN R 353 31.61 72.48 -34.54
CA GLN R 353 32.36 71.30 -34.10
C GLN R 353 33.85 71.37 -34.37
N PRO R 354 34.34 71.72 -35.56
CA PRO R 354 35.80 71.74 -35.76
C PRO R 354 36.53 72.68 -34.80
N VAL R 355 35.93 73.83 -34.50
CA VAL R 355 36.60 74.84 -33.69
C VAL R 355 36.89 74.28 -32.30
N LEU R 356 35.88 73.71 -31.67
CA LEU R 356 36.05 73.19 -30.31
C LEU R 356 37.03 72.02 -30.30
N GLN R 357 36.85 71.08 -31.24
CA GLN R 357 37.65 69.87 -31.26
C GLN R 357 39.12 70.19 -31.51
N ASP R 358 39.39 71.07 -32.47
CA ASP R 358 40.77 71.40 -32.82
C ASP R 358 41.50 72.05 -31.67
N ILE R 359 40.84 72.97 -30.96
CA ILE R 359 41.45 73.59 -29.80
C ILE R 359 41.75 72.55 -28.72
N SER R 360 40.84 71.61 -28.53
CA SER R 360 41.05 70.57 -27.52
C SER R 360 42.33 69.79 -27.79
N VAL R 361 42.57 69.42 -29.04
CA VAL R 361 43.81 68.73 -29.39
C VAL R 361 45.01 69.62 -29.12
N LEU R 362 44.87 70.92 -29.41
CA LEU R 362 45.96 71.85 -29.17
C LEU R 362 46.34 71.88 -27.71
N LEU R 363 45.34 71.89 -26.82
CA LEU R 363 45.62 71.88 -25.39
C LEU R 363 46.33 70.62 -24.98
N GLN R 364 45.91 69.47 -25.52
CA GLN R 364 46.54 68.21 -25.15
C GLN R 364 48.01 68.18 -25.52
N ARG R 365 48.35 68.68 -26.71
CA ARG R 365 49.72 68.62 -27.21
C ARG R 365 50.55 69.81 -26.79
N ILE R 366 50.08 70.60 -25.82
CA ILE R 366 50.87 71.67 -25.25
C ILE R 366 50.97 71.58 -23.73
N SER R 367 50.05 70.91 -23.07
CA SER R 367 50.05 70.94 -21.63
C SER R 367 51.08 69.98 -21.07
N PRO R 368 51.78 70.35 -20.00
CA PRO R 368 52.68 69.40 -19.34
C PRO R 368 51.94 68.29 -18.60
N LEU R 369 50.65 68.42 -18.39
CA LEU R 369 49.91 67.42 -17.65
C LEU R 369 49.79 66.13 -18.46
N GLN R 370 50.00 65.01 -17.79
CA GLN R 370 49.80 63.69 -18.37
C GLN R 370 48.73 62.97 -17.59
N ILE R 371 47.83 62.30 -18.30
CA ILE R 371 46.73 61.57 -17.68
C ILE R 371 47.13 60.10 -17.70
N ASP R 372 47.35 59.54 -16.51
CA ASP R 372 47.79 58.15 -16.39
C ASP R 372 46.76 57.40 -15.56
N PRO R 373 45.85 56.66 -16.20
CA PRO R 373 44.78 56.00 -15.42
C PRO R 373 45.29 54.98 -14.41
N THR R 374 46.50 54.47 -14.59
CA THR R 374 46.98 53.42 -13.70
C THR R 374 47.15 53.92 -12.27
N ILE R 375 47.23 55.24 -12.06
CA ILE R 375 47.28 55.77 -10.71
C ILE R 375 46.07 55.32 -9.91
N ILE R 376 44.90 55.35 -10.54
CA ILE R 376 43.70 54.81 -9.89
C ILE R 376 43.84 53.31 -9.70
N SER R 377 44.33 52.62 -10.73
CA SER R 377 44.33 51.16 -10.69
C SER R 377 45.22 50.62 -9.57
N ASN R 378 46.48 51.07 -9.50
CA ASN R 378 47.39 50.46 -8.55
C ASN R 378 47.04 50.84 -7.12
N THR R 379 46.48 52.04 -6.93
CA THR R 379 46.14 52.47 -5.58
C THR R 379 44.95 51.71 -5.00
N MET R 380 44.24 50.92 -5.80
CA MET R 380 43.22 50.07 -5.23
C MET R 380 43.87 48.81 -4.66
N SER R 381 44.43 47.97 -5.54
CA SER R 381 45.25 46.82 -5.17
C SER R 381 44.68 46.07 -3.96
N THR R 382 43.36 46.04 -3.87
CA THR R 382 42.66 45.37 -2.78
C THR R 382 41.42 44.70 -3.35
N VAL R 383 41.01 43.60 -2.74
CA VAL R 383 39.89 42.82 -3.24
C VAL R 383 39.27 42.02 -2.09
N SER R 384 37.96 41.91 -2.12
CA SER R 384 37.24 41.18 -1.08
C SER R 384 37.37 39.68 -1.31
N GLU R 385 37.08 38.91 -0.26
CA GLU R 385 37.31 37.48 -0.29
C GLU R 385 36.21 36.76 -1.07
N SER R 386 36.46 35.48 -1.36
CA SER R 386 35.58 34.63 -2.21
C SER R 386 34.27 34.02 -1.70
N THR R 387 34.24 33.53 -0.47
CA THR R 387 33.04 32.91 0.11
C THR R 387 31.86 33.88 0.17
N THR R 388 32.13 35.15 0.47
CA THR R 388 31.10 36.19 0.55
C THR R 388 30.58 36.58 -0.85
N GLN R 389 29.49 37.32 -0.86
CA GLN R 389 28.87 37.73 -2.12
C GLN R 389 29.84 38.50 -3.01
N THR R 390 29.70 38.27 -4.30
CA THR R 390 30.60 38.84 -5.31
C THR R 390 30.66 40.35 -5.30
N LEU R 391 29.53 41.02 -5.05
CA LEU R 391 29.55 42.47 -5.03
C LEU R 391 30.52 42.94 -3.95
N SER R 392 31.34 43.92 -4.30
CA SER R 392 32.34 44.49 -3.41
C SER R 392 32.50 45.93 -3.85
N PRO R 393 32.78 46.84 -2.91
CA PRO R 393 32.87 48.23 -3.40
C PRO R 393 34.12 48.51 -4.23
N ALA R 394 35.25 47.93 -3.86
CA ALA R 394 36.49 48.23 -4.58
C ALA R 394 36.42 47.77 -6.01
N SER R 395 35.89 46.57 -6.26
CA SER R 395 35.78 46.08 -7.62
C SER R 395 34.73 46.86 -8.39
N SER R 396 33.64 47.25 -7.72
CA SER R 396 32.53 47.90 -8.42
C SER R 396 32.95 49.24 -9.01
N ILE R 397 33.71 50.04 -8.26
CA ILE R 397 34.06 51.37 -8.75
C ILE R 397 34.99 51.27 -9.95
N LEU R 398 35.89 50.28 -9.96
CA LEU R 398 36.80 50.13 -11.09
C LEU R 398 36.04 49.85 -12.37
N GLY R 399 35.01 49.00 -12.30
CA GLY R 399 34.20 48.75 -13.48
C GLY R 399 33.53 50.00 -13.99
N LYS R 400 33.04 50.84 -13.08
CA LYS R 400 32.41 52.09 -13.50
C LYS R 400 33.42 53.01 -14.17
N LEU R 401 34.64 53.07 -13.64
CA LEU R 401 35.64 53.98 -14.19
C LEU R 401 36.16 53.51 -15.54
N ARG R 402 36.38 52.20 -15.65
CA ARG R 402 36.95 51.57 -16.86
C ARG R 402 38.29 52.24 -17.17
N PRO R 403 39.32 52.04 -16.31
CA PRO R 403 40.61 52.72 -16.49
C PRO R 403 41.29 52.39 -17.81
N SER R 404 41.02 51.19 -18.34
CA SER R 404 41.66 50.77 -19.60
C SER R 404 41.44 51.74 -20.75
N ASN R 405 40.23 52.28 -20.87
CA ASN R 405 39.94 53.24 -21.92
C ASN R 405 40.82 54.47 -21.77
N SER R 406 41.39 54.94 -22.89
CA SER R 406 42.37 56.01 -22.87
C SER R 406 41.91 57.25 -23.63
N ASP R 407 40.61 57.51 -23.69
CA ASP R 407 40.09 58.69 -24.36
C ASP R 407 39.70 59.73 -23.32
N PHE R 408 40.13 60.98 -23.54
CA PHE R 408 39.86 62.06 -22.60
C PHE R 408 39.49 63.34 -23.33
N SER R 409 38.94 63.21 -24.53
CA SER R 409 38.45 64.37 -25.26
C SER R 409 37.42 65.13 -24.43
N SER R 410 36.60 64.40 -23.68
CA SER R 410 35.61 65.06 -22.84
C SER R 410 36.26 66.04 -21.88
N PHE R 411 37.35 65.63 -21.23
CA PHE R 411 38.08 66.54 -20.36
C PHE R 411 38.69 67.68 -21.16
N ARG R 412 39.37 67.34 -22.27
CA ARG R 412 40.07 68.38 -23.03
C ARG R 412 39.10 69.40 -23.60
N VAL R 413 37.96 68.93 -24.12
CA VAL R 413 36.98 69.86 -24.69
C VAL R 413 36.40 70.75 -23.61
N ALA R 414 36.16 70.18 -22.43
CA ALA R 414 35.54 70.93 -21.35
C ALA R 414 36.28 72.22 -21.06
N LEU R 415 37.62 72.19 -21.10
CA LEU R 415 38.38 73.42 -20.94
C LEU R 415 38.10 74.39 -22.08
N ALA R 416 38.08 73.89 -23.32
CA ALA R 416 37.86 74.77 -24.45
C ALA R 416 36.48 75.40 -24.43
N GLY R 417 35.53 74.75 -23.76
CA GLY R 417 34.19 75.30 -23.71
C GLY R 417 34.11 76.63 -23.01
N TRP R 418 35.02 76.88 -22.07
CA TRP R 418 34.99 78.12 -21.30
C TRP R 418 35.16 79.35 -22.17
N LEU R 419 35.91 79.24 -23.27
CA LEU R 419 36.18 80.40 -24.12
C LEU R 419 34.98 80.80 -24.95
N TYR R 420 34.01 79.91 -25.14
CA TYR R 420 32.88 80.21 -25.99
C TYR R 420 31.58 79.97 -25.25
N ASN R 421 31.50 80.48 -24.02
CA ASN R 421 30.31 80.36 -23.20
C ASN R 421 29.06 80.89 -23.89
N GLY R 422 29.18 81.94 -24.68
CA GLY R 422 28.01 82.60 -25.22
C GLY R 422 27.38 81.93 -26.41
N VAL R 423 28.02 80.88 -26.94
CA VAL R 423 27.49 80.17 -28.08
C VAL R 423 27.35 78.67 -27.85
N VAL R 424 28.11 78.09 -26.93
CA VAL R 424 28.06 76.65 -26.68
C VAL R 424 27.91 76.44 -25.18
N THR R 425 26.99 75.56 -24.80
CA THR R 425 26.73 75.24 -23.41
C THR R 425 27.11 73.79 -23.17
N THR R 426 28.14 73.56 -22.37
CA THR R 426 28.56 72.20 -22.05
C THR R 426 27.74 71.66 -20.89
N VAL R 427 27.19 70.46 -21.09
CA VAL R 427 26.36 69.78 -20.10
C VAL R 427 26.82 68.33 -20.01
N ILE R 428 26.38 67.66 -18.96
CA ILE R 428 26.65 66.24 -18.78
C ILE R 428 25.55 65.43 -19.44
N ASP R 429 25.93 64.46 -20.26
CA ASP R 429 24.95 63.64 -20.96
C ASP R 429 24.08 62.90 -19.96
N ASP R 430 22.79 62.79 -20.30
CA ASP R 430 21.84 62.19 -19.38
C ASP R 430 22.15 60.72 -19.11
N SER R 431 22.87 60.06 -20.02
CA SER R 431 23.23 58.67 -19.80
C SER R 431 24.12 58.50 -18.57
N SER R 432 24.81 59.55 -18.15
CA SER R 432 25.66 59.47 -16.97
C SER R 432 24.87 59.43 -15.67
N TYR R 433 23.64 59.89 -15.67
CA TYR R 433 22.81 59.89 -14.47
C TYR R 433 22.40 58.47 -14.12
N PRO R 434 22.07 58.22 -12.85
CA PRO R 434 21.69 56.86 -12.44
C PRO R 434 20.45 56.38 -13.19
N LYS R 435 20.41 55.08 -13.44
CA LYS R 435 19.29 54.48 -14.15
C LYS R 435 18.00 54.66 -13.37
N ASP R 436 16.99 55.22 -14.04
CA ASP R 436 15.66 55.43 -13.46
C ASP R 436 15.72 56.23 -12.16
N GLY R 437 16.61 57.20 -12.08
CA GLY R 437 16.74 57.98 -10.87
C GLY R 437 17.66 57.34 -9.86
N GLY R 438 17.66 56.02 -9.80
CA GLY R 438 18.52 55.29 -8.90
C GLY R 438 17.98 55.27 -7.48
N SER R 439 18.78 54.68 -6.59
CA SER R 439 18.40 54.59 -5.18
C SER R 439 19.66 54.45 -4.36
N VAL R 440 19.60 54.86 -3.09
CA VAL R 440 20.75 54.80 -2.21
C VAL R 440 20.94 53.36 -1.74
N THR R 441 19.96 52.50 -2.00
CA THR R 441 20.06 51.10 -1.62
C THR R 441 20.94 50.29 -2.55
N SER R 442 21.36 50.87 -3.67
CA SER R 442 22.17 50.17 -4.65
C SER R 442 23.62 50.65 -4.55
N LEU R 443 24.53 49.70 -4.38
CA LEU R 443 25.95 50.04 -4.33
C LEU R 443 26.40 50.67 -5.64
N GLU R 444 25.90 50.15 -6.75
CA GLU R 444 26.28 50.68 -8.06
C GLU R 444 25.85 52.13 -8.21
N ASN R 445 24.63 52.46 -7.77
CA ASN R 445 24.12 53.81 -7.95
C ASN R 445 24.91 54.82 -7.13
N LEU R 446 25.45 54.40 -5.98
CA LEU R 446 26.25 55.31 -5.17
C LEU R 446 27.46 55.81 -5.95
N TRP R 447 28.15 54.92 -6.64
CA TRP R 447 29.31 55.33 -7.43
C TRP R 447 28.89 56.25 -8.56
N ASP R 448 27.71 56.03 -9.13
CA ASP R 448 27.21 56.94 -10.16
C ASP R 448 27.07 58.35 -9.60
N PHE R 449 26.57 58.47 -8.37
CA PHE R 449 26.48 59.78 -7.74
C PHE R 449 27.87 60.40 -7.57
N PHE R 450 28.82 59.60 -7.11
CA PHE R 450 30.16 60.11 -6.84
C PHE R 450 30.82 60.66 -8.09
N ILE R 451 30.81 59.89 -9.17
CA ILE R 451 31.44 60.29 -10.41
C ILE R 451 30.78 61.55 -10.93
N LEU R 452 29.45 61.55 -10.93
CA LEU R 452 28.69 62.66 -11.49
C LEU R 452 28.88 63.93 -10.67
N ALA R 453 28.79 63.80 -9.35
CA ALA R 453 28.91 64.98 -8.49
C ALA R 453 30.28 65.62 -8.62
N LEU R 454 31.33 64.81 -8.71
CA LEU R 454 32.68 65.33 -8.74
C LEU R 454 33.02 66.01 -10.06
N ALA R 455 32.25 65.76 -11.11
CA ALA R 455 32.57 66.27 -12.44
C ALA R 455 31.76 67.49 -12.85
N LEU R 456 30.62 67.73 -12.20
CA LEU R 456 29.73 68.82 -12.58
C LEU R 456 30.39 70.20 -12.57
N PRO R 457 31.21 70.57 -11.57
CA PRO R 457 31.72 71.95 -11.52
C PRO R 457 32.51 72.39 -12.74
N LEU R 458 32.94 71.45 -13.57
CA LEU R 458 33.75 71.77 -14.73
C LEU R 458 32.93 72.21 -15.95
N THR R 459 31.61 72.03 -15.91
CA THR R 459 30.78 72.39 -17.05
C THR R 459 30.33 73.84 -16.96
N THR R 460 29.99 74.41 -18.13
CA THR R 460 29.54 75.79 -18.18
C THR R 460 28.05 75.93 -17.94
N ASP R 461 27.36 74.84 -17.63
CA ASP R 461 25.92 74.88 -17.40
C ASP R 461 25.63 75.76 -16.19
N PRO R 462 24.82 76.81 -16.36
CA PRO R 462 24.46 77.66 -15.21
C PRO R 462 23.61 76.94 -14.18
N CYS R 463 22.96 75.85 -14.55
CA CYS R 463 22.10 75.11 -13.62
C CYS R 463 22.81 73.90 -13.01
N ALA R 464 24.13 73.87 -13.08
CA ALA R 464 24.89 72.73 -12.58
C ALA R 464 24.68 72.45 -11.09
N PRO R 465 24.75 73.46 -10.20
CA PRO R 465 24.57 73.17 -8.78
C PRO R 465 23.24 72.53 -8.45
N VAL R 466 22.17 73.00 -9.11
CA VAL R 466 20.85 72.45 -8.85
C VAL R 466 20.80 70.98 -9.27
N LYS R 467 21.37 70.67 -10.42
CA LYS R 467 21.43 69.28 -10.85
C LYS R 467 22.22 68.44 -9.86
N ALA R 468 23.33 68.98 -9.35
CA ALA R 468 24.10 68.24 -8.35
C ALA R 468 23.30 68.00 -7.08
N PHE R 469 22.43 68.95 -6.71
CA PHE R 469 21.63 68.78 -5.51
C PHE R 469 20.53 67.75 -5.73
N MET R 470 19.73 67.93 -6.78
CA MET R 470 18.53 67.13 -6.98
C MET R 470 18.86 65.66 -7.19
N THR R 471 19.96 65.37 -7.88
CA THR R 471 20.30 63.98 -8.19
C THR R 471 20.47 63.15 -6.92
N LEU R 472 20.90 63.78 -5.83
CA LEU R 472 20.96 63.07 -4.56
C LEU R 472 19.57 62.93 -3.95
N ALA R 473 18.74 63.96 -4.09
CA ALA R 473 17.37 63.88 -3.60
C ALA R 473 16.60 62.79 -4.31
N ASN R 474 16.79 62.66 -5.62
CA ASN R 474 16.11 61.61 -6.38
C ASN R 474 16.46 60.23 -5.82
N MET R 475 17.74 59.99 -5.57
CA MET R 475 18.16 58.72 -5.01
C MET R 475 17.65 58.51 -3.60
N MET R 476 17.28 59.57 -2.92
CA MET R 476 16.99 59.51 -1.50
C MET R 476 15.51 59.29 -1.20
N VAL R 477 14.67 59.21 -2.22
CA VAL R 477 13.22 59.08 -2.05
C VAL R 477 12.89 57.83 -1.24
N GLY R 478 11.98 57.97 -0.27
CA GLY R 478 11.56 56.87 0.55
C GLY R 478 12.29 56.74 1.87
N PHE R 479 13.39 57.46 2.06
CA PHE R 479 14.12 57.42 3.30
C PHE R 479 14.14 58.81 3.93
N GLU R 480 14.09 59.82 3.09
CA GLU R 480 14.26 61.19 3.49
C GLU R 480 13.42 62.09 2.59
N THR R 481 12.60 62.93 3.22
CA THR R 481 11.62 63.71 2.47
C THR R 481 11.83 65.19 2.75
N ILE R 482 11.63 66.00 1.71
CA ILE R 482 11.76 67.45 1.84
C ILE R 482 10.47 68.10 1.36
N PRO R 483 10.14 69.29 1.83
CA PRO R 483 8.92 69.95 1.34
C PRO R 483 9.10 70.50 -0.06
N MET R 484 8.07 70.36 -0.89
CA MET R 484 8.11 70.89 -2.25
C MET R 484 7.00 71.91 -2.45
N ASP R 485 7.38 73.08 -2.95
CA ASP R 485 6.43 74.16 -3.16
C ASP R 485 5.40 73.86 -4.24
N ASN R 486 5.82 73.24 -5.34
CA ASN R 486 4.97 73.01 -6.50
C ASN R 486 4.17 71.74 -6.30
N GLN R 487 2.86 71.82 -6.52
CA GLN R 487 2.00 70.66 -6.40
C GLN R 487 2.05 69.76 -7.62
N ILE R 488 2.72 70.18 -8.69
CA ILE R 488 2.96 69.31 -9.84
C ILE R 488 4.27 68.59 -9.66
N TYR R 489 5.35 69.34 -9.48
CA TYR R 489 6.67 68.73 -9.33
C TYR R 489 6.82 68.11 -7.95
N THR R 490 7.31 66.88 -7.92
CA THR R 490 7.56 66.18 -6.68
C THR R 490 9.07 66.08 -6.46
N GLN R 491 9.47 65.39 -5.40
CA GLN R 491 10.88 65.09 -5.18
C GLN R 491 11.42 64.12 -6.22
N SER R 492 10.56 63.33 -6.84
CA SER R 492 10.99 62.31 -7.79
C SER R 492 11.24 62.86 -9.18
N ARG R 493 11.14 64.17 -9.37
CA ARG R 493 11.42 64.77 -10.66
C ARG R 493 12.83 64.43 -11.11
N ARG R 494 13.12 64.27 -12.39
CA ARG R 494 14.40 63.79 -12.83
C ARG R 494 15.28 64.90 -12.70
N ALA R 495 16.46 64.49 -12.37
CA ALA R 495 17.43 65.53 -12.08
C ALA R 495 17.86 66.27 -13.34
N SER R 496 18.02 65.55 -14.45
CA SER R 496 18.55 66.14 -15.67
C SER R 496 17.58 67.13 -16.28
N ALA R 497 16.34 67.16 -15.80
CA ALA R 497 15.35 68.08 -16.31
C ALA R 497 15.53 69.50 -15.80
N PHE R 498 16.26 69.71 -14.72
CA PHE R 498 16.48 71.05 -14.16
C PHE R 498 17.54 71.76 -14.99
N SER R 499 17.15 72.18 -16.18
CA SER R 499 18.08 72.78 -17.13
C SER R 499 17.98 74.29 -17.20
N THR R 500 16.93 74.89 -16.66
CA THR R 500 16.68 76.31 -16.80
C THR R 500 16.52 76.96 -15.44
N PRO R 501 16.82 78.26 -15.33
CA PRO R 501 16.76 78.91 -14.01
C PRO R 501 15.39 78.88 -13.36
N HIS R 502 14.32 78.91 -14.14
CA HIS R 502 12.99 78.97 -13.55
C HIS R 502 12.60 77.66 -12.88
N THR R 503 13.43 76.63 -12.97
CA THR R 503 13.13 75.35 -12.36
C THR R 503 13.72 75.18 -10.96
N TRP R 504 14.44 76.16 -10.46
CA TRP R 504 15.14 75.99 -9.20
C TRP R 504 14.14 75.97 -8.04
N PRO R 505 14.10 74.90 -7.25
CA PRO R 505 13.12 74.82 -6.18
C PRO R 505 13.44 75.80 -5.05
N ARG R 506 12.39 76.28 -4.38
CA ARG R 506 12.60 77.17 -3.25
C ARG R 506 13.31 76.44 -2.11
N CYS R 507 13.08 75.14 -1.99
CA CYS R 507 13.74 74.38 -0.94
C CYS R 507 15.25 74.32 -1.13
N PHE R 508 15.76 74.68 -2.30
CA PHE R 508 17.19 74.67 -2.54
C PHE R 508 17.87 75.98 -2.16
N MET R 509 17.24 77.13 -2.41
CA MET R 509 17.90 78.38 -2.09
C MET R 509 17.68 78.79 -0.64
N ASN R 510 16.58 78.39 -0.03
CA ASN R 510 16.30 78.69 1.37
C ASN R 510 16.52 77.41 2.16
N ILE R 511 17.72 77.27 2.72
CA ILE R 511 18.15 76.06 3.42
C ILE R 511 17.27 75.79 4.63
N GLN R 512 16.81 76.86 5.28
CA GLN R 512 16.06 76.71 6.52
C GLN R 512 14.80 75.88 6.34
N LEU R 513 14.30 75.78 5.11
CA LEU R 513 13.13 74.96 4.84
C LEU R 513 13.40 73.47 4.98
N ILE R 514 14.64 73.03 4.82
CA ILE R 514 14.99 71.62 4.95
C ILE R 514 15.16 71.31 6.42
N SER R 515 14.33 70.43 6.95
CA SER R 515 14.39 70.10 8.36
C SER R 515 15.61 69.24 8.66
N PRO R 516 16.50 69.66 9.56
CA PRO R 516 17.65 68.82 9.90
C PRO R 516 17.28 67.50 10.53
N ILE R 517 16.08 67.38 11.07
CA ILE R 517 15.58 66.12 11.61
C ILE R 517 14.97 65.25 10.52
N ASP R 518 14.17 65.85 9.64
CA ASP R 518 13.53 65.09 8.57
C ASP R 518 14.48 64.82 7.42
N ALA R 519 15.55 65.60 7.28
CA ALA R 519 16.41 65.52 6.10
C ALA R 519 17.84 65.91 6.46
N PRO R 520 18.50 65.11 7.30
CA PRO R 520 19.87 65.47 7.71
C PRO R 520 20.86 65.44 6.56
N ILE R 521 20.88 64.36 5.78
CA ILE R 521 21.86 64.22 4.72
C ILE R 521 21.66 65.29 3.65
N LEU R 522 20.40 65.51 3.26
CA LEU R 522 20.13 66.51 2.25
C LEU R 522 20.45 67.91 2.75
N ARG R 523 20.19 68.17 4.03
CA ARG R 523 20.58 69.46 4.61
C ARG R 523 22.08 69.65 4.51
N GLN R 524 22.85 68.63 4.89
CA GLN R 524 24.31 68.73 4.79
C GLN R 524 24.73 68.95 3.35
N TRP R 525 24.11 68.24 2.41
CA TRP R 525 24.50 68.35 1.01
C TRP R 525 24.24 69.74 0.46
N ALA R 526 23.07 70.30 0.75
CA ALA R 526 22.76 71.66 0.30
C ALA R 526 23.71 72.67 0.92
N GLU R 527 24.00 72.51 2.21
CA GLU R 527 24.93 73.42 2.86
C GLU R 527 26.31 73.34 2.22
N ILE R 528 26.77 72.13 1.93
CA ILE R 528 28.06 71.95 1.26
C ILE R 528 28.05 72.63 -0.10
N ILE R 529 26.95 72.48 -0.85
CA ILE R 529 26.90 73.06 -2.19
C ILE R 529 27.00 74.58 -2.11
N HIS R 530 26.24 75.19 -1.20
CA HIS R 530 26.33 76.65 -1.06
C HIS R 530 27.71 77.09 -0.60
N ARG R 531 28.31 76.36 0.33
CA ARG R 531 29.53 76.87 0.94
C ARG R 531 30.78 76.63 0.11
N TYR R 532 30.90 75.47 -0.53
CA TYR R 532 32.17 75.08 -1.14
C TYR R 532 32.12 74.90 -2.64
N TRP R 533 31.04 75.26 -3.31
CA TRP R 533 31.05 75.22 -4.76
C TRP R 533 32.04 76.25 -5.29
N PRO R 534 32.74 75.96 -6.39
CA PRO R 534 33.81 76.86 -6.85
C PRO R 534 33.36 78.30 -7.12
N ASN R 535 34.32 79.22 -7.14
CA ASN R 535 34.05 80.64 -7.31
C ASN R 535 34.69 81.13 -8.60
N PRO R 536 33.95 81.82 -9.47
CA PRO R 536 34.54 82.30 -10.72
C PRO R 536 35.56 83.41 -10.48
N SER R 537 36.36 83.67 -11.50
CA SER R 537 37.41 84.68 -11.42
C SER R 537 37.72 85.15 -12.84
N GLN R 538 38.68 86.07 -12.94
CA GLN R 538 39.06 86.67 -14.21
C GLN R 538 40.55 86.46 -14.44
N ILE R 539 41.00 86.89 -15.62
CA ILE R 539 42.42 86.86 -15.95
C ILE R 539 42.70 87.87 -17.05
N ARG R 540 43.89 88.43 -17.02
CA ARG R 540 44.36 89.43 -17.98
C ARG R 540 45.04 88.74 -19.15
N TYR R 541 44.65 89.12 -20.37
CA TYR R 541 45.26 88.48 -21.53
C TYR R 541 45.40 89.49 -22.65
N GLY R 542 46.11 89.07 -23.70
CA GLY R 542 46.15 89.82 -24.93
C GLY R 542 46.98 91.09 -24.83
N ALA R 543 46.97 91.84 -25.93
CA ALA R 543 47.68 93.11 -26.03
C ALA R 543 46.70 94.14 -26.58
N PRO R 544 45.76 94.58 -25.76
CA PRO R 544 44.65 95.41 -26.27
C PRO R 544 45.11 96.67 -26.99
N ASN R 545 46.08 97.39 -26.43
CA ASN R 545 46.46 98.68 -26.97
C ASN R 545 47.00 98.61 -28.39
N VAL R 546 47.35 97.41 -28.87
CA VAL R 546 47.84 97.23 -30.23
C VAL R 546 46.87 96.40 -31.07
N PHE R 547 46.34 95.31 -30.50
CA PHE R 547 45.51 94.40 -31.27
C PHE R 547 44.02 94.68 -31.17
N GLY R 548 43.61 95.76 -30.52
CA GLY R 548 42.19 95.86 -30.30
C GLY R 548 41.74 94.77 -29.34
N SER R 549 40.43 94.59 -29.28
CA SER R 549 39.85 93.50 -28.50
C SER R 549 38.40 93.34 -28.92
N ALA R 550 38.03 92.13 -29.30
CA ALA R 550 36.70 91.85 -29.79
C ALA R 550 35.73 91.43 -28.68
N ASN R 551 36.10 91.67 -27.42
CA ASN R 551 35.19 91.38 -26.33
C ASN R 551 33.94 92.25 -26.44
N LEU R 552 32.79 91.66 -26.14
CA LEU R 552 31.51 92.34 -26.26
C LEU R 552 30.88 92.65 -24.91
N PHE R 553 30.69 91.63 -24.07
CA PHE R 553 30.03 91.82 -22.79
C PHE R 553 31.01 91.94 -21.63
N THR R 554 32.31 92.00 -21.91
CA THR R 554 33.34 92.09 -20.90
C THR R 554 34.31 93.21 -21.22
N PRO R 555 35.03 93.73 -20.24
CA PRO R 555 36.05 94.72 -20.53
C PRO R 555 37.09 94.13 -21.46
N PRO R 556 37.70 94.96 -22.32
CA PRO R 556 38.49 94.42 -23.44
C PRO R 556 39.71 93.60 -23.03
N GLU R 557 40.21 93.77 -21.81
CA GLU R 557 41.41 93.04 -21.40
C GLU R 557 41.10 91.76 -20.63
N VAL R 558 39.85 91.50 -20.30
CA VAL R 558 39.49 90.46 -19.34
C VAL R 558 39.14 89.18 -20.07
N LEU R 559 39.39 88.06 -19.40
CA LEU R 559 39.01 86.74 -19.88
C LEU R 559 38.40 85.99 -18.70
N LEU R 560 37.11 85.71 -18.77
CA LEU R 560 36.41 85.14 -17.62
C LEU R 560 36.77 83.67 -17.44
N LEU R 561 36.68 83.22 -16.19
CA LEU R 561 36.91 81.83 -15.84
C LEU R 561 35.88 81.37 -14.82
N PRO R 562 35.44 80.12 -14.89
CA PRO R 562 34.57 79.57 -13.85
C PRO R 562 35.29 79.09 -12.61
N ILE R 563 36.61 79.17 -12.57
CA ILE R 563 37.42 78.68 -11.46
C ILE R 563 38.40 79.78 -11.07
N ASP R 564 38.65 79.89 -9.77
CA ASP R 564 39.64 80.83 -9.27
C ASP R 564 41.03 80.36 -9.66
N HIS R 565 41.90 81.32 -10.00
CA HIS R 565 43.25 81.03 -10.44
C HIS R 565 44.26 81.59 -9.46
N GLN R 566 45.45 81.00 -9.46
CA GLN R 566 46.53 81.35 -8.55
C GLN R 566 47.83 81.43 -9.31
N PRO R 567 48.84 82.11 -8.75
CA PRO R 567 50.15 82.13 -9.40
C PRO R 567 50.75 80.74 -9.49
N ALA R 568 51.52 80.52 -10.55
CA ALA R 568 52.05 79.19 -10.84
C ALA R 568 53.18 78.85 -9.88
N ASN R 569 53.11 77.67 -9.28
CA ASN R 569 54.15 77.17 -8.38
C ASN R 569 54.08 75.66 -8.31
N VAL R 570 55.06 74.98 -8.90
CA VAL R 570 55.04 73.52 -8.93
C VAL R 570 55.41 72.88 -7.60
N THR R 571 55.80 73.66 -6.61
CA THR R 571 56.17 73.11 -5.31
C THR R 571 55.00 73.01 -4.35
N THR R 572 53.79 73.34 -4.80
CA THR R 572 52.60 73.32 -3.97
C THR R 572 52.32 71.91 -3.47
N PRO R 573 51.95 71.75 -2.21
CA PRO R 573 51.56 70.41 -1.73
C PRO R 573 50.32 69.92 -2.44
N THR R 574 50.26 68.59 -2.63
CA THR R 574 49.11 68.01 -3.29
C THR R 574 47.86 68.09 -2.43
N LEU R 575 47.95 67.72 -1.17
CA LEU R 575 46.82 67.79 -0.24
C LEU R 575 46.75 69.18 0.37
N ASP R 576 46.49 70.15 -0.50
CA ASP R 576 46.33 71.54 -0.11
C ASP R 576 44.85 71.86 -0.23
N PHE R 577 44.17 71.89 0.90
CA PHE R 577 42.73 72.11 0.89
C PHE R 577 42.36 73.52 0.57
N THR R 578 43.34 74.41 0.48
CA THR R 578 43.11 75.74 -0.04
C THR R 578 42.61 75.72 -1.48
N ASN R 579 43.16 74.84 -2.31
CA ASN R 579 42.68 74.67 -3.68
C ASN R 579 41.21 74.28 -3.64
N GLU R 580 40.39 74.98 -4.44
CA GLU R 580 38.95 74.77 -4.38
C GLU R 580 38.56 73.37 -4.84
N LEU R 581 39.17 72.91 -5.93
CA LEU R 581 38.80 71.61 -6.46
C LEU R 581 39.17 70.49 -5.49
N THR R 582 40.36 70.55 -4.92
CA THR R 582 40.75 69.54 -3.93
C THR R 582 39.84 69.60 -2.72
N ASN R 583 39.51 70.82 -2.27
CA ASN R 583 38.56 70.97 -1.18
C ASN R 583 37.21 70.37 -1.55
N TRP R 584 36.78 70.58 -2.79
CA TRP R 584 35.52 70.00 -3.25
C TRP R 584 35.56 68.48 -3.19
N ARG R 585 36.68 67.88 -3.60
CA ARG R 585 36.80 66.43 -3.61
C ARG R 585 36.67 65.87 -2.19
N ALA R 586 37.34 66.51 -1.23
CA ALA R 586 37.31 66.03 0.14
C ALA R 586 35.90 66.10 0.70
N ARG R 587 35.20 67.20 0.42
CA ARG R 587 33.86 67.40 0.97
C ARG R 587 32.90 66.34 0.46
N VAL R 588 32.95 66.04 -0.84
CA VAL R 588 32.07 65.01 -1.38
C VAL R 588 32.37 63.65 -0.76
N CYS R 589 33.64 63.30 -0.65
CA CYS R 589 34.01 62.02 -0.06
C CYS R 589 33.56 61.96 1.39
N GLU R 590 33.67 63.07 2.12
CA GLU R 590 33.22 63.09 3.50
C GLU R 590 31.73 62.85 3.62
N LEU R 591 30.95 63.44 2.71
CA LEU R 591 29.50 63.28 2.78
C LEU R 591 29.10 61.83 2.60
N MET R 592 29.60 61.19 1.54
CA MET R 592 29.24 59.80 1.26
C MET R 592 29.61 58.91 2.43
N LYS R 593 30.71 59.24 3.11
CA LYS R 593 31.13 58.49 4.28
C LYS R 593 30.07 58.57 5.37
N ASN R 594 29.51 59.76 5.59
CA ASN R 594 28.42 59.91 6.53
C ASN R 594 27.19 59.15 6.07
N LEU R 595 26.94 59.14 4.76
CA LEU R 595 25.75 58.49 4.24
C LEU R 595 25.76 56.99 4.51
N VAL R 596 26.91 56.35 4.30
CA VAL R 596 26.99 54.89 4.40
C VAL R 596 27.36 54.45 5.81
N ASP R 597 27.62 55.39 6.72
CA ASP R 597 28.28 55.07 7.99
C ASP R 597 27.43 54.10 8.83
N ASN R 598 26.18 54.43 9.06
CA ASN R 598 25.38 53.63 9.98
C ASN R 598 24.48 52.62 9.29
N GLN R 599 24.54 52.52 7.97
CA GLN R 599 23.72 51.58 7.20
C GLN R 599 22.23 51.84 7.47
N ARG R 600 21.87 53.08 7.72
CA ARG R 600 20.46 53.41 7.88
C ARG R 600 19.73 53.43 6.55
N TYR R 601 20.43 53.70 5.46
CA TYR R 601 19.81 53.91 4.16
C TYR R 601 19.97 52.72 3.23
N GLN R 602 20.70 51.68 3.64
CA GLN R 602 20.94 50.52 2.78
C GLN R 602 20.60 49.24 3.52
N PRO R 603 19.31 48.95 3.66
CA PRO R 603 18.91 47.62 4.13
C PRO R 603 19.11 46.59 3.04
N GLY R 604 18.99 45.31 3.38
CA GLY R 604 19.14 44.28 2.37
C GLY R 604 20.58 43.96 2.04
N TRP R 605 21.51 44.56 2.77
CA TRP R 605 22.92 44.19 2.68
C TRP R 605 23.18 43.19 3.80
N THR R 606 23.59 41.98 3.43
CA THR R 606 23.74 40.91 4.40
C THR R 606 24.96 41.14 5.30
N GLN R 607 26.06 41.59 4.72
CA GLN R 607 27.27 41.89 5.49
C GLN R 607 27.49 43.39 5.58
N SER R 608 28.08 43.82 6.68
CA SER R 608 28.41 45.23 6.87
C SER R 608 29.55 45.61 5.94
N LEU R 609 29.32 46.58 5.07
CA LEU R 609 30.32 47.04 4.13
C LEU R 609 30.93 48.38 4.52
N VAL R 610 30.71 48.84 5.75
CA VAL R 610 31.20 50.16 6.14
C VAL R 610 32.72 50.21 6.09
N SER R 611 33.36 49.15 6.60
CA SER R 611 34.82 49.10 6.59
C SER R 611 35.36 49.13 5.17
N SER R 612 34.73 48.38 4.27
CA SER R 612 35.18 48.35 2.89
C SER R 612 34.90 49.67 2.19
N MET R 613 33.68 50.20 2.35
CA MET R 613 33.32 51.45 1.68
C MET R 613 34.17 52.61 2.17
N ARG R 614 34.34 52.73 3.48
CA ARG R 614 35.11 53.84 4.04
C ARG R 614 36.55 53.76 3.58
N GLY R 615 37.13 52.55 3.56
CA GLY R 615 38.48 52.40 3.08
C GLY R 615 38.64 52.84 1.64
N THR R 616 37.69 52.43 0.79
CA THR R 616 37.73 52.85 -0.60
C THR R 616 37.59 54.35 -0.74
N LEU R 617 36.64 54.94 0.00
CA LEU R 617 36.43 56.38 -0.08
C LEU R 617 37.67 57.15 0.39
N ASP R 618 38.32 56.68 1.46
CA ASP R 618 39.49 57.36 1.96
C ASP R 618 40.60 57.39 0.92
N LYS R 619 40.78 56.28 0.20
CA LYS R 619 41.79 56.26 -0.85
C LYS R 619 41.49 57.27 -1.94
N LEU R 620 40.22 57.39 -2.33
CA LEU R 620 39.84 58.40 -3.30
C LEU R 620 39.99 59.81 -2.75
N LYS R 621 39.66 60.01 -1.48
CA LYS R 621 39.83 61.34 -0.89
C LYS R 621 41.29 61.75 -0.86
N LEU R 622 42.17 60.81 -0.55
CA LEU R 622 43.59 61.08 -0.41
C LEU R 622 44.38 60.69 -1.65
N ILE R 623 43.71 60.38 -2.76
CA ILE R 623 44.45 60.07 -3.97
C ILE R 623 45.22 61.31 -4.38
N LYS R 624 46.42 61.10 -4.89
CA LYS R 624 47.35 62.22 -5.09
C LYS R 624 47.55 62.53 -6.57
N SER R 625 46.49 63.09 -7.15
CA SER R 625 46.53 63.55 -8.53
C SER R 625 46.93 65.02 -8.59
N MET R 626 47.63 65.38 -9.66
CA MET R 626 48.12 66.74 -9.84
C MET R 626 47.14 67.60 -10.63
N THR R 627 46.02 67.03 -11.08
CA THR R 627 45.09 67.75 -11.94
C THR R 627 44.48 68.99 -11.29
N PRO R 628 43.91 68.94 -10.08
CA PRO R 628 43.38 70.17 -9.50
C PRO R 628 44.43 71.24 -9.33
N MET R 629 45.66 70.84 -9.07
CA MET R 629 46.76 71.80 -9.05
C MET R 629 46.97 72.41 -10.42
N TYR R 630 46.92 71.59 -11.46
CA TYR R 630 47.15 72.08 -12.81
C TYR R 630 46.05 73.04 -13.24
N LEU R 631 44.80 72.70 -12.91
CA LEU R 631 43.67 73.53 -13.32
C LEU R 631 43.65 74.88 -12.63
N GLN R 632 44.27 75.00 -11.46
CA GLN R 632 44.28 76.24 -10.72
C GLN R 632 45.41 77.19 -11.13
N GLN R 633 46.53 76.67 -11.65
CA GLN R 633 47.70 77.48 -11.90
C GLN R 633 48.05 77.58 -13.37
N LEU R 634 48.17 76.44 -14.07
CA LEU R 634 48.74 76.46 -15.40
C LEU R 634 47.69 76.65 -16.48
N ALA R 635 46.53 76.02 -16.33
CA ALA R 635 45.48 76.07 -17.34
C ALA R 635 45.08 77.50 -17.70
N PRO R 636 44.85 78.40 -16.73
CA PRO R 636 44.54 79.78 -17.12
C PRO R 636 45.63 80.43 -17.95
N VAL R 637 46.90 80.16 -17.64
CA VAL R 637 47.99 80.74 -18.40
C VAL R 637 47.95 80.25 -19.83
N GLU R 638 47.74 78.94 -20.01
CA GLU R 638 47.68 78.38 -21.35
C GLU R 638 46.52 78.98 -22.14
N LEU R 639 45.36 79.09 -21.50
CA LEU R 639 44.20 79.67 -22.18
C LEU R 639 44.46 81.11 -22.57
N ALA R 640 45.07 81.89 -21.68
CA ALA R 640 45.38 83.27 -21.98
C ALA R 640 46.36 83.39 -23.13
N VAL R 641 47.39 82.54 -23.17
CA VAL R 641 48.33 82.57 -24.27
C VAL R 641 47.70 82.17 -25.59
N ILE R 642 46.86 81.15 -25.60
CA ILE R 642 46.21 80.69 -26.82
C ILE R 642 45.15 81.67 -27.34
N ALA R 643 44.39 82.31 -26.46
CA ALA R 643 43.18 83.02 -26.90
C ALA R 643 43.40 84.05 -28.00
N PRO R 644 44.38 84.97 -27.92
CA PRO R 644 44.50 85.97 -28.98
C PRO R 644 44.80 85.37 -30.34
N MET R 645 45.47 84.22 -30.38
CA MET R 645 45.90 83.65 -31.66
C MET R 645 44.73 83.03 -32.42
N LEU R 646 43.62 82.78 -31.73
CA LEU R 646 42.53 82.02 -32.32
C LEU R 646 41.91 82.77 -33.49
N PRO R 647 41.46 82.06 -34.53
CA PRO R 647 40.73 82.72 -35.62
C PRO R 647 39.33 83.14 -35.22
N PHE R 648 38.77 82.56 -34.17
CA PHE R 648 37.45 82.94 -33.67
C PHE R 648 37.65 83.41 -32.24
N PRO R 649 37.73 84.72 -32.02
CA PRO R 649 38.09 85.24 -30.71
C PRO R 649 37.07 84.85 -29.67
N PRO R 650 37.48 84.72 -28.40
CA PRO R 650 36.57 84.20 -27.38
C PRO R 650 35.33 85.08 -27.23
N PHE R 651 34.23 84.42 -26.91
CA PHE R 651 32.94 85.09 -26.74
C PHE R 651 32.29 84.54 -25.48
N GLN R 652 32.44 85.26 -24.38
CA GLN R 652 31.95 84.79 -23.09
C GLN R 652 30.77 85.62 -22.63
N VAL R 653 30.06 85.06 -21.65
CA VAL R 653 28.93 85.70 -20.99
C VAL R 653 29.12 85.39 -19.51
N PRO R 654 28.96 86.36 -18.60
CA PRO R 654 29.49 86.20 -17.23
C PRO R 654 29.02 84.97 -16.48
N TYR R 655 29.93 84.38 -15.72
CA TYR R 655 29.66 83.23 -14.88
C TYR R 655 29.18 83.75 -13.52
N VAL R 656 28.08 83.20 -13.04
CA VAL R 656 27.58 83.47 -11.69
C VAL R 656 27.26 82.14 -11.03
N ARG R 657 27.67 81.97 -9.79
CA ARG R 657 27.61 80.64 -9.18
C ARG R 657 26.20 80.29 -8.73
N LEU R 658 25.63 81.03 -7.80
CA LEU R 658 24.36 80.65 -7.19
C LEU R 658 23.32 81.75 -7.22
N ASP R 659 23.54 82.82 -7.97
CA ASP R 659 22.54 83.86 -8.05
C ASP R 659 21.53 83.54 -9.14
N ARG R 660 20.30 83.22 -8.72
CA ARG R 660 19.25 82.86 -9.65
C ARG R 660 18.79 84.02 -10.52
N ASP R 661 19.11 85.26 -10.15
CA ASP R 661 18.56 86.41 -10.84
C ASP R 661 19.42 86.90 -12.00
N ARG R 662 20.74 86.82 -11.90
CA ARG R 662 21.57 87.37 -12.95
C ARG R 662 22.16 86.31 -13.87
N VAL R 663 21.63 85.10 -13.87
CA VAL R 663 22.07 84.10 -14.85
C VAL R 663 21.57 84.52 -16.23
N PRO R 664 22.39 84.39 -17.27
CA PRO R 664 21.91 84.66 -18.62
C PRO R 664 21.01 83.53 -19.12
N THR R 665 20.05 83.90 -19.96
CA THR R 665 19.15 82.90 -20.56
C THR R 665 18.93 83.07 -22.05
N MET R 666 19.27 84.21 -22.64
CA MET R 666 18.99 84.43 -24.05
C MET R 666 20.07 85.34 -24.63
N VAL R 667 20.41 85.11 -25.89
CA VAL R 667 21.34 85.95 -26.64
C VAL R 667 20.75 86.20 -28.01
N GLY R 668 20.69 87.48 -28.40
CA GLY R 668 20.08 87.86 -29.66
C GLY R 668 20.89 88.92 -30.38
N VAL R 669 20.63 89.03 -31.68
CA VAL R 669 21.27 90.02 -32.54
C VAL R 669 20.19 90.77 -33.30
N THR R 670 20.31 92.09 -33.32
CA THR R 670 19.36 92.94 -34.00
C THR R 670 20.04 93.71 -35.11
N ARG R 671 19.23 94.16 -36.07
CA ARG R 671 19.71 94.93 -37.20
C ARG R 671 19.13 96.33 -37.26
N GLN R 672 18.06 96.60 -36.53
CA GLN R 672 17.39 97.89 -36.55
C GLN R 672 17.94 98.80 -35.46
N SER R 673 17.79 100.10 -35.69
CA SER R 673 18.26 101.09 -34.73
C SER R 673 17.29 101.17 -33.55
N ARG R 674 17.71 101.91 -32.52
CA ARG R 674 16.94 102.00 -31.29
C ARG R 674 15.68 102.85 -31.45
N ASP R 675 15.63 103.68 -32.49
CA ASP R 675 14.58 104.68 -32.64
C ASP R 675 13.53 104.31 -33.68
N THR R 676 13.32 103.02 -33.92
CA THR R 676 12.30 102.58 -34.87
C THR R 676 11.52 101.42 -34.29
N ILE R 677 10.28 101.27 -34.74
CA ILE R 677 9.41 100.19 -34.35
C ILE R 677 9.09 99.40 -35.61
N THR R 678 9.56 98.15 -35.66
CA THR R 678 9.40 97.31 -36.84
C THR R 678 8.92 95.92 -36.43
N GLN R 679 8.90 95.01 -37.39
CA GLN R 679 8.51 93.64 -37.12
C GLN R 679 9.52 92.99 -36.19
N PRO R 680 9.08 92.30 -35.15
CA PRO R 680 10.04 91.59 -34.28
C PRO R 680 10.59 90.37 -34.98
N ALA R 681 11.83 90.46 -35.43
CA ALA R 681 12.50 89.38 -36.14
C ALA R 681 13.68 88.94 -35.29
N LEU R 682 13.43 88.04 -34.36
CA LEU R 682 14.47 87.57 -33.47
C LEU R 682 15.45 86.69 -34.23
N SER R 683 16.72 86.77 -33.84
CA SER R 683 17.74 85.96 -34.48
C SER R 683 17.57 84.49 -34.10
N LEU R 684 18.12 83.61 -34.93
CA LEU R 684 17.97 82.18 -34.72
C LEU R 684 18.60 81.74 -33.41
N SER R 685 19.58 82.49 -32.91
CA SER R 685 20.24 82.12 -31.67
C SER R 685 19.29 82.11 -30.49
N THR R 686 18.22 82.88 -30.53
CA THR R 686 17.30 83.00 -29.41
C THR R 686 16.43 81.77 -29.22
N THR R 687 16.37 80.88 -30.20
CA THR R 687 15.48 79.73 -30.11
C THR R 687 16.06 78.58 -29.29
N ASN R 688 17.31 78.69 -28.85
CA ASN R 688 17.92 77.64 -28.06
C ASN R 688 17.36 77.64 -26.65
N THR R 689 17.07 76.45 -26.12
CA THR R 689 16.56 76.36 -24.76
C THR R 689 17.58 76.88 -23.76
N THR R 690 18.83 76.45 -23.89
CA THR R 690 19.91 77.01 -23.09
C THR R 690 20.37 78.31 -23.72
N VAL R 691 21.47 78.86 -23.23
CA VAL R 691 21.99 80.09 -23.82
C VAL R 691 22.62 79.82 -25.18
N GLY R 692 23.23 78.65 -25.37
CA GLY R 692 23.86 78.31 -26.62
C GLY R 692 23.48 76.93 -27.07
N VAL R 693 24.17 76.45 -28.11
CA VAL R 693 23.91 75.10 -28.61
C VAL R 693 24.34 74.08 -27.56
N PRO R 694 23.50 73.11 -27.21
CA PRO R 694 23.88 72.14 -26.18
C PRO R 694 25.05 71.28 -26.62
N LEU R 695 25.83 70.83 -25.65
CA LEU R 695 26.94 69.92 -25.88
C LEU R 695 27.06 68.97 -24.69
N ALA R 696 26.98 67.68 -24.97
CA ALA R 696 26.95 66.67 -23.92
C ALA R 696 28.34 66.08 -23.74
N LEU R 697 28.87 66.17 -22.51
CA LEU R 697 30.14 65.56 -22.16
C LEU R 697 29.89 64.26 -21.41
N ASP R 698 30.95 63.52 -21.18
CA ASP R 698 30.89 62.24 -20.49
C ASP R 698 31.43 62.45 -19.08
N ALA R 699 30.62 62.16 -18.08
CA ALA R 699 31.04 62.35 -16.70
C ALA R 699 32.21 61.45 -16.34
N ARG R 700 32.18 60.19 -16.79
CA ARG R 700 33.23 59.24 -16.45
C ARG R 700 34.59 59.73 -16.92
N ALA R 701 34.66 60.21 -18.16
CA ALA R 701 35.92 60.65 -18.72
C ALA R 701 36.52 61.80 -17.93
N ILE R 702 35.67 62.76 -17.54
CA ILE R 702 36.14 63.90 -16.78
C ILE R 702 36.66 63.47 -15.42
N THR R 703 35.90 62.62 -14.73
CA THR R 703 36.25 62.24 -13.36
C THR R 703 37.61 61.56 -13.31
N VAL R 704 37.88 60.67 -14.27
CA VAL R 704 39.18 59.99 -14.29
C VAL R 704 40.30 61.00 -14.45
N ALA R 705 40.09 62.02 -15.28
CA ALA R 705 41.10 63.04 -15.48
C ALA R 705 41.43 63.77 -14.20
N LEU R 706 40.42 64.10 -13.40
CA LEU R 706 40.66 64.79 -12.14
C LEU R 706 41.36 63.89 -11.14
N LEU R 707 41.43 62.59 -11.41
CA LEU R 707 41.98 61.66 -10.43
C LEU R 707 43.31 61.07 -10.84
N SER R 708 43.75 61.23 -12.09
CA SER R 708 44.90 60.52 -12.62
C SER R 708 45.80 61.46 -13.42
N GLY R 709 46.11 62.63 -12.85
CA GLY R 709 46.98 63.60 -13.49
C GLY R 709 48.33 63.66 -12.81
N LYS R 710 49.38 63.79 -13.62
CA LYS R 710 50.73 63.91 -13.08
C LYS R 710 51.62 64.66 -14.06
N TYR R 711 52.64 65.30 -13.51
CA TYR R 711 53.63 66.04 -14.26
C TYR R 711 54.83 65.16 -14.58
N PRO R 712 55.60 65.53 -15.60
CA PRO R 712 56.92 64.93 -15.76
C PRO R 712 57.79 65.23 -14.54
N PRO R 713 58.60 64.28 -14.10
CA PRO R 713 59.40 64.52 -12.89
C PRO R 713 60.38 65.68 -13.02
N ASP R 714 60.92 65.91 -14.21
CA ASP R 714 61.93 66.95 -14.42
C ASP R 714 61.35 68.17 -15.11
N LEU R 715 60.14 68.56 -14.75
CA LEU R 715 59.48 69.68 -15.41
C LEU R 715 60.10 71.00 -14.99
N VAL R 716 60.39 71.84 -15.98
CA VAL R 716 60.81 73.21 -15.74
C VAL R 716 59.96 74.12 -16.62
N THR R 717 59.09 74.90 -15.98
CA THR R 717 58.06 75.65 -16.69
C THR R 717 58.65 76.67 -17.64
N ASN R 718 59.71 77.36 -17.22
CA ASN R 718 60.29 78.40 -18.05
C ASN R 718 60.79 77.82 -19.37
N VAL R 719 61.42 76.66 -19.31
CA VAL R 719 61.85 75.98 -20.52
C VAL R 719 60.66 75.50 -21.32
N TRP R 720 59.73 74.81 -20.65
CA TRP R 720 58.64 74.13 -21.34
C TRP R 720 57.76 75.10 -22.11
N TYR R 721 57.39 76.21 -21.47
CA TYR R 721 56.43 77.10 -22.12
C TYR R 721 57.07 77.93 -23.21
N ALA R 722 58.32 78.34 -23.04
CA ALA R 722 59.01 78.99 -24.15
C ALA R 722 59.10 78.04 -25.33
N ASP R 723 59.42 76.78 -25.05
CA ASP R 723 59.51 75.76 -26.07
C ASP R 723 58.20 75.54 -26.79
N ALA R 724 57.08 75.53 -26.06
CA ALA R 724 55.77 75.33 -26.67
C ALA R 724 55.23 76.57 -27.35
N ILE R 725 55.68 77.75 -26.95
CA ILE R 725 55.14 78.99 -27.49
C ILE R 725 55.82 79.38 -28.79
N TYR R 726 57.14 79.18 -28.88
CA TYR R 726 57.84 79.62 -30.08
C TYR R 726 57.21 79.10 -31.37
N PRO R 727 57.02 77.79 -31.54
CA PRO R 727 56.39 77.31 -32.77
C PRO R 727 54.97 77.79 -32.96
N MET R 728 54.20 77.93 -31.88
CA MET R 728 52.84 78.42 -32.01
C MET R 728 52.82 79.83 -32.57
N TYR R 729 53.65 80.72 -32.04
CA TYR R 729 53.67 82.09 -32.50
C TYR R 729 54.33 82.23 -33.87
N ALA R 730 55.18 81.27 -34.24
CA ALA R 730 55.75 81.29 -35.59
C ALA R 730 54.68 81.15 -36.67
N ASP R 731 53.53 80.57 -36.35
CA ASP R 731 52.44 80.39 -37.31
C ASP R 731 51.24 81.26 -36.96
N THR R 732 51.47 82.45 -36.42
CA THR R 732 50.37 83.32 -36.05
C THR R 732 49.69 83.89 -37.29
N GLU R 733 48.44 84.31 -37.11
CA GLU R 733 47.66 84.92 -38.19
C GLU R 733 46.94 86.18 -37.74
N VAL R 734 47.17 86.65 -36.52
CA VAL R 734 46.41 87.77 -35.96
C VAL R 734 46.56 88.99 -36.85
N PHE R 735 47.77 89.20 -37.39
CA PHE R 735 47.97 90.32 -38.30
C PHE R 735 47.12 90.17 -39.55
N SER R 736 47.02 88.94 -40.07
CA SER R 736 46.18 88.70 -41.23
C SER R 736 44.71 88.91 -40.90
N ASN R 737 44.27 88.42 -39.73
CA ASN R 737 42.87 88.57 -39.37
C ASN R 737 42.48 90.03 -39.20
N LEU R 738 43.38 90.84 -38.64
CA LEU R 738 43.06 92.24 -38.39
C LEU R 738 42.72 92.95 -39.70
N GLN R 739 43.46 92.66 -40.75
CA GLN R 739 43.17 93.27 -42.05
C GLN R 739 41.77 92.88 -42.53
N ARG R 740 41.39 91.64 -42.32
CA ARG R 740 40.08 91.17 -42.78
C ARG R 740 38.96 91.93 -42.08
N ASP R 741 39.11 92.18 -40.78
CA ASP R 741 38.05 92.86 -40.04
C ASP R 741 37.81 94.26 -40.57
N MET R 742 38.87 94.96 -40.97
CA MET R 742 38.71 96.29 -41.55
C MET R 742 37.81 96.23 -42.77
N ILE R 743 38.01 95.24 -43.62
CA ILE R 743 37.16 95.07 -44.80
C ILE R 743 35.74 94.78 -44.39
N THR R 744 35.56 93.91 -43.39
CA THR R 744 34.22 93.51 -42.96
C THR R 744 33.44 94.71 -42.46
N CYS R 745 34.07 95.56 -41.66
CA CYS R 745 33.40 96.77 -41.19
C CYS R 745 33.04 97.69 -42.35
N GLU R 746 33.89 97.72 -43.37
CA GLU R 746 33.65 98.54 -44.55
C GLU R 746 32.40 98.07 -45.27
N ALA R 747 32.21 96.75 -45.35
CA ALA R 747 31.13 96.19 -46.15
C ALA R 747 29.76 96.61 -45.62
N VAL R 748 29.54 96.47 -44.31
CA VAL R 748 28.21 96.70 -43.75
C VAL R 748 27.79 98.15 -43.93
N GLN R 749 28.72 99.07 -43.70
CA GLN R 749 28.43 100.48 -43.96
C GLN R 749 28.09 100.71 -45.42
N THR R 750 28.86 100.09 -46.31
CA THR R 750 28.56 100.20 -47.74
C THR R 750 27.20 99.60 -48.05
N LEU R 751 26.88 98.48 -47.41
CA LEU R 751 25.60 97.83 -47.63
C LEU R 751 24.45 98.72 -47.19
N VAL R 752 24.49 99.20 -45.94
CA VAL R 752 23.35 99.94 -45.41
C VAL R 752 23.17 101.25 -46.15
N THR R 753 24.27 101.86 -46.57
CA THR R 753 24.18 103.12 -47.30
C THR R 753 23.44 102.95 -48.62
N LEU R 754 23.79 101.92 -49.38
CA LEU R 754 23.20 101.73 -50.70
C LEU R 754 21.76 101.26 -50.62
N VAL R 755 21.50 100.25 -49.79
CA VAL R 755 20.17 99.62 -49.76
C VAL R 755 19.16 100.66 -49.29
N ALA R 756 19.58 101.57 -48.42
CA ALA R 756 18.68 102.61 -47.95
C ALA R 756 18.27 103.58 -49.06
N GLN R 757 18.97 103.57 -50.18
CA GLN R 757 18.66 104.46 -51.29
C GLN R 757 17.68 103.85 -52.28
N ILE R 758 17.16 102.65 -52.00
CA ILE R 758 16.11 102.05 -52.81
C ILE R 758 14.94 101.57 -51.97
N SER R 759 14.98 101.77 -50.65
CA SER R 759 13.89 101.39 -49.76
C SER R 759 13.66 102.52 -48.77
N GLU R 760 12.57 102.41 -48.00
CA GLU R 760 12.30 103.36 -46.92
C GLU R 760 12.93 102.81 -45.65
N THR R 761 14.12 103.30 -45.36
CA THR R 761 14.83 103.00 -44.14
C THR R 761 15.16 104.31 -43.44
N GLN R 762 14.99 104.32 -42.12
CA GLN R 762 15.16 105.54 -41.35
C GLN R 762 16.63 105.83 -41.04
N TYR R 763 17.53 105.21 -41.77
CA TYR R 763 18.94 105.54 -41.58
C TYR R 763 19.26 106.80 -42.37
N PRO R 764 19.67 107.88 -41.71
CA PRO R 764 19.73 109.19 -42.36
C PRO R 764 20.84 109.26 -43.40
N VAL R 765 20.46 109.33 -44.66
CA VAL R 765 21.39 109.56 -45.75
C VAL R 765 20.84 110.67 -46.63
N ASP R 766 21.71 111.60 -46.99
CA ASP R 766 21.44 112.50 -48.09
C ASP R 766 21.37 111.70 -49.39
N ARG R 767 20.35 111.97 -50.20
CA ARG R 767 20.04 111.15 -51.36
C ARG R 767 20.32 111.96 -52.62
N TYR R 768 21.06 111.37 -53.54
CA TYR R 768 21.42 112.08 -54.76
C TYR R 768 20.80 111.51 -56.02
N LEU R 769 20.18 110.33 -55.96
CA LEU R 769 19.68 109.67 -57.15
C LEU R 769 18.17 109.45 -57.10
N ASP R 770 17.44 110.40 -56.54
CA ASP R 770 15.98 110.27 -56.55
C ASP R 770 15.38 110.53 -57.92
N TRP R 771 16.02 111.33 -58.76
CA TRP R 771 15.48 111.60 -60.08
C TRP R 771 15.59 110.39 -61.00
N ILE R 772 16.34 109.37 -60.61
CA ILE R 772 16.37 108.10 -61.34
C ILE R 772 15.17 107.27 -60.87
N PRO R 773 14.30 106.82 -61.77
CA PRO R 773 13.15 106.02 -61.34
C PRO R 773 13.59 104.70 -60.74
N SER R 774 12.78 104.21 -59.80
CA SER R 774 12.99 102.91 -59.19
C SER R 774 11.72 102.51 -58.47
N LEU R 775 11.57 101.22 -58.20
CA LEU R 775 10.39 100.73 -57.52
C LEU R 775 10.58 100.79 -56.02
N ARG R 776 9.56 100.40 -55.27
CA ARG R 776 9.57 100.37 -53.82
C ARG R 776 10.09 99.00 -53.39
N ALA R 777 11.41 98.92 -53.21
CA ALA R 777 12.08 97.64 -53.03
C ALA R 777 11.52 96.88 -51.83
N SER R 778 11.27 95.59 -52.05
CA SER R 778 10.82 94.71 -50.99
C SER R 778 11.99 93.89 -50.46
N ALA R 779 11.66 92.95 -49.57
CA ALA R 779 12.69 92.14 -48.93
C ALA R 779 13.47 91.33 -49.96
N ALA R 780 12.77 90.65 -50.85
CA ALA R 780 13.44 89.79 -51.83
C ALA R 780 14.30 90.60 -52.80
N THR R 781 13.76 91.72 -53.27
CA THR R 781 14.52 92.56 -54.19
C THR R 781 15.77 93.11 -53.53
N ALA R 782 15.64 93.57 -52.28
CA ALA R 782 16.82 94.04 -51.56
C ALA R 782 17.80 92.91 -51.33
N ALA R 783 17.30 91.68 -51.13
CA ALA R 783 18.17 90.54 -50.94
C ALA R 783 19.02 90.28 -52.18
N THR R 784 18.38 90.29 -53.36
CA THR R 784 19.14 90.09 -54.59
C THR R 784 20.14 91.23 -54.79
N PHE R 785 19.72 92.47 -54.53
CA PHE R 785 20.62 93.59 -54.69
C PHE R 785 21.85 93.46 -53.79
N ALA R 786 21.63 93.07 -52.54
CA ALA R 786 22.74 92.87 -51.61
C ALA R 786 23.63 91.74 -52.07
N GLU R 787 23.03 90.66 -52.59
CA GLU R 787 23.81 89.57 -53.16
C GLU R 787 24.77 90.07 -54.22
N TRP R 788 24.28 90.91 -55.14
CA TRP R 788 25.17 91.44 -56.16
C TRP R 788 26.24 92.35 -55.56
N VAL R 789 25.86 93.12 -54.54
CA VAL R 789 26.84 93.98 -53.87
C VAL R 789 27.92 93.16 -53.21
N ASN R 790 27.54 92.09 -52.50
CA ASN R 790 28.51 91.31 -51.74
C ASN R 790 29.56 90.67 -52.63
N THR R 791 29.13 90.07 -53.74
CA THR R 791 30.08 89.42 -54.63
C THR R 791 31.05 90.43 -55.24
N SER R 792 30.58 91.66 -55.48
CA SER R 792 31.44 92.70 -56.03
C SER R 792 32.59 93.00 -55.10
N MET R 793 32.34 93.09 -53.80
CA MET R 793 33.41 93.37 -52.85
C MET R 793 34.39 92.20 -52.75
N LYS R 794 33.86 90.97 -52.70
CA LYS R 794 34.73 89.81 -52.55
C LYS R 794 35.66 89.68 -53.74
N THR R 795 35.14 89.83 -54.95
CA THR R 795 36.00 89.73 -56.12
C THR R 795 36.95 90.90 -56.24
N ALA R 796 36.63 92.04 -55.63
CA ALA R 796 37.54 93.17 -55.67
C ALA R 796 38.73 92.98 -54.74
N PHE R 797 38.54 92.29 -53.63
CA PHE R 797 39.60 92.08 -52.66
C PHE R 797 40.10 90.65 -52.65
N ASP R 798 39.76 89.85 -53.65
CA ASP R 798 40.26 88.49 -53.80
C ASP R 798 39.85 87.61 -52.62
N LEU R 799 38.70 87.93 -52.02
CA LEU R 799 38.16 87.13 -50.94
C LEU R 799 37.53 85.86 -51.49
N SER R 800 37.53 84.80 -50.67
CA SER R 800 36.91 83.55 -51.05
C SER R 800 36.01 82.97 -49.97
N ASP R 801 36.18 83.36 -48.72
CA ASP R 801 35.33 82.87 -47.64
C ASP R 801 34.10 83.75 -47.47
N MET R 802 33.38 83.57 -46.37
CA MET R 802 32.13 84.27 -46.11
C MET R 802 32.38 85.77 -46.01
N LEU R 803 31.38 86.55 -46.39
CA LEU R 803 31.34 87.98 -46.15
C LEU R 803 29.91 88.44 -46.35
N LEU R 804 29.31 89.01 -45.30
CA LEU R 804 27.96 89.54 -45.36
C LEU R 804 26.92 88.46 -45.65
N GLU R 805 27.34 87.20 -45.66
CA GLU R 805 26.42 86.13 -45.96
C GLU R 805 25.28 86.04 -44.94
N PRO R 806 25.54 86.03 -43.63
CA PRO R 806 24.43 85.91 -42.68
C PRO R 806 23.42 87.03 -42.76
N LEU R 807 23.83 88.23 -43.19
CA LEU R 807 22.92 89.34 -43.30
C LEU R 807 21.92 89.17 -44.42
N LEU R 808 22.11 88.18 -45.28
CA LEU R 808 21.20 87.93 -46.39
C LEU R 808 20.15 86.90 -46.05
N SER R 809 20.07 86.48 -44.78
CA SER R 809 19.12 85.45 -44.39
C SER R 809 17.68 85.95 -44.53
N GLY R 810 17.41 87.17 -44.06
CA GLY R 810 16.06 87.69 -44.12
C GLY R 810 16.01 89.17 -43.88
N ASP R 811 15.25 89.86 -44.74
CA ASP R 811 15.05 91.29 -44.66
C ASP R 811 16.38 92.06 -44.53
N PRO R 812 17.15 92.15 -45.60
CA PRO R 812 18.40 92.89 -45.53
C PRO R 812 18.17 94.39 -45.68
N ARG R 813 17.16 94.92 -45.00
CA ARG R 813 16.91 96.36 -44.94
C ARG R 813 17.15 96.79 -43.51
N MET R 814 18.40 97.07 -43.19
CA MET R 814 18.82 97.29 -41.82
C MET R 814 19.44 98.66 -41.65
N THR R 815 19.70 99.01 -40.40
CA THR R 815 20.32 100.28 -40.04
C THR R 815 21.67 100.10 -39.36
N GLN R 816 21.75 99.21 -38.37
CA GLN R 816 22.92 99.15 -37.53
C GLN R 816 22.90 97.89 -36.69
N LEU R 817 24.05 97.23 -36.61
CA LEU R 817 24.17 95.98 -35.88
C LEU R 817 24.21 96.22 -34.38
N ALA R 818 23.77 95.22 -33.62
CA ALA R 818 23.78 95.29 -32.16
C ALA R 818 23.52 93.90 -31.62
N ILE R 819 24.13 93.62 -30.47
CA ILE R 819 23.97 92.33 -29.79
C ILE R 819 23.66 92.59 -28.33
N GLN R 820 22.87 91.69 -27.74
CA GLN R 820 22.45 91.85 -26.36
C GLN R 820 22.05 90.50 -25.81
N TYR R 821 21.97 90.42 -24.47
CA TYR R 821 21.58 89.20 -23.78
C TYR R 821 20.69 89.55 -22.60
N GLN R 822 20.02 88.53 -22.07
CA GLN R 822 18.98 88.71 -21.07
C GLN R 822 19.29 87.92 -19.81
N GLN R 823 19.07 88.56 -18.66
CA GLN R 823 19.17 87.91 -17.37
C GLN R 823 17.85 87.23 -17.04
N TYR R 824 17.88 86.39 -16.01
CA TYR R 824 16.65 85.73 -15.59
C TYR R 824 15.64 86.72 -15.04
N ASN R 825 16.08 87.72 -14.29
CA ASN R 825 15.19 88.67 -13.66
C ASN R 825 14.67 89.73 -14.62
N GLY R 826 14.83 89.53 -15.91
CA GLY R 826 14.27 90.42 -16.91
C GLY R 826 15.18 91.53 -17.37
N ARG R 827 16.26 91.81 -16.66
CA ARG R 827 17.18 92.85 -17.09
C ARG R 827 17.95 92.39 -18.32
N THR R 828 18.26 93.35 -19.20
CA THR R 828 19.00 93.07 -20.41
C THR R 828 20.16 94.06 -20.54
N PHE R 829 21.20 93.64 -21.23
CA PHE R 829 22.37 94.46 -21.48
C PHE R 829 22.57 94.55 -22.98
N ASN R 830 22.40 95.76 -23.53
CA ASN R 830 22.48 95.99 -24.96
C ASN R 830 23.84 96.62 -25.28
N ILE R 831 24.58 95.98 -26.17
CA ILE R 831 25.90 96.44 -26.57
C ILE R 831 25.80 96.93 -28.01
N ILE R 832 26.10 98.21 -28.21
CA ILE R 832 26.03 98.82 -29.53
C ILE R 832 27.38 99.41 -29.89
N PRO R 833 28.14 98.78 -30.79
CA PRO R 833 29.44 99.34 -31.19
C PRO R 833 29.28 100.69 -31.86
N GLU R 834 30.26 101.55 -31.64
CA GLU R 834 30.26 102.90 -32.22
C GLU R 834 30.95 102.83 -33.57
N MET R 835 30.16 102.74 -34.63
CA MET R 835 30.72 102.55 -35.95
C MET R 835 31.51 103.78 -36.39
N PRO R 836 32.76 103.63 -36.80
CA PRO R 836 33.49 104.75 -37.40
C PRO R 836 33.04 104.97 -38.83
N GLY R 837 33.69 105.87 -39.53
CA GLY R 837 33.34 106.14 -40.91
C GLY R 837 33.61 104.95 -41.82
N SER R 838 33.49 105.22 -43.12
CA SER R 838 33.71 104.19 -44.13
C SER R 838 34.21 104.89 -45.39
N VAL R 839 35.50 104.70 -45.70
CA VAL R 839 36.09 105.39 -46.84
C VAL R 839 35.41 104.96 -48.13
N ILE R 840 35.04 103.68 -48.22
CA ILE R 840 34.37 103.20 -49.43
C ILE R 840 33.00 103.84 -49.56
N ALA R 841 32.21 103.82 -48.48
CA ALA R 841 30.86 104.37 -48.54
C ALA R 841 30.89 105.86 -48.86
N ASP R 842 31.79 106.60 -48.21
CA ASP R 842 31.86 108.04 -48.46
C ASP R 842 32.24 108.34 -49.90
N CYS R 843 33.20 107.59 -50.44
CA CYS R 843 33.60 107.80 -51.82
C CYS R 843 32.45 107.51 -52.78
N VAL R 844 31.66 106.48 -52.48
CA VAL R 844 30.51 106.17 -53.33
C VAL R 844 29.52 107.32 -53.32
N GLN R 845 29.27 107.89 -52.14
CA GLN R 845 28.40 109.06 -52.08
C GLN R 845 29.01 110.23 -52.83
N LEU R 846 30.33 110.38 -52.76
CA LEU R 846 31.00 111.45 -53.48
C LEU R 846 30.79 111.31 -54.98
N THR R 847 31.09 110.13 -55.52
CA THR R 847 30.96 109.95 -56.97
C THR R 847 29.50 110.01 -57.40
N ALA R 848 28.57 109.66 -56.50
CA ALA R 848 27.16 109.88 -56.80
C ALA R 848 26.87 111.36 -56.98
N GLU R 849 27.45 112.20 -56.12
CA GLU R 849 27.33 113.64 -56.30
C GLU R 849 27.93 114.10 -57.61
N VAL R 850 29.09 113.56 -57.98
CA VAL R 850 29.69 113.92 -59.25
C VAL R 850 28.80 113.45 -60.40
N PHE R 851 28.22 112.26 -60.26
CA PHE R 851 27.34 111.73 -61.30
C PHE R 851 26.14 112.64 -61.53
N ASN R 852 25.76 113.41 -60.52
CA ASN R 852 24.55 114.20 -60.58
C ASN R 852 24.68 115.36 -61.56
N HIS R 853 25.90 115.63 -62.02
CA HIS R 853 26.11 116.68 -63.00
C HIS R 853 26.64 116.11 -64.31
N GLU R 854 27.51 115.10 -64.22
CA GLU R 854 28.15 114.52 -65.39
C GLU R 854 27.44 113.26 -65.88
N TYR R 855 26.12 113.19 -65.71
CA TYR R 855 25.40 111.98 -66.07
C TYR R 855 25.52 111.66 -67.55
N ASN R 856 25.72 112.67 -68.39
CA ASN R 856 25.82 112.42 -69.83
C ASN R 856 27.04 111.57 -70.16
N LEU R 857 28.14 111.76 -69.44
CA LEU R 857 29.35 110.98 -69.71
C LEU R 857 29.13 109.50 -69.51
N PHE R 858 28.18 109.11 -68.68
CA PHE R 858 27.89 107.71 -68.41
C PHE R 858 26.82 107.15 -69.35
N GLY R 859 26.40 107.93 -70.33
CA GLY R 859 25.40 107.47 -71.27
C GLY R 859 23.97 107.62 -70.82
N ILE R 860 23.72 108.34 -69.73
CA ILE R 860 22.38 108.57 -69.23
C ILE R 860 21.97 110.00 -69.56
N ALA R 861 20.78 110.16 -70.12
CA ALA R 861 20.21 111.46 -70.40
C ALA R 861 19.14 111.78 -69.36
N ARG R 862 19.12 113.03 -68.91
CA ARG R 862 18.18 113.47 -67.90
C ARG R 862 17.02 114.21 -68.55
N GLY R 863 15.84 114.10 -67.93
CA GLY R 863 14.69 114.83 -68.40
C GLY R 863 13.66 113.95 -69.06
N ASP R 864 13.03 114.46 -70.11
CA ASP R 864 11.99 113.75 -70.84
C ASP R 864 12.22 113.89 -72.34
N ILE R 865 11.36 113.25 -73.13
CA ILE R 865 11.45 113.30 -74.58
C ILE R 865 10.09 113.70 -75.13
N ILE R 866 10.10 114.22 -76.35
CA ILE R 866 8.88 114.67 -77.00
C ILE R 866 8.79 113.99 -78.35
N ILE R 867 7.75 113.18 -78.55
CA ILE R 867 7.56 112.47 -79.80
C ILE R 867 6.61 113.29 -80.67
N GLY R 868 7.07 113.67 -81.85
CA GLY R 868 6.26 114.46 -82.74
C GLY R 868 7.00 114.82 -84.01
N ARG R 869 6.28 114.84 -85.14
CA ARG R 869 6.93 115.14 -86.41
C ARG R 869 7.46 116.56 -86.42
N VAL R 870 8.68 116.71 -86.92
CA VAL R 870 9.25 118.03 -87.19
C VAL R 870 10.12 117.93 -88.44
N GLN R 871 9.71 118.63 -89.49
CA GLN R 871 10.38 118.56 -90.78
C GLN R 871 10.89 119.94 -91.16
N SER R 872 12.19 120.06 -91.31
CA SER R 872 12.82 121.34 -91.64
C SER R 872 14.23 121.06 -92.12
N THR R 873 14.98 122.13 -92.39
CA THR R 873 16.35 122.03 -92.85
C THR R 873 17.34 122.64 -91.88
N HIS R 874 16.90 123.09 -90.71
CA HIS R 874 17.82 123.65 -89.73
C HIS R 874 18.64 122.54 -89.09
N LEU R 875 19.79 122.92 -88.54
CA LEU R 875 20.80 121.97 -88.10
C LEU R 875 21.00 121.96 -86.58
N TRP R 876 19.98 122.36 -85.82
CA TRP R 876 20.12 122.27 -84.37
C TRP R 876 20.14 120.81 -83.93
N SER R 877 20.97 120.52 -82.96
CA SER R 877 21.06 119.15 -82.49
C SER R 877 19.81 118.78 -81.69
N PRO R 878 19.30 117.56 -81.85
CA PRO R 878 18.11 117.16 -81.07
C PRO R 878 18.40 117.01 -79.58
N LEU R 879 19.66 117.03 -79.16
CA LEU R 879 20.00 117.00 -77.75
C LEU R 879 20.03 118.39 -77.13
N ALA R 880 19.79 119.43 -77.92
CA ALA R 880 19.70 120.81 -77.43
C ALA R 880 18.71 121.55 -78.30
N PRO R 881 17.43 121.24 -78.19
CA PRO R 881 16.45 121.76 -79.14
C PRO R 881 16.14 123.22 -78.88
N PRO R 882 15.59 123.93 -79.86
CA PRO R 882 15.13 125.29 -79.64
C PRO R 882 13.98 125.32 -78.65
N PRO R 883 13.83 126.40 -77.90
CA PRO R 883 12.81 126.45 -76.84
C PRO R 883 11.39 126.30 -77.37
N ASP R 884 11.11 126.83 -78.55
CA ASP R 884 9.75 126.91 -79.07
C ASP R 884 9.21 125.58 -79.55
N LEU R 885 9.91 124.47 -79.33
CA LEU R 885 9.44 123.16 -79.73
C LEU R 885 9.04 122.28 -78.57
N VAL R 886 9.19 122.74 -77.33
CA VAL R 886 8.92 121.92 -76.16
C VAL R 886 7.74 122.53 -75.40
N PHE R 887 7.08 121.70 -74.60
CA PHE R 887 6.02 122.14 -73.73
C PHE R 887 6.10 121.35 -72.43
N ASP R 888 5.48 121.89 -71.38
CA ASP R 888 5.51 121.29 -70.07
C ASP R 888 4.10 121.26 -69.49
N ARG R 889 4.01 120.80 -68.24
CA ARG R 889 2.71 120.71 -67.58
C ARG R 889 2.05 122.07 -67.44
N ASP R 890 2.85 123.10 -67.20
CA ASP R 890 2.35 124.46 -67.02
C ASP R 890 2.33 125.24 -68.33
N THR R 891 1.72 124.70 -69.37
CA THR R 891 1.68 125.35 -70.67
C THR R 891 0.25 125.42 -71.18
N PRO R 892 -0.18 126.56 -71.70
CA PRO R 892 -1.55 126.68 -72.18
C PRO R 892 -1.84 125.67 -73.28
N GLY R 893 -3.02 125.07 -73.21
CA GLY R 893 -3.49 124.19 -74.26
C GLY R 893 -2.93 122.79 -74.24
N VAL R 894 -2.41 122.33 -73.11
CA VAL R 894 -1.90 120.96 -73.04
C VAL R 894 -2.93 120.09 -72.34
N HIS R 895 -2.73 118.78 -72.42
CA HIS R 895 -3.60 117.82 -71.78
C HIS R 895 -2.73 116.82 -71.02
N ILE R 896 -3.17 116.47 -69.83
CA ILE R 896 -2.43 115.55 -68.96
C ILE R 896 -3.26 114.29 -68.77
N PHE R 897 -2.58 113.17 -68.56
CA PHE R 897 -3.24 111.88 -68.48
C PHE R 897 -2.75 111.09 -67.27
N GLY R 898 -3.62 110.25 -66.74
CA GLY R 898 -3.31 109.46 -65.56
C GLY R 898 -3.50 107.98 -65.79
N ARG R 899 -3.65 107.22 -64.71
CA ARG R 899 -3.83 105.77 -64.81
C ARG R 899 -5.09 105.41 -65.60
N ASP R 900 -6.08 106.28 -65.55
CA ASP R 900 -7.34 106.06 -66.25
C ASP R 900 -7.29 106.84 -67.57
N CYS R 901 -7.16 106.11 -68.67
CA CYS R 901 -6.96 106.69 -69.99
C CYS R 901 -7.80 105.98 -71.03
N ARG R 902 -9.07 105.73 -70.73
CA ARG R 902 -9.91 104.93 -71.61
C ARG R 902 -10.09 105.60 -72.97
N ILE R 903 -10.13 104.79 -74.02
CA ILE R 903 -10.25 105.26 -75.40
C ILE R 903 -11.60 104.82 -75.94
N SER R 904 -12.26 105.72 -76.67
CA SER R 904 -13.54 105.42 -77.30
C SER R 904 -13.42 105.64 -78.80
N PHE R 905 -13.78 104.62 -79.58
CA PHE R 905 -13.82 104.75 -81.02
C PHE R 905 -14.88 105.76 -81.43
N GLY R 906 -14.53 106.57 -82.43
CA GLY R 906 -15.51 107.48 -83.01
C GLY R 906 -16.37 106.72 -84.00
N MET R 907 -17.64 107.07 -84.07
CA MET R 907 -18.60 106.36 -84.90
C MET R 907 -19.16 107.28 -85.99
N ASN R 908 -19.32 106.72 -87.18
CA ASN R 908 -19.93 107.41 -88.31
C ASN R 908 -19.18 108.69 -88.67
N GLY R 909 -17.86 108.62 -88.63
CA GLY R 909 -17.00 109.69 -89.08
C GLY R 909 -16.47 110.57 -87.97
N ALA R 910 -17.08 110.52 -86.79
CA ALA R 910 -16.57 111.31 -85.68
C ALA R 910 -15.20 110.79 -85.26
N ALA R 911 -14.35 111.70 -84.85
CA ALA R 911 -13.01 111.32 -84.45
C ALA R 911 -13.04 110.57 -83.12
N PRO R 912 -12.14 109.60 -82.94
CA PRO R 912 -12.05 108.93 -81.65
C PRO R 912 -11.53 109.87 -80.57
N MET R 913 -11.89 109.58 -79.33
CA MET R 913 -11.50 110.44 -78.23
C MET R 913 -10.86 109.60 -77.13
N ILE R 914 -9.97 110.24 -76.38
CA ILE R 914 -9.30 109.62 -75.25
C ILE R 914 -9.52 110.49 -74.01
N ARG R 915 -9.77 109.83 -72.89
CA ARG R 915 -10.18 110.51 -71.66
C ARG R 915 -9.03 111.31 -71.09
N ASP R 916 -9.31 112.57 -70.75
CA ASP R 916 -8.34 113.44 -70.11
C ASP R 916 -8.14 113.04 -68.66
N GLU R 917 -7.28 113.74 -67.94
CA GLU R 917 -7.14 113.52 -66.51
C GLU R 917 -8.32 114.09 -65.72
N THR R 918 -8.80 115.27 -66.09
CA THR R 918 -9.97 115.85 -65.44
C THR R 918 -11.27 115.19 -65.86
N GLY R 919 -11.23 114.30 -66.83
CA GLY R 919 -12.39 113.56 -67.24
C GLY R 919 -13.12 114.09 -68.46
N LEU R 920 -12.45 114.80 -69.35
CA LEU R 920 -13.06 115.32 -70.56
C LEU R 920 -12.55 114.55 -71.77
N MET R 921 -13.48 114.16 -72.63
CA MET R 921 -13.18 113.39 -73.83
C MET R 921 -12.51 114.31 -74.85
N VAL R 922 -11.29 114.00 -75.25
CA VAL R 922 -10.55 114.87 -76.17
C VAL R 922 -10.10 114.09 -77.39
N PRO R 923 -10.01 114.72 -78.55
CA PRO R 923 -9.58 114.01 -79.76
C PRO R 923 -8.08 113.85 -79.83
N PHE R 924 -7.65 113.11 -80.86
CA PHE R 924 -6.24 112.79 -81.04
C PHE R 924 -5.49 113.94 -81.71
N GLU R 925 -5.25 115.02 -80.97
CA GLU R 925 -4.61 116.19 -81.56
C GLU R 925 -3.95 117.00 -80.45
N GLY R 926 -3.07 117.91 -80.85
CA GLY R 926 -2.50 118.86 -79.91
C GLY R 926 -1.27 118.36 -79.19
N ASN R 927 -1.08 118.81 -77.95
CA ASN R 927 0.08 118.47 -77.14
C ASN R 927 -0.40 117.69 -75.93
N TRP R 928 0.22 116.55 -75.67
CA TRP R 928 -0.15 115.68 -74.58
C TRP R 928 1.02 115.44 -73.64
N ILE R 929 0.71 114.93 -72.46
CA ILE R 929 1.70 114.57 -71.45
C ILE R 929 1.38 113.15 -71.00
N PHE R 930 2.34 112.25 -71.15
CA PHE R 930 2.19 110.88 -70.67
C PHE R 930 3.28 110.55 -69.67
N PRO R 931 2.93 109.94 -68.54
CA PRO R 931 3.93 109.17 -67.79
C PRO R 931 4.33 107.94 -68.58
N LEU R 932 5.59 107.52 -68.42
CA LEU R 932 6.07 106.37 -69.16
C LEU R 932 5.29 105.11 -68.84
N ALA R 933 4.99 104.89 -67.57
CA ALA R 933 4.32 103.67 -67.15
C ALA R 933 2.97 103.52 -67.84
N LEU R 934 2.40 104.63 -68.29
CA LEU R 934 1.11 104.58 -68.97
C LEU R 934 1.22 103.84 -70.29
N TRP R 935 2.25 104.16 -71.07
CA TRP R 935 2.45 103.48 -72.35
C TRP R 935 2.78 102.01 -72.14
N GLN R 936 3.56 101.70 -71.11
CA GLN R 936 4.01 100.33 -70.90
C GLN R 936 2.84 99.37 -70.70
N MET R 937 1.84 99.78 -69.93
CA MET R 937 0.75 98.88 -69.62
C MET R 937 -0.18 98.71 -70.81
N ASN R 938 -0.08 99.57 -71.82
CA ASN R 938 -0.94 99.52 -72.99
C ASN R 938 -0.14 99.70 -74.27
N THR R 939 0.99 99.01 -74.38
CA THR R 939 1.83 99.16 -75.56
C THR R 939 1.10 98.78 -76.84
N ARG R 940 0.61 97.54 -76.89
CA ARG R 940 0.06 97.01 -78.13
C ARG R 940 -1.14 97.84 -78.58
N TYR R 941 -2.03 98.19 -77.65
CA TYR R 941 -3.21 98.97 -78.01
C TYR R 941 -2.83 100.36 -78.48
N PHE R 942 -2.01 101.06 -77.69
CA PHE R 942 -1.64 102.42 -78.04
C PHE R 942 -0.87 102.46 -79.35
N ASN R 943 0.04 101.52 -79.54
CA ASN R 943 0.84 101.40 -80.74
C ASN R 943 0.05 100.95 -81.91
N GLN R 944 -1.28 100.93 -81.79
CA GLN R 944 -2.16 100.66 -82.90
C GLN R 944 -3.00 101.89 -83.26
N GLN R 945 -3.33 102.72 -82.27
CA GLN R 945 -4.22 103.85 -82.52
C GLN R 945 -3.43 105.11 -82.89
N PHE R 946 -2.24 105.29 -82.32
CA PHE R 946 -1.64 106.62 -82.32
C PHE R 946 -0.69 106.83 -83.50
N ASP R 947 -0.10 105.76 -84.03
CA ASP R 947 0.99 105.94 -85.00
C ASP R 947 0.51 106.68 -86.24
N ALA R 948 -0.69 106.37 -86.74
CA ALA R 948 -1.18 107.04 -87.93
C ALA R 948 -1.26 108.54 -87.71
N TRP R 949 -1.72 108.96 -86.53
CA TRP R 949 -1.78 110.39 -86.24
C TRP R 949 -0.40 110.97 -86.02
N ILE R 950 0.49 110.22 -85.38
CA ILE R 950 1.82 110.75 -85.10
C ILE R 950 2.61 110.95 -86.37
N LYS R 951 2.58 109.95 -87.28
CA LYS R 951 3.37 110.05 -88.49
C LYS R 951 2.93 111.20 -89.38
N THR R 952 1.63 111.33 -89.61
CA THR R 952 1.12 112.27 -90.60
C THR R 952 0.32 113.42 -90.03
N GLY R 953 -0.37 113.24 -88.91
CA GLY R 953 -1.14 114.32 -88.34
C GLY R 953 -0.25 115.27 -87.58
N GLU R 954 -0.69 115.72 -86.40
CA GLU R 954 0.09 116.64 -85.59
C GLU R 954 0.01 116.28 -84.11
N LEU R 955 -0.29 115.03 -83.79
CA LEU R 955 -0.27 114.60 -82.41
C LEU R 955 1.16 114.54 -81.91
N ARG R 956 1.44 115.27 -80.84
CA ARG R 956 2.77 115.29 -80.24
C ARG R 956 2.64 114.96 -78.76
N ILE R 957 3.47 114.03 -78.29
CA ILE R 957 3.34 113.47 -76.96
C ILE R 957 4.66 113.65 -76.23
N ARG R 958 4.59 114.08 -74.97
CA ARG R 958 5.76 114.18 -74.10
C ARG R 958 5.72 113.06 -73.09
N ILE R 959 6.75 112.21 -73.10
CA ILE R 959 6.83 111.08 -72.18
C ILE R 959 7.66 111.50 -70.97
N GLU R 960 7.06 111.41 -69.78
CA GLU R 960 7.81 111.67 -68.56
C GLU R 960 8.62 110.45 -68.19
N MET R 961 9.95 110.59 -68.20
CA MET R 961 10.83 109.47 -67.98
C MET R 961 11.88 109.72 -66.90
N GLY R 962 12.29 110.96 -66.70
CA GLY R 962 13.30 111.26 -65.70
C GLY R 962 14.70 111.02 -66.23
N ALA R 963 15.09 109.75 -66.36
CA ALA R 963 16.39 109.40 -66.90
C ALA R 963 16.22 108.21 -67.83
N TYR R 964 17.12 108.10 -68.79
CA TYR R 964 17.02 107.05 -69.80
C TYR R 964 18.30 106.93 -70.62
N PRO R 965 18.70 105.72 -70.98
CA PRO R 965 19.83 105.58 -71.90
C PRO R 965 19.46 106.03 -73.30
N TYR R 966 20.47 106.47 -74.04
CA TYR R 966 20.26 107.00 -75.38
C TYR R 966 21.31 106.45 -76.33
N MET R 967 20.93 106.36 -77.60
CA MET R 967 21.79 105.87 -78.65
C MET R 967 21.69 106.81 -79.85
N LEU R 968 22.85 107.21 -80.38
CA LEU R 968 22.93 108.24 -81.41
C LEU R 968 23.08 107.62 -82.79
N HIS R 969 22.50 108.28 -83.78
CA HIS R 969 22.61 107.88 -85.18
C HIS R 969 22.99 109.12 -85.99
N TYR R 970 24.27 109.24 -86.31
CA TYR R 970 24.73 110.38 -87.09
C TYR R 970 24.32 110.23 -88.55
N TYR R 971 24.19 111.36 -89.23
CA TYR R 971 23.77 111.36 -90.63
C TYR R 971 24.31 112.60 -91.32
N ASP R 972 24.43 112.51 -92.64
CA ASP R 972 24.89 113.62 -93.44
C ASP R 972 23.75 114.59 -93.70
N PRO R 973 23.89 115.86 -93.30
CA PRO R 973 22.81 116.82 -93.52
C PRO R 973 22.53 117.09 -94.98
N ARG R 974 23.44 116.69 -95.86
CA ARG R 974 23.38 117.00 -97.28
C ARG R 974 22.46 116.05 -98.04
N GLN R 975 21.80 115.13 -97.36
CA GLN R 975 20.94 114.14 -97.99
C GLN R 975 19.60 114.09 -97.27
N TYR R 976 18.60 113.57 -97.97
CA TYR R 976 17.31 113.31 -97.33
C TYR R 976 17.48 112.28 -96.24
N ALA R 977 16.71 112.44 -95.16
CA ALA R 977 16.80 111.54 -94.02
C ALA R 977 15.50 111.59 -93.24
N ASN R 978 14.92 110.43 -92.97
CA ASN R 978 13.64 110.32 -92.26
C ASN R 978 13.85 109.39 -91.07
N ALA R 979 13.39 109.83 -89.90
CA ALA R 979 13.62 109.10 -88.65
C ALA R 979 12.51 108.13 -88.31
N TRP R 980 11.46 108.02 -89.12
CA TRP R 980 10.29 107.28 -88.67
C TRP R 980 10.62 105.82 -88.37
N ASN R 981 11.42 105.18 -89.22
CA ASN R 981 11.71 103.77 -89.04
C ASN R 981 12.39 103.52 -87.71
N LEU R 982 13.34 104.38 -87.34
CA LEU R 982 13.98 104.24 -86.03
C LEU R 982 12.97 104.47 -84.91
N THR R 983 12.20 105.55 -84.98
CA THR R 983 11.23 105.84 -83.94
C THR R 983 10.09 104.83 -83.92
N SER R 984 9.57 104.44 -85.08
CA SER R 984 8.54 103.42 -85.11
C SER R 984 9.06 102.13 -84.48
N ALA R 985 10.31 101.78 -84.78
CA ALA R 985 10.92 100.62 -84.14
C ALA R 985 10.94 100.77 -82.63
N TRP R 986 11.35 101.93 -82.13
CA TRP R 986 11.49 102.11 -80.69
C TRP R 986 10.18 101.88 -79.97
N LEU R 987 9.08 102.37 -80.54
CA LEU R 987 7.78 102.22 -79.89
C LEU R 987 7.37 100.75 -79.83
N GLU R 988 7.85 99.94 -80.77
CA GLU R 988 7.41 98.55 -80.83
C GLU R 988 7.88 97.73 -79.64
N GLU R 989 9.17 97.79 -79.32
CA GLU R 989 9.70 96.97 -78.24
C GLU R 989 9.54 97.62 -76.87
N ILE R 990 8.68 98.60 -76.74
CA ILE R 990 8.29 99.04 -75.40
C ILE R 990 7.44 97.93 -74.79
N THR R 991 7.74 97.61 -73.54
CA THR R 991 7.25 96.38 -72.95
C THR R 991 6.84 96.68 -71.51
N PRO R 992 5.84 95.96 -70.98
CA PRO R 992 5.51 96.11 -69.56
C PRO R 992 6.70 95.93 -68.63
N THR R 993 7.79 95.33 -69.09
CA THR R 993 8.98 95.20 -68.25
C THR R 993 10.15 95.96 -68.84
N SER R 994 10.32 95.90 -70.16
CA SER R 994 11.54 96.36 -70.80
C SER R 994 11.28 97.61 -71.62
N ILE R 995 12.32 98.42 -71.78
CA ILE R 995 12.30 99.58 -72.66
C ILE R 995 13.68 99.69 -73.31
N PRO R 996 13.76 99.90 -74.62
CA PRO R 996 15.08 100.00 -75.27
C PRO R 996 15.60 101.43 -75.25
N SER R 997 16.87 101.57 -75.61
CA SER R 997 17.51 102.88 -75.59
C SER R 997 16.88 103.79 -76.64
N VAL R 998 16.79 105.06 -76.31
CA VAL R 998 16.09 106.01 -77.18
C VAL R 998 17.00 106.41 -78.33
N PRO R 999 16.58 106.24 -79.58
CA PRO R 999 17.42 106.61 -80.71
C PRO R 999 17.28 108.07 -81.10
N PHE R 1000 18.41 108.75 -81.28
CA PHE R 1000 18.43 110.15 -81.71
C PHE R 1000 19.16 110.25 -83.05
N MET R 1001 18.72 111.18 -83.89
CA MET R 1001 19.37 111.41 -85.18
C MET R 1001 20.03 112.77 -85.12
N VAL R 1002 21.36 112.80 -85.12
CA VAL R 1002 22.11 114.05 -84.98
C VAL R 1002 22.90 114.30 -86.26
N PRO R 1003 22.90 115.53 -86.78
CA PRO R 1003 23.64 115.80 -88.01
C PRO R 1003 25.14 115.92 -87.79
N ILE R 1004 25.89 115.62 -88.84
CA ILE R 1004 27.34 115.67 -88.80
C ILE R 1004 27.78 117.11 -89.01
N SER R 1005 28.61 117.62 -88.10
CA SER R 1005 29.15 118.96 -88.24
C SER R 1005 30.07 119.04 -89.46
N SER R 1006 30.14 120.23 -90.05
CA SER R 1006 30.98 120.44 -91.22
C SER R 1006 31.74 121.75 -91.08
N ASP R 1007 32.97 121.77 -91.61
CA ASP R 1007 33.83 122.94 -91.54
C ASP R 1007 33.85 123.73 -92.83
N HIS R 1008 33.06 123.34 -93.81
CA HIS R 1008 33.03 124.02 -95.10
C HIS R 1008 31.59 124.13 -95.55
N ASP R 1009 31.32 125.12 -96.40
CA ASP R 1009 29.95 125.42 -96.79
C ASP R 1009 29.34 124.22 -97.51
N ILE R 1010 28.11 123.88 -97.13
CA ILE R 1010 27.40 122.74 -97.69
C ILE R 1010 25.97 123.15 -98.01
N SER R 1011 25.34 122.37 -98.88
CA SER R 1011 23.93 122.56 -99.19
C SER R 1011 23.08 121.98 -98.07
N SER R 1012 21.77 122.10 -98.23
CA SER R 1012 20.81 121.61 -97.26
C SER R 1012 19.78 120.71 -97.93
N ALA R 1013 19.24 119.78 -97.16
CA ALA R 1013 18.24 118.85 -97.65
C ALA R 1013 17.22 118.63 -96.55
N PRO R 1014 15.95 118.42 -96.88
CA PRO R 1014 14.94 118.25 -95.82
C PRO R 1014 15.26 117.05 -94.96
N ALA R 1015 14.97 117.18 -93.66
CA ALA R 1015 15.22 116.12 -92.69
C ALA R 1015 14.02 116.05 -91.77
N VAL R 1016 13.61 114.83 -91.41
CA VAL R 1016 12.43 114.61 -90.59
C VAL R 1016 12.86 113.89 -89.32
N GLN R 1017 12.66 114.53 -88.18
CA GLN R 1017 12.86 113.90 -86.88
C GLN R 1017 11.51 113.58 -86.25
N TYR R 1018 11.55 112.77 -85.19
CA TYR R 1018 10.38 112.54 -84.39
C TYR R 1018 10.63 112.59 -82.89
N ILE R 1019 11.87 112.41 -82.44
CA ILE R 1019 12.19 112.39 -81.01
C ILE R 1019 13.19 113.48 -80.73
N ILE R 1020 12.88 114.37 -79.78
CA ILE R 1020 13.79 115.39 -79.31
C ILE R 1020 13.78 115.39 -77.79
N SER R 1021 14.93 115.73 -77.22
CA SER R 1021 15.05 115.80 -75.77
C SER R 1021 14.39 117.07 -75.25
N THR R 1022 14.25 117.14 -73.93
CA THR R 1022 13.61 118.27 -73.28
C THR R 1022 14.60 119.23 -72.64
N GLU R 1023 15.80 118.75 -72.33
CA GLU R 1023 16.81 119.57 -71.67
C GLU R 1023 18.12 119.34 -72.37
N TYR R 1024 19.05 120.28 -72.16
CA TYR R 1024 20.39 120.11 -72.71
C TYR R 1024 21.01 118.82 -72.20
N ASN R 1025 21.21 117.89 -73.11
CA ASN R 1025 21.76 116.60 -72.73
C ASN R 1025 23.06 116.28 -73.45
N ASP R 1026 23.71 117.26 -74.09
CA ASP R 1026 24.86 117.01 -74.94
C ASP R 1026 26.18 117.37 -74.26
N ARG R 1027 26.30 117.06 -72.96
CA ARG R 1027 27.53 117.37 -72.24
C ARG R 1027 28.70 116.53 -72.72
N SER R 1028 28.46 115.33 -73.24
CA SER R 1028 29.55 114.44 -73.59
C SER R 1028 30.32 114.88 -74.83
N LEU R 1029 29.81 115.86 -75.57
CA LEU R 1029 30.48 116.32 -76.78
C LEU R 1029 31.77 117.04 -76.39
N PHE R 1030 32.89 116.62 -76.99
CA PHE R 1030 34.17 117.22 -76.64
C PHE R 1030 34.54 118.34 -77.59
N CYS R 1031 34.62 118.05 -78.89
CA CYS R 1031 35.00 119.06 -79.87
C CYS R 1031 34.46 118.65 -81.23
N THR R 1032 34.28 119.64 -82.10
CA THR R 1032 33.83 119.41 -83.47
C THR R 1032 34.84 120.00 -84.44
N ASN R 1033 35.18 119.24 -85.49
CA ASN R 1033 36.14 119.68 -86.49
C ASN R 1033 37.45 120.11 -85.85
N SER R 1034 37.97 119.29 -84.94
CA SER R 1034 39.12 119.65 -84.12
C SER R 1034 40.32 120.10 -84.94
N SER R 1035 40.50 119.50 -86.11
CA SER R 1035 41.65 119.83 -86.95
C SER R 1035 41.38 120.97 -87.91
N SER R 1036 40.23 121.60 -87.82
CA SER R 1036 39.82 122.68 -88.71
C SER R 1036 39.87 124.02 -88.00
N PRO R 1037 40.15 125.11 -88.72
CA PRO R 1037 40.14 126.43 -88.08
C PRO R 1037 38.81 126.82 -87.47
N GLN R 1038 37.69 126.45 -88.09
CA GLN R 1038 36.40 126.77 -87.51
C GLN R 1038 35.32 125.93 -88.18
N THR R 1039 34.18 125.81 -87.50
CA THR R 1039 33.04 125.08 -88.02
C THR R 1039 32.05 126.05 -88.65
N ILE R 1040 31.62 125.75 -89.87
CA ILE R 1040 30.70 126.62 -90.58
C ILE R 1040 29.26 126.22 -90.34
N ALA R 1041 28.95 124.93 -90.43
CA ALA R 1041 27.58 124.46 -90.31
C ALA R 1041 27.50 123.30 -89.34
N GLY R 1042 26.33 123.14 -88.72
CA GLY R 1042 26.11 122.09 -87.77
C GLY R 1042 26.40 122.55 -86.36
N PRO R 1043 26.15 121.68 -85.37
CA PRO R 1043 26.46 122.04 -83.99
C PRO R 1043 27.93 122.34 -83.81
N ASP R 1044 28.22 123.46 -83.16
CA ASP R 1044 29.58 123.93 -82.93
C ASP R 1044 29.94 123.69 -81.47
N LYS R 1045 31.08 123.06 -81.24
CA LYS R 1045 31.60 122.85 -79.90
C LYS R 1045 33.08 123.14 -79.89
N HIS R 1046 33.53 123.91 -78.92
CA HIS R 1046 34.94 124.19 -78.71
C HIS R 1046 35.43 123.41 -77.50
N ILE R 1047 36.74 123.24 -77.40
CA ILE R 1047 37.34 122.43 -76.35
C ILE R 1047 36.96 123.00 -74.98
N PRO R 1048 36.50 122.17 -74.05
CA PRO R 1048 35.96 122.68 -72.79
C PRO R 1048 37.03 123.23 -71.87
N VAL R 1049 37.34 124.51 -72.06
CA VAL R 1049 38.39 125.17 -71.28
C VAL R 1049 38.25 124.90 -69.79
N GLU R 1050 37.01 124.86 -69.30
CA GLU R 1050 36.79 124.70 -67.87
C GLU R 1050 37.34 123.37 -67.36
N ARG R 1051 37.40 122.36 -68.23
CA ARG R 1051 38.03 121.10 -67.84
C ARG R 1051 39.51 121.25 -67.58
N TYR R 1052 40.21 122.03 -68.41
CA TYR R 1052 41.64 122.23 -68.24
C TYR R 1052 41.90 123.52 -67.48
N ASN R 1053 41.49 123.57 -66.21
CA ASN R 1053 41.52 124.81 -65.46
C ASN R 1053 42.94 125.25 -65.15
N ILE R 1054 43.76 124.32 -64.67
CA ILE R 1054 45.06 124.68 -64.10
C ILE R 1054 46.01 125.13 -65.19
N LEU R 1055 45.65 124.90 -66.45
CA LEU R 1055 46.45 125.37 -67.58
C LEU R 1055 45.98 126.70 -68.14
N THR R 1056 44.69 126.84 -68.40
CA THR R 1056 44.16 128.00 -69.07
C THR R 1056 43.87 129.17 -68.13
N ASN R 1057 43.91 128.94 -66.82
CA ASN R 1057 43.64 130.00 -65.85
C ASN R 1057 44.88 130.28 -65.03
N PRO R 1058 45.60 131.36 -65.31
CA PRO R 1058 46.83 131.65 -64.53
C PRO R 1058 46.57 131.91 -63.06
N ASP R 1059 45.34 132.26 -62.71
CA ASP R 1059 45.00 132.60 -61.33
C ASP R 1059 44.74 131.38 -60.46
N ALA R 1060 44.67 130.20 -61.04
CA ALA R 1060 44.33 129.04 -60.24
C ALA R 1060 45.56 128.45 -59.59
N PRO R 1061 45.53 128.20 -58.29
CA PRO R 1061 46.62 127.49 -57.64
C PRO R 1061 46.76 126.09 -58.21
N PRO R 1062 47.96 125.52 -58.20
CA PRO R 1062 48.17 124.22 -58.88
C PRO R 1062 47.30 123.10 -58.36
N THR R 1063 46.89 123.14 -57.10
CA THR R 1063 46.15 122.05 -56.48
C THR R 1063 44.64 122.29 -56.46
N GLN R 1064 44.13 123.20 -57.28
CA GLN R 1064 42.71 123.56 -57.22
C GLN R 1064 41.89 122.58 -58.04
N ILE R 1065 40.73 122.19 -57.51
CA ILE R 1065 39.80 121.31 -58.18
C ILE R 1065 38.42 121.96 -58.17
N GLN R 1066 37.55 121.49 -59.06
CA GLN R 1066 36.22 122.04 -59.23
C GLN R 1066 35.13 121.01 -58.99
N LEU R 1067 35.39 120.03 -58.13
CA LEU R 1067 34.36 119.06 -57.80
C LEU R 1067 33.23 119.75 -57.04
N PRO R 1068 32.00 119.23 -57.15
CA PRO R 1068 31.56 118.10 -57.96
C PRO R 1068 30.78 118.48 -59.20
N GLU R 1069 30.96 119.70 -59.71
CA GLU R 1069 30.24 120.12 -60.89
C GLU R 1069 31.03 119.91 -62.17
N VAL R 1070 32.36 119.98 -62.10
CA VAL R 1070 33.21 119.79 -63.26
C VAL R 1070 34.38 118.91 -62.84
N VAL R 1071 34.64 117.87 -63.63
CA VAL R 1071 35.77 116.98 -63.39
C VAL R 1071 36.88 117.42 -64.34
N ASP R 1072 38.06 117.72 -63.78
CA ASP R 1072 39.15 118.23 -64.58
C ASP R 1072 39.93 117.09 -65.22
N LEU R 1073 40.49 117.36 -66.41
CA LEU R 1073 41.20 116.32 -67.13
C LEU R 1073 42.71 116.49 -67.02
N TYR R 1074 43.15 117.62 -66.48
CA TYR R 1074 44.57 117.87 -66.23
C TYR R 1074 44.71 118.36 -64.79
N ASN R 1075 45.63 117.76 -64.05
CA ASN R 1075 45.78 118.10 -62.64
C ASN R 1075 47.03 117.41 -62.08
N VAL R 1076 47.26 117.66 -60.79
CA VAL R 1076 48.46 117.14 -60.13
C VAL R 1076 48.17 115.82 -59.46
N VAL R 1077 49.10 114.89 -59.57
CA VAL R 1077 49.01 113.60 -58.89
C VAL R 1077 50.29 113.38 -58.10
N THR R 1078 50.22 112.48 -57.13
CA THR R 1078 51.35 112.15 -56.27
C THR R 1078 51.63 110.67 -56.39
N ARG R 1079 52.91 110.33 -56.56
CA ARG R 1079 53.32 108.95 -56.78
C ARG R 1079 54.34 108.55 -55.71
N TYR R 1080 54.11 107.40 -55.09
CA TYR R 1080 54.93 106.91 -53.99
C TYR R 1080 55.69 105.66 -54.40
N ALA R 1081 56.55 105.20 -53.49
CA ALA R 1081 57.27 103.94 -53.67
C ALA R 1081 57.58 103.42 -52.27
N TYR R 1082 56.79 102.45 -51.81
CA TYR R 1082 56.85 102.00 -50.44
C TYR R 1082 57.50 100.64 -50.32
N GLU R 1083 57.84 100.29 -49.08
CA GLU R 1083 58.39 99.00 -48.73
C GLU R 1083 57.42 98.31 -47.80
N THR R 1084 57.21 97.01 -48.00
CA THR R 1084 56.29 96.21 -47.20
C THR R 1084 57.06 95.01 -46.69
N PRO R 1085 57.92 95.20 -45.70
CA PRO R 1085 58.75 94.11 -45.21
C PRO R 1085 57.91 93.07 -44.48
N PRO R 1086 58.36 91.83 -44.45
CA PRO R 1086 57.68 90.82 -43.65
C PRO R 1086 57.85 91.09 -42.17
N ILE R 1087 56.99 90.48 -41.37
CA ILE R 1087 57.06 90.63 -39.92
C ILE R 1087 58.22 89.79 -39.41
N THR R 1088 59.15 90.43 -38.72
CA THR R 1088 60.36 89.78 -38.24
C THR R 1088 60.39 89.80 -36.72
N ALA R 1089 60.85 88.71 -36.13
CA ALA R 1089 60.91 88.62 -34.67
C ALA R 1089 62.02 87.67 -34.26
N VAL R 1090 62.64 87.95 -33.12
CA VAL R 1090 63.62 87.07 -32.51
C VAL R 1090 63.10 86.72 -31.13
N VAL R 1091 62.79 85.46 -30.90
CA VAL R 1091 62.20 85.02 -29.65
C VAL R 1091 63.30 84.62 -28.68
N MET R 1092 63.43 85.39 -27.60
CA MET R 1092 64.40 85.11 -26.56
C MET R 1092 63.75 84.32 -25.44
N GLY R 1093 64.58 83.61 -24.69
CA GLY R 1093 64.12 82.86 -23.54
C GLY R 1093 64.25 83.66 -22.27
N VAL R 1094 63.47 83.27 -21.27
CA VAL R 1094 63.47 83.91 -19.95
C VAL R 1094 64.02 82.89 -18.95
N PRO R 1095 65.11 83.21 -18.24
CA PRO R 1095 65.72 82.29 -17.28
C PRO R 1095 64.85 82.08 -16.05
P PO4 AA . -26.91 30.62 -70.85
O1 PO4 AA . -25.81 29.81 -71.49
O2 PO4 AA . -26.44 32.04 -70.66
O3 PO4 AA . -28.13 30.60 -71.72
O4 PO4 AA . -27.24 30.02 -69.50
#